data_9B0P
#
_entry.id   9B0P
#
_cell.length_a   1.00
_cell.length_b   1.00
_cell.length_c   1.00
_cell.angle_alpha   90.00
_cell.angle_beta   90.00
_cell.angle_gamma   90.00
#
_symmetry.space_group_name_H-M   'P 1'
#
loop_
_entity.id
_entity.type
_entity.pdbx_description
1 polymer '18S rRNA'
2 polymer 'Small ribosomal subunit protein uS3'
3 polymer '40S ribosomal protein S5'
4 polymer '40S ribosomal protein S10'
5 polymer 'Small ribosomal subunit protein uS19'
6 polymer 'Small ribosomal subunit protein uS9'
7 polymer '40S ribosomal protein S18'
8 polymer '40S ribosomal protein S19'
9 polymer '40S ribosomal protein S20'
10 polymer '40S ribosomal protein S28'
11 polymer '40S ribosomal protein S29'
12 polymer 'Receptor of activated protein C kinase 1'
13 polymer 'Small ribosomal subunit protein eS12'
14 polymer 'Small ribosomal subunit protein eS25'
15 polymer 'Ubiquitin-40S ribosomal protein S27a'
16 polymer Serbp1
17 polymer 'Small ribosomal subunit protein eS4, X isoform'
18 polymer '40S ribosomal protein S8'
19 polymer '40S ribosomal protein S11'
20 polymer '40S ribosomal protein S23'
21 polymer '40S ribosomal protein S6'
22 polymer '40S ribosomal protein S9'
23 polymer '40S ribosomal protein S24'
24 polymer 'Small ribosomal subunit protein eS30'
25 polymer '40S ribosomal protein SA'
26 polymer '40S ribosomal protein S3a'
27 polymer 'Small ribosomal subunit protein eS7'
28 polymer '40S ribosomal protein S21'
29 polymer '40S ribosomal protein S26'
30 polymer '40S ribosomal protein S2'
31 polymer '40S ribosomal protein S13'
32 polymer 'Small ribosomal subunit protein uS11'
33 polymer '40S ribosomal protein S15a'
34 polymer 'Small ribosomal subunit protein eS27'
35 polymer '28S rRNA [Homo sapiens]'
36 polymer '5S rRNA [Homo sapiens]'
37 polymer '5.8S rRNA [Homo sapiens]'
38 polymer '60S ribosomal protein L8'
39 polymer 'Large ribosomal subunit protein uL3'
40 polymer '60S ribosomal protein L4'
41 polymer 'Large ribosomal subunit protein uL18'
42 polymer 'Large ribosomal subunit protein eL6'
43 polymer '60S ribosomal protein L7'
44 polymer '60S ribosomal protein L7a'
45 polymer '60S ribosomal protein L9'
46 polymer 'Ribosomal protein uL16-like'
47 polymer '60S ribosomal protein L11'
48 polymer 'Large ribosomal subunit protein eL13'
49 polymer '60S ribosomal protein L14'
50 polymer '60S ribosomal protein L15'
51 polymer '60S ribosomal protein L13a'
52 polymer '60S ribosomal protein L17'
53 polymer '60S ribosomal protein L18'
54 polymer '60S ribosomal protein L19'
55 polymer '60S ribosomal protein L18a'
56 polymer '60S ribosomal protein L21'
57 polymer 'Heparin-binding protein HBp15'
58 polymer '60S ribosomal protein L23'
59 polymer '60S ribosomal protein L23a'
60 polymer '60S ribosomal protein L26'
61 polymer '60S ribosomal protein L27'
62 polymer '60S ribosomal protein L27a'
63 polymer 'Large ribosomal subunit protein eL29'
64 polymer '60S ribosomal protein L30'
65 polymer '60S ribosomal protein L31'
66 polymer '60S ribosomal protein L32'
67 polymer '60S ribosomal protein L35a'
68 polymer '60S ribosomal protein L34'
69 polymer '60S ribosomal protein L35'
70 polymer '60S ribosomal protein L36'
71 polymer '60S ribosomal protein L37'
72 polymer '60S ribosomal protein L38'
73 polymer '60S ribosomal protein L39'
74 polymer 'Large ribosomal subunit protein eL40'
75 polymer '60S ribosomal protein L41'
76 polymer '60S ribosomal protein L36a'
77 polymer '60S ribosomal protein L37a'
78 polymer '60S ribosomal protein L28'
79 polymer '60S ribosomal protein L10a'
80 polymer 'Proliferation-associated protein 2G4'
81 polymer '60S acidic ribosomal protein P0'
82 polymer '60S ribosomal protein L12'
83 polymer 'Elongation factor 2'
84 polymer 'E site tRNA'
85 polymer 'Ribosomal protein L24'
86 non-polymer 'MAGNESIUM ION'
87 non-polymer 'ZINC ION'
#
loop_
_entity_poly.entity_id
_entity_poly.type
_entity_poly.pdbx_seq_one_letter_code
_entity_poly.pdbx_strand_id
1 'polyribonucleotide'
;UACCUGGUUGAUCCUGCCAGUAGCAUAUGCUUGUCUCAAAGAUUAAGCCAUGCAUGUCUAAGUACGCACGGCCGGUACAG
UGAAACUGCGAAUGGCUCAUUAAAUCAGUUAUGGUUCCUUUGGUCGCUCGCUCCUCUCCCACUUGGAUAACUGUGGUAAU
UCUAGAGCUAAUACAUGCCGACGGGCGCUGACCCCCUUCGCGGGGGGGAUGCGUGCAUUUAUCAGAUCAAAACCAACCCG
GUCAGCCCCUCUCCGGCCCCGGCCGGGGGGCGGGCGCCGGCGGCUUUGGUGACUCUAGAUAACCUCGGGCCGAUCGCACG
CCCCCCGUGGCGGCGACGACCCAUUCGAACGUCUGCCCUAUCAACUUUCGAUGGUAGUCGCCGUGCCUACCAUGGUGACC
ACGGGUGACGGGGAAUCAGGGUUCGAUUCCGGAGAGGGAGCCUGAGAAACGGCUACCACAUCCAAGGAAGGCAGCAGGCG
CGCAAAUUACCCACUCCCGACCCGGGGAGGUAGUGACGAAAAAUAACAAUACAGGACUCUUUCGAGGCCCUGUAAUUGGA
AUGAGUCCACUUUAAAUCCUUUAACGAGGAUCCAUUGGAGGGCAAGUCUGGUGCCAGCAGCCGCGGUAAUUCCAGCUCCA
AUAGCGUAUAUUAAAGUUGCUGCAGUUAAAAAGCUCGUAGUUGGAUCUUGGGAGCGGGCGGGCGGUCCGCCGCGAGGCGA
GCCACCGCCCGUCCCCGCCCCUUGCCUCUCGGCGCCCCCUCGAUGCUCUUAGCUGAGUGUCCCGCGGGGCCCGAAGCGUU
UACUUUGAAAAAAUUAGAGUGUUCAAAGCAGGCCCGAGCCGCCUGGAUACCGCAGCUAGGAAUAAUGGAAUAGGACCGCG
GUUCUAUUUUGUUGGUUUUCGGAACUGAGGCCAUGAUUAAGAGGGACGGCCGGGGGCAUUCGUAUUGCGCCGCUAGAGGU
GAAAUUCUUGGACCGGCGCAAGACGGACCAGAGCGAAAGCAUUUGCCAAGAAUGUUUUCAUUAAUCAAGAACGAAAGUCG
GAGGUUCGAAGACGAUCAGAUACCGUCGUAGUUCCGACCAUAAACGAUGCCGACCGGCGAUGCGGCGGCGUUAUUCCCAU
GACCCGCCGGGCAGCUUCCGGGAAACCAAAGUCUUUGGGUUCCGGGGGGAGUAUGGUUGCAAAGCUGAAACUUAAAGGAA
UUGACGGAAGGGCACCACCAGGAGUGGAGCCUGCGGCUUAAUUUGACUCAACACGGGAAACCUCACCCGGCCCGGACACG
GACAGGAUUGACAGAUUGAUAGCUCUUUCUCGAUUCCGUGGGUGGUGGUGCAUGGCCGUUCUUAGUUGGUGGAGCGAUUU
GUCUGGUUAAUUCCGAUAACGAACGAGACUCUGGCAUGCUAACUAGUUACGCGACCCCCGAGCGGUCGGCGUCCCCCAAC
UUCUUAGAGGGACAAGUGGCGUUCAGCCACCCGAGAUUGAGCAAUAACAGGUCUGUGAUGCCCUUAGAUGUCCGGGGCUG
CACGCGCGCUACACUGACUGGCUCAGCGUGUGCCUACCCUACGCCGGCAGGCGCGGGUAACCCGUUGAACCCCAUUCGUG
AUGGGGAUCGGGGAUUGCAAUUAUUCCCCAUGAACGAGGAAUUCCCAGUAAGUGCGGGUCAUAAGCUUGCGUUGAUUAAG
UCCCUGCCCUUUGUACACACCGCCCGUCGCUACUACCGAUUGGAUGGUUUAGUGAGGCCCUCGGAUCGGCCCCGCCGGGG
UCGGCCCACGGCCCUGGCGGAGCGCUGAGAAGACGGUCGAACUUGACUAUCUAGAGGAAGUAAAAGUCGUAACAAGGUUU
CCGUAGGUGAACCUGCGGAAGGAUCAUUA
;
S2
2 'polypeptide(L)'
;MAVQISKKRKFVADGIFKAELNEFLTRELAEDGYSGVEVRVTPTRTEIIILATRTQNVLGEKGRRIRELTAVVQKRFGFP
EGSVELYAEKVATRGLCAIAQAESLRYKLLGGLAVRRACYGVLRFIMESGAKGCEVVVSGKLRGQRAKSMKFVDGLMIHS
GDPVNYYVDTAVRHVLLRQGVLGIKVKIMLPWDPTGKIGPKKPLPDHVSIVEPKDEILPTTPISEQK
;
SD
3 'polypeptide(L)'
;DIKLFGKWSTDDVQINDISLQDYIAVKEKYAKYLPHSAGRYAAKRFRKAQCPIVERLTNSMMMHGRNNGKKLMTVRIVKH
AFEIIHLLTGENPLQVLVNAIINSGPREDSTRIGRAGTVRRQAVDVSPLRRVNQAIWLLCTGAREAAFRNIKTIAECLAD
ELINAAKGSSNSYAIKKKDELERVAKSNR
;
SF
4 'polypeptide(L)'
;MLMPKKNRIAIYELLFKEGVMVAKKDVHMPKHPELADKNVPNLHVMKAMQSLKSRGYVKEQFAWRHFYWYLTNEGIQYLR
DYLHLPPEIVPATLRRSR
;
SK
5 'polypeptide(L)'
;TYRGVDLDQLLDMSYEQLMQLYSARQRRRLNRGLRRKQHSLLKRLRKAKKEAPPMEKPEVVKTHLRDMIILPEMVGSMVG
VYNGKTFNQVEIKPEMIGHYLGEFSITYKPVKHGRPGIGAT
;
SP
6 'polypeptide(L)'
;SKGPLQSVQVFGRKKTATAVAHCKRGNGLIKVNGRPLEMIEPRTLQYKLLEPVLLLGKERFAGVDIRVRVKGGGHVAQIY
AIRQSISKALVAYYQKYVDEASKKEIKDILIQYDRTLLVADPRRCESKKFGGPGARARYQKSYR
;
SQ
7 'polypeptide(L)'
;MSLVIPEKFQHILRVLNTNIDGRRKIAFAITAIKGVGRRYAHVVLRKADIDLTKRAGELTEDEVERVITIMQNPRQYKIP
DWFLNRQKDVKDGKYSQVLANGLDNKLREDLERLKKIRAHRGLRHFWGLRVRGQHTKTTGRRGRT
;
SS
8 'polypeptide(L)'
;PGVTVKDVNQQEFVRALAAFLKKSGKLKVPEWVDTVKLAKHKELAPYDENWFYTRAASTARHLYLRGGAGVGSMTKIYGG
RQRNGVMPSHFSRGSKSVARRVLQALEGLKMVEKDQDGGRKLTPQGQRDLDRIAGQVAAANKK
;
ST
9 'polypeptide(L)'
;AIHRIRITLTSRNVKSLEKVCADLIRGAKEKNLKVKGPVRMPTKTLRITTRKTPCGEGSKTWDRFQMRIHKRLIDLHSPS
EIVKQITSISIEPGVEVEVTIADA
;
SU
10 'polypeptide(L)' RVQPIKLARVTKVLGRTGSQGQCTQVRVEFMDDTSRSIIRNVKGPVREGDVLTLLESEREARRL Sc
11 'polypeptide(L)' GHQQLYWSHPRKFGQGSRSCRVCSNRHGLIRKYGLNMCRQCFRQYAKDIGFIKLD Sd
12 'polypeptide(L)'
;TEQMTLRGTLKGHNGWVTQIATTPQFPDMILSASRDKTIIMWKLTRDETNYGIPQRALRGHSHFVSDVVISSDGQFALSG
SWDGTLRLWDLTTGTTTRRFVGHTKDVLSVAFSSDNRQIVSGSRDKTIKLWNTLGVCKYTVQDESHSEWVSCVRFSPNSS
NPIIVSCGWDKLVKVWNLANCKLKTNHIGHTGYLNTVTVSPDGSLCASGGKDGQAMLWDLNEGKHLYTLDGGDIINALCF
SPNRYWLCAATGPSIKIWDLEGKIIVDELKQEVISTSSKAEPPQCTSLAWSADGQTLFAGYTDNLVRVWQVTI
;
Sg
13 'polypeptide(L)'
;VMDVNTALQEVLKTALIHDGLARGIREAAKALDKRQAHLCVLASNCDEPMYVKLVEALCAEHQINLIKVDDNKKLGEWVG
LCKIDREGKPRKVVGCSCVVVKDYGKESQAKDVIEEYFKCKK
;
SM
14 'polypeptide(L)' RDKLNNLVLFDKATYDKLCKEVPNYKLITPAVVSERLKIRGSLARAALQELLSKGLIKLVSKHRAQVIYTRNTKG SZ
15 'polypeptide(L)' YTTPKKNKHKRKKVKLAVLKYYKVDENGKISRLRRECPSDECGAGVFMASHFDRHYCGKCCLTYCFN Sf
16 'polypeptide(L)' DGFDSRGKREFDRHSGSDRSGLKHEDKRGGSGSHNWGTVKDELTLDEWKAIQNKD CD
17 'polypeptide(L)'
;ARGPKKHLKRVAAPKHWMLDKLTGVFAPRPSTGPHKLRECLPLIIFLRNRLKYALTGDEVKKICMQRFIKIDGKVRTDIT
YPAGFMDVISIDKTGENFRLIYDTKGRFAVHRITPEEAKYKLCKVRKIFVGTKGIPHLVTHDARTIRYPDPLIKVNDTIQ
IDLETGKITDFIKFDTGNLCMVTGGANLGRIGVITNRERHPGSFDVVHVKDANGNSFATRLSNIFVIGKGNKPWISLPRG
KGIRLTIAEERDKRLAAKQSSG
;
SE
18 'polypeptide(L)'
;GISRDNWHKRRKTGGKRKPYHKKRKYELGRPAANTKIGPRRIHTVRVRGGNKKYRALRLDVGNFSWGSECCTRKTRIIDV
VYNASNNELVRTKTLVKNCIVLIDSTPYRQWYESHYALPLGRKKGAKLTPEEEEILNKKRSKKIQKKYDERKKNAKISSL
LEEQFQQGKLLACIASRPGQCGRADGYVLEGKELEFYLRKIKARKG
;
SI
19 'polypeptide(L)'
;ADIQTERAYQKQPTIFQNKKRVLLGETGKEKLPRYYKNIGLGFKTPKEAIEGTYIDKKCPFTGNVSIRGRILSGVVTKMK
MQRTIVIRRDYLHYIRKYNRFEKRHKNMSVHLSPCFRDVQIGDIVTVGECRPLSKTVRFNVLKVTKAAGTKKQ
;
SL
20 'polypeptide(L)'
;GKCRGLRTARKLRSHRRDQKWHDKQYKKAHLGTALKANPFGGASHAKGIVLEKVGVEAKQPNSAIRKCVRVQLIKNGKKI
TAFVPNDGCLNFIEENDEVLVAGFGRKGHAVGDIPGVRFKVVKVANVSLLALYKGKKERPR
;
SX
21 'polypeptide(L)'
;MKLNISFPATGCQKLIEVDDERKLRTFYEKRMATEVAADALGEEWKGYVVRISGGNDKQGFPMKQGVLTHGRVRLLLSKG
HSCYRPRRTGERKRKSVRGCIVDANLSVLNLVIVKKGEKDIPGLTDTTVPRRLGPKRASRIRKLFNLSKEDDVRQYVVRK
PLNKEGKKPRTKAPKIQRLVTPRVLQHKRRRIALKKQRTKKNKEEAAEYAKLLAKRMKEAKEKRQEQIAKRRRLSSL
;
SG
22 'polypeptide(L)'
;PVARSWVCRKTYVTPRRPFEKSRLDQELKLIGEYGLRNKREVWRVKFTLAKIRKAARELLTLDEKDPRRLFEGNALLRRL
VRIGVLDEGKMKLDYILGLKIEDFLERRLQTQVFKLGLAKSIHHARVLIRQRHIRVRKQVVNIPSFIVRLDSQKHIDFSL
RSPYGGGRPGRVKRKNAKKGQGGAG
;
SJ
23 'polypeptide(L)'
;NDTVTIRTRKFMTNRLLQRKQMVIDVLHPGKATVPKTEIREKLAKMYKTTPDVIFVFGFRTHFGGGKTTGFGMIYDSLDY
AKKNEPKHRLARHGLYEKKKTSRKQRKERKNRMKKVRGTAKANVGAGKKPK
;
SY
24 'polypeptide(L)' VHGSLARAGKVRGQTPKVAKQEKKKKKTGRAKRRMQYNRRFVNVVPTFGKKKGPNANS Se
25 'polypeptide(L)'
;GALDVLQMKEEDVLKFLAAGTHLGGTNLDFQMEQYIYKRKSDGIYIINLKRTWEKLLLAARAIVAIENPADVSVISSRNT
GQRAVLKFAAATGATPIAGRFTPGTFTNQIQAAFREPRLLVVTDPRADHQPLTEASYVNLPTIALCNTDSPLRYVDIAIP
CNNKGAHSVGLMWWMLAREVLRMRGTISREHPWEVMPDLYFYRDPEEIEKEEQAAAEKAVT
;
SA
26 'polypeptide(L)'
;VVDPFSKKDWYDVKAPAMFNIRNIGKTLVTRTQGTKIASDGLKGRVFEVSLADLQNDEVAFRKFKLITEDVQGKNCLTNF
HGMDLTRDKMCSMVKKWQTMIEAHVDVKTTDGYLLRLFCVGFTKKRNNQIRKTSYAQHQQVRQIRKKMMEIMTREVQTND
LKEVVNKLIPDSIGKDIEKACQSIYPLHDVFVRKVKMLKKPKFELGKLMELHGE
;
SB
27 'polypeptide(L)'
;SAKIVKPNGEKPDEFESGISQALLELEMNSDLKAQLRELNITAAKEIEVGGGRKAIIIFVPVPQLKSFQKIQVRLVRELE
KKFSGKHVVFIAQRRILPKPTRKSRTKNKQKRPRSRTLTAVHDAILEDLVFPSEIVGKRIRVKLDGSRLIKVHLDKAQQN
NVEHKVETFSGVYKKLTGKDVNFEFPEFQ
;
SH
28 'polypeptide(L)'
;MQNDAGEFVDLYVPRKCSASNRIIGAKDHASIQMNVAEVDKVTGRFNGQFKTYAICGAIRRMGESDDSILRLAKADGIVS
KNF
;
SV
29 'polypeptide(L)'
;TKKRRNNGRAKKGRGHVQPIRCTNCARCVPKDKAIKKFVIRNIVEAAAVRDISEASVFDAYVLPKLYVKLHYCVSCAIHS
KVVRNRSREARKDRTPPPRFRP
;
Sa
30 'polypeptide(L)'
;EWMPVTKLGRLVKDMKIKSLEEIYLFSLPIKESEIIDFFLGASLKDEVLKIMPVQKQTRAGQRTRFKAFVAIGDYNGHVG
LGVKCSKEVATAIRGAIILAKLSIVPVRRGYWGNKIGKPHTVPCKVTGRCGSVLVRLIPAPRGTGIVSAPVPKKLLMMAG
IDDCYTSARGCTATLGNFAKATFDAISKTYSYLTPDLWKETVFTKSPYQEFTDHLVKTHTRV
;
SC
31 'polypeptide(L)'
;GRMHAPGKGLSQSALPYRRSVPTWLKLTSDDVKEQIYKLAKKGLTPSQIGVILRDSHGVAQVRFVTGNKILRILKSKGLA
PDLPEDLYHLIKKAVAVRKHLERNRKDKDAKFRLILIESRIHRLARYYKTKRVLPPNWKYESSTASALVA
;
SN
32 'polypeptide(L)'
;EQVISLGPQVAEGENVFGVCHIFASFNDTFVHVTDLSGKETICRVTGGMKVKADRDESSPYAAMLAAQDVAQRCKELGIT
ALHIKLRATGGNRTKTPGPGAQSALRALARSGMKIGRIEDVTPIPSDSTRRKGGRRGRRL
;
SO
33 'polypeptide(L)'
;VRMNVLADALKSINNAEKRGKRQVLIRPCSKVIVRFLTVMMKHGYIGEFEIIDDHRAGKIVVNLTGRLNKCGVISPRFDV
QLKDLEKWQNNLLPSRQFGFIVLTTSAGIMDHEEARRKHTGGKILGFFF
;
SW
34 'polypeptide(L)'
;PLAKDLLHPSPEEEKRKHKKKRLVQSPNSYFMDVKCPGCYKITTVFSHAQTVVLCVGCSTVLCQPTGGKARLTEGCSFRR
KQH
;
Sb
35 'polyribonucleotide'
;CGCGACCUCAGAUCAGACGUGGCGACCCGCUGAAUUUAAGCAUAUUAGUCAGCGGAGGAGAAGAAACUAACCAGGAUUCC
CUCAGUAACGGCGAGUGAACAGGGAAGAGCCCAGCGCCGAAUCCCCGCCCCGCGGCGGGGCGCGGGACAUGUGGCGUACG
GAAGACCCGCUCCCCGGCGCCGCUCGUGGGGGGCCCAAGUCCUUCUGAUCGAGGCCCAGCCCGUGGACGGUGUGAGGCCG
GUAGCGGCCCCCGGCGCGCCGGGCCCGGGUCUUCCCGGAGUCGGGUUGCUUGGGAAUGCAGCCCAAAGCGGGUGGUAAAC
UCCAUCUAAGGCUAAAUACCGGCACGAGACCGAUAGUCAACAAGUACCGUAAGGGAAAGUUGAAAAGAACUUUGAAGAGA
GAGUUCAAGAGGGCGUGAAACCGUUAAGAGGUAAACGGGUGGGGUCCGCGCAGUCCGCCCGGAGGAUUCAACCCGGCGGC
GGGUCCGGCCGUGUCGGCGGCCCGGCGGAUCUUUCCCGCCCCCCGUUCCUCCCGACCCCUCCACCCGCCCUCCCUUCCCC
CGCCGCCCCUCCUCCUCCUCCCCGGAGGGGGCGGGCUCCGGCGGGUGCGGGGGUGGGCGGGCGGGGCCGGGGGUGGGGUC
GGCGGGGGACCGUCCCCCGACCGGCGACCGGCCGCCGCCGGGCGCAUUUCCACCGCGGCGGUGCGCCGCGACCGGCUCCG
GGACGGCUGGGAAGGCCCGGCGGGGAAGGUGGCUCGGGGGGCCCCGUCCGUCCGUCCGUCCGUCCUCCUCCUCCCCCGUC
UCCGCCCCCCGGCCCCGCGUCCUCCCUCGGGAGGGCGCGCGGGUCGGGGCGGCGGCGGCGGCGGCGGUGGCGGCGGCGGC
GGCGGCGGCGGGACCGAAACCCCCCCCGAGUGUUACAGCCCCCCCGGCAGCAGCACUCGCCGAAUCCCGGGGCCGAGGGA
GCGAGACCCGUCGCCGCGCUCUCCCCCCUCCCGGCGCCCACCCCCGCGGGGAAUCCCCCGCGAGGGGGGUCUCCCCCGCG
GGGGCGCGCCGGCGUCUCCUCGUGGGGGGGCCGGGCCACCCCUCCCACGGCGCGACCGCUCUCCCACCCCUCCUCCCCGC
GCCCCCGCCCCGGCGACGGGGGGGGUGCCGCGCGCGGGUCGGGGGGCGGGGCGGACUGUCCCCAGUGCGCCCCGGGCGGG
UCGCGCCGUCGGGCCCGGGGGAGGUUCUCUCGGGGCCACGCGCGCGUCCCCCGAAGAGGGGGACGGCGGAGCGAGCGCAC
GGGGUCGGCGGCGACGUCGGCUACCCACCCGACCCGUCUUGAAACACGGACCAAGGAGUCUAACACGUGCGCGAGUCGGG
GGCUCGCACGAAAGCCGCCGUGGCGCAAUGAAGGUGAAGGCCGGCGCGCUCGCCGGCCGAGGUGGGAUCCCGAGGCCUCU
CCAGUCCGCCGAGGGCGCACCACCGGCCCGUCUCGCCCGCCGCGCCGGGGAGGUGGAGCACGAGCGCACGUGUUAGGACC
CGAAAGAUGGUGAACUAUGCCUGGGCAGGGCGAAGCCAGAGGAAACUCUGGUGGAGGUCCGUAGCGGUCCUGACGUGCAA
AUCGGUCGUCCGACCUGGGUAUAGGGGCGAAAGACUAAUCGAACCAUCUAGUAGCUGGUUCCCUCCGAAGUUUCCCUCAG
GAUAGCUGGCGCUCUCGCAGACCCGACGCACCCCCGCCACGCAGUUUUAUCCGGUAAAGCGAAUGAUUAGAGGUCUUGGG
GCCGAAACGAUCUCAACCUAUUCUCAAACUUUAAAUGGGUAAGAAGCCCGGCUCGCUGGCGUGGAGCCGGGCGUGGAAUG
CGAGUGCCUAGUGGGCCACUUUUGGUAAGCAGAACUGGCGCUGCGGGAUGAACCGAACGCCGGGUUAAGGCGCCCGAUGC
CGACGCUCAUCAGACCCCAGAAAAGGUGUUGGUUGAUAUAGACAGCAGGACGGUGGCCAUGGAAGUCGGAAUCCGCUAAG
GAGUGUGUAACAACUCACCUGCCGAAUCAACUAGCCCUGAAAAUGGAUGGCGCUGGAGCGUCGGGCCCAUACCCGGCCGU
CGCCGGCAGUCGAGAGUGGACGGGAGCGGCGGGGGCGGCGCGCGCGCGCGCGCGUGUGGUGUGCGUCGGAGGGCGGCGGC
GGCGGCGGCGGCGGGGGUGUGGGGUCCUUCCCCCGCCCCCCCCCCCACGCCUCCUCCCCUCCUCCCGCCCACGCCCCGCU
CCCCGCCCCCGGAGCCCCGCGGACGCUACGCCGCGACGAGUAGGAGGGCCGCUGCGGUGAGCCUUGAAGCCUAGGGCGCG
GGCCCGGGUGGAGCCGCCGCAGGUGCAGAUCUUGGUGGUAGUAGCAAAUAUUCAAACGAGAACUUUGAAGGCCGAAGUGG
AGAAGGGUUCCAUGUGAACAGCAGUUGAACAUGGGUCAGUCGGUCCUGAGAGAUGGGCGAGCGCCGUUCCGAAGGGACGG
GCGAUGGCCUCCGUUGCCCUCGGCCGAUCGAAAGGGAGUCGGGUUCAGAUCCCCGAAUCCGGAGUGGCGGAGAUGGGCGC
CGCGAGGCGUCCAGUGCGGUAACGCGACCGAUCCCGGAGAAGCCGGCGGGAGCCCCGGGGAGAGUUCUCUUUUCUUUGUG
AAGGGCAGGGCGCCCUGGAAUGGGUUCGCCCCGAGAGAGGGGCCCGUGCCUUGGAAAGCGUCGCGGUUCCGGCGGCGUCC
GGUGAGCUCUCGCUGGCCCUUGAAAAUCCGGGGGAGAGGGUGUAAAUCUCGCGCCGGGCCGUACCCAUAUCCGCAGCAGG
UCUCCAAGGUGAACAGCCUCUGGCAUGUUGGAACAAUGUAGGUAAGGGAAGUCGGCAAGCCGGAUCCGUAACUUCGGGAU
AAGGAUUGGCUCUAAGGGCUGGGUCGGUCGGGCUGGGGCGCGAAGCGGGGCUGGGCGCGCGCCGCGGCUGGACGAGGCGC
CGCCGCCCCCCCCACGCCCGGGGCACCCCCCUCGCGGCCCUCCCCCGCCCCACCCCGCGCGCGCCGCUCGCUCCCUCCCC
GCCCCGCGCCCUCUCUCUCUCUCUCUCCCCCGCUCCCCGUCCUCCCCCCUCCCCGGGGGAGCGCCGCGUGGGGGCGGCGG
CGGGGGGAGAAGGGUCGGGGCGGCAGGGGCCGGCGGCGGCCCGCCGCGGGGCCCCGGCGGCGGGGGCACGGUCCCCCGCG
AGGGGGGCCCGGGCACCCGGGGGGCCGGCGGCGGCGGCGACUCUGGACGCGAGCCGGGCCCUUCCCGUGGAUCGCCCCAG
CUGCGGCGGGCGUCGCGGCCGCCCCCGGGGAGCCCGGCGGGCGCCGGCGCGCCCCCCCCCCCACCCCACGUCUCGUCGCG
CGCGCGUCCGCUGGGGGCGGGGAGCGGUCGGGCGGCGGCGGUCGGCGGGCGGCGGGGCGGGGCGGUUCGUCCCCCCGCCC
UACCCCCCCGGCCCCGUCCGCCCCCCGUUCCCCCCUCCUCCUCGGCGCGCGGCGGCGGCGGCGGCAGGCGGCGGAGGGGC
CGCGGGCCGGUCCCCCCCGCCGGGUCCGCCCCCGGGGCCGCGGUUCCGCGCGGCGCCUCGCCUCGGCCGGCGCCUAGCAG
CCGACUUAGAACUGGUGCGGACCAGGGGAAUCCGACUGUUUAAUUAAAACAAAGCAUCGCGAAGGCCCGCGGCGGGUGUU
GACGCGAUGUGAUUUCUGCCCAGUGCUCUGAAUGUCAAAGUGAAGAAAUUCAAUGAAGCGCGGGUAAACGGCGGGAGUAA
CUAUGACUCUCUUAAGGUAGCCAAAUGCCUCGUCAUCUAAUUAGUGACGCGCAUGAAUGGAUGAACGAGAUUCCCACUGU
CCCUACCUACUAUCCAGCGAAACCACAGCCAAGGGAACGGGCUUGGCGGAAUCAGCGGGGAAAGAAGACCCUGUUGAGCU
UGACUCUAGUCUGGCACGGUGAAGAGACAUGAGAGGUGUAGAAUAAGUGGGAGGCCCCCGGCGCCCCCCCGGUGUCCCCG
CGAGGGGCCCGGGGCGGGGUCCGCCGGCCCUGCGGGCCGCCGGUGAAAUACCACUACUCUGAUCGUUUUUUCACUGACCC
GGUGAGGCGGGGGGGCGAGCCCCGAGGGGCUCUCGCUUCUGGCGCCAAGCGCCCGGCCGCGCGCCGGCCGGGCGCGACCC
GCUCCGGGGACAGUGCCAGGUGGGGAGUUUGACUGGGGCGGUACACCUGUCAAACGGUAACGCAGGUGUCCUAAGGCGAG
CUCAGGGAGGACAGAAACCUCCCGUGGAGCAGAAGGGCAAAAGCUCGCUUGAUCUUGAUUUUCAGUACGAAUACAGACCG
UGAAAGCGGGGCCUCACGAUCCUUCUGACCUUUUGGGUUUUAAGCAGGAGGUGUCAGAAAAGUUACCACAGGGAUAACUG
GCUUGUGGCGGCCAAGCGUUCAUAGCGACGUCGCUUUUUGAUCCUUCGAUGUCGGCUCUUCCUAUCAUUGUGAAGCAGAA
UUCACCAAGCGUUGGAUUGUUCACCCACUAAUAGGGAACGUGAGCUGGGUUUAGACCGUCGUGAGACAGGUUAGUUUUAC
CCUACUGAUGAUGUGUUGUUGCCAUGGUAAUCCUGCUCAGUACGAGAGGAACCGCAGGUUCAGACAUUUGGUGUAUGUGC
UUGGCUGAGGAGCCAAUGGGGCGAAGCUACCAUCUGUGGGAUUAUGACUGAACGCCUCUAAGUCAGAAUCCCGCCCAGGC
GGAACGAUACGGCAGCGCCGCGGAGCCUCGGUUGGCCUCGGAUAGCCGGUCCCCCGCCUGUCCCCGCCGGCGGGCCGCCC
CCCCCCUCCACGCGCCCCGCGCGCGCGGGAGGGCGCGUGCCCCGCCGCGCGCCGGGACCGGGGUCCGGUGCGGAGUGCCC
UUCGUCCUGGGAAACGGGGCGCGGCCGGAGAGGCGGCCGCCCCCUCGCCCGUCACGCACCGCACGUUCGUGGGGAACCUG
GCGCUAAACCAUUCGUAGACGACCUGCUUCUGGGUCGGGGUUUCGUACGUAGCAGAGCAGCUCCCUCGCUGCGAUCUAUU
GAAAGUCAGCCCUCGACACAAGGGUUUGUC
;
L5
36 'polyribonucleotide'
;GUCUACGGCCAUACCACCCUGAACGCGCCCGAUCUCGUCUGAUCUCGGAAGCUAAGCAGGGUCGGGCCUGGUUAGUACUU
GGAUGGGAGACCGCCUGGGAAUACCGGGUGCUGUAGGCUU
;
L7
37 'polyribonucleotide'
;CGACUCUUAGCGGUGGAUCACUCGGCUCGUGCGUCGAUGAAGAACGCAGCUAGCUGCGAGAAUUAAUGUGAAUUGCAGGA
CACAUUGAUCAUCGACACUUCGAACGCACUUGCGGCCCCGGGUUCCUCCCGGGGCUACGCCUGUCUGAGCGUCGCU
;
L8
38 'polypeptide(L)'
;GRVIRGQRKGAGSVFRAHVKHRKGAARLRAVDFAERHGYIKGIVKDIIHDPGRGAPLAKVVFRDPYRFKKRTELFIAAEG
IHTGQFVYCGKKAQLNIGNVLPVGTMPEGTIVCCLEEKPGDRGKLARASGNYATVISHNPETKKTRVKLPSGSKKVISSA
NRAVVGVVAGGGRIDKPILKAGRAYHKYKAKRNCWPRVRGVAMNPVEHPFGGGNHQHIGKPSTIRRDAPAGRKVGLIAAR
RTGRLRGT
;
LA
39 'polypeptide(L)'
;SHRKFSAPRHGSLGFLPRKRSSRHRGKVKSFPKDDPSKPVHLTAFLGYKAGMTHIVREVDRPGSKVNKKEVVEAVTIVET
PPMVVVGIVGYVETPRGLRTFKTVFAEHISDECKRRFYKNWHKSKKKAFTKYCKKWQDEDGKKQLEKDFSSMKKYCQVIR
VIAHTQMRLLPLRQKKAHLMEIQVNGGTVAEKLDWARERLEQQVPVNQVFGQDEMIDVIGVTKGKGYKGVTSRWHTKKLP
RKTHRGLRKVACIGAWHPARVAFSVARAGQKGYHHRTEINKKIYKIGQGYLIKDGKLIKNNASTDYDLSDKSINPLGGFV
HYGEVTNDFVMLKGCVVGTKKRVLTLRKSLLVQTKRRALEKIDLKFIDTTSKFGHGRFQTMEEKKAFMGPLKKDRIAKEE
GA
;
LB
40 'polypeptide(L)'
;MACARPLISVYSEKGESSGKNVTLPAVFKAPIRPDIVNFVHTNLRKNNRQPYAVSELAGHQTSAESWGTGRAVARIPRVR
GGGTHRSGQGAFGNMCRGGRMFAPTKTWRRWHRRVNTTQKRYAICSALAASALPALVMSKGHRIEEVPELPLVVEDKVEG
YKKTKEAVLLLKKLKAWNDIKKVYASQRMRAGKGKMRNRRRIQRRGPCIIYNEDNGIIKAFRNIPGITLLNVSKLNILKL
APGGHVGRFCIWTESAFRKLDELYGTWRKAASLKSNYNLPMHKMINTDLSRILKSPEIQRALRAPRKKIHRRVLKKNPLK
NLRIMLKLNPYAKTMRRNTILRQARNHKLRVDKAAAAAAALQAKSDEK
;
LC
41 'polypeptide(L)'
;GFVKVVKNKAYFKRYQVKFRRRREGKTDYYARKRLVIQDKNKYNTPKYRMIVRVTNRDIICQIAYARIEGDMIVCAAYAH
ELPKYGVKVGLTNYAAAYCTGLLLARRLLNRFGMDKIYEGQVEVTGDEYNVESIDGQPGAFTCYLDAGLARTTTGNKVFG
ALKGAVDGGLSIPHSTKRFPGYDSESKEFNAEVHRKHIMGQNVADYMRYLMEEDEDAYKKQFSQYIKNSVTPDMMEEMYK
KAHAAIRENPVYEKKPKKEVKKKRWNRPKMSLAQKKDRVAQKKASFLRAQERA
;
LD
42 'polypeptide(L)'
;PHCSRNPVLVRGIGRYSRSAMYSRKAMYKRKYSAAKSKVEKKKKEKVLATVTKPVGGDKNGGTRVVKLRKMPRYYPTEDV
PRKLLSHGKKPFSQHVRKLRASITPGTILIILTGRHRGKRVVFLKQLASGLLLVTGPLVLNRVPLRRTHQKFVIATSTKI
DISNVKIPKHLTDAYFKKKKLRKPRHQEGEIFDTEKEKYEITEQRKIDQKAVDSQILPKIKAIPQLQGYLRSVFALTNGI
YPHKLVF
;
LE
43 'polypeptide(L)'
;NFAELKIKRLRKKFAQKMLRKARRKLIYEKAKHYHKEYRQMYRTEIRMARMARKAGNFYVPAEPKLAFVIRIRGINGVSP
KVRKVLQLLRLRQIFNGTFVKLNKASINMLRIVEPYIAWGYPNLKSVNELIYKRGYGKINKKRIALTDNALIARSLGKYG
IICMEDLIHEIYTVGKRFKEANNFLWPFKLSSPRGGMKKKTTHFVEGGDAGNREDQINRLIRRMN
;
LF
44 'polypeptide(L)'
;KVVNPLFEKRPKNFGIGQDIQPKRDLTRFVKWPRYIRLQRQRAILYKRLKVPPAINQFTQALDRQTATQLLKLAHKYRPE
TKQEKKQRLLARAEKKAAGKGDVPTKRPPVLRAGVNTVTTLVENKKAQLVVIAHDVDPIELVVFLPALCRKMGVPYCIIK
GKARLGRLVHRKTCTTVAFTQVNSEDKGALAKLVEAIRTNYNDRYDEIRRHWGGNVLGPKSVARIAKLEKAKAKELATKL
G
;
LG
45 'polypeptide(L)'
;MKTILSNQTVDIPENVDITLKGRTVIVKGPRGTLRRDFNHINVELSLLGKKKKRLRVDKWWGNRKELATVRTICSHVQNM
IKGVTLGFRYKMRSVYAHFPINVVIQENGSLVEIRNFLGEKYIRRVRMRPGVACSVSQAQKDELILEGNDIELVSNSAAL
IQQATTVKNKDIRKFLDGIYVSEKGTVQQA
;
LH
46 'polypeptide(L)'
;GRRPARCYRYCKNKPYPKSRFCRGVPDAKIRIFDLGRKKAKVDEFPLGGHMVSDEYEQLSSEALEAARICANKYMVKSCG
RDGFHMRVRLHPFHVIRINKMLSCAGADRLQTGMRGAFGKPQGTVARVHIGQVIMSIRTKLQNEEHVIEALRRAKFKFPG
RQKIHISKKWGFTKFNADEFEDMVAKKCLIPDGCGVKYVPSHGPLDKWRVLHS
;
LI
47 'polypeptide(L)'
;QDQGEKENPMRELRIRKLCLNICVGESGDRLTRAAKVLEQLTGQTPVFSKARYTVRSFGIRRNEKIAVHCTVRGAKAEEI
LEKGLKVREYELRKNNFSDTGNFGFGIQEHIDLGIKYDPSIGIYGLDFYVVLGRPGFSIADKKRRTGCIGAKHRISKEEA
MRWFQQKYDGIILPGK
;
LJ
48 'polypeptide(L)'
;APSRNGMVLKPHFHKDWQRRVATWFNQPARKIRRRKARQAKARRIAPRPASGPIRPIVRCPTVRYHTKVRAGRGFSLEEL
RVAGIHKKVARTIGISVDPRRRNKSTESLQANVQRLKEYRSKLILFPRKPSAPKKGDSSAEELKLATQLTGPVMPVRNVY
KKEKARVITEEEKNFKAFASLRMARANARLFGIRAKRAKEAAEQDVEKKK
;
LL
49 'polypeptide(L)'
;VFRRFVEVGRVAYVSFGPHAGKLVAIVDVIDQNRALVDGPCTQVRRQAMPFKCMQLTDFILKFPHSAHQKYVRQAWQKAD
INTKWAATRWAKKIEARERKAKMTDFDRFKVMKAKKMRNRIIKNEVKKLQKAALLKASP
;
LM
50 'polypeptide(L)'
;GAYKYIQELWRKKQSDVMRFLLRVRCWQYRQLSALHRAPRPTRPDKARRLGYKAKQGYVIYRIRVRRGGRKRPVPKGATY
GKPVHHGVNQLKFARSLQSVAEERAGRHCGALRVLNSYWVGEDSTYKFFEVILIDPFHKAIRRNPDTQWITKPVHKHREM
RGLTSAGRKSRGLGKGHKFHHTIGGSRRAAWRRRNTLQLHRYR
;
LN
51 'polypeptide(L)'
;EVQVLVLDGRGHLLGRLAAIVAKQVLLGRKVVVVRCEGINISGNFYRNKLKYLAFLRKRMNTNPSRGPYHFRAPSRIFWR
TVRGMLPHKTKRGQAALDRLKVFDGIPPPYDKKKRMVVPAALKVVRLKPTRKFAYLGRLAHEVGWKYQAVTATLEEKRKE
KAKIHYRKKKQLMRLRKQAEKNVEKKIDKYTEVLKTHGLLV
;
LO
52 'polypeptide(L)'
;VRYSLDPENPTKSCKSRGSNLRVHFKNTRETAQAIKGMHIRKATKYLKDVTLQKQCVPFRRYNGGVGRCAQAKQWGWTQG
RWPKKSAEFLLHMLKNAESNAELKGLDVDSLVIEHIQVNKAPKMRRRTYRAHGRINPYMSSPCHIEMILTEKE
;
LP
53 'polypeptide(L)'
;GVDIRHNKDRKVRRKEPKSQDIYLRLLVKLYRFLARRTNSTFNQVVLKRLFMSRTNRPPLSLSRMIRKMKLPGRENKTAV
VVGTITDDVRVQEVPKLKVCALRVTSRARSRILRAGGKILTFDQLALDSPKGCGTVLLSGPRKGREVYRHFGKAPGTPHS
HTKPYVRSKGRKFERARGRRASRGYKN
;
LQ
54 'polypeptide(L)'
;SMLRLQKRLASSVLRCGKKKVWLDPNETNEIANANSRQQIRKLIKDGLIIRKPVTVHSRARCRKNTLARRKGRHMGIGKR
KGTANARMPEKVTWMRRMRILRRLLRRYRESKKIDRHMYHSLYLKVKGNVFKNKRILMEHIHKLKADKARKKLLADQAEA
RRSKTKEARKRREERLQAKKEEIIKTL
;
LR
55 'polypeptide(L)'
;KASGTLREYKVVGRCLPTPKCHTPPLYRMRIFAPNHVVAKSRFWYFVSQLKKMKKSSGEIVYCGQVFEKSPLRVKNFGIW
LRYDSRSGTHNMYREYRDLTTAGAVTQCYRDMGARHRARAHSIQIMKVEEIAASKCRRPAVKQFHDSKIKFPLPHRVLRR
QHKPRFTTKRPNTFF
;
LS
56 'polypeptide(L)'
;TNTKGKRRGTRYMFSRPFRKHGVVPLATYMRIYKKGDIVDIKGMGTVQKGMPHKCYHGKTGRVYNVTQHAVGIVVNKQVK
GKILAKRINVRIEHIKHSKSRDSFLKRVKENDQKKKEAKEKGTWVQLKRQPAPPREAHFVRTNGKEPELLEPIPYEFMA
;
LT
57 'polypeptide(L)'
;QVLKFTLDCTHPVEDGIMDAANFEQFLQERIKVNGKAGNLGGGVVTIERSKSKITVTSEVPFSKRYLKYLTKKYLKKNNL
RDWLRVVANSKESYELRYFQI
;
LU
58 'polypeptide(L)'
;SGAKFRISLGLPVGAVINCADNTGAKNLYIISVKGIKGRLNRLPAAGVGDMVMATVKKGKPELRKKVHPAVVIRQRKSYR
RKDGVFLYFEDNAGVIVNNKGEMKGSAITGPVAKECADLWPRIASNAGSIA
;
LV
59 'polypeptide(L)'
;KKKIRTSPTFRRPKTLRLRRQPKYPRKSAPRRNKLDHYAIIKFPLTTESAMKKIEDNNTLVFIVDVKANKHQIKQAVKKL
YDIDVAKVNTLIRPDGEKKAYVRLAPDYDALDVANKIGII
;
LX
60 'polypeptide(L)'
;MKFNPFVTSDRSKNRKRHFNAPSHIRRKIMSSPLSKELRQKYNVRSMPIRKDDEVQVVRGHYKGQQIGKVVQVYRKKYVI
YIERVQREKANGTTVHVGIHPSKVVITRLKLDKDRKKILERKAKSRQVGKEKGK
;
LY
61 'polypeptide(L)'
;GKFMKPGKVVLVLAGRYSGRKAVIVKNIDDGTSDRPYSHALVAGIDRYPRKVTAAMGKKKIAKRSKIKSFVKVYNYNHLM
PTRYSVDIPLDKTVVNKDVFRDPALKRKARREAKVKFEERYKTGKNKWFFQKLRF
;
LZ
62 'polypeptide(L)'
;PSRLRKTRKLRGHVSHGHGRIGKHRKHPGGRGNAGGLHHHRINFDKYHPGYFGKVGMKHYHLKRNQSFCPTVNLDKLWTL
VSEQTRVNAAKNKTGAAPIIDVVRSGYYKVLGKGKLPKQPVIVKAKFFSRRAEEKIKSVGGACVLVA
;
La
63 'polypeptide(L)'
;AKSKNHTTHNQSRKWHRNGIKKPRSQRYESLKGVDPKFLRNMRFAKKHNKKGLKKMQANNAKAMSARAEAIKALVKPKEV
KPKIPKGVSRKLDRLAYIAHPKLGKRARARIAKGLRLCRPK
;
Lb
64 'polypeptide(L)'
;KSLESINSRLQLVMKSGKYVLGYKQTLKMIRQGKAKLVILANNCPALRKSEIEYYAMLAKTGVHHYSGNNIELGTACGKY
YRVCTLAIIDPGDSDIIR
;
Lc
65 'polypeptide(L)'
;NEVVTREYTINIHKRIHGVGFKKRAPRALKEIRKFAMKEMGTPDVRIDTRLNKAVWAKGIRNVPYRIRVRLSRKRNEDED
SPNKLYTLVTYVPVTTFKNLQTVNVDE
;
Ld
66 'polypeptide(L)'
;AALRPLVKPKIVKKRTKKFIRHQSDRYVKIKRNWRKPRGIDNRVRRRFKGQILMPNIGYGSNKKTKHMLPSGFRKFLVHN
VKELEVLLMCNKSYCAEIAHNVSSKNRKAIVERAAQLAIRVTNPNARL
;
Le
67 'polypeptide(L)'
;SGRLWSKAIFAGYKRGLRNQREHTALLKIEGVYARDETEFYLGKRCAYVYKAKNNTVTPGGKPNKTRVIWGKVTRAHGNS
GMVRAKFRSNLPAKAIGHRIRVMLYPSRI
;
Lf
68 'polypeptide(L)'
;VQRLTYRRRLSYNTASNKTRLSRTPGNRIVYLYTKKVGKAPKSACGVCPGRLRGVRAVRPKVLMRLSKTKKHVSRAYGGS
MCAKCVRDRIKRAFLIEEQKIVVKVLKAQAQSQK
;
Lg
69 'polypeptide(L)'
;AKIKARDLRGKKKEELLKQLDDLKVELSQLRVAKVTGGAASKLSKIRVVRKSIARVLTVINQTQKENLRKFYKGKKYKPL
DLRPKKTRAMRRRLNKHEENLKTKKQQRKERLYPLRKYAVKA
;
Lh
70 'polypeptide(L)'
;ALRYPMAVGLNKGHKVTKNVSKPRHSRRRGRLTKHTKFVRDMIREVCGFAPYERRAMELLKVSKDKRALKFIKKRVGTHI
RAKRKREELSNVLAAMRKAAAK
;
Li
71 'polypeptide(L)'
;TKGTSSFGKRRNKTHTLCRRCGSKAYHLQKSTCGKCGYPAKRKRKYNWSAKAKRRNTTGTGRMRHLKIVYRRFRHGFREG
TTPKPK
;
Lj
72 'polypeptide(L)' PRKIEEIKDFLLTARRKDAKSVKIKKNKDNVKFKVRCSRYLYTLVITDKEKAEKLKQSLPPGLAVKELK Lk
73 'polypeptide(L)' SSHKTFRIKRFLAKKQKQNRPIPQWIRMKTGNKIRYNSKRRHWRRTKLGL Ll
74 'polypeptide(L)' IIEPSLRQLAQKYNCDKMICRKCYARLHPRAVNCRKKKCGHTNNLRPKKKVK Lm
75 'polypeptide(L)' MRAKWRKKRMRRLKRKRRKMRQRS Ln
76 'polypeptide(L)'
;VNVPKTRRTFCKKCGKHQPHKVTQYKKGKDSLYAQGKRRYDRKQSGYGGQTKPIFRKKAKTTKKIVLRLECVEPNCRSKR
MLAIKRCKHFELGGDKKRKGQVIQF
;
Lo
77 'polypeptide(L)'
;AKRTKKVGIVGKYGTRYGASLRKMVKKIEISQHAKYTCSFCGKTKMKRRAVGIWHCGSCMKTVAGGAWTYNTTSAVTVKS
AIRRLKELKDQ
;
Lp
78 'polypeptide(L)'
;SAHLQWMVVRNCSSFLIKRNKQTYSTEPNNLKARNSFRYNGLIHRKTVGVEPAADGKGVVVVIKRRSGQRKPATSYVRTT
INKNARATLSSIRHMIRKNKYRPDLRMAAIRRASAILRSQKPVMV
;
Lr
79 'polypeptide(L)'
;MSSKVSRDTLYEAVREVLHGNQRKRRKFLETVELQISLKNYDPQKDKRFSGTVRLKSTPRPKFSVCVLGDQQHCDEAKAV
DIPHMDIEALKKLNKNKKLVKKLAKKYDAFLASESLIKQIPRILGPGLNKAGKFPSLLTHNENMVAKVDEVKSTIKFQMK
KVLCLAVAVGHVKMTDDELVYNIHLAVNFLVSLLKKNWQNVRALYIKSTMGKPQRLY
;
Lz
80 'polypeptide(L)'
;QQEQTIAEDLVVTKYKMGGDIANRVLRSLVEASSSGVSVLSLCEKGDAMIMEETGKIFKKEKEMKKGIAFPTSISVNNCV
CHFSPLKSDQDYILKEGDLVKIDLGVHVDGFIANVAHTFVVDVAQGTQVTGRKADVIKAAHLCAEAALRLVKPGNQNTQV
TEAWNKVAHSFNCTPIEGMLSHQLKQHVIDGEKTIIQNPTDQQKKDHEKAEFEVHEVYAVDVLVSSGEGKAKDAGQRTTI
YKRDPSKQYGLKMKTSRAFFSEVERRFDAMPFTLRAFEDEKKARMGVVECAKHELLQPFNVLYEKEGEFVAQFKFTVLLM
PNGPMRITSGPFEPDLYKSEMEVQDAELKALLQSSA
;
CA
81 'polypeptide(L)'
;DRATWKSNYFLKIIQLLDDYPKCFIVGADNVGSKQMQQIRMSLRGKAVVLMGKNTMMRKAIRGHLENNPALEKLLPHIRG
NVGFVFTKEDLTEIRDMLLANKVPAAARAGAIAPCEVTVPAQNTGLGPEKTSFFQALGITTKISRGTIEILSDVQLIKTG
DKVGASEATLLNMLNISPFSFGLVIQQVFDNGSIYN
;
Ls
82 'polypeptide(L)'
;PNEIKVVYLRCTGGEVGATSALAPKIGPLGLSPKKVGDDIAKATGDWKGLRITVKLTIQNRQAQIEVVPSASALIIKALK
EITFDEIVNIARQMRHRSLARELSGTIKEILGTAQSVGCNVDGRHPHDIIDDINSGAVECP
;
Lt
83 'polypeptide(L)'
;NFTVDQIRAIMDKKANIRNMSVIAHVDHGKSTLTDSLVCKAGIIASARAGETRFTDTRKDEQERCITIKSTAISLFYELS
ENDLNFIKQSKDGAGFLINLIDSPGHVDFSSEVTAALRVTDGALVVVDCVSGVCVQTETVLRQAIAERIKPVLMMNKMDR
ALLELQLEPEELYQTFQRIVENVNVIISTYGEGESGPMGNIMIDPVLGTVGFGSGLHGWAFTLKQFAEMYVAKFAAKGEG
QLGPAERAKKVEDMMKKLWGDRYFDPANGKFSKSATSPEGKKLPRTFCQLILDPIFKVFDAIMNFKKEETAKLIEKLDIK
LDSEDKDKEGKPLLKAVMRRWLPAGDALLQMITIHLPSPVTAQKYRCELLYEGPPDDEAAMGIKSCDPKGPLMMYISKMV
PTSDKGRFYAFGRVFSGLVSTGLKVRIMGPNYTPGKKEDLYLKPIQRTILMMGRYVEPIEDVPCGNIVGLVGVDQFLVKT
GTITTFEHAHNMRVMKFSVSPVVRVAVEAKNPADLPKLVEGLKRLAKSDPMVQCIIEESGEHIIAGAGELHLEICLKDLE
EDHACIPIKKSDPVVSYRETVSEESNVLCLSKSPNKHNRLYMKARPFPDGLAEDIDKGEVSARQELKQRARYLAEKYEWD
VAEARKIWCFGPDGTGPNILTDITKGVQYLNEIKDSVVAGFQWATKEGALCEENMRGVRFDVHDVTLHADAIHRGGGQII
PTARRCLYASVLTAQPRLMEPIYLVEIQCPEQVVGGIYGVLNRKRGHVFEESQVAGTPMFVVKAYLPVNESFGFTADLRS
NTGGQAFPQCVFDHWQILPGDPFDNSSRPSQVVAETRKRKGLKEGIPALDNFLDKL
;
CB
84 'polyribonucleotide' GCCCGGAUAGCUCAGCUGUAGAGCAUCAGACUUUUAAUCUGAGGGUCCAGGGUUCAAGUCCCUGUUCGGGCGCCA Et
85 'polypeptide(L)'
;MKVELCSFSGYKIYPGHGRRYARTDGKVFQFLNAKCESAFLSKRNPRQINWTVLYRRKHKKGQSEEIQKKRTRRAVKFQR
AITGASLADIMAKRNQKPEVRKAQREQAIRAAKEAKKAKQASKK
;
LW
#
loop_
_chem_comp.id
_chem_comp.type
_chem_comp.name
_chem_comp.formula
A RNA linking ADENOSINE-5'-MONOPHOSPHATE 'C10 H14 N5 O7 P'
C RNA linking CYTIDINE-5'-MONOPHOSPHATE 'C9 H14 N3 O8 P'
G RNA linking GUANOSINE-5'-MONOPHOSPHATE 'C10 H14 N5 O8 P'
MG non-polymer 'MAGNESIUM ION' 'Mg 2'
U RNA linking URIDINE-5'-MONOPHOSPHATE 'C9 H13 N2 O9 P'
ZN non-polymer 'ZINC ION' 'Zn 2'
#
# COMPACT_ATOMS: atom_id res chain seq x y z
N MET B 1 99.95 -64.87 15.68
CA MET B 1 101.03 -64.68 16.64
C MET B 1 101.37 -63.19 16.80
N ALA B 2 101.72 -62.55 15.70
CA ALA B 2 102.12 -61.15 15.76
C ALA B 2 100.98 -60.26 16.23
N VAL B 3 99.81 -60.40 15.61
CA VAL B 3 98.63 -59.62 15.97
C VAL B 3 97.61 -60.60 16.55
N GLN B 4 97.45 -60.58 17.87
CA GLN B 4 96.43 -61.35 18.56
C GLN B 4 95.37 -60.39 19.11
N ILE B 5 94.15 -60.87 19.18
CA ILE B 5 93.00 -60.04 19.55
C ILE B 5 92.85 -60.07 21.07
N SER B 6 92.44 -58.94 21.64
CA SER B 6 92.19 -58.87 23.07
C SER B 6 91.07 -59.83 23.47
N LYS B 7 91.16 -60.36 24.69
CA LYS B 7 90.23 -61.40 25.13
C LYS B 7 88.79 -60.91 25.10
N LYS B 8 88.54 -59.69 25.57
CA LYS B 8 87.18 -59.15 25.57
C LYS B 8 86.60 -59.12 24.18
N ARG B 9 87.39 -58.66 23.19
CA ARG B 9 86.94 -58.72 21.81
C ARG B 9 86.90 -60.17 21.30
N LYS B 10 87.71 -61.05 21.88
CA LYS B 10 87.81 -62.42 21.37
C LYS B 10 86.52 -63.17 21.63
N PHE B 11 86.02 -63.11 22.87
CA PHE B 11 84.73 -63.72 23.19
C PHE B 11 83.59 -63.01 22.48
N VAL B 12 83.77 -61.71 22.21
CA VAL B 12 82.86 -61.03 21.30
C VAL B 12 82.99 -61.58 19.90
N ALA B 13 84.22 -61.82 19.46
CA ALA B 13 84.46 -62.30 18.09
C ALA B 13 83.83 -63.67 17.88
N ASP B 14 83.96 -64.57 18.85
CA ASP B 14 83.22 -65.83 18.78
C ASP B 14 81.72 -65.59 18.86
N GLY B 15 81.30 -64.67 19.75
CA GLY B 15 79.88 -64.39 19.89
C GLY B 15 79.28 -63.78 18.64
N ILE B 16 80.05 -62.94 17.96
CA ILE B 16 79.55 -62.34 16.73
C ILE B 16 79.65 -63.32 15.56
N PHE B 17 80.43 -64.39 15.74
CA PHE B 17 80.48 -65.44 14.73
C PHE B 17 79.18 -66.24 14.71
N LYS B 18 78.78 -66.80 15.85
CA LYS B 18 77.60 -67.65 15.89
C LYS B 18 76.34 -66.85 15.59
N ALA B 19 76.33 -65.57 15.96
CA ALA B 19 75.16 -64.74 15.71
C ALA B 19 74.86 -64.64 14.21
N GLU B 20 75.89 -64.34 13.41
CA GLU B 20 75.69 -64.25 11.98
C GLU B 20 75.60 -65.64 11.35
N LEU B 21 76.37 -66.60 11.88
CA LEU B 21 76.27 -67.97 11.38
C LEU B 21 74.85 -68.50 11.52
N ASN B 22 74.27 -68.38 12.72
CA ASN B 22 72.89 -68.80 12.91
C ASN B 22 71.95 -68.03 12.00
N GLU B 23 72.23 -66.75 11.77
CA GLU B 23 71.36 -65.94 10.90
C GLU B 23 71.36 -66.47 9.47
N PHE B 24 72.54 -66.79 8.93
CA PHE B 24 72.61 -67.21 7.53
C PHE B 24 72.03 -68.60 7.33
N LEU B 25 72.35 -69.54 8.23
CA LEU B 25 71.71 -70.86 8.15
C LEU B 25 70.20 -70.75 8.33
N THR B 26 69.72 -69.74 9.06
CA THR B 26 68.28 -69.54 9.18
C THR B 26 67.66 -69.19 7.83
N ARG B 27 68.31 -68.33 7.05
CA ARG B 27 67.79 -68.01 5.72
C ARG B 27 68.08 -69.13 4.72
N GLU B 28 69.01 -70.02 5.05
CA GLU B 28 69.39 -71.09 4.13
C GLU B 28 68.63 -72.38 4.40
N LEU B 29 68.41 -72.72 5.66
CA LEU B 29 67.71 -73.94 6.05
C LEU B 29 66.37 -73.64 6.71
N ALA B 30 65.68 -72.60 6.22
CA ALA B 30 64.39 -72.23 6.79
C ALA B 30 63.32 -73.28 6.47
N GLU B 31 63.22 -73.67 5.20
CA GLU B 31 62.27 -74.69 4.80
C GLU B 31 62.67 -76.08 5.28
N ASP B 32 63.94 -76.25 5.67
CA ASP B 32 64.46 -77.52 6.14
C ASP B 32 64.20 -77.73 7.64
N GLY B 33 63.58 -76.76 8.31
CA GLY B 33 63.45 -76.84 9.75
C GLY B 33 64.78 -76.69 10.44
N TYR B 34 65.36 -75.50 10.38
CA TYR B 34 66.66 -75.23 11.00
C TYR B 34 66.71 -75.73 12.45
N SER B 35 65.90 -75.13 13.32
CA SER B 35 65.85 -75.47 14.73
C SER B 35 67.23 -75.38 15.41
N GLY B 36 67.97 -74.31 15.10
CA GLY B 36 69.14 -73.95 15.88
C GLY B 36 70.41 -74.66 15.44
N VAL B 37 71.53 -74.16 15.97
CA VAL B 37 72.86 -74.67 15.66
C VAL B 37 73.68 -74.76 16.93
N GLU B 38 74.77 -75.54 16.86
CA GLU B 38 75.78 -75.56 17.90
C GLU B 38 77.15 -75.56 17.25
N VAL B 39 78.01 -74.63 17.66
CA VAL B 39 79.36 -74.52 17.11
C VAL B 39 80.31 -75.14 18.12
N ARG B 40 80.80 -76.34 17.81
CA ARG B 40 81.69 -77.09 18.69
C ARG B 40 83.12 -76.64 18.41
N VAL B 41 83.53 -75.59 19.12
CA VAL B 41 84.81 -74.94 18.85
C VAL B 41 85.94 -75.72 19.53
N THR B 42 87.05 -75.81 18.83
CA THR B 42 88.32 -76.33 19.31
C THR B 42 89.40 -75.34 18.90
N PRO B 43 90.57 -75.39 19.53
CA PRO B 43 91.63 -74.44 19.15
C PRO B 43 91.98 -74.47 17.67
N THR B 44 91.96 -75.64 17.03
CA THR B 44 92.26 -75.73 15.61
C THR B 44 91.08 -76.25 14.79
N ARG B 45 90.52 -77.41 15.11
CA ARG B 45 89.55 -78.09 14.26
C ARG B 45 88.15 -77.82 14.78
N THR B 46 87.66 -76.60 14.55
CA THR B 46 86.31 -76.26 14.97
C THR B 46 85.28 -76.96 14.09
N GLU B 47 84.22 -77.49 14.73
CA GLU B 47 83.16 -78.18 14.01
C GLU B 47 81.82 -77.53 14.35
N ILE B 48 80.95 -77.46 13.34
CA ILE B 48 79.63 -76.87 13.49
C ILE B 48 78.61 -77.97 13.25
N ILE B 49 77.64 -78.10 14.16
CA ILE B 49 76.62 -79.13 14.09
C ILE B 49 75.27 -78.46 13.88
N ILE B 50 74.58 -78.82 12.79
CA ILE B 50 73.26 -78.28 12.48
C ILE B 50 72.22 -79.17 13.15
N LEU B 51 71.10 -78.57 13.52
CA LEU B 51 70.03 -79.27 14.23
C LEU B 51 68.74 -79.30 13.40
N ALA B 52 68.87 -79.61 12.10
CA ALA B 52 67.72 -79.62 11.21
C ALA B 52 66.74 -80.73 11.59
N THR B 53 65.46 -80.47 11.34
CA THR B 53 64.44 -81.49 11.57
C THR B 53 64.48 -82.56 10.50
N ARG B 54 64.69 -82.16 9.24
CA ARG B 54 64.91 -83.11 8.14
C ARG B 54 66.31 -82.89 7.59
N THR B 55 67.28 -83.60 8.18
CA THR B 55 68.64 -83.51 7.68
C THR B 55 68.84 -84.22 6.35
N GLN B 56 67.90 -85.09 5.96
CA GLN B 56 68.08 -85.88 4.75
C GLN B 56 68.11 -85.01 3.50
N ASN B 57 67.25 -83.98 3.44
CA ASN B 57 67.35 -83.02 2.36
C ASN B 57 68.40 -81.96 2.64
N VAL B 58 68.76 -81.77 3.90
CA VAL B 58 69.92 -80.93 4.24
C VAL B 58 71.20 -81.58 3.72
N LEU B 59 71.32 -82.89 3.89
CA LEU B 59 72.41 -83.66 3.27
C LEU B 59 72.05 -83.87 1.81
N GLY B 60 72.68 -83.11 0.92
CA GLY B 60 72.37 -83.23 -0.50
C GLY B 60 72.76 -84.56 -1.11
N GLU B 61 72.70 -84.67 -2.43
CA GLU B 61 72.99 -85.93 -3.10
C GLU B 61 74.43 -86.35 -2.82
N LYS B 62 74.59 -87.46 -2.11
CA LYS B 62 75.89 -87.89 -1.58
C LYS B 62 76.51 -86.76 -0.76
N GLY B 63 75.69 -86.16 0.10
CA GLY B 63 76.12 -85.02 0.88
C GLY B 63 76.47 -83.79 0.07
N ARG B 64 75.75 -83.55 -1.02
CA ARG B 64 76.07 -82.38 -1.86
C ARG B 64 75.75 -81.08 -1.13
N ARG B 65 74.53 -80.96 -0.58
CA ARG B 65 74.10 -79.71 0.04
C ARG B 65 74.94 -79.37 1.26
N ILE B 66 75.50 -80.37 1.93
CA ILE B 66 76.50 -80.07 2.95
C ILE B 66 77.74 -79.47 2.32
N ARG B 67 78.13 -79.93 1.13
CA ARG B 67 79.45 -79.62 0.59
C ARG B 67 79.66 -78.11 0.41
N GLU B 68 78.74 -77.44 -0.30
CA GLU B 68 78.95 -76.01 -0.52
C GLU B 68 78.72 -75.24 0.77
N LEU B 69 77.88 -75.77 1.65
CA LEU B 69 77.74 -75.18 2.99
C LEU B 69 79.06 -75.21 3.74
N THR B 70 79.83 -76.29 3.58
CA THR B 70 81.17 -76.31 4.14
C THR B 70 82.07 -75.30 3.46
N ALA B 71 82.04 -75.23 2.14
CA ALA B 71 82.98 -74.40 1.41
C ALA B 71 82.79 -72.93 1.73
N VAL B 72 81.53 -72.49 1.85
CA VAL B 72 81.25 -71.06 1.90
C VAL B 72 81.69 -70.46 3.23
N VAL B 73 81.35 -71.11 4.34
CA VAL B 73 81.76 -70.60 5.65
C VAL B 73 83.27 -70.61 5.77
N GLN B 74 83.91 -71.63 5.21
CA GLN B 74 85.36 -71.62 5.07
C GLN B 74 85.82 -70.39 4.31
N LYS B 75 85.13 -70.05 3.22
CA LYS B 75 85.52 -68.93 2.39
C LYS B 75 85.22 -67.59 3.08
N ARG B 76 84.03 -67.46 3.67
CA ARG B 76 83.59 -66.15 4.14
C ARG B 76 84.33 -65.72 5.41
N PHE B 77 84.47 -66.63 6.38
CA PHE B 77 85.05 -66.26 7.66
C PHE B 77 86.56 -66.52 7.71
N GLY B 78 87.28 -66.08 6.68
CA GLY B 78 88.73 -66.12 6.64
C GLY B 78 89.38 -67.32 7.30
N PHE B 79 88.82 -68.52 7.08
CA PHE B 79 89.16 -69.65 7.90
C PHE B 79 90.22 -70.53 7.24
N PRO B 80 91.02 -71.24 8.03
CA PRO B 80 92.02 -72.14 7.48
C PRO B 80 91.39 -73.33 6.76
N GLU B 81 92.13 -73.86 5.80
CA GLU B 81 91.65 -74.99 5.02
C GLU B 81 91.57 -76.26 5.88
N GLY B 82 90.43 -76.95 5.78
CA GLY B 82 90.26 -78.20 6.48
C GLY B 82 90.09 -78.07 7.97
N SER B 83 89.76 -76.88 8.46
CA SER B 83 89.53 -76.67 9.89
C SER B 83 88.07 -76.57 10.26
N VAL B 84 87.15 -76.56 9.30
CA VAL B 84 85.72 -76.48 9.57
C VAL B 84 85.04 -77.70 8.98
N GLU B 85 84.15 -78.30 9.77
CA GLU B 85 83.33 -79.42 9.31
C GLU B 85 81.89 -79.18 9.72
N LEU B 86 80.96 -79.48 8.81
CA LEU B 86 79.54 -79.26 9.01
C LEU B 86 78.80 -80.57 9.20
N TYR B 87 78.05 -80.67 10.29
CA TYR B 87 77.30 -81.86 10.67
C TYR B 87 75.82 -81.50 10.81
N ALA B 88 74.95 -82.41 10.37
CA ALA B 88 73.51 -82.22 10.47
C ALA B 88 72.92 -83.39 11.24
N GLU B 89 72.25 -83.10 12.34
CA GLU B 89 71.63 -84.11 13.19
C GLU B 89 70.18 -83.76 13.44
N LYS B 90 69.31 -84.77 13.38
CA LYS B 90 67.90 -84.56 13.66
C LYS B 90 67.69 -84.13 15.11
N VAL B 91 66.73 -83.24 15.31
CA VAL B 91 66.40 -82.78 16.65
C VAL B 91 65.47 -83.80 17.32
N ALA B 92 65.82 -84.20 18.54
CA ALA B 92 64.95 -85.08 19.30
C ALA B 92 63.71 -84.32 19.74
N THR B 93 62.53 -84.93 19.53
CA THR B 93 61.25 -84.39 19.96
C THR B 93 61.03 -82.98 19.40
N ARG B 94 60.87 -82.94 18.07
CA ARG B 94 60.55 -81.71 17.36
C ARG B 94 59.40 -80.93 17.98
N GLY B 95 58.53 -81.61 18.74
CA GLY B 95 57.43 -80.91 19.36
C GLY B 95 57.86 -79.85 20.35
N LEU B 96 59.06 -80.02 20.92
CA LEU B 96 59.57 -79.12 21.95
C LEU B 96 60.62 -78.15 21.43
N CYS B 97 60.44 -77.66 20.20
CA CYS B 97 61.31 -76.64 19.62
C CYS B 97 60.42 -75.61 18.93
N ALA B 98 60.38 -74.39 19.47
CA ALA B 98 59.53 -73.35 18.88
C ALA B 98 59.94 -73.02 17.46
N ILE B 99 61.26 -72.93 17.21
CA ILE B 99 61.74 -72.58 15.87
C ILE B 99 61.28 -73.61 14.86
N ALA B 100 61.41 -74.90 15.19
CA ALA B 100 60.98 -75.95 14.28
C ALA B 100 59.48 -75.89 14.02
N GLN B 101 58.68 -75.64 15.07
CA GLN B 101 57.24 -75.49 14.88
C GLN B 101 56.89 -74.16 14.24
N ALA B 102 57.62 -73.08 14.56
CA ALA B 102 57.33 -71.80 13.94
C ALA B 102 57.50 -71.87 12.44
N GLU B 103 58.60 -72.48 11.96
CA GLU B 103 58.75 -72.72 10.53
C GLU B 103 57.67 -73.66 10.00
N SER B 104 57.38 -74.73 10.73
CA SER B 104 56.34 -75.65 10.29
C SER B 104 54.99 -74.96 10.22
N LEU B 105 54.67 -74.14 11.22
CA LEU B 105 53.46 -73.33 11.14
C LEU B 105 53.59 -72.26 10.06
N ARG B 106 54.79 -71.67 9.92
CA ARG B 106 55.00 -70.65 8.89
C ARG B 106 54.67 -71.20 7.51
N TYR B 107 55.12 -72.42 7.21
CA TYR B 107 54.78 -73.04 5.94
C TYR B 107 53.27 -73.24 5.84
N LYS B 108 52.62 -73.56 6.96
CA LYS B 108 51.20 -73.89 6.90
C LYS B 108 50.34 -72.68 6.57
N LEU B 109 50.71 -71.49 7.06
CA LEU B 109 49.98 -70.30 6.63
C LEU B 109 50.31 -69.93 5.19
N LEU B 110 51.57 -70.10 4.78
CA LEU B 110 51.93 -69.86 3.38
C LEU B 110 51.14 -70.78 2.46
N GLY B 111 50.90 -72.02 2.89
CA GLY B 111 50.04 -72.92 2.13
C GLY B 111 48.60 -72.46 2.03
N GLY B 112 48.17 -71.59 2.94
CA GLY B 112 46.85 -71.00 2.86
C GLY B 112 45.80 -71.59 3.77
N LEU B 113 46.14 -72.56 4.61
CA LEU B 113 45.16 -73.12 5.54
C LEU B 113 44.76 -72.10 6.59
N ALA B 114 43.52 -72.23 7.07
CA ALA B 114 42.98 -71.29 8.04
C ALA B 114 43.78 -71.31 9.32
N VAL B 115 44.05 -70.11 9.86
CA VAL B 115 45.01 -69.98 10.95
C VAL B 115 44.51 -70.69 12.21
N ARG B 116 43.19 -70.66 12.47
CA ARG B 116 42.64 -71.40 13.60
C ARG B 116 42.80 -72.90 13.38
N ARG B 117 42.52 -73.37 12.16
CA ARG B 117 42.80 -74.76 11.82
C ARG B 117 44.29 -75.01 11.77
N ALA B 118 45.08 -73.96 11.51
CA ALA B 118 46.53 -74.12 11.45
C ALA B 118 47.15 -74.10 12.84
N CYS B 119 46.81 -73.09 13.65
CA CYS B 119 47.43 -72.95 14.96
C CYS B 119 47.06 -74.11 15.88
N TYR B 120 45.79 -74.53 15.86
CA TYR B 120 45.39 -75.66 16.69
C TYR B 120 46.10 -76.94 16.26
N GLY B 121 46.32 -77.11 14.95
CA GLY B 121 47.01 -78.29 14.48
C GLY B 121 48.43 -78.40 15.03
N VAL B 122 49.16 -77.29 15.04
CA VAL B 122 50.48 -77.29 15.67
C VAL B 122 50.33 -77.33 17.18
N LEU B 123 49.21 -76.81 17.70
CA LEU B 123 49.02 -76.79 19.14
C LEU B 123 48.83 -78.19 19.70
N ARG B 124 48.02 -79.01 19.03
CA ARG B 124 47.85 -80.39 19.48
C ARG B 124 49.15 -81.16 19.38
N PHE B 125 49.96 -80.84 18.36
CA PHE B 125 51.26 -81.50 18.19
C PHE B 125 52.11 -81.33 19.44
N ILE B 126 52.26 -80.09 19.90
CA ILE B 126 53.20 -79.81 20.98
C ILE B 126 52.75 -80.49 22.28
N MET B 127 51.44 -80.58 22.49
CA MET B 127 50.95 -81.22 23.70
C MET B 127 50.95 -82.75 23.63
N GLU B 128 50.74 -83.34 22.44
CA GLU B 128 50.97 -84.78 22.36
C GLU B 128 52.45 -85.10 22.47
N SER B 129 53.30 -84.18 22.02
CA SER B 129 54.75 -84.34 22.16
C SER B 129 55.19 -84.30 23.62
N GLY B 130 54.38 -83.72 24.50
CA GLY B 130 54.73 -83.64 25.91
C GLY B 130 55.26 -82.27 26.29
N ALA B 131 54.41 -81.44 26.88
CA ALA B 131 54.81 -80.10 27.28
C ALA B 131 53.83 -79.60 28.33
N LYS B 132 54.32 -78.76 29.23
CA LYS B 132 53.49 -78.23 30.29
C LYS B 132 52.46 -77.25 29.76
N GLY B 133 52.76 -76.57 28.66
CA GLY B 133 51.83 -75.63 28.07
C GLY B 133 52.45 -74.93 26.90
N CYS B 134 51.59 -74.36 26.06
CA CYS B 134 52.02 -73.69 24.83
C CYS B 134 51.22 -72.42 24.63
N GLU B 135 51.78 -71.52 23.82
CA GLU B 135 51.13 -70.25 23.51
C GLU B 135 51.59 -69.81 22.13
N VAL B 136 50.67 -69.79 21.17
CA VAL B 136 50.96 -69.35 19.81
C VAL B 136 50.14 -68.10 19.52
N VAL B 137 50.81 -67.06 19.03
CA VAL B 137 50.19 -65.77 18.76
C VAL B 137 50.52 -65.39 17.33
N VAL B 138 49.48 -65.18 16.52
CA VAL B 138 49.64 -64.71 15.16
C VAL B 138 49.09 -63.30 15.10
N SER B 139 49.95 -62.34 14.76
CA SER B 139 49.58 -60.94 14.64
C SER B 139 49.79 -60.49 13.20
N GLY B 140 48.95 -59.55 12.76
CA GLY B 140 49.05 -59.03 11.42
C GLY B 140 47.74 -59.05 10.68
N LYS B 141 47.78 -58.88 9.36
CA LYS B 141 46.58 -58.79 8.56
C LYS B 141 46.66 -59.73 7.37
N LEU B 142 45.72 -60.65 7.29
CA LEU B 142 45.34 -61.30 6.05
C LEU B 142 44.03 -60.65 5.61
N ARG B 143 43.33 -61.26 4.64
CA ARG B 143 42.25 -60.62 3.90
C ARG B 143 41.40 -59.66 4.74
N GLY B 144 41.26 -58.44 4.25
CA GLY B 144 40.90 -57.30 5.06
C GLY B 144 42.11 -56.39 5.26
N GLN B 145 41.86 -55.25 5.87
CA GLN B 145 42.94 -54.31 6.13
C GLN B 145 43.23 -54.13 7.62
N ARG B 146 42.20 -54.09 8.46
CA ARG B 146 42.42 -53.98 9.89
C ARG B 146 43.11 -55.24 10.40
N ALA B 147 44.17 -55.05 11.17
CA ALA B 147 44.99 -56.14 11.69
C ALA B 147 44.81 -56.27 13.20
N LYS B 148 44.53 -57.47 13.67
CA LYS B 148 44.54 -57.71 15.10
C LYS B 148 45.22 -59.05 15.36
N SER B 149 45.63 -59.23 16.61
CA SER B 149 46.20 -60.49 17.04
C SER B 149 45.11 -61.51 17.33
N MET B 150 45.54 -62.74 17.60
CA MET B 150 44.68 -63.75 18.22
C MET B 150 45.57 -64.73 18.97
N LYS B 151 45.28 -64.91 20.25
CA LYS B 151 46.15 -65.68 21.13
C LYS B 151 45.54 -67.05 21.40
N PHE B 152 46.35 -68.09 21.20
CA PHE B 152 45.90 -69.47 21.40
C PHE B 152 46.77 -70.10 22.47
N VAL B 153 46.18 -70.38 23.62
CA VAL B 153 46.90 -70.89 24.78
C VAL B 153 46.21 -72.16 25.28
N ASP B 154 47.01 -73.02 25.91
CA ASP B 154 46.50 -74.13 26.70
C ASP B 154 47.65 -74.63 27.56
N GLY B 155 47.30 -75.28 28.67
CA GLY B 155 48.30 -75.78 29.59
C GLY B 155 48.81 -74.72 30.56
N LEU B 156 50.11 -74.73 30.83
CA LEU B 156 50.73 -73.86 31.82
C LEU B 156 51.88 -73.09 31.18
N MET B 157 51.99 -71.80 31.52
CA MET B 157 53.05 -70.96 30.97
C MET B 157 53.57 -70.05 32.08
N ILE B 158 54.87 -70.13 32.36
CA ILE B 158 55.52 -69.25 33.32
C ILE B 158 55.99 -67.99 32.60
N HIS B 159 55.94 -66.85 33.28
CA HIS B 159 56.19 -65.57 32.64
C HIS B 159 57.28 -64.75 33.32
N SER B 160 57.42 -64.83 34.64
CA SER B 160 58.31 -63.95 35.38
C SER B 160 59.37 -64.75 36.12
N GLY B 161 60.54 -64.13 36.28
CA GLY B 161 61.62 -64.72 37.04
C GLY B 161 62.62 -65.45 36.17
N ASP B 162 63.65 -65.97 36.85
CA ASP B 162 64.68 -66.74 36.16
C ASP B 162 64.11 -67.99 35.49
N PRO B 163 63.26 -68.85 36.17
CA PRO B 163 62.83 -70.11 35.55
C PRO B 163 62.38 -69.99 34.11
N VAL B 164 61.85 -68.83 33.75
CA VAL B 164 61.47 -68.53 32.37
C VAL B 164 62.66 -68.63 31.42
N ASN B 165 63.89 -68.48 31.92
CA ASN B 165 65.05 -68.48 31.05
C ASN B 165 65.50 -69.87 30.64
N TYR B 166 64.96 -70.93 31.25
CA TYR B 166 65.26 -72.28 30.82
C TYR B 166 64.03 -73.19 30.77
N TYR B 167 62.85 -72.70 31.08
CA TYR B 167 61.66 -73.54 31.08
C TYR B 167 60.77 -73.32 29.87
N VAL B 168 60.77 -72.13 29.29
CA VAL B 168 60.04 -71.85 28.05
C VAL B 168 61.04 -71.58 26.96
N ASP B 169 60.72 -72.02 25.74
CA ASP B 169 61.54 -71.76 24.57
C ASP B 169 60.70 -71.00 23.56
N THR B 170 61.20 -69.85 23.11
CA THR B 170 60.44 -68.92 22.29
C THR B 170 61.01 -68.85 20.88
N ALA B 171 60.18 -68.41 19.94
CA ALA B 171 60.61 -68.14 18.58
C ALA B 171 59.66 -67.14 17.94
N VAL B 172 60.24 -66.16 17.24
CA VAL B 172 59.48 -65.12 16.56
C VAL B 172 59.82 -65.16 15.09
N ARG B 173 58.82 -65.40 14.24
CA ARG B 173 59.02 -65.58 12.81
C ARG B 173 58.16 -64.60 12.05
N HIS B 174 58.55 -64.33 10.81
CA HIS B 174 57.83 -63.43 9.91
C HIS B 174 57.35 -64.20 8.68
N VAL B 175 56.07 -64.08 8.37
CA VAL B 175 55.48 -64.70 7.20
C VAL B 175 55.18 -63.61 6.18
N LEU B 176 55.61 -63.82 4.94
CA LEU B 176 55.45 -62.83 3.88
C LEU B 176 54.25 -63.24 3.02
N LEU B 177 53.20 -62.43 3.07
CA LEU B 177 52.00 -62.66 2.29
C LEU B 177 51.90 -61.63 1.17
N ARG B 178 50.79 -61.68 0.44
CA ARG B 178 50.54 -60.72 -0.64
C ARG B 178 49.77 -59.49 -0.17
N GLN B 179 49.42 -59.43 1.12
CA GLN B 179 48.77 -58.25 1.70
C GLN B 179 49.58 -57.68 2.86
N GLY B 180 50.61 -58.39 3.31
CA GLY B 180 51.41 -57.93 4.42
C GLY B 180 52.21 -59.04 5.07
N VAL B 181 52.58 -58.85 6.34
CA VAL B 181 53.40 -59.81 7.07
C VAL B 181 52.63 -60.29 8.29
N LEU B 182 52.58 -61.61 8.46
CA LEU B 182 51.95 -62.23 9.61
C LEU B 182 53.02 -62.58 10.62
N GLY B 183 52.92 -62.01 11.83
CA GLY B 183 53.89 -62.29 12.87
C GLY B 183 53.49 -63.44 13.75
N ILE B 184 54.39 -64.41 13.93
CA ILE B 184 54.14 -65.58 14.76
C ILE B 184 55.03 -65.51 15.99
N LYS B 185 54.46 -65.81 17.15
CA LYS B 185 55.19 -65.91 18.41
C LYS B 185 54.77 -67.21 19.10
N VAL B 186 55.70 -68.16 19.18
CA VAL B 186 55.45 -69.47 19.78
C VAL B 186 56.25 -69.57 21.06
N LYS B 187 55.63 -70.11 22.10
CA LYS B 187 56.30 -70.40 23.37
C LYS B 187 55.84 -71.75 23.87
N ILE B 188 56.80 -72.59 24.26
CA ILE B 188 56.52 -73.91 24.83
C ILE B 188 57.24 -74.02 26.16
N MET B 189 56.48 -74.38 27.20
CA MET B 189 57.05 -74.65 28.52
C MET B 189 57.45 -76.12 28.58
N LEU B 190 58.74 -76.39 28.48
CA LEU B 190 59.22 -77.76 28.48
C LEU B 190 59.09 -78.37 29.88
N PRO B 191 58.78 -79.66 29.99
CA PRO B 191 58.63 -80.26 31.32
C PRO B 191 59.97 -80.54 31.97
N TRP B 192 59.94 -80.66 33.29
CA TRP B 192 61.15 -80.86 34.09
C TRP B 192 61.54 -82.33 34.16
N ASP B 193 60.60 -83.23 33.89
CA ASP B 193 60.76 -84.62 34.30
C ASP B 193 62.05 -85.32 33.89
N PRO B 194 62.47 -85.28 32.64
CA PRO B 194 63.60 -86.07 32.25
C PRO B 194 64.96 -85.77 32.88
N THR B 195 65.16 -84.63 33.53
CA THR B 195 66.43 -84.33 34.21
C THR B 195 67.66 -84.61 33.32
N GLY B 196 67.77 -83.84 32.24
CA GLY B 196 68.88 -83.96 31.33
C GLY B 196 68.51 -84.39 29.92
N LYS B 197 67.41 -85.12 29.74
CA LYS B 197 66.87 -85.30 28.41
C LYS B 197 66.08 -84.06 28.02
N ILE B 198 65.14 -84.23 27.10
CA ILE B 198 64.51 -83.16 26.32
C ILE B 198 64.13 -81.90 27.11
N GLY B 199 63.96 -82.00 28.42
CA GLY B 199 63.65 -80.86 29.26
C GLY B 199 64.67 -80.63 30.38
N PRO B 200 64.62 -79.48 31.03
CA PRO B 200 65.67 -79.12 32.01
C PRO B 200 65.56 -79.91 33.30
N LYS B 201 66.69 -79.92 34.03
CA LYS B 201 66.75 -80.34 35.42
C LYS B 201 66.40 -79.16 36.32
N LYS B 202 66.69 -79.26 37.63
CA LYS B 202 66.56 -78.13 38.53
C LYS B 202 65.13 -77.59 38.56
N PRO B 203 64.20 -78.29 39.22
CA PRO B 203 62.78 -77.98 39.08
C PRO B 203 62.41 -76.58 39.54
N LEU B 204 61.12 -76.26 39.39
CA LEU B 204 60.58 -74.94 39.68
C LEU B 204 60.89 -74.55 41.12
N PRO B 205 61.28 -73.29 41.36
CA PRO B 205 61.64 -72.88 42.72
C PRO B 205 60.54 -73.13 43.74
N ASP B 206 59.29 -72.89 43.38
CA ASP B 206 58.16 -73.22 44.26
C ASP B 206 57.52 -74.52 43.80
N HIS B 207 58.23 -75.61 44.05
CA HIS B 207 57.77 -76.95 43.68
C HIS B 207 58.05 -77.92 44.82
N VAL B 208 57.68 -77.53 46.04
CA VAL B 208 58.04 -78.30 47.22
C VAL B 208 57.38 -79.67 47.13
N SER B 209 58.20 -80.71 46.95
CA SER B 209 57.75 -82.09 46.91
C SER B 209 58.19 -82.76 48.19
N ILE B 210 57.23 -83.30 48.95
CA ILE B 210 57.48 -83.87 50.27
C ILE B 210 57.27 -85.37 50.16
N VAL B 211 58.26 -86.14 50.63
CA VAL B 211 58.21 -87.59 50.49
C VAL B 211 57.26 -88.19 51.53
N GLU B 212 56.89 -89.45 51.30
CA GLU B 212 55.93 -90.17 52.11
C GLU B 212 56.62 -91.26 52.90
N PRO B 213 56.45 -91.29 54.22
CA PRO B 213 57.22 -92.25 55.05
C PRO B 213 56.69 -93.68 54.94
N LYS B 214 57.33 -94.59 55.65
CA LYS B 214 56.90 -95.97 55.79
C LYS B 214 56.16 -96.13 57.12
N ASP B 215 55.70 -97.34 57.41
CA ASP B 215 54.92 -97.55 58.62
C ASP B 215 55.77 -97.34 59.87
N GLU B 216 56.94 -97.97 59.93
CA GLU B 216 57.95 -97.74 60.97
C GLU B 216 57.32 -97.67 62.37
N ILE B 217 56.56 -98.70 62.71
CA ILE B 217 55.73 -98.65 63.91
C ILE B 217 56.53 -99.16 65.12
N LEU B 218 56.95 -100.43 65.09
CA LEU B 218 57.83 -101.11 66.04
C LEU B 218 57.67 -100.63 67.49
N PRO B 219 56.48 -100.75 68.08
CA PRO B 219 56.26 -100.23 69.44
C PRO B 219 56.46 -101.25 70.55
N THR B 220 56.91 -102.46 70.24
CA THR B 220 56.82 -103.57 71.17
C THR B 220 57.97 -103.53 72.17
N THR B 221 58.08 -104.59 72.98
CA THR B 221 59.19 -104.73 73.91
C THR B 221 60.48 -104.86 73.11
N PRO B 222 61.59 -104.34 73.63
CA PRO B 222 62.86 -104.40 72.89
C PRO B 222 63.21 -105.82 72.47
N ILE B 223 63.73 -105.94 71.25
CA ILE B 223 64.16 -107.21 70.68
C ILE B 223 65.65 -107.08 70.40
N SER B 224 66.47 -107.78 71.16
CA SER B 224 67.92 -107.74 70.97
C SER B 224 68.31 -108.73 69.88
N GLU B 225 68.81 -108.20 68.75
CA GLU B 225 69.21 -109.03 67.63
C GLU B 225 70.74 -109.13 67.60
N GLN B 226 71.24 -110.31 67.94
CA GLN B 226 72.69 -110.55 67.99
C GLN B 226 73.11 -111.25 66.70
N LYS B 227 74.01 -110.61 65.95
CA LYS B 227 74.52 -111.19 64.71
C LYS B 227 75.89 -110.60 64.37
N ASP C 1 84.06 -35.69 83.38
CA ASP C 1 84.82 -36.93 83.34
C ASP C 1 85.22 -37.27 81.91
N ILE C 2 84.49 -36.72 80.94
CA ILE C 2 84.72 -37.03 79.53
C ILE C 2 85.53 -35.96 78.82
N LYS C 3 85.88 -34.86 79.49
CA LYS C 3 86.71 -33.78 78.95
C LYS C 3 86.44 -33.53 77.47
N LEU C 4 85.19 -33.18 77.14
CA LEU C 4 84.79 -32.94 75.76
C LEU C 4 85.65 -31.86 75.14
N PHE C 5 86.34 -32.21 74.05
CA PHE C 5 87.36 -31.35 73.43
C PHE C 5 88.45 -30.99 74.45
N GLY C 6 88.71 -31.91 75.38
CA GLY C 6 89.68 -31.66 76.43
C GLY C 6 89.22 -30.71 77.51
N LYS C 7 87.91 -30.56 77.69
CA LYS C 7 87.37 -29.61 78.67
C LYS C 7 85.89 -29.88 78.86
N TRP C 8 85.23 -29.02 79.64
CA TRP C 8 83.76 -28.99 79.73
C TRP C 8 83.21 -30.33 80.22
N SER C 9 83.55 -30.62 81.47
CA SER C 9 83.09 -31.83 82.12
C SER C 9 81.57 -31.96 82.08
N THR C 10 81.10 -33.18 81.79
CA THR C 10 79.67 -33.41 81.64
C THR C 10 78.92 -33.20 82.95
N ASP C 11 79.48 -33.68 84.07
CA ASP C 11 78.68 -33.81 85.29
C ASP C 11 78.53 -32.49 86.03
N ASP C 12 78.13 -31.43 85.32
CA ASP C 12 77.68 -30.20 85.95
C ASP C 12 76.46 -29.59 85.27
N VAL C 13 76.05 -30.10 84.10
CA VAL C 13 74.92 -29.53 83.37
C VAL C 13 73.63 -29.96 84.03
N GLN C 14 72.69 -29.02 84.17
CA GLN C 14 71.37 -29.30 84.70
C GLN C 14 70.32 -28.78 83.72
N ILE C 15 69.25 -29.55 83.57
CA ILE C 15 68.15 -29.19 82.68
C ILE C 15 66.88 -29.10 83.52
N ASN C 16 66.09 -28.07 83.28
CA ASN C 16 65.06 -27.66 84.25
C ASN C 16 63.81 -28.51 84.14
N ASP C 17 63.12 -28.45 83.01
CA ASP C 17 61.81 -29.07 82.85
C ASP C 17 61.93 -30.58 82.68
N ILE C 18 60.93 -31.29 83.21
CA ILE C 18 60.98 -32.76 83.22
C ILE C 18 60.95 -33.32 81.79
N SER C 19 60.34 -32.60 80.85
CA SER C 19 60.09 -33.16 79.53
C SER C 19 61.38 -33.47 78.77
N LEU C 20 62.34 -32.54 78.77
CA LEU C 20 63.58 -32.77 78.04
C LEU C 20 64.70 -33.40 78.88
N GLN C 21 64.45 -33.71 80.15
CA GLN C 21 65.38 -34.62 80.83
C GLN C 21 65.49 -35.94 80.09
N ASP C 22 64.36 -36.42 79.55
CA ASP C 22 64.37 -37.63 78.74
C ASP C 22 65.12 -37.41 77.42
N TYR C 23 65.00 -36.20 76.85
CA TYR C 23 65.44 -35.97 75.49
C TYR C 23 66.83 -35.39 75.38
N ILE C 24 67.19 -34.41 76.22
CA ILE C 24 68.50 -33.78 76.11
C ILE C 24 69.58 -34.85 76.24
N ALA C 25 70.49 -34.89 75.26
CA ALA C 25 71.42 -35.99 75.14
C ALA C 25 72.85 -35.57 75.45
N VAL C 26 73.02 -34.77 76.49
CA VAL C 26 74.34 -34.33 76.95
C VAL C 26 74.79 -35.08 78.19
N LYS C 27 74.08 -36.14 78.57
CA LYS C 27 74.41 -36.88 79.79
C LYS C 27 75.66 -37.73 79.55
N GLU C 28 76.27 -38.21 80.65
CA GLU C 28 77.57 -38.86 80.55
C GLU C 28 77.51 -40.17 79.77
N LYS C 29 76.33 -40.79 79.67
CA LYS C 29 76.23 -42.05 78.94
C LYS C 29 76.58 -41.86 77.47
N TYR C 30 75.93 -40.91 76.81
CA TYR C 30 76.28 -40.50 75.45
C TYR C 30 77.12 -39.23 75.48
N ALA C 31 78.25 -39.32 76.20
CA ALA C 31 79.21 -38.22 76.30
C ALA C 31 80.35 -38.54 75.34
N LYS C 32 80.29 -37.99 74.14
CA LYS C 32 81.28 -38.26 73.11
C LYS C 32 82.31 -37.13 73.05
N TYR C 33 83.54 -37.50 72.71
CA TYR C 33 84.61 -36.52 72.57
C TYR C 33 84.34 -35.51 71.48
N LEU C 34 83.63 -35.91 70.43
CA LEU C 34 83.42 -35.09 69.24
C LEU C 34 82.00 -35.24 68.75
N PRO C 35 81.48 -34.24 68.05
CA PRO C 35 80.14 -34.35 67.43
C PRO C 35 80.20 -34.94 66.03
N HIS C 36 80.66 -36.18 65.94
CA HIS C 36 80.81 -36.83 64.64
C HIS C 36 80.73 -38.35 64.86
N SER C 37 79.65 -38.96 64.41
CA SER C 37 79.51 -40.42 64.46
C SER C 37 78.42 -40.84 63.49
N ALA C 38 78.79 -41.65 62.49
CA ALA C 38 77.81 -42.17 61.53
C ALA C 38 77.15 -43.41 62.12
N GLY C 39 76.31 -43.17 63.13
CA GLY C 39 75.72 -44.22 63.93
C GLY C 39 74.32 -44.64 63.56
N ARG C 40 73.84 -44.31 62.36
CA ARG C 40 72.51 -44.68 61.91
C ARG C 40 71.42 -44.16 62.85
N TYR C 41 71.53 -42.89 63.21
CA TYR C 41 70.60 -42.29 64.15
C TYR C 41 69.32 -41.78 63.47
N ALA C 42 69.20 -41.99 62.16
CA ALA C 42 67.99 -41.63 61.42
C ALA C 42 67.43 -42.79 60.62
N ALA C 43 68.08 -43.97 60.68
CA ALA C 43 67.59 -45.12 59.92
C ALA C 43 66.23 -45.57 60.44
N LYS C 44 66.04 -45.56 61.75
CA LYS C 44 64.77 -45.86 62.39
C LYS C 44 64.21 -44.59 63.03
N ARG C 45 63.00 -44.70 63.57
CA ARG C 45 62.41 -43.62 64.32
C ARG C 45 63.02 -43.55 65.71
N PHE C 46 62.83 -42.40 66.38
CA PHE C 46 63.00 -42.28 67.82
C PHE C 46 64.48 -42.35 68.23
N ARG C 47 65.36 -42.63 67.27
CA ARG C 47 66.80 -42.67 67.55
C ARG C 47 67.44 -41.29 67.60
N LYS C 48 66.94 -40.34 66.81
CA LYS C 48 67.48 -38.98 66.85
C LYS C 48 67.29 -38.34 68.21
N ALA C 49 66.34 -38.81 69.00
CA ALA C 49 66.15 -38.28 70.35
C ALA C 49 67.37 -38.53 71.22
N GLN C 50 67.93 -39.74 71.14
CA GLN C 50 69.10 -40.07 71.95
C GLN C 50 70.41 -39.70 71.27
N CYS C 51 70.37 -39.21 70.04
CA CYS C 51 71.58 -38.70 69.40
C CYS C 51 72.08 -37.48 70.17
N PRO C 52 73.38 -37.39 70.43
CA PRO C 52 73.90 -36.27 71.24
C PRO C 52 73.58 -34.92 70.61
N ILE C 53 73.24 -33.96 71.46
CA ILE C 53 72.84 -32.64 70.98
C ILE C 53 73.98 -31.99 70.20
N VAL C 54 75.21 -32.08 70.71
CA VAL C 54 76.34 -31.46 70.03
C VAL C 54 76.49 -32.02 68.63
N GLU C 55 76.14 -33.30 68.44
CA GLU C 55 76.10 -33.85 67.09
C GLU C 55 74.94 -33.26 66.30
N ARG C 56 73.81 -32.98 66.95
CA ARG C 56 72.64 -32.51 66.24
C ARG C 56 72.85 -31.11 65.66
N LEU C 57 73.35 -30.17 66.47
CA LEU C 57 73.52 -28.81 65.96
C LEU C 57 74.60 -28.75 64.89
N THR C 58 75.70 -29.49 65.07
CA THR C 58 76.71 -29.55 64.03
C THR C 58 76.22 -30.29 62.79
N ASN C 59 75.11 -31.03 62.91
CA ASN C 59 74.53 -31.76 61.80
C ASN C 59 73.46 -30.95 61.09
N SER C 60 72.82 -30.03 61.81
CA SER C 60 71.86 -29.12 61.18
C SER C 60 72.57 -27.93 60.55
N MET C 61 73.71 -27.53 61.12
CA MET C 61 74.48 -26.42 60.55
C MET C 61 74.99 -26.74 59.16
N MET C 62 75.09 -28.02 58.83
CA MET C 62 75.61 -28.49 57.56
C MET C 62 74.48 -28.47 56.52
N MET C 63 73.86 -27.31 56.38
CA MET C 63 72.66 -27.24 55.56
C MET C 63 72.49 -25.84 54.97
N HIS C 64 73.00 -25.66 53.75
CA HIS C 64 72.44 -24.62 52.90
C HIS C 64 72.41 -25.03 51.44
N GLY C 65 72.87 -26.22 51.08
CA GLY C 65 72.95 -26.63 49.69
C GLY C 65 74.35 -26.47 49.13
N ARG C 66 75.00 -25.35 49.46
CA ARG C 66 76.38 -25.14 49.07
C ARG C 66 77.35 -25.85 49.99
N ASN C 67 76.94 -26.18 51.21
CA ASN C 67 77.77 -26.89 52.18
C ASN C 67 76.96 -28.08 52.70
N ASN C 68 77.02 -29.19 51.97
CA ASN C 68 76.32 -30.41 52.36
C ASN C 68 77.24 -31.57 52.67
N GLY C 69 78.49 -31.54 52.22
CA GLY C 69 79.49 -32.50 52.62
C GLY C 69 80.47 -31.98 53.66
N LYS C 70 80.17 -30.85 54.30
CA LYS C 70 81.11 -30.22 55.22
C LYS C 70 80.71 -30.54 56.66
N LYS C 71 81.01 -31.77 57.07
CA LYS C 71 80.81 -32.12 58.47
C LYS C 71 81.99 -31.70 59.31
N LEU C 72 83.21 -32.04 58.87
CA LEU C 72 84.41 -31.63 59.58
C LEU C 72 84.46 -30.11 59.71
N MET C 73 83.97 -29.41 58.68
CA MET C 73 83.88 -27.95 58.76
C MET C 73 82.89 -27.51 59.82
N THR C 74 81.73 -28.18 59.91
CA THR C 74 80.74 -27.79 60.91
C THR C 74 81.21 -28.17 62.31
N VAL C 75 82.05 -29.21 62.42
CA VAL C 75 82.66 -29.52 63.71
C VAL C 75 83.58 -28.39 64.15
N ARG C 76 84.29 -27.77 63.21
CA ARG C 76 85.15 -26.66 63.58
C ARG C 76 84.33 -25.40 63.85
N ILE C 77 83.14 -25.30 63.25
CA ILE C 77 82.27 -24.15 63.52
C ILE C 77 81.75 -24.20 64.95
N VAL C 78 81.28 -25.37 65.38
CA VAL C 78 80.82 -25.49 66.75
C VAL C 78 81.97 -25.42 67.74
N LYS C 79 83.10 -26.09 67.43
CA LYS C 79 84.21 -26.12 68.37
C LYS C 79 84.82 -24.73 68.54
N HIS C 80 84.87 -23.93 67.47
CA HIS C 80 85.31 -22.55 67.61
C HIS C 80 84.30 -21.73 68.41
N ALA C 81 83.03 -21.80 68.03
CA ALA C 81 82.01 -20.97 68.67
C ALA C 81 81.86 -21.34 70.14
N PHE C 82 82.01 -22.63 70.46
CA PHE C 82 82.02 -23.06 71.85
C PHE C 82 83.14 -22.37 72.64
N GLU C 83 84.26 -22.07 71.96
CA GLU C 83 85.30 -21.28 72.61
C GLU C 83 84.83 -19.85 72.86
N ILE C 84 84.14 -19.25 71.89
CA ILE C 84 83.64 -17.89 72.08
C ILE C 84 82.66 -17.84 73.24
N ILE C 85 81.81 -18.86 73.38
CA ILE C 85 80.90 -18.93 74.51
C ILE C 85 81.68 -18.95 75.82
N HIS C 86 82.50 -19.99 76.01
CA HIS C 86 83.25 -20.15 77.26
C HIS C 86 84.20 -18.98 77.49
N LEU C 87 84.65 -18.32 76.44
CA LEU C 87 85.49 -17.13 76.61
C LEU C 87 84.66 -15.96 77.13
N LEU C 88 83.46 -15.76 76.59
CA LEU C 88 82.64 -14.62 76.99
C LEU C 88 82.01 -14.80 78.36
N THR C 89 81.48 -15.99 78.66
CA THR C 89 80.73 -16.19 79.90
C THR C 89 81.51 -16.91 80.98
N GLY C 90 82.46 -17.76 80.63
CA GLY C 90 83.27 -18.46 81.61
C GLY C 90 82.67 -19.75 82.15
N GLU C 91 81.37 -19.97 82.00
CA GLU C 91 80.73 -21.21 82.41
C GLU C 91 80.70 -22.17 81.23
N ASN C 92 79.92 -23.23 81.36
CA ASN C 92 79.88 -24.32 80.37
C ASN C 92 79.17 -23.93 79.08
N PRO C 93 79.83 -24.04 77.91
CA PRO C 93 79.07 -24.03 76.66
C PRO C 93 77.94 -25.03 76.63
N LEU C 94 78.16 -26.21 77.21
CA LEU C 94 77.14 -27.25 77.19
C LEU C 94 75.90 -26.81 77.96
N GLN C 95 76.09 -26.19 79.12
CA GLN C 95 74.93 -25.72 79.89
C GLN C 95 74.13 -24.70 79.11
N VAL C 96 74.78 -23.64 78.62
CA VAL C 96 74.05 -22.56 77.95
C VAL C 96 73.39 -23.07 76.67
N LEU C 97 73.98 -24.08 76.03
CA LEU C 97 73.33 -24.73 74.90
C LEU C 97 71.97 -25.28 75.29
N VAL C 98 71.90 -26.03 76.39
CA VAL C 98 70.64 -26.63 76.81
C VAL C 98 69.66 -25.55 77.24
N ASN C 99 70.11 -24.54 78.00
CA ASN C 99 69.22 -23.44 78.36
C ASN C 99 68.73 -22.72 77.12
N ALA C 100 69.58 -22.56 76.11
CA ALA C 100 69.14 -21.96 74.86
C ALA C 100 68.08 -22.82 74.17
N ILE C 101 68.26 -24.14 74.18
CA ILE C 101 67.31 -25.02 73.50
C ILE C 101 65.96 -24.99 74.20
N ILE C 102 65.95 -25.18 75.53
CA ILE C 102 64.68 -25.24 76.25
C ILE C 102 63.98 -23.88 76.23
N ASN C 103 64.74 -22.79 76.27
CA ASN C 103 64.13 -21.47 76.18
C ASN C 103 63.53 -21.22 74.80
N SER C 104 64.19 -21.70 73.75
CA SER C 104 63.78 -21.43 72.37
C SER C 104 62.90 -22.51 71.77
N GLY C 105 62.47 -23.50 72.55
CA GLY C 105 61.60 -24.54 72.05
C GLY C 105 60.15 -24.13 72.10
N PRO C 106 59.56 -23.87 70.93
CA PRO C 106 58.15 -23.47 70.90
C PRO C 106 57.24 -24.62 71.29
N ARG C 107 56.25 -24.30 72.12
CA ARG C 107 55.34 -25.31 72.62
C ARG C 107 54.03 -25.35 71.82
N GLU C 108 53.35 -24.22 71.69
CA GLU C 108 52.08 -24.17 70.98
C GLU C 108 52.32 -23.90 69.50
N ASP C 109 51.59 -24.61 68.66
CA ASP C 109 51.54 -24.36 67.22
C ASP C 109 50.09 -24.48 66.75
N SER C 110 49.86 -24.16 65.49
CA SER C 110 48.52 -24.22 64.92
C SER C 110 48.52 -25.07 63.66
N THR C 111 47.64 -26.07 63.62
CA THR C 111 47.50 -26.93 62.46
C THR C 111 46.08 -27.48 62.44
N ARG C 112 45.45 -27.42 61.27
CA ARG C 112 44.07 -27.87 61.08
C ARG C 112 43.83 -28.01 59.58
N ILE C 113 42.60 -28.37 59.20
CA ILE C 113 42.21 -28.47 57.80
C ILE C 113 41.03 -27.57 57.45
N GLY C 114 40.33 -27.01 58.42
CA GLY C 114 39.26 -26.07 58.15
C GLY C 114 39.81 -24.78 57.57
N ARG C 115 38.93 -23.80 57.42
CA ARG C 115 39.32 -22.55 56.79
C ARG C 115 40.21 -21.77 57.75
N ALA C 116 41.53 -21.87 57.54
CA ALA C 116 42.49 -21.21 58.41
C ALA C 116 42.29 -19.70 58.38
N GLY C 117 42.26 -19.09 59.56
CA GLY C 117 42.14 -17.64 59.65
C GLY C 117 43.43 -16.93 59.31
N THR C 118 44.45 -17.11 60.13
CA THR C 118 45.76 -16.48 59.94
C THR C 118 46.88 -17.48 59.70
N VAL C 119 46.96 -18.55 60.49
CA VAL C 119 47.95 -19.59 60.27
C VAL C 119 47.19 -20.90 60.06
N ARG C 120 46.47 -21.32 61.09
CA ARG C 120 45.54 -22.45 61.01
C ARG C 120 44.41 -22.18 61.98
N ARG C 121 43.45 -23.11 62.06
CA ARG C 121 42.29 -22.93 62.93
C ARG C 121 42.60 -23.30 64.38
N GLN C 122 43.02 -24.53 64.61
CA GLN C 122 43.15 -25.06 65.95
C GLN C 122 44.59 -24.93 66.43
N ALA C 123 44.77 -24.42 67.65
CA ALA C 123 46.08 -24.41 68.28
C ALA C 123 46.40 -25.79 68.83
N VAL C 124 47.59 -26.29 68.48
CA VAL C 124 48.01 -27.63 68.88
C VAL C 124 49.33 -27.53 69.62
N ASP C 125 49.39 -28.16 70.80
CA ASP C 125 50.64 -28.26 71.53
C ASP C 125 51.62 -29.15 70.77
N VAL C 126 52.90 -28.90 70.99
CA VAL C 126 53.94 -29.64 70.30
C VAL C 126 54.31 -30.86 71.14
N SER C 127 54.82 -31.89 70.47
CA SER C 127 55.44 -32.99 71.18
C SER C 127 56.88 -32.60 71.53
N PRO C 128 57.43 -33.17 72.60
CA PRO C 128 58.81 -32.81 72.96
C PRO C 128 59.85 -33.57 72.16
N LEU C 129 59.60 -33.74 70.85
CA LEU C 129 60.63 -34.06 69.87
C LEU C 129 60.70 -33.01 68.79
N ARG C 130 59.56 -32.66 68.20
CA ARG C 130 59.53 -31.53 67.28
C ARG C 130 59.90 -30.24 68.00
N ARG C 131 59.59 -30.16 69.30
CA ARG C 131 59.99 -29.00 70.09
C ARG C 131 61.50 -28.83 70.08
N VAL C 132 62.24 -29.90 70.39
CA VAL C 132 63.70 -29.83 70.33
C VAL C 132 64.16 -29.90 68.87
N ASN C 133 63.38 -30.54 68.01
CA ASN C 133 63.72 -30.57 66.58
C ASN C 133 63.65 -29.18 65.98
N GLN C 134 62.55 -28.47 66.21
CA GLN C 134 62.40 -27.13 65.69
C GLN C 134 63.41 -26.18 66.34
N ALA C 135 63.61 -26.29 67.66
CA ALA C 135 64.41 -25.32 68.40
C ALA C 135 65.82 -25.23 67.86
N ILE C 136 66.44 -26.37 67.54
CA ILE C 136 67.74 -26.34 66.89
C ILE C 136 67.65 -25.63 65.55
N TRP C 137 66.55 -25.84 64.82
CA TRP C 137 66.44 -25.33 63.47
C TRP C 137 66.42 -23.81 63.44
N LEU C 138 65.72 -23.16 64.38
CA LEU C 138 65.79 -21.71 64.45
C LEU C 138 67.21 -21.23 64.76
N LEU C 139 67.90 -21.92 65.67
CA LEU C 139 69.27 -21.56 65.97
C LEU C 139 70.16 -21.66 64.74
N CYS C 140 70.05 -22.77 63.99
CA CYS C 140 70.83 -22.91 62.77
C CYS C 140 70.45 -21.85 61.75
N THR C 141 69.16 -21.66 61.52
CA THR C 141 68.72 -20.57 60.65
C THR C 141 69.01 -19.20 61.26
N GLY C 142 69.15 -19.14 62.58
CA GLY C 142 69.45 -17.87 63.23
C GLY C 142 70.87 -17.40 63.08
N ALA C 143 71.80 -18.30 62.78
CA ALA C 143 73.16 -17.88 62.48
C ALA C 143 73.36 -17.68 60.99
N ARG C 144 72.61 -18.43 60.18
CA ARG C 144 72.80 -18.43 58.74
C ARG C 144 72.46 -17.07 58.12
N GLU C 145 71.29 -16.53 58.45
CA GLU C 145 70.89 -15.27 57.83
C GLU C 145 71.70 -14.10 58.36
N ALA C 146 72.20 -14.19 59.59
CA ALA C 146 73.05 -13.15 60.13
C ALA C 146 74.46 -13.17 59.53
N ALA C 147 75.02 -14.38 59.35
CA ALA C 147 76.37 -14.51 58.82
C ALA C 147 76.43 -14.42 57.31
N PHE C 148 75.29 -14.23 56.64
CA PHE C 148 75.28 -14.20 55.18
C PHE C 148 76.11 -13.04 54.64
N ARG C 149 75.75 -11.81 55.01
CA ARG C 149 76.43 -10.64 54.46
C ARG C 149 77.05 -9.76 55.53
N ASN C 150 77.20 -10.26 56.76
CA ASN C 150 77.88 -9.50 57.80
C ASN C 150 79.38 -9.75 57.75
N ILE C 151 80.13 -8.83 58.34
CA ILE C 151 81.56 -9.07 58.53
C ILE C 151 81.79 -10.24 59.46
N LYS C 152 81.04 -10.28 60.56
CA LYS C 152 81.16 -11.38 61.52
C LYS C 152 80.73 -12.69 60.88
N THR C 153 81.43 -13.75 61.23
CA THR C 153 81.23 -15.06 60.63
C THR C 153 80.47 -15.97 61.59
N ILE C 154 80.29 -17.23 61.19
CA ILE C 154 79.29 -18.09 61.84
C ILE C 154 79.66 -18.34 63.30
N ALA C 155 80.95 -18.44 63.59
CA ALA C 155 81.38 -18.76 64.95
C ALA C 155 80.79 -17.80 65.96
N GLU C 156 80.95 -16.49 65.73
CA GLU C 156 80.27 -15.52 66.59
C GLU C 156 78.81 -15.37 66.23
N CYS C 157 78.46 -15.51 64.94
CA CYS C 157 77.06 -15.36 64.53
C CYS C 157 76.18 -16.42 65.17
N LEU C 158 76.68 -17.64 65.29
CA LEU C 158 75.98 -18.63 66.12
C LEU C 158 76.08 -18.25 67.59
N ALA C 159 77.27 -17.82 68.03
CA ALA C 159 77.52 -17.61 69.45
C ALA C 159 76.55 -16.60 70.06
N ASP C 160 76.40 -15.43 69.42
CA ASP C 160 75.51 -14.42 69.97
C ASP C 160 74.06 -14.88 69.93
N GLU C 161 73.73 -15.74 68.96
CA GLU C 161 72.37 -16.28 68.88
C GLU C 161 72.02 -17.13 70.09
N LEU C 162 72.97 -17.96 70.56
CA LEU C 162 72.64 -18.85 71.66
C LEU C 162 72.51 -18.08 72.97
N ILE C 163 73.47 -17.20 73.26
CA ILE C 163 73.46 -16.49 74.54
C ILE C 163 72.25 -15.57 74.62
N ASN C 164 71.88 -14.94 73.51
CA ASN C 164 70.66 -14.14 73.48
C ASN C 164 69.44 -15.02 73.72
N ALA C 165 69.41 -16.21 73.10
CA ALA C 165 68.32 -17.14 73.33
C ALA C 165 68.33 -17.68 74.76
N ALA C 166 69.52 -17.94 75.31
CA ALA C 166 69.61 -18.57 76.62
C ALA C 166 69.07 -17.65 77.72
N LYS C 167 69.52 -16.40 77.75
CA LYS C 167 69.01 -15.48 78.77
C LYS C 167 67.58 -15.07 78.47
N GLY C 168 67.28 -14.75 77.20
CA GLY C 168 65.97 -14.29 76.83
C GLY C 168 65.95 -12.77 76.74
N SER C 169 66.02 -12.24 75.52
CA SER C 169 66.13 -10.80 75.33
C SER C 169 65.31 -10.27 74.16
N SER C 170 64.53 -11.11 73.48
CA SER C 170 63.68 -10.74 72.35
C SER C 170 64.45 -10.23 71.15
N ASN C 171 65.79 -10.22 71.22
CA ASN C 171 66.62 -9.77 70.11
C ASN C 171 67.21 -10.90 69.29
N SER C 172 67.15 -12.14 69.78
CA SER C 172 67.58 -13.30 69.01
C SER C 172 66.49 -13.67 68.01
N TYR C 173 66.90 -14.01 66.80
CA TYR C 173 65.92 -14.35 65.77
C TYR C 173 65.14 -15.61 66.13
N ALA C 174 65.78 -16.54 66.85
CA ALA C 174 65.14 -17.81 67.17
C ALA C 174 63.97 -17.60 68.13
N ILE C 175 64.23 -17.04 69.30
CA ILE C 175 63.16 -16.83 70.27
C ILE C 175 62.17 -15.78 69.80
N LYS C 176 62.51 -14.99 68.78
CA LYS C 176 61.58 -13.99 68.26
C LYS C 176 60.45 -14.65 67.49
N LYS C 177 60.72 -15.78 66.84
CA LYS C 177 59.65 -16.54 66.20
C LYS C 177 58.96 -17.48 67.18
N LYS C 178 59.66 -17.88 68.23
CA LYS C 178 59.08 -18.78 69.22
C LYS C 178 57.82 -18.19 69.84
N ASP C 179 57.97 -17.05 70.55
CA ASP C 179 56.83 -16.40 71.17
C ASP C 179 55.77 -16.01 70.16
N GLU C 180 56.20 -15.60 68.96
CA GLU C 180 55.27 -15.26 67.89
C GLU C 180 54.41 -16.45 67.51
N LEU C 181 55.03 -17.64 67.39
CA LEU C 181 54.26 -18.84 67.14
C LEU C 181 53.36 -19.17 68.32
N GLU C 182 53.84 -18.94 69.54
CA GLU C 182 53.03 -19.20 70.73
C GLU C 182 51.79 -18.30 70.76
N ARG C 183 51.97 -17.01 70.44
CA ARG C 183 50.86 -16.08 70.58
C ARG C 183 49.84 -16.25 69.46
N VAL C 184 50.26 -16.68 68.27
CA VAL C 184 49.30 -16.95 67.21
C VAL C 184 48.44 -18.16 67.57
N ALA C 185 49.03 -19.14 68.26
CA ALA C 185 48.23 -20.26 68.76
C ALA C 185 47.30 -19.80 69.87
N LYS C 186 47.78 -18.93 70.76
CA LYS C 186 46.90 -18.34 71.77
C LYS C 186 45.85 -17.45 71.11
N SER C 187 46.19 -16.86 69.96
CA SER C 187 45.24 -16.01 69.25
C SER C 187 44.06 -16.83 68.72
N ASN C 188 44.33 -18.00 68.15
CA ASN C 188 43.30 -18.85 67.59
C ASN C 188 43.01 -20.08 68.45
N ARG C 189 43.03 -19.92 69.78
CA ARG C 189 42.73 -21.02 70.69
C ARG C 189 41.29 -21.51 70.50
N MET D 1 77.42 -55.16 -18.27
CA MET D 1 78.68 -54.76 -17.64
C MET D 1 79.75 -54.51 -18.70
N LEU D 2 80.36 -53.33 -18.64
CA LEU D 2 81.39 -52.93 -19.60
C LEU D 2 82.74 -53.57 -19.29
N MET D 3 82.83 -54.33 -18.20
CA MET D 3 84.08 -54.92 -17.78
C MET D 3 84.63 -55.83 -18.87
N PRO D 4 85.95 -56.02 -18.94
CA PRO D 4 86.48 -56.83 -20.02
C PRO D 4 86.33 -58.35 -19.83
N LYS D 5 86.64 -59.07 -20.90
CA LYS D 5 86.51 -60.52 -20.86
C LYS D 5 87.49 -61.14 -19.87
N LYS D 6 88.58 -60.46 -19.56
CA LYS D 6 89.58 -61.03 -18.65
C LYS D 6 88.99 -61.29 -17.26
N ASN D 7 88.26 -60.33 -16.70
CA ASN D 7 87.57 -60.59 -15.43
C ASN D 7 86.41 -61.56 -15.61
N ARG D 8 85.79 -61.58 -16.80
CA ARG D 8 84.72 -62.55 -17.03
C ARG D 8 85.23 -63.97 -16.86
N ILE D 9 86.34 -64.31 -17.51
CA ILE D 9 86.94 -65.62 -17.31
C ILE D 9 87.89 -65.64 -16.12
N ALA D 10 87.94 -64.57 -15.32
CA ALA D 10 88.67 -64.58 -14.06
C ALA D 10 87.76 -64.83 -12.87
N ILE D 11 86.45 -64.68 -13.01
CA ILE D 11 85.54 -65.01 -11.93
C ILE D 11 84.78 -66.29 -12.22
N TYR D 12 84.65 -66.65 -13.50
CA TYR D 12 83.87 -67.83 -13.85
C TYR D 12 84.60 -69.12 -13.52
N GLU D 13 85.94 -69.13 -13.65
CA GLU D 13 86.67 -70.38 -13.56
C GLU D 13 86.80 -70.88 -12.13
N LEU D 14 86.97 -69.99 -11.14
CA LEU D 14 87.01 -70.48 -9.78
C LEU D 14 85.61 -70.86 -9.31
N LEU D 15 84.59 -70.26 -9.91
CA LEU D 15 83.22 -70.71 -9.67
C LEU D 15 83.06 -72.16 -10.13
N PHE D 16 83.79 -72.57 -11.16
CA PHE D 16 83.70 -73.95 -11.61
C PHE D 16 84.49 -74.88 -10.71
N LYS D 17 85.75 -74.54 -10.42
CA LYS D 17 86.53 -75.41 -9.53
C LYS D 17 85.96 -75.42 -8.13
N GLU D 18 85.38 -74.31 -7.69
CA GLU D 18 84.70 -74.21 -6.40
C GLU D 18 83.31 -73.66 -6.68
N GLY D 19 82.30 -74.52 -6.57
CA GLY D 19 80.95 -74.22 -7.01
C GLY D 19 80.26 -73.02 -6.38
N VAL D 20 80.91 -72.37 -5.42
CA VAL D 20 80.29 -71.29 -4.66
C VAL D 20 81.10 -70.00 -4.85
N MET D 21 80.37 -68.91 -5.05
CA MET D 21 80.94 -67.58 -5.10
C MET D 21 80.51 -66.81 -3.86
N VAL D 22 81.47 -66.27 -3.14
CA VAL D 22 81.22 -65.48 -1.94
C VAL D 22 81.80 -64.08 -2.16
N ALA D 23 80.97 -63.07 -1.98
CA ALA D 23 81.41 -61.69 -2.16
C ALA D 23 80.51 -60.78 -1.34
N LYS D 24 81.12 -59.71 -0.81
CA LYS D 24 80.45 -58.76 0.05
C LYS D 24 79.72 -57.71 -0.78
N LYS D 25 78.61 -57.21 -0.22
CA LYS D 25 77.92 -56.08 -0.83
C LYS D 25 78.76 -54.84 -0.59
N ASP D 26 79.70 -54.58 -1.50
CA ASP D 26 80.42 -53.32 -1.51
C ASP D 26 80.93 -53.10 -2.93
N VAL D 27 80.24 -52.23 -3.68
CA VAL D 27 80.66 -51.87 -5.04
C VAL D 27 82.02 -51.18 -5.07
N HIS D 28 82.44 -50.58 -3.97
CA HIS D 28 83.64 -49.73 -3.92
C HIS D 28 84.86 -50.48 -3.40
N MET D 29 84.77 -51.78 -3.18
CA MET D 29 85.90 -52.53 -2.65
C MET D 29 86.91 -52.76 -3.76
N PRO D 30 88.16 -52.33 -3.60
CA PRO D 30 89.08 -52.27 -4.76
C PRO D 30 89.34 -53.62 -5.41
N LYS D 31 89.32 -54.71 -4.64
CA LYS D 31 89.86 -55.97 -5.13
C LYS D 31 89.28 -57.13 -4.33
N HIS D 32 88.94 -58.21 -5.02
CA HIS D 32 88.28 -59.33 -4.37
C HIS D 32 89.36 -60.27 -3.83
N PRO D 33 89.34 -60.60 -2.54
CA PRO D 33 90.41 -61.46 -1.98
C PRO D 33 90.51 -62.84 -2.63
N GLU D 34 89.39 -63.41 -3.08
CA GLU D 34 89.45 -64.73 -3.70
C GLU D 34 90.20 -64.71 -5.03
N LEU D 35 90.30 -63.54 -5.64
CA LEU D 35 91.06 -63.37 -6.88
C LEU D 35 92.33 -62.56 -6.69
N ALA D 36 92.22 -61.35 -6.13
CA ALA D 36 93.40 -60.52 -5.88
C ALA D 36 94.18 -60.23 -7.17
N ASP D 37 95.21 -61.03 -7.45
CA ASP D 37 96.17 -60.69 -8.51
C ASP D 37 95.56 -60.66 -9.91
N LYS D 38 94.26 -60.91 -10.08
CA LYS D 38 93.63 -60.75 -11.38
C LYS D 38 93.09 -59.35 -11.62
N ASN D 39 93.17 -58.47 -10.63
CA ASN D 39 92.70 -57.09 -10.74
C ASN D 39 91.22 -57.04 -11.17
N VAL D 40 90.40 -57.58 -10.28
CA VAL D 40 88.95 -57.53 -10.41
C VAL D 40 88.40 -56.81 -9.19
N PRO D 41 87.60 -55.76 -9.34
CA PRO D 41 86.95 -55.18 -8.18
C PRO D 41 85.65 -55.88 -7.79
N ASN D 42 85.17 -55.56 -6.59
CA ASN D 42 84.01 -56.25 -6.07
C ASN D 42 82.76 -55.98 -6.87
N LEU D 43 82.70 -54.85 -7.58
CA LEU D 43 81.56 -54.59 -8.46
C LEU D 43 81.46 -55.63 -9.55
N HIS D 44 82.58 -55.90 -10.23
CA HIS D 44 82.56 -56.77 -11.40
C HIS D 44 82.16 -58.19 -11.04
N VAL D 45 82.70 -58.71 -9.93
CA VAL D 45 82.44 -60.10 -9.57
C VAL D 45 80.97 -60.29 -9.21
N MET D 46 80.40 -59.34 -8.47
CA MET D 46 79.02 -59.50 -8.02
C MET D 46 78.00 -58.99 -9.04
N LYS D 47 78.41 -58.14 -9.98
CA LYS D 47 77.46 -57.71 -11.01
C LYS D 47 77.21 -58.83 -12.02
N ALA D 48 78.27 -59.53 -12.43
CA ALA D 48 78.09 -60.67 -13.32
C ALA D 48 77.40 -61.81 -12.61
N MET D 49 77.64 -61.96 -11.31
CA MET D 49 77.11 -63.11 -10.59
C MET D 49 75.59 -63.08 -10.53
N GLN D 50 75.00 -61.91 -10.27
CA GLN D 50 73.55 -61.82 -10.28
C GLN D 50 73.00 -61.92 -11.70
N SER D 51 73.85 -61.65 -12.70
CA SER D 51 73.42 -61.85 -14.08
C SER D 51 73.15 -63.32 -14.36
N LEU D 52 73.87 -64.21 -13.68
CA LEU D 52 73.54 -65.63 -13.74
C LEU D 52 72.22 -65.93 -13.04
N LYS D 53 71.94 -65.24 -11.94
CA LYS D 53 70.66 -65.42 -11.25
C LYS D 53 69.51 -65.00 -12.15
N SER D 54 69.67 -63.88 -12.86
CA SER D 54 68.62 -63.41 -13.75
C SER D 54 68.33 -64.42 -14.85
N ARG D 55 69.39 -65.00 -15.43
CA ARG D 55 69.19 -66.02 -16.46
C ARG D 55 68.83 -67.37 -15.85
N GLY D 56 69.14 -67.59 -14.58
CA GLY D 56 68.69 -68.78 -13.89
C GLY D 56 69.73 -69.87 -13.67
N TYR D 57 71.03 -69.58 -13.85
CA TYR D 57 72.00 -70.63 -13.61
C TYR D 57 72.51 -70.65 -12.18
N VAL D 58 72.07 -69.70 -11.34
CA VAL D 58 72.56 -69.62 -9.98
C VAL D 58 71.43 -69.14 -9.09
N LYS D 59 71.46 -69.57 -7.82
CA LYS D 59 70.64 -69.00 -6.77
C LYS D 59 71.54 -68.25 -5.80
N GLU D 60 70.93 -67.36 -5.00
CA GLU D 60 71.70 -66.47 -4.15
C GLU D 60 70.97 -66.27 -2.83
N GLN D 61 71.75 -66.15 -1.75
CA GLN D 61 71.22 -65.95 -0.41
C GLN D 61 72.00 -64.80 0.21
N PHE D 62 71.31 -63.89 0.90
CA PHE D 62 71.98 -62.73 1.48
C PHE D 62 71.99 -62.82 3.00
N ALA D 63 73.18 -62.91 3.58
CA ALA D 63 73.35 -62.66 5.01
C ALA D 63 73.53 -61.17 5.20
N TRP D 64 74.03 -60.78 6.38
CA TRP D 64 74.20 -59.38 6.73
C TRP D 64 74.76 -58.54 5.59
N ARG D 65 75.98 -58.87 5.12
CA ARG D 65 76.59 -58.09 4.06
C ARG D 65 77.32 -58.96 3.05
N HIS D 66 76.91 -60.21 2.88
CA HIS D 66 77.62 -61.14 2.01
C HIS D 66 76.65 -61.91 1.12
N PHE D 67 77.04 -62.09 -0.14
CA PHE D 67 76.30 -62.88 -1.11
C PHE D 67 76.68 -64.36 -0.98
N TYR D 68 75.75 -65.23 -1.38
CA TYR D 68 75.88 -66.66 -1.15
C TYR D 68 75.45 -67.45 -2.38
N TRP D 69 76.00 -67.10 -3.54
CA TRP D 69 75.65 -67.79 -4.78
C TRP D 69 76.04 -69.27 -4.74
N TYR D 70 75.14 -70.13 -5.19
CA TYR D 70 75.41 -71.55 -5.44
C TYR D 70 74.95 -71.90 -6.84
N LEU D 71 75.83 -72.54 -7.62
CA LEU D 71 75.45 -72.95 -8.96
C LEU D 71 74.39 -74.05 -8.93
N THR D 72 73.45 -73.97 -9.86
CA THR D 72 72.49 -75.04 -10.08
C THR D 72 73.05 -76.00 -11.14
N ASN D 73 72.31 -77.07 -11.41
CA ASN D 73 72.69 -77.96 -12.50
C ASN D 73 72.67 -77.23 -13.84
N GLU D 74 71.86 -76.18 -13.96
CA GLU D 74 71.79 -75.41 -15.19
C GLU D 74 72.95 -74.44 -15.35
N GLY D 75 73.78 -74.27 -14.32
CA GLY D 75 74.95 -73.43 -14.43
C GLY D 75 76.21 -74.18 -14.74
N ILE D 76 76.19 -75.49 -14.51
CA ILE D 76 77.38 -76.31 -14.73
C ILE D 76 77.66 -76.47 -16.22
N GLN D 77 76.62 -76.80 -16.99
CA GLN D 77 76.84 -77.04 -18.42
C GLN D 77 77.06 -75.75 -19.19
N TYR D 78 76.45 -74.65 -18.74
CA TYR D 78 76.72 -73.36 -19.38
C TYR D 78 78.15 -72.94 -19.13
N LEU D 79 78.65 -73.19 -17.92
CA LEU D 79 80.05 -72.92 -17.64
C LEU D 79 80.97 -73.92 -18.34
N ARG D 80 80.45 -75.11 -18.67
CA ARG D 80 81.25 -76.09 -19.39
C ARG D 80 81.61 -75.60 -20.79
N ASP D 81 80.61 -75.16 -21.55
CA ASP D 81 80.86 -74.81 -22.95
C ASP D 81 81.30 -73.36 -23.12
N TYR D 82 81.06 -72.50 -22.13
CA TYR D 82 81.62 -71.15 -22.19
C TYR D 82 83.14 -71.20 -22.13
N LEU D 83 83.69 -71.98 -21.19
CA LEU D 83 85.13 -72.16 -21.07
C LEU D 83 85.63 -73.38 -21.82
N HIS D 84 84.73 -74.10 -22.50
CA HIS D 84 85.09 -75.24 -23.35
C HIS D 84 85.80 -76.33 -22.56
N LEU D 85 85.12 -76.87 -21.56
CA LEU D 85 85.62 -77.98 -20.79
C LEU D 85 85.02 -79.30 -21.28
N PRO D 86 85.76 -80.39 -21.20
CA PRO D 86 85.19 -81.69 -21.52
C PRO D 86 84.14 -82.08 -20.49
N PRO D 87 83.18 -82.93 -20.84
CA PRO D 87 82.14 -83.30 -19.88
C PRO D 87 82.65 -84.26 -18.82
N GLU D 88 83.80 -83.94 -18.23
CA GLU D 88 84.40 -84.72 -17.17
C GLU D 88 84.79 -83.81 -16.02
N ILE D 89 85.05 -82.54 -16.34
CA ILE D 89 85.43 -81.56 -15.32
C ILE D 89 84.17 -81.14 -14.56
N VAL D 90 84.17 -81.38 -13.26
CA VAL D 90 83.00 -81.12 -12.42
C VAL D 90 83.42 -80.17 -11.30
N PRO D 91 82.48 -79.45 -10.69
CA PRO D 91 82.84 -78.64 -9.52
C PRO D 91 83.27 -79.50 -8.35
N ALA D 92 84.07 -78.91 -7.48
CA ALA D 92 84.45 -79.61 -6.25
C ALA D 92 83.22 -79.94 -5.42
N THR D 93 82.28 -78.99 -5.34
CA THR D 93 81.06 -79.23 -4.58
C THR D 93 80.20 -80.34 -5.18
N LEU D 94 80.45 -80.72 -6.43
CA LEU D 94 79.70 -81.82 -7.04
C LEU D 94 79.97 -83.13 -6.29
N ARG D 95 81.23 -83.59 -6.28
CA ARG D 95 81.59 -84.76 -5.50
C ARG D 95 82.83 -84.58 -4.64
N ARG D 96 83.80 -83.74 -5.03
CA ARG D 96 85.13 -83.66 -4.45
C ARG D 96 85.64 -85.01 -3.94
N SER D 97 85.18 -85.42 -2.76
CA SER D 97 85.69 -86.64 -2.14
C SER D 97 85.00 -87.87 -2.68
N ARG D 98 83.68 -87.93 -2.56
CA ARG D 98 82.92 -89.09 -2.98
C ARG D 98 82.01 -88.77 -4.17
N THR E 1 100.77 -1.00 4.35
CA THR E 1 101.70 -1.88 5.04
C THR E 1 100.96 -3.07 5.66
N TYR E 2 101.65 -4.19 5.85
CA TYR E 2 101.02 -5.39 6.39
C TYR E 2 101.31 -5.61 7.87
N ARG E 3 102.58 -5.85 8.23
CA ARG E 3 103.01 -6.04 9.61
C ARG E 3 104.18 -5.10 9.91
N GLY E 4 104.02 -3.83 9.53
CA GLY E 4 105.15 -2.94 9.51
C GLY E 4 106.04 -3.11 8.31
N VAL E 5 105.79 -4.14 7.51
CA VAL E 5 106.41 -4.33 6.21
C VAL E 5 105.36 -4.05 5.16
N ASP E 6 105.73 -3.24 4.17
CA ASP E 6 104.76 -2.76 3.20
C ASP E 6 104.45 -3.84 2.17
N LEU E 7 103.52 -3.52 1.26
CA LEU E 7 103.07 -4.51 0.29
C LEU E 7 104.14 -4.82 -0.74
N ASP E 8 105.13 -3.94 -0.89
CA ASP E 8 106.17 -4.17 -1.89
C ASP E 8 107.03 -5.38 -1.54
N GLN E 9 107.38 -5.55 -0.26
CA GLN E 9 108.13 -6.74 0.11
C GLN E 9 107.25 -7.98 0.18
N LEU E 10 105.93 -7.80 0.24
CA LEU E 10 105.03 -8.94 0.36
C LEU E 10 105.00 -9.76 -0.93
N LEU E 11 105.00 -9.10 -2.07
CA LEU E 11 104.79 -9.79 -3.34
C LEU E 11 105.97 -10.70 -3.69
N ASP E 12 107.18 -10.26 -3.40
CA ASP E 12 108.38 -10.98 -3.83
C ASP E 12 108.95 -11.92 -2.77
N MET E 13 108.41 -11.93 -1.57
CA MET E 13 108.97 -12.70 -0.47
C MET E 13 108.44 -14.13 -0.50
N SER E 14 109.23 -15.06 0.03
CA SER E 14 109.02 -16.49 -0.14
C SER E 14 108.09 -17.04 0.93
N TYR E 15 107.70 -18.31 0.77
CA TYR E 15 106.73 -18.93 1.67
C TYR E 15 107.33 -19.27 3.02
N GLU E 16 108.63 -19.55 3.07
CA GLU E 16 109.24 -20.08 4.28
C GLU E 16 109.34 -19.04 5.40
N GLN E 17 109.12 -17.77 5.12
CA GLN E 17 109.04 -16.77 6.17
C GLN E 17 107.79 -15.90 6.13
N LEU E 18 106.86 -16.13 5.18
CA LEU E 18 105.55 -15.49 5.30
C LEU E 18 104.70 -16.18 6.35
N MET E 19 105.11 -17.37 6.78
CA MET E 19 104.41 -18.10 7.83
C MET E 19 104.39 -17.25 9.10
N GLN E 20 105.49 -16.52 9.35
CA GLN E 20 105.65 -15.80 10.60
C GLN E 20 104.75 -14.58 10.69
N LEU E 21 104.68 -13.78 9.62
CA LEU E 21 103.70 -12.70 9.59
C LEU E 21 102.27 -13.20 9.35
N TYR E 22 102.08 -14.48 9.04
CA TYR E 22 100.76 -15.06 9.12
C TYR E 22 100.43 -15.39 10.58
N SER E 23 99.16 -15.52 10.89
CA SER E 23 98.73 -15.97 12.21
C SER E 23 98.95 -17.48 12.30
N ALA E 24 98.66 -18.04 13.48
CA ALA E 24 98.94 -19.44 13.71
C ALA E 24 98.17 -20.34 12.75
N ARG E 25 96.91 -19.99 12.46
CA ARG E 25 96.08 -20.85 11.63
C ARG E 25 96.60 -20.91 10.20
N GLN E 26 96.85 -19.74 9.59
CA GLN E 26 97.31 -19.73 8.21
C GLN E 26 98.74 -20.24 8.09
N ARG E 27 99.58 -19.97 9.10
CA ARG E 27 100.91 -20.55 9.12
C ARG E 27 100.84 -22.07 9.15
N ARG E 28 99.97 -22.63 9.99
CA ARG E 28 99.82 -24.09 10.03
C ARG E 28 99.33 -24.61 8.70
N ARG E 29 98.35 -23.93 8.10
CA ARG E 29 97.76 -24.39 6.84
C ARG E 29 98.80 -24.47 5.73
N LEU E 30 99.64 -23.45 5.62
CA LEU E 30 100.69 -23.49 4.58
C LEU E 30 101.83 -24.42 4.97
N ASN E 31 102.07 -24.60 6.28
CA ASN E 31 103.09 -25.53 6.71
C ASN E 31 102.81 -26.94 6.21
N ARG E 32 101.54 -27.30 6.08
CA ARG E 32 101.21 -28.61 5.56
C ARG E 32 100.95 -28.50 4.06
N GLY E 33 100.41 -29.57 3.47
CA GLY E 33 100.30 -29.62 2.03
C GLY E 33 99.42 -28.51 1.48
N LEU E 34 99.82 -28.00 0.32
CA LEU E 34 98.99 -27.11 -0.49
C LEU E 34 98.60 -27.90 -1.74
N ARG E 35 97.35 -28.33 -1.80
CA ARG E 35 96.91 -29.34 -2.75
C ARG E 35 96.90 -28.80 -4.18
N ARG E 36 96.46 -29.65 -5.10
CA ARG E 36 96.49 -29.29 -6.52
C ARG E 36 95.32 -28.41 -6.92
N LYS E 37 94.20 -28.49 -6.18
CA LYS E 37 93.04 -27.67 -6.51
C LYS E 37 93.38 -26.18 -6.40
N GLN E 38 93.94 -25.78 -5.26
CA GLN E 38 94.19 -24.37 -5.03
C GLN E 38 95.38 -23.86 -5.84
N HIS E 39 96.30 -24.75 -6.21
CA HIS E 39 97.38 -24.37 -7.13
C HIS E 39 96.81 -23.92 -8.47
N SER E 40 95.83 -24.66 -8.99
CA SER E 40 95.22 -24.29 -10.27
C SER E 40 94.48 -22.97 -10.17
N LEU E 41 93.81 -22.72 -9.05
CA LEU E 41 93.13 -21.44 -8.87
C LEU E 41 94.13 -20.29 -8.90
N LEU E 42 95.26 -20.46 -8.22
CA LEU E 42 96.34 -19.48 -8.32
C LEU E 42 96.89 -19.42 -9.74
N LYS E 43 97.01 -20.56 -10.42
CA LYS E 43 97.45 -20.58 -11.80
C LYS E 43 96.47 -19.82 -12.68
N ARG E 44 95.17 -20.06 -12.51
CA ARG E 44 94.16 -19.39 -13.32
C ARG E 44 94.07 -17.91 -12.95
N LEU E 45 94.29 -17.58 -11.68
CA LEU E 45 94.35 -16.18 -11.27
C LEU E 45 95.51 -15.46 -11.95
N ARG E 46 96.68 -16.11 -12.01
CA ARG E 46 97.82 -15.49 -12.67
C ARG E 46 97.54 -15.24 -14.15
N LYS E 47 96.92 -16.21 -14.83
CA LYS E 47 96.58 -16.02 -16.24
C LYS E 47 95.59 -14.88 -16.42
N ALA E 48 94.68 -14.70 -15.45
CA ALA E 48 93.74 -13.59 -15.53
C ALA E 48 94.46 -12.25 -15.34
N LYS E 49 95.44 -12.21 -14.45
CA LYS E 49 96.20 -10.99 -14.22
C LYS E 49 96.95 -10.57 -15.47
N LYS E 50 97.64 -11.51 -16.12
CA LYS E 50 98.39 -11.20 -17.32
C LYS E 50 97.48 -10.90 -18.50
N GLU E 51 96.29 -11.48 -18.53
CA GLU E 51 95.32 -11.24 -19.60
C GLU E 51 94.54 -9.94 -19.40
N ALA E 52 94.74 -9.26 -18.29
CA ALA E 52 94.07 -7.98 -18.07
C ALA E 52 94.78 -6.89 -18.85
N PRO E 53 94.07 -6.14 -19.70
CA PRO E 53 94.69 -4.99 -20.35
C PRO E 53 95.19 -4.00 -19.33
N PRO E 54 96.13 -3.14 -19.70
CA PRO E 54 96.71 -2.19 -18.73
C PRO E 54 95.65 -1.30 -18.12
N MET E 55 95.81 -1.03 -16.81
CA MET E 55 94.92 -0.17 -16.04
C MET E 55 93.47 -0.67 -16.14
N GLU E 56 93.31 -1.99 -16.29
CA GLU E 56 92.01 -2.61 -16.43
C GLU E 56 91.88 -3.73 -15.41
N LYS E 57 90.74 -3.78 -14.73
CA LYS E 57 90.49 -4.79 -13.72
C LYS E 57 90.34 -6.17 -14.37
N PRO E 58 91.15 -7.16 -13.97
CA PRO E 58 91.07 -8.47 -14.64
C PRO E 58 89.69 -9.09 -14.50
N GLU E 59 89.34 -9.94 -15.47
CA GLU E 59 88.00 -10.48 -15.58
C GLU E 59 87.64 -11.38 -14.40
N VAL E 60 86.34 -11.49 -14.14
CA VAL E 60 85.85 -12.25 -13.00
C VAL E 60 86.17 -13.73 -13.18
N VAL E 61 86.69 -14.34 -12.11
CA VAL E 61 86.91 -15.78 -12.06
C VAL E 61 86.03 -16.35 -10.97
N LYS E 62 85.40 -17.48 -11.26
CA LYS E 62 84.50 -18.14 -10.32
C LYS E 62 85.17 -19.36 -9.73
N THR E 63 84.81 -19.68 -8.48
CA THR E 63 85.41 -20.82 -7.79
C THR E 63 84.48 -21.31 -6.70
N HIS E 64 84.64 -22.58 -6.35
CA HIS E 64 83.93 -23.18 -5.23
C HIS E 64 84.73 -23.15 -3.93
N LEU E 65 86.06 -23.08 -4.02
CA LEU E 65 86.93 -23.22 -2.86
C LEU E 65 86.85 -21.95 -2.01
N ARG E 66 85.80 -21.87 -1.22
CA ARG E 66 85.66 -20.79 -0.25
C ARG E 66 86.34 -21.14 1.07
N ASP E 67 87.57 -21.63 0.95
CA ASP E 67 88.38 -21.98 2.10
C ASP E 67 89.85 -21.60 1.91
N MET E 68 90.20 -20.97 0.78
CA MET E 68 91.54 -20.50 0.52
C MET E 68 91.87 -19.25 1.33
N ILE E 69 93.12 -19.20 1.80
CA ILE E 69 93.67 -17.97 2.36
C ILE E 69 94.05 -17.05 1.21
N ILE E 70 94.05 -15.75 1.47
CA ILE E 70 94.45 -14.78 0.46
C ILE E 70 95.95 -14.53 0.53
N LEU E 71 96.61 -14.62 -0.62
CA LEU E 71 98.06 -14.52 -0.73
C LEU E 71 98.43 -13.17 -1.31
N PRO E 72 99.67 -12.72 -1.10
CA PRO E 72 100.10 -11.48 -1.76
C PRO E 72 100.11 -11.61 -3.28
N GLU E 73 100.25 -12.82 -3.81
CA GLU E 73 100.41 -13.01 -5.24
C GLU E 73 99.20 -12.53 -6.03
N MET E 74 97.99 -12.82 -5.55
CA MET E 74 96.79 -12.54 -6.31
C MET E 74 95.93 -11.46 -5.65
N VAL E 75 96.57 -10.41 -5.16
CA VAL E 75 95.88 -9.22 -4.68
C VAL E 75 95.59 -8.30 -5.85
N GLY E 76 94.34 -7.83 -5.94
CA GLY E 76 93.93 -7.04 -7.08
C GLY E 76 93.23 -7.90 -8.12
N SER E 77 92.36 -8.80 -7.66
CA SER E 77 91.68 -9.72 -8.57
C SER E 77 90.18 -9.67 -8.30
N MET E 78 89.40 -10.05 -9.30
CA MET E 78 87.96 -10.14 -9.20
C MET E 78 87.59 -11.61 -9.13
N VAL E 79 87.27 -12.09 -7.93
CA VAL E 79 87.06 -13.51 -7.67
C VAL E 79 85.60 -13.73 -7.28
N GLY E 80 84.92 -14.61 -8.01
CA GLY E 80 83.57 -15.01 -7.69
C GLY E 80 83.58 -16.31 -6.90
N VAL E 81 83.04 -16.26 -5.69
CA VAL E 81 83.09 -17.38 -4.77
C VAL E 81 81.67 -17.87 -4.49
N TYR E 82 81.45 -19.16 -4.74
CA TYR E 82 80.16 -19.79 -4.54
C TYR E 82 79.79 -19.75 -3.06
N ASN E 83 78.52 -19.44 -2.77
CA ASN E 83 77.99 -19.55 -1.43
C ASN E 83 76.96 -20.66 -1.30
N GLY E 84 76.80 -21.48 -2.33
CA GLY E 84 75.79 -22.50 -2.38
C GLY E 84 74.74 -22.30 -3.45
N LYS E 85 74.44 -21.04 -3.80
CA LYS E 85 73.47 -20.72 -4.83
C LYS E 85 74.07 -19.95 -5.98
N THR E 86 74.89 -18.94 -5.69
CA THR E 86 75.47 -18.08 -6.72
C THR E 86 76.92 -17.78 -6.36
N PHE E 87 77.65 -17.24 -7.33
CA PHE E 87 79.02 -16.77 -7.13
C PHE E 87 78.95 -15.31 -6.71
N ASN E 88 79.22 -15.04 -5.43
CA ASN E 88 79.26 -13.67 -4.95
C ASN E 88 80.50 -12.97 -5.49
N GLN E 89 80.37 -11.69 -5.83
CA GLN E 89 81.47 -10.91 -6.36
C GLN E 89 82.29 -10.29 -5.23
N VAL E 90 83.57 -10.58 -5.22
CA VAL E 90 84.49 -10.01 -4.24
C VAL E 90 85.71 -9.45 -4.97
N GLU E 91 86.08 -8.22 -4.60
CA GLU E 91 87.32 -7.61 -5.06
C GLU E 91 88.42 -7.94 -4.06
N ILE E 92 89.66 -7.96 -4.55
CA ILE E 92 90.81 -8.28 -3.72
C ILE E 92 91.71 -7.06 -3.64
N LYS E 93 91.99 -6.63 -2.41
CA LYS E 93 92.80 -5.46 -2.13
C LYS E 93 93.78 -5.84 -1.03
N PRO E 94 94.85 -5.03 -0.83
CA PRO E 94 95.94 -5.46 0.06
C PRO E 94 95.54 -6.05 1.40
N GLU E 95 94.57 -5.47 2.10
CA GLU E 95 94.34 -5.79 3.50
C GLU E 95 93.29 -6.89 3.67
N MET E 96 93.62 -8.10 3.18
CA MET E 96 92.99 -9.31 3.71
C MET E 96 93.93 -10.50 3.87
N ILE E 97 95.22 -10.38 3.58
CA ILE E 97 96.11 -11.52 3.35
C ILE E 97 95.95 -12.61 4.42
N GLY E 98 95.40 -12.25 5.58
CA GLY E 98 95.16 -13.25 6.60
C GLY E 98 93.71 -13.67 6.75
N HIS E 99 92.95 -13.66 5.65
CA HIS E 99 91.55 -14.08 5.69
C HIS E 99 91.23 -15.13 4.64
N TYR E 100 89.94 -15.43 4.47
CA TYR E 100 89.47 -16.47 3.58
C TYR E 100 88.49 -15.89 2.58
N LEU E 101 88.37 -16.54 1.42
CA LEU E 101 87.39 -16.13 0.42
C LEU E 101 85.97 -16.41 0.90
N GLY E 102 85.79 -17.43 1.74
CA GLY E 102 84.48 -17.69 2.31
C GLY E 102 84.07 -16.68 3.36
N GLU E 103 85.04 -15.93 3.90
CA GLU E 103 84.74 -14.96 4.94
C GLU E 103 83.99 -13.75 4.39
N PHE E 104 83.96 -13.60 3.07
CA PHE E 104 83.36 -12.40 2.49
C PHE E 104 82.05 -12.71 1.78
N SER E 105 82.00 -13.81 1.03
CA SER E 105 80.76 -14.24 0.40
C SER E 105 79.84 -14.83 1.45
N ILE E 106 78.88 -14.04 1.92
CA ILE E 106 78.00 -14.48 2.99
C ILE E 106 77.01 -15.49 2.42
N THR E 107 76.74 -16.54 3.19
CA THR E 107 76.03 -17.71 2.71
C THR E 107 74.55 -17.67 3.03
N TYR E 108 74.05 -16.54 3.52
CA TYR E 108 72.68 -16.42 3.99
C TYR E 108 72.33 -14.94 4.04
N LYS E 109 71.17 -14.56 3.53
CA LYS E 109 70.78 -13.17 3.70
C LYS E 109 70.28 -12.94 5.12
N PRO E 110 70.70 -11.87 5.77
CA PRO E 110 70.31 -11.65 7.17
C PRO E 110 68.81 -11.50 7.32
N VAL E 111 68.29 -12.00 8.45
CA VAL E 111 66.86 -11.93 8.72
C VAL E 111 66.48 -10.53 9.12
N LYS E 112 65.39 -10.00 8.55
CA LYS E 112 64.87 -8.72 9.02
C LYS E 112 63.98 -8.94 10.24
N HIS E 113 62.80 -9.53 10.01
CA HIS E 113 61.92 -10.11 11.03
C HIS E 113 60.65 -10.61 10.37
N GLY E 114 59.77 -11.25 11.14
CA GLY E 114 58.44 -11.55 10.67
C GLY E 114 57.48 -11.56 11.84
N ARG E 115 56.24 -11.21 11.56
CA ARG E 115 55.23 -11.15 12.62
C ARG E 115 54.93 -12.55 13.12
N PRO E 116 54.91 -12.78 14.43
CA PRO E 116 54.68 -14.13 14.94
C PRO E 116 53.32 -14.68 14.51
N GLY E 117 53.31 -15.97 14.20
CA GLY E 117 52.11 -16.60 13.67
C GLY E 117 51.29 -17.34 14.70
N ILE E 118 51.20 -18.66 14.56
CA ILE E 118 50.39 -19.47 15.47
C ILE E 118 51.16 -19.82 16.75
N GLY E 119 52.46 -20.05 16.64
CA GLY E 119 53.29 -20.27 17.81
C GLY E 119 53.51 -19.00 18.60
N ALA E 120 54.40 -19.11 19.59
CA ALA E 120 54.68 -18.01 20.52
C ALA E 120 53.40 -17.55 21.22
N THR E 121 52.86 -18.47 22.03
CA THR E 121 51.59 -18.30 22.72
C THR E 121 51.43 -16.93 23.39
N SER F 1 111.38 -63.56 78.16
CA SER F 1 112.38 -62.55 77.86
C SER F 1 112.36 -62.17 76.38
N LYS F 2 112.62 -63.14 75.52
CA LYS F 2 112.71 -62.93 74.08
C LYS F 2 111.90 -63.97 73.31
N GLY F 3 110.66 -64.21 73.74
CA GLY F 3 109.80 -65.18 73.10
C GLY F 3 109.40 -64.76 71.69
N PRO F 4 109.40 -65.72 70.76
CA PRO F 4 108.99 -65.42 69.38
C PRO F 4 107.52 -65.73 69.09
N LEU F 5 107.02 -65.17 67.99
CA LEU F 5 105.67 -65.37 67.46
C LEU F 5 104.52 -65.16 68.45
N GLN F 6 104.56 -64.07 69.21
CA GLN F 6 103.39 -63.59 69.97
C GLN F 6 102.71 -62.46 69.19
N SER F 7 102.09 -62.83 68.08
CA SER F 7 101.55 -61.85 67.15
C SER F 7 100.13 -62.21 66.76
N VAL F 8 99.35 -61.18 66.42
CA VAL F 8 97.97 -61.31 65.97
C VAL F 8 97.69 -60.20 64.96
N GLN F 9 97.09 -60.56 63.83
CA GLN F 9 96.78 -59.59 62.79
C GLN F 9 95.27 -59.49 62.65
N VAL F 10 94.78 -58.26 62.46
CA VAL F 10 93.36 -57.98 62.32
C VAL F 10 93.18 -56.91 61.26
N PHE F 11 91.98 -56.86 60.67
CA PHE F 11 91.63 -55.83 59.71
C PHE F 11 90.37 -55.11 60.15
N GLY F 12 90.23 -53.87 59.67
CA GLY F 12 89.01 -53.11 59.89
C GLY F 12 88.58 -52.43 58.61
N ARG F 13 87.27 -52.25 58.47
CA ARG F 13 86.69 -51.69 57.26
C ARG F 13 85.68 -50.61 57.58
N LYS F 14 85.74 -49.51 56.84
CA LYS F 14 84.66 -48.52 56.78
C LYS F 14 84.37 -48.27 55.31
N LYS F 15 83.59 -49.18 54.73
CA LYS F 15 82.84 -49.04 53.48
C LYS F 15 83.69 -48.89 52.22
N THR F 16 84.98 -48.58 52.35
CA THR F 16 85.92 -48.89 51.28
C THR F 16 87.30 -49.22 51.82
N ALA F 17 87.61 -48.72 53.00
CA ALA F 17 88.98 -48.67 53.49
C ALA F 17 89.29 -49.91 54.33
N THR F 18 90.28 -50.68 53.90
CA THR F 18 90.77 -51.83 54.65
C THR F 18 91.97 -51.37 55.47
N ALA F 19 91.82 -51.39 56.79
CA ALA F 19 92.89 -51.02 57.71
C ALA F 19 93.31 -52.28 58.46
N VAL F 20 94.44 -52.84 58.06
CA VAL F 20 94.95 -54.07 58.66
C VAL F 20 95.95 -53.68 59.75
N ALA F 21 95.67 -54.08 60.98
CA ALA F 21 96.48 -53.72 62.13
C ALA F 21 97.23 -54.94 62.66
N HIS F 22 98.53 -54.77 62.90
CA HIS F 22 99.37 -55.81 63.47
C HIS F 22 99.71 -55.49 64.91
N CYS F 23 99.70 -56.52 65.75
CA CYS F 23 100.04 -56.41 67.16
C CYS F 23 101.15 -57.39 67.50
N LYS F 24 102.21 -56.88 68.12
CA LYS F 24 103.33 -57.69 68.60
C LYS F 24 103.66 -57.24 70.02
N ARG F 25 104.31 -58.10 70.78
CA ARG F 25 104.74 -57.73 72.12
C ARG F 25 105.90 -56.75 72.02
N GLY F 26 105.93 -55.78 72.92
CA GLY F 26 106.98 -54.79 72.89
C GLY F 26 106.73 -53.74 73.93
N ASN F 27 107.43 -52.61 73.80
CA ASN F 27 107.37 -51.53 74.77
C ASN F 27 106.63 -50.34 74.15
N GLY F 28 105.30 -50.41 74.19
CA GLY F 28 104.43 -49.32 73.77
C GLY F 28 104.79 -48.62 72.46
N LEU F 29 104.82 -49.37 71.36
CA LEU F 29 105.12 -48.82 70.04
C LEU F 29 103.79 -48.59 69.32
N ILE F 30 103.51 -47.32 69.01
CA ILE F 30 102.24 -46.93 68.41
C ILE F 30 102.51 -46.06 67.19
N LYS F 31 102.10 -46.54 66.02
CA LYS F 31 102.15 -45.77 64.78
C LYS F 31 101.24 -46.43 63.77
N VAL F 32 100.91 -45.68 62.71
CA VAL F 32 100.08 -46.17 61.62
C VAL F 32 100.70 -45.74 60.30
N ASN F 33 100.91 -46.71 59.40
CA ASN F 33 101.47 -46.44 58.07
C ASN F 33 102.81 -45.71 58.16
N GLY F 34 103.65 -46.17 59.09
CA GLY F 34 104.97 -45.60 59.29
C GLY F 34 104.99 -44.37 60.18
N ARG F 35 104.05 -43.45 59.99
CA ARG F 35 103.94 -42.25 60.81
C ARG F 35 103.15 -42.55 62.08
N PRO F 36 103.39 -41.83 63.17
CA PRO F 36 102.61 -42.05 64.39
C PRO F 36 101.25 -41.35 64.29
N LEU F 37 100.50 -41.47 65.39
CA LEU F 37 99.09 -41.09 65.42
C LEU F 37 98.84 -39.64 65.78
N GLU F 38 99.87 -38.90 66.20
CA GLU F 38 99.66 -37.56 66.74
C GLU F 38 99.85 -36.44 65.71
N MET F 39 100.15 -36.76 64.46
CA MET F 39 100.29 -35.75 63.40
C MET F 39 99.52 -36.22 62.17
N ILE F 40 98.25 -36.58 62.37
CA ILE F 40 97.48 -37.38 61.44
C ILE F 40 96.46 -36.47 60.75
N GLU F 41 95.60 -37.05 59.91
CA GLU F 41 94.58 -36.39 59.10
C GLU F 41 93.77 -35.48 60.02
N PRO F 42 92.91 -34.59 59.51
CA PRO F 42 93.00 -33.15 59.88
C PRO F 42 93.32 -32.83 61.33
N ARG F 43 93.07 -33.76 62.25
CA ARG F 43 93.15 -33.61 63.71
C ARG F 43 91.94 -32.85 64.19
N THR F 44 91.04 -32.43 63.29
CA THR F 44 89.68 -32.12 63.70
C THR F 44 89.07 -33.32 64.42
N LEU F 45 89.47 -34.52 64.03
CA LEU F 45 89.10 -35.76 64.72
C LEU F 45 90.32 -36.38 65.40
N GLN F 46 91.21 -35.55 65.95
CA GLN F 46 92.37 -36.07 66.66
C GLN F 46 91.97 -36.92 67.85
N TYR F 47 91.03 -36.43 68.66
CA TYR F 47 90.57 -37.21 69.80
C TYR F 47 89.73 -38.40 69.35
N LYS F 48 89.06 -38.29 68.20
CA LYS F 48 88.26 -39.40 67.69
C LYS F 48 89.14 -40.56 67.27
N LEU F 49 90.29 -40.28 66.65
CA LEU F 49 91.21 -41.35 66.29
C LEU F 49 91.87 -41.93 67.52
N LEU F 50 92.32 -41.08 68.45
CA LEU F 50 92.86 -41.55 69.72
C LEU F 50 91.77 -41.85 70.73
N GLU F 51 90.56 -42.12 70.26
CA GLU F 51 89.46 -42.42 71.18
C GLU F 51 89.71 -43.66 72.01
N PRO F 52 90.00 -44.84 71.44
CA PRO F 52 90.13 -46.03 72.30
C PRO F 52 91.23 -45.93 73.34
N VAL F 53 92.38 -45.36 72.98
CA VAL F 53 93.50 -45.31 73.93
C VAL F 53 93.18 -44.39 75.10
N LEU F 54 92.26 -43.43 74.91
CA LEU F 54 92.04 -42.42 75.93
C LEU F 54 91.22 -42.96 77.09
N LEU F 55 90.23 -43.82 76.81
CA LEU F 55 89.51 -44.45 77.91
C LEU F 55 90.09 -45.80 78.30
N LEU F 56 91.17 -46.23 77.64
CA LEU F 56 91.77 -47.52 77.97
C LEU F 56 93.00 -47.35 78.84
N GLY F 57 93.89 -46.44 78.46
CA GLY F 57 95.05 -46.12 79.24
C GLY F 57 96.31 -46.77 78.70
N LYS F 58 97.45 -46.16 79.05
CA LYS F 58 98.75 -46.67 78.61
C LYS F 58 99.06 -48.03 79.22
N GLU F 59 98.57 -48.28 80.44
CA GLU F 59 98.99 -49.47 81.20
C GLU F 59 98.64 -50.76 80.47
N ARG F 60 97.60 -50.74 79.62
CA ARG F 60 97.28 -51.91 78.81
C ARG F 60 97.74 -51.76 77.37
N PHE F 61 98.31 -50.62 77.01
CA PHE F 61 98.90 -50.42 75.69
C PHE F 61 100.43 -50.53 75.71
N ALA F 62 101.02 -50.85 76.86
CA ALA F 62 102.47 -50.91 76.96
C ALA F 62 103.03 -52.11 76.22
N GLY F 63 102.35 -53.25 76.29
CA GLY F 63 102.89 -54.48 75.75
C GLY F 63 102.49 -54.79 74.32
N VAL F 64 102.14 -53.76 73.55
CA VAL F 64 101.67 -53.96 72.17
C VAL F 64 102.43 -53.01 71.26
N ASP F 65 102.53 -53.39 69.98
CA ASP F 65 103.25 -52.63 68.96
C ASP F 65 102.33 -52.39 67.76
N ILE F 66 101.13 -51.84 68.03
CA ILE F 66 100.13 -51.70 66.99
C ILE F 66 100.70 -50.91 65.80
N ARG F 67 100.44 -51.42 64.61
CA ARG F 67 100.97 -50.83 63.38
C ARG F 67 100.00 -51.16 62.26
N VAL F 68 99.41 -50.13 61.66
CA VAL F 68 98.26 -50.31 60.76
C VAL F 68 98.61 -49.82 59.37
N ARG F 69 98.14 -50.56 58.36
CA ARG F 69 98.23 -50.16 56.97
C ARG F 69 96.81 -49.93 56.45
N VAL F 70 96.63 -48.83 55.72
CA VAL F 70 95.32 -48.41 55.24
C VAL F 70 95.34 -48.35 53.72
N LYS F 71 94.20 -48.64 53.09
CA LYS F 71 94.08 -48.63 51.65
C LYS F 71 92.62 -48.42 51.27
N GLY F 72 92.39 -47.56 50.27
CA GLY F 72 91.06 -47.31 49.76
C GLY F 72 90.29 -46.33 50.63
N GLY F 73 89.13 -45.92 50.09
CA GLY F 73 88.25 -45.03 50.81
C GLY F 73 88.71 -43.59 50.79
N GLY F 74 88.03 -42.78 51.58
CA GLY F 74 88.36 -41.38 51.75
C GLY F 74 88.92 -41.08 53.11
N HIS F 75 89.14 -39.79 53.36
CA HIS F 75 89.81 -39.33 54.58
C HIS F 75 89.14 -39.85 55.84
N VAL F 76 87.87 -39.53 56.04
CA VAL F 76 87.16 -39.97 57.23
C VAL F 76 86.86 -41.47 57.19
N ALA F 77 86.54 -42.00 56.01
CA ALA F 77 86.31 -43.44 55.90
C ALA F 77 87.55 -44.21 56.33
N GLN F 78 88.73 -43.72 55.96
CA GLN F 78 89.97 -44.26 56.50
C GLN F 78 90.07 -44.02 58.00
N ILE F 79 89.64 -42.84 58.47
CA ILE F 79 89.89 -42.47 59.86
C ILE F 79 89.08 -43.37 60.79
N TYR F 80 87.94 -43.87 60.29
CA TYR F 80 87.13 -44.81 61.06
C TYR F 80 87.69 -46.22 60.98
N ALA F 81 88.34 -46.55 59.86
CA ALA F 81 88.89 -47.89 59.69
C ALA F 81 90.07 -48.13 60.63
N ILE F 82 90.83 -47.08 60.93
CA ILE F 82 91.97 -47.21 61.83
C ILE F 82 91.50 -47.55 63.25
N ARG F 83 90.65 -46.68 63.81
CA ARG F 83 90.17 -46.90 65.17
C ARG F 83 89.40 -48.21 65.29
N GLN F 84 88.66 -48.58 64.23
CA GLN F 84 87.96 -49.85 64.23
C GLN F 84 88.94 -51.02 64.27
N SER F 85 90.05 -50.90 63.52
CA SER F 85 91.00 -52.00 63.44
C SER F 85 91.78 -52.17 64.73
N ILE F 86 92.27 -51.06 65.31
CA ILE F 86 93.12 -51.18 66.49
C ILE F 86 92.32 -51.72 67.67
N SER F 87 91.03 -51.38 67.75
CA SER F 87 90.18 -51.95 68.80
C SER F 87 90.05 -53.46 68.63
N LYS F 88 89.81 -53.92 67.40
CA LYS F 88 89.76 -55.35 67.15
C LYS F 88 91.12 -56.01 67.37
N ALA F 89 92.20 -55.33 66.96
CA ALA F 89 93.53 -55.88 67.13
C ALA F 89 93.87 -56.06 68.60
N LEU F 90 93.52 -55.09 69.44
CA LEU F 90 93.84 -55.17 70.86
C LEU F 90 93.09 -56.32 71.52
N VAL F 91 91.78 -56.42 71.28
CA VAL F 91 90.98 -57.46 71.90
C VAL F 91 91.36 -58.83 71.35
N ALA F 92 91.73 -58.91 70.06
CA ALA F 92 92.18 -60.17 69.50
C ALA F 92 93.50 -60.62 70.14
N TYR F 93 94.43 -59.69 70.32
CA TYR F 93 95.64 -59.99 71.08
C TYR F 93 95.30 -60.32 72.53
N TYR F 94 94.41 -59.55 73.14
CA TYR F 94 94.01 -59.82 74.52
C TYR F 94 93.38 -61.20 74.68
N GLN F 95 92.53 -61.59 73.71
CA GLN F 95 91.88 -62.90 73.80
C GLN F 95 92.89 -64.04 73.63
N LYS F 96 93.93 -63.84 72.82
CA LYS F 96 94.83 -64.93 72.49
C LYS F 96 95.94 -65.12 73.53
N TYR F 97 96.66 -64.06 73.88
CA TYR F 97 97.90 -64.22 74.63
C TYR F 97 97.81 -63.90 76.11
N VAL F 98 96.69 -63.37 76.60
CA VAL F 98 96.45 -63.23 78.03
C VAL F 98 95.03 -63.70 78.32
N ASP F 99 94.66 -63.65 79.59
CA ASP F 99 93.32 -64.05 80.01
C ASP F 99 92.28 -63.15 79.36
N GLU F 100 91.23 -63.75 78.79
CA GLU F 100 90.17 -62.94 78.21
C GLU F 100 89.14 -62.50 79.24
N ALA F 101 89.28 -62.93 80.50
CA ALA F 101 88.57 -62.25 81.57
C ALA F 101 88.94 -60.77 81.59
N SER F 102 90.19 -60.48 81.24
CA SER F 102 90.58 -59.10 80.97
C SER F 102 89.99 -58.62 79.64
N LYS F 103 89.90 -59.51 78.65
CA LYS F 103 89.30 -59.12 77.37
C LYS F 103 87.80 -58.89 77.52
N LYS F 104 87.13 -59.67 78.35
CA LYS F 104 85.72 -59.42 78.60
C LYS F 104 85.54 -58.12 79.38
N GLU F 105 86.50 -57.78 80.24
CA GLU F 105 86.43 -56.52 80.97
C GLU F 105 86.83 -55.32 80.12
N ILE F 106 87.41 -55.54 78.95
CA ILE F 106 87.66 -54.44 78.03
C ILE F 106 86.65 -54.44 76.89
N LYS F 107 86.11 -55.61 76.55
CA LYS F 107 85.10 -55.69 75.50
C LYS F 107 83.83 -54.92 75.90
N ASP F 108 83.44 -55.01 77.17
CA ASP F 108 82.21 -54.35 77.60
C ASP F 108 82.30 -52.83 77.47
N ILE F 109 83.37 -52.25 78.01
CA ILE F 109 83.44 -50.79 78.13
C ILE F 109 83.44 -50.11 76.77
N LEU F 110 84.10 -50.70 75.77
CA LEU F 110 84.04 -50.12 74.43
C LEU F 110 82.83 -50.61 73.63
N ILE F 111 81.97 -51.43 74.24
CA ILE F 111 80.65 -51.70 73.65
C ILE F 111 79.61 -50.70 74.14
N GLN F 112 79.57 -50.47 75.45
CA GLN F 112 78.67 -49.45 75.97
C GLN F 112 78.98 -48.07 75.41
N TYR F 113 80.05 -47.93 74.63
CA TYR F 113 80.45 -46.64 74.09
C TYR F 113 80.91 -46.88 72.66
N ASP F 114 80.17 -46.33 71.69
CA ASP F 114 80.55 -46.37 70.28
C ASP F 114 80.75 -47.80 69.80
N ARG F 115 79.63 -48.54 69.74
CA ARG F 115 79.66 -49.92 69.31
C ARG F 115 80.41 -50.13 68.00
N THR F 116 80.61 -49.06 67.21
CA THR F 116 81.26 -49.18 65.90
C THR F 116 82.72 -49.58 65.98
N LEU F 117 83.34 -49.56 67.16
CA LEU F 117 84.76 -49.92 67.27
C LEU F 117 85.04 -51.36 66.88
N LEU F 118 84.05 -52.25 66.98
CA LEU F 118 84.21 -53.64 66.55
C LEU F 118 83.29 -54.03 65.41
N VAL F 119 82.01 -53.72 65.49
CA VAL F 119 81.06 -54.05 64.43
C VAL F 119 81.29 -53.11 63.26
N ALA F 120 81.51 -53.69 62.08
CA ALA F 120 81.79 -52.89 60.90
C ALA F 120 80.50 -52.37 60.28
N ASP F 121 80.59 -51.19 59.67
CA ASP F 121 79.42 -50.57 59.06
C ASP F 121 79.03 -51.38 57.82
N PRO F 122 77.80 -51.91 57.76
CA PRO F 122 77.41 -52.77 56.65
C PRO F 122 76.87 -52.04 55.42
N ARG F 123 76.62 -50.74 55.50
CA ARG F 123 76.06 -49.99 54.38
C ARG F 123 77.21 -49.39 53.57
N ARG F 124 77.33 -49.81 52.31
CA ARG F 124 78.40 -49.34 51.43
C ARG F 124 77.96 -48.18 50.54
N CYS F 125 76.98 -48.42 49.67
CA CYS F 125 76.48 -47.43 48.73
C CYS F 125 75.32 -48.05 47.96
N GLU F 126 74.65 -47.23 47.14
CA GLU F 126 73.53 -47.67 46.33
C GLU F 126 73.78 -47.28 44.88
N SER F 127 73.44 -48.18 43.97
CA SER F 127 73.69 -47.95 42.55
C SER F 127 72.80 -46.82 42.03
N LYS F 128 73.22 -46.24 40.90
CA LYS F 128 72.48 -45.19 40.25
C LYS F 128 71.61 -45.77 39.13
N LYS F 129 70.37 -45.29 39.04
CA LYS F 129 69.44 -45.76 38.04
C LYS F 129 69.37 -44.78 36.88
N PHE F 130 68.84 -45.26 35.76
CA PHE F 130 68.85 -44.51 34.51
C PHE F 130 67.69 -43.53 34.37
N GLY F 131 67.06 -43.12 35.46
CA GLY F 131 65.98 -42.17 35.38
C GLY F 131 66.29 -40.82 35.97
N GLY F 132 67.40 -40.73 36.71
CA GLY F 132 67.78 -39.51 37.36
C GLY F 132 69.27 -39.39 37.58
N PRO F 133 69.69 -38.31 38.23
CA PRO F 133 71.14 -38.10 38.40
C PRO F 133 71.75 -38.98 39.47
N GLY F 134 70.93 -39.51 40.39
CA GLY F 134 71.44 -40.31 41.47
C GLY F 134 70.69 -41.62 41.66
N ALA F 135 70.76 -42.18 42.87
CA ALA F 135 70.11 -43.44 43.15
C ALA F 135 68.60 -43.29 43.23
N ARG F 136 68.13 -42.47 44.18
CA ARG F 136 66.70 -42.28 44.37
C ARG F 136 66.17 -41.05 43.66
N ALA F 137 66.99 -40.02 43.45
CA ALA F 137 66.54 -38.82 42.78
C ALA F 137 66.29 -39.08 41.30
N ARG F 138 65.37 -38.31 40.74
CA ARG F 138 64.97 -38.46 39.34
C ARG F 138 65.10 -37.13 38.63
N TYR F 139 65.36 -37.19 37.32
CA TYR F 139 65.41 -35.99 36.51
C TYR F 139 64.06 -35.28 36.55
N GLN F 140 64.11 -33.95 36.66
CA GLN F 140 62.92 -33.17 36.93
C GLN F 140 61.94 -33.23 35.76
N LYS F 141 60.72 -33.65 36.07
CA LYS F 141 59.68 -33.88 35.07
C LYS F 141 58.96 -32.58 34.76
N SER F 142 58.83 -32.28 33.47
CA SER F 142 58.16 -31.06 33.01
C SER F 142 57.08 -31.46 32.01
N TYR F 143 55.83 -31.11 32.32
CA TYR F 143 54.72 -31.39 31.42
C TYR F 143 53.95 -30.15 30.99
N ARG F 144 54.24 -28.97 31.53
CA ARG F 144 53.54 -27.77 31.12
C ARG F 144 54.11 -27.22 29.82
N MET G 1 98.65 0.44 60.54
CA MET G 1 99.98 0.00 60.97
C MET G 1 100.82 1.20 61.40
N SER G 2 100.42 2.38 60.92
CA SER G 2 101.10 3.61 61.29
C SER G 2 100.33 4.32 62.40
N LEU G 3 101.02 5.24 63.08
CA LEU G 3 100.38 6.01 64.14
C LEU G 3 99.23 6.83 63.60
N VAL G 4 99.43 7.50 62.47
CA VAL G 4 98.41 8.28 61.79
C VAL G 4 98.45 7.90 60.32
N ILE G 5 97.48 8.41 59.55
CA ILE G 5 97.48 8.16 58.11
C ILE G 5 98.79 8.67 57.52
N PRO G 6 99.45 7.92 56.64
CA PRO G 6 100.67 8.44 56.01
C PRO G 6 100.42 9.80 55.37
N GLU G 7 101.38 10.71 55.56
CA GLU G 7 101.17 12.10 55.19
C GLU G 7 100.86 12.25 53.71
N LYS G 8 101.59 11.53 52.85
CA LYS G 8 101.36 11.58 51.42
C LYS G 8 100.54 10.39 50.92
N PHE G 9 99.61 9.89 51.74
CA PHE G 9 98.68 8.87 51.28
C PHE G 9 97.69 9.50 50.31
N GLN G 10 97.80 9.16 49.04
CA GLN G 10 96.92 9.71 48.02
C GLN G 10 95.65 8.86 47.95
N HIS G 11 94.51 9.47 48.26
CA HIS G 11 93.26 8.72 48.21
C HIS G 11 92.79 8.51 46.77
N ILE G 12 93.11 9.45 45.89
CA ILE G 12 92.85 9.31 44.47
C ILE G 12 94.12 9.68 43.71
N LEU G 13 94.28 9.06 42.54
CA LEU G 13 95.45 9.31 41.70
C LEU G 13 94.96 9.75 40.32
N ARG G 14 95.91 10.12 39.47
CA ARG G 14 95.62 10.54 38.10
C ARG G 14 96.60 9.90 37.13
N VAL G 15 96.84 8.60 37.32
CA VAL G 15 97.73 7.86 36.44
C VAL G 15 97.07 7.70 35.07
N LEU G 16 97.87 7.88 34.02
CA LEU G 16 97.45 7.69 32.64
C LEU G 16 96.23 8.59 32.34
N ASN G 17 95.04 8.01 32.22
CA ASN G 17 93.84 8.75 31.85
C ASN G 17 92.64 8.33 32.70
N THR G 18 92.86 8.05 33.98
CA THR G 18 91.76 7.68 34.87
C THR G 18 92.18 7.96 36.30
N ASN G 19 91.25 7.71 37.22
CA ASN G 19 91.45 7.93 38.65
C ASN G 19 91.33 6.57 39.35
N ILE G 20 92.47 5.91 39.56
CA ILE G 20 92.47 4.66 40.30
C ILE G 20 92.42 4.97 41.79
N ASP G 21 91.60 4.24 42.52
CA ASP G 21 91.38 4.53 43.94
C ASP G 21 92.61 4.12 44.73
N GLY G 22 92.96 4.93 45.74
CA GLY G 22 94.17 4.68 46.50
C GLY G 22 94.03 3.65 47.60
N ARG G 23 92.81 3.45 48.11
CA ARG G 23 92.62 2.51 49.21
C ARG G 23 92.85 1.07 48.78
N ARG G 24 92.53 0.73 47.54
CA ARG G 24 92.68 -0.63 47.06
C ARG G 24 94.16 -0.98 46.93
N LYS G 25 94.44 -2.28 46.98
CA LYS G 25 95.83 -2.75 46.96
C LYS G 25 96.47 -2.43 45.62
N ILE G 26 97.80 -2.26 45.63
CA ILE G 26 98.51 -1.79 44.44
C ILE G 26 98.34 -2.76 43.28
N ALA G 27 98.50 -4.06 43.54
CA ALA G 27 98.41 -5.04 42.46
C ALA G 27 97.04 -5.03 41.81
N PHE G 28 96.00 -4.67 42.56
CA PHE G 28 94.64 -4.60 42.05
C PHE G 28 94.17 -3.17 41.83
N ALA G 29 95.01 -2.17 42.09
CA ALA G 29 94.66 -0.80 41.78
C ALA G 29 95.11 -0.40 40.38
N ILE G 30 96.37 -0.69 40.05
CA ILE G 30 96.89 -0.41 38.72
C ILE G 30 96.16 -1.20 37.65
N THR G 31 95.61 -2.36 38.00
CA THR G 31 94.85 -3.17 37.06
C THR G 31 93.54 -2.50 36.65
N ALA G 32 93.13 -1.42 37.34
CA ALA G 32 91.88 -0.75 37.00
C ALA G 32 91.94 -0.10 35.64
N ILE G 33 93.13 0.26 35.15
CA ILE G 33 93.20 0.85 33.82
C ILE G 33 93.00 -0.25 32.78
N LYS G 34 92.51 0.15 31.61
CA LYS G 34 92.30 -0.80 30.52
C LYS G 34 93.64 -1.36 30.05
N GLY G 35 93.63 -2.62 29.66
CA GLY G 35 94.79 -3.25 29.07
C GLY G 35 95.63 -4.10 30.02
N VAL G 36 95.36 -4.05 31.32
CA VAL G 36 96.12 -4.80 32.31
C VAL G 36 95.15 -5.63 33.16
N GLY G 37 95.47 -6.90 33.33
CA GLY G 37 94.72 -7.80 34.18
C GLY G 37 95.45 -8.12 35.46
N ARG G 38 94.97 -9.16 36.14
CA ARG G 38 95.58 -9.56 37.41
C ARG G 38 97.02 -10.01 37.22
N ARG G 39 97.29 -10.77 36.16
CA ARG G 39 98.63 -11.26 35.93
C ARG G 39 99.56 -10.16 35.43
N TYR G 40 99.09 -9.32 34.51
CA TYR G 40 99.94 -8.24 33.99
C TYR G 40 100.32 -7.27 35.09
N ALA G 41 99.38 -6.94 35.98
CA ALA G 41 99.71 -6.04 37.09
C ALA G 41 100.75 -6.66 38.01
N HIS G 42 100.62 -7.97 38.27
CA HIS G 42 101.54 -8.62 39.19
C HIS G 42 102.95 -8.72 38.63
N VAL G 43 103.10 -9.05 37.35
CA VAL G 43 104.44 -9.18 36.79
C VAL G 43 105.14 -7.82 36.73
N VAL G 44 104.46 -6.80 36.21
CA VAL G 44 105.09 -5.49 36.12
C VAL G 44 105.40 -4.94 37.50
N LEU G 45 104.63 -5.35 38.51
CA LEU G 45 104.93 -4.94 39.87
C LEU G 45 106.25 -5.55 40.33
N ARG G 46 106.49 -6.82 39.98
CA ARG G 46 107.73 -7.49 40.35
C ARG G 46 108.93 -6.86 39.66
N LYS G 47 108.79 -6.51 38.38
CA LYS G 47 109.87 -5.81 37.70
C LYS G 47 110.15 -4.46 38.34
N ALA G 48 109.11 -3.84 38.90
CA ALA G 48 109.29 -2.60 39.66
C ALA G 48 110.00 -2.84 40.99
N ASP G 49 110.12 -4.10 41.42
CA ASP G 49 110.81 -4.47 42.66
C ASP G 49 110.21 -3.76 43.87
N ILE G 50 108.88 -3.74 43.92
CA ILE G 50 108.13 -3.17 45.03
C ILE G 50 107.34 -4.30 45.68
N ASP G 51 107.16 -4.21 46.99
CA ASP G 51 106.43 -5.25 47.71
C ASP G 51 104.94 -5.23 47.36
N LEU G 52 104.29 -6.38 47.54
CA LEU G 52 102.88 -6.53 47.22
C LEU G 52 101.95 -6.16 48.36
N THR G 53 102.43 -6.21 49.61
CA THR G 53 101.53 -6.05 50.75
C THR G 53 101.07 -4.61 50.95
N LYS G 54 101.66 -3.64 50.26
CA LYS G 54 101.30 -2.25 50.51
C LYS G 54 100.12 -1.85 49.62
N ARG G 55 99.56 -0.68 49.90
CA ARG G 55 98.41 -0.18 49.16
C ARG G 55 98.89 0.73 48.04
N ALA G 56 97.93 1.24 47.26
CA ALA G 56 98.26 2.18 46.20
C ALA G 56 98.52 3.57 46.74
N GLY G 57 97.88 3.94 47.84
CA GLY G 57 97.96 5.31 48.33
C GLY G 57 99.35 5.69 48.81
N GLU G 58 99.99 4.83 49.59
CA GLU G 58 101.29 5.17 50.16
C GLU G 58 102.44 4.97 49.18
N LEU G 59 102.17 4.44 48.00
CA LEU G 59 103.19 4.31 46.96
C LEU G 59 103.68 5.71 46.60
N THR G 60 104.92 6.02 46.95
CA THR G 60 105.44 7.37 46.85
C THR G 60 105.77 7.70 45.40
N GLU G 61 106.33 8.90 45.18
CA GLU G 61 106.46 9.45 43.84
C GLU G 61 107.36 8.60 42.95
N ASP G 62 108.46 8.08 43.49
CA ASP G 62 109.44 7.38 42.65
C ASP G 62 108.82 6.16 41.99
N GLU G 63 108.00 5.41 42.73
CA GLU G 63 107.38 4.22 42.14
C GLU G 63 106.17 4.59 41.29
N VAL G 64 105.74 5.85 41.30
CA VAL G 64 104.61 6.25 40.45
C VAL G 64 104.97 6.10 38.98
N GLU G 65 106.14 6.61 38.59
CA GLU G 65 106.53 6.56 37.19
C GLU G 65 107.45 5.38 36.88
N ARG G 66 107.99 4.70 37.88
CA ARG G 66 108.79 3.51 37.60
C ARG G 66 107.92 2.42 36.98
N VAL G 67 106.67 2.30 37.43
CA VAL G 67 105.77 1.32 36.84
C VAL G 67 105.37 1.72 35.43
N ILE G 68 105.16 3.02 35.18
CA ILE G 68 104.68 3.49 33.90
C ILE G 68 105.67 3.14 32.79
N THR G 69 106.97 3.35 33.05
CA THR G 69 107.98 2.93 32.10
C THR G 69 108.01 1.42 31.91
N ILE G 70 107.59 0.65 32.92
CA ILE G 70 107.59 -0.81 32.80
C ILE G 70 106.58 -1.25 31.74
N MET G 71 105.36 -0.70 31.80
CA MET G 71 104.23 -1.24 31.08
C MET G 71 103.86 -0.48 29.80
N GLN G 72 104.73 0.42 29.31
CA GLN G 72 104.55 0.92 27.96
C GLN G 72 105.65 0.42 27.01
N ASN G 73 106.78 -0.02 27.55
CA ASN G 73 107.83 -0.69 26.77
C ASN G 73 108.24 -1.98 27.47
N PRO G 74 107.35 -2.98 27.50
CA PRO G 74 107.68 -4.24 28.18
C PRO G 74 108.89 -4.96 27.58
N ARG G 75 109.08 -4.80 26.26
CA ARG G 75 110.03 -5.62 25.54
C ARG G 75 111.44 -5.49 26.10
N GLN G 76 111.93 -4.26 26.24
CA GLN G 76 113.27 -4.04 26.75
C GLN G 76 113.35 -4.17 28.27
N TYR G 77 112.23 -4.34 28.95
CA TYR G 77 112.18 -4.46 30.40
C TYR G 77 111.92 -5.89 30.84
N LYS G 78 112.25 -6.85 29.98
CA LYS G 78 112.25 -8.27 30.31
C LYS G 78 110.86 -8.77 30.71
N ILE G 79 109.85 -8.37 29.95
CA ILE G 79 108.53 -8.98 30.02
C ILE G 79 108.44 -9.99 28.89
N PRO G 80 107.98 -11.21 29.15
CA PRO G 80 108.00 -12.26 28.12
C PRO G 80 107.11 -11.91 26.93
N ASP G 81 107.51 -12.45 25.78
CA ASP G 81 106.77 -12.18 24.55
C ASP G 81 105.36 -12.75 24.58
N TRP G 82 105.12 -13.74 25.44
CA TRP G 82 103.81 -14.37 25.51
C TRP G 82 102.79 -13.52 26.25
N PHE G 83 103.22 -12.44 26.90
CA PHE G 83 102.39 -11.69 27.83
C PHE G 83 101.65 -10.53 27.20
N LEU G 84 102.10 -10.07 26.03
CA LEU G 84 101.59 -8.80 25.49
C LEU G 84 100.18 -8.97 24.92
N ASN G 85 99.48 -7.83 24.83
CA ASN G 85 98.13 -7.81 24.27
C ASN G 85 98.17 -7.79 22.76
N ARG G 86 98.78 -6.77 22.18
CA ARG G 86 98.86 -6.62 20.72
C ARG G 86 100.12 -7.28 20.17
N GLN G 87 100.25 -8.58 20.41
CA GLN G 87 101.34 -9.35 19.82
C GLN G 87 101.15 -9.45 18.32
N LYS G 88 102.23 -9.24 17.57
CA LYS G 88 102.20 -9.33 16.10
C LYS G 88 101.04 -8.50 15.53
N ASP G 89 101.14 -7.19 15.71
CA ASP G 89 100.04 -6.31 15.37
C ASP G 89 99.72 -6.40 13.89
N VAL G 90 98.44 -6.21 13.58
CA VAL G 90 97.90 -6.47 12.25
C VAL G 90 98.34 -5.39 11.27
N LYS G 91 98.93 -4.31 11.78
CA LYS G 91 99.39 -3.20 10.94
C LYS G 91 100.89 -2.99 11.05
N ASP G 92 101.46 -3.02 12.26
CA ASP G 92 102.86 -2.68 12.49
C ASP G 92 103.71 -3.87 12.93
N GLY G 93 103.12 -4.87 13.57
CA GLY G 93 103.84 -6.09 13.90
C GLY G 93 104.84 -5.99 15.04
N LYS G 94 104.72 -4.99 15.90
CA LYS G 94 105.58 -4.86 17.06
C LYS G 94 104.91 -5.54 18.25
N TYR G 95 105.68 -6.31 19.00
CA TYR G 95 105.18 -6.98 20.19
C TYR G 95 104.98 -5.93 21.28
N SER G 96 103.74 -5.46 21.45
CA SER G 96 103.50 -4.34 22.34
C SER G 96 102.17 -4.52 23.06
N GLN G 97 102.11 -4.06 24.30
CA GLN G 97 100.90 -4.09 25.10
C GLN G 97 100.29 -2.69 25.11
N VAL G 98 99.07 -2.57 24.60
CA VAL G 98 98.33 -1.32 24.60
C VAL G 98 97.42 -1.29 25.83
N LEU G 99 97.37 -0.13 26.49
CA LEU G 99 96.98 -0.06 27.89
C LEU G 99 96.16 1.19 28.19
N ALA G 100 95.54 1.79 27.18
CA ALA G 100 94.98 3.11 27.41
C ALA G 100 93.73 3.28 26.55
N ASN G 101 93.30 4.54 26.37
CA ASN G 101 92.33 4.84 25.33
C ASN G 101 92.87 4.45 23.96
N GLY G 102 94.19 4.30 23.85
CA GLY G 102 94.74 3.65 22.68
C GLY G 102 94.15 2.27 22.47
N LEU G 103 94.04 1.49 23.55
CA LEU G 103 93.35 0.20 23.43
C LEU G 103 91.91 0.41 23.00
N ASP G 104 91.28 1.48 23.49
CA ASP G 104 89.90 1.77 23.10
C ASP G 104 89.81 2.06 21.60
N ASN G 105 90.75 2.81 21.05
CA ASN G 105 90.67 3.06 19.62
C ASN G 105 91.38 1.98 18.80
N LYS G 106 92.38 1.28 19.37
CA LYS G 106 92.89 0.10 18.67
C LYS G 106 91.82 -0.95 18.48
N LEU G 107 91.11 -1.32 19.54
CA LEU G 107 89.97 -2.22 19.38
C LEU G 107 88.98 -1.64 18.38
N ARG G 108 88.79 -0.32 18.41
CA ARG G 108 87.96 0.34 17.43
C ARG G 108 88.52 0.21 16.01
N GLU G 109 89.84 0.09 15.88
CA GLU G 109 90.42 -0.10 14.55
C GLU G 109 89.97 -1.41 13.92
N ASP G 110 89.90 -2.50 14.72
CA ASP G 110 89.48 -3.78 14.16
C ASP G 110 88.07 -3.72 13.62
N LEU G 111 87.13 -3.13 14.37
CA LEU G 111 85.75 -3.12 13.92
C LEU G 111 85.60 -2.45 12.56
N GLU G 112 86.29 -1.33 12.34
CA GLU G 112 86.20 -0.67 11.04
C GLU G 112 86.94 -1.44 9.95
N ARG G 113 88.18 -1.89 10.22
CA ARG G 113 88.96 -2.54 9.17
C ARG G 113 88.26 -3.80 8.68
N LEU G 114 87.63 -4.56 9.60
CA LEU G 114 86.79 -5.67 9.17
C LEU G 114 85.54 -5.16 8.45
N LYS G 115 84.97 -4.05 8.92
CA LYS G 115 83.83 -3.45 8.23
C LYS G 115 84.22 -2.93 6.85
N LYS G 116 85.38 -2.28 6.74
CA LYS G 116 85.81 -1.76 5.45
C LYS G 116 86.13 -2.87 4.45
N ILE G 117 86.41 -4.08 4.95
CA ILE G 117 86.70 -5.20 4.06
C ILE G 117 85.47 -6.08 3.85
N ARG G 118 84.35 -5.76 4.50
CA ARG G 118 83.11 -6.53 4.36
C ARG G 118 83.31 -8.00 4.71
N ALA G 119 84.10 -8.25 5.75
CA ALA G 119 84.22 -9.60 6.29
C ALA G 119 82.97 -9.97 7.06
N HIS G 120 82.62 -11.26 7.03
CA HIS G 120 81.44 -11.74 7.74
C HIS G 120 81.51 -11.40 9.22
N ARG G 121 82.71 -11.44 9.80
CA ARG G 121 82.86 -11.04 11.20
C ARG G 121 82.55 -9.57 11.39
N GLY G 122 83.02 -8.71 10.48
CA GLY G 122 82.74 -7.29 10.60
C GLY G 122 81.27 -6.96 10.44
N LEU G 123 80.60 -7.63 9.51
CA LEU G 123 79.17 -7.41 9.30
C LEU G 123 78.37 -7.81 10.53
N ARG G 124 78.72 -8.93 11.16
CA ARG G 124 78.04 -9.33 12.38
C ARG G 124 78.35 -8.37 13.52
N HIS G 125 79.58 -7.84 13.57
CA HIS G 125 79.87 -6.78 14.51
C HIS G 125 78.99 -5.56 14.26
N PHE G 126 78.82 -5.20 12.98
CA PHE G 126 78.01 -4.04 12.62
C PHE G 126 76.55 -4.25 13.00
N TRP G 127 76.01 -5.43 12.70
CA TRP G 127 74.62 -5.73 13.00
C TRP G 127 74.37 -6.01 14.48
N GLY G 128 75.42 -6.05 15.30
CA GLY G 128 75.28 -6.29 16.72
C GLY G 128 75.14 -7.75 17.12
N LEU G 129 75.25 -8.67 16.16
CA LEU G 129 75.11 -10.08 16.43
C LEU G 129 76.41 -10.67 16.97
N ARG G 130 76.32 -11.91 17.45
CA ARG G 130 77.51 -12.60 17.94
C ARG G 130 78.43 -12.93 16.77
N VAL G 131 79.74 -12.85 17.02
CA VAL G 131 80.74 -12.93 15.97
C VAL G 131 81.57 -14.21 16.00
N ARG G 132 81.48 -15.00 17.08
CA ARG G 132 82.32 -16.17 17.25
C ARG G 132 81.58 -17.47 16.98
N GLY G 133 80.42 -17.41 16.33
CA GLY G 133 79.68 -18.60 15.95
C GLY G 133 78.68 -19.11 16.97
N GLN G 134 78.19 -18.27 17.85
CA GLN G 134 77.26 -18.69 18.88
C GLN G 134 75.89 -19.02 18.29
N HIS G 135 74.96 -19.39 19.17
CA HIS G 135 73.57 -19.61 18.80
C HIS G 135 72.75 -18.44 19.31
N THR G 136 71.98 -17.82 18.42
CA THR G 136 71.19 -16.65 18.76
C THR G 136 69.70 -16.95 18.80
N LYS G 137 69.30 -18.22 18.75
CA LYS G 137 67.88 -18.55 18.79
C LYS G 137 67.24 -18.15 20.10
N THR G 138 67.90 -18.43 21.22
CA THR G 138 67.31 -18.24 22.54
C THR G 138 68.21 -17.47 23.50
N THR G 139 69.24 -16.78 23.00
CA THR G 139 70.12 -16.00 23.85
C THR G 139 70.34 -14.64 23.21
N GLY G 140 70.95 -13.74 23.99
CA GLY G 140 71.20 -12.40 23.51
C GLY G 140 69.97 -11.54 23.36
N ARG G 141 68.84 -11.94 23.97
CA ARG G 141 67.60 -11.21 23.80
C ARG G 141 67.62 -9.87 24.53
N ARG G 142 68.49 -9.72 25.54
CA ARG G 142 68.48 -8.52 26.36
C ARG G 142 69.03 -7.31 25.62
N GLY G 143 69.78 -7.50 24.54
CA GLY G 143 70.36 -6.38 23.83
C GLY G 143 69.37 -5.67 22.92
N ARG G 144 68.37 -6.39 22.43
CA ARG G 144 67.34 -5.80 21.60
C ARG G 144 66.10 -5.42 22.39
N THR G 145 65.70 -6.26 23.35
CA THR G 145 64.53 -6.00 24.18
C THR G 145 64.80 -6.39 25.63
N PRO H 1 116.89 -40.74 69.42
CA PRO H 1 115.56 -41.07 68.91
C PRO H 1 115.32 -40.53 67.50
N GLY H 2 114.64 -41.31 66.66
CA GLY H 2 114.28 -40.91 65.32
C GLY H 2 115.50 -40.49 64.51
N VAL H 3 115.31 -39.51 63.63
CA VAL H 3 114.05 -38.84 63.31
C VAL H 3 113.87 -38.80 61.80
N THR H 4 112.81 -39.44 61.32
CA THR H 4 112.52 -39.43 59.89
C THR H 4 111.50 -38.33 59.57
N VAL H 5 111.15 -38.20 58.30
CA VAL H 5 110.15 -37.19 57.91
C VAL H 5 108.74 -37.64 58.24
N LYS H 6 108.53 -38.92 58.55
CA LYS H 6 107.19 -39.41 58.82
C LYS H 6 106.67 -38.93 60.17
N ASP H 7 107.53 -38.78 61.16
CA ASP H 7 107.12 -38.41 62.51
C ASP H 7 107.10 -36.91 62.75
N VAL H 8 107.27 -36.10 61.70
CA VAL H 8 107.16 -34.66 61.80
C VAL H 8 106.01 -34.20 60.90
N ASN H 9 105.26 -33.20 61.37
CA ASN H 9 104.21 -32.61 60.57
C ASN H 9 104.79 -32.15 59.24
N GLN H 10 104.27 -32.70 58.14
CA GLN H 10 104.82 -32.38 56.82
C GLN H 10 104.59 -30.92 56.45
N GLN H 11 103.54 -30.30 56.98
CA GLN H 11 103.28 -28.89 56.68
C GLN H 11 104.38 -28.01 57.22
N GLU H 12 104.78 -28.21 58.48
CA GLU H 12 105.88 -27.46 59.04
C GLU H 12 107.22 -27.91 58.50
N PHE H 13 107.36 -29.19 58.22
CA PHE H 13 108.62 -29.73 57.70
C PHE H 13 108.96 -29.13 56.34
N VAL H 14 107.98 -29.06 55.44
CA VAL H 14 108.24 -28.55 54.11
C VAL H 14 108.60 -27.07 54.17
N ARG H 15 108.01 -26.34 55.13
CA ARG H 15 108.42 -24.96 55.36
C ARG H 15 109.86 -24.88 55.84
N ALA H 16 110.24 -25.78 56.76
CA ALA H 16 111.57 -25.75 57.33
C ALA H 16 112.64 -26.04 56.29
N LEU H 17 112.41 -27.05 55.45
CA LEU H 17 113.46 -27.47 54.53
C LEU H 17 113.57 -26.49 53.37
N ALA H 18 112.46 -25.87 52.97
CA ALA H 18 112.51 -24.80 51.98
C ALA H 18 113.38 -23.65 52.45
N ALA H 19 113.37 -23.38 53.76
CA ALA H 19 114.29 -22.39 54.31
C ALA H 19 115.73 -22.83 54.14
N PHE H 20 115.98 -24.14 54.21
CA PHE H 20 117.33 -24.68 54.05
C PHE H 20 117.89 -24.36 52.67
N LEU H 21 117.10 -24.57 51.60
CA LEU H 21 117.59 -24.19 50.28
C LEU H 21 117.70 -22.67 50.15
N LYS H 22 116.83 -21.92 50.82
CA LYS H 22 116.98 -20.47 50.82
C LYS H 22 118.26 -20.07 51.54
N LYS H 23 118.57 -20.73 52.66
CA LYS H 23 119.80 -20.42 53.39
C LYS H 23 121.02 -20.81 52.57
N SER H 24 121.04 -22.05 52.07
CA SER H 24 122.19 -22.55 51.31
C SER H 24 121.85 -22.44 49.82
N GLY H 25 121.93 -21.21 49.32
CA GLY H 25 121.57 -20.99 47.94
C GLY H 25 122.56 -21.61 46.96
N LYS H 26 122.18 -22.76 46.41
CA LYS H 26 122.87 -23.35 45.26
C LYS H 26 121.90 -23.91 44.24
N LEU H 27 120.62 -24.03 44.56
CA LEU H 27 119.62 -24.51 43.63
C LEU H 27 119.44 -23.52 42.49
N LYS H 28 119.85 -23.90 41.29
CA LYS H 28 119.83 -22.97 40.16
C LYS H 28 118.37 -22.65 39.84
N VAL H 29 118.05 -21.36 39.86
CA VAL H 29 116.69 -20.92 39.55
C VAL H 29 116.63 -20.45 38.10
N PRO H 30 115.66 -20.89 37.31
CA PRO H 30 115.56 -20.42 35.93
C PRO H 30 115.23 -18.94 35.87
N GLU H 31 115.32 -18.39 34.66
CA GLU H 31 115.06 -16.97 34.46
C GLU H 31 113.61 -16.63 34.79
N TRP H 32 112.68 -17.52 34.42
CA TRP H 32 111.26 -17.26 34.46
C TRP H 32 110.63 -17.47 35.84
N VAL H 33 111.42 -17.53 36.91
CA VAL H 33 110.88 -17.79 38.24
C VAL H 33 109.85 -16.74 38.66
N ASP H 34 109.79 -15.61 37.95
CA ASP H 34 108.78 -14.61 38.23
C ASP H 34 107.54 -14.77 37.35
N THR H 35 107.67 -15.46 36.21
CA THR H 35 106.58 -15.57 35.23
C THR H 35 106.47 -17.01 34.75
N VAL H 36 105.68 -17.82 35.45
CA VAL H 36 105.30 -19.14 34.96
C VAL H 36 103.79 -19.36 34.94
N LYS H 37 103.05 -18.74 35.84
CA LYS H 37 101.62 -18.91 36.07
C LYS H 37 101.34 -20.29 36.69
N LEU H 38 102.37 -21.13 36.76
CA LEU H 38 102.47 -22.23 37.71
C LEU H 38 101.27 -23.18 37.79
N ALA H 39 101.18 -24.15 36.87
CA ALA H 39 100.11 -25.15 36.84
C ALA H 39 98.80 -24.57 36.30
N LYS H 40 98.76 -24.52 34.97
CA LYS H 40 97.80 -23.85 34.10
C LYS H 40 96.40 -23.70 34.67
N HIS H 41 95.87 -24.73 35.31
CA HIS H 41 94.59 -24.62 36.00
C HIS H 41 94.58 -23.45 36.98
N LYS H 42 95.76 -23.02 37.43
CA LYS H 42 95.89 -21.88 38.32
C LYS H 42 96.08 -20.59 37.51
N GLU H 43 95.74 -19.48 38.15
CA GLU H 43 96.07 -18.14 37.66
C GLU H 43 96.55 -17.32 38.85
N LEU H 44 96.96 -16.08 38.60
CA LEU H 44 97.46 -15.21 39.66
C LEU H 44 98.68 -15.84 40.34
N ALA H 45 99.78 -15.88 39.59
CA ALA H 45 101.03 -16.57 39.91
C ALA H 45 101.39 -16.46 41.39
N PRO H 46 101.99 -17.51 41.97
CA PRO H 46 101.99 -17.68 43.42
C PRO H 46 102.42 -16.46 44.21
N TYR H 47 101.82 -16.32 45.40
CA TYR H 47 102.04 -15.16 46.25
C TYR H 47 103.51 -15.04 46.66
N ASP H 48 104.08 -16.12 47.16
CA ASP H 48 105.46 -16.10 47.63
C ASP H 48 106.41 -16.10 46.44
N GLU H 49 107.33 -15.14 46.42
CA GLU H 49 108.33 -15.10 45.35
C GLU H 49 109.35 -16.21 45.48
N ASN H 50 109.42 -16.86 46.64
CA ASN H 50 110.23 -18.04 46.83
C ASN H 50 109.49 -19.33 46.50
N TRP H 51 108.50 -19.25 45.61
CA TRP H 51 107.65 -20.41 45.34
C TRP H 51 108.45 -21.57 44.76
N PHE H 52 109.60 -21.28 44.15
CA PHE H 52 110.41 -22.36 43.58
C PHE H 52 111.11 -23.13 44.70
N TYR H 53 111.46 -22.45 45.79
CA TYR H 53 112.09 -23.14 46.91
C TYR H 53 111.09 -23.98 47.70
N THR H 54 109.87 -23.48 47.91
CA THR H 54 108.88 -24.31 48.59
C THR H 54 108.45 -25.47 47.69
N ARG H 55 108.38 -25.23 46.38
CA ARG H 55 108.17 -26.34 45.44
C ARG H 55 109.31 -27.34 45.51
N ALA H 56 110.55 -26.87 45.51
CA ALA H 56 111.70 -27.76 45.59
C ALA H 56 111.70 -28.52 46.92
N ALA H 57 111.36 -27.83 48.01
CA ALA H 57 111.21 -28.53 49.28
C ALA H 57 110.12 -29.58 49.19
N SER H 58 109.00 -29.24 48.54
CA SER H 58 107.87 -30.14 48.48
C SER H 58 108.16 -31.38 47.65
N THR H 59 108.72 -31.20 46.45
CA THR H 59 108.97 -32.34 45.58
C THR H 59 110.05 -33.27 46.15
N ALA H 60 111.01 -32.69 46.88
CA ALA H 60 112.02 -33.53 47.53
C ALA H 60 111.39 -34.43 48.59
N ARG H 61 110.49 -33.86 49.40
CA ARG H 61 109.79 -34.67 50.39
C ARG H 61 108.91 -35.72 49.74
N HIS H 62 108.20 -35.34 48.67
CA HIS H 62 107.31 -36.28 48.00
C HIS H 62 108.08 -37.48 47.46
N LEU H 63 109.22 -37.23 46.85
CA LEU H 63 109.99 -38.33 46.26
C LEU H 63 110.53 -39.25 47.35
N TYR H 64 110.96 -38.68 48.47
CA TYR H 64 111.43 -39.50 49.59
C TYR H 64 110.36 -40.49 50.03
N LEU H 65 109.09 -40.11 49.89
CA LEU H 65 108.00 -41.01 50.25
C LEU H 65 107.76 -42.04 49.15
N ARG H 66 107.42 -41.58 47.95
CA ARG H 66 107.10 -42.43 46.81
C ARG H 66 108.13 -42.16 45.71
N GLY H 67 109.24 -42.88 45.76
CA GLY H 67 110.31 -42.67 44.81
C GLY H 67 110.00 -43.28 43.45
N GLY H 68 110.98 -43.17 42.56
CA GLY H 68 110.84 -43.67 41.21
C GLY H 68 109.76 -42.96 40.42
N ALA H 69 109.74 -41.62 40.51
CA ALA H 69 108.72 -40.81 39.86
C ALA H 69 109.38 -39.86 38.86
N GLY H 70 108.68 -39.61 37.76
CA GLY H 70 109.15 -38.72 36.72
C GLY H 70 108.41 -37.39 36.71
N VAL H 71 108.65 -36.64 35.63
CA VAL H 71 108.03 -35.32 35.49
C VAL H 71 106.51 -35.45 35.42
N GLY H 72 106.01 -36.41 34.64
CA GLY H 72 104.58 -36.59 34.51
C GLY H 72 103.91 -36.95 35.82
N SER H 73 104.59 -37.75 36.65
CA SER H 73 104.07 -38.05 37.98
C SER H 73 104.03 -36.79 38.85
N MET H 74 105.06 -35.94 38.74
CA MET H 74 105.09 -34.71 39.50
C MET H 74 103.93 -33.79 39.11
N THR H 75 103.64 -33.69 37.80
CA THR H 75 102.57 -32.81 37.35
C THR H 75 101.20 -33.30 37.85
N LYS H 76 101.01 -34.61 37.97
CA LYS H 76 99.77 -35.13 38.52
C LYS H 76 99.64 -34.80 40.00
N ILE H 77 100.72 -34.89 40.76
CA ILE H 77 100.67 -34.63 42.19
C ILE H 77 100.24 -33.19 42.45
N TYR H 78 100.76 -32.25 41.66
CA TYR H 78 100.49 -30.85 41.87
C TYR H 78 99.32 -30.36 41.06
N GLY H 79 98.79 -31.20 40.18
CA GLY H 79 97.58 -30.85 39.46
C GLY H 79 96.43 -30.58 40.40
N GLY H 80 95.73 -29.48 40.15
CA GLY H 80 94.56 -29.13 40.91
C GLY H 80 93.35 -29.10 40.02
N ARG H 81 92.27 -28.47 40.47
CA ARG H 81 91.05 -28.39 39.67
C ARG H 81 91.10 -27.14 38.80
N GLN H 82 90.79 -27.32 37.52
CA GLN H 82 90.67 -26.20 36.60
C GLN H 82 89.20 -25.77 36.56
N ARG H 83 88.95 -24.54 36.99
CA ARG H 83 87.59 -24.00 36.94
C ARG H 83 87.33 -23.46 35.55
N ASN H 84 86.57 -24.21 34.75
CA ASN H 84 86.30 -23.85 33.36
C ASN H 84 85.40 -22.65 33.21
N GLY H 85 85.04 -21.98 34.29
CA GLY H 85 84.16 -20.82 34.21
C GLY H 85 82.69 -21.23 34.14
N VAL H 86 82.08 -21.03 32.98
CA VAL H 86 80.68 -21.41 32.80
C VAL H 86 80.56 -22.93 32.63
N MET H 87 81.62 -23.58 32.16
CA MET H 87 81.63 -25.03 32.09
C MET H 87 82.01 -25.61 33.46
N PRO H 88 81.48 -26.79 33.81
CA PRO H 88 81.84 -27.39 35.10
C PRO H 88 83.33 -27.64 35.22
N SER H 89 83.84 -27.50 36.44
CA SER H 89 85.26 -27.62 36.69
C SER H 89 85.73 -29.07 36.55
N HIS H 90 86.98 -29.23 36.12
CA HIS H 90 87.60 -30.54 35.94
C HIS H 90 88.94 -30.58 36.65
N PHE H 91 89.72 -31.64 36.42
CA PHE H 91 91.06 -31.77 36.97
C PHE H 91 92.08 -31.56 35.86
N SER H 92 93.10 -30.77 36.15
CA SER H 92 94.19 -30.52 35.21
C SER H 92 95.52 -30.61 35.94
N ARG H 93 96.53 -31.10 35.23
CA ARG H 93 97.85 -31.29 35.81
C ARG H 93 98.63 -29.98 35.84
N GLY H 94 99.71 -29.97 36.60
CA GLY H 94 100.57 -28.81 36.67
C GLY H 94 101.42 -28.66 35.44
N SER H 95 102.11 -27.52 35.36
CA SER H 95 103.01 -27.26 34.24
C SER H 95 104.20 -28.21 34.30
N LYS H 96 104.62 -28.69 33.13
CA LYS H 96 105.72 -29.65 33.08
C LYS H 96 107.09 -28.98 33.18
N SER H 97 107.23 -27.74 32.70
CA SER H 97 108.53 -27.09 32.70
C SER H 97 109.02 -26.82 34.12
N VAL H 98 108.14 -26.34 35.00
CA VAL H 98 108.55 -26.05 36.37
C VAL H 98 108.96 -27.33 37.08
N ALA H 99 108.15 -28.39 36.93
CA ALA H 99 108.51 -29.67 37.54
C ALA H 99 109.76 -30.24 36.89
N ARG H 100 109.93 -30.05 35.58
CA ARG H 100 111.15 -30.48 34.93
C ARG H 100 112.36 -29.70 35.45
N ARG H 101 112.22 -28.38 35.58
CA ARG H 101 113.34 -27.55 36.00
C ARG H 101 113.77 -27.87 37.44
N VAL H 102 112.80 -27.99 38.34
CA VAL H 102 113.14 -28.34 39.72
C VAL H 102 113.76 -29.72 39.79
N LEU H 103 113.29 -30.66 38.98
CA LEU H 103 113.86 -32.01 39.00
C LEU H 103 115.33 -32.00 38.62
N GLN H 104 115.69 -31.24 37.57
CA GLN H 104 117.11 -31.03 37.26
C GLN H 104 117.80 -30.14 38.30
N ALA H 105 117.06 -29.26 38.97
CA ALA H 105 117.68 -28.41 39.98
C ALA H 105 118.24 -29.24 41.14
N LEU H 106 117.49 -30.23 41.60
CA LEU H 106 118.01 -31.15 42.62
C LEU H 106 119.18 -31.98 42.08
N GLU H 107 119.23 -32.21 40.76
CA GLU H 107 120.38 -32.92 40.20
C GLU H 107 121.67 -32.11 40.39
N GLY H 108 121.61 -30.80 40.16
CA GLY H 108 122.80 -29.98 40.32
C GLY H 108 123.34 -29.98 41.73
N LEU H 109 122.47 -30.23 42.71
CA LEU H 109 122.86 -30.41 44.11
C LEU H 109 123.14 -31.86 44.47
N LYS H 110 122.97 -32.80 43.53
CA LYS H 110 123.29 -34.20 43.75
C LYS H 110 122.45 -34.82 44.87
N MET H 111 121.21 -34.36 45.05
CA MET H 111 120.27 -35.08 45.92
C MET H 111 119.53 -36.21 45.21
N VAL H 112 119.32 -36.13 43.90
CA VAL H 112 118.57 -37.14 43.16
C VAL H 112 119.39 -37.57 41.96
N GLU H 113 119.09 -38.78 41.47
CA GLU H 113 119.79 -39.32 40.32
C GLU H 113 118.88 -40.23 39.52
N LYS H 114 119.17 -40.36 38.23
CA LYS H 114 118.44 -41.27 37.36
C LYS H 114 118.68 -42.71 37.78
N ASP H 115 117.74 -43.58 37.44
CA ASP H 115 117.78 -44.98 37.84
C ASP H 115 117.66 -45.90 36.63
N GLN H 116 117.76 -47.20 36.91
CA GLN H 116 117.60 -48.20 35.85
C GLN H 116 116.19 -48.17 35.27
N ASP H 117 115.20 -47.81 36.09
CA ASP H 117 113.84 -47.63 35.60
C ASP H 117 113.53 -46.15 35.45
N GLY H 118 112.43 -45.86 34.76
CA GLY H 118 112.01 -44.49 34.53
C GLY H 118 111.80 -43.71 35.81
N GLY H 119 112.22 -42.46 35.84
CA GLY H 119 112.15 -41.63 37.02
C GLY H 119 113.49 -41.53 37.73
N ARG H 120 113.48 -40.79 38.83
CA ARG H 120 114.67 -40.56 39.63
C ARG H 120 114.32 -40.69 41.11
N LYS H 121 115.30 -41.11 41.91
CA LYS H 121 115.07 -41.29 43.33
C LYS H 121 116.24 -40.70 44.12
N LEU H 122 115.95 -40.36 45.37
CA LEU H 122 116.93 -39.74 46.25
C LEU H 122 118.14 -40.64 46.47
N THR H 123 119.32 -40.05 46.41
CA THR H 123 120.56 -40.74 46.72
C THR H 123 120.77 -40.82 48.24
N PRO H 124 121.55 -41.80 48.71
CA PRO H 124 121.84 -41.91 50.15
C PRO H 124 122.12 -40.59 50.84
N GLN H 125 123.02 -39.78 50.29
CA GLN H 125 123.27 -38.46 50.86
C GLN H 125 122.07 -37.54 50.67
N GLY H 126 121.36 -37.70 49.55
CA GLY H 126 120.23 -36.83 49.27
C GLY H 126 119.14 -36.94 50.33
N GLN H 127 118.85 -38.16 50.77
CA GLN H 127 117.90 -38.33 51.85
C GLN H 127 118.55 -38.11 53.22
N ARG H 128 119.89 -38.01 53.27
CA ARG H 128 120.55 -37.75 54.54
C ARG H 128 120.19 -36.37 55.08
N ASP H 129 120.37 -35.32 54.26
CA ASP H 129 120.02 -33.98 54.70
C ASP H 129 118.53 -33.87 55.01
N LEU H 130 117.70 -34.63 54.31
CA LEU H 130 116.26 -34.59 54.54
C LEU H 130 115.93 -35.08 55.94
N ASP H 131 116.66 -36.08 56.44
CA ASP H 131 116.46 -36.55 57.80
C ASP H 131 117.12 -35.61 58.82
N ARG H 132 118.23 -34.96 58.45
CA ARG H 132 118.80 -33.95 59.34
C ARG H 132 117.80 -32.82 59.56
N ILE H 133 117.19 -32.33 58.49
CA ILE H 133 116.17 -31.29 58.61
C ILE H 133 114.97 -31.82 59.39
N ALA H 134 114.56 -33.06 59.13
CA ALA H 134 113.43 -33.64 59.85
C ALA H 134 113.70 -33.66 61.36
N GLY H 135 114.93 -33.96 61.76
CA GLY H 135 115.29 -33.84 63.15
C GLY H 135 115.29 -32.40 63.63
N GLN H 136 115.75 -31.48 62.76
CA GLN H 136 115.81 -30.07 63.13
C GLN H 136 114.42 -29.51 63.42
N VAL H 137 113.46 -29.76 62.52
CA VAL H 137 112.11 -29.23 62.71
C VAL H 137 111.43 -29.89 63.90
N ALA H 138 111.64 -31.19 64.09
CA ALA H 138 111.00 -31.89 65.21
C ALA H 138 111.45 -31.32 66.54
N ALA H 139 112.76 -31.12 66.71
CA ALA H 139 113.25 -30.54 67.97
C ALA H 139 112.73 -29.13 68.17
N ALA H 140 112.65 -28.35 67.10
CA ALA H 140 112.01 -27.04 67.18
C ALA H 140 110.53 -27.17 67.49
N ASN H 141 109.85 -28.10 66.81
CA ASN H 141 108.42 -28.32 67.06
C ASN H 141 108.18 -28.89 68.45
N LYS H 142 109.03 -29.83 68.88
CA LYS H 142 108.84 -30.46 70.18
C LYS H 142 108.92 -29.44 71.31
N LYS H 143 109.87 -28.51 71.21
CA LYS H 143 109.97 -27.43 72.18
C LYS H 143 110.28 -26.10 71.47
CA ALA I 1 112.58 -83.21 30.78
C ALA I 1 111.68 -82.33 31.64
N ILE I 2 112.08 -82.11 32.89
CA ILE I 2 111.27 -81.34 33.83
C ILE I 2 111.09 -79.92 33.29
N HIS I 3 109.84 -79.50 33.13
CA HIS I 3 109.50 -78.21 32.56
C HIS I 3 108.48 -77.49 33.42
N ARG I 4 108.74 -76.20 33.68
CA ARG I 4 107.85 -75.35 34.47
C ARG I 4 106.75 -74.80 33.57
N ILE I 5 105.86 -75.70 33.16
CA ILE I 5 104.79 -75.37 32.21
C ILE I 5 103.59 -74.84 32.98
N ARG I 6 102.83 -73.96 32.32
CA ARG I 6 101.59 -73.44 32.87
C ARG I 6 100.49 -73.63 31.84
N ILE I 7 99.28 -73.91 32.30
CA ILE I 7 98.11 -74.05 31.45
C ILE I 7 97.03 -73.10 31.96
N THR I 8 96.43 -72.34 31.04
CA THR I 8 95.42 -71.35 31.42
C THR I 8 94.14 -71.63 30.66
N LEU I 9 93.04 -71.14 31.22
CA LEU I 9 91.72 -71.34 30.64
C LEU I 9 90.82 -70.18 31.02
N THR I 10 89.78 -69.96 30.22
CA THR I 10 88.93 -68.78 30.34
C THR I 10 87.63 -69.02 29.59
N SER I 11 86.52 -68.54 30.17
CA SER I 11 85.21 -68.65 29.53
C SER I 11 84.26 -67.69 30.23
N ARG I 12 82.98 -67.79 29.88
CA ARG I 12 81.91 -66.96 30.45
C ARG I 12 81.09 -67.70 31.50
N ASN I 13 80.91 -69.00 31.33
CA ASN I 13 80.14 -69.80 32.28
C ASN I 13 81.08 -70.52 33.23
N VAL I 14 80.73 -70.50 34.51
CA VAL I 14 81.64 -70.95 35.55
C VAL I 14 81.44 -72.43 35.91
N LYS I 15 80.23 -72.95 35.75
CA LYS I 15 79.97 -74.34 36.16
C LYS I 15 80.84 -75.32 35.40
N SER I 16 81.04 -75.11 34.10
CA SER I 16 81.99 -75.93 33.37
C SER I 16 83.42 -75.62 33.82
N LEU I 17 83.70 -74.35 34.13
CA LEU I 17 85.06 -73.96 34.48
C LEU I 17 85.54 -74.69 35.73
N GLU I 18 84.66 -74.83 36.72
CA GLU I 18 85.05 -75.50 37.96
C GLU I 18 85.35 -76.98 37.72
N LYS I 19 84.54 -77.64 36.89
CA LYS I 19 84.75 -79.07 36.69
C LYS I 19 85.92 -79.35 35.75
N VAL I 20 86.07 -78.55 34.70
CA VAL I 20 87.11 -78.86 33.71
C VAL I 20 88.49 -78.59 34.29
N CYS I 21 88.65 -77.50 35.05
CA CYS I 21 89.92 -77.28 35.71
C CYS I 21 90.23 -78.44 36.65
N ALA I 22 89.30 -78.75 37.55
CA ALA I 22 89.51 -79.84 38.51
C ALA I 22 89.83 -81.15 37.80
N ASP I 23 89.33 -81.32 36.58
CA ASP I 23 89.70 -82.48 35.79
C ASP I 23 91.19 -82.48 35.46
N LEU I 24 91.73 -81.30 35.10
CA LEU I 24 93.17 -81.21 34.87
C LEU I 24 93.96 -81.35 36.16
N ILE I 25 93.49 -80.73 37.25
CA ILE I 25 94.12 -80.93 38.56
C ILE I 25 94.14 -82.40 38.95
N ARG I 26 93.01 -83.11 38.85
CA ARG I 26 93.05 -84.51 39.24
C ARG I 26 93.91 -85.33 38.30
N GLY I 27 93.91 -85.00 37.00
CA GLY I 27 94.80 -85.70 36.08
C GLY I 27 96.26 -85.53 36.45
N ALA I 28 96.59 -84.36 37.00
CA ALA I 28 97.96 -84.12 37.45
C ALA I 28 98.32 -84.99 38.65
N LYS I 29 97.40 -85.14 39.61
CA LYS I 29 97.69 -85.95 40.80
C LYS I 29 97.90 -87.42 40.44
N GLU I 30 97.05 -87.97 39.57
CA GLU I 30 97.28 -89.36 39.17
C GLU I 30 98.54 -89.52 38.33
N LYS I 31 99.10 -88.42 37.84
CA LYS I 31 100.40 -88.44 37.16
C LYS I 31 101.56 -88.16 38.11
N ASN I 32 101.27 -87.87 39.39
CA ASN I 32 102.29 -87.68 40.42
C ASN I 32 103.28 -86.58 40.03
N LEU I 33 102.75 -85.37 39.93
CA LEU I 33 103.51 -84.21 39.51
C LEU I 33 103.54 -83.15 40.61
N LYS I 34 104.58 -82.31 40.58
CA LYS I 34 104.64 -81.13 41.43
C LYS I 34 103.72 -80.09 40.81
N VAL I 35 102.50 -79.98 41.35
CA VAL I 35 101.41 -79.26 40.71
C VAL I 35 101.03 -78.05 41.56
N LYS I 36 100.96 -76.89 40.90
CA LYS I 36 100.48 -75.67 41.51
C LYS I 36 98.98 -75.56 41.24
N GLY I 37 98.21 -75.36 42.31
CA GLY I 37 96.77 -75.30 42.24
C GLY I 37 96.24 -74.20 41.33
N PRO I 38 94.93 -74.22 41.08
CA PRO I 38 94.33 -73.26 40.14
C PRO I 38 94.34 -71.84 40.70
N VAL I 39 95.18 -70.99 40.12
CA VAL I 39 95.17 -69.57 40.45
C VAL I 39 94.15 -68.88 39.56
N ARG I 40 93.26 -68.11 40.17
CA ARG I 40 92.10 -67.59 39.50
C ARG I 40 92.09 -66.06 39.57
N MET I 41 91.91 -65.43 38.43
CA MET I 41 92.00 -64.00 38.22
C MET I 41 90.67 -63.34 38.61
N PRO I 42 90.68 -62.02 38.84
CA PRO I 42 89.40 -61.32 38.97
C PRO I 42 88.60 -61.42 37.69
N THR I 43 87.28 -61.54 37.84
CA THR I 43 86.41 -61.69 36.68
C THR I 43 86.37 -60.38 35.89
N LYS I 44 86.08 -60.51 34.60
CA LYS I 44 85.92 -59.35 33.72
C LYS I 44 84.45 -59.22 33.33
N THR I 45 83.88 -58.04 33.57
CA THR I 45 82.48 -57.78 33.29
C THR I 45 82.38 -56.74 32.18
N LEU I 46 81.68 -57.09 31.10
CA LEU I 46 81.43 -56.17 30.00
C LEU I 46 80.06 -55.54 30.21
N ARG I 47 80.01 -54.21 30.10
CA ARG I 47 78.91 -53.41 30.65
C ARG I 47 78.28 -52.54 29.57
N ILE I 48 77.93 -53.16 28.43
CA ILE I 48 77.27 -52.42 27.37
C ILE I 48 75.85 -52.07 27.80
N THR I 49 75.53 -50.78 27.75
CA THR I 49 74.21 -50.27 28.10
C THR I 49 73.61 -49.56 26.89
N THR I 50 72.36 -49.90 26.56
CA THR I 50 71.78 -49.54 25.28
C THR I 50 70.41 -48.90 25.49
N ARG I 51 69.97 -48.13 24.49
CA ARG I 51 68.79 -47.28 24.59
C ARG I 51 67.50 -48.05 24.87
N LYS I 52 67.47 -49.35 24.59
CA LYS I 52 66.39 -50.29 24.86
C LYS I 52 65.20 -50.10 23.89
N THR I 53 65.15 -49.03 23.11
CA THR I 53 64.05 -48.86 22.18
C THR I 53 64.59 -48.59 20.79
N PRO I 54 63.93 -49.11 19.75
CA PRO I 54 64.44 -48.87 18.39
C PRO I 54 64.23 -47.44 17.93
N CYS I 55 63.09 -46.85 18.25
CA CYS I 55 62.78 -45.48 17.90
C CYS I 55 63.21 -44.54 19.04
N GLY I 56 62.77 -43.29 18.97
CA GLY I 56 63.09 -42.33 20.01
C GLY I 56 62.01 -42.22 21.07
N GLU I 57 60.85 -42.81 20.81
CA GLU I 57 59.74 -42.71 21.74
C GLU I 57 59.95 -43.66 22.91
N GLY I 58 59.77 -43.12 24.12
CA GLY I 58 59.86 -43.95 25.31
C GLY I 58 59.73 -43.09 26.54
N SER I 59 60.07 -43.70 27.68
CA SER I 59 60.12 -42.99 28.96
C SER I 59 61.54 -43.01 29.53
N LYS I 60 62.53 -42.87 28.65
CA LYS I 60 63.94 -42.83 29.03
C LYS I 60 64.35 -44.09 29.78
N THR I 61 64.00 -45.24 29.21
CA THR I 61 64.37 -46.54 29.75
C THR I 61 65.60 -47.07 29.03
N TRP I 62 66.42 -47.82 29.76
CA TRP I 62 67.70 -48.30 29.24
C TRP I 62 67.81 -49.81 29.41
N ASP I 63 68.85 -50.37 28.82
CA ASP I 63 69.04 -51.82 28.76
C ASP I 63 70.46 -52.14 29.20
N ARG I 64 70.61 -52.76 30.36
CA ARG I 64 71.92 -53.05 30.95
C ARG I 64 72.31 -54.47 30.61
N PHE I 65 73.17 -54.63 29.60
CA PHE I 65 73.64 -55.95 29.17
C PHE I 65 74.98 -56.26 29.82
N GLN I 66 75.14 -57.52 30.24
CA GLN I 66 76.32 -57.95 30.96
C GLN I 66 76.93 -59.17 30.28
N MET I 67 78.25 -59.28 30.39
CA MET I 67 78.94 -60.53 30.06
C MET I 67 80.11 -60.67 31.03
N ARG I 68 80.22 -61.84 31.66
CA ARG I 68 81.28 -62.10 32.61
C ARG I 68 82.34 -62.99 31.98
N ILE I 69 83.59 -62.58 32.13
CA ILE I 69 84.74 -63.35 31.65
C ILE I 69 85.55 -63.78 32.85
N HIS I 70 85.71 -65.09 33.01
CA HIS I 70 86.47 -65.67 34.10
C HIS I 70 87.68 -66.40 33.53
N LYS I 71 88.86 -66.14 34.10
CA LYS I 71 90.09 -66.73 33.63
C LYS I 71 90.82 -67.38 34.80
N ARG I 72 91.29 -68.60 34.59
CA ARG I 72 92.08 -69.32 35.58
C ARG I 72 93.27 -69.97 34.90
N LEU I 73 94.29 -70.30 35.68
CA LEU I 73 95.46 -70.94 35.11
C LEU I 73 96.05 -71.92 36.12
N ILE I 74 96.59 -73.01 35.60
CA ILE I 74 97.26 -74.04 36.40
C ILE I 74 98.74 -73.98 36.05
N ASP I 75 99.58 -74.46 36.96
CA ASP I 75 101.02 -74.52 36.74
C ASP I 75 101.56 -75.87 37.16
N LEU I 76 102.55 -76.36 36.40
CA LEU I 76 103.11 -77.69 36.58
C LEU I 76 104.63 -77.62 36.44
N HIS I 77 105.29 -78.68 36.92
CA HIS I 77 106.73 -78.83 36.74
C HIS I 77 107.04 -80.18 36.12
N SER I 78 106.34 -80.52 35.04
CA SER I 78 106.42 -81.84 34.45
C SER I 78 106.73 -81.76 32.96
N PRO I 79 107.33 -82.80 32.39
CA PRO I 79 107.74 -82.74 30.98
C PRO I 79 106.56 -82.50 30.03
N SER I 80 106.83 -81.73 28.98
CA SER I 80 105.79 -81.39 28.01
C SER I 80 105.31 -82.63 27.26
N GLU I 81 106.24 -83.53 26.90
CA GLU I 81 105.86 -84.73 26.16
C GLU I 81 105.05 -85.71 26.99
N ILE I 82 104.98 -85.52 28.31
CA ILE I 82 104.16 -86.37 29.16
C ILE I 82 102.95 -85.64 29.73
N VAL I 83 102.76 -84.36 29.41
CA VAL I 83 101.57 -83.63 29.85
C VAL I 83 100.68 -83.21 28.69
N LYS I 84 101.13 -83.37 27.45
CA LYS I 84 100.30 -83.01 26.30
C LYS I 84 99.04 -83.87 26.25
N GLN I 85 99.17 -85.16 26.51
CA GLN I 85 98.03 -86.06 26.36
C GLN I 85 96.89 -85.73 27.31
N ILE I 86 97.20 -85.37 28.56
CA ILE I 86 96.14 -85.08 29.52
C ILE I 86 95.44 -83.77 29.18
N THR I 87 96.21 -82.74 28.83
CA THR I 87 95.58 -81.49 28.42
C THR I 87 94.84 -81.63 27.09
N SER I 88 95.05 -82.74 26.38
CA SER I 88 94.37 -82.98 25.11
C SER I 88 93.15 -83.87 25.27
N ILE I 89 93.07 -84.67 26.33
CA ILE I 89 91.97 -85.61 26.49
C ILE I 89 90.79 -84.93 27.19
N SER I 90 90.98 -83.68 27.61
CA SER I 90 89.91 -82.86 28.14
C SER I 90 89.61 -81.74 27.15
N ILE I 91 88.39 -81.72 26.62
CA ILE I 91 88.07 -80.82 25.52
C ILE I 91 87.20 -79.66 26.02
N GLU I 92 85.99 -79.98 26.48
CA GLU I 92 85.01 -79.00 26.92
C GLU I 92 84.80 -77.91 25.87
N PRO I 93 84.03 -78.18 24.81
CA PRO I 93 83.94 -77.24 23.68
C PRO I 93 83.52 -75.81 24.03
N GLY I 94 83.18 -75.52 25.28
CA GLY I 94 82.86 -74.16 25.67
C GLY I 94 84.00 -73.34 26.21
N VAL I 95 85.23 -73.85 26.18
CA VAL I 95 86.33 -73.28 26.95
C VAL I 95 87.44 -72.84 26.00
N GLU I 96 88.27 -71.89 26.43
CA GLU I 96 89.46 -71.49 25.68
C GLU I 96 90.69 -71.91 26.48
N VAL I 97 91.69 -72.47 25.80
CA VAL I 97 92.85 -73.06 26.43
C VAL I 97 94.11 -72.60 25.71
N GLU I 98 95.16 -72.26 26.49
CA GLU I 98 96.42 -71.80 25.95
C GLU I 98 97.54 -72.46 26.74
N VAL I 99 98.66 -72.73 26.06
CA VAL I 99 99.83 -73.34 26.69
C VAL I 99 101.02 -72.41 26.51
N THR I 100 101.98 -72.52 27.44
CA THR I 100 103.27 -71.85 27.27
C THR I 100 104.34 -72.72 27.92
N ILE I 101 105.56 -72.59 27.40
CA ILE I 101 106.69 -73.43 27.80
C ILE I 101 107.29 -72.95 29.11
N ALA I 102 108.21 -73.75 29.66
CA ALA I 102 108.81 -73.47 30.97
C ALA I 102 109.39 -72.07 31.06
N ASP I 103 110.25 -71.71 30.11
CA ASP I 103 110.89 -70.40 30.13
C ASP I 103 109.92 -69.27 29.79
N ALA I 104 108.76 -69.58 29.21
CA ALA I 104 107.75 -68.60 28.84
C ALA I 104 108.31 -67.54 27.88
N ARG J 1 45.82 -14.66 86.95
CA ARG J 1 44.63 -14.83 86.13
C ARG J 1 44.76 -16.07 85.25
N VAL J 2 45.77 -16.09 84.38
CA VAL J 2 46.03 -17.25 83.55
C VAL J 2 46.55 -18.39 84.42
N GLN J 3 46.08 -19.60 84.16
CA GLN J 3 46.55 -20.76 84.90
C GLN J 3 48.02 -21.00 84.58
N PRO J 4 48.87 -21.23 85.59
CA PRO J 4 50.29 -21.46 85.31
C PRO J 4 50.57 -22.76 84.58
N ILE J 5 51.86 -23.05 84.34
CA ILE J 5 52.23 -24.17 83.50
C ILE J 5 52.00 -25.49 84.23
N LYS J 6 51.87 -26.57 83.45
CA LYS J 6 51.65 -27.90 83.97
C LYS J 6 52.34 -28.91 83.05
N LEU J 7 52.50 -30.13 83.56
CA LEU J 7 53.15 -31.20 82.83
C LEU J 7 52.19 -32.38 82.69
N ALA J 8 52.36 -33.14 81.61
CA ALA J 8 51.38 -34.17 81.26
C ALA J 8 52.07 -35.45 80.81
N ARG J 9 51.74 -36.57 81.46
CA ARG J 9 52.27 -37.86 81.05
C ARG J 9 51.29 -38.57 80.13
N VAL J 10 51.80 -39.12 79.04
CA VAL J 10 50.97 -39.67 77.96
C VAL J 10 50.76 -41.16 78.17
N THR J 11 49.49 -41.57 78.20
CA THR J 11 49.09 -42.97 78.25
C THR J 11 48.82 -43.39 76.80
N LYS J 12 48.32 -44.61 76.57
CA LYS J 12 48.19 -45.16 75.22
C LYS J 12 47.61 -44.14 74.24
N VAL J 13 48.22 -44.08 73.05
CA VAL J 13 47.87 -43.13 72.00
C VAL J 13 46.66 -43.65 71.24
N LEU J 14 45.77 -42.72 70.89
CA LEU J 14 44.52 -43.04 70.21
C LEU J 14 44.55 -42.70 68.73
N GLY J 15 45.70 -42.90 68.08
CA GLY J 15 45.79 -42.80 66.64
C GLY J 15 46.04 -41.39 66.15
N ARG J 16 46.27 -41.30 64.83
CA ARG J 16 46.48 -40.02 64.18
C ARG J 16 45.14 -39.35 63.87
N THR J 17 45.22 -38.07 63.49
CA THR J 17 44.05 -37.29 63.12
C THR J 17 44.52 -36.08 62.34
N GLY J 18 43.59 -35.16 62.07
CA GLY J 18 43.89 -34.00 61.25
C GLY J 18 43.74 -34.22 59.76
N SER J 19 43.30 -35.41 59.35
CA SER J 19 43.02 -35.81 57.97
C SER J 19 44.28 -35.93 57.12
N GLN J 20 45.45 -35.58 57.65
CA GLN J 20 46.71 -35.85 56.96
C GLN J 20 47.76 -36.44 57.89
N GLY J 21 47.40 -36.79 59.12
CA GLY J 21 48.33 -37.39 60.06
C GLY J 21 49.27 -36.43 60.73
N GLN J 22 48.96 -35.14 60.74
CA GLN J 22 49.78 -34.15 61.41
C GLN J 22 49.70 -34.22 62.93
N CYS J 23 48.56 -34.59 63.49
CA CYS J 23 48.34 -34.57 64.93
C CYS J 23 47.88 -35.92 65.42
N THR J 24 48.17 -36.22 66.68
CA THR J 24 47.76 -37.46 67.32
C THR J 24 47.12 -37.15 68.67
N GLN J 25 46.40 -38.13 69.21
CA GLN J 25 45.71 -38.01 70.48
C GLN J 25 46.42 -38.88 71.52
N VAL J 26 46.51 -38.39 72.76
CA VAL J 26 47.46 -38.97 73.71
C VAL J 26 46.89 -39.41 75.05
N ARG J 27 45.79 -38.79 75.52
CA ARG J 27 45.16 -39.17 76.78
C ARG J 27 46.14 -39.03 77.95
N VAL J 28 46.41 -37.77 78.30
CA VAL J 28 47.42 -37.41 79.29
C VAL J 28 46.80 -37.22 80.67
N GLU J 29 47.67 -37.18 81.69
CA GLU J 29 47.29 -36.85 83.06
C GLU J 29 48.35 -35.92 83.65
N PHE J 30 48.09 -35.40 84.86
CA PHE J 30 48.88 -34.31 85.41
C PHE J 30 49.84 -34.74 86.52
N MET J 31 50.01 -36.05 86.75
CA MET J 31 50.90 -36.67 87.74
C MET J 31 50.77 -36.10 89.16
N ASP J 32 49.73 -35.32 89.44
CA ASP J 32 49.41 -34.93 90.80
C ASP J 32 48.00 -35.34 91.18
N ASP J 33 47.01 -34.99 90.36
CA ASP J 33 45.70 -35.62 90.39
C ASP J 33 45.68 -36.75 89.36
N THR J 34 46.48 -37.78 89.68
CA THR J 34 46.73 -38.86 88.71
C THR J 34 45.46 -39.62 88.36
N SER J 35 44.42 -39.51 89.19
CA SER J 35 43.14 -40.13 88.83
C SER J 35 42.48 -39.40 87.67
N ARG J 36 42.51 -38.07 87.68
CA ARG J 36 41.80 -37.26 86.68
C ARG J 36 42.73 -37.05 85.49
N SER J 37 42.32 -37.57 84.33
CA SER J 37 43.11 -37.52 83.10
C SER J 37 42.22 -37.12 81.95
N ILE J 38 42.79 -36.41 80.97
CA ILE J 38 42.05 -35.97 79.79
C ILE J 38 42.81 -36.36 78.53
N ILE J 39 42.06 -36.45 77.44
CA ILE J 39 42.60 -36.73 76.12
C ILE J 39 43.04 -35.43 75.47
N ARG J 40 44.18 -35.46 74.79
CA ARG J 40 44.78 -34.26 74.22
C ARG J 40 45.17 -34.52 72.78
N ASN J 41 45.23 -33.45 71.99
CA ASN J 41 45.56 -33.51 70.58
C ASN J 41 46.89 -32.79 70.35
N VAL J 42 47.92 -33.55 69.95
CA VAL J 42 49.27 -33.04 69.87
C VAL J 42 49.87 -33.45 68.53
N LYS J 43 50.84 -32.66 68.05
CA LYS J 43 51.53 -32.93 66.79
C LYS J 43 52.96 -33.38 67.05
N GLY J 44 53.43 -34.29 66.20
CA GLY J 44 54.77 -34.83 66.32
C GLY J 44 54.81 -36.19 66.98
N PRO J 45 55.97 -36.85 66.95
CA PRO J 45 56.09 -38.17 67.57
C PRO J 45 55.81 -38.12 69.06
N VAL J 46 55.18 -39.17 69.58
CA VAL J 46 54.59 -39.12 70.92
C VAL J 46 55.54 -39.63 71.98
N ARG J 47 56.10 -40.83 71.82
CA ARG J 47 56.75 -41.58 72.91
C ARG J 47 55.75 -41.87 74.04
N GLU J 48 54.77 -42.71 73.71
CA GLU J 48 53.77 -43.14 74.69
C GLU J 48 54.43 -43.56 75.99
N GLY J 49 54.20 -42.80 77.06
CA GLY J 49 54.86 -43.00 78.33
C GLY J 49 55.81 -41.89 78.73
N ASP J 50 55.76 -40.73 78.08
CA ASP J 50 56.65 -39.61 78.37
C ASP J 50 55.84 -38.47 78.98
N VAL J 51 56.50 -37.35 79.27
CA VAL J 51 55.85 -36.20 79.90
C VAL J 51 55.93 -34.99 78.98
N LEU J 52 54.83 -34.22 78.97
CA LEU J 52 54.67 -33.11 78.05
C LEU J 52 54.04 -31.93 78.81
N THR J 53 54.38 -30.73 78.38
CA THR J 53 53.91 -29.52 79.04
C THR J 53 52.43 -29.26 78.75
N LEU J 54 51.84 -28.37 79.54
CA LEU J 54 50.42 -28.06 79.45
C LEU J 54 50.16 -26.75 80.15
N LEU J 55 49.58 -25.76 79.45
CA LEU J 55 49.24 -24.50 80.10
C LEU J 55 47.84 -24.56 80.73
N GLU J 56 46.82 -24.79 79.90
CA GLU J 56 45.43 -24.87 80.34
C GLU J 56 45.00 -26.33 80.34
N SER J 57 44.38 -26.75 81.43
CA SER J 57 44.03 -28.17 81.58
C SER J 57 43.00 -28.61 80.56
N GLU J 58 41.78 -28.05 80.64
CA GLU J 58 40.63 -28.56 79.89
C GLU J 58 40.37 -27.68 78.67
N ARG J 59 41.15 -27.91 77.61
CA ARG J 59 40.94 -27.14 76.39
C ARG J 59 39.86 -27.76 75.51
N GLU J 60 40.10 -28.96 74.98
CA GLU J 60 39.15 -29.65 74.12
C GLU J 60 39.73 -31.01 73.74
N ALA J 61 38.85 -31.92 73.34
CA ALA J 61 39.24 -33.20 72.76
C ALA J 61 38.04 -33.86 72.09
N ARG J 62 38.17 -34.21 70.81
CA ARG J 62 37.08 -34.84 70.08
C ARG J 62 37.35 -36.33 69.88
N ARG J 63 36.26 -37.08 69.76
CA ARG J 63 36.31 -38.53 69.64
C ARG J 63 36.49 -38.96 68.19
N LEU J 64 37.31 -39.98 67.98
CA LEU J 64 37.50 -40.57 66.66
C LEU J 64 36.68 -41.85 66.52
N GLY K 1 81.85 -42.64 -11.71
CA GLY K 1 82.49 -42.42 -12.99
C GLY K 1 82.83 -40.97 -13.26
N HIS K 2 84.07 -40.71 -13.68
CA HIS K 2 85.08 -41.75 -13.83
C HIS K 2 85.82 -41.98 -12.53
N GLN K 3 86.87 -42.81 -12.59
CA GLN K 3 87.54 -43.29 -11.38
C GLN K 3 88.20 -42.16 -10.60
N GLN K 4 88.38 -40.99 -11.20
CA GLN K 4 89.12 -39.93 -10.56
C GLN K 4 88.31 -39.21 -9.48
N LEU K 5 86.98 -39.17 -9.59
CA LEU K 5 86.19 -38.49 -8.57
C LEU K 5 85.06 -39.33 -8.01
N TYR K 6 84.89 -40.58 -8.44
CA TYR K 6 83.80 -41.40 -7.90
C TYR K 6 83.96 -41.57 -6.39
N TRP K 7 85.18 -41.84 -5.94
CA TRP K 7 85.45 -41.95 -4.51
C TRP K 7 86.56 -40.99 -4.12
N SER K 8 86.54 -39.80 -4.71
CA SER K 8 87.57 -38.81 -4.39
C SER K 8 87.51 -38.41 -2.91
N HIS K 9 86.31 -38.24 -2.37
CA HIS K 9 86.17 -37.93 -0.97
C HIS K 9 86.65 -39.11 -0.13
N PRO K 10 87.51 -38.89 0.86
CA PRO K 10 88.11 -40.01 1.59
C PRO K 10 87.09 -40.65 2.54
N ARG K 11 86.96 -41.96 2.45
CA ARG K 11 86.26 -42.72 3.50
C ARG K 11 87.25 -43.12 4.60
N LYS K 12 87.97 -42.10 5.03
CA LYS K 12 88.81 -42.08 6.21
C LYS K 12 87.93 -41.90 7.44
N PHE K 13 88.54 -41.36 8.49
CA PHE K 13 87.92 -41.02 9.77
C PHE K 13 86.48 -40.53 9.65
N GLY K 14 85.62 -40.95 10.58
CA GLY K 14 84.31 -40.35 10.65
C GLY K 14 83.16 -41.30 10.42
N GLN K 15 81.94 -40.75 10.43
CA GLN K 15 80.73 -41.55 10.25
C GLN K 15 80.65 -42.20 8.87
N GLY K 16 81.31 -41.62 7.86
CA GLY K 16 81.23 -42.19 6.53
C GLY K 16 81.87 -43.56 6.43
N SER K 17 83.04 -43.73 7.04
CA SER K 17 83.70 -45.03 7.01
C SER K 17 82.99 -46.03 7.91
N ARG K 18 82.60 -45.60 9.11
CA ARG K 18 81.92 -46.50 10.03
C ARG K 18 80.51 -46.80 9.55
N SER K 19 80.04 -47.99 9.89
CA SER K 19 78.69 -48.42 9.53
C SER K 19 78.36 -49.65 10.36
N CYS K 20 77.08 -50.00 10.41
CA CYS K 20 76.69 -51.23 11.05
C CYS K 20 77.08 -52.43 10.18
N ARG K 21 77.30 -53.55 10.85
CA ARG K 21 77.73 -54.78 10.18
C ARG K 21 76.57 -55.67 9.79
N VAL K 22 75.33 -55.23 10.03
CA VAL K 22 74.14 -55.99 9.70
C VAL K 22 73.24 -55.21 8.74
N CYS K 23 73.05 -53.92 8.99
CA CYS K 23 72.11 -53.12 8.21
C CYS K 23 72.76 -51.99 7.44
N SER K 24 74.09 -51.86 7.50
CA SER K 24 74.82 -50.81 6.80
C SER K 24 74.39 -49.41 7.23
N ASN K 25 73.76 -49.31 8.40
CA ASN K 25 73.29 -48.04 8.95
C ASN K 25 74.42 -47.31 9.66
N ARG K 26 74.31 -45.99 9.73
CA ARG K 26 75.31 -45.14 10.36
C ARG K 26 74.69 -44.29 11.46
N HIS K 27 73.85 -44.90 12.29
CA HIS K 27 73.22 -44.20 13.40
C HIS K 27 73.06 -45.17 14.57
N GLY K 28 73.34 -44.68 15.76
CA GLY K 28 73.26 -45.51 16.96
C GLY K 28 74.25 -46.65 16.97
N LEU K 29 75.47 -46.40 16.53
CA LEU K 29 76.49 -47.45 16.46
C LEU K 29 77.02 -47.79 17.85
N ILE K 30 77.63 -48.97 17.95
CA ILE K 30 78.31 -49.41 19.15
C ILE K 30 79.66 -49.97 18.70
N ARG K 31 80.72 -49.19 18.89
CA ARG K 31 82.07 -49.65 18.57
C ARG K 31 82.78 -50.26 19.77
N LYS K 32 82.14 -50.28 20.94
CA LYS K 32 82.78 -50.83 22.13
C LYS K 32 83.01 -52.32 21.96
N TYR K 33 84.19 -52.79 22.37
CA TYR K 33 84.65 -54.15 22.13
C TYR K 33 84.57 -54.53 20.65
N GLY K 34 84.67 -53.52 19.78
CA GLY K 34 84.72 -53.76 18.35
C GLY K 34 83.49 -54.43 17.77
N LEU K 35 82.31 -54.11 18.31
CA LEU K 35 81.07 -54.67 17.75
C LEU K 35 80.81 -54.14 16.34
N ASN K 36 80.87 -52.82 16.17
CA ASN K 36 80.52 -52.15 14.92
C ASN K 36 79.09 -52.51 14.48
N MET K 37 78.21 -52.60 15.48
CA MET K 37 76.81 -52.91 15.26
C MET K 37 75.97 -51.76 15.79
N CYS K 38 74.87 -51.46 15.11
CA CYS K 38 73.96 -50.44 15.61
C CYS K 38 73.23 -50.97 16.85
N ARG K 39 72.61 -50.05 17.57
CA ARG K 39 71.99 -50.42 18.84
C ARG K 39 70.78 -51.31 18.63
N GLN K 40 70.00 -51.07 17.56
CA GLN K 40 68.82 -51.88 17.32
C GLN K 40 69.19 -53.33 17.01
N CYS K 41 70.18 -53.54 16.15
CA CYS K 41 70.60 -54.89 15.81
C CYS K 41 71.32 -55.56 16.98
N PHE K 42 72.08 -54.80 17.77
CA PHE K 42 72.77 -55.40 18.91
C PHE K 42 71.78 -55.95 19.92
N ARG K 43 70.70 -55.21 20.19
CA ARG K 43 69.63 -55.75 21.03
C ARG K 43 69.01 -56.99 20.41
N GLN K 44 69.02 -57.07 19.07
CA GLN K 44 68.39 -58.19 18.40
C GLN K 44 69.25 -59.45 18.50
N TYR K 45 70.57 -59.31 18.41
CA TYR K 45 71.48 -60.45 18.45
C TYR K 45 72.19 -60.60 19.79
N ALA K 46 71.77 -59.86 20.82
CA ALA K 46 72.52 -59.82 22.08
C ALA K 46 72.67 -61.19 22.70
N LYS K 47 71.62 -62.01 22.68
CA LYS K 47 71.70 -63.34 23.29
C LYS K 47 72.74 -64.21 22.60
N ASP K 48 72.80 -64.13 21.26
CA ASP K 48 73.76 -64.97 20.54
C ASP K 48 75.20 -64.59 20.85
N ILE K 49 75.50 -63.30 20.94
CA ILE K 49 76.85 -62.89 21.33
C ILE K 49 77.14 -63.33 22.76
N GLY K 50 76.18 -63.14 23.66
CA GLY K 50 76.36 -63.56 25.04
C GLY K 50 76.20 -62.46 26.05
N PHE K 51 75.63 -61.33 25.63
CA PHE K 51 75.32 -60.26 26.57
C PHE K 51 73.98 -60.58 27.23
N ILE K 52 74.00 -60.87 28.53
CA ILE K 52 72.84 -61.40 29.23
C ILE K 52 72.33 -60.32 30.20
N LYS K 53 71.02 -60.16 30.27
CA LYS K 53 70.37 -59.19 31.15
C LYS K 53 70.31 -59.68 32.59
N LEU K 54 71.48 -59.77 33.22
CA LEU K 54 71.55 -60.30 34.58
C LEU K 54 70.81 -59.40 35.56
N ASP K 55 71.10 -58.10 35.53
CA ASP K 55 70.56 -57.16 36.51
C ASP K 55 70.82 -55.72 36.10
N THR L 1 70.22 -88.04 103.10
CA THR L 1 70.45 -86.62 103.37
C THR L 1 71.09 -85.93 102.17
N GLU L 2 71.45 -86.73 101.17
CA GLU L 2 72.13 -86.21 99.99
C GLU L 2 71.14 -85.46 99.11
N GLN L 3 71.47 -84.21 98.76
CA GLN L 3 70.58 -83.36 97.99
C GLN L 3 71.33 -82.74 96.81
N MET L 4 70.61 -82.52 95.72
CA MET L 4 71.18 -81.91 94.52
C MET L 4 70.89 -80.41 94.50
N THR L 5 71.61 -79.69 95.35
CA THR L 5 71.49 -78.24 95.38
C THR L 5 72.39 -77.61 94.30
N LEU L 6 72.14 -76.34 94.03
CA LEU L 6 72.79 -75.60 92.96
C LEU L 6 74.09 -74.99 93.49
N ARG L 7 75.20 -75.25 92.79
CA ARG L 7 76.47 -74.58 93.08
C ARG L 7 76.75 -73.53 92.02
N GLY L 8 76.18 -72.35 92.24
CA GLY L 8 76.46 -71.21 91.40
C GLY L 8 75.90 -71.36 89.99
N THR L 9 76.31 -70.40 89.15
CA THR L 9 75.90 -70.35 87.76
C THR L 9 77.03 -69.74 86.95
N LEU L 10 77.18 -70.19 85.70
CA LEU L 10 78.23 -69.71 84.82
C LEU L 10 77.61 -68.85 83.72
N LYS L 11 77.83 -67.54 83.79
CA LYS L 11 77.39 -66.61 82.77
C LYS L 11 78.48 -66.43 81.73
N GLY L 12 78.08 -66.26 80.48
CA GLY L 12 79.00 -66.48 79.38
C GLY L 12 78.37 -66.48 78.00
N HIS L 13 78.58 -67.59 77.28
CA HIS L 13 78.20 -67.76 75.88
C HIS L 13 76.83 -67.18 75.56
N ASN L 14 76.70 -66.67 74.33
CA ASN L 14 75.48 -66.07 73.82
C ASN L 14 74.56 -67.08 73.14
N GLY L 15 74.76 -68.37 73.35
CA GLY L 15 73.93 -69.38 72.73
C GLY L 15 73.60 -70.55 73.64
N TRP L 16 73.11 -71.65 73.07
CA TRP L 16 72.86 -72.85 73.85
C TRP L 16 74.18 -73.49 74.25
N VAL L 17 74.12 -74.45 75.16
CA VAL L 17 75.27 -75.22 75.58
C VAL L 17 75.01 -76.66 75.16
N THR L 18 75.56 -77.04 73.99
CA THR L 18 75.17 -78.31 73.37
C THR L 18 75.77 -79.51 74.12
N GLN L 19 77.02 -79.39 74.57
CA GLN L 19 77.70 -80.54 75.16
C GLN L 19 78.85 -80.04 76.03
N ILE L 20 79.02 -80.64 77.21
CA ILE L 20 80.06 -80.27 78.16
C ILE L 20 80.94 -81.49 78.43
N ALA L 21 82.26 -81.30 78.31
CA ALA L 21 83.22 -82.35 78.59
C ALA L 21 83.97 -82.03 79.89
N THR L 22 84.65 -83.04 80.42
CA THR L 22 85.37 -82.95 81.68
C THR L 22 86.50 -83.97 81.68
N THR L 23 87.54 -83.70 82.47
CA THR L 23 88.58 -84.71 82.63
C THR L 23 88.84 -84.94 84.11
N PRO L 24 89.30 -86.13 84.49
CA PRO L 24 89.70 -86.34 85.88
C PRO L 24 91.09 -85.79 86.22
N GLN L 25 91.99 -85.69 85.23
CA GLN L 25 93.37 -85.33 85.53
C GLN L 25 93.48 -83.94 86.14
N PHE L 26 92.78 -82.95 85.56
CA PHE L 26 92.85 -81.56 85.99
C PHE L 26 91.42 -81.09 86.18
N PRO L 27 90.89 -81.23 87.40
CA PRO L 27 89.45 -81.00 87.62
C PRO L 27 89.06 -79.55 87.71
N ASP L 28 90.01 -78.64 87.87
CA ASP L 28 89.68 -77.22 88.02
C ASP L 28 89.43 -76.57 86.67
N MET L 29 88.57 -77.17 85.85
CA MET L 29 88.15 -76.54 84.61
C MET L 29 87.02 -77.38 84.02
N ILE L 30 86.22 -76.79 83.15
CA ILE L 30 85.48 -77.52 82.13
C ILE L 30 85.38 -76.67 80.88
N LEU L 31 85.36 -77.34 79.72
CA LEU L 31 85.13 -76.69 78.44
C LEU L 31 83.67 -76.88 78.02
N SER L 32 83.08 -75.80 77.51
CA SER L 32 81.64 -75.80 77.25
C SER L 32 81.42 -75.52 75.77
N ALA L 33 81.02 -76.54 75.02
CA ALA L 33 80.57 -76.32 73.65
C ALA L 33 79.30 -75.47 73.66
N SER L 34 79.19 -74.60 72.66
CA SER L 34 78.11 -73.62 72.66
C SER L 34 77.57 -73.45 71.25
N ARG L 35 76.34 -72.94 71.18
CA ARG L 35 75.66 -72.66 69.93
C ARG L 35 76.22 -71.44 69.21
N ASP L 36 77.14 -70.70 69.83
CA ASP L 36 77.83 -69.60 69.19
C ASP L 36 79.21 -70.00 68.68
N LYS L 37 79.32 -71.23 68.17
CA LYS L 37 80.44 -71.73 67.36
C LYS L 37 81.79 -71.47 68.00
N THR L 38 81.88 -71.68 69.31
CA THR L 38 83.15 -71.66 70.00
C THR L 38 83.06 -72.54 71.24
N ILE L 39 84.23 -72.87 71.78
CA ILE L 39 84.35 -73.62 73.02
C ILE L 39 84.86 -72.66 74.08
N ILE L 40 84.11 -72.53 75.17
CA ILE L 40 84.44 -71.61 76.24
C ILE L 40 84.92 -72.45 77.42
N MET L 41 86.22 -72.40 77.66
CA MET L 41 86.89 -73.26 78.63
C MET L 41 86.96 -72.48 79.93
N TRP L 42 86.18 -72.87 80.91
CA TRP L 42 86.15 -72.22 82.22
C TRP L 42 87.12 -72.91 83.16
N LYS L 43 87.88 -72.13 83.91
CA LYS L 43 88.64 -72.69 85.02
C LYS L 43 87.75 -72.72 86.25
N LEU L 44 87.88 -73.80 87.04
CA LEU L 44 86.97 -74.05 88.16
C LEU L 44 87.63 -73.61 89.45
N THR L 45 87.45 -72.33 89.78
CA THR L 45 88.00 -71.76 91.00
C THR L 45 87.16 -72.08 92.23
N ARG L 46 85.88 -72.43 92.03
CA ARG L 46 84.92 -72.71 93.09
C ARG L 46 84.66 -71.52 94.00
N ASP L 47 85.24 -70.35 93.68
CA ASP L 47 85.03 -69.15 94.48
C ASP L 47 83.62 -68.63 94.29
N GLU L 48 83.11 -67.96 95.32
CA GLU L 48 81.74 -67.45 95.31
C GLU L 48 81.53 -66.54 94.10
N THR L 49 80.33 -66.62 93.53
CA THR L 49 79.84 -65.79 92.42
C THR L 49 80.53 -66.11 91.11
N ASN L 50 81.53 -67.00 91.13
CA ASN L 50 82.14 -67.47 89.88
C ASN L 50 82.79 -68.82 90.16
N TYR L 51 82.09 -69.89 89.77
CA TYR L 51 82.68 -71.21 89.87
C TYR L 51 83.43 -71.60 88.60
N GLY L 52 83.17 -70.90 87.51
CA GLY L 52 83.96 -71.05 86.30
C GLY L 52 84.25 -69.71 85.68
N ILE L 53 85.44 -69.59 85.10
CA ILE L 53 85.86 -68.35 84.48
C ILE L 53 86.44 -68.64 83.10
N PRO L 54 85.92 -68.00 82.04
CA PRO L 54 86.34 -68.35 80.68
C PRO L 54 87.73 -67.85 80.33
N GLN L 55 88.76 -68.62 80.65
CA GLN L 55 90.14 -68.25 80.33
C GLN L 55 90.55 -68.63 78.92
N ARG L 56 89.68 -69.30 78.16
CA ARG L 56 90.02 -69.71 76.80
C ARG L 56 88.80 -69.56 75.90
N ALA L 57 88.93 -68.74 74.85
CA ALA L 57 87.88 -68.57 73.85
C ALA L 57 88.23 -69.47 72.67
N LEU L 58 87.95 -70.76 72.83
CA LEU L 58 88.40 -71.75 71.86
C LEU L 58 87.47 -71.73 70.65
N ARG L 59 87.79 -70.93 69.64
CA ARG L 59 86.88 -70.68 68.52
C ARG L 59 87.58 -71.00 67.21
N GLY L 60 86.81 -70.89 66.12
CA GLY L 60 87.35 -71.13 64.79
C GLY L 60 86.56 -72.08 63.94
N HIS L 61 85.30 -72.31 64.28
CA HIS L 61 84.42 -73.17 63.50
C HIS L 61 83.39 -72.32 62.76
N SER L 62 83.04 -72.75 61.55
CA SER L 62 82.04 -72.05 60.77
C SER L 62 80.67 -72.09 61.45
N HIS L 63 80.11 -73.29 61.62
CA HIS L 63 78.81 -73.46 62.23
C HIS L 63 79.00 -73.93 63.67
N PHE L 64 77.94 -73.87 64.48
CA PHE L 64 78.16 -74.13 65.90
C PHE L 64 78.53 -75.59 66.15
N VAL L 65 79.49 -75.77 67.06
CA VAL L 65 79.96 -77.11 67.40
C VAL L 65 78.86 -77.88 68.10
N SER L 66 78.96 -79.21 68.08
CA SER L 66 77.92 -80.06 68.64
C SER L 66 78.36 -80.76 69.92
N ASP L 67 79.59 -81.26 69.97
CA ASP L 67 80.06 -81.99 71.15
C ASP L 67 81.53 -81.72 71.39
N VAL L 68 81.97 -82.00 72.61
CA VAL L 68 83.37 -81.88 73.02
C VAL L 68 83.75 -83.11 73.83
N VAL L 69 84.93 -83.64 73.56
CA VAL L 69 85.52 -84.73 74.36
C VAL L 69 87.01 -84.46 74.50
N ILE L 70 87.59 -84.89 75.62
CA ILE L 70 89.01 -84.70 75.88
C ILE L 70 89.68 -86.07 75.81
N SER L 71 90.94 -86.08 75.41
CA SER L 71 91.76 -87.27 75.58
C SER L 71 91.97 -87.54 77.07
N SER L 72 92.41 -88.76 77.39
CA SER L 72 92.62 -89.09 78.79
C SER L 72 93.98 -88.59 79.26
N ASP L 73 94.30 -87.34 78.93
CA ASP L 73 95.50 -86.67 79.44
C ASP L 73 95.28 -85.22 79.82
N GLY L 74 94.17 -84.59 79.42
CA GLY L 74 93.99 -83.17 79.61
C GLY L 74 94.71 -82.29 78.62
N GLN L 75 95.24 -82.85 77.54
CA GLN L 75 96.04 -82.10 76.56
C GLN L 75 95.28 -81.87 75.26
N PHE L 76 94.73 -82.93 74.67
CA PHE L 76 94.03 -82.83 73.39
C PHE L 76 92.54 -83.07 73.59
N ALA L 77 91.75 -82.24 72.92
CA ALA L 77 90.29 -82.31 73.03
C ALA L 77 89.69 -81.85 71.71
N LEU L 78 88.99 -82.74 71.02
CA LEU L 78 88.45 -82.44 69.70
C LEU L 78 86.95 -82.21 69.78
N SER L 79 86.43 -81.45 68.81
CA SER L 79 85.02 -81.11 68.74
C SER L 79 84.48 -81.36 67.34
N GLY L 80 83.20 -81.71 67.28
CA GLY L 80 82.51 -81.85 66.01
C GLY L 80 81.51 -80.73 65.79
N SER L 81 81.69 -79.98 64.71
CA SER L 81 80.87 -78.79 64.47
C SER L 81 79.60 -79.17 63.72
N TRP L 82 78.87 -78.15 63.27
CA TRP L 82 77.72 -78.35 62.39
C TRP L 82 78.08 -78.15 60.93
N ASP L 83 79.35 -78.33 60.58
CA ASP L 83 79.82 -78.29 59.20
C ASP L 83 80.35 -79.63 58.72
N GLY L 84 80.24 -80.67 59.55
CA GLY L 84 80.89 -81.93 59.21
C GLY L 84 82.41 -81.81 59.19
N THR L 85 82.98 -81.04 60.12
CA THR L 85 84.41 -80.77 60.16
C THR L 85 84.89 -80.96 61.59
N LEU L 86 85.67 -82.01 61.83
CA LEU L 86 86.22 -82.23 63.14
C LEU L 86 87.54 -81.47 63.28
N ARG L 87 87.92 -81.17 64.52
CA ARG L 87 89.07 -80.32 64.80
C ARG L 87 89.77 -80.80 66.06
N LEU L 88 91.04 -81.18 65.95
CA LEU L 88 91.87 -81.47 67.13
C LEU L 88 92.30 -80.16 67.77
N TRP L 89 91.58 -79.75 68.80
CA TRP L 89 91.92 -78.53 69.51
C TRP L 89 92.98 -78.81 70.57
N ASP L 90 94.14 -78.19 70.42
CA ASP L 90 95.18 -78.28 71.44
C ASP L 90 94.87 -77.27 72.55
N LEU L 91 94.60 -77.77 73.75
CA LEU L 91 94.18 -76.94 74.86
C LEU L 91 95.25 -75.94 75.29
N THR L 92 96.49 -76.12 74.85
CA THR L 92 97.57 -75.20 75.18
C THR L 92 97.35 -73.88 74.46
N THR L 93 96.79 -72.90 75.17
CA THR L 93 96.51 -71.56 74.64
C THR L 93 95.61 -71.61 73.40
N GLY L 94 94.80 -72.65 73.28
CA GLY L 94 93.76 -72.70 72.27
C GLY L 94 94.22 -72.66 70.82
N THR L 95 94.90 -73.71 70.37
CA THR L 95 95.36 -73.81 68.99
C THR L 95 94.78 -75.07 68.35
N THR L 96 94.30 -74.93 67.12
CA THR L 96 93.86 -76.09 66.35
C THR L 96 95.07 -76.83 65.81
N THR L 97 95.15 -78.13 66.09
CA THR L 97 96.28 -78.92 65.61
C THR L 97 95.99 -79.53 64.25
N ARG L 98 94.97 -80.38 64.18
CA ARG L 98 94.57 -80.98 62.92
C ARG L 98 93.06 -80.90 62.76
N ARG L 99 92.59 -80.74 61.53
CA ARG L 99 91.18 -80.78 61.23
C ARG L 99 90.84 -82.02 60.41
N PHE L 100 89.61 -82.48 60.56
CA PHE L 100 89.13 -83.68 59.87
C PHE L 100 87.99 -83.29 58.96
N VAL L 101 88.13 -83.57 57.67
CA VAL L 101 87.08 -83.32 56.69
C VAL L 101 86.79 -84.63 55.96
N GLY L 102 85.59 -84.71 55.40
CA GLY L 102 85.16 -85.92 54.72
C GLY L 102 83.70 -86.23 54.95
N HIS L 103 83.14 -85.78 56.06
CA HIS L 103 81.71 -85.91 56.29
C HIS L 103 80.96 -84.90 55.44
N THR L 104 80.04 -85.40 54.60
CA THR L 104 79.26 -84.51 53.76
C THR L 104 78.33 -83.62 54.59
N LYS L 105 77.71 -84.18 55.62
CA LYS L 105 76.80 -83.44 56.48
C LYS L 105 77.40 -83.30 57.87
N ASP L 106 76.69 -82.58 58.74
CA ASP L 106 77.26 -82.11 59.98
C ASP L 106 77.43 -83.22 61.02
N VAL L 107 78.61 -83.26 61.65
CA VAL L 107 78.86 -84.19 62.75
C VAL L 107 77.96 -83.85 63.92
N LEU L 108 77.43 -84.88 64.57
CA LEU L 108 76.63 -84.71 65.79
C LEU L 108 77.37 -85.09 67.05
N SER L 109 78.30 -86.05 66.96
CA SER L 109 79.02 -86.50 68.13
C SER L 109 80.35 -87.11 67.72
N VAL L 110 81.33 -87.02 68.63
CA VAL L 110 82.62 -87.67 68.49
C VAL L 110 82.98 -88.29 69.84
N ALA L 111 83.85 -89.31 69.78
CA ALA L 111 84.24 -90.01 70.99
C ALA L 111 85.71 -90.42 70.89
N PHE L 112 86.39 -90.37 72.01
CA PHE L 112 87.79 -90.76 72.13
C PHE L 112 87.87 -92.23 72.54
N SER L 113 88.90 -92.92 72.04
CA SER L 113 89.16 -94.27 72.51
C SER L 113 89.92 -94.21 73.84
N SER L 114 90.13 -95.39 74.42
CA SER L 114 90.85 -95.46 75.69
C SER L 114 92.27 -94.94 75.54
N ASP L 115 92.96 -95.32 74.46
CA ASP L 115 94.27 -94.79 74.16
C ASP L 115 94.20 -93.54 73.28
N ASN L 116 93.00 -93.07 72.95
CA ASN L 116 92.78 -91.91 72.10
C ASN L 116 93.29 -92.12 70.69
N ARG L 117 93.64 -93.36 70.34
CA ARG L 117 94.21 -93.64 69.03
C ARG L 117 93.15 -93.63 67.93
N GLN L 118 92.01 -94.26 68.17
CA GLN L 118 90.90 -94.24 67.21
C GLN L 118 89.78 -93.37 67.77
N ILE L 119 89.10 -92.65 66.88
CA ILE L 119 87.96 -91.81 67.25
C ILE L 119 86.85 -92.04 66.23
N VAL L 120 85.62 -92.09 66.71
CA VAL L 120 84.45 -92.33 65.87
C VAL L 120 83.58 -91.08 65.86
N SER L 121 82.90 -90.84 64.74
CA SER L 121 82.07 -89.67 64.56
C SER L 121 80.84 -90.03 63.75
N GLY L 122 79.70 -89.46 64.14
CA GLY L 122 78.46 -89.70 63.43
C GLY L 122 77.82 -88.41 62.95
N SER L 123 77.62 -88.30 61.64
CA SER L 123 77.11 -87.08 61.03
C SER L 123 75.66 -87.25 60.60
N ARG L 124 75.12 -86.21 59.98
CA ARG L 124 73.81 -86.27 59.35
C ARG L 124 73.82 -87.00 58.02
N ASP L 125 74.98 -87.51 57.60
CA ASP L 125 75.13 -88.24 56.35
C ASP L 125 74.84 -89.73 56.50
N LYS L 126 74.02 -90.09 57.49
CA LYS L 126 73.60 -91.45 57.81
C LYS L 126 74.73 -92.48 57.71
N THR L 127 75.91 -92.12 58.20
CA THR L 127 77.03 -93.05 58.28
C THR L 127 78.02 -92.53 59.30
N ILE L 128 78.82 -93.44 59.84
CA ILE L 128 79.87 -93.08 60.79
C ILE L 128 81.23 -93.29 60.12
N LYS L 129 82.25 -92.64 60.69
CA LYS L 129 83.60 -92.70 60.16
C LYS L 129 84.59 -92.91 61.28
N LEU L 130 85.61 -93.72 61.01
CA LEU L 130 86.68 -94.00 61.96
C LEU L 130 87.96 -93.36 61.43
N TRP L 131 88.60 -92.54 62.26
CA TRP L 131 89.78 -91.78 61.86
C TRP L 131 90.93 -92.08 62.81
N ASN L 132 92.14 -91.89 62.32
CA ASN L 132 93.33 -92.07 63.14
C ASN L 132 93.66 -90.78 63.89
N THR L 133 94.78 -90.82 64.61
CA THR L 133 95.22 -89.63 65.34
C THR L 133 95.61 -88.51 64.38
N LEU L 134 96.29 -88.85 63.29
CA LEU L 134 96.82 -87.82 62.39
C LEU L 134 95.70 -87.11 61.65
N GLY L 135 94.64 -87.82 61.31
CA GLY L 135 93.51 -87.17 60.65
C GLY L 135 92.94 -87.92 59.46
N VAL L 136 93.61 -88.97 59.03
CA VAL L 136 93.13 -89.79 57.93
C VAL L 136 92.00 -90.66 58.45
N CYS L 137 90.96 -90.84 57.64
CA CYS L 137 89.84 -91.70 57.97
C CYS L 137 90.18 -93.13 57.56
N LYS L 138 90.10 -94.06 58.50
CA LYS L 138 90.38 -95.46 58.20
C LYS L 138 89.26 -96.07 57.38
N TYR L 139 88.04 -96.05 57.92
CA TYR L 139 86.90 -96.73 57.29
C TYR L 139 85.60 -95.97 57.55
N THR L 140 84.80 -95.84 56.50
CA THR L 140 83.44 -95.35 56.60
C THR L 140 82.45 -96.52 56.57
N VAL L 141 82.34 -97.15 57.74
CA VAL L 141 81.45 -98.31 57.89
C VAL L 141 80.03 -97.88 57.57
N GLN L 142 79.37 -98.63 56.69
CA GLN L 142 78.05 -98.25 56.22
C GLN L 142 77.35 -99.55 55.84
N ASP L 143 76.10 -99.45 55.37
CA ASP L 143 75.21 -100.55 54.97
C ASP L 143 74.71 -101.35 56.16
N GLU L 144 75.08 -100.99 57.39
CA GLU L 144 74.32 -101.35 58.58
C GLU L 144 74.07 -100.14 59.47
N SER L 145 74.70 -99.00 59.17
CA SER L 145 74.55 -97.79 59.97
C SER L 145 73.11 -97.28 59.91
N HIS L 146 72.82 -96.30 60.76
CA HIS L 146 71.49 -95.73 60.84
C HIS L 146 71.11 -95.05 59.52
N SER L 147 69.94 -95.41 58.99
CA SER L 147 69.46 -94.80 57.75
C SER L 147 69.05 -93.34 57.95
N GLU L 148 68.44 -93.02 59.09
CA GLU L 148 68.18 -91.63 59.45
C GLU L 148 69.44 -91.06 60.10
N TRP L 149 69.32 -89.90 60.75
CA TRP L 149 70.50 -89.31 61.40
C TRP L 149 71.10 -90.29 62.39
N VAL L 150 72.41 -90.46 62.34
CA VAL L 150 73.12 -91.23 63.35
C VAL L 150 73.58 -90.26 64.42
N SER L 151 72.96 -90.34 65.59
CA SER L 151 73.18 -89.41 66.68
C SER L 151 74.33 -89.93 67.56
N CYS L 152 74.44 -89.40 68.78
CA CYS L 152 75.54 -89.59 69.70
C CYS L 152 76.10 -91.02 69.68
N VAL L 153 77.40 -91.14 69.43
CA VAL L 153 78.10 -92.41 69.38
C VAL L 153 79.28 -92.36 70.34
N ARG L 154 79.46 -93.44 71.10
CA ARG L 154 80.49 -93.47 72.14
C ARG L 154 81.30 -94.75 72.05
N PHE L 155 82.54 -94.66 72.50
CA PHE L 155 83.41 -95.82 72.66
C PHE L 155 83.05 -96.59 73.93
N SER L 156 83.90 -97.56 74.26
CA SER L 156 83.74 -98.34 75.48
C SER L 156 84.75 -97.84 76.51
N PRO L 157 84.30 -97.41 77.69
CA PRO L 157 85.26 -97.02 78.74
C PRO L 157 86.23 -98.14 79.10
N ASN L 158 85.81 -99.39 79.01
CA ASN L 158 86.70 -100.51 79.29
C ASN L 158 87.62 -100.76 78.10
N SER L 159 88.92 -100.92 78.39
CA SER L 159 89.86 -101.22 77.32
C SER L 159 89.59 -102.58 76.69
N SER L 160 89.32 -103.58 77.52
CA SER L 160 88.98 -104.90 77.00
C SER L 160 87.60 -104.85 76.34
N ASN L 161 87.34 -105.86 75.50
CA ASN L 161 86.09 -105.97 74.76
C ASN L 161 85.84 -104.70 73.96
N PRO L 162 86.62 -104.43 72.91
CA PRO L 162 86.42 -103.19 72.15
C PRO L 162 85.08 -103.16 71.43
N ILE L 163 84.21 -102.25 71.85
CA ILE L 163 82.83 -102.21 71.40
C ILE L 163 82.40 -100.76 71.24
N ILE L 164 81.67 -100.49 70.16
CA ILE L 164 81.17 -99.16 69.84
C ILE L 164 79.65 -99.19 69.96
N VAL L 165 79.08 -98.19 70.63
CA VAL L 165 77.64 -98.00 70.68
C VAL L 165 77.30 -96.66 70.02
N SER L 166 76.37 -96.71 69.08
CA SER L 166 75.99 -95.55 68.30
C SER L 166 74.49 -95.36 68.42
N CYS L 167 74.08 -94.26 69.04
CA CYS L 167 72.68 -93.86 68.97
C CYS L 167 72.36 -93.33 67.57
N GLY L 168 71.07 -93.28 67.26
CA GLY L 168 70.68 -92.82 65.94
C GLY L 168 69.20 -92.49 65.90
N TRP L 169 68.79 -91.96 64.76
CA TRP L 169 67.39 -91.60 64.55
C TRP L 169 66.59 -92.72 63.89
N ASP L 170 67.18 -93.90 63.73
CA ASP L 170 66.50 -95.05 63.17
C ASP L 170 65.57 -95.74 64.16
N LYS L 171 65.27 -95.10 65.29
CA LYS L 171 64.41 -95.66 66.33
C LYS L 171 65.02 -96.92 66.96
N LEU L 172 66.32 -97.11 66.78
CA LEU L 172 67.00 -98.30 67.27
C LEU L 172 68.48 -97.98 67.46
N VAL L 173 69.17 -98.85 68.19
CA VAL L 173 70.55 -98.64 68.61
C VAL L 173 71.45 -99.64 67.91
N LYS L 174 72.47 -99.15 67.22
CA LYS L 174 73.52 -99.98 66.65
C LYS L 174 74.65 -100.17 67.64
N VAL L 175 75.27 -101.34 67.62
CA VAL L 175 76.36 -101.68 68.53
C VAL L 175 77.48 -102.27 67.67
N TRP L 176 78.49 -101.46 67.38
CA TRP L 176 79.65 -101.91 66.63
C TRP L 176 80.72 -102.47 67.56
N ASN L 177 81.73 -103.07 66.96
CA ASN L 177 83.00 -103.36 67.60
C ASN L 177 84.08 -102.53 66.92
N LEU L 178 85.34 -102.77 67.30
CA LEU L 178 86.46 -102.13 66.62
C LEU L 178 87.36 -103.12 65.89
N ALA L 179 87.22 -104.42 66.16
CA ALA L 179 88.00 -105.41 65.42
C ALA L 179 87.61 -105.41 63.95
N ASN L 180 86.35 -105.72 63.66
CA ASN L 180 85.82 -105.67 62.31
C ASN L 180 84.82 -104.54 62.11
N CYS L 181 84.57 -103.75 63.15
CA CYS L 181 83.69 -102.57 63.08
C CYS L 181 82.31 -102.94 62.54
N LYS L 182 81.79 -104.06 63.02
CA LYS L 182 80.53 -104.60 62.53
C LYS L 182 79.58 -104.84 63.70
N LEU L 183 78.33 -105.15 63.35
CA LEU L 183 77.29 -105.31 64.34
C LEU L 183 77.52 -106.55 65.18
N LYS L 184 77.22 -106.43 66.48
CA LYS L 184 77.13 -107.57 67.38
C LYS L 184 75.81 -107.62 68.13
N THR L 185 75.04 -106.55 68.10
CA THR L 185 73.71 -106.51 68.71
C THR L 185 72.89 -105.45 67.98
N ASN L 186 72.18 -105.87 66.93
CA ASN L 186 71.30 -104.99 66.15
C ASN L 186 70.04 -104.76 66.96
N HIS L 187 70.15 -103.89 67.96
CA HIS L 187 69.21 -103.98 69.06
C HIS L 187 68.13 -102.92 68.81
N ILE L 188 66.87 -103.26 69.11
CA ILE L 188 65.71 -102.45 68.80
C ILE L 188 64.89 -102.27 70.07
N GLY L 189 63.89 -101.39 70.00
CA GLY L 189 62.95 -101.27 71.11
C GLY L 189 62.36 -99.89 71.35
N HIS L 190 62.93 -98.86 70.74
CA HIS L 190 62.48 -97.50 71.02
C HIS L 190 61.24 -97.13 70.22
N THR L 191 60.27 -96.50 70.88
CA THR L 191 59.11 -95.94 70.22
C THR L 191 59.34 -94.45 69.98
N GLY L 192 60.11 -94.18 68.93
CA GLY L 192 60.58 -92.85 68.62
C GLY L 192 62.07 -92.91 68.31
N TYR L 193 62.63 -91.80 67.82
CA TYR L 193 64.05 -91.80 67.50
C TYR L 193 64.88 -91.66 68.76
N LEU L 194 66.06 -92.28 68.75
CA LEU L 194 67.00 -92.10 69.84
C LEU L 194 67.73 -90.77 69.70
N ASN L 195 67.90 -90.09 70.84
CA ASN L 195 68.57 -88.80 70.85
C ASN L 195 70.03 -88.89 71.29
N THR L 196 70.32 -89.67 72.33
CA THR L 196 71.67 -89.82 72.84
C THR L 196 71.79 -91.17 73.54
N VAL L 197 73.03 -91.64 73.66
CA VAL L 197 73.33 -92.88 74.36
C VAL L 197 74.60 -92.69 75.17
N THR L 198 74.68 -93.36 76.31
CA THR L 198 75.82 -93.25 77.21
C THR L 198 76.05 -94.57 77.92
N VAL L 199 77.32 -94.84 78.25
CA VAL L 199 77.74 -96.07 78.90
C VAL L 199 78.05 -95.75 80.36
N SER L 200 77.97 -96.78 81.22
CA SER L 200 78.24 -96.65 82.66
C SER L 200 79.66 -96.11 82.89
N PRO L 201 80.01 -95.72 84.12
CA PRO L 201 81.40 -95.31 84.38
C PRO L 201 82.41 -96.36 83.95
N ASP L 202 82.13 -97.62 84.19
CA ASP L 202 82.85 -98.72 83.57
C ASP L 202 82.07 -99.20 82.35
N GLY L 203 82.72 -100.04 81.54
CA GLY L 203 82.05 -100.54 80.36
C GLY L 203 81.09 -101.67 80.66
N SER L 204 79.96 -101.38 81.31
CA SER L 204 79.04 -102.42 81.74
C SER L 204 77.67 -102.34 81.06
N LEU L 205 76.97 -101.21 81.18
CA LEU L 205 75.63 -101.11 80.62
C LEU L 205 75.48 -99.78 79.89
N CYS L 206 74.56 -99.74 78.94
CA CYS L 206 74.23 -98.49 78.25
C CYS L 206 72.89 -97.95 78.71
N ALA L 207 72.58 -96.76 78.21
CA ALA L 207 71.24 -96.19 78.30
C ALA L 207 71.11 -95.17 77.17
N SER L 208 70.12 -95.36 76.32
CA SER L 208 69.78 -94.40 75.29
C SER L 208 68.39 -93.83 75.57
N GLY L 209 67.90 -93.01 74.64
CA GLY L 209 66.60 -92.40 74.83
C GLY L 209 66.31 -91.41 73.73
N GLY L 210 65.07 -90.93 73.71
CA GLY L 210 64.61 -90.03 72.67
C GLY L 210 63.33 -89.35 73.04
N LYS L 211 62.43 -89.22 72.06
CA LYS L 211 61.21 -88.42 72.26
C LYS L 211 60.28 -89.04 73.28
N ASP L 212 60.14 -90.36 73.29
CA ASP L 212 59.17 -91.01 74.16
C ASP L 212 59.47 -90.81 75.63
N GLY L 213 60.69 -90.38 75.96
CA GLY L 213 61.10 -90.23 77.34
C GLY L 213 61.67 -91.47 77.96
N GLN L 214 61.64 -92.60 77.25
CA GLN L 214 62.10 -93.86 77.81
C GLN L 214 63.61 -93.83 78.00
N ALA L 215 64.04 -93.59 79.23
CA ALA L 215 65.46 -93.60 79.60
C ALA L 215 65.83 -95.03 79.97
N MET L 216 65.61 -95.92 79.01
CA MET L 216 65.82 -97.35 79.18
C MET L 216 67.30 -97.70 79.40
N LEU L 217 67.53 -98.81 80.11
CA LEU L 217 68.88 -99.28 80.41
C LEU L 217 69.09 -100.64 79.75
N TRP L 218 70.21 -100.78 79.03
CA TRP L 218 70.47 -101.96 78.21
C TRP L 218 71.90 -102.46 78.45
N ASP L 219 72.12 -103.75 78.18
CA ASP L 219 73.40 -104.39 78.48
C ASP L 219 74.28 -104.47 77.24
N LEU L 220 75.54 -104.00 77.35
CA LEU L 220 76.53 -104.20 76.29
C LEU L 220 77.34 -105.47 76.45
N ASN L 221 77.63 -105.88 77.69
CA ASN L 221 78.46 -107.04 77.92
C ASN L 221 77.82 -108.28 77.31
N GLU L 222 76.51 -108.45 77.50
CA GLU L 222 75.84 -109.63 76.99
C GLU L 222 74.74 -109.29 75.98
N GLY L 223 74.07 -108.15 76.11
CA GLY L 223 73.19 -107.71 75.04
C GLY L 223 71.72 -108.07 75.10
N LYS L 224 71.03 -107.72 76.19
CA LYS L 224 69.59 -107.88 76.25
C LYS L 224 68.97 -106.72 77.00
N HIS L 225 67.66 -106.58 76.87
CA HIS L 225 66.94 -105.53 77.59
C HIS L 225 66.99 -105.79 79.10
N LEU L 226 67.37 -104.76 79.85
CA LEU L 226 67.46 -104.86 81.31
C LEU L 226 66.32 -104.12 82.00
N TYR L 227 66.10 -102.85 81.65
CA TYR L 227 64.99 -102.09 82.22
C TYR L 227 64.71 -100.90 81.31
N THR L 228 63.42 -100.65 81.04
CA THR L 228 62.98 -99.47 80.31
C THR L 228 62.15 -98.60 81.26
N LEU L 229 62.76 -97.52 81.75
CA LEU L 229 62.05 -96.51 82.51
C LEU L 229 61.96 -95.24 81.68
N ASP L 230 60.95 -94.42 81.98
CA ASP L 230 60.65 -93.27 81.13
C ASP L 230 60.79 -91.98 81.91
N GLY L 231 61.12 -90.93 81.18
CA GLY L 231 60.89 -89.56 81.63
C GLY L 231 59.55 -89.10 81.09
N GLY L 232 59.00 -88.06 81.70
CA GLY L 232 57.71 -87.55 81.29
C GLY L 232 57.66 -87.10 79.84
N ASP L 233 58.73 -86.43 79.39
CA ASP L 233 58.77 -85.82 78.08
C ASP L 233 60.16 -86.03 77.49
N ILE L 234 60.48 -85.29 76.44
CA ILE L 234 61.72 -85.42 75.68
C ILE L 234 62.94 -85.48 76.59
N ILE L 235 63.76 -86.51 76.41
CA ILE L 235 65.08 -86.59 77.03
C ILE L 235 66.10 -86.18 75.98
N ASN L 236 67.05 -85.34 76.37
CA ASN L 236 68.02 -84.83 75.40
C ASN L 236 69.47 -84.94 75.86
N ALA L 237 69.74 -85.40 77.07
CA ALA L 237 71.08 -85.75 77.49
C ALA L 237 70.99 -86.79 78.58
N LEU L 238 72.06 -87.56 78.78
CA LEU L 238 72.06 -88.63 79.76
C LEU L 238 73.50 -89.06 80.01
N CYS L 239 73.87 -89.19 81.27
CA CYS L 239 75.19 -89.65 81.67
C CYS L 239 75.11 -90.32 83.03
N PHE L 240 76.05 -91.21 83.29
CA PHE L 240 76.09 -91.99 84.52
C PHE L 240 77.04 -91.34 85.50
N SER L 241 76.63 -91.27 86.77
CA SER L 241 77.49 -90.71 87.79
C SER L 241 78.75 -91.57 87.94
N PRO L 242 79.91 -90.94 88.12
CA PRO L 242 81.17 -91.70 88.04
C PRO L 242 81.34 -92.78 89.10
N ASN L 243 81.26 -92.41 90.39
CA ASN L 243 81.48 -93.40 91.44
C ASN L 243 80.23 -94.23 91.70
N ARG L 244 79.16 -93.57 92.17
CA ARG L 244 77.89 -94.24 92.37
C ARG L 244 77.10 -94.25 91.08
N TYR L 245 76.33 -95.31 90.86
CA TYR L 245 75.67 -95.48 89.57
C TYR L 245 74.68 -94.36 89.29
N TRP L 246 73.57 -94.34 90.05
CA TRP L 246 72.69 -93.18 90.20
C TRP L 246 72.49 -92.39 88.91
N LEU L 247 71.89 -93.04 87.91
CA LEU L 247 71.73 -92.43 86.58
C LEU L 247 70.98 -91.12 86.68
N CYS L 248 71.52 -90.09 86.03
CA CYS L 248 70.87 -88.79 85.89
C CYS L 248 70.59 -88.55 84.41
N ALA L 249 69.34 -88.21 84.10
CA ALA L 249 68.89 -88.03 82.73
C ALA L 249 68.36 -86.62 82.55
N ALA L 250 68.69 -86.01 81.42
CA ALA L 250 68.19 -84.67 81.09
C ALA L 250 66.88 -84.82 80.33
N THR L 251 65.77 -84.65 81.04
CA THR L 251 64.43 -84.78 80.44
C THR L 251 63.70 -83.46 80.60
N GLY L 252 63.23 -82.91 79.49
CA GLY L 252 62.50 -81.66 79.50
C GLY L 252 63.36 -80.53 80.03
N PRO L 253 62.72 -79.53 80.64
CA PRO L 253 63.45 -78.46 81.33
C PRO L 253 63.73 -78.80 82.78
N SER L 254 64.29 -79.98 83.02
CA SER L 254 64.52 -80.46 84.38
C SER L 254 65.51 -81.62 84.33
N ILE L 255 66.08 -81.93 85.48
CA ILE L 255 67.06 -83.01 85.62
C ILE L 255 66.45 -84.07 86.53
N LYS L 256 66.40 -85.31 86.05
CA LYS L 256 65.84 -86.41 86.81
C LYS L 256 66.97 -87.39 87.13
N ILE L 257 67.01 -87.88 88.36
CA ILE L 257 68.07 -88.78 88.82
C ILE L 257 67.42 -90.04 89.40
N TRP L 258 67.85 -91.20 88.91
CA TRP L 258 67.43 -92.47 89.47
C TRP L 258 68.65 -93.34 89.75
N ASP L 259 68.53 -94.21 90.74
CA ASP L 259 69.53 -95.26 90.94
C ASP L 259 69.04 -96.57 90.34
N LEU L 260 69.94 -97.26 89.63
CA LEU L 260 69.59 -98.53 89.01
C LEU L 260 69.23 -99.59 90.04
N GLU L 261 69.90 -99.60 91.20
CA GLU L 261 69.52 -100.46 92.30
C GLU L 261 68.35 -99.86 93.08
N GLY L 262 68.52 -98.63 93.54
CA GLY L 262 67.45 -97.90 94.20
C GLY L 262 66.50 -97.28 93.20
N LYS L 263 65.61 -98.10 92.64
CA LYS L 263 64.76 -97.71 91.52
C LYS L 263 63.92 -96.47 91.81
N ILE L 264 63.63 -96.19 93.09
CA ILE L 264 62.89 -94.99 93.45
C ILE L 264 63.67 -93.77 93.00
N ILE L 265 62.95 -92.73 92.56
CA ILE L 265 63.58 -91.51 92.07
C ILE L 265 64.49 -90.93 93.16
N VAL L 266 65.73 -90.63 92.79
CA VAL L 266 66.68 -90.07 93.75
C VAL L 266 66.28 -88.64 94.11
N ASP L 267 66.03 -87.81 93.09
CA ASP L 267 65.71 -86.41 93.31
C ASP L 267 65.08 -85.83 92.05
N GLU L 268 64.11 -84.96 92.25
CA GLU L 268 63.54 -84.17 91.16
C GLU L 268 64.29 -82.85 91.11
N LEU L 269 65.20 -82.70 90.16
CA LEU L 269 65.98 -81.48 90.00
C LEU L 269 65.24 -80.58 89.01
N LYS L 270 64.52 -79.61 89.56
CA LYS L 270 63.77 -78.65 88.76
C LYS L 270 64.53 -77.32 88.75
N GLN L 271 64.75 -76.77 87.55
CA GLN L 271 65.33 -75.44 87.47
C GLN L 271 64.40 -74.43 88.12
N GLU L 272 65.01 -73.43 88.77
CA GLU L 272 64.22 -72.43 89.48
C GLU L 272 63.38 -71.63 88.49
N VAL L 273 62.07 -71.61 88.73
CA VAL L 273 61.11 -71.00 87.82
C VAL L 273 60.66 -69.67 88.42
N ILE L 274 61.53 -69.07 89.24
CA ILE L 274 61.26 -67.76 89.80
C ILE L 274 60.84 -66.79 88.70
N SER L 275 59.82 -65.99 88.98
CA SER L 275 59.20 -65.11 87.99
C SER L 275 58.64 -65.94 86.82
N THR L 276 57.64 -66.77 87.16
CA THR L 276 57.03 -67.69 86.20
C THR L 276 56.54 -66.97 84.96
N SER L 277 57.13 -67.29 83.81
CA SER L 277 56.65 -66.75 82.54
C SER L 277 55.25 -67.27 82.22
N SER L 278 55.01 -68.55 82.48
CA SER L 278 53.73 -69.23 82.31
C SER L 278 53.33 -69.36 80.85
N LYS L 279 54.11 -68.79 79.93
CA LYS L 279 53.87 -68.93 78.49
C LYS L 279 55.05 -69.57 77.78
N ALA L 280 56.23 -69.60 78.40
CA ALA L 280 57.43 -70.11 77.76
C ALA L 280 57.96 -71.29 78.57
N GLU L 281 58.32 -72.36 77.86
CA GLU L 281 58.93 -73.51 78.51
C GLU L 281 60.29 -73.10 79.09
N PRO L 282 60.61 -73.53 80.30
CA PRO L 282 61.91 -73.20 80.89
C PRO L 282 63.04 -73.83 80.09
N PRO L 283 64.27 -73.34 80.24
CA PRO L 283 65.37 -73.80 79.38
C PRO L 283 65.58 -75.30 79.36
N GLN L 284 65.61 -75.86 78.15
CA GLN L 284 65.75 -77.30 77.96
C GLN L 284 67.19 -77.74 78.18
N CYS L 285 67.39 -78.76 79.01
CA CYS L 285 68.73 -79.20 79.40
C CYS L 285 69.36 -80.01 78.27
N THR L 286 70.07 -79.30 77.38
CA THR L 286 70.69 -79.95 76.24
C THR L 286 71.80 -80.90 76.66
N SER L 287 72.57 -80.52 77.68
CA SER L 287 73.74 -81.29 78.08
C SER L 287 73.86 -81.35 79.60
N LEU L 288 74.38 -82.47 80.09
CA LEU L 288 74.74 -82.66 81.49
C LEU L 288 76.11 -83.34 81.56
N ALA L 289 76.83 -83.11 82.65
CA ALA L 289 78.13 -83.72 82.84
C ALA L 289 78.46 -83.77 84.33
N TRP L 290 79.41 -84.65 84.66
CA TRP L 290 79.88 -84.87 86.01
C TRP L 290 81.33 -84.39 86.13
N SER L 291 81.95 -84.64 87.27
CA SER L 291 83.32 -84.23 87.52
C SER L 291 84.27 -85.41 87.71
N ALA L 292 83.90 -86.59 87.23
CA ALA L 292 84.69 -87.80 87.36
C ALA L 292 84.90 -88.20 88.81
N ASP L 293 84.19 -87.53 89.73
CA ASP L 293 84.24 -87.89 91.14
C ASP L 293 82.86 -87.84 91.79
N GLY L 294 81.81 -87.60 91.02
CA GLY L 294 80.46 -87.55 91.58
C GLY L 294 80.24 -86.41 92.55
N GLN L 295 80.92 -85.29 92.37
CA GLN L 295 80.73 -84.12 93.21
C GLN L 295 79.86 -83.07 92.54
N THR L 296 80.29 -82.55 91.39
CA THR L 296 79.66 -81.40 90.76
C THR L 296 78.85 -81.88 89.56
N LEU L 297 77.58 -81.50 89.51
CA LEU L 297 76.74 -81.79 88.36
C LEU L 297 76.76 -80.59 87.42
N PHE L 298 77.32 -80.78 86.23
CA PHE L 298 77.42 -79.72 85.24
C PHE L 298 76.30 -79.88 84.22
N ALA L 299 75.46 -78.85 84.09
CA ALA L 299 74.31 -78.91 83.18
C ALA L 299 74.06 -77.51 82.63
N GLY L 300 74.13 -77.39 81.31
CA GLY L 300 73.82 -76.15 80.62
C GLY L 300 72.62 -76.36 79.69
N TYR L 301 71.69 -75.41 79.72
CA TYR L 301 70.44 -75.58 79.01
C TYR L 301 70.37 -74.63 77.82
N THR L 302 69.19 -74.58 77.19
CA THR L 302 68.98 -73.73 76.01
C THR L 302 69.09 -72.25 76.30
N ASP L 303 69.25 -71.84 77.56
CA ASP L 303 69.50 -70.44 77.87
C ASP L 303 70.98 -70.14 77.62
N ASN L 304 71.43 -68.96 78.01
CA ASN L 304 72.79 -68.53 77.72
C ASN L 304 73.76 -68.84 78.85
N LEU L 305 73.32 -69.55 79.89
CA LEU L 305 74.10 -69.74 81.10
C LEU L 305 74.11 -71.20 81.51
N VAL L 306 74.95 -71.50 82.50
CA VAL L 306 75.14 -72.86 83.02
C VAL L 306 75.08 -72.77 84.54
N ARG L 307 73.97 -73.23 85.13
CA ARG L 307 73.86 -73.30 86.57
C ARG L 307 74.29 -74.69 87.02
N VAL L 308 75.29 -74.74 87.90
CA VAL L 308 76.01 -75.98 88.22
C VAL L 308 75.42 -76.60 89.48
N TRP L 309 75.00 -77.85 89.38
CA TRP L 309 74.40 -78.58 90.49
C TRP L 309 75.47 -79.37 91.22
N GLN L 310 75.12 -79.86 92.41
CA GLN L 310 76.08 -80.56 93.25
C GLN L 310 75.34 -81.46 94.24
N VAL L 311 76.10 -82.32 94.90
CA VAL L 311 75.57 -83.13 96.00
C VAL L 311 76.10 -82.55 97.31
N THR L 312 75.20 -82.27 98.23
CA THR L 312 75.56 -81.71 99.53
C THR L 312 75.14 -82.69 100.63
N ILE L 313 76.03 -82.88 101.61
CA ILE L 313 75.84 -83.79 102.75
C ILE L 313 75.00 -85.02 102.43
N VAL M 1 91.78 -80.81 -51.07
CA VAL M 1 91.23 -79.62 -50.43
C VAL M 1 90.84 -79.94 -48.99
N MET M 2 90.72 -81.24 -48.68
CA MET M 2 90.29 -81.66 -47.36
C MET M 2 91.34 -81.33 -46.29
N ASP M 3 92.62 -81.41 -46.65
CA ASP M 3 93.70 -81.22 -45.70
C ASP M 3 94.05 -79.75 -45.49
N VAL M 4 93.27 -78.82 -46.03
CA VAL M 4 93.48 -77.40 -45.74
C VAL M 4 92.24 -76.80 -45.10
N ASN M 5 91.05 -77.09 -45.65
CA ASN M 5 89.83 -76.53 -45.09
C ASN M 5 89.60 -77.06 -43.68
N THR M 6 89.63 -78.38 -43.51
CA THR M 6 89.51 -78.95 -42.17
C THR M 6 90.67 -78.54 -41.28
N ALA M 7 91.89 -78.57 -41.83
CA ALA M 7 93.07 -78.17 -41.06
C ALA M 7 92.97 -76.72 -40.61
N LEU M 8 92.54 -75.84 -41.53
CA LEU M 8 92.26 -74.47 -41.12
C LEU M 8 91.09 -74.40 -40.17
N GLN M 9 90.07 -75.23 -40.40
CA GLN M 9 88.86 -75.19 -39.58
C GLN M 9 89.17 -75.49 -38.12
N GLU M 10 89.99 -76.52 -37.87
CA GLU M 10 90.30 -76.87 -36.49
C GLU M 10 91.27 -75.86 -35.87
N VAL M 11 92.27 -75.41 -36.63
CA VAL M 11 93.36 -74.64 -36.03
C VAL M 11 92.85 -73.33 -35.47
N LEU M 12 91.86 -72.71 -36.12
CA LEU M 12 91.20 -71.56 -35.51
C LEU M 12 90.28 -71.99 -34.37
N LYS M 13 89.69 -73.18 -34.47
CA LYS M 13 88.81 -73.66 -33.40
C LYS M 13 89.62 -73.96 -32.14
N THR M 14 90.75 -74.65 -32.28
CA THR M 14 91.64 -74.81 -31.14
C THR M 14 92.18 -73.47 -30.68
N ALA M 15 92.30 -72.52 -31.60
CA ALA M 15 92.80 -71.20 -31.22
C ALA M 15 91.78 -70.40 -30.45
N LEU M 16 90.50 -70.46 -30.86
CA LEU M 16 89.52 -69.54 -30.28
C LEU M 16 89.17 -69.86 -28.83
N ILE M 17 89.55 -71.03 -28.32
CA ILE M 17 89.18 -71.38 -26.95
C ILE M 17 90.21 -70.82 -25.96
N HIS M 18 91.46 -70.69 -26.38
CA HIS M 18 92.44 -70.06 -25.48
C HIS M 18 93.39 -69.14 -26.26
N ASP M 19 92.85 -68.34 -27.18
CA ASP M 19 93.65 -67.32 -27.86
C ASP M 19 92.72 -66.37 -28.58
N GLY M 20 93.08 -65.09 -28.56
CA GLY M 20 92.38 -64.08 -29.33
C GLY M 20 92.90 -64.04 -30.76
N LEU M 21 92.00 -64.13 -31.74
CA LEU M 21 92.40 -64.31 -33.13
C LEU M 21 92.49 -62.99 -33.89
N ALA M 22 92.29 -61.86 -33.22
CA ALA M 22 92.48 -60.54 -33.81
C ALA M 22 91.60 -60.35 -35.04
N ARG M 23 90.29 -60.49 -34.84
CA ARG M 23 89.33 -60.37 -35.93
C ARG M 23 89.13 -58.90 -36.29
N GLY M 24 89.23 -58.59 -37.57
CA GLY M 24 89.08 -57.24 -38.06
C GLY M 24 90.40 -56.60 -38.45
N ILE M 25 90.30 -55.40 -39.02
CA ILE M 25 91.48 -54.68 -39.48
C ILE M 25 92.44 -54.41 -38.32
N ARG M 26 91.99 -53.64 -37.33
CA ARG M 26 92.92 -53.05 -36.37
C ARG M 26 93.60 -54.13 -35.54
N GLU M 27 92.84 -55.15 -35.13
CA GLU M 27 93.41 -56.21 -34.30
C GLU M 27 94.37 -57.09 -35.11
N ALA M 28 93.95 -57.51 -36.31
CA ALA M 28 94.82 -58.36 -37.12
C ALA M 28 96.07 -57.62 -37.58
N ALA M 29 95.91 -56.37 -38.02
CA ALA M 29 97.06 -55.59 -38.46
C ALA M 29 98.01 -55.33 -37.29
N LYS M 30 97.47 -55.06 -36.11
CA LYS M 30 98.31 -54.90 -34.93
C LYS M 30 99.06 -56.19 -34.61
N ALA M 31 98.40 -57.33 -34.82
CA ALA M 31 99.07 -58.61 -34.58
C ALA M 31 100.23 -58.82 -35.55
N LEU M 32 100.05 -58.43 -36.81
CA LEU M 32 101.10 -58.64 -37.81
C LEU M 32 102.22 -57.63 -37.65
N ASP M 33 101.91 -56.40 -37.20
CA ASP M 33 102.95 -55.39 -37.06
C ASP M 33 104.02 -55.83 -36.06
N LYS M 34 103.59 -56.40 -34.94
CA LYS M 34 104.50 -57.11 -34.04
C LYS M 34 104.75 -58.47 -34.68
N ARG M 35 105.92 -58.63 -35.30
CA ARG M 35 106.14 -59.76 -36.20
C ARG M 35 106.30 -61.06 -35.41
N GLN M 36 105.22 -61.44 -34.70
CA GLN M 36 105.15 -62.70 -33.98
C GLN M 36 103.86 -63.46 -34.22
N ALA M 37 102.82 -62.79 -34.72
CA ALA M 37 101.56 -63.46 -35.00
C ALA M 37 101.73 -64.45 -36.15
N HIS M 38 101.17 -65.64 -35.98
CA HIS M 38 101.26 -66.73 -36.94
C HIS M 38 100.25 -66.56 -38.07
N LEU M 39 99.98 -67.65 -38.81
CA LEU M 39 99.15 -67.65 -40.02
C LEU M 39 98.01 -66.64 -39.98
N CYS M 40 97.91 -65.87 -41.07
CA CYS M 40 96.83 -64.92 -41.30
C CYS M 40 96.00 -65.36 -42.50
N VAL M 41 94.70 -65.14 -42.41
CA VAL M 41 93.73 -65.71 -43.36
C VAL M 41 92.92 -64.59 -43.98
N LEU M 42 92.70 -64.68 -45.29
CA LEU M 42 91.90 -63.71 -46.04
C LEU M 42 90.77 -64.44 -46.76
N ALA M 43 89.61 -63.79 -46.82
CA ALA M 43 88.44 -64.31 -47.51
C ALA M 43 88.25 -63.55 -48.81
N SER M 44 87.96 -64.30 -49.88
CA SER M 44 88.06 -63.73 -51.23
C SER M 44 87.04 -62.61 -51.44
N ASN M 45 85.82 -62.79 -50.94
CA ASN M 45 84.70 -61.92 -51.31
C ASN M 45 84.72 -60.57 -50.62
N CYS M 46 85.82 -60.15 -50.02
CA CYS M 46 85.92 -58.76 -49.56
C CYS M 46 86.06 -57.86 -50.78
N ASP M 47 85.05 -57.00 -51.01
CA ASP M 47 84.98 -56.26 -52.27
C ASP M 47 86.01 -55.14 -52.37
N GLU M 48 86.55 -54.67 -51.25
CA GLU M 48 87.44 -53.51 -51.30
C GLU M 48 88.78 -53.89 -51.93
N PRO M 49 89.18 -53.28 -53.04
CA PRO M 49 90.53 -53.55 -53.57
C PRO M 49 91.64 -53.13 -52.64
N MET M 50 91.40 -52.13 -51.79
CA MET M 50 92.40 -51.76 -50.79
C MET M 50 92.50 -52.82 -49.70
N TYR M 51 91.36 -53.44 -49.35
CA TYR M 51 91.37 -54.46 -48.30
C TYR M 51 92.28 -55.63 -48.66
N VAL M 52 92.09 -56.21 -49.85
CA VAL M 52 92.90 -57.36 -50.24
C VAL M 52 94.37 -56.96 -50.28
N LYS M 53 94.66 -55.74 -50.73
CA LYS M 53 96.06 -55.39 -50.96
C LYS M 53 96.79 -55.26 -49.63
N LEU M 54 96.21 -54.54 -48.67
CA LEU M 54 96.88 -54.32 -47.39
C LEU M 54 97.20 -55.63 -46.70
N VAL M 55 96.18 -56.44 -46.41
CA VAL M 55 96.39 -57.64 -45.61
C VAL M 55 97.43 -58.55 -46.26
N GLU M 56 97.38 -58.68 -47.58
CA GLU M 56 98.39 -59.47 -48.28
C GLU M 56 99.75 -58.79 -48.23
N ALA M 57 99.79 -57.48 -48.07
CA ALA M 57 101.08 -56.79 -48.02
C ALA M 57 101.84 -57.10 -46.73
N LEU M 58 101.16 -56.97 -45.58
CA LEU M 58 101.86 -57.17 -44.31
C LEU M 58 102.40 -58.59 -44.20
N CYS M 59 101.60 -59.58 -44.59
CA CYS M 59 102.06 -60.97 -44.52
C CYS M 59 103.25 -61.19 -45.43
N ALA M 60 103.15 -60.72 -46.68
CA ALA M 60 104.26 -60.86 -47.60
C ALA M 60 105.46 -60.04 -47.16
N GLU M 61 105.23 -58.89 -46.53
CA GLU M 61 106.34 -58.04 -46.13
C GLU M 61 107.15 -58.67 -45.01
N HIS M 62 106.49 -59.13 -43.94
CA HIS M 62 107.29 -59.54 -42.79
C HIS M 62 107.80 -60.98 -42.91
N GLN M 63 106.94 -61.97 -42.67
CA GLN M 63 107.25 -63.34 -43.07
C GLN M 63 106.00 -64.17 -43.33
N ILE M 64 104.82 -63.58 -43.18
CA ILE M 64 103.61 -64.36 -43.00
C ILE M 64 103.07 -64.80 -44.35
N ASN M 65 102.17 -65.79 -44.33
CA ASN M 65 101.61 -66.36 -45.55
C ASN M 65 100.10 -66.18 -45.56
N LEU M 66 99.57 -65.75 -46.70
CA LEU M 66 98.15 -65.47 -46.81
C LEU M 66 97.41 -66.72 -47.29
N ILE M 67 96.27 -67.02 -46.65
CA ILE M 67 95.49 -68.20 -46.95
C ILE M 67 94.15 -67.77 -47.54
N LYS M 68 93.81 -68.30 -48.71
CA LYS M 68 92.61 -67.90 -49.41
C LYS M 68 91.39 -68.58 -48.76
N VAL M 69 90.28 -67.85 -48.70
CA VAL M 69 89.03 -68.39 -48.19
C VAL M 69 87.91 -68.04 -49.17
N ASP M 70 86.96 -68.97 -49.32
CA ASP M 70 85.95 -68.87 -50.36
C ASP M 70 85.16 -67.56 -50.27
N ASP M 71 84.66 -67.21 -49.09
CA ASP M 71 83.85 -66.01 -48.97
C ASP M 71 84.04 -65.39 -47.59
N ASN M 72 83.60 -64.12 -47.49
CA ASN M 72 83.80 -63.35 -46.26
C ASN M 72 82.99 -63.94 -45.11
N LYS M 73 81.75 -64.34 -45.37
CA LYS M 73 80.85 -64.73 -44.29
C LYS M 73 81.29 -66.03 -43.64
N LYS M 74 81.75 -67.00 -44.43
CA LYS M 74 82.08 -68.31 -43.88
C LYS M 74 83.27 -68.24 -42.93
N LEU M 75 84.22 -67.36 -43.22
CA LEU M 75 85.37 -67.23 -42.34
C LEU M 75 84.95 -66.75 -40.96
N GLY M 76 84.06 -65.76 -40.89
CA GLY M 76 83.60 -65.27 -39.60
C GLY M 76 82.86 -66.33 -38.80
N GLU M 77 81.96 -67.07 -39.45
CA GLU M 77 81.25 -68.14 -38.76
C GLU M 77 82.21 -69.23 -38.30
N TRP M 78 83.34 -69.40 -38.99
CA TRP M 78 84.33 -70.35 -38.55
C TRP M 78 85.06 -69.87 -37.30
N VAL M 79 85.60 -68.65 -37.35
CA VAL M 79 86.43 -68.17 -36.24
C VAL M 79 85.61 -67.80 -35.02
N GLY M 80 84.29 -67.69 -35.15
CA GLY M 80 83.42 -67.48 -34.01
C GLY M 80 82.54 -66.24 -34.06
N LEU M 81 82.42 -65.57 -35.21
CA LEU M 81 81.58 -64.37 -35.31
C LEU M 81 80.17 -64.76 -35.75
N CYS M 82 79.46 -65.42 -34.84
CA CYS M 82 78.14 -65.95 -35.13
C CYS M 82 77.34 -66.04 -33.83
N LYS M 83 76.06 -65.67 -33.89
CA LYS M 83 75.17 -65.95 -32.77
C LYS M 83 74.81 -67.43 -32.82
N ILE M 84 75.23 -68.17 -31.80
CA ILE M 84 75.16 -69.62 -31.83
C ILE M 84 73.77 -70.06 -31.39
N ASP M 85 73.06 -70.75 -32.28
CA ASP M 85 71.75 -71.31 -31.95
C ASP M 85 71.52 -72.72 -32.46
N ARG M 86 72.41 -73.26 -33.32
CA ARG M 86 72.23 -74.56 -33.93
C ARG M 86 70.93 -74.62 -34.73
N GLU M 87 69.84 -75.03 -34.08
CA GLU M 87 68.56 -75.19 -34.75
C GLU M 87 68.05 -73.89 -35.37
N GLY M 88 68.51 -72.73 -34.89
CA GLY M 88 68.09 -71.46 -35.46
C GLY M 88 68.92 -71.08 -36.68
N LYS M 89 69.36 -69.83 -36.73
CA LYS M 89 70.21 -69.35 -37.82
C LYS M 89 71.56 -68.94 -37.25
N PRO M 90 72.60 -69.77 -37.37
CA PRO M 90 73.89 -69.40 -36.79
C PRO M 90 74.60 -68.30 -37.58
N ARG M 91 74.55 -68.34 -38.90
CA ARG M 91 75.36 -67.47 -39.74
C ARG M 91 74.70 -66.11 -40.01
N LYS M 92 73.69 -65.74 -39.21
CA LYS M 92 73.01 -64.46 -39.42
C LYS M 92 73.93 -63.28 -39.13
N VAL M 93 74.90 -63.47 -38.24
CA VAL M 93 75.92 -62.45 -38.05
C VAL M 93 76.83 -62.41 -39.25
N VAL M 94 77.27 -61.20 -39.62
CA VAL M 94 78.15 -61.05 -40.77
C VAL M 94 79.51 -61.66 -40.44
N GLY M 95 80.24 -62.04 -41.50
CA GLY M 95 81.52 -62.70 -41.34
C GLY M 95 82.67 -61.72 -41.24
N CYS M 96 83.88 -62.29 -41.15
CA CYS M 96 85.10 -61.53 -41.03
C CYS M 96 85.99 -61.79 -42.24
N SER M 97 86.62 -60.73 -42.74
CA SER M 97 87.43 -60.80 -43.95
C SER M 97 88.91 -61.05 -43.69
N CYS M 98 89.46 -60.51 -42.61
CA CYS M 98 90.86 -60.72 -42.26
C CYS M 98 90.95 -61.23 -40.82
N VAL M 99 91.67 -62.34 -40.64
CA VAL M 99 91.87 -62.93 -39.32
C VAL M 99 93.30 -63.47 -39.26
N VAL M 100 93.78 -63.68 -38.03
CA VAL M 100 95.04 -64.36 -37.79
C VAL M 100 94.80 -65.47 -36.79
N VAL M 101 95.70 -66.45 -36.77
CA VAL M 101 95.71 -67.52 -35.78
C VAL M 101 97.14 -67.59 -35.24
N LYS M 102 97.28 -67.60 -33.91
CA LYS M 102 98.60 -67.58 -33.29
C LYS M 102 98.65 -68.45 -32.04
N ASP M 103 97.89 -69.55 -32.01
CA ASP M 103 97.81 -70.39 -30.82
C ASP M 103 98.46 -71.76 -31.00
N TYR M 104 97.99 -72.55 -31.96
CA TYR M 104 98.44 -73.93 -32.14
C TYR M 104 98.43 -74.70 -30.82
N GLY M 105 97.32 -74.55 -30.08
CA GLY M 105 97.20 -75.24 -28.82
C GLY M 105 97.24 -76.75 -28.96
N LYS M 106 96.55 -77.28 -29.96
CA LYS M 106 96.54 -78.70 -30.26
C LYS M 106 97.29 -78.96 -31.56
N GLU M 107 97.75 -80.20 -31.72
CA GLU M 107 98.50 -80.60 -32.91
C GLU M 107 97.90 -81.82 -33.58
N SER M 108 96.59 -82.05 -33.41
CA SER M 108 95.94 -83.18 -34.09
C SER M 108 96.06 -83.03 -35.59
N GLN M 109 95.72 -81.86 -36.12
CA GLN M 109 95.92 -81.55 -37.53
C GLN M 109 96.63 -80.22 -37.73
N ALA M 110 97.26 -79.68 -36.69
CA ALA M 110 98.06 -78.46 -36.84
C ALA M 110 99.27 -78.71 -37.73
N LYS M 111 99.67 -79.97 -37.88
CA LYS M 111 100.76 -80.29 -38.81
C LYS M 111 100.35 -80.01 -40.25
N ASP M 112 99.07 -80.21 -40.58
CA ASP M 112 98.61 -79.91 -41.93
C ASP M 112 98.59 -78.41 -42.20
N VAL M 113 98.27 -77.59 -41.18
CA VAL M 113 98.38 -76.15 -41.36
C VAL M 113 99.84 -75.75 -41.51
N ILE M 114 100.75 -76.51 -40.89
CA ILE M 114 102.18 -76.33 -41.17
C ILE M 114 102.51 -76.84 -42.56
N GLU M 115 101.96 -78.01 -42.92
CA GLU M 115 102.11 -78.48 -44.30
C GLU M 115 101.43 -77.52 -45.28
N GLU M 116 100.35 -76.86 -44.86
CA GLU M 116 99.78 -75.79 -45.67
C GLU M 116 100.80 -74.66 -45.84
N TYR M 117 101.48 -74.28 -44.76
CA TYR M 117 102.57 -73.33 -44.87
C TYR M 117 103.67 -73.88 -45.76
N PHE M 118 104.00 -75.16 -45.61
CA PHE M 118 105.08 -75.75 -46.38
C PHE M 118 104.75 -75.79 -47.87
N LYS M 119 103.60 -76.36 -48.24
CA LYS M 119 103.30 -76.54 -49.65
C LYS M 119 102.92 -75.25 -50.35
N CYS M 120 102.46 -74.24 -49.61
CA CYS M 120 102.25 -72.94 -50.21
C CYS M 120 103.57 -72.25 -50.55
N LYS M 121 104.66 -72.68 -49.92
CA LYS M 121 105.97 -72.09 -50.16
C LYS M 121 106.85 -72.92 -51.10
N LYS M 122 106.36 -74.06 -51.58
CA LYS M 122 107.08 -74.81 -52.61
C LYS M 122 106.44 -74.57 -53.97
N ARG N 1 72.02 1.06 57.32
CA ARG N 1 73.08 0.23 56.76
C ARG N 1 73.15 0.39 55.24
N ASP N 2 74.03 1.28 54.78
CA ASP N 2 74.25 1.49 53.36
C ASP N 2 75.68 1.18 52.94
N LYS N 3 76.67 1.82 53.57
CA LYS N 3 78.07 1.65 53.22
C LYS N 3 78.92 2.35 54.27
N LEU N 4 80.05 1.74 54.64
CA LEU N 4 80.99 2.37 55.56
C LEU N 4 82.18 2.98 54.84
N ASN N 5 82.95 2.15 54.12
CA ASN N 5 84.01 2.57 53.19
C ASN N 5 85.04 3.52 53.81
N ASN N 6 85.12 3.63 55.14
CA ASN N 6 85.98 4.65 55.74
C ASN N 6 86.99 4.00 56.67
N LEU N 7 88.06 3.44 56.11
CA LEU N 7 89.16 2.89 56.90
C LEU N 7 90.43 2.92 56.08
N VAL N 8 91.36 3.80 56.45
CA VAL N 8 92.69 3.84 55.87
C VAL N 8 93.67 4.03 57.03
N LEU N 9 94.25 2.93 57.51
CA LEU N 9 95.35 2.96 58.47
C LEU N 9 95.01 3.86 59.67
N PHE N 10 94.03 3.38 60.44
CA PHE N 10 93.38 4.11 61.53
C PHE N 10 94.32 5.06 62.29
N ASP N 11 93.87 6.30 62.44
CA ASP N 11 94.75 7.42 62.80
C ASP N 11 95.00 7.47 64.30
N LYS N 12 95.75 8.49 64.71
CA LYS N 12 96.13 8.63 66.11
C LYS N 12 94.90 8.86 67.00
N ALA N 13 93.91 9.61 66.50
CA ALA N 13 92.70 9.84 67.28
C ALA N 13 91.99 8.52 67.60
N THR N 14 91.88 7.64 66.60
CA THR N 14 91.40 6.29 66.88
C THR N 14 92.43 5.49 67.67
N TYR N 15 93.72 5.68 67.37
CA TYR N 15 94.78 4.84 67.93
C TYR N 15 94.66 4.74 69.44
N ASP N 16 94.55 5.88 70.12
CA ASP N 16 94.47 5.87 71.58
C ASP N 16 93.20 5.21 72.07
N LYS N 17 92.15 5.22 71.24
CA LYS N 17 90.86 4.67 71.68
C LYS N 17 90.93 3.16 71.85
N LEU N 18 91.45 2.42 70.86
CA LEU N 18 91.44 0.97 70.97
C LEU N 18 92.53 0.49 71.91
N CYS N 19 93.65 1.19 71.96
CA CYS N 19 94.76 0.75 72.80
C CYS N 19 94.41 0.75 74.28
N LYS N 20 93.48 1.61 74.71
CA LYS N 20 93.05 1.66 76.10
C LYS N 20 91.68 1.03 76.33
N GLU N 21 90.97 0.63 75.28
CA GLU N 21 89.63 0.06 75.41
C GLU N 21 89.58 -1.41 75.02
N VAL N 22 90.25 -1.80 73.94
CA VAL N 22 90.21 -3.19 73.49
C VAL N 22 90.66 -4.17 74.58
N PRO N 23 91.78 -3.94 75.28
CA PRO N 23 92.20 -4.91 76.31
C PRO N 23 91.32 -4.94 77.54
N ASN N 24 90.21 -4.19 77.57
CA ASN N 24 89.35 -4.14 78.74
C ASN N 24 88.04 -4.90 78.58
N TYR N 25 87.87 -5.64 77.49
CA TYR N 25 86.74 -6.54 77.33
C TYR N 25 87.25 -7.87 76.78
N LYS N 26 86.40 -8.90 76.86
CA LYS N 26 86.86 -10.27 76.65
C LYS N 26 86.75 -10.74 75.21
N LEU N 27 85.73 -10.34 74.46
CA LEU N 27 85.51 -10.82 73.10
C LEU N 27 86.27 -9.96 72.12
N ILE N 28 87.41 -10.47 71.65
CA ILE N 28 88.21 -9.82 70.62
C ILE N 28 88.37 -10.79 69.47
N THR N 29 87.72 -10.48 68.35
CA THR N 29 87.92 -11.19 67.09
C THR N 29 88.05 -10.13 66.01
N PRO N 30 88.79 -10.42 64.93
CA PRO N 30 88.95 -9.41 63.87
C PRO N 30 87.63 -8.90 63.31
N ALA N 31 86.57 -9.68 63.47
CA ALA N 31 85.25 -9.27 62.98
C ALA N 31 84.61 -8.25 63.93
N VAL N 32 84.65 -8.49 65.23
CA VAL N 32 83.94 -7.61 66.16
C VAL N 32 84.63 -6.25 66.25
N VAL N 33 85.97 -6.25 66.30
CA VAL N 33 86.69 -4.97 66.32
C VAL N 33 86.44 -4.22 65.02
N SER N 34 86.29 -4.96 63.91
CA SER N 34 85.87 -4.34 62.67
C SER N 34 84.52 -3.65 62.81
N GLU N 35 83.60 -4.29 63.53
CA GLU N 35 82.33 -3.65 63.82
C GLU N 35 82.46 -2.58 64.89
N ARG N 36 83.29 -2.85 65.92
CA ARG N 36 83.33 -1.99 67.10
C ARG N 36 83.73 -0.55 66.79
N LEU N 37 84.97 -0.32 66.38
CA LEU N 37 85.29 1.08 66.09
C LEU N 37 84.83 1.49 64.68
N LYS N 38 85.50 1.02 63.62
CA LYS N 38 84.89 1.00 62.29
C LYS N 38 85.55 -0.03 61.37
N ILE N 39 86.54 -0.75 61.91
CA ILE N 39 87.65 -1.28 61.10
C ILE N 39 87.16 -2.17 59.96
N ARG N 40 87.92 -2.18 58.86
CA ARG N 40 87.59 -3.00 57.70
C ARG N 40 87.72 -4.48 58.01
N GLY N 41 88.92 -4.93 58.36
CA GLY N 41 89.14 -6.34 58.61
C GLY N 41 90.50 -6.84 58.18
N SER N 42 91.10 -6.19 57.17
CA SER N 42 92.46 -6.55 56.79
C SER N 42 93.46 -6.09 57.85
N LEU N 43 93.47 -4.79 58.15
CA LEU N 43 94.37 -4.28 59.18
C LEU N 43 93.91 -4.67 60.58
N ALA N 44 92.70 -5.21 60.70
CA ALA N 44 92.26 -5.75 61.98
C ALA N 44 93.22 -6.80 62.49
N ARG N 45 93.40 -7.87 61.72
CA ARG N 45 94.33 -8.93 62.11
C ARG N 45 95.76 -8.39 62.20
N ALA N 46 96.09 -7.37 61.40
CA ALA N 46 97.37 -6.68 61.58
C ALA N 46 97.41 -5.98 62.93
N ALA N 47 96.30 -5.37 63.35
CA ALA N 47 96.26 -4.71 64.65
C ALA N 47 96.33 -5.72 65.79
N LEU N 48 95.61 -6.84 65.67
CA LEU N 48 95.61 -7.84 66.74
C LEU N 48 96.99 -8.47 66.91
N GLN N 49 97.67 -8.78 65.80
CA GLN N 49 99.02 -9.33 65.92
C GLN N 49 100.00 -8.28 66.43
N GLU N 50 99.77 -7.01 66.10
CA GLU N 50 100.58 -5.95 66.68
C GLU N 50 100.35 -5.84 68.18
N LEU N 51 99.09 -5.93 68.61
CA LEU N 51 98.80 -6.04 70.04
C LEU N 51 99.34 -7.34 70.62
N LEU N 52 99.23 -8.45 69.88
CA LEU N 52 99.76 -9.72 70.35
C LEU N 52 101.27 -9.65 70.54
N SER N 53 101.95 -8.82 69.76
CA SER N 53 103.39 -8.65 69.94
C SER N 53 103.70 -7.91 71.24
N LYS N 54 102.77 -7.07 71.72
CA LYS N 54 103.02 -6.28 72.92
C LYS N 54 102.92 -7.13 74.17
N GLY N 55 102.18 -8.23 74.11
CA GLY N 55 101.99 -9.10 75.25
C GLY N 55 100.89 -8.69 76.21
N LEU N 56 99.87 -7.97 75.75
CA LEU N 56 98.78 -7.56 76.60
C LEU N 56 97.45 -8.24 76.23
N ILE N 57 97.37 -8.89 75.08
CA ILE N 57 96.21 -9.67 74.67
C ILE N 57 96.64 -11.13 74.52
N LYS N 58 95.82 -12.03 75.05
CA LYS N 58 96.10 -13.46 75.06
C LYS N 58 95.34 -14.16 73.93
N LEU N 59 96.06 -14.91 73.11
CA LEU N 59 95.46 -15.66 72.01
C LEU N 59 95.07 -17.06 72.49
N VAL N 60 93.85 -17.49 72.13
CA VAL N 60 93.32 -18.77 72.56
C VAL N 60 93.06 -19.71 71.40
N SER N 61 92.62 -19.19 70.24
CA SER N 61 92.17 -20.06 69.16
C SER N 61 93.26 -20.32 68.12
N LYS N 62 93.76 -19.26 67.48
CA LYS N 62 94.80 -19.36 66.45
C LYS N 62 94.37 -20.32 65.32
N HIS N 63 93.32 -19.92 64.61
CA HIS N 63 92.82 -20.67 63.46
C HIS N 63 92.77 -19.75 62.25
N ARG N 64 92.53 -20.35 61.08
CA ARG N 64 92.51 -19.59 59.84
C ARG N 64 91.38 -18.56 59.85
N ALA N 65 90.14 -19.04 59.85
CA ALA N 65 88.98 -18.16 59.80
C ALA N 65 88.68 -17.50 61.14
N GLN N 66 89.14 -18.08 62.25
CA GLN N 66 88.86 -17.53 63.56
C GLN N 66 90.15 -17.43 64.35
N VAL N 67 90.58 -16.21 64.62
CA VAL N 67 91.68 -15.95 65.55
C VAL N 67 91.06 -15.21 66.72
N ILE N 68 90.85 -15.92 67.82
CA ILE N 68 90.11 -15.40 68.97
C ILE N 68 91.08 -14.96 70.04
N TYR N 69 90.87 -13.76 70.57
CA TYR N 69 91.75 -13.17 71.57
C TYR N 69 90.93 -12.78 72.79
N THR N 70 91.61 -12.66 73.93
CA THR N 70 90.96 -12.28 75.17
C THR N 70 91.87 -11.35 75.96
N ARG N 71 91.28 -10.63 76.90
CA ARG N 71 92.03 -9.72 77.74
C ARG N 71 92.95 -10.49 78.70
N ASN N 72 93.80 -9.73 79.39
CA ASN N 72 94.72 -10.33 80.36
C ASN N 72 93.97 -10.81 81.60
N THR N 73 94.69 -11.55 82.44
CA THR N 73 94.17 -11.91 83.75
C THR N 73 94.14 -10.68 84.66
N LYS N 74 93.06 -10.52 85.40
CA LYS N 74 92.87 -9.40 86.30
C LYS N 74 93.16 -9.84 87.73
N GLY N 75 93.92 -9.02 88.45
CA GLY N 75 94.26 -9.33 89.83
C GLY N 75 95.60 -10.02 89.97
N TYR O 1 63.70 -30.64 -14.50
CA TYR O 1 62.39 -30.09 -14.83
C TYR O 1 62.41 -28.57 -14.79
N THR O 2 63.47 -27.99 -14.22
CA THR O 2 63.61 -26.54 -14.13
C THR O 2 64.04 -25.91 -15.45
N THR O 3 64.49 -26.70 -16.41
CA THR O 3 64.89 -26.23 -17.73
C THR O 3 65.86 -25.04 -17.72
N PRO O 4 67.03 -25.17 -17.05
CA PRO O 4 68.03 -24.10 -17.15
C PRO O 4 68.95 -24.30 -18.35
N LYS O 5 69.13 -25.56 -18.75
CA LYS O 5 69.92 -25.89 -19.94
C LYS O 5 69.24 -26.91 -20.86
N LYS O 6 68.28 -27.68 -20.36
CA LYS O 6 67.41 -28.56 -21.15
C LYS O 6 68.15 -29.72 -21.80
N ASN O 7 69.48 -29.74 -21.74
CA ASN O 7 70.26 -30.77 -22.40
C ASN O 7 71.74 -30.65 -22.10
N LYS O 8 72.43 -31.78 -22.08
CA LYS O 8 73.90 -31.85 -22.18
C LYS O 8 74.18 -33.08 -23.04
N HIS O 9 74.29 -32.87 -24.35
CA HIS O 9 74.42 -33.96 -25.30
C HIS O 9 75.66 -34.79 -25.02
N LYS O 10 75.52 -36.09 -25.17
CA LYS O 10 76.66 -36.99 -25.02
C LYS O 10 77.55 -36.93 -26.25
N ARG O 11 78.81 -37.36 -26.07
CA ARG O 11 79.77 -37.35 -27.16
C ARG O 11 79.65 -38.66 -27.94
N LYS O 12 79.27 -38.55 -29.21
CA LYS O 12 79.18 -39.73 -30.06
C LYS O 12 80.54 -40.02 -30.68
N LYS O 13 80.59 -41.10 -31.48
CA LYS O 13 81.76 -41.45 -32.25
C LYS O 13 81.61 -40.95 -33.67
N VAL O 14 82.68 -40.36 -34.20
CA VAL O 14 82.66 -39.82 -35.55
C VAL O 14 82.43 -40.93 -36.59
N LYS O 15 82.67 -42.19 -36.20
CA LYS O 15 82.42 -43.36 -37.04
C LYS O 15 83.25 -43.30 -38.34
N LEU O 16 84.56 -43.36 -38.13
CA LEU O 16 85.51 -43.55 -39.23
C LEU O 16 85.77 -45.04 -39.42
N ALA O 17 85.54 -45.52 -40.65
CA ALA O 17 85.64 -46.94 -40.95
C ALA O 17 86.93 -47.30 -41.69
N VAL O 18 87.90 -46.38 -41.73
CA VAL O 18 89.20 -46.64 -42.35
C VAL O 18 90.28 -46.17 -41.39
N LEU O 19 91.42 -46.87 -41.41
CA LEU O 19 92.56 -46.51 -40.58
C LEU O 19 93.69 -45.88 -41.38
N LYS O 20 93.94 -46.36 -42.61
CA LYS O 20 94.95 -45.85 -43.55
C LYS O 20 96.19 -45.32 -42.84
N TYR O 21 96.81 -46.20 -42.06
CA TYR O 21 97.97 -45.86 -41.24
C TYR O 21 99.30 -46.13 -41.93
N TYR O 22 99.27 -46.67 -43.14
CA TYR O 22 100.50 -46.95 -43.88
C TYR O 22 100.21 -47.08 -45.37
N LYS O 23 101.19 -46.73 -46.20
CA LYS O 23 101.06 -46.78 -47.65
C LYS O 23 101.91 -47.91 -48.21
N VAL O 24 101.74 -48.17 -49.51
CA VAL O 24 102.56 -49.12 -50.23
C VAL O 24 102.91 -48.51 -51.59
N ASP O 25 104.16 -48.70 -52.01
CA ASP O 25 104.60 -48.32 -53.35
C ASP O 25 105.39 -49.47 -53.96
N GLU O 26 105.33 -49.55 -55.29
CA GLU O 26 106.09 -50.52 -56.08
C GLU O 26 105.95 -51.95 -55.55
N ASN O 27 104.70 -52.39 -55.45
CA ASN O 27 104.37 -53.78 -55.13
C ASN O 27 104.90 -54.21 -53.75
N GLY O 28 104.65 -53.37 -52.76
CA GLY O 28 104.85 -53.74 -51.37
C GLY O 28 106.09 -53.19 -50.70
N LYS O 29 105.92 -52.09 -49.97
CA LYS O 29 106.93 -51.57 -49.05
C LYS O 29 106.19 -50.90 -47.89
N ILE O 30 106.69 -51.12 -46.68
CA ILE O 30 106.06 -50.57 -45.49
C ILE O 30 106.53 -49.13 -45.30
N SER O 31 105.59 -48.19 -45.32
CA SER O 31 105.90 -46.77 -45.16
C SER O 31 104.79 -46.16 -44.29
N ARG O 32 105.11 -45.93 -43.02
CA ARG O 32 104.13 -45.46 -42.07
C ARG O 32 103.91 -43.96 -42.20
N LEU O 33 102.74 -43.50 -41.75
CA LEU O 33 102.42 -42.09 -41.66
C LEU O 33 102.50 -41.56 -40.23
N ARG O 34 102.07 -42.36 -39.26
CA ARG O 34 102.10 -41.96 -37.86
C ARG O 34 103.36 -42.49 -37.19
N ARG O 35 103.85 -41.74 -36.20
CA ARG O 35 105.11 -42.07 -35.55
C ARG O 35 104.94 -43.29 -34.64
N GLU O 36 106.03 -44.04 -34.45
CA GLU O 36 106.04 -45.20 -33.58
C GLU O 36 106.24 -44.78 -32.14
N CYS O 37 105.29 -45.16 -31.27
CA CYS O 37 105.31 -44.68 -29.89
C CYS O 37 106.56 -45.20 -29.17
N PRO O 38 107.30 -44.33 -28.48
CA PRO O 38 108.55 -44.77 -27.83
C PRO O 38 108.34 -45.57 -26.55
N SER O 39 107.09 -45.71 -26.08
CA SER O 39 106.85 -46.46 -24.86
C SER O 39 107.13 -47.95 -25.07
N ASP O 40 107.51 -48.60 -23.98
CA ASP O 40 107.77 -50.04 -24.03
C ASP O 40 106.49 -50.81 -24.36
N GLU O 41 105.34 -50.27 -23.97
CA GLU O 41 104.07 -50.90 -24.31
C GLU O 41 103.69 -50.70 -25.77
N CYS O 42 104.35 -49.77 -26.47
CA CYS O 42 104.01 -49.48 -27.85
C CYS O 42 105.27 -49.27 -28.70
N GLY O 43 106.40 -49.86 -28.31
CA GLY O 43 107.63 -49.70 -29.07
C GLY O 43 107.55 -50.40 -30.41
N ALA O 44 107.69 -49.63 -31.48
CA ALA O 44 107.51 -50.12 -32.85
C ALA O 44 106.17 -50.83 -33.00
N GLY O 45 105.15 -50.31 -32.33
CA GLY O 45 103.86 -50.97 -32.25
C GLY O 45 102.70 -50.09 -32.63
N VAL O 46 101.76 -49.91 -31.69
CA VAL O 46 100.57 -49.12 -31.98
C VAL O 46 100.98 -47.68 -32.27
N PHE O 47 100.17 -47.00 -33.07
CA PHE O 47 100.57 -45.73 -33.64
C PHE O 47 100.49 -44.60 -32.61
N MET O 48 100.75 -43.39 -33.08
CA MET O 48 100.97 -42.24 -32.21
C MET O 48 100.25 -41.07 -32.88
N ALA O 49 99.26 -40.50 -32.19
CA ALA O 49 98.31 -39.60 -32.84
C ALA O 49 99.00 -38.41 -33.49
N SER O 50 98.59 -38.12 -34.72
CA SER O 50 99.09 -36.96 -35.47
C SER O 50 98.02 -35.87 -35.40
N HIS O 51 98.26 -34.89 -34.56
CA HIS O 51 97.36 -33.75 -34.39
C HIS O 51 97.85 -32.60 -35.26
N PHE O 52 97.26 -31.41 -35.08
CA PHE O 52 97.58 -30.29 -35.96
C PHE O 52 99.03 -29.85 -35.81
N ASP O 53 99.53 -29.76 -34.58
CA ASP O 53 100.98 -29.59 -34.43
C ASP O 53 101.58 -30.59 -33.45
N ARG O 54 100.87 -30.90 -32.37
CA ARG O 54 101.41 -31.78 -31.35
C ARG O 54 101.14 -33.25 -31.74
N HIS O 55 101.63 -34.16 -30.91
CA HIS O 55 101.54 -35.59 -31.15
C HIS O 55 101.19 -36.29 -29.84
N TYR O 56 100.38 -37.35 -29.92
CA TYR O 56 99.70 -37.90 -28.76
C TYR O 56 99.65 -39.41 -28.83
N CYS O 57 99.82 -40.07 -27.69
CA CYS O 57 99.75 -41.53 -27.58
C CYS O 57 98.51 -41.89 -26.77
N GLY O 58 97.54 -42.53 -27.42
CA GLY O 58 96.32 -42.91 -26.75
C GLY O 58 96.41 -44.09 -25.81
N LYS O 59 97.53 -44.82 -25.83
CA LYS O 59 97.67 -45.97 -24.96
C LYS O 59 98.12 -45.56 -23.57
N CYS O 60 99.29 -44.94 -23.46
CA CYS O 60 99.87 -44.55 -22.18
C CYS O 60 99.66 -43.07 -21.86
N CYS O 61 98.88 -42.35 -22.68
CA CYS O 61 98.58 -40.94 -22.46
C CYS O 61 99.87 -40.11 -22.39
N LEU O 62 100.62 -40.13 -23.49
CA LEU O 62 101.87 -39.39 -23.62
C LEU O 62 101.80 -38.48 -24.83
N THR O 63 102.42 -37.31 -24.71
CA THR O 63 102.42 -36.33 -25.77
C THR O 63 103.82 -35.77 -25.95
N TYR O 64 104.09 -35.27 -27.15
CA TYR O 64 105.32 -34.56 -27.46
C TYR O 64 104.98 -33.35 -28.31
N CYS O 65 105.41 -32.17 -27.88
CA CYS O 65 105.10 -30.93 -28.57
C CYS O 65 106.21 -30.57 -29.56
N PHE O 66 105.80 -30.04 -30.71
CA PHE O 66 106.73 -29.64 -31.76
C PHE O 66 107.01 -28.14 -31.70
N ASN O 67 107.62 -27.73 -30.60
CA ASN O 67 107.97 -26.33 -30.38
C ASN O 67 109.30 -26.01 -31.05
N ASP P 1 40.10 -28.08 8.10
CA ASP P 1 39.62 -28.16 9.48
C ASP P 1 39.48 -29.60 9.95
N GLY P 2 40.22 -30.51 9.30
CA GLY P 2 40.25 -31.89 9.75
C GLY P 2 40.98 -32.04 11.07
N PHE P 3 42.12 -31.38 11.22
CA PHE P 3 42.92 -31.40 12.43
C PHE P 3 43.64 -30.07 12.55
N ASP P 4 44.66 -30.02 13.42
CA ASP P 4 45.37 -28.78 13.69
C ASP P 4 46.38 -28.48 12.59
N SER P 5 47.26 -27.50 12.84
CA SER P 5 48.26 -27.12 11.85
C SER P 5 49.19 -28.27 11.48
N ARG P 6 49.40 -29.22 12.38
CA ARG P 6 50.20 -30.41 12.10
C ARG P 6 49.26 -31.58 11.81
N GLY P 7 49.85 -32.74 11.54
CA GLY P 7 49.07 -33.94 11.34
C GLY P 7 48.63 -34.58 12.65
N LYS P 8 47.97 -33.78 13.50
CA LYS P 8 47.55 -34.21 14.82
C LYS P 8 46.03 -34.31 14.85
N ARG P 9 45.51 -35.47 14.47
CA ARG P 9 44.08 -35.68 14.51
C ARG P 9 43.60 -35.70 15.96
N GLU P 10 42.62 -34.84 16.26
CA GLU P 10 42.10 -34.74 17.62
C GLU P 10 41.16 -35.89 17.97
N PHE P 11 40.71 -36.65 16.98
CA PHE P 11 39.81 -37.80 17.19
C PHE P 11 40.51 -39.04 16.64
N ASP P 12 41.30 -39.71 17.49
CA ASP P 12 41.98 -40.93 17.07
C ASP P 12 40.99 -42.08 16.90
N ARG P 13 40.05 -42.23 17.84
CA ARG P 13 39.04 -43.28 17.73
C ARG P 13 38.08 -43.05 16.57
N HIS P 14 37.99 -41.83 16.06
CA HIS P 14 37.30 -41.57 14.80
C HIS P 14 38.17 -42.13 13.67
N SER P 15 37.80 -43.29 13.15
CA SER P 15 38.58 -43.89 12.07
C SER P 15 38.56 -42.99 10.84
N GLY P 16 39.74 -42.81 10.25
CA GLY P 16 39.90 -41.90 9.14
C GLY P 16 39.65 -42.52 7.78
N SER P 17 39.45 -43.83 7.74
CA SER P 17 39.21 -44.55 6.49
C SER P 17 37.89 -45.29 6.58
N ASP P 18 37.10 -45.21 5.50
CA ASP P 18 35.80 -45.86 5.46
C ASP P 18 35.92 -47.39 5.39
N ARG P 19 37.10 -47.91 5.14
CA ARG P 19 37.28 -49.35 4.99
C ARG P 19 37.02 -50.08 6.30
N SER P 20 37.61 -49.60 7.40
CA SER P 20 37.55 -50.30 8.67
C SER P 20 37.44 -49.30 9.81
N GLY P 21 37.01 -49.80 10.97
CA GLY P 21 36.90 -49.05 12.19
C GLY P 21 38.08 -49.26 13.12
N LEU P 22 37.80 -49.22 14.43
CA LEU P 22 38.86 -49.40 15.41
C LEU P 22 39.25 -50.86 15.53
N LYS P 23 38.32 -51.70 15.97
CA LYS P 23 38.54 -53.13 16.04
C LYS P 23 38.40 -53.75 14.65
N HIS P 24 38.80 -55.01 14.52
CA HIS P 24 38.69 -55.70 13.26
C HIS P 24 37.22 -55.99 12.94
N GLU P 25 36.87 -55.87 11.67
CA GLU P 25 35.62 -56.40 11.17
C GLU P 25 35.94 -57.74 10.50
N ASP P 26 35.73 -58.84 11.23
CA ASP P 26 36.04 -60.15 10.70
C ASP P 26 35.25 -60.38 9.41
N LYS P 27 35.97 -60.78 8.37
CA LYS P 27 35.37 -60.85 7.03
C LYS P 27 34.71 -62.21 6.82
N ARG P 28 33.44 -62.17 6.44
CA ARG P 28 32.64 -63.38 6.18
C ARG P 28 32.63 -64.33 7.38
N GLY P 29 32.64 -63.78 8.59
CA GLY P 29 32.58 -64.59 9.78
C GLY P 29 33.75 -65.52 9.98
N GLY P 30 34.86 -65.31 9.27
CA GLY P 30 35.99 -66.19 9.36
C GLY P 30 35.97 -67.34 8.37
N SER P 31 35.52 -67.09 7.14
CA SER P 31 35.41 -68.11 6.12
C SER P 31 36.32 -67.76 4.95
N GLY P 32 36.67 -68.78 4.18
CA GLY P 32 37.48 -68.60 2.99
C GLY P 32 38.85 -69.25 3.08
N SER P 33 39.61 -69.10 2.01
CA SER P 33 40.95 -69.68 1.95
C SER P 33 41.93 -68.86 2.79
N HIS P 34 42.08 -67.58 2.46
CA HIS P 34 43.03 -66.70 3.14
C HIS P 34 42.25 -65.73 4.02
N ASN P 35 41.94 -66.17 5.24
CA ASN P 35 41.24 -65.36 6.21
C ASN P 35 41.45 -66.01 7.58
N TRP P 36 41.05 -65.29 8.63
CA TRP P 36 40.95 -65.95 9.93
C TRP P 36 39.96 -67.09 9.82
N GLY P 37 40.24 -68.18 10.52
CA GLY P 37 39.42 -69.36 10.39
C GLY P 37 38.08 -69.20 11.10
N THR P 38 37.26 -70.25 10.97
CA THR P 38 36.03 -70.38 11.71
C THR P 38 36.10 -71.60 12.61
N VAL P 39 35.31 -71.59 13.67
CA VAL P 39 35.39 -72.69 14.63
C VAL P 39 34.74 -73.95 14.07
N LYS P 40 33.86 -73.79 13.07
CA LYS P 40 33.17 -74.94 12.51
C LYS P 40 34.08 -75.77 11.61
N ASP P 41 34.86 -75.12 10.76
CA ASP P 41 35.80 -75.78 9.88
C ASP P 41 37.12 -76.11 10.57
N GLU P 42 37.32 -75.61 11.78
CA GLU P 42 38.57 -75.86 12.50
C GLU P 42 38.71 -77.32 12.89
N LEU P 43 37.62 -77.95 13.32
CA LEU P 43 37.68 -79.37 13.68
C LEU P 43 37.13 -80.23 12.55
N THR P 44 88.79 -82.58 -12.91
CA THR P 44 88.66 -81.39 -12.09
C THR P 44 89.35 -80.22 -12.78
N LEU P 45 88.90 -79.00 -12.48
CA LEU P 45 89.44 -77.82 -13.15
C LEU P 45 90.92 -77.63 -12.84
N ASP P 46 91.33 -77.87 -11.59
CA ASP P 46 92.71 -77.63 -11.20
C ASP P 46 93.67 -78.55 -11.94
N GLU P 47 93.32 -79.83 -12.07
CA GLU P 47 94.21 -80.76 -12.76
C GLU P 47 94.15 -80.59 -14.27
N TRP P 48 92.98 -80.22 -14.80
CA TRP P 48 92.86 -80.01 -16.24
C TRP P 48 93.73 -78.85 -16.70
N LYS P 49 93.77 -77.77 -15.91
CA LYS P 49 94.59 -76.62 -16.28
C LYS P 49 96.07 -76.99 -16.31
N ALA P 50 96.50 -77.88 -15.41
CA ALA P 50 97.91 -78.25 -15.35
C ALA P 50 98.35 -78.99 -16.60
N ILE P 51 97.46 -79.81 -17.18
CA ILE P 51 97.82 -80.55 -18.38
C ILE P 51 97.59 -79.75 -19.65
N GLN P 52 96.77 -78.70 -19.60
CA GLN P 52 96.49 -77.94 -20.82
C GLN P 52 97.67 -77.05 -21.20
N ASN P 53 98.27 -76.35 -20.24
CA ASN P 53 99.44 -75.53 -20.53
C ASN P 53 100.71 -76.35 -20.68
N LYS P 54 100.66 -77.64 -20.30
CA LYS P 54 101.82 -78.51 -20.51
C LYS P 54 102.13 -78.67 -21.99
N ASP P 55 101.10 -78.79 -22.81
CA ASP P 55 101.29 -78.90 -24.25
C ASP P 55 101.00 -77.56 -24.92
N ALA Q 1 -40.65 -71.05 -14.31
CA ALA Q 1 -41.00 -71.38 -15.68
C ALA Q 1 -42.33 -70.75 -16.08
N ARG Q 2 -42.51 -70.53 -17.39
CA ARG Q 2 -43.75 -69.99 -17.92
C ARG Q 2 -44.81 -71.08 -18.11
N GLY Q 3 -44.45 -72.35 -17.91
CA GLY Q 3 -45.37 -73.44 -18.08
C GLY Q 3 -44.87 -74.69 -17.41
N PRO Q 4 -45.62 -75.79 -17.53
CA PRO Q 4 -45.21 -77.04 -16.89
C PRO Q 4 -43.92 -77.58 -17.49
N LYS Q 5 -43.13 -78.25 -16.65
CA LYS Q 5 -41.90 -78.87 -17.11
C LYS Q 5 -42.21 -80.06 -18.00
N LYS Q 6 -41.26 -80.40 -18.86
CA LYS Q 6 -41.46 -81.40 -19.90
C LYS Q 6 -40.31 -82.38 -20.03
N HIS Q 7 -39.21 -82.17 -19.31
CA HIS Q 7 -38.07 -83.07 -19.30
C HIS Q 7 -37.77 -83.52 -17.88
N LEU Q 8 -37.14 -84.68 -17.76
CA LEU Q 8 -36.61 -85.18 -16.50
C LEU Q 8 -35.14 -85.51 -16.71
N LYS Q 9 -34.27 -84.92 -15.91
CA LYS Q 9 -32.85 -85.19 -16.01
C LYS Q 9 -32.53 -86.55 -15.41
N ARG Q 10 -31.53 -87.23 -16.00
CA ARG Q 10 -31.23 -88.60 -15.60
C ARG Q 10 -30.79 -88.67 -14.15
N VAL Q 11 -29.91 -87.76 -13.71
CA VAL Q 11 -29.44 -87.81 -12.34
C VAL Q 11 -30.53 -87.37 -11.37
N ALA Q 12 -31.58 -86.72 -11.87
CA ALA Q 12 -32.69 -86.31 -11.02
C ALA Q 12 -33.80 -87.35 -10.97
N ALA Q 13 -33.64 -88.49 -11.64
CA ALA Q 13 -34.64 -89.54 -11.60
C ALA Q 13 -34.69 -90.17 -10.20
N PRO Q 14 -35.83 -90.72 -9.80
CA PRO Q 14 -35.94 -91.30 -8.47
C PRO Q 14 -35.07 -92.54 -8.29
N LYS Q 15 -34.89 -92.92 -7.03
CA LYS Q 15 -34.06 -94.08 -6.70
C LYS Q 15 -34.62 -95.37 -7.32
N HIS Q 16 -35.92 -95.63 -7.10
CA HIS Q 16 -36.48 -96.89 -7.56
C HIS Q 16 -36.51 -96.99 -9.08
N TRP Q 17 -36.52 -95.85 -9.78
CA TRP Q 17 -36.28 -95.88 -11.22
C TRP Q 17 -34.94 -96.51 -11.53
N MET Q 18 -33.90 -96.12 -10.78
CA MET Q 18 -32.67 -96.90 -10.78
C MET Q 18 -32.03 -96.95 -12.18
N LEU Q 19 -31.63 -95.77 -12.65
CA LEU Q 19 -30.91 -95.62 -13.91
C LEU Q 19 -29.44 -95.41 -13.63
N ASP Q 20 -28.62 -95.54 -14.67
CA ASP Q 20 -27.21 -95.25 -14.55
C ASP Q 20 -26.98 -93.77 -14.87
N LYS Q 21 -25.72 -93.34 -14.89
CA LYS Q 21 -25.41 -91.93 -15.05
C LYS Q 21 -24.86 -91.57 -16.42
N LEU Q 22 -24.31 -92.52 -17.17
CA LEU Q 22 -23.56 -92.21 -18.38
C LEU Q 22 -24.25 -92.58 -19.67
N THR Q 23 -25.34 -93.35 -19.64
CA THR Q 23 -26.05 -93.66 -20.87
C THR Q 23 -26.67 -92.42 -21.49
N GLY Q 24 -27.27 -91.56 -20.67
CA GLY Q 24 -27.94 -90.39 -21.20
C GLY Q 24 -27.94 -89.26 -20.19
N VAL Q 25 -28.46 -88.11 -20.63
CA VAL Q 25 -28.57 -86.93 -19.79
C VAL Q 25 -29.98 -86.86 -19.22
N PHE Q 26 -30.94 -87.42 -19.94
CA PHE Q 26 -32.35 -87.25 -19.64
C PHE Q 26 -32.96 -88.57 -19.20
N ALA Q 27 -33.97 -88.46 -18.35
CA ALA Q 27 -34.76 -89.58 -17.85
C ALA Q 27 -35.96 -89.81 -18.76
N PRO Q 28 -36.68 -90.92 -18.59
CA PRO Q 28 -37.88 -91.14 -19.42
C PRO Q 28 -38.90 -90.04 -19.34
N ARG Q 29 -38.96 -89.28 -18.23
CA ARG Q 29 -39.92 -88.21 -18.05
C ARG Q 29 -41.33 -88.72 -18.33
N PRO Q 30 -41.90 -89.50 -17.42
CA PRO Q 30 -43.12 -90.25 -17.75
C PRO Q 30 -44.27 -89.29 -18.04
N SER Q 31 -45.13 -89.70 -18.96
CA SER Q 31 -46.33 -88.93 -19.21
C SER Q 31 -47.22 -88.94 -17.97
N THR Q 32 -48.08 -87.93 -17.88
CA THR Q 32 -49.03 -87.87 -16.79
C THR Q 32 -49.95 -89.09 -16.83
N GLY Q 33 -50.38 -89.54 -15.65
CA GLY Q 33 -51.13 -90.77 -15.57
C GLY Q 33 -51.75 -91.06 -14.22
N PRO Q 34 -52.12 -92.33 -14.00
CA PRO Q 34 -52.85 -92.68 -12.76
C PRO Q 34 -52.03 -92.53 -11.49
N HIS Q 35 -50.73 -92.77 -11.53
CA HIS Q 35 -49.89 -92.68 -10.36
C HIS Q 35 -48.91 -91.51 -10.48
N LYS Q 36 -48.40 -91.08 -9.33
CA LYS Q 36 -47.41 -90.02 -9.31
C LYS Q 36 -46.11 -90.50 -9.95
N LEU Q 37 -45.42 -89.59 -10.63
CA LEU Q 37 -44.21 -89.95 -11.37
C LEU Q 37 -43.08 -90.38 -10.44
N ARG Q 38 -43.15 -90.04 -9.15
CA ARG Q 38 -42.17 -90.49 -8.17
C ARG Q 38 -42.45 -91.92 -7.69
N GLU Q 39 -43.62 -92.48 -8.04
CA GLU Q 39 -43.97 -93.83 -7.65
C GLU Q 39 -44.28 -94.71 -8.85
N CYS Q 40 -43.65 -94.48 -9.99
CA CYS Q 40 -44.01 -95.16 -11.23
C CYS Q 40 -42.78 -95.65 -11.96
N LEU Q 41 -42.98 -96.66 -12.80
CA LEU Q 41 -41.93 -97.21 -13.65
C LEU Q 41 -42.38 -97.16 -15.10
N PRO Q 42 -41.92 -96.19 -15.90
CA PRO Q 42 -42.34 -96.12 -17.30
C PRO Q 42 -41.91 -97.36 -18.05
N LEU Q 43 -42.69 -97.72 -19.08
CA LEU Q 43 -42.43 -98.95 -19.82
C LEU Q 43 -41.07 -98.94 -20.47
N ILE Q 44 -40.56 -97.77 -20.86
CA ILE Q 44 -39.27 -97.71 -21.55
C ILE Q 44 -38.18 -98.38 -20.74
N ILE Q 45 -38.15 -98.10 -19.43
CA ILE Q 45 -37.15 -98.75 -18.59
C ILE Q 45 -37.58 -100.14 -18.14
N PHE Q 46 -38.88 -100.44 -18.14
CA PHE Q 46 -39.33 -101.75 -17.66
C PHE Q 46 -38.96 -102.84 -18.65
N LEU Q 47 -39.23 -102.62 -19.93
CA LEU Q 47 -38.82 -103.57 -20.97
C LEU Q 47 -37.37 -103.39 -21.42
N ARG Q 48 -36.63 -102.44 -20.86
CA ARG Q 48 -35.23 -102.25 -21.22
C ARG Q 48 -34.27 -102.50 -20.05
N ASN Q 49 -34.50 -101.83 -18.93
CA ASN Q 49 -33.58 -101.91 -17.80
C ASN Q 49 -33.86 -103.08 -16.87
N ARG Q 50 -34.99 -103.76 -17.02
CA ARG Q 50 -35.35 -104.87 -16.15
C ARG Q 50 -35.39 -106.20 -16.88
N LEU Q 51 -36.20 -106.32 -17.94
CA LEU Q 51 -36.30 -107.56 -18.69
C LEU Q 51 -35.44 -107.60 -19.93
N LYS Q 52 -34.91 -106.45 -20.36
CA LYS Q 52 -33.93 -106.35 -21.44
C LYS Q 52 -34.46 -106.90 -22.76
N TYR Q 53 -35.78 -106.90 -22.95
CA TYR Q 53 -36.33 -107.25 -24.26
C TYR Q 53 -35.88 -106.25 -25.33
N ALA Q 54 -35.90 -104.97 -24.99
CA ALA Q 54 -35.52 -103.90 -25.91
C ALA Q 54 -34.22 -103.27 -25.44
N LEU Q 55 -33.24 -103.19 -26.35
CA LEU Q 55 -31.95 -102.63 -25.99
C LEU Q 55 -32.03 -101.12 -25.76
N THR Q 56 -32.73 -100.40 -26.66
CA THR Q 56 -32.78 -98.96 -26.62
C THR Q 56 -34.23 -98.48 -26.67
N GLY Q 57 -34.41 -97.16 -26.64
CA GLY Q 57 -35.74 -96.60 -26.68
C GLY Q 57 -36.46 -96.87 -27.98
N ASP Q 58 -35.72 -96.91 -29.08
CA ASP Q 58 -36.34 -97.12 -30.39
C ASP Q 58 -36.85 -98.54 -30.56
N GLU Q 59 -36.24 -99.51 -29.88
CA GLU Q 59 -36.78 -100.86 -29.88
C GLU Q 59 -38.01 -100.99 -29.00
N VAL Q 60 -37.99 -100.40 -27.81
CA VAL Q 60 -39.19 -100.52 -26.97
C VAL Q 60 -40.35 -99.77 -27.58
N LYS Q 61 -40.07 -98.67 -28.29
CA LYS Q 61 -41.14 -97.94 -28.96
C LYS Q 61 -41.79 -98.78 -30.06
N LYS Q 62 -41.01 -99.59 -30.78
CA LYS Q 62 -41.59 -100.53 -31.72
C LYS Q 62 -42.05 -101.82 -31.06
N ILE Q 63 -41.65 -102.06 -29.81
CA ILE Q 63 -42.22 -103.15 -29.04
C ILE Q 63 -43.66 -102.83 -28.66
N CYS Q 64 -43.89 -101.61 -28.19
CA CYS Q 64 -45.16 -101.28 -27.52
C CYS Q 64 -46.32 -101.21 -28.51
N MET Q 65 -46.12 -100.55 -29.65
CA MET Q 65 -47.20 -100.30 -30.58
C MET Q 65 -47.35 -101.40 -31.63
N GLN Q 66 -46.56 -102.47 -31.51
CA GLN Q 66 -46.92 -103.71 -32.20
C GLN Q 66 -48.13 -104.37 -31.56
N ARG Q 67 -48.56 -103.88 -30.41
CA ARG Q 67 -49.84 -104.23 -29.78
C ARG Q 67 -49.86 -105.67 -29.27
N PHE Q 68 -48.76 -106.11 -28.68
CA PHE Q 68 -48.80 -107.22 -27.73
C PHE Q 68 -48.24 -106.71 -26.41
N ILE Q 69 -49.07 -106.01 -25.66
CA ILE Q 69 -48.84 -105.58 -24.28
C ILE Q 69 -50.22 -105.31 -23.69
N LYS Q 70 -50.39 -105.61 -22.42
CA LYS Q 70 -51.71 -105.50 -21.80
C LYS Q 70 -51.56 -105.12 -20.33
N ILE Q 71 -51.70 -103.83 -20.05
CA ILE Q 71 -51.71 -103.34 -18.67
C ILE Q 71 -53.17 -103.20 -18.25
N ASP Q 72 -53.50 -103.81 -17.11
CA ASP Q 72 -54.86 -103.80 -16.56
C ASP Q 72 -55.90 -104.27 -17.58
N GLY Q 73 -55.47 -105.04 -18.58
CA GLY Q 73 -56.38 -105.55 -19.58
C GLY Q 73 -56.55 -104.68 -20.82
N LYS Q 74 -55.82 -103.56 -20.92
CA LYS Q 74 -55.98 -102.64 -22.04
C LYS Q 74 -54.63 -102.36 -22.68
N VAL Q 75 -54.56 -102.49 -24.00
CA VAL Q 75 -53.35 -102.17 -24.76
C VAL Q 75 -53.15 -100.66 -24.73
N ARG Q 76 -51.91 -100.24 -24.44
CA ARG Q 76 -51.60 -98.82 -24.33
C ARG Q 76 -50.39 -98.49 -25.20
N THR Q 77 -50.50 -97.43 -26.00
CA THR Q 77 -49.50 -97.07 -26.99
C THR Q 77 -48.38 -96.20 -26.43
N ASP Q 78 -48.47 -95.77 -25.17
CA ASP Q 78 -47.48 -94.88 -24.58
C ASP Q 78 -46.29 -95.68 -24.06
N ILE Q 79 -45.08 -95.20 -24.33
CA ILE Q 79 -43.90 -95.85 -23.81
C ILE Q 79 -43.42 -95.21 -22.50
N THR Q 80 -43.95 -94.04 -22.17
CA THR Q 80 -43.64 -93.36 -20.91
C THR Q 80 -44.83 -93.40 -19.94
N TYR Q 81 -45.77 -94.31 -20.15
CA TYR Q 81 -46.92 -94.40 -19.27
C TYR Q 81 -46.50 -94.94 -17.92
N PRO Q 82 -46.90 -94.29 -16.82
CA PRO Q 82 -46.56 -94.75 -15.48
C PRO Q 82 -47.27 -96.05 -15.13
N ALA Q 83 -46.49 -97.13 -15.03
CA ALA Q 83 -47.03 -98.44 -14.71
C ALA Q 83 -47.68 -98.46 -13.34
N GLY Q 84 -47.03 -97.82 -12.36
CA GLY Q 84 -47.62 -97.63 -11.06
C GLY Q 84 -47.56 -98.88 -10.19
N PHE Q 85 -48.24 -98.78 -9.05
CA PHE Q 85 -48.13 -99.81 -8.03
C PHE Q 85 -49.13 -100.93 -8.34
N MET Q 86 -48.62 -102.16 -8.45
CA MET Q 86 -49.41 -103.40 -8.46
C MET Q 86 -50.38 -103.45 -9.65
N ASP Q 87 -49.83 -103.06 -10.80
CA ASP Q 87 -50.53 -103.12 -12.08
C ASP Q 87 -49.96 -104.24 -12.91
N VAL Q 88 -50.85 -105.08 -13.45
CA VAL Q 88 -50.47 -106.31 -14.14
C VAL Q 88 -50.19 -105.98 -15.60
N ILE Q 89 -48.99 -106.32 -16.07
CA ILE Q 89 -48.58 -106.13 -17.45
C ILE Q 89 -48.46 -107.50 -18.10
N SER Q 90 -49.26 -107.73 -19.14
CA SER Q 90 -49.28 -108.99 -19.87
C SER Q 90 -48.95 -108.73 -21.33
N ILE Q 91 -48.19 -109.64 -21.93
CA ILE Q 91 -47.86 -109.54 -23.35
C ILE Q 91 -48.83 -110.36 -24.20
N ASP Q 92 -49.32 -111.46 -23.65
CA ASP Q 92 -50.34 -112.34 -24.22
C ASP Q 92 -49.87 -113.11 -25.44
N LYS Q 93 -48.64 -112.89 -25.92
CA LYS Q 93 -48.11 -113.74 -26.97
C LYS Q 93 -47.23 -114.84 -26.41
N THR Q 94 -46.78 -114.72 -25.16
CA THR Q 94 -46.14 -115.82 -24.45
C THR Q 94 -46.48 -115.91 -22.96
N GLY Q 95 -47.36 -115.06 -22.43
CA GLY Q 95 -47.92 -115.27 -21.11
C GLY Q 95 -47.05 -114.99 -19.90
N GLU Q 96 -46.56 -113.76 -19.78
CA GLU Q 96 -45.80 -113.33 -18.61
C GLU Q 96 -46.63 -112.68 -17.53
N ASN Q 97 -47.68 -111.95 -17.90
CA ASN Q 97 -48.61 -111.29 -16.99
C ASN Q 97 -47.89 -110.76 -15.75
N PHE Q 98 -46.86 -109.95 -16.01
CA PHE Q 98 -46.03 -109.43 -14.94
C PHE Q 98 -46.84 -108.57 -13.99
N ARG Q 99 -46.58 -108.73 -12.70
CA ARG Q 99 -47.22 -107.92 -11.66
C ARG Q 99 -46.15 -107.05 -11.01
N LEU Q 100 -46.40 -105.75 -10.95
CA LEU Q 100 -45.43 -104.79 -10.41
C LEU Q 100 -45.67 -104.62 -8.92
N ILE Q 101 -44.95 -105.40 -8.12
CA ILE Q 101 -44.95 -105.31 -6.68
C ILE Q 101 -43.61 -104.78 -6.17
N TYR Q 102 -43.63 -104.31 -4.93
CA TYR Q 102 -42.42 -103.79 -4.34
C TYR Q 102 -41.58 -104.93 -3.76
N ASP Q 103 -40.28 -104.71 -3.71
CA ASP Q 103 -39.35 -105.70 -3.18
C ASP Q 103 -38.91 -105.29 -1.78
N THR Q 104 -38.01 -106.08 -1.20
CA THR Q 104 -37.59 -105.86 0.18
C THR Q 104 -36.76 -104.60 0.33
N LYS Q 105 -36.14 -104.11 -0.74
CA LYS Q 105 -35.21 -102.99 -0.69
C LYS Q 105 -35.74 -101.77 -1.44
N GLY Q 106 -37.05 -101.53 -1.36
CA GLY Q 106 -37.66 -100.31 -1.86
C GLY Q 106 -37.60 -100.09 -3.37
N ARG Q 107 -37.79 -101.14 -4.16
CA ARG Q 107 -37.86 -101.02 -5.61
C ARG Q 107 -38.94 -101.93 -6.17
N PHE Q 108 -39.18 -101.79 -7.47
CA PHE Q 108 -40.19 -102.57 -8.19
C PHE Q 108 -39.47 -103.71 -8.89
N ALA Q 109 -39.45 -104.88 -8.25
CA ALA Q 109 -38.78 -106.04 -8.81
C ALA Q 109 -39.75 -106.84 -9.67
N VAL Q 110 -39.18 -107.62 -10.60
CA VAL Q 110 -39.99 -108.41 -11.52
C VAL Q 110 -40.70 -109.54 -10.77
N HIS Q 111 -42.00 -109.67 -11.03
CA HIS Q 111 -42.82 -110.72 -10.40
C HIS Q 111 -43.59 -111.45 -11.49
N ARG Q 112 -43.25 -112.72 -11.70
CA ARG Q 112 -44.02 -113.59 -12.57
C ARG Q 112 -45.14 -114.23 -11.76
N ILE Q 113 -46.36 -114.21 -12.30
CA ILE Q 113 -47.53 -114.73 -11.60
C ILE Q 113 -48.25 -115.73 -12.49
N THR Q 114 -49.22 -116.40 -11.90
CA THR Q 114 -50.10 -117.31 -12.62
C THR Q 114 -51.08 -116.52 -13.50
N PRO Q 115 -51.62 -117.14 -14.54
CA PRO Q 115 -52.57 -116.40 -15.40
C PRO Q 115 -53.91 -116.13 -14.73
N GLU Q 116 -54.37 -117.01 -13.85
CA GLU Q 116 -55.61 -116.74 -13.12
C GLU Q 116 -55.45 -115.53 -12.20
N GLU Q 117 -54.22 -115.27 -11.75
CA GLU Q 117 -53.86 -114.11 -10.94
C GLU Q 117 -54.12 -112.78 -11.65
N ALA Q 118 -54.09 -112.76 -12.98
CA ALA Q 118 -54.04 -111.50 -13.73
C ALA Q 118 -55.37 -110.75 -13.68
N LYS Q 119 -56.48 -111.45 -13.92
CA LYS Q 119 -57.73 -110.76 -14.25
C LYS Q 119 -58.32 -109.98 -13.09
N TYR Q 120 -57.99 -110.30 -11.85
CA TYR Q 120 -58.44 -109.50 -10.72
C TYR Q 120 -57.30 -108.68 -10.15
N LYS Q 121 -57.65 -107.74 -9.27
CA LYS Q 121 -56.72 -106.72 -8.79
C LYS Q 121 -57.24 -106.17 -7.47
N LEU Q 122 -56.33 -105.58 -6.69
CA LEU Q 122 -56.64 -105.17 -5.32
C LEU Q 122 -56.13 -103.76 -5.06
N CYS Q 123 -57.04 -102.79 -5.02
CA CYS Q 123 -56.67 -101.39 -4.90
C CYS Q 123 -57.16 -100.85 -3.56
N LYS Q 124 -56.52 -99.76 -3.12
CA LYS Q 124 -56.84 -99.10 -1.87
C LYS Q 124 -57.61 -97.82 -2.18
N VAL Q 125 -58.73 -97.62 -1.49
CA VAL Q 125 -59.54 -96.44 -1.74
C VAL Q 125 -58.95 -95.24 -0.99
N ARG Q 126 -58.93 -94.09 -1.65
CA ARG Q 126 -58.38 -92.88 -1.06
C ARG Q 126 -59.42 -91.83 -0.72
N LYS Q 127 -60.46 -91.69 -1.55
CA LYS Q 127 -61.50 -90.70 -1.29
C LYS Q 127 -62.86 -91.28 -1.66
N ILE Q 128 -63.84 -90.96 -0.84
CA ILE Q 128 -65.23 -91.37 -1.07
C ILE Q 128 -66.11 -90.14 -0.93
N PHE Q 129 -67.03 -89.96 -1.87
CA PHE Q 129 -67.96 -88.84 -1.82
C PHE Q 129 -69.23 -89.23 -2.54
N VAL Q 130 -70.26 -88.40 -2.40
CA VAL Q 130 -71.54 -88.59 -3.06
C VAL Q 130 -71.77 -87.41 -4.01
N GLY Q 131 -72.27 -87.71 -5.20
CA GLY Q 131 -72.44 -86.70 -6.23
C GLY Q 131 -73.87 -86.47 -6.64
N THR Q 132 -74.08 -86.05 -7.89
CA THR Q 132 -75.42 -85.73 -8.37
C THR Q 132 -76.35 -86.94 -8.23
N LYS Q 133 -77.65 -86.65 -8.09
CA LYS Q 133 -78.69 -87.64 -7.85
C LYS Q 133 -78.52 -88.34 -6.51
N GLY Q 134 -77.66 -87.82 -5.65
CA GLY Q 134 -77.48 -88.38 -4.31
C GLY Q 134 -76.94 -89.80 -4.29
N ILE Q 135 -75.93 -90.09 -5.09
CA ILE Q 135 -75.37 -91.43 -5.15
C ILE Q 135 -73.87 -91.35 -4.89
N PRO Q 136 -73.30 -92.29 -4.14
CA PRO Q 136 -71.88 -92.19 -3.75
C PRO Q 136 -70.92 -92.64 -4.84
N HIS Q 137 -69.81 -91.92 -4.93
CA HIS Q 137 -68.69 -92.28 -5.78
C HIS Q 137 -67.46 -92.58 -4.92
N LEU Q 138 -66.51 -93.28 -5.50
CA LEU Q 138 -65.32 -93.70 -4.77
C LEU Q 138 -64.14 -93.70 -5.73
N VAL Q 139 -63.05 -93.06 -5.32
CA VAL Q 139 -61.81 -93.03 -6.09
C VAL Q 139 -60.73 -93.72 -5.27
N THR Q 140 -60.08 -94.71 -5.88
CA THR Q 140 -59.10 -95.53 -5.19
C THR Q 140 -57.72 -94.90 -5.30
N HIS Q 141 -56.68 -95.65 -4.89
CA HIS Q 141 -55.31 -95.16 -5.04
C HIS Q 141 -54.97 -94.98 -6.52
N ASP Q 142 -55.46 -95.86 -7.37
CA ASP Q 142 -55.36 -95.67 -8.81
C ASP Q 142 -56.35 -94.58 -9.24
N ALA Q 143 -56.16 -94.07 -10.46
CA ALA Q 143 -57.09 -93.11 -11.03
C ALA Q 143 -58.49 -93.68 -11.23
N ARG Q 144 -58.65 -94.99 -11.05
CA ARG Q 144 -59.95 -95.64 -11.19
C ARG Q 144 -60.93 -95.08 -10.17
N THR Q 145 -62.00 -94.46 -10.66
CA THR Q 145 -63.14 -94.09 -9.84
C THR Q 145 -64.33 -94.94 -10.27
N ILE Q 146 -65.13 -95.35 -9.29
CA ILE Q 146 -66.33 -96.14 -9.58
C ILE Q 146 -67.49 -95.59 -8.75
N ARG Q 147 -68.68 -95.75 -9.31
CA ARG Q 147 -69.92 -95.40 -8.66
C ARG Q 147 -70.49 -96.63 -7.96
N TYR Q 148 -71.34 -96.39 -6.97
CA TYR Q 148 -72.09 -97.45 -6.31
C TYR Q 148 -71.19 -98.44 -5.59
N PRO Q 149 -70.43 -98.02 -4.59
CA PRO Q 149 -69.61 -98.95 -3.82
C PRO Q 149 -70.37 -99.48 -2.61
N ASP Q 150 -69.85 -100.57 -2.05
CA ASP Q 150 -70.43 -101.13 -0.85
C ASP Q 150 -70.36 -100.11 0.28
N PRO Q 151 -71.45 -99.88 1.01
CA PRO Q 151 -71.45 -98.77 1.99
C PRO Q 151 -70.50 -98.98 3.16
N LEU Q 152 -70.04 -100.21 3.41
CA LEU Q 152 -69.09 -100.45 4.49
C LEU Q 152 -67.68 -100.01 4.14
N ILE Q 153 -67.38 -99.78 2.86
CA ILE Q 153 -66.06 -99.32 2.45
C ILE Q 153 -65.89 -97.87 2.88
N LYS Q 154 -64.95 -97.63 3.77
CA LYS Q 154 -64.65 -96.28 4.25
C LYS Q 154 -63.26 -95.89 3.76
N VAL Q 155 -62.78 -94.73 4.22
CA VAL Q 155 -61.52 -94.20 3.71
C VAL Q 155 -60.36 -95.11 4.09
N ASN Q 156 -59.29 -95.05 3.29
CA ASN Q 156 -58.06 -95.84 3.43
C ASN Q 156 -58.33 -97.32 3.75
N ASP Q 157 -59.39 -97.84 3.14
CA ASP Q 157 -59.59 -99.28 3.04
C ASP Q 157 -59.25 -99.73 1.63
N THR Q 158 -59.12 -101.04 1.44
CA THR Q 158 -58.76 -101.58 0.14
C THR Q 158 -59.86 -102.49 -0.36
N ILE Q 159 -59.95 -102.60 -1.68
CA ILE Q 159 -60.97 -103.36 -2.37
C ILE Q 159 -60.35 -104.26 -3.43
N GLN Q 160 -61.05 -105.35 -3.75
CA GLN Q 160 -60.56 -106.35 -4.70
C GLN Q 160 -61.43 -106.25 -5.95
N ILE Q 161 -60.84 -105.78 -7.05
CA ILE Q 161 -61.57 -105.51 -8.29
C ILE Q 161 -60.96 -106.33 -9.42
N ASP Q 162 -61.81 -106.82 -10.31
CA ASP Q 162 -61.34 -107.55 -11.48
C ASP Q 162 -61.23 -106.62 -12.68
N LEU Q 163 -60.25 -106.91 -13.54
CA LEU Q 163 -60.02 -106.07 -14.70
C LEU Q 163 -61.13 -106.27 -15.74
N GLU Q 164 -61.15 -105.37 -16.72
CA GLU Q 164 -62.07 -105.30 -17.85
C GLU Q 164 -63.54 -105.32 -17.42
N THR Q 165 -63.79 -105.21 -16.13
CA THR Q 165 -65.15 -105.01 -15.61
C THR Q 165 -65.23 -103.83 -14.66
N GLY Q 166 -64.20 -103.63 -13.83
CA GLY Q 166 -64.20 -102.56 -12.86
C GLY Q 166 -65.07 -102.79 -11.65
N LYS Q 167 -65.66 -103.98 -11.51
CA LYS Q 167 -66.54 -104.26 -10.39
C LYS Q 167 -65.73 -104.60 -9.14
N ILE Q 168 -66.36 -104.44 -7.98
CA ILE Q 168 -65.72 -104.66 -6.69
C ILE Q 168 -66.03 -106.09 -6.28
N THR Q 169 -65.07 -106.99 -6.52
CA THR Q 169 -65.30 -108.39 -6.21
C THR Q 169 -65.28 -108.64 -4.70
N ASP Q 170 -64.50 -107.85 -3.96
CA ASP Q 170 -64.43 -108.03 -2.51
C ASP Q 170 -63.77 -106.80 -1.91
N PHE Q 171 -63.88 -106.65 -0.59
CA PHE Q 171 -63.32 -105.52 0.15
C PHE Q 171 -62.58 -106.02 1.38
N ILE Q 172 -61.61 -105.23 1.83
CA ILE Q 172 -60.85 -105.54 3.03
C ILE Q 172 -60.82 -104.29 3.91
N LYS Q 173 -61.13 -104.46 5.19
CA LYS Q 173 -61.22 -103.35 6.13
C LYS Q 173 -59.88 -103.10 6.79
N PHE Q 174 -59.47 -101.83 6.81
CA PHE Q 174 -58.26 -101.41 7.52
C PHE Q 174 -58.50 -101.52 9.01
N ASP Q 175 -57.66 -102.28 9.70
CA ASP Q 175 -57.77 -102.44 11.13
C ASP Q 175 -56.44 -102.94 11.68
N THR Q 176 -56.30 -102.85 13.01
CA THR Q 176 -55.13 -103.46 13.64
C THR Q 176 -55.26 -104.97 13.65
N GLY Q 177 -54.23 -105.63 13.14
CA GLY Q 177 -54.23 -107.08 13.06
C GLY Q 177 -54.41 -107.66 11.68
N ASN Q 178 -54.32 -106.86 10.62
CA ASN Q 178 -54.38 -107.35 9.25
C ASN Q 178 -53.12 -106.96 8.50
N LEU Q 179 -52.62 -107.89 7.68
CA LEU Q 179 -51.34 -107.72 7.00
C LEU Q 179 -51.41 -106.54 6.05
N CYS Q 180 -50.36 -105.71 6.06
CA CYS Q 180 -50.29 -104.52 5.23
C CYS Q 180 -49.01 -104.54 4.41
N MET Q 181 -48.79 -103.44 3.69
CA MET Q 181 -47.55 -103.23 2.95
C MET Q 181 -47.33 -101.73 2.85
N VAL Q 182 -46.19 -101.27 3.35
CA VAL Q 182 -45.87 -99.85 3.36
C VAL Q 182 -45.39 -99.45 1.98
N THR Q 183 -46.02 -98.42 1.41
CA THR Q 183 -45.78 -98.00 0.04
C THR Q 183 -45.15 -96.62 -0.03
N GLY Q 184 -44.70 -96.10 1.10
CA GLY Q 184 -44.09 -94.79 1.11
C GLY Q 184 -43.02 -94.60 2.18
N GLY Q 185 -41.92 -93.96 1.79
CA GLY Q 185 -40.89 -93.58 2.74
C GLY Q 185 -39.69 -94.51 2.76
N ALA Q 186 -38.95 -94.43 3.86
CA ALA Q 186 -37.74 -95.22 4.02
C ALA Q 186 -38.04 -96.69 4.29
N ASN Q 187 -39.21 -96.99 4.84
CA ASN Q 187 -39.63 -98.37 5.08
C ASN Q 187 -40.27 -99.00 3.86
N LEU Q 188 -39.94 -98.51 2.67
CA LEU Q 188 -40.57 -98.93 1.44
C LEU Q 188 -40.41 -100.43 1.24
N GLY Q 189 -41.52 -101.10 0.95
CA GLY Q 189 -41.50 -102.50 0.59
C GLY Q 189 -41.32 -103.47 1.74
N ARG Q 190 -42.04 -103.25 2.84
CA ARG Q 190 -41.99 -104.16 3.98
C ARG Q 190 -43.41 -104.60 4.30
N ILE Q 191 -43.57 -105.90 4.57
CA ILE Q 191 -44.87 -106.51 4.80
C ILE Q 191 -44.96 -106.91 6.26
N GLY Q 192 -46.09 -106.62 6.88
CA GLY Q 192 -46.28 -106.92 8.28
C GLY Q 192 -47.72 -106.70 8.70
N VAL Q 193 -47.97 -106.92 9.98
CA VAL Q 193 -49.30 -106.79 10.55
C VAL Q 193 -49.39 -105.47 11.32
N ILE Q 194 -50.54 -104.80 11.23
CA ILE Q 194 -50.74 -103.59 12.03
C ILE Q 194 -50.97 -104.00 13.47
N THR Q 195 -50.15 -103.47 14.37
CA THR Q 195 -50.33 -103.73 15.79
C THR Q 195 -51.03 -102.59 16.51
N ASN Q 196 -50.91 -101.36 16.01
CA ASN Q 196 -51.52 -100.22 16.68
C ASN Q 196 -51.56 -99.04 15.71
N ARG Q 197 -52.62 -98.24 15.85
CA ARG Q 197 -52.83 -97.05 15.03
C ARG Q 197 -52.99 -95.84 15.96
N GLU Q 198 -52.05 -94.91 15.89
CA GLU Q 198 -52.11 -93.69 16.69
C GLU Q 198 -52.43 -92.53 15.76
N ARG Q 199 -53.46 -91.77 16.11
CA ARG Q 199 -53.91 -90.64 15.29
C ARG Q 199 -53.49 -89.33 15.94
N HIS Q 200 -53.33 -88.30 15.10
CA HIS Q 200 -53.00 -86.96 15.56
C HIS Q 200 -53.90 -85.98 14.83
N PRO Q 201 -54.86 -85.37 15.52
CA PRO Q 201 -55.75 -84.40 14.86
C PRO Q 201 -54.95 -83.24 14.26
N GLY Q 202 -55.28 -82.91 13.02
CA GLY Q 202 -54.53 -81.90 12.29
C GLY Q 202 -53.39 -82.44 11.45
N SER Q 203 -52.52 -83.22 12.07
CA SER Q 203 -51.37 -83.80 11.39
C SER Q 203 -51.71 -85.20 10.89
N PHE Q 204 -50.70 -85.92 10.40
CA PHE Q 204 -50.89 -87.26 9.87
C PHE Q 204 -51.02 -88.27 11.01
N ASP Q 205 -51.44 -89.48 10.64
CA ASP Q 205 -51.56 -90.59 11.58
C ASP Q 205 -50.44 -91.58 11.33
N VAL Q 206 -49.74 -91.97 12.39
CA VAL Q 206 -48.65 -92.93 12.32
C VAL Q 206 -49.15 -94.28 12.83
N VAL Q 207 -48.78 -95.34 12.12
CA VAL Q 207 -49.19 -96.69 12.49
C VAL Q 207 -47.95 -97.52 12.76
N HIS Q 208 -48.10 -98.52 13.62
CA HIS Q 208 -47.01 -99.41 13.97
C HIS Q 208 -47.29 -100.78 13.39
N VAL Q 209 -46.27 -101.39 12.79
CA VAL Q 209 -46.42 -102.64 12.05
C VAL Q 209 -45.38 -103.64 12.54
N LYS Q 210 -45.81 -104.86 12.81
CA LYS Q 210 -44.92 -105.96 13.17
C LYS Q 210 -44.76 -106.90 11.98
N ASP Q 211 -43.53 -107.29 11.69
CA ASP Q 211 -43.25 -108.15 10.55
C ASP Q 211 -43.38 -109.62 10.94
N ALA Q 212 -42.90 -110.50 10.07
CA ALA Q 212 -42.90 -111.92 10.37
C ALA Q 212 -41.83 -112.31 11.40
N ASN Q 213 -40.81 -111.48 11.57
CA ASN Q 213 -39.69 -111.78 12.46
C ASN Q 213 -39.70 -110.95 13.73
N GLY Q 214 -40.79 -110.24 14.03
CA GLY Q 214 -40.88 -109.46 15.23
C GLY Q 214 -40.34 -108.05 15.14
N ASN Q 215 -39.71 -107.68 14.03
CA ASN Q 215 -39.29 -106.31 13.83
C ASN Q 215 -40.51 -105.40 13.71
N SER Q 216 -40.50 -104.32 14.48
CA SER Q 216 -41.61 -103.38 14.53
C SER Q 216 -41.15 -102.03 14.02
N PHE Q 217 -42.00 -101.35 13.26
CA PHE Q 217 -41.63 -100.05 12.74
C PHE Q 217 -42.89 -99.20 12.63
N ALA Q 218 -42.69 -97.89 12.51
CA ALA Q 218 -43.79 -96.93 12.43
C ALA Q 218 -43.80 -96.27 11.06
N THR Q 219 -45.00 -96.00 10.55
CA THR Q 219 -45.16 -95.35 9.26
C THR Q 219 -46.45 -94.54 9.29
N ARG Q 220 -46.51 -93.51 8.44
CA ARG Q 220 -47.68 -92.65 8.40
C ARG Q 220 -48.87 -93.36 7.75
N LEU Q 221 -50.05 -92.79 7.96
CA LEU Q 221 -51.28 -93.39 7.44
C LEU Q 221 -51.32 -93.37 5.92
N SER Q 222 -50.54 -92.49 5.29
CA SER Q 222 -50.59 -92.31 3.85
C SER Q 222 -49.67 -93.24 3.09
N ASN Q 223 -48.99 -94.16 3.76
CA ASN Q 223 -48.04 -95.07 3.10
C ASN Q 223 -48.45 -96.52 3.22
N ILE Q 224 -49.58 -96.82 3.87
CA ILE Q 224 -49.99 -98.19 4.14
C ILE Q 224 -50.81 -98.70 2.97
N PHE Q 225 -50.82 -100.02 2.81
CA PHE Q 225 -51.67 -100.68 1.83
C PHE Q 225 -51.95 -102.09 2.36
N VAL Q 226 -53.20 -102.32 2.76
CA VAL Q 226 -53.59 -103.62 3.28
C VAL Q 226 -53.68 -104.62 2.14
N ILE Q 227 -52.94 -105.73 2.24
CA ILE Q 227 -52.89 -106.73 1.20
C ILE Q 227 -53.44 -108.08 1.66
N GLY Q 228 -53.77 -108.23 2.93
CA GLY Q 228 -54.23 -109.52 3.43
C GLY Q 228 -55.18 -109.36 4.60
N LYS Q 229 -56.04 -110.35 4.78
CA LYS Q 229 -56.95 -110.41 5.92
C LYS Q 229 -56.22 -111.10 7.06
N GLY Q 230 -55.63 -110.30 7.93
CA GLY Q 230 -54.85 -110.81 9.05
C GLY Q 230 -53.42 -111.16 8.71
N ASN Q 231 -53.21 -112.30 8.06
CA ASN Q 231 -51.87 -112.76 7.72
C ASN Q 231 -51.74 -113.32 6.31
N LYS Q 232 -52.84 -113.65 5.65
CA LYS Q 232 -52.78 -114.31 4.34
C LYS Q 232 -52.85 -113.26 3.25
N PRO Q 233 -51.78 -113.03 2.49
CA PRO Q 233 -51.85 -112.06 1.39
C PRO Q 233 -52.73 -112.57 0.26
N TRP Q 234 -53.45 -111.64 -0.36
CA TRP Q 234 -54.33 -111.97 -1.47
C TRP Q 234 -53.61 -111.93 -2.80
N ILE Q 235 -52.31 -111.64 -2.80
CA ILE Q 235 -51.53 -111.52 -4.01
C ILE Q 235 -50.20 -112.24 -3.78
N SER Q 236 -49.79 -113.04 -4.77
CA SER Q 236 -48.57 -113.83 -4.64
C SER Q 236 -47.39 -112.91 -4.42
N LEU Q 237 -46.79 -113.00 -3.22
CA LEU Q 237 -45.76 -112.06 -2.82
C LEU Q 237 -44.49 -112.27 -3.62
N PRO Q 238 -43.63 -111.26 -3.69
CA PRO Q 238 -42.32 -111.44 -4.33
C PRO Q 238 -41.45 -112.41 -3.56
N ARG Q 239 -40.33 -112.76 -4.17
CA ARG Q 239 -39.30 -113.51 -3.46
C ARG Q 239 -38.79 -112.68 -2.29
N GLY Q 240 -38.69 -113.32 -1.12
CA GLY Q 240 -38.33 -112.63 0.10
C GLY Q 240 -39.49 -112.30 1.01
N LYS Q 241 -40.72 -112.42 0.51
CA LYS Q 241 -41.93 -112.25 1.33
C LYS Q 241 -41.99 -110.88 2.01
N GLY Q 242 -41.40 -109.87 1.38
CA GLY Q 242 -41.47 -108.52 1.91
C GLY Q 242 -40.81 -108.34 3.27
N ILE Q 243 -39.90 -109.22 3.62
CA ILE Q 243 -39.20 -109.13 4.90
C ILE Q 243 -37.97 -108.26 4.71
N ARG Q 244 -37.66 -107.47 5.73
CA ARG Q 244 -36.51 -106.57 5.70
C ARG Q 244 -35.37 -107.20 6.47
N LEU Q 245 -34.30 -107.55 5.77
CA LEU Q 245 -33.14 -108.19 6.37
C LEU Q 245 -32.03 -107.17 6.48
N THR Q 246 -31.47 -107.05 7.68
CA THR Q 246 -30.45 -106.03 7.94
C THR Q 246 -29.17 -106.39 7.19
N ILE Q 247 -28.25 -105.42 7.12
CA ILE Q 247 -27.07 -105.56 6.29
C ILE Q 247 -26.20 -106.75 6.69
N ALA Q 248 -26.24 -107.17 7.95
CA ALA Q 248 -25.42 -108.30 8.37
C ALA Q 248 -25.95 -109.61 7.82
N GLU Q 249 -27.28 -109.81 7.85
CA GLU Q 249 -27.86 -111.06 7.37
C GLU Q 249 -27.65 -111.25 5.87
N GLU Q 250 -27.94 -110.21 5.06
CA GLU Q 250 -27.79 -110.37 3.62
C GLU Q 250 -26.35 -110.66 3.23
N ARG Q 251 -25.38 -110.15 3.98
CA ARG Q 251 -24.00 -110.51 3.75
C ARG Q 251 -23.78 -111.99 4.00
N ASP Q 252 -24.36 -112.51 5.09
CA ASP Q 252 -24.20 -113.93 5.42
C ASP Q 252 -24.80 -114.81 4.34
N LYS Q 253 -26.01 -114.48 3.89
CA LYS Q 253 -26.66 -115.29 2.87
C LYS Q 253 -25.99 -115.12 1.50
N ARG Q 254 -25.34 -113.99 1.27
CA ARG Q 254 -24.60 -113.83 0.02
C ARG Q 254 -23.41 -114.78 -0.05
N LEU Q 255 -22.63 -114.86 1.03
CA LEU Q 255 -21.53 -115.82 1.08
C LEU Q 255 -22.04 -117.25 1.21
N ALA Q 256 -23.19 -117.43 1.87
CA ALA Q 256 -23.80 -118.76 1.92
C ALA Q 256 -24.21 -119.23 0.54
N ALA Q 257 -24.80 -118.33 -0.26
CA ALA Q 257 -25.23 -118.70 -1.60
C ALA Q 257 -24.05 -119.03 -2.50
N LYS Q 258 -22.98 -118.23 -2.41
CA LYS Q 258 -21.82 -118.47 -3.24
C LYS Q 258 -21.08 -119.75 -2.82
N GLN Q 259 -21.08 -120.04 -1.52
CA GLN Q 259 -20.43 -121.26 -1.05
C GLN Q 259 -21.16 -122.49 -1.57
N SER Q 260 -22.49 -122.43 -1.63
CA SER Q 260 -23.27 -123.56 -2.15
C SER Q 260 -23.11 -123.70 -3.66
N SER Q 261 -23.18 -122.59 -4.39
CA SER Q 261 -23.12 -122.62 -5.84
C SER Q 261 -21.73 -122.91 -6.38
N GLY Q 262 -20.67 -122.47 -5.71
CA GLY Q 262 -19.31 -122.70 -6.17
C GLY Q 262 -18.55 -123.65 -5.29
N GLY R 1 -50.41 -54.22 -17.05
CA GLY R 1 -51.52 -53.39 -16.62
C GLY R 1 -51.48 -53.07 -15.15
N ILE R 2 -52.62 -52.71 -14.57
CA ILE R 2 -52.66 -52.49 -13.13
C ILE R 2 -52.52 -53.84 -12.43
N SER R 3 -51.82 -53.84 -11.30
CA SER R 3 -51.30 -55.07 -10.72
C SER R 3 -51.97 -55.37 -9.39
N ARG R 4 -52.21 -56.65 -9.13
CA ARG R 4 -52.74 -57.14 -7.88
C ARG R 4 -51.62 -57.58 -6.93
N ASP R 5 -50.36 -57.37 -7.33
CA ASP R 5 -49.22 -57.90 -6.59
C ASP R 5 -49.17 -57.40 -5.16
N ASN R 6 -48.35 -58.07 -4.36
CA ASN R 6 -48.09 -57.69 -2.98
C ASN R 6 -46.69 -57.16 -2.75
N TRP R 7 -45.76 -57.44 -3.66
CA TRP R 7 -44.36 -57.05 -3.47
C TRP R 7 -44.13 -55.56 -3.69
N HIS R 8 -45.07 -54.84 -4.29
CA HIS R 8 -44.91 -53.40 -4.43
C HIS R 8 -45.21 -52.65 -3.13
N LYS R 9 -45.84 -53.31 -2.17
CA LYS R 9 -46.22 -52.68 -0.92
C LYS R 9 -45.04 -52.61 0.04
N ARG R 10 -45.01 -51.55 0.84
CA ARG R 10 -44.03 -51.44 1.90
C ARG R 10 -44.24 -52.56 2.91
N ARG R 11 -43.15 -53.08 3.47
CA ARG R 11 -43.21 -54.23 4.34
C ARG R 11 -43.86 -53.87 5.68
N LYS R 12 -44.06 -54.89 6.52
CA LYS R 12 -44.68 -54.67 7.83
C LYS R 12 -43.85 -53.73 8.67
N THR R 13 -42.53 -53.90 8.67
CA THR R 13 -41.64 -53.02 9.40
C THR R 13 -41.60 -51.60 8.86
N GLY R 14 -42.17 -51.36 7.68
CA GLY R 14 -42.12 -50.07 7.04
C GLY R 14 -40.96 -49.89 6.10
N GLY R 15 -40.20 -50.94 5.81
CA GLY R 15 -39.09 -50.84 4.90
C GLY R 15 -39.50 -51.13 3.47
N LYS R 16 -39.06 -50.26 2.56
CA LYS R 16 -39.40 -50.42 1.15
C LYS R 16 -38.73 -51.68 0.60
N ARG R 17 -39.52 -52.49 -0.08
CA ARG R 17 -39.08 -53.77 -0.63
C ARG R 17 -38.79 -53.59 -2.11
N LYS R 18 -37.62 -54.02 -2.54
CA LYS R 18 -37.24 -53.88 -3.94
C LYS R 18 -37.59 -55.16 -4.69
N PRO R 19 -38.10 -55.05 -5.92
CA PRO R 19 -38.60 -56.25 -6.60
C PRO R 19 -37.49 -57.01 -7.33
N TYR R 20 -37.65 -58.34 -7.34
CA TYR R 20 -36.71 -59.23 -8.00
C TYR R 20 -37.20 -59.71 -9.36
N HIS R 21 -38.40 -59.30 -9.78
CA HIS R 21 -38.94 -59.72 -11.06
C HIS R 21 -39.94 -58.67 -11.53
N LYS R 22 -40.23 -58.71 -12.83
CA LYS R 22 -41.21 -57.81 -13.41
C LYS R 22 -42.63 -58.24 -13.06
N LYS R 23 -43.60 -57.44 -13.50
CA LYS R 23 -44.99 -57.80 -13.30
C LYS R 23 -45.31 -59.07 -14.08
N ARG R 24 -46.22 -59.87 -13.52
CA ARG R 24 -46.55 -61.17 -14.08
C ARG R 24 -48.01 -61.21 -14.50
N LYS R 25 -48.29 -62.17 -15.39
CA LYS R 25 -49.63 -62.31 -15.95
C LYS R 25 -50.66 -62.64 -14.89
N TYR R 26 -50.34 -63.58 -14.01
CA TYR R 26 -51.30 -64.09 -13.03
C TYR R 26 -51.70 -63.06 -11.98
N GLU R 27 -50.95 -61.96 -11.85
CA GLU R 27 -51.29 -60.90 -10.91
C GLU R 27 -51.91 -59.71 -11.64
N LEU R 28 -52.47 -59.95 -12.83
CA LEU R 28 -53.09 -58.90 -13.60
C LEU R 28 -54.42 -58.50 -12.96
N GLY R 29 -54.95 -57.36 -13.39
CA GLY R 29 -56.28 -56.94 -12.99
C GLY R 29 -56.97 -56.27 -14.16
N ARG R 30 -58.23 -55.91 -13.95
CA ARG R 30 -59.04 -55.30 -14.98
C ARG R 30 -59.82 -54.13 -14.43
N PRO R 31 -60.25 -53.20 -15.27
CA PRO R 31 -60.99 -52.03 -14.78
C PRO R 31 -62.32 -52.42 -14.16
N ALA R 32 -62.80 -51.55 -13.27
CA ALA R 32 -64.04 -51.79 -12.54
C ALA R 32 -65.23 -51.87 -13.50
N ALA R 33 -66.20 -52.71 -13.13
CA ALA R 33 -67.38 -52.85 -13.96
C ALA R 33 -68.21 -51.57 -14.01
N ASN R 34 -68.54 -51.01 -12.85
CA ASN R 34 -69.48 -49.90 -12.73
C ASN R 34 -70.77 -50.21 -13.49
N THR R 35 -71.45 -51.25 -13.03
CA THR R 35 -72.69 -51.69 -13.67
C THR R 35 -73.75 -50.61 -13.55
N LYS R 36 -74.53 -50.43 -14.61
CA LYS R 36 -75.52 -49.37 -14.68
C LYS R 36 -76.92 -49.96 -14.74
N ILE R 37 -77.91 -49.09 -14.83
CA ILE R 37 -79.32 -49.48 -14.87
C ILE R 37 -79.90 -49.06 -16.20
N GLY R 38 -80.47 -50.03 -16.93
CA GLY R 38 -81.06 -49.77 -18.22
C GLY R 38 -80.97 -50.97 -19.14
N PRO R 39 -80.86 -50.72 -20.45
CA PRO R 39 -80.75 -51.84 -21.40
C PRO R 39 -79.54 -52.71 -21.08
N ARG R 40 -79.73 -54.02 -21.21
CA ARG R 40 -78.71 -54.97 -20.79
C ARG R 40 -77.53 -54.97 -21.75
N ARG R 41 -76.32 -54.85 -21.20
CA ARG R 41 -75.09 -54.97 -21.97
C ARG R 41 -74.08 -55.73 -21.13
N ILE R 42 -73.76 -56.96 -21.55
CA ILE R 42 -72.84 -57.83 -20.84
C ILE R 42 -71.66 -58.12 -21.74
N HIS R 43 -70.45 -57.90 -21.22
CA HIS R 43 -69.22 -58.19 -21.95
C HIS R 43 -68.59 -59.46 -21.43
N THR R 44 -67.91 -60.17 -22.35
CA THR R 44 -67.27 -61.44 -22.05
C THR R 44 -65.76 -61.23 -22.00
N VAL R 45 -65.17 -61.54 -20.85
CA VAL R 45 -63.73 -61.43 -20.65
C VAL R 45 -63.17 -62.81 -20.34
N ARG R 46 -62.20 -63.24 -21.14
CA ARG R 46 -61.50 -64.49 -20.87
C ARG R 46 -60.53 -64.31 -19.71
N VAL R 47 -60.56 -65.24 -18.77
CA VAL R 47 -59.79 -65.15 -17.54
C VAL R 47 -58.87 -66.37 -17.45
N ARG R 48 -58.12 -66.44 -16.36
CA ARG R 48 -57.12 -67.49 -16.19
C ARG R 48 -57.79 -68.86 -16.25
N GLY R 49 -57.17 -69.77 -17.01
CA GLY R 49 -57.71 -71.09 -17.19
C GLY R 49 -58.72 -71.22 -18.30
N GLY R 50 -58.82 -70.23 -19.19
CA GLY R 50 -59.77 -70.27 -20.28
C GLY R 50 -61.21 -70.14 -19.86
N ASN R 51 -61.48 -69.78 -18.62
CA ASN R 51 -62.84 -69.55 -18.18
C ASN R 51 -63.28 -68.14 -18.58
N LYS R 52 -64.58 -67.88 -18.44
CA LYS R 52 -65.17 -66.62 -18.86
C LYS R 52 -65.83 -65.93 -17.68
N LYS R 53 -65.63 -64.62 -17.59
CA LYS R 53 -66.30 -63.79 -16.61
C LYS R 53 -67.33 -62.91 -17.30
N TYR R 54 -68.49 -62.75 -16.68
CA TYR R 54 -69.59 -61.99 -17.27
C TYR R 54 -69.53 -60.57 -16.72
N ARG R 55 -68.78 -59.73 -17.42
CA ARG R 55 -68.55 -58.35 -17.01
C ARG R 55 -69.81 -57.54 -17.30
N ALA R 56 -70.58 -57.25 -16.25
CA ALA R 56 -71.83 -56.53 -16.42
C ALA R 56 -71.57 -55.04 -16.52
N LEU R 57 -72.15 -54.43 -17.55
CA LEU R 57 -72.09 -52.99 -17.75
C LEU R 57 -73.38 -52.27 -17.40
N ARG R 58 -74.53 -52.85 -17.75
CA ARG R 58 -75.81 -52.23 -17.43
C ARG R 58 -76.85 -53.33 -17.25
N LEU R 59 -77.59 -53.26 -16.14
CA LEU R 59 -78.59 -54.25 -15.78
C LEU R 59 -79.86 -53.56 -15.30
N ASP R 60 -81.01 -54.15 -15.62
CA ASP R 60 -82.29 -53.59 -15.22
C ASP R 60 -83.20 -54.56 -14.46
N VAL R 61 -82.94 -55.86 -14.52
CA VAL R 61 -83.81 -56.85 -13.89
C VAL R 61 -82.95 -57.95 -13.27
N GLY R 62 -83.39 -58.43 -12.11
CA GLY R 62 -82.71 -59.52 -11.45
C GLY R 62 -83.59 -60.14 -10.39
N ASN R 63 -83.32 -61.41 -10.12
CA ASN R 63 -84.13 -62.16 -9.16
C ASN R 63 -83.92 -61.61 -7.75
N PHE R 64 -85.03 -61.44 -7.02
CA PHE R 64 -84.95 -60.99 -5.64
C PHE R 64 -85.84 -61.88 -4.77
N SER R 65 -85.33 -62.27 -3.62
CA SER R 65 -85.93 -63.32 -2.80
C SER R 65 -86.73 -62.73 -1.65
N TRP R 66 -88.00 -63.15 -1.52
CA TRP R 66 -88.81 -62.68 -0.40
C TRP R 66 -88.24 -63.20 0.92
N GLY R 67 -87.78 -64.45 0.91
CA GLY R 67 -87.24 -65.14 2.06
C GLY R 67 -88.25 -66.00 2.82
N SER R 68 -89.28 -65.37 3.39
CA SER R 68 -90.15 -66.05 4.34
C SER R 68 -91.10 -67.03 3.68
N GLU R 69 -91.72 -66.66 2.56
CA GLU R 69 -92.43 -67.67 1.78
C GLU R 69 -91.61 -68.23 0.64
N CYS R 70 -90.30 -67.93 0.58
CA CYS R 70 -89.42 -68.50 -0.43
C CYS R 70 -89.86 -68.13 -1.85
N CYS R 71 -89.97 -66.82 -2.08
CA CYS R 71 -90.38 -66.30 -3.38
C CYS R 71 -89.23 -65.51 -3.99
N THR R 72 -88.83 -65.89 -5.22
CA THR R 72 -87.78 -65.21 -5.96
C THR R 72 -88.26 -65.01 -7.40
N ARG R 73 -88.60 -63.77 -7.74
CA ARG R 73 -89.14 -63.46 -9.05
C ARG R 73 -88.27 -62.44 -9.77
N LYS R 74 -88.32 -62.48 -11.10
CA LYS R 74 -87.57 -61.58 -11.96
C LYS R 74 -88.21 -60.20 -11.88
N THR R 75 -87.71 -59.36 -10.98
CA THR R 75 -88.26 -58.03 -10.76
C THR R 75 -87.30 -56.99 -11.33
N ARG R 76 -87.86 -56.07 -12.12
CA ARG R 76 -87.05 -55.01 -12.73
C ARG R 76 -86.50 -54.09 -11.66
N ILE R 77 -85.23 -53.73 -11.79
CA ILE R 77 -84.57 -52.86 -10.82
C ILE R 77 -84.95 -51.40 -11.11
N ILE R 78 -85.41 -50.70 -10.08
CA ILE R 78 -85.90 -49.33 -10.25
C ILE R 78 -84.74 -48.35 -10.13
N ASP R 79 -84.12 -48.29 -8.96
CA ASP R 79 -82.97 -47.42 -8.72
C ASP R 79 -82.37 -47.81 -7.36
N VAL R 80 -81.17 -47.29 -7.07
CA VAL R 80 -80.44 -47.62 -5.86
C VAL R 80 -80.44 -46.39 -4.96
N VAL R 81 -80.79 -46.60 -3.68
CA VAL R 81 -80.99 -45.51 -2.76
C VAL R 81 -79.86 -45.39 -1.74
N TYR R 82 -79.23 -46.51 -1.37
CA TYR R 82 -78.22 -46.49 -0.32
C TYR R 82 -77.02 -47.35 -0.70
N ASN R 83 -75.87 -46.97 -0.14
CA ASN R 83 -74.64 -47.74 -0.28
C ASN R 83 -73.80 -47.52 0.97
N ALA R 84 -73.37 -48.61 1.59
CA ALA R 84 -72.60 -48.52 2.83
C ALA R 84 -71.16 -48.11 2.60
N SER R 85 -70.68 -48.10 1.36
CA SER R 85 -69.27 -47.85 1.10
C SER R 85 -68.99 -46.38 0.77
N ASN R 86 -69.81 -45.76 -0.08
CA ASN R 86 -69.48 -44.44 -0.59
C ASN R 86 -70.73 -43.84 -1.24
N ASN R 87 -71.02 -42.59 -0.86
CA ASN R 87 -72.20 -41.89 -1.37
C ASN R 87 -72.14 -41.59 -2.85
N GLU R 88 -70.96 -41.33 -3.42
CA GLU R 88 -70.89 -41.14 -4.86
C GLU R 88 -71.28 -42.41 -5.60
N LEU R 89 -71.10 -43.57 -4.96
CA LEU R 89 -71.52 -44.83 -5.57
C LEU R 89 -73.03 -44.86 -5.77
N VAL R 90 -73.77 -44.16 -4.92
CA VAL R 90 -75.23 -44.12 -5.08
C VAL R 90 -75.63 -42.94 -5.96
N ARG R 91 -74.79 -41.91 -6.04
CA ARG R 91 -75.10 -40.77 -6.90
C ARG R 91 -75.06 -41.15 -8.37
N THR R 92 -74.04 -41.92 -8.77
CA THR R 92 -73.99 -42.39 -10.15
C THR R 92 -75.03 -43.46 -10.45
N LYS R 93 -75.74 -43.96 -9.43
CA LYS R 93 -76.81 -44.93 -9.61
C LYS R 93 -76.27 -46.22 -10.24
N THR R 94 -75.31 -46.83 -9.55
CA THR R 94 -74.65 -48.04 -10.02
C THR R 94 -74.81 -49.15 -9.00
N LEU R 95 -74.81 -50.39 -9.48
CA LEU R 95 -75.08 -51.55 -8.66
C LEU R 95 -73.78 -52.26 -8.32
N VAL R 96 -73.55 -52.47 -7.04
CA VAL R 96 -72.41 -53.25 -6.56
C VAL R 96 -72.96 -54.41 -5.74
N LYS R 97 -72.08 -55.18 -5.11
CA LYS R 97 -72.52 -56.39 -4.41
C LYS R 97 -73.50 -56.07 -3.28
N ASN R 98 -73.30 -54.97 -2.57
CA ASN R 98 -74.04 -54.71 -1.34
C ASN R 98 -74.61 -53.30 -1.30
N CYS R 99 -75.17 -52.83 -2.41
CA CYS R 99 -75.95 -51.60 -2.35
C CYS R 99 -77.38 -51.92 -1.94
N ILE R 100 -78.19 -50.88 -1.78
CA ILE R 100 -79.62 -51.02 -1.50
C ILE R 100 -80.38 -50.45 -2.69
N VAL R 101 -81.15 -51.28 -3.36
CA VAL R 101 -81.77 -50.95 -4.63
C VAL R 101 -83.28 -50.99 -4.48
N LEU R 102 -83.99 -50.26 -5.33
CA LEU R 102 -85.44 -50.36 -5.42
C LEU R 102 -85.81 -51.32 -6.55
N ILE R 103 -86.90 -52.06 -6.35
CA ILE R 103 -87.45 -52.92 -7.39
C ILE R 103 -88.96 -52.82 -7.41
N ASP R 104 -89.54 -53.18 -8.55
CA ASP R 104 -90.98 -53.20 -8.68
C ASP R 104 -91.57 -54.39 -7.92
N SER R 105 -92.78 -54.19 -7.41
CA SER R 105 -93.47 -55.20 -6.62
C SER R 105 -94.50 -55.99 -7.42
N THR R 106 -94.71 -55.66 -8.69
CA THR R 106 -95.79 -56.30 -9.42
C THR R 106 -95.62 -57.81 -9.58
N PRO R 107 -94.46 -58.37 -9.96
CA PRO R 107 -94.31 -59.83 -9.87
C PRO R 107 -94.63 -60.39 -8.49
N TYR R 108 -94.27 -59.66 -7.44
CA TYR R 108 -94.58 -60.11 -6.08
C TYR R 108 -96.05 -59.93 -5.75
N ARG R 109 -96.68 -58.88 -6.29
CA ARG R 109 -98.10 -58.65 -6.03
C ARG R 109 -98.95 -59.80 -6.59
N GLN R 110 -98.70 -60.17 -7.84
CA GLN R 110 -99.51 -61.21 -8.45
C GLN R 110 -99.27 -62.57 -7.81
N TRP R 111 -98.07 -62.81 -7.28
CA TRP R 111 -97.85 -64.05 -6.53
C TRP R 111 -98.72 -64.09 -5.28
N TYR R 112 -98.77 -62.98 -4.54
CA TYR R 112 -99.60 -62.92 -3.33
C TYR R 112 -101.07 -63.10 -3.68
N GLU R 113 -101.53 -62.42 -4.73
CA GLU R 113 -102.93 -62.55 -5.13
C GLU R 113 -103.26 -63.95 -5.63
N SER R 114 -102.36 -64.56 -6.40
CA SER R 114 -102.61 -65.91 -6.89
C SER R 114 -102.45 -66.97 -5.80
N HIS R 115 -101.80 -66.61 -4.69
CA HIS R 115 -101.55 -67.59 -3.64
C HIS R 115 -102.60 -67.48 -2.54
N TYR R 116 -102.77 -66.28 -1.96
CA TYR R 116 -103.72 -66.11 -0.87
C TYR R 116 -104.96 -65.32 -1.24
N ALA R 117 -104.90 -64.55 -2.33
CA ALA R 117 -106.05 -63.76 -2.81
C ALA R 117 -106.51 -62.73 -1.78
N LEU R 118 -105.62 -62.34 -0.87
CA LEU R 118 -105.94 -61.31 0.10
C LEU R 118 -105.62 -59.93 -0.45
N PRO R 119 -106.30 -58.89 0.02
CA PRO R 119 -106.08 -57.54 -0.54
C PRO R 119 -104.76 -56.97 -0.06
N LEU R 120 -103.77 -56.94 -0.94
CA LEU R 120 -102.43 -56.46 -0.64
C LEU R 120 -102.03 -55.46 -1.72
N GLY R 121 -101.49 -54.32 -1.29
CA GLY R 121 -101.11 -53.29 -2.24
C GLY R 121 -102.26 -52.41 -2.70
N ARG R 122 -103.40 -52.47 -2.04
CA ARG R 122 -104.57 -51.70 -2.40
C ARG R 122 -104.99 -50.78 -1.26
N LYS R 123 -105.83 -49.80 -1.59
CA LYS R 123 -106.31 -48.82 -0.61
C LYS R 123 -107.82 -48.91 -0.40
N LYS R 124 -108.59 -48.87 -1.48
CA LYS R 124 -110.04 -48.99 -1.42
C LYS R 124 -110.61 -50.16 -2.21
N GLY R 125 -109.92 -50.59 -3.27
CA GLY R 125 -110.36 -51.72 -4.05
C GLY R 125 -111.47 -51.36 -5.02
N ALA R 126 -111.98 -52.39 -5.70
CA ALA R 126 -113.07 -52.28 -6.66
C ALA R 126 -112.72 -51.37 -7.84
N LYS R 127 -111.45 -51.03 -8.01
CA LYS R 127 -111.00 -50.25 -9.16
C LYS R 127 -110.36 -51.10 -10.24
N LEU R 128 -110.25 -52.42 -10.05
CA LEU R 128 -109.80 -53.33 -11.07
C LEU R 128 -110.79 -54.49 -11.08
N THR R 129 -112.08 -54.15 -11.19
CA THR R 129 -113.16 -55.13 -11.08
C THR R 129 -113.05 -56.34 -12.01
N PRO R 130 -112.65 -56.23 -13.28
CA PRO R 130 -112.77 -57.40 -14.17
C PRO R 130 -112.07 -58.66 -13.66
N GLU R 131 -110.93 -58.54 -12.99
CA GLU R 131 -110.20 -59.71 -12.52
C GLU R 131 -110.31 -59.96 -11.02
N GLU R 132 -110.36 -58.92 -10.18
CA GLU R 132 -110.34 -59.13 -8.74
C GLU R 132 -111.54 -59.92 -8.26
N GLU R 133 -112.73 -59.60 -8.76
CA GLU R 133 -113.95 -60.25 -8.26
C GLU R 133 -113.92 -61.75 -8.52
N GLU R 134 -113.47 -62.16 -9.70
CA GLU R 134 -113.31 -63.58 -9.98
C GLU R 134 -112.24 -64.20 -9.11
N ILE R 135 -111.08 -63.54 -8.99
CA ILE R 135 -109.96 -64.12 -8.25
C ILE R 135 -110.20 -64.09 -6.74
N LEU R 136 -111.25 -63.41 -6.28
CA LEU R 136 -111.54 -63.38 -4.85
C LEU R 136 -112.53 -64.47 -4.45
N ASN R 137 -113.64 -64.60 -5.18
CA ASN R 137 -114.57 -65.70 -4.93
C ASN R 137 -114.06 -67.00 -5.53
N LYS R 138 -113.81 -67.00 -6.85
CA LYS R 138 -113.30 -68.14 -7.58
C LYS R 138 -114.26 -69.32 -7.57
N LYS R 139 -115.43 -69.15 -6.93
CA LYS R 139 -116.51 -70.12 -6.83
C LYS R 139 -116.01 -71.54 -6.60
N ARG R 140 -114.95 -71.70 -5.82
CA ARG R 140 -114.34 -73.02 -5.68
C ARG R 140 -115.15 -73.89 -4.74
N SER R 141 -114.73 -75.14 -4.64
CA SER R 141 -115.44 -76.12 -3.83
C SER R 141 -115.17 -75.87 -2.35
N LYS R 142 -115.79 -76.70 -1.50
CA LYS R 142 -115.61 -76.58 -0.06
C LYS R 142 -114.17 -76.88 0.35
N LYS R 143 -113.55 -77.86 -0.28
CA LYS R 143 -112.23 -78.31 0.18
C LYS R 143 -111.15 -77.28 -0.13
N ILE R 144 -111.20 -76.68 -1.32
CA ILE R 144 -110.22 -75.66 -1.66
C ILE R 144 -110.43 -74.40 -0.82
N GLN R 145 -111.69 -74.06 -0.55
CA GLN R 145 -111.99 -72.89 0.27
C GLN R 145 -111.39 -73.01 1.66
N LYS R 146 -111.54 -74.18 2.30
CA LYS R 146 -110.96 -74.38 3.61
C LYS R 146 -109.44 -74.33 3.56
N LYS R 147 -108.85 -74.87 2.49
CA LYS R 147 -107.40 -74.77 2.31
C LYS R 147 -106.96 -73.32 2.29
N TYR R 148 -107.75 -72.44 1.67
CA TYR R 148 -107.48 -71.01 1.75
C TYR R 148 -107.72 -70.48 3.15
N ASP R 149 -108.71 -71.03 3.86
CA ASP R 149 -108.98 -70.56 5.23
C ASP R 149 -107.79 -70.80 6.14
N GLU R 150 -107.16 -71.97 6.03
CA GLU R 150 -105.90 -72.18 6.74
C GLU R 150 -104.79 -71.33 6.16
N ARG R 151 -104.77 -71.15 4.84
CA ARG R 151 -103.75 -70.35 4.18
C ARG R 151 -103.83 -68.88 4.60
N LYS R 152 -105.05 -68.33 4.67
CA LYS R 152 -105.20 -66.95 5.13
C LYS R 152 -104.96 -66.81 6.62
N LYS R 153 -104.97 -67.92 7.37
CA LYS R 153 -104.61 -67.88 8.77
C LYS R 153 -103.14 -67.53 8.95
N ASN R 154 -102.29 -68.02 8.04
CA ASN R 154 -100.87 -67.73 8.07
C ASN R 154 -100.47 -66.69 7.01
N ALA R 155 -101.32 -65.70 6.77
CA ALA R 155 -101.13 -64.75 5.68
C ALA R 155 -100.71 -63.37 6.14
N LYS R 156 -100.49 -63.16 7.42
CA LYS R 156 -100.27 -61.83 7.97
C LYS R 156 -98.81 -61.42 7.76
N ILE R 157 -98.62 -60.19 7.29
CA ILE R 157 -97.29 -59.64 7.04
C ILE R 157 -97.12 -58.40 7.90
N SER R 158 -95.88 -58.14 8.32
CA SER R 158 -95.59 -57.01 9.18
C SER R 158 -95.99 -55.70 8.52
N SER R 159 -96.06 -54.65 9.34
CA SER R 159 -96.50 -53.35 8.84
C SER R 159 -95.47 -52.72 7.92
N LEU R 160 -94.18 -52.95 8.19
CA LEU R 160 -93.13 -52.24 7.45
C LEU R 160 -93.15 -52.61 5.97
N LEU R 161 -93.44 -53.87 5.64
CA LEU R 161 -93.58 -54.22 4.24
C LEU R 161 -94.99 -53.90 3.73
N GLU R 162 -95.90 -53.51 4.62
CA GLU R 162 -97.26 -53.23 4.18
C GLU R 162 -97.31 -51.91 3.43
N GLU R 163 -96.94 -50.81 4.11
CA GLU R 163 -97.04 -49.50 3.48
C GLU R 163 -96.03 -49.34 2.36
N GLN R 164 -94.99 -50.18 2.33
CA GLN R 164 -94.07 -50.12 1.20
C GLN R 164 -94.62 -50.84 -0.01
N PHE R 165 -95.59 -51.75 0.19
CA PHE R 165 -96.34 -52.27 -0.95
C PHE R 165 -97.36 -51.25 -1.44
N GLN R 166 -97.79 -50.35 -0.55
CA GLN R 166 -98.62 -49.23 -0.99
C GLN R 166 -97.87 -48.33 -1.96
N GLN R 167 -96.60 -48.04 -1.66
CA GLN R 167 -95.85 -47.10 -2.49
C GLN R 167 -95.55 -47.67 -3.87
N GLY R 168 -95.71 -48.99 -4.04
CA GLY R 168 -95.51 -49.63 -5.32
C GLY R 168 -94.09 -50.04 -5.60
N LYS R 169 -93.14 -49.67 -4.75
CA LYS R 169 -91.74 -50.03 -4.92
C LYS R 169 -91.19 -50.51 -3.58
N LEU R 170 -90.26 -51.45 -3.65
CA LEU R 170 -89.63 -52.05 -2.47
C LEU R 170 -88.13 -51.90 -2.57
N LEU R 171 -87.51 -51.56 -1.43
CA LEU R 171 -86.05 -51.47 -1.35
C LEU R 171 -85.51 -52.82 -0.90
N ALA R 172 -84.51 -53.32 -1.60
CA ALA R 172 -83.98 -54.65 -1.37
C ALA R 172 -82.46 -54.58 -1.38
N CYS R 173 -81.83 -55.54 -0.71
CA CYS R 173 -80.38 -55.61 -0.65
C CYS R 173 -79.89 -56.58 -1.73
N ILE R 174 -79.12 -56.07 -2.68
CA ILE R 174 -78.47 -56.90 -3.68
C ILE R 174 -77.47 -57.83 -3.00
N ALA R 175 -77.31 -59.03 -3.54
CA ALA R 175 -76.41 -60.02 -2.96
C ALA R 175 -75.44 -60.67 -3.94
N SER R 176 -75.67 -60.60 -5.24
CA SER R 176 -74.77 -61.20 -6.20
C SER R 176 -73.56 -60.29 -6.44
N ARG R 177 -72.70 -60.69 -7.36
CA ARG R 177 -71.47 -59.96 -7.68
C ARG R 177 -71.53 -59.50 -9.13
N PRO R 178 -72.20 -58.38 -9.43
CA PRO R 178 -72.18 -57.87 -10.79
C PRO R 178 -70.77 -57.49 -11.22
N GLY R 179 -70.47 -57.72 -12.49
CA GLY R 179 -69.11 -57.64 -12.99
C GLY R 179 -68.35 -58.94 -12.92
N GLN R 180 -68.83 -59.90 -12.14
CA GLN R 180 -68.26 -61.24 -12.09
C GLN R 180 -69.28 -62.29 -12.54
N CYS R 181 -70.49 -62.27 -11.97
CA CYS R 181 -71.54 -63.18 -12.41
C CYS R 181 -72.40 -62.58 -13.51
N GLY R 182 -72.33 -61.27 -13.71
CA GLY R 182 -73.11 -60.61 -14.74
C GLY R 182 -74.60 -60.51 -14.44
N ARG R 183 -75.01 -60.75 -13.21
CA ARG R 183 -76.41 -60.73 -12.85
C ARG R 183 -76.57 -60.02 -11.51
N ALA R 184 -77.75 -59.45 -11.28
CA ALA R 184 -78.05 -58.71 -10.06
C ALA R 184 -79.16 -59.44 -9.32
N ASP R 185 -78.78 -60.41 -8.48
CA ASP R 185 -79.71 -61.18 -7.69
C ASP R 185 -79.54 -60.86 -6.21
N GLY R 186 -80.66 -60.58 -5.54
CA GLY R 186 -80.61 -60.21 -4.14
C GLY R 186 -81.79 -60.68 -3.32
N TYR R 187 -82.00 -60.04 -2.17
CA TYR R 187 -83.10 -60.38 -1.27
C TYR R 187 -83.74 -59.09 -0.78
N VAL R 188 -85.04 -59.16 -0.46
CA VAL R 188 -85.74 -57.96 0.00
C VAL R 188 -85.49 -57.78 1.49
N LEU R 189 -85.17 -56.55 1.87
CA LEU R 189 -84.94 -56.22 3.26
C LEU R 189 -86.20 -56.49 4.08
N GLU R 190 -86.03 -57.15 5.22
CA GLU R 190 -87.15 -57.46 6.10
C GLU R 190 -86.72 -57.27 7.55
N GLY R 191 -87.69 -56.90 8.38
CA GLY R 191 -87.45 -56.87 9.81
C GLY R 191 -86.45 -55.81 10.22
N LYS R 192 -85.40 -56.24 10.94
CA LYS R 192 -84.48 -55.30 11.57
C LYS R 192 -83.56 -54.63 10.56
N GLU R 193 -83.03 -55.40 9.59
CA GLU R 193 -82.23 -54.77 8.54
C GLU R 193 -83.06 -53.78 7.74
N LEU R 194 -84.33 -54.14 7.47
CA LEU R 194 -85.28 -53.19 6.90
C LEU R 194 -85.35 -51.92 7.75
N GLU R 195 -85.56 -52.09 9.06
CA GLU R 195 -85.69 -50.92 9.93
C GLU R 195 -84.39 -50.13 9.97
N PHE R 196 -83.25 -50.82 10.04
CA PHE R 196 -81.96 -50.12 10.15
C PHE R 196 -81.66 -49.32 8.89
N TYR R 197 -81.79 -49.93 7.72
CA TYR R 197 -81.53 -49.21 6.47
C TYR R 197 -82.56 -48.13 6.23
N LEU R 198 -83.82 -48.37 6.61
CA LEU R 198 -84.83 -47.32 6.53
C LEU R 198 -84.49 -46.15 7.45
N ARG R 199 -84.06 -46.43 8.68
CA ARG R 199 -83.65 -45.37 9.58
C ARG R 199 -82.41 -44.65 9.06
N LYS R 200 -81.55 -45.37 8.33
CA LYS R 200 -80.37 -44.74 7.74
C LYS R 200 -80.76 -43.76 6.65
N ILE R 201 -81.76 -44.11 5.84
CA ILE R 201 -82.22 -43.21 4.79
C ILE R 201 -82.89 -41.98 5.40
N LYS R 202 -83.80 -42.20 6.36
CA LYS R 202 -84.54 -41.10 6.96
C LYS R 202 -83.66 -40.17 7.79
N ALA R 203 -82.65 -40.71 8.48
CA ALA R 203 -81.72 -39.84 9.19
C ALA R 203 -80.89 -39.02 8.22
N ARG R 204 -80.59 -39.56 7.04
CA ARG R 204 -79.90 -38.78 6.01
C ARG R 204 -80.77 -37.64 5.51
N LYS R 205 -82.07 -37.90 5.31
CA LYS R 205 -83.00 -36.89 4.80
C LYS R 205 -84.34 -37.10 5.52
N GLY R 206 -84.58 -36.29 6.54
CA GLY R 206 -85.81 -36.38 7.31
C GLY R 206 -85.91 -35.29 8.37
N ALA S 1 -73.18 -48.79 22.48
CA ALA S 1 -74.52 -49.05 21.97
C ALA S 1 -74.67 -50.50 21.53
N ASP S 2 -75.58 -50.74 20.60
CA ASP S 2 -75.76 -52.08 20.06
C ASP S 2 -74.58 -52.46 19.18
N ILE S 3 -74.64 -53.67 18.63
CA ILE S 3 -73.60 -54.15 17.72
C ILE S 3 -73.68 -53.53 16.34
N GLN S 4 -74.70 -52.72 16.06
CA GLN S 4 -74.86 -52.09 14.75
C GLN S 4 -74.35 -50.66 14.87
N THR S 5 -73.07 -50.46 14.54
CA THR S 5 -72.42 -49.16 14.66
C THR S 5 -71.90 -48.64 13.33
N GLU S 6 -71.48 -49.54 12.43
CA GLU S 6 -70.91 -49.14 11.16
C GLU S 6 -72.02 -48.87 10.15
N ARG S 7 -71.64 -48.51 8.92
CA ARG S 7 -72.59 -48.09 7.92
C ARG S 7 -73.44 -49.22 7.37
N ALA S 8 -72.94 -50.46 7.41
CA ALA S 8 -73.65 -51.60 6.85
C ALA S 8 -74.23 -52.45 7.98
N TYR S 9 -75.38 -53.07 7.70
CA TYR S 9 -75.96 -53.99 8.66
C TYR S 9 -75.10 -55.24 8.77
N GLN S 10 -74.76 -55.61 10.00
CA GLN S 10 -73.86 -56.72 10.27
C GLN S 10 -74.65 -57.85 10.92
N LYS S 11 -74.57 -59.03 10.31
CA LYS S 11 -75.22 -60.23 10.84
C LYS S 11 -74.50 -61.43 10.26
N GLN S 12 -74.72 -62.58 10.88
CA GLN S 12 -74.10 -63.80 10.38
C GLN S 12 -74.85 -64.28 9.15
N PRO S 13 -74.17 -64.51 8.03
CA PRO S 13 -74.89 -64.80 6.77
C PRO S 13 -75.78 -66.04 6.84
N THR S 14 -75.42 -67.06 7.61
CA THR S 14 -76.21 -68.29 7.63
C THR S 14 -77.56 -68.11 8.29
N ILE S 15 -77.61 -67.48 9.46
CA ILE S 15 -78.82 -67.37 10.24
C ILE S 15 -79.83 -66.48 9.51
N PHE S 16 -81.10 -66.65 9.87
CA PHE S 16 -82.17 -65.81 9.36
C PHE S 16 -83.08 -65.42 10.53
N GLN S 17 -83.53 -64.17 10.53
CA GLN S 17 -84.32 -63.63 11.62
C GLN S 17 -85.76 -63.33 11.26
N ASN S 18 -86.03 -62.85 10.04
CA ASN S 18 -87.38 -62.50 9.61
C ASN S 18 -88.14 -63.74 9.17
N LYS S 19 -88.25 -64.70 10.09
CA LYS S 19 -88.83 -66.01 9.78
C LYS S 19 -90.35 -65.98 9.90
N LYS S 20 -90.97 -65.16 9.05
CA LYS S 20 -92.42 -65.11 8.87
C LYS S 20 -93.14 -65.11 10.21
N ARG S 21 -92.90 -64.05 10.99
CA ARG S 21 -93.47 -63.95 12.32
C ARG S 21 -94.95 -63.61 12.22
N VAL S 22 -95.80 -64.53 12.67
CA VAL S 22 -97.24 -64.31 12.72
C VAL S 22 -97.68 -64.39 14.18
N LEU S 23 -98.98 -64.21 14.42
CA LEU S 23 -99.48 -64.18 15.79
C LEU S 23 -99.28 -65.51 16.52
N LEU S 24 -99.02 -66.60 15.79
CA LEU S 24 -98.69 -67.86 16.44
C LEU S 24 -97.42 -67.73 17.27
N GLY S 25 -96.51 -66.84 16.87
CA GLY S 25 -95.40 -66.44 17.70
C GLY S 25 -95.78 -65.19 18.46
N GLU S 26 -95.24 -65.05 19.67
CA GLU S 26 -95.61 -63.95 20.53
C GLU S 26 -94.80 -62.70 20.17
N THR S 27 -95.17 -61.58 20.80
CA THR S 27 -94.66 -60.25 20.50
C THR S 27 -94.16 -59.54 21.76
N GLY S 28 -93.26 -60.18 22.51
CA GLY S 28 -92.47 -61.34 22.13
C GLY S 28 -92.35 -62.41 23.20
N LYS S 29 -91.12 -62.85 23.45
CA LYS S 29 -89.93 -62.30 22.81
C LYS S 29 -89.37 -63.22 21.73
N GLU S 30 -89.09 -62.64 20.56
CA GLU S 30 -88.49 -63.37 19.46
C GLU S 30 -86.98 -63.44 19.67
N LYS S 31 -86.42 -64.64 19.60
CA LYS S 31 -85.00 -64.86 19.80
C LYS S 31 -84.37 -65.36 18.50
N LEU S 32 -83.30 -64.68 18.06
CA LEU S 32 -82.66 -65.07 16.82
C LEU S 32 -81.57 -66.11 17.08
N PRO S 33 -81.37 -67.05 16.16
CA PRO S 33 -80.35 -68.07 16.36
C PRO S 33 -78.95 -67.48 16.25
N ARG S 34 -78.06 -67.96 17.13
CA ARG S 34 -76.68 -67.50 17.18
C ARG S 34 -75.79 -68.64 16.70
N TYR S 35 -75.27 -68.51 15.48
CA TYR S 35 -74.44 -69.55 14.92
C TYR S 35 -73.07 -69.61 15.60
N TYR S 36 -72.58 -70.82 15.77
CA TYR S 36 -71.27 -71.08 16.35
C TYR S 36 -70.78 -72.40 15.78
N LYS S 37 -69.48 -72.63 15.89
CA LYS S 37 -68.90 -73.87 15.42
C LYS S 37 -67.82 -74.33 16.37
N ASN S 38 -67.53 -75.63 16.31
CA ASN S 38 -66.49 -76.24 17.11
C ASN S 38 -65.24 -76.40 16.25
N ILE S 39 -64.08 -76.18 16.86
CA ILE S 39 -62.80 -76.43 16.20
C ILE S 39 -62.20 -77.67 16.83
N GLY S 40 -61.44 -78.41 16.02
CA GLY S 40 -60.77 -79.61 16.49
C GLY S 40 -59.68 -79.29 17.49
N LEU S 41 -58.73 -80.22 17.61
CA LEU S 41 -57.59 -80.09 18.50
C LEU S 41 -58.02 -79.91 19.96
N GLY S 42 -59.25 -80.33 20.27
CA GLY S 42 -59.73 -80.29 21.64
C GLY S 42 -59.86 -78.89 22.22
N PHE S 43 -60.36 -77.94 21.44
CA PHE S 43 -60.49 -76.56 21.87
C PHE S 43 -61.94 -76.30 22.25
N LYS S 44 -62.14 -75.79 23.47
CA LYS S 44 -63.48 -75.53 24.00
C LYS S 44 -63.95 -74.15 23.59
N THR S 45 -65.06 -74.10 22.88
CA THR S 45 -65.65 -72.82 22.50
C THR S 45 -66.13 -72.09 23.75
N PRO S 46 -65.73 -70.85 23.96
CA PRO S 46 -66.10 -70.15 25.20
C PRO S 46 -67.57 -69.84 25.25
N LYS S 47 -68.07 -69.65 26.48
CA LYS S 47 -69.47 -69.28 26.66
C LYS S 47 -69.76 -67.90 26.08
N GLU S 48 -68.73 -67.10 25.82
CA GLU S 48 -68.93 -65.82 25.16
C GLU S 48 -69.26 -66.00 23.69
N ALA S 49 -68.68 -67.02 23.04
CA ALA S 49 -69.08 -67.34 21.68
C ALA S 49 -70.42 -68.07 21.64
N ILE S 50 -70.74 -68.83 22.68
CA ILE S 50 -71.97 -69.62 22.68
C ILE S 50 -73.19 -68.73 22.87
N GLU S 51 -73.08 -67.64 23.65
CA GLU S 51 -74.24 -66.80 23.92
C GLU S 51 -73.92 -65.31 23.89
N GLY S 52 -72.83 -64.91 23.24
CA GLY S 52 -72.52 -63.51 23.11
C GLY S 52 -73.33 -62.84 22.02
N THR S 53 -73.39 -61.52 22.08
CA THR S 53 -74.16 -60.73 21.13
C THR S 53 -73.29 -59.99 20.12
N TYR S 54 -71.97 -60.10 20.22
CA TYR S 54 -71.09 -59.42 19.28
C TYR S 54 -71.23 -60.01 17.88
N ILE S 55 -71.00 -59.17 16.89
CA ILE S 55 -71.00 -59.58 15.49
C ILE S 55 -69.56 -59.53 14.98
N ASP S 56 -69.09 -60.66 14.45
CA ASP S 56 -67.77 -60.67 13.83
C ASP S 56 -67.72 -61.83 12.84
N LYS S 57 -66.87 -61.72 11.82
CA LYS S 57 -66.71 -62.79 10.84
C LYS S 57 -65.29 -63.32 10.75
N LYS S 58 -64.36 -62.75 11.51
CA LYS S 58 -63.01 -63.29 11.61
C LYS S 58 -62.77 -64.02 12.93
N CYS S 59 -63.78 -64.09 13.80
CA CYS S 59 -63.68 -64.87 15.01
C CYS S 59 -63.56 -66.35 14.67
N PRO S 60 -62.66 -67.08 15.34
CA PRO S 60 -62.50 -68.51 15.02
C PRO S 60 -63.75 -69.34 15.27
N PHE S 61 -64.67 -68.86 16.11
CA PHE S 61 -65.89 -69.58 16.43
C PHE S 61 -67.09 -69.12 15.62
N THR S 62 -67.29 -67.81 15.50
CA THR S 62 -68.50 -67.26 14.88
C THR S 62 -68.24 -66.63 13.51
N GLY S 63 -67.21 -67.11 12.81
CA GLY S 63 -66.93 -66.63 11.47
C GLY S 63 -66.52 -67.77 10.57
N ASN S 64 -66.35 -67.45 9.29
CA ASN S 64 -65.95 -68.46 8.32
C ASN S 64 -64.44 -68.53 8.18
N VAL S 65 -63.74 -68.65 9.30
CA VAL S 65 -62.28 -68.76 9.33
C VAL S 65 -61.94 -70.12 9.92
N SER S 66 -61.20 -70.93 9.17
CA SER S 66 -60.84 -72.28 9.57
C SER S 66 -59.40 -72.30 10.07
N ILE S 67 -59.20 -72.91 11.24
CA ILE S 67 -57.88 -72.96 11.86
C ILE S 67 -57.19 -74.26 11.44
N ARG S 68 -56.09 -74.12 10.70
CA ARG S 68 -55.37 -75.28 10.18
C ARG S 68 -53.92 -74.89 10.01
N GLY S 69 -53.04 -75.88 10.17
CA GLY S 69 -51.61 -75.64 10.01
C GLY S 69 -50.82 -75.67 11.31
N ARG S 70 -50.33 -74.51 11.72
CA ARG S 70 -49.46 -74.40 12.89
C ARG S 70 -50.21 -73.74 14.03
N ILE S 71 -50.04 -74.30 15.23
CA ILE S 71 -50.57 -73.73 16.46
C ILE S 71 -49.39 -73.40 17.36
N LEU S 72 -49.33 -72.15 17.81
CA LEU S 72 -48.19 -71.68 18.59
C LEU S 72 -48.67 -70.60 19.56
N SER S 73 -47.88 -70.39 20.61
CA SER S 73 -48.25 -69.50 21.69
C SER S 73 -47.41 -68.23 21.67
N GLY S 74 -47.85 -67.25 22.47
CA GLY S 74 -47.15 -66.00 22.62
C GLY S 74 -47.77 -65.20 23.74
N VAL S 75 -47.14 -64.07 24.06
CA VAL S 75 -47.62 -63.17 25.10
C VAL S 75 -47.91 -61.82 24.47
N VAL S 76 -49.06 -61.23 24.83
CA VAL S 76 -49.48 -60.00 24.20
C VAL S 76 -48.60 -58.84 24.67
N THR S 77 -48.39 -57.88 23.80
CA THR S 77 -47.52 -56.74 24.08
C THR S 77 -48.22 -55.40 24.00
N LYS S 78 -49.24 -55.27 23.15
CA LYS S 78 -49.98 -54.01 23.02
C LYS S 78 -51.45 -54.33 22.81
N MET S 79 -52.32 -53.61 23.52
CA MET S 79 -53.76 -53.77 23.41
C MET S 79 -54.41 -52.66 22.57
N LYS S 80 -53.60 -51.86 21.89
CA LYS S 80 -54.12 -50.90 20.92
C LYS S 80 -54.38 -51.63 19.62
N MET S 81 -54.61 -50.90 18.53
CA MET S 81 -54.81 -51.51 17.21
C MET S 81 -56.01 -52.46 17.22
N GLN S 82 -57.18 -51.84 17.38
CA GLN S 82 -58.47 -52.47 17.69
C GLN S 82 -58.76 -53.78 16.97
N ARG S 83 -59.44 -54.69 17.67
CA ARG S 83 -59.97 -55.95 17.16
C ARG S 83 -58.88 -56.95 16.80
N THR S 84 -57.62 -56.55 16.89
CA THR S 84 -56.48 -57.45 16.75
C THR S 84 -55.46 -57.08 17.82
N ILE S 85 -54.61 -58.04 18.16
CA ILE S 85 -53.61 -57.86 19.21
C ILE S 85 -52.27 -58.39 18.69
N VAL S 86 -51.20 -57.95 19.32
CA VAL S 86 -49.84 -58.30 18.91
C VAL S 86 -49.19 -59.11 20.03
N ILE S 87 -48.72 -60.31 19.69
CA ILE S 87 -47.98 -61.15 20.61
C ILE S 87 -46.52 -61.17 20.20
N ARG S 88 -45.66 -61.45 21.18
CA ARG S 88 -44.20 -61.51 20.97
C ARG S 88 -43.78 -62.90 21.43
N ARG S 89 -43.35 -63.74 20.49
CA ARG S 89 -42.94 -65.10 20.78
C ARG S 89 -41.42 -65.18 20.78
N ASP S 90 -40.81 -65.03 21.95
CA ASP S 90 -39.37 -65.11 22.09
C ASP S 90 -38.92 -66.57 22.07
N TYR S 91 -37.76 -66.81 21.47
CA TYR S 91 -37.24 -68.16 21.30
C TYR S 91 -35.72 -68.12 21.47
N LEU S 92 -35.09 -69.25 21.22
CA LEU S 92 -33.65 -69.42 21.40
C LEU S 92 -33.04 -69.93 20.10
N HIS S 93 -32.12 -69.17 19.54
CA HIS S 93 -31.41 -69.57 18.32
C HIS S 93 -30.01 -70.03 18.69
N TYR S 94 -29.60 -71.17 18.17
CA TYR S 94 -28.35 -71.81 18.53
C TYR S 94 -27.32 -71.54 17.44
N ILE S 95 -26.19 -70.99 17.85
CA ILE S 95 -25.07 -70.72 16.95
C ILE S 95 -24.07 -71.86 17.11
N ARG S 96 -23.77 -72.54 16.01
CA ARG S 96 -22.96 -73.75 16.09
C ARG S 96 -21.52 -73.46 16.48
N LYS S 97 -20.97 -72.33 16.01
CA LYS S 97 -19.56 -72.04 16.26
C LYS S 97 -19.27 -71.91 17.75
N TYR S 98 -20.16 -71.26 18.49
CA TYR S 98 -19.93 -70.98 19.90
C TYR S 98 -20.61 -71.98 20.81
N ASN S 99 -21.28 -73.00 20.25
CA ASN S 99 -22.01 -73.99 21.04
C ASN S 99 -22.98 -73.34 22.02
N ARG S 100 -23.37 -72.11 21.73
CA ARG S 100 -24.17 -71.30 22.64
C ARG S 100 -25.46 -70.88 21.97
N PHE S 101 -26.27 -70.10 22.67
CA PHE S 101 -27.59 -69.72 22.19
C PHE S 101 -27.67 -68.21 22.04
N GLU S 102 -28.76 -67.78 21.43
CA GLU S 102 -29.00 -66.36 21.15
C GLU S 102 -30.50 -66.18 21.11
N LYS S 103 -31.03 -65.34 21.99
CA LYS S 103 -32.48 -65.18 22.12
C LYS S 103 -32.96 -64.10 21.17
N ARG S 104 -33.84 -64.48 20.25
CA ARG S 104 -34.47 -63.55 19.33
C ARG S 104 -35.96 -63.54 19.55
N HIS S 105 -36.57 -62.38 19.30
CA HIS S 105 -38.00 -62.22 19.34
C HIS S 105 -38.52 -61.97 17.93
N LYS S 106 -39.72 -62.47 17.65
CA LYS S 106 -40.38 -62.24 16.37
C LYS S 106 -41.85 -62.02 16.67
N ASN S 107 -42.25 -60.77 16.85
CA ASN S 107 -43.61 -60.43 17.24
C ASN S 107 -44.47 -60.20 16.00
N MET S 108 -45.61 -60.88 15.95
CA MET S 108 -46.58 -60.70 14.88
C MET S 108 -47.95 -60.48 15.50
N SER S 109 -48.72 -59.58 14.89
CA SER S 109 -50.04 -59.25 15.39
C SER S 109 -51.05 -60.29 14.91
N VAL S 110 -51.94 -60.68 15.82
CA VAL S 110 -52.90 -61.75 15.58
C VAL S 110 -54.29 -61.24 15.88
N HIS S 111 -55.30 -61.85 15.26
CA HIS S 111 -56.67 -61.41 15.46
C HIS S 111 -57.24 -61.98 16.75
N LEU S 112 -57.78 -61.12 17.59
CA LEU S 112 -58.39 -61.52 18.85
C LEU S 112 -59.90 -61.31 18.75
N SER S 113 -60.64 -62.42 18.71
CA SER S 113 -62.08 -62.32 18.70
C SER S 113 -62.58 -61.70 19.99
N PRO S 114 -63.63 -60.87 19.92
CA PRO S 114 -64.16 -60.24 21.14
C PRO S 114 -64.77 -61.22 22.13
N CYS S 115 -64.78 -62.52 21.82
CA CYS S 115 -65.22 -63.51 22.81
C CYS S 115 -64.29 -63.53 24.02
N PHE S 116 -62.97 -63.46 23.78
CA PHE S 116 -62.01 -63.35 24.87
C PHE S 116 -62.04 -61.91 25.39
N ARG S 117 -62.92 -61.67 26.36
CA ARG S 117 -63.10 -60.32 26.88
C ARG S 117 -62.03 -59.97 27.92
N ASP S 118 -61.94 -60.74 29.00
CA ASP S 118 -61.04 -60.43 30.10
C ASP S 118 -59.63 -60.86 29.71
N VAL S 119 -58.94 -60.01 28.95
CA VAL S 119 -57.57 -60.24 28.52
C VAL S 119 -56.75 -59.01 28.88
N GLN S 120 -55.65 -59.22 29.59
CA GLN S 120 -54.81 -58.13 30.06
C GLN S 120 -53.48 -58.12 29.29
N ILE S 121 -52.58 -57.24 29.73
CA ILE S 121 -51.28 -57.14 29.10
C ILE S 121 -50.37 -58.26 29.59
N GLY S 122 -49.51 -58.73 28.68
CA GLY S 122 -48.49 -59.70 29.01
C GLY S 122 -48.97 -61.01 29.60
N ASP S 123 -50.01 -61.59 29.02
CA ASP S 123 -50.47 -62.92 29.42
C ASP S 123 -50.30 -63.88 28.26
N ILE S 124 -50.15 -65.15 28.59
CA ILE S 124 -49.88 -66.18 27.59
C ILE S 124 -51.18 -66.50 26.84
N VAL S 125 -51.11 -66.46 25.52
CA VAL S 125 -52.21 -66.85 24.66
C VAL S 125 -51.72 -67.96 23.74
N THR S 126 -52.65 -68.76 23.25
CA THR S 126 -52.36 -69.74 22.21
C THR S 126 -53.06 -69.32 20.92
N VAL S 127 -52.38 -69.55 19.81
CA VAL S 127 -52.77 -68.95 18.54
C VAL S 127 -52.64 -70.00 17.44
N GLY S 128 -53.62 -70.03 16.55
CA GLY S 128 -53.65 -70.98 15.45
C GLY S 128 -53.61 -70.29 14.10
N GLU S 129 -52.98 -70.95 13.14
CA GLU S 129 -52.88 -70.40 11.79
C GLU S 129 -54.22 -70.48 11.08
N CYS S 130 -54.42 -69.58 10.12
CA CYS S 130 -55.66 -69.51 9.37
C CYS S 130 -55.42 -68.75 8.07
N ARG S 131 -56.48 -68.52 7.32
CA ARG S 131 -56.38 -67.79 6.07
C ARG S 131 -55.95 -66.35 6.34
N PRO S 132 -55.25 -65.72 5.39
CA PRO S 132 -54.86 -64.31 5.58
C PRO S 132 -56.07 -63.41 5.79
N LEU S 133 -56.19 -62.84 6.99
CA LEU S 133 -57.28 -61.93 7.27
C LEU S 133 -56.97 -60.51 6.83
N SER S 134 -55.69 -60.14 6.83
CA SER S 134 -55.27 -58.81 6.42
C SER S 134 -53.83 -58.92 5.90
N LYS S 135 -53.16 -57.78 5.76
CA LYS S 135 -51.85 -57.76 5.13
C LYS S 135 -50.82 -58.53 5.95
N THR S 136 -50.84 -58.39 7.27
CA THR S 136 -49.84 -59.01 8.12
C THR S 136 -50.37 -60.11 9.01
N VAL S 137 -51.67 -60.11 9.32
CA VAL S 137 -52.23 -61.13 10.20
C VAL S 137 -52.49 -62.40 9.40
N ARG S 138 -52.05 -63.53 9.96
CA ARG S 138 -52.40 -64.84 9.43
C ARG S 138 -52.78 -65.79 10.56
N PHE S 139 -53.10 -65.27 11.73
CA PHE S 139 -53.24 -66.06 12.94
C PHE S 139 -54.41 -65.56 13.75
N ASN S 140 -55.04 -66.47 14.49
CA ASN S 140 -56.23 -66.15 15.28
C ASN S 140 -56.06 -66.69 16.69
N VAL S 141 -56.43 -65.86 17.68
CA VAL S 141 -56.36 -66.29 19.07
C VAL S 141 -57.41 -67.36 19.32
N LEU S 142 -56.99 -68.48 19.91
CA LEU S 142 -57.89 -69.59 20.20
C LEU S 142 -58.25 -69.71 21.67
N LYS S 143 -57.30 -69.48 22.57
CA LYS S 143 -57.55 -69.56 24.00
C LYS S 143 -56.55 -68.66 24.71
N VAL S 144 -57.00 -68.00 25.77
CA VAL S 144 -56.16 -67.08 26.53
C VAL S 144 -56.05 -67.61 27.95
N THR S 145 -54.82 -67.80 28.42
CA THR S 145 -54.54 -68.29 29.75
C THR S 145 -53.92 -67.17 30.59
N LYS S 146 -54.51 -66.92 31.75
CA LYS S 146 -53.98 -65.89 32.64
C LYS S 146 -52.61 -66.29 33.17
N ALA S 147 -51.77 -65.30 33.39
CA ALA S 147 -50.39 -65.51 33.84
C ALA S 147 -50.24 -64.90 35.23
N ALA S 148 -50.35 -65.75 36.25
CA ALA S 148 -50.18 -65.35 37.65
C ALA S 148 -51.12 -64.20 38.03
N GLY S 149 -52.38 -64.33 37.65
CA GLY S 149 -53.37 -63.31 37.96
C GLY S 149 -54.51 -63.79 38.82
N THR S 150 -55.71 -63.80 38.23
CA THR S 150 -56.95 -64.32 38.84
C THR S 150 -57.44 -63.46 40.01
N LYS S 151 -56.68 -62.42 40.37
CA LYS S 151 -57.15 -61.46 41.36
C LYS S 151 -56.30 -60.19 41.32
N LYS S 152 -56.95 -59.03 41.40
CA LYS S 152 -56.28 -57.75 41.36
C LYS S 152 -56.67 -56.93 42.59
N GLN S 153 -55.73 -56.11 43.05
CA GLN S 153 -55.94 -55.29 44.23
C GLN S 153 -56.01 -53.80 43.86
N GLY T 1 -12.56 -61.29 32.63
CA GLY T 1 -12.22 -62.17 31.53
C GLY T 1 -13.18 -62.10 30.37
N LYS T 2 -13.52 -63.26 29.81
CA LYS T 2 -14.45 -63.32 28.69
C LYS T 2 -15.76 -63.93 29.17
N CYS T 3 -16.86 -63.43 28.62
CA CYS T 3 -18.18 -63.93 28.98
C CYS T 3 -18.34 -65.39 28.56
N ARG T 4 -19.04 -66.16 29.38
CA ARG T 4 -19.14 -67.60 29.15
C ARG T 4 -20.55 -68.14 29.38
N GLY T 5 -21.58 -67.31 29.26
CA GLY T 5 -22.93 -67.77 29.49
C GLY T 5 -23.39 -68.77 28.44
N LEU T 6 -24.65 -69.19 28.59
CA LEU T 6 -25.21 -70.14 27.65
C LEU T 6 -25.86 -69.42 26.47
N ARG T 7 -26.72 -68.45 26.75
CA ARG T 7 -27.34 -67.65 25.68
C ARG T 7 -26.59 -66.34 25.48
N THR T 8 -25.29 -66.47 25.24
CA THR T 8 -24.41 -65.32 25.07
C THR T 8 -23.67 -65.35 23.73
N ALA T 9 -24.13 -66.16 22.77
CA ALA T 9 -23.43 -66.26 21.50
C ALA T 9 -23.39 -64.93 20.75
N ARG T 10 -24.48 -64.16 20.82
CA ARG T 10 -24.52 -62.87 20.13
C ARG T 10 -23.41 -61.95 20.64
N LYS T 11 -23.23 -61.91 21.96
CA LYS T 11 -22.16 -61.10 22.53
C LYS T 11 -20.80 -61.54 22.01
N LEU T 12 -20.57 -62.85 21.94
CA LEU T 12 -19.28 -63.36 21.49
C LEU T 12 -19.10 -63.16 19.98
N ARG T 13 -20.15 -63.47 19.20
CA ARG T 13 -20.03 -63.37 17.74
C ARG T 13 -19.86 -61.92 17.30
N SER T 14 -20.65 -61.01 17.87
CA SER T 14 -20.54 -59.60 17.49
C SER T 14 -19.19 -59.04 17.89
N HIS T 15 -18.67 -59.44 19.06
CA HIS T 15 -17.38 -58.95 19.50
C HIS T 15 -16.25 -59.43 18.59
N ARG T 16 -16.29 -60.70 18.20
CA ARG T 16 -15.22 -61.25 17.35
C ARG T 16 -15.18 -60.57 16.00
N ARG T 17 -16.35 -60.31 15.40
CA ARG T 17 -16.38 -59.61 14.13
C ARG T 17 -16.02 -58.14 14.27
N ASP T 18 -16.22 -57.56 15.46
CA ASP T 18 -15.74 -56.21 15.71
C ASP T 18 -14.22 -56.20 15.75
N GLN T 19 -13.63 -57.14 16.50
CA GLN T 19 -12.19 -57.19 16.68
C GLN T 19 -11.47 -57.86 15.51
N LYS T 20 -12.19 -58.44 14.57
CA LYS T 20 -11.58 -58.99 13.38
C LYS T 20 -11.12 -57.91 12.41
N TRP T 21 -11.55 -56.66 12.61
CA TRP T 21 -11.16 -55.55 11.76
C TRP T 21 -9.83 -54.93 12.18
N HIS T 22 -9.20 -55.46 13.22
CA HIS T 22 -8.01 -54.85 13.80
C HIS T 22 -6.72 -55.55 13.42
N ASP T 23 -6.74 -56.44 12.44
CA ASP T 23 -5.51 -57.02 11.91
C ASP T 23 -5.34 -56.60 10.45
N LYS T 24 -4.08 -56.42 10.06
CA LYS T 24 -3.78 -55.85 8.75
C LYS T 24 -4.27 -56.74 7.62
N GLN T 25 -4.09 -58.05 7.76
CA GLN T 25 -4.38 -58.96 6.66
C GLN T 25 -5.87 -58.99 6.33
N TYR T 26 -6.71 -59.08 7.35
CA TYR T 26 -8.16 -59.13 7.12
C TYR T 26 -8.68 -57.78 6.67
N LYS T 27 -8.29 -56.71 7.37
CA LYS T 27 -8.80 -55.38 7.04
C LYS T 27 -8.37 -54.94 5.65
N LYS T 28 -7.18 -55.37 5.22
CA LYS T 28 -6.73 -55.08 3.87
C LYS T 28 -7.61 -55.76 2.83
N ALA T 29 -7.99 -57.02 3.09
CA ALA T 29 -8.73 -57.80 2.09
C ALA T 29 -10.22 -57.51 2.07
N HIS T 30 -10.76 -56.87 3.11
CA HIS T 30 -12.20 -56.67 3.19
C HIS T 30 -12.64 -55.21 3.15
N LEU T 31 -11.75 -54.25 3.40
CA LEU T 31 -12.15 -52.85 3.36
C LEU T 31 -12.33 -52.35 1.93
N GLY T 32 -11.62 -52.93 0.97
CA GLY T 32 -11.76 -52.55 -0.42
C GLY T 32 -10.89 -51.38 -0.85
N THR T 33 -10.32 -50.62 0.08
CA THR T 33 -9.46 -49.51 -0.29
C THR T 33 -8.10 -49.99 -0.75
N ALA T 34 -7.57 -51.06 -0.13
CA ALA T 34 -6.31 -51.62 -0.58
C ALA T 34 -6.42 -52.17 -1.99
N LEU T 35 -7.56 -52.81 -2.31
CA LEU T 35 -7.78 -53.29 -3.66
C LEU T 35 -7.86 -52.12 -4.65
N LYS T 36 -8.53 -51.04 -4.26
CA LYS T 36 -8.66 -49.89 -5.14
C LYS T 36 -7.30 -49.26 -5.43
N ALA T 37 -6.46 -49.12 -4.39
CA ALA T 37 -5.15 -48.50 -4.56
C ALA T 37 -4.17 -49.40 -5.30
N ASN T 38 -4.48 -50.67 -5.46
CA ASN T 38 -3.61 -51.59 -6.17
C ASN T 38 -3.57 -51.23 -7.65
N PRO T 39 -2.40 -51.00 -8.24
CA PRO T 39 -2.34 -50.75 -9.69
C PRO T 39 -2.88 -51.90 -10.51
N PHE T 40 -2.69 -53.14 -10.07
CA PHE T 40 -3.24 -54.28 -10.80
C PHE T 40 -4.74 -54.44 -10.61
N GLY T 41 -5.28 -53.92 -9.51
CA GLY T 41 -6.69 -54.15 -9.21
C GLY T 41 -7.02 -55.58 -8.90
N GLY T 42 -6.11 -56.29 -8.23
CA GLY T 42 -6.32 -57.68 -7.88
C GLY T 42 -5.86 -58.69 -8.91
N ALA T 43 -5.33 -58.22 -10.04
CA ALA T 43 -4.89 -59.14 -11.08
C ALA T 43 -3.46 -59.63 -10.79
N SER T 44 -3.23 -60.90 -11.10
CA SER T 44 -1.89 -61.47 -10.92
C SER T 44 -0.87 -60.81 -11.84
N HIS T 45 -1.24 -60.61 -13.11
CA HIS T 45 -0.37 -59.97 -14.09
C HIS T 45 -1.10 -58.79 -14.70
N ALA T 46 -0.37 -58.00 -15.48
CA ALA T 46 -0.95 -56.87 -16.20
C ALA T 46 0.02 -56.43 -17.29
N LYS T 47 -0.53 -56.10 -18.46
CA LYS T 47 0.27 -55.61 -19.57
C LYS T 47 0.44 -54.10 -19.47
N GLY T 48 1.63 -53.62 -19.84
CA GLY T 48 1.92 -52.21 -19.79
C GLY T 48 2.98 -51.84 -20.82
N ILE T 49 3.12 -50.54 -21.03
CA ILE T 49 4.00 -49.99 -22.05
C ILE T 49 5.19 -49.34 -21.34
N VAL T 50 6.40 -49.71 -21.77
CA VAL T 50 7.60 -49.10 -21.20
C VAL T 50 7.64 -47.64 -21.61
N LEU T 51 7.61 -46.74 -20.63
CA LEU T 51 7.64 -45.31 -20.88
C LEU T 51 9.05 -44.76 -20.95
N GLU T 52 9.96 -45.25 -20.12
CA GLU T 52 11.33 -44.77 -20.05
C GLU T 52 12.12 -45.71 -19.15
N LYS T 53 13.37 -45.95 -19.51
CA LYS T 53 14.24 -46.81 -18.72
C LYS T 53 14.86 -46.03 -17.58
N VAL T 54 14.83 -46.59 -16.37
CA VAL T 54 15.31 -45.92 -15.18
C VAL T 54 16.26 -46.85 -14.44
N GLY T 55 17.14 -46.24 -13.64
CA GLY T 55 17.99 -46.99 -12.75
C GLY T 55 17.92 -46.44 -11.34
N VAL T 56 17.40 -47.21 -10.40
CA VAL T 56 17.15 -46.74 -9.06
C VAL T 56 18.26 -47.24 -8.13
N GLU T 57 18.60 -46.40 -7.15
CA GLU T 57 19.69 -46.69 -6.23
C GLU T 57 19.31 -47.83 -5.28
N ALA T 58 20.34 -48.50 -4.78
CA ALA T 58 20.16 -49.53 -3.78
C ALA T 58 20.06 -48.90 -2.38
N LYS T 59 19.68 -49.73 -1.41
CA LYS T 59 19.61 -49.25 -0.04
C LYS T 59 21.01 -49.03 0.52
N GLN T 60 21.07 -48.57 1.78
CA GLN T 60 22.34 -48.11 2.33
C GLN T 60 23.39 -49.20 2.47
N PRO T 61 23.14 -50.36 3.09
CA PRO T 61 24.21 -51.35 3.23
C PRO T 61 24.77 -51.83 1.90
N ASN T 62 23.92 -51.94 0.88
CA ASN T 62 24.37 -52.26 -0.47
C ASN T 62 24.86 -50.99 -1.16
N SER T 63 25.50 -51.19 -2.31
CA SER T 63 25.91 -50.06 -3.14
C SER T 63 25.87 -50.53 -4.59
N ALA T 64 24.74 -50.27 -5.25
CA ALA T 64 24.54 -50.72 -6.63
C ALA T 64 23.42 -49.88 -7.25
N ILE T 65 23.28 -50.02 -8.57
CA ILE T 65 22.18 -49.41 -9.31
C ILE T 65 21.33 -50.54 -9.87
N ARG T 66 20.02 -50.46 -9.61
CA ARG T 66 19.10 -51.49 -10.06
C ARG T 66 18.32 -50.99 -11.27
N LYS T 67 18.39 -51.76 -12.35
CA LYS T 67 17.77 -51.38 -13.61
C LYS T 67 16.28 -51.67 -13.56
N CYS T 68 15.46 -50.64 -13.79
CA CYS T 68 14.01 -50.75 -13.80
C CYS T 68 13.47 -49.99 -15.01
N VAL T 69 12.15 -50.06 -15.19
CA VAL T 69 11.48 -49.36 -16.29
C VAL T 69 10.19 -48.75 -15.75
N ARG T 70 9.92 -47.50 -16.17
CA ARG T 70 8.64 -46.87 -15.89
C ARG T 70 7.62 -47.36 -16.90
N VAL T 71 6.55 -47.98 -16.42
CA VAL T 71 5.58 -48.66 -17.28
C VAL T 71 4.18 -48.13 -16.98
N GLN T 72 3.46 -47.78 -18.04
CA GLN T 72 2.10 -47.28 -17.96
C GLN T 72 1.14 -48.38 -18.38
N LEU T 73 0.18 -48.69 -17.51
CA LEU T 73 -0.70 -49.83 -17.74
C LEU T 73 -1.75 -49.49 -18.79
N ILE T 74 -2.36 -50.53 -19.35
CA ILE T 74 -3.40 -50.35 -20.36
C ILE T 74 -4.75 -50.07 -19.71
N LYS T 75 -5.26 -51.04 -18.95
CA LYS T 75 -6.39 -50.78 -18.07
C LYS T 75 -5.95 -49.87 -16.94
N ASN T 76 -6.84 -48.95 -16.54
CA ASN T 76 -6.59 -47.97 -15.47
C ASN T 76 -5.15 -47.45 -15.55
N GLY T 77 -4.87 -46.74 -16.64
CA GLY T 77 -3.52 -46.51 -17.08
C GLY T 77 -2.64 -45.62 -16.23
N LYS T 78 -2.43 -46.00 -14.97
CA LYS T 78 -1.45 -45.31 -14.15
C LYS T 78 -0.05 -45.89 -14.40
N LYS T 79 0.96 -45.13 -13.99
CA LYS T 79 2.35 -45.44 -14.27
C LYS T 79 3.05 -45.93 -13.01
N ILE T 80 3.78 -47.04 -13.13
CA ILE T 80 4.55 -47.60 -12.04
C ILE T 80 5.94 -47.99 -12.52
N THR T 81 6.84 -48.22 -11.58
CA THR T 81 8.20 -48.61 -11.87
C THR T 81 8.35 -50.11 -11.61
N ALA T 82 8.81 -50.85 -12.62
CA ALA T 82 8.89 -52.29 -12.56
C ALA T 82 10.32 -52.75 -12.74
N PHE T 83 10.73 -53.74 -11.95
CA PHE T 83 12.06 -54.31 -12.05
C PHE T 83 12.19 -55.15 -13.32
N VAL T 84 13.42 -55.26 -13.82
CA VAL T 84 13.72 -56.14 -14.94
C VAL T 84 14.87 -57.05 -14.51
N PRO T 85 14.56 -58.16 -13.83
CA PRO T 85 15.62 -58.90 -13.13
C PRO T 85 16.45 -59.81 -14.02
N ASN T 86 17.65 -59.35 -14.40
CA ASN T 86 18.76 -60.16 -14.89
C ASN T 86 19.93 -59.27 -15.25
N ASP T 87 21.03 -59.86 -15.73
CA ASP T 87 22.16 -59.08 -16.19
C ASP T 87 21.82 -58.19 -17.38
N GLY T 88 21.47 -58.79 -18.52
CA GLY T 88 21.35 -58.03 -19.75
C GLY T 88 19.95 -57.91 -20.30
N CYS T 89 18.94 -58.14 -19.46
CA CYS T 89 17.57 -58.03 -19.94
C CYS T 89 17.15 -56.59 -20.21
N LEU T 90 17.79 -55.60 -19.56
CA LEU T 90 17.49 -54.22 -19.86
C LEU T 90 17.87 -53.86 -21.30
N ASN T 91 19.04 -54.33 -21.75
CA ASN T 91 19.44 -54.09 -23.12
C ASN T 91 18.54 -54.82 -24.11
N PHE T 92 17.98 -55.96 -23.69
CA PHE T 92 17.04 -56.68 -24.55
C PHE T 92 15.76 -55.88 -24.76
N ILE T 93 15.29 -55.20 -23.72
CA ILE T 93 14.07 -54.42 -23.80
C ILE T 93 14.40 -53.06 -24.41
N GLU T 94 13.72 -52.71 -25.50
CA GLU T 94 13.86 -51.41 -26.13
C GLU T 94 12.81 -50.46 -25.55
N GLU T 95 12.58 -49.35 -26.23
CA GLU T 95 11.59 -48.38 -25.79
C GLU T 95 10.20 -48.75 -26.30
N ASN T 96 9.20 -48.56 -25.44
CA ASN T 96 7.78 -48.63 -25.79
C ASN T 96 7.40 -50.03 -26.29
N ASP T 97 7.50 -51.00 -25.38
CA ASP T 97 7.06 -52.36 -25.63
C ASP T 97 5.92 -52.75 -24.72
N GLU T 98 5.21 -53.78 -25.13
CA GLU T 98 4.18 -54.40 -24.30
C GLU T 98 4.85 -55.42 -23.39
N VAL T 99 4.92 -55.11 -22.10
CA VAL T 99 5.59 -55.96 -21.12
C VAL T 99 4.54 -56.50 -20.16
N LEU T 100 4.66 -57.79 -19.82
CA LEU T 100 3.77 -58.41 -18.84
C LEU T 100 4.37 -58.17 -17.46
N VAL T 101 3.97 -57.07 -16.82
CA VAL T 101 4.50 -56.71 -15.51
C VAL T 101 3.89 -57.64 -14.47
N ALA T 102 4.73 -58.22 -13.62
CA ALA T 102 4.32 -59.21 -12.64
C ALA T 102 4.69 -58.72 -11.25
N GLY T 103 4.01 -59.28 -10.24
CA GLY T 103 4.34 -58.96 -8.87
C GLY T 103 5.72 -59.44 -8.49
N PHE T 104 6.33 -58.75 -7.53
CA PHE T 104 7.69 -59.09 -7.12
C PHE T 104 7.74 -60.35 -6.26
N GLY T 105 6.75 -60.57 -5.39
CA GLY T 105 6.74 -61.80 -4.63
C GLY T 105 6.23 -61.72 -3.20
N ARG T 106 6.02 -60.51 -2.68
CA ARG T 106 5.51 -60.35 -1.33
C ARG T 106 4.31 -59.41 -1.30
N LYS T 107 3.47 -59.49 -2.34
CA LYS T 107 2.13 -58.91 -2.34
C LYS T 107 2.15 -57.39 -2.12
N GLY T 108 2.80 -56.71 -3.05
CA GLY T 108 2.81 -55.26 -3.02
C GLY T 108 3.86 -54.62 -2.13
N HIS T 109 4.60 -55.42 -1.36
CA HIS T 109 5.68 -54.91 -0.54
C HIS T 109 6.97 -54.84 -1.35
N ALA T 110 7.78 -53.83 -1.03
CA ALA T 110 9.07 -53.69 -1.69
C ALA T 110 9.97 -54.87 -1.33
N VAL T 111 10.83 -55.25 -2.27
CA VAL T 111 11.63 -56.47 -2.15
C VAL T 111 13.10 -56.10 -2.03
N GLY T 112 13.77 -56.65 -1.02
CA GLY T 112 15.22 -56.57 -0.94
C GLY T 112 15.72 -55.15 -0.79
N ASP T 113 16.76 -54.84 -1.55
CA ASP T 113 17.41 -53.53 -1.50
C ASP T 113 16.86 -52.54 -2.51
N ILE T 114 15.81 -52.90 -3.25
CA ILE T 114 15.23 -52.04 -4.28
C ILE T 114 14.12 -51.23 -3.62
N PRO T 115 14.24 -49.89 -3.56
CA PRO T 115 13.24 -49.11 -2.83
C PRO T 115 12.02 -48.75 -3.65
N GLY T 116 10.85 -49.18 -3.19
CA GLY T 116 9.59 -48.75 -3.78
C GLY T 116 9.15 -49.48 -5.01
N VAL T 117 9.78 -50.60 -5.36
CA VAL T 117 9.42 -51.37 -6.54
C VAL T 117 8.75 -52.65 -6.09
N ARG T 118 7.49 -52.82 -6.49
CA ARG T 118 6.73 -54.01 -6.18
C ARG T 118 6.41 -54.85 -7.42
N PHE T 119 7.12 -54.62 -8.52
CA PHE T 119 6.85 -55.31 -9.78
C PHE T 119 8.15 -55.71 -10.46
N LYS T 120 8.09 -56.81 -11.21
CA LYS T 120 9.19 -57.28 -12.03
C LYS T 120 8.68 -57.56 -13.44
N VAL T 121 9.54 -57.34 -14.43
CA VAL T 121 9.16 -57.48 -15.83
C VAL T 121 9.36 -58.93 -16.26
N VAL T 122 8.33 -59.52 -16.86
CA VAL T 122 8.42 -60.77 -17.58
C VAL T 122 7.66 -60.58 -18.88
N LYS T 123 8.12 -61.27 -19.93
CA LYS T 123 7.48 -61.20 -21.25
C LYS T 123 7.38 -59.76 -21.75
N VAL T 124 8.56 -59.22 -22.09
CA VAL T 124 8.63 -58.09 -23.00
C VAL T 124 8.03 -58.60 -24.31
N ALA T 125 7.83 -57.72 -25.30
CA ALA T 125 6.95 -57.97 -26.45
C ALA T 125 6.96 -59.44 -26.87
N ASN T 126 5.78 -59.97 -27.20
CA ASN T 126 5.26 -61.23 -26.66
C ASN T 126 6.27 -62.33 -26.35
N VAL T 127 7.40 -62.36 -27.06
CA VAL T 127 8.44 -63.34 -26.75
C VAL T 127 8.87 -63.21 -25.28
N SER T 128 9.11 -64.34 -24.63
CA SER T 128 9.32 -64.36 -23.19
C SER T 128 10.67 -63.75 -22.81
N LEU T 129 10.73 -63.21 -21.59
CA LEU T 129 11.98 -62.61 -21.10
C LEU T 129 12.97 -63.70 -20.66
N LEU T 130 12.46 -64.79 -20.10
CA LEU T 130 13.33 -65.90 -19.72
C LEU T 130 13.98 -66.53 -20.95
N ALA T 131 13.21 -66.67 -22.03
CA ALA T 131 13.75 -67.24 -23.26
C ALA T 131 14.85 -66.35 -23.84
N LEU T 132 14.67 -65.03 -23.77
CA LEU T 132 15.68 -64.12 -24.27
C LEU T 132 17.00 -64.28 -23.53
N TYR T 133 16.93 -64.35 -22.19
CA TYR T 133 18.14 -64.51 -21.40
C TYR T 133 18.84 -65.83 -21.69
N LYS T 134 18.08 -66.91 -21.78
CA LYS T 134 18.63 -68.22 -22.12
C LYS T 134 18.87 -68.38 -23.61
N GLY T 135 18.44 -67.42 -24.42
CA GLY T 135 18.69 -67.47 -25.84
C GLY T 135 17.81 -68.42 -26.63
N LYS T 136 16.77 -68.98 -26.00
CA LYS T 136 15.91 -69.92 -26.70
C LYS T 136 15.23 -69.25 -27.90
N LYS T 137 14.71 -68.04 -27.69
CA LYS T 137 14.10 -67.25 -28.75
C LYS T 137 14.77 -65.88 -28.79
N GLU T 138 14.85 -65.31 -29.98
CA GLU T 138 15.53 -64.05 -30.21
C GLU T 138 14.48 -62.94 -30.27
N ARG T 139 14.94 -61.70 -30.41
CA ARG T 139 14.02 -60.57 -30.49
C ARG T 139 13.23 -60.62 -31.81
N PRO T 140 12.01 -60.08 -31.83
CA PRO T 140 11.21 -60.04 -33.08
C PRO T 140 11.60 -58.89 -34.00
N ARG T 141 12.64 -59.13 -34.81
CA ARG T 141 13.10 -58.15 -35.80
C ARG T 141 12.67 -58.56 -37.20
N MET U 1 -50.59 -44.43 -66.04
CA MET U 1 -51.39 -45.08 -65.01
C MET U 1 -51.90 -46.42 -65.51
N LYS U 2 -51.59 -47.48 -64.78
CA LYS U 2 -52.02 -48.82 -65.16
C LYS U 2 -53.40 -49.11 -64.57
N LEU U 3 -54.34 -49.50 -65.44
CA LEU U 3 -55.70 -49.81 -65.03
C LEU U 3 -55.94 -51.30 -65.23
N ASN U 4 -56.30 -51.98 -64.15
CA ASN U 4 -56.67 -53.39 -64.21
C ASN U 4 -58.19 -53.45 -64.15
N ILE U 5 -58.81 -53.73 -65.27
CA ILE U 5 -60.24 -53.94 -65.35
C ILE U 5 -60.52 -55.41 -65.11
N SER U 6 -61.75 -55.73 -64.69
CA SER U 6 -62.11 -57.11 -64.44
C SER U 6 -63.60 -57.30 -64.66
N PHE U 7 -63.98 -58.34 -65.39
CA PHE U 7 -65.38 -58.61 -65.70
C PHE U 7 -65.71 -59.88 -64.95
N PRO U 8 -66.41 -59.81 -63.82
CA PRO U 8 -66.62 -61.03 -63.00
C PRO U 8 -67.43 -62.12 -63.68
N ALA U 9 -68.41 -61.78 -64.53
CA ALA U 9 -69.30 -62.80 -65.08
C ALA U 9 -68.80 -63.42 -66.38
N THR U 10 -67.63 -62.99 -66.88
CA THR U 10 -66.93 -63.74 -67.92
C THR U 10 -65.43 -63.85 -67.70
N GLY U 11 -64.86 -63.13 -66.74
CA GLY U 11 -63.42 -63.17 -66.58
C GLY U 11 -62.72 -62.43 -67.71
N CYS U 12 -61.69 -63.07 -68.25
CA CYS U 12 -60.92 -62.54 -69.38
C CYS U 12 -60.34 -61.16 -69.08
N GLN U 13 -60.03 -60.90 -67.82
CA GLN U 13 -59.43 -59.63 -67.43
C GLN U 13 -58.03 -59.49 -68.01
N LYS U 14 -57.57 -58.24 -68.11
CA LYS U 14 -56.22 -57.94 -68.55
C LYS U 14 -55.80 -56.60 -67.96
N LEU U 15 -54.55 -56.21 -68.22
CA LEU U 15 -54.01 -54.94 -67.75
C LEU U 15 -53.69 -54.07 -68.95
N ILE U 16 -54.02 -52.79 -68.85
CA ILE U 16 -53.77 -51.81 -69.90
C ILE U 16 -53.26 -50.52 -69.27
N GLU U 17 -52.90 -49.56 -70.12
CA GLU U 17 -52.35 -48.30 -69.68
C GLU U 17 -53.18 -47.15 -70.21
N VAL U 18 -53.42 -46.15 -69.36
CA VAL U 18 -54.11 -44.92 -69.73
C VAL U 18 -53.20 -43.76 -69.40
N ASP U 19 -53.12 -42.79 -70.31
CA ASP U 19 -52.25 -41.62 -70.12
C ASP U 19 -52.98 -40.29 -70.21
N ASP U 20 -54.06 -40.17 -70.97
CA ASP U 20 -54.82 -38.93 -71.00
C ASP U 20 -55.33 -38.62 -69.60
N GLU U 21 -55.09 -37.39 -69.13
CA GLU U 21 -55.44 -37.05 -67.77
C GLU U 21 -56.95 -36.98 -67.55
N ARG U 22 -57.72 -36.82 -68.62
CA ARG U 22 -59.17 -36.63 -68.48
C ARG U 22 -59.84 -37.88 -67.91
N LYS U 23 -59.44 -39.06 -68.39
CA LYS U 23 -60.11 -40.28 -67.93
C LYS U 23 -59.88 -40.53 -66.44
N LEU U 24 -58.67 -40.25 -65.95
CA LEU U 24 -58.40 -40.39 -64.53
C LEU U 24 -59.23 -39.41 -63.71
N ARG U 25 -59.36 -38.16 -64.18
CA ARG U 25 -60.11 -37.16 -63.42
C ARG U 25 -61.58 -37.52 -63.28
N THR U 26 -62.09 -38.45 -64.09
CA THR U 26 -63.41 -39.00 -63.84
C THR U 26 -63.42 -39.89 -62.61
N PHE U 27 -62.27 -40.45 -62.23
CA PHE U 27 -62.18 -41.31 -61.06
C PHE U 27 -61.49 -40.64 -59.87
N TYR U 28 -61.02 -39.40 -60.03
CA TYR U 28 -60.44 -38.67 -58.90
C TYR U 28 -61.52 -38.34 -57.89
N GLU U 29 -61.14 -38.32 -56.60
CA GLU U 29 -62.05 -38.05 -55.50
C GLU U 29 -63.21 -39.05 -55.51
N LYS U 30 -62.84 -40.31 -55.31
CA LYS U 30 -63.81 -41.40 -55.30
C LYS U 30 -63.52 -42.31 -54.12
N ARG U 31 -64.57 -42.96 -53.64
CA ARG U 31 -64.49 -43.96 -52.59
C ARG U 31 -64.57 -45.34 -53.23
N MET U 32 -63.97 -46.33 -52.57
CA MET U 32 -63.98 -47.67 -53.15
C MET U 32 -65.39 -48.25 -53.09
N ALA U 33 -65.65 -49.19 -54.01
CA ALA U 33 -66.95 -49.86 -54.12
C ALA U 33 -68.05 -48.84 -54.43
N THR U 34 -67.70 -47.82 -55.20
CA THR U 34 -68.63 -46.79 -55.64
C THR U 34 -68.87 -46.94 -57.14
N GLU U 35 -70.13 -46.98 -57.52
CA GLU U 35 -70.51 -47.10 -58.93
C GLU U 35 -70.18 -45.81 -59.67
N VAL U 36 -69.18 -45.86 -60.55
CA VAL U 36 -68.82 -44.75 -61.41
C VAL U 36 -68.79 -45.23 -62.84
N ALA U 37 -69.07 -44.31 -63.77
CA ALA U 37 -69.17 -44.63 -65.19
C ALA U 37 -67.91 -44.16 -65.91
N ALA U 38 -67.33 -45.06 -66.70
CA ALA U 38 -66.14 -44.77 -67.50
C ALA U 38 -66.47 -44.87 -68.99
N ASP U 39 -67.62 -44.31 -69.37
CA ASP U 39 -68.08 -44.35 -70.75
C ASP U 39 -67.18 -43.61 -71.72
N ALA U 40 -66.36 -42.67 -71.24
CA ALA U 40 -65.78 -41.63 -72.08
C ALA U 40 -64.38 -41.95 -72.59
N LEU U 41 -64.09 -43.22 -72.85
CA LEU U 41 -62.85 -43.58 -73.54
C LEU U 41 -63.21 -44.08 -74.93
N GLY U 42 -62.69 -43.39 -75.94
CA GLY U 42 -62.92 -43.80 -77.32
C GLY U 42 -64.41 -43.83 -77.63
N GLU U 43 -64.81 -44.80 -78.45
CA GLU U 43 -66.21 -45.03 -78.77
C GLU U 43 -66.64 -46.46 -78.44
N GLU U 44 -65.97 -47.09 -77.47
CA GLU U 44 -66.21 -48.49 -77.16
C GLU U 44 -66.66 -48.76 -75.75
N TRP U 45 -66.51 -47.80 -74.83
CA TRP U 45 -66.87 -48.00 -73.43
C TRP U 45 -68.23 -47.40 -73.08
N LYS U 46 -69.04 -47.05 -74.07
CA LYS U 46 -70.35 -46.46 -73.79
C LYS U 46 -71.22 -47.44 -73.02
N GLY U 47 -72.03 -46.88 -72.12
CA GLY U 47 -72.92 -47.71 -71.30
C GLY U 47 -72.20 -48.64 -70.37
N TYR U 48 -71.11 -48.18 -69.74
CA TYR U 48 -70.29 -49.01 -68.87
C TYR U 48 -70.24 -48.38 -67.48
N VAL U 49 -70.89 -49.01 -66.51
CA VAL U 49 -70.80 -48.60 -65.11
C VAL U 49 -69.95 -49.62 -64.36
N VAL U 50 -68.98 -49.12 -63.60
CA VAL U 50 -67.90 -49.93 -63.05
C VAL U 50 -67.73 -49.61 -61.57
N ARG U 51 -67.43 -50.64 -60.79
CA ARG U 51 -67.23 -50.53 -59.35
C ARG U 51 -65.74 -50.61 -59.03
N ILE U 52 -65.26 -49.68 -58.21
CA ILE U 52 -63.85 -49.60 -57.85
C ILE U 52 -63.59 -50.61 -56.73
N SER U 53 -62.70 -51.57 -56.98
CA SER U 53 -62.43 -52.62 -56.01
C SER U 53 -61.11 -52.45 -55.27
N GLY U 54 -60.41 -51.32 -55.46
CA GLY U 54 -59.17 -51.11 -54.75
C GLY U 54 -58.06 -50.51 -55.59
N GLY U 55 -56.81 -50.81 -55.24
CA GLY U 55 -55.68 -50.26 -55.97
C GLY U 55 -54.41 -50.40 -55.16
N ASN U 56 -53.42 -49.56 -55.50
CA ASN U 56 -52.15 -49.56 -54.79
C ASN U 56 -51.40 -48.28 -55.11
N ASP U 57 -50.34 -48.01 -54.34
CA ASP U 57 -49.63 -46.75 -54.43
C ASP U 57 -48.47 -46.83 -55.41
N LYS U 58 -47.67 -45.76 -55.45
CA LYS U 58 -46.48 -45.72 -56.28
C LYS U 58 -45.33 -46.51 -55.67
N GLN U 59 -45.48 -47.02 -54.45
CA GLN U 59 -44.51 -47.92 -53.83
C GLN U 59 -45.13 -49.27 -53.51
N GLY U 60 -46.28 -49.56 -54.09
CA GLY U 60 -46.90 -50.86 -53.95
C GLY U 60 -47.74 -51.05 -52.71
N PHE U 61 -47.92 -50.01 -51.89
CA PHE U 61 -48.75 -50.14 -50.70
C PHE U 61 -50.21 -50.20 -51.13
N PRO U 62 -50.96 -51.21 -50.72
CA PRO U 62 -52.37 -51.30 -51.15
C PRO U 62 -53.24 -50.36 -50.35
N MET U 63 -54.40 -50.02 -50.92
CA MET U 63 -55.36 -49.15 -50.26
C MET U 63 -56.38 -50.00 -49.51
N LYS U 64 -56.49 -49.75 -48.21
CA LYS U 64 -57.33 -50.54 -47.33
C LYS U 64 -58.71 -49.91 -47.23
N GLN U 65 -59.74 -50.75 -47.31
CA GLN U 65 -61.12 -50.29 -47.20
C GLN U 65 -61.37 -49.66 -45.84
N GLY U 66 -61.63 -48.36 -45.83
CA GLY U 66 -62.13 -47.69 -44.65
C GLY U 66 -61.17 -46.76 -43.93
N VAL U 67 -60.12 -46.28 -44.58
CA VAL U 67 -59.24 -45.32 -43.93
C VAL U 67 -59.77 -43.90 -44.12
N LEU U 68 -60.54 -43.66 -45.19
CA LEU U 68 -61.17 -42.38 -45.50
C LEU U 68 -60.21 -41.21 -45.37
N THR U 69 -59.09 -41.31 -46.08
CA THR U 69 -58.18 -40.19 -46.27
C THR U 69 -57.33 -40.49 -47.49
N HIS U 70 -56.77 -39.44 -48.09
CA HIS U 70 -55.85 -39.61 -49.21
C HIS U 70 -54.42 -39.57 -48.68
N GLY U 71 -53.64 -40.60 -49.03
CA GLY U 71 -52.29 -40.71 -48.51
C GLY U 71 -52.07 -42.01 -47.79
N ARG U 72 -51.04 -42.08 -46.94
CA ARG U 72 -50.65 -43.32 -46.29
C ARG U 72 -50.69 -43.16 -44.78
N VAL U 73 -51.19 -44.18 -44.10
CA VAL U 73 -51.32 -44.19 -42.65
C VAL U 73 -50.85 -45.54 -42.13
N ARG U 74 -50.34 -45.56 -40.90
CA ARG U 74 -49.83 -46.77 -40.27
C ARG U 74 -50.88 -47.36 -39.34
N LEU U 75 -51.12 -48.66 -39.47
CA LEU U 75 -52.20 -49.35 -38.78
C LEU U 75 -51.70 -50.61 -38.11
N LEU U 76 -52.31 -50.94 -36.97
CA LEU U 76 -52.06 -52.19 -36.26
C LEU U 76 -53.05 -53.23 -36.78
N LEU U 77 -52.57 -54.14 -37.63
CA LEU U 77 -53.43 -55.13 -38.25
C LEU U 77 -53.39 -56.45 -37.48
N SER U 78 -54.57 -56.93 -37.11
CA SER U 78 -54.73 -58.27 -36.58
C SER U 78 -55.08 -59.20 -37.74
N LYS U 79 -55.31 -60.47 -37.43
CA LYS U 79 -55.63 -61.43 -38.48
C LYS U 79 -57.00 -61.16 -39.07
N GLY U 80 -57.09 -61.17 -40.39
CA GLY U 80 -58.36 -61.16 -41.09
C GLY U 80 -58.93 -59.80 -41.44
N HIS U 81 -58.17 -58.72 -41.34
CA HIS U 81 -58.70 -57.44 -41.82
C HIS U 81 -58.52 -57.30 -43.33
N SER U 82 -57.27 -57.16 -43.78
CA SER U 82 -56.89 -57.16 -45.19
C SER U 82 -55.39 -56.91 -45.26
N CYS U 83 -54.85 -57.03 -46.47
CA CYS U 83 -53.50 -56.58 -46.82
C CYS U 83 -52.45 -57.00 -45.79
N TYR U 84 -52.64 -58.17 -45.19
CA TYR U 84 -51.78 -58.63 -44.11
C TYR U 84 -52.04 -60.12 -43.89
N ARG U 85 -50.97 -60.90 -43.79
CA ARG U 85 -51.07 -62.33 -43.51
C ARG U 85 -50.31 -62.65 -42.22
N PRO U 86 -50.98 -63.04 -41.15
CA PRO U 86 -50.26 -63.32 -39.90
C PRO U 86 -49.40 -64.56 -40.02
N ARG U 87 -48.28 -64.56 -39.28
CA ARG U 87 -47.39 -65.72 -39.24
C ARG U 87 -47.62 -66.61 -38.04
N ARG U 88 -48.46 -66.20 -37.09
CA ARG U 88 -48.82 -67.06 -35.95
C ARG U 88 -50.13 -66.56 -35.37
N THR U 89 -50.80 -67.46 -34.65
CA THR U 89 -52.13 -67.16 -34.13
C THR U 89 -52.07 -66.03 -33.11
N GLY U 90 -53.01 -65.09 -33.25
CA GLY U 90 -53.15 -63.99 -32.31
C GLY U 90 -52.14 -62.87 -32.46
N GLU U 91 -51.31 -62.91 -33.50
CA GLU U 91 -50.25 -61.92 -33.65
C GLU U 91 -50.78 -60.72 -34.44
N ARG U 92 -50.45 -59.52 -33.98
CA ARG U 92 -50.95 -58.27 -34.55
C ARG U 92 -49.77 -57.41 -34.98
N LYS U 93 -49.64 -57.18 -36.28
CA LYS U 93 -48.50 -56.49 -36.87
C LYS U 93 -48.93 -55.11 -37.35
N ARG U 94 -48.11 -54.10 -37.07
CA ARG U 94 -48.35 -52.75 -37.55
C ARG U 94 -47.75 -52.60 -38.94
N LYS U 95 -48.59 -52.27 -39.90
CA LYS U 95 -48.17 -52.06 -41.28
C LYS U 95 -48.84 -50.79 -41.82
N SER U 96 -48.20 -50.16 -42.79
CA SER U 96 -48.70 -48.94 -43.41
C SER U 96 -49.57 -49.28 -44.61
N VAL U 97 -50.77 -48.71 -44.63
CA VAL U 97 -51.72 -48.93 -45.71
C VAL U 97 -52.14 -47.57 -46.28
N ARG U 98 -52.89 -47.62 -47.36
CA ARG U 98 -53.37 -46.42 -48.04
C ARG U 98 -54.87 -46.26 -47.85
N GLY U 99 -55.32 -45.02 -47.90
CA GLY U 99 -56.74 -44.74 -47.74
C GLY U 99 -57.55 -45.11 -48.96
N CYS U 100 -58.86 -45.15 -48.77
CA CYS U 100 -59.77 -45.53 -49.85
C CYS U 100 -59.89 -44.45 -50.92
N ILE U 101 -59.59 -43.19 -50.59
CA ILE U 101 -59.69 -42.10 -51.56
C ILE U 101 -58.66 -42.33 -52.64
N VAL U 102 -59.08 -42.26 -53.90
CA VAL U 102 -58.20 -42.49 -55.05
C VAL U 102 -57.89 -41.14 -55.68
N ASP U 103 -56.59 -40.82 -55.76
CA ASP U 103 -56.14 -39.59 -56.39
C ASP U 103 -54.97 -39.94 -57.30
N ALA U 104 -54.27 -38.90 -57.77
CA ALA U 104 -53.21 -39.10 -58.76
C ALA U 104 -51.98 -39.78 -58.17
N ASN U 105 -51.87 -39.84 -56.83
CA ASN U 105 -50.71 -40.45 -56.21
C ASN U 105 -50.81 -41.97 -56.21
N LEU U 106 -50.98 -42.56 -57.39
CA LEU U 106 -51.20 -43.98 -57.55
C LEU U 106 -50.29 -44.52 -58.65
N SER U 107 -50.15 -45.84 -58.68
CA SER U 107 -49.45 -46.53 -59.75
C SER U 107 -50.34 -47.51 -60.49
N VAL U 108 -51.16 -48.27 -59.77
CA VAL U 108 -52.13 -49.19 -60.37
C VAL U 108 -53.49 -48.95 -59.75
N LEU U 109 -54.49 -48.84 -60.62
CA LEU U 109 -55.88 -48.70 -60.20
C LEU U 109 -56.67 -49.84 -60.84
N ASN U 110 -57.41 -50.57 -60.03
CA ASN U 110 -58.15 -51.73 -60.53
C ASN U 110 -59.59 -51.68 -60.06
N LEU U 111 -60.49 -52.19 -60.91
CA LEU U 111 -61.92 -52.07 -60.69
C LEU U 111 -62.63 -53.20 -61.43
N VAL U 112 -63.92 -53.35 -61.13
CA VAL U 112 -64.73 -54.45 -61.65
C VAL U 112 -65.87 -53.89 -62.48
N ILE U 113 -66.21 -54.59 -63.57
CA ILE U 113 -67.33 -54.18 -64.40
C ILE U 113 -68.62 -54.73 -63.80
N VAL U 114 -69.61 -53.85 -63.64
CA VAL U 114 -70.92 -54.26 -63.14
C VAL U 114 -71.93 -54.49 -64.25
N LYS U 115 -71.96 -53.64 -65.28
CA LYS U 115 -72.99 -53.76 -66.31
C LYS U 115 -72.37 -53.69 -67.69
N LYS U 116 -72.95 -54.45 -68.62
CA LYS U 116 -72.56 -54.48 -70.01
C LYS U 116 -72.87 -53.16 -70.72
N GLY U 117 -72.12 -52.90 -71.79
CA GLY U 117 -72.28 -51.73 -72.62
C GLY U 117 -73.22 -51.97 -73.79
N GLU U 118 -73.15 -51.09 -74.79
CA GLU U 118 -74.01 -51.25 -75.95
C GLU U 118 -73.48 -52.35 -76.88
N LYS U 119 -72.20 -52.69 -76.77
CA LYS U 119 -71.63 -53.81 -77.52
C LYS U 119 -70.42 -54.31 -76.74
N ASP U 120 -69.70 -55.27 -77.33
CA ASP U 120 -68.64 -55.99 -76.64
C ASP U 120 -67.34 -55.18 -76.62
N ILE U 121 -66.37 -55.70 -75.89
CA ILE U 121 -65.05 -55.10 -75.75
C ILE U 121 -64.02 -56.06 -76.32
N PRO U 122 -63.08 -55.59 -77.15
CA PRO U 122 -62.11 -56.52 -77.76
C PRO U 122 -61.25 -57.25 -76.74
N GLY U 123 -61.41 -58.57 -76.66
CA GLY U 123 -60.56 -59.42 -75.85
C GLY U 123 -61.00 -59.61 -74.41
N LEU U 124 -62.00 -58.87 -73.94
CA LEU U 124 -62.43 -58.94 -72.56
C LEU U 124 -63.73 -59.70 -72.39
N THR U 125 -64.61 -59.64 -73.36
CA THR U 125 -65.98 -60.10 -73.21
C THR U 125 -66.27 -61.36 -74.02
N ASP U 126 -65.28 -61.81 -74.76
CA ASP U 126 -65.32 -63.03 -75.55
C ASP U 126 -64.35 -64.03 -74.93
N THR U 127 -64.38 -65.26 -75.43
CA THR U 127 -63.55 -66.35 -74.90
C THR U 127 -63.74 -66.46 -73.39
N THR U 128 -64.99 -66.55 -72.98
CA THR U 128 -65.36 -66.63 -71.57
C THR U 128 -64.80 -67.91 -70.96
N VAL U 129 -63.77 -67.78 -70.13
CA VAL U 129 -63.22 -68.96 -69.44
C VAL U 129 -64.20 -69.39 -68.36
N PRO U 130 -64.31 -70.68 -68.07
CA PRO U 130 -65.31 -71.16 -67.11
C PRO U 130 -64.76 -71.23 -65.69
N ARG U 131 -65.65 -71.58 -64.77
CA ARG U 131 -65.22 -71.83 -63.39
C ARG U 131 -64.21 -72.97 -63.37
N ARG U 132 -63.19 -72.84 -62.53
CA ARG U 132 -62.10 -73.81 -62.54
C ARG U 132 -62.60 -75.20 -62.14
N LEU U 133 -63.40 -75.29 -61.08
CA LEU U 133 -63.89 -76.58 -60.62
C LEU U 133 -65.32 -76.41 -60.09
N GLY U 134 -66.07 -77.50 -60.11
CA GLY U 134 -67.46 -77.48 -59.72
C GLY U 134 -67.66 -77.72 -58.24
N PRO U 135 -68.92 -77.84 -57.81
CA PRO U 135 -69.21 -77.90 -56.39
C PRO U 135 -68.81 -79.23 -55.75
N LYS U 136 -68.62 -79.17 -54.44
CA LYS U 136 -68.18 -80.32 -53.64
C LYS U 136 -69.22 -80.79 -52.63
N ARG U 137 -69.74 -79.89 -51.81
CA ARG U 137 -70.75 -80.26 -50.83
C ARG U 137 -71.96 -80.86 -51.52
N ALA U 138 -72.50 -81.94 -50.95
CA ALA U 138 -73.63 -82.60 -51.59
C ALA U 138 -74.93 -81.91 -51.26
N SER U 139 -74.95 -80.58 -51.35
CA SER U 139 -76.18 -79.82 -51.45
C SER U 139 -76.03 -78.76 -52.53
N ARG U 140 -74.81 -78.25 -52.70
CA ARG U 140 -74.57 -77.23 -53.73
C ARG U 140 -74.69 -77.83 -55.13
N ILE U 141 -74.23 -79.07 -55.30
CA ILE U 141 -74.41 -79.76 -56.58
C ILE U 141 -75.88 -80.02 -56.84
N ARG U 142 -76.60 -80.51 -55.81
CA ARG U 142 -78.03 -80.77 -55.99
C ARG U 142 -78.83 -79.48 -56.15
N LYS U 143 -78.38 -78.39 -55.51
CA LYS U 143 -79.02 -77.10 -55.74
C LYS U 143 -78.74 -76.60 -57.16
N LEU U 144 -77.53 -76.83 -57.65
CA LEU U 144 -77.18 -76.40 -59.00
C LEU U 144 -77.97 -77.18 -60.04
N PHE U 145 -78.15 -78.48 -59.82
CA PHE U 145 -78.83 -79.36 -60.77
C PHE U 145 -80.32 -79.51 -60.48
N ASN U 146 -80.85 -78.76 -59.51
CA ASN U 146 -82.25 -78.85 -59.11
C ASN U 146 -82.65 -80.28 -58.73
N LEU U 147 -81.77 -80.99 -58.04
CA LEU U 147 -82.09 -82.33 -57.57
C LEU U 147 -82.82 -82.24 -56.23
N SER U 148 -84.04 -82.75 -56.20
CA SER U 148 -84.91 -82.61 -55.02
C SER U 148 -84.59 -83.67 -53.96
N LYS U 149 -84.75 -84.95 -54.32
CA LYS U 149 -84.49 -86.02 -53.37
C LYS U 149 -84.11 -87.27 -54.15
N GLU U 150 -82.86 -87.71 -53.99
CA GLU U 150 -82.33 -88.89 -54.65
C GLU U 150 -82.53 -88.81 -56.17
N ASP U 151 -82.21 -87.65 -56.73
CA ASP U 151 -82.25 -87.49 -58.19
C ASP U 151 -80.93 -87.92 -58.81
N ASP U 152 -80.49 -89.12 -58.44
CA ASP U 152 -79.28 -89.75 -58.98
C ASP U 152 -78.09 -88.81 -58.92
N VAL U 153 -77.83 -88.28 -57.72
CA VAL U 153 -76.67 -87.42 -57.52
C VAL U 153 -75.37 -88.15 -57.80
N ARG U 154 -75.38 -89.49 -57.71
CA ARG U 154 -74.17 -90.27 -57.93
C ARG U 154 -73.69 -90.13 -59.37
N GLN U 155 -74.57 -90.37 -60.33
CA GLN U 155 -74.23 -90.29 -61.75
C GLN U 155 -74.33 -88.88 -62.30
N TYR U 156 -74.91 -87.94 -61.56
CA TYR U 156 -75.07 -86.56 -61.99
C TYR U 156 -73.87 -85.70 -61.62
N VAL U 157 -72.77 -86.33 -61.17
CA VAL U 157 -71.58 -85.60 -60.77
C VAL U 157 -70.83 -85.13 -62.01
N VAL U 158 -69.88 -84.23 -61.83
CA VAL U 158 -69.14 -83.63 -62.93
C VAL U 158 -67.86 -84.42 -63.17
N ARG U 159 -67.66 -84.88 -64.39
CA ARG U 159 -66.48 -85.64 -64.78
C ARG U 159 -65.51 -84.72 -65.51
N LYS U 160 -64.22 -84.92 -65.26
CA LYS U 160 -63.17 -84.05 -65.80
C LYS U 160 -62.21 -84.84 -66.69
N PRO U 161 -62.43 -84.88 -68.00
CA PRO U 161 -61.47 -85.55 -68.88
C PRO U 161 -60.08 -84.90 -68.78
N LEU U 162 -59.07 -85.75 -68.80
CA LEU U 162 -57.67 -85.32 -68.78
C LEU U 162 -56.99 -85.89 -70.01
N ASN U 163 -56.37 -85.02 -70.81
CA ASN U 163 -55.92 -85.38 -72.15
C ASN U 163 -54.47 -84.96 -72.39
N LYS U 164 -53.59 -85.31 -71.45
CA LYS U 164 -52.17 -85.11 -71.69
C LYS U 164 -51.65 -86.11 -72.72
N GLU U 165 -50.60 -85.71 -73.45
CA GLU U 165 -50.16 -86.51 -74.59
C GLU U 165 -49.54 -87.83 -74.16
N GLY U 166 -48.87 -87.87 -73.01
CA GLY U 166 -48.20 -89.07 -72.57
C GLY U 166 -49.08 -90.13 -71.95
N LYS U 167 -50.37 -89.84 -71.77
CA LYS U 167 -51.28 -90.75 -71.10
C LYS U 167 -52.55 -90.93 -71.93
N LYS U 168 -53.18 -92.09 -71.77
CA LYS U 168 -54.50 -92.28 -72.36
C LYS U 168 -55.50 -91.39 -71.62
N PRO U 169 -56.48 -90.83 -72.33
CA PRO U 169 -57.41 -89.90 -71.67
C PRO U 169 -58.17 -90.57 -70.54
N ARG U 170 -58.32 -89.86 -69.43
CA ARG U 170 -59.00 -90.37 -68.25
C ARG U 170 -60.02 -89.35 -67.77
N THR U 171 -61.09 -89.83 -67.16
CA THR U 171 -62.09 -88.98 -66.54
C THR U 171 -61.76 -88.80 -65.06
N LYS U 172 -62.19 -87.68 -64.50
CA LYS U 172 -61.87 -87.33 -63.12
C LYS U 172 -63.12 -86.85 -62.39
N ALA U 173 -63.32 -87.36 -61.18
CA ALA U 173 -64.40 -86.95 -60.31
C ALA U 173 -63.87 -86.71 -58.90
N PRO U 174 -64.32 -85.65 -58.24
CA PRO U 174 -63.79 -85.33 -56.92
C PRO U 174 -64.49 -86.08 -55.80
N LYS U 175 -63.88 -86.07 -54.61
CA LYS U 175 -64.47 -86.68 -53.42
C LYS U 175 -65.50 -85.73 -52.82
N ILE U 176 -66.73 -85.85 -53.31
CA ILE U 176 -67.81 -84.99 -52.82
C ILE U 176 -68.26 -85.50 -51.46
N GLN U 177 -68.52 -84.56 -50.54
CA GLN U 177 -68.69 -84.88 -49.14
C GLN U 177 -70.06 -84.42 -48.65
N ARG U 178 -70.32 -84.70 -47.37
CA ARG U 178 -71.59 -84.41 -46.71
C ARG U 178 -72.77 -85.10 -47.41
N LEU U 179 -72.49 -86.21 -48.09
CA LEU U 179 -73.56 -87.00 -48.70
C LEU U 179 -74.02 -88.05 -47.70
N VAL U 180 -75.22 -88.58 -47.95
CA VAL U 180 -75.80 -89.58 -47.04
C VAL U 180 -75.41 -90.96 -47.57
N THR U 181 -74.35 -91.53 -47.00
CA THR U 181 -73.73 -92.84 -47.16
C THR U 181 -74.28 -93.80 -46.13
N PRO U 182 -74.54 -95.07 -46.48
CA PRO U 182 -74.91 -96.04 -45.44
C PRO U 182 -73.89 -96.13 -44.33
N ARG U 183 -72.62 -95.87 -44.63
CA ARG U 183 -71.61 -95.74 -43.59
C ARG U 183 -71.97 -94.61 -42.62
N VAL U 184 -72.53 -93.52 -43.14
CA VAL U 184 -72.96 -92.43 -42.28
C VAL U 184 -74.10 -92.87 -41.37
N LEU U 185 -75.10 -93.56 -41.92
CA LEU U 185 -76.11 -94.18 -41.07
C LEU U 185 -75.50 -95.23 -40.16
N GLN U 186 -74.47 -95.93 -40.63
CA GLN U 186 -73.77 -96.89 -39.78
C GLN U 186 -73.18 -96.21 -38.55
N HIS U 187 -72.55 -95.04 -38.73
CA HIS U 187 -72.00 -94.33 -37.58
C HIS U 187 -73.11 -93.90 -36.63
N LYS U 188 -74.26 -93.50 -37.16
CA LYS U 188 -75.44 -93.32 -36.32
C LYS U 188 -75.86 -94.63 -35.68
N ARG U 189 -75.84 -95.72 -36.45
CA ARG U 189 -76.24 -97.02 -35.91
C ARG U 189 -75.27 -97.50 -34.84
N ARG U 190 -74.02 -97.06 -34.90
CA ARG U 190 -73.09 -97.32 -33.81
C ARG U 190 -73.38 -96.42 -32.61
N ARG U 191 -73.68 -95.14 -32.88
CA ARG U 191 -73.98 -94.22 -31.79
C ARG U 191 -75.24 -94.66 -31.04
N ILE U 192 -76.30 -94.99 -31.78
CA ILE U 192 -77.53 -95.47 -31.15
C ILE U 192 -77.28 -96.76 -30.39
N ALA U 193 -76.35 -97.59 -30.86
CA ALA U 193 -75.96 -98.78 -30.11
C ALA U 193 -75.32 -98.40 -28.77
N LEU U 194 -74.45 -97.40 -28.79
CA LEU U 194 -73.86 -96.91 -27.55
C LEU U 194 -74.91 -96.26 -26.66
N LYS U 195 -75.88 -95.57 -27.26
CA LYS U 195 -76.98 -94.98 -26.49
C LYS U 195 -77.76 -96.06 -25.76
N LYS U 196 -78.03 -97.18 -26.43
CA LYS U 196 -78.81 -98.26 -25.84
C LYS U 196 -78.08 -98.93 -24.69
N GLN U 197 -76.81 -99.29 -24.91
CA GLN U 197 -76.11 -100.14 -23.94
C GLN U 197 -75.76 -99.37 -22.68
N ARG U 198 -75.39 -98.10 -22.79
CA ARG U 198 -74.98 -97.36 -21.61
C ARG U 198 -76.18 -96.95 -20.76
N THR U 199 -77.37 -96.86 -21.36
CA THR U 199 -78.56 -96.58 -20.55
C THR U 199 -79.18 -97.85 -20.02
N LYS U 200 -78.99 -98.97 -20.74
CA LYS U 200 -79.36 -100.28 -20.19
C LYS U 200 -78.47 -100.63 -19.02
N LYS U 201 -77.18 -100.33 -19.12
CA LYS U 201 -76.25 -100.55 -18.02
C LYS U 201 -76.60 -99.70 -16.80
N ASN U 202 -76.95 -98.44 -17.03
CA ASN U 202 -77.23 -97.54 -15.91
C ASN U 202 -78.47 -98.00 -15.14
N LYS U 203 -79.49 -98.47 -15.85
CA LYS U 203 -80.64 -99.05 -15.18
C LYS U 203 -80.25 -100.32 -14.42
N GLU U 204 -79.35 -101.12 -15.00
CA GLU U 204 -78.95 -102.37 -14.37
C GLU U 204 -78.10 -102.13 -13.12
N GLU U 205 -77.17 -101.19 -13.19
CA GLU U 205 -76.31 -100.91 -12.04
C GLU U 205 -77.12 -100.39 -10.85
N ALA U 206 -78.08 -99.49 -11.12
CA ALA U 206 -78.96 -99.03 -10.06
C ALA U 206 -79.84 -100.16 -9.55
N ALA U 207 -80.21 -101.09 -10.44
CA ALA U 207 -81.08 -102.20 -10.04
C ALA U 207 -80.40 -103.10 -9.02
N GLU U 208 -79.17 -103.53 -9.29
CA GLU U 208 -78.44 -104.36 -8.34
C GLU U 208 -78.09 -103.59 -7.07
N TYR U 209 -77.86 -102.28 -7.19
CA TYR U 209 -77.63 -101.46 -6.02
C TYR U 209 -78.93 -101.17 -5.28
N ALA U 210 -80.06 -101.14 -5.98
CA ALA U 210 -81.33 -101.19 -5.27
C ALA U 210 -81.45 -102.48 -4.48
N LYS U 211 -80.99 -103.59 -5.05
CA LYS U 211 -81.01 -104.87 -4.34
C LYS U 211 -79.99 -104.89 -3.22
N LEU U 212 -78.84 -104.22 -3.40
CA LEU U 212 -77.80 -104.27 -2.39
C LEU U 212 -78.26 -103.59 -1.10
N LEU U 213 -78.92 -102.43 -1.22
CA LEU U 213 -79.52 -101.78 -0.05
C LEU U 213 -80.82 -102.43 0.39
N ALA U 214 -81.39 -103.33 -0.40
CA ALA U 214 -82.36 -104.26 0.16
C ALA U 214 -81.66 -105.26 1.08
N LYS U 215 -80.48 -105.72 0.67
CA LYS U 215 -79.65 -106.54 1.54
C LYS U 215 -79.03 -105.71 2.66
N ARG U 216 -78.53 -104.52 2.33
CA ARG U 216 -77.82 -103.69 3.29
C ARG U 216 -78.81 -102.88 4.12
N MET U 217 -78.36 -102.50 5.32
CA MET U 217 -79.14 -101.78 6.32
C MET U 217 -80.23 -102.68 6.90
N LYS U 218 -80.44 -103.85 6.30
CA LYS U 218 -81.28 -104.86 6.93
C LYS U 218 -80.52 -105.56 8.06
N GLU U 219 -79.25 -105.87 7.84
CA GLU U 219 -78.39 -106.30 8.95
C GLU U 219 -78.25 -105.20 9.98
N ALA U 220 -78.32 -103.93 9.55
CA ALA U 220 -78.38 -102.82 10.49
C ALA U 220 -79.73 -102.79 11.19
N LYS U 221 -80.83 -102.91 10.44
CA LYS U 221 -82.13 -103.00 11.08
C LYS U 221 -82.24 -104.27 11.91
N GLU U 222 -81.50 -105.31 11.52
CA GLU U 222 -81.29 -106.43 12.44
C GLU U 222 -80.50 -105.99 13.66
N LYS U 223 -79.45 -105.19 13.45
CA LYS U 223 -78.61 -104.74 14.56
C LYS U 223 -79.41 -103.88 15.53
N ARG U 224 -80.23 -102.96 15.01
CA ARG U 224 -81.10 -102.17 15.89
C ARG U 224 -82.09 -103.06 16.62
N GLN U 225 -82.47 -104.20 16.02
CA GLN U 225 -83.29 -105.16 16.74
C GLN U 225 -82.49 -105.90 17.81
N GLU U 226 -81.21 -106.21 17.55
CA GLU U 226 -80.37 -106.74 18.62
C GLU U 226 -80.16 -105.69 19.71
N GLN U 227 -80.26 -104.40 19.36
CA GLN U 227 -80.30 -103.37 20.38
C GLN U 227 -81.61 -103.42 21.15
N ILE U 228 -82.72 -103.63 20.44
CA ILE U 228 -84.01 -103.75 21.09
C ILE U 228 -84.09 -105.06 21.89
N ALA U 229 -83.57 -106.15 21.31
CA ALA U 229 -83.53 -107.41 22.04
C ALA U 229 -82.67 -107.29 23.28
N LYS U 230 -81.51 -106.65 23.17
CA LYS U 230 -80.64 -106.48 24.33
C LYS U 230 -81.30 -105.65 25.42
N ARG U 231 -82.05 -104.61 25.01
CA ARG U 231 -82.69 -103.74 25.98
C ARG U 231 -83.78 -104.47 26.77
N ARG U 232 -84.54 -105.35 26.11
CA ARG U 232 -85.67 -106.02 26.74
C ARG U 232 -85.31 -107.38 27.32
N ARG U 233 -84.25 -108.03 26.83
CA ARG U 233 -83.94 -109.39 27.28
C ARG U 233 -83.57 -109.43 28.76
N LEU U 234 -82.68 -108.56 29.19
CA LEU U 234 -82.24 -108.51 30.58
C LEU U 234 -82.62 -107.14 31.15
N SER U 235 -83.83 -107.06 31.71
CA SER U 235 -84.28 -105.89 32.44
C SER U 235 -84.59 -106.19 33.90
N SER U 236 -84.59 -107.46 34.29
CA SER U 236 -84.82 -107.87 35.67
C SER U 236 -83.60 -108.53 36.31
N LEU U 237 -82.90 -109.39 35.58
CA LEU U 237 -81.75 -110.11 36.12
C LEU U 237 -80.52 -109.23 36.15
N PRO V 1 -26.96 -80.84 -19.44
CA PRO V 1 -26.02 -80.68 -20.55
C PRO V 1 -25.11 -81.88 -20.76
N VAL V 2 -23.82 -81.69 -20.46
CA VAL V 2 -22.83 -82.74 -20.72
C VAL V 2 -23.09 -83.94 -19.82
N ALA V 3 -22.98 -85.13 -20.38
CA ALA V 3 -23.23 -86.38 -19.66
C ALA V 3 -21.94 -87.09 -19.28
N ARG V 4 -20.90 -86.35 -18.92
CA ARG V 4 -19.63 -86.93 -18.51
C ARG V 4 -19.66 -87.19 -17.00
N SER V 5 -18.49 -87.48 -16.42
CA SER V 5 -18.39 -87.88 -15.02
C SER V 5 -17.86 -86.77 -14.12
N TRP V 6 -16.69 -86.22 -14.43
CA TRP V 6 -16.00 -85.24 -13.60
C TRP V 6 -15.74 -85.78 -12.19
N VAL V 7 -15.48 -87.08 -12.11
CA VAL V 7 -15.20 -87.73 -10.82
C VAL V 7 -13.75 -88.18 -10.85
N CYS V 8 -12.96 -87.66 -9.92
CA CYS V 8 -11.55 -88.02 -9.79
C CYS V 8 -11.07 -87.62 -8.41
N ARG V 9 -9.98 -88.25 -7.98
CA ARG V 9 -9.32 -87.88 -6.74
C ARG V 9 -7.86 -88.25 -6.86
N LYS V 10 -7.04 -87.64 -6.00
CA LYS V 10 -5.61 -87.92 -6.02
C LYS V 10 -5.30 -89.15 -5.18
N THR V 11 -4.42 -89.99 -5.71
CA THR V 11 -3.99 -91.20 -5.03
C THR V 11 -2.71 -91.02 -4.23
N TYR V 12 -2.22 -89.78 -4.11
CA TYR V 12 -1.01 -89.52 -3.34
C TYR V 12 -1.13 -88.17 -2.67
N VAL V 13 -0.34 -87.98 -1.61
CA VAL V 13 -0.22 -86.71 -0.92
C VAL V 13 1.26 -86.43 -0.69
N THR V 14 1.72 -85.27 -1.15
CA THR V 14 3.13 -84.94 -1.00
C THR V 14 3.45 -84.66 0.47
N PRO V 15 4.69 -84.90 0.89
CA PRO V 15 5.04 -84.68 2.30
C PRO V 15 4.89 -83.22 2.71
N ARG V 16 4.42 -83.02 3.95
CA ARG V 16 4.23 -81.67 4.47
C ARG V 16 5.55 -80.93 4.59
N ARG V 17 6.52 -81.52 5.30
CA ARG V 17 7.82 -80.92 5.43
C ARG V 17 8.71 -81.45 4.34
N PRO V 18 9.06 -80.67 3.33
CA PRO V 18 10.01 -81.15 2.34
C PRO V 18 11.39 -81.31 2.96
N PHE V 19 12.11 -82.25 2.39
CA PHE V 19 13.55 -82.17 2.25
C PHE V 19 14.26 -82.47 3.57
N GLU V 20 13.78 -83.50 4.27
CA GLU V 20 14.39 -83.96 5.52
C GLU V 20 15.21 -85.20 5.23
N LYS V 21 16.46 -85.22 5.71
CA LYS V 21 17.37 -86.31 5.38
C LYS V 21 16.82 -87.65 5.86
N SER V 22 16.25 -87.70 7.05
CA SER V 22 15.70 -88.95 7.57
C SER V 22 14.58 -89.47 6.66
N ARG V 23 13.71 -88.58 6.19
CA ARG V 23 12.65 -88.99 5.27
C ARG V 23 13.19 -89.25 3.86
N LEU V 24 14.15 -88.43 3.41
CA LEU V 24 14.66 -88.56 2.05
C LEU V 24 15.32 -89.91 1.84
N ASP V 25 16.12 -90.35 2.81
CA ASP V 25 16.83 -91.63 2.65
C ASP V 25 15.91 -92.82 2.84
N GLN V 26 14.92 -92.73 3.74
CA GLN V 26 14.07 -93.88 4.01
C GLN V 26 13.23 -94.23 2.79
N GLU V 27 12.67 -93.24 2.11
CA GLU V 27 11.97 -93.51 0.87
C GLU V 27 12.91 -94.01 -0.21
N LEU V 28 14.11 -93.43 -0.31
CA LEU V 28 15.07 -93.90 -1.31
C LEU V 28 15.49 -95.33 -1.03
N LYS V 29 15.48 -95.73 0.24
CA LYS V 29 15.75 -97.13 0.58
C LYS V 29 14.67 -98.03 0.00
N LEU V 30 13.41 -97.60 0.08
CA LEU V 30 12.29 -98.43 -0.36
C LEU V 30 12.34 -98.65 -1.87
N ILE V 31 12.63 -97.60 -2.64
CA ILE V 31 12.53 -97.70 -4.09
C ILE V 31 13.60 -98.63 -4.65
N GLY V 32 14.81 -98.59 -4.08
CA GLY V 32 15.89 -99.39 -4.62
C GLY V 32 15.69 -100.88 -4.39
N GLU V 33 15.31 -101.25 -3.18
CA GLU V 33 15.10 -102.66 -2.86
C GLU V 33 13.78 -103.19 -3.38
N TYR V 34 12.91 -102.33 -3.90
CA TYR V 34 11.60 -102.76 -4.38
C TYR V 34 11.34 -102.38 -5.82
N GLY V 35 12.29 -101.73 -6.49
CA GLY V 35 12.17 -101.46 -7.92
C GLY V 35 11.05 -100.52 -8.29
N LEU V 36 10.90 -99.43 -7.57
CA LEU V 36 9.93 -98.41 -7.93
C LEU V 36 10.53 -97.44 -8.95
N ARG V 37 9.65 -96.66 -9.58
CA ARG V 37 10.10 -95.66 -10.55
C ARG V 37 10.46 -94.34 -9.88
N ASN V 38 9.51 -93.72 -9.20
CA ASN V 38 9.75 -92.47 -8.51
C ASN V 38 8.93 -92.46 -7.22
N LYS V 39 9.21 -91.48 -6.37
CA LYS V 39 8.64 -91.44 -5.03
C LYS V 39 7.14 -91.18 -5.02
N ARG V 40 6.55 -90.78 -6.15
CA ARG V 40 5.09 -90.72 -6.23
C ARG V 40 4.49 -92.10 -6.02
N GLU V 41 5.23 -93.15 -6.39
CA GLU V 41 4.78 -94.51 -6.12
C GLU V 41 4.79 -94.80 -4.62
N VAL V 42 5.81 -94.32 -3.91
CA VAL V 42 5.90 -94.54 -2.47
C VAL V 42 4.84 -93.71 -1.75
N TRP V 43 4.68 -92.45 -2.16
CA TRP V 43 3.68 -91.60 -1.52
C TRP V 43 2.27 -92.13 -1.75
N ARG V 44 2.04 -92.80 -2.87
CA ARG V 44 0.71 -93.34 -3.15
C ARG V 44 0.37 -94.49 -2.21
N VAL V 45 1.29 -95.45 -2.05
CA VAL V 45 1.00 -96.62 -1.25
C VAL V 45 0.88 -96.25 0.22
N LYS V 46 1.70 -95.31 0.69
CA LYS V 46 1.55 -94.83 2.07
C LYS V 46 0.25 -94.05 2.23
N PHE V 47 -0.24 -93.42 1.16
CA PHE V 47 -1.51 -92.70 1.23
C PHE V 47 -2.68 -93.68 1.26
N THR V 48 -2.57 -94.79 0.52
CA THR V 48 -3.60 -95.81 0.57
C THR V 48 -3.72 -96.42 1.97
N LEU V 49 -2.57 -96.72 2.58
CA LEU V 49 -2.58 -97.35 3.90
C LEU V 49 -3.05 -96.36 4.97
N ALA V 50 -2.71 -95.07 4.80
CA ALA V 50 -3.14 -94.08 5.78
C ALA V 50 -4.67 -93.97 5.83
N LYS V 51 -5.32 -94.08 4.67
CA LYS V 51 -6.78 -94.08 4.64
C LYS V 51 -7.33 -95.28 5.39
N ILE V 52 -6.70 -96.45 5.22
CA ILE V 52 -7.09 -97.62 5.99
C ILE V 52 -6.92 -97.35 7.48
N ARG V 53 -5.82 -96.70 7.86
CA ARG V 53 -5.59 -96.37 9.26
C ARG V 53 -6.67 -95.44 9.80
N LYS V 54 -7.02 -94.41 9.03
CA LYS V 54 -8.07 -93.48 9.46
C LYS V 54 -9.42 -94.16 9.54
N ALA V 55 -9.76 -94.97 8.52
CA ALA V 55 -11.00 -95.72 8.57
C ALA V 55 -11.00 -96.68 9.76
N ALA V 56 -9.86 -97.33 10.02
CA ALA V 56 -9.74 -98.14 11.23
C ALA V 56 -9.91 -97.28 12.48
N ARG V 57 -9.11 -96.21 12.60
CA ARG V 57 -9.14 -95.39 13.81
C ARG V 57 -10.55 -94.94 14.16
N GLU V 58 -11.35 -94.60 13.15
CA GLU V 58 -12.74 -94.24 13.41
C GLU V 58 -13.53 -95.44 13.93
N LEU V 59 -13.22 -96.64 13.44
CA LEU V 59 -13.88 -97.84 13.94
C LEU V 59 -13.46 -98.13 15.38
N LEU V 60 -12.16 -98.01 15.68
CA LEU V 60 -11.69 -98.30 17.04
C LEU V 60 -12.30 -97.35 18.07
N THR V 61 -12.41 -96.06 17.75
CA THR V 61 -13.05 -95.16 18.71
C THR V 61 -14.55 -95.41 18.80
N LEU V 62 -15.15 -95.95 17.74
CA LEU V 62 -16.56 -96.31 17.79
C LEU V 62 -16.76 -97.52 18.70
N ASP V 63 -17.86 -97.53 19.44
CA ASP V 63 -18.10 -98.54 20.45
C ASP V 63 -18.28 -99.92 19.81
N GLU V 64 -17.89 -100.95 20.56
CA GLU V 64 -18.12 -102.32 20.14
C GLU V 64 -19.61 -102.61 20.08
N LYS V 65 -19.96 -103.78 19.53
CA LYS V 65 -21.31 -104.27 19.30
C LYS V 65 -22.17 -103.24 18.56
N ASP V 66 -21.52 -102.30 17.89
CA ASP V 66 -22.23 -101.43 16.97
C ASP V 66 -22.35 -102.13 15.62
N PRO V 67 -23.55 -102.28 15.06
CA PRO V 67 -23.69 -103.00 13.80
C PRO V 67 -22.81 -102.46 12.68
N ARG V 68 -22.56 -101.15 12.66
CA ARG V 68 -21.66 -100.61 11.65
C ARG V 68 -20.21 -100.93 11.97
N ARG V 69 -19.87 -101.04 13.26
CA ARG V 69 -18.50 -101.40 13.62
C ARG V 69 -18.16 -102.80 13.14
N LEU V 70 -19.09 -103.75 13.33
CA LEU V 70 -18.81 -105.13 12.97
C LEU V 70 -18.81 -105.32 11.46
N PHE V 71 -19.81 -104.77 10.76
CA PHE V 71 -19.91 -105.00 9.32
C PHE V 71 -18.77 -104.29 8.59
N GLU V 72 -18.57 -103.00 8.87
CA GLU V 72 -17.44 -102.30 8.26
C GLU V 72 -16.11 -102.85 8.76
N GLY V 73 -16.06 -103.32 10.01
CA GLY V 73 -14.87 -104.00 10.47
C GLY V 73 -14.62 -105.29 9.72
N ASN V 74 -15.62 -106.16 9.64
CA ASN V 74 -15.47 -107.43 8.93
C ASN V 74 -15.13 -107.19 7.46
N ALA V 75 -15.64 -106.09 6.89
CA ALA V 75 -15.26 -105.73 5.54
C ALA V 75 -13.76 -105.43 5.46
N LEU V 76 -13.27 -104.55 6.34
CA LEU V 76 -11.88 -104.11 6.25
C LEU V 76 -10.91 -105.27 6.47
N LEU V 77 -11.20 -106.16 7.42
CA LEU V 77 -10.33 -107.31 7.63
C LEU V 77 -10.32 -108.22 6.42
N ARG V 78 -11.50 -108.44 5.81
CA ARG V 78 -11.60 -109.46 4.78
C ARG V 78 -10.85 -109.02 3.52
N ARG V 79 -10.95 -107.74 3.15
CA ARG V 79 -10.20 -107.25 2.01
C ARG V 79 -8.69 -107.30 2.26
N LEU V 80 -8.27 -106.97 3.48
CA LEU V 80 -6.83 -106.93 3.77
C LEU V 80 -6.23 -108.33 3.71
N VAL V 81 -6.89 -109.31 4.32
CA VAL V 81 -6.39 -110.68 4.21
C VAL V 81 -6.52 -111.19 2.79
N ARG V 82 -7.53 -110.70 2.04
CA ARG V 82 -7.66 -111.08 0.64
C ARG V 82 -6.51 -110.53 -0.19
N ILE V 83 -6.07 -109.30 0.09
CA ILE V 83 -4.90 -108.76 -0.59
C ILE V 83 -3.65 -109.49 -0.14
N GLY V 84 -3.61 -109.91 1.12
CA GLY V 84 -2.50 -110.67 1.66
C GLY V 84 -1.57 -109.92 2.59
N VAL V 85 -1.84 -108.64 2.86
CA VAL V 85 -1.02 -107.89 3.81
C VAL V 85 -1.27 -108.28 5.26
N LEU V 86 -2.29 -109.10 5.53
CA LEU V 86 -2.65 -109.47 6.87
C LEU V 86 -2.73 -111.00 6.98
N ASP V 87 -2.27 -111.52 8.11
CA ASP V 87 -2.33 -112.96 8.35
C ASP V 87 -3.78 -113.39 8.52
N GLU V 88 -4.08 -114.61 8.08
CA GLU V 88 -5.45 -115.12 8.16
C GLU V 88 -5.91 -115.22 9.61
N GLY V 89 -5.03 -115.67 10.51
CA GLY V 89 -5.38 -115.68 11.92
C GLY V 89 -5.37 -114.31 12.57
N LYS V 90 -4.67 -113.35 11.99
CA LYS V 90 -4.61 -111.98 12.49
C LYS V 90 -5.89 -111.28 12.06
N MET V 91 -6.95 -111.47 12.85
CA MET V 91 -8.29 -111.04 12.50
C MET V 91 -8.84 -110.04 13.51
N LYS V 92 -8.04 -109.06 13.90
CA LYS V 92 -8.48 -108.01 14.80
C LYS V 92 -8.12 -106.64 14.21
N LEU V 93 -8.93 -105.64 14.55
CA LEU V 93 -8.76 -104.31 14.00
C LEU V 93 -7.45 -103.65 14.41
N ASP V 94 -6.99 -103.89 15.63
CA ASP V 94 -5.79 -103.22 16.11
C ASP V 94 -4.56 -103.60 15.29
N TYR V 95 -4.57 -104.81 14.70
CA TYR V 95 -3.46 -105.23 13.86
C TYR V 95 -3.42 -104.48 12.54
N ILE V 96 -4.52 -103.87 12.13
CA ILE V 96 -4.48 -102.96 10.99
C ILE V 96 -3.59 -101.78 11.28
N LEU V 97 -3.70 -101.22 12.49
CA LEU V 97 -2.85 -100.11 12.89
C LEU V 97 -1.37 -100.48 12.88
N GLY V 98 -1.04 -101.73 13.20
CA GLY V 98 0.35 -102.17 13.23
C GLY V 98 0.95 -102.47 11.88
N LEU V 99 0.15 -102.49 10.82
CA LEU V 99 0.66 -102.77 9.49
C LEU V 99 1.58 -101.66 9.01
N LYS V 100 2.71 -102.06 8.44
CA LYS V 100 3.65 -101.15 7.81
C LYS V 100 3.45 -101.20 6.30
N ILE V 101 3.92 -100.15 5.61
CA ILE V 101 3.76 -100.08 4.16
C ILE V 101 4.69 -101.04 3.43
N GLU V 102 5.69 -101.60 4.10
CA GLU V 102 6.60 -102.55 3.45
C GLU V 102 5.82 -103.75 2.91
N ASP V 103 4.88 -104.29 3.72
CA ASP V 103 4.12 -105.46 3.28
C ASP V 103 3.14 -105.10 2.18
N PHE V 104 2.66 -103.85 2.15
CA PHE V 104 1.77 -103.42 1.07
C PHE V 104 2.46 -103.53 -0.28
N LEU V 105 3.71 -103.09 -0.37
CA LEU V 105 4.43 -103.22 -1.64
C LEU V 105 4.99 -104.63 -1.83
N GLU V 106 4.85 -105.50 -0.83
CA GLU V 106 5.16 -106.91 -1.07
C GLU V 106 4.15 -107.53 -2.04
N ARG V 107 2.87 -107.19 -1.88
CA ARG V 107 1.81 -107.82 -2.66
C ARG V 107 1.69 -107.24 -4.07
N ARG V 108 2.44 -106.20 -4.40
CA ARG V 108 2.43 -105.69 -5.76
C ARG V 108 2.97 -106.75 -6.71
N LEU V 109 2.40 -106.81 -7.91
CA LEU V 109 2.74 -107.87 -8.84
C LEU V 109 4.18 -107.77 -9.32
N GLN V 110 4.80 -106.59 -9.23
CA GLN V 110 6.20 -106.46 -9.61
C GLN V 110 7.10 -107.24 -8.66
N THR V 111 6.87 -107.12 -7.36
CA THR V 111 7.67 -107.86 -6.40
C THR V 111 7.36 -109.35 -6.42
N GLN V 112 6.10 -109.72 -6.68
CA GLN V 112 5.70 -111.14 -6.63
C GLN V 112 6.47 -111.97 -7.65
N VAL V 113 6.61 -111.46 -8.87
CA VAL V 113 7.26 -112.25 -9.92
C VAL V 113 8.74 -112.46 -9.64
N PHE V 114 9.33 -111.66 -8.75
CA PHE V 114 10.66 -111.98 -8.24
C PHE V 114 10.58 -113.17 -7.30
N LYS V 115 9.84 -113.03 -6.20
CA LYS V 115 9.84 -114.02 -5.13
C LYS V 115 9.35 -115.38 -5.60
N LEU V 116 8.65 -115.45 -6.72
CA LEU V 116 8.33 -116.73 -7.34
C LEU V 116 9.45 -117.26 -8.22
N GLY V 117 10.52 -116.49 -8.40
CA GLY V 117 11.64 -116.90 -9.22
C GLY V 117 11.45 -116.69 -10.70
N LEU V 118 10.30 -116.14 -11.13
CA LEU V 118 10.05 -115.96 -12.55
C LEU V 118 10.92 -114.87 -13.16
N ALA V 119 11.46 -113.96 -12.35
CA ALA V 119 12.31 -112.89 -12.86
C ALA V 119 13.26 -112.46 -11.76
N LYS V 120 14.55 -112.66 -11.99
CA LYS V 120 15.57 -112.16 -11.07
C LYS V 120 15.69 -110.66 -11.22
N SER V 121 16.39 -110.02 -10.27
CA SER V 121 16.74 -108.62 -10.42
C SER V 121 15.53 -107.72 -10.57
N ILE V 122 14.83 -107.42 -9.46
CA ILE V 122 13.52 -106.76 -9.46
C ILE V 122 13.35 -105.70 -10.53
N HIS V 123 14.42 -105.02 -10.91
CA HIS V 123 14.30 -104.02 -11.97
C HIS V 123 14.21 -104.70 -13.35
N HIS V 124 14.80 -105.89 -13.50
CA HIS V 124 14.49 -106.71 -14.66
C HIS V 124 13.01 -107.11 -14.66
N ALA V 125 12.47 -107.44 -13.48
CA ALA V 125 11.09 -107.91 -13.40
C ALA V 125 10.12 -106.81 -13.82
N ARG V 126 10.39 -105.56 -13.44
CA ARG V 126 9.50 -104.47 -13.80
C ARG V 126 9.44 -104.29 -15.31
N VAL V 127 10.59 -104.28 -15.98
CA VAL V 127 10.58 -104.12 -17.43
C VAL V 127 9.93 -105.33 -18.10
N LEU V 128 10.18 -106.53 -17.58
CA LEU V 128 9.52 -107.72 -18.11
C LEU V 128 8.02 -107.63 -17.94
N ILE V 129 7.55 -106.97 -16.88
CA ILE V 129 6.12 -106.76 -16.70
C ILE V 129 5.59 -105.82 -17.78
N ARG V 130 6.28 -104.71 -18.01
CA ARG V 130 5.84 -103.78 -19.05
C ARG V 130 6.07 -104.33 -20.44
N GLN V 131 7.04 -105.22 -20.63
CA GLN V 131 7.23 -105.85 -21.92
C GLN V 131 6.14 -106.85 -22.26
N ARG V 132 5.23 -107.14 -21.32
CA ARG V 132 4.06 -107.99 -21.54
C ARG V 132 4.45 -109.45 -21.77
N HIS V 133 5.27 -109.99 -20.86
CA HIS V 133 5.53 -111.42 -20.80
C HIS V 133 4.84 -112.13 -19.64
N ILE V 134 4.58 -111.42 -18.55
CA ILE V 134 3.94 -112.04 -17.40
C ILE V 134 2.42 -112.08 -17.63
N ARG V 135 1.78 -113.16 -17.19
CA ARG V 135 0.37 -113.38 -17.48
C ARG V 135 -0.34 -113.87 -16.22
N VAL V 136 -1.39 -113.16 -15.81
CA VAL V 136 -2.27 -113.67 -14.78
C VAL V 136 -3.14 -114.78 -15.38
N ARG V 137 -3.82 -115.54 -14.50
CA ARG V 137 -4.37 -116.86 -14.79
C ARG V 137 -4.85 -117.04 -16.24
N LYS V 138 -5.58 -116.07 -16.79
CA LYS V 138 -6.01 -116.17 -18.17
C LYS V 138 -5.83 -114.86 -18.94
N GLN V 139 -5.18 -113.86 -18.34
CA GLN V 139 -5.16 -112.52 -18.89
C GLN V 139 -3.80 -111.90 -18.60
N VAL V 140 -3.17 -111.35 -19.63
CA VAL V 140 -1.84 -110.78 -19.52
C VAL V 140 -1.96 -109.32 -19.10
N VAL V 141 -1.10 -108.89 -18.17
CA VAL V 141 -1.13 -107.55 -17.62
C VAL V 141 0.26 -106.95 -17.74
N ASN V 142 0.32 -105.66 -18.08
CA ASN V 142 1.55 -104.87 -17.96
C ASN V 142 1.24 -103.72 -17.01
N ILE V 143 1.29 -104.01 -15.71
CA ILE V 143 0.98 -103.06 -14.66
C ILE V 143 1.89 -103.40 -13.48
N PRO V 144 2.98 -102.66 -13.28
CA PRO V 144 3.90 -103.00 -12.18
C PRO V 144 3.32 -102.76 -10.81
N SER V 145 2.25 -101.98 -10.68
CA SER V 145 1.63 -101.72 -9.38
C SER V 145 0.40 -102.60 -9.14
N PHE V 146 0.16 -103.58 -10.00
CA PHE V 146 -0.94 -104.53 -9.78
C PHE V 146 -0.77 -105.21 -8.44
N ILE V 147 -1.85 -105.27 -7.67
CA ILE V 147 -1.84 -105.85 -6.33
C ILE V 147 -2.48 -107.23 -6.44
N VAL V 148 -1.66 -108.28 -6.29
CA VAL V 148 -2.18 -109.64 -6.45
C VAL V 148 -2.87 -110.08 -5.16
N ARG V 149 -3.61 -111.19 -5.28
CA ARG V 149 -4.38 -111.78 -4.20
C ARG V 149 -3.90 -113.21 -3.99
N LEU V 150 -4.39 -113.84 -2.91
CA LEU V 150 -3.99 -115.21 -2.61
C LEU V 150 -4.60 -116.22 -3.57
N ASP V 151 -5.90 -116.10 -3.84
CA ASP V 151 -6.54 -117.02 -4.78
C ASP V 151 -5.99 -116.84 -6.19
N SER V 152 -5.30 -115.74 -6.44
CA SER V 152 -4.61 -115.52 -7.71
C SER V 152 -3.10 -115.61 -7.58
N GLN V 153 -2.57 -115.91 -6.39
CA GLN V 153 -1.13 -115.88 -6.18
C GLN V 153 -0.43 -116.99 -6.96
N LYS V 154 -1.00 -118.19 -6.97
CA LYS V 154 -0.34 -119.35 -7.56
C LYS V 154 -0.52 -119.41 -9.08
N HIS V 155 -1.24 -118.47 -9.66
CA HIS V 155 -1.52 -118.45 -11.09
C HIS V 155 -0.81 -117.29 -11.78
N ILE V 156 0.41 -117.01 -11.34
CA ILE V 156 1.33 -116.10 -12.02
C ILE V 156 2.20 -116.97 -12.93
N ASP V 157 2.02 -116.82 -14.24
CA ASP V 157 2.77 -117.61 -15.21
C ASP V 157 3.09 -116.75 -16.43
N PHE V 158 4.03 -117.26 -17.24
CA PHE V 158 4.44 -116.56 -18.44
C PHE V 158 3.37 -116.66 -19.53
N SER V 159 3.18 -115.58 -20.27
CA SER V 159 2.21 -115.58 -21.35
C SER V 159 2.69 -116.45 -22.50
N LEU V 160 1.72 -116.91 -23.30
CA LEU V 160 2.05 -117.77 -24.44
C LEU V 160 2.81 -117.01 -25.52
N ARG V 161 2.32 -115.82 -25.88
CA ARG V 161 2.91 -115.06 -26.98
C ARG V 161 4.33 -114.59 -26.68
N SER V 162 4.70 -114.51 -25.40
CA SER V 162 6.03 -114.07 -25.04
C SER V 162 7.07 -115.12 -25.46
N PRO V 163 8.30 -114.70 -25.81
CA PRO V 163 9.37 -115.64 -26.12
C PRO V 163 10.02 -116.23 -24.87
N TYR V 164 9.19 -116.61 -23.90
CA TYR V 164 9.60 -117.42 -22.77
C TYR V 164 8.63 -118.54 -22.45
N GLY V 165 7.40 -118.48 -22.95
CA GLY V 165 6.46 -119.57 -22.86
C GLY V 165 6.33 -120.27 -24.21
N GLY V 166 5.30 -119.92 -24.96
CA GLY V 166 5.08 -120.48 -26.27
C GLY V 166 6.13 -120.02 -27.27
N GLY V 167 5.79 -120.20 -28.55
CA GLY V 167 6.72 -119.90 -29.62
C GLY V 167 6.85 -118.42 -29.93
N ARG V 168 7.08 -118.11 -31.21
CA ARG V 168 7.31 -116.75 -31.69
C ARG V 168 8.41 -116.04 -30.92
N PRO V 169 9.68 -116.46 -31.06
CA PRO V 169 10.78 -115.66 -30.55
C PRO V 169 10.72 -114.21 -31.02
N GLY V 170 11.54 -113.37 -30.39
CA GLY V 170 11.52 -111.95 -30.65
C GLY V 170 12.13 -111.58 -31.99
N ARG V 171 12.03 -110.27 -32.29
CA ARG V 171 12.41 -109.78 -33.61
C ARG V 171 13.91 -109.79 -33.83
N VAL V 172 14.71 -109.53 -32.80
CA VAL V 172 16.16 -109.63 -32.96
C VAL V 172 16.56 -111.07 -33.22
N LYS V 173 15.88 -112.03 -32.59
CA LYS V 173 16.12 -113.44 -32.89
C LYS V 173 15.84 -113.74 -34.35
N ARG V 174 14.72 -113.23 -34.87
CA ARG V 174 14.40 -113.44 -36.28
C ARG V 174 15.43 -112.79 -37.19
N LYS V 175 15.86 -111.57 -36.85
CA LYS V 175 16.83 -110.88 -37.69
C LYS V 175 18.18 -111.59 -37.70
N ASN V 176 18.60 -112.10 -36.54
CA ASN V 176 19.87 -112.83 -36.49
C ASN V 176 19.79 -114.14 -37.26
N ALA V 177 18.63 -114.79 -37.23
CA ALA V 177 18.47 -116.06 -37.95
C ALA V 177 18.60 -115.88 -39.45
N LYS V 178 17.91 -114.88 -40.01
CA LYS V 178 17.94 -114.67 -41.44
C LYS V 178 19.30 -114.18 -41.93
N LYS V 179 20.00 -113.40 -41.10
CA LYS V 179 21.36 -112.98 -41.47
C LYS V 179 22.30 -114.17 -41.52
N GLY V 180 22.20 -115.06 -40.55
CA GLY V 180 23.02 -116.27 -40.57
C GLY V 180 22.67 -117.17 -41.75
N GLN V 181 21.38 -117.40 -41.98
CA GLN V 181 20.97 -118.20 -43.13
C GLN V 181 21.15 -117.45 -44.45
N GLY V 182 21.16 -116.12 -44.42
CA GLY V 182 21.39 -115.34 -45.62
C GLY V 182 22.85 -115.20 -45.95
N GLY V 183 23.71 -115.49 -44.97
CA GLY V 183 25.15 -115.45 -45.18
C GLY V 183 25.75 -116.75 -45.68
N ALA V 184 24.94 -117.80 -45.80
CA ALA V 184 25.43 -119.10 -46.25
C ALA V 184 24.29 -119.81 -46.95
N GLY V 185 24.52 -121.08 -47.30
CA GLY V 185 23.51 -121.88 -47.98
C GLY V 185 22.53 -122.52 -47.05
N ASN W 1 -8.87 -120.61 -38.91
CA ASN W 1 -9.94 -121.58 -38.74
C ASN W 1 -9.52 -122.71 -37.81
N ASP W 2 -8.22 -123.03 -37.80
CA ASP W 2 -7.74 -124.14 -37.01
C ASP W 2 -8.00 -123.91 -35.52
N THR W 3 -7.69 -122.71 -35.02
CA THR W 3 -7.95 -122.34 -33.63
C THR W 3 -8.71 -121.02 -33.63
N VAL W 4 -10.02 -121.11 -33.84
CA VAL W 4 -10.95 -120.00 -33.69
C VAL W 4 -12.27 -120.57 -33.21
N THR W 5 -12.67 -120.23 -31.99
CA THR W 5 -13.87 -120.78 -31.38
C THR W 5 -14.84 -119.66 -31.04
N ILE W 6 -16.12 -120.02 -31.02
CA ILE W 6 -17.21 -119.08 -30.77
C ILE W 6 -18.12 -119.65 -29.70
N ARG W 7 -18.48 -118.83 -28.72
CA ARG W 7 -19.37 -119.23 -27.64
C ARG W 7 -20.44 -118.17 -27.46
N THR W 8 -21.41 -118.46 -26.59
CA THR W 8 -22.52 -117.56 -26.31
C THR W 8 -22.98 -117.72 -24.87
N ARG W 9 -23.62 -116.67 -24.37
CA ARG W 9 -24.13 -116.65 -23.01
C ARG W 9 -25.23 -115.60 -22.89
N LYS W 10 -25.97 -115.65 -21.78
CA LYS W 10 -27.10 -114.76 -21.54
C LYS W 10 -28.08 -114.79 -22.71
N PHE W 11 -28.29 -115.98 -23.27
CA PHE W 11 -29.17 -116.15 -24.41
C PHE W 11 -30.61 -116.23 -23.91
N MET W 12 -31.49 -115.47 -24.55
CA MET W 12 -32.90 -115.45 -24.20
C MET W 12 -33.75 -115.49 -25.46
N THR W 13 -34.96 -116.02 -25.30
CA THR W 13 -35.91 -116.15 -26.40
C THR W 13 -36.95 -115.04 -26.33
N ASN W 14 -37.21 -114.41 -27.46
CA ASN W 14 -38.27 -113.41 -27.54
C ASN W 14 -38.79 -113.35 -28.97
N ARG W 15 -40.11 -113.47 -29.11
CA ARG W 15 -40.77 -113.25 -30.39
C ARG W 15 -41.39 -111.87 -30.46
N LEU W 16 -41.09 -111.00 -29.50
CA LEU W 16 -41.46 -109.59 -29.61
C LEU W 16 -40.82 -108.96 -30.83
N LEU W 17 -39.54 -109.25 -31.06
CA LEU W 17 -38.90 -108.95 -32.33
C LEU W 17 -38.68 -110.21 -33.16
N GLN W 18 -39.18 -111.36 -32.69
CA GLN W 18 -39.05 -112.62 -33.43
C GLN W 18 -37.59 -112.94 -33.72
N ARG W 19 -36.75 -112.80 -32.71
CA ARG W 19 -35.32 -113.02 -32.85
C ARG W 19 -34.82 -113.74 -31.60
N LYS W 20 -33.58 -114.21 -31.67
CA LYS W 20 -32.84 -114.69 -30.51
C LYS W 20 -31.63 -113.80 -30.31
N GLN W 21 -31.56 -113.14 -29.17
CA GLN W 21 -30.47 -112.24 -28.85
C GLN W 21 -29.59 -112.88 -27.78
N MET W 22 -28.28 -112.78 -27.97
CA MET W 22 -27.32 -113.36 -27.05
C MET W 22 -25.99 -112.61 -27.20
N VAL W 23 -25.28 -112.49 -26.08
CA VAL W 23 -23.94 -111.91 -26.08
C VAL W 23 -22.95 -113.04 -26.30
N ILE W 24 -22.12 -112.91 -27.33
CA ILE W 24 -21.21 -113.96 -27.74
C ILE W 24 -19.80 -113.59 -27.31
N ASP W 25 -18.88 -114.54 -27.47
CA ASP W 25 -17.46 -114.30 -27.26
C ASP W 25 -16.67 -115.26 -28.14
N VAL W 26 -15.73 -114.71 -28.92
CA VAL W 26 -14.86 -115.51 -29.76
C VAL W 26 -13.47 -115.53 -29.15
N LEU W 27 -12.69 -116.55 -29.48
CA LEU W 27 -11.35 -116.73 -28.94
C LEU W 27 -10.40 -117.05 -30.08
N HIS W 28 -9.47 -116.13 -30.35
CA HIS W 28 -8.46 -116.32 -31.38
C HIS W 28 -7.09 -116.13 -30.73
N PRO W 29 -6.41 -117.24 -30.39
CA PRO W 29 -5.15 -117.13 -29.64
C PRO W 29 -4.08 -116.33 -30.36
N GLY W 30 -3.71 -116.76 -31.55
CA GLY W 30 -2.65 -116.08 -32.30
C GLY W 30 -3.15 -115.41 -33.56
N LYS W 31 -4.37 -114.87 -33.49
CA LYS W 31 -4.98 -114.21 -34.64
C LYS W 31 -5.63 -112.90 -34.20
N ALA W 32 -5.75 -111.98 -35.15
CA ALA W 32 -6.33 -110.67 -34.89
C ALA W 32 -7.83 -110.82 -34.61
N THR W 33 -8.47 -109.73 -34.20
CA THR W 33 -9.92 -109.70 -34.18
C THR W 33 -10.46 -110.05 -35.54
N VAL W 34 -11.37 -111.04 -35.63
CA VAL W 34 -11.68 -111.49 -36.98
C VAL W 34 -12.93 -110.79 -37.45
N PRO W 35 -13.05 -110.58 -38.75
CA PRO W 35 -14.21 -109.92 -39.39
C PRO W 35 -15.58 -110.42 -38.94
N LYS W 36 -16.56 -109.52 -39.06
CA LYS W 36 -17.93 -109.93 -38.73
C LYS W 36 -18.53 -110.81 -39.83
N THR W 37 -17.99 -110.78 -41.04
CA THR W 37 -18.58 -111.48 -42.16
C THR W 37 -18.56 -112.99 -41.96
N GLU W 38 -17.41 -113.55 -41.59
CA GLU W 38 -17.29 -115.00 -41.53
C GLU W 38 -17.72 -115.57 -40.18
N ILE W 39 -17.73 -114.77 -39.11
CA ILE W 39 -18.30 -115.27 -37.86
C ILE W 39 -19.81 -115.34 -37.97
N ARG W 40 -20.40 -114.55 -38.87
CA ARG W 40 -21.79 -114.75 -39.23
C ARG W 40 -21.98 -116.13 -39.86
N GLU W 41 -20.98 -116.61 -40.60
CA GLU W 41 -21.02 -117.97 -41.11
C GLU W 41 -20.93 -118.98 -39.98
N LYS W 42 -19.97 -118.78 -39.05
CA LYS W 42 -19.77 -119.75 -37.98
C LYS W 42 -21.00 -119.86 -37.08
N LEU W 43 -21.60 -118.72 -36.72
CA LEU W 43 -22.82 -118.77 -35.94
C LEU W 43 -23.97 -119.37 -36.75
N ALA W 44 -23.84 -119.37 -38.08
CA ALA W 44 -24.90 -119.86 -38.94
C ALA W 44 -24.88 -121.37 -39.07
N LYS W 45 -23.71 -121.96 -39.34
CA LYS W 45 -23.67 -123.40 -39.65
C LYS W 45 -24.11 -124.23 -38.45
N MET W 46 -23.64 -123.89 -37.25
CA MET W 46 -24.01 -124.66 -36.07
C MET W 46 -25.42 -124.36 -35.59
N TYR W 47 -26.06 -123.33 -36.14
CA TYR W 47 -27.49 -123.10 -35.94
C TYR W 47 -28.34 -123.65 -37.07
N LYS W 48 -27.73 -124.26 -38.08
CA LYS W 48 -28.44 -124.81 -39.24
C LYS W 48 -29.28 -123.74 -39.94
N THR W 49 -28.81 -122.51 -39.93
CA THR W 49 -29.51 -121.35 -40.47
C THR W 49 -28.59 -120.60 -41.43
N THR W 50 -29.17 -119.96 -42.44
CA THR W 50 -28.42 -119.22 -43.45
C THR W 50 -27.69 -118.03 -42.83
N PRO W 51 -26.50 -117.66 -43.35
CA PRO W 51 -25.73 -116.52 -42.80
C PRO W 51 -26.09 -115.16 -43.39
N ASP W 52 -27.39 -114.90 -43.52
CA ASP W 52 -27.88 -113.59 -43.96
C ASP W 52 -28.96 -113.00 -43.08
N VAL W 53 -29.71 -113.81 -42.33
CA VAL W 53 -30.68 -113.29 -41.37
C VAL W 53 -30.00 -112.98 -40.04
N ILE W 54 -28.68 -113.16 -39.96
CA ILE W 54 -27.91 -112.98 -38.75
C ILE W 54 -27.29 -111.59 -38.73
N PHE W 55 -27.30 -110.96 -37.56
CA PHE W 55 -26.70 -109.64 -37.36
C PHE W 55 -25.83 -109.66 -36.12
N VAL W 56 -24.62 -109.11 -36.23
CA VAL W 56 -23.70 -108.99 -35.10
C VAL W 56 -23.16 -107.57 -35.07
N PHE W 57 -22.67 -107.17 -33.89
CA PHE W 57 -22.17 -105.82 -33.67
C PHE W 57 -21.50 -105.78 -32.31
N GLY W 58 -20.88 -104.64 -32.01
CA GLY W 58 -20.30 -104.40 -30.70
C GLY W 58 -19.19 -105.36 -30.32
N PHE W 59 -18.27 -105.64 -31.23
CA PHE W 59 -17.21 -106.62 -30.99
C PHE W 59 -15.97 -105.90 -30.48
N ARG W 60 -15.76 -105.96 -29.16
CA ARG W 60 -14.54 -105.44 -28.56
C ARG W 60 -13.78 -106.56 -27.86
N THR W 61 -12.52 -106.71 -28.20
CA THR W 61 -11.66 -107.72 -27.61
C THR W 61 -11.06 -107.20 -26.31
N HIS W 62 -10.57 -108.13 -25.49
CA HIS W 62 -9.96 -107.77 -24.22
C HIS W 62 -8.48 -107.43 -24.42
N PHE W 63 -7.83 -107.03 -23.34
CA PHE W 63 -6.42 -106.71 -23.39
C PHE W 63 -5.60 -107.99 -23.56
N GLY W 64 -4.52 -107.88 -24.32
CA GLY W 64 -3.63 -109.01 -24.54
C GLY W 64 -4.08 -110.01 -25.59
N GLY W 65 -5.21 -109.75 -26.25
CA GLY W 65 -5.69 -110.66 -27.27
C GLY W 65 -6.46 -111.83 -26.69
N GLY W 66 -6.87 -112.71 -27.61
CA GLY W 66 -7.62 -113.89 -27.22
C GLY W 66 -9.12 -113.70 -27.32
N LYS W 67 -9.78 -113.53 -26.18
CA LYS W 67 -11.23 -113.40 -26.14
C LYS W 67 -11.68 -112.09 -26.77
N THR W 68 -12.77 -112.17 -27.54
CA THR W 68 -13.38 -111.00 -28.16
C THR W 68 -14.89 -111.13 -28.01
N THR W 69 -15.48 -110.29 -27.17
CA THR W 69 -16.90 -110.37 -26.86
C THR W 69 -17.71 -109.41 -27.71
N GLY W 70 -18.94 -109.81 -28.00
CA GLY W 70 -19.85 -108.99 -28.77
C GLY W 70 -21.27 -109.45 -28.58
N PHE W 71 -22.19 -108.73 -29.21
CA PHE W 71 -23.62 -109.00 -29.09
C PHE W 71 -24.09 -109.67 -30.38
N GLY W 72 -24.71 -110.84 -30.24
CA GLY W 72 -25.29 -111.54 -31.38
C GLY W 72 -26.78 -111.30 -31.46
N MET W 73 -27.29 -111.27 -32.69
CA MET W 73 -28.71 -110.95 -32.92
C MET W 73 -29.13 -111.67 -34.20
N ILE W 74 -29.85 -112.78 -34.03
CA ILE W 74 -30.31 -113.59 -35.15
C ILE W 74 -31.83 -113.63 -35.10
N TYR W 75 -32.45 -113.44 -36.27
CA TYR W 75 -33.90 -113.36 -36.41
C TYR W 75 -34.44 -114.65 -37.01
N ASP W 76 -35.73 -114.65 -37.30
CA ASP W 76 -36.41 -115.77 -37.94
C ASP W 76 -36.41 -115.67 -39.46
N SER W 77 -36.71 -114.50 -40.00
CA SER W 77 -36.80 -114.29 -41.44
C SER W 77 -36.18 -112.95 -41.81
N LEU W 78 -35.77 -112.85 -43.08
CA LEU W 78 -35.23 -111.59 -43.57
C LEU W 78 -36.28 -110.49 -43.54
N ASP W 79 -37.52 -110.82 -43.90
CA ASP W 79 -38.59 -109.83 -43.90
C ASP W 79 -38.85 -109.31 -42.49
N TYR W 80 -38.90 -110.21 -41.51
CA TYR W 80 -39.19 -109.78 -40.14
C TYR W 80 -38.02 -109.00 -39.55
N ALA W 81 -36.79 -109.43 -39.84
CA ALA W 81 -35.62 -108.69 -39.39
C ALA W 81 -35.56 -107.31 -40.03
N LYS W 82 -35.97 -107.22 -41.30
CA LYS W 82 -36.03 -105.94 -42.00
C LYS W 82 -36.94 -104.96 -41.27
N LYS W 83 -38.06 -105.47 -40.73
CA LYS W 83 -39.08 -104.60 -40.16
C LYS W 83 -38.58 -103.91 -38.89
N ASN W 84 -38.03 -104.67 -37.95
CA ASN W 84 -37.68 -104.17 -36.63
C ASN W 84 -36.19 -104.34 -36.39
N GLU W 85 -35.40 -103.37 -36.86
CA GLU W 85 -33.97 -103.38 -36.61
C GLU W 85 -33.38 -102.04 -37.06
N PRO W 86 -32.44 -101.47 -36.31
CA PRO W 86 -31.85 -100.17 -36.68
C PRO W 86 -31.18 -100.22 -38.05
N LYS W 87 -31.46 -99.19 -38.86
CA LYS W 87 -31.17 -99.20 -40.29
C LYS W 87 -29.68 -99.15 -40.64
N HIS W 88 -28.80 -98.80 -39.70
CA HIS W 88 -27.42 -98.55 -40.07
C HIS W 88 -26.63 -99.83 -40.35
N ARG W 89 -27.01 -100.94 -39.72
CA ARG W 89 -26.34 -102.20 -40.02
C ARG W 89 -26.60 -102.65 -41.46
N LEU W 90 -27.83 -102.44 -41.93
CA LEU W 90 -28.15 -102.64 -43.34
C LEU W 90 -27.32 -101.75 -44.26
N ALA W 91 -26.90 -100.58 -43.78
CA ALA W 91 -25.92 -99.81 -44.55
C ALA W 91 -24.56 -100.49 -44.50
N ARG W 92 -24.23 -101.12 -43.37
CA ARG W 92 -22.95 -101.81 -43.23
C ARG W 92 -22.85 -102.99 -44.17
N HIS W 93 -23.70 -104.01 -43.97
CA HIS W 93 -23.80 -105.14 -44.88
C HIS W 93 -24.99 -104.88 -45.80
N GLY W 94 -24.73 -104.80 -47.10
CA GLY W 94 -25.71 -104.25 -48.02
C GLY W 94 -27.05 -104.94 -48.01
N LEU W 95 -28.02 -104.32 -47.37
CA LEU W 95 -29.44 -104.65 -47.38
C LEU W 95 -30.30 -103.44 -47.65
N TYR W 96 -29.94 -102.28 -47.12
CA TYR W 96 -30.56 -101.00 -47.43
C TYR W 96 -29.46 -100.05 -47.85
N GLU W 97 -29.67 -99.35 -48.96
CA GLU W 97 -28.65 -98.46 -49.50
C GLU W 97 -28.93 -97.04 -49.02
N LYS W 98 -28.01 -96.50 -48.23
CA LYS W 98 -28.15 -95.17 -47.66
C LYS W 98 -27.44 -94.17 -48.58
N LYS W 99 -28.23 -93.30 -49.21
CA LYS W 99 -27.66 -92.21 -50.01
C LYS W 99 -28.61 -91.02 -49.87
N LYS W 100 -28.30 -90.14 -48.92
CA LYS W 100 -29.05 -88.92 -48.70
C LYS W 100 -28.05 -87.77 -48.59
N THR W 101 -28.53 -86.56 -48.87
CA THR W 101 -27.67 -85.39 -48.80
C THR W 101 -27.34 -85.05 -47.35
N SER W 102 -26.33 -84.21 -47.18
CA SER W 102 -25.90 -83.82 -45.84
C SER W 102 -26.99 -82.99 -45.16
N ARG W 103 -27.02 -83.06 -43.83
CA ARG W 103 -28.03 -82.34 -43.07
C ARG W 103 -27.92 -80.83 -43.26
N LYS W 104 -26.74 -80.32 -43.61
CA LYS W 104 -26.58 -78.89 -43.86
C LYS W 104 -27.40 -78.46 -45.06
N GLN W 105 -27.23 -79.14 -46.19
CA GLN W 105 -27.97 -78.77 -47.40
C GLN W 105 -29.46 -79.02 -47.23
N ARG W 106 -29.85 -80.01 -46.42
CA ARG W 106 -31.25 -80.17 -46.08
C ARG W 106 -31.77 -78.96 -45.32
N LYS W 107 -30.96 -78.43 -44.39
CA LYS W 107 -31.36 -77.25 -43.63
C LYS W 107 -31.41 -76.01 -44.51
N GLU W 108 -30.42 -75.85 -45.40
CA GLU W 108 -30.45 -74.70 -46.31
C GLU W 108 -31.66 -74.75 -47.22
N ARG W 109 -31.98 -75.93 -47.75
CA ARG W 109 -33.18 -76.09 -48.57
C ARG W 109 -34.43 -75.76 -47.76
N LYS W 110 -34.53 -76.30 -46.54
CA LYS W 110 -35.72 -76.13 -45.73
C LYS W 110 -35.99 -74.66 -45.44
N ASN W 111 -34.95 -73.88 -45.17
CA ASN W 111 -35.13 -72.46 -44.96
C ASN W 111 -35.58 -71.77 -46.24
N ARG W 112 -35.08 -72.24 -47.39
CA ARG W 112 -35.49 -71.65 -48.67
C ARG W 112 -36.97 -71.95 -48.97
N MET W 113 -37.43 -73.18 -48.71
CA MET W 113 -38.85 -73.48 -48.88
C MET W 113 -39.70 -72.61 -47.95
N LYS W 114 -39.22 -72.38 -46.72
CA LYS W 114 -39.95 -71.55 -45.79
C LYS W 114 -40.05 -70.11 -46.29
N LYS W 115 -39.02 -69.65 -46.99
CA LYS W 115 -39.03 -68.29 -47.53
C LYS W 115 -40.14 -68.13 -48.57
N VAL W 116 -40.33 -69.13 -49.43
CA VAL W 116 -41.34 -69.09 -50.48
C VAL W 116 -42.68 -69.50 -49.90
N ARG W 117 -43.73 -68.75 -50.26
CA ARG W 117 -45.06 -68.93 -49.70
C ARG W 117 -45.97 -69.63 -50.69
N GLY W 118 -46.65 -70.68 -50.22
CA GLY W 118 -47.83 -71.20 -50.88
C GLY W 118 -47.59 -71.97 -52.15
N THR W 119 -47.12 -71.30 -53.20
CA THR W 119 -47.09 -71.90 -54.52
C THR W 119 -46.11 -73.06 -54.58
N ALA W 120 -46.59 -74.20 -55.11
CA ALA W 120 -45.78 -75.41 -55.10
C ALA W 120 -44.64 -75.32 -56.09
N LYS W 121 -44.84 -74.61 -57.20
CA LYS W 121 -43.81 -74.53 -58.24
C LYS W 121 -42.53 -73.91 -57.70
N ALA W 122 -42.65 -72.76 -57.02
CA ALA W 122 -41.48 -72.13 -56.43
C ALA W 122 -41.04 -72.87 -55.17
N ASN W 123 -41.98 -73.54 -54.48
CA ASN W 123 -41.60 -74.39 -53.36
C ASN W 123 -40.67 -75.51 -53.80
N VAL W 124 -41.05 -76.25 -54.85
CA VAL W 124 -40.18 -77.28 -55.39
C VAL W 124 -39.08 -76.71 -56.28
N GLY W 125 -39.23 -75.48 -56.75
CA GLY W 125 -38.20 -74.81 -57.50
C GLY W 125 -37.19 -74.05 -56.68
N ALA W 126 -37.34 -74.06 -55.35
CA ALA W 126 -36.42 -73.35 -54.46
C ALA W 126 -35.04 -74.00 -54.41
N GLY W 127 -34.88 -75.20 -54.96
CA GLY W 127 -33.59 -75.87 -54.99
C GLY W 127 -32.96 -76.01 -56.35
N LYS W 128 -33.56 -75.45 -57.40
CA LYS W 128 -33.00 -75.59 -58.74
C LYS W 128 -31.86 -74.60 -58.99
N LYS W 129 -32.16 -73.30 -58.92
CA LYS W 129 -31.14 -72.27 -59.09
C LYS W 129 -30.05 -72.35 -58.01
N PRO W 130 -30.39 -72.50 -56.71
CA PRO W 130 -29.30 -72.59 -55.72
C PRO W 130 -28.86 -74.04 -55.48
N LYS W 131 -28.32 -74.67 -56.51
CA LYS W 131 -27.87 -76.06 -56.43
C LYS W 131 -26.69 -76.20 -55.48
N VAL X 1 17.55 -38.48 -15.14
CA VAL X 1 18.34 -39.66 -14.81
C VAL X 1 19.81 -39.35 -15.01
N HIS X 2 20.68 -40.06 -14.28
CA HIS X 2 22.11 -39.80 -14.32
C HIS X 2 22.82 -40.53 -15.46
N GLY X 3 22.09 -41.33 -16.24
CA GLY X 3 22.70 -42.04 -17.35
C GLY X 3 23.79 -43.01 -16.95
N SER X 4 23.68 -43.61 -15.76
CA SER X 4 24.68 -44.53 -15.26
C SER X 4 24.30 -45.99 -15.47
N LEU X 5 23.27 -46.25 -16.29
CA LEU X 5 22.88 -47.61 -16.63
C LEU X 5 23.66 -48.16 -17.82
N ALA X 6 24.72 -47.48 -18.24
CA ALA X 6 25.47 -47.87 -19.43
C ALA X 6 26.17 -49.21 -19.25
N ARG X 7 26.38 -49.64 -18.01
CA ARG X 7 27.12 -50.86 -17.71
C ARG X 7 26.21 -52.07 -17.58
N ALA X 8 24.98 -52.00 -18.06
CA ALA X 8 24.09 -53.14 -18.00
C ALA X 8 24.61 -54.27 -18.89
N GLY X 9 24.51 -55.50 -18.37
CA GLY X 9 25.04 -56.64 -19.09
C GLY X 9 26.53 -56.62 -19.32
N LYS X 10 27.30 -56.16 -18.32
CA LYS X 10 28.74 -56.02 -18.51
C LYS X 10 29.47 -57.33 -18.23
N VAL X 11 29.11 -58.00 -17.13
CA VAL X 11 29.87 -59.17 -16.70
C VAL X 11 29.64 -60.35 -17.65
N ARG X 12 28.40 -60.60 -18.03
CA ARG X 12 28.15 -61.67 -19.00
C ARG X 12 28.81 -61.37 -20.34
N GLY X 13 28.98 -60.09 -20.67
CA GLY X 13 29.74 -59.75 -21.85
C GLY X 13 31.22 -60.10 -21.73
N GLN X 14 31.78 -59.91 -20.54
CA GLN X 14 33.20 -60.16 -20.32
C GLN X 14 33.51 -61.59 -19.90
N THR X 15 32.50 -62.42 -19.70
CA THR X 15 32.74 -63.81 -19.34
C THR X 15 33.20 -64.58 -20.57
N PRO X 16 34.38 -65.20 -20.54
CA PRO X 16 34.83 -66.00 -21.70
C PRO X 16 33.87 -67.15 -21.97
N LYS X 17 33.67 -67.43 -23.26
CA LYS X 17 32.69 -68.42 -23.72
C LYS X 17 33.36 -69.80 -23.69
N VAL X 18 32.99 -70.61 -22.70
CA VAL X 18 33.48 -71.98 -22.58
C VAL X 18 32.42 -72.93 -23.09
N ALA X 19 32.82 -73.84 -23.96
CA ALA X 19 31.90 -74.71 -24.68
C ALA X 19 31.39 -75.84 -23.80
N LYS X 20 30.19 -76.32 -24.12
CA LYS X 20 29.60 -77.49 -23.48
C LYS X 20 30.08 -78.76 -24.16
N GLN X 21 31.19 -79.32 -23.69
CA GLN X 21 31.73 -80.50 -24.33
C GLN X 21 30.82 -81.71 -24.11
N GLU X 22 30.95 -82.69 -25.00
CA GLU X 22 30.02 -83.82 -25.01
C GLU X 22 30.14 -84.64 -23.73
N LYS X 23 29.01 -85.16 -23.28
CA LYS X 23 28.93 -86.02 -22.10
C LYS X 23 28.09 -87.24 -22.42
N LYS X 24 28.32 -88.30 -21.66
CA LYS X 24 27.51 -89.51 -21.80
C LYS X 24 26.10 -89.25 -21.31
N LYS X 25 25.12 -89.81 -22.03
CA LYS X 25 23.72 -89.63 -21.65
C LYS X 25 23.45 -90.30 -20.31
N LYS X 26 23.08 -89.51 -19.33
CA LYS X 26 22.83 -90.02 -17.99
C LYS X 26 21.53 -90.80 -17.94
N LYS X 27 21.44 -91.72 -16.99
CA LYS X 27 20.24 -92.53 -16.83
C LYS X 27 19.10 -91.67 -16.29
N THR X 28 17.88 -92.19 -16.45
CA THR X 28 16.69 -91.43 -16.10
C THR X 28 15.57 -92.39 -15.71
N GLY X 29 14.61 -91.87 -14.96
CA GLY X 29 13.49 -92.69 -14.53
C GLY X 29 13.92 -93.66 -13.45
N ARG X 30 13.47 -94.91 -13.59
CA ARG X 30 13.82 -95.95 -12.62
C ARG X 30 15.32 -96.20 -12.59
N ALA X 31 15.97 -96.15 -13.76
CA ALA X 31 17.40 -96.39 -13.83
C ALA X 31 18.19 -95.36 -13.03
N LYS X 32 17.80 -94.08 -13.13
CA LYS X 32 18.45 -93.05 -12.33
C LYS X 32 18.23 -93.31 -10.84
N ARG X 33 17.01 -93.68 -10.47
CA ARG X 33 16.72 -94.03 -9.07
C ARG X 33 17.48 -95.27 -8.62
N ARG X 34 17.88 -96.14 -9.55
CA ARG X 34 18.79 -97.23 -9.19
C ARG X 34 20.17 -96.70 -8.86
N MET X 35 20.69 -95.79 -9.69
CA MET X 35 22.12 -95.47 -9.68
C MET X 35 22.53 -94.80 -8.38
N GLN X 36 21.77 -93.80 -7.92
CA GLN X 36 22.20 -93.10 -6.72
C GLN X 36 21.81 -93.86 -5.45
N TYR X 37 20.83 -94.77 -5.53
CA TYR X 37 20.60 -95.68 -4.43
C TYR X 37 21.76 -96.67 -4.31
N ASN X 38 22.28 -97.12 -5.45
CA ASN X 38 23.46 -97.98 -5.43
C ASN X 38 24.69 -97.23 -4.95
N ARG X 39 24.74 -95.92 -5.23
CA ARG X 39 25.92 -95.14 -4.85
C ARG X 39 25.94 -94.83 -3.37
N ARG X 40 24.76 -94.70 -2.74
CA ARG X 40 24.70 -94.17 -1.39
C ARG X 40 24.40 -95.24 -0.32
N PHE X 41 23.79 -96.35 -0.69
CA PHE X 41 23.38 -97.35 0.30
C PHE X 41 24.22 -98.62 0.26
N VAL X 42 24.31 -99.30 -0.88
CA VAL X 42 25.04 -100.57 -0.94
C VAL X 42 26.49 -100.21 -1.27
N ASN X 43 27.21 -99.76 -0.24
CA ASN X 43 28.63 -99.47 -0.29
C ASN X 43 29.14 -99.06 1.08
N VAL X 44 30.39 -99.39 1.39
CA VAL X 44 31.03 -98.94 2.63
C VAL X 44 32.44 -98.48 2.26
N VAL X 45 32.74 -97.22 2.51
CA VAL X 45 34.09 -96.71 2.22
C VAL X 45 35.06 -97.19 3.29
N PRO X 46 36.17 -97.84 2.91
CA PRO X 46 37.16 -98.25 3.91
C PRO X 46 38.00 -97.07 4.38
N THR X 47 37.86 -95.93 3.73
CA THR X 47 38.58 -94.72 4.11
C THR X 47 37.72 -93.86 5.02
N PHE X 48 38.36 -93.27 6.03
CA PHE X 48 37.70 -92.29 6.88
C PHE X 48 37.64 -90.95 6.15
N GLY X 49 37.34 -89.88 6.88
CA GLY X 49 37.15 -88.59 6.25
C GLY X 49 35.96 -87.84 6.78
N LYS X 50 35.36 -88.37 7.85
CA LYS X 50 34.27 -87.69 8.57
C LYS X 50 33.00 -87.58 7.72
N LYS X 51 32.64 -88.68 7.06
CA LYS X 51 31.39 -88.82 6.32
C LYS X 51 31.21 -87.66 5.34
N LYS X 52 32.12 -87.61 4.37
CA LYS X 52 32.08 -86.56 3.37
C LYS X 52 30.81 -86.65 2.53
N GLY X 53 30.33 -85.49 2.08
CA GLY X 53 29.11 -85.42 1.34
C GLY X 53 29.26 -85.98 -0.07
N PRO X 54 28.13 -86.08 -0.78
CA PRO X 54 28.18 -86.64 -2.14
C PRO X 54 29.02 -85.82 -3.10
N ASN X 55 29.06 -84.50 -2.94
CA ASN X 55 29.88 -83.63 -3.76
C ASN X 55 31.12 -83.13 -3.03
N ALA X 56 31.70 -83.98 -2.18
CA ALA X 56 32.94 -83.62 -1.48
C ALA X 56 34.03 -83.30 -2.48
N ASN X 57 34.47 -82.04 -2.52
CA ASN X 57 35.52 -81.61 -3.43
C ASN X 57 36.87 -81.65 -2.71
N SER X 58 37.33 -82.88 -2.49
CA SER X 58 38.61 -83.10 -1.82
C SER X 58 39.76 -83.04 -2.82
N GLY Y 1 4.65 -94.65 77.33
CA GLY Y 1 4.58 -95.34 76.06
C GLY Y 1 3.77 -96.63 76.10
N ALA Y 2 3.87 -97.41 75.03
CA ALA Y 2 3.14 -98.68 74.96
C ALA Y 2 3.61 -99.66 76.04
N LEU Y 3 4.90 -99.70 76.31
CA LEU Y 3 5.45 -100.62 77.27
C LEU Y 3 5.64 -99.95 78.63
N ASP Y 4 5.85 -100.79 79.64
CA ASP Y 4 6.17 -100.30 80.98
C ASP Y 4 7.66 -100.29 81.26
N VAL Y 5 8.41 -101.22 80.64
CA VAL Y 5 9.86 -101.20 80.78
C VAL Y 5 10.46 -99.98 80.08
N LEU Y 6 9.75 -99.43 79.10
CA LEU Y 6 10.18 -98.21 78.42
C LEU Y 6 9.25 -97.09 78.88
N GLN Y 7 9.62 -96.46 79.98
CA GLN Y 7 8.76 -95.47 80.63
C GLN Y 7 9.54 -94.22 80.96
N MET Y 8 8.89 -93.32 81.70
CA MET Y 8 9.43 -92.01 82.01
C MET Y 8 10.64 -92.08 82.94
N LYS Y 9 10.67 -93.01 83.90
CA LYS Y 9 11.79 -93.19 84.81
C LYS Y 9 12.08 -91.89 85.56
N GLU Y 10 11.11 -91.54 86.43
CA GLU Y 10 11.02 -90.20 87.00
C GLU Y 10 12.34 -89.63 87.49
N GLU Y 11 13.29 -90.48 87.89
CA GLU Y 11 14.60 -89.95 88.24
C GLU Y 11 15.28 -89.28 87.06
N ASP Y 12 14.88 -89.65 85.83
CA ASP Y 12 15.33 -88.91 84.65
C ASP Y 12 14.61 -87.58 84.52
N VAL Y 13 13.39 -87.49 85.07
CA VAL Y 13 12.63 -86.23 85.01
C VAL Y 13 13.27 -85.18 85.90
N LEU Y 14 13.70 -85.58 87.11
CA LEU Y 14 14.39 -84.63 87.97
C LEU Y 14 15.66 -84.12 87.32
N LYS Y 15 16.41 -85.01 86.66
CA LYS Y 15 17.53 -84.58 85.83
C LYS Y 15 17.04 -83.76 84.64
N PHE Y 16 15.88 -84.11 84.08
CA PHE Y 16 15.34 -83.38 82.94
C PHE Y 16 14.99 -81.95 83.34
N LEU Y 17 14.31 -81.77 84.48
CA LEU Y 17 13.89 -80.44 84.89
C LEU Y 17 15.06 -79.62 85.43
N ALA Y 18 16.10 -80.28 85.94
CA ALA Y 18 17.24 -79.56 86.49
C ALA Y 18 17.96 -78.73 85.44
N ALA Y 19 18.13 -79.30 84.25
CA ALA Y 19 18.85 -78.64 83.17
C ALA Y 19 17.96 -77.74 82.33
N GLY Y 20 16.85 -77.27 82.88
CA GLY Y 20 15.91 -76.49 82.09
C GLY Y 20 15.26 -77.35 81.02
N THR Y 21 15.68 -77.14 79.76
CA THR Y 21 15.28 -77.93 78.59
C THR Y 21 13.79 -78.24 78.55
N HIS Y 22 13.00 -77.36 79.16
CA HIS Y 22 11.55 -77.37 79.01
C HIS Y 22 10.97 -75.98 78.84
N LEU Y 23 11.80 -74.93 78.94
CA LEU Y 23 11.39 -73.56 78.71
C LEU Y 23 12.02 -73.09 77.41
N GLY Y 24 11.18 -72.79 76.42
CA GLY Y 24 11.66 -72.53 75.09
C GLY Y 24 11.12 -71.26 74.45
N GLY Y 25 11.00 -70.19 75.22
CA GLY Y 25 10.48 -68.94 74.69
C GLY Y 25 11.35 -68.32 73.61
N THR Y 26 10.91 -67.18 73.07
CA THR Y 26 9.68 -66.52 73.49
C THR Y 26 8.59 -66.49 72.42
N ASN Y 27 8.97 -66.74 71.17
CA ASN Y 27 8.02 -66.86 70.07
C ASN Y 27 7.88 -68.32 69.66
N LEU Y 28 6.89 -68.58 68.80
CA LEU Y 28 6.40 -69.93 68.58
C LEU Y 28 6.25 -70.21 67.08
N ASP Y 29 6.90 -71.28 66.62
CA ASP Y 29 6.79 -71.71 65.24
C ASP Y 29 5.50 -72.49 65.02
N PHE Y 30 4.88 -72.28 63.85
CA PHE Y 30 3.54 -72.80 63.60
C PHE Y 30 3.50 -74.31 63.46
N GLN Y 31 4.64 -74.99 63.45
CA GLN Y 31 4.69 -76.44 63.42
C GLN Y 31 5.05 -77.06 64.76
N MET Y 32 4.85 -76.34 65.86
CA MET Y 32 5.27 -76.79 67.17
C MET Y 32 4.14 -76.92 68.17
N GLU Y 33 2.90 -76.61 67.79
CA GLU Y 33 1.82 -76.59 68.78
C GLU Y 33 1.46 -77.98 69.25
N GLN Y 34 1.75 -79.00 68.44
CA GLN Y 34 1.56 -80.37 68.88
C GLN Y 34 2.41 -80.68 70.10
N TYR Y 35 3.60 -80.09 70.17
CA TYR Y 35 4.53 -80.38 71.26
C TYR Y 35 4.47 -79.35 72.38
N ILE Y 36 4.03 -78.13 72.10
CA ILE Y 36 3.97 -77.10 73.13
C ILE Y 36 2.85 -77.44 74.10
N TYR Y 37 3.06 -77.14 75.38
CA TYR Y 37 2.05 -77.46 76.39
C TYR Y 37 1.16 -76.25 76.68
N LYS Y 38 1.73 -75.18 77.24
CA LYS Y 38 1.05 -73.89 77.40
C LYS Y 38 2.11 -72.82 77.54
N ARG Y 39 1.74 -71.58 77.21
CA ARG Y 39 2.63 -70.44 77.38
C ARG Y 39 2.48 -69.88 78.79
N LYS Y 40 3.60 -69.65 79.46
CA LYS Y 40 3.57 -69.13 80.81
C LYS Y 40 3.31 -67.62 80.79
N SER Y 41 3.02 -67.08 81.98
CA SER Y 41 2.73 -65.65 82.09
C SER Y 41 3.91 -64.79 81.68
N ASP Y 42 5.13 -65.28 81.86
CA ASP Y 42 6.31 -64.55 81.43
C ASP Y 42 6.29 -64.34 79.93
N GLY Y 43 5.87 -65.35 79.17
CA GLY Y 43 5.95 -65.34 77.72
C GLY Y 43 6.76 -66.49 77.16
N ILE Y 44 7.59 -67.13 77.98
CA ILE Y 44 8.32 -68.32 77.57
C ILE Y 44 7.34 -69.48 77.42
N TYR Y 45 7.48 -70.23 76.34
CA TYR Y 45 6.64 -71.40 76.10
C TYR Y 45 7.17 -72.59 76.87
N ILE Y 46 6.29 -73.28 77.57
CA ILE Y 46 6.63 -74.49 78.31
C ILE Y 46 6.39 -75.69 77.40
N ILE Y 47 7.41 -76.51 77.23
CA ILE Y 47 7.35 -77.63 76.29
C ILE Y 47 7.05 -78.91 77.06
N ASN Y 48 6.13 -79.71 76.51
CA ASN Y 48 5.70 -80.95 77.15
C ASN Y 48 6.88 -81.93 77.15
N LEU Y 49 7.32 -82.33 78.36
CA LEU Y 49 8.47 -83.21 78.45
C LEU Y 49 8.14 -84.64 78.03
N LYS Y 50 6.99 -85.16 78.44
CA LYS Y 50 6.63 -86.53 78.07
C LYS Y 50 6.47 -86.65 76.56
N ARG Y 51 6.12 -85.55 75.89
CA ARG Y 51 6.03 -85.58 74.43
C ARG Y 51 7.40 -85.39 73.79
N THR Y 52 8.23 -84.53 74.37
CA THR Y 52 9.60 -84.41 73.87
C THR Y 52 10.42 -85.64 74.24
N TRP Y 53 10.00 -86.36 75.28
CA TRP Y 53 10.59 -87.66 75.56
C TRP Y 53 10.14 -88.68 74.53
N GLU Y 54 8.90 -88.59 74.06
CA GLU Y 54 8.39 -89.53 73.08
C GLU Y 54 9.15 -89.40 71.75
N LYS Y 55 9.46 -88.17 71.36
CA LYS Y 55 10.18 -87.96 70.10
C LYS Y 55 11.61 -88.46 70.19
N LEU Y 56 12.18 -88.53 71.39
CA LEU Y 56 13.49 -89.15 71.55
C LEU Y 56 13.43 -90.61 71.16
N LEU Y 57 12.40 -91.32 71.63
CA LEU Y 57 12.28 -92.74 71.31
C LEU Y 57 12.12 -92.95 69.81
N LEU Y 58 11.28 -92.14 69.16
CA LEU Y 58 11.12 -92.25 67.73
C LEU Y 58 12.45 -92.01 67.01
N ALA Y 59 13.29 -91.14 67.58
CA ALA Y 59 14.62 -90.93 67.01
C ALA Y 59 15.53 -92.11 67.29
N ALA Y 60 15.52 -92.63 68.52
CA ALA Y 60 16.41 -93.73 68.88
C ALA Y 60 16.11 -94.97 68.07
N ARG Y 61 14.82 -95.28 67.88
CA ARG Y 61 14.44 -96.39 67.01
C ARG Y 61 14.84 -96.12 65.57
N ALA Y 62 14.75 -94.86 65.14
CA ALA Y 62 15.21 -94.50 63.81
C ALA Y 62 16.72 -94.64 63.68
N ILE Y 63 17.46 -94.22 64.70
CA ILE Y 63 18.93 -94.31 64.65
C ILE Y 63 19.37 -95.76 64.58
N VAL Y 64 18.78 -96.62 65.40
CA VAL Y 64 19.18 -98.02 65.46
C VAL Y 64 18.67 -98.82 64.28
N ALA Y 65 17.65 -98.34 63.58
CA ALA Y 65 17.14 -99.06 62.41
C ALA Y 65 18.22 -99.21 61.35
N ILE Y 66 19.22 -98.34 61.35
CA ILE Y 66 20.42 -98.56 60.55
C ILE Y 66 21.44 -99.29 61.41
N GLU Y 67 22.00 -100.36 60.87
CA GLU Y 67 22.80 -101.29 61.66
C GLU Y 67 24.29 -101.04 61.60
N ASN Y 68 24.72 -99.97 60.94
CA ASN Y 68 26.13 -99.64 60.90
C ASN Y 68 26.27 -98.37 61.74
N PRO Y 69 26.78 -98.48 62.98
CA PRO Y 69 26.95 -97.27 63.81
C PRO Y 69 27.66 -96.13 63.11
N ALA Y 70 28.82 -96.39 62.50
CA ALA Y 70 29.58 -95.33 61.83
C ALA Y 70 29.03 -95.06 60.44
N ASP Y 71 27.73 -94.86 60.37
CA ASP Y 71 27.04 -94.49 59.15
C ASP Y 71 26.16 -93.27 59.37
N VAL Y 72 25.49 -93.18 60.51
CA VAL Y 72 24.71 -92.00 60.83
C VAL Y 72 25.66 -90.87 61.19
N SER Y 73 25.56 -89.77 60.47
CA SER Y 73 26.45 -88.63 60.69
C SER Y 73 25.78 -87.63 61.62
N VAL Y 74 26.50 -87.24 62.67
CA VAL Y 74 26.06 -86.21 63.60
C VAL Y 74 26.88 -84.96 63.36
N ILE Y 75 26.21 -83.81 63.36
CA ILE Y 75 26.85 -82.53 63.10
C ILE Y 75 26.48 -81.54 64.18
N SER Y 76 27.37 -80.56 64.38
CA SER Y 76 27.12 -79.43 65.26
C SER Y 76 27.99 -78.28 64.79
N SER Y 77 27.42 -77.08 64.77
CA SER Y 77 28.18 -75.89 64.39
C SER Y 77 28.52 -74.99 65.56
N ARG Y 78 27.58 -74.75 66.47
CA ARG Y 78 27.86 -73.99 67.68
C ARG Y 78 28.71 -74.82 68.62
N ASN Y 79 29.51 -74.14 69.43
CA ASN Y 79 30.33 -74.85 70.42
C ASN Y 79 29.46 -75.57 71.45
N THR Y 80 28.29 -75.02 71.75
CA THR Y 80 27.36 -75.65 72.70
C THR Y 80 26.74 -76.86 72.02
N GLY Y 81 27.51 -77.95 71.99
CA GLY Y 81 27.09 -79.16 71.31
C GLY Y 81 28.25 -79.84 70.61
N GLN Y 82 29.33 -79.09 70.37
CA GLN Y 82 30.51 -79.67 69.73
C GLN Y 82 31.11 -80.78 70.58
N ARG Y 83 31.17 -80.56 71.89
CA ARG Y 83 31.61 -81.63 72.79
C ARG Y 83 30.55 -82.73 72.89
N ALA Y 84 29.27 -82.35 72.78
CA ALA Y 84 28.20 -83.33 72.91
C ALA Y 84 28.19 -84.30 71.73
N VAL Y 85 28.36 -83.79 70.51
CA VAL Y 85 28.31 -84.66 69.33
C VAL Y 85 29.54 -85.56 69.29
N LEU Y 86 30.71 -85.04 69.64
CA LEU Y 86 31.91 -85.88 69.68
C LEU Y 86 31.77 -86.99 70.70
N LYS Y 87 31.23 -86.66 71.88
CA LYS Y 87 31.07 -87.67 72.93
C LYS Y 87 29.98 -88.67 72.59
N PHE Y 88 28.91 -88.23 71.93
CA PHE Y 88 27.90 -89.16 71.44
C PHE Y 88 28.48 -90.06 70.35
N ALA Y 89 29.27 -89.48 69.45
CA ALA Y 89 29.90 -90.29 68.41
C ALA Y 89 30.81 -91.36 69.01
N ALA Y 90 31.58 -90.99 70.03
CA ALA Y 90 32.44 -91.97 70.68
C ALA Y 90 31.63 -93.08 71.35
N ALA Y 91 30.53 -92.70 72.01
CA ALA Y 91 29.75 -93.69 72.76
C ALA Y 91 28.97 -94.60 71.82
N THR Y 92 28.32 -94.04 70.81
CA THR Y 92 27.48 -94.80 69.90
C THR Y 92 28.22 -95.27 68.66
N GLY Y 93 29.47 -94.85 68.48
CA GLY Y 93 30.23 -95.28 67.32
C GLY Y 93 29.84 -94.60 66.01
N ALA Y 94 29.23 -93.42 66.08
CA ALA Y 94 28.79 -92.72 64.88
C ALA Y 94 29.93 -91.86 64.33
N THR Y 95 29.64 -91.08 63.29
CA THR Y 95 30.63 -90.22 62.65
C THR Y 95 30.31 -88.76 62.94
N PRO Y 96 31.18 -88.04 63.64
CA PRO Y 96 30.85 -86.66 64.04
C PRO Y 96 31.31 -85.59 63.07
N ILE Y 97 30.63 -84.45 63.09
CA ILE Y 97 31.13 -83.21 62.51
C ILE Y 97 30.93 -82.11 63.54
N ALA Y 98 32.01 -81.47 63.96
CA ALA Y 98 31.98 -80.43 64.97
C ALA Y 98 32.35 -79.10 64.35
N GLY Y 99 31.55 -78.08 64.62
CA GLY Y 99 31.86 -76.75 64.14
C GLY Y 99 31.59 -76.54 62.66
N ARG Y 100 32.59 -76.03 61.95
CA ARG Y 100 32.43 -75.65 60.56
C ARG Y 100 32.07 -76.84 59.69
N PHE Y 101 30.90 -76.77 59.07
CA PHE Y 101 30.44 -77.78 58.12
C PHE Y 101 30.68 -77.24 56.72
N THR Y 102 31.58 -77.88 55.99
CA THR Y 102 31.90 -77.42 54.64
C THR Y 102 30.73 -77.70 53.70
N PRO Y 103 30.18 -76.68 53.04
CA PRO Y 103 29.12 -76.94 52.05
C PRO Y 103 29.63 -77.81 50.92
N GLY Y 104 28.77 -78.70 50.46
CA GLY Y 104 29.13 -79.61 49.39
C GLY Y 104 29.77 -80.91 49.82
N THR Y 105 29.88 -81.16 51.13
CA THR Y 105 30.40 -82.44 51.60
C THR Y 105 29.46 -83.59 51.31
N PHE Y 106 28.21 -83.31 50.94
CA PHE Y 106 27.28 -84.33 50.49
C PHE Y 106 27.12 -84.38 48.97
N THR Y 107 27.30 -83.26 48.29
CA THR Y 107 27.05 -83.15 46.86
C THR Y 107 28.31 -83.23 46.02
N ASN Y 108 29.44 -82.72 46.52
CA ASN Y 108 30.69 -82.73 45.78
C ASN Y 108 31.57 -83.86 46.29
N GLN Y 109 31.87 -84.82 45.42
CA GLN Y 109 32.57 -86.04 45.78
C GLN Y 109 34.08 -85.90 45.76
N ILE Y 110 34.61 -84.74 45.38
CA ILE Y 110 36.06 -84.57 45.28
C ILE Y 110 36.69 -84.05 46.56
N GLN Y 111 35.90 -83.52 47.48
CA GLN Y 111 36.43 -83.01 48.73
C GLN Y 111 36.98 -84.13 49.60
N ALA Y 112 37.95 -83.78 50.46
CA ALA Y 112 38.52 -84.75 51.37
C ALA Y 112 37.47 -85.28 52.35
N ALA Y 113 36.64 -84.38 52.88
CA ALA Y 113 35.60 -84.77 53.84
C ALA Y 113 34.26 -85.01 53.15
N PHE Y 114 34.25 -85.93 52.19
CA PHE Y 114 33.04 -86.25 51.43
C PHE Y 114 32.41 -87.50 52.05
N ARG Y 115 31.23 -87.35 52.62
CA ARG Y 115 30.53 -88.43 53.27
C ARG Y 115 29.19 -88.70 52.57
N GLU Y 116 28.74 -89.94 52.66
CA GLU Y 116 27.44 -90.34 52.11
C GLU Y 116 26.67 -91.10 53.19
N PRO Y 117 26.21 -90.40 54.22
CA PRO Y 117 25.56 -91.07 55.33
C PRO Y 117 24.10 -91.40 55.03
N ARG Y 118 23.57 -92.35 55.80
CA ARG Y 118 22.18 -92.75 55.69
C ARG Y 118 21.26 -91.99 56.65
N LEU Y 119 21.78 -91.50 57.76
CA LEU Y 119 20.97 -90.75 58.70
C LEU Y 119 21.76 -89.54 59.18
N LEU Y 120 21.04 -88.45 59.42
CA LEU Y 120 21.63 -87.19 59.85
C LEU Y 120 21.01 -86.75 61.17
N VAL Y 121 21.83 -86.22 62.06
CA VAL Y 121 21.38 -85.63 63.32
C VAL Y 121 21.92 -84.21 63.38
N VAL Y 122 21.05 -83.28 63.76
CA VAL Y 122 21.37 -81.85 63.72
C VAL Y 122 20.97 -81.22 65.04
N THR Y 123 21.85 -80.40 65.60
CA THR Y 123 21.62 -79.78 66.89
C THR Y 123 20.66 -78.60 66.84
N ASP Y 124 20.46 -78.00 65.66
CA ASP Y 124 19.54 -76.87 65.53
C ASP Y 124 19.28 -76.67 64.05
N PRO Y 125 18.01 -76.65 63.62
CA PRO Y 125 17.74 -76.44 62.18
C PRO Y 125 17.84 -74.99 61.72
N ARG Y 126 18.08 -74.04 62.63
CA ARG Y 126 18.32 -72.65 62.22
C ARG Y 126 19.81 -72.38 62.01
N ALA Y 127 20.63 -72.73 62.98
CA ALA Y 127 22.07 -72.51 62.87
C ALA Y 127 22.76 -73.55 62.00
N ASP Y 128 22.13 -74.69 61.76
CA ASP Y 128 22.68 -75.76 60.94
C ASP Y 128 21.77 -76.07 59.76
N HIS Y 129 21.31 -75.03 59.08
CA HIS Y 129 20.47 -75.20 57.90
C HIS Y 129 21.25 -75.79 56.73
N GLN Y 130 22.55 -75.52 56.65
CA GLN Y 130 23.34 -75.97 55.50
C GLN Y 130 23.37 -77.49 55.37
N PRO Y 131 23.70 -78.28 56.41
CA PRO Y 131 23.61 -79.74 56.25
C PRO Y 131 22.21 -80.23 55.95
N LEU Y 132 21.19 -79.56 56.47
CA LEU Y 132 19.82 -79.92 56.12
C LEU Y 132 19.56 -79.69 54.64
N THR Y 133 20.02 -78.57 54.10
CA THR Y 133 19.81 -78.29 52.68
C THR Y 133 20.53 -79.31 51.81
N GLU Y 134 21.81 -79.59 52.11
CA GLU Y 134 22.53 -80.62 51.40
C GLU Y 134 21.90 -81.99 51.57
N ALA Y 135 21.22 -82.21 52.71
CA ALA Y 135 20.53 -83.47 52.92
C ALA Y 135 19.43 -83.69 51.89
N SER Y 136 18.82 -82.59 51.43
CA SER Y 136 17.74 -82.69 50.45
C SER Y 136 18.25 -83.01 49.05
N TYR Y 137 19.57 -82.97 48.83
CA TYR Y 137 20.14 -83.28 47.52
C TYR Y 137 20.57 -84.74 47.42
N VAL Y 138 20.75 -85.42 48.54
CA VAL Y 138 21.13 -86.83 48.55
C VAL Y 138 20.07 -87.71 49.22
N ASN Y 139 18.91 -87.13 49.54
CA ASN Y 139 17.74 -87.87 50.02
C ASN Y 139 18.02 -88.67 51.29
N LEU Y 140 18.91 -88.14 52.14
CA LEU Y 140 19.01 -88.83 53.42
C LEU Y 140 18.13 -88.15 54.47
N PRO Y 141 17.48 -88.93 55.33
CA PRO Y 141 16.61 -88.33 56.35
C PRO Y 141 17.40 -87.67 57.47
N THR Y 142 16.77 -86.71 58.14
CA THR Y 142 17.40 -85.93 59.19
C THR Y 142 16.52 -85.91 60.44
N ILE Y 143 17.16 -85.78 61.59
CA ILE Y 143 16.51 -85.58 62.87
C ILE Y 143 17.18 -84.39 63.56
N ALA Y 144 16.38 -83.54 64.19
CA ALA Y 144 16.86 -82.26 64.67
C ALA Y 144 16.55 -82.06 66.15
N LEU Y 145 17.28 -81.11 66.73
CA LEU Y 145 17.15 -80.74 68.14
C LEU Y 145 16.57 -79.33 68.15
N CYS Y 146 15.24 -79.23 68.10
CA CYS Y 146 14.58 -77.99 67.73
C CYS Y 146 14.01 -77.27 68.95
N ASN Y 147 14.22 -75.96 68.98
CA ASN Y 147 13.52 -75.09 69.93
C ASN Y 147 12.21 -74.63 69.28
N THR Y 148 11.41 -73.89 70.06
CA THR Y 148 10.10 -73.45 69.57
C THR Y 148 10.23 -72.45 68.43
N ASP Y 149 11.44 -71.95 68.19
CA ASP Y 149 11.72 -70.98 67.15
C ASP Y 149 12.16 -71.62 65.84
N SER Y 150 12.90 -72.71 65.93
CA SER Y 150 13.61 -73.26 64.80
C SER Y 150 12.65 -73.69 63.70
N PRO Y 151 13.03 -73.59 62.43
CA PRO Y 151 12.20 -74.17 61.37
C PRO Y 151 12.24 -75.70 61.16
N LEU Y 152 11.12 -76.18 60.63
CA LEU Y 152 10.84 -77.61 60.54
C LEU Y 152 10.93 -78.09 59.09
N ARG Y 153 11.74 -77.40 58.28
CA ARG Y 153 11.69 -77.62 56.83
C ARG Y 153 12.05 -79.05 56.45
N TYR Y 154 13.31 -79.44 56.65
CA TYR Y 154 13.84 -80.69 56.12
C TYR Y 154 14.10 -81.71 57.23
N VAL Y 155 13.25 -81.72 58.26
CA VAL Y 155 13.50 -82.54 59.44
C VAL Y 155 12.25 -83.37 59.78
N ASP Y 156 12.51 -84.62 60.22
CA ASP Y 156 11.55 -85.71 60.36
C ASP Y 156 11.15 -86.03 61.79
N ILE Y 157 12.11 -86.27 62.69
CA ILE Y 157 11.81 -86.71 64.04
C ILE Y 157 12.27 -85.58 64.96
N ALA Y 158 12.01 -84.35 64.54
CA ALA Y 158 12.35 -83.18 65.33
C ALA Y 158 12.00 -83.39 66.80
N ILE Y 159 13.02 -83.39 67.65
CA ILE Y 159 12.82 -83.53 69.09
C ILE Y 159 12.72 -82.13 69.69
N PRO Y 160 11.56 -81.73 70.18
CA PRO Y 160 11.30 -80.33 70.54
C PRO Y 160 11.70 -79.97 71.97
N CYS Y 161 12.89 -80.38 72.38
CA CYS Y 161 13.28 -80.14 73.78
C CYS Y 161 13.85 -78.75 73.97
N ASN Y 162 15.02 -78.49 73.40
CA ASN Y 162 15.73 -77.23 73.53
C ASN Y 162 17.02 -77.33 72.72
N ASN Y 163 17.54 -76.17 72.29
CA ASN Y 163 18.81 -76.14 71.59
C ASN Y 163 19.67 -74.96 72.01
N LYS Y 164 19.26 -74.17 73.00
CA LYS Y 164 19.94 -72.94 73.36
C LYS Y 164 20.81 -73.08 74.60
N GLY Y 165 20.23 -73.53 75.71
CA GLY Y 165 21.00 -73.64 76.95
C GLY Y 165 22.01 -74.76 76.87
N ALA Y 166 23.22 -74.50 77.38
CA ALA Y 166 24.23 -75.54 77.44
C ALA Y 166 23.79 -76.69 78.33
N HIS Y 167 23.02 -76.39 79.37
CA HIS Y 167 22.47 -77.44 80.21
C HIS Y 167 21.51 -78.32 79.43
N SER Y 168 20.72 -77.71 78.55
CA SER Y 168 19.74 -78.45 77.77
C SER Y 168 20.41 -79.37 76.76
N VAL Y 169 21.35 -78.84 75.97
CA VAL Y 169 21.92 -79.61 74.88
C VAL Y 169 22.75 -80.77 75.40
N GLY Y 170 23.58 -80.52 76.41
CA GLY Y 170 24.40 -81.58 76.97
C GLY Y 170 23.57 -82.69 77.59
N LEU Y 171 22.52 -82.33 78.32
CA LEU Y 171 21.63 -83.33 78.89
C LEU Y 171 20.95 -84.13 77.79
N MET Y 172 20.48 -83.45 76.75
CA MET Y 172 19.66 -84.12 75.74
C MET Y 172 20.49 -85.18 75.01
N TRP Y 173 21.75 -84.87 74.73
CA TRP Y 173 22.59 -85.81 74.01
C TRP Y 173 22.89 -87.03 74.86
N TRP Y 174 23.00 -86.84 76.18
CA TRP Y 174 23.23 -87.97 77.07
C TRP Y 174 21.99 -88.86 77.15
N MET Y 175 20.80 -88.25 77.12
CA MET Y 175 19.58 -89.04 77.01
C MET Y 175 19.50 -89.77 75.69
N LEU Y 176 19.76 -89.07 74.58
CA LEU Y 176 19.70 -89.71 73.27
C LEU Y 176 20.75 -90.80 73.14
N ALA Y 177 21.94 -90.56 73.71
CA ALA Y 177 22.98 -91.58 73.69
C ALA Y 177 22.54 -92.82 74.47
N ARG Y 178 22.29 -92.67 75.78
CA ARG Y 178 21.99 -93.81 76.63
C ARG Y 178 20.83 -94.63 76.10
N GLU Y 179 19.84 -93.98 75.48
CA GLU Y 179 18.68 -94.71 75.02
C GLU Y 179 19.03 -95.67 73.89
N VAL Y 180 19.87 -95.22 72.96
CA VAL Y 180 20.30 -96.07 71.84
C VAL Y 180 21.09 -97.27 72.36
N LEU Y 181 22.09 -97.00 73.22
CA LEU Y 181 22.85 -98.10 73.81
C LEU Y 181 22.01 -98.97 74.74
N ARG Y 182 21.11 -98.35 75.51
CA ARG Y 182 20.28 -99.14 76.42
C ARG Y 182 19.37 -100.09 75.65
N MET Y 183 18.78 -99.62 74.55
CA MET Y 183 17.84 -100.45 73.81
C MET Y 183 18.57 -101.51 72.97
N ARG Y 184 19.73 -101.18 72.42
CA ARG Y 184 20.61 -102.25 71.93
C ARG Y 184 21.15 -103.02 73.13
N GLY Y 185 21.81 -104.14 72.85
CA GLY Y 185 22.35 -104.87 73.98
C GLY Y 185 23.73 -104.37 74.34
N THR Y 186 23.78 -103.40 75.26
CA THR Y 186 25.03 -102.98 75.87
C THR Y 186 24.96 -102.80 77.38
N ILE Y 187 23.80 -102.45 77.96
CA ILE Y 187 23.65 -102.26 79.39
C ILE Y 187 22.31 -102.89 79.79
N SER Y 188 22.16 -103.17 81.09
CA SER Y 188 21.10 -104.05 81.56
C SER Y 188 19.69 -103.46 81.45
N ARG Y 189 19.55 -102.15 81.22
CA ARG Y 189 18.30 -101.40 81.19
C ARG Y 189 17.69 -101.26 82.58
N GLU Y 190 18.35 -101.80 83.60
CA GLU Y 190 17.97 -101.60 84.99
C GLU Y 190 19.04 -100.91 85.82
N HIS Y 191 20.30 -101.29 85.65
CA HIS Y 191 21.40 -100.63 86.35
C HIS Y 191 21.65 -99.26 85.73
N PRO Y 192 21.62 -98.17 86.49
CA PRO Y 192 21.71 -96.84 85.89
C PRO Y 192 23.07 -96.61 85.23
N TRP Y 193 23.08 -95.76 84.21
CA TRP Y 193 24.26 -95.63 83.36
C TRP Y 193 25.42 -95.00 84.12
N GLU Y 194 26.60 -95.58 83.95
CA GLU Y 194 27.81 -95.09 84.58
C GLU Y 194 28.23 -93.74 84.04
N VAL Y 195 27.98 -93.47 82.76
CA VAL Y 195 28.35 -92.18 82.19
C VAL Y 195 27.41 -91.10 82.72
N MET Y 196 27.99 -90.00 83.18
CA MET Y 196 27.29 -88.92 83.84
C MET Y 196 27.15 -87.76 82.87
N PRO Y 197 26.01 -87.05 82.89
CA PRO Y 197 25.75 -86.07 81.83
C PRO Y 197 26.81 -84.99 81.66
N ASP Y 198 27.50 -84.59 82.74
CA ASP Y 198 28.53 -83.55 82.61
C ASP Y 198 29.64 -83.96 81.64
N LEU Y 199 29.88 -85.25 81.48
CA LEU Y 199 30.82 -85.73 80.47
C LEU Y 199 30.36 -85.36 79.07
N TYR Y 200 29.07 -85.13 78.86
CA TYR Y 200 28.55 -84.59 77.62
C TYR Y 200 28.40 -83.07 77.64
N PHE Y 201 28.64 -82.43 78.78
CA PHE Y 201 28.35 -81.02 78.94
C PHE Y 201 29.46 -80.18 78.33
N TYR Y 202 29.09 -79.26 77.44
CA TYR Y 202 30.04 -78.30 76.92
C TYR Y 202 30.35 -77.29 78.01
N ARG Y 203 31.61 -77.25 78.45
CA ARG Y 203 32.03 -76.31 79.47
C ARG Y 203 32.62 -75.08 78.81
N ASP Y 204 32.39 -73.92 79.42
CA ASP Y 204 32.83 -72.67 78.84
C ASP Y 204 34.35 -72.54 78.93
N PRO Y 205 34.95 -71.72 78.07
CA PRO Y 205 36.36 -71.37 78.24
C PRO Y 205 36.59 -70.48 79.44
N GLU Y 206 35.56 -70.34 80.27
CA GLU Y 206 35.65 -69.73 81.59
C GLU Y 206 35.55 -70.76 82.71
N GLU Y 207 35.80 -72.03 82.42
CA GLU Y 207 35.72 -73.10 83.42
C GLU Y 207 37.01 -73.89 83.55
N ILE Y 208 37.73 -74.11 82.45
CA ILE Y 208 38.90 -74.99 82.48
C ILE Y 208 40.04 -74.36 83.26
N GLU Y 209 40.24 -73.04 83.14
CA GLU Y 209 41.47 -72.45 83.66
C GLU Y 209 41.35 -72.06 85.13
N LYS Y 210 40.16 -72.13 85.73
CA LYS Y 210 40.03 -71.86 87.15
C LYS Y 210 39.61 -73.08 87.95
N GLU Y 211 38.65 -73.86 87.46
CA GLU Y 211 38.18 -75.01 88.21
C GLU Y 211 39.28 -76.05 88.39
N GLU Y 212 40.06 -76.30 87.35
CA GLU Y 212 41.14 -77.28 87.43
C GLU Y 212 42.21 -76.84 88.44
N GLN Y 213 42.58 -75.56 88.41
CA GLN Y 213 43.58 -75.06 89.34
C GLN Y 213 43.05 -75.04 90.77
N ALA Y 214 41.78 -74.66 90.95
CA ALA Y 214 41.20 -74.66 92.30
C ALA Y 214 41.17 -76.07 92.88
N ALA Y 215 40.83 -77.06 92.04
CA ALA Y 215 40.84 -78.44 92.50
C ALA Y 215 42.25 -78.88 92.90
N ALA Y 216 43.26 -78.37 92.20
CA ALA Y 216 44.64 -78.62 92.61
C ALA Y 216 44.93 -77.99 93.96
N GLU Y 217 44.47 -76.76 94.18
CA GLU Y 217 44.65 -76.11 95.47
C GLU Y 217 43.90 -76.86 96.57
N LYS Y 218 42.69 -77.33 96.28
CA LYS Y 218 41.93 -78.10 97.26
C LYS Y 218 42.65 -79.40 97.61
N ALA Y 219 43.24 -80.06 96.61
CA ALA Y 219 43.89 -81.34 96.86
C ALA Y 219 45.17 -81.16 97.68
N VAL Y 220 46.02 -80.20 97.29
CA VAL Y 220 47.27 -79.99 98.01
C VAL Y 220 47.00 -79.48 99.42
N THR Y 221 45.92 -78.71 99.59
CA THR Y 221 45.55 -78.18 100.89
C THR Y 221 44.19 -78.71 101.31
N VAL Z 1 28.58 15.07 64.73
CA VAL Z 1 29.77 15.10 65.58
C VAL Z 1 29.36 14.91 67.03
N VAL Z 2 28.31 15.60 67.45
CA VAL Z 2 27.85 15.50 68.83
C VAL Z 2 27.42 14.06 69.11
N ASP Z 3 27.94 13.49 70.19
CA ASP Z 3 27.61 12.14 70.58
C ASP Z 3 26.18 12.12 71.11
N PRO Z 4 25.26 11.38 70.48
CA PRO Z 4 23.89 11.36 70.99
C PRO Z 4 23.79 10.86 72.41
N PHE Z 5 24.63 9.88 72.78
CA PHE Z 5 24.57 9.31 74.11
C PHE Z 5 24.94 10.33 75.18
N SER Z 6 25.64 11.40 74.81
CA SER Z 6 25.78 12.53 75.72
C SER Z 6 24.43 13.18 76.00
N LYS Z 7 23.58 13.27 74.97
CA LYS Z 7 22.24 13.83 75.15
C LYS Z 7 21.32 12.88 75.91
N LYS Z 8 21.52 11.58 75.76
CA LYS Z 8 20.63 10.60 76.40
C LYS Z 8 20.92 10.49 77.90
N ASP Z 9 19.94 9.97 78.62
CA ASP Z 9 20.04 9.78 80.06
C ASP Z 9 19.39 8.44 80.41
N TRP Z 10 19.80 7.90 81.54
CA TRP Z 10 19.46 6.53 81.92
C TRP Z 10 18.39 6.50 83.01
N TYR Z 11 17.37 5.68 82.80
CA TYR Z 11 16.38 5.36 83.81
C TYR Z 11 16.51 3.90 84.22
N ASP Z 12 15.79 3.52 85.26
CA ASP Z 12 15.73 2.15 85.73
C ASP Z 12 14.29 1.67 85.71
N VAL Z 13 14.07 0.45 85.24
CA VAL Z 13 12.73 -0.10 85.09
C VAL Z 13 12.46 -1.10 86.21
N LYS Z 14 11.32 -0.93 86.88
CA LYS Z 14 11.02 -1.63 88.13
C LYS Z 14 9.75 -2.45 87.98
N ALA Z 15 9.85 -3.75 88.29
CA ALA Z 15 8.72 -4.65 88.18
C ALA Z 15 7.75 -4.45 89.34
N PRO Z 16 6.53 -5.02 89.25
CA PRO Z 16 5.56 -4.90 90.36
C PRO Z 16 6.12 -5.36 91.70
N ALA Z 17 5.74 -4.67 92.78
CA ALA Z 17 6.30 -4.93 94.10
C ALA Z 17 6.03 -6.34 94.60
N MET Z 18 5.01 -7.01 94.06
CA MET Z 18 4.73 -8.41 94.32
C MET Z 18 5.85 -9.34 93.87
N PHE Z 19 6.76 -8.85 93.02
CA PHE Z 19 7.94 -9.58 92.60
C PHE Z 19 9.10 -9.27 93.55
N ASN Z 20 9.86 -10.33 93.87
CA ASN Z 20 10.92 -10.19 94.87
C ASN Z 20 12.13 -9.44 94.35
N ILE Z 21 12.47 -9.57 93.07
CA ILE Z 21 13.47 -8.71 92.45
C ILE Z 21 12.70 -7.60 91.76
N ARG Z 22 12.75 -6.40 92.34
CA ARG Z 22 12.07 -5.25 91.74
C ARG Z 22 12.83 -4.68 90.56
N ASN Z 23 14.16 -4.82 90.57
CA ASN Z 23 15.01 -4.23 89.54
C ASN Z 23 15.00 -5.14 88.30
N ILE Z 24 14.62 -4.58 87.16
CA ILE Z 24 14.64 -5.33 85.91
C ILE Z 24 15.91 -5.04 85.14
N GLY Z 25 16.24 -3.77 85.00
CA GLY Z 25 17.41 -3.35 84.25
C GLY Z 25 17.44 -1.86 84.11
N LYS Z 26 18.36 -1.37 83.28
CA LYS Z 26 18.51 0.06 83.04
C LYS Z 26 18.40 0.33 81.54
N THR Z 27 17.60 1.33 81.19
CA THR Z 27 17.42 1.76 79.81
C THR Z 27 17.90 3.20 79.66
N LEU Z 28 17.89 3.67 78.42
CA LEU Z 28 18.34 5.00 78.06
C LEU Z 28 17.34 5.68 77.14
N VAL Z 29 17.35 7.02 77.17
CA VAL Z 29 16.39 7.82 76.42
C VAL Z 29 16.94 9.23 76.35
N THR Z 30 16.53 9.98 75.32
CA THR Z 30 16.93 11.38 75.22
C THR Z 30 16.28 12.20 76.33
N ARG Z 31 16.99 13.24 76.76
CA ARG Z 31 16.49 14.12 77.80
C ARG Z 31 15.27 14.89 77.30
N THR Z 32 14.33 15.14 78.21
CA THR Z 32 13.10 15.85 77.85
C THR Z 32 13.42 17.21 77.25
N GLN Z 33 12.98 17.42 76.02
CA GLN Z 33 13.28 18.65 75.30
C GLN Z 33 12.27 18.82 74.16
N GLY Z 34 12.01 20.06 73.78
CA GLY Z 34 11.05 20.32 72.72
C GLY Z 34 9.66 19.88 73.14
N THR Z 35 8.85 19.47 72.16
CA THR Z 35 7.56 18.89 72.47
C THR Z 35 7.71 17.49 73.07
N LYS Z 36 8.91 16.93 72.98
CA LYS Z 36 9.16 15.61 73.54
C LYS Z 36 9.42 15.68 75.03
N ILE Z 37 8.75 14.81 75.78
CA ILE Z 37 8.97 14.68 77.21
C ILE Z 37 9.28 13.22 77.49
N ALA Z 38 10.32 12.98 78.29
CA ALA Z 38 10.76 11.61 78.55
C ALA Z 38 9.67 10.78 79.20
N SER Z 39 8.65 11.41 79.76
CA SER Z 39 7.48 10.69 80.27
C SER Z 39 6.84 9.84 79.18
N ASP Z 40 6.30 10.47 78.14
CA ASP Z 40 5.57 9.71 77.13
C ASP Z 40 6.46 9.03 76.12
N GLY Z 41 7.76 9.37 76.10
CA GLY Z 41 8.71 8.53 75.38
C GLY Z 41 8.96 7.23 76.12
N LEU Z 42 8.81 7.22 77.43
CA LEU Z 42 9.01 6.02 78.24
C LEU Z 42 7.77 5.13 78.32
N LYS Z 43 6.55 5.69 78.45
CA LYS Z 43 5.41 4.79 78.43
C LYS Z 43 5.22 4.19 77.04
N GLY Z 44 4.56 3.03 77.00
CA GLY Z 44 4.42 2.30 75.75
C GLY Z 44 5.66 1.55 75.33
N ARG Z 45 6.47 1.10 76.29
CA ARG Z 45 7.72 0.42 76.00
C ARG Z 45 7.76 -0.91 76.75
N VAL Z 46 8.23 -1.96 76.06
CA VAL Z 46 8.22 -3.30 76.62
C VAL Z 46 9.64 -3.71 77.00
N PHE Z 47 9.72 -4.65 77.95
CA PHE Z 47 10.99 -5.15 78.46
C PHE Z 47 10.83 -6.65 78.69
N GLU Z 48 11.22 -7.45 77.70
CA GLU Z 48 11.16 -8.89 77.85
C GLU Z 48 12.25 -9.34 78.81
N VAL Z 49 11.88 -10.17 79.78
CA VAL Z 49 12.82 -10.64 80.77
C VAL Z 49 12.42 -12.06 81.18
N SER Z 50 13.42 -12.90 81.38
CA SER Z 50 13.19 -14.29 81.76
C SER Z 50 12.74 -14.39 83.22
N LEU Z 51 11.92 -15.40 83.50
CA LEU Z 51 11.39 -15.58 84.84
C LEU Z 51 12.46 -16.01 85.84
N ALA Z 52 13.60 -16.51 85.36
CA ALA Z 52 14.64 -16.99 86.27
C ALA Z 52 15.17 -15.88 87.14
N ASP Z 53 15.35 -14.69 86.58
CA ASP Z 53 15.79 -13.54 87.34
C ASP Z 53 14.64 -12.76 87.98
N LEU Z 54 13.40 -13.01 87.54
CA LEU Z 54 12.24 -12.39 88.15
C LEU Z 54 11.95 -12.97 89.53
N GLN Z 55 12.03 -14.29 89.63
CA GLN Z 55 11.94 -15.01 90.89
C GLN Z 55 13.36 -15.39 91.32
N ASN Z 56 13.47 -16.04 92.48
CA ASN Z 56 14.78 -16.50 92.96
C ASN Z 56 15.19 -17.84 92.37
N ASP Z 57 14.38 -18.86 92.57
CA ASP Z 57 14.78 -20.25 92.34
C ASP Z 57 13.78 -20.97 91.43
N GLU Z 58 13.43 -20.35 90.32
CA GLU Z 58 12.49 -20.95 89.38
C GLU Z 58 13.13 -21.08 88.00
N VAL Z 59 12.38 -21.74 87.11
CA VAL Z 59 12.91 -22.09 85.79
C VAL Z 59 13.19 -20.85 84.96
N ALA Z 60 13.98 -21.05 83.89
CA ALA Z 60 14.39 -19.97 83.01
C ALA Z 60 13.65 -19.98 81.67
N PHE Z 61 12.83 -20.98 81.39
CA PHE Z 61 12.19 -21.10 80.09
C PHE Z 61 10.89 -20.32 79.99
N ARG Z 62 10.60 -19.44 80.93
CA ARG Z 62 9.41 -18.59 80.90
C ARG Z 62 9.87 -17.13 80.89
N LYS Z 63 9.24 -16.31 80.05
CA LYS Z 63 9.59 -14.91 79.91
C LYS Z 63 8.35 -14.05 80.05
N PHE Z 64 8.54 -12.79 80.44
CA PHE Z 64 7.47 -11.83 80.62
C PHE Z 64 7.78 -10.56 79.85
N LYS Z 65 6.72 -9.83 79.49
CA LYS Z 65 6.79 -8.71 78.54
C LYS Z 65 6.99 -7.35 79.20
N LEU Z 66 6.22 -7.03 80.25
CA LEU Z 66 6.47 -5.89 81.13
C LEU Z 66 6.44 -4.55 80.38
N ILE Z 67 5.24 -4.17 79.95
CA ILE Z 67 4.98 -2.83 79.46
C ILE Z 67 5.18 -1.82 80.57
N THR Z 68 5.65 -0.63 80.21
CA THR Z 68 5.85 0.47 81.16
C THR Z 68 4.68 1.46 81.09
N GLU Z 69 4.24 1.93 82.27
CA GLU Z 69 3.07 2.79 82.39
C GLU Z 69 3.36 4.20 82.89
N ASP Z 70 4.24 4.39 83.87
CA ASP Z 70 4.56 5.72 84.39
C ASP Z 70 6.07 5.96 84.41
N VAL Z 71 6.43 7.20 84.78
CA VAL Z 71 7.78 7.58 85.16
C VAL Z 71 7.71 8.31 86.50
N GLN Z 72 8.52 7.89 87.46
CA GLN Z 72 8.53 8.47 88.81
C GLN Z 72 9.83 9.19 89.11
N GLY Z 73 10.34 9.95 88.14
CA GLY Z 73 11.66 10.55 88.28
C GLY Z 73 12.69 9.68 87.61
N LYS Z 74 13.63 9.15 88.38
CA LYS Z 74 14.51 8.10 87.86
C LYS Z 74 13.72 6.81 87.64
N ASN Z 75 12.82 6.49 88.55
CA ASN Z 75 12.00 5.29 88.44
C ASN Z 75 11.03 5.41 87.27
N CYS Z 76 10.90 4.31 86.53
CA CYS Z 76 9.85 4.16 85.53
C CYS Z 76 9.26 2.76 85.71
N LEU Z 77 8.04 2.71 86.24
CA LEU Z 77 7.47 1.44 86.67
C LEU Z 77 6.82 0.70 85.51
N THR Z 78 6.70 -0.61 85.66
CA THR Z 78 6.08 -1.48 84.67
C THR Z 78 5.14 -2.44 85.36
N ASN Z 79 4.30 -3.10 84.57
CA ASN Z 79 3.43 -4.16 85.07
C ASN Z 79 3.42 -5.30 84.06
N PHE Z 80 2.70 -6.36 84.40
CA PHE Z 80 2.60 -7.52 83.53
C PHE Z 80 2.07 -7.13 82.16
N HIS Z 81 2.74 -7.60 81.11
CA HIS Z 81 2.28 -7.35 79.75
C HIS Z 81 2.12 -8.61 78.90
N GLY Z 82 2.67 -9.74 79.31
CA GLY Z 82 2.55 -10.95 78.53
C GLY Z 82 3.65 -11.93 78.89
N MET Z 83 3.28 -13.20 78.90
CA MET Z 83 4.18 -14.28 79.25
C MET Z 83 4.27 -15.24 78.07
N ASP Z 84 5.44 -15.86 77.93
CA ASP Z 84 5.70 -16.75 76.81
C ASP Z 84 6.81 -17.70 77.26
N LEU Z 85 7.06 -18.73 76.46
CA LEU Z 85 8.13 -19.68 76.74
C LEU Z 85 9.26 -19.47 75.74
N THR Z 86 10.49 -19.75 76.20
CA THR Z 86 11.64 -19.75 75.31
C THR Z 86 11.38 -20.72 74.17
N ARG Z 87 11.63 -20.26 72.94
CA ARG Z 87 11.33 -21.10 71.79
C ARG Z 87 12.12 -22.39 71.81
N ASP Z 88 13.31 -22.39 72.43
CA ASP Z 88 14.06 -23.63 72.57
C ASP Z 88 13.27 -24.65 73.38
N LYS Z 89 12.62 -24.21 74.45
CA LYS Z 89 11.73 -25.10 75.17
C LYS Z 89 10.63 -25.64 74.26
N MET Z 90 9.94 -24.74 73.55
CA MET Z 90 8.79 -25.12 72.73
C MET Z 90 9.17 -26.17 71.69
N CYS Z 91 10.24 -25.93 70.93
CA CYS Z 91 10.70 -26.92 69.96
C CYS Z 91 11.17 -28.21 70.60
N SER Z 92 11.75 -28.14 71.80
CA SER Z 92 12.08 -29.37 72.53
C SER Z 92 10.84 -30.04 73.08
N MET Z 93 9.76 -29.29 73.26
CA MET Z 93 8.53 -29.86 73.81
C MET Z 93 7.88 -30.79 72.80
N VAL Z 94 7.83 -30.37 71.54
CA VAL Z 94 7.19 -31.16 70.50
C VAL Z 94 8.06 -32.36 70.17
N LYS Z 95 7.41 -33.49 69.89
CA LYS Z 95 8.10 -34.74 69.58
C LYS Z 95 7.18 -35.59 68.73
N LYS Z 96 7.76 -36.58 68.06
CA LYS Z 96 6.98 -37.50 67.26
C LYS Z 96 6.31 -38.54 68.16
N TRP Z 97 5.29 -39.20 67.60
CA TRP Z 97 4.65 -40.35 68.22
C TRP Z 97 3.90 -39.98 69.50
N GLN Z 98 3.56 -38.70 69.64
CA GLN Z 98 2.63 -38.27 70.67
C GLN Z 98 1.93 -37.02 70.18
N THR Z 99 0.64 -36.90 70.52
CA THR Z 99 -0.21 -35.84 69.97
C THR Z 99 -0.08 -34.58 70.83
N MET Z 100 0.11 -33.45 70.16
CA MET Z 100 0.10 -32.16 70.85
C MET Z 100 -1.33 -31.61 70.89
N ILE Z 101 -1.67 -30.97 72.01
CA ILE Z 101 -2.98 -30.41 72.24
C ILE Z 101 -2.84 -28.89 72.37
N GLU Z 102 -3.69 -28.16 71.67
CA GLU Z 102 -3.68 -26.71 71.68
C GLU Z 102 -5.06 -26.18 72.07
N ALA Z 103 -5.08 -25.10 72.84
CA ALA Z 103 -6.33 -24.45 73.20
C ALA Z 103 -6.07 -22.98 73.46
N HIS Z 104 -7.15 -22.20 73.44
CA HIS Z 104 -7.11 -20.77 73.68
C HIS Z 104 -8.44 -20.34 74.27
N VAL Z 105 -8.43 -19.16 74.90
CA VAL Z 105 -9.65 -18.55 75.41
C VAL Z 105 -9.35 -17.08 75.71
N ASP Z 106 -10.32 -16.22 75.47
CA ASP Z 106 -10.20 -14.79 75.73
C ASP Z 106 -11.18 -14.45 76.84
N VAL Z 107 -10.64 -14.11 78.01
CA VAL Z 107 -11.44 -13.99 79.22
C VAL Z 107 -11.21 -12.61 79.82
N LYS Z 108 -12.19 -12.13 80.58
CA LYS Z 108 -12.12 -10.85 81.26
C LYS Z 108 -11.97 -11.08 82.75
N THR Z 109 -10.90 -10.55 83.33
CA THR Z 109 -10.73 -10.58 84.78
C THR Z 109 -11.60 -9.52 85.43
N THR Z 110 -11.73 -9.61 86.76
CA THR Z 110 -12.69 -8.80 87.50
C THR Z 110 -12.34 -7.32 87.53
N ASP Z 111 -11.13 -6.93 87.13
CA ASP Z 111 -10.72 -5.53 87.16
C ASP Z 111 -10.83 -4.82 85.82
N GLY Z 112 -11.26 -5.50 84.77
CA GLY Z 112 -11.34 -4.91 83.44
C GLY Z 112 -10.17 -5.21 82.54
N TYR Z 113 -9.23 -6.04 82.99
CA TYR Z 113 -8.09 -6.48 82.18
C TYR Z 113 -8.48 -7.80 81.54
N LEU Z 114 -8.66 -7.80 80.22
CA LEU Z 114 -9.04 -9.01 79.52
C LEU Z 114 -7.81 -9.63 78.88
N LEU Z 115 -7.66 -10.94 79.05
CA LEU Z 115 -6.46 -11.65 78.64
C LEU Z 115 -6.76 -12.66 77.55
N ARG Z 116 -5.78 -12.88 76.70
CA ARG Z 116 -5.85 -13.93 75.67
C ARG Z 116 -4.91 -15.04 76.10
N LEU Z 117 -5.45 -16.26 76.17
CA LEU Z 117 -4.74 -17.39 76.78
C LEU Z 117 -4.31 -18.39 75.72
N PHE Z 118 -3.12 -18.96 75.90
CA PHE Z 118 -2.62 -20.04 75.06
C PHE Z 118 -2.05 -21.13 75.94
N CYS Z 119 -2.59 -22.34 75.81
CA CYS Z 119 -2.14 -23.50 76.58
C CYS Z 119 -1.76 -24.62 75.62
N VAL Z 120 -0.72 -25.36 75.99
CA VAL Z 120 -0.26 -26.50 75.20
C VAL Z 120 -0.15 -27.71 76.12
N GLY Z 121 -0.35 -28.89 75.53
CA GLY Z 121 -0.24 -30.13 76.29
C GLY Z 121 0.19 -31.26 75.39
N PHE Z 122 0.87 -32.22 76.00
CA PHE Z 122 1.38 -33.38 75.28
C PHE Z 122 1.03 -34.64 76.04
N THR Z 123 0.79 -35.73 75.31
CA THR Z 123 0.47 -36.99 75.94
C THR Z 123 1.75 -37.69 76.39
N LYS Z 124 1.63 -38.46 77.48
CA LYS Z 124 2.73 -39.23 78.04
C LYS Z 124 2.58 -40.70 77.68
N LYS Z 125 3.72 -41.36 77.49
CA LYS Z 125 3.73 -42.81 77.42
C LYS Z 125 3.96 -43.37 78.83
N ARG Z 126 3.27 -44.46 79.13
CA ARG Z 126 3.40 -45.03 80.46
C ARG Z 126 4.73 -45.74 80.62
N ASN Z 127 5.06 -46.08 81.87
CA ASN Z 127 6.34 -46.73 82.15
C ASN Z 127 6.42 -48.09 81.47
N ASN Z 128 5.30 -48.81 81.43
CA ASN Z 128 5.26 -50.14 80.84
C ASN Z 128 4.69 -50.15 79.42
N GLN Z 129 4.47 -48.98 78.82
CA GLN Z 129 3.94 -48.95 77.46
C GLN Z 129 4.95 -49.50 76.47
N ILE Z 130 4.51 -50.45 75.66
CA ILE Z 130 5.36 -51.04 74.64
C ILE Z 130 4.96 -50.66 73.23
N ARG Z 131 3.75 -50.16 73.00
CA ARG Z 131 3.41 -49.61 71.70
C ARG Z 131 4.26 -48.38 71.43
N LYS Z 132 4.77 -48.30 70.20
CA LYS Z 132 5.75 -47.27 69.86
C LYS Z 132 5.17 -45.87 70.01
N THR Z 133 3.93 -45.69 69.59
CA THR Z 133 3.29 -44.38 69.63
C THR Z 133 2.26 -44.30 70.74
N SER Z 134 1.87 -43.08 71.08
CA SER Z 134 0.86 -42.82 72.09
C SER Z 134 -0.01 -41.67 71.58
N TYR Z 135 -1.10 -42.02 70.90
CA TYR Z 135 -1.99 -41.05 70.31
C TYR Z 135 -3.29 -41.00 71.08
N ALA Z 136 -4.06 -39.94 70.85
CA ALA Z 136 -5.39 -39.78 71.42
C ALA Z 136 -6.42 -39.72 70.30
N GLN Z 137 -7.55 -40.38 70.50
CA GLN Z 137 -8.64 -40.27 69.55
C GLN Z 137 -9.16 -38.83 69.52
N HIS Z 138 -9.70 -38.44 68.36
CA HIS Z 138 -10.08 -37.05 68.15
C HIS Z 138 -11.04 -36.57 69.22
N GLN Z 139 -12.06 -37.38 69.55
CA GLN Z 139 -13.03 -36.98 70.54
C GLN Z 139 -12.41 -36.82 71.93
N GLN Z 140 -11.42 -37.65 72.25
CA GLN Z 140 -10.67 -37.44 73.49
C GLN Z 140 -9.96 -36.10 73.48
N VAL Z 141 -9.31 -35.76 72.35
CA VAL Z 141 -8.61 -34.48 72.25
C VAL Z 141 -9.60 -33.33 72.42
N ARG Z 142 -10.80 -33.47 71.88
CA ARG Z 142 -11.83 -32.44 72.08
C ARG Z 142 -12.12 -32.24 73.56
N GLN Z 143 -12.34 -33.32 74.29
CA GLN Z 143 -12.87 -33.19 75.64
C GLN Z 143 -11.79 -32.82 76.65
N ILE Z 144 -10.53 -33.17 76.39
CA ILE Z 144 -9.46 -32.66 77.24
C ILE Z 144 -9.18 -31.20 76.92
N ARG Z 145 -9.39 -30.79 75.67
CA ARG Z 145 -9.27 -29.38 75.33
C ARG Z 145 -10.43 -28.58 75.86
N LYS Z 146 -11.64 -29.16 75.83
CA LYS Z 146 -12.81 -28.47 76.36
C LYS Z 146 -12.67 -28.23 77.85
N LYS Z 147 -12.22 -29.23 78.60
CA LYS Z 147 -12.04 -29.05 80.04
C LYS Z 147 -10.88 -28.11 80.32
N MET Z 148 -9.81 -28.17 79.53
CA MET Z 148 -8.70 -27.24 79.70
C MET Z 148 -9.14 -25.81 79.35
N MET Z 149 -10.16 -25.69 78.50
CA MET Z 149 -10.74 -24.39 78.22
C MET Z 149 -11.53 -23.88 79.41
N GLU Z 150 -12.38 -24.72 80.00
CA GLU Z 150 -13.30 -24.24 81.02
C GLU Z 150 -12.62 -24.01 82.37
N ILE Z 151 -11.63 -24.83 82.74
CA ILE Z 151 -10.90 -24.52 83.97
C ILE Z 151 -10.08 -23.26 83.80
N MET Z 152 -9.65 -22.97 82.56
CA MET Z 152 -8.90 -21.75 82.31
C MET Z 152 -9.78 -20.52 82.43
N THR Z 153 -11.01 -20.60 81.89
CA THR Z 153 -11.93 -19.49 82.03
C THR Z 153 -12.50 -19.41 83.44
N ARG Z 154 -12.70 -20.54 84.11
CA ARG Z 154 -13.30 -20.53 85.45
C ARG Z 154 -12.34 -19.95 86.46
N GLU Z 155 -11.04 -20.19 86.30
CA GLU Z 155 -10.05 -19.68 87.24
C GLU Z 155 -9.85 -18.18 87.12
N VAL Z 156 -9.86 -17.64 85.90
CA VAL Z 156 -9.70 -16.20 85.73
C VAL Z 156 -10.92 -15.42 86.19
N GLN Z 157 -12.14 -15.91 85.92
CA GLN Z 157 -13.34 -15.20 86.35
C GLN Z 157 -13.41 -15.03 87.86
N THR Z 158 -13.14 -16.10 88.62
CA THR Z 158 -13.35 -16.06 90.06
C THR Z 158 -12.41 -15.09 90.76
N ASN Z 159 -11.32 -14.71 90.11
CA ASN Z 159 -10.24 -13.95 90.74
C ASN Z 159 -9.82 -12.81 89.81
N ASP Z 160 -8.83 -12.04 90.24
CA ASP Z 160 -8.47 -10.79 89.56
C ASP Z 160 -7.06 -10.87 88.96
N LEU Z 161 -6.64 -9.78 88.32
CA LEU Z 161 -5.32 -9.76 87.71
C LEU Z 161 -4.22 -9.84 88.76
N LYS Z 162 -4.45 -9.25 89.93
CA LYS Z 162 -3.47 -9.36 91.01
C LYS Z 162 -3.34 -10.81 91.46
N GLU Z 163 -4.47 -11.51 91.64
CA GLU Z 163 -4.40 -12.91 92.04
C GLU Z 163 -4.19 -13.85 90.87
N VAL Z 164 -4.10 -13.35 89.64
CA VAL Z 164 -3.87 -14.25 88.51
C VAL Z 164 -2.38 -14.40 88.24
N VAL Z 165 -1.60 -13.37 88.57
CA VAL Z 165 -0.18 -13.42 88.27
C VAL Z 165 0.58 -14.17 89.36
N ASN Z 166 0.21 -13.96 90.63
CA ASN Z 166 0.90 -14.63 91.72
C ASN Z 166 0.82 -16.14 91.60
N LYS Z 167 -0.33 -16.65 91.16
CA LYS Z 167 -0.48 -18.08 90.90
C LYS Z 167 -0.03 -18.45 89.49
N LEU Z 168 0.51 -17.50 88.74
CA LEU Z 168 0.99 -17.81 87.39
C LEU Z 168 2.49 -18.09 87.37
N ILE Z 169 3.28 -17.41 88.23
CA ILE Z 169 4.72 -17.65 88.24
C ILE Z 169 5.06 -19.11 88.47
N PRO Z 170 4.50 -19.80 89.47
CA PRO Z 170 4.76 -21.24 89.57
C PRO Z 170 4.10 -22.04 88.46
N ASP Z 171 3.20 -21.43 87.69
CA ASP Z 171 2.35 -22.14 86.73
C ASP Z 171 1.60 -23.28 87.43
N SER Z 172 1.10 -22.97 88.64
CA SER Z 172 0.32 -23.94 89.39
C SER Z 172 -1.02 -24.25 88.72
N ILE Z 173 -1.48 -23.36 87.83
CA ILE Z 173 -2.71 -23.66 87.10
C ILE Z 173 -2.48 -24.82 86.13
N GLY Z 174 -1.29 -24.92 85.53
CA GLY Z 174 -1.00 -26.06 84.68
C GLY Z 174 -0.95 -27.37 85.44
N LYS Z 175 -0.65 -27.33 86.73
CA LYS Z 175 -0.57 -28.55 87.51
C LYS Z 175 -1.96 -29.12 87.82
N ASP Z 176 -2.98 -28.26 87.92
CA ASP Z 176 -4.31 -28.76 88.23
C ASP Z 176 -5.10 -29.18 87.00
N ILE Z 177 -4.60 -28.90 85.79
CA ILE Z 177 -5.21 -29.49 84.60
C ILE Z 177 -4.84 -30.96 84.50
N GLU Z 178 -3.55 -31.29 84.60
CA GLU Z 178 -3.12 -32.67 84.47
C GLU Z 178 -3.50 -33.49 85.69
N LYS Z 179 -3.66 -32.85 86.85
CA LYS Z 179 -4.09 -33.58 88.04
C LYS Z 179 -5.52 -34.07 87.92
N ALA Z 180 -6.32 -33.48 87.02
CA ALA Z 180 -7.70 -33.89 86.83
C ALA Z 180 -8.00 -34.44 85.46
N CYS Z 181 -7.15 -34.17 84.45
CA CYS Z 181 -7.32 -34.74 83.13
C CYS Z 181 -6.56 -36.05 82.96
N GLN Z 182 -5.81 -36.49 83.98
CA GLN Z 182 -5.11 -37.76 83.90
C GLN Z 182 -6.09 -38.92 83.82
N SER Z 183 -7.23 -38.81 84.52
CA SER Z 183 -8.24 -39.87 84.50
C SER Z 183 -8.85 -40.07 83.11
N ILE Z 184 -8.67 -39.11 82.21
CA ILE Z 184 -9.28 -39.17 80.89
C ILE Z 184 -8.24 -39.43 79.80
N TYR Z 185 -7.02 -38.91 79.97
CA TYR Z 185 -5.83 -39.32 79.22
C TYR Z 185 -4.60 -38.76 79.92
N PRO Z 186 -3.59 -39.57 80.18
CA PRO Z 186 -2.42 -39.06 80.91
C PRO Z 186 -1.53 -38.15 80.08
N LEU Z 187 -1.52 -36.86 80.44
CA LEU Z 187 -0.61 -35.88 79.89
C LEU Z 187 0.50 -35.62 80.91
N HIS Z 188 1.66 -35.17 80.43
CA HIS Z 188 2.80 -34.98 81.31
C HIS Z 188 3.45 -33.61 81.26
N ASP Z 189 3.52 -32.96 80.10
CA ASP Z 189 3.95 -31.57 80.03
C ASP Z 189 2.81 -30.72 79.47
N VAL Z 190 2.09 -30.05 80.36
CA VAL Z 190 1.10 -29.06 79.98
C VAL Z 190 1.51 -27.73 80.61
N PHE Z 191 1.57 -26.68 79.78
CA PHE Z 191 1.90 -25.34 80.22
C PHE Z 191 0.98 -24.35 79.51
N VAL Z 192 0.82 -23.19 80.12
CA VAL Z 192 0.23 -22.04 79.42
C VAL Z 192 1.34 -21.45 78.57
N ARG Z 193 1.23 -21.62 77.26
CA ARG Z 193 2.31 -21.23 76.36
C ARG Z 193 2.45 -19.72 76.23
N LYS Z 194 1.33 -19.00 76.14
CA LYS Z 194 1.36 -17.57 75.92
C LYS Z 194 0.19 -16.92 76.62
N VAL Z 195 0.36 -15.63 76.97
CA VAL Z 195 -0.73 -14.76 77.34
C VAL Z 195 -0.50 -13.40 76.67
N LYS Z 196 -1.55 -12.84 76.11
CA LYS Z 196 -1.46 -11.59 75.37
C LYS Z 196 -2.49 -10.60 75.88
N MET Z 197 -2.11 -9.34 75.99
CA MET Z 197 -3.00 -8.30 76.51
C MET Z 197 -3.61 -7.48 75.37
N LEU Z 198 -4.91 -7.24 75.48
CA LEU Z 198 -5.69 -6.62 74.42
C LEU Z 198 -6.23 -5.25 74.82
N LYS Z 199 -6.71 -5.11 76.06
CA LYS Z 199 -7.29 -3.84 76.52
C LYS Z 199 -6.80 -3.53 77.93
N LYS Z 200 -6.58 -2.25 78.20
CA LYS Z 200 -6.17 -1.75 79.50
C LYS Z 200 -7.25 -0.83 80.06
N PRO Z 201 -7.90 -1.19 81.17
CA PRO Z 201 -9.12 -0.48 81.59
C PRO Z 201 -8.82 0.86 82.27
N LYS Z 202 -9.03 1.95 81.53
CA LYS Z 202 -9.19 3.29 82.09
C LYS Z 202 -7.93 3.84 82.76
N PHE Z 203 -6.88 3.04 82.86
CA PHE Z 203 -5.61 3.46 83.45
C PHE Z 203 -5.84 4.04 84.85
N GLU Z 204 -6.33 3.18 85.74
CA GLU Z 204 -6.54 3.60 87.12
C GLU Z 204 -5.20 3.65 87.86
N LEU Z 205 -4.76 4.88 88.15
CA LEU Z 205 -3.44 5.09 88.73
C LEU Z 205 -3.36 4.55 90.16
N GLY Z 206 -4.45 4.66 90.92
CA GLY Z 206 -4.43 4.17 92.29
C GLY Z 206 -4.19 2.67 92.37
N LYS Z 207 -4.78 1.91 91.45
CA LYS Z 207 -4.56 0.47 91.44
C LYS Z 207 -3.13 0.13 91.05
N LEU Z 208 -2.55 0.89 90.11
CA LEU Z 208 -1.17 0.64 89.72
C LEU Z 208 -0.19 1.03 90.82
N MET Z 209 -0.41 2.17 91.46
CA MET Z 209 0.47 2.60 92.55
C MET Z 209 0.44 1.62 93.71
N GLU Z 210 -0.76 1.19 94.11
CA GLU Z 210 -0.89 0.36 95.30
C GLU Z 210 -0.30 -1.03 95.09
N LEU Z 211 -0.44 -1.60 93.88
CA LEU Z 211 0.19 -2.87 93.60
C LEU Z 211 1.71 -2.74 93.60
N HIS Z 212 2.22 -1.60 93.12
CA HIS Z 212 3.64 -1.28 93.22
C HIS Z 212 4.06 -0.85 94.61
N GLY Z 213 3.10 -0.48 95.47
CA GLY Z 213 3.41 -0.10 96.84
C GLY Z 213 2.92 -1.14 97.83
N GLU Z 214 2.59 -0.68 99.04
CA GLU Z 214 2.10 -1.58 100.09
C GLU Z 214 0.65 -1.99 99.82
N SER AA 1 -65.57 -106.12 74.68
CA SER AA 1 -64.64 -105.11 75.18
C SER AA 1 -65.06 -103.72 74.74
N ALA AA 2 -64.77 -102.72 75.56
CA ALA AA 2 -65.19 -101.34 75.30
C ALA AA 2 -64.12 -100.62 74.47
N LYS AA 3 -64.57 -99.89 73.45
CA LYS AA 3 -63.70 -99.10 72.59
C LYS AA 3 -64.32 -97.73 72.33
N ILE AA 4 -64.74 -97.06 73.40
CA ILE AA 4 -65.38 -95.75 73.24
C ILE AA 4 -64.37 -94.73 72.73
N VAL AA 5 -63.11 -94.84 73.15
CA VAL AA 5 -62.05 -93.96 72.68
C VAL AA 5 -61.12 -94.82 71.83
N LYS AA 6 -61.42 -94.87 70.53
CA LYS AA 6 -60.56 -95.56 69.56
C LYS AA 6 -60.93 -95.09 68.15
N PRO AA 7 -60.46 -93.93 67.71
CA PRO AA 7 -60.56 -93.59 66.30
C PRO AA 7 -59.60 -94.41 65.46
N ASN AA 8 -60.02 -94.67 64.22
CA ASN AA 8 -59.22 -95.40 63.25
C ASN AA 8 -59.58 -94.86 61.87
N GLY AA 9 -59.22 -95.60 60.82
CA GLY AA 9 -59.64 -95.14 59.50
C GLY AA 9 -61.13 -95.28 59.30
N GLU AA 10 -61.61 -96.49 59.07
CA GLU AA 10 -63.05 -96.77 59.16
C GLU AA 10 -63.36 -97.91 60.12
N LYS AA 11 -62.93 -99.13 59.81
CA LYS AA 11 -63.08 -100.34 60.61
C LYS AA 11 -61.96 -100.61 61.62
N PRO AA 12 -60.69 -100.53 61.23
CA PRO AA 12 -59.69 -101.43 61.82
C PRO AA 12 -59.55 -101.30 63.33
N ASP AA 13 -59.42 -102.46 63.98
CA ASP AA 13 -59.09 -102.55 65.39
C ASP AA 13 -58.48 -103.94 65.60
N GLU AA 14 -57.16 -104.00 65.73
CA GLU AA 14 -56.43 -105.27 65.70
C GLU AA 14 -56.15 -105.74 67.12
N PHE AA 15 -57.07 -106.55 67.65
CA PHE AA 15 -57.03 -107.07 69.01
C PHE AA 15 -56.57 -106.02 70.02
N GLU AA 16 -57.03 -104.78 69.87
CA GLU AA 16 -56.65 -103.68 70.73
C GLU AA 16 -57.22 -103.77 72.14
N SER AA 17 -57.84 -104.90 72.50
CA SER AA 17 -58.34 -105.08 73.87
C SER AA 17 -57.22 -105.06 74.90
N GLY AA 18 -55.97 -105.23 74.48
CA GLY AA 18 -54.85 -105.05 75.37
C GLY AA 18 -54.23 -103.67 75.23
N ILE AA 19 -54.76 -102.87 74.31
CA ILE AA 19 -54.26 -101.52 74.08
C ILE AA 19 -55.38 -100.51 74.26
N SER AA 20 -56.44 -100.63 73.46
CA SER AA 20 -57.56 -99.69 73.58
C SER AA 20 -58.26 -99.84 74.93
N GLN AA 21 -58.65 -101.06 75.28
CA GLN AA 21 -59.24 -101.29 76.60
C GLN AA 21 -58.24 -101.02 77.71
N ALA AA 22 -56.94 -101.17 77.43
CA ALA AA 22 -55.93 -100.75 78.39
C ALA AA 22 -56.01 -99.25 78.64
N LEU AA 23 -56.19 -98.47 77.57
CA LEU AA 23 -56.42 -97.04 77.74
C LEU AA 23 -57.73 -96.77 78.47
N LEU AA 24 -58.71 -97.67 78.33
CA LEU AA 24 -59.99 -97.53 79.00
C LEU AA 24 -60.00 -98.10 80.41
N GLU AA 25 -58.91 -98.71 80.86
CA GLU AA 25 -58.78 -99.14 82.25
C GLU AA 25 -57.77 -98.32 83.03
N LEU AA 26 -57.12 -97.33 82.40
CA LEU AA 26 -56.31 -96.38 83.15
C LEU AA 26 -57.14 -95.30 83.81
N GLU AA 27 -58.45 -95.50 83.93
CA GLU AA 27 -59.32 -94.52 84.55
C GLU AA 27 -59.15 -94.55 86.07
N MET AA 28 -60.03 -93.82 86.76
CA MET AA 28 -59.96 -93.59 88.21
C MET AA 28 -58.52 -93.36 88.68
N ASN AA 29 -57.76 -92.63 87.88
CA ASN AA 29 -56.36 -92.35 88.15
C ASN AA 29 -56.22 -90.92 88.70
N SER AA 30 -55.02 -90.63 89.20
CA SER AA 30 -54.77 -89.39 89.92
C SER AA 30 -54.55 -88.24 88.93
N ASP AA 31 -55.64 -87.55 88.60
CA ASP AA 31 -55.60 -86.27 87.89
C ASP AA 31 -55.01 -86.41 86.48
N LEU AA 32 -55.62 -87.25 85.66
CA LEU AA 32 -55.37 -87.27 84.22
C LEU AA 32 -56.63 -87.33 83.38
N LYS AA 33 -57.78 -87.71 83.95
CA LYS AA 33 -58.99 -87.83 83.15
C LYS AA 33 -59.47 -86.48 82.65
N ALA AA 34 -58.95 -85.38 83.20
CA ALA AA 34 -59.23 -84.06 82.67
C ALA AA 34 -58.61 -83.87 81.29
N GLN AA 35 -57.67 -84.73 80.91
CA GLN AA 35 -57.03 -84.68 79.59
C GLN AA 35 -57.20 -85.96 78.79
N LEU AA 36 -57.27 -87.12 79.44
CA LEU AA 36 -57.40 -88.39 78.74
C LEU AA 36 -58.82 -88.65 78.23
N ARG AA 37 -59.82 -87.96 78.76
CA ARG AA 37 -61.19 -88.08 78.27
C ARG AA 37 -61.49 -87.16 77.11
N GLU AA 38 -60.57 -86.25 76.78
CA GLU AA 38 -60.75 -85.28 75.70
C GLU AA 38 -59.87 -85.56 74.51
N LEU AA 39 -58.77 -86.27 74.72
CA LEU AA 39 -57.73 -86.44 73.73
C LEU AA 39 -57.62 -87.91 73.34
N ASN AA 40 -57.55 -88.19 72.04
CA ASN AA 40 -57.69 -89.53 71.52
C ASN AA 40 -56.41 -90.00 70.84
N ILE AA 41 -56.48 -91.20 70.27
CA ILE AA 41 -55.38 -91.84 69.56
C ILE AA 41 -55.88 -92.26 68.19
N THR AA 42 -54.96 -92.46 67.24
CA THR AA 42 -55.36 -92.92 65.92
C THR AA 42 -54.99 -94.38 65.66
N ALA AA 43 -53.72 -94.75 65.84
CA ALA AA 43 -53.30 -96.11 65.57
C ALA AA 43 -52.07 -96.43 66.40
N ALA AA 44 -51.78 -97.72 66.53
CA ALA AA 44 -50.61 -98.19 67.26
C ALA AA 44 -50.18 -99.53 66.69
N LYS AA 45 -48.87 -99.78 66.73
CA LYS AA 45 -48.30 -101.02 66.26
C LYS AA 45 -47.39 -101.61 67.32
N GLU AA 46 -47.26 -102.94 67.30
CA GLU AA 46 -46.51 -103.66 68.33
C GLU AA 46 -45.37 -104.45 67.71
N ILE AA 47 -44.60 -103.81 66.83
CA ILE AA 47 -43.56 -104.49 66.06
C ILE AA 47 -42.35 -104.78 66.93
N GLU AA 48 -41.66 -105.88 66.64
CA GLU AA 48 -40.49 -106.32 67.40
C GLU AA 48 -39.25 -105.57 66.93
N VAL AA 49 -38.31 -105.37 67.86
CA VAL AA 49 -37.06 -104.67 67.58
C VAL AA 49 -35.90 -105.48 68.16
N GLY AA 50 -34.85 -105.64 67.37
CA GLY AA 50 -33.63 -106.27 67.87
C GLY AA 50 -33.84 -107.75 68.18
N GLY AA 51 -33.59 -108.12 69.44
CA GLY AA 51 -33.72 -109.50 69.87
C GLY AA 51 -34.98 -109.75 70.67
N GLY AA 52 -34.85 -109.76 72.00
CA GLY AA 52 -35.99 -109.94 72.87
C GLY AA 52 -36.64 -108.62 73.26
N ARG AA 53 -36.43 -107.60 72.44
CA ARG AA 53 -36.98 -106.27 72.69
C ARG AA 53 -38.27 -106.08 71.91
N LYS AA 54 -39.30 -105.57 72.59
CA LYS AA 54 -40.60 -105.33 71.98
C LYS AA 54 -40.96 -103.86 72.16
N ALA AA 55 -41.11 -103.15 71.04
CA ALA AA 55 -41.41 -101.72 71.04
C ALA AA 55 -42.77 -101.48 70.41
N ILE AA 56 -43.64 -100.78 71.14
CA ILE AA 56 -44.96 -100.42 70.65
C ILE AA 56 -44.92 -98.95 70.22
N ILE AA 57 -45.29 -98.71 68.96
CA ILE AA 57 -45.30 -97.37 68.38
C ILE AA 57 -46.75 -96.95 68.19
N ILE AA 58 -47.06 -95.72 68.58
CA ILE AA 58 -48.43 -95.21 68.59
C ILE AA 58 -48.49 -93.99 67.68
N PHE AA 59 -49.46 -93.98 66.77
CA PHE AA 59 -49.66 -92.88 65.83
C PHE AA 59 -50.72 -91.95 66.38
N VAL AA 60 -50.53 -90.65 66.20
CA VAL AA 60 -51.40 -89.67 66.85
C VAL AA 60 -51.58 -88.44 65.96
N PRO AA 61 -52.77 -87.85 65.91
CA PRO AA 61 -52.99 -86.67 65.07
C PRO AA 61 -52.15 -85.48 65.52
N VAL AA 62 -51.79 -84.66 64.55
CA VAL AA 62 -50.81 -83.59 64.71
C VAL AA 62 -51.23 -82.57 65.77
N PRO AA 63 -52.46 -82.03 65.75
CA PRO AA 63 -52.85 -81.12 66.84
C PRO AA 63 -52.89 -81.80 68.21
N GLN AA 64 -53.21 -83.09 68.25
CA GLN AA 64 -53.40 -83.76 69.53
C GLN AA 64 -52.08 -84.09 70.19
N LEU AA 65 -51.02 -84.33 69.41
CA LEU AA 65 -49.72 -84.62 69.99
C LEU AA 65 -49.14 -83.41 70.70
N LYS AA 66 -49.45 -82.21 70.21
CA LYS AA 66 -49.01 -80.99 70.90
C LYS AA 66 -49.56 -80.94 72.31
N SER AA 67 -50.68 -81.63 72.55
CA SER AA 67 -51.20 -81.73 73.92
C SER AA 67 -50.64 -82.94 74.64
N PHE AA 68 -50.29 -84.00 73.90
CA PHE AA 68 -49.44 -85.05 74.46
C PHE AA 68 -48.13 -84.52 75.02
N GLN AA 69 -47.41 -83.69 74.26
CA GLN AA 69 -46.06 -83.31 74.68
C GLN AA 69 -46.05 -82.61 76.03
N LYS AA 70 -47.17 -82.00 76.43
CA LYS AA 70 -47.28 -81.45 77.78
C LYS AA 70 -47.34 -82.55 78.84
N ILE AA 71 -48.02 -83.66 78.56
CA ILE AA 71 -48.20 -84.73 79.54
C ILE AA 71 -47.62 -86.05 79.03
N GLN AA 72 -46.57 -86.00 78.22
CA GLN AA 72 -46.04 -87.21 77.58
C GLN AA 72 -45.36 -88.12 78.59
N VAL AA 73 -44.30 -87.64 79.22
CA VAL AA 73 -43.50 -88.48 80.12
C VAL AA 73 -44.24 -88.79 81.42
N ARG AA 74 -45.43 -88.22 81.61
CA ARG AA 74 -46.34 -88.71 82.63
C ARG AA 74 -46.65 -90.18 82.45
N LEU AA 75 -47.33 -90.52 81.36
CA LEU AA 75 -47.98 -91.83 81.25
C LEU AA 75 -47.06 -92.88 80.64
N VAL AA 76 -45.88 -92.49 80.17
CA VAL AA 76 -44.93 -93.48 79.66
C VAL AA 76 -44.50 -94.37 80.81
N ARG AA 77 -44.61 -93.84 82.04
CA ARG AA 77 -44.32 -94.62 83.23
C ARG AA 77 -45.42 -95.66 83.48
N GLU AA 78 -46.68 -95.21 83.56
CA GLU AA 78 -47.78 -96.12 83.85
C GLU AA 78 -47.96 -97.15 82.75
N LEU AA 79 -47.79 -96.74 81.48
CA LEU AA 79 -47.92 -97.67 80.37
C LEU AA 79 -46.87 -98.77 80.44
N GLU AA 80 -45.63 -98.41 80.76
CA GLU AA 80 -44.58 -99.41 80.93
C GLU AA 80 -44.88 -100.34 82.10
N LYS AA 81 -45.56 -99.83 83.13
CA LYS AA 81 -45.86 -100.66 84.30
C LYS AA 81 -46.82 -101.78 83.96
N LYS AA 82 -47.89 -101.49 83.20
CA LYS AA 82 -48.89 -102.51 82.93
C LYS AA 82 -48.39 -103.55 81.93
N PHE AA 83 -47.34 -103.22 81.17
CA PHE AA 83 -46.69 -104.17 80.25
C PHE AA 83 -45.18 -103.90 80.30
N SER AA 84 -44.48 -104.63 81.16
CA SER AA 84 -43.03 -104.53 81.23
C SER AA 84 -42.40 -105.11 79.98
N GLY AA 85 -41.22 -104.60 79.64
CA GLY AA 85 -40.56 -105.00 78.41
C GLY AA 85 -41.10 -104.32 77.16
N LYS AA 86 -41.95 -103.31 77.31
CA LYS AA 86 -42.59 -102.63 76.20
C LYS AA 86 -42.07 -101.21 76.12
N HIS AA 87 -41.74 -100.75 74.92
CA HIS AA 87 -41.24 -99.41 74.70
C HIS AA 87 -42.34 -98.56 74.06
N VAL AA 88 -42.57 -97.37 74.60
CA VAL AA 88 -43.70 -96.53 74.23
C VAL AA 88 -43.20 -95.15 73.81
N VAL AA 89 -43.54 -94.76 72.58
CA VAL AA 89 -43.22 -93.44 72.04
C VAL AA 89 -44.35 -93.08 71.08
N PHE AA 90 -44.66 -91.79 71.01
CA PHE AA 90 -45.76 -91.29 70.19
C PHE AA 90 -45.23 -90.54 68.98
N ILE AA 91 -45.86 -90.78 67.82
CA ILE AA 91 -45.43 -90.25 66.53
C ILE AA 91 -46.62 -89.57 65.87
N ALA AA 92 -46.35 -88.52 65.11
CA ALA AA 92 -47.40 -87.78 64.43
C ALA AA 92 -48.06 -88.60 63.34
N GLN AA 93 -49.25 -88.17 62.93
CA GLN AA 93 -49.84 -88.65 61.67
C GLN AA 93 -49.64 -87.58 60.61
N ARG AA 94 -48.89 -87.92 59.57
CA ARG AA 94 -48.37 -86.93 58.64
C ARG AA 94 -48.95 -87.00 57.23
N ARG AA 95 -49.55 -88.14 56.85
CA ARG AA 95 -50.23 -88.32 55.56
C ARG AA 95 -49.40 -87.76 54.40
N ILE AA 96 -48.25 -88.41 54.18
CA ILE AA 96 -47.30 -88.05 53.14
C ILE AA 96 -47.99 -87.71 51.82
N LEU AA 97 -47.65 -86.55 51.27
CA LEU AA 97 -48.16 -86.11 49.98
C LEU AA 97 -47.15 -86.46 48.89
N PRO AA 98 -47.54 -87.15 47.82
CA PRO AA 98 -46.57 -87.54 46.79
C PRO AA 98 -46.02 -86.35 46.04
N LYS AA 99 -44.81 -86.54 45.52
CA LYS AA 99 -44.20 -85.49 44.70
C LYS AA 99 -45.01 -85.31 43.42
N PRO AA 100 -45.42 -84.08 43.08
CA PRO AA 100 -46.17 -83.87 41.85
C PRO AA 100 -45.31 -84.00 40.61
N THR AA 101 -45.53 -85.07 39.84
CA THR AA 101 -44.83 -85.29 38.59
C THR AA 101 -45.66 -84.74 37.44
N ARG AA 102 -45.17 -84.93 36.22
CA ARG AA 102 -45.90 -84.49 35.05
C ARG AA 102 -47.13 -85.34 34.76
N LYS AA 103 -47.14 -86.59 35.21
CA LYS AA 103 -48.27 -87.48 34.98
C LYS AA 103 -49.09 -87.65 36.25
N LYS AA 107 -58.75 -84.67 39.03
CA LYS AA 107 -58.16 -84.05 37.85
C LYS AA 107 -57.54 -82.70 38.17
N ASN AA 108 -57.69 -82.26 39.41
CA ASN AA 108 -57.13 -80.99 39.85
C ASN AA 108 -56.80 -81.05 41.34
N LYS AA 109 -55.55 -80.71 41.67
CA LYS AA 109 -55.11 -80.53 43.04
C LYS AA 109 -54.30 -79.25 43.12
N GLN AA 110 -54.18 -78.71 44.33
CA GLN AA 110 -53.54 -77.43 44.54
C GLN AA 110 -52.11 -77.62 45.06
N LYS AA 111 -51.49 -76.50 45.45
CA LYS AA 111 -50.10 -76.50 45.86
C LYS AA 111 -49.85 -77.47 47.00
N ARG AA 112 -48.76 -78.22 46.92
CA ARG AA 112 -48.40 -79.16 47.98
C ARG AA 112 -47.62 -78.41 49.06
N PRO AA 113 -48.13 -78.37 50.29
CA PRO AA 113 -47.43 -77.63 51.35
C PRO AA 113 -46.07 -78.25 51.66
N ARG AA 114 -45.16 -77.38 52.10
CA ARG AA 114 -43.82 -77.82 52.47
C ARG AA 114 -43.79 -78.68 53.72
N SER AA 115 -44.89 -78.75 54.46
CA SER AA 115 -44.96 -79.61 55.64
C SER AA 115 -45.33 -81.04 55.31
N ARG AA 116 -45.71 -81.33 54.06
CA ARG AA 116 -46.14 -82.67 53.67
C ARG AA 116 -45.07 -83.44 52.90
N THR AA 117 -43.97 -82.79 52.50
CA THR AA 117 -42.89 -83.47 51.81
C THR AA 117 -42.12 -84.35 52.80
N LEU AA 118 -41.63 -85.49 52.30
CA LEU AA 118 -41.14 -86.53 53.21
C LEU AA 118 -39.88 -86.10 53.94
N THR AA 119 -39.07 -85.22 53.33
CA THR AA 119 -37.91 -84.70 54.06
C THR AA 119 -38.33 -83.84 55.24
N ALA AA 120 -39.36 -83.00 55.06
CA ALA AA 120 -39.79 -82.12 56.13
C ALA AA 120 -40.48 -82.86 57.27
N VAL AA 121 -40.79 -84.14 57.10
CA VAL AA 121 -41.42 -84.90 58.18
C VAL AA 121 -40.49 -85.98 58.71
N HIS AA 122 -39.57 -86.49 57.88
CA HIS AA 122 -38.62 -87.49 58.36
C HIS AA 122 -37.80 -86.95 59.51
N ASP AA 123 -37.44 -85.66 59.46
CA ASP AA 123 -36.84 -85.02 60.62
C ASP AA 123 -37.89 -84.70 61.69
N ALA AA 124 -39.13 -84.47 61.27
CA ALA AA 124 -40.18 -84.18 62.24
C ALA AA 124 -40.56 -85.43 63.03
N ILE AA 125 -40.66 -86.59 62.38
CA ILE AA 125 -41.05 -87.80 63.09
C ILE AA 125 -39.94 -88.23 64.05
N LEU AA 126 -38.68 -87.89 63.74
CA LEU AA 126 -37.63 -88.19 64.68
C LEU AA 126 -37.62 -87.21 65.85
N GLU AA 127 -38.07 -85.98 65.63
CA GLU AA 127 -38.08 -84.98 66.69
C GLU AA 127 -39.03 -85.39 67.81
N ASP AA 128 -40.26 -85.76 67.46
CA ASP AA 128 -41.19 -86.23 68.47
C ASP AA 128 -40.99 -87.69 68.83
N LEU AA 129 -40.13 -88.41 68.10
CA LEU AA 129 -39.75 -89.76 68.51
C LEU AA 129 -38.82 -89.69 69.72
N VAL AA 130 -37.94 -88.70 69.75
CA VAL AA 130 -36.98 -88.52 70.83
C VAL AA 130 -37.41 -87.41 71.78
N PHE AA 131 -38.72 -87.16 71.88
CA PHE AA 131 -39.24 -85.90 72.41
C PHE AA 131 -38.61 -85.46 73.73
N PRO AA 132 -38.42 -86.33 74.74
CA PRO AA 132 -37.86 -85.84 76.02
C PRO AA 132 -36.59 -85.04 75.86
N SER AA 133 -35.78 -85.33 74.84
CA SER AA 133 -34.67 -84.49 74.42
C SER AA 133 -35.02 -83.87 73.07
N GLU AA 134 -34.18 -82.94 72.62
CA GLU AA 134 -34.37 -82.35 71.30
C GLU AA 134 -33.03 -82.25 70.59
N ILE AA 135 -33.11 -82.06 69.28
CA ILE AA 135 -31.97 -82.22 68.39
C ILE AA 135 -31.00 -81.07 68.56
N VAL AA 136 -29.70 -81.37 68.48
CA VAL AA 136 -28.65 -80.35 68.51
C VAL AA 136 -27.80 -80.36 67.25
N GLY AA 137 -27.76 -81.45 66.50
CA GLY AA 137 -27.00 -81.46 65.26
C GLY AA 137 -27.16 -82.79 64.54
N LYS AA 138 -27.05 -82.72 63.21
CA LYS AA 138 -27.19 -83.89 62.35
C LYS AA 138 -25.98 -83.97 61.41
N ARG AA 139 -25.44 -85.18 61.28
CA ARG AA 139 -24.18 -85.43 60.58
C ARG AA 139 -24.29 -86.66 59.67
N ILE AA 140 -25.32 -86.71 58.83
CA ILE AA 140 -25.62 -87.95 58.11
C ILE AA 140 -24.42 -88.36 57.26
N ARG AA 141 -24.04 -89.63 57.37
CA ARG AA 141 -22.76 -90.14 56.88
C ARG AA 141 -22.96 -91.14 55.75
N VAL AA 142 -22.01 -91.18 54.83
CA VAL AA 142 -21.97 -92.17 53.76
C VAL AA 142 -20.95 -93.24 54.13
N LYS AA 143 -21.36 -94.49 54.14
CA LYS AA 143 -20.47 -95.58 54.54
C LYS AA 143 -19.78 -96.21 53.32
N LEU AA 144 -19.20 -95.35 52.49
CA LEU AA 144 -18.29 -95.76 51.42
C LEU AA 144 -18.95 -96.69 50.40
N ASP AA 145 -20.26 -96.93 50.55
CA ASP AA 145 -21.00 -97.77 49.61
C ASP AA 145 -22.23 -97.08 49.05
N GLY AA 146 -22.30 -95.76 49.18
CA GLY AA 146 -23.46 -95.01 48.73
C GLY AA 146 -24.55 -94.93 49.77
N SER AA 147 -24.84 -96.04 50.44
CA SER AA 147 -25.83 -96.03 51.50
C SER AA 147 -25.36 -95.16 52.66
N ARG AA 148 -26.30 -94.45 53.29
CA ARG AA 148 -25.99 -93.45 54.29
C ARG AA 148 -26.41 -93.92 55.67
N LEU AA 149 -26.21 -93.05 56.66
CA LEU AA 149 -26.59 -93.33 58.03
C LEU AA 149 -26.86 -92.02 58.74
N ILE AA 150 -27.93 -91.97 59.53
CA ILE AA 150 -28.24 -90.76 60.29
C ILE AA 150 -27.53 -90.84 61.64
N LYS AA 151 -26.81 -89.77 61.99
CA LYS AA 151 -26.26 -89.63 63.34
C LYS AA 151 -26.60 -88.23 63.85
N VAL AA 152 -27.40 -88.17 64.90
CA VAL AA 152 -27.95 -86.91 65.39
C VAL AA 152 -27.33 -86.63 66.76
N HIS AA 153 -27.28 -85.35 67.13
CA HIS AA 153 -26.72 -84.95 68.41
C HIS AA 153 -27.82 -84.55 69.37
N LEU AA 154 -27.79 -85.11 70.58
CA LEU AA 154 -28.83 -84.93 71.56
C LEU AA 154 -28.42 -83.89 72.60
N ASP AA 155 -29.23 -83.75 73.65
CA ASP AA 155 -29.08 -82.65 74.60
C ASP AA 155 -27.85 -82.82 75.50
N LYS AA 156 -27.51 -84.05 75.86
CA LYS AA 156 -26.57 -84.34 76.95
C LYS AA 156 -27.11 -83.85 78.29
N ALA AA 157 -28.43 -83.68 78.40
CA ALA AA 157 -29.08 -83.34 79.65
C ALA AA 157 -30.04 -84.42 80.11
N GLN AA 158 -30.69 -85.11 79.19
CA GLN AA 158 -31.62 -86.19 79.51
C GLN AA 158 -30.95 -87.55 79.40
N GLN AA 159 -29.89 -87.78 80.17
CA GLN AA 159 -29.29 -89.11 80.24
C GLN AA 159 -30.05 -90.00 81.23
N ASN AA 160 -30.43 -89.45 82.37
CA ASN AA 160 -31.21 -90.21 83.33
C ASN AA 160 -32.63 -90.46 82.84
N ASN AA 161 -33.07 -89.74 81.81
CA ASN AA 161 -34.41 -89.94 81.25
C ASN AA 161 -34.39 -90.88 80.04
N VAL AA 162 -33.62 -90.54 79.02
CA VAL AA 162 -33.59 -91.35 77.80
C VAL AA 162 -32.15 -91.70 77.46
N GLU AA 163 -31.72 -92.90 77.87
CA GLU AA 163 -30.40 -93.41 77.51
C GLU AA 163 -30.40 -94.87 77.11
N HIS AA 164 -31.39 -95.66 77.53
CA HIS AA 164 -31.47 -97.07 77.20
C HIS AA 164 -32.51 -97.36 76.12
N LYS AA 165 -33.22 -96.34 75.64
CA LYS AA 165 -34.16 -96.47 74.56
C LYS AA 165 -33.59 -96.02 73.22
N VAL AA 166 -32.28 -95.75 73.18
CA VAL AA 166 -31.67 -95.26 71.95
C VAL AA 166 -31.72 -96.31 70.85
N GLU AA 167 -31.42 -97.57 71.19
CA GLU AA 167 -31.45 -98.62 70.17
C GLU AA 167 -32.86 -98.84 69.65
N THR AA 168 -33.87 -98.69 70.52
CA THR AA 168 -35.25 -98.73 70.05
C THR AA 168 -35.54 -97.55 69.13
N PHE AA 169 -35.00 -96.38 69.45
CA PHE AA 169 -35.20 -95.20 68.61
C PHE AA 169 -34.67 -95.46 67.20
N SER AA 170 -33.48 -96.05 67.11
CA SER AA 170 -32.94 -96.42 65.81
C SER AA 170 -33.77 -97.52 65.15
N GLY AA 171 -34.26 -98.47 65.95
CA GLY AA 171 -35.03 -99.57 65.39
C GLY AA 171 -36.33 -99.12 64.77
N VAL AA 172 -37.09 -98.28 65.49
CA VAL AA 172 -38.39 -97.85 64.99
C VAL AA 172 -38.22 -96.91 63.80
N TYR AA 173 -37.18 -96.08 63.81
CA TYR AA 173 -36.94 -95.16 62.70
C TYR AA 173 -36.68 -95.93 61.41
N LYS AA 174 -35.86 -96.98 61.47
CA LYS AA 174 -35.61 -97.77 60.27
C LYS AA 174 -36.87 -98.41 59.74
N LYS AA 175 -37.76 -98.87 60.62
CA LYS AA 175 -38.94 -99.59 60.16
C LYS AA 175 -39.91 -98.66 59.43
N LEU AA 176 -40.24 -97.51 60.03
CA LEU AA 176 -41.26 -96.63 59.48
C LEU AA 176 -40.70 -95.59 58.52
N THR AA 177 -39.39 -95.57 58.30
CA THR AA 177 -38.78 -94.65 57.34
C THR AA 177 -37.86 -95.34 56.35
N GLY AA 178 -37.12 -96.35 56.78
CA GLY AA 178 -36.13 -97.00 55.93
C GLY AA 178 -34.75 -96.41 56.03
N LYS AA 179 -34.52 -95.46 56.94
CA LYS AA 179 -33.22 -94.82 57.11
C LYS AA 179 -32.65 -95.19 58.49
N ASP AA 180 -31.51 -95.88 58.49
CA ASP AA 180 -30.89 -96.30 59.73
C ASP AA 180 -30.25 -95.10 60.45
N VAL AA 181 -30.34 -95.10 61.77
CA VAL AA 181 -29.90 -93.98 62.59
C VAL AA 181 -29.05 -94.51 63.73
N ASN AA 182 -28.17 -93.64 64.26
CA ASN AA 182 -27.54 -93.86 65.55
C ASN AA 182 -27.50 -92.53 66.29
N PHE AA 183 -27.94 -92.54 67.54
CA PHE AA 183 -28.06 -91.34 68.35
C PHE AA 183 -26.91 -91.29 69.34
N GLU AA 184 -26.23 -90.15 69.40
CA GLU AA 184 -25.05 -89.98 70.23
C GLU AA 184 -25.22 -88.76 71.12
N PHE AA 185 -24.71 -88.86 72.35
CA PHE AA 185 -24.79 -87.75 73.28
C PHE AA 185 -23.45 -87.03 73.30
N PRO AA 186 -23.34 -85.81 72.77
CA PRO AA 186 -22.03 -85.15 72.69
C PRO AA 186 -21.58 -84.61 74.04
N GLU AA 187 -20.46 -83.89 74.05
CA GLU AA 187 -20.04 -83.18 75.25
C GLU AA 187 -20.81 -81.86 75.37
N PHE AA 188 -20.45 -81.05 76.37
CA PHE AA 188 -21.21 -79.83 76.63
C PHE AA 188 -21.09 -78.86 75.47
N GLN AA 189 -22.24 -78.38 75.00
CA GLN AA 189 -22.31 -77.62 73.75
C GLN AA 189 -22.02 -76.14 73.97
N MET BA 1 0.58 -101.14 33.09
CA MET BA 1 0.90 -102.56 33.09
C MET BA 1 -0.39 -103.37 32.97
N GLN BA 2 -0.27 -104.69 33.15
CA GLN BA 2 -1.42 -105.60 33.22
C GLN BA 2 -2.33 -105.44 32.01
N ASN BA 3 -1.78 -105.78 30.84
CA ASN BA 3 -2.57 -105.78 29.62
C ASN BA 3 -3.57 -106.93 29.65
N ASP BA 4 -4.34 -107.07 28.57
CA ASP BA 4 -5.31 -108.15 28.48
C ASP BA 4 -4.66 -109.52 28.58
N ALA BA 5 -3.38 -109.63 28.20
CA ALA BA 5 -2.66 -110.88 28.42
C ALA BA 5 -2.44 -111.15 29.91
N GLY BA 6 -2.24 -110.10 30.71
CA GLY BA 6 -2.23 -110.19 32.15
C GLY BA 6 -0.92 -109.83 32.81
N GLU BA 7 0.18 -109.92 32.07
CA GLU BA 7 1.50 -109.71 32.68
C GLU BA 7 1.74 -108.22 32.94
N PHE BA 8 2.61 -107.95 33.91
CA PHE BA 8 3.03 -106.59 34.24
C PHE BA 8 4.05 -106.15 33.19
N VAL BA 9 3.57 -105.50 32.14
CA VAL BA 9 4.45 -105.08 31.04
C VAL BA 9 4.94 -103.67 31.38
N ASP BA 10 5.99 -103.63 32.19
CA ASP BA 10 6.61 -102.38 32.63
C ASP BA 10 7.89 -102.72 33.37
N LEU BA 11 8.87 -101.81 33.32
CA LEU BA 11 10.18 -102.10 33.89
C LEU BA 11 10.20 -102.02 35.41
N TYR BA 12 9.48 -101.06 36.01
CA TYR BA 12 9.47 -100.98 37.47
C TYR BA 12 8.25 -100.21 37.93
N VAL BA 13 7.78 -100.53 39.14
CA VAL BA 13 6.65 -99.85 39.77
C VAL BA 13 7.21 -98.96 40.88
N PRO BA 14 7.07 -97.64 40.77
CA PRO BA 14 7.65 -96.74 41.78
C PRO BA 14 6.84 -96.74 43.07
N ARG BA 15 7.43 -96.15 44.11
CA ARG BA 15 6.77 -96.03 45.39
C ARG BA 15 5.86 -94.81 45.44
N LYS BA 16 4.94 -94.83 46.39
CA LYS BA 16 4.10 -93.70 46.74
C LYS BA 16 4.45 -93.27 48.15
N CYS BA 17 4.59 -91.97 48.37
CA CYS BA 17 4.96 -91.47 49.69
C CYS BA 17 3.89 -91.83 50.70
N SER BA 18 4.31 -92.39 51.82
CA SER BA 18 3.36 -92.88 52.82
C SER BA 18 2.57 -91.77 53.50
N ALA BA 19 3.03 -90.52 53.39
CA ALA BA 19 2.31 -89.41 54.01
C ALA BA 19 1.03 -89.11 53.26
N SER BA 20 1.08 -89.05 51.93
CA SER BA 20 -0.06 -88.62 51.14
C SER BA 20 -0.23 -89.46 49.88
N ASN BA 21 0.22 -90.72 49.92
CA ASN BA 21 0.14 -91.70 48.83
C ASN BA 21 0.47 -91.08 47.47
N ARG BA 22 1.34 -90.09 47.47
CA ARG BA 22 1.72 -89.37 46.26
C ARG BA 22 2.88 -90.08 45.58
N ILE BA 23 2.83 -90.12 44.24
CA ILE BA 23 3.87 -90.82 43.47
C ILE BA 23 5.24 -90.23 43.77
N ILE BA 24 6.21 -91.12 43.97
CA ILE BA 24 7.61 -90.75 44.14
C ILE BA 24 8.27 -90.81 42.76
N GLY BA 25 8.90 -89.71 42.35
CA GLY BA 25 9.53 -89.67 41.06
C GLY BA 25 10.84 -90.43 41.04
N ALA BA 26 11.40 -90.55 39.83
CA ALA BA 26 12.71 -91.15 39.68
C ALA BA 26 13.84 -90.20 40.09
N LYS BA 27 13.66 -88.90 39.88
CA LYS BA 27 14.67 -87.90 40.21
C LYS BA 27 14.25 -87.03 41.39
N ASP BA 28 13.41 -87.55 42.28
CA ASP BA 28 13.02 -86.84 43.49
C ASP BA 28 14.10 -87.08 44.55
N HIS BA 29 15.21 -86.36 44.39
CA HIS BA 29 16.41 -86.58 45.19
C HIS BA 29 16.28 -86.05 46.62
N ALA BA 30 15.09 -85.66 47.04
CA ALA BA 30 14.84 -85.32 48.43
C ALA BA 30 13.98 -86.35 49.15
N SER BA 31 13.20 -87.13 48.42
CA SER BA 31 12.35 -88.13 49.04
C SER BA 31 13.18 -89.17 49.78
N ILE BA 32 12.71 -89.55 50.96
CA ILE BA 32 13.46 -90.42 51.88
C ILE BA 32 12.74 -91.75 52.01
N GLN BA 33 13.48 -92.74 52.52
CA GLN BA 33 12.93 -94.05 52.86
C GLN BA 33 13.42 -94.37 54.27
N MET BA 34 12.55 -94.18 55.25
CA MET BA 34 12.97 -94.18 56.64
C MET BA 34 12.51 -95.45 57.36
N ASN BA 35 13.37 -95.97 58.24
CA ASN BA 35 13.09 -97.18 58.98
C ASN BA 35 13.04 -96.87 60.47
N VAL BA 36 12.07 -97.48 61.16
CA VAL BA 36 11.92 -97.35 62.60
C VAL BA 36 11.93 -98.73 63.22
N ALA BA 37 12.60 -98.88 64.36
CA ALA BA 37 12.79 -100.18 64.99
C ALA BA 37 11.81 -100.36 66.14
N GLU BA 38 11.21 -101.54 66.20
CA GLU BA 38 10.38 -101.92 67.34
C GLU BA 38 11.27 -102.57 68.40
N VAL BA 39 10.65 -103.00 69.51
CA VAL BA 39 11.39 -103.55 70.63
C VAL BA 39 10.66 -104.77 71.16
N ASP BA 40 11.37 -105.57 71.96
CA ASP BA 40 10.75 -106.71 72.64
C ASP BA 40 9.84 -106.22 73.76
N LYS BA 41 8.76 -106.97 73.99
CA LYS BA 41 7.77 -106.56 74.97
C LYS BA 41 8.30 -106.61 76.40
N VAL BA 42 9.39 -107.32 76.65
CA VAL BA 42 9.84 -107.58 78.02
C VAL BA 42 10.88 -106.58 78.48
N THR BA 43 11.82 -106.20 77.60
CA THR BA 43 12.97 -105.40 78.02
C THR BA 43 13.27 -104.22 77.12
N GLY BA 44 12.48 -103.98 76.08
CA GLY BA 44 12.76 -102.88 75.18
C GLY BA 44 14.05 -103.03 74.40
N ARG BA 45 14.36 -104.24 73.96
CA ARG BA 45 15.57 -104.52 73.20
C ARG BA 45 15.23 -104.71 71.73
N PHE BA 46 16.24 -104.50 70.88
CA PHE BA 46 16.08 -104.60 69.43
C PHE BA 46 15.75 -106.02 69.00
N ASN BA 47 14.51 -106.24 68.54
CA ASN BA 47 14.16 -107.56 68.00
C ASN BA 47 14.93 -107.86 66.72
N GLY BA 48 15.02 -106.89 65.81
CA GLY BA 48 15.75 -107.09 64.58
C GLY BA 48 14.99 -106.63 63.35
N GLN BA 49 13.68 -106.79 63.35
CA GLN BA 49 12.83 -106.41 62.23
C GLN BA 49 12.22 -105.03 62.47
N PHE BA 50 12.03 -104.28 61.39
CA PHE BA 50 11.66 -102.88 61.44
C PHE BA 50 10.42 -102.64 60.59
N LYS BA 51 10.01 -101.36 60.50
CA LYS BA 51 8.96 -100.93 59.61
C LYS BA 51 9.38 -99.63 58.95
N THR BA 52 9.06 -99.48 57.67
CA THR BA 52 9.62 -98.44 56.83
C THR BA 52 8.56 -97.43 56.40
N TYR BA 53 8.97 -96.16 56.38
CA TYR BA 53 8.13 -95.05 55.96
C TYR BA 53 8.77 -94.34 54.78
N ALA BA 54 7.94 -93.81 53.89
CA ALA BA 54 8.41 -93.06 52.72
C ALA BA 54 7.77 -91.68 52.72
N ILE BA 55 8.57 -90.67 52.42
CA ILE BA 55 8.12 -89.28 52.41
C ILE BA 55 8.61 -88.62 51.13
N CYS BA 56 7.72 -87.91 50.45
CA CYS BA 56 8.10 -87.24 49.22
C CYS BA 56 8.84 -85.94 49.51
N GLY BA 57 9.50 -85.42 48.48
CA GLY BA 57 10.27 -84.19 48.64
C GLY BA 57 9.41 -82.99 48.99
N ALA BA 58 8.28 -82.83 48.29
CA ALA BA 58 7.44 -81.66 48.50
C ALA BA 58 6.85 -81.64 49.92
N ILE BA 59 6.38 -82.79 50.40
CA ILE BA 59 5.83 -82.86 51.75
C ILE BA 59 6.92 -82.56 52.77
N ARG BA 60 8.14 -83.00 52.51
CA ARG BA 60 9.25 -82.63 53.38
C ARG BA 60 9.84 -81.28 53.04
N ARG BA 61 9.39 -80.62 51.97
CA ARG BA 61 9.87 -79.28 51.68
C ARG BA 61 9.02 -78.21 52.37
N MET BA 62 7.73 -78.49 52.56
CA MET BA 62 6.86 -77.54 53.25
C MET BA 62 7.11 -77.55 54.75
N GLY BA 63 7.77 -78.59 55.24
CA GLY BA 63 7.98 -78.77 56.67
C GLY BA 63 7.00 -79.69 57.34
N GLU BA 64 6.17 -80.41 56.59
CA GLU BA 64 5.13 -81.26 57.15
C GLU BA 64 5.52 -82.73 57.19
N SER BA 65 6.80 -83.05 57.21
CA SER BA 65 7.23 -84.44 57.31
C SER BA 65 7.07 -84.98 58.73
N ASP BA 66 7.33 -84.14 59.73
CA ASP BA 66 7.30 -84.62 61.11
C ASP BA 66 5.93 -85.11 61.53
N ASP BA 67 4.88 -84.34 61.24
CA ASP BA 67 3.51 -84.80 61.52
C ASP BA 67 3.20 -86.08 60.77
N SER BA 68 3.67 -86.17 59.52
CA SER BA 68 3.48 -87.40 58.75
C SER BA 68 4.13 -88.58 59.45
N ILE BA 69 5.41 -88.46 59.79
CA ILE BA 69 6.12 -89.56 60.46
C ILE BA 69 5.45 -89.88 61.79
N LEU BA 70 5.01 -88.85 62.52
CA LEU BA 70 4.31 -89.06 63.77
C LEU BA 70 3.00 -89.82 63.55
N ARG BA 71 2.21 -89.39 62.57
CA ARG BA 71 0.89 -89.99 62.36
C ARG BA 71 1.00 -91.43 61.88
N LEU BA 72 1.94 -91.70 60.98
CA LEU BA 72 2.19 -93.09 60.60
C LEU BA 72 2.69 -93.89 61.80
N ALA BA 73 3.49 -93.27 62.66
CA ALA BA 73 4.00 -93.97 63.84
C ALA BA 73 2.87 -94.41 64.75
N LYS BA 74 1.98 -93.49 65.12
CA LYS BA 74 0.92 -93.83 66.06
C LYS BA 74 -0.10 -94.77 65.42
N ALA BA 75 -0.26 -94.71 64.10
CA ALA BA 75 -1.17 -95.63 63.42
C ALA BA 75 -0.57 -97.02 63.29
N ASP BA 76 0.75 -97.12 63.16
CA ASP BA 76 1.40 -98.38 62.82
C ASP BA 76 1.96 -99.13 64.03
N GLY BA 77 1.69 -98.68 65.25
CA GLY BA 77 2.07 -99.41 66.43
C GLY BA 77 3.27 -98.90 67.21
N ILE BA 78 3.68 -97.64 67.02
CA ILE BA 78 4.80 -97.07 67.77
C ILE BA 78 4.29 -96.62 69.14
N VAL BA 79 5.22 -96.22 70.01
CA VAL BA 79 5.07 -96.40 71.46
C VAL BA 79 3.85 -95.70 72.03
N SER BA 80 3.63 -94.44 71.66
CA SER BA 80 2.76 -93.60 72.48
C SER BA 80 1.29 -93.99 72.48
N LYS BA 81 0.62 -93.87 71.34
CA LYS BA 81 -0.81 -94.18 71.19
C LYS BA 81 -1.71 -93.29 72.04
N ASN BA 82 -1.13 -92.36 72.81
CA ASN BA 82 -1.94 -91.51 73.69
C ASN BA 82 -1.45 -90.08 73.74
N PHE BA 83 -0.45 -89.70 72.95
CA PHE BA 83 0.16 -88.39 73.08
C PHE BA 83 -0.69 -87.29 72.46
N THR CA 1 11.74 -50.55 34.67
CA THR CA 1 10.87 -51.36 35.49
C THR CA 1 10.83 -50.84 36.94
N LYS CA 2 9.98 -51.45 37.76
CA LYS CA 2 9.79 -51.01 39.14
C LYS CA 2 11.09 -51.11 39.94
N LYS CA 3 11.66 -49.97 40.30
CA LYS CA 3 12.88 -49.98 41.12
C LYS CA 3 12.55 -50.32 42.58
N ARG CA 4 11.44 -49.80 43.09
CA ARG CA 4 11.03 -50.03 44.47
C ARG CA 4 9.56 -50.39 44.52
N ARG CA 5 9.20 -51.23 45.50
CA ARG CA 5 7.82 -51.69 45.65
C ARG CA 5 6.89 -50.52 45.91
N ASN CA 6 7.05 -49.85 47.06
CA ASN CA 6 6.56 -48.50 47.15
C ASN CA 6 7.40 -47.62 46.24
N ASN CA 7 6.75 -46.66 45.61
CA ASN CA 7 7.35 -46.02 44.45
C ASN CA 7 8.34 -44.93 44.81
N GLY CA 8 8.96 -45.01 45.99
CA GLY CA 8 9.82 -43.97 46.49
C GLY CA 8 9.17 -43.08 47.53
N ARG CA 9 7.96 -43.44 47.97
CA ARG CA 9 7.18 -42.58 48.84
C ARG CA 9 6.44 -43.46 49.84
N ALA CA 10 6.05 -42.85 50.95
CA ALA CA 10 5.25 -43.54 51.97
C ALA CA 10 3.77 -43.19 51.79
N LYS CA 11 3.22 -43.59 50.64
CA LYS CA 11 1.82 -43.40 50.33
C LYS CA 11 1.21 -44.77 50.05
N LYS CA 12 0.24 -45.16 50.85
CA LYS CA 12 -0.29 -46.50 50.68
C LYS CA 12 -1.81 -46.55 50.57
N GLY CA 13 -2.53 -45.74 51.32
CA GLY CA 13 -3.97 -45.84 51.33
C GLY CA 13 -4.69 -44.57 50.94
N ARG CA 14 -3.94 -43.48 50.76
CA ARG CA 14 -4.52 -42.20 50.41
C ARG CA 14 -4.24 -41.88 48.94
N GLY CA 15 -4.94 -40.87 48.45
CA GLY CA 15 -4.79 -40.46 47.07
C GLY CA 15 -3.77 -39.37 46.86
N HIS CA 16 -3.78 -38.35 47.71
CA HIS CA 16 -2.95 -37.17 47.52
C HIS CA 16 -2.38 -36.72 48.84
N VAL CA 17 -1.13 -36.26 48.81
CA VAL CA 17 -0.45 -35.72 49.99
C VAL CA 17 0.06 -34.33 49.65
N GLN CA 18 0.15 -33.49 50.67
CA GLN CA 18 0.49 -32.09 50.46
C GLN CA 18 1.92 -31.95 49.94
N PRO CA 19 2.15 -31.09 48.95
CA PRO CA 19 3.52 -30.82 48.51
C PRO CA 19 4.21 -29.87 49.49
N ILE CA 20 5.46 -30.18 49.81
CA ILE CA 20 6.29 -29.31 50.64
C ILE CA 20 7.57 -29.00 49.87
N ARG CA 21 8.19 -27.88 50.21
CA ARG CA 21 9.26 -27.32 49.39
C ARG CA 21 10.62 -27.67 49.98
N CYS CA 22 11.54 -28.08 49.12
CA CYS CA 22 12.89 -28.40 49.54
C CYS CA 22 13.55 -27.20 50.19
N THR CA 23 14.21 -27.42 51.32
CA THR CA 23 14.84 -26.32 52.04
C THR CA 23 16.11 -25.82 51.36
N ASN CA 24 16.64 -26.55 50.39
CA ASN CA 24 17.86 -26.16 49.69
C ASN CA 24 17.58 -25.47 48.36
N CYS CA 25 16.72 -26.04 47.53
CA CYS CA 25 16.43 -25.49 46.21
C CYS CA 25 15.01 -24.96 46.07
N ALA CA 26 14.15 -25.17 47.07
CA ALA CA 26 12.77 -24.64 47.06
C ALA CA 26 11.93 -25.28 45.95
N ARG CA 27 12.06 -26.59 45.78
CA ARG CA 27 11.21 -27.35 44.88
C ARG CA 27 10.19 -28.13 45.71
N CYS CA 28 8.95 -28.16 45.25
CA CYS CA 28 7.89 -28.80 46.01
C CYS CA 28 7.84 -30.29 45.72
N VAL CA 29 7.92 -31.09 46.77
CA VAL CA 29 7.82 -32.54 46.67
C VAL CA 29 6.72 -33.01 47.61
N PRO CA 30 6.14 -34.17 47.37
CA PRO CA 30 5.17 -34.72 48.33
C PRO CA 30 5.82 -34.91 49.69
N LYS CA 31 5.03 -34.69 50.74
CA LYS CA 31 5.58 -34.71 52.09
C LYS CA 31 6.12 -36.09 52.44
N ASP CA 32 5.44 -37.15 52.01
CA ASP CA 32 5.91 -38.50 52.29
C ASP CA 32 7.11 -38.90 51.45
N LYS CA 33 7.35 -38.24 50.33
CA LYS CA 33 8.50 -38.52 49.48
C LYS CA 33 9.75 -37.76 49.88
N ALA CA 34 9.63 -36.82 50.83
CA ALA CA 34 10.77 -36.00 51.20
C ALA CA 34 11.72 -36.76 52.11
N ILE CA 35 12.96 -36.28 52.17
CA ILE CA 35 13.95 -36.76 53.13
C ILE CA 35 13.92 -35.83 54.34
N LYS CA 36 13.57 -36.38 55.49
CA LYS CA 36 13.46 -35.60 56.72
C LYS CA 36 14.73 -35.70 57.53
N LYS CA 37 15.26 -34.54 57.93
CA LYS CA 37 16.41 -34.45 58.82
C LYS CA 37 16.00 -33.62 60.02
N PHE CA 38 16.24 -34.14 61.21
CA PHE CA 38 15.91 -33.44 62.45
C PHE CA 38 17.22 -33.16 63.18
N VAL CA 39 17.70 -31.93 63.07
CA VAL CA 39 18.98 -31.54 63.67
C VAL CA 39 18.71 -30.93 65.04
N ILE CA 40 19.40 -31.44 66.06
CA ILE CA 40 19.26 -30.95 67.42
C ILE CA 40 20.64 -30.38 67.77
N ARG CA 41 21.30 -29.82 66.78
CA ARG CA 41 22.63 -29.24 66.98
C ARG CA 41 22.54 -28.07 67.95
N ASN CA 42 23.67 -27.72 68.57
CA ASN CA 42 23.75 -26.58 69.48
C ASN CA 42 24.17 -25.35 68.69
N ILE CA 43 23.75 -24.18 69.19
CA ILE CA 43 23.92 -22.93 68.47
C ILE CA 43 25.23 -22.30 68.92
N VAL CA 44 26.09 -23.11 69.55
CA VAL CA 44 27.25 -22.58 70.26
C VAL CA 44 28.57 -23.07 69.66
N GLU CA 45 28.54 -24.02 68.72
CA GLU CA 45 29.77 -24.57 68.12
C GLU CA 45 30.67 -25.16 69.22
N ALA CA 46 30.23 -26.33 69.70
CA ALA CA 46 30.70 -26.96 70.92
C ALA CA 46 32.22 -26.88 71.09
N ALA CA 47 32.95 -26.74 69.97
CA ALA CA 47 34.38 -26.47 70.05
C ALA CA 47 34.70 -25.11 70.68
N ALA CA 48 33.71 -24.24 70.85
CA ALA CA 48 33.95 -22.89 71.37
C ALA CA 48 32.93 -22.55 72.46
N VAL CA 49 32.74 -23.46 73.41
CA VAL CA 49 31.78 -23.25 74.50
C VAL CA 49 32.44 -22.69 75.76
N ARG CA 50 33.70 -23.04 76.02
CA ARG CA 50 34.30 -22.75 77.33
C ARG CA 50 34.31 -21.26 77.65
N ASP CA 51 34.67 -20.43 76.66
CA ASP CA 51 34.66 -18.99 76.89
C ASP CA 51 33.24 -18.49 77.17
N ILE CA 52 32.25 -19.04 76.46
CA ILE CA 52 30.87 -18.64 76.69
C ILE CA 52 30.44 -18.98 78.10
N SER CA 53 30.77 -20.19 78.57
CA SER CA 53 30.50 -20.53 79.96
C SER CA 53 31.35 -19.69 80.92
N GLU CA 54 32.62 -19.45 80.56
CA GLU CA 54 33.47 -18.60 81.39
C GLU CA 54 32.93 -17.17 81.45
N ALA CA 55 32.46 -16.65 80.33
CA ALA CA 55 31.96 -15.28 80.26
C ALA CA 55 30.48 -15.16 80.61
N SER CA 56 29.83 -16.26 80.99
CA SER CA 56 28.44 -16.18 81.39
C SER CA 56 28.33 -15.48 82.75
N VAL CA 57 27.26 -14.68 82.89
CA VAL CA 57 26.98 -14.04 84.17
C VAL CA 57 26.63 -15.05 85.24
N PHE CA 58 26.08 -16.20 84.87
CA PHE CA 58 25.65 -17.23 85.81
C PHE CA 58 26.53 -18.46 85.60
N ASP CA 59 26.71 -19.25 86.65
CA ASP CA 59 27.60 -20.40 86.66
C ASP CA 59 26.96 -21.65 86.10
N ALA CA 60 25.87 -22.12 86.73
CA ALA CA 60 25.23 -23.38 86.33
C ALA CA 60 24.13 -23.13 85.30
N TYR CA 61 24.50 -22.44 84.23
CA TYR CA 61 23.57 -22.04 83.19
C TYR CA 61 23.62 -23.05 82.05
N VAL CA 62 22.46 -23.64 81.75
CA VAL CA 62 22.37 -24.73 80.77
C VAL CA 62 22.29 -24.14 79.37
N LEU CA 63 23.19 -24.60 78.50
CA LEU CA 63 23.27 -24.08 77.15
C LEU CA 63 22.08 -24.56 76.32
N PRO CA 64 21.46 -23.68 75.54
CA PRO CA 64 20.30 -24.07 74.73
C PRO CA 64 20.68 -24.70 73.40
N LYS CA 65 19.80 -25.57 72.93
CA LYS CA 65 20.00 -26.32 71.69
C LYS CA 65 19.40 -25.57 70.51
N LEU CA 66 19.29 -26.26 69.37
CA LEU CA 66 18.66 -25.70 68.18
C LEU CA 66 17.98 -26.84 67.44
N TYR CA 67 16.65 -26.91 67.52
CA TYR CA 67 15.88 -27.97 66.90
C TYR CA 67 15.22 -27.45 65.64
N VAL CA 68 15.72 -27.90 64.48
CA VAL CA 68 15.16 -27.53 63.19
C VAL CA 68 14.87 -28.81 62.43
N LYS CA 69 13.64 -28.94 61.94
CA LYS CA 69 13.29 -30.04 61.05
C LYS CA 69 13.59 -29.63 59.61
N LEU CA 70 14.23 -30.53 58.86
CA LEU CA 70 14.81 -30.16 57.59
C LEU CA 70 14.26 -31.08 56.51
N HIS CA 71 13.85 -30.49 55.38
CA HIS CA 71 13.25 -31.22 54.27
C HIS CA 71 14.10 -31.04 53.03
N TYR CA 72 14.24 -32.11 52.25
CA TYR CA 72 14.98 -32.08 50.99
C TYR CA 72 14.17 -32.75 49.89
N CYS CA 73 14.43 -32.35 48.65
CA CYS CA 73 14.11 -33.21 47.53
C CYS CA 73 15.22 -34.22 47.34
N VAL CA 74 14.88 -35.35 46.72
CA VAL CA 74 15.88 -36.39 46.54
C VAL CA 74 16.95 -35.95 45.54
N SER CA 75 16.63 -35.00 44.66
CA SER CA 75 17.65 -34.42 43.80
C SER CA 75 18.69 -33.68 44.63
N CYS CA 76 18.24 -32.86 45.58
CA CYS CA 76 19.18 -32.16 46.46
C CYS CA 76 19.76 -33.10 47.51
N ALA CA 77 19.01 -34.13 47.90
CA ALA CA 77 19.43 -34.97 49.02
C ALA CA 77 20.71 -35.73 48.70
N ILE CA 78 20.74 -36.45 47.58
CA ILE CA 78 21.93 -37.28 47.32
C ILE CA 78 23.11 -36.38 46.97
N HIS CA 79 22.84 -35.21 46.38
CA HIS CA 79 23.89 -34.24 46.13
C HIS CA 79 24.54 -33.79 47.43
N SER CA 80 23.75 -33.51 48.45
CA SER CA 80 24.25 -33.16 49.76
C SER CA 80 24.84 -34.35 50.49
N LYS CA 81 24.73 -35.55 49.93
CA LYS CA 81 25.30 -36.77 50.49
C LYS CA 81 24.64 -37.14 51.82
N VAL CA 82 23.37 -36.79 51.99
CA VAL CA 82 22.62 -37.28 53.14
C VAL CA 82 22.07 -38.68 52.91
N VAL CA 83 21.73 -39.01 51.67
CA VAL CA 83 21.33 -40.36 51.30
C VAL CA 83 22.23 -40.82 50.16
N ARG CA 84 22.35 -42.14 50.03
CA ARG CA 84 23.28 -42.74 49.08
C ARG CA 84 22.58 -43.86 48.32
N ASN CA 85 23.07 -44.12 47.11
CA ASN CA 85 22.62 -45.27 46.33
C ASN CA 85 23.19 -46.54 46.96
N ARG CA 86 22.35 -47.57 47.09
CA ARG CA 86 22.76 -48.83 47.68
C ARG CA 86 22.48 -49.98 46.73
N SER CA 87 23.06 -51.14 47.05
CA SER CA 87 22.85 -52.34 46.27
C SER CA 87 21.42 -52.83 46.43
N ARG CA 88 21.00 -53.71 45.52
CA ARG CA 88 19.60 -54.13 45.47
C ARG CA 88 19.17 -54.80 46.77
N GLU CA 89 20.02 -55.68 47.33
CA GLU CA 89 19.65 -56.35 48.57
C GLU CA 89 19.75 -55.41 49.76
N ALA CA 90 20.70 -54.48 49.74
CA ALA CA 90 20.81 -53.48 50.79
C ALA CA 90 19.79 -52.37 50.65
N ARG CA 91 19.33 -52.10 49.43
CA ARG CA 91 18.37 -51.04 49.16
C ARG CA 91 17.03 -51.29 49.84
N LYS CA 92 16.62 -52.56 49.96
CA LYS CA 92 15.36 -52.89 50.63
C LYS CA 92 15.55 -53.10 52.14
N ASP CA 93 16.21 -52.13 52.77
CA ASP CA 93 16.38 -52.12 54.22
C ASP CA 93 16.05 -50.73 54.74
N ARG CA 94 15.24 -50.69 55.79
CA ARG CA 94 14.72 -49.43 56.30
C ARG CA 94 15.26 -49.04 57.68
N THR CA 95 16.12 -49.86 58.27
CA THR CA 95 16.70 -49.50 59.55
C THR CA 95 17.70 -48.35 59.34
N PRO CA 96 17.61 -47.28 60.12
CA PRO CA 96 18.50 -46.13 59.92
C PRO CA 96 19.93 -46.48 60.26
N PRO CA 97 20.89 -45.67 59.84
CA PRO CA 97 22.29 -45.94 60.19
C PRO CA 97 22.48 -45.87 61.70
N PRO CA 98 23.52 -46.51 62.22
CA PRO CA 98 23.73 -46.53 63.67
C PRO CA 98 24.05 -45.14 64.21
N ARG CA 99 23.70 -44.95 65.49
CA ARG CA 99 23.98 -43.69 66.18
C ARG CA 99 25.44 -43.54 66.57
N PHE CA 100 26.26 -44.59 66.38
CA PHE CA 100 27.68 -44.57 66.73
C PHE CA 100 27.88 -44.18 68.21
N ARG CA 101 27.10 -44.82 69.08
CA ARG CA 101 27.20 -44.51 70.51
C ARG CA 101 28.58 -44.79 71.09
N PRO CA 102 29.19 -45.97 70.88
CA PRO CA 102 30.53 -46.15 71.45
C PRO CA 102 31.64 -45.70 70.50
N GLU DA 1 39.23 -100.70 34.60
CA GLU DA 1 40.08 -99.59 34.99
C GLU DA 1 39.29 -98.59 35.84
N TRP DA 2 37.97 -98.69 35.76
CA TRP DA 2 37.08 -97.75 36.43
C TRP DA 2 37.13 -97.95 37.94
N MET DA 3 37.75 -96.99 38.65
CA MET DA 3 37.72 -96.95 40.11
C MET DA 3 36.58 -96.04 40.54
N PRO DA 4 35.56 -96.54 41.23
CA PRO DA 4 34.44 -95.68 41.64
C PRO DA 4 34.65 -95.05 43.01
N VAL DA 5 34.31 -93.77 43.11
CA VAL DA 5 34.24 -93.12 44.42
C VAL DA 5 32.82 -92.65 44.69
N THR DA 6 32.02 -93.56 45.21
CA THR DA 6 30.61 -93.36 45.59
C THR DA 6 30.12 -94.67 46.20
N LYS DA 7 29.27 -94.61 47.22
CA LYS DA 7 28.69 -95.84 47.73
C LYS DA 7 27.96 -96.60 46.62
N LEU DA 8 27.07 -95.91 45.90
CA LEU DA 8 26.33 -96.56 44.82
C LEU DA 8 27.28 -97.04 43.72
N GLY DA 9 28.28 -96.24 43.38
CA GLY DA 9 29.20 -96.62 42.34
C GLY DA 9 29.95 -97.90 42.64
N ARG DA 10 30.27 -98.13 43.92
CA ARG DA 10 30.98 -99.35 44.29
C ARG DA 10 30.15 -100.58 44.01
N LEU DA 11 28.88 -100.60 44.46
CA LEU DA 11 28.09 -101.83 44.40
C LEU DA 11 27.85 -102.28 42.95
N VAL DA 12 27.68 -101.35 42.02
CA VAL DA 12 27.49 -101.78 40.64
C VAL DA 12 28.77 -102.38 40.08
N LYS DA 13 29.92 -102.04 40.67
CA LYS DA 13 31.20 -102.55 40.17
C LYS DA 13 31.38 -104.02 40.53
N ASP DA 14 31.10 -104.40 41.78
CA ASP DA 14 31.22 -105.78 42.19
C ASP DA 14 29.94 -106.57 41.93
N MET DA 15 28.96 -105.94 41.28
CA MET DA 15 27.80 -106.60 40.69
C MET DA 15 26.82 -107.13 41.72
N LYS DA 16 26.79 -106.55 42.93
CA LYS DA 16 25.78 -106.97 43.89
C LYS DA 16 24.44 -106.28 43.67
N ILE DA 17 24.39 -105.21 42.88
CA ILE DA 17 23.13 -104.60 42.48
C ILE DA 17 23.05 -104.69 40.96
N LYS DA 18 21.88 -105.08 40.46
CA LYS DA 18 21.63 -105.14 39.02
C LYS DA 18 20.32 -104.41 38.74
N SER DA 19 19.82 -104.51 37.51
CA SER DA 19 18.47 -104.06 37.18
C SER DA 19 18.28 -102.58 37.52
N LEU DA 20 18.93 -101.74 36.70
CA LEU DA 20 19.01 -100.29 36.90
C LEU DA 20 17.66 -99.67 37.27
N GLU DA 21 16.55 -100.34 36.94
CA GLU DA 21 15.24 -99.86 37.35
C GLU DA 21 15.13 -99.69 38.87
N GLU DA 22 15.68 -100.62 39.65
CA GLU DA 22 15.44 -100.57 41.08
C GLU DA 22 16.13 -99.40 41.76
N ILE DA 23 17.26 -98.94 41.23
CA ILE DA 23 17.87 -97.73 41.77
C ILE DA 23 16.99 -96.52 41.47
N TYR DA 24 16.35 -96.51 40.29
CA TYR DA 24 15.35 -95.50 40.01
C TYR DA 24 14.17 -95.60 40.98
N LEU DA 25 13.86 -96.83 41.42
CA LEU DA 25 12.78 -97.01 42.39
C LEU DA 25 13.08 -96.24 43.67
N PHE DA 26 14.28 -96.43 44.23
CA PHE DA 26 14.66 -95.77 45.48
C PHE DA 26 15.07 -94.31 45.29
N SER DA 27 14.95 -93.78 44.07
CA SER DA 27 15.26 -92.37 43.77
C SER DA 27 16.69 -92.02 44.17
N LEU DA 28 17.62 -92.93 43.88
CA LEU DA 28 19.02 -92.71 44.19
C LEU DA 28 19.66 -91.79 43.16
N PRO DA 29 20.31 -90.71 43.60
CA PRO DA 29 20.98 -89.81 42.65
C PRO DA 29 22.27 -90.45 42.13
N ILE DA 30 22.41 -90.51 40.82
CA ILE DA 30 23.61 -91.03 40.19
C ILE DA 30 24.66 -89.91 40.15
N LYS DA 31 25.90 -90.25 40.47
CA LYS DA 31 26.99 -89.29 40.42
C LYS DA 31 28.21 -89.80 39.65
N GLU DA 32 28.11 -90.99 39.07
CA GLU DA 32 29.18 -91.54 38.22
C GLU DA 32 28.57 -91.97 36.90
N SER DA 33 29.14 -91.50 35.80
CA SER DA 33 28.61 -91.85 34.48
C SER DA 33 28.83 -93.31 34.13
N GLU DA 34 29.75 -93.99 34.83
CA GLU DA 34 30.11 -95.35 34.44
C GLU DA 34 29.09 -96.37 34.89
N ILE DA 35 28.16 -96.00 35.77
CA ILE DA 35 27.23 -96.99 36.33
C ILE DA 35 26.19 -97.37 35.30
N ILE DA 36 25.90 -96.49 34.33
CA ILE DA 36 25.01 -96.86 33.25
C ILE DA 36 25.75 -97.47 32.08
N ASP DA 37 27.03 -97.14 31.89
CA ASP DA 37 27.84 -97.87 30.93
C ASP DA 37 27.93 -99.34 31.30
N PHE DA 38 27.98 -99.62 32.61
CA PHE DA 38 27.89 -100.99 33.07
C PHE DA 38 26.50 -101.58 32.80
N PHE DA 39 25.46 -100.75 32.93
CA PHE DA 39 24.10 -101.26 32.79
C PHE DA 39 23.58 -101.16 31.35
N LEU DA 40 23.73 -100.00 30.72
CA LEU DA 40 23.23 -99.78 29.37
C LEU DA 40 24.36 -99.72 28.36
N GLY DA 41 25.37 -100.55 28.54
CA GLY DA 41 26.49 -100.55 27.61
C GLY DA 41 26.10 -101.15 26.27
N ALA DA 42 26.55 -100.50 25.20
CA ALA DA 42 26.40 -100.91 23.80
C ALA DA 42 24.96 -100.87 23.31
N SER DA 43 23.99 -100.59 24.18
CA SER DA 43 22.60 -100.42 23.77
C SER DA 43 22.21 -98.95 23.70
N LEU DA 44 23.14 -98.05 23.98
CA LEU DA 44 22.89 -96.62 24.02
C LEU DA 44 23.40 -95.98 22.74
N LYS DA 45 22.60 -95.09 22.16
CA LYS DA 45 22.98 -94.30 21.00
C LYS DA 45 22.90 -92.83 21.38
N ASP DA 46 23.92 -92.06 21.01
CA ASP DA 46 24.00 -90.65 21.36
C ASP DA 46 24.06 -89.80 20.10
N GLU DA 47 23.57 -88.58 20.22
CA GLU DA 47 23.56 -87.65 19.09
C GLU DA 47 23.57 -86.22 19.63
N VAL DA 48 23.91 -85.29 18.77
CA VAL DA 48 24.12 -83.90 19.14
C VAL DA 48 22.98 -83.07 18.56
N LEU DA 49 22.32 -82.30 19.41
CA LEU DA 49 21.19 -81.49 18.95
C LEU DA 49 21.67 -80.18 18.31
N LYS DA 50 22.57 -79.48 18.98
CA LYS DA 50 23.04 -78.18 18.50
C LYS DA 50 24.23 -77.74 19.34
N ILE DA 51 25.20 -77.11 18.67
CA ILE DA 51 26.33 -76.47 19.33
C ILE DA 51 26.15 -74.96 19.19
N MET DA 52 26.04 -74.28 20.33
CA MET DA 52 25.68 -72.87 20.34
C MET DA 52 26.89 -72.01 20.71
N PRO DA 53 27.34 -71.13 19.82
CA PRO DA 53 28.45 -70.20 20.12
C PRO DA 53 28.04 -69.01 21.00
N VAL DA 54 28.04 -69.24 22.30
CA VAL DA 54 27.67 -68.22 23.26
C VAL DA 54 28.93 -67.50 23.75
N GLN DA 55 28.85 -66.18 23.91
CA GLN DA 55 30.03 -65.38 24.16
C GLN DA 55 29.76 -64.32 25.22
N LYS DA 56 30.72 -64.15 26.14
CA LYS DA 56 30.68 -63.07 27.11
C LYS DA 56 31.66 -61.97 26.69
N GLN DA 57 31.23 -60.72 26.82
CA GLN DA 57 31.99 -59.60 26.29
C GLN DA 57 32.91 -59.03 27.37
N THR DA 58 34.21 -59.05 27.09
CA THR DA 58 35.25 -58.52 27.95
C THR DA 58 35.75 -57.18 27.43
N ARG DA 59 36.85 -56.70 28.00
CA ARG DA 59 37.48 -55.47 27.52
C ARG DA 59 37.86 -55.58 26.06
N ALA DA 60 38.37 -56.73 25.62
CA ALA DA 60 38.84 -56.94 24.26
C ALA DA 60 37.91 -57.92 23.57
N GLY DA 61 36.87 -57.38 22.92
CA GLY DA 61 35.97 -58.26 22.21
C GLY DA 61 35.19 -59.16 23.15
N GLN DA 62 34.94 -60.38 22.69
CA GLN DA 62 34.13 -61.34 23.42
C GLN DA 62 34.87 -62.66 23.56
N ARG DA 63 34.60 -63.36 24.66
CA ARG DA 63 35.16 -64.69 24.91
C ARG DA 63 34.09 -65.71 24.55
N THR DA 64 34.22 -66.30 23.36
CA THR DA 64 33.22 -67.22 22.86
C THR DA 64 33.42 -68.62 23.42
N ARG DA 65 32.44 -69.10 24.19
CA ARG DA 65 32.37 -70.48 24.63
C ARG DA 65 31.27 -71.19 23.84
N PHE DA 66 31.10 -72.48 24.10
CA PHE DA 66 30.21 -73.29 23.30
C PHE DA 66 29.35 -74.17 24.19
N LYS DA 67 28.03 -74.10 23.98
CA LYS DA 67 27.07 -74.95 24.68
C LYS DA 67 26.65 -76.07 23.74
N ALA DA 68 26.91 -77.31 24.15
CA ALA DA 68 26.55 -78.48 23.35
C ALA DA 68 25.39 -79.20 24.02
N PHE DA 69 24.29 -79.32 23.30
CA PHE DA 69 23.14 -80.11 23.75
C PHE DA 69 23.22 -81.49 23.12
N VAL DA 70 23.15 -82.51 23.96
CA VAL DA 70 23.31 -83.90 23.52
C VAL DA 70 22.15 -84.72 24.05
N ALA DA 71 21.51 -85.48 23.16
CA ALA DA 71 20.47 -86.42 23.53
C ALA DA 71 21.07 -87.82 23.56
N ILE DA 72 20.79 -88.54 24.64
CA ILE DA 72 21.30 -89.91 24.80
C ILE DA 72 20.12 -90.79 25.18
N GLY DA 73 20.25 -92.07 24.85
CA GLY DA 73 19.23 -93.03 25.22
C GLY DA 73 19.26 -94.26 24.34
N ASP DA 74 18.81 -95.36 24.92
CA ASP DA 74 18.55 -96.59 24.19
C ASP DA 74 17.19 -96.46 23.52
N TYR DA 75 16.63 -97.58 23.06
CA TYR DA 75 15.28 -97.57 22.49
C TYR DA 75 14.38 -98.55 23.22
N ASN DA 76 14.44 -98.51 24.56
CA ASN DA 76 13.59 -99.34 25.40
C ASN DA 76 12.87 -98.55 26.48
N GLY DA 77 13.15 -97.25 26.64
CA GLY DA 77 12.47 -96.46 27.64
C GLY DA 77 13.38 -95.71 28.60
N HIS DA 78 14.61 -95.45 28.18
CA HIS DA 78 15.51 -94.55 28.90
C HIS DA 78 15.99 -93.47 27.95
N VAL DA 79 15.99 -92.23 28.41
CA VAL DA 79 16.48 -91.10 27.62
C VAL DA 79 17.20 -90.15 28.55
N GLY DA 80 18.18 -89.44 28.00
CA GLY DA 80 18.91 -88.45 28.76
C GLY DA 80 19.21 -87.23 27.92
N LEU DA 81 19.28 -86.08 28.58
CA LEU DA 81 19.61 -84.81 27.95
C LEU DA 81 20.68 -84.12 28.75
N GLY DA 82 21.70 -83.63 28.08
CA GLY DA 82 22.82 -82.99 28.76
C GLY DA 82 23.21 -81.68 28.10
N VAL DA 83 23.53 -80.70 28.93
CA VAL DA 83 23.95 -79.37 28.49
C VAL DA 83 25.28 -79.07 29.17
N LYS DA 84 26.28 -78.70 28.38
CA LYS DA 84 27.63 -78.43 28.89
C LYS DA 84 28.22 -77.26 28.12
N CYS DA 85 28.97 -76.41 28.83
CA CYS DA 85 29.63 -75.26 28.24
C CYS DA 85 31.13 -75.35 28.50
N SER DA 86 31.93 -75.10 27.46
CA SER DA 86 33.38 -75.09 27.60
C SER DA 86 33.98 -74.28 26.47
N LYS DA 87 35.30 -74.04 26.56
CA LYS DA 87 35.98 -73.14 25.65
C LYS DA 87 36.10 -73.71 24.24
N GLU DA 88 36.36 -75.01 24.11
CA GLU DA 88 36.42 -75.65 22.79
C GLU DA 88 35.38 -76.75 22.75
N VAL DA 89 34.82 -76.97 21.55
CA VAL DA 89 33.61 -77.77 21.43
C VAL DA 89 33.87 -79.25 21.75
N ALA DA 90 35.10 -79.73 21.54
CA ALA DA 90 35.36 -81.16 21.69
C ALA DA 90 35.17 -81.61 23.13
N THR DA 91 35.67 -80.84 24.10
CA THR DA 91 35.43 -81.19 25.50
C THR DA 91 34.01 -80.83 25.91
N ALA DA 92 33.43 -79.79 25.30
CA ALA DA 92 32.02 -79.50 25.54
C ALA DA 92 31.15 -80.63 25.03
N ILE DA 93 31.56 -81.26 23.92
CA ILE DA 93 30.85 -82.44 23.42
C ILE DA 93 30.98 -83.58 24.42
N ARG DA 94 32.21 -83.87 24.87
CA ARG DA 94 32.43 -85.00 25.76
C ARG DA 94 31.87 -84.72 27.15
N GLY DA 95 31.85 -83.44 27.55
CA GLY DA 95 31.16 -83.09 28.78
C GLY DA 95 29.66 -83.25 28.68
N ALA DA 96 29.08 -82.89 27.54
CA ALA DA 96 27.64 -83.03 27.36
C ALA DA 96 27.22 -84.48 27.33
N ILE DA 97 28.07 -85.36 26.79
CA ILE DA 97 27.79 -86.80 26.85
C ILE DA 97 27.72 -87.26 28.30
N ILE DA 98 28.68 -86.83 29.13
CA ILE DA 98 28.72 -87.26 30.52
C ILE DA 98 27.47 -86.77 31.26
N LEU DA 99 27.10 -85.50 31.06
CA LEU DA 99 25.95 -84.96 31.78
C LEU DA 99 24.64 -85.57 31.28
N ALA DA 100 24.52 -85.79 29.96
CA ALA DA 100 23.34 -86.46 29.44
C ALA DA 100 23.25 -87.88 29.99
N LYS DA 101 24.38 -88.57 30.07
CA LYS DA 101 24.39 -89.89 30.69
C LYS DA 101 23.97 -89.81 32.16
N LEU DA 102 24.46 -88.80 32.88
CA LEU DA 102 24.10 -88.65 34.29
C LEU DA 102 22.60 -88.51 34.47
N SER DA 103 21.96 -87.71 33.62
CA SER DA 103 20.54 -87.40 33.74
C SER DA 103 19.70 -88.32 32.86
N ILE DA 104 19.82 -89.62 33.09
CA ILE DA 104 19.01 -90.61 32.39
C ILE DA 104 17.80 -90.94 33.26
N VAL DA 105 16.61 -90.88 32.66
CA VAL DA 105 15.38 -91.15 33.40
C VAL DA 105 14.64 -92.31 32.74
N PRO DA 106 13.89 -93.10 33.49
CA PRO DA 106 13.01 -94.09 32.86
C PRO DA 106 11.84 -93.42 32.17
N VAL DA 107 11.29 -94.11 31.19
CA VAL DA 107 10.12 -93.64 30.45
C VAL DA 107 9.01 -94.66 30.60
N ARG DA 108 7.83 -94.19 31.03
CA ARG DA 108 6.66 -95.04 31.15
C ARG DA 108 5.90 -95.01 29.83
N ARG DA 109 5.83 -96.16 29.17
CA ARG DA 109 5.10 -96.29 27.92
C ARG DA 109 3.73 -96.89 28.21
N GLY DA 110 2.69 -96.26 27.65
CA GLY DA 110 1.34 -96.72 27.88
C GLY DA 110 0.66 -97.22 26.62
N TYR DA 111 -0.67 -97.15 26.58
CA TYR DA 111 -1.45 -97.60 25.45
C TYR DA 111 -2.47 -96.55 25.07
N TRP DA 112 -2.85 -96.54 23.79
CA TRP DA 112 -3.94 -95.71 23.32
C TRP DA 112 -5.31 -96.35 23.55
N GLY DA 113 -5.34 -97.64 23.84
CA GLY DA 113 -6.58 -98.36 24.07
C GLY DA 113 -6.43 -99.79 23.59
N ASN DA 114 -7.18 -100.69 24.21
CA ASN DA 114 -7.15 -102.12 23.90
C ASN DA 114 -5.72 -102.66 24.04
N LYS DA 115 -5.27 -102.67 25.29
CA LYS DA 115 -3.90 -103.04 25.61
C LYS DA 115 -3.69 -104.53 25.36
N ILE DA 116 -3.19 -104.87 24.17
CA ILE DA 116 -3.04 -106.27 23.78
C ILE DA 116 -1.57 -106.65 23.68
N GLY DA 117 -0.74 -105.72 23.20
CA GLY DA 117 0.66 -106.01 22.98
C GLY DA 117 1.60 -105.23 23.87
N LYS DA 118 2.78 -104.89 23.35
CA LYS DA 118 3.72 -104.09 24.10
C LYS DA 118 3.30 -102.61 24.07
N PRO DA 119 3.65 -101.84 25.10
CA PRO DA 119 3.27 -100.42 25.11
C PRO DA 119 4.00 -99.66 24.00
N HIS DA 120 3.36 -98.59 23.53
CA HIS DA 120 3.87 -97.83 22.40
C HIS DA 120 3.86 -96.32 22.59
N THR DA 121 3.00 -95.78 23.47
CA THR DA 121 2.80 -94.35 23.56
C THR DA 121 2.89 -93.91 25.01
N VAL DA 122 2.68 -92.63 25.24
CA VAL DA 122 2.65 -92.08 26.60
C VAL DA 122 1.38 -92.59 27.29
N PRO DA 123 1.44 -92.93 28.58
CA PRO DA 123 0.23 -93.45 29.25
C PRO DA 123 -0.90 -92.45 29.27
N CYS DA 124 -0.59 -91.17 29.39
CA CYS DA 124 -1.60 -90.11 29.40
C CYS DA 124 -0.93 -88.83 28.94
N LYS DA 125 -1.75 -87.88 28.50
CA LYS DA 125 -1.19 -86.62 28.02
C LYS DA 125 -0.52 -85.86 29.15
N VAL DA 126 0.71 -85.42 28.89
CA VAL DA 126 1.52 -84.73 29.89
C VAL DA 126 2.12 -83.49 29.24
N THR DA 127 2.49 -82.52 30.07
CA THR DA 127 3.04 -81.27 29.61
C THR DA 127 4.44 -81.05 30.17
N GLY DA 128 5.23 -80.25 29.46
CA GLY DA 128 6.56 -79.91 29.90
C GLY DA 128 6.85 -78.43 29.74
N ARG DA 129 7.47 -77.82 30.74
CA ARG DA 129 7.72 -76.38 30.76
C ARG DA 129 9.19 -76.09 30.97
N CYS DA 130 9.74 -75.22 30.13
CA CYS DA 130 11.09 -74.70 30.31
C CYS DA 130 11.16 -73.37 29.58
N GLY DA 131 11.47 -72.30 30.29
CA GLY DA 131 11.35 -70.98 29.69
C GLY DA 131 9.89 -70.70 29.39
N SER DA 132 9.63 -70.24 28.17
CA SER DA 132 8.27 -70.08 27.68
C SER DA 132 7.81 -71.27 26.84
N VAL DA 133 8.66 -72.26 26.65
CA VAL DA 133 8.34 -73.39 25.79
C VAL DA 133 7.51 -74.39 26.59
N LEU DA 134 6.28 -74.63 26.13
CA LEU DA 134 5.41 -75.65 26.68
C LEU DA 134 5.24 -76.75 25.64
N VAL DA 135 5.56 -77.97 26.03
CA VAL DA 135 5.44 -79.13 25.13
C VAL DA 135 4.47 -80.11 25.76
N ARG DA 136 3.41 -80.45 25.02
CA ARG DA 136 2.38 -81.36 25.48
C ARG DA 136 2.42 -82.62 24.63
N LEU DA 137 2.74 -83.74 25.27
CA LEU DA 137 2.72 -85.04 24.61
C LEU DA 137 1.36 -85.69 24.79
N ILE DA 138 0.81 -86.23 23.71
CA ILE DA 138 -0.55 -86.77 23.74
C ILE DA 138 -0.54 -88.20 23.22
N PRO DA 139 -1.25 -89.13 23.86
CA PRO DA 139 -1.29 -90.51 23.36
C PRO DA 139 -1.89 -90.57 21.96
N ALA DA 140 -1.37 -91.50 21.17
CA ALA DA 140 -1.79 -91.70 19.80
C ALA DA 140 -2.02 -93.18 19.53
N PRO DA 141 -2.87 -93.52 18.57
CA PRO DA 141 -3.06 -94.93 18.21
C PRO DA 141 -1.77 -95.55 17.72
N ARG DA 142 -1.82 -96.87 17.51
CA ARG DA 142 -0.62 -97.61 17.13
C ARG DA 142 -0.25 -97.30 15.68
N GLY DA 143 1.05 -97.12 15.43
CA GLY DA 143 1.58 -97.02 14.10
C GLY DA 143 1.60 -95.63 13.50
N THR DA 144 1.05 -94.62 14.18
CA THR DA 144 1.05 -93.27 13.63
C THR DA 144 2.46 -92.68 13.54
N GLY DA 145 3.40 -93.20 14.30
CA GLY DA 145 4.71 -92.60 14.37
C GLY DA 145 4.69 -91.36 15.25
N ILE DA 146 5.84 -90.71 15.32
CA ILE DA 146 5.98 -89.49 16.10
C ILE DA 146 5.78 -88.29 15.19
N VAL DA 147 4.71 -87.53 15.44
CA VAL DA 147 4.40 -86.33 14.69
C VAL DA 147 4.74 -85.14 15.60
N SER DA 148 5.81 -84.44 15.28
CA SER DA 148 6.32 -83.35 16.09
C SER DA 148 7.38 -82.60 15.29
N ALA DA 149 7.95 -81.58 15.91
CA ALA DA 149 9.10 -80.91 15.35
C ALA DA 149 10.31 -81.83 15.37
N PRO DA 150 11.31 -81.59 14.52
CA PRO DA 150 12.49 -82.48 14.51
C PRO DA 150 13.18 -82.56 15.86
N VAL DA 151 13.29 -81.45 16.59
CA VAL DA 151 14.03 -81.46 17.86
C VAL DA 151 13.38 -82.36 18.91
N PRO DA 152 12.08 -82.25 19.20
CA PRO DA 152 11.47 -83.22 20.12
C PRO DA 152 11.32 -84.61 19.53
N LYS DA 153 11.27 -84.73 18.20
CA LYS DA 153 11.08 -86.04 17.58
C LYS DA 153 12.23 -86.97 17.93
N LYS DA 154 13.48 -86.51 17.78
CA LYS DA 154 14.61 -87.35 18.12
C LYS DA 154 14.63 -87.68 19.60
N LEU DA 155 14.30 -86.70 20.45
CA LEU DA 155 14.21 -86.97 21.89
C LEU DA 155 13.16 -88.03 22.18
N LEU DA 156 12.04 -88.01 21.45
CA LEU DA 156 10.97 -88.97 21.71
C LEU DA 156 11.33 -90.36 21.18
N MET DA 157 12.02 -90.44 20.04
CA MET DA 157 12.40 -91.74 19.49
C MET DA 157 13.34 -92.49 20.43
N MET DA 158 14.38 -91.83 20.93
CA MET DA 158 15.30 -92.46 21.86
C MET DA 158 14.73 -92.59 23.26
N ALA DA 159 13.55 -92.03 23.52
CA ALA DA 159 12.88 -92.27 24.79
C ALA DA 159 12.01 -93.51 24.75
N GLY DA 160 11.79 -94.10 23.58
CA GLY DA 160 11.04 -95.32 23.44
C GLY DA 160 9.61 -95.17 22.95
N ILE DA 161 9.12 -93.95 22.75
CA ILE DA 161 7.76 -93.76 22.27
C ILE DA 161 7.75 -93.93 20.76
N ASP DA 162 7.03 -94.94 20.27
CA ASP DA 162 6.90 -95.14 18.83
C ASP DA 162 5.95 -94.12 18.23
N ASP DA 163 4.81 -93.89 18.87
CA ASP DA 163 3.73 -93.05 18.33
C ASP DA 163 3.32 -92.03 19.39
N CYS DA 164 3.29 -90.76 19.01
CA CYS DA 164 2.91 -89.72 19.96
C CYS DA 164 2.49 -88.43 19.29
N TYR DA 165 1.40 -87.84 19.79
CA TYR DA 165 0.92 -86.53 19.37
C TYR DA 165 1.57 -85.45 20.24
N THR DA 166 1.69 -84.25 19.69
CA THR DA 166 2.39 -83.18 20.40
C THR DA 166 1.65 -81.85 20.24
N SER DA 167 1.97 -80.93 21.14
CA SER DA 167 1.50 -79.55 21.06
C SER DA 167 2.54 -78.66 21.71
N ALA DA 168 3.16 -77.79 20.92
CA ALA DA 168 4.23 -76.92 21.40
C ALA DA 168 3.81 -75.46 21.31
N ARG DA 169 4.05 -74.74 22.40
CA ARG DA 169 3.70 -73.33 22.47
C ARG DA 169 4.85 -72.58 23.12
N GLY DA 170 5.13 -71.38 22.63
CA GLY DA 170 6.22 -70.57 23.10
C GLY DA 170 7.25 -70.32 22.02
N CYS DA 171 8.47 -70.00 22.47
CA CYS DA 171 9.59 -69.77 21.57
C CYS DA 171 10.27 -71.10 21.29
N THR DA 172 9.71 -71.85 20.35
CA THR DA 172 10.26 -73.14 19.98
C THR DA 172 11.55 -73.03 19.18
N ALA DA 173 11.95 -71.82 18.79
CA ALA DA 173 13.23 -71.58 18.13
C ALA DA 173 14.36 -71.42 19.14
N THR DA 174 14.18 -71.99 20.33
CA THR DA 174 15.11 -71.84 21.45
C THR DA 174 15.52 -73.23 21.90
N LEU DA 175 16.04 -74.03 20.96
CA LEU DA 175 16.27 -75.47 21.09
C LEU DA 175 16.75 -75.89 22.47
N GLY DA 176 17.56 -75.06 23.13
CA GLY DA 176 17.95 -75.34 24.50
C GLY DA 176 16.75 -75.46 25.41
N ASN DA 177 15.81 -74.52 25.29
CA ASN DA 177 14.58 -74.61 26.06
C ASN DA 177 13.62 -75.64 25.48
N PHE DA 178 13.60 -75.75 24.15
CA PHE DA 178 12.73 -76.74 23.50
C PHE DA 178 13.09 -78.16 23.93
N ALA DA 179 14.38 -78.48 23.94
CA ALA DA 179 14.81 -79.82 24.31
C ALA DA 179 14.51 -80.13 25.77
N LYS DA 180 14.71 -79.15 26.65
CA LYS DA 180 14.47 -79.36 28.07
C LYS DA 180 12.97 -79.48 28.36
N ALA DA 181 12.14 -78.80 27.57
CA ALA DA 181 10.70 -78.86 27.79
C ALA DA 181 10.16 -80.27 27.55
N THR DA 182 10.48 -80.86 26.40
CA THR DA 182 10.01 -82.22 26.13
C THR DA 182 10.68 -83.23 27.03
N PHE DA 183 11.96 -83.02 27.38
CA PHE DA 183 12.62 -83.91 28.33
C PHE DA 183 11.93 -83.86 29.68
N ASP DA 184 11.51 -82.66 30.11
CA ASP DA 184 10.74 -82.54 31.35
C ASP DA 184 9.41 -83.27 31.24
N ALA DA 185 8.73 -83.12 30.10
CA ALA DA 185 7.47 -83.83 29.89
C ALA DA 185 7.68 -85.33 29.83
N ILE DA 186 8.79 -85.76 29.21
CA ILE DA 186 9.12 -87.18 29.19
C ILE DA 186 9.44 -87.68 30.60
N SER DA 187 10.13 -86.85 31.39
CA SER DA 187 10.57 -87.29 32.71
C SER DA 187 9.39 -87.53 33.64
N LYS DA 188 8.30 -86.80 33.45
CA LYS DA 188 7.16 -86.94 34.36
C LYS DA 188 6.12 -87.93 33.88
N THR DA 189 6.46 -88.81 32.93
CA THR DA 189 5.55 -89.91 32.62
C THR DA 189 5.44 -90.88 33.80
N TYR DA 190 6.48 -90.98 34.61
CA TYR DA 190 6.44 -91.76 35.83
C TYR DA 190 6.07 -90.93 37.06
N SER DA 191 5.94 -89.62 36.91
CA SER DA 191 5.49 -88.77 38.02
C SER DA 191 3.99 -88.59 38.04
N TYR DA 192 3.25 -89.25 37.15
CA TYR DA 192 1.80 -89.20 37.17
C TYR DA 192 1.24 -90.34 38.00
N LEU DA 193 0.04 -90.13 38.53
CA LEU DA 193 -0.66 -91.14 39.30
C LEU DA 193 -1.88 -91.60 38.52
N THR DA 194 -1.95 -92.91 38.27
CA THR DA 194 -2.97 -93.50 37.42
C THR DA 194 -3.64 -94.64 38.18
N PRO DA 195 -4.88 -94.99 37.83
CA PRO DA 195 -5.61 -96.00 38.60
C PRO DA 195 -4.91 -97.34 38.71
N ASP DA 196 -4.01 -97.69 37.80
CA ASP DA 196 -3.23 -98.91 37.96
C ASP DA 196 -2.12 -98.77 38.98
N LEU DA 197 -1.84 -97.54 39.44
CA LEU DA 197 -0.94 -97.30 40.56
C LEU DA 197 -1.71 -97.13 41.87
N TRP DA 198 -3.01 -97.40 41.88
CA TRP DA 198 -3.82 -97.32 43.09
C TRP DA 198 -3.34 -98.29 44.17
N LYS DA 199 -2.71 -99.38 43.77
CA LYS DA 199 -2.32 -100.45 44.70
C LYS DA 199 -1.34 -99.92 45.74
N GLU DA 200 -1.49 -100.41 46.97
CA GLU DA 200 -0.58 -100.05 48.05
C GLU DA 200 0.81 -100.62 47.77
N THR DA 201 1.84 -99.87 48.16
CA THR DA 201 3.22 -100.26 47.90
C THR DA 201 3.80 -101.04 49.07
N VAL DA 202 4.47 -102.14 48.74
CA VAL DA 202 5.35 -102.83 49.67
C VAL DA 202 6.75 -102.28 49.46
N PHE DA 203 7.49 -102.12 50.56
CA PHE DA 203 8.82 -101.52 50.53
C PHE DA 203 9.86 -102.63 50.58
N THR DA 204 10.78 -102.63 49.62
CA THR DA 204 11.84 -103.61 49.59
C THR DA 204 13.08 -103.06 50.30
N LYS DA 205 14.05 -103.94 50.52
CA LYS DA 205 15.26 -103.55 51.22
C LYS DA 205 16.04 -102.53 50.41
N SER DA 206 16.42 -101.42 51.05
CA SER DA 206 17.19 -100.40 50.36
C SER DA 206 18.57 -100.94 50.00
N PRO DA 207 19.12 -100.53 48.85
CA PRO DA 207 20.43 -101.06 48.46
C PRO DA 207 21.52 -100.76 49.46
N TYR DA 208 21.46 -99.60 50.11
CA TYR DA 208 22.48 -99.25 51.09
C TYR DA 208 22.42 -100.18 52.31
N GLN DA 209 21.22 -100.44 52.81
CA GLN DA 209 21.08 -101.30 53.98
C GLN DA 209 21.00 -102.78 53.65
N GLU DA 210 20.90 -103.13 52.37
CA GLU DA 210 21.01 -104.53 51.98
C GLU DA 210 22.47 -104.97 51.92
N PHE DA 211 23.39 -104.03 51.73
CA PHE DA 211 24.81 -104.34 51.57
C PHE DA 211 25.70 -103.52 52.50
N THR DA 212 25.27 -103.25 53.73
CA THR DA 212 26.17 -102.60 54.68
C THR DA 212 27.36 -103.49 54.99
N ASP DA 213 27.10 -104.74 55.40
CA ASP DA 213 28.18 -105.63 55.79
C ASP DA 213 29.19 -105.80 54.67
N HIS DA 214 28.74 -105.80 53.42
CA HIS DA 214 29.66 -105.86 52.30
C HIS DA 214 30.43 -104.55 52.17
N LEU DA 215 29.74 -103.42 52.35
CA LEU DA 215 30.40 -102.12 52.17
C LEU DA 215 31.46 -101.86 53.23
N VAL DA 216 31.22 -102.28 54.47
CA VAL DA 216 32.22 -102.09 55.52
C VAL DA 216 33.47 -102.93 55.26
N LYS DA 217 33.37 -103.99 54.45
CA LYS DA 217 34.52 -104.86 54.22
C LYS DA 217 35.19 -104.66 52.87
N THR DA 218 34.73 -103.72 52.05
CA THR DA 218 35.46 -103.36 50.84
C THR DA 218 35.68 -101.87 50.68
N HIS DA 219 34.89 -101.03 51.34
CA HIS DA 219 34.88 -99.59 51.10
C HIS DA 219 35.38 -98.79 52.29
N THR DA 220 35.10 -99.22 53.52
CA THR DA 220 35.52 -98.52 54.73
C THR DA 220 36.35 -99.48 55.58
N ARG DA 221 37.65 -99.54 55.34
CA ARG DA 221 38.32 -98.83 54.23
C ARG DA 221 39.00 -99.84 53.31
N VAL DA 222 39.78 -100.73 53.91
CA VAL DA 222 40.58 -101.76 53.24
C VAL DA 222 41.11 -101.32 51.88
N GLY EA 1 -20.22 -57.92 49.53
CA GLY EA 1 -19.93 -56.51 49.65
C GLY EA 1 -21.18 -55.64 49.59
N ARG EA 2 -21.05 -54.40 50.02
CA ARG EA 2 -22.17 -53.48 49.99
C ARG EA 2 -22.54 -53.13 48.55
N MET EA 3 -23.83 -52.92 48.31
CA MET EA 3 -24.30 -52.72 46.95
C MET EA 3 -23.99 -51.31 46.45
N HIS EA 4 -23.76 -50.35 47.36
CA HIS EA 4 -23.40 -49.00 46.94
C HIS EA 4 -22.13 -48.47 47.61
N ALA EA 5 -21.40 -49.29 48.35
CA ALA EA 5 -20.16 -48.86 48.99
C ALA EA 5 -19.16 -50.00 48.97
N PRO EA 6 -17.86 -49.68 48.93
CA PRO EA 6 -16.82 -50.72 49.08
C PRO EA 6 -16.66 -51.11 50.53
N GLY EA 7 -17.18 -52.27 50.88
CA GLY EA 7 -17.07 -52.78 52.23
C GLY EA 7 -17.48 -54.22 52.31
N LYS EA 8 -16.64 -55.07 52.90
CA LYS EA 8 -16.86 -56.50 52.95
C LYS EA 8 -17.24 -56.94 54.37
N GLY EA 9 -18.00 -56.09 55.05
CA GLY EA 9 -18.35 -56.32 56.45
C GLY EA 9 -19.11 -57.60 56.70
N LEU EA 10 -18.65 -58.38 57.67
CA LEU EA 10 -19.32 -59.60 58.12
C LEU EA 10 -19.89 -59.28 59.50
N SER EA 11 -21.10 -58.71 59.52
CA SER EA 11 -21.76 -58.36 60.77
C SER EA 11 -23.26 -58.53 60.56
N GLN EA 12 -23.80 -59.62 61.09
CA GLN EA 12 -25.24 -59.84 61.08
C GLN EA 12 -25.58 -60.79 62.21
N SER EA 13 -26.88 -60.98 62.43
CA SER EA 13 -27.34 -61.92 63.44
C SER EA 13 -27.06 -63.35 62.99
N ALA EA 14 -26.93 -64.24 63.97
CA ALA EA 14 -26.71 -65.67 63.71
C ALA EA 14 -27.73 -66.45 64.54
N LEU EA 15 -28.84 -66.79 63.91
CA LEU EA 15 -29.87 -67.56 64.60
C LEU EA 15 -29.33 -68.95 64.95
N PRO EA 16 -29.43 -69.36 66.22
CA PRO EA 16 -28.89 -70.66 66.61
C PRO EA 16 -29.64 -71.83 66.00
N TYR EA 17 -29.03 -73.02 66.07
CA TYR EA 17 -29.65 -74.24 65.56
C TYR EA 17 -30.92 -74.61 66.31
N ARG EA 18 -31.14 -74.04 67.50
CA ARG EA 18 -32.24 -74.46 68.36
C ARG EA 18 -33.57 -73.92 67.81
N ARG EA 19 -34.41 -74.82 67.33
CA ARG EA 19 -35.76 -74.46 66.92
C ARG EA 19 -36.77 -74.48 68.06
N SER EA 20 -36.62 -75.39 69.02
CA SER EA 20 -37.59 -75.51 70.09
C SER EA 20 -37.55 -74.28 70.99
N VAL EA 21 -38.73 -73.83 71.39
CA VAL EA 21 -38.89 -72.67 72.26
C VAL EA 21 -38.28 -73.00 73.63
N PRO EA 22 -37.56 -72.09 74.26
CA PRO EA 22 -37.02 -72.38 75.60
C PRO EA 22 -38.12 -72.70 76.59
N THR EA 23 -37.84 -73.67 77.46
CA THR EA 23 -38.86 -74.16 78.38
C THR EA 23 -39.21 -73.12 79.43
N TRP EA 24 -38.42 -72.06 79.56
CA TRP EA 24 -38.71 -71.02 80.54
C TRP EA 24 -39.72 -70.01 80.03
N LEU EA 25 -40.14 -70.13 78.77
CA LEU EA 25 -41.06 -69.17 78.14
C LEU EA 25 -42.47 -69.43 78.63
N LYS EA 26 -42.87 -68.73 79.69
CA LYS EA 26 -44.26 -68.77 80.14
C LYS EA 26 -45.08 -67.67 79.46
N LEU EA 27 -44.93 -67.59 78.14
CA LEU EA 27 -45.62 -66.61 77.29
C LEU EA 27 -46.16 -67.39 76.09
N THR EA 28 -47.45 -67.70 76.11
CA THR EA 28 -48.05 -68.58 75.13
C THR EA 28 -48.16 -67.90 73.76
N SER EA 29 -48.69 -68.65 72.79
CA SER EA 29 -48.71 -68.19 71.41
C SER EA 29 -49.53 -66.92 71.25
N ASP EA 30 -50.76 -66.92 71.78
CA ASP EA 30 -51.61 -65.73 71.63
C ASP EA 30 -51.20 -64.62 72.58
N ASP EA 31 -50.57 -64.95 73.72
CA ASP EA 31 -50.19 -63.91 74.67
C ASP EA 31 -49.20 -62.94 74.05
N VAL EA 32 -48.19 -63.45 73.34
CA VAL EA 32 -47.28 -62.56 72.63
C VAL EA 32 -47.97 -61.96 71.41
N LYS EA 33 -49.01 -62.62 70.89
CA LYS EA 33 -49.72 -62.10 69.75
C LYS EA 33 -50.41 -60.79 70.07
N GLU EA 34 -51.10 -60.72 71.23
CA GLU EA 34 -51.73 -59.47 71.62
C GLU EA 34 -50.71 -58.43 72.05
N GLN EA 35 -49.55 -58.87 72.56
CA GLN EA 35 -48.48 -57.92 72.84
C GLN EA 35 -47.88 -57.39 71.55
N ILE EA 36 -47.82 -58.22 70.51
CA ILE EA 36 -47.46 -57.74 69.18
C ILE EA 36 -48.46 -56.69 68.72
N TYR EA 37 -49.76 -56.97 68.91
CA TYR EA 37 -50.79 -56.03 68.51
C TYR EA 37 -50.68 -54.71 69.27
N LYS EA 38 -50.42 -54.80 70.57
CA LYS EA 38 -50.34 -53.58 71.40
C LYS EA 38 -49.18 -52.70 70.94
N LEU EA 39 -48.03 -53.31 70.63
CA LEU EA 39 -46.92 -52.54 70.10
C LEU EA 39 -47.23 -51.99 68.72
N ALA EA 40 -48.00 -52.74 67.93
CA ALA EA 40 -48.39 -52.26 66.61
C ALA EA 40 -49.25 -51.01 66.69
N LYS EA 41 -50.31 -51.06 67.52
CA LYS EA 41 -51.17 -49.89 67.67
C LYS EA 41 -50.47 -48.76 68.42
N LYS EA 42 -49.33 -49.05 69.06
CA LYS EA 42 -48.51 -47.99 69.62
C LYS EA 42 -47.94 -47.10 68.52
N GLY EA 43 -47.64 -47.69 67.36
CA GLY EA 43 -47.12 -46.94 66.23
C GLY EA 43 -45.64 -47.13 66.01
N LEU EA 44 -45.16 -48.36 66.15
CA LEU EA 44 -43.77 -48.70 65.90
C LEU EA 44 -43.67 -49.67 64.73
N THR EA 45 -42.57 -49.55 63.99
CA THR EA 45 -42.28 -50.46 62.89
C THR EA 45 -41.87 -51.82 63.42
N PRO EA 46 -42.07 -52.87 62.63
CA PRO EA 46 -41.70 -54.23 63.08
C PRO EA 46 -40.21 -54.39 63.34
N SER EA 47 -39.37 -53.52 62.79
CA SER EA 47 -37.96 -53.53 63.17
C SER EA 47 -37.81 -53.20 64.66
N GLN EA 48 -38.61 -52.26 65.16
CA GLN EA 48 -38.59 -51.93 66.58
C GLN EA 48 -39.34 -52.96 67.42
N ILE EA 49 -40.31 -53.66 66.83
CA ILE EA 49 -41.10 -54.61 67.61
C ILE EA 49 -40.24 -55.81 67.99
N GLY EA 50 -39.42 -56.30 67.07
CA GLY EA 50 -38.61 -57.47 67.35
C GLY EA 50 -37.57 -57.22 68.43
N VAL EA 51 -36.92 -56.06 68.38
CA VAL EA 51 -35.87 -55.76 69.35
C VAL EA 51 -36.48 -55.49 70.73
N ILE EA 52 -37.56 -54.73 70.79
CA ILE EA 52 -38.18 -54.41 72.08
C ILE EA 52 -38.66 -55.68 72.77
N LEU EA 53 -39.29 -56.57 72.01
CA LEU EA 53 -39.76 -57.83 72.58
C LEU EA 53 -38.61 -58.67 73.12
N ARG EA 54 -37.47 -58.71 72.41
CA ARG EA 54 -36.35 -59.51 72.86
C ARG EA 54 -35.60 -58.87 74.03
N ASP EA 55 -35.61 -57.54 74.12
CA ASP EA 55 -34.89 -56.86 75.20
C ASP EA 55 -35.67 -56.85 76.51
N SER EA 56 -36.97 -56.55 76.44
CA SER EA 56 -37.79 -56.48 77.65
C SER EA 56 -38.45 -57.82 77.95
N HIS EA 57 -39.27 -58.32 77.02
CA HIS EA 57 -39.95 -59.59 77.23
C HIS EA 57 -39.03 -60.80 77.08
N GLY EA 58 -37.83 -60.61 76.54
CA GLY EA 58 -36.87 -61.70 76.46
C GLY EA 58 -37.29 -62.86 75.58
N VAL EA 59 -37.92 -62.58 74.44
CA VAL EA 59 -38.30 -63.59 73.46
C VAL EA 59 -37.24 -63.62 72.38
N ALA EA 60 -36.80 -64.82 72.01
CA ALA EA 60 -35.74 -64.94 71.01
C ALA EA 60 -36.23 -64.53 69.63
N GLN EA 61 -37.24 -65.24 69.11
CA GLN EA 61 -37.79 -64.95 67.80
C GLN EA 61 -39.31 -65.12 67.87
N VAL EA 62 -40.04 -64.15 67.30
CA VAL EA 62 -41.49 -64.26 67.26
C VAL EA 62 -41.92 -65.43 66.37
N ARG EA 63 -41.24 -65.60 65.23
CA ARG EA 63 -41.55 -66.71 64.34
C ARG EA 63 -41.45 -68.05 65.08
N PHE EA 64 -40.53 -68.14 66.03
CA PHE EA 64 -40.26 -69.41 66.68
C PHE EA 64 -41.33 -69.76 67.70
N VAL EA 65 -41.89 -68.74 68.37
CA VAL EA 65 -42.91 -68.99 69.40
C VAL EA 65 -44.32 -68.98 68.85
N THR EA 66 -44.51 -68.51 67.61
CA THR EA 66 -45.85 -68.43 67.03
C THR EA 66 -45.98 -69.17 65.71
N GLY EA 67 -44.87 -69.58 65.09
CA GLY EA 67 -44.95 -70.11 63.74
C GLY EA 67 -45.34 -69.06 62.73
N ASN EA 68 -45.22 -67.79 63.09
CA ASN EA 68 -45.69 -66.69 62.25
C ASN EA 68 -44.77 -65.50 62.43
N LYS EA 69 -44.58 -64.77 61.33
CA LYS EA 69 -43.61 -63.69 61.24
C LYS EA 69 -44.28 -62.36 61.56
N ILE EA 70 -43.46 -61.38 61.98
CA ILE EA 70 -44.00 -60.15 62.56
C ILE EA 70 -44.85 -59.39 61.54
N LEU EA 71 -44.36 -59.23 60.31
CA LEU EA 71 -45.17 -58.60 59.28
C LEU EA 71 -46.42 -59.41 59.00
N ARG EA 72 -46.31 -60.74 59.04
CA ARG EA 72 -47.46 -61.60 58.82
C ARG EA 72 -48.53 -61.38 59.88
N ILE EA 73 -48.11 -61.21 61.15
CA ILE EA 73 -49.06 -60.94 62.21
C ILE EA 73 -49.74 -59.59 62.01
N LEU EA 74 -48.97 -58.57 61.63
CA LEU EA 74 -49.53 -57.24 61.39
C LEU EA 74 -50.52 -57.28 60.23
N LYS EA 75 -50.17 -57.98 59.15
CA LYS EA 75 -51.06 -58.06 57.99
C LYS EA 75 -52.29 -58.91 58.28
N SER EA 76 -52.14 -59.94 59.13
CA SER EA 76 -53.26 -60.85 59.38
C SER EA 76 -54.45 -60.11 59.97
N LYS EA 77 -54.20 -59.27 60.98
CA LYS EA 77 -55.27 -58.42 61.50
C LYS EA 77 -55.64 -57.33 60.50
N GLY EA 78 -54.68 -56.90 59.69
CA GLY EA 78 -54.90 -55.91 58.68
C GLY EA 78 -54.45 -54.51 59.02
N LEU EA 79 -53.80 -54.30 60.16
CA LEU EA 79 -53.32 -52.98 60.57
C LEU EA 79 -51.86 -52.76 60.19
N ALA EA 80 -51.32 -53.59 59.32
CA ALA EA 80 -49.94 -53.42 58.86
C ALA EA 80 -49.81 -52.15 58.03
N PRO EA 81 -48.61 -51.55 58.01
CA PRO EA 81 -48.42 -50.31 57.24
C PRO EA 81 -48.59 -50.54 55.74
N ASP EA 82 -49.01 -49.49 55.04
CA ASP EA 82 -49.15 -49.57 53.60
C ASP EA 82 -47.79 -49.70 52.91
N LEU EA 83 -46.84 -48.85 53.28
CA LEU EA 83 -45.50 -48.93 52.73
C LEU EA 83 -44.62 -49.85 53.58
N PRO EA 84 -43.79 -50.67 52.95
CA PRO EA 84 -42.82 -51.46 53.71
C PRO EA 84 -41.82 -50.56 54.42
N GLU EA 85 -41.31 -51.08 55.55
CA GLU EA 85 -40.34 -50.31 56.34
C GLU EA 85 -39.09 -49.99 55.53
N ASP EA 86 -38.67 -50.95 54.69
CA ASP EA 86 -37.45 -50.75 53.90
C ASP EA 86 -37.60 -49.55 52.98
N LEU EA 87 -38.71 -49.47 52.25
CA LEU EA 87 -38.92 -48.36 51.34
C LEU EA 87 -39.07 -47.04 52.08
N TYR EA 88 -39.85 -47.03 53.17
CA TYR EA 88 -40.16 -45.77 53.85
C TYR EA 88 -38.89 -45.13 54.41
N HIS EA 89 -38.04 -45.92 55.08
CA HIS EA 89 -36.85 -45.35 55.68
C HIS EA 89 -35.90 -44.81 54.63
N LEU EA 90 -35.86 -45.46 53.46
CA LEU EA 90 -35.10 -44.92 52.35
C LEU EA 90 -35.70 -43.62 51.83
N ILE EA 91 -37.04 -43.55 51.77
CA ILE EA 91 -37.70 -42.34 51.29
C ILE EA 91 -37.49 -41.19 52.26
N LYS EA 92 -37.68 -41.45 53.56
CA LYS EA 92 -37.45 -40.42 54.56
C LYS EA 92 -36.01 -39.93 54.53
N LYS EA 93 -35.07 -40.86 54.38
CA LYS EA 93 -33.68 -40.47 54.24
C LYS EA 93 -33.46 -39.63 52.99
N ALA EA 94 -34.09 -40.01 51.87
CA ALA EA 94 -33.99 -39.23 50.65
C ALA EA 94 -34.56 -37.83 50.85
N VAL EA 95 -35.61 -37.72 51.67
CA VAL EA 95 -36.18 -36.41 51.96
C VAL EA 95 -35.21 -35.57 52.78
N ALA EA 96 -34.53 -36.20 53.75
CA ALA EA 96 -33.65 -35.46 54.64
C ALA EA 96 -32.47 -34.85 53.89
N VAL EA 97 -31.80 -35.65 53.07
CA VAL EA 97 -30.65 -35.13 52.32
C VAL EA 97 -31.10 -34.16 51.25
N ARG EA 98 -32.23 -34.41 50.59
CA ARG EA 98 -32.75 -33.45 49.62
C ARG EA 98 -33.10 -32.13 50.28
N LYS EA 99 -33.66 -32.18 51.50
CA LYS EA 99 -33.91 -30.96 52.24
C LYS EA 99 -32.60 -30.26 52.61
N HIS EA 100 -31.58 -31.02 53.00
CA HIS EA 100 -30.28 -30.42 53.27
C HIS EA 100 -29.64 -29.89 52.00
N LEU EA 101 -29.81 -30.59 50.88
CA LEU EA 101 -29.18 -30.19 49.63
C LEU EA 101 -29.73 -28.85 49.12
N GLU EA 102 -31.04 -28.64 49.24
CA GLU EA 102 -31.64 -27.40 48.73
C GLU EA 102 -31.10 -26.19 49.49
N ARG EA 103 -30.67 -26.39 50.73
CA ARG EA 103 -30.16 -25.27 51.52
C ARG EA 103 -28.66 -25.09 51.34
N ASN EA 104 -27.90 -26.17 51.25
CA ASN EA 104 -26.46 -26.14 51.01
C ASN EA 104 -26.20 -26.66 49.61
N ARG EA 105 -26.13 -25.75 48.64
CA ARG EA 105 -26.08 -26.11 47.23
C ARG EA 105 -24.73 -26.71 46.81
N LYS EA 106 -23.64 -26.32 47.45
CA LYS EA 106 -22.30 -26.71 47.04
C LYS EA 106 -21.88 -28.07 47.58
N ASP EA 107 -22.70 -28.71 48.40
CA ASP EA 107 -22.36 -30.00 49.01
C ASP EA 107 -22.49 -31.09 47.94
N LYS EA 108 -21.44 -31.21 47.12
CA LYS EA 108 -21.45 -32.20 46.05
C LYS EA 108 -21.41 -33.62 46.61
N ASP EA 109 -20.81 -33.81 47.79
CA ASP EA 109 -20.86 -35.12 48.42
C ASP EA 109 -22.30 -35.49 48.79
N ALA EA 110 -23.04 -34.53 49.35
CA ALA EA 110 -24.46 -34.76 49.62
C ALA EA 110 -25.22 -35.05 48.33
N LYS EA 111 -24.82 -34.41 47.23
CA LYS EA 111 -25.40 -34.76 45.94
C LYS EA 111 -25.12 -36.21 45.59
N PHE EA 112 -23.86 -36.62 45.56
CA PHE EA 112 -23.52 -37.99 45.17
C PHE EA 112 -24.24 -39.01 46.02
N ARG EA 113 -24.20 -38.84 47.36
CA ARG EA 113 -24.89 -39.79 48.23
C ARG EA 113 -26.38 -39.82 47.95
N LEU EA 114 -26.92 -38.75 47.35
CA LEU EA 114 -28.34 -38.71 47.04
C LEU EA 114 -28.70 -39.65 45.90
N ILE EA 115 -27.93 -39.62 44.80
CA ILE EA 115 -28.19 -40.54 43.68
C ILE EA 115 -28.11 -41.99 44.15
N LEU EA 116 -27.20 -42.28 45.09
CA LEU EA 116 -27.15 -43.63 45.64
C LEU EA 116 -28.45 -43.98 46.35
N ILE EA 117 -29.04 -43.01 47.06
CA ILE EA 117 -30.27 -43.27 47.80
C ILE EA 117 -31.45 -43.45 46.84
N GLU EA 118 -31.55 -42.59 45.81
CA GLU EA 118 -32.59 -42.75 44.81
C GLU EA 118 -32.47 -44.09 44.08
N SER EA 119 -31.25 -44.45 43.67
CA SER EA 119 -31.07 -45.74 43.01
C SER EA 119 -31.46 -46.88 43.94
N ARG EA 120 -31.32 -46.68 45.24
CA ARG EA 120 -31.79 -47.68 46.21
C ARG EA 120 -33.31 -47.80 46.14
N ILE EA 121 -34.02 -46.67 46.07
CA ILE EA 121 -35.48 -46.69 46.07
C ILE EA 121 -36.02 -47.31 44.79
N HIS EA 122 -35.52 -46.87 43.63
CA HIS EA 122 -36.03 -47.38 42.37
C HIS EA 122 -35.80 -48.89 42.23
N ARG EA 123 -34.65 -49.36 42.69
CA ARG EA 123 -34.38 -50.79 42.70
C ARG EA 123 -35.28 -51.51 43.69
N LEU EA 124 -35.46 -50.93 44.88
CA LEU EA 124 -36.36 -51.52 45.87
C LEU EA 124 -37.80 -51.49 45.38
N ALA EA 125 -38.22 -50.38 44.77
CA ALA EA 125 -39.59 -50.28 44.26
C ALA EA 125 -39.84 -51.30 43.16
N ARG EA 126 -38.85 -51.53 42.29
CA ARG EA 126 -38.99 -52.53 41.25
C ARG EA 126 -39.25 -53.90 41.84
N TYR EA 127 -38.60 -54.21 42.97
CA TYR EA 127 -38.92 -55.42 43.72
C TYR EA 127 -40.39 -55.41 44.13
N TYR EA 128 -40.83 -54.31 44.73
CA TYR EA 128 -42.17 -54.28 45.31
C TYR EA 128 -43.25 -54.17 44.24
N LYS EA 129 -42.89 -53.73 43.03
CA LYS EA 129 -43.87 -53.72 41.95
C LYS EA 129 -44.08 -55.12 41.38
N THR EA 130 -43.00 -55.88 41.17
CA THR EA 130 -43.14 -57.21 40.59
C THR EA 130 -43.73 -58.19 41.60
N LYS EA 131 -43.61 -57.89 42.89
CA LYS EA 131 -44.16 -58.74 43.94
C LYS EA 131 -45.55 -58.30 44.37
N ARG EA 132 -46.14 -57.31 43.71
CA ARG EA 132 -47.50 -56.83 43.97
C ARG EA 132 -47.66 -56.27 45.37
N VAL EA 133 -46.56 -55.78 45.96
CA VAL EA 133 -46.66 -55.06 47.23
C VAL EA 133 -47.13 -53.63 46.98
N LEU EA 134 -46.63 -53.01 45.92
CA LEU EA 134 -47.04 -51.70 45.46
C LEU EA 134 -47.83 -51.82 44.16
N PRO EA 135 -48.74 -50.89 43.89
CA PRO EA 135 -49.50 -50.96 42.65
C PRO EA 135 -48.58 -50.85 41.45
N PRO EA 136 -48.88 -51.59 40.37
CA PRO EA 136 -48.12 -51.47 39.12
C PRO EA 136 -47.86 -50.05 38.66
N ASN EA 137 -48.66 -49.07 39.10
CA ASN EA 137 -48.48 -47.67 38.73
C ASN EA 137 -47.75 -46.87 39.80
N TRP EA 138 -47.33 -47.49 40.90
CA TRP EA 138 -46.64 -46.75 41.94
C TRP EA 138 -45.32 -46.21 41.43
N LYS EA 139 -45.04 -44.95 41.75
CA LYS EA 139 -43.85 -44.27 41.28
C LYS EA 139 -43.40 -43.28 42.34
N TYR EA 140 -42.10 -43.00 42.36
CA TYR EA 140 -41.51 -42.11 43.35
C TYR EA 140 -41.06 -40.83 42.66
N GLU EA 141 -41.69 -39.71 43.02
CA GLU EA 141 -41.26 -38.39 42.59
C GLU EA 141 -40.80 -37.57 43.78
N SER EA 142 -39.79 -36.73 43.54
CA SER EA 142 -39.20 -35.96 44.62
C SER EA 142 -40.17 -34.93 45.17
N SER EA 143 -41.17 -34.55 44.37
CA SER EA 143 -42.15 -33.56 44.84
C SER EA 143 -43.10 -34.16 45.86
N THR EA 144 -43.51 -35.41 45.67
CA THR EA 144 -44.45 -36.05 46.57
C THR EA 144 -43.79 -36.63 47.82
N ALA EA 145 -42.45 -36.76 47.82
CA ALA EA 145 -41.77 -37.57 48.82
C ALA EA 145 -41.95 -37.00 50.23
N SER EA 146 -41.82 -35.68 50.36
CA SER EA 146 -41.86 -35.07 51.69
C SER EA 146 -43.22 -35.23 52.34
N ALA EA 147 -44.26 -35.48 51.55
CA ALA EA 147 -45.59 -35.72 52.12
C ALA EA 147 -45.91 -37.21 52.19
N LEU EA 148 -45.46 -37.99 51.19
CA LEU EA 148 -45.64 -39.44 51.25
C LEU EA 148 -44.99 -40.01 52.50
N VAL EA 149 -43.72 -39.66 52.73
CA VAL EA 149 -43.12 -39.84 54.05
C VAL EA 149 -43.72 -38.81 54.99
N ALA EA 150 -43.88 -39.19 56.25
CA ALA EA 150 -44.54 -38.35 57.25
C ALA EA 150 -45.97 -38.03 56.84
N GLU FA 1 36.01 4.14 83.47
CA GLU FA 1 35.45 4.81 84.64
C GLU FA 1 36.47 5.79 85.22
N GLN FA 2 36.10 7.07 85.27
CA GLN FA 2 34.81 7.60 84.86
C GLN FA 2 34.78 7.88 83.35
N VAL FA 3 33.58 8.07 82.81
CA VAL FA 3 33.36 8.13 81.38
C VAL FA 3 33.21 9.57 80.88
N ILE FA 4 32.39 10.40 81.52
CA ILE FA 4 31.66 10.33 82.80
C ILE FA 4 30.16 10.12 82.67
N SER FA 5 29.46 11.09 82.07
CA SER FA 5 28.01 11.09 82.13
C SER FA 5 27.39 9.95 81.34
N LEU FA 6 28.08 9.46 80.31
CA LEU FA 6 27.59 8.31 79.58
C LEU FA 6 27.62 7.07 80.48
N GLY FA 7 26.59 6.25 80.37
CA GLY FA 7 26.46 5.09 81.22
C GLY FA 7 25.90 5.47 82.57
N PRO FA 8 25.05 4.60 83.12
CA PRO FA 8 24.34 4.95 84.36
C PRO FA 8 25.23 4.83 85.58
N GLN FA 9 24.75 5.42 86.68
CA GLN FA 9 25.43 5.31 87.96
C GLN FA 9 25.37 3.87 88.44
N VAL FA 10 26.53 3.20 88.45
CA VAL FA 10 26.60 1.78 88.76
C VAL FA 10 27.52 1.58 89.97
N ALA FA 11 27.35 0.42 90.61
CA ALA FA 11 28.20 -0.04 91.69
C ALA FA 11 29.27 -0.96 91.13
N GLU FA 12 30.00 -1.62 92.03
CA GLU FA 12 31.05 -2.55 91.59
C GLU FA 12 30.48 -3.94 91.34
N GLY FA 13 29.69 -4.45 92.28
CA GLY FA 13 29.21 -5.82 92.18
C GLY FA 13 28.25 -6.03 91.02
N GLU FA 14 27.31 -5.12 90.82
CA GLU FA 14 26.26 -5.32 89.84
C GLU FA 14 26.72 -4.84 88.46
N ASN FA 15 25.89 -5.12 87.46
CA ASN FA 15 26.22 -4.85 86.07
C ASN FA 15 24.97 -4.42 85.32
N VAL FA 16 25.18 -3.74 84.19
CA VAL FA 16 24.10 -3.31 83.31
C VAL FA 16 24.01 -4.29 82.14
N PHE FA 17 22.79 -4.54 81.69
CA PHE FA 17 22.54 -5.58 80.70
C PHE FA 17 22.02 -4.96 79.39
N GLY FA 18 22.46 -5.55 78.29
CA GLY FA 18 22.00 -5.19 76.97
C GLY FA 18 21.60 -6.43 76.21
N VAL FA 19 21.18 -6.23 74.96
CA VAL FA 19 20.79 -7.35 74.09
C VAL FA 19 21.43 -7.15 72.72
N CYS FA 20 22.02 -8.22 72.19
CA CYS FA 20 22.67 -8.20 70.89
C CYS FA 20 21.83 -8.97 69.89
N HIS FA 21 21.25 -8.27 68.92
CA HIS FA 21 20.44 -8.89 67.89
C HIS FA 21 21.36 -9.31 66.75
N ILE FA 22 21.82 -10.56 66.81
CA ILE FA 22 22.82 -11.10 65.89
C ILE FA 22 22.08 -11.76 64.74
N PHE FA 23 21.93 -11.03 63.64
CA PHE FA 23 21.22 -11.51 62.45
C PHE FA 23 22.27 -12.06 61.49
N ALA FA 24 22.70 -13.28 61.74
CA ALA FA 24 23.74 -13.91 60.94
C ALA FA 24 23.10 -14.85 59.90
N SER FA 25 22.50 -14.23 58.90
CA SER FA 25 21.96 -14.98 57.78
C SER FA 25 23.08 -15.29 56.78
N PHE FA 26 22.68 -15.80 55.62
CA PHE FA 26 23.60 -15.89 54.51
C PHE FA 26 23.71 -14.54 53.82
N ASN FA 27 24.85 -14.32 53.17
CA ASN FA 27 25.19 -13.12 52.39
C ASN FA 27 25.52 -11.91 53.27
N ASP FA 28 25.35 -11.99 54.59
CA ASP FA 28 25.71 -10.88 55.47
C ASP FA 28 25.62 -11.35 56.91
N THR FA 29 26.08 -10.49 57.82
CA THR FA 29 26.02 -10.74 59.26
C THR FA 29 25.78 -9.41 59.97
N PHE FA 30 24.83 -9.41 60.90
CA PHE FA 30 24.51 -8.22 61.69
C PHE FA 30 24.81 -8.51 63.15
N VAL FA 31 25.53 -7.61 63.82
CA VAL FA 31 25.83 -7.75 65.24
C VAL FA 31 25.20 -6.60 66.01
N HIS FA 32 24.02 -6.17 65.57
CA HIS FA 32 23.29 -5.09 66.24
C HIS FA 32 23.17 -5.35 67.74
N VAL FA 33 23.32 -4.27 68.52
CA VAL FA 33 23.18 -4.31 69.96
C VAL FA 33 22.36 -3.12 70.41
N THR FA 34 21.42 -3.37 71.32
CA THR FA 34 20.49 -2.35 71.78
C THR FA 34 20.40 -2.42 73.30
N ASP FA 35 19.52 -1.58 73.85
CA ASP FA 35 19.22 -1.63 75.27
C ASP FA 35 18.31 -2.82 75.58
N LEU FA 36 18.01 -3.01 76.87
CA LEU FA 36 17.25 -4.17 77.28
C LEU FA 36 15.84 -4.16 76.68
N SER FA 37 15.32 -2.97 76.35
CA SER FA 37 14.03 -2.90 75.67
C SER FA 37 14.10 -3.49 74.27
N GLY FA 38 15.10 -3.07 73.50
CA GLY FA 38 15.28 -3.56 72.15
C GLY FA 38 15.29 -2.46 71.11
N LYS FA 39 14.82 -1.28 71.50
CA LYS FA 39 14.60 -0.18 70.56
C LYS FA 39 15.64 0.93 70.63
N GLU FA 40 16.21 1.25 71.80
CA GLU FA 40 17.25 2.26 71.90
C GLU FA 40 18.59 1.58 71.65
N THR FA 41 18.91 1.41 70.36
CA THR FA 41 20.13 0.74 69.99
C THR FA 41 21.36 1.56 70.36
N ILE FA 42 22.46 0.87 70.63
CA ILE FA 42 23.70 1.50 71.07
C ILE FA 42 24.69 1.53 69.90
N CYS FA 43 25.07 0.35 69.41
CA CYS FA 43 26.04 0.25 68.34
C CYS FA 43 25.57 -0.78 67.33
N ARG FA 44 25.51 -0.38 66.06
CA ARG FA 44 25.09 -1.25 64.98
C ARG FA 44 26.25 -1.43 64.01
N VAL FA 45 26.74 -2.66 63.87
CA VAL FA 45 27.79 -2.99 62.93
C VAL FA 45 27.33 -4.22 62.15
N THR FA 46 27.75 -4.30 60.89
CA THR FA 46 27.45 -5.44 60.03
C THR FA 46 28.73 -5.90 59.35
N GLY FA 47 28.72 -7.14 58.88
CA GLY FA 47 29.92 -7.68 58.26
C GLY FA 47 30.36 -6.92 57.03
N GLY FA 48 29.40 -6.42 56.24
CA GLY FA 48 29.73 -5.69 55.03
C GLY FA 48 30.41 -4.36 55.27
N MET FA 49 30.18 -3.73 56.42
CA MET FA 49 30.81 -2.45 56.71
C MET FA 49 32.31 -2.57 56.89
N LYS FA 50 32.85 -3.79 57.01
CA LYS FA 50 34.28 -3.99 57.20
C LYS FA 50 34.96 -4.62 55.98
N VAL FA 51 34.45 -5.75 55.50
CA VAL FA 51 35.02 -6.35 54.30
C VAL FA 51 34.54 -5.60 53.07
N LYS FA 52 35.46 -5.35 52.14
CA LYS FA 52 35.18 -4.63 50.91
C LYS FA 52 35.07 -5.56 49.71
N ALA FA 53 34.95 -6.86 49.93
CA ALA FA 53 34.98 -7.84 48.85
C ALA FA 53 33.59 -8.21 48.32
N ASP FA 54 32.52 -7.79 49.00
CA ASP FA 54 31.15 -7.92 48.52
C ASP FA 54 30.70 -9.37 48.43
N ARG FA 55 31.58 -10.31 48.81
CA ARG FA 55 31.23 -11.72 48.84
C ARG FA 55 31.55 -12.40 50.16
N ASP FA 56 32.44 -11.83 50.97
CA ASP FA 56 32.76 -12.37 52.28
C ASP FA 56 31.87 -11.78 53.37
N GLU FA 57 30.80 -11.10 52.99
CA GLU FA 57 29.95 -10.43 53.97
C GLU FA 57 29.37 -11.38 55.01
N SER FA 58 29.14 -12.64 54.64
CA SER FA 58 28.71 -13.66 55.60
C SER FA 58 29.85 -14.58 56.00
N SER FA 59 31.07 -14.29 55.55
CA SER FA 59 32.20 -15.13 55.91
C SER FA 59 32.52 -14.97 57.39
N PRO FA 60 33.09 -15.99 58.01
CA PRO FA 60 33.51 -15.86 59.42
C PRO FA 60 34.50 -14.74 59.65
N TYR FA 61 35.37 -14.44 58.68
CA TYR FA 61 36.35 -13.37 58.86
C TYR FA 61 35.66 -12.04 59.13
N ALA FA 62 34.65 -11.70 58.33
CA ALA FA 62 33.88 -10.49 58.59
C ALA FA 62 33.15 -10.57 59.92
N ALA FA 63 32.83 -11.78 60.38
CA ALA FA 63 31.90 -11.93 61.49
C ALA FA 63 32.46 -11.41 62.80
N MET FA 64 33.68 -11.83 63.16
CA MET FA 64 34.17 -11.43 64.47
C MET FA 64 34.73 -10.01 64.48
N LEU FA 65 35.22 -9.53 63.33
CA LEU FA 65 35.69 -8.14 63.26
C LEU FA 65 34.56 -7.17 63.52
N ALA FA 66 33.38 -7.44 62.95
CA ALA FA 66 32.22 -6.61 63.23
C ALA FA 66 31.83 -6.70 64.70
N ALA FA 67 31.87 -7.90 65.28
CA ALA FA 67 31.43 -8.08 66.65
C ALA FA 67 32.32 -7.33 67.63
N GLN FA 68 33.64 -7.36 67.42
CA GLN FA 68 34.55 -6.69 68.35
C GLN FA 68 34.37 -5.18 68.31
N ASP FA 69 34.00 -4.61 67.16
CA ASP FA 69 33.70 -3.19 67.12
C ASP FA 69 32.45 -2.87 67.93
N VAL FA 70 31.42 -3.71 67.82
CA VAL FA 70 30.32 -3.64 68.78
C VAL FA 70 30.84 -3.88 70.19
N ALA FA 71 31.72 -4.87 70.33
CA ALA FA 71 32.29 -5.18 71.64
C ALA FA 71 33.10 -4.01 72.20
N GLN FA 72 33.94 -3.39 71.37
CA GLN FA 72 34.72 -2.25 71.84
C GLN FA 72 33.80 -1.06 72.14
N ARG FA 73 32.74 -0.87 71.37
CA ARG FA 73 31.83 0.24 71.63
C ARG FA 73 31.05 0.04 72.91
N CYS FA 74 30.78 -1.22 73.29
CA CYS FA 74 30.02 -1.47 74.51
C CYS FA 74 30.77 -1.00 75.75
N LYS FA 75 32.07 -1.28 75.83
CA LYS FA 75 32.85 -0.83 76.97
C LYS FA 75 33.07 0.68 76.97
N GLU FA 76 33.09 1.30 75.79
CA GLU FA 76 33.14 2.76 75.74
C GLU FA 76 31.91 3.37 76.40
N LEU FA 77 30.74 2.78 76.16
CA LEU FA 77 29.49 3.30 76.69
C LEU FA 77 29.33 2.95 78.16
N GLY FA 78 29.37 1.66 78.48
CA GLY FA 78 29.19 1.21 79.84
C GLY FA 78 28.43 -0.10 79.95
N ILE FA 79 27.84 -0.55 78.85
CA ILE FA 79 27.10 -1.81 78.86
C ILE FA 79 28.08 -2.97 78.95
N THR FA 80 27.83 -3.89 79.87
CA THR FA 80 28.78 -4.93 80.21
C THR FA 80 28.19 -6.34 80.28
N ALA FA 81 26.87 -6.49 80.22
CA ALA FA 81 26.24 -7.80 80.14
C ALA FA 81 25.25 -7.81 78.98
N LEU FA 82 25.22 -8.91 78.23
CA LEU FA 82 24.47 -8.95 76.98
C LEU FA 82 23.73 -10.27 76.85
N HIS FA 83 22.40 -10.20 76.77
CA HIS FA 83 21.62 -11.30 76.26
C HIS FA 83 21.73 -11.35 74.74
N ILE FA 84 21.78 -12.56 74.19
CA ILE FA 84 22.06 -12.75 72.77
C ILE FA 84 20.79 -13.29 72.10
N LYS FA 85 20.38 -12.63 71.03
CA LYS FA 85 19.19 -12.99 70.27
C LYS FA 85 19.62 -13.38 68.87
N LEU FA 86 19.89 -14.67 68.66
CA LEU FA 86 20.21 -15.17 67.34
C LEU FA 86 18.96 -15.12 66.46
N ARG FA 87 19.17 -14.99 65.15
CA ARG FA 87 18.08 -15.08 64.21
C ARG FA 87 18.65 -15.35 62.82
N ALA FA 88 18.01 -16.26 62.10
CA ALA FA 88 18.35 -16.57 60.72
C ALA FA 88 17.44 -15.78 59.80
N THR FA 89 17.50 -16.08 58.50
CA THR FA 89 16.64 -15.39 57.54
C THR FA 89 15.17 -15.66 57.84
N GLY FA 90 14.84 -16.91 58.20
CA GLY FA 90 13.51 -17.22 58.68
C GLY FA 90 12.44 -17.11 57.60
N GLY FA 91 11.20 -16.94 58.08
CA GLY FA 91 10.06 -16.85 57.18
C GLY FA 91 9.94 -18.12 56.36
N ASN FA 92 9.69 -17.94 55.06
CA ASN FA 92 9.73 -19.06 54.13
C ASN FA 92 11.14 -19.43 53.73
N ARG FA 93 12.13 -18.60 54.05
CA ARG FA 93 13.52 -18.86 53.68
C ARG FA 93 14.15 -19.86 54.66
N THR FA 94 15.47 -19.97 54.61
CA THR FA 94 16.20 -20.94 55.41
C THR FA 94 16.11 -20.61 56.89
N LYS FA 95 16.15 -21.65 57.72
CA LYS FA 95 16.07 -21.52 59.16
C LYS FA 95 17.42 -21.67 59.86
N THR FA 96 18.36 -22.38 59.25
CA THR FA 96 19.67 -22.53 59.85
C THR FA 96 20.45 -21.23 59.73
N PRO FA 97 21.10 -20.79 60.80
CA PRO FA 97 21.87 -19.54 60.75
C PRO FA 97 23.10 -19.69 59.87
N GLY FA 98 23.57 -18.54 59.36
CA GLY FA 98 24.69 -18.52 58.47
C GLY FA 98 26.00 -18.80 59.20
N PRO FA 99 27.10 -18.77 58.44
CA PRO FA 99 28.42 -19.07 59.02
C PRO FA 99 28.96 -18.01 59.97
N GLY FA 100 28.33 -16.85 60.07
CA GLY FA 100 28.86 -15.79 60.89
C GLY FA 100 28.28 -15.74 62.29
N ALA FA 101 27.36 -16.65 62.59
CA ALA FA 101 26.75 -16.67 63.92
C ALA FA 101 27.77 -17.05 64.98
N GLN FA 102 28.63 -18.02 64.67
CA GLN FA 102 29.55 -18.51 65.70
C GLN FA 102 30.74 -17.58 65.86
N SER FA 103 31.30 -17.10 64.75
CA SER FA 103 32.48 -16.26 64.81
C SER FA 103 32.20 -14.96 65.55
N ALA FA 104 31.02 -14.37 65.31
CA ALA FA 104 30.65 -13.17 66.04
C ALA FA 104 30.44 -13.45 67.52
N LEU FA 105 29.86 -14.60 67.85
CA LEU FA 105 29.69 -14.98 69.25
C LEU FA 105 31.05 -15.17 69.93
N ARG FA 106 32.01 -15.77 69.23
CA ARG FA 106 33.33 -15.97 69.80
C ARG FA 106 33.99 -14.63 70.11
N ALA FA 107 33.82 -13.65 69.20
CA ALA FA 107 34.45 -12.35 69.38
C ALA FA 107 33.97 -11.67 70.65
N LEU FA 108 32.67 -11.75 70.93
CA LEU FA 108 32.14 -11.16 72.15
C LEU FA 108 32.76 -11.82 73.39
N ALA FA 109 32.90 -13.14 73.37
CA ALA FA 109 33.47 -13.84 74.51
C ALA FA 109 34.94 -13.48 74.73
N ARG FA 110 35.73 -13.45 73.65
CA ARG FA 110 37.14 -13.10 73.78
C ARG FA 110 37.35 -11.61 74.03
N SER FA 111 36.32 -10.79 73.83
CA SER FA 111 36.42 -9.39 74.19
C SER FA 111 36.12 -9.15 75.66
N GLY FA 112 35.89 -10.22 76.44
CA GLY FA 112 35.64 -10.10 77.86
C GLY FA 112 34.30 -9.46 78.15
N MET FA 113 33.23 -10.03 77.62
CA MET FA 113 31.90 -9.44 77.77
C MET FA 113 30.93 -10.48 78.30
N LYS FA 114 30.31 -10.16 79.42
CA LYS FA 114 29.38 -11.06 80.09
C LYS FA 114 28.20 -11.36 79.17
N ILE FA 115 27.84 -12.64 79.07
CA ILE FA 115 26.74 -13.09 78.22
C ILE FA 115 25.68 -13.71 79.11
N GLY FA 116 24.43 -13.27 78.95
CA GLY FA 116 23.33 -13.83 79.71
C GLY FA 116 22.62 -14.94 78.96
N ARG FA 117 21.30 -14.88 78.94
CA ARG FA 117 20.51 -15.89 78.24
C ARG FA 117 20.74 -15.79 76.73
N ILE FA 118 20.75 -16.94 76.07
CA ILE FA 118 20.90 -17.02 74.62
C ILE FA 118 19.62 -17.61 74.05
N GLU FA 119 19.00 -16.88 73.13
CA GLU FA 119 17.80 -17.31 72.45
C GLU FA 119 17.96 -17.05 70.95
N ASP FA 120 17.26 -17.85 70.16
CA ASP FA 120 17.17 -17.61 68.72
C ASP FA 120 15.79 -17.07 68.39
N VAL FA 121 15.75 -16.03 67.55
CA VAL FA 121 14.51 -15.32 67.27
C VAL FA 121 14.25 -15.41 65.77
N THR FA 122 14.63 -16.52 65.17
CA THR FA 122 14.39 -16.73 63.75
C THR FA 122 12.89 -16.70 63.48
N PRO FA 123 12.42 -15.88 62.53
CA PRO FA 123 10.99 -15.81 62.25
C PRO FA 123 10.48 -17.06 61.56
N ILE FA 124 9.77 -17.89 62.31
CA ILE FA 124 9.18 -19.14 61.83
C ILE FA 124 7.70 -18.91 61.57
N PRO FA 125 7.18 -19.32 60.42
CA PRO FA 125 5.76 -19.11 60.13
C PRO FA 125 4.92 -20.32 60.48
N SER FA 126 3.62 -20.11 60.49
CA SER FA 126 2.65 -21.21 60.54
C SER FA 126 2.18 -21.54 59.13
N ASP FA 127 3.15 -21.94 58.29
CA ASP FA 127 2.90 -22.37 56.91
C ASP FA 127 2.26 -21.26 56.09
N SER FA 128 3.02 -20.19 55.88
CA SER FA 128 2.53 -19.03 55.13
C SER FA 128 3.49 -18.72 53.98
N THR FA 129 3.15 -17.66 53.23
CA THR FA 129 4.02 -16.98 52.26
C THR FA 129 4.81 -17.92 51.35
N ARG FA 130 4.10 -18.59 50.42
CA ARG FA 130 4.69 -19.51 49.46
C ARG FA 130 6.08 -19.06 49.00
N ARG FA 131 7.04 -19.99 49.09
CA ARG FA 131 8.45 -19.66 48.91
C ARG FA 131 8.79 -19.34 47.46
N LYS FA 132 9.70 -18.39 47.29
CA LYS FA 132 10.20 -17.94 45.99
C LYS FA 132 11.17 -18.97 45.44
N GLY FA 133 10.65 -20.05 44.87
CA GLY FA 133 11.50 -20.95 44.12
C GLY FA 133 10.93 -21.46 42.82
N GLY FA 134 9.63 -21.28 42.61
CA GLY FA 134 8.93 -21.98 41.56
C GLY FA 134 8.69 -23.44 41.94
N ARG FA 135 7.99 -24.15 41.07
CA ARG FA 135 7.64 -25.53 41.37
C ARG FA 135 8.88 -26.43 41.32
N ARG FA 136 9.72 -26.25 40.31
CA ARG FA 136 10.91 -27.08 40.14
C ARG FA 136 12.09 -26.62 40.96
N GLY FA 137 11.98 -25.48 41.65
CA GLY FA 137 13.03 -25.00 42.52
C GLY FA 137 14.16 -24.33 41.76
N ARG FA 138 15.22 -24.04 42.50
CA ARG FA 138 16.41 -23.37 41.94
C ARG FA 138 17.30 -24.42 41.29
N ARG FA 139 17.12 -24.63 39.98
CA ARG FA 139 17.91 -25.61 39.25
C ARG FA 139 19.22 -24.99 38.78
N LEU FA 140 20.14 -24.84 39.73
CA LEU FA 140 21.46 -24.28 39.44
C LEU FA 140 22.42 -25.38 39.03
N VAL GA 1 -22.63 -62.63 42.50
CA VAL GA 1 -21.89 -62.97 43.70
C VAL GA 1 -21.29 -64.37 43.55
N ARG GA 2 -22.12 -65.39 43.72
CA ARG GA 2 -21.67 -66.79 43.68
C ARG GA 2 -22.69 -67.58 42.87
N MET GA 3 -22.36 -67.85 41.61
CA MET GA 3 -23.31 -68.44 40.67
C MET GA 3 -23.26 -69.97 40.65
N ASN GA 4 -22.09 -70.57 40.79
CA ASN GA 4 -21.92 -72.02 40.76
C ASN GA 4 -21.40 -72.48 42.11
N VAL GA 5 -22.27 -73.10 42.91
CA VAL GA 5 -21.82 -73.71 44.16
C VAL GA 5 -20.96 -74.92 43.88
N LEU GA 6 -21.27 -75.66 42.81
CA LEU GA 6 -20.48 -76.82 42.44
C LEU GA 6 -19.06 -76.43 42.07
N ALA GA 7 -18.91 -75.31 41.36
CA ALA GA 7 -17.58 -74.86 40.96
C ALA GA 7 -16.72 -74.53 42.17
N ASP GA 8 -17.30 -73.85 43.17
CA ASP GA 8 -16.55 -73.56 44.39
C ASP GA 8 -16.18 -74.83 45.12
N ALA GA 9 -17.10 -75.80 45.18
CA ALA GA 9 -16.82 -77.07 45.83
C ALA GA 9 -15.66 -77.78 45.13
N LEU GA 10 -15.71 -77.84 43.80
CA LEU GA 10 -14.69 -78.56 43.05
C LEU GA 10 -13.34 -77.86 43.12
N LYS GA 11 -13.32 -76.53 43.13
CA LYS GA 11 -12.06 -75.82 43.26
C LYS GA 11 -11.45 -76.02 44.64
N SER GA 12 -12.27 -75.94 45.69
CA SER GA 12 -11.76 -76.05 47.04
C SER GA 12 -11.16 -77.43 47.31
N ILE GA 13 -11.80 -78.48 46.82
CA ILE GA 13 -11.25 -79.82 46.98
C ILE GA 13 -9.97 -79.97 46.16
N ASN GA 14 -9.92 -79.36 44.98
CA ASN GA 14 -8.70 -79.39 44.17
C ASN GA 14 -7.56 -78.64 44.85
N ASN GA 15 -7.87 -77.46 45.40
CA ASN GA 15 -6.85 -76.70 46.10
C ASN GA 15 -6.33 -77.46 47.32
N ALA GA 16 -7.25 -78.06 48.08
CA ALA GA 16 -6.84 -78.84 49.25
C ALA GA 16 -6.03 -80.05 48.85
N GLU GA 17 -6.42 -80.72 47.75
CA GLU GA 17 -5.70 -81.90 47.30
C GLU GA 17 -4.26 -81.57 46.92
N LYS GA 18 -4.05 -80.46 46.22
CA LYS GA 18 -2.70 -80.10 45.80
C LYS GA 18 -1.80 -79.76 47.00
N ARG GA 19 -2.39 -79.23 48.07
CA ARG GA 19 -1.63 -78.97 49.29
C ARG GA 19 -1.42 -80.21 50.13
N GLY GA 20 -2.04 -81.33 49.78
CA GLY GA 20 -1.85 -82.57 50.52
C GLY GA 20 -2.65 -82.69 51.79
N LYS GA 21 -3.65 -81.83 51.99
CA LYS GA 21 -4.49 -81.94 53.17
C LYS GA 21 -5.30 -83.23 53.13
N ARG GA 22 -5.53 -83.81 54.31
CA ARG GA 22 -6.25 -85.07 54.39
C ARG GA 22 -7.76 -84.89 54.22
N GLN GA 23 -8.31 -83.76 54.65
CA GLN GA 23 -9.74 -83.51 54.48
C GLN GA 23 -9.94 -82.01 54.25
N VAL GA 24 -11.08 -81.69 53.64
CA VAL GA 24 -11.39 -80.30 53.25
C VAL GA 24 -12.83 -79.99 53.63
N LEU GA 25 -13.03 -78.78 54.17
CA LEU GA 25 -14.34 -78.26 54.48
C LEU GA 25 -14.89 -77.54 53.25
N ILE GA 26 -15.95 -78.09 52.67
CA ILE GA 26 -16.66 -77.45 51.56
C ILE GA 26 -17.81 -76.64 52.15
N ARG GA 27 -17.88 -75.36 51.77
CA ARG GA 27 -18.83 -74.46 52.43
C ARG GA 27 -20.28 -74.76 52.05
N PRO GA 28 -20.68 -74.72 50.79
CA PRO GA 28 -22.10 -74.96 50.47
C PRO GA 28 -22.37 -76.43 50.18
N CYS GA 29 -23.62 -76.82 50.37
CA CYS GA 29 -24.07 -78.17 50.10
C CYS GA 29 -25.32 -78.13 49.24
N SER GA 30 -25.41 -79.09 48.33
CA SER GA 30 -26.57 -79.24 47.47
C SER GA 30 -26.57 -80.66 46.92
N LYS GA 31 -27.73 -81.08 46.39
CA LYS GA 31 -27.84 -82.41 45.80
C LYS GA 31 -26.84 -82.58 44.66
N VAL GA 32 -26.60 -81.50 43.89
CA VAL GA 32 -25.67 -81.57 42.78
C VAL GA 32 -24.26 -81.87 43.28
N ILE GA 33 -23.86 -81.22 44.37
CA ILE GA 33 -22.52 -81.45 44.91
C ILE GA 33 -22.40 -82.85 45.49
N VAL GA 34 -23.39 -83.28 46.27
CA VAL GA 34 -23.32 -84.61 46.88
C VAL GA 34 -23.32 -85.71 45.82
N ARG GA 35 -24.17 -85.58 44.80
CA ARG GA 35 -24.19 -86.58 43.73
C ARG GA 35 -22.88 -86.57 42.94
N PHE GA 36 -22.31 -85.38 42.74
CA PHE GA 36 -20.97 -85.27 42.15
C PHE GA 36 -19.94 -86.00 43.01
N LEU GA 37 -20.01 -85.83 44.33
CA LEU GA 37 -19.07 -86.50 45.22
C LEU GA 37 -19.33 -87.99 45.27
N THR GA 38 -20.59 -88.42 45.16
CA THR GA 38 -20.91 -89.84 45.30
C THR GA 38 -20.33 -90.66 44.17
N VAL GA 39 -20.47 -90.19 42.93
CA VAL GA 39 -19.90 -90.93 41.80
C VAL GA 39 -18.39 -90.96 41.90
N MET GA 40 -17.78 -89.84 42.30
CA MET GA 40 -16.35 -89.82 42.55
C MET GA 40 -15.96 -90.78 43.68
N MET GA 41 -16.75 -90.77 44.76
CA MET GA 41 -16.46 -91.66 45.89
C MET GA 41 -16.60 -93.12 45.50
N LYS GA 42 -17.65 -93.47 44.74
CA LYS GA 42 -17.82 -94.85 44.31
C LYS GA 42 -16.66 -95.30 43.45
N HIS GA 43 -16.18 -94.42 42.57
CA HIS GA 43 -15.01 -94.71 41.75
C HIS GA 43 -13.72 -94.74 42.56
N GLY GA 44 -13.77 -94.35 43.83
CA GLY GA 44 -12.62 -94.42 44.72
C GLY GA 44 -11.70 -93.23 44.69
N TYR GA 45 -12.05 -92.18 43.93
CA TYR GA 45 -11.14 -91.05 43.78
C TYR GA 45 -11.11 -90.19 45.04
N ILE GA 46 -12.12 -90.31 45.90
CA ILE GA 46 -12.10 -89.70 47.23
C ILE GA 46 -12.54 -90.75 48.23
N GLY GA 47 -12.57 -90.35 49.50
CA GLY GA 47 -12.98 -91.21 50.59
C GLY GA 47 -14.36 -90.88 51.11
N GLU GA 48 -14.71 -91.46 52.25
CA GLU GA 48 -15.99 -91.18 52.89
C GLU GA 48 -16.10 -89.69 53.23
N PHE GA 49 -17.23 -89.10 52.89
CA PHE GA 49 -17.42 -87.66 53.03
C PHE GA 49 -18.51 -87.37 54.06
N GLU GA 50 -18.54 -86.11 54.50
CA GLU GA 50 -19.29 -85.71 55.67
C GLU GA 50 -20.14 -84.50 55.31
N ILE GA 51 -21.37 -84.45 55.81
CA ILE GA 51 -22.24 -83.29 55.64
C ILE GA 51 -22.65 -82.80 57.01
N ILE GA 52 -22.61 -81.49 57.22
CA ILE GA 52 -23.01 -80.89 58.48
C ILE GA 52 -24.34 -80.19 58.25
N ASP GA 53 -25.38 -80.68 58.91
CA ASP GA 53 -26.74 -80.25 58.64
C ASP GA 53 -27.07 -79.17 59.67
N ASP GA 54 -26.92 -77.91 59.27
CA ASP GA 54 -27.57 -76.80 59.94
C ASP GA 54 -28.86 -76.48 59.20
N HIS GA 55 -29.67 -75.61 59.78
CA HIS GA 55 -30.96 -75.31 59.18
C HIS GA 55 -30.83 -74.46 57.92
N ARG GA 56 -29.64 -73.94 57.64
CA ARG GA 56 -29.35 -73.32 56.36
C ARG GA 56 -28.72 -74.37 55.44
N ALA GA 57 -28.16 -73.94 54.31
CA ALA GA 57 -27.46 -74.86 53.44
C ALA GA 57 -26.30 -75.50 54.17
N GLY GA 58 -26.13 -76.81 54.01
CA GLY GA 58 -25.16 -77.55 54.77
C GLY GA 58 -23.74 -77.30 54.30
N LYS GA 59 -22.80 -77.91 55.00
CA LYS GA 59 -21.39 -77.90 54.65
C LYS GA 59 -20.93 -79.33 54.38
N ILE GA 60 -19.76 -79.45 53.77
CA ILE GA 60 -19.26 -80.76 53.39
C ILE GA 60 -17.85 -80.93 53.95
N VAL GA 61 -17.58 -82.09 54.53
CA VAL GA 61 -16.21 -82.47 54.87
C VAL GA 61 -15.86 -83.73 54.09
N VAL GA 62 -14.93 -83.62 53.15
CA VAL GA 62 -14.56 -84.73 52.29
C VAL GA 62 -13.19 -85.25 52.71
N ASN GA 63 -13.08 -86.55 52.92
CA ASN GA 63 -11.83 -87.16 53.32
C ASN GA 63 -11.01 -87.45 52.07
N LEU GA 64 -10.10 -86.52 51.75
CA LEU GA 64 -9.21 -86.71 50.61
C LEU GA 64 -8.28 -87.89 50.84
N THR GA 65 -8.10 -88.70 49.80
CA THR GA 65 -7.14 -89.80 49.83
C THR GA 65 -5.81 -89.42 49.21
N GLY GA 66 -5.62 -88.16 48.86
CA GLY GA 66 -4.37 -87.70 48.27
C GLY GA 66 -4.08 -88.32 46.92
N ARG GA 67 -5.11 -88.82 46.24
CA ARG GA 67 -4.94 -89.65 45.05
C ARG GA 67 -5.78 -89.14 43.88
N LEU GA 68 -6.59 -88.12 44.13
CA LEU GA 68 -7.34 -87.41 43.09
C LEU GA 68 -6.41 -86.43 42.37
N ASN GA 69 -6.46 -86.41 41.05
CA ASN GA 69 -5.57 -85.57 40.25
C ASN GA 69 -6.19 -84.23 39.86
N LYS GA 70 -7.39 -84.25 39.30
CA LYS GA 70 -8.06 -83.03 38.85
C LYS GA 70 -9.56 -83.25 38.92
N CYS GA 71 -10.29 -82.24 39.37
CA CYS GA 71 -11.74 -82.32 39.55
C CYS GA 71 -12.42 -81.06 39.01
N GLY GA 72 -12.07 -80.67 37.80
CA GLY GA 72 -12.60 -79.44 37.24
C GLY GA 72 -14.08 -79.50 36.95
N VAL GA 73 -14.62 -78.33 36.62
CA VAL GA 73 -16.05 -78.16 36.35
C VAL GA 73 -16.21 -77.36 35.06
N ILE GA 74 -17.12 -77.80 34.20
CA ILE GA 74 -17.52 -77.04 33.02
C ILE GA 74 -18.72 -76.19 33.42
N SER GA 75 -18.48 -74.93 33.71
CA SER GA 75 -19.49 -74.06 34.32
C SER GA 75 -20.71 -73.89 33.43
N PRO GA 76 -20.57 -73.56 32.13
CA PRO GA 76 -21.76 -73.59 31.27
C PRO GA 76 -22.17 -75.03 31.00
N ARG GA 77 -23.29 -75.46 31.58
CA ARG GA 77 -23.70 -76.85 31.51
C ARG GA 77 -24.17 -77.15 30.09
N PHE GA 78 -23.19 -77.37 29.21
CA PHE GA 78 -23.46 -77.63 27.81
C PHE GA 78 -24.27 -78.92 27.66
N ASP GA 79 -25.18 -78.93 26.69
CA ASP GA 79 -25.99 -80.10 26.38
C ASP GA 79 -25.16 -81.05 25.52
N VAL GA 80 -24.98 -82.27 26.01
CA VAL GA 80 -24.16 -83.27 25.35
C VAL GA 80 -25.04 -84.41 24.89
N GLN GA 81 -25.05 -84.66 23.58
CA GLN GA 81 -25.69 -85.82 23.01
C GLN GA 81 -24.69 -86.97 22.97
N LEU GA 82 -25.10 -88.09 22.40
CA LEU GA 82 -24.20 -89.23 22.29
C LEU GA 82 -23.36 -89.22 21.03
N LYS GA 83 -23.54 -88.24 20.14
CA LYS GA 83 -22.66 -88.08 18.99
C LYS GA 83 -21.52 -87.11 19.25
N ASP GA 84 -21.67 -86.21 20.22
CA ASP GA 84 -20.58 -85.33 20.64
C ASP GA 84 -20.02 -85.69 22.01
N LEU GA 85 -20.55 -86.73 22.66
CA LEU GA 85 -19.97 -87.16 23.92
C LEU GA 85 -18.59 -87.76 23.71
N GLU GA 86 -18.40 -88.44 22.57
CA GLU GA 86 -17.08 -88.99 22.26
C GLU GA 86 -16.04 -87.89 22.08
N LYS GA 87 -16.43 -86.80 21.40
CA LYS GA 87 -15.48 -85.73 21.14
C LYS GA 87 -15.14 -84.95 22.41
N TRP GA 88 -16.02 -85.00 23.42
CA TRP GA 88 -15.71 -84.35 24.69
C TRP GA 88 -14.61 -85.09 25.45
N GLN GA 89 -14.49 -86.40 25.23
CA GLN GA 89 -13.52 -87.19 25.98
C GLN GA 89 -12.08 -86.78 25.63
N ASN GA 90 -11.78 -86.66 24.34
CA ASN GA 90 -10.41 -86.35 23.94
C ASN GA 90 -10.04 -84.90 24.14
N ASN GA 91 -10.98 -84.05 24.57
CA ASN GA 91 -10.67 -82.68 24.95
C ASN GA 91 -10.52 -82.49 26.45
N LEU GA 92 -11.17 -83.34 27.26
CA LEU GA 92 -11.22 -83.15 28.70
C LEU GA 92 -10.57 -84.27 29.48
N LEU GA 93 -10.21 -85.36 28.85
CA LEU GA 93 -9.70 -86.48 29.61
C LEU GA 93 -8.26 -86.78 29.23
N PRO GA 94 -7.42 -87.12 30.21
CA PRO GA 94 -6.01 -87.40 29.89
C PRO GA 94 -5.81 -88.52 28.89
N SER GA 95 -6.62 -89.58 28.97
CA SER GA 95 -6.54 -90.68 28.03
C SER GA 95 -7.80 -91.53 28.17
N ARG GA 96 -7.96 -92.48 27.25
CA ARG GA 96 -9.14 -93.34 27.24
C ARG GA 96 -9.05 -94.48 28.24
N GLN GA 97 -7.92 -94.63 28.94
CA GLN GA 97 -7.79 -95.66 29.95
C GLN GA 97 -8.51 -95.30 31.25
N PHE GA 98 -8.57 -94.03 31.60
CA PHE GA 98 -9.15 -93.60 32.87
C PHE GA 98 -9.72 -92.20 32.70
N GLY GA 99 -10.00 -91.56 33.82
CA GLY GA 99 -10.64 -90.25 33.80
C GLY GA 99 -12.12 -90.39 33.52
N PHE GA 100 -12.95 -89.48 34.03
CA PHE GA 100 -14.38 -89.59 33.80
C PHE GA 100 -14.98 -88.20 33.63
N ILE GA 101 -15.97 -88.10 32.74
CA ILE GA 101 -16.80 -86.91 32.62
C ILE GA 101 -18.17 -87.25 33.17
N VAL GA 102 -18.61 -86.50 34.17
CA VAL GA 102 -19.87 -86.76 34.86
C VAL GA 102 -20.88 -85.70 34.45
N LEU GA 103 -22.04 -86.16 33.97
CA LEU GA 103 -23.08 -85.28 33.45
C LEU GA 103 -24.43 -85.75 33.96
N THR GA 104 -25.31 -84.79 34.23
CA THR GA 104 -26.68 -85.08 34.63
C THR GA 104 -27.52 -85.45 33.42
N THR GA 105 -28.26 -86.54 33.55
CA THR GA 105 -29.30 -86.92 32.60
C THR GA 105 -30.62 -87.04 33.36
N SER GA 106 -31.67 -87.44 32.63
CA SER GA 106 -32.94 -87.69 33.28
C SER GA 106 -32.89 -88.96 34.15
N ALA GA 107 -31.86 -89.77 34.00
CA ALA GA 107 -31.66 -90.96 34.82
C ALA GA 107 -30.87 -90.68 36.08
N GLY GA 108 -30.57 -89.41 36.37
CA GLY GA 108 -29.77 -89.03 37.51
C GLY GA 108 -28.47 -88.38 37.07
N ILE GA 109 -27.53 -88.30 38.01
CA ILE GA 109 -26.18 -87.77 37.75
C ILE GA 109 -25.28 -88.97 37.51
N MET GA 110 -24.77 -89.09 36.29
CA MET GA 110 -24.11 -90.32 35.88
C MET GA 110 -22.80 -89.95 35.18
N ASP GA 111 -21.92 -90.94 35.04
CA ASP GA 111 -20.62 -90.75 34.41
C ASP GA 111 -20.70 -91.08 32.92
N HIS GA 112 -19.70 -90.64 32.16
CA HIS GA 112 -19.81 -90.73 30.70
C HIS GA 112 -19.79 -92.17 30.22
N GLU GA 113 -19.11 -93.06 30.94
CA GLU GA 113 -19.00 -94.46 30.50
C GLU GA 113 -20.36 -95.15 30.56
N GLU GA 114 -21.04 -95.06 31.71
CA GLU GA 114 -22.32 -95.73 31.89
C GLU GA 114 -23.52 -94.87 31.54
N ALA GA 115 -23.30 -93.59 31.21
CA ALA GA 115 -24.35 -92.84 30.53
C ALA GA 115 -24.52 -93.34 29.11
N ARG GA 116 -23.44 -93.90 28.54
CA ARG GA 116 -23.54 -94.52 27.22
C ARG GA 116 -24.05 -95.95 27.30
N ARG GA 117 -23.93 -96.59 28.47
CA ARG GA 117 -24.60 -97.87 28.68
C ARG GA 117 -26.11 -97.70 28.77
N LYS GA 118 -26.57 -96.63 29.43
CA LYS GA 118 -27.99 -96.34 29.47
C LYS GA 118 -28.46 -95.55 28.25
N HIS GA 119 -27.56 -95.27 27.30
CA HIS GA 119 -27.91 -94.68 26.02
C HIS GA 119 -28.66 -93.35 26.18
N THR GA 120 -28.16 -92.50 27.06
CA THR GA 120 -28.78 -91.22 27.34
C THR GA 120 -27.72 -90.13 27.41
N GLY GA 121 -28.12 -88.91 27.05
CA GLY GA 121 -27.28 -87.75 27.15
C GLY GA 121 -27.78 -86.77 28.20
N GLY GA 122 -27.11 -85.63 28.26
CA GLY GA 122 -27.51 -84.62 29.22
C GLY GA 122 -26.58 -83.42 29.31
N LYS GA 123 -26.79 -82.60 30.33
CA LYS GA 123 -25.99 -81.40 30.55
C LYS GA 123 -24.73 -81.77 31.32
N ILE GA 124 -23.58 -81.36 30.78
CA ILE GA 124 -22.31 -81.69 31.39
C ILE GA 124 -22.16 -80.94 32.70
N LEU GA 125 -21.51 -81.57 33.68
CA LEU GA 125 -21.22 -80.94 34.96
C LEU GA 125 -19.73 -80.68 35.12
N GLY GA 126 -18.92 -81.70 35.01
CA GLY GA 126 -17.50 -81.56 35.22
C GLY GA 126 -16.76 -82.82 34.87
N PHE GA 127 -15.49 -82.85 35.23
CA PHE GA 127 -14.64 -83.99 34.97
C PHE GA 127 -13.79 -84.25 36.19
N PHE GA 128 -13.39 -85.51 36.36
CA PHE GA 128 -12.40 -85.83 37.39
C PHE GA 128 -11.51 -86.96 36.90
N PHE GA 129 -10.24 -86.88 37.26
CA PHE GA 129 -9.29 -87.95 36.97
C PHE GA 129 -8.13 -87.87 37.95
N PRO HA 1 -0.89 -77.56 59.46
CA PRO HA 1 -0.82 -79.01 59.32
C PRO HA 1 -1.76 -79.55 58.25
N LEU HA 2 -1.66 -80.84 57.96
CA LEU HA 2 -2.45 -81.45 56.89
C LEU HA 2 -3.56 -82.35 57.39
N ALA HA 3 -3.48 -82.86 58.61
CA ALA HA 3 -4.44 -83.85 59.11
C ALA HA 3 -5.24 -83.33 60.30
N LYS HA 4 -5.55 -82.05 60.32
CA LYS HA 4 -6.39 -81.51 61.38
C LYS HA 4 -7.84 -81.89 61.13
N ASP HA 5 -8.47 -82.49 62.14
CA ASP HA 5 -9.82 -83.02 62.02
C ASP HA 5 -10.81 -81.87 62.12
N LEU HA 6 -11.32 -81.41 60.97
CA LEU HA 6 -12.32 -80.37 60.97
C LEU HA 6 -13.66 -80.85 61.50
N LEU HA 7 -13.83 -82.18 61.58
CA LEU HA 7 -15.04 -82.75 62.16
C LEU HA 7 -15.18 -82.41 63.64
N HIS HA 8 -14.13 -82.68 64.41
CA HIS HA 8 -14.20 -82.61 65.87
C HIS HA 8 -13.08 -81.72 66.39
N PRO HA 9 -13.23 -80.40 66.26
CA PRO HA 9 -12.33 -79.49 66.95
C PRO HA 9 -12.60 -79.55 68.45
N SER HA 10 -11.60 -79.13 69.22
CA SER HA 10 -11.78 -79.10 70.66
C SER HA 10 -12.89 -78.12 71.01
N PRO HA 11 -13.62 -78.37 72.10
CA PRO HA 11 -14.73 -77.47 72.45
C PRO HA 11 -14.30 -76.02 72.64
N GLU HA 12 -13.03 -75.79 72.97
CA GLU HA 12 -12.55 -74.42 73.05
C GLU HA 12 -12.21 -73.87 71.66
N GLU HA 13 -11.75 -74.73 70.74
CA GLU HA 13 -11.63 -74.29 69.34
C GLU HA 13 -12.98 -73.90 68.75
N GLU HA 14 -14.01 -74.72 68.94
CA GLU HA 14 -15.33 -74.40 68.39
C GLU HA 14 -15.79 -73.03 68.88
N LYS HA 15 -15.68 -72.78 70.18
CA LYS HA 15 -15.96 -71.46 70.73
C LYS HA 15 -14.94 -70.43 70.24
N ARG HA 16 -13.69 -70.84 70.02
CA ARG HA 16 -12.64 -69.88 69.68
C ARG HA 16 -12.92 -69.17 68.36
N LYS HA 17 -13.45 -69.89 67.38
CA LYS HA 17 -13.67 -69.33 66.05
C LYS HA 17 -14.68 -68.18 66.11
N HIS HA 18 -14.84 -67.53 64.96
CA HIS HA 18 -15.86 -66.50 64.83
C HIS HA 18 -17.24 -67.07 65.14
N LYS HA 19 -18.22 -66.18 65.29
CA LYS HA 19 -19.59 -66.63 65.47
C LYS HA 19 -20.08 -67.40 64.25
N LYS HA 20 -19.68 -66.97 63.05
CA LYS HA 20 -19.80 -67.77 61.84
C LYS HA 20 -18.57 -68.68 61.74
N LYS HA 21 -18.37 -69.28 60.58
CA LYS HA 21 -17.19 -70.09 60.30
C LYS HA 21 -17.10 -71.33 61.19
N ARG HA 22 -18.11 -71.55 62.02
CA ARG HA 22 -18.17 -72.76 62.83
C ARG HA 22 -18.85 -73.88 62.07
N LEU HA 23 -18.55 -75.12 62.46
CA LEU HA 23 -19.20 -76.27 61.85
C LEU HA 23 -20.72 -76.17 61.99
N VAL HA 24 -21.19 -75.93 63.21
CA VAL HA 24 -22.58 -75.58 63.48
C VAL HA 24 -22.58 -74.18 64.09
N GLN HA 25 -23.30 -73.27 63.45
CA GLN HA 25 -23.29 -71.88 63.85
C GLN HA 25 -23.86 -71.71 65.25
N SER HA 26 -23.37 -70.69 65.96
CA SER HA 26 -23.84 -70.42 67.31
C SER HA 26 -23.65 -68.95 67.67
N PRO HA 27 -24.62 -68.34 68.33
CA PRO HA 27 -24.48 -66.93 68.73
C PRO HA 27 -23.66 -66.80 70.02
N ASN HA 28 -23.13 -65.60 70.21
CA ASN HA 28 -22.41 -65.24 71.43
C ASN HA 28 -23.28 -64.48 72.43
N SER HA 29 -24.58 -64.40 72.18
CA SER HA 29 -25.51 -63.73 73.07
C SER HA 29 -26.25 -64.77 73.93
N TYR HA 30 -26.88 -64.28 75.00
CA TYR HA 30 -27.61 -65.15 75.91
C TYR HA 30 -28.65 -64.34 76.64
N PHE HA 31 -29.65 -65.04 77.17
CA PHE HA 31 -30.72 -64.42 77.95
C PHE HA 31 -30.48 -64.65 79.44
N MET HA 32 -30.79 -63.65 80.25
CA MET HA 32 -30.51 -63.73 81.67
C MET HA 32 -31.69 -63.22 82.49
N ASP HA 33 -31.67 -63.60 83.77
CA ASP HA 33 -32.53 -63.02 84.79
C ASP HA 33 -31.69 -62.11 85.67
N VAL HA 34 -32.12 -60.86 85.82
CA VAL HA 34 -31.51 -59.93 86.75
C VAL HA 34 -32.59 -59.48 87.73
N LYS HA 35 -32.31 -59.61 89.02
CA LYS HA 35 -33.23 -59.19 90.08
C LYS HA 35 -32.59 -58.02 90.80
N CYS HA 36 -33.16 -56.84 90.61
CA CYS HA 36 -32.64 -55.61 91.20
C CYS HA 36 -32.92 -55.59 92.70
N PRO HA 37 -32.09 -54.90 93.48
CA PRO HA 37 -32.30 -54.83 94.92
C PRO HA 37 -33.62 -54.16 95.26
N GLY HA 38 -34.25 -54.62 96.34
CA GLY HA 38 -35.52 -54.06 96.77
C GLY HA 38 -36.70 -54.39 95.88
N CYS HA 39 -36.72 -55.56 95.26
CA CYS HA 39 -37.81 -55.93 94.37
C CYS HA 39 -38.36 -57.32 94.71
N TYR HA 40 -39.30 -57.80 93.91
CA TYR HA 40 -39.83 -59.15 94.07
C TYR HA 40 -39.77 -59.89 92.74
N LYS HA 41 -39.94 -59.15 91.64
CA LYS HA 41 -40.02 -59.73 90.32
C LYS HA 41 -38.64 -60.15 89.81
N ILE HA 42 -38.66 -60.95 88.76
CA ILE HA 42 -37.43 -61.35 88.06
C ILE HA 42 -37.69 -61.18 86.57
N THR HA 43 -36.83 -60.42 85.90
CA THR HA 43 -37.01 -60.10 84.49
C THR HA 43 -36.14 -60.97 83.60
N THR HA 44 -36.27 -60.79 82.29
CA THR HA 44 -35.66 -61.64 81.28
C THR HA 44 -34.90 -60.81 80.25
N VAL HA 45 -34.04 -59.90 80.72
CA VAL HA 45 -33.35 -58.99 79.80
C VAL HA 45 -32.41 -59.80 78.89
N PHE HA 46 -32.13 -59.24 77.72
CA PHE HA 46 -31.24 -59.83 76.73
C PHE HA 46 -29.85 -59.25 76.88
N SER HA 47 -28.83 -60.07 76.58
CA SER HA 47 -27.45 -59.70 76.89
C SER HA 47 -27.02 -58.44 76.16
N HIS HA 48 -26.95 -58.50 74.84
CA HIS HA 48 -26.56 -57.35 74.04
C HIS HA 48 -27.73 -56.38 73.89
N ALA HA 49 -28.26 -55.96 75.04
CA ALA HA 49 -29.50 -55.22 75.05
C ALA HA 49 -29.33 -53.88 74.35
N GLN HA 50 -30.40 -53.47 73.67
CA GLN HA 50 -30.39 -52.36 72.74
C GLN HA 50 -31.19 -51.16 73.23
N THR HA 51 -32.17 -51.39 74.10
CA THR HA 51 -32.97 -50.34 74.70
C THR HA 51 -32.84 -50.41 76.21
N VAL HA 52 -32.90 -49.25 76.86
CA VAL HA 52 -32.91 -49.20 78.32
C VAL HA 52 -34.13 -49.97 78.83
N VAL HA 53 -33.92 -50.80 79.83
CA VAL HA 53 -34.95 -51.68 80.34
C VAL HA 53 -35.46 -51.15 81.67
N LEU HA 54 -36.78 -51.20 81.85
CA LEU HA 54 -37.40 -50.71 83.07
C LEU HA 54 -38.40 -51.75 83.56
N CYS HA 55 -38.44 -51.95 84.87
CA CYS HA 55 -39.38 -52.87 85.48
C CYS HA 55 -40.72 -52.18 85.70
N VAL HA 56 -41.81 -52.87 85.35
CA VAL HA 56 -43.14 -52.28 85.47
C VAL HA 56 -43.48 -52.02 86.93
N GLY HA 57 -42.88 -52.79 87.85
CA GLY HA 57 -43.13 -52.60 89.26
C GLY HA 57 -42.14 -51.66 89.92
N CYS HA 58 -40.85 -51.91 89.74
CA CYS HA 58 -39.80 -51.10 90.36
C CYS HA 58 -39.26 -50.14 89.31
N SER HA 59 -39.45 -48.84 89.54
CA SER HA 59 -39.16 -47.81 88.54
C SER HA 59 -37.68 -47.43 88.58
N THR HA 60 -36.84 -48.42 88.32
CA THR HA 60 -35.40 -48.22 88.19
C THR HA 60 -34.90 -48.89 86.92
N VAL HA 61 -33.95 -48.24 86.25
CA VAL HA 61 -33.39 -48.74 85.01
C VAL HA 61 -32.44 -49.89 85.29
N LEU HA 62 -32.39 -50.86 84.37
CA LEU HA 62 -31.56 -52.05 84.52
C LEU HA 62 -30.35 -52.06 83.61
N CYS HA 63 -30.54 -51.91 82.29
CA CYS HA 63 -29.45 -52.02 81.34
C CYS HA 63 -29.19 -50.68 80.68
N GLN HA 64 -27.96 -50.50 80.21
CA GLN HA 64 -27.57 -49.27 79.53
C GLN HA 64 -26.87 -49.64 78.22
N PRO HA 65 -27.47 -49.32 77.08
CA PRO HA 65 -26.91 -49.79 75.80
C PRO HA 65 -25.53 -49.23 75.52
N THR HA 66 -24.70 -50.06 74.89
CA THR HA 66 -23.34 -49.71 74.54
C THR HA 66 -22.99 -50.47 73.25
N GLY HA 67 -21.69 -50.57 72.96
CA GLY HA 67 -21.26 -51.25 71.74
C GLY HA 67 -21.76 -52.68 71.66
N GLY HA 68 -21.25 -53.56 72.53
CA GLY HA 68 -21.55 -54.97 72.38
C GLY HA 68 -22.43 -55.60 73.45
N LYS HA 69 -22.26 -55.23 74.71
CA LYS HA 69 -23.04 -55.80 75.81
C LYS HA 69 -23.54 -54.68 76.69
N ALA HA 70 -24.85 -54.45 76.69
CA ALA HA 70 -25.43 -53.41 77.51
C ALA HA 70 -25.00 -53.58 78.96
N ARG HA 71 -24.32 -52.56 79.49
CA ARG HA 71 -23.86 -52.60 80.86
C ARG HA 71 -25.04 -52.65 81.82
N LEU HA 72 -24.91 -53.48 82.86
CA LEU HA 72 -25.89 -53.51 83.91
C LEU HA 72 -25.69 -52.33 84.85
N THR HA 73 -26.66 -52.11 85.73
CA THR HA 73 -26.54 -51.06 86.73
C THR HA 73 -25.65 -51.53 87.87
N GLU HA 74 -25.66 -50.80 88.99
CA GLU HA 74 -24.92 -51.23 90.17
C GLU HA 74 -25.37 -52.64 90.56
N GLY HA 75 -24.41 -53.43 91.05
CA GLY HA 75 -24.54 -54.87 91.10
C GLY HA 75 -25.88 -55.43 91.55
N CYS HA 76 -26.57 -56.08 90.61
CA CYS HA 76 -27.83 -56.76 90.88
C CYS HA 76 -27.62 -58.26 90.81
N SER HA 77 -28.61 -59.00 91.30
CA SER HA 77 -28.54 -60.46 91.26
C SER HA 77 -28.76 -60.97 89.84
N PHE HA 78 -27.67 -61.01 89.07
CA PHE HA 78 -27.59 -61.52 87.71
C PHE HA 78 -27.10 -62.96 87.75
N ARG HA 79 -27.87 -63.86 87.15
CA ARG HA 79 -27.50 -65.25 86.95
C ARG HA 79 -27.76 -65.61 85.49
N ARG HA 80 -26.95 -66.51 84.95
CA ARG HA 80 -27.18 -67.07 83.62
C ARG HA 80 -27.90 -68.41 83.76
N LYS HA 81 -29.05 -68.55 83.10
CA LYS HA 81 -29.91 -69.71 83.31
C LYS HA 81 -29.86 -70.66 82.11
N GLN HA 82 -29.50 -71.91 82.39
CA GLN HA 82 -29.68 -73.09 81.55
C GLN HA 82 -29.31 -72.87 80.08
N HIS HA 83 -28.45 -71.90 79.80
CA HIS HA 83 -27.84 -71.70 78.48
C HIS HA 83 -28.81 -71.80 77.30
N GLY LA 1 -13.64 28.44 18.26
CA GLY LA 1 -14.11 29.76 18.63
C GLY LA 1 -15.55 29.79 19.05
N ARG LA 2 -16.06 28.65 19.50
CA ARG LA 2 -17.45 28.51 19.93
C ARG LA 2 -17.47 27.78 21.26
N VAL LA 3 -18.42 28.16 22.12
CA VAL LA 3 -18.53 27.51 23.42
C VAL LA 3 -18.88 26.04 23.22
N ILE LA 4 -18.10 25.17 23.87
CA ILE LA 4 -18.26 23.74 23.74
C ILE LA 4 -19.31 23.27 24.73
N ARG LA 5 -19.91 22.12 24.46
CA ARG LA 5 -20.80 21.52 25.45
C ARG LA 5 -19.97 21.01 26.62
N GLY LA 6 -20.61 20.92 27.77
CA GLY LA 6 -19.85 20.82 29.01
C GLY LA 6 -19.70 22.20 29.60
N GLN LA 7 -19.21 23.15 28.81
CA GLN LA 7 -19.34 24.55 29.17
C GLN LA 7 -20.80 24.97 29.17
N ARG LA 8 -21.57 24.51 28.19
CA ARG LA 8 -22.99 24.83 28.16
C ARG LA 8 -23.76 24.12 29.26
N LYS LA 9 -23.23 23.02 29.79
CA LYS LA 9 -23.96 22.25 30.79
C LYS LA 9 -24.16 23.04 32.09
N GLY LA 10 -23.15 23.81 32.50
CA GLY LA 10 -23.28 24.59 33.71
C GLY LA 10 -24.17 25.81 33.58
N ALA LA 11 -24.53 26.18 32.35
CA ALA LA 11 -25.38 27.33 32.12
C ALA LA 11 -26.83 27.09 32.53
N GLY LA 12 -27.21 25.87 32.86
CA GLY LA 12 -28.59 25.64 33.24
C GLY LA 12 -29.50 25.03 32.20
N SER LA 13 -30.22 25.89 31.48
CA SER LA 13 -31.55 25.63 30.94
C SER LA 13 -31.81 24.20 30.46
N VAL LA 14 -31.07 23.74 29.46
CA VAL LA 14 -31.45 22.47 28.83
C VAL LA 14 -30.91 21.27 29.60
N PHE LA 15 -29.87 21.47 30.40
CA PHE LA 15 -29.22 20.39 31.12
C PHE LA 15 -29.63 20.34 32.59
N ARG LA 16 -30.70 21.03 32.98
CA ARG LA 16 -31.23 20.90 34.32
C ARG LA 16 -31.82 19.51 34.52
N ALA LA 17 -31.90 19.09 35.78
CA ALA LA 17 -32.43 17.77 36.09
C ALA LA 17 -33.93 17.70 35.84
N HIS LA 18 -34.41 16.52 35.46
CA HIS LA 18 -35.83 16.27 35.25
C HIS LA 18 -36.42 15.80 36.56
N VAL LA 19 -36.87 16.74 37.39
CA VAL LA 19 -37.36 16.45 38.73
C VAL LA 19 -38.87 16.59 38.81
N LYS LA 20 -39.57 16.43 37.68
CA LYS LA 20 -41.02 16.60 37.69
C LYS LA 20 -41.71 15.51 38.50
N HIS LA 21 -41.34 14.26 38.25
CA HIS LA 21 -42.01 13.12 38.87
C HIS LA 21 -41.21 12.51 40.01
N ARG LA 22 -40.12 13.14 40.43
CA ARG LA 22 -39.37 12.65 41.57
C ARG LA 22 -40.19 12.83 42.85
N LYS LA 23 -40.02 11.91 43.78
CA LYS LA 23 -40.92 11.78 44.92
C LYS LA 23 -40.46 12.57 46.13
N GLY LA 24 -39.48 13.45 45.99
CA GLY LA 24 -38.94 14.20 47.10
C GLY LA 24 -37.51 13.78 47.42
N ALA LA 25 -36.84 14.63 48.18
CA ALA LA 25 -35.49 14.36 48.61
C ALA LA 25 -35.50 13.25 49.66
N ALA LA 26 -34.66 12.24 49.45
CA ALA LA 26 -34.57 11.10 50.36
C ALA LA 26 -33.49 11.38 51.40
N ARG LA 27 -33.91 11.49 52.65
CA ARG LA 27 -32.98 11.87 53.71
C ARG LA 27 -33.51 11.39 55.06
N LEU LA 28 -32.59 11.28 56.02
CA LEU LA 28 -32.98 10.92 57.37
C LEU LA 28 -33.76 12.05 58.02
N ARG LA 29 -34.39 11.75 59.15
CA ARG LA 29 -35.11 12.78 59.88
C ARG LA 29 -34.14 13.58 60.74
N ALA LA 30 -34.55 14.80 61.08
CA ALA LA 30 -33.65 15.72 61.77
C ALA LA 30 -33.33 15.23 63.18
N VAL LA 31 -32.18 15.67 63.70
CA VAL LA 31 -31.80 15.31 65.05
C VAL LA 31 -32.58 16.15 66.05
N ASP LA 32 -33.05 15.51 67.11
CA ASP LA 32 -33.78 16.18 68.19
C ASP LA 32 -33.48 15.45 69.48
N PHE LA 33 -34.31 15.68 70.50
CA PHE LA 33 -34.11 15.02 71.79
C PHE LA 33 -34.19 13.50 71.65
N ALA LA 34 -35.22 13.02 70.96
CA ALA LA 34 -35.49 11.58 70.93
C ALA LA 34 -34.33 10.80 70.32
N GLU LA 35 -33.79 11.28 69.21
CA GLU LA 35 -32.71 10.56 68.55
C GLU LA 35 -31.38 10.71 69.27
N ARG LA 36 -31.19 11.82 69.99
CA ARG LA 36 -29.91 12.10 70.61
C ARG LA 36 -29.82 11.55 72.03
N HIS LA 37 -30.96 11.15 72.62
CA HIS LA 37 -30.97 10.56 73.95
C HIS LA 37 -31.66 9.21 74.04
N GLY LA 38 -32.48 8.84 73.07
CA GLY LA 38 -33.18 7.57 73.11
C GLY LA 38 -33.42 6.98 71.74
N TYR LA 39 -34.63 6.50 71.50
CA TYR LA 39 -35.01 6.02 70.17
C TYR LA 39 -36.46 6.41 69.92
N ILE LA 40 -36.80 6.58 68.64
CA ILE LA 40 -38.15 6.90 68.21
C ILE LA 40 -38.60 5.83 67.23
N LYS LA 41 -39.81 5.32 67.45
CA LYS LA 41 -40.34 4.18 66.71
C LYS LA 41 -41.14 4.69 65.52
N GLY LA 42 -40.72 4.29 64.31
CA GLY LA 42 -41.45 4.61 63.11
C GLY LA 42 -41.84 3.34 62.38
N ILE LA 43 -42.87 3.48 61.55
CA ILE LA 43 -43.41 2.36 60.79
C ILE LA 43 -43.33 2.71 59.30
N VAL LA 44 -42.78 1.79 58.52
CA VAL LA 44 -42.62 2.01 57.08
C VAL LA 44 -43.94 1.67 56.41
N LYS LA 45 -44.66 2.70 55.96
CA LYS LA 45 -45.96 2.51 55.35
C LYS LA 45 -45.88 2.01 53.92
N ASP LA 46 -44.89 2.44 53.16
CA ASP LA 46 -44.83 2.13 51.75
C ASP LA 46 -43.39 2.11 51.27
N ILE LA 47 -43.17 1.38 50.18
CA ILE LA 47 -41.91 1.38 49.45
C ILE LA 47 -42.23 1.81 48.03
N ILE LA 48 -41.57 2.87 47.56
CA ILE LA 48 -41.92 3.49 46.28
C ILE LA 48 -40.69 3.56 45.39
N HIS LA 49 -40.94 3.78 44.10
CA HIS LA 49 -39.90 3.95 43.11
C HIS LA 49 -39.75 5.43 42.77
N ASP LA 50 -38.58 5.99 43.07
CA ASP LA 50 -38.29 7.36 42.70
C ASP LA 50 -37.66 7.38 41.32
N PRO LA 51 -38.25 8.07 40.34
CA PRO LA 51 -37.69 8.05 38.99
C PRO LA 51 -36.26 8.57 38.94
N GLY LA 52 -35.46 7.96 38.08
CA GLY LA 52 -34.14 8.44 37.78
C GLY LA 52 -33.07 8.18 38.82
N ARG LA 53 -33.29 7.26 39.75
CA ARG LA 53 -32.30 7.01 40.79
C ARG LA 53 -32.16 5.52 41.10
N GLY LA 54 -32.67 4.66 40.22
CA GLY LA 54 -33.39 3.49 40.69
C GLY LA 54 -32.74 2.77 41.85
N ALA LA 55 -33.38 2.94 43.00
CA ALA LA 55 -33.20 2.36 44.31
C ALA LA 55 -34.44 2.76 45.07
N PRO LA 56 -35.15 1.83 45.70
CA PRO LA 56 -36.44 2.18 46.29
C PRO LA 56 -36.29 3.17 47.44
N LEU LA 57 -37.31 4.01 47.62
CA LEU LA 57 -37.42 4.88 48.77
C LEU LA 57 -38.49 4.33 49.69
N ALA LA 58 -38.19 4.32 50.99
CA ALA LA 58 -39.12 3.81 51.99
C ALA LA 58 -39.83 5.00 52.63
N LYS LA 59 -41.15 5.03 52.52
CA LYS LA 59 -41.94 6.08 53.16
C LYS LA 59 -42.32 5.60 54.55
N VAL LA 60 -41.63 6.13 55.56
CA VAL LA 60 -41.86 5.75 56.95
C VAL LA 60 -42.53 6.91 57.66
N VAL LA 61 -43.37 6.57 58.63
CA VAL LA 61 -44.18 7.54 59.35
C VAL LA 61 -43.79 7.48 60.82
N PHE LA 62 -43.50 8.66 61.40
CA PHE LA 62 -43.15 8.78 62.80
C PHE LA 62 -44.25 9.52 63.55
N ARG LA 63 -44.06 9.62 64.86
CA ARG LA 63 -44.95 10.34 65.74
C ARG LA 63 -44.25 11.59 66.25
N ASP LA 64 -44.86 12.75 66.06
CA ASP LA 64 -44.27 13.99 66.54
C ASP LA 64 -44.22 13.98 68.06
N PRO LA 65 -43.04 14.12 68.67
CA PRO LA 65 -42.95 14.10 70.13
C PRO LA 65 -43.39 15.39 70.79
N TYR LA 66 -43.70 16.43 70.02
CA TYR LA 66 -44.01 17.74 70.57
C TYR LA 66 -45.42 18.21 70.29
N ARG LA 67 -46.10 17.66 69.28
CA ARG LA 67 -47.48 18.02 69.00
C ARG LA 67 -48.19 16.80 68.43
N PHE LA 68 -49.52 16.83 68.50
CA PHE LA 68 -50.32 15.71 68.04
C PHE LA 68 -50.34 15.69 66.52
N LYS LA 69 -49.40 14.98 65.91
CA LYS LA 69 -49.28 14.94 64.46
C LYS LA 69 -48.47 13.71 64.08
N LYS LA 70 -48.56 13.35 62.80
CA LYS LA 70 -47.82 12.23 62.25
C LYS LA 70 -46.86 12.75 61.19
N ARG LA 71 -45.58 12.41 61.33
CA ARG LA 71 -44.54 12.90 60.44
C ARG LA 71 -44.14 11.82 59.45
N THR LA 72 -44.18 12.15 58.16
CA THR LA 72 -43.84 11.22 57.10
C THR LA 72 -42.43 11.52 56.60
N GLU LA 73 -41.58 10.51 56.58
CA GLU LA 73 -40.21 10.63 56.12
C GLU LA 73 -40.02 9.84 54.84
N LEU LA 74 -38.89 10.07 54.18
CA LEU LA 74 -38.59 9.51 52.86
C LEU LA 74 -37.24 8.84 52.86
N PHE LA 75 -37.00 7.97 53.83
CA PHE LA 75 -35.75 7.24 53.95
C PHE LA 75 -35.37 6.57 52.64
N ILE LA 76 -34.07 6.43 52.42
CA ILE LA 76 -33.55 5.55 51.38
C ILE LA 76 -33.66 4.13 51.88
N ALA LA 77 -34.31 3.27 51.10
CA ALA LA 77 -34.68 1.95 51.58
C ALA LA 77 -33.44 1.05 51.64
N ALA LA 78 -33.04 0.68 52.84
CA ALA LA 78 -32.08 -0.40 53.01
C ALA LA 78 -32.74 -1.70 52.59
N GLU LA 79 -31.96 -2.61 52.01
CA GLU LA 79 -32.58 -3.78 51.41
C GLU LA 79 -32.85 -4.84 52.47
N GLY LA 80 -34.06 -5.39 52.42
CA GLY LA 80 -34.55 -6.31 53.42
C GLY LA 80 -35.72 -5.81 54.22
N ILE LA 81 -36.01 -4.52 54.17
CA ILE LA 81 -37.13 -3.96 54.91
C ILE LA 81 -38.40 -4.13 54.10
N HIS LA 82 -39.53 -4.16 54.80
CA HIS LA 82 -40.83 -4.36 54.20
C HIS LA 82 -41.84 -3.43 54.83
N THR LA 83 -42.93 -3.18 54.11
CA THR LA 83 -44.01 -2.35 54.65
C THR LA 83 -44.61 -3.00 55.89
N GLY LA 84 -44.96 -2.16 56.85
CA GLY LA 84 -45.58 -2.62 58.08
C GLY LA 84 -44.62 -2.89 59.22
N GLN LA 85 -43.33 -3.03 58.95
CA GLN LA 85 -42.36 -3.26 60.01
C GLN LA 85 -42.02 -1.93 60.69
N PHE LA 86 -41.41 -2.05 61.86
CA PHE LA 86 -41.01 -0.89 62.65
C PHE LA 86 -39.52 -0.64 62.47
N VAL LA 87 -39.16 0.62 62.26
CA VAL LA 87 -37.77 1.04 62.23
C VAL LA 87 -37.55 2.04 63.36
N TYR LA 88 -36.41 1.91 64.02
CA TYR LA 88 -36.11 2.70 65.20
C TYR LA 88 -34.89 3.56 64.93
N CYS LA 89 -34.99 4.85 65.23
CA CYS LA 89 -33.90 5.80 65.02
C CYS LA 89 -33.52 6.41 66.36
N GLY LA 90 -32.21 6.50 66.61
CA GLY LA 90 -31.71 7.03 67.85
C GLY LA 90 -30.52 6.26 68.38
N LYS LA 91 -29.88 6.79 69.43
CA LYS LA 91 -28.68 6.15 69.95
C LYS LA 91 -28.99 4.90 70.76
N LYS LA 92 -30.23 4.72 71.20
CA LYS LA 92 -30.60 3.56 72.01
C LYS LA 92 -31.21 2.44 71.19
N ALA LA 93 -31.34 2.62 69.88
CA ALA LA 93 -31.82 1.56 69.00
C ALA LA 93 -30.71 0.55 68.77
N GLN LA 94 -31.08 -0.73 68.69
CA GLN LA 94 -30.07 -1.76 68.54
C GLN LA 94 -29.77 -2.03 67.06
N LEU LA 95 -28.77 -2.87 66.83
CA LEU LA 95 -28.18 -3.09 65.51
C LEU LA 95 -29.06 -4.01 64.69
N ASN LA 96 -30.13 -3.43 64.13
CA ASN LA 96 -31.02 -4.17 63.25
C ASN LA 96 -31.08 -3.48 61.89
N ILE LA 97 -31.46 -4.26 60.88
CA ILE LA 97 -31.51 -3.72 59.52
C ILE LA 97 -32.63 -2.70 59.43
N GLY LA 98 -32.30 -1.52 58.90
CA GLY LA 98 -33.26 -0.44 58.75
C GLY LA 98 -33.26 0.56 59.88
N ASN LA 99 -32.69 0.23 61.03
CA ASN LA 99 -32.60 1.18 62.12
C ASN LA 99 -31.56 2.25 61.83
N VAL LA 100 -31.71 3.39 62.50
CA VAL LA 100 -30.79 4.51 62.38
C VAL LA 100 -30.16 4.74 63.75
N LEU LA 101 -28.84 4.78 63.79
CA LEU LA 101 -28.11 5.02 65.03
C LEU LA 101 -26.76 5.64 64.69
N PRO LA 102 -26.14 6.37 65.63
CA PRO LA 102 -24.85 6.99 65.32
C PRO LA 102 -23.77 5.95 65.07
N VAL LA 103 -22.77 6.35 64.29
CA VAL LA 103 -21.67 5.44 63.99
C VAL LA 103 -20.86 5.13 65.24
N GLY LA 104 -20.88 6.03 66.23
CA GLY LA 104 -20.09 5.82 67.43
C GLY LA 104 -20.60 4.70 68.32
N THR LA 105 -21.86 4.32 68.20
CA THR LA 105 -22.43 3.29 69.05
C THR LA 105 -22.57 1.94 68.35
N MET LA 106 -21.96 1.78 67.18
CA MET LA 106 -22.01 0.47 66.54
C MET LA 106 -20.63 -0.16 66.48
N PRO LA 107 -20.55 -1.49 66.55
CA PRO LA 107 -19.27 -2.17 66.55
C PRO LA 107 -18.54 -2.01 65.21
N GLU LA 108 -17.25 -2.32 65.24
CA GLU LA 108 -16.36 -2.02 64.13
C GLU LA 108 -16.41 -3.06 63.02
N GLY LA 109 -17.61 -3.41 62.58
CA GLY LA 109 -17.78 -4.18 61.36
C GLY LA 109 -19.08 -3.83 60.68
N THR LA 110 -19.75 -2.81 61.20
CA THR LA 110 -21.14 -2.55 60.84
C THR LA 110 -21.24 -2.02 59.40
N ILE LA 111 -22.22 -2.53 58.67
CA ILE LA 111 -22.50 -2.11 57.31
C ILE LA 111 -23.63 -1.08 57.34
N VAL LA 112 -23.41 0.06 56.71
CA VAL LA 112 -24.36 1.17 56.76
C VAL LA 112 -24.71 1.61 55.34
N CYS LA 113 -25.87 2.26 55.20
CA CYS LA 113 -26.43 2.52 53.89
C CYS LA 113 -26.92 3.95 53.68
N CYS LA 114 -26.86 4.82 54.69
CA CYS LA 114 -27.07 6.24 54.46
C CYS LA 114 -26.27 7.00 55.51
N LEU LA 115 -25.04 7.37 55.18
CA LEU LA 115 -24.13 7.95 56.14
C LEU LA 115 -24.15 9.48 56.05
N GLU LA 116 -23.79 10.12 57.16
CA GLU LA 116 -23.79 11.57 57.29
C GLU LA 116 -22.35 12.05 57.16
N GLU LA 117 -22.12 13.04 56.30
CA GLU LA 117 -20.79 13.64 56.21
C GLU LA 117 -20.51 14.51 57.43
N LYS LA 118 -21.48 15.33 57.83
CA LYS LA 118 -21.36 16.18 59.00
C LYS LA 118 -22.38 15.77 60.06
N PRO LA 119 -22.02 15.83 61.33
CA PRO LA 119 -22.86 15.23 62.38
C PRO LA 119 -24.09 16.05 62.69
N GLY LA 120 -25.17 15.86 61.93
CA GLY LA 120 -26.38 16.60 62.16
C GLY LA 120 -27.16 16.91 60.91
N ASP LA 121 -26.53 16.76 59.75
CA ASP LA 121 -27.25 16.86 58.49
C ASP LA 121 -28.03 15.56 58.30
N ARG LA 122 -28.57 15.35 57.10
CA ARG LA 122 -29.22 14.09 56.80
C ARG LA 122 -28.32 13.31 55.85
N GLY LA 123 -28.48 11.98 55.86
CA GLY LA 123 -27.58 11.07 55.19
C GLY LA 123 -27.09 11.49 53.82
N LYS LA 124 -25.77 11.53 53.64
CA LYS LA 124 -25.17 11.98 52.39
C LYS LA 124 -24.30 10.94 51.70
N LEU LA 125 -23.85 9.89 52.39
CA LEU LA 125 -22.90 8.94 51.84
C LEU LA 125 -23.57 7.59 51.61
N ALA LA 126 -23.06 6.87 50.61
CA ALA LA 126 -23.47 5.49 50.32
C ALA LA 126 -24.98 5.39 50.07
N ARG LA 127 -25.48 6.26 49.19
CA ARG LA 127 -26.91 6.36 48.94
C ARG LA 127 -27.34 5.74 47.61
N ALA LA 128 -26.42 5.26 46.79
CA ALA LA 128 -26.80 4.66 45.53
C ALA LA 128 -27.09 3.17 45.71
N SER LA 129 -27.87 2.61 44.79
CA SER LA 129 -28.39 1.26 44.94
C SER LA 129 -27.28 0.24 45.11
N GLY LA 130 -27.45 -0.64 46.09
CA GLY LA 130 -26.51 -1.72 46.32
C GLY LA 130 -25.22 -1.32 47.00
N ASN LA 131 -25.10 -0.06 47.42
CA ASN LA 131 -23.86 0.46 47.97
C ASN LA 131 -23.94 0.45 49.50
N TYR LA 132 -22.78 0.64 50.12
CA TYR LA 132 -22.70 0.59 51.58
C TYR LA 132 -21.33 1.09 52.02
N ALA LA 133 -21.27 1.56 53.26
CA ALA LA 133 -20.02 1.90 53.91
C ALA LA 133 -19.82 0.98 55.11
N THR LA 134 -18.54 0.77 55.44
CA THR LA 134 -18.15 -0.13 56.52
C THR LA 134 -17.53 0.71 57.63
N VAL LA 135 -17.99 0.51 58.86
CA VAL LA 135 -17.41 1.17 60.01
C VAL LA 135 -16.11 0.45 60.35
N ILE LA 136 -15.00 1.20 60.39
CA ILE LA 136 -13.69 0.58 60.54
C ILE LA 136 -13.26 0.58 62.01
N SER LA 137 -13.18 1.77 62.61
CA SER LA 137 -12.62 1.89 63.94
C SER LA 137 -13.05 3.20 64.57
N HIS LA 138 -13.56 3.12 65.78
CA HIS LA 138 -13.75 4.31 66.60
C HIS LA 138 -12.51 4.58 67.43
N ASN LA 139 -12.33 5.85 67.80
CA ASN LA 139 -11.51 6.12 68.96
C ASN LA 139 -12.36 6.86 69.98
N PRO LA 140 -12.45 6.33 71.21
CA PRO LA 140 -13.41 6.88 72.18
C PRO LA 140 -13.17 8.35 72.47
N GLU LA 141 -11.90 8.75 72.50
CA GLU LA 141 -11.57 10.16 72.63
C GLU LA 141 -11.80 10.88 71.31
N THR LA 142 -11.99 12.20 71.41
CA THR LA 142 -12.20 13.16 70.32
C THR LA 142 -13.27 12.73 69.33
N LYS LA 143 -14.08 11.72 69.70
CA LYS LA 143 -15.33 11.40 69.02
C LYS LA 143 -15.14 11.29 67.50
N LYS LA 144 -14.34 10.30 67.10
CA LYS LA 144 -14.02 10.09 65.70
C LYS LA 144 -14.14 8.62 65.35
N THR LA 145 -14.81 8.34 64.24
CA THR LA 145 -14.87 6.99 63.69
C THR LA 145 -14.41 7.02 62.24
N ARG LA 146 -13.56 6.06 61.88
CA ARG LA 146 -13.14 5.88 60.50
C ARG LA 146 -14.08 4.91 59.80
N VAL LA 147 -14.49 5.27 58.59
CA VAL LA 147 -15.37 4.44 57.78
C VAL LA 147 -14.73 4.27 56.41
N LYS LA 148 -15.11 3.20 55.73
CA LYS LA 148 -14.64 2.93 54.38
C LYS LA 148 -15.79 3.17 53.41
N LEU LA 149 -15.59 4.11 52.49
CA LEU LA 149 -16.63 4.53 51.58
C LEU LA 149 -16.74 3.55 50.41
N PRO LA 150 -17.86 3.57 49.68
CA PRO LA 150 -18.00 2.65 48.54
C PRO LA 150 -16.91 2.80 47.50
N SER LA 151 -16.28 3.98 47.40
CA SER LA 151 -15.13 4.13 46.52
C SER LA 151 -13.90 3.40 47.03
N GLY LA 152 -13.93 2.90 48.26
CA GLY LA 152 -12.78 2.27 48.86
C GLY LA 152 -11.91 3.19 49.67
N SER LA 153 -12.25 4.47 49.77
CA SER LA 153 -11.48 5.46 50.48
C SER LA 153 -11.90 5.52 51.94
N LYS LA 154 -10.91 5.54 52.84
CA LYS LA 154 -11.16 5.67 54.26
C LYS LA 154 -11.41 7.13 54.61
N LYS LA 155 -12.43 7.36 55.42
CA LYS LA 155 -12.76 8.72 55.85
C LYS LA 155 -13.02 8.72 57.35
N VAL LA 156 -12.43 9.66 58.06
CA VAL LA 156 -12.65 9.84 59.49
C VAL LA 156 -13.78 10.84 59.67
N ILE LA 157 -14.82 10.43 60.40
CA ILE LA 157 -16.00 11.25 60.64
C ILE LA 157 -16.33 11.21 62.13
N SER LA 158 -17.16 12.16 62.55
CA SER LA 158 -17.56 12.25 63.94
C SER LA 158 -18.42 11.06 64.33
N SER LA 159 -18.39 10.73 65.63
CA SER LA 159 -19.19 9.62 66.14
C SER LA 159 -20.68 9.91 66.13
N ALA LA 160 -21.08 11.18 66.08
CA ALA LA 160 -22.47 11.55 66.15
C ALA LA 160 -23.19 11.50 64.80
N ASN LA 161 -22.47 11.19 63.73
CA ASN LA 161 -23.11 11.00 62.43
C ASN LA 161 -24.00 9.77 62.47
N ARG LA 162 -25.20 9.91 61.92
CA ARG LA 162 -26.16 8.81 61.89
C ARG LA 162 -26.05 8.03 60.58
N ALA LA 163 -26.56 6.81 60.61
CA ALA LA 163 -26.51 5.94 59.44
C ALA LA 163 -27.58 4.87 59.57
N VAL LA 164 -28.11 4.46 58.44
CA VAL LA 164 -29.06 3.34 58.37
C VAL LA 164 -28.27 2.05 58.26
N VAL LA 165 -28.65 1.05 59.05
CA VAL LA 165 -27.92 -0.21 59.07
C VAL LA 165 -28.38 -1.07 57.89
N GLY LA 166 -27.41 -1.55 57.11
CA GLY LA 166 -27.67 -2.45 56.02
C GLY LA 166 -27.07 -1.94 54.73
N VAL LA 167 -27.58 -2.44 53.61
CA VAL LA 167 -27.20 -2.00 52.28
C VAL LA 167 -28.45 -1.48 51.58
N VAL LA 168 -28.28 -0.38 50.84
CA VAL LA 168 -29.42 0.23 50.16
C VAL LA 168 -29.87 -0.67 49.02
N ALA LA 169 -31.19 -0.85 48.90
CA ALA LA 169 -31.77 -1.78 47.95
C ALA LA 169 -31.53 -1.30 46.52
N GLY LA 170 -32.01 -2.10 45.58
CA GLY LA 170 -31.73 -1.91 44.17
C GLY LA 170 -30.64 -2.80 43.65
N GLY LA 171 -30.03 -3.62 44.50
CA GLY LA 171 -29.13 -4.72 44.21
C GLY LA 171 -28.10 -4.38 43.16
N GLY LA 172 -27.71 -5.40 42.40
CA GLY LA 172 -26.77 -5.25 41.31
C GLY LA 172 -27.46 -4.84 40.02
N ARG LA 173 -27.94 -3.60 39.99
CA ARG LA 173 -28.71 -3.12 38.84
C ARG LA 173 -27.83 -3.00 37.61
N ILE LA 174 -26.56 -2.63 37.79
CA ILE LA 174 -25.67 -2.41 36.66
C ILE LA 174 -25.19 -3.70 36.01
N ASP LA 175 -25.57 -4.85 36.56
CA ASP LA 175 -25.15 -6.12 35.97
C ASP LA 175 -25.89 -6.41 34.66
N LYS LA 176 -27.11 -5.92 34.51
CA LYS LA 176 -27.89 -6.17 33.30
C LYS LA 176 -27.41 -5.23 32.19
N PRO LA 177 -27.02 -5.75 31.02
CA PRO LA 177 -26.70 -4.87 29.91
C PRO LA 177 -27.93 -4.07 29.48
N ILE LA 178 -27.68 -2.82 29.07
CA ILE LA 178 -28.78 -1.98 28.60
C ILE LA 178 -29.39 -2.57 27.34
N LEU LA 179 -28.56 -3.10 26.45
CA LEU LA 179 -28.89 -3.91 25.28
C LEU LA 179 -29.49 -3.10 24.14
N LYS LA 180 -29.81 -1.82 24.33
CA LYS LA 180 -30.57 -1.10 23.33
C LYS LA 180 -30.34 0.38 23.48
N ALA LA 181 -30.24 1.08 22.35
CA ALA LA 181 -30.23 2.54 22.39
C ALA LA 181 -31.52 3.07 23.00
N GLY LA 182 -32.63 2.39 22.80
CA GLY LA 182 -33.89 2.84 23.36
C GLY LA 182 -33.94 2.74 24.87
N ARG LA 183 -33.37 1.66 25.42
CA ARG LA 183 -33.38 1.50 26.88
C ARG LA 183 -32.56 2.59 27.55
N ALA LA 184 -31.41 2.95 26.98
CA ALA LA 184 -30.63 4.06 27.52
C ALA LA 184 -31.34 5.38 27.30
N TYR LA 185 -32.16 5.48 26.26
CA TYR LA 185 -32.93 6.70 26.03
C TYR LA 185 -33.94 6.92 27.14
N HIS LA 186 -34.61 5.85 27.59
CA HIS LA 186 -35.58 5.98 28.67
C HIS LA 186 -34.88 6.14 30.02
N LYS LA 187 -33.69 5.57 30.17
CA LYS LA 187 -32.95 5.70 31.42
C LYS LA 187 -32.57 7.14 31.69
N TYR LA 188 -32.11 7.85 30.66
CA TYR LA 188 -31.63 9.21 30.82
C TYR LA 188 -32.72 10.24 30.60
N LYS LA 189 -33.86 9.85 30.03
CA LYS LA 189 -34.99 10.78 29.95
C LYS LA 189 -35.52 11.12 31.32
N ALA LA 190 -35.44 10.18 32.26
CA ALA LA 190 -35.89 10.44 33.61
C ALA LA 190 -34.82 11.15 34.43
N LYS LA 191 -33.57 11.17 33.96
CA LYS LA 191 -32.49 11.74 34.75
C LYS LA 191 -32.19 13.19 34.37
N ARG LA 192 -31.74 13.42 33.14
CA ARG LA 192 -31.30 14.74 32.68
C ARG LA 192 -30.86 14.61 31.23
N ASN LA 193 -30.67 15.75 30.57
CA ASN LA 193 -30.25 15.80 29.18
C ASN LA 193 -28.74 15.61 29.11
N CYS LA 194 -28.31 14.36 29.01
CA CYS LA 194 -26.90 14.07 28.85
C CYS LA 194 -26.57 12.95 27.87
N TRP LA 195 -27.55 12.15 27.44
CA TRP LA 195 -27.22 10.81 26.97
C TRP LA 195 -26.45 10.77 25.65
N PRO LA 196 -27.03 11.17 24.50
CA PRO LA 196 -26.36 10.86 23.23
C PRO LA 196 -25.08 11.67 23.10
N ARG LA 197 -23.95 11.03 23.30
CA ARG LA 197 -22.68 11.72 23.43
C ARG LA 197 -21.93 11.66 22.10
N VAL LA 198 -21.84 12.79 21.43
CA VAL LA 198 -21.05 12.91 20.21
C VAL LA 198 -19.58 13.04 20.59
N ARG LA 199 -18.75 12.19 19.99
CA ARG LA 199 -17.32 12.25 20.26
C ARG LA 199 -16.74 13.56 19.77
N GLY LA 200 -15.82 14.12 20.56
CA GLY LA 200 -15.18 15.37 20.17
C GLY LA 200 -14.40 15.27 18.88
N VAL LA 201 -13.82 14.11 18.60
CA VAL LA 201 -13.09 13.91 17.36
C VAL LA 201 -14.02 14.03 16.17
N ALA LA 202 -15.31 13.76 16.36
CA ALA LA 202 -16.29 13.88 15.30
C ALA LA 202 -16.84 15.29 15.15
N MET LA 203 -16.41 16.22 16.01
CA MET LA 203 -16.89 17.60 15.95
C MET LA 203 -15.96 18.42 15.07
N ASN LA 204 -16.22 19.72 14.97
CA ASN LA 204 -15.39 20.66 14.25
C ASN LA 204 -14.51 21.43 15.23
N PRO LA 205 -13.43 22.06 14.75
CA PRO LA 205 -12.51 22.74 15.68
C PRO LA 205 -13.16 23.87 16.48
N VAL LA 206 -14.28 24.43 16.03
CA VAL LA 206 -15.02 25.37 16.87
C VAL LA 206 -15.62 24.67 18.09
N GLU LA 207 -16.29 23.54 17.89
CA GLU LA 207 -17.00 22.95 19.02
C GLU LA 207 -16.10 22.19 19.96
N HIS LA 208 -14.86 21.90 19.60
CA HIS LA 208 -14.08 21.02 20.47
C HIS LA 208 -12.59 21.14 20.19
N PRO LA 209 -11.75 21.04 21.23
CA PRO LA 209 -10.31 20.97 20.99
C PRO LA 209 -9.88 19.78 20.16
N PHE LA 210 -10.60 18.66 20.26
CA PHE LA 210 -10.24 17.46 19.52
C PHE LA 210 -10.85 17.41 18.13
N GLY LA 211 -11.75 18.34 17.79
CA GLY LA 211 -12.44 18.29 16.53
C GLY LA 211 -11.57 18.77 15.38
N GLY LA 212 -11.97 18.34 14.18
CA GLY LA 212 -11.29 18.74 12.96
C GLY LA 212 -10.27 17.73 12.49
N GLY LA 213 -9.82 17.92 11.26
CA GLY LA 213 -8.82 17.06 10.66
C GLY LA 213 -9.39 16.15 9.59
N ASN LA 214 -8.61 15.87 8.56
CA ASN LA 214 -9.05 14.96 7.51
C ASN LA 214 -9.16 13.52 8.00
N HIS LA 215 -8.47 13.16 9.08
CA HIS LA 215 -8.63 11.89 9.75
C HIS LA 215 -9.12 12.12 11.17
N GLN LA 216 -10.00 11.25 11.64
CA GLN LA 216 -10.59 11.39 12.97
C GLN LA 216 -9.54 10.98 14.01
N HIS LA 217 -8.78 11.97 14.46
CA HIS LA 217 -7.72 11.77 15.43
C HIS LA 217 -7.68 12.96 16.39
N ILE LA 218 -7.14 12.72 17.58
CA ILE LA 218 -7.07 13.76 18.59
C ILE LA 218 -6.11 14.87 18.15
N GLY LA 219 -4.92 14.49 17.73
CA GLY LA 219 -3.91 15.45 17.31
C GLY LA 219 -3.08 16.04 18.42
N LYS LA 220 -3.40 15.75 19.68
CA LYS LA 220 -2.67 16.25 20.83
C LYS LA 220 -2.92 15.30 21.99
N PRO LA 221 -2.06 15.31 23.01
CA PRO LA 221 -2.29 14.41 24.16
C PRO LA 221 -3.68 14.60 24.74
N SER LA 222 -4.37 13.48 24.98
CA SER LA 222 -5.72 13.56 25.51
C SER LA 222 -5.71 13.85 27.00
N THR LA 223 -4.58 13.62 27.66
CA THR LA 223 -4.43 14.04 29.05
C THR LA 223 -4.29 15.55 29.11
N ILE LA 224 -5.03 16.17 30.02
CA ILE LA 224 -5.04 17.63 30.15
C ILE LA 224 -4.74 18.00 31.59
N ARG LA 225 -4.02 19.10 31.76
CA ARG LA 225 -3.63 19.54 33.09
C ARG LA 225 -4.85 19.97 33.89
N ARG LA 226 -4.72 19.86 35.22
CA ARG LA 226 -5.86 20.16 36.09
C ARG LA 226 -6.24 21.63 35.99
N ASP LA 227 -5.26 22.53 35.92
CA ASP LA 227 -5.51 23.96 35.88
C ASP LA 227 -5.84 24.46 34.48
N ALA LA 228 -6.19 23.56 33.56
CA ALA LA 228 -6.52 23.97 32.21
C ALA LA 228 -7.81 24.80 32.21
N PRO LA 229 -7.90 25.80 31.34
CA PRO LA 229 -9.11 26.63 31.29
C PRO LA 229 -10.33 25.82 30.85
N ALA LA 230 -11.48 26.21 31.38
CA ALA LA 230 -12.73 25.63 30.92
C ALA LA 230 -12.92 25.92 29.44
N GLY LA 231 -13.37 24.92 28.70
CA GLY LA 231 -13.36 24.98 27.26
C GLY LA 231 -12.17 24.29 26.63
N ARG LA 232 -11.15 23.98 27.41
CA ARG LA 232 -9.98 23.23 26.96
C ARG LA 232 -9.82 21.89 27.66
N LYS LA 233 -10.08 21.81 28.97
CA LYS LA 233 -9.84 20.55 29.67
C LYS LA 233 -10.95 19.57 29.29
N VAL LA 234 -10.71 18.88 28.18
CA VAL LA 234 -11.52 17.75 27.74
C VAL LA 234 -10.58 16.57 27.55
N GLY LA 235 -11.15 15.38 27.63
CA GLY LA 235 -10.34 14.18 27.61
C GLY LA 235 -10.08 13.69 29.02
N LEU LA 236 -8.88 13.19 29.28
CA LEU LA 236 -8.51 12.71 30.60
C LEU LA 236 -7.97 13.87 31.41
N ILE LA 237 -8.67 14.21 32.50
CA ILE LA 237 -8.38 15.41 33.27
C ILE LA 237 -7.44 15.06 34.41
N ALA LA 238 -6.25 15.68 34.41
CA ALA LA 238 -5.27 15.51 35.48
C ALA LA 238 -4.98 14.03 35.72
N ALA LA 239 -4.90 13.26 34.63
CA ALA LA 239 -4.75 11.82 34.75
C ALA LA 239 -3.38 11.46 35.32
N ARG LA 240 -3.39 10.70 36.42
CA ARG LA 240 -2.12 10.26 37.00
C ARG LA 240 -1.49 9.15 36.18
N ARG LA 241 -2.28 8.50 35.32
CA ARG LA 241 -1.79 7.44 34.45
C ARG LA 241 -2.88 7.15 33.42
N THR LA 242 -2.49 6.43 32.38
CA THR LA 242 -3.44 5.92 31.39
C THR LA 242 -3.09 4.46 31.12
N GLY LA 243 -3.81 3.85 30.18
CA GLY LA 243 -3.56 2.47 29.82
C GLY LA 243 -4.54 1.52 30.47
N ARG LA 244 -4.31 0.23 30.21
CA ARG LA 244 -5.26 -0.81 30.58
C ARG LA 244 -5.41 -0.98 32.09
N LEU LA 245 -4.54 -0.38 32.89
CA LEU LA 245 -4.65 -0.42 34.36
C LEU LA 245 -4.63 -1.86 34.86
N ARG LA 246 -3.49 -2.50 34.66
CA ARG LA 246 -3.32 -3.91 34.98
C ARG LA 246 -2.46 -4.03 36.24
N GLY LA 247 -2.94 -4.81 37.20
CA GLY LA 247 -2.23 -4.99 38.45
C GLY LA 247 -3.09 -4.72 39.66
N THR LA 248 -4.10 -3.86 39.51
CA THR LA 248 -5.03 -3.56 40.59
C THR LA 248 -6.35 -3.06 40.04
N SER MA 1 -13.77 16.91 -35.90
CA SER MA 1 -12.41 16.42 -35.95
C SER MA 1 -12.41 14.92 -35.98
N HIS MA 2 -12.49 14.33 -37.17
CA HIS MA 2 -12.26 12.90 -37.36
C HIS MA 2 -13.26 12.10 -36.52
N ARG MA 3 -14.49 12.05 -37.05
CA ARG MA 3 -15.66 11.57 -36.32
C ARG MA 3 -15.54 10.12 -35.88
N LYS MA 4 -14.39 9.49 -36.13
CA LYS MA 4 -13.90 8.30 -35.44
C LYS MA 4 -14.64 7.03 -35.83
N PHE MA 5 -15.71 7.15 -36.61
CA PHE MA 5 -16.48 5.99 -37.04
C PHE MA 5 -17.21 6.38 -38.31
N SER MA 6 -16.77 5.83 -39.44
CA SER MA 6 -17.38 6.16 -40.72
C SER MA 6 -18.80 5.63 -40.77
N ALA MA 7 -19.68 6.42 -41.39
CA ALA MA 7 -21.06 6.03 -41.61
C ALA MA 7 -21.55 6.83 -42.80
N PRO MA 8 -22.24 6.19 -43.75
CA PRO MA 8 -22.77 6.94 -44.90
C PRO MA 8 -23.80 7.97 -44.46
N ARG MA 9 -23.89 9.04 -45.23
CA ARG MA 9 -24.85 10.10 -44.94
C ARG MA 9 -26.28 9.59 -45.10
N HIS MA 10 -27.19 10.21 -44.36
CA HIS MA 10 -28.60 9.81 -44.36
C HIS MA 10 -29.33 10.53 -45.50
N GLY MA 11 -29.85 9.76 -46.44
CA GLY MA 11 -30.64 10.34 -47.52
C GLY MA 11 -29.78 10.86 -48.65
N SER MA 12 -30.38 11.03 -49.83
CA SER MA 12 -29.63 11.45 -51.00
C SER MA 12 -29.67 12.96 -51.14
N LEU MA 13 -28.51 13.54 -51.47
CA LEU MA 13 -28.42 14.98 -51.71
C LEU MA 13 -28.99 15.37 -53.07
N GLY MA 14 -29.27 14.40 -53.93
CA GLY MA 14 -29.77 14.66 -55.28
C GLY MA 14 -31.27 14.66 -55.42
N PHE MA 15 -32.00 14.54 -54.31
CA PHE MA 15 -33.46 14.59 -54.32
C PHE MA 15 -34.01 15.74 -53.51
N LEU MA 16 -33.15 16.65 -53.02
CA LEU MA 16 -33.60 17.37 -51.83
C LEU MA 16 -33.79 18.87 -51.95
N PRO MA 17 -34.48 19.35 -52.96
CA PRO MA 17 -35.55 20.30 -52.64
C PRO MA 17 -36.73 19.45 -52.21
N ARG MA 18 -36.91 19.28 -50.91
CA ARG MA 18 -37.90 18.30 -50.43
C ARG MA 18 -39.23 18.98 -50.16
N LYS MA 19 -39.70 19.66 -51.20
CA LYS MA 19 -40.95 20.42 -51.15
C LYS MA 19 -42.07 19.62 -51.78
N ARG MA 20 -43.29 20.01 -51.46
CA ARG MA 20 -44.45 19.52 -52.20
C ARG MA 20 -44.27 19.86 -53.67
N SER MA 21 -44.50 18.87 -54.53
CA SER MA 21 -44.29 19.07 -55.95
C SER MA 21 -45.17 20.21 -56.45
N SER MA 22 -44.59 21.06 -57.31
CA SER MA 22 -45.34 22.17 -57.88
C SER MA 22 -46.47 21.70 -58.79
N ARG MA 23 -46.47 20.44 -59.18
CA ARG MA 23 -47.49 19.88 -60.06
C ARG MA 23 -48.07 18.63 -59.43
N HIS MA 24 -49.30 18.31 -59.82
CA HIS MA 24 -50.00 17.11 -59.37
C HIS MA 24 -49.89 15.96 -60.37
N ARG MA 25 -49.89 16.27 -61.67
CA ARG MA 25 -49.93 15.23 -62.69
C ARG MA 25 -48.60 14.48 -62.78
N GLY MA 26 -47.49 15.22 -62.79
CA GLY MA 26 -46.20 14.59 -62.98
C GLY MA 26 -45.73 14.69 -64.41
N LYS MA 27 -44.75 15.54 -64.67
CA LYS MA 27 -44.34 15.81 -66.05
C LYS MA 27 -43.15 14.96 -66.45
N VAL MA 28 -43.07 14.69 -67.75
CA VAL MA 28 -42.13 13.70 -68.27
C VAL MA 28 -40.69 14.17 -68.09
N LYS MA 29 -40.41 15.41 -68.50
CA LYS MA 29 -39.12 16.08 -68.33
C LYS MA 29 -38.03 15.54 -69.26
N SER MA 30 -38.29 14.42 -69.93
CA SER MA 30 -37.32 13.86 -70.88
C SER MA 30 -38.02 12.82 -71.72
N PHE MA 31 -38.15 13.07 -73.00
CA PHE MA 31 -38.73 12.11 -73.92
C PHE MA 31 -37.63 11.30 -74.59
N PRO MA 32 -37.94 10.08 -75.02
CA PRO MA 32 -36.91 9.27 -75.69
C PRO MA 32 -36.39 9.96 -76.94
N LYS MA 33 -35.12 9.71 -77.25
CA LYS MA 33 -34.47 10.36 -78.37
C LYS MA 33 -35.17 10.00 -79.68
N ASP MA 34 -35.36 11.01 -80.53
CA ASP MA 34 -36.10 10.85 -81.77
C ASP MA 34 -35.15 10.54 -82.92
N ASP MA 35 -35.45 9.47 -83.66
CA ASP MA 35 -34.72 9.14 -84.86
C ASP MA 35 -35.71 8.82 -85.97
N PRO MA 36 -35.55 9.40 -87.16
CA PRO MA 36 -36.53 9.17 -88.24
C PRO MA 36 -36.51 7.75 -88.80
N SER MA 37 -35.64 6.87 -88.31
CA SER MA 37 -35.64 5.49 -88.80
C SER MA 37 -36.89 4.75 -88.37
N LYS MA 38 -37.28 4.89 -87.10
CA LYS MA 38 -38.40 4.16 -86.56
C LYS MA 38 -39.73 4.70 -87.10
N PRO MA 39 -40.79 3.91 -87.03
CA PRO MA 39 -42.11 4.42 -87.42
C PRO MA 39 -42.62 5.45 -86.43
N VAL MA 40 -43.60 6.24 -86.91
CA VAL MA 40 -44.20 7.28 -86.08
C VAL MA 40 -44.99 6.64 -84.96
N HIS MA 41 -44.76 7.10 -83.72
CA HIS MA 41 -45.40 6.49 -82.57
C HIS MA 41 -45.43 7.48 -81.41
N LEU MA 42 -46.24 7.14 -80.41
CA LEU MA 42 -46.35 7.90 -79.17
C LEU MA 42 -45.38 7.35 -78.13
N THR MA 43 -44.94 8.23 -77.24
CA THR MA 43 -43.90 7.88 -76.28
C THR MA 43 -44.37 7.91 -74.83
N ALA MA 44 -45.59 8.34 -74.56
CA ALA MA 44 -46.07 8.40 -73.18
C ALA MA 44 -47.57 8.11 -73.18
N PHE MA 45 -48.10 7.95 -71.97
CA PHE MA 45 -49.53 7.73 -71.78
C PHE MA 45 -49.89 8.08 -70.35
N LEU MA 46 -51.18 8.27 -70.11
CA LEU MA 46 -51.68 8.69 -68.81
C LEU MA 46 -52.59 7.60 -68.25
N GLY MA 47 -52.31 7.17 -67.03
CA GLY MA 47 -53.08 6.15 -66.36
C GLY MA 47 -53.35 6.52 -64.91
N TYR MA 48 -54.19 5.70 -64.28
CA TYR MA 48 -54.65 5.97 -62.92
C TYR MA 48 -54.43 4.73 -62.08
N LYS MA 49 -53.71 4.90 -60.97
CA LYS MA 49 -53.31 3.77 -60.14
C LYS MA 49 -54.57 3.19 -59.49
N ALA MA 50 -55.05 2.06 -60.04
CA ALA MA 50 -56.23 1.42 -59.49
C ALA MA 50 -55.93 0.69 -58.19
N GLY MA 51 -54.80 -0.01 -58.15
CA GLY MA 51 -54.45 -0.75 -56.96
C GLY MA 51 -53.38 -1.78 -57.27
N MET MA 52 -53.18 -2.67 -56.31
CA MET MA 52 -52.19 -3.73 -56.43
C MET MA 52 -52.80 -5.07 -56.08
N THR MA 53 -52.32 -6.09 -56.76
CA THR MA 53 -52.59 -7.50 -56.46
C THR MA 53 -51.33 -8.28 -56.80
N HIS MA 54 -51.42 -9.60 -56.81
CA HIS MA 54 -50.26 -10.41 -57.15
C HIS MA 54 -50.67 -11.51 -58.12
N ILE MA 55 -49.65 -12.02 -58.83
CA ILE MA 55 -49.84 -13.01 -59.89
C ILE MA 55 -48.91 -14.18 -59.64
N VAL MA 56 -49.16 -15.27 -60.34
CA VAL MA 56 -48.30 -16.45 -60.34
C VAL MA 56 -47.84 -16.71 -61.75
N ARG MA 57 -46.55 -16.95 -61.93
CA ARG MA 57 -45.99 -17.22 -63.25
C ARG MA 57 -44.81 -18.17 -63.11
N GLU MA 58 -44.50 -18.83 -64.22
CA GLU MA 58 -43.30 -19.65 -64.32
C GLU MA 58 -42.16 -18.80 -64.85
N VAL MA 59 -41.03 -18.82 -64.14
CA VAL MA 59 -39.88 -17.98 -64.48
C VAL MA 59 -39.00 -18.72 -65.48
N ASP MA 60 -38.65 -18.04 -66.56
CA ASP MA 60 -37.72 -18.55 -67.56
C ASP MA 60 -36.44 -17.72 -67.43
N ARG MA 61 -35.48 -18.25 -66.69
CA ARG MA 61 -34.21 -17.57 -66.45
C ARG MA 61 -33.16 -18.65 -66.21
N PRO MA 62 -32.42 -19.04 -67.25
CA PRO MA 62 -31.46 -20.13 -67.09
C PRO MA 62 -30.38 -19.80 -66.07
N GLY MA 63 -30.00 -20.80 -65.28
CA GLY MA 63 -29.01 -20.63 -64.25
C GLY MA 63 -29.53 -20.12 -62.92
N SER MA 64 -30.79 -19.67 -62.86
CA SER MA 64 -31.36 -19.20 -61.62
C SER MA 64 -31.95 -20.35 -60.82
N LYS MA 65 -32.13 -20.10 -59.52
CA LYS MA 65 -32.76 -21.08 -58.65
C LYS MA 65 -34.27 -21.16 -58.85
N VAL MA 66 -34.85 -20.18 -59.56
CA VAL MA 66 -36.29 -20.16 -59.79
C VAL MA 66 -36.56 -20.43 -61.27
N ASN MA 67 -35.62 -21.10 -61.93
CA ASN MA 67 -35.84 -21.53 -63.31
C ASN MA 67 -36.91 -22.61 -63.34
N LYS MA 68 -37.90 -22.42 -64.23
CA LYS MA 68 -39.01 -23.37 -64.40
C LYS MA 68 -39.73 -23.65 -63.09
N LYS MA 69 -39.84 -22.65 -62.22
CA LYS MA 69 -40.59 -22.77 -60.99
C LYS MA 69 -41.59 -21.62 -60.90
N GLU MA 70 -42.69 -21.85 -60.19
CA GLU MA 70 -43.73 -20.85 -60.07
C GLU MA 70 -43.41 -19.90 -58.92
N VAL MA 71 -43.47 -18.60 -59.20
CA VAL MA 71 -43.25 -17.56 -58.21
C VAL MA 71 -44.46 -16.64 -58.21
N VAL MA 72 -44.65 -15.95 -57.09
CA VAL MA 72 -45.69 -14.93 -56.97
C VAL MA 72 -45.01 -13.57 -56.86
N GLU MA 73 -45.55 -12.59 -57.59
CA GLU MA 73 -44.96 -11.27 -57.68
C GLU MA 73 -46.06 -10.23 -57.57
N ALA MA 74 -45.81 -9.17 -56.79
CA ALA MA 74 -46.75 -8.08 -56.66
C ALA MA 74 -46.83 -7.30 -57.97
N VAL MA 75 -48.05 -6.94 -58.37
CA VAL MA 75 -48.27 -6.20 -59.61
C VAL MA 75 -49.27 -5.08 -59.34
N THR MA 76 -48.95 -3.88 -59.84
CA THR MA 76 -49.86 -2.75 -59.77
C THR MA 76 -50.72 -2.72 -61.02
N ILE MA 77 -52.00 -2.40 -60.84
CA ILE MA 77 -52.95 -2.26 -61.94
C ILE MA 77 -53.20 -0.76 -62.14
N VAL MA 78 -52.96 -0.28 -63.36
CA VAL MA 78 -53.11 1.12 -63.70
C VAL MA 78 -54.19 1.23 -64.77
N GLU MA 79 -55.28 1.91 -64.45
CA GLU MA 79 -56.41 2.02 -65.37
C GLU MA 79 -56.07 3.03 -66.47
N THR MA 80 -56.09 2.57 -67.71
CA THR MA 80 -55.67 3.38 -68.86
C THR MA 80 -56.75 3.33 -69.94
N PRO MA 81 -57.79 4.15 -69.82
CA PRO MA 81 -58.73 4.29 -70.92
C PRO MA 81 -58.07 4.99 -72.09
N PRO MA 82 -58.67 4.92 -73.28
CA PRO MA 82 -58.07 5.60 -74.43
C PRO MA 82 -57.98 7.11 -74.22
N MET MA 83 -56.92 7.70 -74.75
CA MET MA 83 -56.77 9.15 -74.73
C MET MA 83 -57.33 9.75 -76.01
N VAL MA 84 -57.58 11.06 -75.96
CA VAL MA 84 -58.16 11.78 -77.08
C VAL MA 84 -57.20 12.89 -77.49
N VAL MA 85 -56.81 12.91 -78.75
CA VAL MA 85 -55.87 13.89 -79.27
C VAL MA 85 -56.64 15.13 -79.70
N VAL MA 86 -56.28 16.28 -79.15
CA VAL MA 86 -57.05 17.50 -79.38
C VAL MA 86 -56.20 18.59 -80.01
N GLY MA 87 -54.88 18.52 -79.81
CA GLY MA 87 -54.00 19.57 -80.29
C GLY MA 87 -52.66 19.03 -80.72
N ILE MA 88 -51.90 19.89 -81.39
CA ILE MA 88 -50.54 19.61 -81.84
C ILE MA 88 -49.67 20.82 -81.51
N VAL MA 89 -48.51 20.56 -80.90
CA VAL MA 89 -47.55 21.61 -80.57
C VAL MA 89 -46.30 21.39 -81.39
N GLY MA 90 -45.71 22.49 -81.85
CA GLY MA 90 -44.43 22.46 -82.54
C GLY MA 90 -43.37 23.16 -81.72
N TYR MA 91 -42.17 22.61 -81.73
CA TYR MA 91 -41.03 23.19 -81.03
C TYR MA 91 -39.91 23.45 -82.01
N VAL MA 92 -39.19 24.54 -81.79
CA VAL MA 92 -38.04 24.91 -82.61
C VAL MA 92 -36.82 24.97 -81.71
N GLU MA 93 -35.71 24.40 -82.18
CA GLU MA 93 -34.47 24.37 -81.40
C GLU MA 93 -33.80 25.74 -81.51
N THR MA 94 -33.59 26.36 -80.37
CA THR MA 94 -32.94 27.66 -80.24
C THR MA 94 -31.64 27.52 -79.47
N PRO MA 95 -30.70 28.44 -79.65
CA PRO MA 95 -29.50 28.45 -78.79
C PRO MA 95 -29.81 28.82 -77.35
N ARG MA 96 -31.06 29.10 -77.02
CA ARG MA 96 -31.50 29.31 -75.65
C ARG MA 96 -32.34 28.15 -75.12
N GLY MA 97 -32.57 27.12 -75.94
CA GLY MA 97 -33.34 25.97 -75.50
C GLY MA 97 -34.31 25.50 -76.56
N LEU MA 98 -35.47 25.00 -76.11
CA LEU MA 98 -36.55 24.60 -77.00
C LEU MA 98 -37.68 25.60 -76.83
N ARG MA 99 -38.10 26.22 -77.93
CA ARG MA 99 -39.17 27.19 -77.89
C ARG MA 99 -40.42 26.63 -78.55
N THR MA 100 -41.56 26.83 -77.90
CA THR MA 100 -42.84 26.49 -78.49
C THR MA 100 -43.04 27.39 -79.72
N PHE MA 101 -43.27 26.77 -80.87
CA PHE MA 101 -43.44 27.55 -82.10
C PHE MA 101 -44.88 27.92 -82.33
N LYS MA 102 -45.76 26.94 -82.45
CA LYS MA 102 -47.16 27.19 -82.75
C LYS MA 102 -47.98 26.02 -82.24
N THR MA 103 -49.15 26.33 -81.70
CA THR MA 103 -50.07 25.32 -81.21
C THR MA 103 -51.36 25.38 -82.02
N VAL MA 104 -51.85 24.21 -82.44
CA VAL MA 104 -53.09 24.11 -83.21
C VAL MA 104 -53.99 23.10 -82.51
N PHE MA 105 -55.23 23.50 -82.22
CA PHE MA 105 -56.20 22.63 -81.59
C PHE MA 105 -57.26 22.20 -82.57
N ALA MA 106 -57.92 21.08 -82.26
CA ALA MA 106 -58.99 20.55 -83.07
C ALA MA 106 -60.32 21.20 -82.69
N GLU MA 107 -61.21 21.26 -83.67
CA GLU MA 107 -62.59 21.63 -83.38
C GLU MA 107 -63.25 20.51 -82.57
N HIS MA 108 -64.40 20.84 -81.97
CA HIS MA 108 -65.15 19.89 -81.15
C HIS MA 108 -64.26 19.30 -80.05
N ILE MA 109 -63.79 20.18 -79.17
CA ILE MA 109 -63.06 19.74 -77.99
C ILE MA 109 -64.05 19.30 -76.93
N SER MA 110 -63.80 18.15 -76.33
CA SER MA 110 -64.75 17.55 -75.40
C SER MA 110 -64.92 18.43 -74.17
N ASP MA 111 -66.10 18.30 -73.54
CA ASP MA 111 -66.42 19.14 -72.39
C ASP MA 111 -65.48 18.85 -71.22
N GLU MA 112 -65.14 17.58 -71.01
CA GLU MA 112 -64.22 17.25 -69.92
C GLU MA 112 -62.84 17.85 -70.17
N CYS MA 113 -62.41 17.93 -71.43
CA CYS MA 113 -61.19 18.65 -71.75
C CYS MA 113 -61.34 20.14 -71.46
N LYS MA 114 -62.47 20.72 -71.84
CA LYS MA 114 -62.71 22.14 -71.58
C LYS MA 114 -62.81 22.43 -70.09
N ARG MA 115 -63.17 21.42 -69.29
CA ARG MA 115 -63.24 21.61 -67.85
C ARG MA 115 -61.86 21.94 -67.27
N ARG MA 116 -60.79 21.47 -67.93
CA ARG MA 116 -59.44 21.69 -67.41
C ARG MA 116 -59.05 23.16 -67.51
N PHE MA 117 -59.62 23.88 -68.47
CA PHE MA 117 -59.25 25.28 -68.65
C PHE MA 117 -59.92 26.20 -67.64
N TYR MA 118 -60.82 25.67 -66.81
CA TYR MA 118 -61.58 26.47 -65.87
C TYR MA 118 -61.32 26.01 -64.44
N LYS MA 119 -61.14 26.98 -63.54
CA LYS MA 119 -61.06 26.69 -62.12
C LYS MA 119 -62.43 26.56 -61.47
N ASN MA 120 -63.47 27.14 -62.07
CA ASN MA 120 -64.83 27.03 -61.55
C ASN MA 120 -65.75 26.76 -62.73
N TRP MA 121 -66.02 25.48 -62.98
CA TRP MA 121 -66.94 25.10 -64.04
C TRP MA 121 -68.37 25.55 -63.74
N HIS MA 122 -68.77 25.51 -62.47
CA HIS MA 122 -70.16 25.78 -62.11
C HIS MA 122 -70.55 27.21 -62.45
N LYS MA 123 -69.69 28.17 -62.15
CA LYS MA 123 -70.02 29.57 -62.39
C LYS MA 123 -69.65 30.05 -63.78
N SER MA 124 -68.94 29.25 -64.56
CA SER MA 124 -68.53 29.66 -65.89
C SER MA 124 -69.68 29.48 -66.89
N LYS MA 125 -69.50 30.09 -68.06
CA LYS MA 125 -70.40 29.87 -69.19
C LYS MA 125 -69.71 29.16 -70.34
N LYS MA 126 -68.56 28.54 -70.07
CA LYS MA 126 -67.96 27.53 -70.94
C LYS MA 126 -67.75 28.05 -72.36
N LYS MA 127 -67.12 29.22 -72.44
CA LYS MA 127 -66.84 29.85 -73.72
C LYS MA 127 -65.44 29.55 -74.23
N ALA MA 128 -64.66 28.73 -73.54
CA ALA MA 128 -63.31 28.43 -73.97
C ALA MA 128 -63.30 27.77 -75.35
N PHE MA 129 -62.40 28.23 -76.21
CA PHE MA 129 -62.23 27.73 -77.57
C PHE MA 129 -63.47 27.88 -78.43
N THR MA 130 -64.38 28.81 -78.09
CA THR MA 130 -65.58 28.97 -78.89
C THR MA 130 -65.31 29.79 -80.14
N LYS MA 131 -64.49 30.83 -80.04
CA LYS MA 131 -64.11 31.58 -81.22
C LYS MA 131 -63.01 30.90 -82.02
N TYR MA 132 -62.36 29.89 -81.45
CA TYR MA 132 -61.33 29.17 -82.18
C TYR MA 132 -61.94 28.18 -83.16
N CYS MA 133 -62.88 27.36 -82.69
CA CYS MA 133 -63.45 26.32 -83.55
C CYS MA 133 -64.20 26.91 -84.74
N LYS MA 134 -64.60 28.17 -84.66
CA LYS MA 134 -65.25 28.82 -85.79
C LYS MA 134 -64.30 28.97 -86.96
N LYS MA 135 -62.99 29.00 -86.70
CA LYS MA 135 -62.02 29.11 -87.79
C LYS MA 135 -61.78 27.78 -88.49
N TRP MA 136 -62.22 26.67 -87.90
CA TRP MA 136 -62.14 25.39 -88.59
C TRP MA 136 -63.23 25.29 -89.65
N GLN MA 137 -64.23 26.16 -89.61
CA GLN MA 137 -65.38 26.04 -90.49
C GLN MA 137 -65.42 27.13 -91.57
N ASP MA 138 -65.02 28.35 -91.21
CA ASP MA 138 -65.01 29.41 -92.22
C ASP MA 138 -63.82 29.23 -93.17
N GLU MA 139 -63.97 29.77 -94.38
CA GLU MA 139 -62.98 29.53 -95.42
C GLU MA 139 -61.68 30.27 -95.12
N ASP MA 140 -61.76 31.45 -94.49
CA ASP MA 140 -60.55 32.16 -94.13
C ASP MA 140 -59.73 31.37 -93.11
N GLY MA 141 -60.40 30.76 -92.13
CA GLY MA 141 -59.70 30.07 -91.06
C GLY MA 141 -58.91 28.87 -91.51
N LYS MA 142 -59.44 28.09 -92.47
CA LYS MA 142 -58.71 26.91 -92.92
C LYS MA 142 -57.37 27.29 -93.54
N LYS MA 143 -57.35 28.33 -94.37
CA LYS MA 143 -56.09 28.78 -94.96
C LYS MA 143 -55.14 29.29 -93.88
N GLN MA 144 -55.70 29.83 -92.79
CA GLN MA 144 -54.88 30.18 -91.64
C GLN MA 144 -54.33 28.93 -90.95
N LEU MA 145 -55.17 27.89 -90.84
CA LEU MA 145 -54.73 26.66 -90.18
C LEU MA 145 -53.83 25.83 -91.09
N GLU MA 146 -54.12 25.82 -92.40
CA GLU MA 146 -53.25 25.11 -93.34
C GLU MA 146 -51.86 25.73 -93.38
N LYS MA 147 -51.80 27.06 -93.38
CA LYS MA 147 -50.51 27.75 -93.33
C LYS MA 147 -49.81 27.50 -92.00
N ASP MA 148 -50.57 27.41 -90.92
CA ASP MA 148 -49.98 27.15 -89.61
C ASP MA 148 -49.38 25.76 -89.54
N PHE MA 149 -49.97 24.80 -90.27
CA PHE MA 149 -49.42 23.46 -90.31
C PHE MA 149 -48.17 23.38 -91.17
N SER MA 150 -48.16 24.06 -92.32
CA SER MA 150 -47.00 24.03 -93.20
C SER MA 150 -45.79 24.69 -92.55
N SER MA 151 -46.02 25.80 -91.84
CA SER MA 151 -44.93 26.47 -91.14
C SER MA 151 -44.36 25.57 -90.03
N MET MA 152 -45.24 24.88 -89.32
CA MET MA 152 -44.78 23.90 -88.34
C MET MA 152 -44.01 22.77 -89.02
N LYS MA 153 -44.40 22.43 -90.24
CA LYS MA 153 -43.69 21.38 -90.97
C LYS MA 153 -42.33 21.87 -91.44
N LYS MA 154 -42.21 23.15 -91.78
CA LYS MA 154 -40.97 23.67 -92.33
C LYS MA 154 -39.98 24.09 -91.26
N TYR MA 155 -40.45 24.61 -90.12
CA TYR MA 155 -39.56 25.25 -89.17
C TYR MA 155 -39.34 24.45 -87.88
N CYS MA 156 -40.20 23.49 -87.58
CA CYS MA 156 -40.09 22.79 -86.30
C CYS MA 156 -39.21 21.56 -86.42
N GLN MA 157 -38.69 21.13 -85.27
CA GLN MA 157 -37.86 19.93 -85.16
C GLN MA 157 -38.52 18.83 -84.34
N VAL MA 158 -39.09 19.18 -83.19
CA VAL MA 158 -39.80 18.24 -82.33
C VAL MA 158 -41.23 18.71 -82.20
N ILE MA 159 -42.18 17.82 -82.45
CA ILE MA 159 -43.59 18.13 -82.34
C ILE MA 159 -44.23 17.17 -81.35
N ARG MA 160 -45.27 17.64 -80.67
CA ARG MA 160 -45.98 16.87 -79.67
C ARG MA 160 -47.47 17.01 -79.89
N VAL MA 161 -48.22 15.98 -79.49
CA VAL MA 161 -49.68 16.00 -79.55
C VAL MA 161 -50.21 16.25 -78.14
N ILE MA 162 -51.26 17.05 -78.05
CA ILE MA 162 -51.92 17.27 -76.77
C ILE MA 162 -53.08 16.28 -76.66
N ALA MA 163 -53.01 15.41 -75.67
CA ALA MA 163 -54.02 14.39 -75.45
C ALA MA 163 -54.59 14.54 -74.05
N HIS MA 164 -55.85 14.17 -73.89
CA HIS MA 164 -56.51 14.20 -72.59
C HIS MA 164 -57.19 12.87 -72.33
N THR MA 165 -57.29 12.52 -71.05
CA THR MA 165 -57.98 11.31 -70.64
C THR MA 165 -59.47 11.59 -70.50
N GLN MA 166 -60.26 10.51 -70.49
CA GLN MA 166 -61.71 10.60 -70.43
C GLN MA 166 -62.18 10.23 -69.03
N MET MA 167 -62.61 11.23 -68.26
CA MET MA 167 -63.07 11.00 -66.89
C MET MA 167 -64.36 10.20 -66.84
N ARG MA 168 -65.21 10.32 -67.86
CA ARG MA 168 -66.55 9.73 -67.77
C ARG MA 168 -66.49 8.22 -67.68
N LEU MA 169 -65.35 7.61 -68.00
CA LEU MA 169 -65.19 6.17 -67.93
C LEU MA 169 -64.42 5.73 -66.69
N LEU MA 170 -64.31 6.60 -65.69
CA LEU MA 170 -63.54 6.31 -64.50
C LEU MA 170 -64.43 6.42 -63.26
N PRO MA 171 -64.18 5.60 -62.24
CA PRO MA 171 -65.00 5.64 -61.04
C PRO MA 171 -64.71 6.80 -60.10
N LEU MA 172 -63.88 7.75 -60.51
CA LEU MA 172 -63.49 8.86 -59.66
C LEU MA 172 -64.57 9.94 -59.66
N ARG MA 173 -64.56 10.75 -58.59
CA ARG MA 173 -65.47 11.88 -58.53
C ARG MA 173 -65.08 12.98 -59.51
N GLN MA 174 -63.83 12.98 -59.95
CA GLN MA 174 -63.34 14.04 -60.83
C GLN MA 174 -63.88 13.87 -62.25
N LYS MA 175 -64.48 14.93 -62.77
CA LYS MA 175 -64.90 15.00 -64.17
C LYS MA 175 -63.94 15.80 -65.01
N LYS MA 176 -62.88 16.35 -64.41
CA LYS MA 176 -61.95 17.23 -65.10
C LYS MA 176 -60.82 16.39 -65.70
N ALA MA 177 -60.65 16.48 -67.02
CA ALA MA 177 -59.66 15.66 -67.70
C ALA MA 177 -58.25 16.15 -67.40
N HIS MA 178 -57.27 15.31 -67.76
CA HIS MA 178 -55.86 15.61 -67.56
C HIS MA 178 -55.20 15.82 -68.92
N LEU MA 179 -54.51 16.94 -69.08
CA LEU MA 179 -53.85 17.28 -70.33
C LEU MA 179 -52.37 16.95 -70.26
N MET MA 180 -51.81 16.57 -71.40
CA MET MA 180 -50.39 16.26 -71.48
C MET MA 180 -49.96 16.25 -72.94
N GLU MA 181 -48.82 16.87 -73.20
CA GLU MA 181 -48.16 16.76 -74.50
C GLU MA 181 -47.37 15.46 -74.53
N ILE MA 182 -47.56 14.69 -75.59
CA ILE MA 182 -46.85 13.44 -75.80
C ILE MA 182 -45.99 13.61 -77.05
N GLN MA 183 -44.69 13.49 -76.91
CA GLN MA 183 -43.78 13.69 -78.03
C GLN MA 183 -43.99 12.59 -79.06
N VAL MA 184 -44.03 12.99 -80.33
CA VAL MA 184 -44.20 12.06 -81.43
C VAL MA 184 -42.83 11.77 -82.03
N ASN MA 185 -42.37 10.53 -81.89
CA ASN MA 185 -41.04 10.14 -82.31
C ASN MA 185 -41.12 9.28 -83.56
N GLY MA 186 -39.97 9.09 -84.20
CA GLY MA 186 -39.85 8.16 -85.29
C GLY MA 186 -40.35 8.62 -86.65
N GLY MA 187 -39.71 9.62 -87.22
CA GLY MA 187 -40.01 10.01 -88.58
C GLY MA 187 -39.58 11.43 -88.87
N THR MA 188 -39.70 11.79 -90.14
CA THR MA 188 -39.50 13.17 -90.52
C THR MA 188 -40.64 14.04 -89.97
N VAL MA 189 -40.33 15.32 -89.76
CA VAL MA 189 -41.30 16.22 -89.17
C VAL MA 189 -42.53 16.33 -90.05
N ALA MA 190 -42.33 16.27 -91.37
CA ALA MA 190 -43.46 16.33 -92.30
C ALA MA 190 -44.37 15.12 -92.12
N GLU MA 191 -43.80 13.93 -91.94
CA GLU MA 191 -44.62 12.73 -91.93
C GLU MA 191 -45.14 12.42 -90.52
N LYS MA 192 -44.59 13.09 -89.50
CA LYS MA 192 -45.21 12.99 -88.19
C LYS MA 192 -46.20 14.13 -87.95
N LEU MA 193 -46.22 15.11 -88.85
CA LEU MA 193 -47.24 16.16 -88.77
C LEU MA 193 -48.57 15.66 -89.30
N ASP MA 194 -48.56 14.95 -90.43
CA ASP MA 194 -49.80 14.38 -90.95
C ASP MA 194 -50.27 13.22 -90.07
N TRP MA 195 -49.33 12.53 -89.42
CA TRP MA 195 -49.69 11.45 -88.51
C TRP MA 195 -50.51 11.99 -87.34
N ALA MA 196 -50.14 13.15 -86.82
CA ALA MA 196 -50.88 13.81 -85.75
C ALA MA 196 -52.16 14.48 -86.26
N ARG MA 197 -52.14 14.99 -87.49
CA ARG MA 197 -53.36 15.57 -88.06
C ARG MA 197 -54.46 14.53 -88.20
N GLU MA 198 -54.13 13.36 -88.77
CA GLU MA 198 -55.13 12.34 -88.97
C GLU MA 198 -55.60 11.72 -87.66
N ARG MA 199 -54.85 11.93 -86.58
CA ARG MA 199 -55.26 11.49 -85.25
C ARG MA 199 -55.83 12.62 -84.41
N LEU MA 200 -55.95 13.82 -84.97
CA LEU MA 200 -56.65 14.89 -84.27
C LEU MA 200 -58.10 14.49 -84.06
N GLU MA 201 -58.65 14.86 -82.90
CA GLU MA 201 -60.05 14.59 -82.56
C GLU MA 201 -60.30 13.10 -82.38
N GLN MA 202 -59.24 12.28 -82.32
CA GLN MA 202 -59.37 10.84 -82.44
C GLN MA 202 -58.86 10.13 -81.20
N GLN MA 203 -59.29 8.89 -81.06
CA GLN MA 203 -59.08 8.10 -79.85
C GLN MA 203 -57.90 7.16 -80.03
N VAL MA 204 -56.98 7.18 -79.06
CA VAL MA 204 -55.77 6.38 -79.10
C VAL MA 204 -55.70 5.51 -77.85
N PRO MA 205 -55.79 4.19 -77.96
CA PRO MA 205 -55.70 3.33 -76.78
C PRO MA 205 -54.26 2.98 -76.43
N VAL MA 206 -54.11 2.35 -75.26
CA VAL MA 206 -52.78 2.06 -74.74
C VAL MA 206 -52.12 0.90 -75.48
N ASN MA 207 -52.88 0.14 -76.28
CA ASN MA 207 -52.27 -0.87 -77.12
C ASN MA 207 -51.36 -0.24 -78.17
N GLN MA 208 -51.79 0.87 -78.75
CA GLN MA 208 -51.02 1.56 -79.77
C GLN MA 208 -49.77 2.24 -79.22
N VAL MA 209 -49.68 2.44 -77.91
CA VAL MA 209 -48.57 3.16 -77.30
C VAL MA 209 -47.54 2.21 -76.71
N PHE MA 210 -47.99 1.18 -75.99
CA PHE MA 210 -47.13 0.25 -75.30
C PHE MA 210 -47.36 -1.17 -75.84
N GLY MA 211 -46.71 -2.13 -75.19
CA GLY MA 211 -46.81 -3.52 -75.60
C GLY MA 211 -46.54 -4.45 -74.44
N GLN MA 212 -46.75 -5.74 -74.68
CA GLN MA 212 -46.52 -6.76 -73.68
C GLN MA 212 -45.05 -6.77 -73.26
N ASP MA 213 -44.81 -7.21 -72.02
CA ASP MA 213 -43.49 -7.43 -71.42
C ASP MA 213 -42.43 -6.45 -71.93
N GLU MA 214 -42.76 -5.17 -71.85
CA GLU MA 214 -41.86 -4.09 -72.21
C GLU MA 214 -41.65 -3.17 -71.02
N MET MA 215 -40.40 -2.82 -70.77
CA MET MA 215 -40.03 -1.98 -69.63
C MET MA 215 -40.36 -0.53 -69.93
N ILE MA 216 -41.02 0.13 -68.98
CA ILE MA 216 -41.43 1.52 -69.10
C ILE MA 216 -40.98 2.27 -67.85
N ASP MA 217 -41.11 3.59 -67.90
CA ASP MA 217 -40.87 4.45 -66.75
C ASP MA 217 -42.19 4.99 -66.24
N VAL MA 218 -42.34 5.05 -64.92
CA VAL MA 218 -43.53 5.57 -64.28
C VAL MA 218 -43.17 6.89 -63.62
N ILE MA 219 -43.88 7.94 -63.99
CA ILE MA 219 -43.64 9.29 -63.49
C ILE MA 219 -44.89 9.74 -62.75
N GLY MA 220 -44.72 10.14 -61.50
CA GLY MA 220 -45.86 10.59 -60.72
C GLY MA 220 -45.40 11.27 -59.45
N VAL MA 221 -46.38 11.58 -58.60
CA VAL MA 221 -46.16 12.25 -57.32
C VAL MA 221 -46.46 11.25 -56.21
N THR MA 222 -45.53 11.13 -55.26
CA THR MA 222 -45.69 10.20 -54.16
C THR MA 222 -46.86 10.61 -53.28
N LYS MA 223 -47.24 9.71 -52.36
CA LYS MA 223 -48.28 10.05 -51.41
C LYS MA 223 -47.72 10.99 -50.34
N GLY MA 224 -48.50 11.99 -49.99
CA GLY MA 224 -48.06 12.94 -49.00
C GLY MA 224 -48.15 12.38 -47.60
N LYS MA 225 -47.20 12.77 -46.76
CA LYS MA 225 -47.20 12.41 -45.35
C LYS MA 225 -47.25 13.62 -44.44
N GLY MA 226 -47.18 14.82 -44.98
CA GLY MA 226 -47.23 16.02 -44.18
C GLY MA 226 -45.90 16.33 -43.52
N TYR MA 227 -45.95 17.34 -42.66
CA TYR MA 227 -44.80 17.74 -41.85
C TYR MA 227 -44.32 16.55 -41.03
N LYS MA 228 -43.10 16.08 -41.29
CA LYS MA 228 -42.51 14.98 -40.55
C LYS MA 228 -41.16 15.40 -39.98
N GLY MA 229 -40.76 14.73 -38.90
CA GLY MA 229 -39.51 15.01 -38.25
C GLY MA 229 -38.33 14.38 -38.96
N VAL MA 230 -37.14 14.63 -38.42
CA VAL MA 230 -35.92 14.14 -39.05
C VAL MA 230 -35.87 12.62 -39.06
N THR MA 231 -36.39 11.99 -38.00
CA THR MA 231 -36.35 10.53 -37.92
C THR MA 231 -37.23 9.88 -38.98
N SER MA 232 -38.39 10.44 -39.25
CA SER MA 232 -39.26 9.90 -40.29
C SER MA 232 -38.92 10.40 -41.68
N ARG MA 233 -38.49 11.65 -41.80
CA ARG MA 233 -38.16 12.25 -43.10
C ARG MA 233 -36.79 11.85 -43.61
N TRP MA 234 -35.83 11.61 -42.71
CA TRP MA 234 -34.47 11.27 -43.11
C TRP MA 234 -33.95 9.98 -42.52
N HIS MA 235 -34.75 9.27 -41.72
CA HIS MA 235 -34.37 7.97 -41.16
C HIS MA 235 -33.08 8.06 -40.36
N THR MA 236 -32.91 9.16 -39.64
CA THR MA 236 -31.77 9.32 -38.75
C THR MA 236 -31.95 8.48 -37.50
N LYS MA 237 -30.84 8.22 -36.82
CA LYS MA 237 -30.87 7.40 -35.61
C LYS MA 237 -31.61 8.11 -34.50
N LYS MA 238 -32.49 7.38 -33.81
CA LYS MA 238 -33.18 7.94 -32.66
C LYS MA 238 -32.20 8.10 -31.50
N LEU MA 239 -32.31 9.23 -30.81
CA LEU MA 239 -31.42 9.52 -29.70
C LEU MA 239 -31.77 8.63 -28.49
N PRO MA 240 -30.85 8.51 -27.53
CA PRO MA 240 -31.10 7.62 -26.39
C PRO MA 240 -32.39 7.95 -25.64
N ARG MA 241 -32.82 6.99 -24.82
CA ARG MA 241 -34.06 7.15 -24.06
C ARG MA 241 -33.97 8.33 -23.11
N LYS MA 242 -32.82 8.51 -22.47
CA LYS MA 242 -32.65 9.57 -21.48
C LYS MA 242 -32.07 10.84 -22.12
N THR MA 243 -32.79 11.36 -23.09
CA THR MA 243 -32.44 12.62 -23.75
C THR MA 243 -33.44 13.69 -23.31
N HIS MA 244 -32.92 14.83 -22.87
CA HIS MA 244 -33.75 15.82 -22.18
C HIS MA 244 -34.84 16.37 -23.09
N ARG MA 245 -34.47 17.08 -24.15
CA ARG MA 245 -35.41 17.88 -24.91
C ARG MA 245 -35.98 17.13 -26.11
N GLY MA 246 -35.80 15.83 -26.17
CA GLY MA 246 -36.36 15.03 -27.25
C GLY MA 246 -35.33 14.16 -27.94
N LEU MA 247 -35.77 12.98 -28.37
CA LEU MA 247 -34.87 12.02 -29.00
C LEU MA 247 -35.10 11.84 -30.49
N ARG MA 248 -36.23 12.29 -31.02
CA ARG MA 248 -36.47 12.23 -32.46
C ARG MA 248 -35.93 13.47 -33.15
N LYS MA 249 -34.66 13.75 -32.89
CA LYS MA 249 -33.98 14.91 -33.43
C LYS MA 249 -32.58 14.51 -33.91
N VAL MA 250 -31.93 15.42 -34.61
CA VAL MA 250 -30.53 15.29 -34.96
C VAL MA 250 -29.73 16.11 -33.96
N ALA MA 251 -28.76 15.46 -33.31
CA ALA MA 251 -28.11 16.08 -32.16
C ALA MA 251 -27.28 17.28 -32.56
N CYS MA 252 -26.27 17.08 -33.38
CA CYS MA 252 -25.39 18.15 -33.84
C CYS MA 252 -25.77 18.51 -35.27
N ILE MA 253 -26.13 19.78 -35.49
CA ILE MA 253 -26.40 20.27 -36.83
C ILE MA 253 -25.25 21.19 -37.24
N GLY MA 254 -24.24 20.61 -37.88
CA GLY MA 254 -23.08 21.38 -38.32
C GLY MA 254 -22.10 21.67 -37.20
N ALA MA 255 -20.84 21.84 -37.55
CA ALA MA 255 -19.81 22.19 -36.58
C ALA MA 255 -19.90 23.66 -36.24
N TRP MA 256 -18.99 24.14 -35.38
CA TRP MA 256 -18.99 25.55 -35.02
C TRP MA 256 -18.69 26.44 -36.21
N HIS MA 257 -17.63 26.13 -36.96
CA HIS MA 257 -17.15 27.23 -37.78
C HIS MA 257 -17.06 26.97 -39.28
N PRO MA 258 -18.06 26.35 -39.89
CA PRO MA 258 -18.61 26.94 -41.12
C PRO MA 258 -19.60 28.05 -40.79
N ALA MA 259 -19.94 28.20 -39.52
CA ALA MA 259 -20.71 29.30 -38.94
C ALA MA 259 -22.15 29.36 -39.43
N ARG MA 260 -22.62 28.34 -40.14
CA ARG MA 260 -23.98 28.30 -40.64
C ARG MA 260 -24.46 26.86 -40.60
N VAL MA 261 -25.74 26.67 -40.92
CA VAL MA 261 -26.30 25.34 -41.10
C VAL MA 261 -26.21 24.99 -42.57
N ALA MA 262 -25.54 23.89 -42.89
CA ALA MA 262 -25.38 23.49 -44.27
C ALA MA 262 -26.68 22.89 -44.80
N PHE MA 263 -26.84 22.95 -46.12
CA PHE MA 263 -28.02 22.40 -46.77
C PHE MA 263 -28.06 20.88 -46.72
N SER MA 264 -26.97 20.22 -46.34
CA SER MA 264 -26.88 18.77 -46.31
C SER MA 264 -27.24 18.18 -44.96
N VAL MA 265 -27.67 18.99 -44.01
CA VAL MA 265 -28.07 18.52 -42.69
C VAL MA 265 -29.55 18.18 -42.71
N ALA MA 266 -29.91 17.10 -42.01
CA ALA MA 266 -31.31 16.67 -41.98
C ALA MA 266 -32.13 17.60 -41.10
N ARG MA 267 -33.24 18.09 -41.66
CA ARG MA 267 -34.15 18.97 -40.93
C ARG MA 267 -35.58 18.50 -41.15
N ALA MA 268 -36.44 18.84 -40.19
CA ALA MA 268 -37.84 18.47 -40.27
C ALA MA 268 -38.57 19.37 -41.27
N GLY MA 269 -39.61 18.81 -41.88
CA GLY MA 269 -40.37 19.54 -42.87
C GLY MA 269 -41.29 18.62 -43.63
N GLN MA 270 -41.65 19.03 -44.84
CA GLN MA 270 -42.56 18.25 -45.67
C GLN MA 270 -41.95 16.90 -46.03
N LYS MA 271 -42.75 15.85 -45.93
CA LYS MA 271 -42.37 14.53 -46.37
C LYS MA 271 -43.48 13.96 -47.24
N GLY MA 272 -43.11 13.37 -48.37
CA GLY MA 272 -44.08 12.87 -49.31
C GLY MA 272 -44.55 13.94 -50.26
N TYR MA 273 -45.40 13.52 -51.20
CA TYR MA 273 -45.89 14.39 -52.27
C TYR MA 273 -44.75 15.01 -53.06
N HIS MA 274 -43.73 14.21 -53.35
CA HIS MA 274 -42.60 14.62 -54.16
C HIS MA 274 -42.78 14.07 -55.58
N HIS MA 275 -42.17 14.73 -56.55
CA HIS MA 275 -42.19 14.25 -57.92
C HIS MA 275 -41.07 13.23 -58.12
N ARG MA 276 -41.44 12.05 -58.59
CA ARG MA 276 -40.49 10.97 -58.79
C ARG MA 276 -40.74 10.29 -60.13
N THR MA 277 -39.67 9.88 -60.80
CA THR MA 277 -39.75 8.98 -61.94
C THR MA 277 -38.98 7.72 -61.61
N GLU MA 278 -39.63 6.56 -61.78
CA GLU MA 278 -39.03 5.27 -61.51
C GLU MA 278 -38.96 4.49 -62.81
N ILE MA 279 -37.77 3.96 -63.11
CA ILE MA 279 -37.49 3.34 -64.40
C ILE MA 279 -37.60 1.82 -64.28
N ASN MA 280 -37.74 1.18 -65.43
CA ASN MA 280 -37.70 -0.28 -65.56
C ASN MA 280 -38.83 -0.95 -64.80
N LYS MA 281 -40.06 -0.52 -65.05
CA LYS MA 281 -41.25 -1.21 -64.56
C LYS MA 281 -41.84 -2.03 -65.69
N LYS MA 282 -41.81 -3.35 -65.55
CA LYS MA 282 -42.16 -4.24 -66.65
C LYS MA 282 -43.66 -4.37 -66.77
N ILE MA 283 -44.16 -4.30 -68.01
CA ILE MA 283 -45.57 -4.53 -68.27
C ILE MA 283 -45.84 -6.03 -68.24
N TYR MA 284 -46.70 -6.45 -67.31
CA TYR MA 284 -46.99 -7.88 -67.16
C TYR MA 284 -48.22 -8.31 -67.92
N LYS MA 285 -49.16 -7.42 -68.18
CA LYS MA 285 -50.38 -7.75 -68.91
C LYS MA 285 -51.04 -6.46 -69.37
N ILE MA 286 -51.62 -6.51 -70.57
CA ILE MA 286 -52.42 -5.42 -71.09
C ILE MA 286 -53.88 -5.86 -71.05
N GLY MA 287 -54.66 -5.21 -70.20
CA GLY MA 287 -56.06 -5.53 -70.11
C GLY MA 287 -56.84 -5.06 -71.32
N GLN MA 288 -57.97 -5.71 -71.56
CA GLN MA 288 -58.79 -5.42 -72.72
C GLN MA 288 -60.01 -4.59 -72.39
N GLY MA 289 -60.38 -4.47 -71.11
CA GLY MA 289 -61.52 -3.67 -70.74
C GLY MA 289 -62.82 -4.41 -70.93
N TYR MA 290 -63.92 -3.66 -70.86
CA TYR MA 290 -65.27 -4.23 -70.90
C TYR MA 290 -65.87 -4.02 -72.28
N LEU MA 291 -66.22 -5.12 -72.94
CA LEU MA 291 -66.90 -5.08 -74.22
C LEU MA 291 -68.33 -5.61 -74.11
N ILE MA 292 -69.16 -5.22 -75.09
CA ILE MA 292 -70.51 -5.75 -75.23
C ILE MA 292 -70.72 -6.04 -76.72
N LYS MA 293 -70.55 -7.30 -77.11
CA LYS MA 293 -71.02 -7.77 -78.41
C LYS MA 293 -72.28 -8.61 -78.30
N ASP MA 294 -72.51 -9.17 -77.12
CA ASP MA 294 -73.68 -9.95 -76.73
C ASP MA 294 -73.84 -9.74 -75.24
N GLY MA 295 -74.49 -10.69 -74.56
CA GLY MA 295 -74.31 -10.80 -73.13
C GLY MA 295 -72.88 -10.50 -72.76
N LYS MA 296 -72.71 -9.54 -71.85
CA LYS MA 296 -71.44 -8.86 -71.67
C LYS MA 296 -70.36 -9.81 -71.14
N LEU MA 297 -69.12 -9.64 -71.62
CA LEU MA 297 -68.05 -10.57 -71.35
C LEU MA 297 -66.89 -9.88 -70.63
N ILE MA 298 -66.29 -10.59 -69.67
CA ILE MA 298 -65.15 -10.09 -68.91
C ILE MA 298 -64.07 -11.16 -68.86
N LYS MA 299 -64.21 -12.21 -69.68
CA LYS MA 299 -63.20 -13.24 -69.76
C LYS MA 299 -61.86 -12.69 -70.25
N ASN MA 300 -61.90 -11.70 -71.14
CA ASN MA 300 -60.70 -11.06 -71.63
C ASN MA 300 -59.88 -10.41 -70.52
N ASN MA 301 -60.50 -10.10 -69.40
CA ASN MA 301 -59.82 -9.62 -68.20
C ASN MA 301 -59.19 -10.81 -67.51
N ALA MA 302 -58.90 -10.72 -66.21
CA ALA MA 302 -57.89 -11.57 -65.61
C ALA MA 302 -58.28 -13.05 -65.59
N SER MA 303 -58.38 -13.63 -66.78
CA SER MA 303 -58.33 -15.08 -66.98
C SER MA 303 -57.13 -15.35 -67.86
N THR MA 304 -56.26 -16.25 -67.42
CA THR MA 304 -54.86 -16.27 -67.84
C THR MA 304 -54.46 -17.55 -68.60
N ASP MA 305 -55.41 -18.17 -69.30
CA ASP MA 305 -55.15 -19.31 -70.18
C ASP MA 305 -54.82 -20.56 -69.35
N TYR MA 306 -54.65 -20.38 -68.04
CA TYR MA 306 -54.57 -21.49 -67.11
C TYR MA 306 -55.69 -21.46 -66.08
N ASP MA 307 -56.57 -20.45 -66.16
CA ASP MA 307 -57.76 -20.36 -65.33
C ASP MA 307 -59.03 -20.66 -66.10
N LEU MA 308 -59.18 -20.07 -67.29
CA LEU MA 308 -60.37 -20.20 -68.12
C LEU MA 308 -61.64 -19.78 -67.37
N SER MA 309 -61.48 -19.05 -66.28
CA SER MA 309 -62.59 -18.60 -65.46
C SER MA 309 -63.21 -17.34 -66.04
N ASP MA 310 -64.28 -16.86 -65.40
CA ASP MA 310 -65.05 -15.73 -65.90
C ASP MA 310 -64.93 -14.55 -64.93
N LYS MA 311 -63.71 -14.29 -64.48
CA LYS MA 311 -63.46 -13.23 -63.51
C LYS MA 311 -62.66 -12.10 -64.16
N SER MA 312 -62.93 -10.89 -63.70
CA SER MA 312 -62.20 -9.71 -64.15
C SER MA 312 -61.10 -9.38 -63.15
N ILE MA 313 -60.24 -8.43 -63.53
CA ILE MA 313 -59.14 -8.03 -62.67
C ILE MA 313 -59.63 -7.38 -61.38
N ASN MA 314 -60.90 -6.97 -61.33
CA ASN MA 314 -61.44 -6.36 -60.13
C ASN MA 314 -61.45 -7.37 -59.00
N PRO MA 315 -60.96 -7.01 -57.82
CA PRO MA 315 -61.00 -7.94 -56.69
C PRO MA 315 -62.43 -8.20 -56.24
N LEU MA 316 -62.58 -9.25 -55.43
CA LEU MA 316 -63.88 -9.55 -54.86
C LEU MA 316 -64.29 -8.44 -53.90
N GLY MA 317 -65.30 -7.66 -54.29
CA GLY MA 317 -65.71 -6.50 -53.51
C GLY MA 317 -65.23 -5.16 -54.01
N GLY MA 318 -64.50 -5.13 -55.12
CA GLY MA 318 -64.06 -3.88 -55.71
C GLY MA 318 -62.75 -3.40 -55.12
N PHE MA 319 -61.99 -2.68 -55.95
CA PHE MA 319 -60.72 -2.12 -55.52
C PHE MA 319 -60.92 -1.20 -54.33
N VAL MA 320 -60.15 -1.41 -53.28
CA VAL MA 320 -60.32 -0.63 -52.06
C VAL MA 320 -59.86 0.80 -52.31
N HIS MA 321 -60.72 1.76 -51.97
CA HIS MA 321 -60.47 3.19 -52.09
C HIS MA 321 -60.31 3.66 -53.53
N TYR MA 322 -60.59 2.83 -54.52
CA TYR MA 322 -60.54 3.27 -55.91
C TYR MA 322 -61.88 3.15 -56.62
N GLY MA 323 -62.47 1.96 -56.62
CA GLY MA 323 -63.65 1.71 -57.43
C GLY MA 323 -63.52 0.39 -58.17
N GLU MA 324 -64.11 0.29 -59.35
CA GLU MA 324 -63.93 -0.87 -60.21
C GLU MA 324 -63.46 -0.40 -61.57
N VAL MA 325 -62.56 -1.15 -62.16
CA VAL MA 325 -62.04 -0.79 -63.49
C VAL MA 325 -62.88 -1.50 -64.55
N THR MA 326 -63.26 -0.75 -65.57
CA THR MA 326 -64.05 -1.29 -66.66
C THR MA 326 -63.40 -1.11 -68.02
N ASN MA 327 -62.30 -0.38 -68.13
CA ASN MA 327 -61.62 -0.17 -69.39
C ASN MA 327 -60.22 -0.76 -69.32
N ASP MA 328 -59.44 -0.51 -70.37
CA ASP MA 328 -58.13 -1.15 -70.49
C ASP MA 328 -57.22 -0.76 -69.34
N PHE MA 329 -56.45 -1.73 -68.86
CA PHE MA 329 -55.52 -1.51 -67.76
C PHE MA 329 -54.16 -2.10 -68.13
N VAL MA 330 -53.11 -1.52 -67.55
CA VAL MA 330 -51.75 -2.00 -67.71
C VAL MA 330 -51.34 -2.64 -66.38
N MET MA 331 -50.94 -3.91 -66.44
CA MET MA 331 -50.52 -4.63 -65.25
C MET MA 331 -49.01 -4.44 -65.08
N LEU MA 332 -48.62 -3.75 -64.03
CA LEU MA 332 -47.24 -3.32 -63.84
C LEU MA 332 -46.61 -4.04 -62.66
N LYS MA 333 -45.46 -4.66 -62.91
CA LYS MA 333 -44.79 -5.46 -61.90
C LYS MA 333 -44.25 -4.56 -60.79
N GLY MA 334 -44.46 -4.97 -59.55
CA GLY MA 334 -43.95 -4.23 -58.40
C GLY MA 334 -44.83 -3.06 -58.03
N CYS MA 335 -44.37 -2.33 -57.03
CA CYS MA 335 -45.09 -1.15 -56.58
C CYS MA 335 -44.84 0.02 -57.52
N VAL MA 336 -45.73 1.01 -57.44
CA VAL MA 336 -45.67 2.20 -58.28
C VAL MA 336 -46.00 3.41 -57.41
N VAL MA 337 -45.33 4.53 -57.68
CA VAL MA 337 -45.45 5.70 -56.84
C VAL MA 337 -46.89 6.23 -56.81
N GLY MA 338 -47.24 6.88 -55.71
CA GLY MA 338 -48.50 7.58 -55.60
C GLY MA 338 -49.55 6.79 -54.84
N THR MA 339 -50.62 7.49 -54.48
CA THR MA 339 -51.75 6.88 -53.79
C THR MA 339 -52.60 6.10 -54.80
N LYS MA 340 -53.75 5.60 -54.34
CA LYS MA 340 -54.75 5.13 -55.26
C LYS MA 340 -55.39 6.31 -55.99
N LYS MA 341 -56.10 6.02 -57.07
CA LYS MA 341 -56.68 7.01 -57.98
C LYS MA 341 -55.74 8.18 -58.24
N ARG MA 342 -54.44 7.92 -58.34
CA ARG MA 342 -53.45 8.95 -58.59
C ARG MA 342 -52.97 8.82 -60.03
N VAL MA 343 -53.03 9.92 -60.77
CA VAL MA 343 -52.69 9.89 -62.19
C VAL MA 343 -51.20 9.68 -62.34
N LEU MA 344 -50.83 8.74 -63.22
CA LEU MA 344 -49.44 8.40 -63.47
C LEU MA 344 -49.13 8.55 -64.95
N THR MA 345 -47.94 9.05 -65.25
CA THR MA 345 -47.44 9.10 -66.62
C THR MA 345 -46.56 7.90 -66.88
N LEU MA 346 -46.91 7.12 -67.89
CA LEU MA 346 -46.13 5.97 -68.32
C LEU MA 346 -45.37 6.39 -69.58
N ARG MA 347 -44.05 6.45 -69.49
CA ARG MA 347 -43.22 6.89 -70.60
C ARG MA 347 -42.37 5.71 -71.09
N LYS MA 348 -42.21 5.62 -72.40
CA LYS MA 348 -41.34 4.60 -72.97
C LYS MA 348 -39.92 4.77 -72.47
N SER MA 349 -39.26 3.66 -72.20
CA SER MA 349 -37.91 3.71 -71.64
C SER MA 349 -36.97 4.46 -72.57
N LEU MA 350 -36.20 5.38 -72.01
CA LEU MA 350 -35.17 6.07 -72.76
C LEU MA 350 -33.80 5.42 -72.60
N LEU MA 351 -33.75 4.23 -72.02
CA LEU MA 351 -32.58 3.37 -72.08
C LEU MA 351 -32.78 2.35 -73.20
N VAL MA 352 -31.79 1.49 -73.41
CA VAL MA 352 -31.89 0.41 -74.39
C VAL MA 352 -31.89 -0.90 -73.62
N GLN MA 353 -33.01 -1.60 -73.65
CA GLN MA 353 -33.18 -2.83 -72.86
C GLN MA 353 -32.60 -4.00 -73.65
N THR MA 354 -31.42 -4.47 -73.25
CA THR MA 354 -30.78 -5.62 -73.87
C THR MA 354 -30.40 -6.68 -72.85
N LYS MA 355 -30.68 -6.45 -71.58
CA LYS MA 355 -30.31 -7.38 -70.52
C LYS MA 355 -31.30 -8.53 -70.45
N ARG MA 356 -30.85 -9.64 -69.85
CA ARG MA 356 -31.69 -10.83 -69.76
C ARG MA 356 -32.92 -10.60 -68.90
N ARG MA 357 -32.80 -9.78 -67.85
CA ARG MA 357 -33.95 -9.48 -67.00
C ARG MA 357 -35.05 -8.80 -67.80
N ALA MA 358 -34.68 -7.84 -68.64
CA ALA MA 358 -35.61 -7.26 -69.59
C ALA MA 358 -35.74 -8.19 -70.80
N LEU MA 359 -36.57 -7.76 -71.77
CA LEU MA 359 -36.86 -8.52 -72.99
C LEU MA 359 -37.08 -10.00 -72.71
N GLU MA 360 -37.68 -10.32 -71.57
CA GLU MA 360 -38.01 -11.69 -71.19
C GLU MA 360 -39.51 -11.85 -71.29
N LYS MA 361 -39.95 -12.80 -72.11
CA LYS MA 361 -41.38 -13.07 -72.23
C LYS MA 361 -41.89 -13.60 -70.89
N ILE MA 362 -43.07 -13.12 -70.49
CA ILE MA 362 -43.70 -13.58 -69.27
C ILE MA 362 -45.06 -14.18 -69.62
N ASP MA 363 -45.45 -15.18 -68.84
CA ASP MA 363 -46.73 -15.85 -69.05
C ASP MA 363 -47.36 -16.06 -67.68
N LEU MA 364 -48.49 -15.40 -67.43
CA LEU MA 364 -49.13 -15.47 -66.13
C LEU MA 364 -49.84 -16.80 -65.97
N LYS MA 365 -49.54 -17.50 -64.87
CA LYS MA 365 -50.22 -18.75 -64.55
C LYS MA 365 -51.54 -18.51 -63.83
N PHE MA 366 -51.66 -17.38 -63.13
CA PHE MA 366 -52.81 -17.12 -62.28
C PHE MA 366 -52.76 -15.66 -61.81
N ILE MA 367 -53.93 -15.05 -61.70
CA ILE MA 367 -54.06 -13.66 -61.23
C ILE MA 367 -55.00 -13.66 -60.03
N ASP MA 368 -54.54 -13.11 -58.91
CA ASP MA 368 -55.32 -13.12 -57.68
C ASP MA 368 -56.38 -12.03 -57.72
N THR MA 369 -57.61 -12.40 -57.35
CA THR MA 369 -58.72 -11.47 -57.24
C THR MA 369 -59.52 -11.71 -55.96
N THR MA 370 -58.86 -12.09 -54.88
CA THR MA 370 -59.54 -12.14 -53.59
C THR MA 370 -59.76 -10.73 -53.08
N SER MA 371 -60.57 -10.62 -52.04
CA SER MA 371 -60.91 -9.32 -51.49
C SER MA 371 -59.69 -8.67 -50.86
N LYS MA 372 -59.43 -7.42 -51.24
CA LYS MA 372 -58.37 -6.63 -50.61
C LYS MA 372 -58.88 -5.85 -49.41
N PHE MA 373 -60.18 -5.89 -49.14
CA PHE MA 373 -60.80 -5.28 -47.99
C PHE MA 373 -60.69 -6.14 -46.74
N GLY MA 374 -59.75 -7.09 -46.73
CA GLY MA 374 -59.57 -7.98 -45.60
C GLY MA 374 -58.72 -9.15 -46.01
N HIS MA 375 -58.78 -10.21 -45.21
CA HIS MA 375 -58.14 -11.47 -45.56
C HIS MA 375 -59.13 -12.33 -46.35
N GLY MA 376 -59.33 -11.94 -47.60
CA GLY MA 376 -60.22 -12.67 -48.47
C GLY MA 376 -59.73 -14.08 -48.74
N ARG MA 377 -60.68 -15.00 -48.92
CA ARG MA 377 -60.38 -16.40 -49.14
C ARG MA 377 -60.94 -16.95 -50.44
N PHE MA 378 -61.67 -16.16 -51.21
CA PHE MA 378 -62.38 -16.64 -52.40
C PHE MA 378 -62.00 -15.78 -53.60
N GLN MA 379 -61.71 -16.45 -54.71
CA GLN MA 379 -61.31 -15.74 -55.92
C GLN MA 379 -62.51 -15.11 -56.63
N THR MA 380 -63.64 -15.80 -56.66
CA THR MA 380 -64.82 -15.36 -57.39
C THR MA 380 -66.04 -15.44 -56.49
N MET MA 381 -67.08 -14.67 -56.87
CA MET MA 381 -68.34 -14.77 -56.16
C MET MA 381 -68.94 -16.17 -56.29
N GLU MA 382 -68.95 -16.72 -57.50
CA GLU MA 382 -69.55 -18.03 -57.72
C GLU MA 382 -68.81 -19.11 -56.96
N GLU MA 383 -67.50 -18.94 -56.77
CA GLU MA 383 -66.75 -19.87 -55.94
C GLU MA 383 -67.18 -19.77 -54.47
N LYS MA 384 -67.48 -18.55 -54.01
CA LYS MA 384 -67.89 -18.38 -52.62
C LYS MA 384 -69.26 -18.98 -52.36
N LYS MA 385 -70.21 -18.78 -53.29
CA LYS MA 385 -71.53 -19.39 -53.12
C LYS MA 385 -71.45 -20.90 -53.20
N ALA MA 386 -70.51 -21.43 -53.99
CA ALA MA 386 -70.34 -22.87 -54.07
C ALA MA 386 -69.77 -23.44 -52.78
N PHE MA 387 -69.06 -22.62 -52.00
CA PHE MA 387 -68.43 -23.11 -50.78
C PHE MA 387 -69.36 -22.96 -49.58
N MET MA 388 -69.90 -21.76 -49.36
CA MET MA 388 -70.76 -21.51 -48.21
C MET MA 388 -72.11 -22.19 -48.34
N GLY MA 389 -72.60 -22.44 -49.56
CA GLY MA 389 -73.90 -22.99 -49.76
C GLY MA 389 -74.98 -21.95 -49.52
N PRO MA 390 -76.23 -22.39 -49.41
CA PRO MA 390 -77.31 -21.45 -49.09
C PRO MA 390 -77.15 -20.87 -47.70
N LEU MA 391 -77.52 -19.61 -47.56
CA LEU MA 391 -77.42 -18.86 -46.31
C LEU MA 391 -78.81 -18.43 -45.86
N LYS MA 392 -78.85 -17.61 -44.82
CA LYS MA 392 -80.15 -17.19 -44.27
C LYS MA 392 -80.85 -16.21 -45.20
N LYS MA 393 -80.13 -15.22 -45.73
CA LYS MA 393 -80.76 -14.23 -46.60
C LYS MA 393 -81.26 -14.88 -47.88
N ASP MA 394 -80.48 -15.80 -48.46
CA ASP MA 394 -80.94 -16.50 -49.65
C ASP MA 394 -82.14 -17.38 -49.35
N ARG MA 395 -82.13 -18.08 -48.21
CA ARG MA 395 -83.21 -19.00 -47.87
C ARG MA 395 -84.54 -18.26 -47.71
N ILE MA 396 -84.53 -17.14 -46.99
CA ILE MA 396 -85.76 -16.38 -46.80
C ILE MA 396 -86.19 -15.72 -48.10
N ALA MA 397 -85.24 -15.25 -48.90
CA ALA MA 397 -85.59 -14.62 -50.17
C ALA MA 397 -86.24 -15.63 -51.12
N LYS MA 398 -85.75 -16.87 -51.13
CA LYS MA 398 -86.42 -17.91 -51.90
C LYS MA 398 -87.82 -18.19 -51.36
N GLU MA 399 -87.97 -18.20 -50.03
CA GLU MA 399 -89.25 -18.54 -49.42
C GLU MA 399 -90.32 -17.51 -49.78
N GLU MA 400 -90.00 -16.22 -49.69
CA GLU MA 400 -90.97 -15.18 -49.98
C GLU MA 400 -91.33 -15.11 -51.46
N GLY MA 401 -90.38 -15.38 -52.35
CA GLY MA 401 -90.66 -15.42 -53.76
C GLY MA 401 -91.33 -16.68 -54.26
N ALA MA 402 -91.34 -17.74 -53.44
CA ALA MA 402 -91.95 -19.02 -53.78
C ALA MA 402 -91.45 -19.57 -55.10
N MET NA 1 -1.29 122.26 -0.54
CA MET NA 1 -0.94 123.16 -1.64
C MET NA 1 -2.18 123.47 -2.48
N ALA NA 2 -1.97 124.21 -3.58
CA ALA NA 2 -3.04 124.57 -4.47
C ALA NA 2 -2.54 124.50 -5.91
N CYS NA 3 -3.34 123.94 -6.82
CA CYS NA 3 -4.68 123.35 -6.79
C CYS NA 3 -5.74 124.31 -6.24
N ALA NA 4 -5.97 125.40 -6.97
CA ALA NA 4 -6.92 126.42 -6.53
C ALA NA 4 -8.31 125.82 -6.36
N ARG NA 5 -8.95 126.17 -5.23
CA ARG NA 5 -10.29 125.69 -4.93
C ARG NA 5 -11.29 126.81 -5.19
N PRO NA 6 -12.29 126.60 -6.06
CA PRO NA 6 -13.26 127.65 -6.33
C PRO NA 6 -14.15 127.93 -5.13
N LEU NA 7 -14.91 129.00 -5.22
CA LEU NA 7 -15.76 129.50 -4.14
C LEU NA 7 -17.21 129.26 -4.55
N ILE NA 8 -17.75 128.10 -4.19
CA ILE NA 8 -19.08 127.71 -4.63
C ILE NA 8 -20.11 128.41 -3.75
N SER NA 9 -21.33 128.57 -4.25
CA SER NA 9 -22.34 129.36 -3.58
C SER NA 9 -23.36 128.48 -2.86
N VAL NA 10 -24.04 129.08 -1.89
CA VAL NA 10 -25.05 128.41 -1.08
C VAL NA 10 -26.41 128.95 -1.48
N TYR NA 11 -27.33 128.06 -1.83
CA TYR NA 11 -28.62 128.46 -2.38
C TYR NA 11 -29.69 128.48 -1.30
N SER NA 12 -30.61 129.43 -1.42
CA SER NA 12 -31.73 129.53 -0.49
C SER NA 12 -32.76 128.45 -0.80
N GLU NA 13 -33.71 128.30 0.13
CA GLU NA 13 -34.76 127.31 -0.06
C GLU NA 13 -35.67 127.69 -1.22
N LYS NA 14 -35.65 128.95 -1.64
CA LYS NA 14 -36.40 129.37 -2.81
C LYS NA 14 -35.74 128.92 -4.10
N GLY NA 15 -34.45 128.61 -4.06
CA GLY NA 15 -33.76 128.16 -5.25
C GLY NA 15 -32.74 129.15 -5.78
N GLU NA 16 -32.80 130.40 -5.31
CA GLU NA 16 -31.85 131.41 -5.76
C GLU NA 16 -30.64 131.45 -4.81
N SER NA 17 -29.53 131.96 -5.33
CA SER NA 17 -28.31 132.09 -4.54
C SER NA 17 -28.53 133.07 -3.41
N SER NA 18 -28.00 132.74 -2.24
CA SER NA 18 -28.23 133.52 -1.03
C SER NA 18 -27.16 134.56 -0.75
N GLY NA 19 -26.19 134.72 -1.64
CA GLY NA 19 -25.08 135.61 -1.38
C GLY NA 19 -24.03 135.07 -0.43
N LYS NA 20 -24.25 133.89 0.12
CA LYS NA 20 -23.27 133.22 0.98
C LYS NA 20 -22.52 132.19 0.16
N ASN NA 21 -21.20 132.24 0.26
CA ASN NA 21 -20.33 131.37 -0.53
C ASN NA 21 -19.41 130.58 0.40
N VAL NA 22 -19.13 129.34 0.02
CA VAL NA 22 -18.27 128.45 0.77
C VAL NA 22 -17.17 127.96 -0.16
N THR NA 23 -15.92 128.05 0.30
CA THR NA 23 -14.81 127.53 -0.49
C THR NA 23 -14.94 126.02 -0.64
N LEU NA 24 -14.51 125.52 -1.79
CA LEU NA 24 -14.65 124.10 -2.08
C LEU NA 24 -13.75 123.29 -1.14
N PRO NA 25 -14.30 122.31 -0.43
CA PRO NA 25 -13.47 121.45 0.41
C PRO NA 25 -12.44 120.70 -0.43
N ALA NA 26 -11.28 120.45 0.17
CA ALA NA 26 -10.20 119.78 -0.54
C ALA NA 26 -10.53 118.35 -0.90
N VAL NA 27 -11.52 117.74 -0.26
CA VAL NA 27 -11.89 116.36 -0.57
C VAL NA 27 -12.44 116.26 -1.99
N PHE NA 28 -13.00 117.36 -2.50
CA PHE NA 28 -13.52 117.36 -3.87
C PHE NA 28 -12.43 117.46 -4.91
N LYS NA 29 -11.19 117.72 -4.51
CA LYS NA 29 -10.05 117.67 -5.41
C LYS NA 29 -9.20 116.41 -5.21
N ALA NA 30 -9.69 115.47 -4.41
CA ALA NA 30 -8.97 114.24 -4.15
C ALA NA 30 -8.99 113.35 -5.40
N PRO NA 31 -8.07 112.40 -5.49
CA PRO NA 31 -8.07 111.49 -6.65
C PRO NA 31 -9.38 110.73 -6.76
N ILE NA 32 -9.85 110.57 -7.99
CA ILE NA 32 -11.03 109.77 -8.30
C ILE NA 32 -10.54 108.40 -8.74
N ARG NA 33 -10.87 107.37 -7.96
CA ARG NA 33 -10.31 106.03 -8.11
C ARG NA 33 -11.43 105.01 -8.19
N PRO NA 34 -12.01 104.82 -9.38
CA PRO NA 34 -13.08 103.82 -9.51
C PRO NA 34 -12.65 102.40 -9.18
N ASP NA 35 -11.36 102.09 -9.34
CA ASP NA 35 -10.90 100.75 -8.99
C ASP NA 35 -10.82 100.58 -7.47
N ILE NA 36 -10.51 101.66 -6.75
CA ILE NA 36 -10.60 101.63 -5.28
C ILE NA 36 -12.06 101.56 -4.86
N VAL NA 37 -12.90 102.39 -5.46
CA VAL NA 37 -14.31 102.46 -5.07
C VAL NA 37 -15.00 101.15 -5.34
N ASN NA 38 -14.75 100.54 -6.50
CA ASN NA 38 -15.36 99.25 -6.81
C ASN NA 38 -14.86 98.17 -5.85
N PHE NA 39 -13.57 98.20 -5.51
CA PHE NA 39 -13.04 97.23 -4.56
C PHE NA 39 -13.68 97.39 -3.19
N VAL NA 40 -13.70 98.62 -2.68
CA VAL NA 40 -14.25 98.86 -1.35
C VAL NA 40 -15.75 98.55 -1.33
N HIS NA 41 -16.47 98.96 -2.37
CA HIS NA 41 -17.90 98.69 -2.43
C HIS NA 41 -18.17 97.18 -2.56
N THR NA 42 -17.35 96.48 -3.34
CA THR NA 42 -17.57 95.05 -3.54
C THR NA 42 -17.43 94.28 -2.23
N ASN NA 43 -16.42 94.63 -1.42
CA ASN NA 43 -16.16 93.86 -0.21
C ASN NA 43 -17.03 94.31 0.95
N LEU NA 44 -17.41 95.59 0.99
CA LEU NA 44 -18.28 96.06 2.07
C LEU NA 44 -19.73 95.62 1.90
N ARG NA 45 -20.17 95.41 0.66
CA ARG NA 45 -21.53 94.95 0.43
C ARG NA 45 -21.73 93.49 0.83
N LYS NA 46 -20.64 92.78 1.14
CA LYS NA 46 -20.76 91.43 1.65
C LYS NA 46 -21.02 91.41 3.15
N ASN NA 47 -20.82 92.53 3.83
CA ASN NA 47 -20.85 92.55 5.29
C ASN NA 47 -22.27 92.51 5.84
N ASN NA 48 -23.24 93.00 5.08
CA ASN NA 48 -24.63 93.00 5.51
C ASN NA 48 -25.34 91.69 5.20
N ARG NA 49 -24.62 90.72 4.64
CA ARG NA 49 -25.24 89.49 4.19
C ARG NA 49 -25.67 88.63 5.36
N GLN NA 50 -26.70 87.82 5.13
CA GLN NA 50 -27.24 86.90 6.11
C GLN NA 50 -26.84 85.48 5.74
N PRO NA 51 -26.36 84.67 6.67
CA PRO NA 51 -25.94 83.31 6.33
C PRO NA 51 -27.08 82.48 5.79
N TYR NA 52 -26.78 81.67 4.77
CA TYR NA 52 -27.72 80.68 4.28
C TYR NA 52 -27.00 79.34 4.19
N ALA NA 53 -27.73 78.27 4.48
CA ALA NA 53 -27.18 76.93 4.43
C ALA NA 53 -28.34 75.95 4.38
N VAL NA 54 -28.03 74.69 4.19
CA VAL NA 54 -29.03 73.64 4.12
C VAL NA 54 -29.04 72.87 5.43
N SER NA 55 -30.05 72.01 5.58
CA SER NA 55 -30.08 71.13 6.74
C SER NA 55 -28.89 70.20 6.73
N GLU NA 56 -28.27 70.03 7.89
CA GLU NA 56 -27.13 69.13 8.04
C GLU NA 56 -27.56 67.67 8.00
N LEU NA 57 -28.85 67.39 8.17
CA LEU NA 57 -29.40 66.05 8.08
C LEU NA 57 -29.99 65.75 6.71
N ALA NA 58 -30.01 66.73 5.81
CA ALA NA 58 -30.76 66.60 4.56
C ALA NA 58 -30.17 65.49 3.70
N GLY NA 59 -31.00 64.52 3.35
CA GLY NA 59 -30.60 63.42 2.51
C GLY NA 59 -29.88 62.29 3.20
N HIS NA 60 -29.68 62.37 4.51
CA HIS NA 60 -28.93 61.35 5.24
C HIS NA 60 -29.72 60.68 6.35
N GLN NA 61 -31.00 60.99 6.50
CA GLN NA 61 -31.85 60.31 7.49
C GLN NA 61 -32.62 59.17 6.85
N THR NA 62 -31.88 58.22 6.28
CA THR NA 62 -32.47 57.15 5.48
C THR NA 62 -32.06 55.76 5.95
N SER NA 63 -30.82 55.57 6.38
CA SER NA 63 -30.30 54.25 6.78
C SER NA 63 -30.38 53.26 5.60
N ALA NA 64 -29.62 53.58 4.56
CA ALA NA 64 -29.59 52.80 3.34
C ALA NA 64 -28.30 52.02 3.23
N GLU NA 65 -28.41 50.80 2.73
CA GLU NA 65 -27.28 49.91 2.50
C GLU NA 65 -26.96 49.88 1.00
N SER NA 66 -25.77 49.40 0.68
CA SER NA 66 -25.23 49.51 -0.68
C SER NA 66 -25.74 48.45 -1.64
N TRP NA 67 -26.49 47.46 -1.17
CA TRP NA 67 -27.22 46.49 -1.98
C TRP NA 67 -26.32 45.46 -2.65
N GLY NA 68 -25.00 45.60 -2.56
CA GLY NA 68 -24.10 44.61 -3.13
C GLY NA 68 -23.82 44.84 -4.61
N THR NA 69 -23.09 43.88 -5.19
CA THR NA 69 -22.73 43.92 -6.59
C THR NA 69 -23.15 42.69 -7.38
N GLY NA 70 -23.57 41.62 -6.71
CA GLY NA 70 -24.02 40.44 -7.44
C GLY NA 70 -25.36 40.65 -8.12
N ARG NA 71 -26.13 41.62 -7.65
CA ARG NA 71 -27.40 41.96 -8.29
C ARG NA 71 -27.17 43.01 -9.37
N ALA NA 72 -27.92 42.89 -10.47
CA ALA NA 72 -27.59 43.60 -11.71
C ALA NA 72 -28.09 45.05 -11.65
N VAL NA 73 -27.67 45.74 -10.59
CA VAL NA 73 -27.99 47.14 -10.39
C VAL NA 73 -26.73 47.87 -9.94
N ALA NA 74 -26.76 49.20 -10.09
CA ALA NA 74 -25.63 50.03 -9.71
C ALA NA 74 -25.38 49.92 -8.20
N ARG NA 75 -24.15 50.25 -7.80
CA ARG NA 75 -23.68 50.02 -6.44
C ARG NA 75 -23.98 51.18 -5.51
N ILE NA 76 -24.92 52.05 -5.85
CA ILE NA 76 -25.33 53.16 -4.98
C ILE NA 76 -26.07 52.60 -3.78
N PRO NA 77 -25.99 53.20 -2.60
CA PRO NA 77 -26.82 52.75 -1.48
C PRO NA 77 -28.30 52.85 -1.81
N ARG NA 78 -29.07 51.88 -1.31
CA ARG NA 78 -30.50 51.79 -1.61
C ARG NA 78 -31.28 51.65 -0.31
N VAL NA 79 -32.47 52.23 -0.29
CA VAL NA 79 -33.30 52.25 0.91
C VAL NA 79 -33.83 50.85 1.22
N ARG NA 80 -33.74 50.46 2.49
CA ARG NA 80 -34.24 49.17 2.93
C ARG NA 80 -35.77 49.22 3.05
N GLY NA 81 -36.37 48.04 3.25
CA GLY NA 81 -37.82 47.96 3.38
C GLY NA 81 -38.45 47.01 2.39
N GLY NA 82 -39.46 47.47 1.67
CA GLY NA 82 -40.14 46.64 0.71
C GLY NA 82 -41.63 46.88 0.54
N GLY NA 83 -42.21 47.74 1.37
CA GLY NA 83 -43.63 48.01 1.24
C GLY NA 83 -43.97 49.38 0.70
N THR NA 84 -42.97 50.11 0.22
CA THR NA 84 -43.14 51.48 -0.20
C THR NA 84 -42.56 51.68 -1.59
N HIS NA 85 -42.87 52.82 -2.20
CA HIS NA 85 -42.13 53.24 -3.39
C HIS NA 85 -40.67 53.50 -3.05
N ARG NA 86 -40.42 54.05 -1.86
CA ARG NA 86 -39.07 54.45 -1.46
C ARG NA 86 -38.12 53.25 -1.32
N SER NA 87 -38.64 52.07 -1.07
CA SER NA 87 -37.78 50.92 -0.84
C SER NA 87 -37.06 50.52 -2.12
N GLY NA 88 -35.73 50.43 -2.04
CA GLY NA 88 -34.92 50.04 -3.17
C GLY NA 88 -34.43 51.18 -4.05
N GLN NA 89 -34.74 52.42 -3.71
CA GLN NA 89 -34.28 53.56 -4.49
C GLN NA 89 -32.95 54.06 -3.97
N GLY NA 90 -32.22 54.77 -4.81
CA GLY NA 90 -30.91 55.26 -4.43
C GLY NA 90 -30.97 56.29 -3.32
N ALA NA 91 -29.89 56.39 -2.57
CA ALA NA 91 -29.84 57.29 -1.43
C ALA NA 91 -28.43 57.82 -1.24
N PHE NA 92 -28.33 58.93 -0.50
CA PHE NA 92 -27.10 59.50 0.01
C PHE NA 92 -26.23 60.17 -1.06
N GLY NA 93 -26.61 60.04 -2.32
CA GLY NA 93 -25.77 60.49 -3.41
C GLY NA 93 -26.25 61.82 -3.98
N ASN NA 94 -25.30 62.62 -4.47
CA ASN NA 94 -25.68 63.87 -5.13
C ASN NA 94 -26.42 63.61 -6.43
N MET NA 95 -26.26 62.40 -6.99
CA MET NA 95 -26.95 62.02 -8.21
C MET NA 95 -28.31 61.37 -7.95
N CYS NA 96 -28.66 61.12 -6.70
CA CYS NA 96 -29.89 60.42 -6.36
C CYS NA 96 -30.97 61.40 -5.96
N ARG NA 97 -32.20 61.10 -6.38
CA ARG NA 97 -33.34 61.93 -6.02
C ARG NA 97 -33.62 61.79 -4.54
N GLY NA 98 -33.76 62.93 -3.86
CA GLY NA 98 -33.93 62.92 -2.43
C GLY NA 98 -32.66 62.74 -1.64
N GLY NA 99 -31.50 62.67 -2.31
CA GLY NA 99 -30.24 62.48 -1.64
C GLY NA 99 -29.64 63.79 -1.17
N ARG NA 100 -28.41 63.70 -0.68
CA ARG NA 100 -27.64 64.83 -0.20
C ARG NA 100 -26.92 65.48 -1.36
N MET NA 101 -26.90 66.80 -1.39
CA MET NA 101 -26.20 67.45 -2.51
C MET NA 101 -24.70 67.29 -2.34
N PHE NA 102 -23.97 67.64 -3.40
CA PHE NA 102 -22.51 67.63 -3.32
C PHE NA 102 -22.04 68.82 -2.50
N ALA NA 103 -21.22 68.54 -1.48
CA ALA NA 103 -20.63 69.57 -0.64
C ALA NA 103 -21.71 70.50 -0.10
N PRO NA 104 -22.52 70.05 0.85
CA PRO NA 104 -23.62 70.91 1.34
C PRO NA 104 -23.09 72.24 1.86
N THR NA 105 -23.82 73.30 1.53
CA THR NA 105 -23.40 74.64 1.93
C THR NA 105 -23.46 74.78 3.45
N LYS NA 106 -22.45 75.41 4.02
CA LYS NA 106 -22.35 75.59 5.46
C LYS NA 106 -22.53 77.05 5.83
N THR NA 107 -22.86 77.27 7.11
CA THR NA 107 -23.03 78.64 7.58
C THR NA 107 -21.71 79.35 7.77
N TRP NA 108 -20.62 78.59 7.98
CA TRP NA 108 -19.30 79.20 8.20
C TRP NA 108 -18.59 79.38 6.87
N ARG NA 109 -19.16 80.24 6.04
CA ARG NA 109 -18.69 80.44 4.67
C ARG NA 109 -17.88 81.73 4.51
N ARG NA 110 -17.57 82.43 5.60
CA ARG NA 110 -16.84 83.69 5.54
C ARG NA 110 -17.58 84.71 4.67
N TRP NA 111 -18.77 85.08 5.14
CA TRP NA 111 -19.61 86.01 4.39
C TRP NA 111 -19.06 87.43 4.43
N HIS NA 112 -18.31 87.79 5.46
CA HIS NA 112 -17.88 89.15 5.66
C HIS NA 112 -16.43 89.33 5.24
N ARG NA 113 -16.12 90.55 4.82
CA ARG NA 113 -14.76 90.96 4.49
C ARG NA 113 -14.46 92.24 5.25
N ARG NA 114 -13.21 92.40 5.66
CA ARG NA 114 -12.77 93.61 6.30
C ARG NA 114 -11.85 94.37 5.35
N VAL NA 115 -12.14 95.65 5.14
CA VAL NA 115 -11.31 96.51 4.32
C VAL NA 115 -10.53 97.42 5.25
N ASN NA 116 -9.31 97.77 4.84
CA ASN NA 116 -8.50 98.68 5.65
C ASN NA 116 -9.18 100.03 5.77
N THR NA 117 -9.05 100.65 6.94
CA THR NA 117 -9.70 101.93 7.17
C THR NA 117 -9.19 102.99 6.21
N THR NA 118 -7.89 102.96 5.91
CA THR NA 118 -7.33 103.92 4.97
C THR NA 118 -7.92 103.74 3.57
N GLN NA 119 -8.11 102.50 3.13
CA GLN NA 119 -8.75 102.25 1.84
C GLN NA 119 -10.21 102.70 1.86
N LYS NA 120 -10.93 102.42 2.94
CA LYS NA 120 -12.34 102.79 3.02
C LYS NA 120 -12.50 104.31 2.97
N ARG NA 121 -11.64 105.03 3.67
CA ARG NA 121 -11.64 106.50 3.56
C ARG NA 121 -11.24 106.94 2.17
N TYR NA 122 -10.31 106.22 1.54
CA TYR NA 122 -9.88 106.55 0.19
C TYR NA 122 -11.04 106.50 -0.79
N ALA NA 123 -11.86 105.45 -0.71
CA ALA NA 123 -13.01 105.34 -1.60
C ALA NA 123 -14.01 106.45 -1.35
N ILE NA 124 -14.25 106.79 -0.09
CA ILE NA 124 -15.18 107.86 0.24
C ILE NA 124 -14.70 109.18 -0.32
N CYS NA 125 -13.40 109.44 -0.20
CA CYS NA 125 -12.83 110.66 -0.79
C CYS NA 125 -12.99 110.65 -2.30
N SER NA 126 -12.79 109.49 -2.94
CA SER NA 126 -12.95 109.40 -4.38
C SER NA 126 -14.41 109.60 -4.79
N ALA NA 127 -15.35 109.01 -4.03
CA ALA NA 127 -16.76 109.18 -4.36
C ALA NA 127 -17.20 110.62 -4.19
N LEU NA 128 -16.72 111.29 -3.14
CA LEU NA 128 -17.07 112.69 -2.95
C LEU NA 128 -16.52 113.56 -4.07
N ALA NA 129 -15.31 113.28 -4.52
CA ALA NA 129 -14.71 114.07 -5.60
C ALA NA 129 -15.46 113.87 -6.91
N ALA NA 130 -16.03 112.68 -7.11
CA ALA NA 130 -16.76 112.41 -8.34
C ALA NA 130 -18.13 113.07 -8.35
N SER NA 131 -18.73 113.29 -7.19
CA SER NA 131 -20.04 113.91 -7.13
C SER NA 131 -20.01 115.40 -7.49
N ALA NA 132 -18.83 115.99 -7.60
CA ALA NA 132 -18.69 117.39 -7.95
C ALA NA 132 -18.37 117.60 -9.43
N LEU NA 133 -18.31 116.55 -10.23
CA LEU NA 133 -18.05 116.67 -11.66
C LEU NA 133 -19.31 116.35 -12.44
N PRO NA 134 -19.89 117.31 -13.17
CA PRO NA 134 -21.17 117.05 -13.84
C PRO NA 134 -21.13 115.90 -14.83
N ALA NA 135 -19.99 115.69 -15.49
CA ALA NA 135 -19.91 114.61 -16.48
C ALA NA 135 -20.06 113.25 -15.81
N LEU NA 136 -19.52 113.09 -14.60
CA LEU NA 136 -19.63 111.81 -13.92
C LEU NA 136 -21.04 111.60 -13.36
N VAL NA 137 -21.64 112.63 -12.79
CA VAL NA 137 -22.97 112.48 -12.21
C VAL NA 137 -24.01 112.31 -13.31
N MET NA 138 -23.86 113.03 -14.41
CA MET NA 138 -24.71 112.79 -15.58
C MET NA 138 -24.51 111.38 -16.12
N SER NA 139 -23.27 110.89 -16.12
CA SER NA 139 -23.00 109.54 -16.58
C SER NA 139 -23.58 108.49 -15.65
N LYS NA 140 -24.03 108.89 -14.46
CA LYS NA 140 -24.85 108.02 -13.63
C LYS NA 140 -26.33 108.11 -13.95
N GLY NA 141 -26.72 109.02 -14.85
CA GLY NA 141 -28.09 109.16 -15.26
C GLY NA 141 -28.96 109.82 -14.21
N HIS NA 142 -28.58 111.03 -13.77
CA HIS NA 142 -29.22 111.68 -12.65
C HIS NA 142 -30.04 112.91 -13.03
N ARG NA 143 -30.07 113.28 -14.31
CA ARG NA 143 -30.91 114.38 -14.80
C ARG NA 143 -30.65 115.67 -14.03
N ILE NA 144 -29.42 116.15 -14.12
CA ILE NA 144 -29.03 117.43 -13.56
C ILE NA 144 -28.58 118.32 -14.71
N GLU NA 145 -29.52 119.06 -15.28
CA GLU NA 145 -29.21 119.96 -16.38
C GLU NA 145 -29.73 121.35 -16.05
N GLU NA 146 -30.78 121.40 -15.23
CA GLU NA 146 -31.34 122.66 -14.77
C GLU NA 146 -30.85 123.06 -13.39
N VAL NA 147 -30.02 122.25 -12.75
CA VAL NA 147 -29.51 122.58 -11.42
C VAL NA 147 -28.30 123.49 -11.57
N PRO NA 148 -28.14 124.48 -10.70
CA PRO NA 148 -26.93 125.30 -10.73
C PRO NA 148 -25.88 124.81 -9.73
N GLU NA 149 -24.64 125.17 -9.99
CA GLU NA 149 -23.56 125.01 -9.02
C GLU NA 149 -23.48 123.56 -8.52
N LEU NA 150 -23.10 122.66 -9.43
CA LEU NA 150 -23.22 121.22 -9.22
C LEU NA 150 -22.97 120.75 -7.79
N PRO NA 151 -21.88 121.14 -7.11
CA PRO NA 151 -21.84 120.85 -5.66
C PRO NA 151 -22.89 121.74 -5.02
N LEU NA 152 -24.05 121.16 -4.74
CA LEU NA 152 -25.26 121.93 -4.50
C LEU NA 152 -25.50 122.03 -3.01
N VAL NA 153 -25.51 123.26 -2.50
CA VAL NA 153 -25.61 123.53 -1.08
C VAL NA 153 -26.81 124.41 -0.83
N VAL NA 154 -27.65 124.01 0.13
CA VAL NA 154 -28.73 124.84 0.62
C VAL NA 154 -28.40 125.29 2.03
N GLU NA 155 -29.11 126.31 2.49
CA GLU NA 155 -28.95 126.78 3.85
C GLU NA 155 -29.45 125.71 4.82
N ASP NA 156 -29.20 125.93 6.11
CA ASP NA 156 -29.59 124.98 7.14
C ASP NA 156 -31.08 125.02 7.45
N LYS NA 157 -31.83 125.96 6.86
CA LYS NA 157 -33.27 126.01 7.07
C LYS NA 157 -33.93 124.71 6.67
N VAL NA 158 -33.38 124.01 5.67
CA VAL NA 158 -33.95 122.75 5.23
C VAL NA 158 -33.66 121.62 6.22
N GLU NA 159 -32.66 121.79 7.09
CA GLU NA 159 -32.44 120.80 8.14
C GLU NA 159 -33.61 120.78 9.13
N GLY NA 160 -34.30 121.90 9.29
CA GLY NA 160 -35.40 121.99 10.22
C GLY NA 160 -36.76 121.80 9.59
N TYR NA 161 -36.79 121.18 8.40
CA TYR NA 161 -38.05 120.90 7.74
C TYR NA 161 -38.83 119.85 8.52
N LYS NA 162 -40.14 119.83 8.33
CA LYS NA 162 -41.01 118.91 9.04
C LYS NA 162 -41.96 118.13 8.15
N LYS NA 163 -42.40 118.68 7.03
CA LYS NA 163 -43.44 118.07 6.22
C LYS NA 163 -42.88 117.72 4.86
N THR NA 164 -43.48 116.69 4.23
CA THR NA 164 -43.07 116.30 2.90
C THR NA 164 -43.43 117.36 1.87
N LYS NA 165 -44.43 118.19 2.16
CA LYS NA 165 -44.82 119.23 1.21
C LYS NA 165 -43.70 120.25 1.01
N GLU NA 166 -43.04 120.66 2.09
CA GLU NA 166 -41.95 121.62 1.94
C GLU NA 166 -40.68 120.95 1.42
N ALA NA 167 -40.55 119.63 1.59
CA ALA NA 167 -39.42 118.93 1.02
C ALA NA 167 -39.55 118.79 -0.49
N VAL NA 168 -40.77 118.49 -0.96
CA VAL NA 168 -41.01 118.41 -2.40
C VAL NA 168 -40.86 119.79 -3.05
N LEU NA 169 -41.34 120.83 -2.37
CA LEU NA 169 -41.24 122.18 -2.93
C LEU NA 169 -39.78 122.60 -3.01
N LEU NA 170 -38.96 122.21 -2.04
CA LEU NA 170 -37.54 122.50 -2.08
C LEU NA 170 -36.88 121.84 -3.28
N LEU NA 171 -37.18 120.57 -3.52
CA LEU NA 171 -36.58 119.85 -4.63
C LEU NA 171 -36.98 120.47 -5.97
N LYS NA 172 -38.25 120.89 -6.09
CA LYS NA 172 -38.70 121.52 -7.33
C LYS NA 172 -38.02 122.87 -7.53
N LYS NA 173 -37.91 123.67 -6.47
CA LYS NA 173 -37.28 124.99 -6.60
C LYS NA 173 -35.80 124.86 -6.92
N LEU NA 174 -35.12 123.90 -6.29
CA LEU NA 174 -33.72 123.61 -6.59
C LEU NA 174 -33.53 122.99 -7.96
N LYS NA 175 -34.62 122.62 -8.63
CA LYS NA 175 -34.60 121.91 -9.90
C LYS NA 175 -33.94 120.55 -9.78
N ALA NA 176 -34.11 119.90 -8.63
CA ALA NA 176 -33.70 118.52 -8.42
C ALA NA 176 -34.88 117.56 -8.51
N TRP NA 177 -36.06 118.04 -8.88
CA TRP NA 177 -37.24 117.18 -8.93
C TRP NA 177 -37.25 116.28 -10.16
N ASN NA 178 -36.60 116.69 -11.25
CA ASN NA 178 -36.60 115.85 -12.45
C ASN NA 178 -35.96 114.50 -12.17
N ASP NA 179 -34.99 114.45 -11.26
CA ASP NA 179 -34.39 113.17 -10.89
C ASP NA 179 -35.39 112.31 -10.11
N ILE NA 180 -36.25 112.94 -9.32
CA ILE NA 180 -37.28 112.20 -8.61
C ILE NA 180 -38.30 111.62 -9.59
N LYS NA 181 -38.69 112.42 -10.59
CA LYS NA 181 -39.63 111.93 -11.58
C LYS NA 181 -39.03 110.76 -12.38
N LYS NA 182 -37.71 110.72 -12.49
CA LYS NA 182 -37.07 109.57 -13.12
C LYS NA 182 -37.14 108.35 -12.23
N VAL NA 183 -37.08 108.54 -10.91
CA VAL NA 183 -37.22 107.44 -9.98
C VAL NA 183 -38.63 106.86 -10.04
N TYR NA 184 -39.64 107.72 -10.11
CA TYR NA 184 -41.02 107.26 -10.23
C TYR NA 184 -41.22 106.45 -11.51
N ALA NA 185 -40.73 106.97 -12.64
CA ALA NA 185 -40.91 106.29 -13.91
C ALA NA 185 -40.14 104.98 -13.96
N SER NA 186 -39.15 104.81 -13.08
CA SER NA 186 -38.36 103.59 -13.05
C SER NA 186 -38.90 102.57 -12.05
N GLN NA 187 -40.00 102.87 -11.37
CA GLN NA 187 -40.59 101.90 -10.45
C GLN NA 187 -41.26 100.79 -11.24
N ARG NA 188 -40.80 99.57 -11.05
CA ARG NA 188 -41.36 98.42 -11.75
C ARG NA 188 -41.20 97.18 -10.88
N MET NA 189 -41.56 96.03 -11.44
CA MET NA 189 -41.48 94.78 -10.72
C MET NA 189 -40.21 94.02 -11.10
N ARG NA 190 -39.54 93.48 -10.10
CA ARG NA 190 -38.31 92.72 -10.29
C ARG NA 190 -38.57 91.49 -11.15
N ALA NA 191 -37.50 90.93 -11.68
CA ALA NA 191 -37.56 89.70 -12.48
C ALA NA 191 -36.92 88.57 -11.68
N GLY NA 192 -37.67 87.49 -11.50
CA GLY NA 192 -37.13 86.28 -10.96
C GLY NA 192 -37.57 85.98 -9.55
N LYS NA 193 -36.79 85.13 -8.89
CA LYS NA 193 -37.12 84.60 -7.56
C LYS NA 193 -37.09 85.67 -6.47
N GLY NA 194 -36.57 86.86 -6.75
CA GLY NA 194 -36.55 87.90 -5.74
C GLY NA 194 -37.93 88.30 -5.28
N LYS NA 195 -38.91 88.23 -6.18
CA LYS NA 195 -40.29 88.56 -5.81
C LYS NA 195 -40.82 87.61 -4.74
N MET NA 196 -40.51 86.32 -4.86
CA MET NA 196 -40.93 85.35 -3.86
C MET NA 196 -40.18 85.56 -2.55
N ARG NA 197 -39.13 86.39 -2.57
CA ARG NA 197 -38.23 86.57 -1.43
C ARG NA 197 -38.22 88.02 -0.95
N ASN NA 198 -39.38 88.67 -0.97
CA ASN NA 198 -39.63 90.00 -0.41
C ASN NA 198 -38.97 91.13 -1.18
N ARG NA 199 -38.20 90.84 -2.22
CA ARG NA 199 -37.67 91.88 -3.10
C ARG NA 199 -38.54 92.05 -4.34
N ARG NA 200 -39.79 92.44 -4.08
CA ARG NA 200 -40.81 92.45 -5.13
C ARG NA 200 -40.55 93.55 -6.15
N ARG NA 201 -40.58 94.81 -5.71
CA ARG NA 201 -40.47 95.95 -6.59
C ARG NA 201 -39.09 96.58 -6.48
N ILE NA 202 -38.66 97.21 -7.57
CA ILE NA 202 -37.37 97.87 -7.66
C ILE NA 202 -37.57 99.25 -8.28
N GLN NA 203 -36.56 100.09 -8.12
CA GLN NA 203 -36.59 101.45 -8.66
C GLN NA 203 -35.17 101.96 -8.79
N ARG NA 204 -35.07 103.24 -9.18
CA ARG NA 204 -33.77 103.88 -9.36
C ARG NA 204 -33.27 104.45 -8.05
N ARG NA 205 -32.12 105.13 -8.13
CA ARG NA 205 -31.53 105.82 -6.99
C ARG NA 205 -31.74 107.31 -7.18
N GLY NA 206 -32.31 107.96 -6.16
CA GLY NA 206 -32.51 109.38 -6.19
C GLY NA 206 -31.30 110.13 -5.69
N PRO NA 207 -31.42 111.44 -5.52
CA PRO NA 207 -30.31 112.22 -4.97
C PRO NA 207 -30.09 111.92 -3.49
N CYS NA 208 -28.90 112.28 -3.01
CA CYS NA 208 -28.51 112.05 -1.63
C CYS NA 208 -28.48 113.40 -0.92
N ILE NA 209 -29.25 113.51 0.16
CA ILE NA 209 -29.26 114.73 0.97
C ILE NA 209 -28.34 114.49 2.17
N ILE NA 210 -27.27 115.28 2.24
CA ILE NA 210 -26.25 115.12 3.27
C ILE NA 210 -26.37 116.30 4.23
N TYR NA 211 -26.67 116.01 5.49
CA TYR NA 211 -26.96 117.00 6.51
C TYR NA 211 -25.97 116.89 7.66
N ASN NA 212 -25.96 117.91 8.51
CA ASN NA 212 -25.15 117.92 9.72
C ASN NA 212 -25.97 117.56 10.96
N GLU NA 213 -27.02 118.31 11.24
CA GLU NA 213 -27.93 118.03 12.34
C GLU NA 213 -29.25 117.50 11.82
N ASP NA 214 -29.99 116.83 12.70
CA ASP NA 214 -31.30 116.27 12.39
C ASP NA 214 -32.33 117.05 13.20
N ASN NA 215 -33.01 117.99 12.54
CA ASN NA 215 -34.09 118.75 13.14
C ASN NA 215 -35.40 118.49 12.39
N GLY NA 216 -35.61 117.25 11.97
CA GLY NA 216 -36.79 116.87 11.23
C GLY NA 216 -36.59 116.67 9.74
N ILE NA 217 -35.37 116.84 9.24
CA ILE NA 217 -35.14 116.71 7.81
C ILE NA 217 -35.38 115.29 7.34
N ILE NA 218 -35.04 114.29 8.17
CA ILE NA 218 -35.25 112.90 7.79
C ILE NA 218 -36.73 112.60 7.65
N LYS NA 219 -37.56 113.13 8.56
CA LYS NA 219 -38.99 112.88 8.46
C LYS NA 219 -39.61 113.67 7.31
N ALA NA 220 -39.10 114.86 7.04
CA ALA NA 220 -39.63 115.64 5.91
C ALA NA 220 -39.39 114.91 4.60
N PHE NA 221 -38.16 114.48 4.36
CA PHE NA 221 -37.82 113.56 3.28
C PHE NA 221 -38.17 112.15 3.74
N ARG NA 222 -37.64 111.13 3.08
CA ARG NA 222 -37.77 109.70 3.37
C ARG NA 222 -39.11 109.13 2.91
N ASN NA 223 -40.04 109.95 2.44
CA ASN NA 223 -41.21 109.46 1.72
C ASN NA 223 -41.11 109.72 0.24
N ILE NA 224 -40.11 110.48 -0.20
CA ILE NA 224 -39.77 110.61 -1.62
C ILE NA 224 -39.00 109.36 -2.02
N PRO NA 225 -39.44 108.64 -3.04
CA PRO NA 225 -38.65 107.50 -3.53
C PRO NA 225 -37.28 107.96 -4.00
N GLY NA 226 -36.25 107.18 -3.63
CA GLY NA 226 -34.90 107.44 -4.07
C GLY NA 226 -34.08 108.34 -3.17
N ILE NA 227 -34.74 109.18 -2.36
CA ILE NA 227 -34.02 110.12 -1.51
C ILE NA 227 -33.34 109.36 -0.38
N THR NA 228 -32.07 109.64 -0.16
CA THR NA 228 -31.29 109.03 0.93
C THR NA 228 -30.63 110.12 1.75
N LEU NA 229 -30.78 110.04 3.07
CA LEU NA 229 -30.17 110.99 4.00
C LEU NA 229 -28.91 110.36 4.57
N LEU NA 230 -27.82 111.14 4.64
CA LEU NA 230 -26.51 110.53 4.84
C LEU NA 230 -25.77 110.97 6.10
N ASN NA 231 -26.05 112.15 6.66
CA ASN NA 231 -25.48 112.55 7.96
C ASN NA 231 -23.94 112.61 7.87
N VAL NA 232 -23.47 113.72 7.30
CA VAL NA 232 -22.07 113.92 6.92
C VAL NA 232 -21.07 113.42 7.96
N SER NA 233 -21.45 113.39 9.24
CA SER NA 233 -20.55 112.87 10.26
C SER NA 233 -20.19 111.41 10.00
N LYS NA 234 -21.08 110.67 9.34
CA LYS NA 234 -20.88 109.24 9.06
C LYS NA 234 -21.35 108.96 7.63
N LEU NA 235 -20.42 109.03 6.69
CA LEU NA 235 -20.76 108.74 5.29
C LEU NA 235 -20.87 107.23 5.08
N ASN NA 236 -21.18 106.84 3.85
CA ASN NA 236 -21.38 105.43 3.51
C ASN NA 236 -21.06 105.25 2.03
N ILE NA 237 -20.06 104.44 1.73
CA ILE NA 237 -19.70 104.20 0.34
C ILE NA 237 -20.76 103.37 -0.36
N LEU NA 238 -21.57 102.62 0.39
CA LEU NA 238 -22.64 101.85 -0.22
C LEU NA 238 -23.77 102.74 -0.70
N LYS NA 239 -23.82 103.99 -0.24
CA LYS NA 239 -24.82 104.94 -0.67
C LYS NA 239 -24.28 106.09 -1.49
N LEU NA 240 -22.99 106.42 -1.33
CA LEU NA 240 -22.37 107.44 -2.17
C LEU NA 240 -22.05 106.91 -3.56
N ALA NA 241 -21.73 105.62 -3.68
CA ALA NA 241 -21.50 104.96 -4.95
C ALA NA 241 -22.40 103.73 -4.97
N PRO NA 242 -23.69 103.92 -5.29
CA PRO NA 242 -24.67 102.85 -5.04
C PRO NA 242 -24.36 101.53 -5.72
N GLY NA 243 -23.89 101.54 -6.95
CA GLY NA 243 -23.63 100.29 -7.64
C GLY NA 243 -22.16 99.97 -7.74
N GLY NA 244 -21.36 100.64 -6.93
CA GLY NA 244 -19.93 100.64 -7.12
C GLY NA 244 -19.44 101.65 -8.12
N HIS NA 245 -20.34 102.44 -8.70
CA HIS NA 245 -20.01 103.46 -9.68
C HIS NA 245 -20.08 104.82 -9.03
N VAL NA 246 -19.03 105.61 -9.19
CA VAL NA 246 -18.97 106.92 -8.56
C VAL NA 246 -19.89 107.90 -9.32
N GLY NA 247 -20.27 108.97 -8.62
CA GLY NA 247 -21.02 110.03 -9.26
C GLY NA 247 -22.49 110.11 -8.92
N ARG NA 248 -22.85 109.92 -7.66
CA ARG NA 248 -24.24 110.09 -7.24
C ARG NA 248 -24.55 111.58 -7.05
N PHE NA 249 -25.76 111.97 -7.43
CA PHE NA 249 -26.22 113.34 -7.20
C PHE NA 249 -26.42 113.56 -5.71
N CYS NA 250 -25.74 114.55 -5.16
CA CYS NA 250 -25.77 114.82 -3.73
C CYS NA 250 -26.10 116.29 -3.49
N ILE NA 251 -27.03 116.53 -2.57
CA ILE NA 251 -27.36 117.88 -2.12
C ILE NA 251 -26.84 118.01 -0.69
N TRP NA 252 -26.08 119.07 -0.45
CA TRP NA 252 -25.53 119.35 0.87
C TRP NA 252 -26.26 120.52 1.52
N THR NA 253 -26.27 120.49 2.85
CA THR NA 253 -26.64 121.66 3.62
C THR NA 253 -25.40 122.48 3.91
N GLU NA 254 -25.61 123.72 4.36
CA GLU NA 254 -24.47 124.61 4.62
C GLU NA 254 -23.59 124.07 5.74
N SER NA 255 -24.20 123.61 6.83
CA SER NA 255 -23.42 123.11 7.96
C SER NA 255 -22.68 121.83 7.61
N ALA NA 256 -23.25 121.02 6.70
CA ALA NA 256 -22.57 119.80 6.29
C ALA NA 256 -21.38 120.12 5.40
N PHE NA 257 -21.52 121.10 4.51
CA PHE NA 257 -20.44 121.44 3.58
C PHE NA 257 -19.23 121.98 4.32
N ARG NA 258 -19.46 122.86 5.30
CA ARG NA 258 -18.33 123.45 6.03
C ARG NA 258 -17.64 122.41 6.91
N LYS NA 259 -18.38 121.42 7.41
CA LYS NA 259 -17.79 120.42 8.28
C LYS NA 259 -16.90 119.46 7.49
N LEU NA 260 -17.13 119.33 6.19
CA LEU NA 260 -16.39 118.40 5.36
C LEU NA 260 -14.89 118.68 5.42
N ASP NA 261 -14.51 119.95 5.47
CA ASP NA 261 -13.10 120.30 5.40
C ASP NA 261 -12.34 119.87 6.66
N GLU NA 262 -12.98 119.93 7.82
CA GLU NA 262 -12.37 119.44 9.05
C GLU NA 262 -12.64 117.97 9.28
N LEU NA 263 -13.45 117.34 8.44
CA LEU NA 263 -13.77 115.93 8.61
C LEU NA 263 -12.77 115.04 7.89
N TYR NA 264 -12.28 115.47 6.73
CA TYR NA 264 -11.26 114.76 5.99
C TYR NA 264 -9.97 115.54 5.83
N GLY NA 265 -9.95 116.80 6.23
CA GLY NA 265 -8.75 117.61 6.17
C GLY NA 265 -8.48 118.13 4.77
N THR NA 266 -7.60 119.12 4.71
CA THR NA 266 -7.04 119.56 3.44
C THR NA 266 -5.77 118.74 3.19
N TRP NA 267 -4.98 119.14 2.20
CA TRP NA 267 -3.66 118.53 2.07
C TRP NA 267 -2.63 119.24 2.93
N ARG NA 268 -2.75 120.56 3.07
CA ARG NA 268 -1.82 121.32 3.89
C ARG NA 268 -2.08 121.13 5.38
N LYS NA 269 -3.29 120.70 5.76
CA LYS NA 269 -3.61 120.50 7.17
C LYS NA 269 -4.36 119.18 7.33
N ALA NA 270 -4.18 118.54 8.48
CA ALA NA 270 -4.71 117.22 8.72
C ALA NA 270 -6.12 117.30 9.31
N ALA NA 271 -6.88 116.22 9.10
CA ALA NA 271 -8.25 116.17 9.59
C ALA NA 271 -8.27 116.18 11.11
N SER NA 272 -9.09 117.07 11.67
CA SER NA 272 -9.21 117.21 13.12
C SER NA 272 -10.28 116.30 13.70
N LEU NA 273 -11.05 115.60 12.87
CA LEU NA 273 -12.09 114.71 13.34
C LEU NA 273 -11.76 113.24 13.06
N LYS NA 274 -10.53 112.93 12.67
CA LYS NA 274 -10.10 111.56 12.47
C LYS NA 274 -8.74 111.24 13.07
N SER NA 275 -8.03 112.24 13.60
CA SER NA 275 -6.92 112.07 14.54
C SER NA 275 -5.68 111.45 13.93
N ASN NA 276 -5.79 110.92 12.70
CA ASN NA 276 -4.58 110.54 11.97
C ASN NA 276 -4.68 110.74 10.47
N TYR NA 277 -5.79 111.25 9.94
CA TYR NA 277 -6.08 111.14 8.52
C TYR NA 277 -5.67 112.39 7.77
N ASN NA 278 -5.02 112.19 6.61
CA ASN NA 278 -4.75 113.24 5.66
C ASN NA 278 -5.25 112.77 4.29
N LEU NA 279 -5.58 113.74 3.44
CA LEU NA 279 -6.15 113.42 2.14
C LEU NA 279 -5.13 112.66 1.31
N PRO NA 280 -5.57 111.68 0.52
CA PRO NA 280 -4.63 110.94 -0.34
C PRO NA 280 -4.00 111.85 -1.38
N MET NA 281 -2.75 111.55 -1.71
CA MET NA 281 -1.98 112.38 -2.62
C MET NA 281 -2.10 111.87 -4.05
N HIS NA 282 -1.91 112.77 -5.00
CA HIS NA 282 -1.96 112.41 -6.41
C HIS NA 282 -0.61 111.85 -6.88
N LYS NA 283 -0.66 110.96 -7.85
CA LYS NA 283 0.53 110.58 -8.60
C LYS NA 283 0.60 111.29 -9.94
N MET NA 284 -0.38 112.14 -10.25
CA MET NA 284 -0.41 112.91 -11.49
C MET NA 284 -1.18 114.19 -11.18
N ILE NA 285 -0.45 115.29 -10.99
CA ILE NA 285 -1.10 116.55 -10.64
C ILE NA 285 -1.89 117.13 -11.81
N ASN NA 286 -1.33 117.16 -13.01
CA ASN NA 286 -1.99 117.70 -14.20
C ASN NA 286 -2.41 116.52 -15.07
N THR NA 287 -3.63 116.03 -14.86
CA THR NA 287 -4.12 114.87 -15.60
C THR NA 287 -4.84 115.27 -16.87
N ASP NA 288 -4.21 116.09 -17.70
CA ASP NA 288 -4.81 116.51 -18.97
C ASP NA 288 -3.74 116.34 -20.04
N LEU NA 289 -3.87 115.27 -20.82
CA LEU NA 289 -2.86 114.95 -21.83
C LEU NA 289 -2.78 115.98 -22.93
N SER NA 290 -3.92 116.58 -23.29
CA SER NA 290 -3.96 117.48 -24.44
C SER NA 290 -3.01 118.66 -24.26
N ARG NA 291 -3.07 119.32 -23.10
CA ARG NA 291 -2.18 120.44 -22.82
C ARG NA 291 -0.73 119.97 -22.69
N ILE NA 292 -0.51 118.85 -22.01
CA ILE NA 292 0.83 118.35 -21.83
C ILE NA 292 1.46 117.99 -23.18
N LEU NA 293 0.73 117.21 -24.00
CA LEU NA 293 1.29 116.79 -25.27
C LEU NA 293 1.42 117.95 -26.25
N LYS NA 294 0.58 118.96 -26.14
CA LYS NA 294 0.67 120.14 -26.99
C LYS NA 294 1.57 121.22 -26.42
N SER NA 295 2.08 121.04 -25.20
CA SER NA 295 2.93 122.04 -24.61
C SER NA 295 4.23 122.16 -25.42
N PRO NA 296 4.79 123.37 -25.55
CA PRO NA 296 5.96 123.53 -26.42
C PRO NA 296 7.14 122.68 -26.02
N GLU NA 297 7.44 122.57 -24.73
CA GLU NA 297 8.62 121.82 -24.30
C GLU NA 297 8.54 120.37 -24.75
N ILE NA 298 7.35 119.77 -24.67
CA ILE NA 298 7.17 118.43 -25.22
C ILE NA 298 7.37 118.45 -26.73
N GLN NA 299 6.85 119.49 -27.40
CA GLN NA 299 6.85 119.52 -28.85
C GLN NA 299 8.25 119.73 -29.42
N ARG NA 300 9.08 120.53 -28.75
CA ARG NA 300 10.44 120.76 -29.25
C ARG NA 300 11.28 119.49 -29.18
N ALA NA 301 10.99 118.61 -28.22
CA ALA NA 301 11.80 117.40 -28.05
C ALA NA 301 11.40 116.29 -29.00
N LEU NA 302 10.25 116.41 -29.66
CA LEU NA 302 9.73 115.32 -30.49
C LEU NA 302 10.47 115.26 -31.82
N ARG NA 303 10.28 114.15 -32.52
CA ARG NA 303 10.69 113.97 -33.90
C ARG NA 303 9.47 114.10 -34.81
N ALA NA 304 9.73 114.40 -36.07
CA ALA NA 304 8.64 114.61 -37.01
C ALA NA 304 7.86 113.32 -37.20
N PRO NA 305 6.53 113.38 -37.27
CA PRO NA 305 5.74 112.14 -37.42
C PRO NA 305 5.92 111.54 -38.80
N ARG NA 306 5.85 110.21 -38.87
CA ARG NA 306 5.91 109.49 -40.13
C ARG NA 306 4.49 109.03 -40.48
N LYS NA 307 3.76 109.88 -41.18
CA LYS NA 307 2.34 109.67 -41.42
C LYS NA 307 2.02 108.97 -42.73
N LYS NA 308 2.99 108.84 -43.63
CA LYS NA 308 2.75 108.15 -44.90
C LYS NA 308 2.68 106.64 -44.66
N ILE NA 309 1.76 105.98 -45.35
CA ILE NA 309 1.55 104.54 -45.19
C ILE NA 309 2.26 103.81 -46.32
N HIS NA 310 3.14 102.87 -45.95
CA HIS NA 310 3.84 102.02 -46.92
C HIS NA 310 3.14 100.66 -46.93
N ARG NA 311 2.24 100.48 -47.90
CA ARG NA 311 1.60 99.20 -48.06
C ARG NA 311 2.49 98.25 -48.87
N ARG NA 312 2.17 96.96 -48.81
CA ARG NA 312 2.99 95.98 -49.52
C ARG NA 312 2.91 96.21 -51.01
N VAL NA 313 4.06 96.18 -51.67
CA VAL NA 313 4.16 96.45 -53.09
C VAL NA 313 4.21 95.12 -53.82
N LEU NA 314 3.31 94.94 -54.78
CA LEU NA 314 3.25 93.69 -55.53
C LEU NA 314 4.53 93.51 -56.34
N LYS NA 315 5.20 92.37 -56.13
CA LYS NA 315 6.47 92.12 -56.80
C LYS NA 315 6.18 91.74 -58.25
N LYS NA 316 6.31 92.73 -59.13
CA LYS NA 316 6.32 92.45 -60.57
C LYS NA 316 7.63 91.78 -60.92
N ASN NA 317 7.57 90.84 -61.85
CA ASN NA 317 8.75 90.06 -62.19
C ASN NA 317 9.62 90.81 -63.19
N PRO NA 318 10.87 91.12 -62.85
CA PRO NA 318 11.84 91.43 -63.91
C PRO NA 318 12.08 90.18 -64.74
N LEU NA 319 12.86 90.35 -65.81
CA LEU NA 319 13.05 89.35 -66.86
C LEU NA 319 11.75 89.11 -67.63
N LYS NA 320 10.64 89.71 -67.22
CA LYS NA 320 9.41 89.79 -67.99
C LYS NA 320 8.86 91.20 -68.09
N ASN NA 321 8.97 92.00 -67.04
CA ASN NA 321 8.57 93.40 -67.04
C ASN NA 321 9.79 94.23 -67.39
N LEU NA 322 9.75 94.91 -68.54
CA LEU NA 322 10.92 95.64 -69.03
C LEU NA 322 11.26 96.80 -68.10
N ARG NA 323 10.26 97.59 -67.71
CA ARG NA 323 10.55 98.81 -66.96
C ARG NA 323 10.78 98.53 -65.48
N ILE NA 324 10.28 97.40 -64.97
CA ILE NA 324 10.68 96.97 -63.63
C ILE NA 324 12.15 96.57 -63.63
N MET NA 325 12.59 95.93 -64.72
CA MET NA 325 14.00 95.59 -64.88
C MET NA 325 14.87 96.84 -64.98
N LEU NA 326 14.39 97.88 -65.65
CA LEU NA 326 15.18 99.10 -65.79
C LEU NA 326 15.21 99.89 -64.49
N LYS NA 327 14.26 99.61 -63.59
CA LYS NA 327 14.33 100.21 -62.27
C LYS NA 327 15.49 99.65 -61.47
N LEU NA 328 15.75 98.35 -61.62
CA LEU NA 328 16.86 97.70 -60.94
C LEU NA 328 18.14 97.72 -61.76
N ASN NA 329 18.03 97.60 -63.08
CA ASN NA 329 19.18 97.57 -63.97
C ASN NA 329 18.96 98.57 -65.10
N PRO NA 330 19.33 99.83 -64.90
CA PRO NA 330 19.24 100.79 -66.01
C PRO NA 330 20.10 100.42 -67.20
N TYR NA 331 21.16 99.62 -66.98
CA TYR NA 331 21.99 99.16 -68.07
C TYR NA 331 21.36 98.03 -68.87
N ALA NA 332 20.31 97.39 -68.33
CA ALA NA 332 19.69 96.28 -69.05
C ALA NA 332 19.04 96.74 -70.34
N LYS NA 333 18.67 98.02 -70.43
CA LYS NA 333 18.03 98.52 -71.65
C LYS NA 333 19.00 98.50 -72.82
N THR NA 334 20.24 98.94 -72.61
CA THR NA 334 21.20 98.97 -73.70
C THR NA 334 21.74 97.58 -74.01
N MET NA 335 21.85 96.72 -73.00
CA MET NA 335 22.13 95.31 -73.26
C MET NA 335 21.04 94.69 -74.12
N ARG NA 336 19.79 94.99 -73.78
CA ARG NA 336 18.68 94.50 -74.60
C ARG NA 336 18.69 95.12 -75.99
N ARG NA 337 18.96 96.42 -76.07
CA ARG NA 337 18.94 97.10 -77.37
C ARG NA 337 20.09 96.63 -78.25
N ASN NA 338 21.29 96.50 -77.67
CA ASN NA 338 22.43 96.02 -78.46
C ASN NA 338 22.19 94.61 -78.96
N THR NA 339 21.60 93.76 -78.13
CA THR NA 339 21.29 92.39 -78.56
C THR NA 339 20.28 92.37 -79.69
N ILE NA 340 19.22 93.18 -79.60
CA ILE NA 340 18.20 93.20 -80.64
C ILE NA 340 18.80 93.70 -81.95
N LEU NA 341 19.64 94.74 -81.89
CA LEU NA 341 20.31 95.22 -83.09
C LEU NA 341 21.25 94.17 -83.66
N ARG NA 342 22.02 93.52 -82.78
CA ARG NA 342 23.02 92.56 -83.23
C ARG NA 342 22.37 91.33 -83.87
N GLN NA 343 21.31 90.82 -83.27
CA GLN NA 343 20.63 89.64 -83.82
C GLN NA 343 20.01 89.94 -85.17
N ALA NA 344 19.38 91.11 -85.31
CA ALA NA 344 18.78 91.46 -86.60
C ALA NA 344 19.84 91.64 -87.67
N ARG NA 345 20.96 92.29 -87.32
CA ARG NA 345 22.05 92.44 -88.28
C ARG NA 345 22.68 91.09 -88.62
N ASN NA 346 22.83 90.22 -87.62
CA ASN NA 346 23.33 88.87 -87.88
C ASN NA 346 22.36 88.10 -88.77
N HIS NA 347 21.05 88.23 -88.51
CA HIS NA 347 20.05 87.57 -89.32
C HIS NA 347 20.06 88.10 -90.75
N LYS NA 348 20.20 89.42 -90.91
CA LYS NA 348 20.23 90.01 -92.24
C LYS NA 348 21.43 89.54 -93.04
N LEU NA 349 22.58 89.42 -92.38
CA LEU NA 349 23.80 88.96 -93.04
C LEU NA 349 23.73 87.50 -93.45
N ARG NA 350 22.86 86.71 -92.83
CA ARG NA 350 22.75 85.30 -93.20
C ARG NA 350 21.75 85.08 -94.32
N VAL NA 351 20.69 85.88 -94.38
CA VAL NA 351 19.64 85.66 -95.37
C VAL NA 351 20.14 86.03 -96.77
N ASP NA 352 20.90 87.13 -96.89
CA ASP NA 352 21.41 87.49 -98.21
C ASP NA 352 22.53 86.56 -98.65
N LYS NA 353 23.35 86.11 -97.70
CA LYS NA 353 24.41 85.15 -98.02
C LYS NA 353 23.83 83.83 -98.52
N ALA NA 354 22.69 83.43 -97.96
CA ALA NA 354 22.01 82.23 -98.46
C ALA NA 354 21.54 82.43 -99.90
N ALA NA 355 20.95 83.59 -100.20
CA ALA NA 355 20.55 83.89 -101.56
C ALA NA 355 21.77 84.06 -102.47
N ALA NA 356 22.82 84.72 -101.96
CA ALA NA 356 24.05 84.85 -102.73
C ALA NA 356 24.67 83.49 -103.01
N ALA NA 357 24.50 82.54 -102.08
CA ALA NA 357 24.90 81.17 -102.36
C ALA NA 357 24.04 80.57 -103.46
N ALA NA 358 22.74 80.85 -103.44
CA ALA NA 358 21.85 80.38 -104.51
C ALA NA 358 22.16 81.09 -105.82
N ALA NA 359 22.39 82.40 -105.77
CA ALA NA 359 22.66 83.16 -106.98
C ALA NA 359 23.95 82.69 -107.65
N ALA NA 360 24.97 82.35 -106.87
CA ALA NA 360 26.20 81.82 -107.42
C ALA NA 360 25.96 80.49 -108.11
N LEU NA 361 25.12 79.63 -107.51
CA LEU NA 361 24.78 78.36 -108.14
C LEU NA 361 24.05 78.57 -109.46
N GLN NA 362 23.12 79.53 -109.50
CA GLN NA 362 22.41 79.82 -110.75
C GLN NA 362 23.37 80.32 -111.83
N ALA NA 363 24.38 81.10 -111.45
CA ALA NA 363 25.32 81.62 -112.42
C ALA NA 363 26.17 80.52 -113.03
N LYS NA 364 26.74 79.65 -112.19
CA LYS NA 364 27.67 78.62 -112.66
C LYS NA 364 26.98 77.37 -113.17
N SER NA 365 25.66 77.27 -113.06
CA SER NA 365 24.93 76.15 -113.64
C SER NA 365 24.16 76.51 -114.89
N ASP NA 366 23.71 77.76 -115.01
CA ASP NA 366 22.96 78.24 -116.17
C ASP NA 366 23.77 79.22 -117.01
N GLU NA 367 25.09 79.16 -116.90
CA GLU NA 367 25.94 80.11 -117.64
C GLU NA 367 25.82 79.91 -119.14
N LYS NA 368 25.61 78.69 -119.60
CA LYS NA 368 25.49 78.37 -121.02
C LYS NA 368 26.70 78.88 -121.82
N GLY OA 1 70.62 20.78 -27.71
CA GLY OA 1 69.58 19.87 -28.11
C GLY OA 1 68.99 19.07 -26.96
N PHE OA 2 69.10 19.61 -25.77
CA PHE OA 2 68.58 18.97 -24.57
C PHE OA 2 67.70 19.87 -23.72
N VAL OA 3 67.96 21.18 -23.74
CA VAL OA 3 67.30 22.12 -22.83
C VAL OA 3 66.62 23.21 -23.66
N LYS OA 4 65.44 23.64 -23.19
CA LYS OA 4 64.74 24.75 -23.83
C LYS OA 4 65.51 26.05 -23.64
N VAL OA 5 65.60 26.83 -24.71
CA VAL OA 5 66.33 28.09 -24.68
C VAL OA 5 65.48 29.14 -23.96
N VAL OA 6 66.11 29.91 -23.07
CA VAL OA 6 65.42 30.98 -22.38
C VAL OA 6 65.50 32.28 -23.19
N LYS OA 7 66.72 32.66 -23.59
CA LYS OA 7 66.92 33.87 -24.39
C LYS OA 7 66.66 33.57 -25.88
N ASN OA 8 65.42 33.22 -26.17
CA ASN OA 8 65.02 32.92 -27.54
C ASN OA 8 64.58 34.20 -28.24
N LYS OA 9 64.03 34.04 -29.45
CA LYS OA 9 63.60 35.20 -30.23
C LYS OA 9 62.44 35.91 -29.56
N ALA OA 10 61.52 35.15 -28.96
CA ALA OA 10 60.38 35.78 -28.28
C ALA OA 10 60.81 36.48 -27.00
N TYR OA 11 61.91 36.03 -26.39
CA TYR OA 11 62.40 36.67 -25.18
C TYR OA 11 62.82 38.11 -25.44
N PHE OA 12 63.54 38.34 -26.54
CA PHE OA 12 64.03 39.68 -26.84
C PHE OA 12 62.93 40.56 -27.42
N LYS OA 13 61.91 39.95 -28.03
CA LYS OA 13 60.84 40.73 -28.64
C LYS OA 13 60.04 41.49 -27.59
N ARG OA 14 59.95 40.96 -26.37
CA ARG OA 14 59.21 41.58 -25.30
C ARG OA 14 60.06 41.86 -24.07
N TYR OA 15 61.38 41.84 -24.21
CA TYR OA 15 62.24 42.26 -23.12
C TYR OA 15 62.25 43.78 -23.04
N GLN OA 16 61.87 44.30 -21.87
CA GLN OA 16 61.86 45.74 -21.65
C GLN OA 16 63.12 46.12 -20.90
N VAL OA 17 63.88 47.04 -21.48
CA VAL OA 17 65.19 47.40 -20.96
C VAL OA 17 65.00 48.42 -19.84
N LYS OA 18 65.92 48.42 -18.87
CA LYS OA 18 65.86 49.40 -17.80
C LYS OA 18 66.50 50.70 -18.25
N PHE OA 19 66.45 51.71 -17.38
CA PHE OA 19 67.05 52.99 -17.69
C PHE OA 19 68.56 52.82 -17.83
N ARG OA 20 69.15 53.63 -18.71
CA ARG OA 20 70.55 53.41 -19.09
C ARG OA 20 71.48 53.51 -17.89
N ARG OA 21 71.27 54.51 -17.03
CA ARG OA 21 72.13 54.65 -15.86
C ARG OA 21 71.79 53.66 -14.76
N ARG OA 22 70.62 53.03 -14.82
CA ARG OA 22 70.37 51.87 -13.96
C ARG OA 22 71.10 50.65 -14.48
N ARG OA 23 71.13 50.47 -15.80
CA ARG OA 23 71.84 49.33 -16.40
C ARG OA 23 73.33 49.41 -16.11
N GLU OA 24 73.91 50.61 -16.24
CA GLU OA 24 75.31 50.81 -15.89
C GLU OA 24 75.57 50.70 -14.39
N GLY OA 25 74.53 50.67 -13.57
CA GLY OA 25 74.70 50.59 -12.13
C GLY OA 25 75.30 51.83 -11.51
N LYS OA 26 74.90 53.02 -11.98
CA LYS OA 26 75.42 54.27 -11.47
C LYS OA 26 74.39 55.10 -10.73
N THR OA 27 73.10 54.98 -11.05
CA THR OA 27 72.06 55.82 -10.48
C THR OA 27 71.00 54.95 -9.84
N ASP OA 28 70.63 55.29 -8.61
CA ASP OA 28 69.50 54.66 -7.91
C ASP OA 28 68.29 55.57 -8.13
N TYR OA 29 67.41 55.18 -9.05
CA TYR OA 29 66.31 56.05 -9.43
C TYR OA 29 65.23 56.12 -8.38
N TYR OA 30 65.15 55.11 -7.50
CA TYR OA 30 64.23 55.19 -6.37
C TYR OA 30 64.63 56.30 -5.42
N ALA OA 31 65.93 56.40 -5.10
CA ALA OA 31 66.39 57.45 -4.21
C ALA OA 31 66.50 58.78 -4.93
N ARG OA 32 66.85 58.76 -6.21
CA ARG OA 32 67.00 60.01 -6.96
C ARG OA 32 65.68 60.77 -7.03
N LYS OA 33 64.56 60.05 -7.15
CA LYS OA 33 63.26 60.70 -7.24
C LYS OA 33 62.94 61.49 -5.97
N ARG OA 34 63.22 60.91 -4.81
CA ARG OA 34 62.94 61.59 -3.56
C ARG OA 34 63.94 62.70 -3.29
N LEU OA 35 65.06 62.70 -4.01
CA LEU OA 35 66.19 63.57 -3.69
C LEU OA 35 66.24 64.82 -4.55
N VAL OA 36 65.75 64.76 -5.78
CA VAL OA 36 65.87 65.88 -6.71
C VAL OA 36 64.52 66.50 -7.06
N ILE OA 37 63.40 65.89 -6.65
CA ILE OA 37 62.09 66.41 -7.03
C ILE OA 37 61.73 67.56 -6.11
N GLN OA 38 61.30 68.67 -6.70
CA GLN OA 38 60.88 69.84 -5.94
C GLN OA 38 59.39 69.74 -5.62
N ASP OA 39 59.00 70.40 -4.53
CA ASP OA 39 57.58 70.59 -4.25
C ASP OA 39 56.93 71.34 -5.40
N LYS OA 40 55.71 70.93 -5.78
CA LYS OA 40 55.09 71.53 -6.95
C LYS OA 40 54.70 72.98 -6.71
N ASN OA 41 54.48 73.38 -5.45
CA ASN OA 41 54.22 74.78 -5.16
C ASN OA 41 55.49 75.53 -4.78
N LYS OA 42 56.51 75.39 -5.61
CA LYS OA 42 57.71 76.22 -5.65
C LYS OA 42 58.00 76.72 -7.05
N TYR OA 43 57.72 75.88 -8.06
CA TYR OA 43 57.58 76.20 -9.47
C TYR OA 43 58.90 76.54 -10.17
N ASN OA 44 59.92 76.95 -9.43
CA ASN OA 44 61.24 77.18 -10.03
C ASN OA 44 62.36 76.92 -9.05
N THR OA 45 62.03 76.65 -7.80
CA THR OA 45 63.05 76.71 -6.76
C THR OA 45 63.95 75.50 -6.86
N PRO OA 46 65.24 75.67 -7.13
CA PRO OA 46 66.12 74.50 -7.28
C PRO OA 46 66.28 73.75 -5.96
N LYS OA 47 66.39 72.43 -6.06
CA LYS OA 47 66.67 71.57 -4.91
C LYS OA 47 68.13 71.18 -5.01
N TYR OA 48 68.99 71.98 -4.41
CA TYR OA 48 70.42 71.73 -4.50
C TYR OA 48 70.79 70.47 -3.72
N ARG OA 49 71.66 69.66 -4.32
CA ARG OA 49 72.13 68.42 -3.73
C ARG OA 49 73.64 68.38 -3.81
N MET OA 50 74.28 67.92 -2.74
CA MET OA 50 75.74 67.80 -2.70
C MET OA 50 76.09 66.37 -3.10
N ILE OA 51 76.59 66.21 -4.31
CA ILE OA 51 76.94 64.89 -4.85
C ILE OA 51 78.36 64.57 -4.42
N VAL OA 52 78.52 63.49 -3.66
CA VAL OA 52 79.82 63.03 -3.21
C VAL OA 52 80.06 61.67 -3.82
N ARG OA 53 81.09 61.55 -4.64
CA ARG OA 53 81.45 60.30 -5.28
C ARG OA 53 82.91 60.00 -5.00
N VAL OA 54 83.16 58.96 -4.22
CA VAL OA 54 84.51 58.57 -3.84
C VAL OA 54 84.97 57.48 -4.80
N THR OA 55 86.10 57.72 -5.45
CA THR OA 55 86.61 56.87 -6.50
C THR OA 55 87.88 56.17 -6.02
N ASN OA 56 88.41 55.28 -6.86
CA ASN OA 56 89.64 54.59 -6.51
C ASN OA 56 90.81 55.55 -6.34
N ARG OA 57 90.87 56.59 -7.18
CA ARG OA 57 91.95 57.57 -7.12
C ARG OA 57 91.52 58.95 -6.64
N ASP OA 58 90.22 59.26 -6.67
CA ASP OA 58 89.76 60.63 -6.55
C ASP OA 58 88.54 60.69 -5.64
N ILE OA 59 88.13 61.91 -5.33
CA ILE OA 59 86.86 62.21 -4.68
C ILE OA 59 86.22 63.35 -5.44
N ILE OA 60 84.93 63.20 -5.77
CA ILE OA 60 84.20 64.17 -6.58
C ILE OA 60 83.08 64.76 -5.74
N CYS OA 61 83.05 66.09 -5.65
CA CYS OA 61 82.02 66.81 -4.92
C CYS OA 61 81.47 67.92 -5.81
N GLN OA 62 80.15 67.93 -6.01
CA GLN OA 62 79.50 68.96 -6.81
C GLN OA 62 78.12 69.26 -6.23
N ILE OA 63 77.62 70.45 -6.51
CA ILE OA 63 76.26 70.85 -6.18
C ILE OA 63 75.46 70.89 -7.47
N ALA OA 64 74.30 70.23 -7.47
CA ALA OA 64 73.48 70.13 -8.67
C ALA OA 64 72.03 70.40 -8.33
N TYR OA 65 71.28 70.80 -9.35
CA TYR OA 65 69.82 70.89 -9.28
C TYR OA 65 69.27 70.38 -10.61
N ALA OA 66 68.15 69.68 -10.55
CA ALA OA 66 67.66 68.89 -11.67
C ALA OA 66 66.69 69.68 -12.52
N ARG OA 67 66.94 69.71 -13.82
CA ARG OA 67 66.03 70.26 -14.82
C ARG OA 67 65.64 69.18 -15.82
N ILE OA 68 64.77 69.53 -16.76
CA ILE OA 68 64.25 68.57 -17.73
C ILE OA 68 65.37 68.05 -18.62
N GLU OA 69 66.24 68.94 -19.09
CA GLU OA 69 67.30 68.57 -20.01
C GLU OA 69 68.49 67.92 -19.33
N GLY OA 70 68.50 67.85 -18.00
CA GLY OA 70 69.61 67.26 -17.29
C GLY OA 70 70.07 68.10 -16.13
N ASP OA 71 70.81 67.52 -15.20
CA ASP OA 71 71.29 68.26 -14.04
C ASP OA 71 72.21 69.39 -14.45
N MET OA 72 72.25 70.44 -13.63
CA MET OA 72 73.17 71.55 -13.82
C MET OA 72 74.09 71.65 -12.62
N ILE OA 73 75.39 71.63 -12.87
CA ILE OA 73 76.40 71.78 -11.83
C ILE OA 73 76.72 73.26 -11.70
N VAL OA 74 76.65 73.78 -10.48
CA VAL OA 74 76.94 75.20 -10.25
C VAL OA 74 78.40 75.35 -9.82
N CYS OA 75 78.93 74.33 -9.17
CA CYS OA 75 80.32 74.33 -8.75
C CYS OA 75 80.70 72.91 -8.34
N ALA OA 76 81.97 72.56 -8.61
CA ALA OA 76 82.46 71.23 -8.33
C ALA OA 76 83.86 71.31 -7.76
N ALA OA 77 84.20 70.34 -6.92
CA ALA OA 77 85.52 70.24 -6.33
C ALA OA 77 86.05 68.82 -6.51
N TYR OA 78 87.36 68.72 -6.71
CA TYR OA 78 88.01 67.44 -6.98
C TYR OA 78 89.16 67.27 -6.01
N ALA OA 79 89.40 66.02 -5.59
CA ALA OA 79 90.52 65.76 -4.68
C ALA OA 79 91.86 65.76 -5.42
N HIS OA 80 91.85 65.59 -6.74
CA HIS OA 80 93.10 65.65 -7.49
C HIS OA 80 93.60 67.08 -7.64
N GLU OA 81 92.79 68.07 -7.31
CA GLU OA 81 93.20 69.46 -7.32
C GLU OA 81 93.66 69.94 -5.94
N LEU OA 82 93.54 69.10 -4.92
CA LEU OA 82 94.12 69.43 -3.63
C LEU OA 82 95.64 69.59 -3.66
N PRO OA 83 96.43 68.76 -4.37
CA PRO OA 83 97.89 68.92 -4.32
C PRO OA 83 98.42 70.29 -4.75
N LYS OA 84 97.57 71.10 -5.38
CA LYS OA 84 98.01 72.45 -5.74
C LYS OA 84 98.31 73.31 -4.52
N TYR OA 85 97.82 72.93 -3.34
CA TYR OA 85 98.22 73.57 -2.11
C TYR OA 85 98.27 72.53 -0.99
N GLY OA 86 99.33 72.57 -0.21
CA GLY OA 86 99.43 71.74 0.98
C GLY OA 86 99.52 70.25 0.72
N VAL OA 87 98.43 69.53 1.03
CA VAL OA 87 98.45 68.07 0.95
C VAL OA 87 98.56 67.64 -0.50
N LYS OA 88 99.60 66.86 -0.81
CA LYS OA 88 99.88 66.42 -2.17
C LYS OA 88 99.73 64.93 -2.37
N VAL OA 89 99.92 64.13 -1.33
CA VAL OA 89 99.81 62.68 -1.41
C VAL OA 89 99.05 62.18 -0.19
N GLY OA 90 98.12 61.26 -0.41
CA GLY OA 90 97.22 60.83 0.63
C GLY OA 90 95.80 61.23 0.30
N LEU OA 91 95.47 61.23 -0.98
CA LEU OA 91 94.13 61.58 -1.43
C LEU OA 91 93.19 60.42 -1.12
N THR OA 92 91.93 60.56 -1.57
CA THR OA 92 90.84 59.59 -1.39
C THR OA 92 90.86 58.92 -0.02
N ASN OA 93 91.12 59.70 1.03
CA ASN OA 93 90.99 59.24 2.41
C ASN OA 93 90.07 60.22 3.14
N TYR OA 94 89.78 59.93 4.41
CA TYR OA 94 88.82 60.75 5.15
C TYR OA 94 89.30 62.19 5.28
N ALA OA 95 90.60 62.38 5.52
CA ALA OA 95 91.13 63.74 5.60
C ALA OA 95 91.03 64.44 4.24
N ALA OA 96 91.16 63.68 3.16
CA ALA OA 96 90.98 64.27 1.83
C ALA OA 96 89.51 64.54 1.54
N ALA OA 97 88.62 63.67 2.04
CA ALA OA 97 87.19 63.89 1.83
C ALA OA 97 86.73 65.17 2.50
N TYR OA 98 87.21 65.45 3.72
CA TYR OA 98 86.85 66.69 4.38
C TYR OA 98 87.36 67.89 3.61
N CYS OA 99 88.60 67.83 3.11
CA CYS OA 99 89.19 68.99 2.45
C CYS OA 99 88.45 69.33 1.17
N THR OA 100 88.09 68.32 0.37
CA THR OA 100 87.35 68.61 -0.86
C THR OA 100 85.91 69.01 -0.56
N GLY OA 101 85.35 68.55 0.55
CA GLY OA 101 84.08 69.09 1.00
C GLY OA 101 84.20 70.54 1.42
N LEU OA 102 85.24 70.86 2.20
CA LEU OA 102 85.48 72.24 2.59
C LEU OA 102 85.79 73.11 1.39
N LEU OA 103 86.61 72.60 0.46
CA LEU OA 103 86.93 73.36 -0.75
C LEU OA 103 85.69 73.62 -1.58
N LEU OA 104 84.81 72.64 -1.69
CA LEU OA 104 83.58 72.81 -2.45
C LEU OA 104 82.69 73.87 -1.83
N ALA OA 105 82.60 73.89 -0.51
CA ALA OA 105 81.82 74.91 0.18
C ALA OA 105 82.40 76.29 -0.06
N ARG OA 106 83.73 76.42 0.09
CA ARG OA 106 84.37 77.72 -0.02
C ARG OA 106 84.24 78.31 -1.41
N ARG OA 107 84.45 77.49 -2.45
CA ARG OA 107 84.44 78.04 -3.81
C ARG OA 107 83.03 78.33 -4.28
N LEU OA 108 82.03 77.71 -3.63
CA LEU OA 108 80.65 78.01 -3.98
C LEU OA 108 80.19 79.34 -3.41
N LEU OA 109 80.39 79.54 -2.11
CA LEU OA 109 79.97 80.80 -1.49
C LEU OA 109 80.81 81.97 -1.99
N ASN OA 110 82.07 81.70 -2.35
CA ASN OA 110 82.87 82.75 -2.98
C ASN OA 110 82.29 83.15 -4.33
N ARG OA 111 81.83 82.17 -5.11
CA ARG OA 111 81.20 82.46 -6.39
C ARG OA 111 79.86 83.18 -6.21
N PHE OA 112 79.15 82.90 -5.12
CA PHE OA 112 77.90 83.59 -4.83
C PHE OA 112 78.10 84.96 -4.22
N GLY OA 113 79.34 85.34 -3.90
CA GLY OA 113 79.63 86.62 -3.31
C GLY OA 113 79.43 86.68 -1.81
N MET OA 114 79.10 85.57 -1.16
CA MET OA 114 78.88 85.51 0.27
C MET OA 114 79.97 84.74 1.01
N ASP OA 115 81.22 84.88 0.57
CA ASP OA 115 82.31 84.16 1.23
C ASP OA 115 82.66 84.79 2.58
N LYS OA 116 82.67 86.12 2.66
CA LYS OA 116 83.03 86.79 3.90
C LYS OA 116 82.00 86.56 4.99
N ILE OA 117 80.74 86.32 4.62
CA ILE OA 117 79.72 85.90 5.57
C ILE OA 117 79.68 84.39 5.54
N TYR OA 118 79.17 83.80 6.62
CA TYR OA 118 79.11 82.34 6.78
C TYR OA 118 80.51 81.73 6.66
N GLU OA 119 81.42 82.21 7.50
CA GLU OA 119 82.76 81.67 7.53
C GLU OA 119 82.77 80.21 7.98
N GLY OA 120 81.69 79.73 8.59
CA GLY OA 120 81.64 78.38 9.09
C GLY OA 120 82.46 78.20 10.34
N GLN OA 121 83.37 77.23 10.30
CA GLN OA 121 84.26 76.95 11.43
C GLN OA 121 85.70 77.04 10.93
N VAL OA 122 86.33 78.20 11.09
CA VAL OA 122 87.73 78.34 10.72
C VAL OA 122 88.60 77.42 11.55
N GLU OA 123 88.40 77.43 12.87
CA GLU OA 123 88.99 76.43 13.75
C GLU OA 123 88.15 75.16 13.64
N VAL OA 124 88.83 74.02 13.57
CA VAL OA 124 88.18 72.76 13.21
C VAL OA 124 88.02 71.91 14.46
N THR OA 125 86.78 71.66 14.84
CA THR OA 125 86.44 70.64 15.83
C THR OA 125 85.47 69.67 15.19
N GLY OA 126 85.65 68.39 15.47
CA GLY OA 126 84.81 67.38 14.86
C GLY OA 126 83.49 67.20 15.58
N ASP OA 127 82.86 68.31 15.94
CA ASP OA 127 81.62 68.33 16.72
C ASP OA 127 80.47 68.83 15.86
N GLU OA 128 79.28 68.85 16.47
CA GLU OA 128 78.08 69.30 15.75
C GLU OA 128 78.14 70.79 15.52
N TYR OA 129 77.96 71.20 14.26
CA TYR OA 129 77.88 72.61 13.91
C TYR OA 129 76.96 72.75 12.70
N ASN OA 130 75.94 73.60 12.82
CA ASN OA 130 75.05 73.92 11.73
C ASN OA 130 74.99 75.43 11.57
N VAL OA 131 75.29 75.90 10.35
CA VAL OA 131 75.25 77.32 10.10
C VAL OA 131 73.81 77.83 10.15
N GLU OA 132 73.67 79.10 10.48
CA GLU OA 132 72.37 79.77 10.53
C GLU OA 132 72.40 81.01 9.65
N SER OA 133 71.25 81.33 9.07
CA SER OA 133 71.13 82.54 8.26
C SER OA 133 71.25 83.77 9.15
N ILE OA 134 71.81 84.85 8.58
CA ILE OA 134 71.95 86.11 9.28
C ILE OA 134 70.86 87.04 8.79
N ASP OA 135 70.07 87.58 9.72
CA ASP OA 135 69.01 88.51 9.33
C ASP OA 135 69.61 89.79 8.77
N GLY OA 136 69.00 90.29 7.70
CA GLY OA 136 69.52 91.44 6.99
C GLY OA 136 70.55 91.12 5.93
N GLN OA 137 70.98 89.86 5.85
CA GLN OA 137 71.93 89.38 4.87
C GLN OA 137 71.35 88.13 4.20
N PRO OA 138 71.76 87.81 2.98
CA PRO OA 138 71.19 86.65 2.29
C PRO OA 138 71.37 85.38 3.11
N GLY OA 139 70.36 84.52 3.07
CA GLY OA 139 70.34 83.35 3.92
C GLY OA 139 71.38 82.32 3.54
N ALA OA 140 71.58 81.37 4.45
CA ALA OA 140 72.57 80.33 4.23
C ALA OA 140 72.16 79.44 3.05
N PHE OA 141 73.15 78.97 2.31
CA PHE OA 141 72.91 78.06 1.19
C PHE OA 141 72.61 76.68 1.74
N THR OA 142 71.39 76.20 1.52
CA THR OA 142 70.94 74.92 2.04
C THR OA 142 70.89 73.90 0.92
N CYS OA 143 71.49 72.74 1.15
CA CYS OA 143 71.51 71.66 0.18
C CYS OA 143 71.56 70.34 0.93
N TYR OA 144 71.22 69.27 0.22
CA TYR OA 144 71.10 67.95 0.81
C TYR OA 144 72.15 67.02 0.23
N LEU OA 145 72.61 66.07 1.04
CA LEU OA 145 73.71 65.21 0.64
C LEU OA 145 73.20 64.01 -0.14
N ASP OA 146 73.88 63.71 -1.25
CA ASP OA 146 73.53 62.60 -2.13
C ASP OA 146 74.64 61.56 -1.99
N ALA OA 147 74.41 60.55 -1.15
CA ALA OA 147 75.41 59.50 -0.96
C ALA OA 147 75.48 58.54 -2.14
N GLY OA 148 74.48 58.53 -3.00
CA GLY OA 148 74.49 57.63 -4.13
C GLY OA 148 74.28 56.18 -3.70
N LEU OA 149 75.01 55.27 -4.36
CA LEU OA 149 74.90 53.86 -4.06
C LEU OA 149 75.77 53.43 -2.89
N ALA OA 150 76.53 54.34 -2.30
CA ALA OA 150 77.41 54.00 -1.19
C ALA OA 150 76.60 53.57 0.02
N ARG OA 151 77.08 52.56 0.73
CA ARG OA 151 76.42 52.13 1.96
C ARG OA 151 76.80 53.06 3.11
N THR OA 152 75.81 53.79 3.61
CA THR OA 152 76.03 54.85 4.60
C THR OA 152 76.09 54.24 5.99
N THR OA 153 77.23 53.63 6.31
CA THR OA 153 77.51 53.18 7.66
C THR OA 153 78.28 54.27 8.42
N THR OA 154 78.47 54.03 9.71
CA THR OA 154 79.21 54.97 10.53
C THR OA 154 80.64 55.08 10.05
N GLY OA 155 81.12 56.31 9.90
CA GLY OA 155 82.49 56.56 9.48
C GLY OA 155 82.74 56.39 8.01
N ASN OA 156 81.74 56.67 7.18
CA ASN OA 156 81.87 56.62 5.73
C ASN OA 156 82.47 57.93 5.23
N LYS OA 157 83.32 57.83 4.21
CA LYS OA 157 83.94 59.02 3.64
C LYS OA 157 82.94 59.98 3.05
N VAL OA 158 81.75 59.49 2.67
CA VAL OA 158 80.72 60.37 2.12
C VAL OA 158 80.26 61.37 3.17
N PHE OA 159 80.45 61.04 4.45
CA PHE OA 159 80.10 61.97 5.52
C PHE OA 159 81.28 62.87 5.87
N GLY OA 160 82.50 62.48 5.50
CA GLY OA 160 83.62 63.38 5.65
C GLY OA 160 83.49 64.62 4.79
N ALA OA 161 82.98 64.45 3.57
CA ALA OA 161 82.72 65.59 2.71
C ALA OA 161 81.58 66.44 3.26
N LEU OA 162 80.62 65.81 3.94
CA LEU OA 162 79.54 66.55 4.58
C LEU OA 162 80.10 67.47 5.66
N LYS OA 163 81.01 66.95 6.49
CA LYS OA 163 81.59 67.77 7.56
C LYS OA 163 82.40 68.93 6.99
N GLY OA 164 83.17 68.67 5.94
CA GLY OA 164 83.93 69.74 5.31
C GLY OA 164 83.05 70.83 4.75
N ALA OA 165 81.98 70.44 4.05
CA ALA OA 165 81.07 71.43 3.48
C ALA OA 165 80.33 72.19 4.56
N VAL OA 166 79.90 71.50 5.63
CA VAL OA 166 79.16 72.18 6.67
C VAL OA 166 80.09 72.99 7.56
N ASP OA 167 81.35 72.58 7.69
CA ASP OA 167 82.34 73.43 8.34
C ASP OA 167 82.70 74.63 7.46
N GLY OA 168 82.49 74.50 6.16
CA GLY OA 168 82.71 75.63 5.27
C GLY OA 168 81.59 76.64 5.25
N GLY OA 169 80.39 76.22 5.63
CA GLY OA 169 79.27 77.15 5.72
C GLY OA 169 78.05 76.77 4.92
N LEU OA 170 77.97 75.51 4.49
CA LEU OA 170 76.80 75.03 3.77
C LEU OA 170 75.83 74.38 4.76
N SER OA 171 74.56 74.81 4.71
CA SER OA 171 73.55 74.35 5.65
C SER OA 171 72.96 73.03 5.15
N ILE OA 172 73.67 71.95 5.44
CA ILE OA 172 73.26 70.60 5.05
C ILE OA 172 72.65 69.93 6.27
N PRO OA 173 71.37 69.53 6.22
CA PRO OA 173 70.80 68.76 7.33
C PRO OA 173 71.53 67.42 7.49
N HIS OA 174 71.75 67.03 8.73
CA HIS OA 174 72.44 65.78 9.03
C HIS OA 174 72.34 65.52 10.53
N SER OA 175 72.91 64.40 10.95
CA SER OA 175 73.07 64.06 12.35
C SER OA 175 74.47 63.49 12.55
N THR OA 176 74.99 63.62 13.76
CA THR OA 176 76.33 63.17 14.07
C THR OA 176 76.42 61.65 14.24
N LYS OA 177 75.38 60.91 13.87
CA LYS OA 177 75.36 59.47 14.11
C LYS OA 177 76.30 58.73 13.14
N ARG OA 178 76.41 59.23 11.91
CA ARG OA 178 77.21 58.55 10.89
C ARG OA 178 78.60 59.17 10.72
N PHE OA 179 79.17 59.64 11.83
CA PHE OA 179 80.50 60.21 11.83
C PHE OA 179 81.46 59.25 12.53
N PRO OA 180 82.75 59.28 12.18
CA PRO OA 180 83.70 58.35 12.82
C PRO OA 180 83.76 58.48 14.33
N GLY OA 181 83.43 59.66 14.86
CA GLY OA 181 83.38 59.83 16.30
C GLY OA 181 82.30 59.02 16.99
N TYR OA 182 81.18 58.80 16.33
CA TYR OA 182 80.02 58.17 16.95
C TYR OA 182 80.34 56.76 17.43
N ASP OA 183 79.79 56.41 18.59
CA ASP OA 183 79.93 55.08 19.17
C ASP OA 183 78.55 54.44 19.22
N SER OA 184 78.44 53.25 18.63
CA SER OA 184 77.14 52.61 18.48
C SER OA 184 76.55 52.18 19.82
N GLU OA 185 77.40 51.63 20.70
CA GLU OA 185 76.89 51.02 21.93
C GLU OA 185 76.27 52.05 22.87
N SER OA 186 77.05 53.04 23.30
CA SER OA 186 76.55 54.02 24.25
C SER OA 186 75.80 55.17 23.57
N LYS OA 187 75.72 55.15 22.23
CA LYS OA 187 75.00 56.19 21.47
C LYS OA 187 75.53 57.58 21.76
N GLU OA 188 76.85 57.71 21.89
CA GLU OA 188 77.49 58.99 22.13
C GLU OA 188 78.38 59.36 20.95
N PHE OA 189 78.52 60.66 20.73
CA PHE OA 189 79.43 61.20 19.73
C PHE OA 189 80.66 61.70 20.47
N ASN OA 190 81.78 60.97 20.33
CA ASN OA 190 83.00 61.36 21.00
C ASN OA 190 83.50 62.71 20.51
N ALA OA 191 83.43 62.93 19.20
CA ALA OA 191 83.72 64.19 18.52
C ALA OA 191 85.19 64.59 18.61
N GLU OA 192 86.01 63.84 19.33
CA GLU OA 192 87.46 64.06 19.34
C GLU OA 192 88.20 63.05 18.49
N VAL OA 193 87.73 61.80 18.44
CA VAL OA 193 88.27 60.86 17.48
C VAL OA 193 87.75 61.17 16.08
N HIS OA 194 86.62 61.87 16.00
CA HIS OA 194 86.17 62.39 14.71
C HIS OA 194 87.15 63.42 14.17
N ARG OA 195 87.60 64.34 15.04
CA ARG OA 195 88.58 65.33 14.61
C ARG OA 195 89.93 64.68 14.31
N LYS OA 196 90.18 63.50 14.88
CA LYS OA 196 91.39 62.77 14.54
C LYS OA 196 91.32 62.23 13.11
N HIS OA 197 90.14 61.73 12.70
CA HIS OA 197 89.99 61.30 11.32
C HIS OA 197 90.12 62.46 10.34
N ILE OA 198 89.56 63.63 10.70
CA ILE OA 198 89.57 64.77 9.81
C ILE OA 198 90.98 65.24 9.51
N MET OA 199 91.83 65.29 10.53
CA MET OA 199 93.24 65.60 10.34
C MET OA 199 94.06 64.35 10.03
N GLY OA 200 93.41 63.25 9.65
CA GLY OA 200 94.10 62.05 9.23
C GLY OA 200 94.98 61.42 10.29
N GLN OA 201 94.55 61.50 11.54
CA GLN OA 201 95.37 60.94 12.62
C GLN OA 201 95.30 59.42 12.66
N ASN OA 202 94.20 58.82 12.22
CA ASN OA 202 94.11 57.37 12.18
C ASN OA 202 95.15 56.80 11.22
N VAL OA 203 95.30 57.42 10.05
CA VAL OA 203 96.38 57.04 9.14
C VAL OA 203 97.73 57.37 9.77
N ALA OA 204 97.84 58.50 10.46
CA ALA OA 204 99.12 58.90 11.04
C ALA OA 204 99.62 57.86 12.04
N ASP OA 205 98.74 57.37 12.91
CA ASP OA 205 99.14 56.31 13.83
C ASP OA 205 99.30 54.97 13.13
N TYR OA 206 98.80 54.84 11.90
CA TYR OA 206 99.08 53.63 11.11
C TYR OA 206 100.53 53.62 10.62
N MET OA 207 101.00 54.75 10.11
CA MET OA 207 102.38 54.82 9.63
C MET OA 207 103.37 54.62 10.77
N ARG OA 208 103.14 55.27 11.90
CA ARG OA 208 104.06 55.13 13.03
C ARG OA 208 103.97 53.74 13.64
N TYR OA 209 102.85 53.05 13.46
CA TYR OA 209 102.76 51.64 13.81
C TYR OA 209 103.73 50.83 12.94
N LEU OA 210 103.78 51.12 11.65
CA LEU OA 210 104.53 50.29 10.73
C LEU OA 210 106.03 50.48 10.86
N MET OA 211 106.52 51.71 10.99
CA MET OA 211 107.96 51.95 10.98
C MET OA 211 108.68 51.14 12.05
N GLU OA 212 108.19 51.20 13.30
CA GLU OA 212 108.85 50.46 14.36
C GLU OA 212 108.79 48.97 14.11
N GLU OA 213 107.69 48.47 13.54
CA GLU OA 213 107.50 47.03 13.39
C GLU OA 213 108.12 46.51 12.09
N ASP OA 214 108.07 47.28 11.01
CA ASP OA 214 108.53 46.79 9.71
C ASP OA 214 109.07 47.95 8.89
N GLU OA 215 109.88 47.61 7.89
CA GLU OA 215 110.37 48.59 6.92
C GLU OA 215 109.84 48.31 5.53
N ASP OA 216 110.09 47.11 4.99
CA ASP OA 216 109.74 46.84 3.59
C ASP OA 216 108.22 46.77 3.40
N ALA OA 217 107.50 46.22 4.38
CA ALA OA 217 106.05 46.26 4.30
C ALA OA 217 105.52 47.66 4.57
N TYR OA 218 106.32 48.49 5.24
CA TYR OA 218 105.92 49.88 5.45
C TYR OA 218 106.04 50.67 4.15
N LYS OA 219 107.14 50.50 3.41
CA LYS OA 219 107.26 51.24 2.15
C LYS OA 219 106.41 50.63 1.06
N LYS OA 220 106.00 49.36 1.22
CA LYS OA 220 105.05 48.79 0.28
C LYS OA 220 103.67 49.41 0.46
N GLN OA 221 103.29 49.72 1.69
CA GLN OA 221 101.99 50.33 1.95
C GLN OA 221 102.01 51.82 1.63
N PHE OA 222 102.88 52.58 2.29
CA PHE OA 222 103.03 54.01 2.05
C PHE OA 222 104.24 54.29 1.16
N SER OA 223 104.19 53.87 -0.10
CA SER OA 223 105.30 54.12 -0.99
C SER OA 223 105.41 55.61 -1.34
N GLN OA 224 104.29 56.24 -1.68
CA GLN OA 224 104.32 57.63 -2.10
C GLN OA 224 104.33 58.61 -0.93
N TYR OA 225 104.14 58.14 0.30
CA TYR OA 225 104.38 59.01 1.45
C TYR OA 225 105.87 59.23 1.66
N ILE OA 226 106.70 58.22 1.36
CA ILE OA 226 108.15 58.34 1.50
C ILE OA 226 108.68 59.43 0.57
N LYS OA 227 108.20 59.47 -0.68
CA LYS OA 227 108.68 60.49 -1.59
C LYS OA 227 108.24 61.85 -1.06
N ASN OA 228 109.15 62.83 -1.11
CA ASN OA 228 109.00 64.14 -0.50
C ASN OA 228 108.75 64.08 1.00
N SER OA 229 108.95 62.92 1.63
CA SER OA 229 109.03 62.79 3.09
C SER OA 229 107.76 63.29 3.79
N VAL OA 230 106.66 62.55 3.58
CA VAL OA 230 105.42 62.76 4.32
C VAL OA 230 105.48 61.85 5.55
N THR OA 231 106.03 62.37 6.63
CA THR OA 231 106.15 61.65 7.89
C THR OA 231 104.83 61.72 8.67
N PRO OA 232 104.57 60.75 9.56
CA PRO OA 232 103.38 60.85 10.42
C PRO OA 232 103.32 62.13 11.24
N ASP OA 233 104.45 62.65 11.69
CA ASP OA 233 104.45 64.00 12.25
C ASP OA 233 104.12 65.01 11.15
N MET OA 234 103.87 66.25 11.58
CA MET OA 234 103.55 67.39 10.71
C MET OA 234 102.44 67.04 9.71
N MET OA 235 101.69 65.97 9.97
CA MET OA 235 100.54 65.64 9.14
C MET OA 235 99.30 66.39 9.59
N GLU OA 236 99.15 66.61 10.90
CA GLU OA 236 98.12 67.53 11.36
C GLU OA 236 98.40 68.95 10.87
N GLU OA 237 99.67 69.35 10.89
CA GLU OA 237 100.02 70.71 10.45
C GLU OA 237 99.72 70.91 8.97
N MET OA 238 100.03 69.93 8.12
CA MET OA 238 99.82 70.11 6.69
C MET OA 238 98.35 70.15 6.34
N TYR OA 239 97.49 69.57 7.18
CA TYR OA 239 96.06 69.70 6.97
C TYR OA 239 95.56 71.07 7.42
N LYS OA 240 96.20 71.64 8.45
CA LYS OA 240 95.87 73.00 8.86
C LYS OA 240 96.25 74.01 7.78
N LYS OA 241 97.42 73.84 7.16
CA LYS OA 241 97.77 74.71 6.04
C LYS OA 241 96.84 74.49 4.86
N ALA OA 242 96.42 73.24 4.64
CA ALA OA 242 95.46 72.97 3.56
C ALA OA 242 94.13 73.67 3.83
N HIS OA 243 93.65 73.62 5.07
CA HIS OA 243 92.38 74.27 5.40
C HIS OA 243 92.48 75.78 5.24
N ALA OA 244 93.58 76.37 5.70
CA ALA OA 244 93.75 77.82 5.57
C ALA OA 244 93.95 78.21 4.10
N ALA OA 245 94.68 77.39 3.33
CA ALA OA 245 94.86 77.68 1.92
C ALA OA 245 93.54 77.64 1.16
N ILE OA 246 92.59 76.83 1.62
CA ILE OA 246 91.28 76.78 0.99
C ILE OA 246 90.51 78.06 1.27
N ARG OA 247 90.59 78.58 2.49
CA ARG OA 247 89.92 79.83 2.82
C ARG OA 247 90.48 80.99 2.02
N GLU OA 248 91.81 81.05 1.87
CA GLU OA 248 92.42 82.20 1.21
C GLU OA 248 92.06 82.27 -0.26
N ASN OA 249 92.23 81.18 -0.99
CA ASN OA 249 91.82 81.12 -2.40
C ASN OA 249 91.16 79.77 -2.67
N PRO OA 250 89.83 79.76 -2.75
CA PRO OA 250 89.12 78.57 -3.24
C PRO OA 250 88.76 78.62 -4.72
N VAL OA 251 89.03 79.76 -5.38
CA VAL OA 251 88.66 79.92 -6.78
C VAL OA 251 89.40 78.89 -7.63
N TYR OA 252 88.76 78.50 -8.73
CA TYR OA 252 89.30 77.52 -9.65
C TYR OA 252 89.63 78.17 -10.97
N GLU OA 253 90.78 77.83 -11.52
CA GLU OA 253 91.17 78.27 -12.85
C GLU OA 253 91.62 77.05 -13.65
N LYS OA 254 91.25 77.03 -14.92
CA LYS OA 254 91.68 75.98 -15.83
C LYS OA 254 92.77 76.51 -16.75
N LYS OA 255 93.23 75.64 -17.64
CA LYS OA 255 94.44 75.89 -18.40
C LYS OA 255 94.13 75.82 -19.89
N PRO OA 256 94.63 76.77 -20.68
CA PRO OA 256 94.42 76.69 -22.14
C PRO OA 256 95.46 75.78 -22.79
N LYS OA 257 94.97 74.79 -23.52
CA LYS OA 257 95.82 73.91 -24.34
C LYS OA 257 94.99 73.52 -25.56
N LYS OA 258 95.14 74.29 -26.64
CA LYS OA 258 94.48 74.01 -27.90
C LYS OA 258 95.44 73.59 -28.99
N GLU OA 259 96.75 73.59 -28.71
CA GLU OA 259 97.75 73.17 -29.68
C GLU OA 259 97.74 71.63 -29.80
N VAL OA 260 96.59 71.12 -30.22
CA VAL OA 260 96.36 69.69 -30.36
C VAL OA 260 95.87 69.43 -31.77
N LYS OA 261 96.39 68.37 -32.39
CA LYS OA 261 95.99 68.00 -33.74
C LYS OA 261 94.58 67.39 -33.70
N LYS OA 262 94.11 66.92 -34.84
CA LYS OA 262 92.76 66.37 -34.94
C LYS OA 262 92.80 64.87 -35.17
N LYS OA 263 93.70 64.18 -34.49
CA LYS OA 263 93.85 62.74 -34.67
C LYS OA 263 92.60 62.00 -34.19
N ARG OA 264 92.24 60.97 -34.92
CA ARG OA 264 91.13 60.09 -34.55
C ARG OA 264 91.70 58.81 -33.93
N TRP OA 265 91.27 58.51 -32.71
CA TRP OA 265 91.81 57.38 -31.96
C TRP OA 265 90.90 56.17 -31.98
N ASN OA 266 89.77 56.23 -32.66
CA ASN OA 266 88.89 55.10 -32.88
C ASN OA 266 88.92 54.71 -34.36
N ARG OA 267 88.08 53.76 -34.74
CA ARG OA 267 87.89 53.43 -36.13
C ARG OA 267 86.46 53.74 -36.54
N PRO OA 268 86.25 54.52 -37.60
CA PRO OA 268 84.88 54.93 -37.96
C PRO OA 268 84.03 53.73 -38.34
N LYS OA 269 82.72 53.88 -38.16
CA LYS OA 269 81.78 52.84 -38.49
C LYS OA 269 81.87 52.47 -39.96
N MET OA 270 81.93 51.17 -40.25
CA MET OA 270 81.95 50.71 -41.63
C MET OA 270 80.66 51.10 -42.33
N SER OA 271 80.76 51.43 -43.61
CA SER OA 271 79.60 51.89 -44.35
C SER OA 271 78.85 50.71 -44.97
N LEU OA 272 77.67 51.01 -45.51
CA LEU OA 272 76.87 49.98 -46.15
C LEU OA 272 77.59 49.38 -47.35
N ALA OA 273 78.26 50.22 -48.15
CA ALA OA 273 78.99 49.72 -49.31
C ALA OA 273 80.12 48.79 -48.88
N GLN OA 274 80.83 49.13 -47.81
CA GLN OA 274 81.87 48.24 -47.30
C GLN OA 274 81.29 46.93 -46.79
N LYS OA 275 80.16 47.00 -46.07
CA LYS OA 275 79.55 45.79 -45.55
C LYS OA 275 79.04 44.89 -46.67
N LYS OA 276 78.38 45.49 -47.68
CA LYS OA 276 77.94 44.72 -48.83
C LYS OA 276 79.12 44.14 -49.60
N ASP OA 277 80.20 44.92 -49.75
CA ASP OA 277 81.38 44.40 -50.43
C ASP OA 277 82.01 43.26 -49.64
N ARG OA 278 82.08 43.39 -48.32
CA ARG OA 278 82.78 42.40 -47.51
C ARG OA 278 82.10 41.03 -47.59
N VAL OA 279 80.77 41.00 -47.53
CA VAL OA 279 80.08 39.73 -47.71
C VAL OA 279 80.21 39.24 -49.14
N ALA OA 280 80.37 40.15 -50.09
CA ALA OA 280 80.52 39.75 -51.48
C ALA OA 280 81.80 38.97 -51.71
N GLN OA 281 82.93 39.49 -51.22
CA GLN OA 281 84.19 38.77 -51.42
C GLN OA 281 84.36 37.65 -50.41
N LYS OA 282 83.46 37.56 -49.43
CA LYS OA 282 83.38 36.35 -48.61
C LYS OA 282 82.66 35.24 -49.35
N LYS OA 283 81.70 35.59 -50.19
CA LYS OA 283 81.02 34.60 -51.02
C LYS OA 283 81.98 34.00 -52.04
N ALA OA 284 82.69 34.85 -52.78
CA ALA OA 284 83.60 34.37 -53.81
C ALA OA 284 84.76 33.58 -53.22
N SER OA 285 85.30 34.06 -52.10
CA SER OA 285 86.42 33.36 -51.46
C SER OA 285 86.02 31.95 -51.04
N PHE OA 286 84.81 31.80 -50.48
CA PHE OA 286 84.34 30.48 -50.11
C PHE OA 286 84.13 29.60 -51.34
N LEU OA 287 83.61 30.18 -52.41
CA LEU OA 287 83.38 29.41 -53.64
C LEU OA 287 84.69 29.06 -54.33
N ARG OA 288 85.63 29.99 -54.36
CA ARG OA 288 86.94 29.70 -54.96
C ARG OA 288 87.68 28.64 -54.16
N ALA OA 289 87.69 28.76 -52.83
CA ALA OA 289 88.35 27.75 -52.01
C ALA OA 289 87.66 26.40 -52.12
N GLN OA 290 86.34 26.40 -52.22
CA GLN OA 290 85.61 25.15 -52.46
C GLN OA 290 85.99 24.54 -53.81
N GLU OA 291 86.13 25.37 -54.84
CA GLU OA 291 86.42 24.87 -56.17
C GLU OA 291 87.88 24.47 -56.35
N ARG OA 292 88.78 24.97 -55.51
CA ARG OA 292 90.18 24.54 -55.60
C ARG OA 292 90.30 23.03 -55.37
N ALA OA 293 89.58 22.52 -54.38
CA ALA OA 293 89.46 21.08 -54.14
C ALA OA 293 90.81 20.38 -54.04
N PRO PA 1 6.80 121.00 -83.95
CA PRO PA 1 6.12 119.69 -83.84
C PRO PA 1 6.71 118.64 -84.75
N HIS PA 2 7.92 118.18 -84.42
CA HIS PA 2 8.61 117.18 -85.20
C HIS PA 2 8.07 115.78 -84.90
N CYS PA 3 8.46 114.81 -85.73
CA CYS PA 3 8.15 113.43 -85.48
C CYS PA 3 9.07 112.87 -84.40
N SER PA 4 9.01 111.56 -84.19
CA SER PA 4 9.61 110.95 -83.00
C SER PA 4 11.13 111.05 -83.00
N ARG PA 5 11.76 111.07 -84.17
CA ARG PA 5 13.22 111.16 -84.27
C ARG PA 5 13.91 109.96 -83.63
N ASN PA 6 13.14 109.01 -83.11
CA ASN PA 6 13.67 107.80 -82.51
C ASN PA 6 12.82 106.61 -82.92
N PRO PA 7 13.22 105.86 -83.94
CA PRO PA 7 12.43 104.70 -84.36
C PRO PA 7 12.41 103.65 -83.26
N VAL PA 8 11.33 102.89 -83.23
CA VAL PA 8 11.14 101.83 -82.25
C VAL PA 8 11.55 100.51 -82.89
N LEU PA 9 12.43 99.76 -82.22
CA LEU PA 9 12.83 98.45 -82.70
C LEU PA 9 12.12 97.35 -81.92
N VAL PA 10 11.79 97.62 -80.67
CA VAL PA 10 10.97 96.77 -79.83
C VAL PA 10 10.22 97.69 -78.87
N ARG PA 11 8.93 97.41 -78.65
CA ARG PA 11 8.12 98.32 -77.86
C ARG PA 11 8.74 98.51 -76.48
N GLY PA 12 8.81 99.77 -76.04
CA GLY PA 12 9.51 100.12 -74.83
C GLY PA 12 10.99 100.38 -75.00
N ILE PA 13 11.55 100.12 -76.18
CA ILE PA 13 12.97 100.33 -76.45
C ILE PA 13 13.09 101.17 -77.72
N GLY PA 14 13.92 102.21 -77.66
CA GLY PA 14 14.18 103.03 -78.82
C GLY PA 14 15.44 102.62 -79.56
N ARG PA 15 15.48 102.94 -80.85
CA ARG PA 15 16.60 102.52 -81.69
C ARG PA 15 17.91 103.15 -81.22
N TYR PA 16 17.86 104.37 -80.71
CA TYR PA 16 19.07 105.13 -80.39
C TYR PA 16 19.18 105.36 -78.89
N SER PA 17 20.42 105.45 -78.41
CA SER PA 17 20.70 105.64 -77.00
C SER PA 17 20.56 107.10 -76.62
N ARG PA 18 20.84 107.42 -75.35
CA ARG PA 18 20.66 108.78 -74.87
C ARG PA 18 21.64 109.73 -75.54
N SER PA 19 22.89 109.31 -75.72
CA SER PA 19 23.86 110.17 -76.39
C SER PA 19 23.52 110.34 -77.86
N ALA PA 20 23.12 109.26 -78.52
CA ALA PA 20 22.77 109.34 -79.94
C ALA PA 20 21.57 110.25 -80.16
N MET PA 21 20.58 110.19 -79.26
CA MET PA 21 19.43 111.07 -79.39
C MET PA 21 19.77 112.50 -79.01
N TYR PA 22 20.75 112.69 -78.11
CA TYR PA 22 21.20 114.02 -77.76
C TYR PA 22 21.76 114.76 -78.97
N SER PA 23 22.54 114.06 -79.79
CA SER PA 23 23.06 114.68 -81.00
C SER PA 23 21.97 114.86 -82.05
N ARG PA 24 21.05 113.90 -82.14
CA ARG PA 24 19.97 114.00 -83.11
C ARG PA 24 19.03 115.14 -82.78
N LYS PA 25 18.63 115.26 -81.51
CA LYS PA 25 17.78 116.36 -81.07
C LYS PA 25 18.55 117.66 -80.94
N ALA PA 26 19.87 117.62 -81.07
CA ALA PA 26 20.73 118.81 -81.00
C ALA PA 26 20.52 119.59 -79.72
N MET PA 27 20.40 118.88 -78.61
CA MET PA 27 20.32 119.60 -77.35
C MET PA 27 21.65 120.13 -76.89
N TYR PA 28 22.70 120.00 -77.69
CA TYR PA 28 23.97 120.64 -77.36
C TYR PA 28 23.88 122.16 -77.56
N LYS PA 29 23.09 122.60 -78.53
CA LYS PA 29 23.00 124.01 -78.85
C LYS PA 29 21.76 124.69 -78.28
N ARG PA 30 20.64 123.99 -78.19
CA ARG PA 30 19.42 124.57 -77.62
C ARG PA 30 19.29 124.15 -76.15
N LYS PA 31 20.02 124.89 -75.31
CA LYS PA 31 19.98 124.70 -73.86
C LYS PA 31 19.38 125.95 -73.24
N TYR PA 32 18.32 125.78 -72.45
CA TYR PA 32 17.53 126.89 -71.94
C TYR PA 32 17.70 126.98 -70.43
N SER PA 33 18.19 128.12 -69.96
CA SER PA 33 18.59 128.25 -68.56
C SER PA 33 17.43 128.69 -67.68
N ALA PA 34 16.86 129.87 -67.96
CA ALA PA 34 15.80 130.42 -67.14
C ALA PA 34 14.78 131.10 -68.04
N ALA PA 35 13.66 131.53 -67.46
CA ALA PA 35 12.60 132.18 -68.20
C ALA PA 35 13.01 133.58 -68.63
N VAL PA 47 -10.67 129.88 -63.12
CA VAL PA 47 -11.13 131.27 -63.25
C VAL PA 47 -12.32 131.34 -64.19
N LEU PA 48 -13.31 132.18 -63.85
CA LEU PA 48 -13.35 132.96 -62.62
C LEU PA 48 -14.40 132.38 -61.68
N ALA PA 49 -14.06 132.30 -60.39
CA ALA PA 49 -14.95 131.65 -59.43
C ALA PA 49 -16.27 132.39 -59.30
N THR PA 50 -16.23 133.72 -59.26
CA THR PA 50 -17.43 134.53 -59.11
C THR PA 50 -17.60 135.43 -60.34
N VAL PA 51 -18.85 135.78 -60.61
CA VAL PA 51 -19.18 136.77 -61.63
C VAL PA 51 -19.85 137.94 -60.93
N THR PA 52 -19.82 139.10 -61.58
CA THR PA 52 -20.37 140.33 -61.03
C THR PA 52 -21.58 140.71 -61.89
N LYS PA 53 -22.76 140.36 -61.41
CA LYS PA 53 -24.00 140.79 -62.04
C LYS PA 53 -24.36 142.19 -61.55
N PRO PA 54 -25.19 142.93 -62.31
CA PRO PA 54 -25.53 144.30 -61.88
C PRO PA 54 -26.58 144.34 -60.78
N VAL PA 55 -26.89 145.55 -60.32
CA VAL PA 55 -27.60 145.75 -59.06
C VAL PA 55 -29.02 145.21 -59.16
N GLY PA 56 -29.82 145.75 -60.06
CA GLY PA 56 -31.24 145.50 -60.04
C GLY PA 56 -31.91 146.29 -58.93
N GLY PA 57 -31.67 147.61 -58.93
CA GLY PA 57 -32.17 148.47 -57.88
C GLY PA 57 -33.62 148.87 -58.06
N ASP PA 58 -33.93 150.14 -57.86
CA ASP PA 58 -32.98 151.20 -57.53
C ASP PA 58 -32.81 151.35 -56.03
N LYS PA 59 -31.76 152.06 -55.63
CA LYS PA 59 -31.43 152.33 -54.23
C LYS PA 59 -30.99 151.04 -53.53
N ASN PA 60 -31.02 149.94 -54.27
CA ASN PA 60 -30.44 148.67 -53.83
C ASN PA 60 -28.96 148.58 -54.22
N GLY PA 61 -28.29 149.72 -54.30
CA GLY PA 61 -27.03 149.81 -55.00
C GLY PA 61 -25.96 148.88 -54.45
N GLY PA 62 -24.99 148.60 -55.30
CA GLY PA 62 -23.98 147.60 -55.01
C GLY PA 62 -24.22 146.35 -55.83
N THR PA 63 -23.47 146.18 -56.91
CA THR PA 63 -23.67 145.04 -57.79
C THR PA 63 -23.42 143.74 -57.04
N ARG PA 64 -24.32 142.78 -57.22
CA ARG PA 64 -24.26 141.51 -56.48
C ARG PA 64 -23.10 140.67 -57.00
N VAL PA 65 -22.06 140.54 -56.18
CA VAL PA 65 -21.00 139.58 -56.50
C VAL PA 65 -21.56 138.19 -56.20
N VAL PA 66 -21.95 137.47 -57.24
CA VAL PA 66 -22.60 136.18 -57.13
C VAL PA 66 -21.64 135.11 -57.59
N LYS PA 67 -21.41 134.11 -56.74
CA LYS PA 67 -20.42 133.09 -57.01
C LYS PA 67 -21.05 131.91 -57.76
N LEU PA 68 -20.34 131.44 -58.78
CA LEU PA 68 -20.68 130.19 -59.43
C LEU PA 68 -20.10 129.04 -58.60
N ARG PA 69 -20.55 127.81 -58.90
CA ARG PA 69 -20.16 126.64 -58.12
C ARG PA 69 -20.53 126.79 -56.65
N LYS PA 70 -21.84 126.86 -56.38
CA LYS PA 70 -22.30 127.14 -55.03
C LYS PA 70 -22.13 125.93 -54.12
N MET PA 71 -22.15 126.18 -52.82
CA MET PA 71 -21.89 125.16 -51.82
C MET PA 71 -23.05 124.16 -51.76
N PRO PA 72 -22.78 122.89 -51.48
CA PRO PA 72 -23.87 121.91 -51.36
C PRO PA 72 -24.83 122.26 -50.23
N ARG PA 73 -26.12 121.96 -50.46
CA ARG PA 73 -27.15 122.17 -49.45
C ARG PA 73 -27.44 120.93 -48.61
N TYR PA 74 -26.80 119.80 -48.91
CA TYR PA 74 -27.02 118.59 -48.15
C TYR PA 74 -25.77 117.73 -48.20
N TYR PA 75 -25.49 117.07 -47.09
CA TYR PA 75 -24.34 116.19 -46.95
C TYR PA 75 -24.81 114.81 -46.52
N PRO PA 76 -24.44 113.75 -47.24
CA PRO PA 76 -24.78 112.41 -46.78
C PRO PA 76 -24.08 112.11 -45.46
N THR PA 77 -24.69 111.22 -44.67
CA THR PA 77 -24.12 110.89 -43.37
C THR PA 77 -22.78 110.20 -43.49
N GLU PA 78 -22.45 109.65 -44.66
CA GLU PA 78 -21.20 108.94 -44.84
C GLU PA 78 -20.74 109.10 -46.28
N ASP PA 79 -19.43 109.21 -46.45
CA ASP PA 79 -18.78 109.23 -47.76
C ASP PA 79 -17.77 108.11 -47.85
N VAL PA 80 -17.41 107.74 -49.06
CA VAL PA 80 -16.46 106.66 -49.33
C VAL PA 80 -15.11 107.29 -49.68
N PRO PA 81 -14.00 106.70 -49.26
CA PRO PA 81 -12.70 107.26 -49.63
C PRO PA 81 -12.45 107.11 -51.13
N ARG PA 82 -11.69 108.04 -51.67
CA ARG PA 82 -11.37 107.99 -53.09
C ARG PA 82 -10.37 106.86 -53.37
N LYS PA 83 -10.41 106.35 -54.59
CA LYS PA 83 -9.56 105.23 -54.97
C LYS PA 83 -8.12 105.69 -55.17
N LEU PA 84 -7.20 104.73 -55.04
CA LEU PA 84 -5.81 104.98 -55.39
C LEU PA 84 -5.66 105.06 -56.90
N LEU PA 85 -4.51 105.55 -57.35
CA LEU PA 85 -4.26 105.80 -58.76
C LEU PA 85 -3.64 104.57 -59.41
N SER PA 86 -4.00 104.33 -60.68
CA SER PA 86 -3.87 103.02 -61.29
C SER PA 86 -2.76 102.89 -62.32
N HIS PA 87 -2.39 103.98 -63.01
CA HIS PA 87 -1.24 103.99 -63.89
C HIS PA 87 -1.40 103.08 -65.11
N GLY PA 88 -2.58 102.50 -65.28
CA GLY PA 88 -2.90 101.79 -66.51
C GLY PA 88 -4.38 101.94 -66.82
N LYS PA 89 -5.02 100.88 -67.32
CA LYS PA 89 -6.47 100.77 -67.34
C LYS PA 89 -7.13 101.91 -68.12
N LYS PA 90 -6.87 101.94 -69.42
CA LYS PA 90 -7.55 102.87 -70.29
C LYS PA 90 -9.01 102.46 -70.49
N PRO PA 91 -9.88 103.39 -70.82
CA PRO PA 91 -11.27 103.03 -71.14
C PRO PA 91 -11.36 102.33 -72.49
N PHE PA 92 -12.50 101.67 -72.70
CA PHE PA 92 -12.69 100.85 -73.90
C PHE PA 92 -12.57 101.67 -75.18
N SER PA 93 -12.87 102.96 -75.14
CA SER PA 93 -12.84 103.77 -76.36
C SER PA 93 -11.43 103.89 -76.90
N GLN PA 94 -10.43 103.95 -76.03
CA GLN PA 94 -9.03 104.07 -76.44
C GLN PA 94 -8.22 102.81 -76.15
N HIS PA 95 -8.85 101.65 -76.24
CA HIS PA 95 -8.09 100.41 -76.30
C HIS PA 95 -7.50 100.23 -77.70
N VAL PA 96 -6.60 99.25 -77.83
CA VAL PA 96 -6.09 98.86 -79.12
C VAL PA 96 -6.96 97.73 -79.65
N ARG PA 97 -7.37 97.84 -80.90
CA ARG PA 97 -8.22 96.82 -81.54
C ARG PA 97 -7.33 95.86 -82.31
N LYS PA 98 -7.24 94.62 -81.81
CA LYS PA 98 -6.42 93.59 -82.44
C LYS PA 98 -7.28 92.77 -83.37
N LEU PA 99 -6.82 92.61 -84.61
CA LEU PA 99 -7.56 91.92 -85.65
C LEU PA 99 -6.77 90.67 -86.04
N ARG PA 100 -7.46 89.53 -86.12
CA ARG PA 100 -6.81 88.26 -86.37
C ARG PA 100 -6.14 88.25 -87.74
N ALA PA 101 -4.96 87.65 -87.80
CA ALA PA 101 -4.18 87.67 -89.03
C ALA PA 101 -4.83 86.84 -90.13
N SER PA 102 -5.68 85.87 -89.76
CA SER PA 102 -6.39 85.08 -90.75
C SER PA 102 -7.55 85.82 -91.38
N ILE PA 103 -8.01 86.92 -90.76
CA ILE PA 103 -9.15 87.68 -91.24
C ILE PA 103 -8.61 88.88 -92.02
N THR PA 104 -8.93 88.93 -93.31
CA THR PA 104 -8.48 89.97 -94.22
C THR PA 104 -9.64 90.41 -95.09
N PRO PA 105 -9.80 91.72 -95.33
CA PRO PA 105 -10.95 92.21 -96.11
C PRO PA 105 -11.18 91.43 -97.40
N GLY PA 106 -12.37 90.87 -97.53
CA GLY PA 106 -12.73 90.02 -98.65
C GLY PA 106 -12.82 88.55 -98.33
N THR PA 107 -12.39 88.14 -97.14
CA THR PA 107 -12.48 86.75 -96.77
C THR PA 107 -13.93 86.35 -96.50
N ILE PA 108 -14.19 85.06 -96.53
CA ILE PA 108 -15.51 84.53 -96.22
C ILE PA 108 -15.46 84.00 -94.79
N LEU PA 109 -16.33 84.52 -93.94
CA LEU PA 109 -16.41 84.09 -92.55
C LEU PA 109 -17.61 83.19 -92.35
N ILE PA 110 -17.65 82.54 -91.18
CA ILE PA 110 -18.77 81.69 -90.79
C ILE PA 110 -19.29 82.20 -89.45
N ILE PA 111 -20.52 82.73 -89.47
CA ILE PA 111 -21.14 83.20 -88.24
C ILE PA 111 -21.49 82.00 -87.37
N LEU PA 112 -21.15 82.08 -86.09
CA LEU PA 112 -21.23 80.92 -85.20
C LEU PA 112 -22.32 81.04 -84.14
N THR PA 113 -22.79 82.24 -83.83
CA THR PA 113 -23.61 82.42 -82.64
C THR PA 113 -25.01 82.96 -82.90
N GLY PA 114 -25.14 84.01 -83.70
CA GLY PA 114 -26.36 84.77 -83.75
C GLY PA 114 -27.53 84.07 -84.42
N ARG PA 115 -28.54 84.87 -84.76
CA ARG PA 115 -29.68 84.37 -85.52
C ARG PA 115 -29.26 83.84 -86.88
N HIS PA 116 -28.12 84.31 -87.39
CA HIS PA 116 -27.54 83.85 -88.65
C HIS PA 116 -26.48 82.79 -88.41
N ARG PA 117 -26.74 81.92 -87.44
CA ARG PA 117 -25.86 80.82 -87.10
C ARG PA 117 -25.50 80.01 -88.34
N GLY PA 118 -24.20 79.77 -88.53
CA GLY PA 118 -23.74 78.92 -89.61
C GLY PA 118 -23.73 79.55 -90.98
N LYS PA 119 -24.26 80.76 -91.14
CA LYS PA 119 -24.22 81.43 -92.42
C LYS PA 119 -22.78 81.80 -92.78
N ARG PA 120 -22.49 81.79 -94.08
CA ARG PA 120 -21.20 82.19 -94.59
C ARG PA 120 -21.31 83.57 -95.22
N VAL PA 121 -20.62 84.55 -94.64
CA VAL PA 121 -20.71 85.94 -95.06
C VAL PA 121 -19.33 86.42 -95.47
N VAL PA 122 -19.31 87.50 -96.24
CA VAL PA 122 -18.06 88.10 -96.72
C VAL PA 122 -17.70 89.27 -95.83
N PHE PA 123 -16.42 89.37 -95.48
CA PHE PA 123 -15.93 90.29 -94.46
C PHE PA 123 -15.47 91.59 -95.11
N LEU PA 124 -16.10 92.69 -94.75
CA LEU PA 124 -15.69 94.03 -95.15
C LEU PA 124 -14.74 94.58 -94.07
N LYS PA 125 -14.47 95.88 -94.09
CA LYS PA 125 -13.52 96.47 -93.16
C LYS PA 125 -13.93 96.26 -91.71
N GLN PA 126 -12.98 96.45 -90.81
CA GLN PA 126 -13.23 96.32 -89.38
C GLN PA 126 -13.55 97.69 -88.78
N LEU PA 127 -14.45 97.70 -87.80
CA LEU PA 127 -14.91 98.95 -87.22
C LEU PA 127 -13.99 99.40 -86.09
N ALA PA 128 -14.16 100.66 -85.68
CA ALA PA 128 -13.29 101.26 -84.68
C ALA PA 128 -13.48 100.68 -83.29
N SER PA 129 -14.54 99.90 -83.07
CA SER PA 129 -14.77 99.25 -81.79
C SER PA 129 -14.31 97.81 -81.77
N GLY PA 130 -13.58 97.38 -82.80
CA GLY PA 130 -13.11 96.02 -82.90
C GLY PA 130 -14.08 95.05 -83.53
N LEU PA 131 -15.35 95.41 -83.61
CA LEU PA 131 -16.34 94.57 -84.25
C LEU PA 131 -16.11 94.52 -85.75
N LEU PA 132 -16.28 93.34 -86.34
CA LEU PA 132 -16.12 93.20 -87.78
C LEU PA 132 -17.40 93.67 -88.47
N LEU PA 133 -17.25 94.45 -89.53
CA LEU PA 133 -18.38 94.78 -90.39
C LEU PA 133 -18.45 93.75 -91.50
N VAL PA 134 -19.36 92.79 -91.36
CA VAL PA 134 -19.55 91.77 -92.36
C VAL PA 134 -20.86 92.05 -93.10
N THR PA 135 -20.93 91.59 -94.33
CA THR PA 135 -22.19 91.49 -95.03
C THR PA 135 -22.35 90.08 -95.56
N GLY PA 136 -23.54 89.55 -95.41
CA GLY PA 136 -23.99 88.57 -96.35
C GLY PA 136 -24.44 89.36 -97.56
N PRO PA 137 -24.24 88.84 -98.73
CA PRO PA 137 -24.81 89.49 -99.90
C PRO PA 137 -26.31 89.29 -99.86
N LEU PA 138 -27.01 90.19 -99.17
CA LEU PA 138 -28.38 90.02 -98.66
C LEU PA 138 -29.25 89.21 -99.60
N VAL PA 139 -29.07 89.42 -100.91
CA VAL PA 139 -29.74 88.61 -101.91
C VAL PA 139 -29.41 87.13 -101.77
N LEU PA 140 -28.20 86.81 -101.29
CA LEU PA 140 -27.73 85.42 -101.27
C LEU PA 140 -28.19 84.67 -100.01
N ASN PA 141 -27.79 85.15 -98.83
CA ASN PA 141 -28.03 84.41 -97.59
C ASN PA 141 -28.78 85.21 -96.53
N ARG PA 142 -29.33 86.38 -96.87
CA ARG PA 142 -30.18 87.15 -95.97
C ARG PA 142 -29.44 87.61 -94.72
N VAL PA 143 -28.21 88.07 -94.90
CA VAL PA 143 -27.44 88.72 -93.84
C VAL PA 143 -27.14 90.14 -94.28
N PRO PA 144 -27.77 91.13 -93.66
CA PRO PA 144 -27.55 92.51 -94.10
C PRO PA 144 -26.22 93.07 -93.67
N LEU PA 145 -25.97 94.35 -93.95
CA LEU PA 145 -24.84 95.04 -93.37
C LEU PA 145 -24.99 95.02 -91.85
N ARG PA 146 -24.13 94.26 -91.18
CA ARG PA 146 -24.33 93.99 -89.77
C ARG PA 146 -22.99 93.68 -89.12
N ARG PA 147 -22.78 94.20 -87.91
CA ARG PA 147 -21.56 93.95 -87.18
C ARG PA 147 -21.53 92.52 -86.66
N THR PA 148 -20.33 92.01 -86.45
CA THR PA 148 -20.14 90.70 -85.84
C THR PA 148 -18.83 90.72 -85.06
N HIS PA 149 -18.70 89.80 -84.11
CA HIS PA 149 -17.52 89.79 -83.27
C HIS PA 149 -16.43 88.90 -83.88
N GLN PA 150 -15.20 89.40 -83.86
CA GLN PA 150 -14.06 88.66 -84.41
C GLN PA 150 -13.94 87.28 -83.79
N LYS PA 151 -14.24 87.17 -82.50
CA LYS PA 151 -14.02 85.95 -81.74
C LYS PA 151 -15.09 84.89 -81.96
N PHE PA 152 -16.27 85.27 -82.48
CA PHE PA 152 -17.36 84.35 -82.70
C PHE PA 152 -17.56 84.03 -84.18
N VAL PA 153 -16.49 84.07 -84.97
CA VAL PA 153 -16.52 83.71 -86.37
C VAL PA 153 -15.38 82.74 -86.67
N ILE PA 154 -15.44 82.16 -87.86
CA ILE PA 154 -14.38 81.28 -88.37
C ILE PA 154 -13.89 81.87 -89.68
N ALA PA 155 -12.58 82.03 -89.81
CA ALA PA 155 -11.99 82.60 -91.01
C ALA PA 155 -11.72 81.47 -92.01
N THR PA 156 -12.57 81.38 -93.03
CA THR PA 156 -12.33 80.45 -94.12
C THR PA 156 -11.22 80.99 -95.01
N SER PA 157 -10.49 80.09 -95.66
CA SER PA 157 -9.39 80.47 -96.53
C SER PA 157 -9.86 80.93 -97.91
N THR PA 158 -11.12 81.26 -98.06
CA THR PA 158 -11.67 81.73 -99.34
C THR PA 158 -11.80 83.24 -99.30
N LYS PA 159 -11.25 83.90 -100.32
CA LYS PA 159 -11.18 85.35 -100.39
C LYS PA 159 -11.75 85.84 -101.70
N ILE PA 160 -12.22 87.10 -101.70
CA ILE PA 160 -12.49 87.85 -102.91
C ILE PA 160 -11.77 89.18 -102.79
N ASP PA 161 -11.13 89.61 -103.87
CA ASP PA 161 -10.37 90.86 -103.85
C ASP PA 161 -11.33 92.05 -103.85
N ILE PA 162 -11.68 92.52 -102.65
CA ILE PA 162 -12.61 93.63 -102.53
C ILE PA 162 -11.80 94.93 -102.50
N SER PA 163 -10.55 94.87 -102.92
CA SER PA 163 -9.88 96.08 -103.31
C SER PA 163 -10.67 96.75 -104.43
N ASN PA 164 -10.58 98.08 -104.51
CA ASN PA 164 -11.39 98.90 -105.41
C ASN PA 164 -12.88 98.77 -105.09
N VAL PA 165 -13.22 98.84 -103.80
CA VAL PA 165 -14.60 98.94 -103.37
C VAL PA 165 -14.76 100.22 -102.56
N LYS PA 166 -15.91 100.85 -102.71
CA LYS PA 166 -16.24 102.08 -101.97
C LYS PA 166 -17.22 101.74 -100.86
N ILE PA 167 -16.70 101.47 -99.67
CA ILE PA 167 -17.51 101.35 -98.46
C ILE PA 167 -17.84 102.76 -97.99
N PRO PA 168 -19.12 103.11 -97.85
CA PRO PA 168 -19.45 104.50 -97.48
C PRO PA 168 -18.91 104.86 -96.11
N LYS PA 169 -18.56 106.13 -95.96
CA LYS PA 169 -17.89 106.59 -94.74
C LYS PA 169 -18.79 106.44 -93.52
N HIS PA 170 -20.08 106.72 -93.67
CA HIS PA 170 -20.99 106.69 -92.54
C HIS PA 170 -21.45 105.28 -92.21
N LEU PA 171 -20.50 104.36 -92.08
CA LEU PA 171 -20.83 102.98 -91.75
C LEU PA 171 -20.11 102.60 -90.47
N THR PA 172 -20.13 103.51 -89.49
CA THR PA 172 -19.40 103.37 -88.24
C THR PA 172 -20.28 102.67 -87.21
N ASP PA 173 -19.73 102.53 -86.00
CA ASP PA 173 -20.44 101.83 -84.94
C ASP PA 173 -21.63 102.64 -84.44
N ALA PA 174 -21.52 103.97 -84.44
CA ALA PA 174 -22.67 104.80 -84.07
C ALA PA 174 -23.82 104.56 -85.03
N TYR PA 175 -23.52 104.30 -86.30
CA TYR PA 175 -24.56 103.96 -87.27
C TYR PA 175 -25.23 102.65 -86.92
N PHE PA 176 -24.46 101.65 -86.51
CA PHE PA 176 -24.97 100.31 -86.26
C PHE PA 176 -25.44 100.12 -84.82
N LYS PA 177 -25.24 101.09 -83.95
CA LYS PA 177 -25.65 100.95 -82.56
C LYS PA 177 -27.18 100.81 -82.48
N LYS PA 178 -27.61 99.92 -81.59
CA LYS PA 178 -29.04 99.69 -81.41
C LYS PA 178 -29.71 100.95 -80.88
N LYS PA 179 -30.94 101.20 -81.33
CA LYS PA 179 -31.72 102.33 -80.86
C LYS PA 179 -32.73 101.87 -79.82
N LYS PA 180 -33.39 102.84 -79.19
CA LYS PA 180 -34.41 102.57 -78.19
C LYS PA 180 -35.50 103.63 -78.26
N LEU PA 181 -36.66 103.31 -77.71
CA LEU PA 181 -37.77 104.26 -77.60
C LEU PA 181 -38.24 104.45 -76.16
N ARG PA 182 -38.32 103.39 -75.37
CA ARG PA 182 -38.92 103.48 -74.05
C ARG PA 182 -37.95 104.13 -73.06
N LYS PA 183 -38.50 104.93 -72.16
CA LYS PA 183 -39.93 105.20 -72.02
C LYS PA 183 -40.22 106.68 -71.78
N PRO PA 184 -40.99 107.30 -72.67
CA PRO PA 184 -41.26 108.74 -72.55
C PRO PA 184 -42.42 109.04 -71.61
N ARG PA 185 -42.13 109.75 -70.54
CA ARG PA 185 -43.09 110.28 -69.56
C ARG PA 185 -43.92 109.19 -68.88
N HIS PA 186 -43.58 107.93 -69.04
CA HIS PA 186 -44.34 106.83 -68.46
C HIS PA 186 -43.48 106.10 -67.44
N GLN PA 187 -43.98 105.96 -66.22
CA GLN PA 187 -43.28 105.27 -65.15
C GLN PA 187 -44.00 104.01 -64.70
N GLU PA 188 -45.27 104.11 -64.34
CA GLU PA 188 -46.05 102.95 -63.97
C GLU PA 188 -46.67 102.34 -65.22
N GLY PA 189 -46.18 101.16 -65.60
CA GLY PA 189 -46.58 100.57 -66.86
C GLY PA 189 -47.78 99.66 -66.76
N GLU PA 190 -48.95 100.20 -67.07
CA GLU PA 190 -50.20 99.44 -67.13
C GLU PA 190 -50.81 99.45 -68.51
N ILE PA 191 -50.74 100.56 -69.23
CA ILE PA 191 -50.97 100.59 -70.66
C ILE PA 191 -49.65 100.32 -71.35
N PHE PA 192 -49.62 99.29 -72.19
CA PHE PA 192 -48.36 98.81 -72.74
C PHE PA 192 -48.08 99.44 -74.10
N ASP PA 193 -46.79 99.63 -74.37
CA ASP PA 193 -46.34 100.18 -75.65
C ASP PA 193 -46.47 99.09 -76.70
N THR PA 194 -47.62 99.07 -77.37
CA THR PA 194 -47.92 98.04 -78.36
C THR PA 194 -47.35 98.35 -79.74
N GLU PA 195 -46.31 99.19 -79.81
CA GLU PA 195 -45.64 99.51 -81.06
C GLU PA 195 -44.13 99.29 -80.89
N LYS PA 196 -43.41 99.49 -81.98
CA LYS PA 196 -41.96 99.34 -82.11
C LYS PA 196 -41.48 97.90 -81.98
N GLU PA 197 -42.37 96.95 -81.69
CA GLU PA 197 -41.97 95.55 -81.74
C GLU PA 197 -41.48 95.17 -83.12
N LYS PA 198 -41.91 95.91 -84.13
CA LYS PA 198 -41.34 95.82 -85.48
C LYS PA 198 -40.24 96.88 -85.57
N TYR PA 199 -39.00 96.46 -85.32
CA TYR PA 199 -37.85 97.28 -85.64
C TYR PA 199 -37.90 97.63 -87.12
N GLU PA 200 -37.85 98.92 -87.42
CA GLU PA 200 -38.07 99.36 -88.79
C GLU PA 200 -36.75 99.42 -89.56
N ILE PA 201 -36.70 98.71 -90.68
CA ILE PA 201 -35.55 98.77 -91.57
C ILE PA 201 -35.61 100.11 -92.30
N THR PA 202 -34.85 101.08 -91.80
CA THR PA 202 -34.94 102.44 -92.31
C THR PA 202 -34.57 102.49 -93.78
N GLU PA 203 -35.21 103.41 -94.52
CA GLU PA 203 -34.94 103.53 -95.95
C GLU PA 203 -33.48 103.80 -96.22
N GLN PA 204 -32.77 104.43 -95.27
CA GLN PA 204 -31.34 104.64 -95.42
C GLN PA 204 -30.62 103.31 -95.53
N ARG PA 205 -30.85 102.41 -94.57
CA ARG PA 205 -30.15 101.12 -94.54
C ARG PA 205 -30.36 100.34 -95.82
N LYS PA 206 -31.57 100.40 -96.39
CA LYS PA 206 -31.83 99.74 -97.65
C LYS PA 206 -30.95 100.32 -98.76
N ILE PA 207 -30.71 101.63 -98.72
CA ILE PA 207 -29.89 102.26 -99.74
C ILE PA 207 -28.42 101.87 -99.59
N ASP PA 208 -27.88 101.92 -98.36
CA ASP PA 208 -26.49 101.53 -98.17
C ASP PA 208 -26.29 100.05 -98.53
N GLN PA 209 -27.24 99.21 -98.16
CA GLN PA 209 -27.15 97.79 -98.52
C GLN PA 209 -27.17 97.61 -100.02
N LYS PA 210 -28.03 98.37 -100.72
CA LYS PA 210 -28.07 98.30 -102.17
C LYS PA 210 -26.75 98.76 -102.79
N ALA PA 211 -26.15 99.81 -102.24
CA ALA PA 211 -24.90 100.33 -102.78
C ALA PA 211 -23.76 99.34 -102.61
N VAL PA 212 -23.64 98.73 -101.43
CA VAL PA 212 -22.53 97.83 -101.18
C VAL PA 212 -22.67 96.55 -102.00
N ASP PA 213 -23.86 95.95 -102.00
CA ASP PA 213 -24.03 94.66 -102.68
C ASP PA 213 -23.91 94.77 -104.18
N SER PA 214 -24.43 95.85 -104.78
CA SER PA 214 -24.38 95.99 -106.23
C SER PA 214 -22.94 96.04 -106.74
N GLN PA 215 -22.01 96.51 -105.93
CA GLN PA 215 -20.60 96.51 -106.28
C GLN PA 215 -19.81 95.39 -105.61
N ILE PA 216 -20.50 94.47 -104.93
CA ILE PA 216 -19.86 93.25 -104.44
C ILE PA 216 -20.45 92.00 -105.07
N LEU PA 217 -21.69 92.06 -105.59
CA LEU PA 217 -22.29 90.89 -106.21
C LEU PA 217 -21.54 90.44 -107.46
N PRO PA 218 -21.23 91.30 -108.44
CA PRO PA 218 -20.54 90.80 -109.64
C PRO PA 218 -19.18 90.19 -109.32
N LYS PA 219 -18.49 90.70 -108.31
CA LYS PA 219 -17.20 90.14 -107.94
C LYS PA 219 -17.35 88.74 -107.35
N ILE PA 220 -18.54 88.43 -106.82
CA ILE PA 220 -18.81 87.08 -106.34
C ILE PA 220 -19.23 86.16 -107.49
N LYS PA 221 -20.06 86.64 -108.41
CA LYS PA 221 -20.42 85.85 -109.58
C LYS PA 221 -19.21 85.48 -110.43
N ALA PA 222 -18.10 86.21 -110.29
CA ALA PA 222 -16.93 85.97 -111.13
C ALA PA 222 -16.34 84.59 -110.87
N ILE PA 223 -16.08 84.27 -109.61
CA ILE PA 223 -15.52 82.93 -109.32
C ILE PA 223 -16.68 81.93 -109.24
N PRO PA 224 -16.53 80.75 -109.86
CA PRO PA 224 -17.68 79.85 -110.00
C PRO PA 224 -18.20 79.33 -108.66
N GLN PA 225 -19.51 79.09 -108.63
CA GLN PA 225 -20.27 78.55 -107.50
C GLN PA 225 -19.85 79.13 -106.15
N LEU PA 226 -19.45 80.41 -106.12
CA LEU PA 226 -19.33 81.08 -104.84
C LEU PA 226 -20.71 81.52 -104.34
N GLN PA 227 -21.62 81.83 -105.25
CA GLN PA 227 -22.97 82.19 -104.85
C GLN PA 227 -23.68 81.02 -104.19
N GLY PA 228 -23.52 79.81 -104.74
CA GLY PA 228 -24.10 78.64 -104.11
C GLY PA 228 -23.46 78.31 -102.79
N TYR PA 229 -22.15 78.53 -102.68
CA TYR PA 229 -21.45 78.29 -101.41
C TYR PA 229 -21.97 79.22 -100.32
N LEU PA 230 -22.20 80.49 -100.66
CA LEU PA 230 -22.67 81.46 -99.68
C LEU PA 230 -24.13 81.22 -99.30
N ARG PA 231 -24.91 80.59 -100.18
CA ARG PA 231 -26.31 80.30 -99.85
C ARG PA 231 -26.43 79.18 -98.82
N SER PA 232 -25.41 78.34 -98.71
CA SER PA 232 -25.45 77.20 -97.81
C SER PA 232 -24.95 77.59 -96.42
N VAL PA 233 -25.25 76.73 -95.45
CA VAL PA 233 -24.92 76.97 -94.05
C VAL PA 233 -23.89 75.92 -93.62
N PHE PA 234 -23.00 76.32 -92.70
CA PHE PA 234 -22.00 75.40 -92.19
C PHE PA 234 -22.62 74.49 -91.14
N ALA PA 235 -22.20 73.23 -91.14
CA ALA PA 235 -22.73 72.25 -90.20
C ALA PA 235 -21.72 71.14 -90.01
N LEU PA 236 -21.87 70.42 -88.91
CA LEU PA 236 -21.07 69.25 -88.62
C LEU PA 236 -21.94 68.00 -88.72
N THR PA 237 -21.45 67.01 -89.45
CA THR PA 237 -22.15 65.74 -89.62
C THR PA 237 -21.55 64.70 -88.67
N ASN PA 238 -22.09 63.48 -88.72
CA ASN PA 238 -21.56 62.43 -87.86
C ASN PA 238 -20.21 61.91 -88.35
N GLY PA 239 -19.60 62.58 -89.32
CA GLY PA 239 -18.28 62.27 -89.82
C GLY PA 239 -17.22 63.21 -89.29
N ILE PA 240 -16.91 64.24 -90.08
CA ILE PA 240 -15.81 65.16 -89.87
C ILE PA 240 -15.82 65.79 -88.47
N TYR PA 241 -14.64 66.24 -88.03
CA TYR PA 241 -14.40 66.87 -86.74
C TYR PA 241 -13.65 68.18 -86.92
N PRO PA 242 -14.00 69.21 -86.14
CA PRO PA 242 -13.44 70.55 -86.41
C PRO PA 242 -11.92 70.64 -86.28
N HIS PA 243 -11.30 69.87 -85.39
CA HIS PA 243 -9.85 69.97 -85.25
C HIS PA 243 -9.12 69.42 -86.46
N LYS PA 244 -9.77 68.61 -87.28
CA LYS PA 244 -9.17 68.07 -88.49
C LYS PA 244 -9.46 68.89 -89.73
N LEU PA 245 -10.55 69.66 -89.73
CA LEU PA 245 -10.93 70.43 -90.90
C LEU PA 245 -9.93 71.55 -91.17
N VAL PA 246 -9.65 71.77 -92.45
CA VAL PA 246 -8.94 72.96 -92.91
C VAL PA 246 -9.99 73.96 -93.37
N PHE PA 247 -9.89 75.18 -92.86
CA PHE PA 247 -10.80 76.24 -93.28
C PHE PA 247 -10.10 77.19 -94.23
N ASN QA 1 7.61 136.16 -46.20
CA ASN QA 1 8.75 135.24 -46.27
C ASN QA 1 8.40 133.98 -47.05
N PHE QA 2 7.24 134.00 -47.69
CA PHE QA 2 6.80 132.84 -48.46
C PHE QA 2 7.76 132.54 -49.61
N ALA QA 3 8.20 133.59 -50.32
CA ALA QA 3 9.04 133.37 -51.50
C ALA QA 3 10.38 132.75 -51.13
N GLU QA 4 11.01 133.22 -50.04
CA GLU QA 4 12.29 132.65 -49.63
C GLU QA 4 12.12 131.21 -49.18
N LEU QA 5 11.04 130.90 -48.47
CA LEU QA 5 10.75 129.52 -48.12
C LEU QA 5 10.33 128.72 -49.35
N LYS QA 6 9.85 129.41 -50.39
CA LYS QA 6 9.55 128.73 -51.65
C LYS QA 6 10.82 128.23 -52.33
N ILE QA 7 11.74 129.16 -52.64
CA ILE QA 7 12.90 128.81 -53.45
C ILE QA 7 13.83 127.85 -52.70
N LYS QA 8 14.05 128.10 -51.40
CA LYS QA 8 14.93 127.23 -50.65
C LYS QA 8 14.42 125.79 -50.60
N ARG QA 9 13.10 125.61 -50.72
CA ARG QA 9 12.58 124.24 -50.83
C ARG QA 9 12.75 123.70 -52.24
N LEU QA 10 12.73 124.56 -53.26
CA LEU QA 10 13.12 124.10 -54.59
C LEU QA 10 14.62 123.86 -54.66
N ARG QA 11 15.40 124.50 -53.77
CA ARG QA 11 16.82 124.18 -53.69
C ARG QA 11 17.05 122.77 -53.18
N LYS QA 12 16.31 122.37 -52.14
CA LYS QA 12 16.44 121.01 -51.62
C LYS QA 12 15.95 119.98 -52.64
N LYS QA 13 14.80 120.24 -53.27
CA LYS QA 13 14.22 119.27 -54.19
C LYS QA 13 15.11 119.06 -55.41
N PHE QA 14 15.68 120.14 -55.95
CA PHE QA 14 16.57 120.01 -57.09
C PHE QA 14 17.87 119.31 -56.70
N ALA QA 15 18.43 119.66 -55.54
CA ALA QA 15 19.66 119.01 -55.09
C ALA QA 15 19.45 117.52 -54.88
N GLN QA 16 18.28 117.15 -54.35
CA GLN QA 16 17.94 115.74 -54.21
C GLN QA 16 17.88 115.04 -55.56
N LYS QA 17 17.26 115.69 -56.54
CA LYS QA 17 17.13 115.10 -57.87
C LYS QA 17 18.51 114.92 -58.51
N MET QA 18 19.40 115.90 -58.34
CA MET QA 18 20.73 115.81 -58.92
C MET QA 18 21.51 114.65 -58.33
N LEU QA 19 21.40 114.43 -57.01
CA LEU QA 19 22.07 113.29 -56.40
C LEU QA 19 21.51 111.98 -56.92
N ARG QA 20 20.20 111.95 -57.21
CA ARG QA 20 19.60 110.73 -57.72
C ARG QA 20 20.18 110.34 -59.08
N LYS QA 21 20.33 111.30 -59.99
CA LYS QA 21 20.92 110.99 -61.29
C LYS QA 21 22.36 110.53 -61.15
N ALA QA 22 23.11 111.14 -60.22
CA ALA QA 22 24.48 110.70 -59.97
C ALA QA 22 24.51 109.26 -59.47
N ARG QA 23 23.57 108.90 -58.58
CA ARG QA 23 23.48 107.53 -58.11
C ARG QA 23 23.05 106.59 -59.23
N ARG QA 24 22.09 107.03 -60.06
CA ARG QA 24 21.62 106.18 -61.15
C ARG QA 24 22.70 106.01 -62.21
N LYS QA 25 23.45 107.07 -62.51
CA LYS QA 25 24.51 106.97 -63.51
C LYS QA 25 25.60 106.01 -63.04
N LEU QA 26 25.92 106.03 -61.75
CA LEU QA 26 26.89 105.10 -61.20
C LEU QA 26 26.39 103.66 -61.31
N ILE QA 27 25.09 103.45 -61.08
CA ILE QA 27 24.50 102.12 -61.22
C ILE QA 27 24.64 101.64 -62.66
N TYR QA 28 24.33 102.51 -63.62
CA TYR QA 28 24.44 102.16 -65.02
C TYR QA 28 25.88 101.80 -65.39
N GLU QA 29 26.84 102.60 -64.93
CA GLU QA 29 28.23 102.39 -65.33
C GLU QA 29 28.85 101.20 -64.60
N LYS QA 30 28.40 100.93 -63.38
CA LYS QA 30 28.92 99.77 -62.65
C LYS QA 30 28.42 98.47 -63.25
N ALA QA 31 27.18 98.47 -63.74
CA ALA QA 31 26.67 97.29 -64.44
C ALA QA 31 27.37 97.09 -65.77
N LYS QA 32 27.70 98.18 -66.46
CA LYS QA 32 28.45 98.07 -67.71
C LYS QA 32 29.84 97.49 -67.45
N HIS QA 33 30.50 97.91 -66.38
CA HIS QA 33 31.81 97.38 -66.06
C HIS QA 33 31.73 95.91 -65.68
N TYR QA 34 30.64 95.50 -65.02
CA TYR QA 34 30.46 94.10 -64.67
C TYR QA 34 30.27 93.24 -65.91
N HIS QA 35 29.53 93.75 -66.91
CA HIS QA 35 29.36 93.00 -68.15
C HIS QA 35 30.71 92.78 -68.84
N LYS QA 36 31.57 93.80 -68.83
CA LYS QA 36 32.91 93.63 -69.35
C LYS QA 36 33.69 92.59 -68.55
N GLU QA 37 33.57 92.62 -67.22
CA GLU QA 37 34.30 91.68 -66.39
C GLU QA 37 33.80 90.26 -66.56
N TYR QA 38 32.47 90.08 -66.65
CA TYR QA 38 31.91 88.75 -66.85
C TYR QA 38 32.37 88.16 -68.18
N ARG QA 39 32.35 88.98 -69.24
CA ARG QA 39 32.78 88.51 -70.56
C ARG QA 39 34.25 88.13 -70.55
N GLN QA 40 35.09 88.92 -69.88
CA GLN QA 40 36.52 88.61 -69.79
C GLN QA 40 36.75 87.31 -69.03
N MET QA 41 36.00 87.10 -67.94
CA MET QA 41 36.16 85.88 -67.17
C MET QA 41 35.76 84.65 -67.99
N TYR QA 42 34.69 84.77 -68.78
CA TYR QA 42 34.26 83.66 -69.61
C TYR QA 42 35.28 83.34 -70.70
N ARG QA 43 35.78 84.37 -71.38
CA ARG QA 43 36.72 84.15 -72.48
C ARG QA 43 38.07 83.66 -71.98
N THR QA 44 38.51 84.13 -70.82
CA THR QA 44 39.83 83.74 -70.31
C THR QA 44 39.89 82.24 -70.04
N GLU QA 45 38.81 81.67 -69.50
CA GLU QA 45 38.77 80.24 -69.27
C GLU QA 45 38.83 79.47 -70.58
N ILE QA 46 38.20 79.98 -71.64
CA ILE QA 46 38.26 79.32 -72.94
C ILE QA 46 39.67 79.41 -73.51
N ARG QA 47 40.27 80.60 -73.46
CA ARG QA 47 41.59 80.80 -74.06
C ARG QA 47 42.68 80.04 -73.30
N MET QA 48 42.59 79.99 -71.97
CA MET QA 48 43.58 79.24 -71.20
C MET QA 48 43.55 77.76 -71.54
N ALA QA 49 42.35 77.18 -71.62
CA ALA QA 49 42.24 75.77 -72.01
C ALA QA 49 42.61 75.59 -73.48
N ARG QA 50 42.44 76.65 -74.28
CA ARG QA 50 42.70 76.55 -75.71
C ARG QA 50 44.17 76.34 -76.01
N MET QA 51 45.03 77.12 -75.37
CA MET QA 51 46.46 77.08 -75.66
C MET QA 51 47.19 75.99 -74.89
N ALA QA 52 46.57 75.44 -73.85
CA ALA QA 52 47.08 74.19 -73.29
C ALA QA 52 46.95 73.05 -74.29
N ARG QA 53 45.81 73.00 -74.99
CA ARG QA 53 45.62 72.00 -76.03
C ARG QA 53 46.62 72.20 -77.16
N LYS QA 54 46.92 73.45 -77.49
CA LYS QA 54 47.89 73.73 -78.55
C LYS QA 54 49.27 73.19 -78.20
N ALA QA 55 49.65 73.31 -76.93
CA ALA QA 55 50.94 72.81 -76.47
C ALA QA 55 50.91 71.35 -76.05
N GLY QA 56 49.75 70.70 -76.12
CA GLY QA 56 49.63 69.30 -75.79
C GLY QA 56 49.50 69.01 -74.30
N ASN QA 57 49.32 70.02 -73.47
CA ASN QA 57 49.18 69.84 -72.04
C ASN QA 57 47.71 69.94 -71.65
N PHE QA 58 47.45 69.93 -70.34
CA PHE QA 58 46.10 70.00 -69.79
C PHE QA 58 45.97 71.25 -68.94
N TYR QA 59 44.89 72.00 -69.13
CA TYR QA 59 44.57 73.15 -68.30
C TYR QA 59 43.43 72.73 -67.37
N VAL QA 60 43.75 72.55 -66.09
CA VAL QA 60 42.74 72.21 -65.09
C VAL QA 60 42.18 73.51 -64.53
N PRO QA 61 40.91 73.81 -64.75
CA PRO QA 61 40.32 75.03 -64.18
C PRO QA 61 40.19 74.92 -62.67
N ALA QA 62 40.18 76.08 -62.03
CA ALA QA 62 40.04 76.12 -60.58
C ALA QA 62 38.70 75.53 -60.19
N GLU QA 63 38.70 74.65 -59.19
CA GLU QA 63 37.44 74.08 -58.76
C GLU QA 63 36.55 75.20 -58.23
N PRO QA 64 35.27 75.19 -58.55
CA PRO QA 64 34.43 76.36 -58.30
C PRO QA 64 34.33 76.73 -56.84
N LYS QA 65 34.24 78.03 -56.58
CA LYS QA 65 34.16 78.56 -55.24
C LYS QA 65 32.74 78.84 -54.77
N LEU QA 66 31.74 78.69 -55.65
CA LEU QA 66 30.37 78.98 -55.31
C LEU QA 66 29.50 77.78 -55.64
N ALA QA 67 28.61 77.43 -54.71
CA ALA QA 67 27.67 76.33 -54.89
C ALA QA 67 26.28 76.78 -54.51
N PHE QA 68 25.29 76.26 -55.22
CA PHE QA 68 23.89 76.46 -54.89
C PHE QA 68 23.32 75.15 -54.35
N VAL QA 69 22.88 75.18 -53.11
CA VAL QA 69 22.47 73.98 -52.38
C VAL QA 69 20.96 74.01 -52.20
N ILE QA 70 20.28 73.01 -52.75
CA ILE QA 70 18.84 72.88 -52.68
C ILE QA 70 18.50 71.68 -51.80
N ARG QA 71 17.57 71.87 -50.87
CA ARG QA 71 17.09 70.77 -50.03
C ARG QA 71 15.98 70.04 -50.76
N ILE QA 72 16.12 68.71 -50.88
CA ILE QA 72 15.21 67.90 -51.68
C ILE QA 72 14.42 66.91 -50.83
N ARG QA 73 14.62 66.91 -49.52
CA ARG QA 73 13.92 65.98 -48.64
C ARG QA 73 13.18 66.74 -47.56
N GLY QA 74 12.04 66.18 -47.15
CA GLY QA 74 11.19 66.82 -46.16
C GLY QA 74 11.77 66.86 -44.76
N ILE QA 75 10.92 67.16 -43.77
CA ILE QA 75 11.37 67.43 -42.41
C ILE QA 75 10.96 66.32 -41.44
N ASN QA 76 10.64 65.13 -41.94
CA ASN QA 76 10.21 64.02 -41.09
C ASN QA 76 11.32 62.99 -40.99
N GLY QA 77 11.63 62.57 -39.77
CA GLY QA 77 12.62 61.53 -39.53
C GLY QA 77 14.03 61.90 -39.94
N VAL QA 78 14.55 63.00 -39.38
CA VAL QA 78 15.87 63.51 -39.73
C VAL QA 78 16.76 63.42 -38.50
N SER QA 79 17.95 62.86 -38.69
CA SER QA 79 18.86 62.64 -37.57
C SER QA 79 19.35 63.98 -37.01
N PRO QA 80 19.76 64.01 -35.73
CA PRO QA 80 20.11 65.30 -35.12
C PRO QA 80 21.29 66.00 -35.78
N LYS QA 81 22.28 65.25 -36.26
CA LYS QA 81 23.42 65.88 -36.92
C LYS QA 81 23.03 66.44 -38.28
N VAL QA 82 22.24 65.68 -39.03
CA VAL QA 82 21.77 66.14 -40.33
C VAL QA 82 20.81 67.31 -40.15
N ARG QA 83 19.98 67.27 -39.11
CA ARG QA 83 19.06 68.36 -38.84
C ARG QA 83 19.80 69.66 -38.56
N LYS QA 84 20.87 69.59 -37.76
CA LYS QA 84 21.61 70.81 -37.41
C LYS QA 84 22.29 71.43 -38.61
N VAL QA 85 22.90 70.60 -39.47
CA VAL QA 85 23.63 71.14 -40.61
C VAL QA 85 22.69 71.84 -41.58
N LEU QA 86 21.48 71.30 -41.74
CA LEU QA 86 20.51 71.92 -42.64
C LEU QA 86 20.11 73.30 -42.16
N GLN QA 87 19.90 73.47 -40.86
CA GLN QA 87 19.60 74.80 -40.33
C GLN QA 87 20.80 75.73 -40.40
N LEU QA 88 22.02 75.20 -40.30
CA LEU QA 88 23.20 76.04 -40.47
C LEU QA 88 23.38 76.48 -41.93
N LEU QA 89 22.83 75.70 -42.87
CA LEU QA 89 22.76 76.12 -44.25
C LEU QA 89 21.48 76.90 -44.55
N ARG QA 90 20.64 77.12 -43.54
CA ARG QA 90 19.35 77.78 -43.69
C ARG QA 90 18.41 77.02 -44.62
N LEU QA 91 18.58 75.70 -44.69
CA LEU QA 91 17.72 74.84 -45.50
C LEU QA 91 16.66 74.21 -44.61
N ARG QA 92 15.75 75.04 -44.13
CA ARG QA 92 14.75 74.61 -43.16
C ARG QA 92 13.47 74.11 -43.81
N GLN QA 93 13.41 74.09 -45.14
CA GLN QA 93 12.22 73.65 -45.85
C GLN QA 93 12.66 72.88 -47.07
N ILE QA 94 11.73 72.09 -47.63
CA ILE QA 94 12.03 71.35 -48.85
C ILE QA 94 11.98 72.30 -50.04
N PHE QA 95 12.93 72.15 -50.96
CA PHE QA 95 13.10 73.02 -52.13
C PHE QA 95 13.31 74.47 -51.67
N ASN QA 96 14.41 74.69 -50.95
CA ASN QA 96 14.69 75.94 -50.26
C ASN QA 96 16.12 76.39 -50.51
N GLY QA 97 16.54 76.40 -51.77
CA GLY QA 97 17.95 76.53 -52.09
C GLY QA 97 18.57 77.82 -51.59
N THR QA 98 19.84 77.71 -51.20
CA THR QA 98 20.66 78.85 -50.79
C THR QA 98 22.04 78.71 -51.42
N PHE QA 99 22.71 79.86 -51.58
CA PHE QA 99 24.08 79.88 -52.08
C PHE QA 99 25.05 79.58 -50.95
N VAL QA 100 26.09 78.80 -51.25
CA VAL QA 100 27.10 78.40 -50.28
C VAL QA 100 28.48 78.65 -50.87
N LYS QA 101 29.33 79.35 -50.13
CA LYS QA 101 30.72 79.53 -50.52
C LYS QA 101 31.49 78.25 -50.25
N LEU QA 102 32.27 77.80 -51.24
CA LEU QA 102 32.90 76.49 -51.20
C LEU QA 102 34.30 76.60 -50.60
N ASN QA 103 34.50 75.92 -49.48
CA ASN QA 103 35.83 75.73 -48.90
C ASN QA 103 35.87 74.37 -48.22
N LYS QA 104 36.97 74.05 -47.53
CA LYS QA 104 37.02 72.77 -46.83
C LYS QA 104 36.05 72.72 -45.67
N ALA QA 105 35.83 73.86 -45.01
CA ALA QA 105 34.87 73.91 -43.90
C ALA QA 105 33.46 73.65 -44.39
N SER QA 106 33.09 74.25 -45.52
CA SER QA 106 31.71 74.15 -46.00
C SER QA 106 31.44 72.82 -46.71
N ILE QA 107 32.43 72.31 -47.45
CA ILE QA 107 32.21 71.09 -48.22
C ILE QA 107 31.94 69.91 -47.31
N ASN QA 108 32.70 69.81 -46.22
CA ASN QA 108 32.49 68.71 -45.28
C ASN QA 108 31.14 68.84 -44.57
N MET QA 109 30.59 70.05 -44.50
CA MET QA 109 29.20 70.22 -44.10
C MET QA 109 28.26 69.65 -45.14
N LEU QA 110 28.54 69.92 -46.42
CA LEU QA 110 27.67 69.44 -47.49
C LEU QA 110 27.72 67.92 -47.59
N ARG QA 111 28.81 67.31 -47.15
CA ARG QA 111 28.93 65.87 -47.21
C ARG QA 111 28.10 65.19 -46.13
N ILE QA 112 27.88 65.86 -45.00
CA ILE QA 112 27.04 65.29 -43.96
C ILE QA 112 25.61 65.15 -44.46
N VAL QA 113 25.05 66.22 -44.99
CA VAL QA 113 23.71 66.17 -45.59
C VAL QA 113 23.92 65.88 -47.08
N GLU QA 114 24.24 64.63 -47.38
CA GLU QA 114 24.24 64.22 -48.77
C GLU QA 114 22.86 63.75 -49.21
N PRO QA 115 22.19 62.85 -48.47
CA PRO QA 115 20.88 62.37 -48.93
C PRO QA 115 19.74 63.37 -48.83
N TYR QA 116 20.00 64.59 -48.36
CA TYR QA 116 18.94 65.56 -48.17
C TYR QA 116 19.05 66.77 -49.07
N ILE QA 117 20.18 66.98 -49.74
CA ILE QA 117 20.38 68.14 -50.59
C ILE QA 117 20.81 67.70 -51.97
N ALA QA 118 20.51 68.53 -52.96
CA ALA QA 118 21.12 68.48 -54.28
C ALA QA 118 21.80 69.82 -54.50
N TRP QA 119 23.06 69.79 -54.91
CA TRP QA 119 23.81 71.03 -55.09
C TRP QA 119 24.69 70.90 -56.32
N GLY QA 120 25.34 72.01 -56.65
CA GLY QA 120 26.18 72.05 -57.82
C GLY QA 120 26.78 73.42 -57.99
N TYR QA 121 27.20 73.71 -59.22
CA TYR QA 121 27.92 74.94 -59.51
C TYR QA 121 27.10 75.83 -60.42
N PRO QA 122 26.40 76.83 -59.88
CA PRO QA 122 25.57 77.69 -60.73
C PRO QA 122 26.42 78.58 -61.62
N ASN QA 123 25.88 78.92 -62.77
CA ASN QA 123 26.54 79.78 -63.72
C ASN QA 123 25.94 81.19 -63.62
N LEU QA 124 26.39 82.10 -64.49
CA LEU QA 124 25.97 83.49 -64.38
C LEU QA 124 24.47 83.65 -64.58
N LYS QA 125 23.91 82.96 -65.57
CA LYS QA 125 22.47 83.08 -65.82
C LYS QA 125 21.67 82.56 -64.65
N SER QA 126 22.09 81.44 -64.06
CA SER QA 126 21.36 80.87 -62.93
C SER QA 126 21.35 81.83 -61.74
N VAL QA 127 22.48 82.50 -61.48
CA VAL QA 127 22.51 83.49 -60.42
C VAL QA 127 21.62 84.67 -60.76
N ASN QA 128 21.57 85.06 -62.04
CA ASN QA 128 20.73 86.17 -62.46
C ASN QA 128 19.26 85.89 -62.19
N GLU QA 129 18.76 84.74 -62.64
CA GLU QA 129 17.33 84.45 -62.54
C GLU QA 129 16.91 84.23 -61.09
N LEU QA 130 17.79 83.64 -60.28
CA LEU QA 130 17.45 83.42 -58.87
C LEU QA 130 17.30 84.73 -58.12
N ILE QA 131 18.24 85.66 -58.33
CA ILE QA 131 18.20 86.93 -57.60
C ILE QA 131 17.06 87.80 -58.11
N TYR QA 132 16.84 87.83 -59.41
CA TYR QA 132 15.85 88.75 -59.96
C TYR QA 132 14.42 88.25 -59.75
N LYS QA 133 14.19 86.94 -59.85
CA LYS QA 133 12.83 86.43 -59.75
C LYS QA 133 12.45 86.10 -58.31
N ARG QA 134 13.37 85.54 -57.54
CA ARG QA 134 13.05 85.11 -56.19
C ARG QA 134 13.93 85.79 -55.15
N GLY QA 135 14.47 86.95 -55.49
CA GLY QA 135 15.31 87.67 -54.56
C GLY QA 135 14.52 88.40 -53.50
N TYR QA 136 14.54 87.88 -52.28
CA TYR QA 136 13.93 88.53 -51.13
C TYR QA 136 15.03 88.83 -50.12
N GLY QA 137 15.01 90.03 -49.56
CA GLY QA 137 16.03 90.45 -48.62
C GLY QA 137 15.56 90.28 -47.19
N LYS QA 138 16.51 90.03 -46.29
CA LYS QA 138 16.21 89.94 -44.87
C LYS QA 138 16.47 91.30 -44.23
N ILE QA 139 15.42 92.11 -44.13
CA ILE QA 139 15.53 93.47 -43.61
C ILE QA 139 14.68 93.57 -42.35
N ASN QA 140 15.31 93.96 -41.24
CA ASN QA 140 14.63 94.08 -39.94
C ASN QA 140 13.95 92.76 -39.58
N LYS QA 141 14.62 91.66 -39.88
CA LYS QA 141 14.13 90.29 -39.68
C LYS QA 141 12.88 89.99 -40.48
N LYS QA 142 12.49 90.87 -41.39
CA LYS QA 142 11.37 90.65 -42.29
C LYS QA 142 11.88 90.18 -43.64
N ARG QA 143 10.98 89.64 -44.46
CA ARG QA 143 11.30 89.12 -45.78
C ARG QA 143 10.75 90.10 -46.81
N ILE QA 144 11.57 91.09 -47.18
CA ILE QA 144 11.19 92.14 -48.11
C ILE QA 144 11.67 91.77 -49.50
N ALA QA 145 10.77 91.85 -50.47
CA ALA QA 145 11.14 91.59 -51.86
C ALA QA 145 12.09 92.66 -52.37
N LEU QA 146 13.06 92.23 -53.18
CA LEU QA 146 14.04 93.16 -53.76
C LEU QA 146 13.41 93.81 -54.98
N THR QA 147 12.54 94.79 -54.74
CA THR QA 147 11.83 95.49 -55.79
C THR QA 147 12.50 96.79 -56.20
N ASP QA 148 13.38 97.33 -55.37
CA ASP QA 148 14.08 98.56 -55.69
C ASP QA 148 15.51 98.49 -55.17
N ASN QA 149 16.39 99.27 -55.79
CA ASN QA 149 17.79 99.26 -55.40
C ASN QA 149 17.99 99.86 -54.01
N ALA QA 150 17.16 100.84 -53.64
CA ALA QA 150 17.30 101.49 -52.34
C ALA QA 150 17.12 100.51 -51.20
N LEU QA 151 16.46 99.38 -51.45
CA LEU QA 151 16.28 98.37 -50.42
C LEU QA 151 17.60 97.65 -50.13
N ILE QA 152 18.47 97.52 -51.12
CA ILE QA 152 19.78 96.90 -50.92
C ILE QA 152 20.81 97.92 -50.44
N ALA QA 153 20.83 99.10 -51.06
CA ALA QA 153 21.75 100.15 -50.62
C ALA QA 153 21.52 100.53 -49.17
N ARG QA 154 20.30 100.39 -48.67
CA ARG QA 154 20.01 100.73 -47.28
C ARG QA 154 20.74 99.81 -46.33
N SER QA 155 20.78 98.51 -46.64
CA SER QA 155 21.31 97.52 -45.71
C SER QA 155 22.69 97.01 -46.09
N LEU QA 156 23.03 96.97 -47.38
CA LEU QA 156 24.34 96.53 -47.82
C LEU QA 156 25.19 97.69 -48.35
N GLY QA 157 24.75 98.93 -48.11
CA GLY QA 157 25.48 100.09 -48.61
C GLY QA 157 26.88 100.23 -48.07
N LYS QA 158 27.08 99.89 -46.79
CA LYS QA 158 28.39 100.03 -46.16
C LYS QA 158 29.46 99.17 -46.81
N TYR QA 159 29.08 98.14 -47.56
CA TYR QA 159 30.03 97.24 -48.21
C TYR QA 159 30.20 97.55 -49.69
N GLY QA 160 29.62 98.62 -50.19
CA GLY QA 160 29.68 98.94 -51.60
C GLY QA 160 28.65 98.24 -52.46
N ILE QA 161 27.81 97.38 -51.87
CA ILE QA 161 26.76 96.69 -52.61
C ILE QA 161 25.50 97.54 -52.46
N ILE QA 162 25.18 98.32 -53.49
CA ILE QA 162 24.10 99.28 -53.37
C ILE QA 162 23.10 99.16 -54.51
N CYS QA 163 23.04 98.00 -55.16
CA CYS QA 163 22.02 97.73 -56.16
C CYS QA 163 21.91 96.22 -56.36
N MET QA 164 21.05 95.83 -57.31
CA MET QA 164 20.92 94.43 -57.66
C MET QA 164 22.17 93.89 -58.34
N GLU QA 165 22.72 94.64 -59.29
CA GLU QA 165 23.87 94.15 -60.05
C GLU QA 165 25.07 93.91 -59.15
N ASP QA 166 25.26 94.77 -58.15
CA ASP QA 166 26.30 94.53 -57.15
C ASP QA 166 26.06 93.22 -56.41
N LEU QA 167 24.80 92.93 -56.08
CA LEU QA 167 24.47 91.68 -55.41
C LEU QA 167 24.80 90.48 -56.27
N ILE QA 168 24.48 90.55 -57.57
CA ILE QA 168 24.87 89.47 -58.49
C ILE QA 168 26.38 89.32 -58.52
N HIS QA 169 27.12 90.43 -58.52
CA HIS QA 169 28.56 90.37 -58.67
C HIS QA 169 29.23 89.82 -57.40
N GLU QA 170 28.67 90.14 -56.23
CA GLU QA 170 29.26 89.65 -54.99
C GLU QA 170 28.97 88.16 -54.80
N ILE QA 171 27.87 87.68 -55.37
CA ILE QA 171 27.51 86.27 -55.20
C ILE QA 171 28.23 85.40 -56.24
N TYR QA 172 28.13 85.77 -57.52
CA TYR QA 172 28.77 85.00 -58.58
C TYR QA 172 30.28 84.98 -58.42
N THR QA 173 30.89 86.15 -58.37
CA THR QA 173 32.30 86.26 -58.02
C THR QA 173 32.36 86.45 -56.52
N VAL QA 174 32.67 85.37 -55.82
CA VAL QA 174 32.61 85.37 -54.35
C VAL QA 174 33.60 86.40 -53.83
N GLY QA 175 33.09 87.50 -53.30
CA GLY QA 175 33.88 88.65 -52.95
C GLY QA 175 34.28 88.69 -51.49
N LYS QA 176 34.79 89.85 -51.08
CA LYS QA 176 35.20 90.02 -49.70
C LYS QA 176 34.01 90.02 -48.76
N ARG QA 177 32.85 90.48 -49.24
CA ARG QA 177 31.64 90.55 -48.44
C ARG QA 177 30.58 89.55 -48.90
N PHE QA 178 31.00 88.33 -49.29
CA PHE QA 178 30.03 87.31 -49.67
C PHE QA 178 29.13 86.93 -48.50
N LYS QA 179 29.68 86.85 -47.30
CA LYS QA 179 28.90 86.44 -46.14
C LYS QA 179 27.78 87.42 -45.86
N GLU QA 180 28.06 88.72 -45.97
CA GLU QA 180 27.04 89.72 -45.70
C GLU QA 180 26.01 89.78 -46.83
N ALA QA 181 26.47 89.70 -48.08
CA ALA QA 181 25.55 89.72 -49.20
C ALA QA 181 24.69 88.47 -49.25
N ASN QA 182 25.26 87.31 -48.92
CA ASN QA 182 24.49 86.08 -48.95
C ASN QA 182 23.48 86.01 -47.81
N ASN QA 183 23.91 86.35 -46.59
CA ASN QA 183 23.01 86.26 -45.45
C ASN QA 183 21.91 87.31 -45.53
N PHE QA 184 22.18 88.44 -46.19
CA PHE QA 184 21.12 89.41 -46.46
C PHE QA 184 20.01 88.78 -47.28
N LEU QA 185 20.36 87.94 -48.23
CA LEU QA 185 19.37 87.25 -49.04
C LEU QA 185 18.60 86.25 -48.20
N TRP QA 186 17.27 86.33 -48.26
CA TRP QA 186 16.45 85.29 -47.66
C TRP QA 186 16.63 84.00 -48.46
N PRO QA 187 16.64 82.85 -47.79
CA PRO QA 187 16.76 81.58 -48.52
C PRO QA 187 15.67 81.46 -49.58
N PHE QA 188 16.08 81.02 -50.77
CA PHE QA 188 15.20 81.06 -51.93
C PHE QA 188 14.14 79.98 -51.81
N LYS QA 189 12.88 80.37 -51.98
CA LYS QA 189 11.76 79.44 -51.90
C LYS QA 189 11.39 79.04 -53.33
N LEU QA 190 11.91 77.89 -53.76
CA LEU QA 190 11.67 77.40 -55.11
C LEU QA 190 10.43 76.53 -55.16
N SER QA 191 9.83 76.45 -56.34
CA SER QA 191 8.70 75.56 -56.56
C SER QA 191 9.20 74.13 -56.74
N SER QA 192 8.24 73.20 -56.82
CA SER QA 192 8.60 71.84 -57.15
C SER QA 192 9.17 71.78 -58.56
N PRO QA 193 10.12 70.87 -58.81
CA PRO QA 193 10.72 70.80 -60.15
C PRO QA 193 9.71 70.43 -61.22
N ARG QA 194 9.60 71.26 -62.24
CA ARG QA 194 8.68 70.98 -63.33
C ARG QA 194 9.25 69.90 -64.24
N GLY QA 195 8.48 68.85 -64.45
CA GLY QA 195 8.95 67.69 -65.18
C GLY QA 195 9.47 66.56 -64.32
N GLY QA 196 9.22 66.59 -63.02
CA GLY QA 196 9.67 65.55 -62.13
C GLY QA 196 11.14 65.71 -61.78
N MET QA 197 11.62 64.75 -60.98
CA MET QA 197 13.01 64.76 -60.58
C MET QA 197 13.68 63.40 -60.68
N LYS QA 198 12.97 62.37 -61.15
CA LYS QA 198 13.49 61.09 -61.62
C LYS QA 198 14.03 60.22 -60.49
N LYS QA 199 14.18 60.79 -59.30
CA LYS QA 199 14.44 60.09 -58.03
C LYS QA 199 14.60 61.15 -56.96
N LYS QA 200 14.51 60.71 -55.71
CA LYS QA 200 14.78 61.55 -54.56
C LYS QA 200 15.64 60.89 -53.50
N THR QA 201 15.79 59.57 -53.54
CA THR QA 201 16.37 58.82 -52.44
C THR QA 201 17.78 58.32 -52.69
N THR QA 202 18.25 58.34 -53.94
CA THR QA 202 19.58 57.89 -54.27
C THR QA 202 20.43 59.05 -54.77
N HIS QA 203 21.73 58.80 -54.91
CA HIS QA 203 22.67 59.82 -55.34
C HIS QA 203 22.53 60.08 -56.83
N PHE QA 204 22.96 61.28 -57.24
CA PHE QA 204 22.83 61.69 -58.64
C PHE QA 204 23.62 60.76 -59.56
N VAL QA 205 24.82 60.36 -59.14
CA VAL QA 205 25.67 59.56 -60.02
C VAL QA 205 25.18 58.12 -60.13
N GLU QA 206 24.19 57.72 -59.34
CA GLU QA 206 23.57 56.41 -59.45
C GLU QA 206 22.12 56.51 -59.92
N GLY QA 207 21.81 57.55 -60.70
CA GLY QA 207 20.48 57.72 -61.25
C GLY QA 207 19.53 58.54 -60.40
N GLY QA 208 19.95 58.97 -59.23
CA GLY QA 208 19.09 59.67 -58.30
C GLY QA 208 19.13 61.17 -58.46
N ASP QA 209 18.95 61.87 -57.34
CA ASP QA 209 18.91 63.32 -57.35
C ASP QA 209 19.88 63.93 -56.34
N ALA QA 210 20.08 63.24 -55.22
CA ALA QA 210 20.87 63.79 -54.13
C ALA QA 210 22.34 63.90 -54.54
N GLY QA 211 23.09 64.65 -53.75
CA GLY QA 211 24.52 64.79 -53.97
C GLY QA 211 24.86 65.93 -54.90
N ASN QA 212 26.09 65.87 -55.40
CA ASN QA 212 26.67 66.93 -56.22
C ASN QA 212 26.58 66.54 -57.69
N ARG QA 213 25.72 67.24 -58.43
CA ARG QA 213 25.83 67.31 -59.89
C ARG QA 213 26.53 68.62 -60.19
N GLU QA 214 27.67 68.55 -60.87
CA GLU QA 214 28.55 69.70 -60.95
C GLU QA 214 27.89 70.86 -61.67
N ASP QA 215 27.63 70.72 -62.96
CA ASP QA 215 26.99 71.75 -63.75
C ASP QA 215 25.53 71.45 -64.08
N GLN QA 216 25.01 70.31 -63.61
CA GLN QA 216 23.63 69.96 -63.88
C GLN QA 216 22.67 70.56 -62.87
N ILE QA 217 23.17 71.31 -61.87
CA ILE QA 217 22.30 72.07 -61.00
C ILE QA 217 21.60 73.17 -61.78
N ASN QA 218 22.21 73.63 -62.88
CA ASN QA 218 21.60 74.68 -63.66
C ASN QA 218 20.33 74.19 -64.36
N ARG QA 219 20.36 72.96 -64.88
CA ARG QA 219 19.15 72.38 -65.44
C ARG QA 219 18.06 72.24 -64.39
N LEU QA 220 18.44 71.88 -63.17
CA LEU QA 220 17.47 71.78 -62.08
C LEU QA 220 16.89 73.14 -61.73
N ILE QA 221 17.71 74.18 -61.75
CA ILE QA 221 17.26 75.51 -61.36
C ILE QA 221 16.26 76.06 -62.36
N ARG QA 222 16.49 75.83 -63.65
CA ARG QA 222 15.52 76.28 -64.66
C ARG QA 222 14.15 75.67 -64.43
N ARG QA 223 14.12 74.40 -64.01
CA ARG QA 223 12.85 73.73 -63.76
C ARG QA 223 12.31 74.02 -62.37
N MET QA 224 13.16 74.48 -61.46
CA MET QA 224 12.74 74.66 -60.06
C MET QA 224 12.07 76.01 -59.86
N ASN QA 225 12.49 77.02 -60.63
CA ASN QA 225 11.91 78.35 -60.53
C ASN QA 225 11.57 78.89 -61.91
N LYS RA 1 -63.72 11.79 103.09
CA LYS RA 1 -64.62 10.83 103.69
C LYS RA 1 -65.91 10.70 102.89
N VAL RA 2 -66.04 11.52 101.85
CA VAL RA 2 -67.23 11.52 101.00
C VAL RA 2 -66.80 11.50 99.54
N VAL RA 3 -65.52 11.18 99.29
CA VAL RA 3 -64.97 11.31 97.96
C VAL RA 3 -65.65 10.36 96.99
N ASN RA 4 -65.96 10.89 95.80
CA ASN RA 4 -66.59 10.11 94.73
C ASN RA 4 -65.58 9.12 94.16
N PRO RA 5 -65.93 7.82 94.07
CA PRO RA 5 -64.95 6.83 93.60
C PRO RA 5 -64.68 6.91 92.11
N LEU RA 6 -65.25 7.89 91.42
CA LEU RA 6 -64.99 8.06 89.99
C LEU RA 6 -63.83 9.01 89.71
N PHE RA 7 -63.31 9.70 90.72
CA PHE RA 7 -62.12 10.53 90.57
C PHE RA 7 -60.89 9.67 90.81
N GLU RA 8 -59.87 9.85 89.97
CA GLU RA 8 -58.65 9.07 90.11
C GLU RA 8 -57.49 9.75 89.39
N LYS RA 9 -56.29 9.39 89.81
CA LYS RA 9 -55.09 9.84 89.11
C LYS RA 9 -55.04 9.24 87.72
N ARG RA 10 -54.75 10.07 86.72
CA ARG RA 10 -54.40 9.55 85.41
C ARG RA 10 -53.16 10.28 84.93
N PRO RA 11 -51.99 9.97 85.50
CA PRO RA 11 -50.78 10.70 85.12
C PRO RA 11 -50.34 10.34 83.71
N LYS RA 12 -49.67 11.29 83.07
CA LYS RA 12 -49.05 11.08 81.77
C LYS RA 12 -47.55 11.19 81.94
N ASN RA 13 -46.84 10.12 81.58
CA ASN RA 13 -45.38 10.10 81.71
C ASN RA 13 -44.75 10.65 80.45
N PHE RA 14 -43.76 11.52 80.63
CA PHE RA 14 -43.13 12.24 79.52
C PHE RA 14 -41.77 11.66 79.16
N GLY RA 15 -41.64 10.35 79.23
CA GLY RA 15 -40.44 9.71 78.72
C GLY RA 15 -40.36 9.83 77.21
N ILE RA 16 -39.22 9.41 76.68
CA ILE RA 16 -39.02 9.47 75.24
C ILE RA 16 -39.98 8.47 74.59
N GLY RA 17 -40.72 8.92 73.58
CA GLY RA 17 -41.62 8.07 72.85
C GLY RA 17 -42.95 7.80 73.53
N GLN RA 18 -43.13 8.27 74.76
CA GLN RA 18 -44.40 8.15 75.47
C GLN RA 18 -45.24 9.40 75.18
N ASP RA 19 -46.28 9.63 75.98
CA ASP RA 19 -47.18 10.77 75.80
C ASP RA 19 -46.39 12.03 75.47
N ILE RA 20 -46.92 12.82 74.52
CA ILE RA 20 -46.13 13.91 73.96
C ILE RA 20 -45.84 14.95 75.03
N GLN RA 21 -44.82 15.75 74.76
CA GLN RA 21 -44.23 16.64 75.76
C GLN RA 21 -45.13 17.84 76.02
N PRO RA 22 -45.09 18.39 77.23
CA PRO RA 22 -45.95 19.51 77.59
C PRO RA 22 -45.39 20.83 77.05
N LYS RA 23 -46.21 21.86 77.11
CA LYS RA 23 -45.79 23.20 76.72
C LYS RA 23 -44.95 23.80 77.84
N ARG RA 24 -43.67 23.46 77.82
CA ARG RA 24 -42.73 23.99 78.79
C ARG RA 24 -42.12 25.30 78.30
N ASP RA 25 -41.20 25.84 79.11
CA ASP RA 25 -40.54 27.09 78.76
C ASP RA 25 -39.50 26.86 77.67
N LEU RA 26 -39.51 27.73 76.65
CA LEU RA 26 -38.59 27.59 75.53
C LEU RA 26 -37.83 28.87 75.21
N THR RA 27 -37.79 29.85 76.12
CA THR RA 27 -37.09 31.09 75.80
C THR RA 27 -35.61 30.86 75.54
N ARG RA 28 -35.05 29.77 76.07
CA ARG RA 28 -33.64 29.51 75.83
C ARG RA 28 -33.36 29.21 74.37
N PHE RA 29 -34.31 28.64 73.63
CA PHE RA 29 -34.11 28.20 72.26
C PHE RA 29 -35.06 28.89 71.29
N VAL RA 30 -35.42 30.14 71.58
CA VAL RA 30 -36.31 30.90 70.73
C VAL RA 30 -35.50 31.52 69.59
N LYS RA 31 -36.07 31.46 68.39
CA LYS RA 31 -35.48 32.16 67.25
C LYS RA 31 -35.75 33.66 67.41
N TRP RA 32 -34.82 34.38 68.00
CA TRP RA 32 -35.04 35.79 68.30
C TRP RA 32 -34.81 36.63 67.05
N PRO RA 33 -35.48 37.79 66.95
CA PRO RA 33 -35.24 38.69 65.83
C PRO RA 33 -33.80 39.17 65.78
N ARG RA 34 -33.38 39.60 64.59
CA ARG RA 34 -32.00 40.02 64.39
C ARG RA 34 -31.62 41.15 65.33
N TYR RA 35 -32.55 42.07 65.60
CA TYR RA 35 -32.23 43.20 66.46
C TYR RA 35 -32.10 42.78 67.92
N ILE RA 36 -32.75 41.68 68.31
CA ILE RA 36 -32.56 41.16 69.66
C ILE RA 36 -31.27 40.35 69.73
N ARG RA 37 -30.98 39.58 68.68
CA ARG RA 37 -29.71 38.86 68.62
C ARG RA 37 -28.53 39.83 68.57
N LEU RA 38 -28.72 40.98 67.93
CA LEU RA 38 -27.63 41.95 67.80
C LEU RA 38 -27.21 42.50 69.16
N GLN RA 39 -28.17 42.86 70.01
CA GLN RA 39 -27.83 43.53 71.26
C GLN RA 39 -27.30 42.53 72.28
N ARG RA 40 -27.81 41.29 72.28
CA ARG RA 40 -27.30 40.30 73.21
C ARG RA 40 -25.88 39.87 72.85
N GLN RA 41 -25.62 39.62 71.56
CA GLN RA 41 -24.28 39.25 71.15
C GLN RA 41 -23.29 40.39 71.39
N ARG RA 42 -23.72 41.64 71.22
CA ARG RA 42 -22.85 42.76 71.54
C ARG RA 42 -22.54 42.81 73.03
N ALA RA 43 -23.50 42.44 73.87
CA ALA RA 43 -23.24 42.34 75.30
C ALA RA 43 -22.20 41.27 75.60
N ILE RA 44 -22.27 40.14 74.88
CA ILE RA 44 -21.31 39.06 75.07
C ILE RA 44 -19.92 39.49 74.61
N LEU RA 45 -19.86 40.28 73.53
CA LEU RA 45 -18.57 40.72 72.99
C LEU RA 45 -17.82 41.59 73.99
N TYR RA 46 -18.52 42.49 74.68
CA TYR RA 46 -17.87 43.31 75.69
C TYR RA 46 -17.39 42.46 76.86
N LYS RA 47 -18.02 41.30 77.07
CA LYS RA 47 -17.56 40.37 78.08
C LYS RA 47 -16.46 39.45 77.55
N ARG RA 48 -16.37 39.27 76.24
CA ARG RA 48 -15.45 38.31 75.67
C ARG RA 48 -14.09 38.92 75.33
N LEU RA 49 -14.08 40.11 74.75
CA LEU RA 49 -12.86 40.76 74.33
C LEU RA 49 -12.16 41.43 75.50
N LYS RA 50 -10.93 41.87 75.28
CA LYS RA 50 -10.20 42.65 76.29
C LYS RA 50 -10.62 44.10 76.17
N VAL RA 51 -11.44 44.56 77.10
CA VAL RA 51 -11.91 45.94 77.09
C VAL RA 51 -10.80 46.86 77.61
N PRO RA 52 -10.48 47.95 76.91
CA PRO RA 52 -9.43 48.83 77.40
C PRO RA 52 -9.84 49.49 78.70
N PRO RA 53 -8.89 49.87 79.55
CA PRO RA 53 -9.23 50.49 80.83
C PRO RA 53 -9.98 51.80 80.70
N ALA RA 54 -9.73 52.57 79.64
CA ALA RA 54 -10.49 53.80 79.44
C ALA RA 54 -11.96 53.54 79.19
N ILE RA 55 -12.30 52.38 78.64
CA ILE RA 55 -13.68 51.96 78.49
C ILE RA 55 -14.17 51.16 79.69
N ASN RA 56 -13.30 50.34 80.26
CA ASN RA 56 -13.68 49.51 81.40
C ASN RA 56 -13.87 50.30 82.68
N GLN RA 57 -13.35 51.53 82.75
CA GLN RA 57 -13.48 52.31 83.97
C GLN RA 57 -14.92 52.74 84.23
N PHE RA 58 -15.79 52.67 83.21
CA PHE RA 58 -17.18 53.04 83.37
C PHE RA 58 -18.04 51.90 83.89
N THR RA 59 -17.51 50.67 83.92
CA THR RA 59 -18.25 49.57 84.53
C THR RA 59 -18.14 49.61 86.05
N GLN RA 60 -17.14 50.32 86.58
CA GLN RA 60 -17.00 50.51 88.02
C GLN RA 60 -17.79 51.75 88.40
N ALA RA 61 -19.11 51.60 88.43
CA ALA RA 61 -19.99 52.73 88.68
C ALA RA 61 -20.21 52.89 90.19
N LEU RA 62 -21.09 53.80 90.57
CA LEU RA 62 -21.24 54.16 91.97
C LEU RA 62 -22.13 53.15 92.69
N ASP RA 63 -21.86 52.97 93.98
CA ASP RA 63 -22.63 52.06 94.80
C ASP RA 63 -24.06 52.58 94.94
N ARG RA 64 -24.98 51.67 95.24
CA ARG RA 64 -26.39 52.01 95.26
C ARG RA 64 -26.72 53.00 96.37
N GLN RA 65 -26.27 52.72 97.60
CA GLN RA 65 -26.65 53.56 98.72
C GLN RA 65 -26.12 54.98 98.57
N THR RA 66 -24.90 55.14 98.07
CA THR RA 66 -24.35 56.48 97.86
C THR RA 66 -24.96 57.15 96.64
N ALA RA 67 -25.34 56.39 95.62
CA ALA RA 67 -25.98 56.98 94.45
C ALA RA 67 -27.33 57.58 94.81
N THR RA 68 -28.07 56.93 95.70
CA THR RA 68 -29.39 57.45 96.08
C THR RA 68 -29.27 58.78 96.81
N GLN RA 69 -28.30 58.90 97.72
CA GLN RA 69 -28.17 60.16 98.46
C GLN RA 69 -27.51 61.24 97.61
N LEU RA 70 -26.65 60.85 96.66
CA LEU RA 70 -26.12 61.83 95.73
C LEU RA 70 -27.20 62.37 94.82
N LEU RA 71 -28.09 61.49 94.33
CA LEU RA 71 -29.22 61.95 93.53
C LEU RA 71 -30.18 62.77 94.38
N LYS RA 72 -30.30 62.44 95.66
CA LYS RA 72 -31.09 63.26 96.57
C LYS RA 72 -30.50 64.67 96.70
N LEU RA 73 -29.17 64.75 96.79
CA LEU RA 73 -28.52 66.06 96.87
C LEU RA 73 -28.70 66.84 95.57
N ALA RA 74 -28.66 66.15 94.43
CA ALA RA 74 -28.81 66.84 93.16
C ALA RA 74 -30.26 67.22 92.91
N HIS RA 75 -31.20 66.53 93.54
CA HIS RA 75 -32.61 66.87 93.40
C HIS RA 75 -32.91 68.25 93.99
N LYS RA 76 -32.07 68.70 94.92
CA LYS RA 76 -32.27 70.01 95.55
C LYS RA 76 -31.72 71.14 94.70
N TYR RA 77 -31.00 70.82 93.62
CA TYR RA 77 -30.38 71.83 92.77
C TYR RA 77 -30.79 71.64 91.31
N ARG RA 78 -31.90 70.94 91.11
CA ARG RA 78 -32.33 70.60 89.77
C ARG RA 78 -32.69 71.87 89.00
N PRO RA 79 -32.36 71.94 87.71
CA PRO RA 79 -32.68 73.15 86.93
C PRO RA 79 -34.17 73.40 86.87
N GLU RA 80 -34.54 74.67 86.88
CA GLU RA 80 -35.95 75.03 86.78
C GLU RA 80 -36.49 74.66 85.40
N THR RA 81 -37.74 74.19 85.39
CA THR RA 81 -38.39 73.85 84.14
C THR RA 81 -38.91 75.12 83.48
N LYS RA 82 -39.47 74.98 82.28
CA LYS RA 82 -39.97 76.15 81.56
C LYS RA 82 -41.15 76.78 82.29
N GLN RA 83 -42.02 75.95 82.87
CA GLN RA 83 -43.16 76.49 83.61
C GLN RA 83 -42.70 77.33 84.79
N GLU RA 84 -41.69 76.86 85.52
CA GLU RA 84 -41.15 77.67 86.62
C GLU RA 84 -40.36 78.85 86.10
N LYS RA 85 -39.79 78.73 84.91
CA LYS RA 85 -39.03 79.84 84.33
C LYS RA 85 -39.95 81.00 83.97
N LYS RA 86 -41.13 80.71 83.43
CA LYS RA 86 -42.04 81.80 83.09
C LYS RA 86 -42.60 82.47 84.34
N GLN RA 87 -42.84 81.69 85.40
CA GLN RA 87 -43.41 82.27 86.61
C GLN RA 87 -42.48 83.28 87.25
N ARG RA 88 -41.18 82.97 87.31
CA ARG RA 88 -40.25 83.91 87.90
C ARG RA 88 -40.04 85.14 87.03
N LEU RA 89 -40.21 85.00 85.71
CA LEU RA 89 -40.03 86.15 84.82
C LEU RA 89 -41.14 87.18 85.00
N LEU RA 90 -42.40 86.74 84.99
CA LEU RA 90 -43.50 87.67 85.24
C LEU RA 90 -43.42 88.24 86.65
N ALA RA 91 -43.07 87.42 87.64
CA ALA RA 91 -42.88 87.93 89.00
C ALA RA 91 -41.76 88.95 89.04
N ARG RA 92 -40.67 88.68 88.32
CA ARG RA 92 -39.58 89.66 88.22
C ARG RA 92 -40.05 90.92 87.50
N ALA RA 93 -40.82 90.77 86.42
CA ALA RA 93 -41.28 91.92 85.67
C ALA RA 93 -42.19 92.81 86.50
N GLU RA 94 -43.12 92.20 87.25
CA GLU RA 94 -44.02 92.98 88.10
C GLU RA 94 -43.25 93.70 89.20
N LYS RA 95 -42.34 92.98 89.86
CA LYS RA 95 -41.64 93.56 91.00
C LYS RA 95 -40.70 94.68 90.58
N LYS RA 96 -40.04 94.53 89.43
CA LYS RA 96 -39.16 95.59 88.95
C LYS RA 96 -39.95 96.80 88.44
N ALA RA 97 -41.20 96.58 88.03
CA ALA RA 97 -42.04 97.71 87.62
C ALA RA 97 -42.54 98.49 88.83
N ALA RA 98 -42.82 97.80 89.93
CA ALA RA 98 -43.32 98.45 91.15
C ALA RA 98 -42.90 97.61 92.34
N GLY RA 99 -41.91 98.09 93.09
CA GLY RA 99 -41.17 99.31 92.80
C GLY RA 99 -39.70 99.24 93.18
N LYS RA 100 -39.24 98.03 93.52
CA LYS RA 100 -37.90 97.85 94.06
C LYS RA 100 -36.80 98.25 93.08
N GLY RA 101 -37.05 98.15 91.78
CA GLY RA 101 -36.03 98.48 90.81
C GLY RA 101 -35.37 97.27 90.20
N ASP RA 102 -34.03 97.23 90.19
CA ASP RA 102 -33.33 96.13 89.55
C ASP RA 102 -33.31 94.89 90.44
N VAL RA 103 -32.64 94.99 91.58
CA VAL RA 103 -32.64 93.93 92.61
C VAL RA 103 -32.30 92.58 92.02
N PRO RA 104 -31.03 92.31 91.70
CA PRO RA 104 -30.69 90.97 91.16
C PRO RA 104 -31.07 89.83 92.09
N THR RA 105 -30.98 90.02 93.41
CA THR RA 105 -31.43 89.05 94.42
C THR RA 105 -30.74 87.70 94.24
N LYS RA 106 -29.40 87.73 94.17
CA LYS RA 106 -28.53 86.56 94.35
C LYS RA 106 -29.01 85.31 93.62
N ARG RA 107 -28.94 85.34 92.28
CA ARG RA 107 -29.28 84.23 91.39
C ARG RA 107 -28.87 82.90 92.00
N PRO RA 108 -29.79 81.92 92.06
CA PRO RA 108 -29.55 80.77 92.92
C PRO RA 108 -28.53 79.83 92.31
N PRO RA 109 -27.89 78.99 93.12
CA PRO RA 109 -27.01 77.95 92.56
C PRO RA 109 -27.84 76.85 91.92
N VAL RA 110 -27.42 76.44 90.73
CA VAL RA 110 -28.16 75.47 89.93
C VAL RA 110 -27.19 74.39 89.48
N LEU RA 111 -27.71 73.17 89.34
CA LEU RA 111 -26.92 72.10 88.77
C LEU RA 111 -26.72 72.35 87.28
N ARG RA 112 -25.51 72.08 86.80
CA ARG RA 112 -25.13 72.34 85.42
C ARG RA 112 -24.92 71.01 84.70
N ALA RA 113 -25.46 70.89 83.50
CA ALA RA 113 -25.51 69.62 82.79
C ALA RA 113 -25.02 69.80 81.36
N GLY RA 114 -24.53 68.70 80.79
CA GLY RA 114 -24.03 68.72 79.44
C GLY RA 114 -22.53 68.50 79.38
N VAL RA 115 -22.07 67.62 78.49
CA VAL RA 115 -20.66 67.25 78.49
C VAL RA 115 -19.80 68.41 78.04
N ASN RA 116 -20.35 69.31 77.22
CA ASN RA 116 -19.59 70.48 76.79
C ASN RA 116 -19.50 71.50 77.92
N THR RA 117 -20.60 71.69 78.67
CA THR RA 117 -20.58 72.63 79.78
C THR RA 117 -19.66 72.14 80.89
N VAL RA 118 -19.78 70.87 81.26
CA VAL RA 118 -18.97 70.33 82.36
C VAL RA 118 -17.50 70.32 82.00
N THR RA 119 -17.16 70.00 80.75
CA THR RA 119 -15.76 69.96 80.36
C THR RA 119 -15.12 71.34 80.47
N THR RA 120 -15.83 72.39 80.09
CA THR RA 120 -15.30 73.73 80.23
C THR RA 120 -15.22 74.13 81.70
N LEU RA 121 -16.20 73.73 82.50
CA LEU RA 121 -16.15 74.03 83.94
C LEU RA 121 -15.00 73.29 84.62
N VAL RA 122 -14.77 72.04 84.24
CA VAL RA 122 -13.66 71.28 84.81
C VAL RA 122 -12.33 71.93 84.43
N GLU RA 123 -12.20 72.36 83.17
CA GLU RA 123 -10.96 72.97 82.73
C GLU RA 123 -10.68 74.27 83.47
N ASN RA 124 -11.71 75.02 83.81
CA ASN RA 124 -11.56 76.29 84.51
C ASN RA 124 -11.60 76.16 86.03
N LYS RA 125 -11.63 74.94 86.55
CA LYS RA 125 -11.66 74.68 87.99
C LYS RA 125 -12.90 75.27 88.66
N LYS RA 126 -14.03 75.31 87.96
CA LYS RA 126 -15.27 75.83 88.53
C LYS RA 126 -16.22 74.73 88.96
N ALA RA 127 -15.80 73.47 88.91
CA ALA RA 127 -16.63 72.35 89.30
C ALA RA 127 -16.07 71.71 90.55
N GLN RA 128 -16.95 71.30 91.46
CA GLN RA 128 -16.54 70.62 92.68
C GLN RA 128 -16.90 69.14 92.69
N LEU RA 129 -17.83 68.70 91.84
CA LEU RA 129 -18.19 67.30 91.73
C LEU RA 129 -18.78 67.07 90.35
N VAL RA 130 -18.32 66.03 89.67
CA VAL RA 130 -18.78 65.70 88.32
C VAL RA 130 -19.37 64.30 88.35
N VAL RA 131 -20.60 64.18 87.86
CA VAL RA 131 -21.31 62.91 87.78
C VAL RA 131 -21.35 62.48 86.33
N ILE RA 132 -20.88 61.27 86.04
CA ILE RA 132 -20.80 60.76 84.68
C ILE RA 132 -21.67 59.53 84.55
N ALA RA 133 -22.46 59.46 83.49
CA ALA RA 133 -23.22 58.26 83.19
C ALA RA 133 -22.30 57.14 82.71
N HIS RA 134 -22.73 55.90 82.94
CA HIS RA 134 -21.90 54.76 82.57
C HIS RA 134 -22.28 54.14 81.23
N ASP RA 135 -23.35 54.62 80.57
CA ASP RA 135 -23.88 53.94 79.41
C ASP RA 135 -24.15 54.90 78.26
N VAL RA 136 -23.26 55.87 78.06
CA VAL RA 136 -23.38 56.72 76.88
C VAL RA 136 -22.95 55.93 75.66
N ASP RA 137 -23.88 55.74 74.72
CA ASP RA 137 -23.68 54.72 73.68
C ASP RA 137 -22.49 55.04 72.78
N PRO RA 138 -22.37 56.23 72.18
CA PRO RA 138 -21.08 56.57 71.57
C PRO RA 138 -20.08 57.00 72.64
N ILE RA 139 -19.39 56.03 73.24
CA ILE RA 139 -18.56 56.38 74.38
C ILE RA 139 -17.23 56.91 73.86
N GLU RA 140 -17.27 58.17 73.42
CA GLU RA 140 -16.09 58.98 73.20
C GLU RA 140 -16.31 60.38 73.73
N LEU RA 141 -17.52 60.69 74.21
CA LEU RA 141 -17.83 61.98 74.78
C LEU RA 141 -17.36 62.10 76.22
N VAL RA 142 -17.05 60.98 76.89
CA VAL RA 142 -16.69 60.99 78.30
C VAL RA 142 -15.44 60.20 78.61
N VAL RA 143 -14.83 59.52 77.63
CA VAL RA 143 -13.66 58.71 77.93
C VAL RA 143 -12.54 59.55 78.49
N PHE RA 144 -12.46 60.82 78.09
CA PHE RA 144 -11.45 61.73 78.61
C PHE RA 144 -11.82 62.34 79.94
N LEU RA 145 -13.11 62.36 80.29
CA LEU RA 145 -13.53 63.09 81.48
C LEU RA 145 -12.93 62.57 82.78
N PRO RA 146 -12.85 61.26 83.04
CA PRO RA 146 -12.14 60.81 84.26
C PRO RA 146 -10.72 61.32 84.35
N ALA RA 147 -9.95 61.21 83.27
CA ALA RA 147 -8.58 61.72 83.28
C ALA RA 147 -8.57 63.24 83.37
N LEU RA 148 -9.50 63.90 82.68
CA LEU RA 148 -9.61 65.35 82.80
C LEU RA 148 -9.95 65.76 84.23
N CYS RA 149 -10.89 65.05 84.86
CA CYS RA 149 -11.30 65.42 86.20
C CYS RA 149 -10.18 65.23 87.21
N ARG RA 150 -9.35 64.21 87.03
CA ARG RA 150 -8.25 64.00 87.96
C ARG RA 150 -7.17 65.06 87.77
N LYS RA 151 -6.81 65.36 86.53
CA LYS RA 151 -5.68 66.25 86.28
C LYS RA 151 -5.93 67.63 86.88
N MET RA 152 -7.15 68.16 86.74
CA MET RA 152 -7.52 69.37 87.45
C MET RA 152 -7.87 69.12 88.91
N GLY RA 153 -7.97 67.86 89.34
CA GLY RA 153 -8.20 67.55 90.73
C GLY RA 153 -9.64 67.65 91.18
N VAL RA 154 -10.59 67.79 90.26
CA VAL RA 154 -12.00 67.84 90.60
C VAL RA 154 -12.49 66.40 90.79
N PRO RA 155 -13.03 66.06 91.97
CA PRO RA 155 -13.51 64.69 92.18
C PRO RA 155 -14.67 64.36 91.25
N TYR RA 156 -14.73 63.10 90.83
CA TYR RA 156 -15.71 62.64 89.86
C TYR RA 156 -16.19 61.25 90.24
N CYS RA 157 -17.40 60.93 89.81
CA CYS RA 157 -18.00 59.63 90.03
C CYS RA 157 -18.75 59.21 88.79
N ILE RA 158 -19.03 57.91 88.70
CA ILE RA 158 -19.73 57.33 87.56
C ILE RA 158 -21.03 56.72 88.07
N ILE RA 159 -22.16 57.19 87.55
CA ILE RA 159 -23.48 56.80 88.02
C ILE RA 159 -24.15 55.91 86.98
N LYS RA 160 -24.85 54.89 87.47
CA LYS RA 160 -25.54 53.92 86.63
C LYS RA 160 -26.78 54.57 86.04
N GLY RA 161 -26.73 54.87 84.74
CA GLY RA 161 -27.91 55.35 84.04
C GLY RA 161 -27.87 56.78 83.58
N LYS RA 162 -27.76 56.99 82.27
CA LYS RA 162 -27.91 58.33 81.70
C LYS RA 162 -29.35 58.79 81.71
N ALA RA 163 -30.31 57.87 81.79
CA ALA RA 163 -31.70 58.26 81.96
C ALA RA 163 -31.94 58.88 83.32
N ARG RA 164 -31.26 58.38 84.35
CA ARG RA 164 -31.39 58.95 85.69
C ARG RA 164 -30.90 60.40 85.72
N LEU RA 165 -29.82 60.69 84.99
CA LEU RA 165 -29.36 62.06 84.89
C LEU RA 165 -30.28 62.88 83.99
N GLY RA 166 -30.88 62.25 82.99
CA GLY RA 166 -31.85 62.95 82.16
C GLY RA 166 -33.09 63.36 82.93
N ARG RA 167 -33.66 62.42 83.70
CA ARG RA 167 -34.85 62.74 84.48
C ARG RA 167 -34.54 63.76 85.56
N LEU RA 168 -33.27 63.85 85.97
CA LEU RA 168 -32.87 64.81 86.99
C LEU RA 168 -32.59 66.18 86.38
N VAL RA 169 -32.58 66.28 85.05
CA VAL RA 169 -32.37 67.52 84.35
C VAL RA 169 -33.53 67.84 83.40
N HIS RA 170 -34.61 67.06 83.48
CA HIS RA 170 -35.84 67.29 82.70
C HIS RA 170 -35.61 67.04 81.21
N ARG RA 171 -34.85 65.99 80.91
CA ARG RA 171 -34.62 65.56 79.54
C ARG RA 171 -34.66 64.04 79.49
N LYS RA 172 -34.64 63.48 78.28
CA LYS RA 172 -34.63 62.03 78.14
C LYS RA 172 -33.34 61.44 78.68
N THR RA 173 -32.20 61.96 78.25
CA THR RA 173 -30.89 61.53 78.73
C THR RA 173 -30.02 62.74 78.99
N CYS RA 174 -29.09 62.60 79.92
CA CYS RA 174 -28.02 63.56 80.11
C CYS RA 174 -26.72 62.81 80.31
N THR RA 175 -25.68 63.23 79.59
CA THR RA 175 -24.40 62.54 79.61
C THR RA 175 -23.67 62.74 80.93
N THR RA 176 -23.53 63.97 81.39
CA THR RA 176 -22.92 64.29 82.67
C THR RA 176 -23.59 65.50 83.29
N VAL RA 177 -23.45 65.64 84.61
CA VAL RA 177 -23.82 66.83 85.34
C VAL RA 177 -22.67 67.20 86.28
N ALA RA 178 -22.62 68.46 86.66
CA ALA RA 178 -21.55 68.97 87.51
C ALA RA 178 -22.12 69.85 88.61
N PHE RA 179 -21.50 69.79 89.78
CA PHE RA 179 -21.89 70.59 90.93
C PHE RA 179 -20.98 71.82 91.04
N THR RA 180 -21.55 72.98 90.77
CA THR RA 180 -20.89 74.27 91.01
C THR RA 180 -21.35 74.70 92.42
N GLN RA 181 -21.15 75.96 92.83
CA GLN RA 181 -21.31 76.36 94.23
C GLN RA 181 -22.64 75.90 94.83
N VAL RA 182 -22.62 75.67 96.15
CA VAL RA 182 -23.70 75.01 96.88
C VAL RA 182 -23.97 75.78 98.17
N ASN RA 183 -25.26 75.87 98.55
CA ASN RA 183 -25.63 76.62 99.74
C ASN RA 183 -25.06 75.98 101.01
N SER RA 184 -25.21 76.72 102.11
CA SER RA 184 -24.66 76.31 103.40
C SER RA 184 -25.28 75.03 103.92
N GLU RA 185 -26.59 74.86 103.74
CA GLU RA 185 -27.27 73.69 104.30
C GLU RA 185 -26.74 72.40 103.70
N ASP RA 186 -26.12 72.48 102.52
CA ASP RA 186 -25.67 71.30 101.79
C ASP RA 186 -24.16 71.20 101.65
N LYS RA 187 -23.39 72.17 102.17
CA LYS RA 187 -21.95 72.07 102.06
C LYS RA 187 -21.41 70.86 102.82
N GLY RA 188 -21.97 70.58 104.00
CA GLY RA 188 -21.58 69.37 104.70
C GLY RA 188 -21.95 68.10 103.95
N ALA RA 189 -23.14 68.09 103.34
CA ALA RA 189 -23.54 66.94 102.54
C ALA RA 189 -22.63 66.77 101.32
N LEU RA 190 -22.26 67.87 100.68
CA LEU RA 190 -21.27 67.79 99.60
C LEU RA 190 -19.91 67.38 100.11
N ALA RA 191 -19.50 67.89 101.27
CA ALA RA 191 -18.22 67.49 101.84
C ALA RA 191 -18.22 66.01 102.16
N LYS RA 192 -19.31 65.51 102.74
CA LYS RA 192 -19.40 64.10 103.09
C LYS RA 192 -19.40 63.24 101.83
N LEU RA 193 -19.92 63.77 100.73
CA LEU RA 193 -20.04 63.10 99.45
C LEU RA 193 -18.73 63.08 98.68
N VAL RA 194 -17.95 64.15 98.78
CA VAL RA 194 -16.70 64.21 98.03
C VAL RA 194 -15.69 63.20 98.56
N GLU RA 195 -15.50 63.14 99.88
CA GLU RA 195 -14.41 62.34 100.42
C GLU RA 195 -14.66 60.86 100.18
N ALA RA 196 -15.93 60.45 100.18
CA ALA RA 196 -16.28 59.08 99.88
C ALA RA 196 -16.06 58.76 98.40
N ILE RA 197 -15.93 59.78 97.56
CA ILE RA 197 -15.81 59.57 96.13
C ILE RA 197 -14.38 59.71 95.64
N ARG RA 198 -13.58 60.58 96.26
CA ARG RA 198 -12.19 60.75 95.86
C ARG RA 198 -11.39 59.46 96.07
N THR RA 199 -11.59 58.81 97.22
CA THR RA 199 -10.82 57.60 97.51
C THR RA 199 -11.19 56.46 96.58
N ASN RA 200 -12.40 56.49 96.02
CA ASN RA 200 -12.84 55.41 95.13
C ASN RA 200 -12.52 55.68 93.67
N TYR RA 201 -12.39 56.94 93.28
CA TYR RA 201 -12.16 57.30 91.88
C TYR RA 201 -10.85 58.06 91.68
N ASN RA 202 -10.62 59.13 92.44
CA ASN RA 202 -9.48 60.00 92.16
C ASN RA 202 -8.19 59.44 92.73
N ASP RA 203 -8.22 58.93 93.97
CA ASP RA 203 -7.01 58.42 94.60
C ASP RA 203 -6.51 57.13 93.98
N ARG RA 204 -7.39 56.26 93.49
CA ARG RA 204 -6.97 55.00 92.88
C ARG RA 204 -7.04 55.04 91.35
N TYR RA 205 -6.92 56.24 90.77
CA TYR RA 205 -6.86 56.36 89.32
C TYR RA 205 -5.65 55.64 88.74
N ASP RA 206 -4.58 55.51 89.53
CA ASP RA 206 -3.33 54.97 89.02
C ASP RA 206 -3.52 53.52 88.55
N GLU RA 207 -4.25 52.73 89.32
CA GLU RA 207 -4.56 51.36 88.90
C GLU RA 207 -5.84 51.25 88.11
N ILE RA 208 -6.64 52.32 88.05
CA ILE RA 208 -7.77 52.34 87.11
C ILE RA 208 -7.25 52.33 85.68
N ARG RA 209 -6.16 53.04 85.42
CA ARG RA 209 -5.52 52.99 84.10
C ARG RA 209 -5.02 51.58 83.79
N ARG RA 210 -4.56 50.85 84.81
CA ARG RA 210 -3.99 49.54 84.57
C ARG RA 210 -5.05 48.46 84.41
N HIS RA 211 -6.23 48.67 84.99
CA HIS RA 211 -7.25 47.62 85.07
C HIS RA 211 -7.95 47.47 83.73
N TRP RA 212 -7.63 46.40 83.01
CA TRP RA 212 -8.30 46.10 81.75
C TRP RA 212 -9.66 45.48 82.06
N GLY RA 213 -10.39 45.08 81.02
CA GLY RA 213 -11.73 44.54 81.21
C GLY RA 213 -12.00 43.39 80.27
N GLY RA 214 -13.12 42.73 80.53
CA GLY RA 214 -13.52 41.61 79.70
C GLY RA 214 -12.58 40.43 79.84
N ASN RA 215 -12.41 39.71 78.72
CA ASN RA 215 -11.50 38.57 78.62
C ASN RA 215 -11.92 37.44 79.58
N VAL RA 216 -13.21 37.12 79.54
CA VAL RA 216 -13.76 35.98 80.25
C VAL RA 216 -14.53 35.13 79.26
N LEU RA 217 -14.41 33.81 79.40
CA LEU RA 217 -15.05 32.89 78.47
C LEU RA 217 -16.47 32.58 78.90
N GLY RA 218 -17.20 31.90 78.02
CA GLY RA 218 -18.56 31.52 78.29
C GLY RA 218 -18.65 30.47 79.38
N PRO RA 219 -19.81 30.34 80.00
CA PRO RA 219 -19.96 29.33 81.08
C PRO RA 219 -19.67 27.92 80.61
N LYS RA 220 -20.06 27.58 79.38
CA LYS RA 220 -19.74 26.26 78.85
C LYS RA 220 -18.24 26.11 78.60
N SER RA 221 -17.59 27.16 78.12
CA SER RA 221 -16.15 27.11 77.91
C SER RA 221 -15.40 27.01 79.22
N VAL RA 222 -15.83 27.78 80.23
CA VAL RA 222 -15.19 27.70 81.54
C VAL RA 222 -15.43 26.34 82.18
N ALA RA 223 -16.66 25.82 82.09
CA ALA RA 223 -16.97 24.54 82.71
C ALA RA 223 -16.16 23.42 82.08
N ARG RA 224 -16.00 23.43 80.76
CA ARG RA 224 -15.18 22.42 80.11
C ARG RA 224 -13.73 22.53 80.56
N ILE RA 225 -13.21 23.75 80.67
CA ILE RA 225 -11.85 23.95 81.16
C ILE RA 225 -11.73 23.46 82.61
N ALA RA 226 -12.70 23.82 83.45
CA ALA RA 226 -12.66 23.43 84.85
C ALA RA 226 -12.73 21.92 85.00
N LYS RA 227 -13.52 21.25 84.15
CA LYS RA 227 -13.63 19.81 84.21
C LYS RA 227 -12.29 19.14 83.95
N LEU RA 228 -11.54 19.64 82.96
CA LEU RA 228 -10.25 19.04 82.63
C LEU RA 228 -9.27 19.17 83.78
N GLU RA 229 -9.24 20.33 84.44
CA GLU RA 229 -8.29 20.52 85.53
C GLU RA 229 -8.58 19.58 86.69
N LYS RA 230 -9.86 19.44 87.07
CA LYS RA 230 -10.21 18.52 88.14
C LYS RA 230 -10.07 17.07 87.69
N ALA RA 231 -10.29 16.80 86.40
CA ALA RA 231 -10.06 15.47 85.87
C ALA RA 231 -8.58 15.13 85.78
N LYS RA 232 -7.70 16.12 85.94
CA LYS RA 232 -6.28 15.85 86.00
C LYS RA 232 -5.75 15.95 87.43
N ALA RA 233 -6.28 16.89 88.23
CA ALA RA 233 -5.77 17.07 89.58
C ALA RA 233 -6.24 15.98 90.53
N LYS RA 234 -7.25 15.21 90.12
CA LYS RA 234 -7.73 14.13 90.97
C LYS RA 234 -6.68 13.04 91.15
N GLU RA 235 -5.99 12.68 90.07
CA GLU RA 235 -4.97 11.64 90.14
C GLU RA 235 -3.60 12.18 90.49
N LEU RA 236 -3.31 13.45 90.21
CA LEU RA 236 -2.04 14.04 90.63
C LEU RA 236 -1.92 14.06 92.14
N ALA RA 237 -3.01 14.40 92.84
CA ALA RA 237 -2.99 14.36 94.30
C ALA RA 237 -2.74 12.94 94.81
N THR RA 238 -3.39 11.95 94.19
CA THR RA 238 -3.12 10.56 94.55
C THR RA 238 -1.69 10.16 94.16
N LYS RA 239 -1.20 10.64 93.01
CA LYS RA 239 0.16 10.34 92.61
C LYS RA 239 1.18 10.85 93.62
N LEU RA 240 1.04 12.11 94.06
CA LEU RA 240 1.95 12.65 95.04
C LEU RA 240 1.64 12.08 96.42
N GLY RA 241 2.69 11.73 97.15
CA GLY RA 241 2.55 11.18 98.48
C GLY RA 241 2.03 9.75 98.49
N MET SA 1 18.92 33.11 -80.11
CA MET SA 1 19.48 33.37 -81.43
C MET SA 1 18.48 33.01 -82.52
N LYS SA 2 18.28 33.94 -83.45
CA LYS SA 2 17.37 33.73 -84.57
C LYS SA 2 18.20 33.66 -85.86
N THR SA 3 18.11 32.52 -86.54
CA THR SA 3 18.83 32.35 -87.79
C THR SA 3 18.24 33.22 -88.89
N ILE SA 4 19.11 33.72 -89.77
CA ILE SA 4 18.66 34.46 -90.94
C ILE SA 4 17.69 33.62 -91.75
N LEU SA 5 18.05 32.37 -92.02
CA LEU SA 5 17.25 31.49 -92.85
C LEU SA 5 17.68 30.04 -92.66
N SER SA 6 16.73 29.16 -92.39
CA SER SA 6 16.96 27.72 -92.38
C SER SA 6 16.05 27.10 -93.42
N ASN SA 7 16.63 26.41 -94.39
CA ASN SA 7 15.83 25.80 -95.46
C ASN SA 7 16.45 24.47 -95.86
N GLN SA 8 15.60 23.60 -96.40
CA GLN SA 8 16.07 22.36 -97.01
C GLN SA 8 15.04 21.95 -98.05
N THR SA 9 15.49 21.12 -99.00
CA THR SA 9 14.72 20.83 -100.20
C THR SA 9 14.55 19.32 -100.36
N VAL SA 10 13.42 18.93 -100.94
CA VAL SA 10 13.15 17.54 -101.25
C VAL SA 10 12.91 17.41 -102.74
N ASP SA 11 13.30 16.27 -103.30
CA ASP SA 11 13.11 15.99 -104.71
C ASP SA 11 11.83 15.20 -104.91
N ILE SA 12 11.14 15.49 -106.02
CA ILE SA 12 9.87 14.86 -106.34
C ILE SA 12 10.07 13.99 -107.58
N PRO SA 13 9.72 12.70 -107.53
CA PRO SA 13 9.90 11.84 -108.70
C PRO SA 13 9.00 12.26 -109.85
N GLU SA 14 9.34 11.75 -111.04
CA GLU SA 14 8.60 12.13 -112.24
C GLU SA 14 7.15 11.65 -112.18
N ASN SA 15 6.92 10.43 -111.69
CA ASN SA 15 5.57 9.86 -111.74
C ASN SA 15 4.61 10.64 -110.85
N VAL SA 16 5.05 11.03 -109.66
CA VAL SA 16 4.16 11.70 -108.70
C VAL SA 16 4.20 13.19 -108.95
N ASP SA 17 3.05 13.84 -108.77
CA ASP SA 17 2.89 15.26 -109.05
C ASP SA 17 2.36 15.95 -107.81
N ILE SA 18 3.03 17.05 -107.42
CA ILE SA 18 2.71 17.77 -106.19
C ILE SA 18 2.19 19.16 -106.57
N THR SA 19 1.10 19.57 -105.92
CA THR SA 19 0.54 20.91 -106.07
C THR SA 19 0.39 21.54 -104.70
N LEU SA 20 0.49 22.86 -104.65
CA LEU SA 20 0.49 23.60 -103.39
C LEU SA 20 -0.70 24.56 -103.34
N LYS SA 21 -1.42 24.54 -102.22
CA LYS SA 21 -2.50 25.48 -101.94
C LYS SA 21 -2.24 26.03 -100.54
N GLY SA 22 -1.45 27.10 -100.47
CA GLY SA 22 -1.01 27.58 -99.17
C GLY SA 22 -0.02 26.60 -98.55
N ARG SA 23 -0.23 26.32 -97.27
CA ARG SA 23 0.53 25.27 -96.59
C ARG SA 23 -0.23 23.94 -96.62
N THR SA 24 -0.66 23.55 -97.82
CA THR SA 24 -1.42 22.30 -98.01
C THR SA 24 -0.78 21.58 -99.19
N VAL SA 25 -0.14 20.46 -98.91
CA VAL SA 25 0.54 19.68 -99.93
C VAL SA 25 -0.39 18.58 -100.42
N ILE SA 26 -0.54 18.49 -101.73
CA ILE SA 26 -1.34 17.46 -102.38
C ILE SA 26 -0.43 16.70 -103.34
N VAL SA 27 -0.42 15.37 -103.21
CA VAL SA 27 0.40 14.52 -104.05
C VAL SA 27 -0.51 13.61 -104.85
N LYS SA 28 -0.18 13.44 -106.13
CA LYS SA 28 -1.00 12.72 -107.10
C LYS SA 28 -0.22 11.54 -107.68
N GLY SA 29 0.41 10.75 -106.82
CA GLY SA 29 1.15 9.59 -107.25
C GLY SA 29 0.29 8.54 -107.90
N PRO SA 30 0.91 7.49 -108.44
CA PRO SA 30 0.14 6.44 -109.11
C PRO SA 30 -0.86 5.73 -108.22
N ARG SA 31 -0.57 5.60 -106.92
CA ARG SA 31 -1.39 4.80 -106.02
C ARG SA 31 -2.45 5.62 -105.31
N GLY SA 32 -2.95 6.69 -105.94
CA GLY SA 32 -3.98 7.53 -105.37
C GLY SA 32 -3.45 8.92 -105.05
N THR SA 33 -4.16 9.61 -104.16
CA THR SA 33 -3.78 10.95 -103.77
C THR SA 33 -3.57 11.02 -102.27
N LEU SA 34 -2.67 11.90 -101.84
CA LEU SA 34 -2.43 12.20 -100.44
C LEU SA 34 -2.44 13.70 -100.26
N ARG SA 35 -3.17 14.18 -99.27
CA ARG SA 35 -3.31 15.60 -99.00
C ARG SA 35 -3.12 15.83 -97.51
N ARG SA 36 -2.35 16.86 -97.16
CA ARG SA 36 -2.08 17.17 -95.77
C ARG SA 36 -1.75 18.64 -95.62
N ASP SA 37 -2.49 19.32 -94.76
CA ASP SA 37 -2.27 20.73 -94.48
C ASP SA 37 -1.24 20.91 -93.37
N PHE SA 38 -0.50 22.01 -93.45
CA PHE SA 38 0.58 22.29 -92.51
C PHE SA 38 0.40 23.64 -91.82
N ASN SA 39 -0.81 24.17 -91.76
CA ASN SA 39 -1.03 25.54 -91.30
C ASN SA 39 -0.79 25.73 -89.81
N HIS SA 40 -0.44 24.66 -89.09
CA HIS SA 40 -0.07 24.81 -87.69
C HIS SA 40 1.36 25.31 -87.51
N ILE SA 41 2.16 25.33 -88.58
CA ILE SA 41 3.51 25.86 -88.58
C ILE SA 41 3.58 27.06 -89.51
N ASN SA 42 4.59 27.91 -89.31
CA ASN SA 42 4.81 29.08 -90.16
C ASN SA 42 6.11 28.90 -90.94
N VAL SA 43 5.99 28.32 -92.13
CA VAL SA 43 7.07 28.27 -93.11
C VAL SA 43 6.50 28.70 -94.45
N GLU SA 44 7.39 28.85 -95.43
CA GLU SA 44 6.98 29.07 -96.80
C GLU SA 44 7.38 27.86 -97.65
N LEU SA 45 6.47 27.43 -98.51
CA LEU SA 45 6.67 26.27 -99.38
C LEU SA 45 6.62 26.73 -100.83
N SER SA 46 7.52 26.18 -101.65
CA SER SA 46 7.62 26.59 -103.04
C SER SA 46 8.01 25.39 -103.89
N LEU SA 47 7.48 25.35 -105.11
CA LEU SA 47 7.92 24.43 -106.15
C LEU SA 47 8.91 25.17 -107.04
N LEU SA 48 10.07 24.57 -107.26
CA LEU SA 48 11.17 25.30 -107.88
C LEU SA 48 11.20 25.13 -109.40
N GLY SA 49 11.36 23.89 -109.87
CA GLY SA 49 11.48 23.63 -111.29
C GLY SA 49 10.20 23.10 -111.89
N LYS SA 50 10.13 23.16 -113.22
CA LYS SA 50 9.04 22.56 -113.98
C LYS SA 50 9.44 21.21 -114.57
N LYS SA 51 10.74 20.91 -114.61
CA LYS SA 51 11.28 19.67 -115.14
C LYS SA 51 11.72 18.71 -114.06
N LYS SA 52 12.40 19.19 -113.02
CA LYS SA 52 12.84 18.33 -111.93
C LYS SA 52 11.94 18.39 -110.70
N LYS SA 53 11.07 19.42 -110.60
CA LYS SA 53 9.97 19.43 -109.64
C LYS SA 53 10.48 19.30 -108.21
N ARG SA 54 11.14 20.35 -107.75
CA ARG SA 54 11.75 20.38 -106.43
C ARG SA 54 10.87 21.17 -105.47
N LEU SA 55 10.64 20.63 -104.27
CA LEU SA 55 9.84 21.28 -103.25
C LEU SA 55 10.76 21.79 -102.15
N ARG SA 56 10.63 23.08 -101.84
CA ARG SA 56 11.54 23.77 -100.94
C ARG SA 56 10.76 24.45 -99.82
N VAL SA 57 11.28 24.35 -98.59
CA VAL SA 57 10.69 25.00 -97.44
C VAL SA 57 11.75 25.90 -96.80
N ASP SA 58 11.30 27.01 -96.22
CA ASP SA 58 12.19 27.99 -95.60
C ASP SA 58 11.65 28.34 -94.22
N LYS SA 59 12.52 28.87 -93.36
CA LYS SA 59 12.09 29.18 -92.00
C LYS SA 59 12.19 30.66 -91.65
N TRP SA 60 13.21 31.39 -92.10
CA TRP SA 60 13.17 32.84 -92.05
C TRP SA 60 12.98 33.41 -90.64
N TRP SA 61 14.03 33.39 -89.82
CA TRP SA 61 14.03 33.89 -88.44
C TRP SA 61 13.30 32.99 -87.45
N GLY SA 62 13.69 31.73 -87.37
CA GLY SA 62 13.18 30.84 -86.34
C GLY SA 62 14.27 30.48 -85.34
N ASN SA 63 13.86 30.28 -84.09
CA ASN SA 63 14.78 29.75 -83.09
C ASN SA 63 14.80 28.23 -83.21
N ARG SA 64 15.65 27.58 -82.42
CA ARG SA 64 15.87 26.15 -82.62
C ARG SA 64 14.61 25.34 -82.38
N LYS SA 65 13.66 25.86 -81.60
CA LYS SA 65 12.39 25.18 -81.43
C LYS SA 65 11.66 25.00 -82.75
N GLU SA 66 11.51 26.07 -83.53
CA GLU SA 66 10.83 25.97 -84.82
C GLU SA 66 11.76 25.71 -85.99
N LEU SA 67 13.08 25.71 -85.76
CA LEU SA 67 13.99 25.21 -86.78
C LEU SA 67 13.83 23.70 -86.96
N ALA SA 68 13.40 23.00 -85.91
CA ALA SA 68 13.23 21.55 -85.98
C ALA SA 68 12.06 21.18 -86.88
N THR SA 69 11.17 22.12 -87.17
CA THR SA 69 10.00 21.82 -88.00
C THR SA 69 10.29 21.88 -89.49
N VAL SA 70 11.46 22.37 -89.90
CA VAL SA 70 11.79 22.41 -91.32
C VAL SA 70 11.94 20.99 -91.86
N ARG SA 71 12.73 20.16 -91.17
CA ARG SA 71 12.94 18.79 -91.61
C ARG SA 71 11.80 17.87 -91.22
N THR SA 72 10.98 18.25 -90.24
CA THR SA 72 9.76 17.49 -89.95
C THR SA 72 8.78 17.55 -91.12
N ILE SA 73 8.63 18.73 -91.71
CA ILE SA 73 7.74 18.89 -92.86
C ILE SA 73 8.27 18.09 -94.04
N CYS SA 74 9.57 18.23 -94.33
CA CYS SA 74 10.15 17.56 -95.48
C CYS SA 74 10.09 16.04 -95.33
N SER SA 75 10.27 15.54 -94.11
CA SER SA 75 10.10 14.12 -93.86
C SER SA 75 8.66 13.68 -94.12
N HIS SA 76 7.69 14.50 -93.70
CA HIS SA 76 6.29 14.19 -93.97
C HIS SA 76 5.99 14.18 -95.45
N VAL SA 77 6.53 15.15 -96.20
CA VAL SA 77 6.28 15.21 -97.63
C VAL SA 77 6.91 14.01 -98.33
N GLN SA 78 8.11 13.61 -97.90
CA GLN SA 78 8.71 12.39 -98.43
C GLN SA 78 7.86 11.17 -98.13
N ASN SA 79 7.29 11.12 -96.92
CA ASN SA 79 6.37 10.04 -96.57
C ASN SA 79 5.14 10.08 -97.47
N MET SA 80 4.65 11.27 -97.77
CA MET SA 80 3.55 11.41 -98.73
C MET SA 80 3.97 10.90 -100.09
N ILE SA 81 5.17 11.26 -100.55
CA ILE SA 81 5.65 10.81 -101.84
C ILE SA 81 5.75 9.30 -101.88
N LYS SA 82 6.42 8.70 -100.89
CA LYS SA 82 6.61 7.26 -100.89
C LYS SA 82 5.28 6.53 -100.74
N GLY SA 83 4.33 7.13 -100.04
CA GLY SA 83 3.05 6.49 -99.83
C GLY SA 83 2.21 6.41 -101.10
N VAL SA 84 2.48 7.27 -102.08
CA VAL SA 84 1.70 7.25 -103.32
C VAL SA 84 2.44 6.61 -104.47
N THR SA 85 3.76 6.46 -104.40
CA THR SA 85 4.47 5.70 -105.41
C THR SA 85 4.70 4.25 -105.03
N LEU SA 86 4.94 3.97 -103.76
CA LEU SA 86 5.21 2.60 -103.32
C LEU SA 86 4.24 2.08 -102.27
N GLY SA 87 3.47 2.93 -101.60
CA GLY SA 87 2.57 2.47 -100.57
C GLY SA 87 3.28 2.00 -99.32
N PHE SA 88 2.55 1.84 -98.22
CA PHE SA 88 3.12 1.38 -96.98
C PHE SA 88 2.51 0.03 -96.60
N ARG SA 89 3.37 -0.93 -96.28
CA ARG SA 89 2.93 -2.26 -95.88
C ARG SA 89 3.61 -2.62 -94.58
N TYR SA 90 2.81 -2.83 -93.53
CA TYR SA 90 3.30 -3.15 -92.20
C TYR SA 90 3.01 -4.63 -91.92
N LYS SA 91 3.94 -5.50 -92.28
CA LYS SA 91 3.85 -6.88 -91.83
C LYS SA 91 3.97 -6.91 -90.32
N MET SA 92 3.20 -7.79 -89.68
CA MET SA 92 3.28 -7.92 -88.23
C MET SA 92 2.86 -9.34 -87.85
N ARG SA 93 3.70 -10.00 -87.07
CA ARG SA 93 3.47 -11.38 -86.67
C ARG SA 93 2.70 -11.46 -85.36
N SER SA 94 2.00 -12.57 -85.18
CA SER SA 94 1.30 -12.88 -83.94
C SER SA 94 2.07 -13.99 -83.24
N VAL SA 95 2.65 -13.68 -82.10
CA VAL SA 95 3.38 -14.65 -81.29
C VAL SA 95 2.50 -15.07 -80.13
N TYR SA 96 2.46 -16.37 -79.87
CA TYR SA 96 1.71 -16.92 -78.75
C TYR SA 96 2.46 -18.10 -78.16
N ALA SA 97 2.38 -18.26 -76.85
CA ALA SA 97 3.03 -19.37 -76.17
C ALA SA 97 2.17 -20.64 -76.26
N HIS SA 98 0.93 -20.57 -75.79
CA HIS SA 98 0.05 -21.73 -75.79
C HIS SA 98 -1.16 -21.54 -76.69
N PHE SA 99 -1.96 -20.50 -76.46
CA PHE SA 99 -3.23 -20.36 -77.18
C PHE SA 99 -3.00 -19.68 -78.52
N PRO SA 100 -3.35 -20.31 -79.63
CA PRO SA 100 -3.24 -19.62 -80.93
C PRO SA 100 -4.16 -18.42 -80.99
N ILE SA 101 -3.66 -17.34 -81.57
CA ILE SA 101 -4.42 -16.11 -81.73
C ILE SA 101 -5.09 -16.15 -83.09
N ASN SA 102 -6.41 -16.31 -83.10
CA ASN SA 102 -7.18 -16.41 -84.33
C ASN SA 102 -7.69 -15.02 -84.72
N VAL SA 103 -7.29 -14.56 -85.90
CA VAL SA 103 -7.71 -13.26 -86.43
C VAL SA 103 -8.62 -13.50 -87.62
N VAL SA 104 -9.79 -12.89 -87.59
CA VAL SA 104 -10.76 -12.97 -88.68
C VAL SA 104 -10.90 -11.57 -89.26
N ILE SA 105 -10.68 -11.45 -90.56
CA ILE SA 105 -10.72 -10.16 -91.24
C ILE SA 105 -12.14 -9.98 -91.77
N GLN SA 106 -12.89 -9.10 -91.13
CA GLN SA 106 -14.26 -8.81 -91.57
C GLN SA 106 -14.24 -7.84 -92.74
N GLU SA 107 -15.40 -7.24 -93.04
CA GLU SA 107 -15.67 -6.60 -94.33
C GLU SA 107 -14.48 -5.85 -94.89
N ASN SA 108 -14.14 -6.17 -96.15
CA ASN SA 108 -13.13 -5.56 -97.00
C ASN SA 108 -11.90 -5.07 -96.24
N GLY SA 109 -11.43 -5.87 -95.29
CA GLY SA 109 -10.16 -5.59 -94.64
C GLY SA 109 -10.13 -4.36 -93.77
N SER SA 110 -11.27 -3.91 -93.27
CA SER SA 110 -11.32 -2.74 -92.41
C SER SA 110 -11.59 -3.08 -90.95
N LEU SA 111 -12.02 -4.30 -90.64
CA LEU SA 111 -12.26 -4.74 -89.28
C LEU SA 111 -11.55 -6.06 -89.07
N VAL SA 112 -10.80 -6.18 -87.97
CA VAL SA 112 -10.09 -7.41 -87.65
C VAL SA 112 -10.65 -7.98 -86.35
N GLU SA 113 -10.55 -9.31 -86.22
CA GLU SA 113 -11.27 -10.05 -85.19
C GLU SA 113 -10.30 -10.97 -84.44
N ILE SA 114 -9.81 -10.51 -83.30
CA ILE SA 114 -8.83 -11.25 -82.51
C ILE SA 114 -9.62 -12.13 -81.54
N ARG SA 115 -9.56 -13.44 -81.77
CA ARG SA 115 -10.46 -14.37 -81.09
C ARG SA 115 -9.85 -15.00 -79.85
N ASN SA 116 -8.84 -15.84 -80.01
CA ASN SA 116 -8.32 -16.65 -78.91
C ASN SA 116 -7.00 -16.10 -78.39
N PHE SA 117 -7.04 -14.90 -77.84
CA PHE SA 117 -5.87 -14.28 -77.23
C PHE SA 117 -5.82 -14.68 -75.77
N LEU SA 118 -4.75 -15.35 -75.35
CA LEU SA 118 -4.62 -15.93 -74.01
C LEU SA 118 -5.82 -16.79 -73.61
N GLY SA 119 -6.56 -17.30 -74.58
CA GLY SA 119 -7.69 -18.16 -74.26
C GLY SA 119 -8.80 -17.49 -73.49
N GLU SA 120 -9.02 -16.20 -73.71
CA GLU SA 120 -10.17 -15.51 -73.15
C GLU SA 120 -11.38 -15.68 -74.07
N LYS SA 121 -12.56 -15.50 -73.48
CA LYS SA 121 -13.81 -15.56 -74.23
C LYS SA 121 -14.20 -14.22 -74.82
N TYR SA 122 -13.47 -13.15 -74.52
CA TYR SA 122 -13.79 -11.82 -75.01
C TYR SA 122 -13.24 -11.65 -76.42
N ILE SA 123 -14.10 -11.22 -77.34
CA ILE SA 123 -13.70 -10.97 -78.72
C ILE SA 123 -13.26 -9.52 -78.84
N ARG SA 124 -12.05 -9.31 -79.35
CA ARG SA 124 -11.50 -7.97 -79.54
C ARG SA 124 -11.71 -7.56 -80.99
N ARG SA 125 -12.50 -6.50 -81.19
CA ARG SA 125 -12.78 -5.94 -82.49
C ARG SA 125 -12.11 -4.57 -82.57
N VAL SA 126 -11.19 -4.41 -83.52
CA VAL SA 126 -10.54 -3.13 -83.75
C VAL SA 126 -10.75 -2.73 -85.20
N ARG SA 127 -11.12 -1.46 -85.40
CA ARG SA 127 -11.49 -0.95 -86.71
C ARG SA 127 -10.31 -0.20 -87.32
N MET SA 128 -9.90 -0.64 -88.52
CA MET SA 128 -8.81 0.01 -89.22
C MET SA 128 -9.19 1.44 -89.61
N ARG SA 129 -8.18 2.29 -89.71
CA ARG SA 129 -8.40 3.65 -90.14
C ARG SA 129 -8.85 3.66 -91.60
N PRO SA 130 -9.63 4.66 -92.01
CA PRO SA 130 -10.04 4.72 -93.42
C PRO SA 130 -8.83 4.82 -94.34
N GLY SA 131 -8.90 4.10 -95.46
CA GLY SA 131 -7.78 4.01 -96.37
C GLY SA 131 -6.74 2.97 -96.00
N VAL SA 132 -6.96 2.21 -94.92
CA VAL SA 132 -6.04 1.17 -94.48
C VAL SA 132 -6.75 -0.17 -94.57
N ALA SA 133 -6.13 -1.12 -95.26
CA ALA SA 133 -6.72 -2.44 -95.47
C ALA SA 133 -5.77 -3.50 -94.90
N CYS SA 134 -6.28 -4.31 -93.98
CA CYS SA 134 -5.51 -5.39 -93.38
C CYS SA 134 -5.91 -6.72 -93.99
N SER SA 135 -5.00 -7.69 -93.93
CA SER SA 135 -5.23 -8.99 -94.54
C SER SA 135 -4.37 -10.02 -93.83
N VAL SA 136 -4.72 -11.29 -94.02
CA VAL SA 136 -3.95 -12.41 -93.53
C VAL SA 136 -3.08 -12.92 -94.67
N SER SA 137 -1.77 -12.99 -94.45
CA SER SA 137 -0.86 -13.38 -95.50
C SER SA 137 -0.86 -14.89 -95.70
N GLN SA 138 -0.49 -15.30 -96.91
CA GLN SA 138 -0.34 -16.72 -97.23
C GLN SA 138 1.11 -17.20 -97.14
N ALA SA 139 2.08 -16.27 -97.12
CA ALA SA 139 3.48 -16.67 -97.05
C ALA SA 139 3.83 -17.27 -95.70
N GLN SA 140 3.42 -16.60 -94.61
CA GLN SA 140 3.74 -17.04 -93.27
C GLN SA 140 2.51 -17.65 -92.61
N LYS SA 141 2.75 -18.40 -91.53
CA LYS SA 141 1.65 -19.11 -90.87
C LYS SA 141 0.65 -18.13 -90.26
N ASP SA 142 1.14 -17.14 -89.52
CA ASP SA 142 0.24 -16.16 -88.90
C ASP SA 142 0.89 -14.80 -88.84
N GLU SA 143 0.42 -13.88 -89.67
CA GLU SA 143 0.86 -12.50 -89.64
C GLU SA 143 -0.08 -11.66 -90.50
N LEU SA 144 -0.29 -10.42 -90.07
CA LEU SA 144 -1.24 -9.51 -90.71
C LEU SA 144 -0.51 -8.63 -91.70
N ILE SA 145 -1.08 -8.48 -92.89
CA ILE SA 145 -0.61 -7.53 -93.89
C ILE SA 145 -1.62 -6.39 -93.95
N LEU SA 146 -1.28 -5.27 -93.33
CA LEU SA 146 -2.08 -4.06 -93.44
C LEU SA 146 -1.33 -3.05 -94.30
N GLU SA 147 -1.89 -2.77 -95.47
CA GLU SA 147 -1.30 -1.89 -96.47
C GLU SA 147 -2.06 -0.56 -96.50
N GLY SA 148 -1.42 0.44 -97.08
CA GLY SA 148 -2.08 1.73 -97.23
C GLY SA 148 -1.13 2.74 -97.83
N ASN SA 149 -1.68 3.94 -98.04
CA ASN SA 149 -0.91 5.05 -98.61
C ASN SA 149 -0.41 6.02 -97.56
N ASP SA 150 -1.12 6.16 -96.44
CA ASP SA 150 -0.76 7.10 -95.38
C ASP SA 150 -0.04 6.34 -94.28
N ILE SA 151 1.21 6.73 -94.01
CA ILE SA 151 1.99 6.05 -92.99
C ILE SA 151 1.41 6.30 -91.60
N GLU SA 152 0.90 7.51 -91.37
CA GLU SA 152 0.32 7.84 -90.07
C GLU SA 152 -0.89 6.96 -89.79
N LEU SA 153 -1.73 6.73 -90.80
CA LEU SA 153 -2.90 5.90 -90.61
C LEU SA 153 -2.54 4.43 -90.52
N VAL SA 154 -1.61 3.97 -91.37
CA VAL SA 154 -1.23 2.56 -91.38
C VAL SA 154 -0.56 2.17 -90.08
N SER SA 155 0.40 2.99 -89.63
CA SER SA 155 1.11 2.68 -88.40
C SER SA 155 0.20 2.81 -87.18
N ASN SA 156 -0.75 3.75 -87.21
CA ASN SA 156 -1.70 3.86 -86.11
C ASN SA 156 -2.62 2.65 -86.03
N SER SA 157 -3.10 2.18 -87.18
CA SER SA 157 -3.93 0.97 -87.18
C SER SA 157 -3.14 -0.23 -86.69
N ALA SA 158 -1.86 -0.34 -87.11
CA ALA SA 158 -1.00 -1.38 -86.59
C ALA SA 158 -0.82 -1.25 -85.08
N ALA SA 159 -0.81 -0.01 -84.58
CA ALA SA 159 -0.74 0.20 -83.14
C ALA SA 159 -2.05 -0.17 -82.46
N LEU SA 160 -3.18 0.01 -83.14
CA LEU SA 160 -4.46 -0.37 -82.57
C LEU SA 160 -4.53 -1.87 -82.32
N ILE SA 161 -4.04 -2.67 -83.27
CA ILE SA 161 -4.03 -4.12 -83.09
C ILE SA 161 -3.03 -4.53 -82.01
N GLN SA 162 -1.87 -3.86 -81.97
CA GLN SA 162 -0.84 -4.25 -81.01
C GLN SA 162 -1.25 -3.93 -79.58
N GLN SA 163 -1.85 -2.77 -79.35
CA GLN SA 163 -2.31 -2.41 -78.00
C GLN SA 163 -3.57 -3.16 -77.59
N ALA SA 164 -4.33 -3.69 -78.56
CA ALA SA 164 -5.50 -4.49 -78.21
C ALA SA 164 -5.10 -5.78 -77.52
N THR SA 165 -3.99 -6.39 -77.93
CA THR SA 165 -3.52 -7.64 -77.34
C THR SA 165 -2.44 -7.33 -76.31
N THR SA 166 -2.89 -6.84 -75.16
CA THR SA 166 -2.00 -6.49 -74.06
C THR SA 166 -2.35 -7.35 -72.85
N VAL SA 167 -1.34 -8.03 -72.31
CA VAL SA 167 -1.53 -8.90 -71.15
C VAL SA 167 -1.57 -8.04 -69.90
N LYS SA 168 -2.64 -8.17 -69.12
CA LYS SA 168 -2.82 -7.40 -67.90
C LYS SA 168 -2.72 -8.31 -66.69
N ASN SA 169 -2.15 -7.76 -65.62
CA ASN SA 169 -2.00 -8.38 -64.30
C ASN SA 169 -1.01 -9.53 -64.29
N LYS SA 170 -0.34 -9.81 -65.40
CA LYS SA 170 0.69 -10.84 -65.48
C LYS SA 170 2.06 -10.19 -65.65
N ASP SA 171 3.10 -11.01 -65.45
CA ASP SA 171 4.46 -10.58 -65.74
C ASP SA 171 4.61 -10.50 -67.26
N ILE SA 172 4.84 -9.28 -67.78
CA ILE SA 172 4.90 -9.11 -69.23
C ILE SA 172 6.27 -9.44 -69.79
N ARG SA 173 7.26 -9.70 -68.93
CA ARG SA 173 8.51 -10.26 -69.42
C ARG SA 173 8.34 -11.72 -69.76
N LYS SA 174 7.49 -12.43 -69.03
CA LYS SA 174 6.87 -13.65 -69.50
C LYS SA 174 5.60 -13.25 -70.24
N PHE SA 175 4.77 -14.22 -70.62
CA PHE SA 175 3.50 -13.94 -71.29
C PHE SA 175 3.70 -12.98 -72.46
N LEU SA 176 4.78 -13.21 -73.21
CA LEU SA 176 5.24 -12.36 -74.29
C LEU SA 176 4.33 -12.36 -75.48
N ASP SA 177 3.19 -13.03 -75.40
CA ASP SA 177 2.34 -13.22 -76.56
C ASP SA 177 1.49 -11.99 -76.85
N GLY SA 178 0.99 -11.95 -78.08
CA GLY SA 178 0.34 -10.77 -78.61
C GLY SA 178 0.66 -10.66 -80.09
N ILE SA 179 0.30 -9.53 -80.67
CA ILE SA 179 0.62 -9.23 -82.06
C ILE SA 179 1.48 -7.97 -82.08
N TYR SA 180 2.66 -8.06 -82.68
CA TYR SA 180 3.59 -6.95 -82.75
C TYR SA 180 4.08 -6.75 -84.17
N VAL SA 181 4.53 -5.53 -84.46
CA VAL SA 181 5.02 -5.20 -85.79
C VAL SA 181 6.37 -5.87 -86.01
N SER SA 182 6.47 -6.66 -87.08
CA SER SA 182 7.70 -7.38 -87.39
C SER SA 182 8.61 -6.58 -88.32
N GLU SA 183 8.09 -6.17 -89.47
CA GLU SA 183 8.82 -5.33 -90.40
C GLU SA 183 7.91 -4.27 -90.97
N LYS SA 184 8.49 -3.12 -91.33
CA LYS SA 184 7.78 -2.04 -91.98
C LYS SA 184 8.44 -1.84 -93.34
N GLY SA 185 7.76 -2.31 -94.40
CA GLY SA 185 8.23 -2.17 -95.74
C GLY SA 185 7.31 -1.34 -96.59
N THR SA 186 7.36 -1.58 -97.90
CA THR SA 186 6.51 -0.92 -98.86
C THR SA 186 5.89 -1.96 -99.79
N VAL SA 187 5.17 -1.49 -100.81
CA VAL SA 187 4.70 -2.33 -101.90
C VAL SA 187 5.49 -1.95 -103.14
N GLN SA 188 5.56 -2.90 -104.09
CA GLN SA 188 6.26 -2.72 -105.36
C GLN SA 188 7.79 -2.72 -105.19
N GLN SA 189 8.27 -2.71 -103.95
CA GLN SA 189 9.67 -2.95 -103.62
C GLN SA 189 10.66 -2.14 -104.45
N ALA SA 190 10.25 -0.99 -104.95
CA ALA SA 190 11.12 -0.21 -105.82
C ALA SA 190 11.66 1.03 -105.12
N GLY TA 1 19.22 12.21 -30.82
CA GLY TA 1 20.06 12.68 -29.74
C GLY TA 1 20.77 13.97 -30.08
N ARG TA 2 20.79 14.32 -31.36
CA ARG TA 2 21.40 15.54 -31.84
C ARG TA 2 20.37 16.34 -32.62
N ARG TA 3 20.33 17.65 -32.39
CA ARG TA 3 19.42 18.51 -33.12
C ARG TA 3 19.82 18.59 -34.58
N PRO TA 4 18.88 18.93 -35.47
CA PRO TA 4 19.24 19.14 -36.87
C PRO TA 4 20.26 20.26 -37.00
N ALA TA 5 21.13 20.13 -38.00
CA ALA TA 5 22.17 21.13 -38.21
C ALA TA 5 21.61 22.50 -38.54
N ARG TA 6 20.35 22.59 -38.96
CA ARG TA 6 19.73 23.87 -39.25
C ARG TA 6 19.56 24.73 -38.01
N CYS TA 7 19.60 24.13 -36.83
CA CYS TA 7 19.46 24.87 -35.58
C CYS TA 7 20.75 25.59 -35.18
N TYR TA 8 21.89 25.20 -35.75
CA TYR TA 8 23.16 25.84 -35.44
C TYR TA 8 23.93 26.17 -36.71
N ARG TA 9 23.25 26.52 -37.79
CA ARG TA 9 23.93 26.73 -39.06
C ARG TA 9 24.64 28.07 -39.10
N TYR TA 10 24.15 29.05 -38.36
CA TYR TA 10 24.60 30.42 -38.53
C TYR TA 10 25.55 30.86 -37.41
N CYS TA 11 26.55 31.64 -37.80
CA CYS TA 11 27.52 32.19 -36.85
C CYS TA 11 26.88 33.42 -36.19
N LYS TA 12 26.22 33.21 -35.07
CA LYS TA 12 25.51 34.30 -34.41
C LYS TA 12 25.82 34.39 -32.92
N ASN TA 13 26.85 33.69 -32.43
CA ASN TA 13 27.03 33.54 -31.00
C ASN TA 13 28.48 33.75 -30.57
N LYS TA 14 29.15 34.77 -31.11
CA LYS TA 14 30.28 35.40 -30.43
C LYS TA 14 31.31 34.40 -29.92
N PRO TA 15 32.26 33.95 -30.79
CA PRO TA 15 32.94 32.66 -30.58
C PRO TA 15 33.18 32.23 -29.14
N TYR TA 16 32.80 30.98 -28.86
CA TYR TA 16 32.64 30.45 -27.51
C TYR TA 16 33.50 29.20 -27.37
N PRO TA 17 34.81 29.35 -27.32
CA PRO TA 17 35.70 28.19 -27.33
C PRO TA 17 35.74 27.48 -25.99
N LYS TA 18 36.31 26.28 -26.02
CA LYS TA 18 36.50 25.49 -24.81
C LYS TA 18 37.63 26.07 -23.99
N SER TA 19 37.34 26.54 -22.78
CA SER TA 19 38.30 27.28 -21.98
C SER TA 19 38.00 27.03 -20.51
N ARG TA 20 38.64 27.80 -19.64
CA ARG TA 20 38.39 27.67 -18.21
C ARG TA 20 37.00 28.17 -17.84
N PHE TA 21 36.34 28.89 -18.74
CA PHE TA 21 34.98 29.35 -18.49
C PHE TA 21 33.96 28.34 -19.01
N CYS TA 22 34.27 27.68 -20.11
CA CYS TA 22 33.39 26.67 -20.71
C CYS TA 22 34.03 25.31 -20.46
N ARG TA 23 33.62 24.68 -19.36
CA ARG TA 23 34.13 23.37 -18.98
C ARG TA 23 33.03 22.32 -19.15
N GLY TA 24 33.43 21.06 -19.11
CA GLY TA 24 32.51 19.97 -19.36
C GLY TA 24 32.04 19.90 -20.80
N VAL TA 25 32.93 20.15 -21.75
CA VAL TA 25 32.61 20.09 -23.17
C VAL TA 25 32.88 18.68 -23.69
N PRO TA 26 31.90 18.04 -24.34
CA PRO TA 26 32.17 16.73 -24.94
C PRO TA 26 33.17 16.83 -26.08
N ASP TA 27 33.90 15.75 -26.30
CA ASP TA 27 34.91 15.72 -27.34
C ASP TA 27 34.27 15.84 -28.73
N ALA TA 28 34.97 16.52 -29.63
CA ALA TA 28 34.50 16.69 -30.99
C ALA TA 28 34.56 15.36 -31.73
N LYS TA 29 33.70 15.23 -32.75
CA LYS TA 29 33.61 13.99 -33.50
C LYS TA 29 34.84 13.75 -34.36
N ILE TA 30 35.51 14.81 -34.82
CA ILE TA 30 36.66 14.70 -35.71
C ILE TA 30 37.93 14.87 -34.88
N ARG TA 31 38.75 13.82 -34.86
CA ARG TA 31 40.04 13.84 -34.18
C ARG TA 31 41.22 13.72 -35.13
N ILE TA 32 41.01 13.17 -36.32
CA ILE TA 32 42.05 13.04 -37.34
C ILE TA 32 41.80 14.10 -38.39
N PHE TA 33 42.84 14.87 -38.70
CA PHE TA 33 42.75 15.91 -39.73
C PHE TA 33 43.67 15.68 -40.91
N ASP TA 34 44.58 14.72 -40.83
CA ASP TA 34 45.49 14.40 -41.92
C ASP TA 34 45.40 12.90 -42.23
N LEU TA 35 45.19 12.57 -43.50
CA LEU TA 35 45.08 11.19 -43.95
C LEU TA 35 45.91 10.99 -45.22
N GLY TA 36 46.01 9.74 -45.64
CA GLY TA 36 46.80 9.41 -46.80
C GLY TA 36 48.28 9.35 -46.48
N ARG TA 37 49.09 9.58 -47.49
CA ARG TA 37 50.54 9.63 -47.29
C ARG TA 37 50.95 10.98 -46.74
N LYS TA 38 50.92 11.13 -45.42
CA LYS TA 38 51.35 12.36 -44.76
C LYS TA 38 52.87 12.50 -44.75
N LYS TA 39 53.59 11.51 -45.28
CA LYS TA 39 55.04 11.52 -45.27
C LYS TA 39 55.68 11.83 -46.62
N ALA TA 40 54.89 11.88 -47.71
CA ALA TA 40 55.43 12.23 -49.01
C ALA TA 40 56.06 13.61 -48.94
N LYS TA 41 57.22 13.78 -49.58
CA LYS TA 41 58.08 14.87 -49.13
C LYS TA 41 57.59 16.24 -49.57
N VAL TA 42 57.85 16.65 -50.81
CA VAL TA 42 57.21 17.84 -51.36
C VAL TA 42 56.90 17.62 -52.84
N ASP TA 43 57.57 16.64 -53.44
CA ASP TA 43 57.71 16.61 -54.89
C ASP TA 43 56.72 15.68 -55.59
N GLU TA 44 56.45 14.51 -55.01
CA GLU TA 44 55.53 13.58 -55.64
C GLU TA 44 54.08 14.09 -55.65
N PHE TA 45 53.76 15.08 -54.84
CA PHE TA 45 52.41 15.62 -54.72
C PHE TA 45 52.44 17.13 -55.02
N PRO TA 46 52.57 17.50 -56.30
CA PRO TA 46 52.63 18.94 -56.63
C PRO TA 46 51.26 19.54 -56.88
N LEU TA 47 50.24 18.71 -57.01
CA LEU TA 47 48.90 19.16 -57.32
C LEU TA 47 48.10 19.32 -56.03
N GLY TA 48 47.64 20.53 -55.76
CA GLY TA 48 46.82 20.78 -54.59
C GLY TA 48 45.42 21.21 -54.93
N GLY TA 49 44.42 20.50 -54.40
CA GLY TA 49 43.03 20.83 -54.66
C GLY TA 49 42.27 21.19 -53.39
N HIS TA 50 41.51 22.28 -53.43
CA HIS TA 50 40.87 22.83 -52.25
C HIS TA 50 39.36 22.83 -52.39
N MET TA 51 38.68 22.72 -51.25
CA MET TA 51 37.24 22.96 -51.13
C MET TA 51 37.08 24.27 -50.37
N VAL TA 52 36.83 25.35 -51.09
CA VAL TA 52 36.55 26.63 -50.46
C VAL TA 52 35.04 26.76 -50.32
N SER TA 53 34.62 27.44 -49.25
CA SER TA 53 33.21 27.56 -48.90
C SER TA 53 32.81 29.03 -48.94
N ASP TA 54 31.93 29.38 -49.87
CA ASP TA 54 31.52 30.77 -50.07
C ASP TA 54 30.22 31.04 -49.32
N GLU TA 55 30.24 30.81 -48.01
CA GLU TA 55 29.15 31.19 -47.12
C GLU TA 55 29.69 31.36 -45.72
N TYR TA 56 29.22 32.41 -45.03
CA TYR TA 56 29.59 32.64 -43.63
C TYR TA 56 28.65 31.84 -42.74
N GLU TA 57 28.96 30.57 -42.59
CA GLU TA 57 28.21 29.63 -41.75
C GLU TA 57 29.18 28.86 -40.88
N GLN TA 58 28.65 28.01 -40.00
CA GLN TA 58 29.47 27.14 -39.18
C GLN TA 58 29.14 25.69 -39.50
N LEU TA 59 30.17 24.88 -39.70
CA LEU TA 59 30.01 23.46 -39.99
C LEU TA 59 30.30 22.66 -38.74
N SER TA 60 29.47 21.66 -38.48
CA SER TA 60 29.57 20.89 -37.26
C SER TA 60 30.75 19.92 -37.32
N SER TA 61 31.10 19.38 -36.16
CA SER TA 61 32.25 18.48 -36.08
C SER TA 61 31.92 17.11 -36.66
N GLU TA 62 30.66 16.68 -36.55
CA GLU TA 62 30.28 15.40 -37.14
C GLU TA 62 30.20 15.49 -38.65
N ALA TA 63 29.82 16.67 -39.17
CA ALA TA 63 29.83 16.86 -40.62
C ALA TA 63 31.25 16.89 -41.15
N LEU TA 64 32.18 17.52 -40.42
CA LEU TA 64 33.58 17.52 -40.85
C LEU TA 64 34.14 16.11 -40.88
N GLU TA 65 33.79 15.29 -39.88
CA GLU TA 65 34.23 13.90 -39.88
C GLU TA 65 33.59 13.13 -41.02
N ALA TA 66 32.30 13.37 -41.28
CA ALA TA 66 31.60 12.63 -42.31
C ALA TA 66 32.17 12.92 -43.70
N ALA TA 67 32.47 14.18 -43.97
CA ALA TA 67 33.03 14.54 -45.27
C ALA TA 67 34.46 14.02 -45.42
N ARG TA 68 35.21 13.98 -44.32
CA ARG TA 68 36.56 13.45 -44.38
C ARG TA 68 36.56 11.96 -44.71
N ILE TA 69 35.64 11.20 -44.09
CA ILE TA 69 35.52 9.79 -44.41
C ILE TA 69 35.10 9.60 -45.86
N CYS TA 70 34.14 10.42 -46.33
CA CYS TA 70 33.65 10.28 -47.69
C CYS TA 70 34.75 10.56 -48.71
N ALA TA 71 35.63 11.52 -48.41
CA ALA TA 71 36.74 11.81 -49.32
C ALA TA 71 37.82 10.75 -49.22
N ASN TA 72 37.95 10.09 -48.07
CA ASN TA 72 38.98 9.08 -47.92
C ASN TA 72 38.62 7.79 -48.63
N LYS TA 73 37.33 7.43 -48.61
CA LYS TA 73 36.89 6.22 -49.28
C LYS TA 73 37.11 6.32 -50.78
N TYR TA 74 36.83 7.50 -51.36
CA TYR TA 74 36.97 7.64 -52.81
C TYR TA 74 38.43 7.76 -53.22
N MET TA 75 39.22 8.55 -52.50
CA MET TA 75 40.61 8.75 -52.91
C MET TA 75 41.42 7.47 -52.79
N VAL TA 76 41.16 6.68 -51.75
CA VAL TA 76 41.80 5.37 -51.62
C VAL TA 76 41.34 4.43 -52.72
N LYS TA 77 40.04 4.41 -53.02
CA LYS TA 77 39.51 3.48 -54.00
C LYS TA 77 40.06 3.76 -55.40
N SER TA 78 40.19 5.03 -55.76
CA SER TA 78 40.59 5.42 -57.11
C SER TA 78 42.09 5.63 -57.25
N CYS TA 79 42.66 6.57 -56.48
CA CYS TA 79 44.08 6.91 -56.62
C CYS TA 79 45.01 5.97 -55.89
N GLY TA 80 44.49 5.10 -55.04
CA GLY TA 80 45.35 4.23 -54.27
C GLY TA 80 45.58 4.75 -52.87
N ARG TA 81 45.83 3.83 -51.94
CA ARG TA 81 45.97 4.17 -50.53
C ARG TA 81 47.19 5.03 -50.26
N ASP TA 82 48.17 5.04 -51.18
CA ASP TA 82 49.40 5.81 -51.01
C ASP TA 82 49.56 6.92 -52.04
N GLY TA 83 48.48 7.33 -52.71
CA GLY TA 83 48.61 8.26 -53.80
C GLY TA 83 48.09 9.66 -53.52
N PHE TA 84 47.86 9.99 -52.25
CA PHE TA 84 47.26 11.28 -51.92
C PHE TA 84 47.55 11.60 -50.46
N HIS TA 85 47.45 12.88 -50.14
CA HIS TA 85 47.47 13.34 -48.75
C HIS TA 85 46.31 14.31 -48.58
N MET TA 86 45.55 14.12 -47.51
CA MET TA 86 44.38 14.93 -47.22
C MET TA 86 44.60 15.74 -45.94
N ARG TA 87 44.15 16.99 -45.95
CA ARG TA 87 44.28 17.83 -44.77
C ARG TA 87 42.98 18.60 -44.59
N VAL TA 88 42.26 18.31 -43.50
CA VAL TA 88 41.06 19.06 -43.17
C VAL TA 88 41.48 20.34 -42.47
N ARG TA 89 41.32 21.46 -43.16
CA ARG TA 89 41.86 22.75 -42.72
C ARG TA 89 40.87 23.50 -41.84
N LEU TA 90 39.98 22.79 -41.16
CA LEU TA 90 38.99 23.40 -40.30
C LEU TA 90 38.97 22.66 -38.97
N HIS TA 91 39.00 23.42 -37.88
CA HIS TA 91 38.93 22.79 -36.58
C HIS TA 91 37.69 23.24 -35.84
N PRO TA 92 36.94 22.33 -35.25
CA PRO TA 92 35.67 22.68 -34.58
C PRO TA 92 35.90 23.25 -33.18
N PHE TA 93 36.27 24.53 -33.14
CA PHE TA 93 36.61 25.19 -31.89
C PHE TA 93 35.40 25.80 -31.20
N HIS TA 94 34.44 26.33 -31.96
CA HIS TA 94 33.27 26.95 -31.36
C HIS TA 94 32.38 25.90 -30.71
N VAL TA 95 31.82 26.25 -29.55
CA VAL TA 95 31.00 25.33 -28.76
C VAL TA 95 29.57 25.82 -28.82
N ILE TA 96 28.65 24.93 -29.19
CA ILE TA 96 27.23 25.22 -29.26
C ILE TA 96 26.54 24.65 -28.04
N ARG TA 97 25.60 25.40 -27.48
CA ARG TA 97 24.89 25.03 -26.27
C ARG TA 97 23.47 24.58 -26.59
N ILE TA 98 22.85 23.91 -25.62
CA ILE TA 98 21.46 23.50 -25.76
C ILE TA 98 20.75 23.75 -24.43
N ASN TA 99 19.56 24.34 -24.50
CA ASN TA 99 18.72 24.56 -23.33
C ASN TA 99 17.74 23.39 -23.24
N LYS TA 100 18.13 22.36 -22.50
CA LYS TA 100 17.27 21.19 -22.36
C LYS TA 100 16.05 21.51 -21.50
N MET TA 101 14.92 20.92 -21.87
CA MET TA 101 13.65 21.20 -21.24
C MET TA 101 13.66 21.03 -19.72
N GLY TA 113 10.61 27.56 -17.69
CA GLY TA 113 10.70 27.37 -19.12
C GLY TA 113 11.84 28.15 -19.74
N MET TA 114 11.70 29.48 -19.74
CA MET TA 114 12.77 30.36 -20.22
C MET TA 114 13.59 30.95 -19.08
N ARG TA 115 13.25 30.67 -17.83
CA ARG TA 115 14.03 31.15 -16.71
C ARG TA 115 15.32 30.36 -16.59
N GLY TA 116 16.45 31.07 -16.48
CA GLY TA 116 17.74 30.42 -16.44
C GLY TA 116 18.01 29.64 -17.72
N ALA TA 117 17.77 30.27 -18.86
CA ALA TA 117 17.76 29.55 -20.13
C ALA TA 117 19.15 29.30 -20.70
N PHE TA 118 20.20 29.85 -20.10
CA PHE TA 118 21.55 29.64 -20.62
C PHE TA 118 21.87 28.16 -20.70
N GLY TA 119 22.14 27.68 -21.92
CA GLY TA 119 22.31 26.27 -22.14
C GLY TA 119 23.70 25.78 -21.81
N LYS TA 120 23.82 24.47 -21.69
CA LYS TA 120 25.05 23.73 -21.46
C LYS TA 120 25.65 23.28 -22.78
N PRO TA 121 26.96 23.09 -22.85
CA PRO TA 121 27.57 22.66 -24.11
C PRO TA 121 27.05 21.30 -24.55
N GLN TA 122 26.90 21.13 -25.86
CA GLN TA 122 26.47 19.86 -26.43
C GLN TA 122 27.32 19.40 -27.62
N GLY TA 123 28.02 20.30 -28.30
CA GLY TA 123 28.79 19.92 -29.46
C GLY TA 123 29.68 21.08 -29.88
N THR TA 124 30.51 20.81 -30.89
CA THR TA 124 31.46 21.79 -31.39
C THR TA 124 31.28 21.97 -32.89
N VAL TA 125 31.43 23.21 -33.35
CA VAL TA 125 31.33 23.54 -34.77
C VAL TA 125 32.53 24.38 -35.16
N ALA TA 126 32.78 24.44 -36.47
CA ALA TA 126 33.83 25.28 -37.04
C ALA TA 126 33.19 26.34 -37.90
N ARG TA 127 33.57 27.60 -37.67
CA ARG TA 127 33.00 28.72 -38.41
C ARG TA 127 33.89 29.08 -39.61
N VAL TA 128 33.25 29.17 -40.78
CA VAL TA 128 33.95 29.48 -42.02
C VAL TA 128 33.49 30.83 -42.53
N HIS TA 129 34.29 31.39 -43.43
CA HIS TA 129 34.03 32.68 -44.07
C HIS TA 129 33.82 32.45 -45.56
N ILE TA 130 33.62 33.55 -46.30
CA ILE TA 130 33.32 33.46 -47.73
C ILE TA 130 34.48 32.81 -48.47
N GLY TA 131 35.70 33.21 -48.15
CA GLY TA 131 36.84 32.53 -48.71
C GLY TA 131 37.62 31.78 -47.64
N GLN TA 132 37.49 30.46 -47.61
CA GLN TA 132 38.16 29.65 -46.60
C GLN TA 132 38.10 28.20 -47.04
N VAL TA 133 39.24 27.52 -47.04
CA VAL TA 133 39.32 26.14 -47.46
C VAL TA 133 38.83 25.26 -46.31
N ILE TA 134 38.01 24.26 -46.65
CA ILE TA 134 37.57 23.27 -45.67
C ILE TA 134 38.45 22.03 -45.71
N MET TA 135 38.77 21.58 -46.90
CA MET TA 135 39.55 20.37 -47.11
C MET TA 135 40.63 20.62 -48.16
N SER TA 136 41.73 19.88 -48.04
CA SER TA 136 42.83 20.01 -48.97
C SER TA 136 43.32 18.63 -49.36
N ILE TA 137 43.60 18.43 -50.64
CA ILE TA 137 44.19 17.19 -51.13
C ILE TA 137 45.38 17.53 -52.02
N ARG TA 138 46.53 16.94 -51.74
CA ARG TA 138 47.69 16.98 -52.61
C ARG TA 138 47.94 15.58 -53.15
N THR TA 139 48.32 15.49 -54.43
CA THR TA 139 48.45 14.20 -55.08
C THR TA 139 49.26 14.36 -56.35
N LYS TA 140 49.35 13.28 -57.12
CA LYS TA 140 49.99 13.32 -58.43
C LYS TA 140 49.23 14.28 -59.35
N LEU TA 141 49.92 14.74 -60.39
CA LEU TA 141 49.29 15.68 -61.32
C LEU TA 141 48.15 15.04 -62.09
N GLN TA 142 48.32 13.78 -62.52
CA GLN TA 142 47.33 13.12 -63.35
C GLN TA 142 46.09 12.69 -62.57
N ASN TA 143 46.02 12.98 -61.27
CA ASN TA 143 44.88 12.63 -60.44
C ASN TA 143 43.93 13.80 -60.23
N GLU TA 144 44.03 14.83 -61.08
CA GLU TA 144 43.21 16.03 -60.89
C GLU TA 144 41.73 15.72 -60.99
N GLU TA 145 41.33 14.90 -61.96
CA GLU TA 145 39.92 14.56 -62.10
C GLU TA 145 39.44 13.77 -60.89
N HIS TA 146 40.30 12.90 -60.35
CA HIS TA 146 39.93 12.12 -59.18
C HIS TA 146 39.82 12.99 -57.94
N VAL TA 147 40.65 14.03 -57.86
CA VAL TA 147 40.61 14.92 -56.70
C VAL TA 147 39.34 15.76 -56.72
N ILE TA 148 38.97 16.30 -57.89
CA ILE TA 148 37.76 17.10 -57.99
C ILE TA 148 36.54 16.26 -57.64
N GLU TA 149 36.50 15.01 -58.12
CA GLU TA 149 35.35 14.16 -57.85
C GLU TA 149 35.27 13.81 -56.36
N ALA TA 150 36.41 13.53 -55.73
CA ALA TA 150 36.39 13.22 -54.31
C ALA TA 150 35.92 14.40 -53.48
N LEU TA 151 36.36 15.61 -53.84
CA LEU TA 151 35.86 16.80 -53.17
C LEU TA 151 34.39 17.03 -53.47
N ARG TA 152 33.98 16.80 -54.72
CA ARG TA 152 32.58 17.01 -55.09
C ARG TA 152 31.65 16.13 -54.25
N ARG TA 153 32.08 14.90 -53.95
CA ARG TA 153 31.25 14.01 -53.15
C ARG TA 153 31.21 14.45 -51.69
N ALA TA 154 32.36 14.85 -51.14
CA ALA TA 154 32.40 15.29 -49.75
C ALA TA 154 31.65 16.58 -49.53
N LYS TA 155 31.38 17.34 -50.59
CA LYS TA 155 30.64 18.59 -50.46
C LYS TA 155 29.18 18.34 -50.11
N PHE TA 156 28.65 17.15 -50.44
CA PHE TA 156 27.26 16.81 -50.11
C PHE TA 156 27.05 16.62 -48.61
N LYS TA 157 28.11 16.52 -47.82
CA LYS TA 157 27.99 16.30 -46.39
C LYS TA 157 27.97 17.59 -45.59
N PHE TA 158 27.98 18.74 -46.25
CA PHE TA 158 27.99 20.05 -45.63
C PHE TA 158 26.70 20.79 -45.93
N PRO TA 159 26.26 21.66 -45.02
CA PRO TA 159 24.98 22.36 -45.23
C PRO TA 159 24.99 23.31 -46.42
N GLY TA 160 26.04 24.09 -46.57
CA GLY TA 160 26.04 25.21 -47.48
C GLY TA 160 26.49 24.88 -48.88
N ARG TA 161 26.97 25.91 -49.57
CA ARG TA 161 27.48 25.79 -50.93
C ARG TA 161 28.99 25.98 -50.90
N GLN TA 162 29.71 25.12 -51.63
CA GLN TA 162 31.15 25.13 -51.65
C GLN TA 162 31.64 25.03 -53.08
N LYS TA 163 32.87 25.48 -53.30
CA LYS TA 163 33.51 25.42 -54.60
C LYS TA 163 34.76 24.54 -54.54
N ILE TA 164 35.06 23.88 -55.65
CA ILE TA 164 36.30 23.15 -55.82
C ILE TA 164 37.26 24.04 -56.59
N HIS TA 165 38.49 24.17 -56.09
CA HIS TA 165 39.49 25.03 -56.69
C HIS TA 165 40.82 24.29 -56.75
N ILE TA 166 41.38 24.19 -57.95
CA ILE TA 166 42.70 23.60 -58.15
C ILE TA 166 43.72 24.72 -57.97
N SER TA 167 44.41 24.71 -56.83
CA SER TA 167 45.29 25.82 -56.48
C SER TA 167 46.52 25.84 -57.38
N LYS TA 168 46.97 27.06 -57.70
CA LYS TA 168 48.18 27.25 -58.49
C LYS TA 168 49.45 27.00 -57.68
N LYS TA 169 49.34 26.76 -56.38
CA LYS TA 169 50.50 26.54 -55.53
C LYS TA 169 50.88 25.06 -55.52
N TRP TA 170 52.16 24.81 -55.23
CA TRP TA 170 52.71 23.45 -55.29
C TRP TA 170 52.31 22.69 -54.04
N GLY TA 171 51.38 21.75 -54.20
CA GLY TA 171 50.95 20.94 -53.07
C GLY TA 171 50.35 21.80 -51.97
N PHE TA 172 50.81 21.56 -50.74
CA PHE TA 172 50.37 22.36 -49.60
C PHE TA 172 51.29 23.54 -49.33
N THR TA 173 52.34 23.70 -50.13
CA THR TA 173 53.30 24.78 -49.94
C THR TA 173 52.70 26.10 -50.41
N LYS TA 174 53.04 27.19 -49.70
CA LYS TA 174 52.52 28.53 -50.01
C LYS TA 174 53.17 29.16 -51.24
N PHE TA 175 53.97 28.46 -52.02
CA PHE TA 175 54.65 29.04 -53.17
C PHE TA 175 54.12 28.43 -54.46
N ASN TA 176 54.03 29.27 -55.50
CA ASN TA 176 53.37 28.87 -56.74
C ASN TA 176 54.11 27.72 -57.41
N ALA TA 177 53.35 26.87 -58.11
CA ALA TA 177 53.90 25.65 -58.66
C ALA TA 177 54.84 25.91 -59.84
N ASP TA 178 54.63 27.01 -60.57
CA ASP TA 178 55.46 27.27 -61.74
C ASP TA 178 56.89 27.65 -61.33
N GLU TA 179 57.02 28.48 -60.30
CA GLU TA 179 58.31 28.91 -59.80
C GLU TA 179 58.85 28.05 -58.66
N PHE TA 180 58.13 27.01 -58.24
CA PHE TA 180 58.60 26.21 -57.12
C PHE TA 180 59.91 25.50 -57.46
N GLU TA 181 60.01 24.93 -58.67
CA GLU TA 181 61.17 24.12 -59.01
C GLU TA 181 62.45 24.95 -59.06
N ASP TA 182 62.36 26.18 -59.56
CA ASP TA 182 63.58 26.94 -59.82
C ASP TA 182 64.11 27.61 -58.55
N MET TA 183 63.24 27.97 -57.60
CA MET TA 183 63.76 28.46 -56.33
C MET TA 183 64.33 27.33 -55.49
N VAL TA 184 63.73 26.13 -55.58
CA VAL TA 184 64.36 24.96 -54.98
C VAL TA 184 65.69 24.67 -55.64
N ALA TA 185 65.76 24.88 -56.97
CA ALA TA 185 67.01 24.69 -57.69
C ALA TA 185 68.09 25.66 -57.21
N LYS TA 186 67.75 26.93 -57.06
CA LYS TA 186 68.72 27.92 -56.57
C LYS TA 186 68.70 28.02 -55.06
N LYS TA 187 67.96 27.14 -54.38
CA LYS TA 187 68.02 26.95 -52.94
C LYS TA 187 67.43 28.12 -52.18
N CYS TA 188 66.45 28.81 -52.78
CA CYS TA 188 65.62 29.71 -52.01
C CYS TA 188 64.64 28.94 -51.13
N LEU TA 189 64.40 27.67 -51.44
CA LEU TA 189 63.60 26.78 -50.61
C LEU TA 189 64.36 25.47 -50.43
N ILE TA 190 64.31 24.93 -49.22
CA ILE TA 190 64.84 23.59 -48.98
C ILE TA 190 63.67 22.70 -48.55
N PRO TA 191 63.61 21.46 -49.00
CA PRO TA 191 62.48 20.60 -48.65
C PRO TA 191 62.72 19.80 -47.37
N ASP TA 192 61.78 19.89 -46.43
CA ASP TA 192 61.78 18.97 -45.30
C ASP TA 192 60.34 18.71 -44.86
N GLY TA 193 60.08 17.47 -44.43
CA GLY TA 193 58.74 17.12 -44.06
C GLY TA 193 57.80 17.17 -45.26
N CYS TA 194 56.56 17.54 -44.98
CA CYS TA 194 55.55 17.71 -46.03
C CYS TA 194 55.73 19.00 -46.83
N GLY TA 195 56.28 20.05 -46.21
CA GLY TA 195 56.43 21.32 -46.89
C GLY TA 195 57.87 21.70 -47.14
N VAL TA 196 58.14 23.00 -47.26
CA VAL TA 196 59.48 23.51 -47.52
C VAL TA 196 59.78 24.64 -46.55
N LYS TA 197 61.07 24.92 -46.39
CA LYS TA 197 61.55 26.02 -45.57
C LYS TA 197 62.03 27.14 -46.48
N TYR TA 198 61.46 28.33 -46.31
CA TYR TA 198 62.01 29.50 -46.98
C TYR TA 198 63.37 29.85 -46.39
N VAL TA 199 64.30 30.23 -47.26
CA VAL TA 199 65.65 30.56 -46.82
C VAL TA 199 65.95 32.00 -47.21
N PRO TA 200 65.69 32.97 -46.33
CA PRO TA 200 66.03 34.36 -46.64
C PRO TA 200 67.54 34.56 -46.66
N SER TA 201 67.97 35.52 -47.47
CA SER TA 201 69.40 35.84 -47.58
C SER TA 201 69.75 36.99 -46.62
N HIS TA 202 69.34 36.82 -45.36
CA HIS TA 202 69.60 37.86 -44.36
C HIS TA 202 69.95 37.28 -42.99
N GLY TA 203 70.47 36.06 -42.93
CA GLY TA 203 70.88 35.48 -41.67
C GLY TA 203 72.37 35.61 -41.45
N PRO TA 204 72.95 34.71 -40.65
CA PRO TA 204 74.41 34.62 -40.59
C PRO TA 204 74.97 34.06 -41.89
N LEU TA 205 76.21 34.46 -42.22
CA LEU TA 205 76.82 33.97 -43.44
C LEU TA 205 77.26 32.52 -43.30
N ASP TA 206 77.53 32.07 -42.07
CA ASP TA 206 77.94 30.69 -41.87
C ASP TA 206 76.82 29.73 -42.25
N LYS TA 207 75.57 30.15 -42.07
CA LYS TA 207 74.45 29.31 -42.47
C LYS TA 207 74.22 29.32 -43.97
N TRP TA 208 74.71 30.34 -44.68
CA TRP TA 208 74.70 30.30 -46.14
C TRP TA 208 75.72 29.30 -46.66
N ARG TA 209 76.84 29.15 -45.94
CA ARG TA 209 77.93 28.33 -46.44
C ARG TA 209 77.81 26.87 -46.01
N VAL TA 210 76.99 26.56 -45.00
CA VAL TA 210 76.67 25.16 -44.73
C VAL TA 210 75.64 24.67 -45.74
N LEU TA 211 74.73 25.55 -46.15
CA LEU TA 211 74.01 25.38 -47.40
C LEU TA 211 74.94 25.77 -48.54
N HIS TA 212 74.45 25.74 -49.78
CA HIS TA 212 75.20 26.20 -50.95
C HIS TA 212 76.61 25.60 -51.01
N SER TA 213 76.77 24.40 -50.46
CA SER TA 213 78.07 23.74 -50.37
C SER TA 213 77.91 22.31 -49.90
N GLN UA 1 107.29 32.26 -25.73
CA GLN UA 1 108.04 33.15 -24.85
C GLN UA 1 107.33 34.49 -24.70
N ASP UA 2 107.75 35.47 -25.50
CA ASP UA 2 107.15 36.81 -25.42
C ASP UA 2 105.71 36.80 -25.89
N GLN UA 3 105.36 35.91 -26.84
CA GLN UA 3 103.99 35.83 -27.33
C GLN UA 3 103.02 35.36 -26.26
N GLY UA 4 103.49 34.65 -25.24
CA GLY UA 4 102.62 34.16 -24.19
C GLY UA 4 102.75 34.92 -22.89
N GLU UA 5 103.93 35.47 -22.63
CA GLU UA 5 104.19 36.19 -21.37
C GLU UA 5 103.78 37.65 -21.50
N LYS UA 6 102.49 37.85 -21.76
CA LYS UA 6 101.92 39.19 -21.77
C LYS UA 6 100.73 39.34 -20.84
N GLU UA 7 99.84 38.34 -20.77
CA GLU UA 7 98.62 38.41 -19.99
C GLU UA 7 98.70 37.65 -18.68
N ASN UA 8 99.81 36.97 -18.41
CA ASN UA 8 99.89 36.06 -17.26
C ASN UA 8 99.54 36.70 -15.92
N PRO UA 9 100.00 37.91 -15.58
CA PRO UA 9 99.74 38.41 -14.21
C PRO UA 9 98.27 38.47 -13.83
N MET UA 10 97.38 38.80 -14.77
CA MET UA 10 95.99 39.04 -14.42
C MET UA 10 95.02 38.02 -14.98
N ARG UA 11 95.49 36.97 -15.63
CA ARG UA 11 94.65 35.85 -16.05
C ARG UA 11 94.90 34.60 -15.22
N GLU UA 12 95.68 34.71 -14.15
CA GLU UA 12 96.09 33.54 -13.38
C GLU UA 12 94.90 32.91 -12.68
N LEU UA 13 94.78 31.59 -12.82
CA LEU UA 13 93.69 30.86 -12.20
C LEU UA 13 93.90 30.77 -10.70
N ARG UA 14 93.02 31.43 -9.95
CA ARG UA 14 93.16 31.58 -8.51
C ARG UA 14 91.97 30.95 -7.81
N ILE UA 15 92.25 30.28 -6.70
CA ILE UA 15 91.21 29.61 -5.93
C ILE UA 15 90.44 30.63 -5.10
N ARG UA 16 89.13 30.72 -5.36
CA ARG UA 16 88.21 31.50 -4.53
C ARG UA 16 87.74 30.64 -3.37
N LYS UA 17 86.64 31.03 -2.73
CA LYS UA 17 86.09 30.34 -1.56
C LYS UA 17 86.10 28.82 -1.73
N LEU UA 18 86.30 28.12 -0.60
CA LEU UA 18 86.21 26.67 -0.62
C LEU UA 18 84.78 26.19 -0.34
N CYS UA 19 84.03 26.93 0.47
CA CYS UA 19 82.61 26.67 0.75
C CYS UA 19 82.38 25.19 1.11
N LEU UA 20 83.03 24.80 2.20
CA LEU UA 20 82.92 23.45 2.73
C LEU UA 20 81.54 23.28 3.37
N ASN UA 21 80.97 22.07 3.28
CA ASN UA 21 79.61 21.84 3.72
C ASN UA 21 79.48 20.49 4.42
N ILE UA 22 78.59 20.44 5.41
CA ILE UA 22 78.18 19.20 6.06
C ILE UA 22 76.67 19.22 6.20
N CYS UA 23 76.00 18.15 5.79
CA CYS UA 23 74.55 18.07 5.89
C CYS UA 23 74.13 16.82 6.65
N VAL UA 24 73.30 17.02 7.68
CA VAL UA 24 72.75 15.93 8.48
C VAL UA 24 71.23 16.04 8.45
N GLY UA 25 70.56 14.91 8.27
CA GLY UA 25 69.13 14.93 8.08
C GLY UA 25 68.30 15.19 9.33
N GLU UA 26 68.92 15.70 10.39
CA GLU UA 26 68.20 15.95 11.63
C GLU UA 26 68.92 17.05 12.40
N SER UA 27 68.32 17.47 13.51
CA SER UA 27 68.81 18.56 14.33
C SER UA 27 68.99 18.11 15.77
N GLY UA 28 69.67 18.93 16.55
CA GLY UA 28 69.83 18.69 17.96
C GLY UA 28 71.30 18.61 18.33
N ASP UA 29 71.62 17.66 19.20
CA ASP UA 29 72.98 17.54 19.71
C ASP UA 29 73.91 16.97 18.65
N ARG UA 30 73.44 15.99 17.88
CA ARG UA 30 74.29 15.39 16.85
C ARG UA 30 74.68 16.42 15.80
N LEU UA 31 73.73 17.27 15.37
CA LEU UA 31 74.08 18.35 14.47
C LEU UA 31 75.00 19.36 15.15
N THR UA 32 74.75 19.66 16.43
CA THR UA 32 75.58 20.60 17.15
C THR UA 32 77.03 20.13 17.20
N ARG UA 33 77.23 18.83 17.44
CA ARG UA 33 78.58 18.29 17.42
C ARG UA 33 79.19 18.38 16.03
N ALA UA 34 78.40 18.13 14.99
CA ALA UA 34 78.90 18.23 13.63
C ALA UA 34 79.36 19.65 13.33
N ALA UA 35 78.72 20.65 13.94
CA ALA UA 35 79.18 22.02 13.77
C ALA UA 35 80.56 22.22 14.37
N LYS UA 36 80.84 21.58 15.51
CA LYS UA 36 82.10 21.80 16.21
C LYS UA 36 83.30 21.38 15.36
N VAL UA 37 83.12 20.41 14.46
CA VAL UA 37 84.24 19.95 13.64
C VAL UA 37 84.75 21.07 12.74
N LEU UA 38 83.88 22.02 12.40
CA LEU UA 38 84.30 23.13 11.55
C LEU UA 38 85.32 24.01 12.26
N GLU UA 39 85.05 24.33 13.54
CA GLU UA 39 86.01 25.10 14.31
C GLU UA 39 87.30 24.33 14.49
N GLN UA 40 87.21 23.00 14.63
CA GLN UA 40 88.39 22.17 14.66
C GLN UA 40 89.13 22.23 13.32
N LEU UA 41 88.39 22.21 12.21
CA LEU UA 41 89.00 22.08 10.90
C LEU UA 41 89.35 23.44 10.29
N THR UA 42 88.55 24.48 10.59
CA THR UA 42 88.74 25.78 9.97
C THR UA 42 89.05 26.90 10.95
N GLY UA 43 88.88 26.68 12.25
CA GLY UA 43 89.00 27.79 13.17
C GLY UA 43 88.03 28.91 12.88
N GLN UA 44 86.88 28.58 12.33
CA GLN UA 44 85.95 29.55 11.75
C GLN UA 44 84.53 29.06 12.03
N THR UA 45 83.78 29.85 12.79
CA THR UA 45 82.46 29.42 13.23
C THR UA 45 81.51 29.34 12.03
N PRO UA 46 80.94 28.17 11.75
CA PRO UA 46 80.08 28.02 10.58
C PRO UA 46 78.69 28.62 10.82
N VAL UA 47 77.82 28.42 9.83
CA VAL UA 47 76.42 28.82 9.91
C VAL UA 47 75.57 27.60 9.60
N PHE UA 48 74.34 27.61 10.11
CA PHE UA 48 73.42 26.49 9.98
C PHE UA 48 72.46 26.73 8.82
N SER UA 49 71.98 25.64 8.24
CA SER UA 49 71.14 25.69 7.06
C SER UA 49 69.75 25.14 7.41
N LYS UA 50 68.72 25.80 6.90
CA LYS UA 50 67.34 25.40 7.15
C LYS UA 50 66.75 24.76 5.88
N ALA UA 51 65.82 23.83 6.09
CA ALA UA 51 65.07 23.20 5.01
C ALA UA 51 63.79 24.00 4.79
N ARG UA 52 63.42 24.17 3.52
CA ARG UA 52 62.30 25.05 3.20
C ARG UA 52 61.02 24.30 2.82
N TYR UA 53 61.09 22.98 2.62
CA TYR UA 53 59.92 22.16 2.34
C TYR UA 53 59.88 20.95 3.26
N THR UA 54 58.66 20.61 3.69
CA THR UA 54 58.42 19.39 4.44
C THR UA 54 58.18 18.24 3.47
N VAL UA 55 59.15 17.34 3.36
CA VAL UA 55 59.02 16.20 2.47
C VAL UA 55 58.59 14.93 3.20
N ARG UA 56 59.07 14.69 4.42
CA ARG UA 56 58.61 13.62 5.29
C ARG UA 56 58.99 12.24 4.73
N SER UA 57 59.53 12.21 3.51
CA SER UA 57 59.96 10.95 2.92
C SER UA 57 61.08 10.32 3.74
N PHE UA 58 62.24 10.99 3.78
CA PHE UA 58 63.28 10.60 4.73
C PHE UA 58 63.09 11.31 6.07
N GLY UA 59 62.31 12.37 6.10
CA GLY UA 59 61.89 13.02 7.32
C GLY UA 59 62.63 14.30 7.64
N ILE UA 60 62.02 15.42 7.23
CA ILE UA 60 62.48 16.77 7.55
C ILE UA 60 61.30 17.70 7.32
N ARG UA 61 61.15 18.69 8.20
CA ARG UA 61 60.12 19.71 8.05
C ARG UA 61 60.80 21.04 7.74
N ARG UA 62 59.99 22.10 7.63
CA ARG UA 62 60.51 23.37 7.16
C ARG UA 62 61.11 24.17 8.32
N ASN UA 63 62.07 25.03 7.97
CA ASN UA 63 62.78 25.87 8.93
C ASN UA 63 63.41 25.06 10.07
N GLU UA 64 63.83 23.84 9.78
CA GLU UA 64 64.60 23.06 10.73
C GLU UA 64 66.06 23.50 10.68
N LYS UA 65 66.90 22.90 11.51
CA LYS UA 65 68.34 23.05 11.43
C LYS UA 65 68.84 21.72 10.86
N ILE UA 66 69.33 21.74 9.62
CA ILE UA 66 69.68 20.52 8.91
C ILE UA 66 71.17 20.45 8.63
N ALA UA 67 71.73 21.46 7.98
CA ALA UA 67 73.12 21.42 7.54
C ALA UA 67 73.89 22.61 8.08
N VAL UA 68 75.20 22.44 8.14
CA VAL UA 68 76.12 23.51 8.50
C VAL UA 68 77.19 23.61 7.41
N HIS UA 69 77.63 24.83 7.11
CA HIS UA 69 78.66 25.03 6.10
C HIS UA 69 79.43 26.30 6.42
N CYS UA 70 80.64 26.37 5.87
CA CYS UA 70 81.46 27.56 5.97
C CYS UA 70 82.25 27.74 4.67
N THR UA 71 82.57 28.99 4.36
CA THR UA 71 83.37 29.31 3.18
C THR UA 71 84.72 29.86 3.64
N VAL UA 72 85.79 29.31 3.10
CA VAL UA 72 87.14 29.70 3.48
C VAL UA 72 87.84 30.30 2.27
N ARG UA 73 88.54 31.41 2.50
CA ARG UA 73 89.27 32.09 1.45
C ARG UA 73 90.68 32.39 1.94
N GLY UA 74 91.56 32.72 1.00
CA GLY UA 74 92.93 33.02 1.35
C GLY UA 74 93.75 31.76 1.57
N ALA UA 75 94.89 31.93 2.25
CA ALA UA 75 95.82 30.82 2.45
C ALA UA 75 95.20 29.70 3.27
N LYS UA 76 94.23 30.02 4.14
CA LYS UA 76 93.56 28.97 4.90
C LYS UA 76 92.79 28.03 3.98
N ALA UA 77 92.17 28.58 2.94
CA ALA UA 77 91.54 27.72 1.94
C ALA UA 77 92.59 26.96 1.13
N GLU UA 78 93.79 27.53 1.00
CA GLU UA 78 94.86 26.87 0.26
C GLU UA 78 95.28 25.57 0.92
N GLU UA 79 95.45 25.57 2.23
CA GLU UA 79 96.00 24.38 2.90
C GLU UA 79 94.91 23.38 3.25
N ILE UA 80 93.67 23.84 3.41
CA ILE UA 80 92.56 22.90 3.57
C ILE UA 80 92.36 22.10 2.29
N LEU UA 81 92.66 22.71 1.15
CA LEU UA 81 92.65 21.98 -0.12
C LEU UA 81 93.60 20.81 -0.11
N GLU UA 82 94.91 21.08 0.03
CA GLU UA 82 95.89 20.00 -0.06
C GLU UA 82 95.72 19.02 1.09
N LYS UA 83 95.09 19.44 2.18
CA LYS UA 83 94.70 18.51 3.23
C LYS UA 83 93.68 17.51 2.71
N GLY UA 84 92.61 18.02 2.08
CA GLY UA 84 91.62 17.14 1.49
C GLY UA 84 92.15 16.37 0.29
N LEU UA 85 93.03 16.99 -0.48
CA LEU UA 85 93.57 16.34 -1.67
C LEU UA 85 94.53 15.22 -1.29
N LYS UA 86 95.42 15.47 -0.33
CA LYS UA 86 96.29 14.41 0.16
C LYS UA 86 95.53 13.28 0.82
N VAL UA 87 94.33 13.56 1.35
CA VAL UA 87 93.45 12.48 1.77
C VAL UA 87 93.03 11.65 0.57
N ARG UA 88 92.70 12.31 -0.54
CA ARG UA 88 92.33 11.65 -1.78
C ARG UA 88 93.53 11.14 -2.56
N GLU UA 89 94.75 11.45 -2.11
CA GLU UA 89 95.97 11.13 -2.85
C GLU UA 89 95.92 11.72 -4.27
N TYR UA 90 95.43 12.95 -4.39
CA TYR UA 90 95.45 13.69 -5.64
C TYR UA 90 94.73 12.94 -6.76
N GLU UA 91 93.54 12.42 -6.45
CA GLU UA 91 92.76 11.63 -7.40
C GLU UA 91 91.31 12.08 -7.40
N LEU UA 92 90.99 13.05 -8.27
CA LEU UA 92 89.63 13.33 -8.69
C LEU UA 92 89.53 12.86 -10.12
N ARG UA 93 88.71 11.83 -10.38
CA ARG UA 93 88.98 11.02 -11.55
C ARG UA 93 88.41 11.63 -12.84
N LYS UA 94 87.09 11.74 -12.97
CA LYS UA 94 86.53 12.00 -14.30
C LYS UA 94 85.73 13.29 -14.39
N ASN UA 95 84.71 13.48 -13.56
CA ASN UA 95 83.67 14.45 -13.90
C ASN UA 95 83.28 15.33 -12.72
N ASN UA 96 84.11 15.36 -11.67
CA ASN UA 96 83.84 16.24 -10.54
C ASN UA 96 83.90 17.71 -10.92
N PHE UA 97 84.43 18.02 -12.11
CA PHE UA 97 84.57 19.40 -12.54
C PHE UA 97 83.30 19.87 -13.25
N SER UA 98 82.72 20.97 -12.77
CA SER UA 98 81.54 21.55 -13.38
C SER UA 98 81.93 22.38 -14.61
N ASP UA 99 80.95 22.61 -15.47
CA ASP UA 99 81.22 23.35 -16.71
C ASP UA 99 81.49 24.82 -16.44
N THR UA 100 81.19 25.32 -15.25
CA THR UA 100 81.48 26.69 -14.88
C THR UA 100 82.89 26.85 -14.31
N GLY UA 101 83.68 25.79 -14.31
CA GLY UA 101 85.08 25.87 -13.93
C GLY UA 101 85.42 25.49 -12.51
N ASN UA 102 84.42 25.26 -11.66
CA ASN UA 102 84.67 24.81 -10.31
C ASN UA 102 84.40 23.31 -10.19
N PHE UA 103 85.02 22.70 -9.18
CA PHE UA 103 84.91 21.27 -8.97
C PHE UA 103 84.76 20.99 -7.48
N GLY UA 104 84.33 19.78 -7.17
CA GLY UA 104 84.13 19.40 -5.78
C GLY UA 104 84.30 17.91 -5.60
N PHE UA 105 84.42 17.51 -4.35
CA PHE UA 105 84.61 16.12 -3.99
C PHE UA 105 84.15 15.94 -2.55
N GLY UA 106 83.93 14.69 -2.17
CA GLY UA 106 83.50 14.40 -0.81
C GLY UA 106 84.42 13.45 -0.08
N ILE UA 107 84.64 13.69 1.21
CA ILE UA 107 85.42 12.81 2.06
C ILE UA 107 84.48 12.16 3.06
N GLN UA 108 84.63 10.85 3.25
CA GLN UA 108 83.72 10.11 4.12
C GLN UA 108 84.08 10.27 5.58
N GLU UA 109 85.36 10.47 5.90
CA GLU UA 109 85.84 10.52 7.27
C GLU UA 109 86.79 11.70 7.40
N HIS UA 110 86.65 12.48 8.47
CA HIS UA 110 87.50 13.64 8.67
C HIS UA 110 88.67 13.35 9.60
N ILE UA 111 88.59 12.31 10.41
CA ILE UA 111 89.58 12.09 11.46
C ILE UA 111 90.93 11.67 10.87
N ASP UA 112 90.92 11.17 9.62
CA ASP UA 112 92.17 10.75 8.99
C ASP UA 112 93.11 11.95 8.78
N LEU UA 113 92.56 13.03 8.24
CA LEU UA 113 93.29 14.30 8.13
C LEU UA 113 92.26 15.38 7.89
N GLY UA 114 92.16 16.34 8.81
CA GLY UA 114 93.09 16.63 9.89
C GLY UA 114 92.74 16.11 11.27
N ILE UA 115 92.10 16.99 12.05
CA ILE UA 115 92.03 16.95 13.52
C ILE UA 115 91.84 15.55 14.09
N LYS UA 116 92.56 15.27 15.19
CA LYS UA 116 92.57 13.97 15.83
C LYS UA 116 91.18 13.61 16.35
N TYR UA 117 90.89 12.31 16.37
CA TYR UA 117 89.61 11.81 16.84
C TYR UA 117 89.35 12.25 18.27
N ASP UA 118 88.17 12.83 18.49
CA ASP UA 118 87.65 13.08 19.83
C ASP UA 118 86.42 12.23 20.03
N PRO UA 119 86.49 11.15 20.84
CA PRO UA 119 85.32 10.30 21.06
C PRO UA 119 84.03 11.05 21.32
N SER UA 120 84.10 12.23 21.94
CA SER UA 120 82.90 13.04 22.15
C SER UA 120 82.28 13.47 20.83
N ILE UA 121 83.10 13.87 19.87
CA ILE UA 121 82.58 14.27 18.56
C ILE UA 121 82.39 13.04 17.69
N GLY UA 122 81.49 13.14 16.72
CA GLY UA 122 81.05 11.99 15.97
C GLY UA 122 81.95 11.52 14.85
N ILE UA 123 81.36 10.94 13.82
CA ILE UA 123 82.08 10.32 12.71
C ILE UA 123 81.69 10.97 11.38
N TYR UA 124 81.41 12.27 11.39
CA TYR UA 124 80.79 12.93 10.26
C TYR UA 124 81.71 12.97 9.05
N GLY UA 125 81.12 12.85 7.86
CA GLY UA 125 81.80 13.14 6.63
C GLY UA 125 81.38 14.50 6.07
N LEU UA 126 82.01 14.88 4.97
CA LEU UA 126 81.77 16.20 4.40
C LEU UA 126 82.23 16.22 2.96
N ASP UA 127 81.84 17.27 2.25
CA ASP UA 127 82.20 17.46 0.85
C ASP UA 127 82.76 18.85 0.64
N PHE UA 128 83.90 18.93 -0.04
CA PHE UA 128 84.49 20.19 -0.42
C PHE UA 128 83.98 20.58 -1.81
N TYR UA 129 83.83 21.89 -2.04
CA TYR UA 129 83.50 22.38 -3.38
C TYR UA 129 84.27 23.67 -3.64
N VAL UA 130 85.45 23.52 -4.17
CA VAL UA 130 86.33 24.65 -4.48
C VAL UA 130 85.86 25.34 -5.75
N VAL UA 131 85.76 26.66 -5.69
CA VAL UA 131 85.41 27.48 -6.84
C VAL UA 131 86.65 28.27 -7.25
N LEU UA 132 86.89 28.34 -8.55
CA LEU UA 132 88.07 29.00 -9.09
C LEU UA 132 87.69 30.34 -9.71
N GLY UA 133 88.69 31.20 -9.84
CA GLY UA 133 88.48 32.51 -10.42
C GLY UA 133 89.79 33.13 -10.83
N ARG UA 134 89.68 34.34 -11.36
CA ARG UA 134 90.81 35.17 -11.75
C ARG UA 134 90.65 36.56 -11.16
N PRO UA 135 91.71 37.36 -11.12
CA PRO UA 135 91.54 38.77 -10.74
C PRO UA 135 90.55 39.46 -11.66
N GLY UA 136 89.48 40.00 -11.09
CA GLY UA 136 88.41 40.63 -11.84
C GLY UA 136 87.09 39.91 -11.74
N PHE UA 137 87.04 38.73 -11.15
CA PHE UA 137 85.78 38.02 -10.99
C PHE UA 137 84.88 38.68 -9.95
N SER UA 138 85.42 39.63 -9.18
CA SER UA 138 84.67 40.29 -8.12
C SER UA 138 83.76 41.41 -8.62
N ILE UA 139 83.84 41.77 -9.91
CA ILE UA 139 82.96 42.81 -10.43
C ILE UA 139 81.54 42.32 -10.56
N ALA UA 140 81.33 41.00 -10.57
CA ALA UA 140 79.98 40.45 -10.58
C ALA UA 140 79.29 40.58 -9.23
N ASP UA 141 80.06 40.62 -8.13
CA ASP UA 141 79.50 40.78 -6.80
C ASP UA 141 79.51 42.23 -6.31
N LYS UA 142 80.08 43.14 -7.08
CA LYS UA 142 80.19 44.53 -6.68
C LYS UA 142 78.81 45.19 -6.61
N LYS UA 143 78.72 46.24 -5.81
CA LYS UA 143 77.48 46.99 -5.65
C LYS UA 143 77.32 48.06 -6.72
N ARG UA 144 78.35 48.88 -6.94
CA ARG UA 144 78.31 49.95 -7.91
C ARG UA 144 78.95 49.48 -9.21
N ARG UA 145 78.27 49.73 -10.32
CA ARG UA 145 78.78 49.41 -11.65
C ARG UA 145 79.11 47.92 -11.78
N THR UA 146 78.11 47.10 -11.49
CA THR UA 146 78.23 45.65 -11.59
C THR UA 146 78.30 45.27 -13.08
N GLY UA 147 78.70 44.04 -13.37
CA GLY UA 147 78.74 43.58 -14.73
C GLY UA 147 79.16 42.13 -14.82
N CYS UA 148 78.98 41.58 -16.01
CA CYS UA 148 79.45 40.24 -16.32
C CYS UA 148 80.95 40.29 -16.59
N ILE UA 149 81.57 39.12 -16.71
CA ILE UA 149 83.02 39.04 -16.77
C ILE UA 149 83.57 38.96 -18.20
N GLY UA 150 82.75 38.64 -19.19
CA GLY UA 150 83.23 38.50 -20.55
C GLY UA 150 83.61 37.06 -20.88
N ALA UA 151 83.40 36.70 -22.14
CA ALA UA 151 83.43 35.31 -22.55
C ALA UA 151 84.81 34.69 -22.37
N LYS UA 152 85.85 35.40 -22.80
CA LYS UA 152 87.18 34.81 -22.78
C LYS UA 152 87.87 34.92 -21.42
N HIS UA 153 87.23 35.55 -20.44
CA HIS UA 153 87.73 35.61 -19.08
C HIS UA 153 87.07 34.57 -18.18
N ARG UA 154 86.18 33.75 -18.72
CA ARG UA 154 85.52 32.71 -17.94
C ARG UA 154 86.47 31.53 -17.77
N ILE UA 155 86.04 30.53 -17.00
CA ILE UA 155 86.82 29.33 -16.75
C ILE UA 155 86.01 28.14 -17.24
N SER UA 156 86.56 27.40 -18.19
CA SER UA 156 85.92 26.18 -18.67
C SER UA 156 86.38 24.99 -17.84
N LYS UA 157 85.69 23.87 -18.02
CA LYS UA 157 86.04 22.66 -17.28
C LYS UA 157 87.44 22.20 -17.62
N GLU UA 158 87.81 22.24 -18.90
CA GLU UA 158 89.11 21.73 -19.33
C GLU UA 158 90.25 22.56 -18.76
N GLU UA 159 90.11 23.89 -18.79
CA GLU UA 159 91.16 24.74 -18.24
C GLU UA 159 91.18 24.69 -16.73
N ALA UA 160 90.07 24.31 -16.09
CA ALA UA 160 90.08 24.03 -14.66
C ALA UA 160 90.89 22.77 -14.37
N MET UA 161 90.72 21.73 -15.20
CA MET UA 161 91.49 20.51 -15.03
C MET UA 161 92.97 20.74 -15.30
N ARG UA 162 93.28 21.55 -16.31
CA ARG UA 162 94.68 21.87 -16.59
C ARG UA 162 95.33 22.54 -15.39
N TRP UA 163 94.60 23.44 -14.73
CA TRP UA 163 95.13 24.11 -13.55
C TRP UA 163 95.39 23.11 -12.43
N PHE UA 164 94.51 22.14 -12.24
CA PHE UA 164 94.68 21.16 -11.17
C PHE UA 164 95.91 20.29 -11.42
N GLN UA 165 96.09 19.82 -12.66
CA GLN UA 165 97.29 19.04 -12.96
C GLN UA 165 98.54 19.90 -12.83
N GLN UA 166 98.49 21.13 -13.33
CA GLN UA 166 99.69 21.97 -13.33
C GLN UA 166 100.09 22.38 -11.92
N LYS UA 167 99.14 22.43 -11.00
CA LYS UA 167 99.43 22.86 -9.63
C LYS UA 167 99.66 21.72 -8.67
N TYR UA 168 98.94 20.62 -8.80
CA TYR UA 168 99.08 19.51 -7.87
C TYR UA 168 99.48 18.19 -8.52
N ASP UA 169 99.82 18.18 -9.81
CA ASP UA 169 100.16 16.96 -10.53
C ASP UA 169 99.08 15.89 -10.37
N GLY UA 170 97.81 16.32 -10.40
CA GLY UA 170 96.72 15.39 -10.19
C GLY UA 170 96.50 14.49 -11.38
N ILE UA 171 95.64 13.49 -11.17
CA ILE UA 171 95.30 12.52 -12.19
C ILE UA 171 93.81 12.63 -12.48
N ILE UA 172 93.47 12.90 -13.73
CA ILE UA 172 92.08 13.07 -14.16
C ILE UA 172 91.82 12.22 -15.39
N LEU UA 173 90.56 11.78 -15.52
CA LEU UA 173 90.04 11.03 -16.66
C LEU UA 173 90.76 9.70 -16.81
N PRO UA 174 90.60 8.78 -15.87
CA PRO UA 174 91.04 7.40 -16.11
C PRO UA 174 90.25 6.81 -17.27
N GLY UA 175 90.90 5.91 -18.00
CA GLY UA 175 90.30 5.36 -19.20
C GLY UA 175 89.18 4.38 -18.91
N LYS UA 176 88.07 4.88 -18.38
CA LYS UA 176 86.93 4.03 -18.04
C LYS UA 176 85.67 4.47 -18.76
N ALA VA 1 0.95 64.23 0.41
CA ALA VA 1 2.26 64.18 -0.21
C ALA VA 1 2.83 65.59 -0.38
N PRO VA 2 4.08 65.79 0.03
CA PRO VA 2 4.73 67.08 -0.20
C PRO VA 2 5.04 67.29 -1.67
N SER VA 3 4.69 68.46 -2.18
CA SER VA 3 4.82 68.67 -3.62
C SER VA 3 6.24 69.07 -4.02
N ARG VA 4 6.66 70.28 -3.68
CA ARG VA 4 8.05 70.65 -3.94
C ARG VA 4 8.77 71.20 -2.72
N ASN VA 5 8.25 72.29 -2.14
CA ASN VA 5 8.97 72.98 -1.09
C ASN VA 5 7.96 73.87 -0.35
N GLY VA 6 7.71 73.55 0.90
CA GLY VA 6 6.80 74.35 1.70
C GLY VA 6 6.96 74.08 3.17
N MET VA 7 6.07 74.65 3.97
CA MET VA 7 6.06 74.36 5.39
C MET VA 7 5.64 72.92 5.62
N VAL VA 8 6.14 72.34 6.70
CA VAL VA 8 5.63 71.07 7.21
C VAL VA 8 4.45 71.47 8.09
N LEU VA 9 3.26 71.35 7.53
CA LEU VA 9 2.04 71.81 8.18
C LEU VA 9 1.37 70.67 8.92
N LYS VA 10 0.88 70.97 10.12
CA LYS VA 10 0.20 69.99 10.97
C LYS VA 10 -1.13 70.55 11.40
N PRO VA 11 -2.15 70.50 10.53
CA PRO VA 11 -3.48 70.97 10.93
C PRO VA 11 -4.05 70.12 12.06
N HIS VA 12 -4.75 70.78 12.97
CA HIS VA 12 -5.41 70.10 14.08
C HIS VA 12 -6.88 69.87 13.74
N PHE VA 13 -7.10 69.09 12.69
CA PHE VA 13 -8.44 68.80 12.18
C PHE VA 13 -8.64 67.30 12.03
N HIS VA 14 -8.25 66.54 13.05
CA HIS VA 14 -8.45 65.10 13.07
C HIS VA 14 -9.50 64.67 14.08
N LYS VA 15 -10.18 65.62 14.72
CA LYS VA 15 -11.00 65.34 15.90
C LYS VA 15 -12.48 65.66 15.70
N ASP VA 16 -12.97 65.57 14.47
CA ASP VA 16 -14.37 65.85 14.16
C ASP VA 16 -14.76 67.25 14.63
N TRP VA 17 -14.12 68.23 13.98
CA TRP VA 17 -14.19 69.61 14.41
C TRP VA 17 -15.47 70.32 14.00
N GLN VA 18 -16.25 69.74 13.08
CA GLN VA 18 -17.39 70.46 12.52
C GLN VA 18 -18.61 70.46 13.43
N ARG VA 19 -18.65 69.65 14.49
CA ARG VA 19 -19.72 69.77 15.47
C ARG VA 19 -19.45 70.86 16.50
N ARG VA 20 -18.18 71.07 16.87
CA ARG VA 20 -17.81 72.14 17.78
C ARG VA 20 -17.29 73.37 17.03
N VAL VA 21 -18.13 74.00 16.21
CA VAL VA 21 -17.77 75.19 15.47
C VAL VA 21 -18.57 76.35 16.03
N ALA VA 22 -17.89 77.37 16.53
CA ALA VA 22 -18.53 78.55 17.10
C ALA VA 22 -18.58 79.64 16.04
N THR VA 23 -19.77 79.90 15.52
CA THR VA 23 -19.96 81.02 14.61
C THR VA 23 -20.30 82.28 15.40
N TRP VA 24 -20.09 83.43 14.77
CA TRP VA 24 -20.19 84.70 15.46
C TRP VA 24 -21.26 85.60 14.86
N PHE VA 25 -22.30 85.00 14.26
CA PHE VA 25 -23.36 85.79 13.66
C PHE VA 25 -24.18 86.56 14.67
N ASN VA 26 -24.13 86.19 15.94
CA ASN VA 26 -24.80 86.93 17.00
C ASN VA 26 -23.86 87.91 17.69
N GLN VA 27 -22.69 88.18 17.10
CA GLN VA 27 -21.81 89.21 17.65
C GLN VA 27 -22.45 90.60 17.63
N PRO VA 28 -23.02 91.10 16.51
CA PRO VA 28 -23.64 92.42 16.55
C PRO VA 28 -24.83 92.47 17.50
N ALA VA 29 -25.57 91.36 17.59
CA ALA VA 29 -26.70 91.29 18.51
C ALA VA 29 -26.24 91.28 19.95
N ARG VA 30 -25.12 90.60 20.22
CA ARG VA 30 -24.59 90.57 21.57
C ARG VA 30 -24.07 91.94 21.99
N LYS VA 31 -23.49 92.69 21.06
CA LYS VA 31 -22.98 94.02 21.37
C LYS VA 31 -24.11 94.96 21.76
N ILE VA 32 -25.25 94.85 21.07
CA ILE VA 32 -26.43 95.64 21.45
C ILE VA 32 -26.95 95.21 22.80
N ARG VA 33 -27.07 93.89 23.02
CA ARG VA 33 -27.61 93.39 24.28
C ARG VA 33 -26.73 93.81 25.46
N ARG VA 34 -25.42 93.84 25.26
CA ARG VA 34 -24.52 94.32 26.31
C ARG VA 34 -24.60 95.83 26.44
N ARG VA 35 -24.78 96.53 25.32
CA ARG VA 35 -24.84 97.99 25.35
C ARG VA 35 -26.05 98.47 26.14
N LYS VA 36 -27.23 97.91 25.86
CA LYS VA 36 -28.43 98.42 26.52
C LYS VA 36 -28.51 97.97 27.98
N ALA VA 37 -27.87 96.85 28.32
CA ALA VA 37 -27.75 96.49 29.73
C ALA VA 37 -26.84 97.46 30.45
N ARG VA 38 -25.81 97.96 29.77
CA ARG VA 38 -24.99 99.01 30.34
C ARG VA 38 -25.78 100.29 30.56
N GLN VA 39 -26.61 100.65 29.58
CA GLN VA 39 -27.43 101.84 29.70
C GLN VA 39 -28.46 101.69 30.81
N ALA VA 40 -29.09 100.52 30.89
CA ALA VA 40 -30.08 100.29 31.95
C ALA VA 40 -29.44 100.29 33.32
N LYS VA 41 -28.26 99.68 33.45
CA LYS VA 41 -27.57 99.69 34.73
C LYS VA 41 -27.15 101.09 35.14
N ALA VA 42 -26.64 101.86 34.19
CA ALA VA 42 -26.18 103.22 34.51
C ALA VA 42 -27.34 104.09 34.97
N ARG VA 43 -28.50 103.97 34.33
CA ARG VA 43 -29.66 104.76 34.70
C ARG VA 43 -30.34 104.27 35.98
N ARG VA 44 -30.07 103.03 36.40
CA ARG VA 44 -30.59 102.55 37.67
C ARG VA 44 -29.85 103.18 38.84
N ILE VA 45 -28.52 103.23 38.76
CA ILE VA 45 -27.71 103.92 39.78
C ILE VA 45 -27.57 105.37 39.30
N ALA VA 46 -28.57 106.18 39.66
CA ALA VA 46 -28.76 107.46 38.97
C ALA VA 46 -27.59 108.43 39.15
N PRO VA 47 -27.12 108.73 40.38
CA PRO VA 47 -25.96 109.63 40.47
C PRO VA 47 -24.63 108.89 40.49
N ARG VA 48 -24.68 107.60 40.82
CA ARG VA 48 -23.46 106.81 40.96
C ARG VA 48 -22.78 106.67 39.59
N PRO VA 49 -21.43 106.64 39.55
CA PRO VA 49 -20.70 106.92 38.31
C PRO VA 49 -20.64 105.78 37.30
N ALA VA 50 -21.76 105.06 37.15
CA ALA VA 50 -22.10 104.36 35.91
C ALA VA 50 -21.10 103.31 35.45
N SER VA 51 -19.97 103.17 36.16
CA SER VA 51 -18.92 102.30 35.66
C SER VA 51 -18.20 101.54 36.77
N GLY VA 52 -18.88 101.21 37.86
CA GLY VA 52 -18.25 100.52 38.95
C GLY VA 52 -17.55 101.46 39.89
N PRO VA 53 -16.99 100.93 40.97
CA PRO VA 53 -16.33 101.75 41.98
C PRO VA 53 -14.91 102.12 41.55
N ILE VA 54 -14.29 102.97 42.36
CA ILE VA 54 -12.91 103.37 42.13
C ILE VA 54 -11.99 102.18 42.34
N ARG VA 55 -10.89 102.15 41.57
CA ARG VA 55 -9.92 101.07 41.63
C ARG VA 55 -8.55 101.65 41.95
N PRO VA 56 -7.67 100.87 42.57
CA PRO VA 56 -6.37 101.38 42.98
C PRO VA 56 -5.36 101.39 41.84
N ILE VA 57 -4.27 102.12 42.05
CA ILE VA 57 -3.12 102.02 41.17
C ILE VA 57 -2.39 100.73 41.50
N VAL VA 58 -2.00 100.00 40.45
CA VAL VA 58 -1.46 98.66 40.59
C VAL VA 58 -0.38 98.44 39.55
N ARG VA 59 0.75 97.89 39.95
CA ARG VA 59 1.85 97.61 39.05
C ARG VA 59 1.76 96.19 38.53
N CYS VA 60 2.00 96.02 37.24
CA CYS VA 60 1.88 94.71 36.63
C CYS VA 60 2.99 93.79 37.13
N PRO VA 61 2.67 92.54 37.46
CA PRO VA 61 3.59 91.68 38.22
C PRO VA 61 4.52 90.82 37.37
N THR VA 62 5.36 91.46 36.56
CA THR VA 62 6.34 90.72 35.78
C THR VA 62 7.33 91.68 35.16
N VAL VA 63 8.58 91.23 34.98
CA VAL VA 63 9.64 92.05 34.41
C VAL VA 63 9.31 92.55 33.01
N ARG VA 64 8.34 91.94 32.34
CA ARG VA 64 7.92 92.43 31.03
C ARG VA 64 6.99 93.63 31.15
N TYR VA 65 6.19 93.69 32.21
CA TYR VA 65 5.16 94.70 32.35
C TYR VA 65 5.31 95.57 33.59
N HIS VA 66 6.34 95.35 34.40
CA HIS VA 66 6.43 96.09 35.67
C HIS VA 66 6.72 97.57 35.50
N THR VA 67 7.06 98.01 34.28
CA THR VA 67 7.19 99.44 34.02
C THR VA 67 5.83 100.14 33.94
N LYS VA 68 4.80 99.43 33.52
CA LYS VA 68 3.46 100.00 33.41
C LYS VA 68 2.68 99.81 34.70
N VAL VA 69 1.61 100.59 34.82
CA VAL VA 69 0.72 100.56 35.98
C VAL VA 69 -0.70 100.46 35.47
N ARG VA 70 -1.58 99.87 36.29
CA ARG VA 70 -2.96 99.66 35.88
C ARG VA 70 -3.85 99.70 37.11
N ALA VA 71 -5.12 99.35 36.92
CA ALA VA 71 -6.11 99.36 37.99
C ALA VA 71 -6.30 97.94 38.52
N GLY VA 72 -6.09 97.77 39.82
CA GLY VA 72 -6.21 96.47 40.46
C GLY VA 72 -7.65 96.14 40.83
N ARG VA 73 -7.80 94.98 41.48
CA ARG VA 73 -9.13 94.56 41.91
C ARG VA 73 -9.74 95.53 42.89
N GLY VA 74 -8.97 95.98 43.88
CA GLY VA 74 -9.50 96.91 44.85
C GLY VA 74 -8.43 97.34 45.82
N PHE VA 75 -8.80 98.27 46.69
CA PHE VA 75 -7.88 98.81 47.67
C PHE VA 75 -7.65 97.81 48.79
N SER VA 76 -6.42 97.79 49.31
CA SER VA 76 -6.07 96.88 50.38
C SER VA 76 -6.39 97.50 51.73
N LEU VA 77 -6.42 96.64 52.76
CA LEU VA 77 -6.89 97.07 54.07
C LEU VA 77 -5.93 98.06 54.72
N GLU VA 78 -4.65 98.04 54.34
CA GLU VA 78 -3.69 98.97 54.95
C GLU VA 78 -3.86 100.37 54.38
N GLU VA 79 -4.15 100.49 53.09
CA GLU VA 79 -4.41 101.81 52.50
C GLU VA 79 -5.73 102.36 53.02
N LEU VA 80 -6.72 101.49 53.26
CA LEU VA 80 -7.97 101.94 53.86
C LEU VA 80 -7.75 102.43 55.28
N ARG VA 81 -6.89 101.75 56.04
CA ARG VA 81 -6.64 102.13 57.42
C ARG VA 81 -6.03 103.52 57.52
N VAL VA 82 -4.94 103.76 56.78
CA VAL VA 82 -4.25 105.05 56.87
C VAL VA 82 -5.02 106.17 56.20
N ALA VA 83 -6.02 105.85 55.38
CA ALA VA 83 -6.96 106.86 54.90
C ALA VA 83 -8.11 107.08 55.88
N GLY VA 84 -8.18 106.30 56.94
CA GLY VA 84 -9.19 106.49 57.98
C GLY VA 84 -10.62 106.23 57.58
N ILE VA 85 -10.87 105.18 56.80
CA ILE VA 85 -12.22 104.76 56.47
C ILE VA 85 -12.36 103.28 56.77
N HIS VA 86 -13.53 102.89 57.26
CA HIS VA 86 -13.75 101.51 57.69
C HIS VA 86 -13.96 100.62 56.47
N LYS VA 87 -13.46 99.38 56.57
CA LYS VA 87 -13.52 98.46 55.44
C LYS VA 87 -14.95 98.02 55.10
N LYS VA 88 -15.90 98.20 56.01
CA LYS VA 88 -17.29 97.87 55.73
C LYS VA 88 -18.04 99.01 55.07
N VAL VA 89 -17.83 100.25 55.52
CA VAL VA 89 -18.52 101.38 54.95
C VAL VA 89 -17.88 101.81 53.63
N ALA VA 90 -16.65 101.36 53.36
CA ALA VA 90 -15.95 101.77 52.16
C ALA VA 90 -16.69 101.32 50.90
N ARG VA 91 -17.16 100.07 50.89
CA ARG VA 91 -17.84 99.55 49.70
C ARG VA 91 -19.22 100.17 49.51
N THR VA 92 -19.82 100.67 50.59
CA THR VA 92 -21.06 101.45 50.43
C THR VA 92 -20.76 102.83 49.87
N ILE VA 93 -19.55 103.34 50.09
CA ILE VA 93 -19.14 104.61 49.50
C ILE VA 93 -18.79 104.42 48.02
N GLY VA 94 -18.49 103.19 47.62
CA GLY VA 94 -18.14 102.91 46.24
C GLY VA 94 -16.63 102.88 46.04
N ILE VA 95 -15.93 102.11 46.88
CA ILE VA 95 -14.48 102.15 46.92
C ILE VA 95 -13.84 100.80 46.57
N SER VA 96 -14.54 99.69 46.73
CA SER VA 96 -14.05 98.37 46.30
C SER VA 96 -12.76 97.99 47.03
N VAL VA 97 -12.92 97.70 48.32
CA VAL VA 97 -11.82 97.12 49.09
C VAL VA 97 -11.52 95.71 48.59
N ASP VA 98 -10.23 95.39 48.49
CA ASP VA 98 -9.76 94.03 48.19
C ASP VA 98 -8.92 93.55 49.36
N PRO VA 99 -9.39 92.58 50.15
CA PRO VA 99 -8.70 92.27 51.41
C PRO VA 99 -7.47 91.38 51.28
N ARG VA 100 -7.29 90.68 50.16
CA ARG VA 100 -6.18 89.74 50.05
C ARG VA 100 -4.96 90.30 49.34
N ARG VA 101 -4.92 91.61 49.09
CA ARG VA 101 -3.73 92.25 48.54
C ARG VA 101 -2.93 92.89 49.65
N ARG VA 102 -1.61 92.67 49.62
CA ARG VA 102 -0.70 93.25 50.61
C ARG VA 102 0.18 94.30 49.94
N ASN VA 103 0.64 95.25 50.74
CA ASN VA 103 1.55 96.30 50.28
C ASN VA 103 2.94 96.05 50.82
N LYS VA 104 3.90 95.82 49.93
CA LYS VA 104 5.29 95.66 50.30
C LYS VA 104 6.12 96.89 50.01
N SER VA 105 5.49 98.00 49.60
CA SER VA 105 6.19 99.22 49.24
C SER VA 105 5.44 100.39 49.85
N THR VA 106 6.19 101.38 50.35
CA THR VA 106 5.55 102.58 50.87
C THR VA 106 5.13 103.52 49.73
N GLU VA 107 5.89 103.57 48.65
CA GLU VA 107 5.49 104.42 47.52
C GLU VA 107 4.19 103.92 46.90
N SER VA 108 4.08 102.60 46.70
CA SER VA 108 2.81 102.05 46.24
C SER VA 108 1.72 102.25 47.28
N LEU VA 109 2.07 102.11 48.56
CA LEU VA 109 1.12 102.42 49.62
C LEU VA 109 0.67 103.87 49.55
N GLN VA 110 1.62 104.80 49.54
CA GLN VA 110 1.27 106.21 49.60
C GLN VA 110 0.51 106.65 48.35
N ALA VA 111 0.77 106.01 47.21
CA ALA VA 111 0.07 106.37 45.99
C ALA VA 111 -1.42 106.06 46.08
N ASN VA 112 -1.78 104.95 46.74
CA ASN VA 112 -3.17 104.53 46.77
C ASN VA 112 -3.94 105.21 47.90
N VAL VA 113 -3.23 105.78 48.88
CA VAL VA 113 -3.92 106.54 49.92
C VAL VA 113 -4.15 107.98 49.49
N GLN VA 114 -3.25 108.52 48.65
CA GLN VA 114 -3.53 109.81 48.04
C GLN VA 114 -4.69 109.69 47.06
N ARG VA 115 -4.82 108.53 46.41
CA ARG VA 115 -5.94 108.29 45.51
C ARG VA 115 -7.25 108.20 46.30
N LEU VA 116 -7.20 107.61 47.49
CA LEU VA 116 -8.40 107.49 48.30
C LEU VA 116 -8.77 108.83 48.94
N LYS VA 117 -7.78 109.55 49.45
CA LYS VA 117 -8.06 110.82 50.11
C LYS VA 117 -8.59 111.86 49.14
N GLU VA 118 -8.06 111.87 47.92
CA GLU VA 118 -8.53 112.85 46.94
C GLU VA 118 -9.74 112.33 46.19
N TYR VA 119 -10.09 111.05 46.36
CA TYR VA 119 -11.41 110.58 45.97
C TYR VA 119 -12.46 111.03 46.98
N ARG VA 120 -12.12 111.00 48.26
CA ARG VA 120 -13.07 111.39 49.30
C ARG VA 120 -13.47 112.86 49.15
N SER VA 121 -12.52 113.71 48.74
CA SER VA 121 -12.84 115.11 48.51
C SER VA 121 -13.80 115.28 47.35
N LYS VA 122 -13.59 114.54 46.26
CA LYS VA 122 -14.43 114.64 45.08
C LYS VA 122 -15.77 113.93 45.25
N LEU VA 123 -15.95 113.19 46.35
CA LEU VA 123 -17.23 112.53 46.59
C LEU VA 123 -18.30 113.54 46.99
N ILE VA 124 -19.51 113.31 46.50
CA ILE VA 124 -20.72 113.99 46.97
C ILE VA 124 -21.71 112.93 47.45
N LEU VA 125 -22.07 113.00 48.72
CA LEU VA 125 -22.85 111.97 49.38
C LEU VA 125 -24.25 112.48 49.66
N PHE VA 126 -25.24 111.83 49.06
CA PHE VA 126 -26.63 112.21 49.27
C PHE VA 126 -27.09 111.73 50.65
N PRO VA 127 -27.74 112.57 51.45
CA PRO VA 127 -28.29 112.10 52.73
C PRO VA 127 -29.33 111.01 52.50
N ARG VA 128 -29.38 110.04 53.41
CA ARG VA 128 -30.24 108.90 53.16
C ARG VA 128 -31.71 109.30 53.27
N LYS VA 129 -32.02 110.21 54.20
CA LYS VA 129 -33.32 110.84 54.27
C LYS VA 129 -33.19 112.25 53.71
N PRO VA 130 -33.74 112.54 52.53
CA PRO VA 130 -33.52 113.86 51.92
C PRO VA 130 -34.03 115.02 52.77
N SER VA 131 -35.06 114.78 53.59
CA SER VA 131 -35.60 115.86 54.41
C SER VA 131 -34.57 116.39 55.40
N ALA VA 132 -33.81 115.49 56.03
CA ALA VA 132 -32.85 115.89 57.06
C ALA VA 132 -31.43 115.60 56.59
N PRO VA 133 -30.66 116.60 56.14
CA PRO VA 133 -29.25 116.37 55.85
C PRO VA 133 -28.44 116.30 57.14
N LYS VA 134 -28.02 115.10 57.52
CA LYS VA 134 -27.37 114.87 58.80
C LYS VA 134 -25.86 115.03 58.73
N LYS VA 135 -25.19 114.22 57.90
CA LYS VA 135 -23.74 114.34 57.75
C LYS VA 135 -23.28 114.21 56.29
N GLY VA 136 -24.20 114.12 55.34
CA GLY VA 136 -23.83 113.84 53.97
C GLY VA 136 -23.13 114.98 53.24
N ASP VA 137 -23.85 116.05 52.96
CA ASP VA 137 -23.34 117.10 52.08
C ASP VA 137 -24.23 118.33 52.23
N SER VA 138 -23.87 119.40 51.54
CA SER VA 138 -24.66 120.63 51.50
C SER VA 138 -25.61 120.58 50.31
N SER VA 139 -26.82 121.09 50.51
CA SER VA 139 -27.82 121.06 49.45
C SER VA 139 -27.39 121.91 48.25
N ALA VA 140 -26.60 122.95 48.48
CA ALA VA 140 -26.24 123.87 47.40
C ALA VA 140 -25.47 123.16 46.29
N GLU VA 141 -24.43 122.42 46.65
CA GLU VA 141 -23.66 121.67 45.66
C GLU VA 141 -24.22 120.28 45.43
N GLU VA 142 -25.24 119.89 46.19
CA GLU VA 142 -25.94 118.63 45.92
C GLU VA 142 -26.75 118.71 44.64
N LEU VA 143 -27.44 119.83 44.41
CA LEU VA 143 -28.34 119.92 43.28
C LEU VA 143 -27.58 120.04 41.97
N LYS VA 144 -26.77 121.08 41.83
CA LYS VA 144 -26.18 121.39 40.53
C LYS VA 144 -25.07 120.41 40.18
N LEU VA 145 -24.20 120.08 41.14
CA LEU VA 145 -22.93 119.42 40.88
C LEU VA 145 -23.05 117.90 40.83
N ALA VA 146 -24.22 117.34 41.09
CA ALA VA 146 -24.40 115.90 41.14
C ALA VA 146 -24.83 115.39 39.77
N THR VA 147 -23.88 114.77 39.06
CA THR VA 147 -24.14 114.22 37.74
C THR VA 147 -23.49 112.84 37.65
N GLN VA 148 -24.02 112.00 36.76
CA GLN VA 148 -23.46 110.68 36.55
C GLN VA 148 -22.14 110.80 35.81
N LEU VA 149 -21.11 110.13 36.32
CA LEU VA 149 -19.78 110.18 35.72
C LEU VA 149 -19.61 108.98 34.78
N THR VA 150 -19.44 109.24 33.49
CA THR VA 150 -19.18 108.19 32.53
C THR VA 150 -17.71 107.81 32.52
N GLY VA 151 -17.43 106.58 32.12
CA GLY VA 151 -16.09 106.08 32.11
C GLY VA 151 -15.62 105.69 33.49
N PRO VA 152 -14.41 105.14 33.58
CA PRO VA 152 -13.90 104.73 34.89
C PRO VA 152 -13.72 105.91 35.83
N VAL VA 153 -13.93 105.65 37.11
CA VAL VA 153 -13.57 106.62 38.15
C VAL VA 153 -12.08 106.87 37.97
N MET VA 154 -11.62 108.07 38.36
CA MET VA 154 -10.46 108.72 37.74
C MET VA 154 -9.38 107.73 37.34
N PRO VA 155 -9.14 107.56 36.05
CA PRO VA 155 -8.38 106.41 35.57
C PRO VA 155 -6.89 106.53 35.86
N VAL VA 156 -6.25 105.36 35.97
CA VAL VA 156 -4.82 105.32 36.16
C VAL VA 156 -4.14 105.75 34.87
N ARG VA 157 -3.02 106.45 35.00
CA ARG VA 157 -2.27 106.96 33.87
C ARG VA 157 -0.79 106.67 34.11
N ASN VA 158 -0.09 106.26 33.06
CA ASN VA 158 1.35 106.03 33.16
C ASN VA 158 2.06 107.36 33.03
N VAL VA 159 2.51 107.90 34.16
CA VAL VA 159 3.19 109.18 34.18
C VAL VA 159 4.68 108.94 33.96
N TYR VA 160 5.35 109.89 33.32
CA TYR VA 160 6.77 109.77 33.00
C TYR VA 160 7.47 111.03 33.45
N LYS VA 161 8.41 110.89 34.39
CA LYS VA 161 9.19 112.02 34.86
C LYS VA 161 10.25 112.36 33.81
N LYS VA 162 10.04 113.47 33.10
CA LYS VA 162 10.96 113.89 32.06
C LYS VA 162 12.22 114.45 32.70
N GLU VA 163 13.37 113.95 32.28
CA GLU VA 163 14.66 114.39 32.79
C GLU VA 163 15.19 115.52 31.92
N LYS VA 164 15.47 116.66 32.53
CA LYS VA 164 16.07 117.77 31.82
C LYS VA 164 17.50 117.43 31.44
N ALA VA 165 17.94 117.91 30.28
CA ALA VA 165 19.31 117.69 29.85
C ALA VA 165 20.28 118.29 30.85
N ARG VA 166 21.43 117.64 31.02
CA ARG VA 166 22.43 118.08 31.97
C ARG VA 166 23.81 117.75 31.45
N VAL VA 167 24.81 118.48 31.96
CA VAL VA 167 26.19 118.27 31.54
C VAL VA 167 26.71 116.99 32.16
N ILE VA 168 27.34 116.15 31.35
CA ILE VA 168 27.78 114.84 31.79
C ILE VA 168 29.02 114.99 32.67
N THR VA 169 28.92 114.51 33.91
CA THR VA 169 30.06 114.56 34.81
C THR VA 169 31.16 113.60 34.34
N GLU VA 170 32.39 113.91 34.72
CA GLU VA 170 33.52 113.09 34.29
C GLU VA 170 33.44 111.68 34.86
N GLU VA 171 33.08 111.56 36.13
CA GLU VA 171 32.95 110.23 36.73
C GLU VA 171 31.80 109.45 36.09
N GLU VA 172 30.89 110.15 35.42
CA GLU VA 172 29.86 109.46 34.63
C GLU VA 172 30.43 108.96 33.32
N LYS VA 173 31.33 109.73 32.70
CA LYS VA 173 31.92 109.31 31.43
C LYS VA 173 32.75 108.04 31.60
N ASN VA 174 33.50 107.94 32.70
CA ASN VA 174 34.33 106.78 32.96
C ASN VA 174 33.61 105.81 33.89
N PHE VA 175 32.47 105.31 33.41
CA PHE VA 175 31.76 104.24 34.10
C PHE VA 175 31.58 103.11 33.11
N LYS VA 176 32.07 101.91 33.45
CA LYS VA 176 32.05 100.78 32.53
C LYS VA 176 30.72 100.06 32.66
N ALA VA 177 29.76 100.47 31.83
CA ALA VA 177 28.42 99.90 31.89
C ALA VA 177 28.43 98.42 31.52
N PHE VA 178 29.16 98.07 30.46
CA PHE VA 178 29.17 96.68 30.02
C PHE VA 178 29.93 95.80 31.02
N ALA VA 179 31.06 96.27 31.51
CA ALA VA 179 31.82 95.49 32.49
C ALA VA 179 31.00 95.23 33.73
N SER VA 180 30.40 96.28 34.31
CA SER VA 180 29.64 96.11 35.55
C SER VA 180 28.53 95.09 35.39
N LEU VA 181 27.90 95.06 34.21
CA LEU VA 181 26.91 94.01 33.94
C LEU VA 181 27.56 92.64 33.93
N ARG VA 182 28.74 92.52 33.32
CA ARG VA 182 29.42 91.23 33.24
C ARG VA 182 29.97 90.80 34.59
N MET VA 183 30.54 91.73 35.36
CA MET VA 183 31.01 91.39 36.70
C MET VA 183 29.86 91.00 37.61
N ALA VA 184 28.81 91.83 37.65
CA ALA VA 184 27.68 91.54 38.54
C ALA VA 184 27.00 90.24 38.16
N ARG VA 185 26.92 89.95 36.87
CA ARG VA 185 26.41 88.66 36.42
C ARG VA 185 27.30 87.52 36.92
N ALA VA 186 28.62 87.74 36.93
CA ALA VA 186 29.53 86.70 37.42
C ALA VA 186 29.49 86.60 38.94
N ASN VA 187 29.41 87.73 39.63
CA ASN VA 187 29.42 87.71 41.10
C ASN VA 187 28.21 86.96 41.64
N ALA VA 188 27.04 87.18 41.05
CA ALA VA 188 25.86 86.43 41.47
C ALA VA 188 26.02 84.94 41.19
N ARG VA 189 26.65 84.60 40.06
CA ARG VA 189 26.83 83.20 39.69
C ARG VA 189 27.75 82.48 40.67
N LEU VA 190 28.85 83.12 41.05
CA LEU VA 190 29.88 82.48 41.86
C LEU VA 190 29.78 82.84 43.34
N PHE VA 191 28.72 83.53 43.76
CA PHE VA 191 28.62 83.92 45.16
C PHE VA 191 28.52 82.70 46.07
N GLY VA 192 27.71 81.71 45.67
CA GLY VA 192 27.54 80.54 46.51
C GLY VA 192 28.79 79.68 46.60
N ILE VA 193 29.51 79.52 45.49
CA ILE VA 193 30.67 78.63 45.48
C ILE VA 193 31.88 79.33 46.07
N ARG VA 194 31.92 80.67 46.00
CA ARG VA 194 32.99 81.40 46.66
C ARG VA 194 32.86 81.32 48.18
N ALA VA 195 31.63 81.32 48.68
CA ALA VA 195 31.41 81.20 50.11
C ALA VA 195 31.87 79.84 50.65
N LYS VA 196 31.66 78.78 49.88
CA LYS VA 196 32.07 77.46 50.32
C LYS VA 196 33.59 77.35 50.43
N ARG VA 197 34.30 77.82 49.39
CA ARG VA 197 35.76 77.79 49.44
C ARG VA 197 36.30 78.72 50.51
N ALA VA 198 35.53 79.74 50.90
CA ALA VA 198 35.91 80.55 52.05
C ALA VA 198 35.75 79.75 53.34
N LYS VA 199 34.76 78.87 53.41
CA LYS VA 199 34.55 78.06 54.59
C LYS VA 199 35.65 77.01 54.76
N GLU VA 200 36.10 76.42 53.64
CA GLU VA 200 37.23 75.49 53.73
C GLU VA 200 38.49 76.23 54.15
N ALA VA 201 38.68 77.46 53.66
CA ALA VA 201 39.83 78.24 54.06
C ALA VA 201 39.82 78.55 55.55
N ALA VA 202 38.65 78.92 56.09
CA ALA VA 202 38.54 79.14 57.52
C ALA VA 202 38.79 77.86 58.31
N GLU VA 203 38.31 76.73 57.78
CA GLU VA 203 38.59 75.44 58.41
C GLU VA 203 40.09 75.14 58.39
N GLN VA 204 40.75 75.44 57.27
CA GLN VA 204 42.20 75.33 57.21
C GLN VA 204 42.87 76.26 58.20
N ASP VA 205 42.36 77.48 58.33
CA ASP VA 205 43.00 78.47 59.20
C ASP VA 205 42.92 78.06 60.67
N VAL VA 206 41.84 77.39 61.07
CA VAL VA 206 41.77 76.87 62.43
C VAL VA 206 42.86 75.84 62.69
N GLU VA 207 43.17 75.00 61.69
CA GLU VA 207 44.25 74.03 61.78
C GLU VA 207 45.49 74.51 61.03
N LYS VA 208 45.72 75.82 61.00
CA LYS VA 208 46.86 76.36 60.26
C LYS VA 208 48.17 75.77 60.75
N LYS VA 209 48.29 75.58 62.07
CA LYS VA 209 49.46 74.96 62.68
C LYS VA 209 49.01 73.80 63.54
N LYS VA 210 49.76 72.70 63.49
CA LYS VA 210 49.43 71.51 64.27
C LYS VA 210 50.68 70.74 64.65
N VAL WA 1 4.37 34.35 -102.60
CA VAL WA 1 4.66 34.59 -101.18
C VAL WA 1 6.08 35.13 -101.03
N PHE WA 2 6.22 36.20 -100.24
CA PHE WA 2 7.49 36.88 -99.99
C PHE WA 2 8.11 37.37 -101.30
N ARG WA 3 7.41 38.33 -101.90
CA ARG WA 3 7.87 38.92 -103.16
C ARG WA 3 9.04 39.86 -102.96
N ARG WA 4 8.99 40.71 -101.93
CA ARG WA 4 10.00 41.74 -101.70
C ARG WA 4 10.77 41.44 -100.42
N PHE WA 5 12.09 41.59 -100.49
CA PHE WA 5 12.99 41.25 -99.39
C PHE WA 5 13.80 42.48 -98.99
N VAL WA 6 14.50 42.36 -97.86
CA VAL WA 6 15.45 43.37 -97.39
C VAL WA 6 16.82 42.95 -97.91
N GLU WA 7 17.30 43.62 -98.96
CA GLU WA 7 18.64 43.41 -99.47
C GLU WA 7 19.33 44.76 -99.65
N VAL WA 8 20.59 44.69 -100.07
CA VAL WA 8 21.35 45.90 -100.35
C VAL WA 8 20.82 46.54 -101.62
N GLY WA 9 20.41 47.79 -101.54
CA GLY WA 9 19.84 48.49 -102.66
C GLY WA 9 18.32 48.52 -102.69
N ARG WA 10 17.66 47.78 -101.80
CA ARG WA 10 16.21 47.78 -101.77
C ARG WA 10 15.71 49.13 -101.28
N VAL WA 11 14.79 49.73 -102.02
CA VAL WA 11 14.20 51.02 -101.69
C VAL WA 11 13.05 50.79 -100.73
N ALA WA 12 13.07 51.47 -99.59
CA ALA WA 12 12.03 51.37 -98.58
C ALA WA 12 11.39 52.73 -98.35
N TYR WA 13 10.08 52.72 -98.12
CA TYR WA 13 9.32 53.91 -97.83
C TYR WA 13 9.16 54.01 -96.32
N VAL WA 14 9.48 55.18 -95.76
CA VAL WA 14 9.46 55.37 -94.33
C VAL WA 14 8.07 55.84 -93.91
N SER WA 15 7.42 55.05 -93.06
CA SER WA 15 6.03 55.31 -92.69
C SER WA 15 5.91 56.27 -91.51
N PHE WA 16 6.68 56.06 -90.45
CA PHE WA 16 6.68 56.99 -89.33
C PHE WA 16 8.10 57.29 -88.88
N GLY WA 17 8.25 58.27 -87.99
CA GLY WA 17 9.55 58.67 -87.52
C GLY WA 17 9.96 60.03 -88.04
N PRO WA 18 11.21 60.42 -87.77
CA PRO WA 18 11.67 61.75 -88.23
C PRO WA 18 11.63 61.91 -89.74
N HIS WA 19 11.73 60.83 -90.51
CA HIS WA 19 11.74 60.89 -91.96
C HIS WA 19 10.50 60.25 -92.55
N ALA WA 20 9.35 60.46 -91.91
CA ALA WA 20 8.11 59.88 -92.39
C ALA WA 20 7.74 60.41 -93.76
N GLY WA 21 7.33 59.51 -94.65
CA GLY WA 21 6.96 59.90 -95.99
C GLY WA 21 8.11 59.99 -96.96
N LYS WA 22 9.31 59.63 -96.54
CA LYS WA 22 10.51 59.72 -97.36
C LYS WA 22 10.82 58.38 -97.99
N LEU WA 23 11.55 58.43 -99.11
CA LEU WA 23 12.10 57.24 -99.72
C LEU WA 23 13.53 57.03 -99.27
N VAL WA 24 13.96 55.78 -99.23
CA VAL WA 24 15.22 55.41 -98.61
C VAL WA 24 15.71 54.11 -99.22
N ALA WA 25 17.03 54.02 -99.44
CA ALA WA 25 17.65 52.81 -99.98
C ALA WA 25 18.44 52.12 -98.88
N ILE WA 26 18.22 50.82 -98.73
CA ILE WA 26 18.89 50.02 -97.71
C ILE WA 26 20.32 49.78 -98.17
N VAL WA 27 21.27 50.39 -97.46
CA VAL WA 27 22.68 50.27 -97.83
C VAL WA 27 23.32 49.07 -97.17
N ASP WA 28 22.94 48.79 -95.92
CA ASP WA 28 23.45 47.63 -95.20
C ASP WA 28 22.41 47.24 -94.15
N VAL WA 29 22.66 46.13 -93.48
CA VAL WA 29 21.76 45.61 -92.45
C VAL WA 29 22.60 45.23 -91.23
N ILE WA 30 22.14 45.64 -90.05
CA ILE WA 30 22.84 45.37 -88.80
C ILE WA 30 21.85 44.76 -87.81
N ASP WA 31 22.35 43.85 -86.98
CA ASP WA 31 21.72 43.35 -85.75
C ASP WA 31 20.21 43.11 -85.83
N GLN WA 32 19.71 42.69 -86.99
CA GLN WA 32 18.38 42.08 -87.12
C GLN WA 32 17.23 43.07 -86.91
N ASN WA 33 17.53 44.25 -86.45
CA ASN WA 33 16.49 45.23 -86.14
C ASN WA 33 16.69 46.55 -86.85
N ARG WA 34 17.93 47.02 -86.92
CA ARG WA 34 18.27 48.27 -87.58
C ARG WA 34 18.84 47.97 -88.96
N ALA WA 35 18.97 49.03 -89.76
CA ALA WA 35 19.57 48.91 -91.08
C ALA WA 35 20.20 50.25 -91.44
N LEU WA 36 21.37 50.19 -92.07
CA LEU WA 36 21.98 51.40 -92.57
C LEU WA 36 21.25 51.87 -93.82
N VAL WA 37 20.68 53.07 -93.74
CA VAL WA 37 19.81 53.58 -94.78
C VAL WA 37 20.40 54.86 -95.35
N ASP WA 38 19.95 55.24 -96.53
CA ASP WA 38 20.51 56.40 -97.20
C ASP WA 38 19.57 56.85 -98.31
N GLY WA 39 18.99 58.04 -98.13
CA GLY WA 39 18.32 58.70 -99.22
C GLY WA 39 19.11 59.90 -99.69
N PRO WA 40 19.87 59.75 -100.76
CA PRO WA 40 20.70 60.86 -101.23
C PRO WA 40 19.93 61.84 -102.09
N CYS WA 41 18.93 61.34 -102.81
CA CYS WA 41 18.09 62.16 -103.68
C CYS WA 41 16.73 62.46 -103.06
N THR WA 42 16.49 62.02 -101.83
CA THR WA 42 15.25 62.33 -101.13
C THR WA 42 15.51 63.02 -99.78
N GLN WA 43 16.70 63.56 -99.59
CA GLN WA 43 17.04 64.39 -98.43
C GLN WA 43 16.98 63.60 -97.12
N VAL WA 44 17.57 62.40 -97.13
CA VAL WA 44 17.72 61.60 -95.92
C VAL WA 44 19.16 61.14 -95.84
N ARG WA 45 19.94 61.75 -94.95
CA ARG WA 45 21.36 61.43 -94.90
C ARG WA 45 21.58 60.05 -94.30
N ARG WA 46 22.76 59.50 -94.55
CA ARG WA 46 23.05 58.13 -94.16
C ARG WA 46 23.00 57.98 -92.65
N GLN WA 47 22.29 56.94 -92.19
CA GLN WA 47 22.08 56.71 -90.78
C GLN WA 47 21.54 55.29 -90.59
N ALA WA 48 21.30 54.91 -89.34
CA ALA WA 48 20.70 53.63 -89.02
C ALA WA 48 19.23 53.84 -88.69
N MET WA 49 18.37 53.04 -89.30
CA MET WA 49 16.94 53.15 -89.08
C MET WA 49 16.34 51.76 -88.87
N PRO WA 50 15.42 51.61 -87.92
CA PRO WA 50 14.83 50.29 -87.66
C PRO WA 50 13.95 49.81 -88.80
N PHE WA 51 13.81 48.49 -88.90
CA PHE WA 51 12.95 47.90 -89.91
C PHE WA 51 11.48 48.18 -89.66
N LYS WA 52 11.10 48.60 -88.45
CA LYS WA 52 9.70 48.84 -88.16
C LYS WA 52 9.15 50.05 -88.90
N CYS WA 53 9.99 51.07 -89.12
CA CYS WA 53 9.52 52.26 -89.82
C CYS WA 53 9.38 52.01 -91.31
N MET WA 54 10.17 51.10 -91.86
CA MET WA 54 10.25 50.94 -93.30
C MET WA 54 9.07 50.15 -93.84
N GLN WA 55 8.73 50.41 -95.10
CA GLN WA 55 7.81 49.58 -95.87
C GLN WA 55 8.44 49.37 -97.24
N LEU WA 56 8.87 48.13 -97.51
CA LEU WA 56 9.63 47.86 -98.73
C LEU WA 56 8.79 48.11 -99.98
N THR WA 57 9.44 48.62 -101.01
CA THR WA 57 8.86 48.83 -102.32
C THR WA 57 9.39 47.78 -103.28
N ASP WA 58 9.06 47.92 -104.55
CA ASP WA 58 9.49 46.98 -105.58
C ASP WA 58 10.75 47.43 -106.29
N PHE WA 59 11.37 48.53 -105.87
CA PHE WA 59 12.57 49.04 -106.52
C PHE WA 59 13.82 48.54 -105.81
N ILE WA 60 14.82 48.15 -106.60
CA ILE WA 60 16.07 47.62 -106.09
C ILE WA 60 17.21 48.30 -106.85
N LEU WA 61 18.17 48.85 -106.11
CA LEU WA 61 19.32 49.52 -106.71
C LEU WA 61 20.54 48.62 -106.65
N LYS WA 62 21.30 48.59 -107.73
CA LYS WA 62 22.46 47.69 -107.86
C LYS WA 62 23.72 48.47 -107.50
N PHE WA 63 24.08 48.43 -106.23
CA PHE WA 63 25.35 48.96 -105.76
C PHE WA 63 25.90 48.04 -104.69
N PRO WA 64 27.21 48.02 -104.48
CA PRO WA 64 27.79 47.15 -103.45
C PRO WA 64 27.39 47.58 -102.05
N HIS WA 65 27.47 46.64 -101.13
CA HIS WA 65 27.04 46.91 -99.76
C HIS WA 65 28.00 47.87 -99.07
N SER WA 66 27.41 48.77 -98.27
CA SER WA 66 28.17 49.80 -97.55
C SER WA 66 28.99 50.66 -98.49
N ALA WA 67 28.48 50.89 -99.69
CA ALA WA 67 29.12 51.80 -100.62
C ALA WA 67 29.00 53.24 -100.11
N HIS WA 68 29.68 54.16 -100.79
CA HIS WA 68 29.67 55.53 -100.34
C HIS WA 68 28.41 56.25 -100.82
N GLN WA 69 28.25 57.49 -100.34
CA GLN WA 69 27.09 58.30 -100.72
C GLN WA 69 27.03 58.54 -102.21
N LYS WA 70 28.17 58.82 -102.84
CA LYS WA 70 28.16 59.16 -104.27
C LYS WA 70 27.73 57.97 -105.12
N TYR WA 71 28.07 56.75 -104.70
CA TYR WA 71 27.72 55.58 -105.50
C TYR WA 71 26.26 55.21 -105.33
N VAL WA 72 25.71 55.42 -104.14
CA VAL WA 72 24.28 55.19 -103.93
C VAL WA 72 23.47 56.22 -104.71
N ARG WA 73 23.96 57.46 -104.77
CA ARG WA 73 23.24 58.50 -105.51
C ARG WA 73 23.25 58.23 -107.01
N GLN WA 74 24.41 57.92 -107.58
CA GLN WA 74 24.48 57.66 -109.01
C GLN WA 74 23.61 56.47 -109.41
N ALA WA 75 23.55 55.45 -108.56
CA ALA WA 75 22.63 54.34 -108.81
C ALA WA 75 21.18 54.79 -108.67
N TRP WA 76 20.92 55.78 -107.82
CA TRP WA 76 19.56 56.27 -107.66
C TRP WA 76 19.13 57.11 -108.85
N GLN WA 77 20.03 57.96 -109.36
CA GLN WA 77 19.69 58.83 -110.48
C GLN WA 77 19.52 58.04 -111.77
N LYS WA 78 20.47 57.16 -112.07
CA LYS WA 78 20.29 56.24 -113.19
C LYS WA 78 19.20 55.24 -112.84
N ALA WA 79 18.22 55.12 -113.73
CA ALA WA 79 16.93 54.49 -113.40
C ALA WA 79 16.32 55.21 -112.21
N ASP WA 80 15.99 56.49 -112.44
CA ASP WA 80 15.62 57.39 -111.37
C ASP WA 80 14.36 56.91 -110.65
N ILE WA 81 14.47 56.77 -109.33
CA ILE WA 81 13.34 56.32 -108.53
C ILE WA 81 12.31 57.43 -108.30
N ASN WA 82 12.75 58.68 -108.31
CA ASN WA 82 11.83 59.80 -108.07
C ASN WA 82 10.74 59.91 -109.13
N THR WA 83 10.93 59.33 -110.32
CA THR WA 83 9.91 59.33 -111.35
C THR WA 83 9.17 58.01 -111.49
N LYS WA 84 9.84 56.88 -111.27
CA LYS WA 84 9.13 55.60 -111.25
C LYS WA 84 8.15 55.55 -110.08
N TRP WA 85 8.64 55.78 -108.88
CA TRP WA 85 7.77 56.15 -107.77
C TRP WA 85 7.16 57.50 -108.08
N ALA WA 86 5.98 57.78 -107.49
CA ALA WA 86 5.33 59.05 -107.77
C ALA WA 86 5.02 59.15 -109.25
N ALA WA 87 3.91 58.52 -109.69
CA ALA WA 87 3.71 57.77 -110.94
C ALA WA 87 3.93 56.28 -110.72
N THR WA 88 3.96 55.87 -109.45
CA THR WA 88 3.52 54.54 -109.08
C THR WA 88 2.21 54.66 -108.30
N ARG WA 89 1.38 53.63 -108.39
CA ARG WA 89 0.02 53.74 -107.88
C ARG WA 89 -0.03 53.76 -106.36
N TRP WA 90 1.00 53.25 -105.69
CA TRP WA 90 1.11 53.43 -104.25
C TRP WA 90 1.33 54.90 -103.91
N ALA WA 91 2.24 55.56 -104.62
CA ALA WA 91 2.60 56.93 -104.30
C ALA WA 91 1.50 57.91 -104.68
N LYS WA 92 0.90 57.75 -105.86
CA LYS WA 92 -0.15 58.67 -106.26
C LYS WA 92 -1.40 58.48 -105.41
N LYS WA 93 -1.54 57.32 -104.76
CA LYS WA 93 -2.58 57.14 -103.76
C LYS WA 93 -2.20 57.79 -102.44
N ILE WA 94 -0.89 57.86 -102.16
CA ILE WA 94 -0.42 58.65 -101.01
C ILE WA 94 -0.67 60.12 -101.26
N GLU WA 95 -0.43 60.57 -102.49
CA GLU WA 95 -0.69 61.96 -102.85
C GLU WA 95 -2.17 62.28 -102.70
N ALA WA 96 -3.04 61.38 -103.14
CA ALA WA 96 -4.48 61.63 -103.06
C ALA WA 96 -4.93 61.82 -101.61
N ARG WA 97 -4.42 61.00 -100.70
CA ARG WA 97 -4.76 61.16 -99.29
C ARG WA 97 -4.28 62.49 -98.75
N GLU WA 98 -3.16 63.00 -99.27
CA GLU WA 98 -2.62 64.27 -98.80
C GLU WA 98 -3.52 65.44 -99.20
N ARG WA 99 -3.96 65.47 -100.46
CA ARG WA 99 -4.77 66.59 -100.91
C ARG WA 99 -6.19 66.51 -100.38
N LYS WA 100 -6.62 65.34 -99.92
CA LYS WA 100 -7.93 65.24 -99.30
C LYS WA 100 -7.94 65.89 -97.92
N ALA WA 101 -6.83 65.78 -97.20
CA ALA WA 101 -6.74 66.40 -95.87
C ALA WA 101 -6.67 67.92 -95.97
N LYS WA 102 -5.90 68.43 -96.93
CA LYS WA 102 -5.76 69.87 -97.11
C LYS WA 102 -6.92 70.48 -97.86
N MET WA 103 -7.99 69.74 -98.09
CA MET WA 103 -9.17 70.27 -98.77
C MET WA 103 -9.89 71.26 -97.87
N THR WA 104 -10.17 72.45 -98.40
CA THR WA 104 -10.73 73.54 -97.63
C THR WA 104 -12.26 73.43 -97.61
N ASP WA 105 -12.91 74.34 -96.87
CA ASP WA 105 -14.36 74.30 -96.74
C ASP WA 105 -15.06 74.51 -98.08
N PHE WA 106 -14.56 75.47 -98.87
CA PHE WA 106 -15.15 75.71 -100.19
C PHE WA 106 -14.89 74.54 -101.13
N ASP WA 107 -13.67 73.99 -101.11
CA ASP WA 107 -13.37 72.82 -101.92
C ASP WA 107 -14.24 71.64 -101.51
N ARG WA 108 -14.50 71.51 -100.21
CA ARG WA 108 -15.40 70.46 -99.74
C ARG WA 108 -16.81 70.66 -100.28
N PHE WA 109 -17.25 71.92 -100.37
CA PHE WA 109 -18.57 72.21 -100.91
C PHE WA 109 -18.64 71.86 -102.40
N LYS WA 110 -17.61 72.25 -103.17
CA LYS WA 110 -17.61 71.95 -104.59
C LYS WA 110 -17.49 70.45 -104.84
N VAL WA 111 -16.77 69.75 -103.97
CA VAL WA 111 -16.69 68.30 -104.07
C VAL WA 111 -18.07 67.68 -103.85
N MET WA 112 -18.81 68.19 -102.86
CA MET WA 112 -20.12 67.64 -102.54
C MET WA 112 -21.09 67.82 -103.70
N LYS WA 113 -21.05 68.96 -104.39
CA LYS WA 113 -21.96 69.18 -105.52
C LYS WA 113 -21.62 68.24 -106.67
N ALA WA 114 -20.35 68.12 -107.02
CA ALA WA 114 -19.96 67.19 -108.08
C ALA WA 114 -20.27 65.76 -107.69
N LYS WA 115 -20.01 65.39 -106.44
CA LYS WA 115 -20.27 64.04 -105.98
C LYS WA 115 -21.76 63.75 -105.93
N LYS WA 116 -22.59 64.74 -105.61
CA LYS WA 116 -24.03 64.56 -105.66
C LYS WA 116 -24.48 64.21 -107.08
N MET WA 117 -23.94 64.93 -108.06
CA MET WA 117 -24.36 64.71 -109.44
C MET WA 117 -23.59 63.57 -110.10
N ARG WA 118 -22.35 63.33 -109.70
CA ARG WA 118 -21.65 62.16 -110.21
C ARG WA 118 -22.42 60.90 -109.89
N ASN WA 119 -22.93 60.80 -108.66
CA ASN WA 119 -23.73 59.65 -108.27
C ASN WA 119 -25.06 59.63 -109.01
N ARG WA 120 -25.75 60.78 -109.08
CA ARG WA 120 -27.07 60.82 -109.68
C ARG WA 120 -27.08 60.23 -111.08
N ILE WA 121 -26.01 60.46 -111.85
CA ILE WA 121 -25.92 59.88 -113.18
C ILE WA 121 -25.68 58.37 -113.09
N ILE WA 122 -24.78 57.95 -112.20
CA ILE WA 122 -24.47 56.53 -112.08
C ILE WA 122 -25.67 55.76 -111.56
N LYS WA 123 -26.35 56.28 -110.54
CA LYS WA 123 -27.55 55.60 -110.02
C LYS WA 123 -28.58 55.41 -111.13
N ASN WA 124 -28.80 56.44 -111.95
CA ASN WA 124 -29.79 56.34 -113.01
C ASN WA 124 -29.39 55.29 -114.04
N GLU WA 125 -28.10 55.24 -114.41
CA GLU WA 125 -27.66 54.29 -115.42
C GLU WA 125 -27.79 52.85 -114.92
N VAL WA 126 -27.42 52.61 -113.66
CA VAL WA 126 -27.57 51.26 -113.10
C VAL WA 126 -29.02 50.83 -113.12
N LYS WA 127 -29.94 51.75 -112.82
CA LYS WA 127 -31.36 51.44 -112.94
C LYS WA 127 -31.73 51.10 -114.37
N LYS WA 128 -31.16 51.83 -115.34
CA LYS WA 128 -31.37 51.48 -116.74
C LYS WA 128 -30.71 50.15 -117.08
N LEU WA 129 -29.50 49.91 -116.56
CA LEU WA 129 -28.80 48.66 -116.85
C LEU WA 129 -29.56 47.47 -116.27
N GLN WA 130 -30.09 47.61 -115.06
CA GLN WA 130 -30.82 46.50 -114.43
C GLN WA 130 -32.10 46.19 -115.20
N LYS WA 131 -32.88 47.22 -115.55
CA LYS WA 131 -34.11 46.98 -116.30
C LYS WA 131 -33.83 46.43 -117.68
N ALA WA 132 -32.83 47.00 -118.37
CA ALA WA 132 -32.46 46.51 -119.69
C ALA WA 132 -31.77 45.15 -119.61
N ALA WA 133 -31.45 44.68 -118.41
CA ALA WA 133 -30.96 43.31 -118.25
C ALA WA 133 -32.05 42.36 -117.79
N LEU WA 134 -33.24 42.87 -117.44
CA LEU WA 134 -34.26 42.03 -116.85
C LEU WA 134 -35.09 41.27 -117.88
N LEU WA 135 -35.14 41.74 -119.12
CA LEU WA 135 -36.01 41.10 -120.12
C LEU WA 135 -35.33 39.79 -120.55
N LYS WA 136 -35.61 38.74 -119.79
CA LYS WA 136 -35.07 37.41 -120.05
C LYS WA 136 -36.24 36.42 -120.04
N ALA WA 137 -36.55 35.87 -121.21
CA ALA WA 137 -37.69 34.97 -121.37
C ALA WA 137 -37.26 33.74 -122.16
N SER WA 138 -36.13 33.15 -121.79
CA SER WA 138 -35.63 31.98 -122.50
C SER WA 138 -35.76 30.73 -121.63
N PRO WA 139 -36.50 29.72 -122.08
CA PRO WA 139 -36.65 28.45 -121.36
C PRO WA 139 -35.32 27.73 -121.13
N GLY XA 1 -15.79 72.51 75.71
CA GLY XA 1 -14.57 72.12 75.02
C GLY XA 1 -14.48 70.64 74.75
N ALA XA 2 -15.61 69.95 74.86
CA ALA XA 2 -15.61 68.49 74.74
C ALA XA 2 -15.32 68.06 73.30
N TYR XA 3 -15.78 68.83 72.31
CA TYR XA 3 -15.62 68.41 70.93
C TYR XA 3 -14.17 68.41 70.51
N LYS XA 4 -13.34 69.26 71.11
CA LYS XA 4 -11.91 69.24 70.82
C LYS XA 4 -11.29 67.92 71.27
N TYR XA 5 -11.68 67.42 72.43
CA TYR XA 5 -11.15 66.15 72.90
C TYR XA 5 -11.60 65.00 72.02
N ILE XA 6 -12.86 65.01 71.58
CA ILE XA 6 -13.36 63.94 70.72
C ILE XA 6 -12.69 64.01 69.35
N GLN XA 7 -12.46 65.22 68.85
CA GLN XA 7 -11.75 65.38 67.59
C GLN XA 7 -10.33 64.85 67.68
N GLU XA 8 -9.62 65.20 68.76
CA GLU XA 8 -8.27 64.70 68.95
C GLU XA 8 -8.26 63.19 69.15
N LEU XA 9 -9.26 62.66 69.86
CA LEU XA 9 -9.31 61.24 70.14
C LEU XA 9 -9.56 60.43 68.88
N TRP XA 10 -10.35 60.97 67.96
CA TRP XA 10 -10.62 60.26 66.72
C TRP XA 10 -9.48 60.37 65.71
N ARG XA 11 -8.46 61.18 66.02
CA ARG XA 11 -7.24 61.23 65.25
C ARG XA 11 -6.26 60.15 65.66
N LYS XA 12 -6.63 59.32 66.62
CA LYS XA 12 -5.77 58.30 67.21
C LYS XA 12 -6.32 56.90 66.91
N LYS XA 13 -6.67 56.67 65.65
CA LYS XA 13 -7.36 55.45 65.25
C LYS XA 13 -6.56 54.18 65.55
N GLN XA 14 -5.24 54.29 65.72
CA GLN XA 14 -4.37 53.14 65.89
C GLN XA 14 -4.23 52.70 67.34
N SER XA 15 -4.88 53.37 68.28
CA SER XA 15 -4.64 53.07 69.69
C SER XA 15 -5.69 52.11 70.22
N ASP XA 16 -5.40 51.55 71.40
CA ASP XA 16 -6.20 50.42 71.91
C ASP XA 16 -7.64 50.82 72.16
N VAL XA 17 -7.87 52.02 72.71
CA VAL XA 17 -9.24 52.46 72.95
C VAL XA 17 -9.98 52.66 71.64
N MET XA 18 -9.33 53.31 70.67
CA MET XA 18 -10.00 53.57 69.40
C MET XA 18 -10.05 52.32 68.53
N ARG XA 19 -9.01 51.49 68.58
CA ARG XA 19 -9.02 50.25 67.80
C ARG XA 19 -10.10 49.30 68.28
N PHE XA 20 -10.27 49.19 69.60
CA PHE XA 20 -11.33 48.34 70.14
C PHE XA 20 -12.70 48.86 69.75
N LEU XA 21 -12.91 50.17 69.91
CA LEU XA 21 -14.20 50.76 69.58
C LEU XA 21 -14.54 50.59 68.12
N LEU XA 22 -13.56 50.85 67.24
CA LEU XA 22 -13.79 50.69 65.81
C LEU XA 22 -14.07 49.24 65.45
N ARG XA 23 -13.41 48.30 66.13
CA ARG XA 23 -13.62 46.89 65.85
C ARG XA 23 -15.02 46.44 66.24
N VAL XA 24 -15.46 46.81 67.45
CA VAL XA 24 -16.75 46.34 67.94
C VAL XA 24 -17.89 47.04 67.21
N ARG XA 25 -17.67 48.27 66.74
CA ARG XA 25 -18.68 48.94 65.94
C ARG XA 25 -18.74 48.36 64.53
N CYS XA 26 -17.58 48.09 63.94
CA CYS XA 26 -17.55 47.47 62.62
C CYS XA 26 -18.26 46.13 62.62
N TRP XA 27 -18.15 45.37 63.72
CA TRP XA 27 -18.90 44.13 63.83
C TRP XA 27 -20.40 44.38 63.81
N GLN XA 28 -20.86 45.40 64.55
CA GLN XA 28 -22.29 45.65 64.65
C GLN XA 28 -22.86 46.15 63.33
N TYR XA 29 -22.15 47.06 62.64
CA TYR XA 29 -22.61 47.52 61.35
C TYR XA 29 -22.65 46.39 60.34
N ARG XA 30 -21.67 45.48 60.41
CA ARG XA 30 -21.62 44.34 59.50
C ARG XA 30 -22.83 43.44 59.70
N GLN XA 31 -23.35 43.36 60.92
CA GLN XA 31 -24.53 42.54 61.17
C GLN XA 31 -25.80 43.23 60.68
N LEU XA 32 -25.70 44.50 60.30
CA LEU XA 32 -26.88 45.25 59.88
C LEU XA 32 -27.01 45.22 58.36
N SER XA 33 -28.11 45.80 57.86
CA SER XA 33 -28.37 45.82 56.44
C SER XA 33 -27.56 46.93 55.77
N ALA XA 34 -27.38 46.81 54.45
CA ALA XA 34 -26.54 47.74 53.72
C ALA XA 34 -27.11 49.16 53.76
N LEU XA 35 -28.42 49.29 53.60
CA LEU XA 35 -29.10 50.56 53.73
C LEU XA 35 -29.76 50.61 55.09
N HIS XA 36 -29.33 51.55 55.93
CA HIS XA 36 -29.82 51.60 57.30
C HIS XA 36 -29.89 53.06 57.75
N ARG XA 37 -30.89 53.35 58.57
CA ARG XA 37 -31.07 54.67 59.15
C ARG XA 37 -30.54 54.64 60.58
N ALA XA 38 -29.64 55.55 60.89
CA ALA XA 38 -29.10 55.62 62.25
C ALA XA 38 -29.88 56.64 63.06
N PRO XA 39 -30.27 56.31 64.29
CA PRO XA 39 -31.07 57.26 65.09
C PRO XA 39 -30.37 58.58 65.36
N ARG XA 40 -29.04 58.58 65.40
CA ARG XA 40 -28.24 59.76 65.68
C ARG XA 40 -26.87 59.56 65.07
N PRO XA 41 -26.12 60.65 64.86
CA PRO XA 41 -24.76 60.48 64.36
C PRO XA 41 -23.90 59.69 65.34
N THR XA 42 -23.07 58.80 64.79
CA THR XA 42 -22.12 58.08 65.63
C THR XA 42 -20.95 58.98 66.02
N ARG XA 43 -20.60 59.93 65.15
CA ARG XA 43 -19.58 60.93 65.45
C ARG XA 43 -20.26 62.29 65.39
N PRO XA 44 -20.75 62.79 66.53
CA PRO XA 44 -21.44 64.09 66.50
C PRO XA 44 -20.50 65.26 66.28
N ASP XA 45 -19.25 65.14 66.72
CA ASP XA 45 -18.26 66.19 66.48
C ASP XA 45 -17.97 66.33 65.00
N LYS XA 46 -17.83 65.20 64.31
CA LYS XA 46 -17.52 65.24 62.88
C LYS XA 46 -18.76 65.59 62.05
N ALA XA 47 -19.92 65.08 62.46
CA ALA XA 47 -21.14 65.38 61.71
C ALA XA 47 -21.47 66.87 61.74
N ARG XA 48 -21.32 67.49 62.91
CA ARG XA 48 -21.73 68.89 63.04
C ARG XA 48 -20.74 69.84 62.35
N ARG XA 49 -19.48 69.45 62.24
CA ARG XA 49 -18.54 70.27 61.48
C ARG XA 49 -18.72 70.11 59.98
N LEU XA 50 -19.44 69.07 59.54
CA LEU XA 50 -19.72 68.89 58.13
C LEU XA 50 -21.06 69.47 57.71
N GLY XA 51 -21.82 70.04 58.65
CA GLY XA 51 -23.05 70.70 58.30
C GLY XA 51 -24.28 70.28 59.09
N TYR XA 52 -24.12 69.30 59.97
CA TYR XA 52 -25.26 68.75 60.71
C TYR XA 52 -25.53 69.55 61.98
N LYS XA 53 -26.81 69.73 62.29
CA LYS XA 53 -27.24 70.27 63.58
C LYS XA 53 -28.33 69.39 64.15
N ALA XA 54 -28.46 69.38 65.46
CA ALA XA 54 -29.45 68.54 66.12
C ALA XA 54 -30.81 69.19 66.13
N LYS XA 55 -31.43 69.31 64.96
CA LYS XA 55 -32.76 69.86 64.81
C LYS XA 55 -33.57 68.97 63.87
N GLN XA 56 -34.89 69.01 64.03
CA GLN XA 56 -35.77 68.18 63.23
C GLN XA 56 -35.62 68.52 61.75
N GLY XA 57 -35.58 67.48 60.91
CA GLY XA 57 -35.30 67.63 59.51
C GLY XA 57 -33.92 67.18 59.10
N TYR XA 58 -33.09 66.78 60.06
CA TYR XA 58 -31.76 66.25 59.80
C TYR XA 58 -31.78 64.76 60.11
N VAL XA 59 -31.43 63.93 59.14
CA VAL XA 59 -31.42 62.48 59.31
C VAL XA 59 -30.05 61.95 58.93
N ILE XA 60 -29.63 60.90 59.63
CA ILE XA 60 -28.35 60.24 59.39
C ILE XA 60 -28.64 58.84 58.88
N TYR XA 61 -28.02 58.48 57.76
CA TYR XA 61 -28.17 57.15 57.18
C TYR XA 61 -26.80 56.50 57.08
N ARG XA 62 -26.70 55.26 57.57
CA ARG XA 62 -25.46 54.52 57.51
C ARG XA 62 -25.44 53.63 56.27
N ILE XA 63 -24.39 53.77 55.46
CA ILE XA 63 -24.28 53.04 54.19
C ILE XA 63 -23.12 52.07 54.31
N ARG XA 64 -23.33 50.86 53.80
CA ARG XA 64 -22.29 49.85 53.71
C ARG XA 64 -21.94 49.65 52.25
N VAL XA 65 -20.67 49.88 51.90
CA VAL XA 65 -20.23 49.85 50.51
C VAL XA 65 -19.16 48.77 50.39
N ARG XA 66 -19.35 47.87 49.42
CA ARG XA 66 -18.38 46.80 49.18
C ARG XA 66 -17.11 47.40 48.60
N ARG XA 67 -16.03 47.33 49.37
CA ARG XA 67 -14.80 48.02 49.00
C ARG XA 67 -13.95 47.16 48.06
N GLY XA 68 -13.10 47.85 47.30
CA GLY XA 68 -12.26 47.19 46.32
C GLY XA 68 -12.20 47.96 45.02
N GLY XA 69 -11.60 47.37 44.00
CA GLY XA 69 -11.53 47.99 42.69
C GLY XA 69 -12.75 47.69 41.85
N ARG XA 70 -12.69 48.08 40.57
CA ARG XA 70 -13.80 47.88 39.65
C ARG XA 70 -13.38 46.89 38.58
N LYS XA 71 -14.12 45.80 38.45
CA LYS XA 71 -13.91 44.83 37.38
C LYS XA 71 -14.73 45.25 36.17
N ARG XA 72 -14.12 45.28 35.01
CA ARG XA 72 -14.85 45.65 33.80
C ARG XA 72 -15.92 44.61 33.53
N PRO XA 73 -17.19 45.02 33.43
CA PRO XA 73 -18.30 44.05 33.33
C PRO XA 73 -18.49 43.52 31.93
N VAL XA 74 -17.46 42.82 31.42
CA VAL XA 74 -17.52 42.20 30.11
C VAL XA 74 -17.62 40.69 30.30
N PRO XA 75 -18.49 40.02 29.55
CA PRO XA 75 -18.62 38.56 29.72
C PRO XA 75 -17.33 37.84 29.41
N LYS XA 76 -17.00 36.87 30.25
CA LYS XA 76 -15.81 36.02 30.12
C LYS XA 76 -14.52 36.83 30.03
N GLY XA 77 -14.54 38.08 30.49
CA GLY XA 77 -13.36 38.93 30.46
C GLY XA 77 -12.85 39.18 29.06
N ALA XA 78 -13.75 39.36 28.11
CA ALA XA 78 -13.40 39.51 26.70
C ALA XA 78 -13.72 40.93 26.26
N THR XA 79 -12.70 41.79 26.31
CA THR XA 79 -12.75 43.06 25.61
C THR XA 79 -12.20 42.85 24.20
N TYR XA 80 -12.76 43.55 23.24
CA TYR XA 80 -12.46 43.32 21.82
C TYR XA 80 -11.66 44.48 21.26
N GLY XA 81 -10.45 44.20 20.79
CA GLY XA 81 -9.68 45.17 20.04
C GLY XA 81 -8.71 45.96 20.90
N LYS XA 82 -7.59 46.35 20.28
CA LYS XA 82 -6.63 47.28 20.86
C LYS XA 82 -6.17 46.84 22.25
N PRO XA 83 -5.21 45.90 22.34
CA PRO XA 83 -4.77 45.36 23.64
C PRO XA 83 -4.62 46.38 24.76
N VAL XA 84 -4.46 47.65 24.43
CA VAL XA 84 -4.45 48.70 25.44
C VAL XA 84 -5.75 48.68 26.26
N HIS XA 85 -6.85 48.25 25.64
CA HIS XA 85 -8.13 48.19 26.31
C HIS XA 85 -8.45 46.80 26.84
N HIS XA 86 -7.49 45.88 26.81
CA HIS XA 86 -7.72 44.52 27.28
C HIS XA 86 -7.82 44.43 28.80
N GLY XA 87 -7.66 45.54 29.51
CA GLY XA 87 -7.77 45.54 30.96
C GLY XA 87 -9.11 45.11 31.48
N VAL XA 88 -9.13 44.23 32.48
CA VAL XA 88 -10.35 43.77 33.12
C VAL XA 88 -10.30 43.96 34.63
N ASN XA 89 -9.18 43.60 35.25
CA ASN XA 89 -9.14 43.38 36.69
C ASN XA 89 -8.67 44.60 37.47
N GLN XA 90 -7.49 45.12 37.18
CA GLN XA 90 -6.86 46.15 37.99
C GLN XA 90 -7.39 47.55 37.68
N LEU XA 91 -8.56 47.66 37.07
CA LEU XA 91 -9.16 48.94 36.74
C LEU XA 91 -9.77 49.58 37.98
N LYS XA 92 -9.82 50.92 38.00
CA LYS XA 92 -10.29 51.67 39.15
C LYS XA 92 -11.40 52.62 38.76
N PHE XA 93 -12.42 52.71 39.60
CA PHE XA 93 -13.54 53.62 39.42
C PHE XA 93 -13.10 55.06 39.66
N ALA XA 94 -13.64 55.98 38.85
CA ALA XA 94 -13.21 57.38 38.93
C ALA XA 94 -13.67 58.04 40.22
N ARG XA 95 -14.80 57.61 40.77
CA ARG XA 95 -15.31 58.18 42.01
C ARG XA 95 -14.96 57.29 43.19
N SER XA 96 -14.80 57.94 44.34
CA SER XA 96 -14.42 57.23 45.55
C SER XA 96 -15.56 56.36 46.05
N LEU XA 97 -15.25 55.53 47.05
CA LEU XA 97 -16.28 54.72 47.68
C LEU XA 97 -17.19 55.55 48.55
N GLN XA 98 -16.68 56.67 49.08
CA GLN XA 98 -17.55 57.57 49.83
C GLN XA 98 -18.57 58.23 48.92
N SER XA 99 -18.18 58.55 47.68
CA SER XA 99 -19.14 59.09 46.72
C SER XA 99 -20.22 58.08 46.38
N VAL XA 100 -19.85 56.81 46.28
CA VAL XA 100 -20.81 55.76 46.01
C VAL XA 100 -21.79 55.61 47.18
N ALA XA 101 -21.29 55.81 48.40
CA ALA XA 101 -22.17 55.70 49.58
C ALA XA 101 -23.20 56.81 49.59
N GLU XA 102 -22.80 58.05 49.29
CA GLU XA 102 -23.75 59.15 49.28
C GLU XA 102 -24.76 59.00 48.16
N GLU XA 103 -24.34 58.47 47.01
CA GLU XA 103 -25.28 58.27 45.92
C GLU XA 103 -26.31 57.23 46.29
N ARG XA 104 -25.89 56.17 47.00
CA ARG XA 104 -26.80 55.08 47.30
C ARG XA 104 -27.82 55.48 48.37
N ALA XA 105 -27.43 56.38 49.28
CA ALA XA 105 -28.40 56.94 50.21
C ALA XA 105 -29.28 57.98 49.54
N GLY XA 106 -28.70 58.78 48.63
CA GLY XA 106 -29.50 59.78 47.93
C GLY XA 106 -30.50 59.17 46.98
N ARG XA 107 -30.13 58.09 46.32
CA ARG XA 107 -31.06 57.44 45.39
C ARG XA 107 -32.20 56.76 46.14
N HIS XA 108 -31.90 56.19 47.31
CA HIS XA 108 -32.95 55.60 48.13
C HIS XA 108 -33.89 56.67 48.66
N CYS XA 109 -33.36 57.62 49.42
CA CYS XA 109 -34.15 58.74 49.91
C CYS XA 109 -34.16 59.88 48.89
N GLY XA 110 -34.96 59.70 47.86
CA GLY XA 110 -35.06 60.70 46.81
C GLY XA 110 -35.78 61.95 47.24
N ALA XA 111 -36.49 61.91 48.36
CA ALA XA 111 -37.18 63.08 48.88
C ALA XA 111 -36.31 63.93 49.81
N LEU XA 112 -35.12 63.45 50.16
CA LEU XA 112 -34.19 64.19 51.01
C LEU XA 112 -32.99 64.66 50.18
N ARG XA 113 -32.28 65.63 50.72
CA ARG XA 113 -31.11 66.20 50.08
C ARG XA 113 -29.86 65.78 50.84
N VAL XA 114 -28.94 65.12 50.15
CA VAL XA 114 -27.68 64.69 50.75
C VAL XA 114 -26.86 65.94 51.08
N LEU XA 115 -26.44 66.07 52.33
CA LEU XA 115 -25.60 67.20 52.72
C LEU XA 115 -24.12 66.82 52.66
N ASN XA 116 -23.72 65.82 53.42
CA ASN XA 116 -22.32 65.41 53.51
C ASN XA 116 -22.26 64.00 54.09
N SER XA 117 -21.06 63.51 54.31
CA SER XA 117 -20.88 62.16 54.85
C SER XA 117 -19.49 62.05 55.48
N TYR XA 118 -19.32 61.02 56.30
CA TYR XA 118 -18.05 60.77 56.96
C TYR XA 118 -17.86 59.26 57.12
N TRP XA 119 -16.75 58.90 57.76
CA TRP XA 119 -16.26 57.53 57.82
C TRP XA 119 -16.34 57.01 59.25
N VAL XA 120 -16.86 55.79 59.42
CA VAL XA 120 -17.10 55.28 60.77
C VAL XA 120 -16.53 53.88 60.96
N GLY XA 121 -15.49 53.52 60.21
CA GLY XA 121 -14.84 52.25 60.39
C GLY XA 121 -15.14 51.31 59.24
N GLU XA 122 -14.13 50.76 58.55
CA GLU XA 122 -14.53 50.08 57.33
C GLU XA 122 -14.70 48.57 57.42
N ASP XA 123 -13.63 47.82 57.14
CA ASP XA 123 -13.62 46.35 57.10
C ASP XA 123 -12.40 45.89 56.33
N SER XA 124 -12.26 44.58 56.12
CA SER XA 124 -11.49 44.12 54.98
C SER XA 124 -12.27 44.27 53.68
N THR XA 125 -13.58 44.02 53.72
CA THR XA 125 -14.39 43.93 52.51
C THR XA 125 -15.49 44.99 52.41
N TYR XA 126 -15.71 45.79 53.45
CA TYR XA 126 -16.73 46.83 53.43
C TYR XA 126 -16.12 48.14 53.90
N LYS XA 127 -16.80 49.22 53.55
CA LYS XA 127 -16.54 50.53 54.15
C LYS XA 127 -17.88 51.07 54.63
N PHE XA 128 -17.89 51.64 55.83
CA PHE XA 128 -19.12 52.15 56.43
C PHE XA 128 -19.05 53.66 56.50
N PHE XA 129 -20.05 54.32 55.93
CA PHE XA 129 -20.17 55.77 55.96
C PHE XA 129 -21.54 56.15 56.50
N GLU XA 130 -21.57 57.25 57.23
CA GLU XA 130 -22.82 57.85 57.68
C GLU XA 130 -23.06 59.10 56.86
N VAL XA 131 -24.26 59.19 56.28
CA VAL XA 131 -24.61 60.24 55.32
C VAL XA 131 -25.60 61.19 56.00
N ILE XA 132 -25.28 62.48 55.97
CA ILE XA 132 -26.16 63.50 56.53
C ILE XA 132 -27.14 63.92 55.45
N LEU XA 133 -28.43 63.73 55.73
CA LEU XA 133 -29.50 64.11 54.83
C LEU XA 133 -30.30 65.25 55.45
N ILE XA 134 -30.91 66.06 54.58
CA ILE XA 134 -31.76 67.16 55.00
C ILE XA 134 -33.11 66.98 54.36
N ASP XA 135 -34.17 67.11 55.16
CA ASP XA 135 -35.52 67.15 54.60
C ASP XA 135 -35.78 68.56 54.13
N PRO XA 136 -35.90 68.79 52.83
CA PRO XA 136 -36.10 70.15 52.31
C PRO XA 136 -37.49 70.72 52.54
N PHE XA 137 -38.45 69.90 52.97
CA PHE XA 137 -39.80 70.37 53.18
C PHE XA 137 -40.22 70.38 54.63
N HIS XA 138 -39.31 70.14 55.56
CA HIS XA 138 -39.59 70.39 56.97
C HIS XA 138 -39.55 71.89 57.23
N LYS XA 139 -40.45 72.36 58.10
CA LYS XA 139 -40.52 73.79 58.35
C LYS XA 139 -39.34 74.28 59.16
N ALA XA 140 -38.75 73.41 59.98
CA ALA XA 140 -37.55 73.79 60.72
C ALA XA 140 -36.40 74.11 59.80
N ILE XA 141 -36.33 73.48 58.63
CA ILE XA 141 -35.32 73.78 57.63
C ILE XA 141 -35.78 74.90 56.70
N ARG XA 142 -37.07 74.91 56.35
CA ARG XA 142 -37.58 75.91 55.40
C ARG XA 142 -37.62 77.30 56.04
N ARG XA 143 -37.99 77.39 57.31
CA ARG XA 143 -38.20 78.66 57.98
C ARG XA 143 -36.93 79.21 58.62
N ASN XA 144 -35.76 78.76 58.18
CA ASN XA 144 -34.50 79.17 58.80
C ASN XA 144 -33.49 79.44 57.69
N PRO XA 145 -33.02 80.70 57.54
CA PRO XA 145 -31.99 80.98 56.52
C PRO XA 145 -30.67 80.32 56.86
N ASP XA 146 -29.73 80.31 55.91
CA ASP XA 146 -28.48 79.55 55.98
C ASP XA 146 -28.75 78.06 55.81
N THR XA 147 -30.03 77.71 55.64
CA THR XA 147 -30.41 76.36 55.27
C THR XA 147 -31.44 76.32 54.15
N GLN XA 148 -32.06 77.46 53.80
CA GLN XA 148 -32.98 77.52 52.68
C GLN XA 148 -32.30 77.23 51.35
N TRP XA 149 -30.98 77.32 51.27
CA TRP XA 149 -30.30 77.10 50.00
C TRP XA 149 -30.51 75.68 49.51
N ILE XA 150 -30.46 74.70 50.42
CA ILE XA 150 -30.63 73.31 50.02
C ILE XA 150 -32.07 73.02 49.61
N THR XA 151 -33.01 73.91 49.92
CA THR XA 151 -34.40 73.71 49.50
C THR XA 151 -34.63 74.19 48.07
N LYS XA 152 -33.70 74.91 47.48
CA LYS XA 152 -33.86 75.39 46.12
C LYS XA 152 -33.81 74.22 45.14
N PRO XA 153 -34.52 74.29 44.01
CA PRO XA 153 -34.57 73.14 43.10
C PRO XA 153 -33.25 72.81 42.43
N VAL XA 154 -32.33 73.77 42.30
CA VAL XA 154 -31.05 73.47 41.66
C VAL XA 154 -30.17 72.61 42.53
N HIS XA 155 -30.53 72.41 43.79
CA HIS XA 155 -29.72 71.66 44.74
C HIS XA 155 -30.27 70.25 44.98
N LYS XA 156 -31.19 69.79 44.15
CA LYS XA 156 -31.72 68.44 44.30
C LYS XA 156 -30.76 67.43 43.69
N HIS XA 157 -30.56 66.31 44.40
CA HIS XA 157 -29.66 65.24 43.97
C HIS XA 157 -28.27 65.77 43.65
N ARG XA 158 -27.70 66.46 44.65
CA ARG XA 158 -26.33 66.95 44.52
C ARG XA 158 -25.34 65.81 44.36
N GLU XA 159 -25.59 64.69 45.05
CA GLU XA 159 -24.64 63.59 45.05
C GLU XA 159 -24.57 62.91 43.69
N MET XA 160 -25.61 63.04 42.88
CA MET XA 160 -25.56 62.46 41.53
C MET XA 160 -24.75 63.31 40.57
N ARG XA 161 -24.65 64.61 40.85
CA ARG XA 161 -23.95 65.54 39.98
C ARG XA 161 -22.54 65.87 40.47
N GLY XA 162 -22.07 65.20 41.51
CA GLY XA 162 -20.75 65.46 42.04
C GLY XA 162 -20.57 66.83 42.67
N LEU XA 163 -21.59 67.33 43.37
CA LEU XA 163 -21.51 68.61 44.05
C LEU XA 163 -21.24 68.46 45.54
N THR XA 164 -21.39 67.26 46.09
CA THR XA 164 -21.06 67.03 47.49
C THR XA 164 -19.54 67.06 47.67
N SER XA 165 -19.11 67.13 48.93
CA SER XA 165 -17.67 67.19 49.21
C SER XA 165 -16.96 65.95 48.67
N ALA XA 166 -17.52 64.76 48.92
CA ALA XA 166 -16.92 63.55 48.38
C ALA XA 166 -17.01 63.51 46.86
N GLY XA 167 -18.15 63.91 46.30
CA GLY XA 167 -18.31 63.90 44.86
C GLY XA 167 -17.41 64.92 44.18
N ARG XA 168 -17.16 66.04 44.84
CA ARG XA 168 -16.34 67.09 44.24
C ARG XA 168 -14.89 66.65 44.07
N LYS XA 169 -14.38 65.88 45.03
CA LYS XA 169 -12.95 65.54 45.05
C LYS XA 169 -12.53 64.76 43.81
N SER XA 170 -13.45 64.02 43.20
CA SER XA 170 -13.10 63.20 42.05
C SER XA 170 -13.12 63.97 40.74
N ARG XA 171 -13.39 65.28 40.80
CA ARG XA 171 -13.58 66.05 39.58
C ARG XA 171 -12.31 66.77 39.13
N GLY XA 172 -11.34 66.94 40.03
CA GLY XA 172 -10.12 67.63 39.67
C GLY XA 172 -10.27 69.14 39.63
N LEU XA 173 -11.13 69.69 40.48
CA LEU XA 173 -11.29 71.12 40.58
C LEU XA 173 -10.31 71.70 41.59
N GLY XA 174 -10.08 72.99 41.47
CA GLY XA 174 -9.17 73.68 42.36
C GLY XA 174 -8.45 74.79 41.63
N LYS XA 175 -7.69 75.57 42.40
CA LYS XA 175 -6.93 76.69 41.88
C LYS XA 175 -5.47 76.30 41.82
N GLY XA 176 -4.83 76.56 40.68
CA GLY XA 176 -3.40 76.41 40.58
C GLY XA 176 -2.98 75.70 39.31
N HIS XA 177 -1.66 75.48 39.22
CA HIS XA 177 -1.08 74.79 38.08
C HIS XA 177 -1.38 73.31 38.07
N LYS XA 178 -1.76 72.74 39.22
CA LYS XA 178 -2.06 71.33 39.31
C LYS XA 178 -3.39 70.98 38.65
N PHE XA 179 -4.25 71.97 38.41
CA PHE XA 179 -5.64 71.69 38.05
C PHE XA 179 -6.05 72.42 36.78
N HIS XA 180 -5.21 72.36 35.75
CA HIS XA 180 -5.55 73.03 34.49
C HIS XA 180 -6.60 72.27 33.69
N HIS XA 181 -6.97 71.05 34.11
CA HIS XA 181 -7.93 70.28 33.33
C HIS XA 181 -9.35 70.80 33.47
N THR XA 182 -9.64 71.52 34.54
CA THR XA 182 -11.01 71.94 34.85
C THR XA 182 -11.10 73.46 34.96
N ILE XA 183 -10.44 74.17 34.04
CA ILE XA 183 -10.41 75.63 34.09
C ILE XA 183 -11.68 76.25 33.54
N GLY XA 184 -12.55 75.48 32.91
CA GLY XA 184 -13.84 75.97 32.47
C GLY XA 184 -14.98 75.72 33.42
N GLY XA 185 -14.72 75.27 34.64
CA GLY XA 185 -15.73 74.85 35.58
C GLY XA 185 -15.89 73.35 35.69
N SER XA 186 -15.46 72.60 34.68
CA SER XA 186 -15.46 71.14 34.73
C SER XA 186 -14.50 70.64 33.67
N ARG XA 187 -14.29 69.32 33.67
CA ARG XA 187 -13.38 68.73 32.69
C ARG XA 187 -13.95 68.84 31.28
N ARG XA 188 -15.26 68.61 31.14
CA ARG XA 188 -15.90 68.74 29.83
C ARG XA 188 -16.01 70.20 29.42
N ALA XA 189 -16.24 71.10 30.38
CA ALA XA 189 -16.31 72.52 30.08
C ALA XA 189 -14.98 73.01 29.51
N ALA XA 190 -13.87 72.57 30.11
CA ALA XA 190 -12.55 72.95 29.59
C ALA XA 190 -12.28 72.30 28.24
N TRP XA 191 -12.64 71.03 28.09
CA TRP XA 191 -12.37 70.33 26.84
C TRP XA 191 -13.10 70.98 25.68
N ARG XA 192 -14.38 71.32 25.87
CA ARG XA 192 -15.15 71.94 24.80
C ARG XA 192 -14.56 73.28 24.39
N ARG XA 193 -14.21 74.12 25.38
CA ARG XA 193 -13.76 75.46 25.09
C ARG XA 193 -12.44 75.45 24.31
N ARG XA 194 -11.54 74.56 24.67
CA ARG XA 194 -10.24 74.48 24.01
C ARG XA 194 -10.25 73.55 22.79
N ASN XA 195 -11.39 72.95 22.47
CA ASN XA 195 -11.55 72.17 21.25
C ASN XA 195 -12.61 72.74 20.32
N THR XA 196 -13.16 73.91 20.63
CA THR XA 196 -14.15 74.54 19.76
C THR XA 196 -13.44 75.52 18.82
N LEU XA 197 -13.77 75.44 17.54
CA LEU XA 197 -13.17 76.30 16.53
C LEU XA 197 -13.94 77.61 16.47
N GLN XA 198 -13.29 78.69 16.92
CA GLN XA 198 -13.90 80.01 16.86
C GLN XA 198 -13.77 80.56 15.44
N LEU XA 199 -14.89 80.65 14.75
CA LEU XA 199 -14.94 81.16 13.39
C LEU XA 199 -15.61 82.53 13.43
N HIS XA 200 -14.80 83.57 13.66
CA HIS XA 200 -15.33 84.92 13.70
C HIS XA 200 -15.92 85.30 12.36
N ARG XA 201 -16.79 86.33 12.38
CA ARG XA 201 -17.35 86.84 11.14
C ARG XA 201 -16.27 87.39 10.23
N TYR XA 202 -15.32 88.13 10.79
CA TYR XA 202 -14.18 88.67 10.06
C TYR XA 202 -12.94 87.87 10.44
N ARG XA 203 -12.39 87.15 9.47
CA ARG XA 203 -11.26 86.27 9.73
C ARG XA 203 -10.02 86.72 8.97
N GLU YA 1 -20.61 58.65 -80.47
CA GLU YA 1 -21.47 57.87 -81.36
C GLU YA 1 -22.72 57.39 -80.63
N VAL YA 2 -23.89 57.62 -81.24
CA VAL YA 2 -25.17 57.39 -80.58
C VAL YA 2 -25.75 56.04 -80.99
N GLN YA 3 -25.30 55.51 -82.13
CA GLN YA 3 -25.77 54.20 -82.54
C GLN YA 3 -25.14 53.10 -81.67
N VAL YA 4 -25.68 51.90 -81.81
CA VAL YA 4 -25.18 50.76 -81.04
C VAL YA 4 -23.94 50.19 -81.72
N LEU YA 5 -22.88 49.99 -80.94
CA LEU YA 5 -21.62 49.45 -81.46
C LEU YA 5 -21.68 47.94 -81.40
N VAL YA 6 -21.71 47.29 -82.56
CA VAL YA 6 -21.83 45.85 -82.68
C VAL YA 6 -20.47 45.28 -83.00
N LEU YA 7 -19.95 44.44 -82.11
CA LEU YA 7 -18.65 43.82 -82.27
C LEU YA 7 -18.80 42.33 -82.54
N ASP YA 8 -18.07 41.84 -83.54
CA ASP YA 8 -18.02 40.41 -83.82
C ASP YA 8 -16.96 39.79 -82.92
N GLY YA 9 -17.38 38.82 -82.11
CA GLY YA 9 -16.47 38.25 -81.12
C GLY YA 9 -15.50 37.22 -81.64
N ARG YA 10 -15.55 36.89 -82.92
CA ARG YA 10 -14.66 35.86 -83.46
C ARG YA 10 -13.24 36.39 -83.59
N GLY YA 11 -12.28 35.60 -83.14
CA GLY YA 11 -10.88 35.95 -83.26
C GLY YA 11 -10.38 36.91 -82.21
N HIS YA 12 -11.21 37.29 -81.25
CA HIS YA 12 -10.85 38.27 -80.25
C HIS YA 12 -10.43 37.58 -78.95
N LEU YA 13 -9.49 38.19 -78.25
CA LEU YA 13 -9.06 37.67 -76.96
C LEU YA 13 -10.03 38.10 -75.87
N LEU YA 14 -10.35 37.17 -74.97
CA LEU YA 14 -11.46 37.37 -74.04
C LEU YA 14 -11.24 38.59 -73.15
N GLY YA 15 -10.05 38.70 -72.57
CA GLY YA 15 -9.83 39.79 -71.62
C GLY YA 15 -9.43 41.08 -72.28
N ARG YA 16 -8.89 41.01 -73.49
CA ARG YA 16 -8.55 42.23 -74.21
C ARG YA 16 -9.79 42.87 -74.83
N LEU YA 17 -10.73 42.05 -75.31
CA LEU YA 17 -11.99 42.59 -75.80
C LEU YA 17 -12.85 43.10 -74.65
N ALA YA 18 -12.83 42.40 -73.52
CA ALA YA 18 -13.58 42.85 -72.35
C ALA YA 18 -13.02 44.16 -71.83
N ALA YA 19 -11.71 44.36 -71.94
CA ALA YA 19 -11.09 45.62 -71.50
C ALA YA 19 -11.63 46.78 -72.31
N ILE YA 20 -11.72 46.61 -73.63
CA ILE YA 20 -12.25 47.66 -74.49
C ILE YA 20 -13.74 47.86 -74.22
N VAL YA 21 -14.49 46.78 -74.08
CA VAL YA 21 -15.94 46.87 -73.95
C VAL YA 21 -16.32 47.54 -72.63
N ALA YA 22 -15.61 47.22 -71.56
CA ALA YA 22 -15.95 47.78 -70.25
C ALA YA 22 -15.84 49.29 -70.24
N LYS YA 23 -14.72 49.82 -70.72
CA LYS YA 23 -14.55 51.27 -70.78
C LYS YA 23 -15.54 51.91 -71.75
N GLN YA 24 -15.77 51.28 -72.90
CA GLN YA 24 -16.69 51.83 -73.88
C GLN YA 24 -18.11 51.89 -73.33
N VAL YA 25 -18.52 50.89 -72.56
CA VAL YA 25 -19.85 50.85 -71.98
C VAL YA 25 -20.01 51.82 -70.80
N LEU YA 26 -18.90 52.20 -70.15
CA LEU YA 26 -18.98 53.15 -69.04
C LEU YA 26 -19.14 54.57 -69.54
N LEU YA 27 -18.82 54.82 -70.81
CA LEU YA 27 -19.00 56.14 -71.40
C LEU YA 27 -20.28 56.23 -72.23
N GLY YA 28 -21.31 55.45 -71.88
CA GLY YA 28 -22.49 55.35 -72.72
C GLY YA 28 -22.26 54.28 -73.76
N ARG YA 29 -22.68 54.54 -75.00
CA ARG YA 29 -22.29 53.73 -76.16
C ARG YA 29 -22.69 52.26 -75.96
N LYS YA 30 -24.01 52.03 -76.00
CA LYS YA 30 -24.56 50.68 -76.02
C LYS YA 30 -23.74 49.78 -76.93
N VAL YA 31 -23.25 48.67 -76.37
CA VAL YA 31 -22.35 47.76 -77.06
C VAL YA 31 -23.05 46.41 -77.20
N VAL YA 32 -22.96 45.83 -78.38
CA VAL YA 32 -23.46 44.49 -78.65
C VAL YA 32 -22.29 43.62 -79.09
N VAL YA 33 -22.05 42.54 -78.38
CA VAL YA 33 -21.02 41.57 -78.74
C VAL YA 33 -21.73 40.30 -79.18
N VAL YA 34 -21.55 39.94 -80.44
CA VAL YA 34 -22.17 38.75 -81.00
C VAL YA 34 -21.07 37.71 -81.25
N ARG YA 35 -21.50 36.48 -81.52
CA ARG YA 35 -20.60 35.37 -81.80
C ARG YA 35 -19.57 35.22 -80.68
N CYS YA 36 -20.09 35.12 -79.45
CA CYS YA 36 -19.22 35.01 -78.28
C CYS YA 36 -18.56 33.65 -78.18
N GLU YA 37 -18.98 32.67 -78.98
CA GLU YA 37 -18.34 31.36 -78.95
C GLU YA 37 -17.06 31.33 -79.77
N GLY YA 38 -16.81 32.33 -80.61
CA GLY YA 38 -15.58 32.44 -81.35
C GLY YA 38 -14.48 33.20 -80.65
N ILE YA 39 -14.72 33.64 -79.41
CA ILE YA 39 -13.71 34.35 -78.65
C ILE YA 39 -12.59 33.39 -78.27
N ASN YA 40 -11.35 33.85 -78.36
CA ASN YA 40 -10.19 33.05 -78.04
C ASN YA 40 -9.65 33.39 -76.65
N ILE YA 41 -8.89 32.46 -76.08
CA ILE YA 41 -8.16 32.67 -74.84
C ILE YA 41 -6.74 32.15 -75.04
N SER YA 42 -5.75 32.96 -74.66
CA SER YA 42 -4.37 32.58 -74.87
C SER YA 42 -3.97 31.46 -73.90
N GLY YA 43 -2.96 30.69 -74.32
CA GLY YA 43 -2.58 29.50 -73.60
C GLY YA 43 -3.34 28.28 -74.11
N ASN YA 44 -2.76 27.11 -73.88
CA ASN YA 44 -3.34 25.89 -74.41
C ASN YA 44 -4.74 25.68 -73.84
N PHE YA 45 -5.51 24.82 -74.51
CA PHE YA 45 -6.88 24.59 -74.11
C PHE YA 45 -6.97 23.97 -72.72
N TYR YA 46 -6.09 23.03 -72.41
CA TYR YA 46 -6.20 22.28 -71.17
C TYR YA 46 -6.04 23.19 -69.96
N ARG YA 47 -5.08 24.11 -69.98
CA ARG YA 47 -4.87 24.96 -68.83
C ARG YA 47 -5.97 26.00 -68.67
N ASN YA 48 -6.65 26.34 -69.77
CA ASN YA 48 -7.81 27.23 -69.67
C ASN YA 48 -9.02 26.47 -69.14
N LYS YA 49 -9.19 25.22 -69.56
CA LYS YA 49 -10.26 24.39 -69.02
C LYS YA 49 -10.06 24.14 -67.53
N LEU YA 50 -8.81 23.93 -67.11
CA LEU YA 50 -8.52 23.79 -65.68
C LEU YA 50 -8.88 25.06 -64.92
N LYS YA 51 -8.67 26.23 -65.53
CA LYS YA 51 -9.00 27.48 -64.86
C LYS YA 51 -10.49 27.59 -64.61
N TYR YA 52 -11.31 27.15 -65.56
CA TYR YA 52 -12.76 27.19 -65.34
C TYR YA 52 -13.19 26.11 -64.34
N LEU YA 53 -12.59 24.93 -64.41
CA LEU YA 53 -12.93 23.89 -63.44
C LEU YA 53 -12.63 24.34 -62.02
N ALA YA 54 -11.53 25.07 -61.83
CA ALA YA 54 -11.26 25.68 -60.53
C ALA YA 54 -12.32 26.70 -60.17
N PHE YA 55 -12.78 27.48 -61.15
CA PHE YA 55 -13.89 28.39 -60.92
C PHE YA 55 -15.16 27.62 -60.57
N LEU YA 56 -15.34 26.46 -61.19
CA LEU YA 56 -16.51 25.63 -60.87
C LEU YA 56 -16.46 25.13 -59.44
N ARG YA 57 -15.26 25.02 -58.88
CA ARG YA 57 -15.13 24.49 -57.52
C ARG YA 57 -15.41 25.58 -56.48
N LYS YA 58 -15.26 26.85 -56.84
CA LYS YA 58 -15.64 27.93 -55.95
C LYS YA 58 -17.15 27.90 -55.74
N ARG YA 59 -17.58 27.60 -54.53
CA ARG YA 59 -19.00 27.30 -54.29
C ARG YA 59 -19.27 27.38 -52.80
N MET YA 60 -20.31 28.14 -52.44
CA MET YA 60 -20.72 28.26 -51.05
C MET YA 60 -21.13 26.88 -50.54
N ASN YA 61 -20.33 26.31 -49.63
CA ASN YA 61 -20.54 24.92 -49.25
C ASN YA 61 -21.75 24.75 -48.34
N THR YA 62 -22.10 25.77 -47.55
CA THR YA 62 -23.27 25.63 -46.69
C THR YA 62 -24.56 25.73 -47.48
N ASN YA 63 -24.55 26.45 -48.60
CA ASN YA 63 -25.71 26.53 -49.49
C ASN YA 63 -25.22 26.93 -50.86
N PRO YA 64 -24.95 25.96 -51.74
CA PRO YA 64 -24.51 26.29 -53.10
C PRO YA 64 -25.52 27.07 -53.90
N SER YA 65 -26.79 27.08 -53.47
CA SER YA 65 -27.81 27.83 -54.18
C SER YA 65 -27.51 29.32 -54.20
N ARG YA 66 -26.82 29.81 -53.17
CA ARG YA 66 -26.49 31.23 -53.05
C ARG YA 66 -25.09 31.56 -53.56
N GLY YA 67 -24.23 30.57 -53.73
CA GLY YA 67 -22.85 30.82 -54.04
C GLY YA 67 -22.65 31.34 -55.44
N PRO YA 68 -21.39 31.33 -55.90
CA PRO YA 68 -21.10 31.84 -57.24
C PRO YA 68 -21.88 31.09 -58.30
N TYR YA 69 -22.43 31.84 -59.24
CA TYR YA 69 -23.21 31.26 -60.33
C TYR YA 69 -22.30 31.06 -61.53
N HIS YA 70 -22.07 29.81 -61.89
CA HIS YA 70 -21.16 29.45 -62.95
C HIS YA 70 -21.95 29.37 -64.25
N PHE YA 71 -22.00 30.49 -64.97
CA PHE YA 71 -22.70 30.52 -66.24
C PHE YA 71 -21.90 29.79 -67.30
N ARG YA 72 -22.60 29.01 -68.12
CA ARG YA 72 -21.95 28.05 -69.01
C ARG YA 72 -21.91 28.48 -70.46
N ALA YA 73 -22.87 29.27 -70.92
CA ALA YA 73 -22.84 29.75 -72.30
C ALA YA 73 -21.68 30.72 -72.48
N PRO YA 74 -21.01 30.68 -73.64
CA PRO YA 74 -19.88 31.60 -73.87
C PRO YA 74 -20.27 33.07 -73.75
N SER YA 75 -21.48 33.44 -74.18
CA SER YA 75 -21.93 34.81 -74.04
C SER YA 75 -22.04 35.21 -72.57
N ARG YA 76 -22.52 34.29 -71.74
CA ARG YA 76 -22.59 34.57 -70.31
C ARG YA 76 -21.21 34.52 -69.66
N ILE YA 77 -20.30 33.70 -70.19
CA ILE YA 77 -18.92 33.70 -69.70
C ILE YA 77 -18.27 35.04 -70.01
N PHE YA 78 -18.45 35.54 -71.24
CA PHE YA 78 -17.91 36.84 -71.61
C PHE YA 78 -18.55 37.96 -70.81
N TRP YA 79 -19.87 37.89 -70.61
CA TRP YA 79 -20.57 38.92 -69.85
C TRP YA 79 -20.03 39.02 -68.43
N ARG YA 80 -19.67 37.88 -67.83
CA ARG YA 80 -19.14 37.91 -66.47
C ARG YA 80 -17.73 38.49 -66.43
N THR YA 81 -16.93 38.25 -67.47
CA THR YA 81 -15.59 38.84 -67.53
C THR YA 81 -15.67 40.36 -67.58
N VAL YA 82 -16.58 40.89 -68.40
CA VAL YA 82 -16.82 42.34 -68.39
C VAL YA 82 -17.40 42.76 -67.05
N ARG YA 83 -18.29 41.95 -66.48
CA ARG YA 83 -18.86 42.24 -65.17
C ARG YA 83 -17.78 42.42 -64.13
N GLY YA 84 -16.74 41.58 -64.17
CA GLY YA 84 -15.66 41.66 -63.21
C GLY YA 84 -14.72 42.82 -63.44
N MET YA 85 -15.04 43.69 -64.39
CA MET YA 85 -14.20 44.83 -64.74
C MET YA 85 -14.95 46.14 -64.75
N LEU YA 86 -16.20 46.13 -64.33
CA LEU YA 86 -17.02 47.30 -64.09
C LEU YA 86 -17.27 47.44 -62.59
N PRO YA 87 -17.58 48.63 -62.10
CA PRO YA 87 -18.00 48.74 -60.69
C PRO YA 87 -19.46 48.36 -60.52
N HIS YA 88 -19.75 47.07 -60.66
CA HIS YA 88 -21.12 46.60 -60.84
C HIS YA 88 -21.96 46.71 -59.59
N LYS YA 89 -21.37 47.02 -58.44
CA LYS YA 89 -22.14 47.16 -57.21
C LYS YA 89 -22.51 48.61 -56.92
N THR YA 90 -22.28 49.52 -57.86
CA THR YA 90 -22.76 50.89 -57.77
C THR YA 90 -23.76 51.13 -58.90
N LYS YA 91 -24.59 52.16 -58.72
CA LYS YA 91 -25.62 52.47 -59.72
C LYS YA 91 -25.01 52.74 -61.08
N ARG YA 92 -23.83 53.38 -61.12
CA ARG YA 92 -23.15 53.62 -62.38
C ARG YA 92 -22.76 52.31 -63.05
N GLY YA 93 -22.21 51.37 -62.28
CA GLY YA 93 -21.77 50.11 -62.87
C GLY YA 93 -22.92 49.28 -63.38
N GLN YA 94 -24.01 49.19 -62.62
CA GLN YA 94 -25.19 48.46 -63.10
C GLN YA 94 -25.75 49.11 -64.35
N ALA YA 95 -25.83 50.45 -64.37
CA ALA YA 95 -26.33 51.14 -65.56
C ALA YA 95 -25.42 50.89 -66.75
N ALA YA 96 -24.11 50.85 -66.52
CA ALA YA 96 -23.18 50.51 -67.59
C ALA YA 96 -23.33 49.06 -68.02
N LEU YA 97 -23.55 48.16 -67.05
CA LEU YA 97 -23.69 46.74 -67.36
C LEU YA 97 -24.91 46.47 -68.22
N ASP YA 98 -25.99 47.23 -68.00
CA ASP YA 98 -27.20 47.02 -68.79
C ASP YA 98 -27.04 47.53 -70.22
N ARG YA 99 -25.98 48.30 -70.48
CA ARG YA 99 -25.71 48.77 -71.83
C ARG YA 99 -25.06 47.70 -72.70
N LEU YA 100 -24.66 46.58 -72.11
CA LEU YA 100 -23.97 45.52 -72.85
C LEU YA 100 -24.92 44.36 -73.10
N LYS YA 101 -25.02 43.95 -74.36
CA LYS YA 101 -25.78 42.76 -74.76
C LYS YA 101 -24.84 41.80 -75.44
N VAL YA 102 -24.87 40.54 -75.01
CA VAL YA 102 -23.95 39.52 -75.48
C VAL YA 102 -24.76 38.36 -76.05
N PHE YA 103 -24.24 37.76 -77.12
CA PHE YA 103 -24.98 36.75 -77.84
C PHE YA 103 -24.05 35.62 -78.27
N ASP YA 104 -24.61 34.41 -78.35
CA ASP YA 104 -23.94 33.28 -78.98
C ASP YA 104 -24.45 33.16 -80.40
N GLY YA 105 -23.53 33.10 -81.35
CA GLY YA 105 -24.00 33.23 -82.72
C GLY YA 105 -24.43 34.66 -82.97
N ILE YA 106 -25.17 34.87 -84.05
CA ILE YA 106 -25.66 36.19 -84.38
C ILE YA 106 -27.18 36.15 -84.56
N PRO YA 107 -27.95 36.54 -83.55
CA PRO YA 107 -29.41 36.53 -83.68
C PRO YA 107 -29.86 37.59 -84.69
N PRO YA 108 -31.06 37.44 -85.24
CA PRO YA 108 -31.40 38.18 -86.45
C PRO YA 108 -32.00 39.56 -86.19
N PRO YA 109 -31.50 40.35 -85.22
CA PRO YA 109 -31.47 41.80 -85.46
C PRO YA 109 -30.10 42.29 -85.89
N TYR YA 110 -29.08 41.44 -85.78
CA TYR YA 110 -27.71 41.82 -86.07
C TYR YA 110 -27.08 41.07 -87.23
N ASP YA 111 -27.69 39.99 -87.71
CA ASP YA 111 -27.15 39.28 -88.86
C ASP YA 111 -27.22 40.13 -90.13
N LYS YA 112 -28.12 41.11 -90.16
CA LYS YA 112 -28.23 42.05 -91.26
C LYS YA 112 -27.58 43.39 -90.94
N LYS YA 113 -26.48 43.38 -90.19
CA LYS YA 113 -25.76 44.59 -89.84
C LYS YA 113 -24.27 44.36 -89.99
N LYS YA 114 -23.54 45.43 -90.32
CA LYS YA 114 -22.10 45.34 -90.35
C LYS YA 114 -21.54 45.25 -88.93
N ARG YA 115 -20.54 44.41 -88.75
CA ARG YA 115 -19.97 44.14 -87.43
C ARG YA 115 -18.57 44.73 -87.34
N MET YA 116 -18.33 45.48 -86.26
CA MET YA 116 -17.03 46.10 -86.02
C MET YA 116 -16.02 45.07 -85.54
N VAL YA 117 -14.76 45.49 -85.51
CA VAL YA 117 -13.64 44.65 -85.09
C VAL YA 117 -12.67 45.51 -84.31
N VAL YA 118 -12.14 44.98 -83.21
CA VAL YA 118 -11.22 45.71 -82.35
C VAL YA 118 -9.83 45.12 -82.57
N PRO YA 119 -8.97 45.77 -83.36
CA PRO YA 119 -7.62 45.21 -83.59
C PRO YA 119 -6.78 45.10 -82.34
N ALA YA 120 -6.93 46.01 -81.38
CA ALA YA 120 -6.14 45.95 -80.16
C ALA YA 120 -6.46 44.74 -79.29
N ALA YA 121 -7.47 43.96 -79.65
CA ALA YA 121 -7.85 42.76 -78.92
C ALA YA 121 -7.87 41.52 -79.79
N LEU YA 122 -7.53 41.65 -81.07
CA LEU YA 122 -7.55 40.52 -81.98
C LEU YA 122 -6.45 39.52 -81.65
N LYS YA 123 -6.74 38.24 -81.87
CA LYS YA 123 -5.75 37.21 -81.59
C LYS YA 123 -4.53 37.33 -82.50
N VAL YA 124 -4.74 37.69 -83.77
CA VAL YA 124 -3.65 37.65 -84.73
C VAL YA 124 -2.59 38.72 -84.46
N VAL YA 125 -2.96 39.88 -83.93
CA VAL YA 125 -1.99 40.93 -83.65
C VAL YA 125 -1.47 40.90 -82.22
N ARG YA 126 -2.18 40.26 -81.29
CA ARG YA 126 -1.80 40.28 -79.89
C ARG YA 126 -1.08 39.01 -79.45
N LEU YA 127 -1.14 37.94 -80.24
CA LEU YA 127 -0.52 36.67 -79.90
C LEU YA 127 0.57 36.35 -80.92
N LYS YA 128 1.69 35.80 -80.44
CA LYS YA 128 2.68 35.27 -81.35
C LYS YA 128 2.08 34.09 -82.12
N PRO YA 129 2.43 33.95 -83.40
CA PRO YA 129 1.81 32.88 -84.20
C PRO YA 129 2.06 31.48 -83.65
N THR YA 130 3.22 31.25 -83.02
CA THR YA 130 3.55 29.94 -82.47
C THR YA 130 3.15 29.81 -81.00
N ARG YA 131 1.89 30.12 -80.71
CA ARG YA 131 1.36 30.00 -79.35
C ARG YA 131 0.01 29.32 -79.39
N LYS YA 132 -0.27 28.52 -78.37
CA LYS YA 132 -1.54 27.80 -78.27
C LYS YA 132 -2.62 28.71 -77.71
N PHE YA 133 -3.87 28.45 -78.12
CA PHE YA 133 -5.01 29.20 -77.62
C PHE YA 133 -6.20 28.26 -77.53
N ALA YA 134 -7.24 28.72 -76.85
CA ALA YA 134 -8.47 27.96 -76.68
C ALA YA 134 -9.65 28.74 -77.25
N TYR YA 135 -10.60 28.01 -77.82
CA TYR YA 135 -11.84 28.60 -78.28
C TYR YA 135 -12.84 28.62 -77.14
N LEU YA 136 -13.55 29.74 -76.99
CA LEU YA 136 -14.57 29.84 -75.95
C LEU YA 136 -15.70 28.85 -76.19
N GLY YA 137 -16.02 28.59 -77.45
CA GLY YA 137 -17.10 27.65 -77.75
C GLY YA 137 -16.81 26.24 -77.28
N ARG YA 138 -15.57 25.79 -77.49
CA ARG YA 138 -15.22 24.43 -77.06
C ARG YA 138 -15.02 24.38 -75.54
N LEU YA 139 -14.46 25.44 -74.95
CA LEU YA 139 -14.27 25.46 -73.51
C LEU YA 139 -15.61 25.44 -72.79
N ALA YA 140 -16.57 26.21 -73.28
CA ALA YA 140 -17.90 26.21 -72.68
C ALA YA 140 -18.61 24.89 -72.89
N HIS YA 141 -18.45 24.29 -74.07
CA HIS YA 141 -19.11 23.03 -74.37
C HIS YA 141 -18.68 21.93 -73.41
N GLU YA 142 -17.38 21.83 -73.13
CA GLU YA 142 -16.89 20.77 -72.28
C GLU YA 142 -17.02 21.11 -70.80
N VAL YA 143 -17.62 22.25 -70.47
CA VAL YA 143 -17.83 22.62 -69.08
C VAL YA 143 -19.30 22.67 -68.70
N GLY YA 144 -20.21 22.49 -69.66
CA GLY YA 144 -21.62 22.37 -69.36
C GLY YA 144 -22.57 22.98 -70.36
N TRP YA 145 -22.05 23.70 -71.35
CA TRP YA 145 -22.91 24.32 -72.35
C TRP YA 145 -23.58 23.26 -73.20
N LYS YA 146 -24.84 23.49 -73.55
CA LYS YA 146 -25.67 22.49 -74.21
C LYS YA 146 -26.08 22.86 -75.62
N TYR YA 147 -25.69 24.04 -76.12
CA TYR YA 147 -26.18 24.52 -77.40
C TYR YA 147 -25.03 24.88 -78.34
N GLN YA 148 -23.96 24.08 -78.31
CA GLN YA 148 -22.93 24.24 -79.32
C GLN YA 148 -23.34 23.66 -80.66
N ALA YA 149 -24.03 22.52 -80.68
CA ALA YA 149 -24.46 21.87 -81.91
C ALA YA 149 -25.52 22.68 -82.64
N VAL YA 150 -26.53 23.15 -81.94
CA VAL YA 150 -27.61 23.88 -82.60
C VAL YA 150 -27.12 25.23 -83.09
N THR YA 151 -26.28 25.91 -82.30
CA THR YA 151 -25.72 27.17 -82.75
C THR YA 151 -24.86 26.99 -84.00
N ALA YA 152 -24.15 25.85 -84.09
CA ALA YA 152 -23.35 25.58 -85.28
C ALA YA 152 -24.24 25.44 -86.51
N THR YA 153 -25.37 24.74 -86.38
CA THR YA 153 -26.26 24.59 -87.52
C THR YA 153 -26.93 25.92 -87.88
N LEU YA 154 -27.25 26.73 -86.87
CA LEU YA 154 -27.84 28.04 -87.14
C LEU YA 154 -26.81 29.00 -87.70
N GLU YA 155 -25.57 28.93 -87.21
CA GLU YA 155 -24.50 29.75 -87.78
C GLU YA 155 -24.22 29.37 -89.22
N GLU YA 156 -24.20 28.07 -89.51
CA GLU YA 156 -23.98 27.64 -90.89
C GLU YA 156 -25.10 28.13 -91.80
N LYS YA 157 -26.36 28.03 -91.34
CA LYS YA 157 -27.47 28.52 -92.15
C LYS YA 157 -27.40 30.02 -92.35
N ARG YA 158 -26.92 30.74 -91.33
CA ARG YA 158 -26.73 32.19 -91.49
C ARG YA 158 -25.65 32.48 -92.53
N LYS YA 159 -24.65 31.60 -92.63
CA LYS YA 159 -23.55 31.83 -93.56
C LYS YA 159 -23.97 31.58 -95.00
N GLU YA 160 -24.95 30.70 -95.21
CA GLU YA 160 -25.49 30.50 -96.55
C GLU YA 160 -26.32 31.69 -97.00
N LYS YA 161 -27.06 32.30 -96.07
CA LYS YA 161 -27.81 33.50 -96.39
C LYS YA 161 -26.88 34.67 -96.68
N ALA YA 162 -25.78 34.77 -95.93
CA ALA YA 162 -24.84 35.86 -96.15
C ALA YA 162 -24.12 35.73 -97.49
N LYS YA 163 -23.86 34.51 -97.94
CA LYS YA 163 -23.25 34.31 -99.25
C LYS YA 163 -24.17 34.80 -100.36
N ILE YA 164 -25.47 34.52 -100.24
CA ILE YA 164 -26.42 35.00 -101.24
C ILE YA 164 -26.43 36.52 -101.28
N HIS YA 165 -26.36 37.15 -100.12
CA HIS YA 165 -26.30 38.61 -100.07
C HIS YA 165 -25.01 39.13 -100.71
N TYR YA 166 -23.88 38.48 -100.43
CA TYR YA 166 -22.62 38.88 -101.04
C TYR YA 166 -22.57 38.55 -102.53
N ARG YA 167 -23.33 37.53 -102.96
CA ARG YA 167 -23.52 37.27 -104.37
C ARG YA 167 -24.10 38.49 -105.06
N LYS YA 168 -25.17 39.05 -104.47
CA LYS YA 168 -25.84 40.19 -105.05
C LYS YA 168 -25.02 41.48 -104.94
N LYS YA 169 -24.32 41.65 -103.81
CA LYS YA 169 -23.53 42.87 -103.64
C LYS YA 169 -22.42 42.95 -104.68
N LYS YA 170 -21.83 41.82 -105.03
CA LYS YA 170 -20.87 41.81 -106.14
C LYS YA 170 -21.56 42.01 -107.48
N GLN YA 171 -22.82 41.59 -107.59
CA GLN YA 171 -23.57 41.78 -108.83
C GLN YA 171 -23.83 43.27 -109.07
N LEU YA 172 -24.32 43.97 -108.04
CA LEU YA 172 -24.62 45.39 -108.19
C LEU YA 172 -23.36 46.26 -108.19
N MET YA 173 -22.21 45.69 -107.83
CA MET YA 173 -20.96 46.42 -107.95
C MET YA 173 -20.40 46.27 -109.35
N ARG YA 174 -20.52 45.07 -109.93
CA ARG YA 174 -20.14 44.86 -111.32
C ARG YA 174 -21.01 45.68 -112.26
N LEU YA 175 -22.30 45.80 -111.95
CA LEU YA 175 -23.18 46.65 -112.74
C LEU YA 175 -22.79 48.12 -112.64
N ARG YA 176 -22.48 48.57 -111.42
CA ARG YA 176 -22.11 49.98 -111.24
C ARG YA 176 -20.79 50.29 -111.94
N LYS YA 177 -19.86 49.33 -111.97
CA LYS YA 177 -18.62 49.55 -112.71
C LYS YA 177 -18.88 49.66 -114.20
N GLN YA 178 -19.66 48.72 -114.76
CA GLN YA 178 -20.02 48.80 -116.17
C GLN YA 178 -20.79 50.09 -116.45
N ALA YA 179 -21.64 50.50 -115.50
CA ALA YA 179 -22.34 51.77 -115.65
C ALA YA 179 -21.37 52.93 -115.74
N GLU YA 180 -20.36 52.96 -114.85
CA GLU YA 180 -19.41 54.06 -114.86
C GLU YA 180 -18.62 54.09 -116.18
N LYS YA 181 -18.32 52.91 -116.72
CA LYS YA 181 -17.73 52.86 -118.06
C LYS YA 181 -18.71 53.33 -119.12
N ASN YA 182 -19.99 52.94 -118.97
CA ASN YA 182 -21.00 53.32 -119.96
C ASN YA 182 -21.14 54.83 -120.06
N VAL YA 183 -21.28 55.51 -118.93
CA VAL YA 183 -21.48 56.95 -118.89
C VAL YA 183 -20.17 57.58 -118.43
N GLU YA 184 -19.33 57.96 -119.38
CA GLU YA 184 -18.08 58.61 -119.05
C GLU YA 184 -17.96 59.99 -119.67
N LYS YA 185 -18.45 60.19 -120.89
CA LYS YA 185 -18.41 61.49 -121.53
C LYS YA 185 -19.22 62.53 -120.76
N LYS YA 186 -20.22 62.11 -120.01
CA LYS YA 186 -21.08 62.99 -119.24
C LYS YA 186 -20.70 63.06 -117.76
N ILE YA 187 -19.59 62.45 -117.37
CA ILE YA 187 -19.22 62.34 -115.97
C ILE YA 187 -17.78 62.80 -115.81
N ASP YA 188 -17.08 62.96 -116.93
CA ASP YA 188 -15.64 63.21 -116.88
C ASP YA 188 -15.31 64.53 -116.18
N LYS YA 189 -16.05 65.60 -116.49
CA LYS YA 189 -15.83 66.87 -115.84
C LYS YA 189 -16.14 66.81 -114.35
N TYR YA 190 -17.02 65.91 -113.93
CA TYR YA 190 -17.37 65.70 -112.54
C TYR YA 190 -16.40 64.79 -111.82
N THR YA 191 -15.89 63.77 -112.52
CA THR YA 191 -14.88 62.89 -111.95
C THR YA 191 -13.59 63.64 -111.70
N GLU YA 192 -13.20 64.54 -112.60
CA GLU YA 192 -11.96 65.29 -112.41
C GLU YA 192 -12.04 66.17 -111.17
N VAL YA 193 -13.15 66.87 -110.97
CA VAL YA 193 -13.31 67.71 -109.79
C VAL YA 193 -13.09 66.89 -108.52
N LEU YA 194 -13.67 65.69 -108.48
CA LEU YA 194 -13.48 64.80 -107.35
C LEU YA 194 -12.07 64.24 -107.31
N LYS YA 195 -11.41 64.16 -108.48
CA LYS YA 195 -10.04 63.65 -108.54
C LYS YA 195 -9.04 64.62 -107.92
N THR YA 196 -9.13 65.91 -108.28
CA THR YA 196 -8.12 66.87 -107.83
C THR YA 196 -8.14 67.10 -106.33
N HIS YA 197 -9.18 66.66 -105.63
CA HIS YA 197 -9.32 66.92 -104.21
C HIS YA 197 -9.15 65.67 -103.36
N GLY YA 198 -8.47 64.66 -103.88
CA GLY YA 198 -8.09 63.51 -103.07
C GLY YA 198 -8.89 62.25 -103.33
N LEU YA 199 -10.20 62.38 -103.51
CA LEU YA 199 -11.04 61.24 -103.80
C LEU YA 199 -10.72 60.72 -105.20
N LEU YA 200 -10.83 59.39 -105.37
CA LEU YA 200 -10.70 58.75 -106.69
C LEU YA 200 -9.34 59.06 -107.32
N VAL YA 201 -8.30 58.47 -106.72
CA VAL YA 201 -7.01 58.31 -107.39
C VAL YA 201 -7.16 58.04 -108.89
N VAL ZA 1 -65.58 69.06 -30.59
CA VAL ZA 1 -64.21 68.97 -30.10
C VAL ZA 1 -63.27 68.97 -31.31
N ARG ZA 2 -61.96 69.02 -31.06
CA ARG ZA 2 -60.97 69.06 -32.13
C ARG ZA 2 -60.72 67.65 -32.63
N TYR ZA 3 -61.35 67.32 -33.76
CA TYR ZA 3 -60.95 66.15 -34.52
C TYR ZA 3 -59.72 66.46 -35.35
N SER ZA 4 -58.90 65.45 -35.58
CA SER ZA 4 -57.89 65.57 -36.61
C SER ZA 4 -58.55 65.44 -37.97
N LEU ZA 5 -58.01 66.15 -38.96
CA LEU ZA 5 -58.50 66.08 -40.33
C LEU ZA 5 -59.98 66.46 -40.41
N ASP ZA 6 -60.23 67.73 -40.12
CA ASP ZA 6 -61.59 68.25 -40.17
C ASP ZA 6 -62.14 68.14 -41.60
N PRO ZA 7 -63.44 67.93 -41.77
CA PRO ZA 7 -63.98 67.70 -43.12
C PRO ZA 7 -63.90 68.95 -43.98
N GLU ZA 8 -63.97 68.73 -45.29
CA GLU ZA 8 -63.94 69.84 -46.24
C GLU ZA 8 -65.14 70.74 -46.06
N ASN ZA 9 -66.30 70.18 -45.73
CA ASN ZA 9 -67.53 70.92 -45.56
C ASN ZA 9 -68.37 70.32 -44.44
N PRO ZA 10 -68.38 70.93 -43.24
CA PRO ZA 10 -69.15 70.39 -42.12
C PRO ZA 10 -70.65 70.66 -42.24
N THR ZA 11 -71.18 70.43 -43.43
CA THR ZA 11 -72.61 70.51 -43.71
C THR ZA 11 -73.12 69.29 -44.46
N LYS ZA 12 -72.26 68.60 -45.19
CA LYS ZA 12 -72.56 67.30 -45.77
C LYS ZA 12 -71.67 66.22 -45.15
N SER ZA 13 -71.26 66.44 -43.90
CA SER ZA 13 -70.42 65.50 -43.17
C SER ZA 13 -70.99 65.31 -41.77
N CYS ZA 14 -70.81 64.11 -41.24
CA CYS ZA 14 -71.18 63.78 -39.87
C CYS ZA 14 -70.00 63.11 -39.17
N LYS ZA 15 -69.93 63.31 -37.86
CA LYS ZA 15 -68.79 62.84 -37.08
C LYS ZA 15 -69.27 62.01 -35.89
N SER ZA 16 -68.37 61.14 -35.42
CA SER ZA 16 -68.61 60.37 -34.21
C SER ZA 16 -67.26 59.96 -33.64
N ARG ZA 17 -67.22 59.77 -32.33
CA ARG ZA 17 -65.97 59.39 -31.68
C ARG ZA 17 -66.27 58.66 -30.37
N GLY ZA 18 -65.24 58.03 -29.84
CA GLY ZA 18 -65.29 57.44 -28.51
C GLY ZA 18 -63.89 57.35 -27.96
N SER ZA 19 -63.79 57.49 -26.64
CA SER ZA 19 -62.51 57.50 -25.96
C SER ZA 19 -62.47 56.40 -24.91
N ASN ZA 20 -61.26 55.90 -24.65
CA ASN ZA 20 -61.02 54.90 -23.61
C ASN ZA 20 -61.89 53.67 -23.81
N LEU ZA 21 -61.94 53.17 -25.05
CA LEU ZA 21 -62.72 51.98 -25.35
C LEU ZA 21 -61.88 50.75 -25.09
N ARG ZA 22 -62.45 49.77 -24.38
CA ARG ZA 22 -61.72 48.60 -23.92
C ARG ZA 22 -61.61 47.56 -25.05
N VAL ZA 23 -60.95 47.97 -26.12
CA VAL ZA 23 -60.63 47.09 -27.24
C VAL ZA 23 -59.12 47.11 -27.41
N HIS ZA 24 -58.60 46.05 -28.03
CA HIS ZA 24 -57.19 46.02 -28.36
C HIS ZA 24 -56.91 47.03 -29.47
N PHE ZA 25 -55.90 47.87 -29.26
CA PHE ZA 25 -55.61 48.94 -30.22
C PHE ZA 25 -55.06 48.37 -31.52
N LYS ZA 26 -54.30 47.27 -31.44
CA LYS ZA 26 -53.72 46.69 -32.64
C LYS ZA 26 -54.79 46.04 -33.51
N ASN ZA 27 -55.78 45.39 -32.90
CA ASN ZA 27 -56.85 44.77 -33.68
C ASN ZA 27 -57.74 45.83 -34.31
N THR ZA 28 -57.98 46.93 -33.61
CA THR ZA 28 -58.87 47.96 -34.12
C THR ZA 28 -58.20 48.79 -35.20
N ARG ZA 29 -56.89 49.00 -35.09
CA ARG ZA 29 -56.19 49.76 -36.12
C ARG ZA 29 -56.25 49.05 -37.46
N GLU ZA 30 -56.12 47.73 -37.46
CA GLU ZA 30 -56.26 46.97 -38.70
C GLU ZA 30 -57.68 47.03 -39.22
N THR ZA 31 -58.67 46.91 -38.33
CA THR ZA 31 -60.07 46.94 -38.75
C THR ZA 31 -60.45 48.29 -39.35
N ALA ZA 32 -59.99 49.37 -38.74
CA ALA ZA 32 -60.29 50.70 -39.26
C ALA ZA 32 -59.66 50.92 -40.63
N GLN ZA 33 -58.45 50.38 -40.83
CA GLN ZA 33 -57.75 50.57 -42.10
C GLN ZA 33 -58.50 49.90 -43.24
N ALA ZA 34 -59.14 48.76 -42.98
CA ALA ZA 34 -59.94 48.11 -44.01
C ALA ZA 34 -61.26 48.85 -44.22
N ILE ZA 35 -61.87 49.32 -43.13
CA ILE ZA 35 -63.14 50.05 -43.22
C ILE ZA 35 -62.96 51.38 -43.93
N LYS ZA 36 -61.77 52.00 -43.81
CA LYS ZA 36 -61.59 53.35 -44.30
C LYS ZA 36 -61.84 53.44 -45.80
N GLY ZA 37 -62.61 54.45 -46.20
CA GLY ZA 37 -62.98 54.65 -47.58
C GLY ZA 37 -64.20 53.89 -48.04
N MET ZA 38 -64.71 52.97 -47.22
CA MET ZA 38 -65.86 52.17 -47.59
C MET ZA 38 -67.14 53.00 -47.50
N HIS ZA 39 -68.12 52.62 -48.31
CA HIS ZA 39 -69.45 53.19 -48.19
C HIS ZA 39 -70.12 52.65 -46.94
N ILE ZA 40 -71.05 53.44 -46.39
CA ILE ZA 40 -71.58 53.16 -45.05
C ILE ZA 40 -72.30 51.82 -45.02
N ARG ZA 41 -73.05 51.48 -46.07
CA ARG ZA 41 -73.74 50.19 -46.07
C ARG ZA 41 -72.78 49.05 -46.32
N LYS ZA 42 -71.77 49.27 -47.16
CA LYS ZA 42 -70.77 48.24 -47.41
C LYS ZA 42 -69.92 47.99 -46.17
N ALA ZA 43 -69.62 49.05 -45.41
CA ALA ZA 43 -68.81 48.87 -44.20
C ALA ZA 43 -69.59 48.17 -43.10
N THR ZA 44 -70.86 48.53 -42.93
CA THR ZA 44 -71.68 47.84 -41.94
C THR ZA 44 -71.86 46.37 -42.26
N LYS ZA 45 -72.16 46.04 -43.53
CA LYS ZA 45 -72.31 44.64 -43.92
C LYS ZA 45 -70.98 43.90 -43.75
N TYR ZA 46 -69.87 44.56 -44.06
CA TYR ZA 46 -68.56 43.92 -43.94
C TYR ZA 46 -68.21 43.60 -42.49
N LEU ZA 47 -68.54 44.49 -41.56
CA LEU ZA 47 -68.19 44.24 -40.16
C LEU ZA 47 -69.02 43.11 -39.57
N LYS ZA 48 -70.27 42.97 -40.01
CA LYS ZA 48 -71.06 41.81 -39.60
C LYS ZA 48 -70.46 40.52 -40.15
N ASP ZA 49 -69.94 40.57 -41.39
CA ASP ZA 49 -69.30 39.40 -41.97
C ASP ZA 49 -68.05 39.00 -41.18
N VAL ZA 50 -67.29 39.99 -40.72
CA VAL ZA 50 -66.09 39.69 -39.94
C VAL ZA 50 -66.47 39.01 -38.63
N THR ZA 51 -67.55 39.45 -38.01
CA THR ZA 51 -68.07 38.78 -36.83
C THR ZA 51 -68.50 37.36 -37.15
N LEU ZA 52 -69.13 37.16 -38.31
CA LEU ZA 52 -69.54 35.84 -38.76
C LEU ZA 52 -68.42 35.04 -39.42
N GLN ZA 53 -67.21 35.62 -39.50
CA GLN ZA 53 -66.04 34.95 -40.06
C GLN ZA 53 -66.24 34.57 -41.52
N LYS ZA 54 -67.03 35.36 -42.25
CA LYS ZA 54 -67.20 35.17 -43.68
C LYS ZA 54 -66.30 36.08 -44.50
N GLN ZA 55 -65.89 37.20 -43.93
CA GLN ZA 55 -64.85 38.06 -44.47
C GLN ZA 55 -63.90 38.41 -43.33
N CYS ZA 56 -62.64 38.66 -43.67
CA CYS ZA 56 -61.63 38.95 -42.66
C CYS ZA 56 -61.11 40.36 -42.84
N VAL ZA 57 -60.32 40.80 -41.87
CA VAL ZA 57 -59.56 42.04 -41.97
C VAL ZA 57 -58.09 41.66 -42.12
N PRO ZA 58 -57.34 42.31 -43.02
CA PRO ZA 58 -55.92 41.95 -43.16
C PRO ZA 58 -55.07 42.68 -42.15
N PHE ZA 59 -54.21 41.93 -41.47
CA PHE ZA 59 -53.29 42.48 -40.48
C PHE ZA 59 -52.00 42.83 -41.21
N ARG ZA 60 -51.81 44.11 -41.51
CA ARG ZA 60 -50.71 44.56 -42.35
C ARG ZA 60 -49.52 45.08 -41.57
N ARG ZA 61 -49.74 45.95 -40.58
CA ARG ZA 61 -48.65 46.48 -39.76
C ARG ZA 61 -48.40 45.63 -38.52
N TYR ZA 62 -49.45 45.31 -37.78
CA TYR ZA 62 -49.32 44.49 -36.57
C TYR ZA 62 -49.69 43.05 -36.90
N ASN ZA 63 -48.72 42.35 -37.51
CA ASN ZA 63 -48.95 41.01 -38.04
C ASN ZA 63 -47.99 39.97 -37.49
N GLY ZA 64 -47.14 40.33 -36.54
CA GLY ZA 64 -46.16 39.39 -36.02
C GLY ZA 64 -46.81 38.22 -35.30
N GLY ZA 65 -46.72 37.03 -35.90
CA GLY ZA 65 -47.35 35.85 -35.37
C GLY ZA 65 -48.76 35.61 -35.84
N VAL ZA 66 -49.35 36.54 -36.59
CA VAL ZA 66 -50.73 36.37 -37.06
C VAL ZA 66 -50.76 35.30 -38.14
N GLY ZA 67 -51.75 34.41 -38.05
CA GLY ZA 67 -51.84 33.32 -38.99
C GLY ZA 67 -52.41 33.73 -40.34
N ARG ZA 68 -52.28 32.81 -41.28
CA ARG ZA 68 -52.74 33.03 -42.65
C ARG ZA 68 -54.14 32.47 -42.84
N CYS ZA 69 -54.88 33.06 -43.76
CA CYS ZA 69 -56.24 32.61 -44.07
C CYS ZA 69 -56.50 32.77 -45.56
N ALA ZA 70 -57.49 32.03 -46.05
CA ALA ZA 70 -57.84 32.10 -47.46
C ALA ZA 70 -58.51 33.42 -47.82
N GLN ZA 71 -59.29 33.97 -46.90
CA GLN ZA 71 -60.05 35.19 -47.15
C GLN ZA 71 -59.18 36.43 -47.25
N ALA ZA 72 -57.93 36.37 -46.80
CA ALA ZA 72 -57.03 37.50 -46.88
C ALA ZA 72 -56.42 37.68 -48.26
N LYS ZA 73 -57.00 37.06 -49.29
CA LYS ZA 73 -56.59 37.29 -50.66
C LYS ZA 73 -57.40 38.38 -51.35
N GLN ZA 74 -58.64 38.61 -50.92
CA GLN ZA 74 -59.43 39.70 -51.47
C GLN ZA 74 -58.69 41.02 -51.31
N TRP ZA 75 -58.13 41.25 -50.12
CA TRP ZA 75 -57.10 42.24 -49.93
C TRP ZA 75 -55.78 41.61 -50.31
N GLY ZA 76 -55.04 42.23 -51.22
CA GLY ZA 76 -53.78 41.63 -51.61
C GLY ZA 76 -52.90 41.50 -50.38
N TRP ZA 77 -52.81 40.28 -49.84
CA TRP ZA 77 -52.17 40.04 -48.56
C TRP ZA 77 -52.24 38.53 -48.29
N THR ZA 78 -51.67 38.13 -47.16
CA THR ZA 78 -51.61 36.72 -46.80
C THR ZA 78 -52.24 36.42 -45.45
N GLN ZA 79 -52.01 37.25 -44.44
CA GLN ZA 79 -52.48 36.99 -43.09
C GLN ZA 79 -53.64 37.92 -42.73
N GLY ZA 80 -54.70 37.32 -42.19
CA GLY ZA 80 -55.85 38.08 -41.76
C GLY ZA 80 -56.53 37.39 -40.58
N ARG ZA 81 -57.33 38.16 -39.86
CA ARG ZA 81 -58.05 37.66 -38.70
C ARG ZA 81 -59.47 38.24 -38.70
N TRP ZA 82 -60.24 37.83 -37.70
CA TRP ZA 82 -61.65 38.20 -37.60
C TRP ZA 82 -61.89 38.78 -36.20
N PRO ZA 83 -61.40 39.99 -35.94
CA PRO ZA 83 -61.53 40.54 -34.57
C PRO ZA 83 -62.98 40.85 -34.27
N LYS ZA 84 -63.62 39.99 -33.47
CA LYS ZA 84 -65.03 40.18 -33.17
C LYS ZA 84 -65.25 41.45 -32.36
N LYS ZA 85 -64.42 41.67 -31.35
CA LYS ZA 85 -64.60 42.83 -30.49
C LYS ZA 85 -64.38 44.14 -31.25
N SER ZA 86 -63.38 44.16 -32.14
CA SER ZA 86 -63.15 45.36 -32.93
C SER ZA 86 -64.32 45.66 -33.84
N ALA ZA 87 -64.93 44.62 -34.41
CA ALA ZA 87 -66.07 44.83 -35.31
C ALA ZA 87 -67.27 45.37 -34.56
N GLU ZA 88 -67.54 44.86 -33.36
CA GLU ZA 88 -68.71 45.32 -32.60
C GLU ZA 88 -68.56 46.77 -32.18
N PHE ZA 89 -67.37 47.18 -31.76
CA PHE ZA 89 -67.17 48.56 -31.35
C PHE ZA 89 -67.27 49.50 -32.54
N LEU ZA 90 -66.74 49.10 -33.69
CA LEU ZA 90 -66.85 49.92 -34.89
C LEU ZA 90 -68.28 49.96 -35.41
N LEU ZA 91 -69.00 48.84 -35.27
CA LEU ZA 91 -70.42 48.83 -35.64
C LEU ZA 91 -71.23 49.75 -34.76
N HIS ZA 92 -70.94 49.75 -33.45
CA HIS ZA 92 -71.66 50.63 -32.53
C HIS ZA 92 -71.38 52.09 -32.85
N MET ZA 93 -70.12 52.42 -33.13
CA MET ZA 93 -69.76 53.79 -33.42
C MET ZA 93 -70.22 54.21 -34.81
N LEU ZA 94 -70.39 53.26 -35.72
CA LEU ZA 94 -70.98 53.56 -37.01
C LEU ZA 94 -72.48 53.84 -36.88
N LYS ZA 95 -73.15 53.10 -35.99
CA LYS ZA 95 -74.56 53.36 -35.74
C LYS ZA 95 -74.76 54.73 -35.10
N ASN ZA 96 -73.85 55.12 -34.21
CA ASN ZA 96 -73.90 56.47 -33.64
C ASN ZA 96 -73.64 57.53 -34.71
N ALA ZA 97 -72.68 57.28 -35.60
CA ALA ZA 97 -72.39 58.24 -36.66
C ALA ZA 97 -73.56 58.39 -37.61
N GLU ZA 98 -74.25 57.28 -37.90
CA GLU ZA 98 -75.41 57.34 -38.79
C GLU ZA 98 -76.53 58.18 -38.19
N SER ZA 99 -76.77 58.03 -36.88
CA SER ZA 99 -77.83 58.82 -36.23
C SER ZA 99 -77.48 60.30 -36.22
N ASN ZA 100 -76.19 60.63 -36.16
CA ASN ZA 100 -75.79 62.03 -36.25
C ASN ZA 100 -76.11 62.60 -37.62
N ALA ZA 101 -75.89 61.81 -38.68
CA ALA ZA 101 -76.19 62.29 -40.02
C ALA ZA 101 -77.67 62.58 -40.20
N GLU ZA 102 -78.53 61.70 -39.68
CA GLU ZA 102 -79.96 61.95 -39.73
C GLU ZA 102 -80.39 63.02 -38.75
N LEU ZA 103 -79.54 63.36 -37.77
CA LEU ZA 103 -79.88 64.43 -36.83
C LEU ZA 103 -79.74 65.79 -37.52
N LYS ZA 104 -78.69 65.98 -38.30
CA LYS ZA 104 -78.47 67.23 -39.01
C LYS ZA 104 -79.06 67.22 -40.41
N GLY ZA 105 -79.70 66.13 -40.82
CA GLY ZA 105 -80.52 66.15 -42.01
C GLY ZA 105 -79.83 65.86 -43.34
N LEU ZA 106 -78.99 64.84 -43.37
CA LEU ZA 106 -78.43 64.37 -44.63
C LEU ZA 106 -78.74 62.89 -44.80
N ASP ZA 107 -78.87 62.46 -46.04
CA ASP ZA 107 -79.23 61.08 -46.30
C ASP ZA 107 -78.08 60.14 -45.95
N VAL ZA 108 -78.43 58.98 -45.38
CA VAL ZA 108 -77.46 57.99 -44.97
C VAL ZA 108 -77.20 56.96 -46.04
N ASP ZA 109 -77.98 56.97 -47.12
CA ASP ZA 109 -77.74 56.02 -48.21
C ASP ZA 109 -76.44 56.32 -48.94
N SER ZA 110 -76.01 57.58 -48.95
CA SER ZA 110 -74.84 58.01 -49.71
C SER ZA 110 -73.72 58.50 -48.82
N LEU ZA 111 -73.51 57.86 -47.67
CA LEU ZA 111 -72.43 58.22 -46.76
C LEU ZA 111 -71.22 57.33 -47.03
N VAL ZA 112 -70.03 57.93 -47.00
CA VAL ZA 112 -68.77 57.23 -47.23
C VAL ZA 112 -67.82 57.61 -46.10
N ILE ZA 113 -67.13 56.62 -45.54
CA ILE ZA 113 -66.21 56.88 -44.44
C ILE ZA 113 -64.96 57.54 -45.00
N GLU ZA 114 -64.92 58.86 -44.96
CA GLU ZA 114 -63.79 59.62 -45.49
C GLU ZA 114 -62.56 59.54 -44.59
N HIS ZA 115 -62.73 59.67 -43.28
CA HIS ZA 115 -61.64 59.68 -42.34
C HIS ZA 115 -62.02 58.81 -41.15
N ILE ZA 116 -61.09 57.96 -40.72
CA ILE ZA 116 -61.25 57.18 -39.50
C ILE ZA 116 -59.86 56.90 -38.93
N GLN ZA 117 -59.68 57.20 -37.64
CA GLN ZA 117 -58.39 56.99 -36.99
C GLN ZA 117 -58.62 56.46 -35.59
N VAL ZA 118 -57.66 55.67 -35.12
CA VAL ZA 118 -57.70 55.06 -33.81
C VAL ZA 118 -56.41 55.40 -33.07
N ASN ZA 119 -56.54 55.94 -31.86
CA ASN ZA 119 -55.42 56.40 -31.08
C ASN ZA 119 -55.26 55.55 -29.83
N LYS ZA 120 -54.00 55.36 -29.41
CA LYS ZA 120 -53.76 54.70 -28.14
C LYS ZA 120 -54.30 55.55 -26.98
N ALA ZA 121 -54.92 54.88 -26.03
CA ALA ZA 121 -55.47 55.48 -24.82
C ALA ZA 121 -54.57 55.16 -23.64
N PRO ZA 122 -54.76 55.82 -22.50
CA PRO ZA 122 -53.99 55.45 -21.31
C PRO ZA 122 -54.20 53.99 -20.96
N LYS ZA 123 -53.09 53.30 -20.71
CA LYS ZA 123 -53.15 51.87 -20.41
C LYS ZA 123 -53.65 51.66 -18.98
N MET ZA 124 -54.30 50.53 -18.74
CA MET ZA 124 -54.83 50.21 -17.42
C MET ZA 124 -54.00 49.10 -16.80
N ARG ZA 125 -53.68 49.25 -15.51
CA ARG ZA 125 -52.70 48.40 -14.86
C ARG ZA 125 -53.38 47.23 -14.16
N ARG ZA 126 -52.85 46.02 -14.40
CA ARG ZA 126 -53.21 44.83 -13.65
C ARG ZA 126 -51.95 44.06 -13.33
N ARG ZA 127 -52.10 42.98 -12.57
CA ARG ZA 127 -50.98 42.24 -12.03
C ARG ZA 127 -51.03 40.79 -12.44
N THR ZA 128 -49.90 40.27 -12.92
CA THR ZA 128 -49.72 38.86 -13.15
C THR ZA 128 -48.56 38.38 -12.29
N TYR ZA 129 -48.60 37.09 -11.95
CA TYR ZA 129 -47.68 36.51 -10.97
C TYR ZA 129 -46.77 35.51 -11.67
N ARG ZA 130 -45.47 35.68 -11.49
CA ARG ZA 130 -44.45 34.92 -12.21
C ARG ZA 130 -43.72 33.97 -11.25
N ALA ZA 131 -42.68 33.32 -11.77
CA ALA ZA 131 -42.17 32.09 -11.17
C ALA ZA 131 -41.59 32.32 -9.78
N HIS ZA 132 -40.53 33.10 -9.69
CA HIS ZA 132 -39.77 33.20 -8.44
C HIS ZA 132 -40.20 34.41 -7.62
N GLY ZA 133 -41.48 34.45 -7.30
CA GLY ZA 133 -42.02 35.51 -6.47
C GLY ZA 133 -41.97 36.88 -7.13
N ARG ZA 134 -42.23 36.93 -8.43
CA ARG ZA 134 -42.10 38.16 -9.20
C ARG ZA 134 -43.46 38.63 -9.70
N ILE ZA 135 -43.61 39.95 -9.74
CA ILE ZA 135 -44.84 40.61 -10.17
C ILE ZA 135 -44.57 41.24 -11.53
N ASN ZA 136 -45.47 41.00 -12.48
CA ASN ZA 136 -45.29 41.57 -13.80
C ASN ZA 136 -46.56 42.26 -14.26
N PRO ZA 137 -46.44 43.25 -15.15
CA PRO ZA 137 -47.61 43.97 -15.63
C PRO ZA 137 -48.55 43.09 -16.45
N TYR ZA 138 -49.82 43.45 -16.41
CA TYR ZA 138 -50.87 42.86 -17.25
C TYR ZA 138 -51.70 43.97 -17.87
N MET ZA 139 -51.02 44.94 -18.47
CA MET ZA 139 -51.67 46.16 -18.93
C MET ZA 139 -52.63 45.86 -20.08
N SER ZA 140 -53.72 46.63 -20.11
CA SER ZA 140 -54.62 46.66 -21.26
C SER ZA 140 -54.23 47.79 -22.19
N SER ZA 141 -54.67 47.67 -23.44
CA SER ZA 141 -54.33 48.64 -24.49
C SER ZA 141 -55.61 49.16 -25.11
N PRO ZA 142 -56.29 50.08 -24.44
CA PRO ZA 142 -57.53 50.65 -24.99
C PRO ZA 142 -57.21 51.58 -26.16
N CYS ZA 143 -58.27 52.18 -26.70
CA CYS ZA 143 -58.12 53.00 -27.89
C CYS ZA 143 -59.17 54.10 -27.94
N HIS ZA 144 -58.75 55.29 -28.36
CA HIS ZA 144 -59.66 56.32 -28.81
C HIS ZA 144 -59.92 56.13 -30.29
N ILE ZA 145 -61.18 56.28 -30.70
CA ILE ZA 145 -61.56 56.19 -32.11
C ILE ZA 145 -62.38 57.41 -32.48
N GLU ZA 146 -62.32 57.77 -33.76
CA GLU ZA 146 -63.08 58.89 -34.30
C GLU ZA 146 -63.15 58.72 -35.81
N MET ZA 147 -64.29 59.13 -36.39
CA MET ZA 147 -64.41 59.09 -37.84
C MET ZA 147 -65.30 60.21 -38.33
N ILE ZA 148 -65.15 60.55 -39.61
CA ILE ZA 148 -66.00 61.51 -40.30
C ILE ZA 148 -66.60 60.82 -41.51
N LEU ZA 149 -67.92 60.91 -41.66
CA LEU ZA 149 -68.64 60.36 -42.80
C LEU ZA 149 -69.09 61.51 -43.70
N THR ZA 150 -68.76 61.42 -44.98
CA THR ZA 150 -69.13 62.42 -45.96
C THR ZA 150 -70.22 61.92 -46.89
N GLU ZA 151 -71.25 62.73 -47.07
CA GLU ZA 151 -72.32 62.43 -48.00
C GLU ZA 151 -71.83 62.68 -49.42
N LYS ZA 152 -71.77 61.62 -50.23
CA LYS ZA 152 -71.26 61.76 -51.59
C LYS ZA 152 -71.75 60.60 -52.44
N GLU ZA 153 -72.08 60.89 -53.68
CA GLU ZA 153 -72.46 59.88 -54.66
C GLU ZA 153 -72.19 60.38 -56.08
N GLY AB 1 6.17 71.75 -45.10
CA GLY AB 1 6.39 72.24 -43.75
C GLY AB 1 7.82 72.66 -43.50
N VAL AB 2 7.99 73.64 -42.62
CA VAL AB 2 9.30 74.14 -42.22
C VAL AB 2 9.56 73.70 -40.78
N ASP AB 3 10.77 73.23 -40.50
CA ASP AB 3 11.09 72.85 -39.13
C ASP AB 3 11.53 74.07 -38.31
N ILE AB 4 10.76 74.33 -37.25
CA ILE AB 4 11.07 75.38 -36.29
C ILE AB 4 10.37 74.99 -35.00
N ARG AB 5 10.90 75.47 -33.87
CA ARG AB 5 10.27 75.26 -32.58
C ARG AB 5 9.46 76.49 -32.23
N HIS AB 6 8.17 76.29 -31.96
CA HIS AB 6 7.25 77.38 -31.70
C HIS AB 6 7.04 77.64 -30.21
N ASN AB 7 7.85 77.05 -29.35
CA ASN AB 7 7.71 77.25 -27.91
C ASN AB 7 8.22 78.61 -27.45
N LYS AB 8 9.20 79.19 -28.14
CA LYS AB 8 9.75 80.49 -27.78
C LYS AB 8 9.22 81.61 -28.65
N ASP AB 9 8.16 81.36 -29.43
CA ASP AB 9 7.64 82.39 -30.32
C ASP AB 9 7.10 83.58 -29.55
N ARG AB 10 6.30 83.34 -28.52
CA ARG AB 10 5.59 84.39 -27.79
C ARG AB 10 6.49 84.92 -26.69
N LYS AB 11 7.01 86.12 -26.87
CA LYS AB 11 7.84 86.75 -25.86
C LYS AB 11 6.99 87.21 -24.69
N VAL AB 12 7.36 86.79 -23.48
CA VAL AB 12 6.58 87.03 -22.28
C VAL AB 12 7.12 88.31 -21.63
N ARG AB 13 6.40 89.42 -21.83
CA ARG AB 13 6.77 90.68 -21.21
C ARG AB 13 5.54 91.55 -21.10
N ARG AB 14 5.58 92.48 -20.16
CA ARG AB 14 4.47 93.40 -19.96
C ARG AB 14 4.36 94.37 -21.12
N LYS AB 15 3.16 94.43 -21.72
CA LYS AB 15 2.85 95.42 -22.74
C LYS AB 15 1.99 96.54 -22.20
N GLU AB 16 1.43 96.39 -21.00
CA GLU AB 16 0.63 97.40 -20.34
C GLU AB 16 0.60 97.08 -18.86
N PRO AB 17 0.29 98.05 -18.01
CA PRO AB 17 0.15 97.74 -16.58
C PRO AB 17 -1.04 96.80 -16.36
N LYS AB 18 -0.87 95.85 -15.44
CA LYS AB 18 -2.00 95.01 -15.06
C LYS AB 18 -2.98 95.73 -14.14
N SER AB 19 -2.60 96.90 -13.63
CA SER AB 19 -3.46 97.69 -12.77
C SER AB 19 -4.56 98.37 -13.59
N GLN AB 20 -5.63 98.74 -12.91
CA GLN AB 20 -6.69 99.56 -13.48
C GLN AB 20 -6.68 100.97 -12.93
N ASP AB 21 -5.60 101.38 -12.26
CA ASP AB 21 -5.38 102.77 -11.87
C ASP AB 21 -5.44 103.70 -13.07
N ILE AB 22 -6.47 104.54 -13.12
CA ILE AB 22 -6.63 105.43 -14.26
C ILE AB 22 -5.56 106.52 -14.26
N TYR AB 23 -4.99 106.83 -13.11
CA TYR AB 23 -3.89 107.79 -13.08
C TYR AB 23 -2.60 107.18 -13.60
N LEU AB 24 -2.37 105.89 -13.35
CA LEU AB 24 -1.22 105.22 -13.94
C LEU AB 24 -1.43 104.98 -15.43
N ARG AB 25 -2.67 104.73 -15.84
CA ARG AB 25 -2.97 104.63 -17.26
C ARG AB 25 -2.71 105.95 -17.98
N LEU AB 26 -3.01 107.08 -17.33
CA LEU AB 26 -2.89 108.37 -17.98
C LEU AB 26 -1.43 108.72 -18.26
N LEU AB 27 -0.56 108.53 -17.27
CA LEU AB 27 0.85 108.82 -17.50
C LEU AB 27 1.55 107.71 -18.28
N VAL AB 28 0.97 106.52 -18.34
CA VAL AB 28 1.43 105.53 -19.31
C VAL AB 28 1.13 106.02 -20.72
N LYS AB 29 -0.05 106.59 -20.92
CA LYS AB 29 -0.37 107.22 -22.20
C LYS AB 29 0.62 108.33 -22.52
N LEU AB 30 0.95 109.15 -21.51
CA LEU AB 30 1.88 110.25 -21.71
C LEU AB 30 3.27 109.73 -22.08
N TYR AB 31 3.74 108.71 -21.37
CA TYR AB 31 5.08 108.20 -21.60
C TYR AB 31 5.13 107.17 -22.73
N ARG AB 32 3.98 106.73 -23.21
CA ARG AB 32 3.97 105.90 -24.42
C ARG AB 32 4.20 106.76 -25.66
N PHE AB 33 3.63 107.97 -25.65
CA PHE AB 33 3.86 108.91 -26.74
C PHE AB 33 5.30 109.39 -26.76
N LEU AB 34 5.84 109.72 -25.60
CA LEU AB 34 7.21 110.25 -25.54
C LEU AB 34 8.22 109.23 -26.03
N ALA AB 35 8.08 107.98 -25.62
CA ALA AB 35 9.00 106.94 -26.07
C ALA AB 35 8.89 106.73 -27.57
N ARG AB 36 7.66 106.78 -28.11
CA ARG AB 36 7.47 106.57 -29.53
C ARG AB 36 8.02 107.72 -30.36
N ARG AB 37 7.78 108.96 -29.92
CA ARG AB 37 8.07 110.14 -30.72
C ARG AB 37 9.34 110.86 -30.32
N THR AB 38 10.17 110.26 -29.47
CA THR AB 38 11.50 110.77 -29.19
C THR AB 38 12.50 109.64 -29.29
N ASN AB 39 13.76 109.98 -29.55
CA ASN AB 39 14.82 108.99 -29.61
C ASN AB 39 15.44 108.75 -28.24
N SER AB 40 14.91 109.36 -27.19
CA SER AB 40 15.40 109.14 -25.85
C SER AB 40 15.15 107.70 -25.43
N THR AB 41 16.19 107.03 -24.94
CA THR AB 41 16.02 105.72 -24.34
C THR AB 41 15.66 105.81 -22.87
N PHE AB 42 15.73 107.00 -22.27
CA PHE AB 42 15.25 107.18 -20.90
C PHE AB 42 13.75 106.94 -20.82
N ASN AB 43 12.99 107.46 -21.78
CA ASN AB 43 11.54 107.28 -21.76
C ASN AB 43 11.17 105.83 -21.98
N GLN AB 44 11.96 105.10 -22.77
CA GLN AB 44 11.71 103.67 -22.96
C GLN AB 44 11.88 102.91 -21.65
N VAL AB 45 12.91 103.24 -20.88
CA VAL AB 45 13.12 102.57 -19.60
C VAL AB 45 12.02 102.94 -18.62
N VAL AB 46 11.64 104.22 -18.58
CA VAL AB 46 10.57 104.65 -17.67
C VAL AB 46 9.25 104.01 -18.06
N LEU AB 47 8.96 103.96 -19.36
CA LEU AB 47 7.69 103.37 -19.81
C LEU AB 47 7.59 101.90 -19.43
N LYS AB 48 8.67 101.14 -19.63
CA LYS AB 48 8.62 99.73 -19.30
C LYS AB 48 8.56 99.51 -17.79
N ARG AB 49 9.07 100.46 -17.00
CA ARG AB 49 8.96 100.34 -15.55
C ARG AB 49 7.55 100.65 -15.06
N LEU AB 50 6.83 101.52 -15.75
CA LEU AB 50 5.45 101.80 -15.37
C LEU AB 50 4.58 100.57 -15.54
N PHE AB 51 4.92 99.70 -16.49
CA PHE AB 51 4.22 98.43 -16.65
C PHE AB 51 4.49 97.48 -15.50
N MET AB 52 5.66 97.57 -14.87
CA MET AB 52 6.13 96.54 -13.97
C MET AB 52 5.26 96.43 -12.73
N SER AB 53 5.27 95.23 -12.14
CA SER AB 53 4.51 94.91 -10.96
C SER AB 53 5.14 95.56 -9.73
N ARG AB 54 4.39 95.55 -8.62
CA ARG AB 54 4.84 96.24 -7.42
C ARG AB 54 6.14 95.62 -6.88
N THR AB 55 6.23 94.30 -6.89
CA THR AB 55 7.47 93.64 -6.48
C THR AB 55 8.63 93.98 -7.40
N ASN AB 56 8.36 94.30 -8.67
CA ASN AB 56 9.38 94.75 -9.60
C ASN AB 56 9.61 96.25 -9.53
N ARG AB 57 8.89 96.95 -8.65
CA ARG AB 57 9.17 98.35 -8.33
C ARG AB 57 9.34 98.45 -6.82
N PRO AB 58 10.47 97.98 -6.30
CA PRO AB 58 10.67 98.00 -4.86
C PRO AB 58 10.78 99.43 -4.35
N PRO AB 59 10.36 99.68 -3.11
CA PRO AB 59 10.48 101.03 -2.57
C PRO AB 59 11.94 101.44 -2.46
N LEU AB 60 12.18 102.73 -2.67
CA LEU AB 60 13.51 103.32 -2.61
C LEU AB 60 13.65 104.09 -1.31
N SER AB 61 14.53 103.63 -0.43
CA SER AB 61 14.75 104.31 0.83
C SER AB 61 15.36 105.68 0.60
N LEU AB 62 15.07 106.61 1.51
CA LEU AB 62 15.59 107.97 1.37
C LEU AB 62 17.11 107.99 1.47
N SER AB 63 17.68 107.18 2.37
CA SER AB 63 19.12 107.12 2.52
C SER AB 63 19.79 106.61 1.25
N ARG AB 64 19.26 105.54 0.68
CA ARG AB 64 19.89 104.93 -0.48
C ARG AB 64 19.89 105.88 -1.66
N MET AB 65 18.88 106.76 -1.74
CA MET AB 65 18.86 107.75 -2.81
C MET AB 65 19.82 108.89 -2.51
N ILE AB 66 20.00 109.25 -1.23
CA ILE AB 66 20.99 110.24 -0.87
C ILE AB 66 22.38 109.75 -1.20
N ARG AB 67 22.65 108.48 -0.91
CA ARG AB 67 23.96 107.89 -1.19
C ARG AB 67 24.27 107.94 -2.68
N LYS AB 68 23.29 107.64 -3.54
CA LYS AB 68 23.50 107.73 -4.97
C LYS AB 68 23.54 109.17 -5.46
N MET AB 69 22.78 110.08 -4.82
CA MET AB 69 22.74 111.47 -5.29
C MET AB 69 24.03 112.23 -4.94
N LYS AB 70 24.74 111.79 -3.91
CA LYS AB 70 25.95 112.49 -3.50
C LYS AB 70 27.19 112.02 -4.25
N LEU AB 71 27.04 111.06 -5.17
CA LEU AB 71 28.17 110.63 -5.97
C LEU AB 71 28.66 111.77 -6.85
N PRO AB 72 29.96 111.84 -7.14
CA PRO AB 72 30.50 112.99 -7.87
C PRO AB 72 29.87 113.15 -9.25
N GLY AB 73 29.64 114.40 -9.63
CA GLY AB 73 29.08 114.71 -10.92
C GLY AB 73 27.56 114.65 -11.00
N ARG AB 74 26.87 114.37 -9.90
CA ARG AB 74 25.42 114.24 -9.90
C ARG AB 74 24.75 115.44 -9.24
N GLU AB 75 25.47 116.54 -9.09
CA GLU AB 75 24.91 117.76 -8.51
C GLU AB 75 23.85 118.33 -9.43
N ASN AB 76 22.89 119.04 -8.83
CA ASN AB 76 21.75 119.69 -9.52
C ASN AB 76 21.14 118.82 -10.61
N LYS AB 77 21.11 117.51 -10.38
CA LYS AB 77 20.40 116.57 -11.23
C LYS AB 77 19.13 116.12 -10.52
N THR AB 78 18.07 115.90 -11.27
CA THR AB 78 16.86 115.31 -10.71
C THR AB 78 17.02 113.80 -10.60
N ALA AB 79 16.57 113.23 -9.50
CA ALA AB 79 16.67 111.80 -9.27
C ALA AB 79 15.29 111.18 -9.51
N VAL AB 80 15.21 110.25 -10.45
CA VAL AB 80 13.94 109.71 -10.93
C VAL AB 80 13.85 108.25 -10.49
N VAL AB 81 12.77 107.92 -9.79
CA VAL AB 81 12.48 106.55 -9.39
C VAL AB 81 11.05 106.24 -9.75
N VAL AB 82 10.83 105.07 -10.35
CA VAL AB 82 9.50 104.58 -10.69
C VAL AB 82 9.06 103.70 -9.53
N GLY AB 83 8.42 104.30 -8.54
CA GLY AB 83 8.02 103.60 -7.36
C GLY AB 83 7.93 104.55 -6.18
N THR AB 84 8.02 103.98 -4.98
CA THR AB 84 7.78 104.70 -3.74
C THR AB 84 9.10 105.09 -3.09
N ILE AB 85 9.18 106.33 -2.63
CA ILE AB 85 10.29 106.82 -1.82
C ILE AB 85 9.87 106.76 -0.36
N THR AB 86 10.61 106.01 0.44
CA THR AB 86 10.28 105.80 1.85
C THR AB 86 11.27 106.54 2.73
N ASP AB 87 10.78 107.05 3.86
CA ASP AB 87 11.64 107.71 4.82
C ASP AB 87 12.60 106.72 5.46
N ASP AB 88 13.79 107.19 5.79
CA ASP AB 88 14.76 106.42 6.54
C ASP AB 88 15.09 107.17 7.82
N VAL AB 89 14.71 106.61 8.97
CA VAL AB 89 14.99 107.22 10.26
C VAL AB 89 16.46 107.18 10.63
N ARG AB 90 17.28 106.49 9.84
CA ARG AB 90 18.69 106.31 10.15
C ARG AB 90 19.58 107.41 9.57
N VAL AB 91 19.01 108.38 8.87
CA VAL AB 91 19.74 109.54 8.38
C VAL AB 91 19.15 110.79 9.02
N GLN AB 92 20.04 111.67 9.48
CA GLN AB 92 19.67 112.87 10.21
C GLN AB 92 19.65 114.11 9.32
N GLU AB 93 20.55 114.20 8.36
CA GLU AB 93 20.63 115.36 7.47
C GLU AB 93 20.23 114.98 6.05
N VAL AB 94 19.23 115.67 5.53
CA VAL AB 94 18.75 115.49 4.17
C VAL AB 94 19.20 116.69 3.36
N PRO AB 95 19.98 116.51 2.30
CA PRO AB 95 20.39 117.65 1.47
C PRO AB 95 19.26 118.12 0.56
N LYS AB 96 19.52 119.22 -0.12
CA LYS AB 96 18.58 119.72 -1.12
C LYS AB 96 18.47 118.71 -2.26
N LEU AB 97 17.28 118.17 -2.45
CA LEU AB 97 17.06 117.08 -3.42
C LEU AB 97 15.94 117.48 -4.37
N LYS AB 98 16.22 117.40 -5.66
CA LYS AB 98 15.19 117.51 -6.69
C LYS AB 98 14.82 116.09 -7.11
N VAL AB 99 13.59 115.68 -6.81
CA VAL AB 99 13.20 114.28 -6.96
C VAL AB 99 11.88 114.18 -7.71
N CYS AB 100 11.69 113.03 -8.34
CA CYS AB 100 10.46 112.69 -9.04
C CYS AB 100 10.17 111.23 -8.78
N ALA AB 101 9.05 110.95 -8.13
CA ALA AB 101 8.70 109.59 -7.75
C ALA AB 101 7.25 109.32 -8.10
N LEU AB 102 6.91 108.04 -8.23
CA LEU AB 102 5.53 107.65 -8.46
C LEU AB 102 4.71 107.80 -7.18
N ARG AB 103 5.37 107.80 -6.03
CA ARG AB 103 4.70 107.90 -4.74
C ARG AB 103 5.76 108.22 -3.68
N VAL AB 104 5.44 109.17 -2.80
CA VAL AB 104 6.32 109.54 -1.70
C VAL AB 104 5.52 109.47 -0.41
N THR AB 105 6.09 108.80 0.60
CA THR AB 105 5.40 108.70 1.88
C THR AB 105 5.36 110.06 2.58
N SER AB 106 4.42 110.18 3.51
CA SER AB 106 4.15 111.48 4.12
C SER AB 106 5.37 112.00 4.88
N ARG AB 107 6.03 111.12 5.63
CA ARG AB 107 7.19 111.55 6.42
C ARG AB 107 8.39 111.82 5.52
N ALA AB 108 8.58 111.01 4.48
CA ALA AB 108 9.64 111.30 3.51
C ALA AB 108 9.38 112.61 2.79
N ARG AB 109 8.13 112.85 2.39
CA ARG AB 109 7.80 114.09 1.70
C ARG AB 109 8.01 115.31 2.59
N SER AB 110 7.65 115.19 3.87
CA SER AB 110 7.86 116.30 4.79
C SER AB 110 9.36 116.59 4.97
N ARG AB 111 10.18 115.54 5.03
CA ARG AB 111 11.62 115.74 5.20
C ARG AB 111 12.23 116.39 3.96
N ILE AB 112 11.82 115.96 2.77
CA ILE AB 112 12.43 116.47 1.55
C ILE AB 112 12.07 117.94 1.35
N LEU AB 113 10.80 118.28 1.54
CA LEU AB 113 10.37 119.67 1.40
C LEU AB 113 11.01 120.55 2.47
N ARG AB 114 11.08 120.06 3.71
CA ARG AB 114 11.65 120.86 4.79
C ARG AB 114 13.13 121.14 4.56
N ALA AB 115 13.84 120.19 3.97
CA ALA AB 115 15.25 120.37 3.67
C ALA AB 115 15.49 121.26 2.45
N GLY AB 116 14.44 121.80 1.86
CA GLY AB 116 14.57 122.63 0.68
C GLY AB 116 14.43 121.91 -0.64
N GLY AB 117 13.94 120.68 -0.63
CA GLY AB 117 13.86 119.90 -1.85
C GLY AB 117 12.58 120.16 -2.64
N LYS AB 118 12.59 119.70 -3.88
CA LYS AB 118 11.47 119.86 -4.79
C LYS AB 118 11.03 118.47 -5.25
N ILE AB 119 9.73 118.20 -5.17
CA ILE AB 119 9.17 116.90 -5.52
C ILE AB 119 8.34 117.05 -6.79
N LEU AB 120 8.59 116.19 -7.76
CA LEU AB 120 7.82 116.16 -9.00
C LEU AB 120 7.09 114.84 -9.12
N THR AB 121 6.00 114.86 -9.87
CA THR AB 121 5.41 113.64 -10.38
C THR AB 121 5.85 113.43 -11.82
N PHE AB 122 5.51 112.27 -12.36
CA PHE AB 122 6.01 111.93 -13.69
C PHE AB 122 5.38 112.76 -14.79
N ASP AB 123 4.23 113.40 -14.54
CA ASP AB 123 3.65 114.26 -15.55
C ASP AB 123 4.41 115.57 -15.67
N GLN AB 124 4.77 116.18 -14.53
CA GLN AB 124 5.56 117.41 -14.57
C GLN AB 124 7.03 117.14 -14.82
N LEU AB 125 7.47 115.89 -14.73
CA LEU AB 125 8.81 115.55 -15.20
C LEU AB 125 8.91 115.64 -16.72
N ALA AB 126 7.86 115.21 -17.43
CA ALA AB 126 7.87 115.27 -18.88
C ALA AB 126 7.96 116.71 -19.38
N LEU AB 127 7.33 117.65 -18.65
CA LEU AB 127 7.48 119.05 -19.01
C LEU AB 127 8.88 119.56 -18.70
N ASP AB 128 9.48 119.07 -17.63
CA ASP AB 128 10.82 119.51 -17.26
C ASP AB 128 11.87 118.92 -18.19
N SER AB 129 11.95 117.59 -18.25
CA SER AB 129 12.91 116.89 -19.09
C SER AB 129 12.17 115.86 -19.92
N PRO AB 130 11.56 116.29 -21.03
CA PRO AB 130 10.85 115.32 -21.89
C PRO AB 130 11.75 114.22 -22.41
N LYS AB 131 13.03 114.52 -22.63
CA LYS AB 131 13.98 113.52 -23.09
C LYS AB 131 14.73 112.84 -21.95
N GLY AB 132 14.41 113.18 -20.71
CA GLY AB 132 15.12 112.62 -19.57
C GLY AB 132 16.52 113.14 -19.39
N CYS AB 133 16.81 114.33 -19.89
CA CYS AB 133 18.14 114.92 -19.76
C CYS AB 133 18.33 115.45 -18.34
N GLY AB 134 19.55 115.28 -17.83
CA GLY AB 134 19.88 115.77 -16.50
C GLY AB 134 19.27 114.98 -15.38
N THR AB 135 18.98 113.70 -15.58
CA THR AB 135 18.41 112.85 -14.55
C THR AB 135 19.34 111.70 -14.23
N VAL AB 136 19.24 111.21 -13.00
CA VAL AB 136 19.77 109.92 -12.62
C VAL AB 136 18.58 109.00 -12.36
N LEU AB 137 18.63 107.79 -12.91
CA LEU AB 137 17.50 106.89 -12.85
C LEU AB 137 17.80 105.83 -11.78
N LEU AB 138 17.10 105.92 -10.66
CA LEU AB 138 17.36 105.09 -9.50
C LEU AB 138 16.31 104.01 -9.34
N SER AB 139 16.74 102.87 -8.82
CA SER AB 139 15.85 101.76 -8.54
C SER AB 139 16.11 101.28 -7.12
N GLY AB 140 15.06 100.81 -6.47
CA GLY AB 140 15.18 100.27 -5.14
C GLY AB 140 15.83 98.90 -5.18
N PRO AB 141 16.17 98.35 -4.03
CA PRO AB 141 16.80 97.02 -4.02
C PRO AB 141 15.82 95.95 -4.43
N ARG AB 142 15.98 95.45 -5.66
CA ARG AB 142 14.99 94.53 -6.23
C ARG AB 142 15.01 93.18 -5.54
N LYS AB 143 16.20 92.72 -5.15
CA LYS AB 143 16.34 91.42 -4.51
C LYS AB 143 16.21 91.51 -3.00
N GLY AB 144 15.92 92.69 -2.46
CA GLY AB 144 15.68 92.81 -1.05
C GLY AB 144 14.23 92.51 -0.73
N ARG AB 145 13.97 91.25 -0.37
CA ARG AB 145 12.64 90.72 -0.12
C ARG AB 145 12.83 89.37 0.55
N GLU AB 146 11.91 89.03 1.45
CA GLU AB 146 12.05 87.80 2.22
C GLU AB 146 12.03 86.56 1.35
N VAL AB 147 11.35 86.61 0.20
CA VAL AB 147 11.25 85.42 -0.64
C VAL AB 147 12.60 85.00 -1.17
N TYR AB 148 13.48 85.96 -1.49
CA TYR AB 148 14.78 85.64 -2.05
C TYR AB 148 15.71 84.97 -1.04
N ARG AB 149 15.39 85.04 0.24
CA ARG AB 149 16.13 84.26 1.23
C ARG AB 149 15.82 82.77 1.11
N HIS AB 150 14.63 82.43 0.63
CA HIS AB 150 14.25 81.06 0.41
C HIS AB 150 14.62 80.56 -0.98
N PHE AB 151 14.65 81.46 -1.96
CA PHE AB 151 14.94 81.06 -3.33
C PHE AB 151 16.39 80.63 -3.49
N GLY AB 152 16.61 79.73 -4.45
CA GLY AB 152 17.94 79.22 -4.74
C GLY AB 152 18.00 77.71 -4.58
N LYS AB 153 19.18 77.23 -4.17
CA LYS AB 153 19.41 75.81 -4.03
C LYS AB 153 18.61 75.26 -2.85
N ALA AB 154 18.45 73.95 -2.83
CA ALA AB 154 17.65 73.32 -1.79
C ALA AB 154 18.33 73.49 -0.43
N PRO AB 155 17.56 73.76 0.63
CA PRO AB 155 18.19 73.94 1.95
C PRO AB 155 19.01 72.75 2.42
N GLY AB 156 18.55 71.53 2.11
CA GLY AB 156 19.26 70.35 2.55
C GLY AB 156 20.26 69.83 1.54
N THR AB 157 21.08 70.74 0.98
CA THR AB 157 22.07 70.37 -0.01
C THR AB 157 23.37 71.08 0.32
N PRO AB 158 24.53 70.52 -0.04
CA PRO AB 158 25.79 71.21 0.20
C PRO AB 158 26.25 71.98 -1.03
N HIS AB 159 26.58 73.25 -0.81
CA HIS AB 159 26.50 74.00 0.44
C HIS AB 159 25.53 75.15 0.25
N SER AB 160 24.27 74.94 0.59
CA SER AB 160 23.24 75.93 0.35
C SER AB 160 22.87 76.65 1.63
N HIS AB 161 22.81 77.97 1.54
CA HIS AB 161 22.49 78.83 2.69
C HIS AB 161 21.12 79.46 2.52
N THR AB 162 20.18 78.70 1.96
CA THR AB 162 18.84 79.19 1.69
C THR AB 162 17.91 78.89 2.86
N LYS AB 163 17.10 79.88 3.20
CA LYS AB 163 16.24 79.81 4.37
C LYS AB 163 15.15 78.76 4.14
N PRO AB 164 14.98 77.80 5.04
CA PRO AB 164 13.87 76.85 4.89
C PRO AB 164 12.55 77.45 5.32
N TYR AB 165 11.48 76.79 4.95
CA TYR AB 165 10.13 77.20 5.36
C TYR AB 165 9.78 76.44 6.63
N VAL AB 166 9.89 77.12 7.77
CA VAL AB 166 9.62 76.53 9.08
C VAL AB 166 8.58 77.39 9.78
N ARG AB 167 7.61 76.74 10.42
CA ARG AB 167 6.54 77.47 11.08
C ARG AB 167 7.02 78.22 12.31
N SER AB 168 7.98 77.65 13.04
CA SER AB 168 8.50 78.28 14.24
C SER AB 168 10.02 78.19 14.24
N LYS AB 169 10.66 79.17 14.86
CA LYS AB 169 12.12 79.20 14.99
C LYS AB 169 12.48 78.82 16.42
N GLY AB 170 13.04 77.64 16.60
CA GLY AB 170 13.45 77.17 17.91
C GLY AB 170 14.36 75.96 17.77
N ARG AB 171 14.78 75.45 18.92
CA ARG AB 171 15.66 74.29 18.93
C ARG AB 171 14.96 73.01 18.52
N LYS AB 172 13.63 72.98 18.56
CA LYS AB 172 12.87 71.79 18.20
C LYS AB 172 12.43 71.77 16.74
N PHE AB 173 12.79 72.79 15.96
CA PHE AB 173 12.29 72.94 14.60
C PHE AB 173 13.46 72.94 13.63
N GLU AB 174 13.79 71.75 13.12
CA GLU AB 174 14.76 71.57 12.06
C GLU AB 174 16.18 71.99 12.49
N ARG AB 175 16.64 71.41 13.60
CA ARG AB 175 18.03 71.51 14.01
C ARG AB 175 18.64 70.14 14.28
N ALA AB 176 17.87 69.08 14.05
CA ALA AB 176 18.25 67.70 14.32
C ALA AB 176 18.89 67.09 13.06
N ARG AB 177 18.88 65.76 12.96
CA ARG AB 177 19.51 64.99 11.88
C ARG AB 177 19.40 65.67 10.53
N GLY AB 178 20.55 65.86 9.89
CA GLY AB 178 20.68 66.61 8.66
C GLY AB 178 21.32 67.96 8.82
N ARG AB 179 21.45 68.46 10.06
CA ARG AB 179 22.01 69.78 10.32
C ARG AB 179 23.15 69.77 11.32
N ARG AB 180 23.63 68.60 11.75
CA ARG AB 180 24.79 68.52 12.62
C ARG AB 180 25.36 67.12 12.55
N ALA AB 181 26.69 67.03 12.67
CA ALA AB 181 27.35 65.73 12.57
C ALA AB 181 26.93 64.78 13.68
N SER AB 182 26.48 65.33 14.81
CA SER AB 182 26.08 64.49 15.94
C SER AB 182 24.76 63.79 15.68
N ARG AB 183 23.99 64.24 14.69
CA ARG AB 183 22.71 63.63 14.33
C ARG AB 183 22.76 63.27 12.86
N GLY AB 184 23.28 62.08 12.57
CA GLY AB 184 23.25 61.57 11.21
C GLY AB 184 24.30 62.18 10.31
N TYR AB 185 24.07 63.42 9.88
CA TYR AB 185 24.96 64.08 8.94
C TYR AB 185 24.74 65.59 9.02
N LYS AB 186 25.62 66.32 8.33
CA LYS AB 186 25.59 67.78 8.31
C LYS AB 186 25.30 68.36 6.94
N ASN AB 187 26.15 68.06 5.94
CA ASN AB 187 26.08 68.58 4.55
C ASN AB 187 25.88 70.10 4.43
N SER BB 1 -86.13 34.11 -11.57
CA SER BB 1 -84.93 34.72 -12.13
C SER BB 1 -83.68 34.12 -11.54
N MET BB 2 -83.58 34.17 -10.21
CA MET BB 2 -82.44 33.59 -9.49
C MET BB 2 -82.97 33.00 -8.20
N LEU BB 3 -83.03 31.67 -8.12
CA LEU BB 3 -83.65 30.96 -7.01
C LEU BB 3 -82.61 30.31 -6.10
N ARG BB 4 -81.47 30.95 -5.90
CA ARG BB 4 -80.45 30.39 -5.02
C ARG BB 4 -80.91 30.43 -3.57
N LEU BB 5 -81.64 31.48 -3.18
CA LEU BB 5 -82.12 31.59 -1.81
C LEU BB 5 -83.21 30.55 -1.51
N GLN BB 6 -84.16 30.40 -2.44
CA GLN BB 6 -85.27 29.49 -2.20
C GLN BB 6 -84.81 28.05 -2.10
N LYS BB 7 -83.83 27.67 -2.93
CA LYS BB 7 -83.28 26.32 -2.85
C LYS BB 7 -82.63 26.06 -1.49
N ARG BB 8 -81.92 27.05 -0.97
CA ARG BB 8 -81.33 26.92 0.36
C ARG BB 8 -82.41 26.81 1.43
N LEU BB 9 -83.42 27.67 1.36
CA LEU BB 9 -84.49 27.63 2.35
C LEU BB 9 -85.31 26.36 2.24
N ALA BB 10 -85.64 25.93 1.02
CA ALA BB 10 -86.47 24.74 0.84
C ALA BB 10 -85.75 23.50 1.34
N SER BB 11 -84.45 23.39 1.11
CA SER BB 11 -83.70 22.24 1.60
C SER BB 11 -83.66 22.23 3.13
N SER BB 12 -83.61 23.41 3.75
CA SER BB 12 -83.54 23.49 5.20
C SER BB 12 -84.85 23.04 5.85
N VAL BB 13 -85.98 23.56 5.36
CA VAL BB 13 -87.26 23.17 5.92
C VAL BB 13 -87.59 21.71 5.60
N LEU BB 14 -87.25 21.26 4.39
CA LEU BB 14 -87.48 19.87 4.01
C LEU BB 14 -86.55 18.90 4.73
N ARG BB 15 -85.54 19.41 5.43
CA ARG BB 15 -84.56 18.59 6.13
C ARG BB 15 -83.87 17.62 5.17
N CYS BB 16 -83.59 18.10 3.96
CA CYS BB 16 -82.93 17.31 2.93
C CYS BB 16 -81.85 18.16 2.28
N GLY BB 17 -81.01 17.51 1.49
CA GLY BB 17 -79.99 18.21 0.76
C GLY BB 17 -80.55 18.95 -0.43
N LYS BB 18 -79.71 19.82 -1.02
CA LYS BB 18 -80.12 20.55 -2.21
C LYS BB 18 -80.23 19.65 -3.43
N LYS BB 19 -79.73 18.42 -3.37
CA LYS BB 19 -80.01 17.46 -4.43
C LYS BB 19 -81.49 17.16 -4.52
N LYS BB 20 -82.15 17.04 -3.38
CA LYS BB 20 -83.50 16.49 -3.31
C LYS BB 20 -84.60 17.54 -3.43
N VAL BB 21 -84.26 18.82 -3.47
CA VAL BB 21 -85.27 19.85 -3.58
C VAL BB 21 -85.60 20.09 -5.05
N TRP BB 22 -86.89 20.05 -5.38
CA TRP BB 22 -87.37 20.21 -6.74
C TRP BB 22 -88.22 21.48 -6.78
N LEU BB 23 -87.72 22.52 -7.45
CA LEU BB 23 -88.48 23.74 -7.68
C LEU BB 23 -89.16 23.63 -9.04
N ASP BB 24 -90.43 24.03 -9.10
CA ASP BB 24 -91.20 23.87 -10.33
C ASP BB 24 -90.60 24.73 -11.43
N PRO BB 25 -90.11 24.14 -12.53
CA PRO BB 25 -89.46 24.94 -13.57
C PRO BB 25 -90.39 25.90 -14.27
N ASN BB 26 -91.71 25.69 -14.21
CA ASN BB 26 -92.62 26.59 -14.90
C ASN BB 26 -93.05 27.75 -14.01
N GLU BB 27 -93.30 27.50 -12.73
CA GLU BB 27 -93.74 28.55 -11.82
C GLU BB 27 -92.56 29.22 -11.12
N THR BB 28 -91.56 29.63 -11.90
CA THR BB 28 -90.38 30.26 -11.32
C THR BB 28 -90.73 31.59 -10.65
N ASN BB 29 -91.67 32.34 -11.21
CA ASN BB 29 -92.04 33.63 -10.63
C ASN BB 29 -92.64 33.45 -9.24
N GLU BB 30 -93.49 32.43 -9.05
CA GLU BB 30 -94.11 32.22 -7.75
C GLU BB 30 -93.08 31.91 -6.68
N ILE BB 31 -92.18 30.96 -6.94
CA ILE BB 31 -91.15 30.63 -5.97
C ILE BB 31 -90.22 31.81 -5.73
N ALA BB 32 -89.94 32.59 -6.78
CA ALA BB 32 -89.04 33.73 -6.63
C ALA BB 32 -89.60 34.75 -5.63
N ASN BB 33 -90.92 34.80 -5.49
CA ASN BB 33 -91.53 35.72 -4.52
C ASN BB 33 -91.35 35.26 -3.09
N ALA BB 34 -91.20 33.96 -2.87
CA ALA BB 34 -91.10 33.40 -1.52
C ALA BB 34 -89.71 33.70 -0.97
N ASN BB 35 -89.60 34.80 -0.25
CA ASN BB 35 -88.34 35.25 0.32
C ASN BB 35 -88.12 34.80 1.76
N SER BB 36 -89.00 33.94 2.29
CA SER BB 36 -88.91 33.55 3.69
C SER BB 36 -89.51 32.16 3.85
N ARG BB 37 -89.26 31.57 5.00
CA ARG BB 37 -90.00 30.39 5.39
C ARG BB 37 -91.42 30.79 5.80
N GLN BB 38 -92.30 29.79 5.85
CA GLN BB 38 -93.76 29.94 5.93
C GLN BB 38 -94.30 30.42 4.60
N GLN BB 39 -93.40 30.80 3.69
CA GLN BB 39 -93.69 30.97 2.27
C GLN BB 39 -93.18 29.78 1.48
N ILE BB 40 -91.98 29.29 1.84
CA ILE BB 40 -91.51 28.02 1.30
C ILE BB 40 -92.41 26.89 1.78
N ARG BB 41 -92.77 26.90 3.06
CA ARG BB 41 -93.66 25.87 3.59
C ARG BB 41 -95.01 25.88 2.89
N LYS BB 42 -95.53 27.07 2.60
CA LYS BB 42 -96.77 27.16 1.84
C LYS BB 42 -96.60 26.57 0.45
N LEU BB 43 -95.47 26.86 -0.20
CA LEU BB 43 -95.22 26.31 -1.53
C LEU BB 43 -95.00 24.80 -1.48
N ILE BB 44 -94.35 24.32 -0.43
CA ILE BB 44 -94.19 22.88 -0.25
C ILE BB 44 -95.55 22.21 -0.08
N LYS BB 45 -96.45 22.84 0.68
CA LYS BB 45 -97.69 22.18 1.06
C LYS BB 45 -98.67 22.10 -0.12
N ASP BB 46 -98.54 23.00 -1.09
CA ASP BB 46 -99.41 22.94 -2.26
C ASP BB 46 -98.74 22.33 -3.48
N GLY BB 47 -97.54 21.77 -3.33
CA GLY BB 47 -96.93 20.98 -4.38
C GLY BB 47 -96.06 21.73 -5.38
N LEU BB 48 -95.75 23.00 -5.12
CA LEU BB 48 -94.83 23.70 -6.01
C LEU BB 48 -93.38 23.36 -5.70
N ILE BB 49 -93.11 22.80 -4.51
CA ILE BB 49 -91.79 22.30 -4.14
C ILE BB 49 -91.98 20.86 -3.68
N ILE BB 50 -91.18 19.94 -4.22
CA ILE BB 50 -91.28 18.53 -3.88
C ILE BB 50 -89.91 18.02 -3.46
N ARG BB 51 -89.88 17.21 -2.40
CA ARG BB 51 -88.67 16.49 -2.02
C ARG BB 51 -88.50 15.27 -2.91
N LYS BB 52 -87.46 15.27 -3.72
CA LYS BB 52 -87.25 14.17 -4.65
C LYS BB 52 -86.87 12.90 -3.90
N PRO BB 53 -87.26 11.74 -4.39
CA PRO BB 53 -86.95 10.49 -3.70
C PRO BB 53 -85.47 10.16 -3.77
N VAL BB 54 -85.02 9.36 -2.80
CA VAL BB 54 -83.65 8.87 -2.79
C VAL BB 54 -83.44 7.99 -4.02
N THR BB 55 -82.35 8.22 -4.75
CA THR BB 55 -82.05 7.37 -5.89
C THR BB 55 -81.78 5.95 -5.42
N VAL BB 56 -82.37 4.99 -6.14
CA VAL BB 56 -82.42 3.62 -5.65
C VAL BB 56 -81.03 3.00 -5.68
N HIS BB 57 -80.59 2.50 -4.53
CA HIS BB 57 -79.41 1.64 -4.43
C HIS BB 57 -79.91 0.33 -3.85
N SER BB 58 -80.35 -0.57 -4.72
CA SER BB 58 -80.92 -1.84 -4.28
C SER BB 58 -79.83 -2.77 -3.76
N ARG BB 59 -80.19 -3.59 -2.78
CA ARG BB 59 -79.33 -4.64 -2.27
C ARG BB 59 -79.72 -6.02 -2.76
N ALA BB 60 -80.62 -6.09 -3.75
CA ALA BB 60 -81.08 -7.39 -4.23
C ALA BB 60 -79.94 -8.19 -4.83
N ARG BB 61 -79.06 -7.53 -5.57
CA ARG BB 61 -77.91 -8.22 -6.17
C ARG BB 61 -76.99 -8.78 -5.10
N CYS BB 62 -76.75 -8.01 -4.03
CA CYS BB 62 -75.94 -8.51 -2.93
C CYS BB 62 -76.64 -9.66 -2.22
N ARG BB 63 -77.94 -9.53 -1.97
CA ARG BB 63 -78.67 -10.57 -1.26
C ARG BB 63 -78.68 -11.88 -2.05
N LYS BB 64 -78.89 -11.80 -3.36
CA LYS BB 64 -78.88 -13.01 -4.18
C LYS BB 64 -77.49 -13.64 -4.21
N ASN BB 65 -76.44 -12.82 -4.23
CA ASN BB 65 -75.08 -13.33 -4.15
C ASN BB 65 -74.83 -13.99 -2.79
N THR BB 66 -75.35 -13.39 -1.72
CA THR BB 66 -75.12 -13.93 -0.38
C THR BB 66 -75.76 -15.30 -0.22
N LEU BB 67 -76.90 -15.53 -0.86
CA LEU BB 67 -77.55 -16.83 -0.80
C LEU BB 67 -76.70 -17.89 -1.50
N ALA BB 68 -76.09 -17.54 -2.63
CA ALA BB 68 -75.17 -18.47 -3.28
C ALA BB 68 -73.95 -18.74 -2.42
N ARG BB 69 -73.43 -17.71 -1.74
CA ARG BB 69 -72.31 -17.92 -0.84
C ARG BB 69 -72.72 -18.79 0.34
N ARG BB 70 -73.97 -18.70 0.77
CA ARG BB 70 -74.47 -19.57 1.84
C ARG BB 70 -74.51 -21.03 1.37
N LYS BB 71 -74.89 -21.25 0.11
CA LYS BB 71 -74.86 -22.61 -0.43
C LYS BB 71 -73.44 -23.10 -0.68
N GLY BB 72 -72.45 -22.21 -0.56
CA GLY BB 72 -71.06 -22.57 -0.76
C GLY BB 72 -70.45 -22.03 -2.04
N ARG BB 73 -71.21 -21.29 -2.86
CA ARG BB 73 -70.69 -20.83 -4.14
C ARG BB 73 -69.81 -19.61 -3.95
N HIS BB 74 -68.95 -19.37 -4.93
CA HIS BB 74 -68.03 -18.23 -4.96
C HIS BB 74 -67.01 -18.25 -3.84
N MET BB 75 -66.98 -19.31 -3.03
CA MET BB 75 -65.99 -19.41 -1.96
C MET BB 75 -64.63 -19.83 -2.53
N GLY BB 76 -64.56 -21.02 -3.10
CA GLY BB 76 -63.48 -21.52 -3.93
C GLY BB 76 -62.12 -21.39 -3.28
N ILE BB 77 -61.10 -21.56 -4.11
CA ILE BB 77 -59.70 -21.39 -3.68
C ILE BB 77 -59.18 -20.14 -4.38
N GLY BB 78 -59.70 -19.86 -5.56
CA GLY BB 78 -59.35 -18.69 -6.33
C GLY BB 78 -60.21 -17.47 -6.05
N LYS BB 79 -61.07 -17.52 -5.04
CA LYS BB 79 -61.87 -16.37 -4.66
C LYS BB 79 -61.55 -15.88 -3.25
N ARG BB 80 -60.49 -16.40 -2.63
CA ARG BB 80 -60.08 -15.97 -1.30
C ARG BB 80 -58.70 -15.34 -1.38
N LYS BB 81 -58.56 -14.15 -0.79
CA LYS BB 81 -57.32 -13.41 -0.82
C LYS BB 81 -56.61 -13.31 0.51
N GLY BB 82 -57.33 -13.45 1.61
CA GLY BB 82 -56.70 -13.49 2.91
C GLY BB 82 -56.30 -14.89 3.31
N THR BB 83 -55.36 -14.97 4.25
CA THR BB 83 -54.93 -16.26 4.75
C THR BB 83 -56.06 -16.95 5.50
N ALA BB 84 -55.91 -18.26 5.70
CA ALA BB 84 -56.91 -19.01 6.46
C ALA BB 84 -57.09 -18.43 7.86
N ASN BB 85 -55.99 -18.01 8.48
CA ASN BB 85 -56.07 -17.34 9.78
C ASN BB 85 -56.81 -16.01 9.67
N ALA BB 86 -56.55 -15.24 8.61
CA ALA BB 86 -57.22 -13.96 8.45
C ALA BB 86 -58.71 -14.13 8.17
N ARG BB 87 -59.08 -15.16 7.41
CA ARG BB 87 -60.48 -15.38 7.09
C ARG BB 87 -61.25 -15.90 8.29
N MET BB 88 -60.68 -16.87 9.02
CA MET BB 88 -61.29 -17.40 10.23
C MET BB 88 -60.18 -17.69 11.22
N PRO BB 89 -59.97 -16.82 12.21
CA PRO BB 89 -58.81 -16.97 13.09
C PRO BB 89 -58.85 -18.25 13.90
N GLU BB 90 -57.65 -18.78 14.18
CA GLU BB 90 -57.55 -20.03 14.91
C GLU BB 90 -57.86 -19.83 16.39
N LYS BB 91 -57.51 -18.66 16.94
CA LYS BB 91 -57.85 -18.37 18.33
C LYS BB 91 -59.35 -18.33 18.52
N VAL BB 92 -60.08 -17.76 17.57
CA VAL BB 92 -61.53 -17.70 17.67
C VAL BB 92 -62.12 -19.10 17.54
N THR BB 93 -61.55 -19.93 16.65
CA THR BB 93 -61.99 -21.30 16.54
C THR BB 93 -61.69 -22.10 17.81
N TRP BB 94 -60.52 -21.88 18.40
CA TRP BB 94 -60.18 -22.58 19.63
C TRP BB 94 -60.99 -22.04 20.81
N MET BB 95 -61.24 -20.73 20.82
CA MET BB 95 -62.12 -20.15 21.83
C MET BB 95 -63.51 -20.77 21.76
N ARG BB 96 -64.04 -20.92 20.55
CA ARG BB 96 -65.35 -21.52 20.39
C ARG BB 96 -65.34 -22.98 20.82
N ARG BB 97 -64.28 -23.71 20.50
CA ARG BB 97 -64.24 -25.14 20.77
C ARG BB 97 -64.16 -25.42 22.26
N MET BB 98 -63.34 -24.67 22.99
CA MET BB 98 -63.29 -24.83 24.44
C MET BB 98 -64.61 -24.47 25.09
N ARG BB 99 -65.26 -23.41 24.62
CA ARG BB 99 -66.53 -23.01 25.21
C ARG BB 99 -67.60 -24.08 25.00
N ILE BB 100 -67.56 -24.75 23.84
CA ILE BB 100 -68.50 -25.83 23.59
C ILE BB 100 -68.18 -27.03 24.46
N LEU BB 101 -66.90 -27.43 24.50
CA LEU BB 101 -66.53 -28.65 25.20
C LEU BB 101 -66.61 -28.48 26.72
N ARG BB 102 -66.28 -27.29 27.22
CA ARG BB 102 -66.39 -27.03 28.65
C ARG BB 102 -67.85 -26.94 29.06
N ARG BB 103 -68.70 -26.35 28.22
CA ARG BB 103 -70.13 -26.31 28.50
C ARG BB 103 -70.71 -27.72 28.55
N LEU BB 104 -70.30 -28.57 27.62
CA LEU BB 104 -70.80 -29.95 27.60
C LEU BB 104 -70.40 -30.70 28.86
N LEU BB 105 -69.16 -30.50 29.32
CA LEU BB 105 -68.69 -31.19 30.52
C LEU BB 105 -69.47 -30.74 31.76
N ARG BB 106 -69.71 -29.42 31.89
CA ARG BB 106 -70.43 -28.93 33.06
C ARG BB 106 -71.85 -29.46 33.11
N ARG BB 107 -72.51 -29.55 31.95
CA ARG BB 107 -73.87 -30.07 31.91
C ARG BB 107 -73.90 -31.55 32.27
N TYR BB 108 -72.88 -32.30 31.84
CA TYR BB 108 -72.82 -33.71 32.20
C TYR BB 108 -72.62 -33.88 33.71
N ARG BB 109 -71.76 -33.07 34.31
CA ARG BB 109 -71.52 -33.17 35.75
C ARG BB 109 -72.76 -32.74 36.55
N GLU BB 110 -73.41 -31.66 36.12
CA GLU BB 110 -74.59 -31.19 36.83
C GLU BB 110 -75.74 -32.18 36.68
N SER BB 111 -75.85 -32.86 35.54
CA SER BB 111 -76.85 -33.88 35.33
C SER BB 111 -76.40 -35.25 35.85
N LYS BB 112 -75.26 -35.31 36.52
CA LYS BB 112 -74.79 -36.48 37.26
C LYS BB 112 -74.36 -37.64 36.37
N LYS BB 113 -74.14 -37.40 35.08
CA LYS BB 113 -73.60 -38.45 34.23
C LYS BB 113 -72.11 -38.69 34.45
N ILE BB 114 -71.37 -37.69 34.92
CA ILE BB 114 -69.96 -37.86 35.29
C ILE BB 114 -69.75 -37.22 36.65
N ASP BB 115 -68.76 -37.73 37.37
CA ASP BB 115 -68.40 -37.21 38.69
C ASP BB 115 -67.38 -36.10 38.55
N ARG BB 116 -66.99 -35.53 39.69
CA ARG BB 116 -65.99 -34.47 39.70
C ARG BB 116 -64.66 -34.97 39.16
N HIS BB 117 -64.25 -36.17 39.56
CA HIS BB 117 -62.97 -36.71 39.13
C HIS BB 117 -62.99 -37.05 37.64
N MET BB 118 -64.13 -37.57 37.16
CA MET BB 118 -64.31 -37.73 35.73
C MET BB 118 -64.29 -36.37 35.02
N TYR BB 119 -64.94 -35.37 35.62
CA TYR BB 119 -64.97 -34.03 35.04
C TYR BB 119 -63.59 -33.41 35.00
N HIS BB 120 -62.87 -33.45 36.13
CA HIS BB 120 -61.58 -32.78 36.20
C HIS BB 120 -60.57 -33.43 35.27
N SER BB 121 -60.56 -34.77 35.20
CA SER BB 121 -59.63 -35.45 34.29
C SER BB 121 -59.92 -35.08 32.85
N LEU BB 122 -61.19 -35.02 32.47
CA LEU BB 122 -61.55 -34.67 31.10
C LEU BB 122 -61.34 -33.19 30.82
N TYR BB 123 -61.54 -32.33 31.82
CA TYR BB 123 -61.36 -30.90 31.62
C TYR BB 123 -59.93 -30.59 31.17
N LEU BB 124 -58.94 -31.26 31.77
CA LEU BB 124 -57.56 -31.04 31.35
C LEU BB 124 -57.29 -31.66 29.99
N LYS BB 125 -58.07 -32.68 29.61
CA LYS BB 125 -57.83 -33.34 28.33
C LYS BB 125 -58.36 -32.51 27.16
N VAL BB 126 -59.52 -31.87 27.33
CA VAL BB 126 -60.01 -30.98 26.28
C VAL BB 126 -59.10 -29.77 26.16
N LYS BB 127 -58.55 -29.30 27.28
CA LYS BB 127 -57.56 -28.23 27.24
C LYS BB 127 -56.27 -28.70 26.58
N GLY BB 128 -55.97 -29.99 26.66
CA GLY BB 128 -54.81 -30.58 26.02
C GLY BB 128 -55.01 -30.95 24.57
N ASN BB 129 -56.17 -30.61 24.01
CA ASN BB 129 -56.47 -30.80 22.59
C ASN BB 129 -56.42 -32.28 22.21
N VAL BB 130 -57.29 -33.08 22.83
CA VAL BB 130 -57.46 -34.48 22.44
C VAL BB 130 -58.84 -34.74 21.86
N PHE BB 131 -59.72 -33.74 21.85
CA PHE BB 131 -61.07 -33.88 21.34
C PHE BB 131 -61.32 -32.79 20.29
N LYS BB 132 -61.86 -33.19 19.14
CA LYS BB 132 -62.04 -32.25 18.04
C LYS BB 132 -63.41 -31.61 18.05
N ASN BB 133 -64.39 -32.22 18.71
CA ASN BB 133 -65.74 -31.69 18.72
C ASN BB 133 -66.52 -32.37 19.84
N LYS BB 134 -67.73 -31.88 20.07
CA LYS BB 134 -68.52 -32.39 21.19
C LYS BB 134 -68.97 -33.83 20.95
N ARG BB 135 -69.00 -34.28 19.69
CA ARG BB 135 -69.37 -35.66 19.42
C ARG BB 135 -68.27 -36.61 19.87
N ILE BB 136 -67.03 -36.32 19.48
CA ILE BB 136 -65.91 -37.20 19.83
C ILE BB 136 -65.76 -37.28 21.35
N LEU BB 137 -65.90 -36.15 22.04
CA LEU BB 137 -65.90 -36.16 23.50
C LEU BB 137 -67.07 -36.98 24.03
N MET BB 138 -68.24 -36.84 23.42
CA MET BB 138 -69.44 -37.54 23.87
C MET BB 138 -69.30 -39.04 23.75
N GLU BB 139 -68.76 -39.52 22.62
CA GLU BB 139 -68.59 -40.97 22.45
C GLU BB 139 -67.49 -41.51 23.36
N HIS BB 140 -66.48 -40.69 23.65
CA HIS BB 140 -65.44 -41.10 24.57
C HIS BB 140 -65.99 -41.28 25.98
N ILE BB 141 -66.87 -40.38 26.41
CA ILE BB 141 -67.44 -40.45 27.75
C ILE BB 141 -68.25 -41.73 27.92
N HIS BB 142 -69.06 -42.07 26.91
CA HIS BB 142 -69.86 -43.29 27.00
C HIS BB 142 -68.98 -44.52 27.12
N LYS BB 143 -67.89 -44.55 26.36
CA LYS BB 143 -66.95 -45.67 26.45
C LYS BB 143 -66.28 -45.71 27.82
N LEU BB 144 -65.94 -44.54 28.37
CA LEU BB 144 -65.40 -44.50 29.73
C LEU BB 144 -66.45 -44.90 30.75
N LYS BB 145 -67.70 -44.48 30.56
CA LYS BB 145 -68.76 -44.92 31.45
C LYS BB 145 -69.05 -46.41 31.29
N ALA BB 146 -69.06 -46.90 30.05
CA ALA BB 146 -69.42 -48.29 29.81
C ALA BB 146 -68.34 -49.23 30.34
N ASP BB 147 -67.08 -48.97 30.03
CA ASP BB 147 -66.02 -49.83 30.54
C ASP BB 147 -65.92 -49.74 32.06
N LYS BB 148 -66.15 -48.55 32.62
CA LYS BB 148 -66.28 -48.45 34.07
C LYS BB 148 -67.38 -49.35 34.58
N ALA BB 149 -68.55 -49.30 33.95
CA ALA BB 149 -69.63 -50.22 34.31
C ALA BB 149 -69.23 -51.66 34.05
N ARG BB 150 -68.57 -51.92 32.92
CA ARG BB 150 -68.03 -53.25 32.67
C ARG BB 150 -67.00 -53.64 33.71
N LYS BB 151 -66.05 -52.75 34.00
CA LYS BB 151 -65.07 -53.01 35.04
C LYS BB 151 -65.73 -53.02 36.42
N LYS BB 152 -66.92 -52.45 36.54
CA LYS BB 152 -67.59 -52.39 37.82
C LYS BB 152 -68.53 -53.58 37.90
N LEU BB 153 -70.00 -54.11 41.05
CA LEU BB 153 -70.23 -55.46 40.55
C LEU BB 153 -68.90 -56.18 40.51
N LEU BB 154 -68.18 -56.14 39.37
CA LEU BB 154 -66.91 -56.86 39.27
C LEU BB 154 -65.96 -56.46 40.40
N ALA BB 155 -66.14 -55.26 40.95
CA ALA BB 155 -65.39 -54.87 42.14
C ALA BB 155 -66.25 -55.04 43.40
N ASP BB 156 -67.57 -55.09 43.25
CA ASP BB 156 -68.41 -55.35 44.42
C ASP BB 156 -68.87 -56.80 44.52
N GLN BB 157 -69.24 -57.44 43.40
CA GLN BB 157 -69.61 -58.85 43.51
C GLN BB 157 -68.41 -59.67 43.96
N ALA BB 158 -67.19 -59.21 43.64
CA ALA BB 158 -66.01 -59.77 44.27
C ALA BB 158 -66.02 -59.52 45.77
N GLU BB 159 -66.42 -58.31 46.19
CA GLU BB 159 -66.62 -58.05 47.61
C GLU BB 159 -67.70 -58.95 48.19
N ALA BB 160 -68.81 -59.10 47.46
CA ALA BB 160 -69.93 -59.88 47.96
C ALA BB 160 -69.54 -61.34 48.16
N ARG BB 161 -68.85 -61.94 47.19
CA ARG BB 161 -68.36 -63.30 47.40
C ARG BB 161 -67.20 -63.35 48.36
N ARG BB 162 -66.40 -62.29 48.47
CA ARG BB 162 -65.40 -62.24 49.52
C ARG BB 162 -66.08 -62.18 50.89
N SER BB 163 -67.17 -61.42 50.99
CA SER BB 163 -67.93 -61.38 52.23
C SER BB 163 -68.75 -62.65 52.43
N LYS BB 164 -69.12 -63.32 51.35
CA LYS BB 164 -69.88 -64.57 51.48
C LYS BB 164 -69.07 -65.62 52.22
N THR BB 165 -67.95 -66.04 51.63
CA THR BB 165 -67.17 -67.13 52.21
C THR BB 165 -66.53 -66.73 53.53
N LYS BB 166 -66.09 -65.47 53.64
CA LYS BB 166 -65.52 -65.00 54.90
C LYS BB 166 -66.54 -65.11 56.03
N GLU BB 167 -67.76 -64.63 55.78
CA GLU BB 167 -68.85 -64.82 56.74
C GLU BB 167 -69.19 -66.30 56.91
N ALA BB 168 -69.31 -67.03 55.79
CA ALA BB 168 -69.71 -68.43 55.86
C ALA BB 168 -68.73 -69.25 56.68
N ARG BB 169 -67.44 -68.90 56.64
CA ARG BB 169 -66.47 -69.67 57.40
C ARG BB 169 -66.34 -69.17 58.84
N LYS BB 170 -66.28 -67.85 59.05
CA LYS BB 170 -65.83 -67.34 60.35
C LYS BB 170 -66.85 -67.61 61.45
N ARG BB 171 -68.14 -67.41 61.15
CA ARG BB 171 -69.12 -67.40 62.24
C ARG BB 171 -69.36 -68.80 62.80
N ARG BB 172 -69.35 -69.83 61.96
CA ARG BB 172 -69.53 -71.16 62.52
C ARG BB 172 -68.27 -71.68 63.20
N GLU BB 173 -67.13 -71.06 62.96
CA GLU BB 173 -65.98 -71.27 63.83
C GLU BB 173 -66.25 -70.72 65.21
N GLU BB 174 -66.82 -69.51 65.29
CA GLU BB 174 -67.00 -68.86 66.58
C GLU BB 174 -68.11 -69.50 67.39
N ARG BB 175 -69.17 -70.01 66.74
CA ARG BB 175 -70.22 -70.67 67.49
C ARG BB 175 -69.70 -71.92 68.18
N LEU BB 176 -68.86 -72.69 67.51
CA LEU BB 176 -68.25 -73.88 68.09
C LEU BB 176 -67.14 -73.54 69.07
N GLN BB 177 -66.50 -72.38 68.92
CA GLN BB 177 -65.63 -71.88 69.98
C GLN BB 177 -66.41 -71.70 71.27
N ALA BB 178 -67.61 -71.14 71.18
CA ALA BB 178 -68.49 -71.07 72.35
C ALA BB 178 -69.03 -72.45 72.71
N LYS BB 179 -69.35 -73.27 71.72
CA LYS BB 179 -69.86 -74.61 71.99
C LYS BB 179 -68.76 -75.57 72.42
N LYS BB 180 -67.49 -75.23 72.22
CA LYS BB 180 -66.41 -75.92 72.91
C LYS BB 180 -66.20 -75.37 74.31
N GLU BB 181 -66.58 -74.11 74.55
CA GLU BB 181 -66.47 -73.53 75.87
C GLU BB 181 -67.55 -74.06 76.81
N GLU BB 182 -68.71 -74.45 76.27
CA GLU BB 182 -69.78 -74.98 77.12
C GLU BB 182 -69.45 -76.36 77.67
N ILE BB 183 -68.37 -76.99 77.21
CA ILE BB 183 -67.90 -78.22 77.84
C ILE BB 183 -67.50 -77.94 79.28
N ILE BB 184 -66.94 -76.75 79.54
CA ILE BB 184 -66.54 -76.38 80.90
C ILE BB 184 -67.65 -75.69 81.68
N LYS BB 185 -68.72 -75.23 81.02
CA LYS BB 185 -69.82 -74.63 81.76
C LYS BB 185 -70.63 -75.68 82.52
N THR BB 186 -70.52 -76.95 82.14
CA THR BB 186 -71.24 -78.02 82.81
C THR BB 186 -70.32 -79.10 83.37
N LEU BB 187 -69.05 -79.11 82.98
CA LEU BB 187 -68.09 -80.12 83.42
C LEU BB 187 -68.59 -81.52 83.07
N LYS CB 1 25.09 52.79 -60.73
CA LYS CB 1 24.97 53.51 -62.00
C LYS CB 1 23.73 53.10 -62.77
N ALA CB 2 22.99 54.10 -63.25
CA ALA CB 2 21.86 53.89 -64.14
C ALA CB 2 22.37 53.96 -65.58
N SER CB 3 21.47 54.06 -66.56
CA SER CB 3 21.88 54.08 -67.96
C SER CB 3 20.94 55.00 -68.73
N GLY CB 4 20.97 54.86 -70.05
CA GLY CB 4 20.33 55.77 -70.99
C GLY CB 4 20.85 55.38 -72.36
N THR CB 5 21.39 56.33 -73.11
CA THR CB 5 22.25 56.02 -74.25
C THR CB 5 23.65 56.52 -73.88
N LEU CB 6 24.53 55.59 -73.54
CA LEU CB 6 25.82 55.96 -72.99
C LEU CB 6 26.69 56.66 -74.03
N ARG CB 7 27.60 57.48 -73.53
CA ARG CB 7 28.65 58.10 -74.34
C ARG CB 7 30.00 57.67 -73.78
N GLU CB 8 31.03 57.75 -74.62
CA GLU CB 8 32.37 57.33 -74.24
C GLU CB 8 33.19 58.55 -73.85
N TYR CB 9 33.70 58.54 -72.62
CA TYR CB 9 34.46 59.65 -72.07
C TYR CB 9 35.92 59.25 -71.87
N LYS CB 10 36.82 60.14 -72.22
CA LYS CB 10 38.24 60.00 -71.93
C LYS CB 10 38.54 60.83 -70.68
N VAL CB 11 38.82 60.15 -69.57
CA VAL CB 11 39.11 60.81 -68.31
C VAL CB 11 40.59 60.63 -68.02
N VAL CB 12 41.28 61.74 -67.76
CA VAL CB 12 42.69 61.72 -67.40
C VAL CB 12 42.82 62.27 -65.99
N GLY CB 13 43.47 61.52 -65.11
CA GLY CB 13 43.60 61.91 -63.73
C GLY CB 13 45.02 61.71 -63.23
N ARG CB 14 45.25 62.17 -62.01
CA ARG CB 14 46.56 62.10 -61.37
C ARG CB 14 46.42 62.49 -59.91
N CYS CB 15 47.40 62.06 -59.11
CA CYS CB 15 47.48 62.51 -57.73
C CYS CB 15 47.89 63.99 -57.69
N LEU CB 16 47.59 64.64 -56.57
CA LEU CB 16 48.13 65.96 -56.36
C LEU CB 16 49.66 65.87 -56.19
N PRO CB 17 50.38 66.89 -56.62
CA PRO CB 17 51.84 66.87 -56.41
C PRO CB 17 52.22 67.11 -54.96
N THR CB 18 52.63 66.06 -54.28
CA THR CB 18 53.22 65.98 -52.95
C THR CB 18 54.68 66.40 -53.01
N PRO CB 19 55.29 66.91 -51.94
CA PRO CB 19 56.73 67.23 -52.02
C PRO CB 19 57.61 66.00 -51.92
N LYS CB 20 57.24 64.95 -52.64
CA LYS CB 20 58.09 63.79 -52.88
C LYS CB 20 58.19 63.45 -54.36
N CYS CB 21 57.10 63.62 -55.10
CA CYS CB 21 57.12 63.54 -56.57
C CYS CB 21 56.28 64.72 -57.09
N HIS CB 22 56.97 65.73 -57.62
CA HIS CB 22 56.29 66.93 -58.08
C HIS CB 22 55.47 66.70 -59.33
N THR CB 23 55.78 65.67 -60.12
CA THR CB 23 55.04 65.34 -61.33
C THR CB 23 54.60 63.88 -61.26
N PRO CB 24 53.54 63.58 -60.51
CA PRO CB 24 53.03 62.22 -60.48
C PRO CB 24 52.46 61.83 -61.84
N PRO CB 25 52.45 60.54 -62.17
CA PRO CB 25 52.05 60.14 -63.51
C PRO CB 25 50.58 60.39 -63.78
N LEU CB 26 50.26 60.58 -65.06
CA LEU CB 26 48.90 60.77 -65.52
C LEU CB 26 48.34 59.46 -66.04
N TYR CB 27 47.10 59.16 -65.65
CA TYR CB 27 46.45 57.92 -66.03
C TYR CB 27 45.20 58.24 -66.84
N ARG CB 28 44.93 57.42 -67.84
CA ARG CB 28 43.82 57.61 -68.77
C ARG CB 28 42.92 56.39 -68.75
N MET CB 29 41.62 56.63 -68.87
CA MET CB 29 40.63 55.56 -68.92
C MET CB 29 39.53 55.95 -69.89
N ARG CB 30 39.08 55.00 -70.69
CA ARG CB 30 37.89 55.19 -71.52
C ARG CB 30 36.69 54.66 -70.76
N ILE CB 31 35.72 55.53 -70.51
CA ILE CB 31 34.64 55.24 -69.59
C ILE CB 31 33.31 55.58 -70.25
N PHE CB 32 32.35 54.66 -70.14
CA PHE CB 32 31.04 54.81 -70.76
C PHE CB 32 30.02 55.10 -69.66
N ALA CB 33 29.35 56.24 -69.77
CA ALA CB 33 28.50 56.73 -68.70
C ALA CB 33 27.39 57.59 -69.29
N PRO CB 34 26.27 57.77 -68.58
CA PRO CB 34 25.23 58.68 -69.09
C PRO CB 34 25.69 60.10 -69.28
N ASN CB 35 26.54 60.62 -68.40
CA ASN CB 35 27.01 62.00 -68.50
C ASN CB 35 28.38 62.10 -67.86
N HIS CB 36 28.94 63.31 -67.91
CA HIS CB 36 30.32 63.51 -67.44
C HIS CB 36 30.44 63.40 -65.94
N VAL CB 37 29.41 63.78 -65.19
CA VAL CB 37 29.46 63.66 -63.73
C VAL CB 37 29.56 62.19 -63.34
N VAL CB 38 28.77 61.33 -63.99
CA VAL CB 38 28.84 59.90 -63.74
C VAL CB 38 30.17 59.34 -64.21
N ALA CB 39 30.69 59.88 -65.32
CA ALA CB 39 31.96 59.39 -65.86
C ALA CB 39 33.10 59.65 -64.87
N LYS CB 40 33.11 60.81 -64.23
CA LYS CB 40 34.16 61.12 -63.27
C LYS CB 40 34.00 60.30 -61.99
N SER CB 41 32.75 60.00 -61.62
CA SER CB 41 32.53 59.12 -60.48
C SER CB 41 33.05 57.72 -60.76
N ARG CB 42 32.86 57.22 -61.98
CA ARG CB 42 33.32 55.89 -62.32
C ARG CB 42 34.85 55.85 -62.40
N PHE CB 43 35.47 56.96 -62.81
CA PHE CB 43 36.92 56.99 -62.93
C PHE CB 43 37.60 56.76 -61.59
N TRP CB 44 37.11 57.44 -60.54
CA TRP CB 44 37.70 57.26 -59.22
C TRP CB 44 37.41 55.87 -58.67
N TYR CB 45 36.30 55.28 -59.10
CA TYR CB 45 36.01 53.90 -58.73
C TYR CB 45 37.06 52.94 -59.29
N PHE CB 46 37.43 53.13 -60.55
CA PHE CB 46 38.35 52.20 -61.20
C PHE CB 46 39.79 52.48 -60.81
N VAL CB 47 40.15 53.76 -60.66
CA VAL CB 47 41.54 54.08 -60.40
C VAL CB 47 41.88 53.88 -58.93
N SER CB 48 40.87 53.79 -58.07
CA SER CB 48 41.12 53.39 -56.68
C SER CB 48 41.37 51.90 -56.59
N GLN CB 49 40.70 51.10 -57.42
CA GLN CB 49 40.95 49.67 -57.43
C GLN CB 49 42.32 49.34 -57.99
N LEU CB 50 42.74 50.07 -59.02
CA LEU CB 50 44.02 49.79 -59.67
C LEU CB 50 45.18 50.41 -58.89
N LYS CB 51 45.18 51.73 -58.77
CA LYS CB 51 46.23 52.44 -58.06
C LYS CB 51 45.74 52.84 -56.68
N LYS CB 52 46.68 53.16 -55.79
CA LYS CB 52 46.32 53.65 -54.46
C LYS CB 52 45.99 55.14 -54.59
N MET CB 53 44.81 55.39 -55.17
CA MET CB 53 44.37 56.74 -55.46
C MET CB 53 42.96 56.94 -54.93
N LYS CB 54 42.67 58.16 -54.49
CA LYS CB 54 41.34 58.53 -54.02
C LYS CB 54 41.01 59.91 -54.55
N LYS CB 55 39.71 60.20 -54.63
CA LYS CB 55 39.27 61.47 -55.19
C LYS CB 55 39.85 62.65 -54.41
N SER CB 56 39.94 62.52 -53.09
CA SER CB 56 40.54 63.58 -52.29
C SER CB 56 42.02 63.74 -52.59
N SER CB 57 42.75 62.63 -52.69
CA SER CB 57 44.17 62.67 -53.01
C SER CB 57 44.42 62.52 -54.50
N GLY CB 58 43.74 63.33 -55.30
CA GLY CB 58 43.91 63.31 -56.74
C GLY CB 58 43.09 64.41 -57.37
N GLU CB 59 43.17 64.48 -58.70
CA GLU CB 59 42.39 65.47 -59.44
C GLU CB 59 42.17 64.96 -60.85
N ILE CB 60 41.13 65.52 -61.47
CA ILE CB 60 40.78 65.20 -62.86
C ILE CB 60 41.33 66.31 -63.74
N VAL CB 61 42.34 65.99 -64.54
CA VAL CB 61 42.92 67.00 -65.42
C VAL CB 61 42.20 67.09 -66.77
N TYR CB 62 41.36 66.12 -67.10
CA TYR CB 62 40.60 66.15 -68.34
C TYR CB 62 39.43 65.17 -68.25
N CYS CB 63 38.30 65.57 -68.81
CA CYS CB 63 37.16 64.65 -68.98
C CYS CB 63 36.36 65.15 -70.18
N GLY CB 64 36.58 64.54 -71.35
CA GLY CB 64 35.88 64.92 -72.55
C GLY CB 64 35.29 63.69 -73.22
N GLN CB 65 34.27 63.95 -74.05
CA GLN CB 65 33.57 62.88 -74.74
C GLN CB 65 34.33 62.47 -75.99
N VAL CB 66 34.43 61.17 -76.20
CA VAL CB 66 35.15 60.60 -77.34
C VAL CB 66 34.11 60.32 -78.42
N PHE CB 67 34.02 61.20 -79.40
CA PHE CB 67 33.08 61.00 -80.50
C PHE CB 67 33.48 59.78 -81.31
N GLU CB 68 32.49 59.09 -81.86
CA GLU CB 68 32.78 57.93 -82.69
C GLU CB 68 33.51 58.35 -83.96
N LYS CB 69 34.57 57.61 -84.29
CA LYS CB 69 35.41 57.98 -85.43
C LYS CB 69 34.68 57.77 -86.75
N SER CB 70 34.00 56.63 -86.89
CA SER CB 70 33.30 56.28 -88.12
C SER CB 70 31.88 55.84 -87.79
N PRO CB 71 30.99 56.79 -87.47
CA PRO CB 71 29.61 56.43 -87.12
C PRO CB 71 28.76 56.00 -88.32
N LEU CB 72 29.32 56.02 -89.53
CA LEU CB 72 28.57 55.65 -90.72
C LEU CB 72 29.01 54.30 -91.29
N ARG CB 73 29.79 53.53 -90.54
CA ARG CB 73 30.29 52.24 -91.00
C ARG CB 73 29.95 51.18 -89.97
N VAL CB 74 29.36 50.08 -90.43
CA VAL CB 74 29.02 48.98 -89.54
C VAL CB 74 30.27 48.19 -89.20
N LYS CB 75 30.45 47.91 -87.91
CA LYS CB 75 31.62 47.17 -87.46
C LYS CB 75 31.22 46.27 -86.31
N ASN CB 76 31.97 45.18 -86.13
CA ASN CB 76 31.73 44.24 -85.06
C ASN CB 76 32.51 44.65 -83.82
N PHE CB 77 31.87 44.59 -82.67
CA PHE CB 77 32.45 45.04 -81.41
C PHE CB 77 32.62 43.87 -80.46
N GLY CB 78 33.86 43.62 -80.04
CA GLY CB 78 34.15 42.65 -79.01
C GLY CB 78 34.37 43.36 -77.68
N ILE CB 79 33.62 42.94 -76.67
CA ILE CB 79 33.64 43.57 -75.36
C ILE CB 79 34.03 42.53 -74.33
N TRP CB 80 35.20 42.73 -73.70
CA TRP CB 80 35.60 41.94 -72.56
C TRP CB 80 35.09 42.62 -71.30
N LEU CB 81 34.36 41.88 -70.48
CA LEU CB 81 33.75 42.46 -69.28
C LEU CB 81 33.85 41.44 -68.15
N ARG CB 82 33.79 41.96 -66.93
CA ARG CB 82 33.65 41.13 -65.75
C ARG CB 82 32.43 41.59 -64.97
N TYR CB 83 31.71 40.62 -64.42
CA TYR CB 83 30.53 40.92 -63.63
C TYR CB 83 30.36 39.83 -62.59
N ASP CB 84 29.62 40.15 -61.54
CA ASP CB 84 29.31 39.19 -60.48
C ASP CB 84 27.84 38.86 -60.49
N SER CB 85 27.53 37.57 -60.50
CA SER CB 85 26.16 37.08 -60.42
C SER CB 85 25.75 36.96 -58.95
N ARG CB 86 24.62 36.31 -58.71
CA ARG CB 86 24.26 35.96 -57.34
C ARG CB 86 25.28 35.01 -56.73
N SER CB 87 25.96 34.23 -57.58
CA SER CB 87 27.10 33.42 -57.21
C SER CB 87 28.36 34.25 -57.40
N GLY CB 88 29.53 33.60 -57.42
CA GLY CB 88 30.78 34.31 -57.68
C GLY CB 88 30.77 35.05 -59.01
N THR CB 89 31.86 35.78 -59.24
CA THR CB 89 31.95 36.64 -60.41
C THR CB 89 32.54 35.89 -61.60
N HIS CB 90 32.28 36.42 -62.80
CA HIS CB 90 32.67 35.75 -64.02
C HIS CB 90 33.20 36.77 -65.02
N ASN CB 91 34.10 36.31 -65.89
CA ASN CB 91 34.59 37.08 -67.02
C ASN CB 91 33.92 36.59 -68.29
N MET CB 92 33.39 37.51 -69.09
CA MET CB 92 32.68 37.16 -70.31
C MET CB 92 33.15 38.04 -71.46
N TYR CB 93 33.06 37.49 -72.66
CA TYR CB 93 33.37 38.21 -73.89
C TYR CB 93 32.12 38.19 -74.77
N ARG CB 94 31.70 39.37 -75.22
CA ARG CB 94 30.49 39.51 -76.01
C ARG CB 94 30.83 40.15 -77.35
N GLU CB 95 29.94 39.94 -78.33
CA GLU CB 95 30.09 40.53 -79.65
C GLU CB 95 28.79 41.22 -80.05
N TYR CB 96 28.91 42.40 -80.62
CA TYR CB 96 27.76 43.17 -81.10
C TYR CB 96 28.14 43.86 -82.39
N ARG CB 97 27.13 44.21 -83.17
CA ARG CB 97 27.29 45.03 -84.36
C ARG CB 97 26.59 46.36 -84.10
N ASP CB 98 27.33 47.45 -84.20
CA ASP CB 98 26.75 48.76 -83.97
C ASP CB 98 27.54 49.80 -84.74
N LEU CB 99 26.89 50.95 -84.98
CA LEU CB 99 27.53 52.04 -85.69
C LEU CB 99 28.54 52.79 -84.83
N THR CB 100 28.35 52.81 -83.51
CA THR CB 100 29.22 53.54 -82.61
C THR CB 100 29.71 52.62 -81.51
N THR CB 101 30.88 52.96 -80.95
CA THR CB 101 31.44 52.18 -79.85
C THR CB 101 30.53 52.24 -78.62
N ALA CB 102 30.07 53.44 -78.28
CA ALA CB 102 29.20 53.59 -77.11
C ALA CB 102 27.84 52.96 -77.36
N GLY CB 103 27.42 52.91 -78.62
CA GLY CB 103 26.17 52.25 -78.95
C GLY CB 103 26.23 50.75 -78.72
N ALA CB 104 27.39 50.14 -78.99
CA ALA CB 104 27.57 48.72 -78.71
C ALA CB 104 27.65 48.46 -77.22
N VAL CB 105 28.30 49.34 -76.48
CA VAL CB 105 28.47 49.13 -75.05
C VAL CB 105 27.14 49.22 -74.34
N THR CB 106 26.29 50.17 -74.73
CA THR CB 106 24.97 50.27 -74.12
C THR CB 106 24.09 49.09 -74.50
N GLN CB 107 24.35 48.48 -75.66
CA GLN CB 107 23.71 47.21 -75.99
C GLN CB 107 24.11 46.14 -74.99
N CYS CB 108 25.39 46.11 -74.62
CA CYS CB 108 25.87 45.11 -73.67
C CYS CB 108 25.16 45.25 -72.33
N TYR CB 109 24.99 46.47 -71.85
CA TYR CB 109 24.33 46.68 -70.56
C TYR CB 109 22.89 46.19 -70.58
N ARG CB 110 22.18 46.42 -71.68
CA ARG CB 110 20.83 45.88 -71.80
C ARG CB 110 20.85 44.37 -71.99
N ASP CB 111 21.73 43.88 -72.87
CA ASP CB 111 21.82 42.45 -73.09
C ASP CB 111 22.30 41.71 -71.85
N MET CB 112 23.15 42.37 -71.05
CA MET CB 112 23.55 41.81 -69.77
C MET CB 112 22.36 41.67 -68.82
N GLY CB 113 21.50 42.69 -68.78
CA GLY CB 113 20.35 42.64 -67.90
C GLY CB 113 19.28 41.67 -68.37
N ALA CB 114 19.19 41.46 -69.68
CA ALA CB 114 18.13 40.61 -70.22
C ALA CB 114 18.44 39.14 -70.01
N ARG CB 115 19.70 38.74 -70.12
CA ARG CB 115 20.07 37.34 -70.10
C ARG CB 115 20.58 36.89 -68.73
N HIS CB 116 21.33 37.75 -68.06
CA HIS CB 116 21.98 37.39 -66.80
C HIS CB 116 21.43 38.14 -65.61
N ARG CB 117 20.46 39.03 -65.82
CA ARG CB 117 19.81 39.79 -64.74
C ARG CB 117 20.83 40.58 -63.94
N ALA CB 118 21.81 41.14 -64.64
CA ALA CB 118 22.91 41.88 -64.01
C ALA CB 118 22.62 43.37 -64.10
N ARG CB 119 22.79 44.07 -62.98
CA ARG CB 119 22.60 45.51 -62.94
C ARG CB 119 23.92 46.22 -63.20
N ALA CB 120 23.82 47.48 -63.64
CA ALA CB 120 25.00 48.19 -64.13
C ALA CB 120 26.08 48.34 -63.08
N HIS CB 121 25.74 48.29 -61.79
CA HIS CB 121 26.74 48.33 -60.74
C HIS CB 121 27.56 47.06 -60.66
N SER CB 122 27.16 46.00 -61.37
CA SER CB 122 27.88 44.74 -61.39
C SER CB 122 28.88 44.64 -62.53
N ILE CB 123 28.53 45.14 -63.71
CA ILE CB 123 29.37 45.00 -64.89
C ILE CB 123 30.53 45.96 -64.81
N GLN CB 124 31.73 45.45 -65.08
CA GLN CB 124 32.95 46.25 -65.18
C GLN CB 124 33.50 46.05 -66.59
N ILE CB 125 33.25 47.02 -67.46
CA ILE CB 125 33.72 46.91 -68.84
C ILE CB 125 35.24 47.03 -68.85
N MET CB 126 35.90 46.05 -69.46
CA MET CB 126 37.36 46.01 -69.50
C MET CB 126 37.91 46.53 -70.83
N LYS CB 127 37.54 45.90 -71.94
CA LYS CB 127 38.04 46.29 -73.25
C LYS CB 127 36.89 46.30 -74.25
N VAL CB 128 36.92 47.28 -75.14
CA VAL CB 128 36.00 47.38 -76.27
C VAL CB 128 36.83 47.62 -77.52
N GLU CB 129 36.82 46.68 -78.45
CA GLU CB 129 37.58 46.82 -79.68
C GLU CB 129 36.73 46.45 -80.89
N GLU CB 130 36.93 47.22 -81.97
CA GLU CB 130 36.46 46.79 -83.28
C GLU CB 130 37.11 45.48 -83.67
N ILE CB 131 36.30 44.54 -84.15
CA ILE CB 131 36.76 43.20 -84.49
C ILE CB 131 36.55 42.99 -85.99
N ALA CB 132 37.55 42.41 -86.65
CA ALA CB 132 37.38 42.01 -88.03
C ALA CB 132 36.30 40.93 -88.12
N ALA CB 133 35.56 40.94 -89.23
CA ALA CB 133 34.48 39.98 -89.41
C ALA CB 133 35.00 38.55 -89.38
N SER CB 134 36.20 38.32 -89.90
CA SER CB 134 36.80 36.99 -89.87
C SER CB 134 37.24 36.59 -88.47
N LYS CB 135 37.36 37.55 -87.55
CA LYS CB 135 37.78 37.28 -86.18
C LYS CB 135 36.61 37.22 -85.21
N CYS CB 136 35.37 37.15 -85.70
CA CYS CB 136 34.22 37.05 -84.83
C CYS CB 136 34.02 35.62 -84.37
N ARG CB 137 33.33 35.47 -83.24
CA ARG CB 137 33.18 34.16 -82.61
C ARG CB 137 31.72 33.79 -82.39
N ARG CB 138 30.86 34.79 -82.19
CA ARG CB 138 29.46 34.53 -81.87
C ARG CB 138 28.66 34.33 -83.14
N PRO CB 139 27.89 33.24 -83.25
CA PRO CB 139 27.13 32.99 -84.47
C PRO CB 139 26.06 34.04 -84.76
N ALA CB 140 25.49 34.66 -83.73
CA ALA CB 140 24.47 35.68 -83.95
C ALA CB 140 25.04 36.89 -84.68
N VAL CB 141 26.34 37.12 -84.58
CA VAL CB 141 27.00 38.19 -85.31
C VAL CB 141 27.53 37.70 -86.65
N LYS CB 142 28.06 36.48 -86.68
CA LYS CB 142 28.65 35.94 -87.91
C LYS CB 142 27.62 35.77 -89.01
N GLN CB 143 26.35 35.61 -88.65
CA GLN CB 143 25.31 35.39 -89.66
C GLN CB 143 25.01 36.63 -90.47
N PHE CB 144 25.48 37.80 -90.05
CA PHE CB 144 25.27 39.05 -90.77
C PHE CB 144 26.45 39.42 -91.64
N HIS CB 145 27.48 38.58 -91.71
CA HIS CB 145 28.62 38.78 -92.61
C HIS CB 145 28.30 38.06 -93.90
N ASP CB 146 27.55 38.73 -94.77
CA ASP CB 146 27.08 38.15 -96.03
C ASP CB 146 26.85 39.27 -97.01
N SER CB 147 27.64 39.31 -98.09
CA SER CB 147 27.53 40.37 -99.06
C SER CB 147 26.18 40.36 -99.75
N LYS CB 148 25.64 39.17 -100.03
CA LYS CB 148 24.35 39.01 -100.67
C LYS CB 148 23.25 38.69 -99.67
N ILE CB 149 23.32 39.28 -98.48
CA ILE CB 149 22.32 38.99 -97.45
C ILE CB 149 20.95 39.49 -97.89
N LYS CB 150 19.92 38.71 -97.56
CA LYS CB 150 18.57 38.96 -98.03
C LYS CB 150 17.60 38.23 -97.12
N PHE CB 151 16.53 38.92 -96.70
CA PHE CB 151 15.51 38.29 -95.89
C PHE CB 151 14.26 39.15 -95.89
N PRO CB 152 13.07 38.57 -95.77
CA PRO CB 152 11.85 39.39 -95.72
C PRO CB 152 11.47 39.76 -94.29
N LEU CB 153 10.41 40.53 -94.14
CA LEU CB 153 9.79 40.78 -92.84
C LEU CB 153 8.51 39.96 -92.80
N PRO CB 154 8.55 38.74 -92.27
CA PRO CB 154 7.46 37.79 -92.51
C PRO CB 154 6.12 38.19 -91.90
N HIS CB 155 6.11 38.50 -90.61
CA HIS CB 155 4.86 38.65 -89.85
C HIS CB 155 4.83 40.06 -89.28
N ARG CB 156 4.34 41.02 -90.09
CA ARG CB 156 4.27 42.42 -89.66
C ARG CB 156 3.02 42.60 -88.81
N VAL CB 157 3.20 42.66 -87.50
CA VAL CB 157 2.10 42.84 -86.57
C VAL CB 157 1.70 44.30 -86.56
N LEU CB 158 0.40 44.57 -86.68
CA LEU CB 158 -0.09 45.93 -86.70
C LEU CB 158 0.23 46.64 -85.40
N ARG CB 159 0.77 47.86 -85.50
CA ARG CB 159 1.17 48.63 -84.35
C ARG CB 159 0.27 49.83 -84.05
N ARG CB 160 -0.48 50.31 -85.04
CA ARG CB 160 -1.48 51.35 -84.82
C ARG CB 160 -2.82 50.70 -84.42
N GLN CB 161 -2.75 49.91 -83.35
CA GLN CB 161 -3.88 49.12 -82.90
C GLN CB 161 -5.04 49.97 -82.39
N HIS CB 162 -4.80 51.23 -82.04
CA HIS CB 162 -5.83 52.08 -81.46
C HIS CB 162 -6.20 53.26 -82.34
N LYS CB 163 -5.69 53.34 -83.57
CA LYS CB 163 -6.08 54.35 -84.54
C LYS CB 163 -6.30 53.67 -85.89
N PRO CB 164 -7.53 53.24 -86.20
CA PRO CB 164 -8.75 53.31 -85.40
C PRO CB 164 -8.84 52.22 -84.35
N ARG CB 165 -9.51 52.48 -83.23
CA ARG CB 165 -9.70 51.46 -82.21
C ARG CB 165 -10.77 50.45 -82.61
N PHE CB 166 -11.82 50.91 -83.28
CA PHE CB 166 -12.87 50.04 -83.82
C PHE CB 166 -12.89 50.22 -85.33
N THR CB 167 -12.79 49.12 -86.06
CA THR CB 167 -12.75 49.15 -87.51
C THR CB 167 -13.54 47.98 -88.08
N THR CB 168 -13.99 48.14 -89.34
CA THR CB 168 -14.76 47.09 -89.99
C THR CB 168 -13.86 45.92 -90.41
N LYS CB 169 -12.68 46.22 -90.94
CA LYS CB 169 -11.86 45.17 -91.54
C LYS CB 169 -10.77 44.71 -90.59
N ARG CB 170 -10.56 43.41 -90.53
CA ARG CB 170 -9.44 42.86 -89.79
C ARG CB 170 -8.14 43.15 -90.53
N PRO CB 171 -7.04 43.36 -89.79
CA PRO CB 171 -5.81 43.85 -90.43
C PRO CB 171 -5.13 42.78 -91.27
N ASN CB 172 -4.18 43.24 -92.08
CA ASN CB 172 -3.34 42.40 -92.89
C ASN CB 172 -1.97 42.25 -92.23
N THR CB 173 -1.34 41.11 -92.46
CA THR CB 173 -0.03 40.82 -91.89
C THR CB 173 1.03 40.53 -92.94
N PHE CB 174 0.64 40.03 -94.10
CA PHE CB 174 1.58 39.80 -95.18
C PHE CB 174 1.80 41.07 -95.98
N PHE CB 175 3.07 41.43 -96.18
CA PHE CB 175 3.41 42.61 -96.98
C PHE CB 175 4.61 42.32 -97.88
N THR DB 1 22.93 46.28 -12.81
CA THR DB 1 23.58 44.99 -12.97
C THR DB 1 25.03 45.03 -12.53
N ASN DB 2 25.84 45.75 -13.30
CA ASN DB 2 27.28 45.77 -13.04
C ASN DB 2 27.59 46.57 -11.77
N THR DB 3 28.73 46.25 -11.17
CA THR DB 3 29.14 46.89 -9.94
C THR DB 3 29.40 48.37 -10.15
N LYS DB 4 29.61 49.08 -9.05
CA LYS DB 4 29.90 50.51 -9.05
C LYS DB 4 31.28 50.78 -8.47
N GLY DB 5 32.21 49.86 -8.70
CA GLY DB 5 33.54 50.02 -8.19
C GLY DB 5 34.29 51.16 -8.89
N LYS DB 6 35.19 51.78 -8.14
CA LYS DB 6 35.88 52.97 -8.63
C LYS DB 6 36.86 52.67 -9.76
N ARG DB 7 37.22 51.41 -9.98
CA ARG DB 7 38.11 51.05 -11.06
C ARG DB 7 37.53 49.95 -11.95
N ARG DB 8 36.21 49.79 -11.96
CA ARG DB 8 35.58 48.85 -12.87
C ARG DB 8 35.75 49.33 -14.31
N GLY DB 9 36.14 48.41 -15.19
CA GLY DB 9 36.32 48.74 -16.59
C GLY DB 9 37.62 49.44 -16.93
N THR DB 10 38.56 49.50 -16.00
CA THR DB 10 39.86 50.14 -16.25
C THR DB 10 40.97 49.11 -16.43
N ARG DB 11 40.64 47.94 -16.99
CA ARG DB 11 41.63 46.90 -17.18
C ARG DB 11 42.75 47.37 -18.11
N TYR DB 12 42.38 48.03 -19.20
CA TYR DB 12 43.36 48.55 -20.14
C TYR DB 12 43.60 50.04 -19.99
N MET DB 13 42.64 50.77 -19.45
CA MET DB 13 42.76 52.23 -19.36
C MET DB 13 43.95 52.64 -18.51
N PHE DB 14 44.13 51.99 -17.36
CA PHE DB 14 45.23 52.32 -16.46
C PHE DB 14 46.42 51.38 -16.64
N SER DB 15 46.35 50.43 -17.56
CA SER DB 15 47.48 49.56 -17.85
C SER DB 15 48.58 50.33 -18.56
N ARG DB 16 49.82 49.92 -18.33
CA ARG DB 16 50.95 50.57 -18.97
C ARG DB 16 51.10 50.08 -20.42
N PRO DB 17 51.65 50.92 -21.29
CA PRO DB 17 51.91 50.50 -22.67
C PRO DB 17 52.93 49.37 -22.73
N PHE DB 18 53.02 48.75 -23.90
CA PHE DB 18 53.92 47.63 -24.10
C PHE DB 18 55.37 48.08 -23.98
N ARG DB 19 56.14 47.37 -23.17
CA ARG DB 19 57.55 47.70 -22.90
C ARG DB 19 57.69 49.13 -22.39
N LYS DB 20 56.72 49.56 -21.58
CA LYS DB 20 56.77 50.87 -20.93
C LYS DB 20 56.35 50.77 -19.47
N HIS DB 21 56.73 49.68 -18.80
CA HIS DB 21 56.46 49.49 -17.39
C HIS DB 21 57.63 50.01 -16.55
N GLY DB 22 57.49 49.91 -15.24
CA GLY DB 22 58.61 50.11 -14.34
C GLY DB 22 58.75 51.50 -13.76
N VAL DB 23 59.99 51.99 -13.69
CA VAL DB 23 60.27 53.27 -13.05
C VAL DB 23 59.66 54.40 -13.85
N VAL DB 24 58.97 55.29 -13.17
CA VAL DB 24 58.37 56.46 -13.85
C VAL DB 24 59.48 57.43 -14.21
N PRO DB 25 59.57 57.87 -15.47
CA PRO DB 25 60.59 58.86 -15.84
C PRO DB 25 60.44 60.14 -15.03
N LEU DB 26 61.59 60.74 -14.68
CA LEU DB 26 61.57 61.86 -13.75
C LEU DB 26 61.28 63.19 -14.43
N ALA DB 27 61.34 63.25 -15.76
CA ALA DB 27 61.00 64.51 -16.43
C ALA DB 27 59.54 64.85 -16.22
N THR DB 28 58.69 63.85 -16.02
CA THR DB 28 57.29 64.11 -15.67
C THR DB 28 57.16 64.78 -14.32
N TYR DB 29 58.22 64.79 -13.52
CA TYR DB 29 58.19 65.31 -12.16
C TYR DB 29 58.68 66.75 -12.07
N MET DB 30 59.55 67.18 -12.99
CA MET DB 30 60.03 68.55 -12.99
C MET DB 30 59.26 69.46 -13.93
N ARG DB 31 58.20 68.98 -14.57
CA ARG DB 31 57.31 69.88 -15.29
C ARG DB 31 56.62 70.81 -14.30
N ILE DB 32 56.45 72.06 -14.68
CA ILE DB 32 55.97 73.10 -13.79
C ILE DB 32 54.56 73.47 -14.20
N TYR DB 33 53.61 73.24 -13.31
CA TYR DB 33 52.20 73.48 -13.57
C TYR DB 33 51.78 74.75 -12.83
N LYS DB 34 51.63 75.83 -13.58
CA LYS DB 34 51.21 77.11 -13.03
C LYS DB 34 49.73 77.03 -12.68
N LYS DB 35 49.13 78.18 -12.37
CA LYS DB 35 47.70 78.24 -12.10
C LYS DB 35 47.00 78.81 -13.32
N GLY DB 36 46.03 78.06 -13.85
CA GLY DB 36 45.31 78.49 -15.02
C GLY DB 36 45.83 77.99 -16.35
N ASP DB 37 46.72 77.00 -16.35
CA ASP DB 37 47.20 76.41 -17.59
C ASP DB 37 46.49 75.08 -17.82
N ILE DB 38 46.39 74.71 -19.08
CA ILE DB 38 45.52 73.63 -19.53
C ILE DB 38 46.30 72.33 -19.51
N VAL DB 39 45.72 71.29 -18.89
CA VAL DB 39 46.38 70.00 -18.72
C VAL DB 39 45.44 68.89 -19.15
N ASP DB 40 46.01 67.82 -19.69
CA ASP DB 40 45.27 66.60 -20.03
C ASP DB 40 45.39 65.61 -18.88
N ILE DB 41 44.26 65.01 -18.52
CA ILE DB 41 44.24 64.01 -17.46
C ILE DB 41 44.36 62.63 -18.09
N LYS DB 42 45.41 61.90 -17.72
CA LYS DB 42 45.68 60.59 -18.30
C LYS DB 42 45.42 59.45 -17.32
N GLY DB 43 46.00 59.51 -16.13
CA GLY DB 43 45.78 58.45 -15.16
C GLY DB 43 46.63 57.22 -15.35
N MET DB 44 47.95 57.36 -15.22
CA MET DB 44 48.84 56.22 -15.28
C MET DB 44 48.62 55.31 -14.08
N GLY DB 45 48.81 54.01 -14.30
CA GLY DB 45 48.49 53.02 -13.29
C GLY DB 45 49.65 52.57 -12.42
N THR DB 46 50.87 52.99 -12.76
CA THR DB 46 52.00 52.68 -11.90
C THR DB 46 51.85 53.33 -10.54
N VAL DB 47 51.37 54.56 -10.50
CA VAL DB 47 51.15 55.29 -9.26
C VAL DB 47 49.68 55.18 -8.91
N GLN DB 48 49.39 54.61 -7.73
CA GLN DB 48 48.00 54.39 -7.33
C GLN DB 48 47.43 55.54 -6.51
N LYS DB 49 48.28 56.35 -5.91
CA LYS DB 49 47.80 57.49 -5.14
C LYS DB 49 47.41 58.63 -6.06
N GLY DB 50 46.38 59.38 -5.64
CA GLY DB 50 46.02 60.60 -6.32
C GLY DB 50 45.57 60.44 -7.75
N MET DB 51 45.26 59.22 -8.17
CA MET DB 51 44.83 59.04 -9.55
C MET DB 51 43.39 59.51 -9.73
N PRO DB 52 43.05 59.99 -10.92
CA PRO DB 52 41.69 60.46 -11.16
C PRO DB 52 40.71 59.30 -11.27
N HIS DB 53 39.44 59.66 -11.44
CA HIS DB 53 38.43 58.66 -11.75
C HIS DB 53 38.42 58.37 -13.24
N LYS DB 54 37.79 57.27 -13.62
CA LYS DB 54 37.83 56.81 -14.99
C LYS DB 54 37.07 57.75 -15.92
N CYS DB 55 36.23 58.62 -15.37
CA CYS DB 55 35.47 59.54 -16.20
C CYS DB 55 36.28 60.78 -16.58
N TYR DB 56 37.47 60.95 -16.02
CA TYR DB 56 38.32 62.08 -16.35
C TYR DB 56 39.53 61.70 -17.19
N HIS DB 57 39.80 60.41 -17.35
CA HIS DB 57 40.86 59.97 -18.23
C HIS DB 57 40.58 60.43 -19.65
N GLY DB 58 41.58 61.01 -20.30
CA GLY DB 58 41.40 61.52 -21.64
C GLY DB 58 40.61 62.80 -21.70
N LYS DB 59 40.54 63.55 -20.60
CA LYS DB 59 39.80 64.78 -20.56
C LYS DB 59 40.74 65.91 -20.15
N THR DB 60 40.38 67.13 -20.53
CA THR DB 60 41.26 68.28 -20.45
C THR DB 60 40.64 69.34 -19.56
N GLY DB 61 41.43 69.89 -18.65
CA GLY DB 61 40.95 70.93 -17.75
C GLY DB 61 41.99 72.01 -17.51
N ARG DB 62 41.73 72.89 -16.54
CA ARG DB 62 42.64 73.98 -16.22
C ARG DB 62 43.01 73.91 -14.75
N VAL DB 63 44.29 74.14 -14.46
CA VAL DB 63 44.78 74.07 -13.09
C VAL DB 63 44.33 75.28 -12.32
N TYR DB 64 43.72 75.06 -11.15
CA TYR DB 64 43.31 76.15 -10.27
C TYR DB 64 44.01 76.12 -8.93
N ASN DB 65 44.81 75.11 -8.64
CA ASN DB 65 45.44 74.96 -7.33
C ASN DB 65 46.66 74.09 -7.49
N VAL DB 66 47.79 74.53 -6.94
CA VAL DB 66 49.06 73.82 -7.01
C VAL DB 66 49.44 73.39 -5.59
N THR DB 67 49.71 72.10 -5.43
CA THR DB 67 49.98 71.54 -4.11
C THR DB 67 51.37 70.93 -4.10
N GLN DB 68 51.71 70.17 -3.04
CA GLN DB 68 53.05 69.58 -2.97
C GLN DB 68 53.30 68.58 -4.09
N HIS DB 69 52.37 67.64 -4.27
CA HIS DB 69 52.54 66.57 -5.25
C HIS DB 69 51.41 66.48 -6.25
N ALA DB 70 50.39 67.31 -6.13
CA ALA DB 70 49.23 67.25 -7.00
C ALA DB 70 48.75 68.64 -7.38
N VAL DB 71 47.77 68.72 -8.27
CA VAL DB 71 47.15 69.99 -8.64
C VAL DB 71 45.64 69.81 -8.61
N GLY DB 72 44.94 70.93 -8.47
CA GLY DB 72 43.49 70.95 -8.58
C GLY DB 72 43.11 71.36 -10.00
N ILE DB 73 42.25 70.55 -10.62
CA ILE DB 73 41.88 70.74 -12.02
C ILE DB 73 40.38 70.98 -12.10
N VAL DB 74 39.99 72.05 -12.77
CA VAL DB 74 38.60 72.30 -13.13
C VAL DB 74 38.35 71.67 -14.49
N VAL DB 75 37.68 70.54 -14.50
CA VAL DB 75 37.45 69.76 -15.71
C VAL DB 75 35.96 69.55 -15.87
N ASN DB 76 35.45 69.82 -17.07
CA ASN DB 76 34.03 69.68 -17.35
C ASN DB 76 33.66 68.20 -17.39
N LYS DB 77 32.60 67.85 -16.67
CA LYS DB 77 32.01 66.52 -16.71
C LYS DB 77 30.58 66.64 -17.17
N GLN DB 78 30.20 65.82 -18.14
CA GLN DB 78 28.83 65.81 -18.66
C GLN DB 78 28.05 64.73 -17.94
N VAL DB 79 27.27 65.13 -16.94
CA VAL DB 79 26.25 64.27 -16.37
C VAL DB 79 25.04 64.34 -17.31
N LYS DB 80 24.05 63.49 -17.07
CA LYS DB 80 23.05 63.12 -18.06
C LYS DB 80 22.62 64.27 -18.97
N GLY DB 81 22.08 65.33 -18.39
CA GLY DB 81 21.52 66.39 -19.21
C GLY DB 81 22.26 67.71 -19.14
N LYS DB 82 23.26 67.82 -18.27
CA LYS DB 82 23.93 69.09 -18.06
C LYS DB 82 25.42 68.85 -17.87
N ILE DB 83 26.21 69.85 -18.22
CA ILE DB 83 27.64 69.88 -17.99
C ILE DB 83 27.92 70.75 -16.78
N LEU DB 84 28.67 70.22 -15.81
CA LEU DB 84 29.12 70.99 -14.68
C LEU DB 84 30.61 70.85 -14.52
N ALA DB 85 31.26 71.94 -14.09
CA ALA DB 85 32.70 71.99 -13.94
C ALA DB 85 33.09 71.36 -12.62
N LYS DB 86 33.80 70.23 -12.68
CA LYS DB 86 34.23 69.51 -11.50
C LYS DB 86 35.64 69.94 -11.11
N ARG DB 87 35.90 69.96 -9.82
CA ARG DB 87 37.24 70.24 -9.30
C ARG DB 87 37.79 68.97 -8.68
N ILE DB 88 38.92 68.49 -9.20
CA ILE DB 88 39.51 67.23 -8.79
C ILE DB 88 40.97 67.45 -8.46
N ASN DB 89 41.45 66.80 -7.40
CA ASN DB 89 42.86 66.77 -7.07
C ASN DB 89 43.46 65.53 -7.71
N VAL DB 90 44.51 65.73 -8.51
CA VAL DB 90 45.15 64.65 -9.25
C VAL DB 90 46.65 64.84 -9.15
N ARG DB 91 47.37 63.78 -8.81
CA ARG DB 91 48.83 63.86 -8.72
C ARG DB 91 49.43 64.07 -10.12
N ILE DB 92 50.57 64.75 -10.14
CA ILE DB 92 51.17 65.20 -11.39
C ILE DB 92 51.57 64.05 -12.30
N GLU DB 93 51.61 62.82 -11.78
CA GLU DB 93 51.90 61.66 -12.61
C GLU DB 93 50.87 61.51 -13.71
N HIS DB 94 49.60 61.80 -13.39
CA HIS DB 94 48.46 61.45 -14.23
C HIS DB 94 48.06 62.58 -15.17
N ILE DB 95 48.83 63.66 -15.23
CA ILE DB 95 48.53 64.79 -16.09
C ILE DB 95 49.75 65.12 -16.94
N LYS DB 96 49.52 65.91 -17.98
CA LYS DB 96 50.59 66.50 -18.77
C LYS DB 96 50.06 67.77 -19.41
N HIS DB 97 50.99 68.64 -19.82
CA HIS DB 97 50.60 69.90 -20.43
C HIS DB 97 49.88 69.66 -21.76
N SER DB 98 48.78 70.37 -21.96
CA SER DB 98 48.06 70.35 -23.22
C SER DB 98 48.78 71.30 -24.17
N LYS DB 99 49.27 70.77 -25.29
CA LYS DB 99 49.90 71.60 -26.30
C LYS DB 99 48.90 72.14 -27.31
N SER DB 100 47.60 71.88 -27.12
CA SER DB 100 46.59 72.65 -27.82
C SER DB 100 46.64 74.12 -27.40
N ARG DB 101 46.83 74.37 -26.11
CA ARG DB 101 47.00 75.75 -25.64
C ARG DB 101 48.35 76.31 -26.04
N ASP DB 102 49.39 75.47 -26.00
CA ASP DB 102 50.72 75.92 -26.40
C ASP DB 102 50.74 76.34 -27.87
N SER DB 103 50.06 75.58 -28.72
CA SER DB 103 50.05 75.92 -30.15
C SER DB 103 49.33 77.24 -30.40
N PHE DB 104 48.30 77.54 -29.61
CA PHE DB 104 47.60 78.82 -29.77
C PHE DB 104 48.47 79.98 -29.32
N LEU DB 105 49.23 79.80 -28.22
CA LEU DB 105 50.08 80.87 -27.72
C LEU DB 105 51.17 81.25 -28.71
N LYS DB 106 51.82 80.26 -29.31
CA LYS DB 106 52.88 80.55 -30.27
C LYS DB 106 52.33 81.28 -31.49
N ARG DB 107 51.07 81.00 -31.85
CA ARG DB 107 50.45 81.73 -32.94
C ARG DB 107 50.22 83.18 -32.57
N VAL DB 108 49.69 83.44 -31.37
CA VAL DB 108 49.34 84.80 -30.98
C VAL DB 108 50.57 85.71 -31.02
N LYS DB 109 51.67 85.26 -30.40
CA LYS DB 109 52.89 86.05 -30.43
C LYS DB 109 53.42 86.19 -31.85
N GLU DB 110 53.11 85.23 -32.72
CA GLU DB 110 53.42 85.40 -34.13
C GLU DB 110 52.57 86.50 -34.75
N ASN DB 111 51.27 86.51 -34.46
CA ASN DB 111 50.42 87.59 -34.96
C ASN DB 111 50.82 88.93 -34.38
N ASP DB 112 51.16 88.97 -33.10
CA ASP DB 112 51.53 90.24 -32.46
C ASP DB 112 52.78 90.84 -33.10
N GLN DB 113 53.80 90.01 -33.32
CA GLN DB 113 55.02 90.54 -33.94
C GLN DB 113 54.83 90.79 -35.43
N LYS DB 114 53.87 90.10 -36.05
CA LYS DB 114 53.49 90.43 -37.42
C LYS DB 114 52.66 91.71 -37.47
N LYS DB 115 51.84 91.95 -36.45
CA LYS DB 115 51.09 93.19 -36.38
C LYS DB 115 52.03 94.39 -36.26
N LYS DB 116 53.09 94.26 -35.45
CA LYS DB 116 54.05 95.33 -35.29
C LYS DB 116 54.77 95.63 -36.60
N GLU DB 117 55.30 94.59 -37.25
CA GLU DB 117 56.10 94.79 -38.45
C GLU DB 117 55.22 95.29 -39.61
N ALA DB 118 53.95 94.90 -39.64
CA ALA DB 118 53.06 95.40 -40.66
C ALA DB 118 52.85 96.90 -40.53
N LYS DB 119 52.75 97.40 -39.30
CA LYS DB 119 52.57 98.84 -39.09
C LYS DB 119 53.87 99.60 -39.36
N GLU DB 120 55.01 99.04 -38.93
CA GLU DB 120 56.29 99.73 -39.10
C GLU DB 120 56.60 99.95 -40.58
N LYS DB 121 56.40 98.92 -41.41
CA LYS DB 121 56.66 99.05 -42.83
C LYS DB 121 55.59 99.88 -43.52
N GLY DB 122 54.33 99.74 -43.08
CA GLY DB 122 53.23 100.47 -43.66
C GLY DB 122 52.34 99.68 -44.60
N THR DB 123 52.55 98.37 -44.72
CA THR DB 123 51.78 97.55 -45.63
C THR DB 123 50.60 96.90 -44.92
N TRP DB 124 49.89 96.03 -45.64
CA TRP DB 124 48.75 95.30 -45.12
C TRP DB 124 48.94 93.82 -45.37
N VAL DB 125 48.68 93.00 -44.35
CA VAL DB 125 48.86 91.55 -44.43
C VAL DB 125 47.67 90.87 -43.75
N GLN DB 126 47.46 89.61 -44.11
CA GLN DB 126 46.36 88.81 -43.59
C GLN DB 126 46.79 88.12 -42.29
N LEU DB 127 45.86 88.04 -41.34
CA LEU DB 127 46.16 87.54 -40.00
C LEU DB 127 45.39 86.27 -39.65
N LYS DB 128 44.10 86.21 -39.98
CA LYS DB 128 43.29 85.04 -39.67
C LYS DB 128 43.69 83.86 -40.56
N ARG DB 129 43.15 82.69 -40.24
CA ARG DB 129 43.37 81.49 -41.05
C ARG DB 129 42.07 81.12 -41.73
N GLN DB 130 42.15 80.92 -43.05
CA GLN DB 130 41.08 80.57 -43.97
C GLN DB 130 40.99 79.06 -44.14
N PRO DB 131 39.79 78.55 -44.44
CA PRO DB 131 39.60 77.08 -44.50
C PRO DB 131 39.88 76.38 -45.83
N ALA DB 132 41.17 76.30 -46.18
CA ALA DB 132 41.64 75.46 -47.29
C ALA DB 132 40.89 75.72 -48.58
N PRO DB 133 41.19 76.80 -49.29
CA PRO DB 133 40.37 77.24 -50.42
C PRO DB 133 40.35 76.22 -51.55
N PRO DB 134 39.54 76.46 -52.59
CA PRO DB 134 39.64 75.66 -53.83
C PRO DB 134 40.98 75.83 -54.52
N ARG DB 135 41.18 75.18 -55.66
CA ARG DB 135 42.49 74.77 -56.12
C ARG DB 135 42.98 75.48 -57.39
N GLU DB 136 42.82 76.80 -57.47
CA GLU DB 136 43.78 77.70 -58.13
C GLU DB 136 44.26 77.16 -59.48
N ALA DB 137 43.39 77.27 -60.48
CA ALA DB 137 43.59 76.73 -61.82
C ALA DB 137 45.03 76.72 -62.30
N HIS DB 138 45.49 75.58 -62.79
CA HIS DB 138 46.89 75.40 -63.17
C HIS DB 138 46.95 74.58 -64.45
N PHE DB 139 48.17 74.43 -64.98
CA PHE DB 139 48.43 73.65 -66.18
C PHE DB 139 49.17 72.37 -65.80
N VAL DB 140 48.87 71.29 -66.50
CA VAL DB 140 49.49 69.99 -66.26
C VAL DB 140 50.22 69.56 -67.52
N ARG DB 141 51.54 69.47 -67.44
CA ARG DB 141 52.38 69.07 -68.56
C ARG DB 141 52.31 67.57 -68.77
N THR DB 142 52.29 67.16 -70.03
CA THR DB 142 52.46 65.76 -70.38
C THR DB 142 53.91 65.40 -70.70
N ASN DB 143 54.72 66.38 -71.07
CA ASN DB 143 56.14 66.18 -71.36
C ASN DB 143 56.35 65.15 -72.47
N GLY DB 144 55.56 65.27 -73.54
CA GLY DB 144 55.68 64.38 -74.67
C GLY DB 144 55.34 62.93 -74.38
N LYS DB 145 54.73 62.65 -73.24
CA LYS DB 145 54.42 61.28 -72.82
C LYS DB 145 52.92 61.09 -72.77
N GLU DB 146 52.44 60.07 -73.44
CA GLU DB 146 51.02 59.73 -73.42
C GLU DB 146 50.62 59.28 -72.03
N PRO DB 147 49.54 59.80 -71.45
CA PRO DB 147 49.07 59.28 -70.17
C PRO DB 147 48.76 57.80 -70.26
N GLU DB 148 49.16 57.06 -69.24
CA GLU DB 148 49.05 55.61 -69.26
C GLU DB 148 47.59 55.18 -69.28
N LEU DB 149 47.26 54.22 -70.14
CA LEU DB 149 45.90 53.71 -70.24
C LEU DB 149 45.69 52.65 -69.18
N LEU DB 150 44.65 52.82 -68.37
CA LEU DB 150 44.29 51.85 -67.36
C LEU DB 150 43.06 51.05 -67.80
N GLU DB 151 42.90 49.88 -67.21
CA GLU DB 151 41.82 48.98 -67.58
C GLU DB 151 41.62 47.96 -66.46
N PRO DB 152 40.38 47.77 -65.99
CA PRO DB 152 40.15 46.86 -64.86
C PRO DB 152 40.64 45.45 -65.18
N ILE DB 153 41.35 44.86 -64.22
CA ILE DB 153 41.94 43.53 -64.38
C ILE DB 153 40.82 42.50 -64.40
N PRO DB 154 40.92 41.44 -65.20
CA PRO DB 154 39.92 40.37 -65.13
C PRO DB 154 39.94 39.67 -63.78
N TYR DB 155 38.79 39.18 -63.37
CA TYR DB 155 38.68 38.50 -62.08
C TYR DB 155 39.34 37.13 -62.13
N GLU DB 156 40.22 36.87 -61.18
CA GLU DB 156 40.83 35.56 -61.01
C GLU DB 156 40.76 35.20 -59.53
N PHE DB 157 40.24 34.02 -59.23
CA PHE DB 157 40.02 33.62 -57.84
C PHE DB 157 41.32 33.08 -57.27
N MET DB 158 41.88 33.80 -56.29
CA MET DB 158 43.14 33.40 -55.68
C MET DB 158 42.90 32.50 -54.48
N ALA DB 159 42.15 33.00 -53.50
CA ALA DB 159 41.96 32.28 -52.24
C ALA DB 159 40.65 32.67 -51.57
N GLN EB 1 -109.25 -15.12 10.07
CA GLN EB 1 -109.56 -13.94 10.88
C GLN EB 1 -108.82 -12.71 10.34
N VAL EB 2 -108.20 -12.86 9.17
CA VAL EB 2 -107.39 -11.81 8.57
C VAL EB 2 -108.08 -11.39 7.28
N LEU EB 3 -109.40 -11.58 7.24
CA LEU EB 3 -110.19 -11.29 6.06
C LEU EB 3 -110.48 -9.81 5.91
N LYS EB 4 -111.44 -9.47 5.04
CA LYS EB 4 -111.94 -8.11 4.89
C LYS EB 4 -110.81 -7.17 4.44
N PHE EB 5 -110.35 -7.41 3.21
CA PHE EB 5 -109.48 -6.47 2.49
C PHE EB 5 -110.25 -5.98 1.27
N THR EB 6 -110.82 -4.79 1.37
CA THR EB 6 -111.65 -4.24 0.30
C THR EB 6 -110.79 -3.40 -0.64
N LEU EB 7 -111.15 -3.40 -1.92
CA LEU EB 7 -110.48 -2.61 -2.94
C LEU EB 7 -111.54 -1.74 -3.61
N ASP EB 8 -111.42 -0.43 -3.45
CA ASP EB 8 -112.42 0.51 -3.92
C ASP EB 8 -111.96 1.10 -5.24
N CYS EB 9 -112.70 0.84 -6.29
CA CYS EB 9 -112.62 1.58 -7.55
C CYS EB 9 -114.05 2.02 -7.83
N THR EB 10 -114.37 3.27 -7.51
CA THR EB 10 -115.71 3.80 -7.69
C THR EB 10 -115.78 4.88 -8.75
N HIS EB 11 -114.83 5.82 -8.74
CA HIS EB 11 -114.76 6.82 -9.81
C HIS EB 11 -114.50 6.20 -11.18
N PRO EB 12 -113.48 5.35 -11.36
CA PRO EB 12 -113.22 4.84 -12.72
C PRO EB 12 -114.36 4.03 -13.31
N VAL EB 13 -115.07 3.24 -12.50
CA VAL EB 13 -116.18 2.47 -13.06
C VAL EB 13 -117.35 3.38 -13.40
N GLU EB 14 -117.71 4.30 -12.51
CA GLU EB 14 -118.81 5.22 -12.80
C GLU EB 14 -118.47 6.18 -13.92
N ASP EB 15 -117.19 6.53 -14.08
CA ASP EB 15 -116.78 7.37 -15.20
C ASP EB 15 -116.80 6.59 -16.51
N GLY EB 16 -116.32 5.35 -16.48
CA GLY EB 16 -116.29 4.52 -17.66
C GLY EB 16 -114.91 4.31 -18.27
N ILE EB 17 -113.88 4.18 -17.44
CA ILE EB 17 -112.52 4.03 -17.95
C ILE EB 17 -111.96 2.62 -17.77
N MET EB 18 -112.57 1.79 -16.93
CA MET EB 18 -112.16 0.41 -16.78
C MET EB 18 -113.39 -0.40 -16.36
N ASP EB 19 -113.18 -1.66 -16.02
CA ASP EB 19 -114.27 -2.54 -15.60
C ASP EB 19 -113.79 -3.40 -14.44
N ALA EB 20 -114.66 -3.55 -13.43
CA ALA EB 20 -114.32 -4.37 -12.28
C ALA EB 20 -114.65 -5.84 -12.49
N ALA EB 21 -115.39 -6.18 -13.54
CA ALA EB 21 -115.68 -7.59 -13.82
C ALA EB 21 -114.42 -8.31 -14.30
N ASN EB 22 -113.69 -7.73 -15.26
CA ASN EB 22 -112.42 -8.31 -15.65
C ASN EB 22 -111.39 -8.22 -14.54
N PHE EB 23 -111.57 -7.28 -13.61
CA PHE EB 23 -110.69 -7.21 -12.45
C PHE EB 23 -110.83 -8.48 -11.63
N GLU EB 24 -112.06 -8.97 -11.44
CA GLU EB 24 -112.25 -10.25 -10.76
C GLU EB 24 -111.43 -11.35 -11.41
N GLN EB 25 -111.59 -11.51 -12.73
CA GLN EB 25 -110.83 -12.52 -13.45
C GLN EB 25 -109.40 -12.07 -13.74
N PHE EB 26 -108.92 -11.04 -13.06
CA PHE EB 26 -107.51 -10.70 -13.05
C PHE EB 26 -106.84 -11.23 -11.79
N LEU EB 27 -107.39 -10.91 -10.60
CA LEU EB 27 -106.84 -11.45 -9.37
C LEU EB 27 -107.10 -12.95 -9.25
N GLN EB 28 -108.27 -13.41 -9.73
CA GLN EB 28 -108.70 -14.78 -9.42
C GLN EB 28 -107.71 -15.83 -9.92
N GLU EB 29 -106.85 -15.48 -10.88
CA GLU EB 29 -105.76 -16.35 -11.26
C GLU EB 29 -104.39 -15.77 -10.92
N ARG EB 30 -104.26 -14.44 -10.90
CA ARG EB 30 -103.00 -13.79 -10.57
C ARG EB 30 -102.93 -13.41 -9.09
N ILE EB 31 -103.18 -14.36 -8.20
CA ILE EB 31 -102.98 -14.18 -6.77
C ILE EB 31 -102.24 -15.39 -6.24
N LYS EB 32 -101.11 -15.14 -5.58
CA LYS EB 32 -100.23 -16.19 -5.11
C LYS EB 32 -100.51 -16.49 -3.65
N VAL EB 33 -100.90 -17.72 -3.36
CA VAL EB 33 -100.91 -18.27 -2.01
C VAL EB 33 -99.89 -19.39 -2.00
N ASN EB 34 -98.90 -19.27 -1.11
CA ASN EB 34 -97.74 -20.17 -1.10
C ASN EB 34 -97.03 -20.16 -2.46
N GLY EB 35 -96.96 -18.98 -3.07
CA GLY EB 35 -96.20 -18.79 -4.30
C GLY EB 35 -96.72 -19.54 -5.50
N LYS EB 36 -98.03 -19.64 -5.65
CA LYS EB 36 -98.63 -20.32 -6.80
C LYS EB 36 -99.89 -19.57 -7.23
N ALA EB 37 -100.02 -19.39 -8.53
CA ALA EB 37 -101.10 -18.62 -9.12
C ALA EB 37 -102.22 -19.56 -9.55
N GLY EB 38 -103.46 -19.07 -9.50
CA GLY EB 38 -104.61 -19.84 -9.92
C GLY EB 38 -105.25 -20.59 -8.77
N ASN EB 39 -106.58 -20.73 -8.88
CA ASN EB 39 -107.48 -21.44 -7.98
C ASN EB 39 -107.43 -20.92 -6.54
N LEU EB 40 -106.62 -19.92 -6.24
CA LEU EB 40 -106.70 -19.18 -4.98
C LEU EB 40 -106.38 -20.08 -3.78
N GLY EB 41 -105.50 -21.05 -4.01
CA GLY EB 41 -105.23 -22.10 -3.04
C GLY EB 41 -106.34 -23.11 -2.87
N GLY EB 42 -107.54 -22.81 -3.36
CA GLY EB 42 -108.70 -23.66 -3.22
C GLY EB 42 -109.58 -23.15 -2.09
N GLY EB 43 -110.60 -22.37 -2.44
CA GLY EB 43 -111.51 -21.77 -1.48
C GLY EB 43 -110.88 -21.16 -0.25
N VAL EB 44 -109.65 -20.66 -0.37
CA VAL EB 44 -108.91 -20.14 0.77
C VAL EB 44 -109.09 -18.64 0.90
N VAL EB 45 -108.95 -17.91 -0.20
CA VAL EB 45 -109.23 -16.48 -0.31
C VAL EB 45 -110.35 -16.30 -1.32
N THR EB 46 -111.25 -15.37 -1.04
CA THR EB 46 -112.44 -15.18 -1.86
C THR EB 46 -112.51 -13.75 -2.36
N ILE EB 47 -112.66 -13.59 -3.68
CA ILE EB 47 -112.95 -12.30 -4.29
C ILE EB 47 -114.41 -12.24 -4.70
N GLU EB 48 -115.15 -11.34 -4.06
CA GLU EB 48 -116.53 -11.05 -4.38
C GLU EB 48 -116.68 -9.54 -4.52
N ARG EB 49 -117.47 -9.12 -5.50
CA ARG EB 49 -117.69 -7.70 -5.77
C ARG EB 49 -119.14 -7.34 -5.52
N SER EB 50 -119.36 -6.26 -4.78
CA SER EB 50 -120.70 -5.68 -4.64
C SER EB 50 -120.95 -4.61 -5.70
N LYS EB 51 -120.63 -4.97 -6.94
CA LYS EB 51 -120.92 -4.22 -8.16
C LYS EB 51 -120.10 -2.93 -8.26
N SER EB 52 -119.43 -2.54 -7.18
CA SER EB 52 -118.43 -1.48 -7.25
C SER EB 52 -117.23 -1.73 -6.35
N LYS EB 53 -117.21 -2.81 -5.57
CA LYS EB 53 -116.32 -2.97 -4.43
C LYS EB 53 -115.73 -4.37 -4.47
N ILE EB 54 -114.41 -4.48 -4.57
CA ILE EB 54 -113.75 -5.79 -4.56
C ILE EB 54 -113.32 -6.12 -3.14
N THR EB 55 -113.68 -7.31 -2.67
CA THR EB 55 -113.34 -7.77 -1.34
C THR EB 55 -112.52 -9.05 -1.44
N VAL EB 56 -111.46 -9.13 -0.65
CA VAL EB 56 -110.44 -10.16 -0.81
C VAL EB 56 -110.33 -10.93 0.51
N THR EB 57 -111.47 -11.13 1.17
CA THR EB 57 -111.53 -11.88 2.43
C THR EB 57 -110.68 -13.15 2.37
N SER EB 58 -109.88 -13.37 3.43
CA SER EB 58 -108.95 -14.49 3.46
C SER EB 58 -108.83 -15.02 4.88
N GLU EB 59 -108.40 -16.28 5.00
CA GLU EB 59 -108.07 -16.88 6.28
C GLU EB 59 -106.58 -17.16 6.44
N VAL EB 60 -105.76 -16.74 5.48
CA VAL EB 60 -104.33 -17.04 5.47
C VAL EB 60 -103.57 -15.72 5.61
N PRO EB 61 -102.27 -15.73 6.00
CA PRO EB 61 -101.62 -14.46 6.40
C PRO EB 61 -101.35 -13.51 5.24
N PHE EB 62 -102.08 -13.72 4.14
CA PHE EB 62 -102.14 -12.79 3.00
C PHE EB 62 -102.11 -11.34 3.45
N SER EB 63 -101.31 -10.54 2.77
CA SER EB 63 -101.02 -9.16 3.15
C SER EB 63 -101.81 -8.16 2.29
N LYS EB 64 -101.90 -6.93 2.79
CA LYS EB 64 -102.64 -5.87 2.11
C LYS EB 64 -101.80 -5.17 1.05
N ARG EB 65 -100.49 -5.00 1.28
CA ARG EB 65 -99.64 -4.40 0.27
C ARG EB 65 -99.53 -5.28 -0.97
N TYR EB 66 -99.99 -6.53 -0.89
CA TYR EB 66 -100.11 -7.35 -2.09
C TYR EB 66 -101.07 -6.71 -3.09
N LEU EB 67 -102.23 -6.24 -2.62
CA LEU EB 67 -103.18 -5.62 -3.53
C LEU EB 67 -102.58 -4.36 -4.17
N LYS EB 68 -101.88 -3.55 -3.38
CA LYS EB 68 -101.05 -2.48 -3.89
C LYS EB 68 -100.24 -2.93 -5.10
N TYR EB 69 -99.51 -4.03 -4.91
CA TYR EB 69 -98.64 -4.54 -5.97
C TYR EB 69 -99.43 -4.97 -7.19
N LEU EB 70 -100.52 -5.73 -6.98
CA LEU EB 70 -101.28 -6.24 -8.11
C LEU EB 70 -102.12 -5.15 -8.76
N THR EB 71 -102.71 -4.25 -7.97
CA THR EB 71 -103.47 -3.15 -8.55
C THR EB 71 -102.58 -2.25 -9.39
N LYS EB 72 -101.38 -1.92 -8.88
CA LYS EB 72 -100.43 -1.18 -9.68
C LYS EB 72 -100.10 -1.91 -10.97
N LYS EB 73 -99.96 -3.23 -10.90
CA LYS EB 73 -99.71 -4.03 -12.09
C LYS EB 73 -100.89 -3.95 -13.05
N TYR EB 74 -102.12 -4.00 -12.54
CA TYR EB 74 -103.30 -3.94 -13.40
C TYR EB 74 -103.38 -2.61 -14.13
N LEU EB 75 -103.16 -1.50 -13.41
CA LEU EB 75 -103.23 -0.19 -14.04
C LEU EB 75 -102.19 -0.05 -15.14
N LYS EB 76 -100.98 -0.56 -14.91
CA LYS EB 76 -99.94 -0.48 -15.94
C LYS EB 76 -100.28 -1.35 -17.14
N LYS EB 77 -100.89 -2.52 -16.90
CA LYS EB 77 -101.18 -3.45 -17.98
C LYS EB 77 -102.15 -2.85 -18.99
N ASN EB 78 -103.23 -2.24 -18.51
CA ASN EB 78 -104.17 -1.54 -19.38
C ASN EB 78 -103.90 -0.05 -19.47
N ASN EB 79 -102.73 0.39 -18.97
CA ASN EB 79 -102.21 1.73 -19.23
C ASN EB 79 -103.11 2.82 -18.63
N LEU EB 80 -103.41 2.67 -17.34
CA LEU EB 80 -104.19 3.67 -16.63
C LEU EB 80 -103.40 4.38 -15.53
N ARG EB 81 -102.21 3.91 -15.18
CA ARG EB 81 -101.53 4.55 -14.06
C ARG EB 81 -100.81 5.82 -14.53
N ASP EB 82 -101.56 6.64 -15.26
CA ASP EB 82 -101.18 8.00 -15.60
C ASP EB 82 -102.10 9.01 -14.92
N TRP EB 83 -103.41 8.77 -14.97
CA TRP EB 83 -104.36 9.57 -14.20
C TRP EB 83 -104.74 8.91 -12.88
N LEU EB 84 -104.53 7.60 -12.76
CA LEU EB 84 -105.08 6.80 -11.67
C LEU EB 84 -103.98 6.50 -10.65
N ARG EB 85 -104.31 6.69 -9.37
CA ARG EB 85 -103.37 6.49 -8.28
C ARG EB 85 -104.08 5.74 -7.17
N VAL EB 86 -103.41 4.76 -6.58
CA VAL EB 86 -104.02 3.86 -5.60
C VAL EB 86 -103.56 4.30 -4.21
N VAL EB 87 -104.50 4.76 -3.40
CA VAL EB 87 -104.22 5.42 -2.13
C VAL EB 87 -105.04 4.78 -1.02
N ALA EB 88 -104.39 4.42 0.07
CA ALA EB 88 -105.10 3.80 1.19
C ALA EB 88 -106.00 4.81 1.89
N ASN EB 89 -107.26 4.43 2.08
CA ASN EB 89 -108.22 5.29 2.74
C ASN EB 89 -108.37 4.99 4.23
N SER EB 90 -108.21 3.74 4.64
CA SER EB 90 -108.29 3.35 6.04
C SER EB 90 -107.62 1.99 6.19
N LYS EB 91 -107.59 1.49 7.43
CA LYS EB 91 -107.08 0.14 7.68
C LYS EB 91 -107.89 -0.87 6.90
N GLU EB 92 -107.23 -1.93 6.43
CA GLU EB 92 -107.82 -3.09 5.75
C GLU EB 92 -108.75 -2.71 4.61
N SER EB 93 -108.71 -1.45 4.18
CA SER EB 93 -109.55 -0.96 3.11
C SER EB 93 -108.69 -0.22 2.11
N TYR EB 94 -109.10 -0.23 0.85
CA TYR EB 94 -108.25 0.37 -0.16
C TYR EB 94 -109.10 1.02 -1.23
N GLU EB 95 -108.76 2.25 -1.59
CA GLU EB 95 -109.51 3.00 -2.60
C GLU EB 95 -108.55 3.51 -3.66
N LEU EB 96 -109.09 3.70 -4.86
CA LEU EB 96 -108.31 4.02 -6.04
C LEU EB 96 -108.84 5.32 -6.64
N ARG EB 97 -108.15 6.43 -6.35
CA ARG EB 97 -108.61 7.75 -6.72
C ARG EB 97 -107.82 8.29 -7.90
N TYR EB 98 -108.15 9.52 -8.29
CA TYR EB 98 -107.55 10.18 -9.44
C TYR EB 98 -106.30 10.96 -9.03
N PHE EB 99 -105.62 11.51 -10.02
CA PHE EB 99 -104.52 12.43 -9.77
C PHE EB 99 -105.09 13.83 -9.54
N GLN EB 100 -104.23 14.84 -9.53
CA GLN EB 100 -104.70 16.22 -9.43
C GLN EB 100 -105.27 16.65 -10.77
N ILE EB 101 -106.46 17.24 -10.74
CA ILE EB 101 -107.13 17.67 -11.97
C ILE EB 101 -106.43 18.89 -12.56
N SER FB 1 -25.65 -22.48 -61.77
CA SER FB 1 -25.72 -22.82 -60.36
C SER FB 1 -26.98 -22.26 -59.71
N GLY FB 2 -26.91 -21.01 -59.27
CA GLY FB 2 -28.02 -20.38 -58.58
C GLY FB 2 -27.71 -20.14 -57.11
N ALA FB 3 -27.52 -18.88 -56.74
CA ALA FB 3 -27.17 -18.53 -55.38
C ALA FB 3 -28.42 -18.42 -54.52
N LYS FB 4 -28.22 -18.46 -53.20
CA LYS FB 4 -29.34 -18.29 -52.28
C LYS FB 4 -29.91 -16.88 -52.40
N PHE FB 5 -31.23 -16.81 -52.33
CA PHE FB 5 -31.94 -15.54 -52.34
C PHE FB 5 -31.86 -14.88 -50.97
N ARG FB 6 -32.40 -13.66 -50.88
CA ARG FB 6 -32.44 -12.96 -49.61
C ARG FB 6 -33.61 -13.44 -48.77
N ILE FB 7 -33.35 -13.73 -47.51
CA ILE FB 7 -34.35 -14.18 -46.56
C ILE FB 7 -34.27 -13.30 -45.32
N SER FB 8 -35.37 -13.24 -44.58
CA SER FB 8 -35.41 -12.46 -43.35
C SER FB 8 -34.43 -13.05 -42.35
N LEU FB 9 -33.63 -12.18 -41.72
CA LEU FB 9 -32.51 -12.66 -40.92
C LEU FB 9 -32.96 -13.07 -39.52
N GLY FB 10 -33.42 -12.10 -38.73
CA GLY FB 10 -34.03 -12.39 -37.44
C GLY FB 10 -33.19 -13.20 -36.47
N LEU FB 11 -31.87 -13.09 -36.56
CA LEU FB 11 -31.01 -13.80 -35.63
C LEU FB 11 -29.73 -13.01 -35.42
N PRO FB 12 -29.74 -11.98 -34.57
CA PRO FB 12 -28.54 -11.15 -34.38
C PRO FB 12 -27.41 -11.89 -33.69
N VAL FB 13 -26.32 -11.18 -33.39
CA VAL FB 13 -25.14 -11.82 -32.84
C VAL FB 13 -25.47 -12.51 -31.52
N GLY FB 14 -26.09 -11.79 -30.59
CA GLY FB 14 -26.27 -12.31 -29.25
C GLY FB 14 -27.19 -13.51 -29.11
N ALA FB 15 -27.68 -14.04 -30.22
CA ALA FB 15 -28.66 -15.11 -30.18
C ALA FB 15 -28.03 -16.42 -29.73
N VAL FB 16 -28.80 -17.21 -28.99
CA VAL FB 16 -28.40 -18.54 -28.57
C VAL FB 16 -29.40 -19.53 -29.16
N ILE FB 17 -28.94 -20.34 -30.10
CA ILE FB 17 -29.77 -21.33 -30.74
C ILE FB 17 -29.36 -22.72 -30.22
N ASN FB 18 -30.29 -23.66 -30.26
CA ASN FB 18 -30.00 -25.01 -29.79
C ASN FB 18 -29.33 -25.80 -30.90
N CYS FB 19 -28.41 -26.67 -30.50
CA CYS FB 19 -27.60 -27.44 -31.43
C CYS FB 19 -28.32 -28.76 -31.73
N ALA FB 20 -28.63 -28.98 -33.01
CA ALA FB 20 -29.47 -30.09 -33.44
C ALA FB 20 -28.65 -31.24 -34.01
N ASP FB 21 -27.43 -31.41 -33.51
CA ASP FB 21 -26.56 -32.51 -33.95
C ASP FB 21 -26.24 -33.39 -32.75
N ASN FB 22 -25.32 -34.33 -32.96
CA ASN FB 22 -24.96 -35.32 -31.95
C ASN FB 22 -23.53 -35.15 -31.47
N THR FB 23 -22.95 -33.96 -31.67
CA THR FB 23 -21.60 -33.67 -31.21
C THR FB 23 -21.50 -33.52 -29.70
N GLY FB 24 -22.63 -33.49 -29.00
CA GLY FB 24 -22.64 -33.30 -27.56
C GLY FB 24 -22.94 -31.89 -27.11
N ALA FB 25 -22.74 -30.91 -27.99
CA ALA FB 25 -23.17 -29.55 -27.69
C ALA FB 25 -24.69 -29.47 -27.66
N LYS FB 26 -25.21 -28.58 -26.84
CA LYS FB 26 -26.65 -28.37 -26.73
C LYS FB 26 -27.08 -26.94 -27.03
N ASN FB 27 -26.20 -25.97 -26.83
CA ASN FB 27 -26.45 -24.58 -27.15
C ASN FB 27 -25.46 -24.10 -28.21
N LEU FB 28 -25.78 -22.96 -28.81
CA LEU FB 28 -24.92 -22.35 -29.82
C LEU FB 28 -25.07 -20.85 -29.70
N TYR FB 29 -24.15 -20.21 -29.00
CA TYR FB 29 -24.17 -18.76 -28.79
C TYR FB 29 -23.46 -18.11 -29.97
N ILE FB 30 -24.24 -17.52 -30.89
CA ILE FB 30 -23.65 -16.88 -32.06
C ILE FB 30 -22.78 -15.72 -31.59
N ILE FB 31 -21.62 -15.58 -32.22
CA ILE FB 31 -20.74 -14.45 -31.94
C ILE FB 31 -20.47 -13.59 -33.17
N SER FB 32 -20.76 -14.08 -34.38
CA SER FB 32 -20.62 -13.31 -35.61
C SER FB 32 -21.20 -14.13 -36.75
N VAL FB 33 -21.33 -13.49 -37.91
CA VAL FB 33 -21.88 -14.09 -39.11
C VAL FB 33 -20.89 -13.91 -40.25
N LYS FB 34 -20.60 -15.00 -40.95
CA LYS FB 34 -19.63 -14.94 -42.04
C LYS FB 34 -20.19 -14.16 -43.22
N GLY FB 35 -19.34 -13.33 -43.83
CA GLY FB 35 -19.72 -12.56 -45.00
C GLY FB 35 -20.43 -11.26 -44.71
N ILE FB 36 -20.44 -10.80 -43.46
CA ILE FB 36 -21.15 -9.59 -43.08
C ILE FB 36 -20.15 -8.44 -43.06
N LYS FB 37 -20.29 -7.52 -44.02
CA LYS FB 37 -19.44 -6.32 -44.02
C LYS FB 37 -19.80 -5.40 -42.87
N GLY FB 38 -21.09 -5.14 -42.69
CA GLY FB 38 -21.58 -4.44 -41.53
C GLY FB 38 -21.88 -2.98 -41.80
N ARG FB 39 -22.47 -2.35 -40.78
CA ARG FB 39 -22.81 -0.94 -40.80
C ARG FB 39 -22.67 -0.42 -39.37
N LEU FB 40 -22.56 0.89 -39.22
CA LEU FB 40 -22.44 1.47 -37.89
C LEU FB 40 -23.67 1.12 -37.06
N ASN FB 41 -23.44 0.56 -35.88
CA ASN FB 41 -24.43 0.19 -34.88
C ASN FB 41 -25.25 -1.03 -35.25
N ARG FB 42 -25.13 -1.57 -36.46
CA ARG FB 42 -26.00 -2.65 -36.91
C ARG FB 42 -25.41 -3.99 -36.51
N LEU FB 43 -26.20 -4.78 -35.77
CA LEU FB 43 -25.77 -6.10 -35.34
C LEU FB 43 -25.72 -7.04 -36.54
N PRO FB 44 -24.64 -7.80 -36.71
CA PRO FB 44 -24.65 -8.86 -37.72
C PRO FB 44 -25.73 -9.88 -37.42
N ALA FB 45 -26.45 -10.30 -38.46
CA ALA FB 45 -27.59 -11.18 -38.30
C ALA FB 45 -27.50 -12.31 -39.31
N ALA FB 46 -28.12 -13.44 -38.95
CA ALA FB 46 -28.04 -14.64 -39.74
C ALA FB 46 -29.42 -15.23 -39.99
N GLY FB 47 -29.55 -15.95 -41.09
CA GLY FB 47 -30.75 -16.71 -41.39
C GLY FB 47 -30.41 -18.17 -41.63
N VAL FB 48 -31.42 -18.92 -42.05
CA VAL FB 48 -31.21 -20.33 -42.34
C VAL FB 48 -30.27 -20.46 -43.54
N GLY FB 49 -29.29 -21.35 -43.43
CA GLY FB 49 -28.30 -21.52 -44.47
C GLY FB 49 -27.08 -20.66 -44.34
N ASP FB 50 -27.03 -19.76 -43.35
CA ASP FB 50 -25.88 -18.89 -43.15
C ASP FB 50 -24.89 -19.53 -42.20
N MET FB 51 -23.61 -19.45 -42.55
CA MET FB 51 -22.53 -19.99 -41.73
C MET FB 51 -22.13 -18.95 -40.69
N VAL FB 52 -22.21 -19.34 -39.42
CA VAL FB 52 -21.93 -18.42 -38.32
C VAL FB 52 -20.77 -18.94 -37.51
N MET FB 53 -20.16 -18.08 -36.69
CA MET FB 53 -19.15 -18.48 -35.74
C MET FB 53 -19.78 -18.43 -34.35
N ALA FB 54 -19.67 -19.53 -33.61
CA ALA FB 54 -20.42 -19.65 -32.38
C ALA FB 54 -19.61 -20.40 -31.33
N THR FB 55 -20.02 -20.22 -30.07
CA THR FB 55 -19.47 -20.96 -28.95
C THR FB 55 -20.62 -21.63 -28.22
N VAL FB 56 -20.46 -22.91 -27.91
CA VAL FB 56 -21.48 -23.62 -27.15
C VAL FB 56 -21.42 -23.12 -25.71
N LYS FB 57 -22.59 -22.84 -25.13
CA LYS FB 57 -22.62 -22.29 -23.78
C LYS FB 57 -22.73 -23.40 -22.73
N LYS FB 58 -23.56 -24.41 -23.00
CA LYS FB 58 -23.63 -25.59 -22.16
C LYS FB 58 -23.68 -26.83 -23.05
N GLY FB 59 -22.94 -27.85 -22.63
CA GLY FB 59 -22.70 -29.02 -23.44
C GLY FB 59 -21.46 -29.72 -22.95
N LYS FB 60 -20.95 -30.65 -23.77
CA LYS FB 60 -19.76 -31.40 -23.37
C LYS FB 60 -18.60 -30.44 -23.14
N PRO FB 61 -17.88 -30.59 -22.01
CA PRO FB 61 -16.90 -29.56 -21.63
C PRO FB 61 -15.76 -29.39 -22.60
N GLU FB 62 -15.53 -30.36 -23.48
CA GLU FB 62 -14.44 -30.23 -24.44
C GLU FB 62 -14.80 -29.38 -25.66
N LEU FB 63 -16.05 -28.91 -25.77
CA LEU FB 63 -16.42 -27.98 -26.83
C LEU FB 63 -16.76 -26.58 -26.31
N ARG FB 64 -16.67 -26.34 -25.01
CA ARG FB 64 -17.39 -25.19 -24.44
C ARG FB 64 -16.65 -23.88 -24.68
N LYS FB 65 -15.43 -23.76 -24.18
CA LYS FB 65 -14.72 -22.48 -24.21
C LYS FB 65 -13.90 -22.35 -25.49
N LYS FB 66 -14.54 -22.67 -26.62
CA LYS FB 66 -13.91 -22.64 -27.93
C LYS FB 66 -14.90 -22.03 -28.92
N VAL FB 67 -14.37 -21.51 -30.02
CA VAL FB 67 -15.17 -20.93 -31.09
C VAL FB 67 -15.27 -21.97 -32.20
N HIS FB 68 -16.51 -22.26 -32.62
CA HIS FB 68 -16.70 -23.19 -33.72
C HIS FB 68 -17.41 -22.51 -34.88
N PRO FB 69 -17.17 -22.95 -36.10
CA PRO FB 69 -18.07 -22.59 -37.21
C PRO FB 69 -19.37 -23.38 -37.09
N ALA FB 70 -20.46 -22.74 -37.48
CA ALA FB 70 -21.78 -23.35 -37.41
C ALA FB 70 -22.65 -22.82 -38.52
N VAL FB 71 -23.68 -23.60 -38.87
CA VAL FB 71 -24.62 -23.25 -39.93
C VAL FB 71 -26.02 -23.28 -39.35
N VAL FB 72 -26.78 -22.22 -39.57
CA VAL FB 72 -28.15 -22.15 -39.07
C VAL FB 72 -29.06 -22.94 -39.99
N ILE FB 73 -29.70 -23.97 -39.43
CA ILE FB 73 -30.57 -24.85 -40.22
C ILE FB 73 -32.04 -24.59 -39.96
N ARG FB 74 -32.39 -23.85 -38.91
CA ARG FB 74 -33.78 -23.65 -38.53
C ARG FB 74 -33.91 -22.31 -37.84
N GLN FB 75 -35.03 -21.63 -38.07
CA GLN FB 75 -35.25 -20.30 -37.52
C GLN FB 75 -36.73 -20.08 -37.25
N ARG FB 76 -37.01 -19.23 -36.26
CA ARG FB 76 -38.39 -18.89 -35.92
C ARG FB 76 -38.93 -17.73 -36.73
N LYS FB 77 -38.07 -16.89 -37.28
CA LYS FB 77 -38.53 -15.76 -38.06
C LYS FB 77 -39.06 -16.24 -39.41
N SER FB 78 -40.32 -15.96 -39.69
CA SER FB 78 -40.90 -16.35 -40.96
C SER FB 78 -40.28 -15.55 -42.10
N TYR FB 79 -39.91 -16.25 -43.16
CA TYR FB 79 -39.26 -15.64 -44.32
C TYR FB 79 -39.96 -16.06 -45.59
N ARG FB 80 -40.06 -15.13 -46.53
CA ARG FB 80 -40.69 -15.41 -47.82
C ARG FB 80 -39.80 -16.33 -48.64
N ARG FB 81 -40.43 -17.26 -49.35
CA ARG FB 81 -39.71 -18.34 -50.02
C ARG FB 81 -39.68 -18.20 -51.54
N LYS FB 82 -39.90 -16.99 -52.05
CA LYS FB 82 -39.79 -16.66 -53.47
C LYS FB 82 -40.90 -17.32 -54.29
N ASP FB 83 -41.73 -18.15 -53.64
CA ASP FB 83 -42.98 -18.58 -54.24
C ASP FB 83 -44.16 -18.12 -53.41
N GLY FB 84 -43.97 -17.06 -52.62
CA GLY FB 84 -45.05 -16.44 -51.88
C GLY FB 84 -45.37 -17.03 -50.53
N VAL FB 85 -44.72 -18.11 -50.14
CA VAL FB 85 -45.02 -18.76 -48.87
C VAL FB 85 -44.05 -18.25 -47.81
N PHE FB 86 -44.60 -17.90 -46.65
CA PHE FB 86 -43.80 -17.52 -45.49
C PHE FB 86 -43.72 -18.73 -44.56
N LEU FB 87 -42.50 -19.21 -44.32
CA LEU FB 87 -42.29 -20.41 -43.54
C LEU FB 87 -41.43 -20.10 -42.32
N TYR FB 88 -41.77 -20.73 -41.19
CA TYR FB 88 -40.96 -20.63 -39.99
C TYR FB 88 -41.10 -21.93 -39.21
N PHE FB 89 -40.23 -22.12 -38.23
CA PHE FB 89 -40.08 -23.39 -37.55
C PHE FB 89 -40.44 -23.26 -36.07
N GLU FB 90 -40.43 -24.40 -35.37
CA GLU FB 90 -40.64 -24.39 -33.93
C GLU FB 90 -39.55 -23.63 -33.20
N ASP FB 91 -38.32 -23.67 -33.72
CA ASP FB 91 -37.17 -23.22 -32.96
C ASP FB 91 -36.05 -22.82 -33.91
N ASN FB 92 -35.07 -22.09 -33.36
CA ASN FB 92 -33.85 -21.76 -34.07
C ASN FB 92 -32.81 -22.82 -33.75
N ALA FB 93 -32.29 -23.49 -34.77
CA ALA FB 93 -31.34 -24.57 -34.55
C ALA FB 93 -30.19 -24.46 -35.55
N GLY FB 94 -29.02 -24.94 -35.13
CA GLY FB 94 -27.87 -24.99 -36.00
C GLY FB 94 -26.97 -26.15 -35.62
N VAL FB 95 -26.10 -26.52 -36.55
CA VAL FB 95 -25.17 -27.63 -36.36
C VAL FB 95 -23.75 -27.08 -36.41
N ILE FB 96 -22.84 -27.79 -35.76
CA ILE FB 96 -21.43 -27.41 -35.76
C ILE FB 96 -20.76 -28.06 -36.97
N VAL FB 97 -20.08 -27.24 -37.76
CA VAL FB 97 -19.39 -27.68 -38.97
C VAL FB 97 -17.96 -27.19 -38.92
N ASN FB 98 -17.15 -27.67 -39.86
CA ASN FB 98 -15.80 -27.15 -39.99
C ASN FB 98 -15.77 -26.04 -41.04
N ASN FB 99 -14.57 -25.57 -41.36
CA ASN FB 99 -14.45 -24.48 -42.32
C ASN FB 99 -14.91 -24.92 -43.71
N LYS FB 100 -14.63 -26.18 -44.08
CA LYS FB 100 -15.02 -26.69 -45.38
C LYS FB 100 -16.51 -26.96 -45.50
N GLY FB 101 -17.23 -27.00 -44.38
CA GLY FB 101 -18.67 -27.21 -44.39
C GLY FB 101 -19.11 -28.62 -44.07
N GLU FB 102 -18.19 -29.54 -43.81
CA GLU FB 102 -18.58 -30.87 -43.39
C GLU FB 102 -19.09 -30.85 -41.96
N MET FB 103 -20.13 -31.63 -41.71
CA MET FB 103 -20.76 -31.68 -40.40
C MET FB 103 -19.84 -32.34 -39.39
N LYS FB 104 -19.66 -31.69 -38.24
CA LYS FB 104 -18.88 -32.29 -37.17
C LYS FB 104 -19.56 -33.53 -36.60
N GLY FB 105 -20.87 -33.51 -36.50
CA GLY FB 105 -21.64 -34.66 -36.07
C GLY FB 105 -21.99 -35.58 -37.21
N SER FB 106 -22.86 -36.55 -36.92
CA SER FB 106 -23.27 -37.52 -37.90
C SER FB 106 -24.77 -37.56 -38.15
N ALA FB 107 -25.57 -36.85 -37.35
CA ALA FB 107 -27.02 -36.87 -37.52
C ALA FB 107 -27.59 -35.51 -37.16
N ILE FB 108 -28.78 -35.24 -37.68
CA ILE FB 108 -29.51 -34.01 -37.40
C ILE FB 108 -30.90 -34.39 -36.92
N THR FB 109 -31.35 -33.75 -35.84
CA THR FB 109 -32.70 -33.94 -35.32
C THR FB 109 -33.58 -32.81 -35.81
N GLY FB 110 -34.79 -33.15 -36.24
CA GLY FB 110 -35.72 -32.18 -36.76
C GLY FB 110 -35.47 -31.87 -38.21
N PRO FB 111 -36.29 -31.01 -38.80
CA PRO FB 111 -36.15 -30.71 -40.22
C PRO FB 111 -34.98 -29.77 -40.50
N VAL FB 112 -34.70 -29.60 -41.79
CA VAL FB 112 -33.70 -28.65 -42.26
C VAL FB 112 -34.35 -27.79 -43.35
N ALA FB 113 -34.12 -26.49 -43.26
CA ALA FB 113 -34.66 -25.58 -44.28
C ALA FB 113 -34.09 -25.92 -45.65
N LYS FB 114 -34.91 -25.75 -46.68
CA LYS FB 114 -34.48 -26.06 -48.04
C LYS FB 114 -33.30 -25.18 -48.45
N GLU FB 115 -33.25 -23.95 -47.95
CA GLU FB 115 -32.11 -23.08 -48.23
C GLU FB 115 -30.83 -23.64 -47.64
N CYS FB 116 -30.90 -24.18 -46.42
CA CYS FB 116 -29.72 -24.80 -45.81
C CYS FB 116 -29.31 -26.06 -46.56
N ALA FB 117 -30.28 -26.88 -46.96
CA ALA FB 117 -29.95 -28.16 -47.57
C ALA FB 117 -29.25 -27.98 -48.91
N ASP FB 118 -29.78 -27.11 -49.77
CA ASP FB 118 -29.24 -26.94 -51.11
C ASP FB 118 -27.97 -26.10 -51.15
N LEU FB 119 -27.66 -25.35 -50.09
CA LEU FB 119 -26.36 -24.69 -50.01
C LEU FB 119 -25.28 -25.61 -49.48
N TRP FB 120 -25.61 -26.44 -48.49
CA TRP FB 120 -24.63 -27.30 -47.83
C TRP FB 120 -25.02 -28.74 -48.07
N PRO FB 121 -24.47 -29.40 -49.09
CA PRO FB 121 -24.84 -30.80 -49.36
C PRO FB 121 -24.50 -31.74 -48.23
N ARG FB 122 -23.41 -31.49 -47.51
CA ARG FB 122 -23.03 -32.36 -46.40
C ARG FB 122 -24.07 -32.32 -45.30
N ILE FB 123 -24.62 -31.14 -45.01
CA ILE FB 123 -25.72 -31.03 -44.07
C ILE FB 123 -26.96 -31.74 -44.62
N ALA FB 124 -27.20 -31.61 -45.92
CA ALA FB 124 -28.40 -32.17 -46.52
C ALA FB 124 -28.42 -33.70 -46.42
N SER FB 125 -27.26 -34.34 -46.51
CA SER FB 125 -27.22 -35.80 -46.43
C SER FB 125 -27.64 -36.28 -45.04
N ASN FB 126 -27.25 -35.57 -43.99
CA ASN FB 126 -27.54 -35.94 -42.63
C ASN FB 126 -28.95 -35.54 -42.18
N ALA FB 127 -29.65 -34.73 -42.96
CA ALA FB 127 -30.94 -34.21 -42.54
C ALA FB 127 -31.99 -35.32 -42.51
N GLY FB 128 -32.74 -35.37 -41.41
CA GLY FB 128 -33.87 -36.29 -41.36
C GLY FB 128 -34.96 -35.95 -42.34
N SER FB 129 -35.29 -34.66 -42.45
CA SER FB 129 -36.29 -34.21 -43.40
C SER FB 129 -35.97 -32.77 -43.79
N ILE FB 130 -36.51 -32.36 -44.93
CA ILE FB 130 -36.33 -31.01 -45.46
C ILE FB 130 -37.68 -30.30 -45.43
N ALA FB 131 -37.70 -29.08 -44.90
CA ALA FB 131 -38.93 -28.30 -44.87
C ALA FB 131 -38.81 -27.08 -45.78
N LYS GB 1 -42.42 34.52 84.69
CA LYS GB 1 -43.58 34.23 85.54
C LYS GB 1 -44.53 35.43 85.58
N LYS GB 2 -45.74 35.24 85.04
CA LYS GB 2 -46.21 34.00 84.45
C LYS GB 2 -46.11 34.06 82.93
N LYS GB 3 -45.47 35.11 82.42
CA LYS GB 3 -45.28 35.24 80.98
C LYS GB 3 -44.23 34.22 80.52
N ILE GB 4 -44.63 33.34 79.60
CA ILE GB 4 -43.82 32.21 79.19
C ILE GB 4 -43.83 32.10 77.67
N ARG GB 5 -42.82 31.41 77.14
CA ARG GB 5 -42.67 31.21 75.70
C ARG GB 5 -42.76 29.72 75.42
N THR GB 6 -43.92 29.26 74.96
CA THR GB 6 -44.13 27.86 74.64
C THR GB 6 -43.96 27.55 73.15
N SER GB 7 -43.48 28.52 72.37
CA SER GB 7 -43.19 28.29 70.97
C SER GB 7 -41.77 28.77 70.67
N PRO GB 8 -40.99 28.00 69.91
CA PRO GB 8 -39.61 28.38 69.62
C PRO GB 8 -39.47 29.50 68.61
N THR GB 9 -40.57 30.05 68.11
CA THR GB 9 -40.56 31.11 67.12
C THR GB 9 -40.97 32.42 67.77
N PHE GB 10 -40.48 33.52 67.20
CA PHE GB 10 -40.88 34.86 67.61
C PHE GB 10 -41.75 35.45 66.50
N ARG GB 11 -42.98 35.81 66.86
CA ARG GB 11 -43.91 36.40 65.91
C ARG GB 11 -44.14 37.86 66.23
N ARG GB 12 -44.34 38.65 65.19
CA ARG GB 12 -44.52 40.09 65.34
C ARG GB 12 -45.76 40.36 66.18
N PRO GB 13 -45.64 41.08 67.30
CA PRO GB 13 -46.80 41.33 68.15
C PRO GB 13 -47.84 42.20 67.44
N LYS GB 14 -49.10 42.00 67.81
CA LYS GB 14 -50.19 42.71 67.17
C LYS GB 14 -50.39 44.05 67.85
N THR GB 15 -50.10 45.13 67.12
CA THR GB 15 -50.40 46.49 67.54
C THR GB 15 -51.68 46.94 66.85
N LEU GB 16 -52.33 47.97 67.38
CA LEU GB 16 -53.62 48.34 66.81
C LEU GB 16 -53.37 49.22 65.59
N ARG GB 17 -54.37 49.30 64.73
CA ARG GB 17 -54.31 50.13 63.54
C ARG GB 17 -55.47 51.12 63.59
N LEU GB 18 -55.18 52.37 63.92
CA LEU GB 18 -56.22 53.38 63.93
C LEU GB 18 -56.78 53.60 62.52
N ARG GB 19 -58.07 53.83 62.44
CA ARG GB 19 -58.68 54.19 61.17
C ARG GB 19 -58.23 55.59 60.76
N ARG GB 20 -58.31 55.86 59.47
CA ARG GB 20 -57.99 57.19 58.96
C ARG GB 20 -58.97 58.21 59.50
N GLN GB 21 -58.45 59.31 60.04
CA GLN GB 21 -59.27 60.43 60.50
C GLN GB 21 -58.70 61.70 59.89
N PRO GB 22 -58.87 61.89 58.58
CA PRO GB 22 -58.20 63.00 57.90
C PRO GB 22 -58.73 64.34 58.37
N LYS GB 23 -57.85 65.35 58.34
CA LYS GB 23 -58.23 66.71 58.66
C LYS GB 23 -59.06 67.36 57.57
N TYR GB 24 -58.95 66.88 56.32
CA TYR GB 24 -59.62 67.51 55.20
C TYR GB 24 -59.90 66.44 54.16
N PRO GB 25 -61.03 66.50 53.45
CA PRO GB 25 -61.24 65.56 52.35
C PRO GB 25 -60.26 65.82 51.22
N ARG GB 26 -59.84 64.73 50.56
CA ARG GB 26 -58.88 64.89 49.47
C ARG GB 26 -59.51 65.53 48.24
N LYS GB 27 -60.82 65.36 48.06
CA LYS GB 27 -61.57 66.05 47.03
C LYS GB 27 -62.75 66.75 47.69
N SER GB 28 -63.05 67.97 47.22
CA SER GB 28 -64.02 68.81 47.91
C SER GB 28 -65.42 68.20 47.89
N ALA GB 29 -65.85 67.69 46.75
CA ALA GB 29 -67.17 67.12 46.61
C ALA GB 29 -67.09 65.81 45.83
N PRO GB 30 -67.98 64.86 46.10
CA PRO GB 30 -68.01 63.62 45.30
C PRO GB 30 -68.68 63.88 43.97
N ARG GB 31 -67.98 63.55 42.88
CA ARG GB 31 -68.51 63.83 41.55
C ARG GB 31 -69.74 62.98 41.28
N ARG GB 32 -70.70 63.56 40.55
CA ARG GB 32 -71.97 62.90 40.32
C ARG GB 32 -71.80 61.68 39.43
N ASN GB 33 -72.69 60.72 39.60
CA ASN GB 33 -72.71 59.53 38.77
C ASN GB 33 -73.05 59.91 37.34
N LYS GB 34 -72.07 59.81 36.44
CA LYS GB 34 -72.31 60.14 35.04
C LYS GB 34 -73.08 59.05 34.33
N LEU GB 35 -73.12 57.84 34.88
CA LEU GB 35 -73.87 56.73 34.30
C LEU GB 35 -75.22 56.60 35.00
N ASP GB 36 -76.08 57.58 34.74
CA ASP GB 36 -77.39 57.61 35.36
C ASP GB 36 -78.42 56.97 34.43
N HIS GB 37 -79.70 57.10 34.77
CA HIS GB 37 -80.74 56.40 34.03
C HIS GB 37 -80.80 56.86 32.58
N TYR GB 38 -80.72 58.16 32.33
CA TYR GB 38 -80.78 58.63 30.96
C TYR GB 38 -79.49 58.32 30.21
N ALA GB 39 -78.39 58.13 30.94
CA ALA GB 39 -77.15 57.75 30.29
C ALA GB 39 -77.14 56.27 29.94
N ILE GB 40 -77.79 55.43 30.75
CA ILE GB 40 -77.77 54.00 30.50
C ILE GB 40 -78.53 53.65 29.22
N ILE GB 41 -79.76 54.13 29.10
CA ILE GB 41 -80.60 53.84 27.95
C ILE GB 41 -80.34 54.95 26.93
N LYS GB 42 -79.65 54.62 25.84
CA LYS GB 42 -79.34 55.61 24.82
C LYS GB 42 -80.52 55.85 23.89
N PHE GB 43 -80.90 54.81 23.14
CA PHE GB 43 -82.03 54.91 22.22
C PHE GB 43 -82.51 53.50 21.92
N PRO GB 44 -83.77 53.34 21.54
CA PRO GB 44 -84.27 52.01 21.16
C PRO GB 44 -83.83 51.62 19.76
N LEU GB 45 -83.90 50.32 19.50
CA LEU GB 45 -83.64 49.76 18.18
C LEU GB 45 -84.95 49.42 17.50
N THR GB 46 -85.11 49.90 16.26
CA THR GB 46 -86.35 49.78 15.51
C THR GB 46 -86.09 49.16 14.14
N THR GB 47 -85.33 48.07 14.12
CA THR GB 47 -85.08 47.35 12.88
C THR GB 47 -86.16 46.29 12.71
N GLU GB 48 -86.08 45.51 11.62
CA GLU GB 48 -87.10 44.50 11.36
C GLU GB 48 -87.10 43.43 12.44
N SER GB 49 -85.92 43.00 12.88
CA SER GB 49 -85.85 41.98 13.92
C SER GB 49 -86.26 42.53 15.28
N ALA GB 50 -85.92 43.79 15.57
CA ALA GB 50 -86.30 44.38 16.86
C ALA GB 50 -87.81 44.57 16.94
N MET GB 51 -88.45 44.90 15.81
CA MET GB 51 -89.91 44.97 15.78
C MET GB 51 -90.52 43.59 15.96
N LYS GB 52 -89.87 42.56 15.42
CA LYS GB 52 -90.34 41.19 15.59
C LYS GB 52 -90.36 40.79 17.05
N LYS GB 53 -89.32 41.17 17.80
CA LYS GB 53 -89.26 40.83 19.22
C LYS GB 53 -90.31 41.58 20.02
N ILE GB 54 -90.73 42.75 19.53
CA ILE GB 54 -91.74 43.53 20.24
C ILE GB 54 -93.10 42.82 20.20
N GLU GB 55 -93.42 42.19 19.07
CA GLU GB 55 -94.71 41.52 18.93
C GLU GB 55 -94.71 40.10 19.48
N ASP GB 56 -93.67 39.32 19.23
CA ASP GB 56 -93.70 37.88 19.53
C ASP GB 56 -93.31 37.61 20.98
N ASN GB 57 -92.08 37.97 21.35
CA ASN GB 57 -91.53 37.63 22.64
C ASN GB 57 -91.84 38.65 23.73
N ASN GB 58 -92.51 39.76 23.39
CA ASN GB 58 -92.92 40.78 24.36
C ASN GB 58 -91.69 41.40 25.02
N THR GB 59 -90.68 41.69 24.21
CA THR GB 59 -89.42 42.26 24.69
C THR GB 59 -89.11 43.55 23.96
N LEU GB 60 -88.58 44.53 24.69
CA LEU GB 60 -88.04 45.74 24.11
C LEU GB 60 -86.55 45.60 23.85
N VAL GB 61 -86.09 46.21 22.76
CA VAL GB 61 -84.69 46.17 22.37
C VAL GB 61 -84.15 47.59 22.41
N PHE GB 62 -83.13 47.82 23.21
CA PHE GB 62 -82.51 49.13 23.36
C PHE GB 62 -81.02 49.05 23.09
N ILE GB 63 -80.43 50.21 22.81
CA ILE GB 63 -78.98 50.36 22.76
C ILE GB 63 -78.54 51.06 24.02
N VAL GB 64 -77.62 50.43 24.76
CA VAL GB 64 -77.21 50.92 26.06
C VAL GB 64 -75.69 51.08 26.08
N ASP GB 65 -75.21 51.75 27.12
CA ASP GB 65 -73.76 51.91 27.29
C ASP GB 65 -73.11 50.58 27.61
N VAL GB 66 -71.88 50.41 27.11
CA VAL GB 66 -71.14 49.18 27.34
C VAL GB 66 -70.75 49.02 28.81
N LYS GB 67 -70.78 50.09 29.58
CA LYS GB 67 -70.41 50.04 30.99
C LYS GB 67 -71.57 49.71 31.91
N ALA GB 68 -72.76 49.48 31.38
CA ALA GB 68 -73.94 49.21 32.19
C ALA GB 68 -74.23 47.71 32.15
N ASN GB 69 -74.34 47.11 33.34
CA ASN GB 69 -74.66 45.70 33.44
C ASN GB 69 -76.18 45.50 33.48
N LYS GB 70 -76.58 44.23 33.44
CA LYS GB 70 -78.00 43.90 33.33
C LYS GB 70 -78.81 44.44 34.51
N HIS GB 71 -78.19 44.58 35.67
CA HIS GB 71 -78.91 45.10 36.83
C HIS GB 71 -79.23 46.57 36.64
N GLN GB 72 -78.25 47.37 36.23
CA GLN GB 72 -78.50 48.79 35.98
C GLN GB 72 -79.41 48.98 34.77
N ILE GB 73 -79.32 48.10 33.77
CA ILE GB 73 -80.23 48.16 32.63
C ILE GB 73 -81.66 47.94 33.09
N LYS GB 74 -81.87 46.92 33.93
CA LYS GB 74 -83.21 46.63 34.43
C LYS GB 74 -83.73 47.77 35.29
N GLN GB 75 -82.87 48.33 36.15
CA GLN GB 75 -83.29 49.46 36.99
C GLN GB 75 -83.60 50.68 36.15
N ALA GB 76 -82.78 50.96 35.13
CA ALA GB 76 -83.00 52.14 34.30
C ALA GB 76 -84.29 52.02 33.50
N VAL GB 77 -84.50 50.86 32.85
CA VAL GB 77 -85.71 50.66 32.08
C VAL GB 77 -86.94 50.71 32.98
N LYS GB 78 -86.85 50.12 34.17
CA LYS GB 78 -87.99 50.08 35.08
C LYS GB 78 -88.35 51.46 35.60
N LYS GB 79 -87.35 52.31 35.85
CA LYS GB 79 -87.62 53.60 36.49
C LYS GB 79 -87.98 54.67 35.47
N LEU GB 80 -87.29 54.70 34.33
CA LEU GB 80 -87.50 55.77 33.37
C LEU GB 80 -88.59 55.46 32.36
N TYR GB 81 -89.18 54.27 32.41
CA TYR GB 81 -90.33 53.93 31.59
C TYR GB 81 -91.53 53.44 32.39
N ASP GB 82 -91.40 53.33 33.72
CA ASP GB 82 -92.51 52.94 34.60
C ASP GB 82 -93.12 51.60 34.20
N ILE GB 83 -92.26 50.61 33.97
CA ILE GB 83 -92.68 49.26 33.61
C ILE GB 83 -91.88 48.27 34.47
N ASP GB 84 -92.38 47.04 34.52
CA ASP GB 84 -91.74 45.96 35.24
C ASP GB 84 -91.20 44.95 34.23
N VAL GB 85 -89.92 44.61 34.36
CA VAL GB 85 -89.25 43.76 33.38
C VAL GB 85 -89.01 42.38 34.00
N ALA GB 86 -88.95 41.37 33.14
CA ALA GB 86 -88.78 40.00 33.60
C ALA GB 86 -87.31 39.59 33.58
N LYS GB 87 -86.63 39.78 32.45
CA LYS GB 87 -85.22 39.50 32.37
C LYS GB 87 -84.61 40.34 31.26
N VAL GB 88 -83.29 40.48 31.31
CA VAL GB 88 -82.53 41.25 30.33
C VAL GB 88 -81.50 40.35 29.69
N ASN GB 89 -81.51 40.28 28.37
CA ASN GB 89 -80.52 39.53 27.59
C ASN GB 89 -79.66 40.56 26.89
N THR GB 90 -78.36 40.53 27.14
CA THR GB 90 -77.46 41.56 26.67
C THR GB 90 -76.42 40.99 25.72
N LEU GB 91 -75.97 41.82 24.80
CA LEU GB 91 -74.90 41.48 23.87
C LEU GB 91 -74.27 42.78 23.38
N ILE GB 92 -73.01 42.68 22.97
CA ILE GB 92 -72.27 43.82 22.44
C ILE GB 92 -72.16 43.64 20.93
N ARG GB 93 -72.63 44.64 20.18
CA ARG GB 93 -72.66 44.55 18.75
C ARG GB 93 -71.24 44.59 18.18
N PRO GB 94 -71.06 44.13 16.94
CA PRO GB 94 -69.75 44.30 16.28
C PRO GB 94 -69.36 45.75 16.13
N ASP GB 95 -70.34 46.67 16.08
CA ASP GB 95 -70.03 48.09 16.10
C ASP GB 95 -69.35 48.50 17.40
N GLY GB 96 -69.57 47.77 18.47
CA GLY GB 96 -69.00 48.07 19.76
C GLY GB 96 -69.95 48.64 20.79
N GLU GB 97 -71.25 48.67 20.51
CA GLU GB 97 -72.24 49.18 21.46
C GLU GB 97 -73.09 48.02 21.96
N LYS GB 98 -73.53 48.12 23.21
CA LYS GB 98 -74.34 47.08 23.82
C LYS GB 98 -75.76 47.12 23.29
N LYS GB 99 -76.36 45.94 23.13
CA LYS GB 99 -77.77 45.78 22.78
C LYS GB 99 -78.45 44.97 23.88
N ALA GB 100 -79.52 45.53 24.44
CA ALA GB 100 -80.23 44.89 25.54
C ALA GB 100 -81.62 44.48 25.07
N TYR GB 101 -81.92 43.19 25.21
CA TYR GB 101 -83.27 42.69 25.03
C TYR GB 101 -83.95 42.63 26.40
N VAL GB 102 -84.98 43.45 26.59
CA VAL GB 102 -85.65 43.58 27.88
C VAL GB 102 -87.01 42.92 27.74
N ARG GB 103 -87.16 41.73 28.33
CA ARG GB 103 -88.43 41.02 28.31
C ARG GB 103 -89.33 41.58 29.41
N LEU GB 104 -90.50 42.08 29.02
CA LEU GB 104 -91.39 42.69 29.99
C LEU GB 104 -92.11 41.61 30.80
N ALA GB 105 -92.64 42.03 31.95
CA ALA GB 105 -93.45 41.13 32.75
C ALA GB 105 -94.73 40.78 31.99
N PRO GB 106 -95.29 39.60 32.22
CA PRO GB 106 -96.48 39.20 31.44
C PRO GB 106 -97.65 40.16 31.57
N ASP GB 107 -97.76 40.88 32.68
CA ASP GB 107 -98.84 41.84 32.84
C ASP GB 107 -98.58 43.16 32.12
N TYR GB 108 -97.39 43.37 31.56
CA TYR GB 108 -97.11 44.49 30.68
C TYR GB 108 -97.10 44.02 29.23
N ASP GB 109 -97.31 44.97 28.33
CA ASP GB 109 -97.36 44.71 26.89
C ASP GB 109 -96.33 45.58 26.19
N ALA GB 110 -95.48 44.95 25.38
CA ALA GB 110 -94.44 45.70 24.68
C ALA GB 110 -95.04 46.69 23.68
N LEU GB 111 -96.06 46.26 22.93
CA LEU GB 111 -96.69 47.17 21.98
C LEU GB 111 -97.34 48.35 22.69
N ASP GB 112 -97.94 48.10 23.85
CA ASP GB 112 -98.46 49.19 24.67
C ASP GB 112 -97.34 50.16 25.04
N VAL GB 113 -96.22 49.63 25.52
CA VAL GB 113 -95.11 50.50 25.92
C VAL GB 113 -94.46 51.15 24.71
N ALA GB 114 -94.23 50.37 23.64
CA ALA GB 114 -93.57 50.92 22.46
C ALA GB 114 -94.36 52.07 21.85
N ASN GB 115 -95.69 52.06 22.02
CA ASN GB 115 -96.48 53.22 21.62
C ASN GB 115 -96.11 54.45 22.42
N LYS GB 116 -96.06 54.30 23.75
CA LYS GB 116 -95.76 55.43 24.62
C LYS GB 116 -94.33 55.91 24.44
N ILE GB 117 -93.41 54.99 24.13
CA ILE GB 117 -92.05 55.39 23.80
C ILE GB 117 -92.04 56.21 22.52
N GLY GB 118 -92.78 55.76 21.51
CA GLY GB 118 -92.86 56.47 20.25
C GLY GB 118 -92.19 55.74 19.11
N ILE GB 119 -91.76 54.50 19.36
CA ILE GB 119 -91.01 53.72 18.40
C ILE GB 119 -91.90 52.72 17.66
N ILE GB 120 -93.21 52.97 17.66
CA ILE GB 120 -94.16 51.99 17.17
C ILE GB 120 -93.97 51.80 15.67
N MET HB 1 -42.58 104.39 5.56
CA MET HB 1 -42.55 102.93 5.40
C MET HB 1 -42.54 102.26 6.76
N LYS HB 2 -42.72 100.93 6.78
CA LYS HB 2 -42.89 100.21 8.03
C LYS HB 2 -41.62 100.23 8.86
N PHE HB 3 -41.74 100.72 10.09
CA PHE HB 3 -40.63 100.79 11.03
C PHE HB 3 -40.83 99.93 12.27
N ASN HB 4 -42.05 99.53 12.58
CA ASN HB 4 -42.32 98.72 13.77
C ASN HB 4 -41.71 97.34 13.57
N PRO HB 5 -40.73 96.92 14.40
CA PRO HB 5 -40.05 95.65 14.14
C PRO HB 5 -40.87 94.42 14.52
N PHE HB 6 -42.09 94.58 15.01
CA PHE HB 6 -42.92 93.46 15.41
C PHE HB 6 -44.12 93.24 14.49
N VAL HB 7 -44.17 93.94 13.35
CA VAL HB 7 -45.17 93.69 12.32
C VAL HB 7 -44.43 93.34 11.05
N THR HB 8 -44.87 92.27 10.38
CA THR HB 8 -44.09 91.71 9.28
C THR HB 8 -44.53 92.31 7.94
N SER HB 9 -43.55 92.46 7.05
CA SER HB 9 -43.80 92.79 5.66
C SER HB 9 -43.62 91.57 4.75
N ASP HB 10 -43.42 90.39 5.33
CA ASP HB 10 -43.25 89.18 4.54
C ASP HB 10 -44.51 88.90 3.75
N ARG HB 11 -44.33 88.57 2.46
CA ARG HB 11 -45.47 88.31 1.59
C ARG HB 11 -46.22 87.05 2.03
N SER HB 12 -45.49 85.98 2.33
CA SER HB 12 -46.12 84.72 2.69
C SER HB 12 -46.86 84.84 4.01
N LYS HB 13 -46.29 85.56 4.98
CA LYS HB 13 -46.93 85.71 6.28
C LYS HB 13 -48.20 86.54 6.18
N ASN HB 14 -48.19 87.59 5.35
CA ASN HB 14 -49.36 88.42 5.19
C ASN HB 14 -50.47 87.67 4.47
N ARG HB 15 -50.12 86.91 3.42
CA ARG HB 15 -51.12 86.12 2.72
C ARG HB 15 -51.68 85.02 3.60
N LYS HB 16 -50.81 84.34 4.36
CA LYS HB 16 -51.28 83.30 5.27
C LYS HB 16 -52.20 83.89 6.33
N ARG HB 17 -51.85 85.05 6.87
CA ARG HB 17 -52.68 85.69 7.87
C ARG HB 17 -54.01 86.15 7.27
N HIS HB 18 -53.99 86.56 6.00
CA HIS HB 18 -55.21 87.04 5.36
C HIS HB 18 -56.19 85.90 5.09
N PHE HB 19 -55.70 84.80 4.53
CA PHE HB 19 -56.58 83.71 4.10
C PHE HB 19 -56.98 82.78 5.23
N ASN HB 20 -56.31 82.84 6.39
CA ASN HB 20 -56.68 82.05 7.55
C ASN HB 20 -57.21 82.93 8.68
N ALA HB 21 -57.74 84.10 8.35
CA ALA HB 21 -58.21 85.02 9.37
C ALA HB 21 -59.48 84.47 10.03
N PRO HB 22 -59.63 84.61 11.34
CA PRO HB 22 -60.90 84.29 11.99
C PRO HB 22 -62.00 85.21 11.52
N SER HB 23 -63.24 84.79 11.77
CA SER HB 23 -64.39 85.49 11.23
C SER HB 23 -64.49 86.93 11.74
N HIS HB 24 -64.06 87.17 12.98
CA HIS HB 24 -64.25 88.50 13.56
C HIS HB 24 -63.29 89.53 12.98
N ILE HB 25 -62.10 89.12 12.55
CA ILE HB 25 -61.24 90.04 11.81
C ILE HB 25 -61.32 89.82 10.30
N ARG HB 26 -61.99 88.76 9.85
CA ARG HB 26 -62.41 88.71 8.46
C ARG HB 26 -63.47 89.77 8.18
N ARG HB 27 -64.24 90.11 9.21
CA ARG HB 27 -65.26 91.16 9.06
C ARG HB 27 -64.62 92.51 8.76
N LYS HB 28 -63.52 92.84 9.45
CA LYS HB 28 -62.84 94.10 9.21
C LYS HB 28 -62.20 94.14 7.83
N ILE HB 29 -61.70 92.99 7.36
CA ILE HB 29 -61.09 92.92 6.03
C ILE HB 29 -62.12 93.27 4.96
N MET HB 30 -63.38 92.91 5.21
CA MET HB 30 -64.46 93.14 4.27
C MET HB 30 -65.07 94.52 4.38
N SER HB 31 -64.31 95.49 4.89
CA SER HB 31 -64.79 96.85 4.94
C SER HB 31 -65.01 97.40 3.54
N SER HB 32 -65.91 98.37 3.44
CA SER HB 32 -66.29 98.97 2.17
C SER HB 32 -66.32 100.47 2.30
N PRO HB 33 -66.00 101.20 1.22
CA PRO HB 33 -66.05 102.66 1.28
C PRO HB 33 -67.47 103.17 1.38
N LEU HB 34 -67.61 104.35 1.98
CA LEU HB 34 -68.89 105.04 2.09
C LEU HB 34 -69.01 106.05 0.96
N SER HB 35 -70.25 106.41 0.63
CA SER HB 35 -70.50 107.34 -0.45
C SER HB 35 -70.08 108.75 -0.06
N LYS HB 36 -70.16 109.66 -1.02
CA LYS HB 36 -69.81 111.06 -0.76
C LYS HB 36 -70.80 111.68 0.22
N GLU HB 37 -72.09 111.39 0.07
CA GLU HB 37 -73.09 111.90 0.99
C GLU HB 37 -72.93 111.28 2.37
N LEU HB 38 -72.56 110.00 2.42
CA LEU HB 38 -72.35 109.34 3.70
C LEU HB 38 -71.06 109.81 4.35
N ARG HB 39 -70.05 110.13 3.55
CA ARG HB 39 -68.80 110.64 4.10
C ARG HB 39 -68.96 112.06 4.65
N GLN HB 40 -69.82 112.88 4.03
CA GLN HB 40 -70.02 114.23 4.52
C GLN HB 40 -70.88 114.25 5.79
N LYS HB 41 -71.94 113.45 5.83
CA LYS HB 41 -72.83 113.47 6.98
C LYS HB 41 -72.14 112.91 8.21
N TYR HB 42 -71.40 111.83 8.05
CA TYR HB 42 -70.54 111.30 9.10
C TYR HB 42 -69.14 111.90 8.91
N ASN HB 43 -68.15 111.35 9.60
CA ASN HB 43 -66.76 111.73 9.37
C ASN HB 43 -65.88 110.51 9.17
N VAL HB 44 -66.41 109.45 8.56
CA VAL HB 44 -65.73 108.17 8.43
C VAL HB 44 -65.68 107.78 6.96
N ARG HB 45 -64.51 107.33 6.53
CA ARG HB 45 -64.31 106.96 5.13
C ARG HB 45 -64.82 105.57 4.81
N SER HB 46 -64.32 104.56 5.52
CA SER HB 46 -64.65 103.17 5.26
C SER HB 46 -65.41 102.57 6.42
N MET HB 47 -66.25 101.58 6.13
CA MET HB 47 -67.08 100.94 7.13
C MET HB 47 -67.20 99.45 6.82
N PRO HB 48 -67.05 98.57 7.82
CA PRO HB 48 -67.21 97.14 7.56
C PRO HB 48 -68.60 96.84 7.04
N ILE HB 49 -68.68 95.91 6.09
CA ILE HB 49 -69.94 95.67 5.40
C ILE HB 49 -70.88 94.86 6.30
N ARG HB 50 -72.14 95.27 6.32
CA ARG HB 50 -73.19 94.74 7.16
C ARG HB 50 -74.05 93.79 6.31
N LYS HB 51 -75.17 93.36 6.88
CA LYS HB 51 -76.04 92.42 6.18
C LYS HB 51 -77.02 93.09 5.24
N ASP HB 52 -77.70 94.15 5.68
CA ASP HB 52 -78.88 94.66 4.97
C ASP HB 52 -78.74 96.15 4.68
N ASP HB 53 -77.59 96.56 4.15
CA ASP HB 53 -77.41 97.93 3.71
C ASP HB 53 -77.38 98.00 2.18
N GLU HB 54 -77.86 99.09 1.64
CA GLU HB 54 -77.83 99.27 0.19
C GLU HB 54 -76.42 99.57 -0.28
N VAL HB 55 -76.15 99.22 -1.55
CA VAL HB 55 -74.81 99.27 -2.08
C VAL HB 55 -74.90 99.30 -3.59
N GLN HB 56 -73.90 99.90 -4.24
CA GLN HB 56 -73.79 99.86 -5.69
C GLN HB 56 -72.38 99.40 -6.09
N VAL HB 57 -72.32 98.54 -7.09
CA VAL HB 57 -71.07 97.98 -7.59
C VAL HB 57 -70.42 99.02 -8.50
N VAL HB 58 -69.14 99.28 -8.28
CA VAL HB 58 -68.42 100.29 -9.06
C VAL HB 58 -67.37 99.70 -9.97
N ARG HB 59 -67.06 98.40 -9.85
CA ARG HB 59 -66.08 97.75 -10.69
C ARG HB 59 -66.61 96.40 -11.14
N GLY HB 60 -66.10 95.92 -12.27
CA GLY HB 60 -66.47 94.62 -12.78
C GLY HB 60 -67.56 94.67 -13.82
N HIS HB 61 -68.19 93.52 -14.02
CA HIS HB 61 -69.27 93.39 -15.00
C HIS HB 61 -70.54 94.13 -14.57
N TYR HB 62 -70.75 94.33 -13.27
CA TYR HB 62 -72.01 94.84 -12.75
C TYR HB 62 -71.90 96.27 -12.26
N LYS HB 63 -71.09 97.09 -12.93
CA LYS HB 63 -71.00 98.50 -12.59
C LYS HB 63 -72.33 99.19 -12.89
N GLY HB 64 -72.60 100.26 -12.15
CA GLY HB 64 -73.78 101.05 -12.41
C GLY HB 64 -74.21 101.80 -11.15
N GLN HB 65 -75.43 102.33 -11.22
CA GLN HB 65 -76.00 103.08 -10.11
C GLN HB 65 -77.24 102.40 -9.53
N GLN HB 66 -77.52 101.16 -9.90
CA GLN HB 66 -78.62 100.42 -9.32
C GLN HB 66 -78.28 100.10 -7.86
N ILE HB 67 -78.92 100.81 -6.94
CA ILE HB 67 -78.64 100.66 -5.51
C ILE HB 67 -79.26 99.34 -5.07
N GLY HB 68 -78.43 98.33 -4.85
CA GLY HB 68 -78.88 97.02 -4.44
C GLY HB 68 -78.59 96.75 -2.97
N LYS HB 69 -79.56 96.14 -2.31
CA LYS HB 69 -79.39 95.76 -0.91
C LYS HB 69 -78.49 94.54 -0.79
N VAL HB 70 -77.54 94.59 0.14
CA VAL HB 70 -76.77 93.40 0.44
C VAL HB 70 -77.69 92.36 1.05
N VAL HB 71 -77.56 91.11 0.60
CA VAL HB 71 -78.43 90.04 1.06
C VAL HB 71 -77.66 88.92 1.75
N GLN HB 72 -76.33 88.88 1.63
CA GLN HB 72 -75.52 87.88 2.31
C GLN HB 72 -74.05 88.24 2.21
N VAL HB 73 -73.33 88.21 3.32
CA VAL HB 73 -71.88 88.36 3.30
C VAL HB 73 -71.26 87.01 3.59
N TYR HB 74 -70.45 86.52 2.67
CA TYR HB 74 -69.90 85.17 2.72
C TYR HB 74 -68.43 85.29 3.10
N ARG HB 75 -68.16 85.37 4.41
CA ARG HB 75 -66.80 85.60 4.88
C ARG HB 75 -65.90 84.42 4.57
N LYS HB 76 -66.46 83.22 4.43
CA LYS HB 76 -65.68 82.08 3.96
C LYS HB 76 -65.15 82.33 2.56
N LYS HB 77 -65.95 82.95 1.71
CA LYS HB 77 -65.58 83.22 0.33
C LYS HB 77 -65.03 84.63 0.11
N TYR HB 78 -65.10 85.49 1.13
CA TYR HB 78 -64.65 86.89 1.02
C TYR HB 78 -65.46 87.66 -0.02
N VAL HB 79 -66.75 87.35 -0.12
CA VAL HB 79 -67.64 88.00 -1.08
C VAL HB 79 -68.96 88.35 -0.39
N ILE HB 80 -69.68 89.28 -1.01
CA ILE HB 80 -71.02 89.67 -0.57
C ILE HB 80 -71.96 89.46 -1.74
N TYR HB 81 -73.25 89.31 -1.44
CA TYR HB 81 -74.28 89.13 -2.45
C TYR HB 81 -75.22 90.31 -2.44
N ILE HB 82 -75.68 90.71 -3.63
CA ILE HB 82 -76.54 91.87 -3.79
C ILE HB 82 -77.78 91.43 -4.58
N GLU HB 83 -78.91 92.11 -4.28
CA GLU HB 83 -80.23 91.76 -4.82
C GLU HB 83 -80.22 91.48 -6.31
N ARG HB 84 -79.88 92.48 -7.12
CA ARG HB 84 -80.00 92.39 -8.57
C ARG HB 84 -78.74 91.89 -9.26
N VAL HB 85 -77.65 91.69 -8.53
CA VAL HB 85 -76.43 91.18 -9.13
C VAL HB 85 -76.53 89.67 -9.17
N GLN HB 86 -77.13 89.14 -10.24
CA GLN HB 86 -77.37 87.71 -10.38
C GLN HB 86 -76.99 87.25 -11.78
N ARG HB 87 -76.87 85.94 -11.91
CA ARG HB 87 -76.58 85.31 -13.19
C ARG HB 87 -77.44 84.06 -13.31
N GLU HB 88 -77.94 83.80 -14.52
CA GLU HB 88 -78.77 82.64 -14.79
C GLU HB 88 -77.88 81.48 -15.20
N LYS HB 89 -78.05 80.33 -14.57
CA LYS HB 89 -77.26 79.15 -14.90
C LYS HB 89 -77.93 78.39 -16.04
N ALA HB 90 -77.44 77.18 -16.31
CA ALA HB 90 -77.93 76.41 -17.45
C ALA HB 90 -79.39 76.04 -17.29
N ASN HB 91 -79.77 75.58 -16.09
CA ASN HB 91 -81.13 75.13 -15.86
C ASN HB 91 -82.16 76.25 -15.89
N GLY HB 92 -81.72 77.51 -15.89
CA GLY HB 92 -82.61 78.65 -15.93
C GLY HB 92 -82.83 79.35 -14.61
N THR HB 93 -82.44 78.74 -13.49
CA THR HB 93 -82.55 79.40 -12.21
C THR HB 93 -81.51 80.53 -12.10
N THR HB 94 -81.71 81.38 -11.10
CA THR HB 94 -80.85 82.53 -10.86
C THR HB 94 -80.04 82.31 -9.60
N VAL HB 95 -78.76 82.67 -9.66
CA VAL HB 95 -77.87 82.63 -8.50
C VAL HB 95 -77.15 83.96 -8.41
N HIS HB 96 -76.75 84.33 -7.19
CA HIS HB 96 -76.03 85.56 -6.99
C HIS HB 96 -74.58 85.41 -7.43
N VAL HB 97 -74.00 86.53 -7.85
CA VAL HB 97 -72.58 86.61 -8.19
C VAL HB 97 -71.88 87.29 -7.03
N GLY HB 98 -70.84 86.65 -6.51
CA GLY HB 98 -70.11 87.22 -5.39
C GLY HB 98 -69.11 88.26 -5.86
N ILE HB 99 -69.12 89.42 -5.20
CA ILE HB 99 -68.18 90.49 -5.50
C ILE HB 99 -67.53 90.94 -4.19
N HIS HB 100 -66.24 91.26 -4.29
CA HIS HB 100 -65.52 91.70 -3.11
C HIS HB 100 -66.08 93.03 -2.61
N PRO HB 101 -66.30 93.17 -1.30
CA PRO HB 101 -66.89 94.42 -0.80
C PRO HB 101 -66.06 95.65 -1.04
N SER HB 102 -64.76 95.51 -1.33
CA SER HB 102 -63.95 96.66 -1.68
C SER HB 102 -64.32 97.25 -3.03
N LYS HB 103 -65.09 96.53 -3.85
CA LYS HB 103 -65.51 96.99 -5.16
C LYS HB 103 -66.94 97.53 -5.16
N VAL HB 104 -67.48 97.84 -3.99
CA VAL HB 104 -68.80 98.44 -3.87
C VAL HB 104 -68.67 99.64 -2.94
N VAL HB 105 -69.65 100.54 -3.01
CA VAL HB 105 -69.71 101.69 -2.14
C VAL HB 105 -71.06 101.70 -1.44
N ILE HB 106 -71.04 101.89 -0.13
CA ILE HB 106 -72.26 101.89 0.67
C ILE HB 106 -72.98 103.21 0.49
N THR HB 107 -74.27 103.15 0.18
CA THR HB 107 -75.07 104.35 -0.01
C THR HB 107 -75.99 104.67 1.16
N ARG HB 108 -76.49 103.64 1.86
CA ARG HB 108 -77.20 103.84 3.12
C ARG HB 108 -76.77 102.71 4.04
N LEU HB 109 -76.59 103.01 5.32
CA LEU HB 109 -76.16 101.98 6.25
C LEU HB 109 -77.37 101.34 6.93
N LYS HB 110 -77.15 100.18 7.52
CA LYS HB 110 -78.10 99.57 8.44
C LYS HB 110 -77.66 99.99 9.83
N LEU HB 111 -78.43 100.88 10.47
CA LEU HB 111 -78.05 101.46 11.74
C LEU HB 111 -78.70 100.72 12.90
N ASP HB 112 -77.88 100.36 13.88
CA ASP HB 112 -78.33 99.80 15.14
C ASP HB 112 -77.62 100.55 16.25
N LYS HB 113 -77.85 100.13 17.49
CA LYS HB 113 -77.13 100.74 18.60
C LYS HB 113 -75.63 100.57 18.48
N ASP HB 114 -75.18 99.43 17.97
CA ASP HB 114 -73.75 99.18 17.77
C ASP HB 114 -73.18 99.94 16.58
N ARG HB 115 -73.94 100.00 15.47
CA ARG HB 115 -73.44 100.69 14.29
C ARG HB 115 -73.23 102.18 14.56
N LYS HB 116 -74.16 102.81 15.29
CA LYS HB 116 -73.99 104.20 15.65
C LYS HB 116 -72.75 104.39 16.50
N LYS HB 117 -72.49 103.45 17.42
CA LYS HB 117 -71.33 103.56 18.31
C LYS HB 117 -70.03 103.46 17.54
N ILE HB 118 -69.94 102.52 16.60
CA ILE HB 118 -68.73 102.43 15.77
C ILE HB 118 -68.64 103.63 14.84
N LEU HB 119 -69.78 104.11 14.33
CA LEU HB 119 -69.77 105.29 13.48
C LEU HB 119 -69.23 106.50 14.22
N GLU HB 120 -69.63 106.67 15.49
CA GLU HB 120 -69.21 107.84 16.25
C GLU HB 120 -67.77 107.72 16.72
N ARG HB 121 -67.28 106.49 16.89
CA ARG HB 121 -65.93 106.31 17.42
C ARG HB 121 -64.88 106.60 16.35
N LYS HB 122 -65.18 106.25 15.10
CA LYS HB 122 -64.27 106.57 14.01
C LYS HB 122 -64.27 108.06 13.72
N ALA HB 123 -65.43 108.71 13.88
CA ALA HB 123 -65.50 110.15 13.69
C ALA HB 123 -64.70 110.91 14.74
N LYS HB 124 -64.76 110.44 15.99
CA LYS HB 124 -64.02 111.12 17.05
C LYS HB 124 -62.51 110.92 16.89
N SER HB 125 -62.10 109.79 16.33
CA SER HB 125 -60.67 109.54 16.14
C SER HB 125 -60.10 110.41 15.02
N ARG HB 126 -60.84 110.53 13.92
CA ARG HB 126 -60.40 111.39 12.83
C ARG HB 126 -60.38 112.84 13.26
N GLN HB 127 -61.35 113.26 14.08
CA GLN HB 127 -61.35 114.62 14.62
C GLN HB 127 -60.11 114.85 15.49
N VAL HB 128 -59.73 113.85 16.29
CA VAL HB 128 -58.54 113.97 17.13
C VAL HB 128 -57.30 114.11 16.26
N GLY HB 129 -57.21 113.31 15.20
CA GLY HB 129 -56.08 113.41 14.29
C GLY HB 129 -56.03 114.75 13.58
N LYS HB 130 -57.20 115.28 13.21
CA LYS HB 130 -57.24 116.55 12.50
C LYS HB 130 -56.79 117.71 13.40
N GLU HB 131 -57.25 117.73 14.66
CA GLU HB 131 -56.85 118.80 15.56
C GLU HB 131 -55.36 118.70 15.90
N LYS HB 132 -54.82 117.49 16.00
CA LYS HB 132 -53.37 117.34 16.18
C LYS HB 132 -52.61 117.83 14.97
N GLY HB 133 -53.18 117.70 13.78
CA GLY HB 133 -52.61 118.16 12.54
C GLY HB 133 -53.01 119.56 12.13
N LYS HB 134 -53.48 120.37 13.07
CA LYS HB 134 -53.92 121.75 12.81
C LYS HB 134 -52.93 122.55 11.99
N GLY IB 1 -61.42 -25.54 78.80
CA GLY IB 1 -62.79 -25.87 78.47
C GLY IB 1 -63.60 -24.66 78.01
N LYS IB 2 -64.92 -24.82 78.03
CA LYS IB 2 -65.82 -23.74 77.63
C LYS IB 2 -65.61 -22.52 78.53
N PHE IB 3 -65.36 -21.36 77.93
CA PHE IB 3 -65.19 -20.13 78.69
C PHE IB 3 -66.25 -19.08 78.41
N MET IB 4 -66.94 -19.16 77.27
CA MET IB 4 -67.97 -18.17 76.92
C MET IB 4 -69.20 -18.44 77.78
N LYS IB 5 -69.07 -18.09 79.06
CA LYS IB 5 -70.11 -18.24 80.06
C LYS IB 5 -70.79 -16.90 80.33
N PRO IB 6 -72.00 -16.91 80.88
CA PRO IB 6 -72.64 -15.64 81.26
C PRO IB 6 -71.82 -14.88 82.29
N GLY IB 7 -71.82 -13.56 82.15
CA GLY IB 7 -71.08 -12.69 83.03
C GLY IB 7 -69.71 -12.31 82.54
N LYS IB 8 -69.18 -13.01 81.55
CA LYS IB 8 -67.86 -12.71 81.00
C LYS IB 8 -67.97 -11.57 80.00
N VAL IB 9 -67.21 -10.50 80.24
CA VAL IB 9 -67.25 -9.35 79.35
C VAL IB 9 -66.61 -9.71 78.02
N VAL IB 10 -67.17 -9.16 76.93
CA VAL IB 10 -66.76 -9.49 75.58
C VAL IB 10 -66.60 -8.21 74.78
N LEU IB 11 -65.83 -8.31 73.69
CA LEU IB 11 -65.60 -7.20 72.79
C LEU IB 11 -66.24 -7.49 71.44
N VAL IB 12 -67.10 -6.58 70.99
CA VAL IB 12 -67.82 -6.77 69.74
C VAL IB 12 -66.89 -6.46 68.58
N LEU IB 13 -66.85 -7.36 67.60
CA LEU IB 13 -65.90 -7.26 66.49
C LEU IB 13 -66.52 -6.74 65.20
N ALA IB 14 -67.83 -6.87 65.03
CA ALA IB 14 -68.48 -6.50 63.79
C ALA IB 14 -69.85 -5.92 64.08
N GLY IB 15 -70.39 -5.19 63.11
CA GLY IB 15 -71.70 -4.59 63.23
C GLY IB 15 -71.63 -3.12 63.58
N ARG IB 16 -72.80 -2.59 63.95
CA ARG IB 16 -72.88 -1.19 64.35
C ARG IB 16 -72.14 -0.92 65.65
N TYR IB 17 -72.06 -1.91 66.52
CA TYR IB 17 -71.45 -1.75 67.85
C TYR IB 17 -70.03 -2.28 67.90
N SER IB 18 -69.28 -2.14 66.82
CA SER IB 18 -67.88 -2.55 66.81
C SER IB 18 -67.09 -1.79 67.87
N GLY IB 19 -66.26 -2.51 68.61
CA GLY IB 19 -65.44 -1.89 69.61
C GLY IB 19 -66.12 -1.58 70.92
N ARG IB 20 -67.31 -2.13 71.15
CA ARG IB 20 -68.05 -1.90 72.38
C ARG IB 20 -67.88 -3.09 73.31
N LYS IB 21 -67.67 -2.81 74.59
CA LYS IB 21 -67.64 -3.86 75.58
C LYS IB 21 -69.06 -4.30 75.93
N ALA IB 22 -69.23 -5.60 76.08
CA ALA IB 22 -70.52 -6.19 76.35
C ALA IB 22 -70.33 -7.35 77.32
N VAL IB 23 -71.39 -7.68 78.05
CA VAL IB 23 -71.40 -8.80 78.97
C VAL IB 23 -72.40 -9.82 78.48
N ILE IB 24 -71.98 -11.08 78.42
CA ILE IB 24 -72.82 -12.15 77.89
C ILE IB 24 -73.96 -12.40 78.88
N VAL IB 25 -75.19 -12.11 78.47
CA VAL IB 25 -76.35 -12.39 79.32
C VAL IB 25 -76.57 -13.90 79.39
N LYS IB 26 -76.50 -14.58 78.24
CA LYS IB 26 -76.66 -16.02 78.19
C LYS IB 26 -76.12 -16.51 76.86
N ASN IB 27 -75.54 -17.71 76.85
CA ASN IB 27 -74.93 -18.28 75.66
C ASN IB 27 -75.67 -19.54 75.23
N ILE IB 28 -75.64 -19.81 73.93
CA ILE IB 28 -76.34 -20.95 73.35
C ILE IB 28 -75.34 -22.02 72.94
N ASP IB 29 -74.29 -21.61 72.22
CA ASP IB 29 -73.11 -22.41 71.80
C ASP IB 29 -73.48 -23.83 71.36
N ASP IB 30 -74.70 -24.01 70.83
CA ASP IB 30 -75.04 -25.18 70.03
C ASP IB 30 -75.76 -24.78 68.76
N GLY IB 31 -76.59 -23.74 68.84
CA GLY IB 31 -77.51 -23.41 67.78
C GLY IB 31 -78.93 -23.78 68.14
N THR IB 32 -79.91 -23.10 67.55
CA THR IB 32 -81.31 -23.28 67.93
C THR IB 32 -82.19 -23.58 66.71
N SER IB 33 -81.57 -24.07 65.64
CA SER IB 33 -82.25 -24.46 64.40
C SER IB 33 -82.87 -23.27 63.68
N ASP IB 34 -82.80 -22.09 64.31
CA ASP IB 34 -82.97 -20.82 63.61
C ASP IB 34 -81.69 -20.03 63.52
N ARG IB 35 -80.72 -20.30 64.39
CA ARG IB 35 -79.36 -19.77 64.29
C ARG IB 35 -78.43 -20.97 64.43
N PRO IB 36 -78.15 -21.68 63.34
CA PRO IB 36 -77.35 -22.91 63.46
C PRO IB 36 -75.97 -22.69 64.07
N TYR IB 37 -75.39 -21.52 63.88
CA TYR IB 37 -74.09 -21.21 64.46
C TYR IB 37 -74.22 -21.01 65.98
N SER IB 38 -73.07 -20.99 66.64
CA SER IB 38 -73.02 -20.67 68.06
C SER IB 38 -73.16 -19.17 68.25
N HIS IB 39 -74.00 -18.75 69.20
CA HIS IB 39 -74.27 -17.33 69.39
C HIS IB 39 -74.50 -17.07 70.88
N ALA IB 40 -74.54 -15.79 71.24
CA ALA IB 40 -74.70 -15.39 72.63
C ALA IB 40 -75.52 -14.12 72.71
N LEU IB 41 -76.46 -14.09 73.67
CA LEU IB 41 -77.18 -12.86 73.97
C LEU IB 41 -76.33 -11.99 74.89
N VAL IB 42 -75.90 -10.84 74.39
CA VAL IB 42 -75.00 -9.95 75.12
C VAL IB 42 -75.73 -8.65 75.41
N ALA IB 43 -75.30 -7.98 76.48
CA ALA IB 43 -75.78 -6.65 76.83
C ALA IB 43 -74.59 -5.72 76.87
N GLY IB 44 -74.51 -4.81 75.90
CA GLY IB 44 -73.38 -3.91 75.78
C GLY IB 44 -73.76 -2.49 76.10
N ILE IB 45 -72.76 -1.62 76.04
CA ILE IB 45 -72.93 -0.19 76.29
C ILE IB 45 -72.56 0.56 75.01
N ASP IB 46 -73.53 1.26 74.44
CA ASP IB 46 -73.33 1.98 73.20
C ASP IB 46 -72.65 3.32 73.44
N ARG IB 47 -73.23 4.16 74.30
CA ARG IB 47 -72.66 5.46 74.64
C ARG IB 47 -71.95 5.33 75.98
N TYR IB 48 -70.63 5.45 75.95
CA TYR IB 48 -69.84 5.32 77.17
C TYR IB 48 -70.07 6.55 78.05
N PRO IB 49 -70.01 6.40 79.37
CA PRO IB 49 -70.03 7.58 80.23
C PRO IB 49 -68.81 8.45 79.97
N ARG IB 50 -69.00 9.77 80.04
CA ARG IB 50 -67.90 10.67 79.79
C ARG IB 50 -66.96 10.71 80.99
N LYS IB 51 -65.77 11.24 80.77
CA LYS IB 51 -64.82 11.42 81.86
C LYS IB 51 -65.38 12.40 82.88
N VAL IB 52 -64.99 12.20 84.14
CA VAL IB 52 -65.48 13.00 85.24
C VAL IB 52 -64.29 13.48 86.05
N THR IB 53 -64.20 14.78 86.27
CA THR IB 53 -63.15 15.39 87.08
C THR IB 53 -63.76 16.00 88.33
N ALA IB 54 -62.88 16.49 89.21
CA ALA IB 54 -63.35 17.03 90.48
C ALA IB 54 -64.04 18.38 90.29
N ALA IB 55 -63.60 19.16 89.31
CA ALA IB 55 -64.12 20.52 89.11
C ALA IB 55 -65.23 20.49 88.06
N MET IB 56 -66.32 19.83 88.42
CA MET IB 56 -67.52 19.85 87.56
C MET IB 56 -68.77 20.20 88.35
N GLY IB 57 -68.83 19.81 89.61
CA GLY IB 57 -70.08 19.94 90.33
C GLY IB 57 -70.96 18.72 90.13
N LYS IB 58 -71.83 18.46 91.11
CA LYS IB 58 -72.59 17.22 91.11
C LYS IB 58 -73.59 17.17 89.94
N LYS IB 59 -74.26 18.29 89.66
CA LYS IB 59 -75.28 18.28 88.61
C LYS IB 59 -74.67 17.97 87.25
N LYS IB 60 -73.52 18.58 86.94
CA LYS IB 60 -72.84 18.27 85.69
C LYS IB 60 -72.31 16.84 85.69
N ILE IB 61 -71.83 16.37 86.84
CA ILE IB 61 -71.26 15.03 86.92
C ILE IB 61 -72.32 13.97 86.61
N ALA IB 62 -73.51 14.11 87.19
CA ALA IB 62 -74.56 13.11 86.99
C ALA IB 62 -75.00 13.04 85.54
N LYS IB 63 -75.07 14.19 84.86
CA LYS IB 63 -75.48 14.20 83.47
C LYS IB 63 -74.43 13.56 82.58
N ARG IB 64 -73.15 13.71 82.92
CA ARG IB 64 -72.09 13.12 82.11
C ARG IB 64 -71.97 11.61 82.34
N SER IB 65 -72.33 11.15 83.54
CA SER IB 65 -72.15 9.75 83.90
C SER IB 65 -73.44 8.94 83.68
N LYS IB 66 -73.89 8.93 82.43
CA LYS IB 66 -75.04 8.14 82.04
C LYS IB 66 -74.70 7.31 80.82
N ILE IB 67 -75.34 6.15 80.71
CA ILE IB 67 -74.96 5.11 79.77
C ILE IB 67 -76.16 4.75 78.88
N LYS IB 68 -75.92 4.74 77.57
CA LYS IB 68 -76.84 4.17 76.60
C LYS IB 68 -76.38 2.76 76.28
N SER IB 69 -77.29 1.79 76.40
CA SER IB 69 -76.95 0.38 76.31
C SER IB 69 -77.57 -0.24 75.05
N PHE IB 70 -77.34 -1.54 74.89
CA PHE IB 70 -77.97 -2.31 73.81
C PHE IB 70 -77.99 -3.77 74.20
N VAL IB 71 -78.78 -4.54 73.45
CA VAL IB 71 -78.81 -6.00 73.57
C VAL IB 71 -78.86 -6.59 72.17
N LYS IB 72 -78.07 -7.65 71.94
CA LYS IB 72 -77.96 -8.23 70.61
C LYS IB 72 -77.72 -9.73 70.73
N VAL IB 73 -77.70 -10.39 69.58
CA VAL IB 73 -77.65 -11.86 69.48
C VAL IB 73 -76.35 -12.25 68.80
N TYR IB 74 -75.28 -11.51 69.07
CA TYR IB 74 -74.03 -11.63 68.33
C TYR IB 74 -73.56 -13.07 68.16
N ASN IB 75 -73.16 -13.40 66.95
CA ASN IB 75 -72.51 -14.67 66.66
C ASN IB 75 -71.14 -14.71 67.32
N TYR IB 76 -70.73 -15.93 67.71
CA TYR IB 76 -69.44 -16.10 68.40
C TYR IB 76 -68.28 -15.56 67.59
N ASN IB 77 -68.37 -15.64 66.26
CA ASN IB 77 -67.26 -15.19 65.42
C ASN IB 77 -67.12 -13.68 65.39
N HIS IB 78 -68.14 -12.94 65.82
CA HIS IB 78 -68.08 -11.49 65.89
C HIS IB 78 -67.89 -10.99 67.31
N LEU IB 79 -67.48 -11.85 68.23
CA LEU IB 79 -67.21 -11.50 69.61
C LEU IB 79 -65.77 -11.86 69.95
N MET IB 80 -65.09 -10.95 70.65
CA MET IB 80 -63.74 -11.23 71.15
C MET IB 80 -63.82 -11.46 72.66
N PRO IB 81 -63.64 -12.69 73.13
CA PRO IB 81 -63.71 -12.95 74.57
C PRO IB 81 -62.63 -12.20 75.32
N THR IB 82 -62.75 -12.22 76.64
CA THR IB 82 -61.94 -11.35 77.48
C THR IB 82 -61.87 -11.94 78.88
N ARG IB 83 -60.68 -11.83 79.50
CA ARG IB 83 -60.46 -12.49 80.79
C ARG IB 83 -61.37 -11.94 81.87
N TYR IB 84 -61.58 -10.63 81.92
CA TYR IB 84 -62.37 -10.06 83.00
C TYR IB 84 -63.83 -10.52 82.89
N SER IB 85 -64.57 -10.30 83.97
CA SER IB 85 -65.98 -10.60 84.00
C SER IB 85 -66.66 -9.63 84.96
N VAL IB 86 -67.96 -9.45 84.79
CA VAL IB 86 -68.74 -8.56 85.62
C VAL IB 86 -69.95 -9.31 86.14
N ASP IB 87 -70.19 -9.22 87.46
CA ASP IB 87 -71.35 -9.84 88.08
C ASP IB 87 -72.40 -8.75 88.29
N ILE IB 88 -73.18 -8.51 87.24
CA ILE IB 88 -74.24 -7.52 87.24
C ILE IB 88 -75.56 -8.26 87.25
N PRO IB 89 -76.49 -7.94 88.16
CA PRO IB 89 -77.73 -8.73 88.30
C PRO IB 89 -78.77 -8.40 87.23
N LEU IB 90 -78.42 -8.69 85.98
CA LEU IB 90 -79.37 -8.55 84.88
C LEU IB 90 -80.49 -9.55 85.03
N ASP IB 91 -81.73 -9.07 84.99
CA ASP IB 91 -82.89 -9.92 85.24
C ASP IB 91 -83.22 -10.64 83.94
N LYS IB 92 -83.43 -11.95 84.02
CA LYS IB 92 -83.58 -12.75 82.81
C LYS IB 92 -84.95 -12.57 82.17
N THR IB 93 -86.00 -12.36 82.98
CA THR IB 93 -87.35 -12.29 82.44
C THR IB 93 -87.55 -10.99 81.64
N VAL IB 94 -86.67 -10.02 81.83
CA VAL IB 94 -86.75 -8.80 81.04
C VAL IB 94 -85.77 -8.85 79.88
N VAL IB 95 -84.59 -9.42 80.10
CA VAL IB 95 -83.60 -9.58 79.04
C VAL IB 95 -83.54 -11.06 78.68
N ASN IB 96 -84.35 -11.46 77.71
CA ASN IB 96 -84.43 -12.83 77.25
C ASN IB 96 -84.27 -12.86 75.73
N LYS IB 97 -84.26 -14.07 75.16
CA LYS IB 97 -84.00 -14.20 73.74
C LYS IB 97 -85.21 -13.78 72.90
N ASP IB 98 -86.42 -14.02 73.40
CA ASP IB 98 -87.63 -13.64 72.67
C ASP IB 98 -87.93 -12.15 72.77
N VAL IB 99 -86.98 -11.35 73.26
CA VAL IB 99 -87.15 -9.91 73.32
C VAL IB 99 -87.17 -9.31 71.91
N PHE IB 100 -86.38 -9.86 70.99
CA PHE IB 100 -86.20 -9.21 69.70
C PHE IB 100 -87.36 -9.50 68.76
N ARG IB 101 -88.59 -9.38 69.26
CA ARG IB 101 -89.82 -9.41 68.48
C ARG IB 101 -90.71 -8.20 68.78
N ASP IB 102 -90.76 -7.77 70.03
CA ASP IB 102 -91.57 -6.62 70.44
C ASP IB 102 -90.67 -5.43 70.68
N PRO IB 103 -90.79 -4.36 69.89
CA PRO IB 103 -89.99 -3.15 70.18
C PRO IB 103 -90.25 -2.59 71.56
N ALA IB 104 -91.48 -2.70 72.06
CA ALA IB 104 -91.78 -2.22 73.41
C ALA IB 104 -90.99 -2.99 74.45
N LEU IB 105 -90.92 -4.32 74.30
CA LEU IB 105 -90.10 -5.12 75.21
C LEU IB 105 -88.62 -4.80 75.06
N LYS IB 106 -88.14 -4.61 73.82
CA LYS IB 106 -86.73 -4.34 73.60
C LYS IB 106 -86.31 -3.03 74.24
N ARG IB 107 -87.21 -2.04 74.26
CA ARG IB 107 -86.96 -0.83 75.03
C ARG IB 107 -86.90 -1.13 76.52
N LYS IB 108 -87.82 -1.96 77.00
CA LYS IB 108 -87.84 -2.31 78.42
C LYS IB 108 -86.62 -3.14 78.79
N ALA IB 109 -86.20 -4.03 77.89
CA ALA IB 109 -84.97 -4.78 78.12
C ALA IB 109 -83.75 -3.87 78.12
N ARG IB 110 -83.75 -2.86 77.24
CA ARG IB 110 -82.65 -1.91 77.21
C ARG IB 110 -82.62 -1.05 78.48
N ARG IB 111 -83.80 -0.73 79.02
CA ARG IB 111 -83.85 0.07 80.24
C ARG IB 111 -83.25 -0.68 81.42
N GLU IB 112 -83.50 -1.99 81.52
CA GLU IB 112 -82.95 -2.77 82.63
C GLU IB 112 -81.43 -2.80 82.57
N ALA IB 113 -80.87 -2.98 81.37
CA ALA IB 113 -79.42 -2.96 81.24
C ALA IB 113 -78.86 -1.57 81.46
N LYS IB 114 -79.67 -0.54 81.20
CA LYS IB 114 -79.20 0.83 81.38
C LYS IB 114 -79.09 1.19 82.86
N VAL IB 115 -80.10 0.84 83.66
CA VAL IB 115 -80.08 1.20 85.07
C VAL IB 115 -79.05 0.39 85.82
N LYS IB 116 -78.96 -0.92 85.54
CA LYS IB 116 -78.04 -1.76 86.28
C LYS IB 116 -76.59 -1.46 85.93
N PHE IB 117 -76.35 -1.01 84.70
CA PHE IB 117 -75.00 -0.61 84.31
C PHE IB 117 -74.63 0.74 84.92
N GLU IB 118 -75.57 1.69 84.90
CA GLU IB 118 -75.31 3.01 85.47
C GLU IB 118 -75.08 2.93 86.97
N GLU IB 119 -75.88 2.09 87.66
CA GLU IB 119 -75.67 1.89 89.10
C GLU IB 119 -74.31 1.28 89.37
N ARG IB 120 -73.90 0.30 88.56
CA ARG IB 120 -72.60 -0.34 88.75
C ARG IB 120 -71.46 0.56 88.30
N TYR IB 121 -71.71 1.45 87.34
CA TYR IB 121 -70.68 2.41 86.94
C TYR IB 121 -70.32 3.31 88.10
N LYS IB 122 -71.32 3.79 88.84
CA LYS IB 122 -71.06 4.46 90.10
C LYS IB 122 -70.42 3.47 91.08
N THR IB 123 -69.88 4.01 92.17
CA THR IB 123 -69.05 3.31 93.14
C THR IB 123 -67.67 2.95 92.57
N GLY IB 124 -67.40 3.27 91.31
CA GLY IB 124 -66.09 3.03 90.73
C GLY IB 124 -65.70 1.58 90.62
N LYS IB 125 -66.66 0.69 90.46
CA LYS IB 125 -66.39 -0.74 90.33
C LYS IB 125 -66.40 -1.14 88.86
N ASN IB 126 -65.45 -2.01 88.50
CA ASN IB 126 -65.24 -2.43 87.12
C ASN IB 126 -64.96 -1.24 86.22
N LYS IB 127 -63.84 -0.55 86.52
CA LYS IB 127 -63.48 0.64 85.77
C LYS IB 127 -63.09 0.32 84.34
N TRP IB 128 -62.73 -0.93 84.06
CA TRP IB 128 -62.34 -1.30 82.70
C TRP IB 128 -63.55 -1.48 81.80
N PHE IB 129 -64.66 -2.00 82.35
CA PHE IB 129 -65.84 -2.23 81.54
C PHE IB 129 -66.41 -0.93 80.99
N PHE IB 130 -66.42 0.12 81.80
CA PHE IB 130 -67.07 1.37 81.43
C PHE IB 130 -66.13 2.36 80.76
N GLN IB 131 -64.84 2.06 80.72
CA GLN IB 131 -63.88 2.89 80.00
C GLN IB 131 -63.84 2.49 78.54
N LYS IB 132 -63.90 3.48 77.65
CA LYS IB 132 -63.97 3.21 76.23
C LYS IB 132 -62.68 2.55 75.73
N LEU IB 133 -62.83 1.57 74.84
CA LEU IB 133 -61.68 0.93 74.23
C LEU IB 133 -61.14 1.86 73.14
N ARG IB 134 -59.86 2.23 73.27
CA ARG IB 134 -59.25 3.25 72.42
C ARG IB 134 -58.47 2.56 71.32
N PHE IB 135 -59.05 2.51 70.12
CA PHE IB 135 -58.41 1.87 68.98
C PHE IB 135 -58.46 2.76 67.74
N PRO JB 1 -14.85 84.51 -5.97
CA PRO JB 1 -15.58 84.33 -7.22
C PRO JB 1 -15.29 82.99 -7.88
N SER JB 2 -16.29 82.11 -7.92
CA SER JB 2 -16.12 80.80 -8.54
C SER JB 2 -16.10 80.88 -10.05
N ARG JB 3 -16.47 82.03 -10.63
CA ARG JB 3 -16.52 82.15 -12.08
C ARG JB 3 -15.14 82.34 -12.71
N LEU JB 4 -14.14 82.76 -11.92
CA LEU JB 4 -12.79 82.96 -12.43
C LEU JB 4 -11.89 81.78 -12.11
N ARG JB 5 -12.46 80.69 -11.61
CA ARG JB 5 -11.69 79.53 -11.17
C ARG JB 5 -11.59 78.52 -12.31
N LYS JB 6 -10.58 77.65 -12.18
CA LYS JB 6 -10.23 76.71 -13.23
C LYS JB 6 -11.32 75.67 -13.47
N THR JB 7 -12.25 75.50 -12.54
CA THR JB 7 -13.31 74.51 -12.71
C THR JB 7 -14.21 74.85 -13.89
N ARG JB 8 -14.39 76.14 -14.17
CA ARG JB 8 -15.29 76.54 -15.26
C ARG JB 8 -14.65 76.30 -16.62
N LYS JB 9 -13.33 76.19 -16.67
CA LYS JB 9 -12.65 75.97 -17.94
C LYS JB 9 -12.45 74.49 -18.25
N LEU JB 10 -12.45 73.64 -17.23
CA LEU JB 10 -12.30 72.20 -17.40
C LEU JB 10 -13.63 71.50 -17.56
N ARG JB 11 -14.71 72.26 -17.70
CA ARG JB 11 -16.05 71.67 -17.71
C ARG JB 11 -16.43 71.21 -19.11
N GLY JB 12 -15.52 70.53 -19.80
CA GLY JB 12 -15.86 69.78 -20.99
C GLY JB 12 -14.95 68.57 -21.15
N HIS JB 13 -14.02 68.43 -20.22
CA HIS JB 13 -12.89 67.52 -20.35
C HIS JB 13 -13.01 66.43 -19.30
N VAL JB 14 -12.87 65.19 -19.72
CA VAL JB 14 -13.34 64.07 -18.91
C VAL JB 14 -12.58 63.98 -17.59
N SER JB 15 -11.26 64.19 -17.61
CA SER JB 15 -10.44 63.90 -16.44
C SER JB 15 -10.29 65.08 -15.50
N HIS JB 16 -10.83 66.24 -15.86
CA HIS JB 16 -10.76 67.44 -15.02
C HIS JB 16 -9.32 67.80 -14.65
N GLY JB 17 -8.40 67.62 -15.59
CA GLY JB 17 -7.04 68.06 -15.40
C GLY JB 17 -6.22 67.22 -14.46
N HIS JB 18 -6.60 65.96 -14.23
CA HIS JB 18 -5.87 65.09 -13.31
C HIS JB 18 -5.29 63.86 -13.99
N GLY JB 19 -5.48 63.72 -15.29
CA GLY JB 19 -4.82 62.66 -16.04
C GLY JB 19 -5.74 61.48 -16.31
N ARG JB 20 -5.49 60.82 -17.45
CA ARG JB 20 -6.20 59.60 -17.82
C ARG JB 20 -5.52 58.37 -17.24
N ILE JB 21 -4.21 58.24 -17.44
CA ILE JB 21 -3.43 57.26 -16.69
C ILE JB 21 -3.53 57.57 -15.22
N GLY JB 22 -3.34 58.85 -14.86
CA GLY JB 22 -3.73 59.42 -13.59
C GLY JB 22 -3.56 58.56 -12.37
N LYS JB 23 -4.58 58.54 -11.53
CA LYS JB 23 -5.76 59.39 -11.66
C LYS JB 23 -5.86 60.26 -10.43
N HIS JB 24 -6.95 61.01 -10.29
CA HIS JB 24 -7.21 61.66 -9.00
C HIS JB 24 -7.85 60.63 -8.08
N ARG JB 25 -7.00 59.85 -7.43
CA ARG JB 25 -7.45 58.90 -6.42
C ARG JB 25 -7.57 59.63 -5.09
N LYS JB 26 -7.79 58.88 -4.01
CA LYS JB 26 -8.04 59.51 -2.72
C LYS JB 26 -6.74 59.99 -2.05
N HIS JB 27 -5.86 59.05 -1.73
CA HIS JB 27 -4.62 59.38 -1.01
C HIS JB 27 -3.51 58.44 -1.43
N PRO JB 28 -2.91 58.65 -2.60
CA PRO JB 28 -1.70 57.93 -2.96
C PRO JB 28 -0.48 58.60 -2.33
N GLY JB 29 0.26 57.85 -1.52
CA GLY JB 29 1.39 58.38 -0.79
C GLY JB 29 1.18 58.52 0.70
N GLY JB 30 -0.06 58.45 1.16
CA GLY JB 30 -0.38 58.56 2.57
C GLY JB 30 -1.13 59.84 2.88
N ARG JB 31 -1.41 60.01 4.17
CA ARG JB 31 -2.17 61.15 4.66
C ARG JB 31 -1.28 62.04 5.51
N GLY JB 32 -1.25 63.33 5.18
CA GLY JB 32 -0.49 64.27 6.00
C GLY JB 32 0.99 64.14 5.71
N ASN JB 33 1.77 64.05 6.78
CA ASN JB 33 3.22 63.89 6.70
C ASN JB 33 3.65 62.43 6.73
N ALA JB 34 2.81 61.54 6.20
CA ALA JB 34 3.11 60.11 6.21
C ALA JB 34 4.38 59.81 5.42
N GLY JB 35 5.16 58.87 5.93
CA GLY JB 35 6.32 58.38 5.21
C GLY JB 35 7.40 59.40 4.99
N GLY JB 36 7.60 60.30 5.96
CA GLY JB 36 8.67 61.26 5.85
C GLY JB 36 10.05 60.66 6.02
N LEU JB 37 10.12 59.40 6.43
CA LEU JB 37 11.38 58.70 6.57
C LEU JB 37 11.51 57.49 5.66
N HIS JB 38 10.45 57.08 4.97
CA HIS JB 38 10.49 55.88 4.15
C HIS JB 38 10.33 56.15 2.66
N HIS JB 39 9.22 56.74 2.23
CA HIS JB 39 8.99 56.97 0.81
C HIS JB 39 8.83 58.44 0.44
N HIS JB 40 8.84 59.33 1.41
CA HIS JB 40 8.99 60.76 1.16
C HIS JB 40 10.25 61.31 1.78
N ARG JB 41 11.25 60.45 2.01
CA ARG JB 41 12.47 60.87 2.68
C ARG JB 41 13.27 61.86 1.86
N ILE JB 42 13.28 61.69 0.54
CA ILE JB 42 14.07 62.58 -0.30
C ILE JB 42 13.55 64.01 -0.19
N ASN JB 43 12.23 64.18 -0.25
CA ASN JB 43 11.66 65.52 -0.11
C ASN JB 43 11.95 66.10 1.27
N PHE JB 44 11.82 65.28 2.32
CA PHE JB 44 11.96 65.79 3.68
C PHE JB 44 13.39 66.23 3.97
N ASP JB 45 14.38 65.43 3.57
CA ASP JB 45 15.76 65.81 3.86
C ASP JB 45 16.36 66.75 2.83
N LYS JB 46 15.68 67.00 1.71
CA LYS JB 46 16.13 67.98 0.74
C LYS JB 46 15.68 69.39 1.09
N TYR JB 47 14.45 69.54 1.56
CA TYR JB 47 13.87 70.83 1.85
C TYR JB 47 13.71 71.11 3.34
N HIS JB 48 13.67 70.08 4.18
CA HIS JB 48 13.55 70.24 5.63
C HIS JB 48 14.61 69.42 6.34
N PRO JB 49 15.89 69.79 6.19
CA PRO JB 49 16.92 69.11 6.98
C PRO JB 49 16.79 69.46 8.45
N GLY JB 50 17.13 68.51 9.30
CA GLY JB 50 16.98 68.70 10.73
C GLY JB 50 15.63 68.29 11.28
N TYR JB 51 14.74 67.74 10.45
CA TYR JB 51 13.38 67.48 10.89
C TYR JB 51 13.32 66.41 11.98
N PHE JB 52 14.12 65.36 11.86
CA PHE JB 52 14.00 64.18 12.70
C PHE JB 52 15.08 64.17 13.78
N GLY JB 53 14.67 64.03 15.03
CA GLY JB 53 15.58 63.87 16.14
C GLY JB 53 15.42 64.95 17.20
N LYS JB 54 16.17 64.79 18.27
CA LYS JB 54 16.18 65.72 19.40
C LYS JB 54 17.49 66.48 19.44
N VAL JB 55 17.44 67.71 19.93
CA VAL JB 55 18.61 68.55 20.13
C VAL JB 55 18.37 69.43 21.35
N GLY JB 56 19.38 69.50 22.22
CA GLY JB 56 19.32 70.40 23.34
C GLY JB 56 18.58 69.84 24.55
N MET JB 57 18.44 70.71 25.55
CA MET JB 57 17.81 70.37 26.81
C MET JB 57 16.39 70.93 26.84
N LYS JB 58 15.45 70.11 27.28
CA LYS JB 58 14.07 70.58 27.43
C LYS JB 58 13.88 71.22 28.80
N HIS JB 59 13.13 72.33 28.81
CA HIS JB 59 12.89 73.10 30.02
C HIS JB 59 11.38 73.26 30.17
N TYR JB 60 10.82 72.61 31.18
CA TYR JB 60 9.38 72.66 31.39
C TYR JB 60 8.96 73.99 31.99
N HIS JB 61 7.71 74.37 31.72
CA HIS JB 61 7.11 75.60 32.25
C HIS JB 61 7.96 76.82 31.89
N LEU JB 62 8.29 76.93 30.62
CA LEU JB 62 8.97 78.12 30.14
C LEU JB 62 8.02 79.30 30.20
N LYS JB 63 8.48 80.39 30.82
CA LYS JB 63 7.73 81.63 30.87
C LYS JB 63 8.44 82.63 29.97
N ARG JB 64 7.79 83.00 28.87
CA ARG JB 64 8.38 83.98 27.96
C ARG JB 64 8.47 85.36 28.57
N ASN JB 65 7.74 85.60 29.66
CA ASN JB 65 7.66 86.96 30.19
C ASN JB 65 8.93 87.33 30.95
N GLN JB 66 9.57 86.36 31.59
CA GLN JB 66 10.80 86.65 32.32
C GLN JB 66 12.04 86.65 31.43
N SER JB 67 11.92 86.21 30.18
CA SER JB 67 12.98 86.35 29.20
C SER JB 67 12.76 87.56 28.28
N PHE JB 68 11.83 88.44 28.64
CA PHE JB 68 11.46 89.56 27.78
C PHE JB 68 12.54 90.62 27.81
N CYS JB 69 13.17 90.86 26.66
CA CYS JB 69 14.19 91.89 26.54
C CYS JB 69 14.22 92.41 25.11
N PRO JB 70 13.34 93.35 24.76
CA PRO JB 70 13.43 93.97 23.44
C PRO JB 70 14.68 94.83 23.33
N THR JB 71 15.18 94.95 22.11
CA THR JB 71 16.46 95.59 21.86
C THR JB 71 16.30 96.70 20.83
N VAL JB 72 17.30 97.59 20.80
CA VAL JB 72 17.32 98.70 19.85
C VAL JB 72 18.77 99.01 19.53
N ASN JB 73 19.04 99.33 18.28
CA ASN JB 73 20.38 99.67 17.82
C ASN JB 73 20.57 101.18 17.87
N LEU JB 74 21.83 101.60 17.76
CA LEU JB 74 22.14 103.02 17.89
C LEU JB 74 21.67 103.83 16.68
N ASP JB 75 21.42 103.18 15.55
CA ASP JB 75 21.02 103.93 14.36
C ASP JB 75 19.63 104.52 14.52
N LYS JB 76 18.78 103.88 15.33
CA LYS JB 76 17.42 104.35 15.58
C LYS JB 76 17.23 104.85 17.00
N LEU JB 77 18.32 105.10 17.73
CA LEU JB 77 18.19 105.51 19.13
C LEU JB 77 17.73 106.96 19.25
N TRP JB 78 18.14 107.80 18.31
CA TRP JB 78 17.74 109.21 18.36
C TRP JB 78 16.28 109.42 17.93
N THR JB 79 15.63 108.40 17.39
CA THR JB 79 14.23 108.50 17.01
C THR JB 79 13.29 108.32 18.20
N LEU JB 80 13.78 107.83 19.33
CA LEU JB 80 12.96 107.65 20.52
C LEU JB 80 12.60 108.96 21.20
N VAL JB 81 13.20 110.06 20.79
CA VAL JB 81 12.94 111.37 21.37
C VAL JB 81 12.53 112.33 20.26
N SER JB 82 11.86 113.41 20.65
CA SER JB 82 11.35 114.36 19.68
C SER JB 82 12.49 115.02 18.91
N GLU JB 83 12.17 115.48 17.71
CA GLU JB 83 13.16 116.21 16.91
C GLU JB 83 13.56 117.52 17.57
N GLN JB 84 12.72 118.06 18.46
CA GLN JB 84 13.11 119.23 19.23
C GLN JB 84 14.31 118.92 20.12
N THR JB 85 14.34 117.74 20.73
CA THR JB 85 15.43 117.37 21.62
C THR JB 85 16.75 117.28 20.85
N ARG JB 86 16.70 116.77 19.61
CA ARG JB 86 17.91 116.69 18.80
C ARG JB 86 18.47 118.07 18.51
N VAL JB 87 17.63 118.98 17.99
CA VAL JB 87 18.15 120.28 17.57
C VAL JB 87 18.59 121.11 18.77
N ASN JB 88 17.81 121.08 19.86
CA ASN JB 88 18.13 121.91 21.01
C ASN JB 88 19.49 121.54 21.59
N ALA JB 89 19.77 120.23 21.68
CA ALA JB 89 21.09 119.80 22.12
C ALA JB 89 22.16 120.18 21.10
N ALA JB 90 21.83 120.09 19.82
CA ALA JB 90 22.81 120.39 18.78
C ALA JB 90 23.23 121.86 18.81
N LYS JB 91 22.27 122.78 18.93
CA LYS JB 91 22.59 124.20 19.01
C LYS JB 91 22.82 124.67 20.45
N ASN JB 92 22.79 123.76 21.42
CA ASN JB 92 23.05 124.15 22.80
C ASN JB 92 24.49 124.63 22.95
N LYS JB 93 24.67 125.71 23.71
CA LYS JB 93 26.01 126.23 23.92
C LYS JB 93 26.74 125.44 25.00
N THR JB 94 26.12 125.25 26.16
CA THR JB 94 26.70 124.39 27.18
C THR JB 94 26.55 122.92 26.77
N GLY JB 95 27.43 122.08 27.33
CA GLY JB 95 27.46 120.69 26.96
C GLY JB 95 26.39 119.85 27.60
N ALA JB 96 25.16 120.36 27.66
CA ALA JB 96 24.05 119.65 28.25
C ALA JB 96 23.56 118.57 27.31
N ALA JB 97 23.76 117.32 27.69
CA ALA JB 97 23.40 116.17 26.88
C ALA JB 97 21.99 115.72 27.22
N PRO JB 98 21.10 115.58 26.23
CA PRO JB 98 19.73 115.16 26.52
C PRO JB 98 19.68 113.72 27.03
N ILE JB 99 18.68 113.47 27.86
CA ILE JB 99 18.45 112.14 28.43
C ILE JB 99 17.60 111.35 27.45
N ILE JB 100 18.06 110.15 27.10
CA ILE JB 100 17.26 109.20 26.32
C ILE JB 100 17.05 107.98 27.20
N ASP JB 101 15.80 107.68 27.52
CA ASP JB 101 15.44 106.52 28.33
C ASP JB 101 14.77 105.52 27.40
N VAL JB 102 15.51 104.48 27.00
CA VAL JB 102 14.95 103.52 26.06
C VAL JB 102 13.94 102.62 26.74
N VAL JB 103 14.04 102.45 28.07
CA VAL JB 103 13.07 101.63 28.78
C VAL JB 103 11.69 102.30 28.76
N ARG JB 104 11.68 103.63 28.85
CA ARG JB 104 10.42 104.36 28.75
C ARG JB 104 9.77 104.14 27.39
N SER JB 105 10.58 104.14 26.32
CA SER JB 105 10.04 103.86 24.99
C SER JB 105 9.54 102.42 24.90
N GLY JB 106 10.26 101.48 25.49
CA GLY JB 106 9.83 100.10 25.47
C GLY JB 106 10.94 99.09 25.25
N TYR JB 107 12.18 99.55 25.11
CA TYR JB 107 13.32 98.68 24.87
C TYR JB 107 14.13 98.50 26.15
N TYR JB 108 14.75 97.33 26.27
CA TYR JB 108 15.51 97.00 27.47
C TYR JB 108 17.02 96.99 27.23
N LYS JB 109 17.46 96.46 26.09
CA LYS JB 109 18.88 96.41 25.75
C LYS JB 109 19.17 97.33 24.58
N VAL JB 110 20.31 98.01 24.65
CA VAL JB 110 20.79 98.88 23.59
C VAL JB 110 21.92 98.17 22.87
N LEU JB 111 21.73 97.91 21.58
CA LEU JB 111 22.76 97.28 20.76
C LEU JB 111 23.47 98.34 19.93
N GLY JB 112 24.60 97.94 19.35
CA GLY JB 112 25.53 98.88 18.74
C GLY JB 112 25.63 98.86 17.23
N LYS JB 113 24.61 98.38 16.53
CA LYS JB 113 24.64 98.42 15.07
C LYS JB 113 24.50 99.86 14.59
N GLY JB 114 25.35 100.26 13.66
CA GLY JB 114 25.27 101.57 13.08
C GLY JB 114 26.26 102.55 13.71
N LYS JB 115 25.93 103.82 13.56
CA LYS JB 115 26.77 104.91 14.04
C LYS JB 115 25.88 105.98 14.65
N LEU JB 116 26.51 106.86 15.44
CA LEU JB 116 25.78 107.94 16.07
C LEU JB 116 26.23 109.30 15.53
N PRO JB 117 25.33 110.28 15.48
CA PRO JB 117 25.76 111.65 15.21
C PRO JB 117 26.65 112.16 16.33
N LYS JB 118 27.54 113.10 15.99
CA LYS JB 118 28.56 113.57 16.91
C LYS JB 118 27.97 114.64 17.83
N GLN JB 119 27.30 114.17 18.89
CA GLN JB 119 26.81 115.05 19.95
C GLN JB 119 26.57 114.22 21.19
N PRO JB 120 26.89 114.73 22.38
CA PRO JB 120 26.78 113.91 23.60
C PRO JB 120 25.33 113.58 23.91
N VAL JB 121 25.16 112.43 24.58
CA VAL JB 121 23.83 111.97 24.98
C VAL JB 121 24.00 111.02 26.15
N ILE JB 122 23.05 111.08 27.09
CA ILE JB 122 22.97 110.14 28.19
C ILE JB 122 21.86 109.14 27.88
N VAL JB 123 22.21 107.86 27.83
CA VAL JB 123 21.28 106.81 27.44
C VAL JB 123 21.04 105.92 28.67
N LYS JB 124 19.78 105.78 29.05
CA LYS JB 124 19.37 104.93 30.15
C LYS JB 124 18.79 103.65 29.57
N ALA JB 125 19.30 102.50 30.03
CA ALA JB 125 18.82 101.21 29.56
C ALA JB 125 19.10 100.17 30.64
N LYS JB 126 18.43 99.03 30.52
CA LYS JB 126 18.70 97.92 31.43
C LYS JB 126 20.03 97.24 31.09
N PHE JB 127 20.31 97.01 29.82
CA PHE JB 127 21.53 96.35 29.40
C PHE JB 127 22.14 97.08 28.21
N PHE JB 128 23.46 97.00 28.10
CA PHE JB 128 24.19 97.52 26.96
C PHE JB 128 25.09 96.43 26.41
N SER JB 129 25.31 96.47 25.10
CA SER JB 129 26.37 95.66 24.51
C SER JB 129 27.69 96.40 24.64
N ARG JB 130 28.78 95.67 24.46
CA ARG JB 130 30.10 96.28 24.60
C ARG JB 130 30.34 97.35 23.55
N ARG JB 131 29.94 97.08 22.30
CA ARG JB 131 30.21 98.02 21.22
C ARG JB 131 29.28 99.23 21.30
N ALA JB 132 28.04 99.02 21.75
CA ALA JB 132 27.14 100.15 21.95
C ALA JB 132 27.65 101.07 23.05
N GLU JB 133 28.19 100.49 24.13
CA GLU JB 133 28.83 101.29 25.16
C GLU JB 133 30.04 102.04 24.61
N GLU JB 134 30.84 101.35 23.80
CA GLU JB 134 32.02 101.99 23.22
C GLU JB 134 31.64 103.13 22.29
N LYS JB 135 30.59 102.95 21.49
CA LYS JB 135 30.18 103.98 20.54
C LYS JB 135 29.55 105.17 21.25
N ILE JB 136 28.81 104.95 22.33
CA ILE JB 136 28.22 106.06 23.06
C ILE JB 136 29.28 106.91 23.72
N LYS JB 137 30.35 106.28 24.23
CA LYS JB 137 31.43 107.02 24.85
C LYS JB 137 32.20 107.85 23.83
N SER JB 138 32.33 107.33 22.60
CA SER JB 138 33.17 108.00 21.60
C SER JB 138 32.60 109.38 21.24
N VAL JB 139 31.28 109.48 21.10
CA VAL JB 139 30.66 110.77 20.81
C VAL JB 139 30.59 111.66 22.03
N GLY JB 140 31.14 111.22 23.17
CA GLY JB 140 31.15 112.01 24.37
C GLY JB 140 30.02 111.75 25.33
N GLY JB 141 29.19 110.75 25.05
CA GLY JB 141 28.05 110.47 25.89
C GLY JB 141 28.38 109.63 27.10
N ALA JB 142 27.32 109.23 27.80
CA ALA JB 142 27.43 108.43 29.00
C ALA JB 142 26.41 107.29 28.96
N CYS JB 143 26.73 106.20 29.64
CA CYS JB 143 25.87 105.04 29.71
C CYS JB 143 25.39 104.84 31.14
N VAL JB 144 24.07 104.84 31.33
CA VAL JB 144 23.48 104.79 32.66
C VAL JB 144 22.61 103.54 32.75
N LEU JB 145 22.80 102.77 33.83
CA LEU JB 145 22.10 101.51 34.03
C LEU JB 145 20.81 101.72 34.80
N VAL JB 146 19.77 100.99 34.39
CA VAL JB 146 18.44 101.10 34.97
C VAL JB 146 17.95 99.70 35.32
N ALA JB 147 17.34 99.58 36.48
CA ALA JB 147 16.85 98.29 36.95
C ALA JB 147 15.37 98.09 36.67
N ALA KB 1 3.32 41.66 -13.61
CA ALA KB 1 4.46 40.75 -13.49
C ALA KB 1 5.76 41.48 -13.83
N LYS KB 2 6.48 40.97 -14.82
CA LYS KB 2 7.74 41.58 -15.22
C LYS KB 2 7.49 42.88 -15.99
N SER KB 3 8.51 43.73 -15.99
CA SER KB 3 8.44 45.00 -16.71
C SER KB 3 9.77 45.23 -17.41
N LYS KB 4 9.93 46.45 -17.93
CA LYS KB 4 11.21 46.85 -18.49
C LYS KB 4 12.16 47.24 -17.37
N ASN KB 5 13.45 46.97 -17.56
CA ASN KB 5 14.43 47.14 -16.47
C ASN KB 5 15.07 48.52 -16.50
N HIS KB 6 15.74 48.86 -17.60
CA HIS KB 6 16.43 50.13 -17.71
C HIS KB 6 16.52 50.51 -19.17
N THR KB 7 16.45 51.81 -19.45
CA THR KB 7 16.46 52.26 -20.84
C THR KB 7 16.90 53.73 -20.88
N THR KB 8 17.76 54.05 -21.85
CA THR KB 8 18.18 55.42 -22.11
C THR KB 8 17.54 56.00 -23.36
N HIS KB 9 16.61 55.27 -23.98
CA HIS KB 9 15.89 55.77 -25.14
C HIS KB 9 15.17 57.07 -24.81
N ASN KB 10 15.26 58.04 -25.74
CA ASN KB 10 14.58 59.32 -25.67
C ASN KB 10 15.22 60.25 -24.63
N GLN KB 11 16.19 59.76 -23.86
CA GLN KB 11 16.83 60.60 -22.85
C GLN KB 11 17.69 61.67 -23.50
N SER KB 12 18.40 61.33 -24.57
CA SER KB 12 19.19 62.32 -25.28
C SER KB 12 18.31 63.40 -25.89
N ARG KB 13 17.17 63.00 -26.46
CA ARG KB 13 16.23 63.97 -27.01
C ARG KB 13 15.64 64.83 -25.90
N LYS KB 14 15.39 64.23 -24.73
CA LYS KB 14 14.80 64.97 -23.62
C LYS KB 14 15.73 66.08 -23.16
N TRP KB 15 17.00 65.77 -22.94
CA TRP KB 15 17.90 66.76 -22.36
C TRP KB 15 18.63 67.59 -23.40
N HIS KB 16 18.39 67.35 -24.69
CA HIS KB 16 18.75 68.31 -25.72
C HIS KB 16 17.60 69.25 -26.05
N ARG KB 17 16.44 69.05 -25.43
CA ARG KB 17 15.26 69.83 -25.76
C ARG KB 17 15.38 71.26 -25.22
N ASN KB 18 15.97 71.41 -24.03
CA ASN KB 18 16.26 72.71 -23.46
C ASN KB 18 17.73 73.09 -23.65
N GLY KB 19 18.48 72.31 -24.41
CA GLY KB 19 19.88 72.59 -24.64
C GLY KB 19 20.76 72.00 -23.55
N ILE KB 20 21.95 71.54 -23.94
CA ILE KB 20 22.95 71.08 -22.98
C ILE KB 20 23.94 72.23 -22.80
N LYS KB 21 23.80 72.97 -21.71
CA LYS KB 21 24.48 74.25 -21.54
C LYS KB 21 25.74 74.07 -20.72
N LYS KB 22 26.85 74.59 -21.24
CA LYS KB 22 28.10 74.56 -20.51
C LYS KB 22 28.03 75.50 -19.30
N PRO KB 23 28.73 75.18 -18.22
CA PRO KB 23 28.65 76.01 -17.01
C PRO KB 23 29.11 77.43 -17.28
N ARG KB 24 28.44 78.39 -16.65
CA ARG KB 24 28.75 79.80 -16.85
C ARG KB 24 30.10 80.13 -16.22
N SER KB 25 31.09 80.43 -17.05
CA SER KB 25 32.39 80.85 -16.58
C SER KB 25 32.49 82.37 -16.68
N GLN KB 26 32.97 83.00 -15.61
CA GLN KB 26 33.06 84.44 -15.53
C GLN KB 26 34.39 84.85 -14.93
N ARG KB 27 34.78 86.09 -15.19
CA ARG KB 27 36.01 86.62 -14.63
C ARG KB 27 35.93 86.63 -13.10
N TYR KB 28 37.08 86.42 -12.46
CA TYR KB 28 37.15 86.27 -11.00
C TYR KB 28 36.33 85.04 -10.55
N GLU KB 29 36.83 83.87 -10.91
CA GLU KB 29 36.27 82.64 -10.39
C GLU KB 29 36.64 82.48 -8.91
N SER KB 30 35.84 81.69 -8.19
CA SER KB 30 35.92 81.63 -6.75
C SER KB 30 37.23 80.99 -6.28
N LEU KB 31 37.67 81.41 -5.11
CA LEU KB 31 38.97 81.02 -4.55
C LEU KB 31 38.90 79.83 -3.61
N LYS KB 32 37.73 79.24 -3.42
CA LYS KB 32 37.60 78.14 -2.47
C LYS KB 32 38.25 76.87 -2.99
N GLY KB 33 38.79 76.06 -2.07
CA GLY KB 33 39.40 74.80 -2.40
C GLY KB 33 40.91 74.83 -2.55
N VAL KB 34 41.52 76.00 -2.65
CA VAL KB 34 42.97 76.12 -2.82
C VAL KB 34 43.66 76.00 -1.47
N ASP KB 35 44.98 75.91 -1.50
CA ASP KB 35 45.78 75.60 -0.31
C ASP KB 35 45.52 76.63 0.79
N PRO KB 36 45.13 76.22 1.99
CA PRO KB 36 44.92 77.20 3.07
C PRO KB 36 46.17 77.97 3.46
N LYS KB 37 47.35 77.37 3.35
CA LYS KB 37 48.57 78.12 3.60
C LYS KB 37 48.75 79.21 2.55
N PHE KB 38 48.49 78.87 1.28
CA PHE KB 38 48.60 79.85 0.22
C PHE KB 38 47.54 80.95 0.35
N LEU KB 39 46.31 80.57 0.72
CA LEU KB 39 45.24 81.56 0.84
C LEU KB 39 45.52 82.58 1.94
N ARG KB 40 46.02 82.13 3.09
CA ARG KB 40 46.17 83.09 4.18
C ARG KB 40 47.31 84.06 3.92
N ASN KB 41 48.27 83.67 3.07
CA ASN KB 41 49.33 84.59 2.70
C ASN KB 41 48.84 85.63 1.69
N MET KB 42 47.95 85.24 0.79
CA MET KB 42 47.37 86.20 -0.13
C MET KB 42 46.56 87.24 0.61
N ARG KB 43 45.83 86.81 1.64
CA ARG KB 43 45.06 87.77 2.45
C ARG KB 43 45.99 88.74 3.16
N PHE KB 44 47.18 88.27 3.56
CA PHE KB 44 48.17 89.17 4.13
C PHE KB 44 48.77 90.06 3.06
N ALA KB 45 48.92 89.55 1.85
CA ALA KB 45 49.40 90.37 0.74
C ALA KB 45 48.39 91.48 0.40
N LYS KB 46 47.10 91.13 0.37
CA LYS KB 46 46.08 92.11 -0.02
C LYS KB 46 45.80 93.09 1.11
N LYS KB 47 45.88 92.64 2.36
CA LYS KB 47 45.64 93.54 3.49
C LYS KB 47 46.71 94.62 3.57
N HIS KB 48 47.96 94.25 3.28
CA HIS KB 48 49.08 95.18 3.38
C HIS KB 48 49.35 95.92 2.07
N ASN KB 49 48.48 95.79 1.08
CA ASN KB 49 48.63 96.56 -0.15
C ASN KB 49 48.49 98.06 0.10
N LYS KB 50 47.90 98.45 1.23
CA LYS KB 50 47.71 99.87 1.54
C LYS KB 50 49.04 100.59 1.62
N LYS KB 51 50.00 100.02 2.35
CA LYS KB 51 51.34 100.60 2.39
C LYS KB 51 52.01 100.43 1.04
N GLY KB 52 52.89 101.36 0.71
CA GLY KB 52 53.43 101.43 -0.63
C GLY KB 52 52.52 102.10 -1.63
N LEU KB 53 51.37 102.63 -1.19
CA LEU KB 53 50.47 103.31 -2.10
C LEU KB 53 51.07 104.63 -2.58
N LYS KB 54 51.68 105.39 -1.67
CA LYS KB 54 52.29 106.66 -2.05
C LYS KB 54 53.41 106.45 -3.06
N LYS KB 55 54.25 105.45 -2.83
CA LYS KB 55 55.32 105.14 -3.77
C LYS KB 55 54.76 104.71 -5.12
N MET KB 56 53.66 103.94 -5.10
CA MET KB 56 53.02 103.55 -6.35
C MET KB 56 52.48 104.75 -7.10
N GLN KB 57 51.86 105.69 -6.37
CA GLN KB 57 51.37 106.91 -7.02
C GLN KB 57 52.51 107.77 -7.54
N ALA KB 58 53.61 107.88 -6.79
CA ALA KB 58 54.78 108.60 -7.30
C ALA KB 58 55.36 107.90 -8.53
N ASN KB 59 55.43 106.57 -8.49
CA ASN KB 59 55.95 105.83 -9.64
C ASN KB 59 55.03 105.98 -10.85
N ASN KB 60 53.71 105.97 -10.62
CA ASN KB 60 52.78 106.17 -11.72
C ASN KB 60 52.91 107.57 -12.32
N ALA KB 61 53.06 108.58 -11.47
CA ALA KB 61 53.12 109.96 -11.96
C ALA KB 61 54.38 110.19 -12.79
N LYS KB 62 55.53 109.70 -12.33
CA LYS KB 62 56.77 109.93 -13.06
C LYS KB 62 56.76 109.18 -14.40
N ALA KB 63 56.14 108.00 -14.43
CA ALA KB 63 55.96 107.32 -15.71
C ALA KB 63 55.00 108.08 -16.61
N MET KB 64 53.92 108.63 -16.03
CA MET KB 64 52.99 109.43 -16.82
C MET KB 64 53.66 110.68 -17.36
N SER KB 65 54.50 111.34 -16.55
CA SER KB 65 55.18 112.54 -17.02
C SER KB 65 56.21 112.21 -18.08
N ALA KB 66 57.03 111.18 -17.85
CA ALA KB 66 58.07 110.83 -18.81
C ALA KB 66 57.47 110.37 -20.13
N ARG KB 67 56.41 109.55 -20.07
CA ARG KB 67 55.79 109.07 -21.30
C ARG KB 67 55.14 110.21 -22.08
N ALA KB 68 54.43 111.10 -21.37
CA ALA KB 68 53.75 112.19 -22.05
C ALA KB 68 54.73 113.16 -22.68
N GLU KB 69 55.80 113.51 -21.97
CA GLU KB 69 56.78 114.44 -22.52
C GLU KB 69 57.56 113.78 -23.66
N ALA KB 70 57.67 112.45 -23.64
CA ALA KB 70 58.20 111.76 -24.80
C ALA KB 70 57.24 111.84 -25.99
N ILE KB 71 55.94 111.72 -25.73
CA ILE KB 71 54.95 111.81 -26.80
C ILE KB 71 54.86 113.24 -27.33
N LYS KB 72 54.95 114.23 -26.44
CA LYS KB 72 54.86 115.62 -26.86
C LYS KB 72 56.13 116.13 -27.51
N ALA KB 73 57.19 115.32 -27.58
CA ALA KB 73 58.43 115.70 -28.26
C ALA KB 73 58.20 115.60 -29.76
N LEU KB 74 57.75 116.72 -30.35
CA LEU KB 74 57.44 116.80 -31.77
C LEU KB 74 58.40 117.75 -32.47
N VAL KB 75 58.93 117.32 -33.61
CA VAL KB 75 59.77 118.12 -34.52
C VAL KB 75 60.73 119.04 -33.79
N VAL KB 88 44.76 110.38 -63.49
CA VAL KB 88 44.00 109.85 -64.61
C VAL KB 88 42.50 110.08 -64.39
N SER KB 89 41.73 109.90 -65.45
CA SER KB 89 40.29 110.15 -65.37
C SER KB 89 39.60 109.14 -64.46
N ARG KB 90 39.67 107.85 -64.83
CA ARG KB 90 39.10 106.75 -64.05
C ARG KB 90 37.60 106.97 -63.81
N LYS KB 91 36.86 106.89 -64.91
CA LYS KB 91 35.43 107.20 -64.90
C LYS KB 91 34.68 106.47 -63.79
N LEU KB 92 35.02 105.20 -63.56
CA LEU KB 92 34.32 104.43 -62.53
C LEU KB 92 34.55 105.01 -61.14
N ASP KB 93 35.77 105.49 -60.88
CA ASP KB 93 36.06 106.09 -59.58
C ASP KB 93 35.50 107.51 -59.48
N ARG KB 94 35.53 108.25 -60.59
CA ARG KB 94 35.01 109.62 -60.56
C ARG KB 94 33.52 109.64 -60.29
N LEU KB 95 32.78 108.68 -60.88
CA LEU KB 95 31.33 108.66 -60.71
C LEU KB 95 30.93 108.37 -59.27
N ALA KB 96 31.70 107.52 -58.59
CA ALA KB 96 31.43 107.26 -57.19
C ALA KB 96 31.68 108.49 -56.34
N TYR KB 97 32.69 109.28 -56.69
CA TYR KB 97 32.93 110.54 -55.99
C TYR KB 97 31.79 111.52 -56.21
N ILE KB 98 31.29 111.61 -57.45
CA ILE KB 98 30.13 112.45 -57.73
C ILE KB 98 28.91 111.95 -56.95
N ALA KB 99 28.69 110.65 -56.94
CA ALA KB 99 27.53 110.07 -56.27
C ALA KB 99 27.62 110.17 -54.76
N HIS KB 100 28.78 110.51 -54.22
CA HIS KB 100 28.89 110.72 -52.78
C HIS KB 100 28.02 111.90 -52.37
N PRO KB 101 27.18 111.76 -51.34
CA PRO KB 101 26.28 112.86 -50.97
C PRO KB 101 26.98 114.15 -50.59
N LYS KB 102 28.14 114.08 -49.93
CA LYS KB 102 28.84 115.29 -49.51
C LYS KB 102 30.09 115.59 -50.31
N LEU KB 103 30.81 114.56 -50.78
CA LEU KB 103 32.03 114.83 -51.54
C LEU KB 103 31.72 115.28 -52.96
N GLY KB 104 30.58 114.87 -53.50
CA GLY KB 104 30.21 115.24 -54.85
C GLY KB 104 29.20 116.36 -54.93
N LYS KB 105 28.99 117.09 -53.83
CA LYS KB 105 27.97 118.13 -53.80
C LYS KB 105 28.25 119.20 -54.84
N ARG KB 106 29.38 119.91 -54.73
CA ARG KB 106 29.69 120.92 -55.74
C ARG KB 106 30.23 120.28 -57.01
N ALA KB 107 30.70 119.04 -56.93
CA ALA KB 107 31.11 118.33 -58.14
C ALA KB 107 29.91 118.08 -59.05
N ARG KB 108 28.78 117.68 -58.48
CA ARG KB 108 27.57 117.46 -59.27
C ARG KB 108 26.73 118.73 -59.40
N ALA KB 109 27.02 119.75 -58.59
CA ALA KB 109 26.36 121.04 -58.78
C ALA KB 109 26.91 121.74 -60.01
N ARG KB 110 28.20 121.58 -60.30
CA ARG KB 110 28.80 122.25 -61.43
C ARG KB 110 28.39 121.59 -62.75
N ILE KB 111 28.15 120.29 -62.73
CA ILE KB 111 27.65 119.63 -63.93
C ILE KB 111 26.17 119.92 -64.12
N ALA KB 112 25.46 120.15 -63.02
CA ALA KB 112 24.04 120.48 -63.12
C ALA KB 112 23.84 121.85 -63.75
N LYS KB 113 24.57 122.85 -63.29
CA LYS KB 113 24.41 124.19 -63.86
C LYS KB 113 24.95 124.22 -65.29
N GLY KB 114 26.10 123.59 -65.53
CA GLY KB 114 26.73 123.62 -66.84
C GLY KB 114 25.86 123.04 -67.94
N LEU KB 115 25.00 122.08 -67.61
CA LEU KB 115 24.09 121.53 -68.59
C LEU KB 115 22.95 122.50 -68.93
N ARG KB 116 22.78 123.57 -68.16
CA ARG KB 116 21.69 124.53 -68.40
C ARG KB 116 22.25 125.95 -68.42
N LEU KB 117 22.84 126.33 -69.54
CA LEU KB 117 23.23 127.67 -69.97
C LEU KB 117 23.72 127.55 -71.40
N CYS KB 118 24.03 128.70 -72.01
CA CYS KB 118 24.60 128.73 -73.36
C CYS KB 118 25.59 129.89 -73.43
N ARG KB 119 26.88 129.58 -73.34
CA ARG KB 119 27.91 130.60 -73.41
C ARG KB 119 28.88 130.29 -74.54
N PRO KB 120 29.03 131.19 -75.50
CA PRO KB 120 29.97 130.95 -76.61
C PRO KB 120 31.41 131.11 -76.16
N LYS KB 121 32.35 130.68 -77.01
CA LYS KB 121 33.78 130.77 -76.73
C LYS KB 121 34.16 129.92 -75.52
N LYS LB 1 -32.66 -34.63 68.47
CA LYS LB 1 -33.69 -35.62 68.77
C LYS LB 1 -35.04 -34.93 68.99
N SER LB 2 -35.00 -33.66 69.40
CA SER LB 2 -36.24 -32.92 69.60
C SER LB 2 -36.93 -32.61 68.27
N LEU LB 3 -36.17 -32.15 67.28
CA LEU LB 3 -36.75 -31.80 65.98
C LEU LB 3 -37.32 -33.02 65.28
N GLU LB 4 -36.62 -34.15 65.33
CA GLU LB 4 -37.09 -35.33 64.63
C GLU LB 4 -38.30 -35.95 65.31
N SER LB 5 -38.40 -35.78 66.63
CA SER LB 5 -39.50 -36.39 67.39
C SER LB 5 -40.82 -35.67 67.15
N ILE LB 6 -40.80 -34.33 67.13
CA ILE LB 6 -42.03 -33.57 66.99
C ILE LB 6 -42.69 -33.86 65.64
N ASN LB 7 -41.90 -33.91 64.57
CA ASN LB 7 -42.44 -34.23 63.26
C ASN LB 7 -43.06 -35.62 63.25
N SER LB 8 -42.44 -36.57 63.97
CA SER LB 8 -43.01 -37.92 64.04
C SER LB 8 -44.20 -37.98 64.98
N ARG LB 9 -44.17 -37.22 66.08
CA ARG LB 9 -45.33 -37.18 66.96
C ARG LB 9 -46.52 -36.54 66.27
N LEU LB 10 -46.27 -35.51 65.45
CA LEU LB 10 -47.33 -34.92 64.64
C LEU LB 10 -47.77 -35.88 63.54
N GLN LB 11 -46.86 -36.70 63.03
CA GLN LB 11 -47.22 -37.74 62.06
C GLN LB 11 -48.21 -38.73 62.63
N LEU LB 12 -47.95 -39.22 63.84
CA LEU LB 12 -48.78 -40.28 64.40
C LEU LB 12 -50.12 -39.73 64.86
N VAL LB 13 -50.19 -38.42 65.14
CA VAL LB 13 -51.46 -37.80 65.51
C VAL LB 13 -52.47 -37.97 64.38
N MET LB 14 -52.05 -37.72 63.15
CA MET LB 14 -52.89 -38.01 62.00
C MET LB 14 -53.02 -39.52 61.83
N LYS LB 15 -54.12 -39.93 61.18
CA LYS LB 15 -54.52 -41.32 60.94
C LYS LB 15 -54.50 -42.17 62.22
N SER LB 16 -54.42 -41.53 63.38
CA SER LB 16 -54.68 -42.21 64.64
C SER LB 16 -55.47 -41.37 65.64
N GLY LB 17 -55.59 -40.05 65.44
CA GLY LB 17 -56.27 -39.20 66.38
C GLY LB 17 -57.02 -38.08 65.67
N LYS LB 18 -57.83 -37.36 66.45
CA LYS LB 18 -58.69 -36.32 65.89
C LYS LB 18 -57.97 -34.99 65.94
N TYR LB 19 -57.94 -34.31 64.79
CA TYR LB 19 -57.28 -33.02 64.65
C TYR LB 19 -58.17 -32.11 63.81
N VAL LB 20 -57.81 -30.84 63.75
CA VAL LB 20 -58.48 -29.90 62.86
C VAL LB 20 -57.44 -28.93 62.34
N LEU LB 21 -57.56 -28.57 61.06
CA LEU LB 21 -56.59 -27.76 60.36
C LEU LB 21 -57.21 -26.43 59.97
N GLY LB 22 -56.57 -25.33 60.35
CA GLY LB 22 -57.02 -24.03 59.91
C GLY LB 22 -57.42 -23.08 61.01
N TYR LB 23 -57.36 -21.78 60.73
CA TYR LB 23 -57.56 -20.76 61.77
C TYR LB 23 -59.00 -20.73 62.28
N LYS LB 24 -59.97 -20.74 61.37
CA LYS LB 24 -61.36 -20.62 61.80
C LYS LB 24 -61.83 -21.88 62.51
N GLN LB 25 -61.37 -23.05 62.07
CA GLN LB 25 -61.71 -24.28 62.76
C GLN LB 25 -60.96 -24.42 64.09
N THR LB 26 -59.73 -23.91 64.17
CA THR LB 26 -59.03 -23.88 65.44
C THR LB 26 -59.74 -22.97 66.44
N LEU LB 27 -60.19 -21.80 65.98
CA LEU LB 27 -60.90 -20.88 66.86
C LEU LB 27 -62.17 -21.49 67.40
N LYS LB 28 -62.89 -22.24 66.56
CA LYS LB 28 -64.08 -22.94 67.03
C LYS LB 28 -63.71 -23.94 68.12
N MET LB 29 -62.73 -24.81 67.85
CA MET LB 29 -62.40 -25.89 68.77
C MET LB 29 -61.95 -25.36 70.13
N ILE LB 30 -61.20 -24.26 70.13
CA ILE LB 30 -60.76 -23.67 71.38
C ILE LB 30 -61.96 -23.18 72.19
N ARG LB 31 -62.92 -22.52 71.52
CA ARG LB 31 -64.02 -21.90 72.24
C ARG LB 31 -65.09 -22.90 72.65
N GLN LB 32 -65.04 -24.14 72.16
CA GLN LB 32 -65.83 -25.23 72.71
C GLN LB 32 -65.00 -26.15 73.61
N GLY LB 33 -63.75 -25.78 73.89
CA GLY LB 33 -62.92 -26.53 74.80
C GLY LB 33 -62.48 -27.89 74.32
N LYS LB 34 -62.62 -28.19 73.03
CA LYS LB 34 -62.25 -29.49 72.49
C LYS LB 34 -60.78 -29.56 72.07
N ALA LB 35 -60.08 -28.44 72.01
CA ALA LB 35 -58.68 -28.41 71.60
C ALA LB 35 -57.77 -28.63 72.80
N LYS LB 36 -56.86 -29.59 72.67
CA LYS LB 36 -55.88 -29.88 73.71
C LYS LB 36 -54.53 -29.26 73.44
N LEU LB 37 -54.18 -29.08 72.17
CA LEU LB 37 -52.90 -28.50 71.77
C LEU LB 37 -53.08 -27.76 70.46
N VAL LB 38 -52.55 -26.55 70.39
CA VAL LB 38 -52.61 -25.72 69.19
C VAL LB 38 -51.19 -25.46 68.72
N ILE LB 39 -50.91 -25.77 67.46
CA ILE LB 39 -49.59 -25.62 66.88
C ILE LB 39 -49.64 -24.51 65.83
N LEU LB 40 -48.76 -23.53 65.96
CA LEU LB 40 -48.71 -22.39 65.07
C LEU LB 40 -47.39 -22.38 64.30
N ALA LB 41 -47.50 -22.15 63.00
CA ALA LB 41 -46.31 -21.88 62.20
C ALA LB 41 -45.70 -20.56 62.60
N ASN LB 42 -44.37 -20.45 62.50
CA ASN LB 42 -43.74 -19.18 62.82
C ASN LB 42 -44.01 -18.15 61.72
N ASN LB 43 -44.59 -18.59 60.61
CA ASN LB 43 -45.08 -17.70 59.57
C ASN LB 43 -46.42 -17.07 59.92
N CYS LB 44 -47.02 -17.46 61.04
CA CYS LB 44 -48.35 -16.98 61.38
C CYS LB 44 -48.32 -15.46 61.56
N PRO LB 45 -49.35 -14.75 61.10
CA PRO LB 45 -49.39 -13.31 61.33
C PRO LB 45 -49.34 -13.00 62.80
N ALA LB 46 -48.63 -11.92 63.14
CA ALA LB 46 -48.36 -11.61 64.53
C ALA LB 46 -49.65 -11.34 65.30
N LEU LB 47 -50.65 -10.75 64.64
CA LEU LB 47 -51.93 -10.53 65.30
C LEU LB 47 -52.69 -11.83 65.48
N ARG LB 48 -52.70 -12.67 64.44
CA ARG LB 48 -53.38 -13.96 64.54
C ARG LB 48 -52.68 -14.87 65.54
N LYS LB 49 -51.34 -14.83 65.56
CA LYS LB 49 -50.59 -15.64 66.52
C LYS LB 49 -50.90 -15.23 67.96
N SER LB 50 -50.94 -13.92 68.22
CA SER LB 50 -51.18 -13.46 69.59
C SER LB 50 -52.64 -13.66 69.99
N GLU LB 51 -53.55 -13.63 69.03
CA GLU LB 51 -54.96 -13.85 69.35
C GLU LB 51 -55.21 -15.30 69.75
N ILE LB 52 -54.52 -16.24 69.11
CA ILE LB 52 -54.64 -17.64 69.48
C ILE LB 52 -54.18 -17.86 70.92
N GLU LB 53 -53.06 -17.23 71.29
CA GLU LB 53 -52.53 -17.39 72.64
C GLU LB 53 -53.52 -16.90 73.68
N TYR LB 54 -54.19 -15.78 73.41
CA TYR LB 54 -55.20 -15.28 74.33
C TYR LB 54 -56.37 -16.24 74.44
N TYR LB 55 -56.81 -16.80 73.30
CA TYR LB 55 -57.86 -17.81 73.33
C TYR LB 55 -57.41 -19.04 74.12
N ALA LB 56 -56.15 -19.45 73.92
CA ALA LB 56 -55.63 -20.62 74.62
C ALA LB 56 -55.58 -20.41 76.12
N MET LB 57 -55.14 -19.23 76.57
CA MET LB 57 -55.04 -18.96 77.99
C MET LB 57 -56.42 -19.00 78.66
N LEU LB 58 -57.45 -18.52 77.97
CA LEU LB 58 -58.80 -18.61 78.51
C LEU LB 58 -59.27 -20.05 78.60
N ALA LB 59 -58.93 -20.87 77.61
CA ALA LB 59 -59.35 -22.27 77.55
C ALA LB 59 -58.36 -23.22 78.20
N LYS LB 60 -57.23 -22.72 78.71
CA LYS LB 60 -56.23 -23.53 79.37
C LYS LB 60 -55.75 -24.69 78.48
N THR LB 61 -55.47 -24.36 77.22
CA THR LB 61 -54.96 -25.31 76.27
C THR LB 61 -53.55 -24.92 75.85
N GLY LB 62 -52.72 -25.91 75.55
CA GLY LB 62 -51.33 -25.64 75.25
C GLY LB 62 -51.13 -25.19 73.82
N VAL LB 63 -50.23 -24.22 73.64
CA VAL LB 63 -49.88 -23.68 72.33
C VAL LB 63 -48.43 -24.01 72.05
N HIS LB 64 -48.18 -24.72 70.95
CA HIS LB 64 -46.84 -25.01 70.50
C HIS LB 64 -46.47 -24.03 69.39
N HIS LB 65 -45.17 -23.87 69.18
CA HIS LB 65 -44.65 -22.81 68.33
C HIS LB 65 -43.76 -23.39 67.24
N TYR LB 66 -44.31 -24.34 66.49
CA TYR LB 66 -43.60 -25.14 65.49
C TYR LB 66 -42.53 -24.33 64.77
N SER LB 67 -41.37 -24.96 64.57
CA SER LB 67 -40.19 -24.29 64.04
C SER LB 67 -40.10 -24.39 62.53
N GLY LB 68 -41.24 -24.40 61.84
CA GLY LB 68 -41.26 -24.46 60.39
C GLY LB 68 -41.84 -23.23 59.77
N ASN LB 69 -42.94 -23.39 59.02
CA ASN LB 69 -43.83 -22.31 58.60
C ASN LB 69 -45.03 -22.99 57.93
N ASN LB 70 -45.95 -22.20 57.40
CA ASN LB 70 -47.19 -22.78 56.89
C ASN LB 70 -46.93 -23.77 55.77
N ILE LB 71 -45.84 -23.58 55.01
CA ILE LB 71 -45.49 -24.53 53.97
C ILE LB 71 -45.07 -25.87 54.58
N GLU LB 72 -44.17 -25.82 55.56
CA GLU LB 72 -43.60 -27.07 56.08
C GLU LB 72 -44.31 -27.53 57.34
N LEU LB 73 -45.17 -26.70 57.93
CA LEU LB 73 -46.16 -27.21 58.87
C LEU LB 73 -47.19 -28.06 58.15
N GLY LB 74 -47.63 -27.62 56.97
CA GLY LB 74 -48.53 -28.42 56.18
C GLY LB 74 -47.90 -29.71 55.69
N THR LB 75 -46.62 -29.64 55.27
CA THR LB 75 -45.91 -30.83 54.86
C THR LB 75 -45.77 -31.82 56.02
N ALA LB 76 -45.46 -31.32 57.22
CA ALA LB 76 -45.38 -32.18 58.38
C ALA LB 76 -46.74 -32.78 58.72
N CYS LB 77 -47.81 -32.14 58.26
CA CYS LB 77 -49.16 -32.64 58.45
C CYS LB 77 -49.53 -33.75 57.48
N GLY LB 78 -48.65 -34.09 56.53
CA GLY LB 78 -48.98 -35.02 55.49
C GLY LB 78 -49.86 -34.44 54.41
N LYS LB 79 -50.01 -33.13 54.37
CA LYS LB 79 -50.92 -32.45 53.46
C LYS LB 79 -50.16 -31.69 52.39
N TYR LB 80 -50.82 -31.45 51.27
CA TYR LB 80 -50.22 -30.79 50.12
C TYR LB 80 -50.55 -29.30 50.07
N TYR LB 81 -51.15 -28.77 51.13
CA TYR LB 81 -51.51 -27.37 51.20
C TYR LB 81 -50.94 -26.78 52.48
N ARG LB 82 -50.79 -25.45 52.48
CA ARG LB 82 -50.23 -24.77 53.64
C ARG LB 82 -51.24 -24.71 54.78
N VAL LB 83 -50.78 -25.04 55.98
CA VAL LB 83 -51.58 -24.86 57.19
C VAL LB 83 -50.76 -24.01 58.16
N CYS LB 84 -51.41 -23.03 58.78
CA CYS LB 84 -50.73 -22.10 59.65
C CYS LB 84 -51.03 -22.34 61.12
N THR LB 85 -52.30 -22.51 61.48
CA THR LB 85 -52.69 -22.91 62.81
C THR LB 85 -53.45 -24.22 62.72
N LEU LB 86 -53.36 -25.03 63.78
CA LEU LB 86 -54.05 -26.30 63.80
C LEU LB 86 -54.25 -26.72 65.26
N ALA LB 87 -55.25 -27.58 65.48
CA ALA LB 87 -55.60 -28.01 66.82
C ALA LB 87 -55.66 -29.53 66.87
N ILE LB 88 -55.27 -30.09 68.00
CA ILE LB 88 -55.33 -31.53 68.23
C ILE LB 88 -56.48 -31.77 69.19
N ILE LB 89 -57.55 -32.41 68.70
CA ILE LB 89 -58.68 -32.73 69.57
C ILE LB 89 -58.31 -33.86 70.52
N ASP LB 90 -57.75 -34.95 69.97
CA ASP LB 90 -57.13 -35.97 70.79
C ASP LB 90 -56.04 -36.67 70.00
N PRO LB 91 -54.97 -37.11 70.64
CA PRO LB 91 -53.93 -37.87 69.92
C PRO LB 91 -54.20 -39.37 69.93
N GLY LB 92 -53.29 -40.13 69.36
CA GLY LB 92 -53.28 -41.58 69.53
C GLY LB 92 -51.89 -42.06 69.89
N ASP LB 93 -51.07 -41.14 70.40
CA ASP LB 93 -49.66 -41.41 70.62
C ASP LB 93 -49.12 -40.81 71.91
N SER LB 94 -49.95 -40.18 72.74
CA SER LB 94 -49.49 -39.46 73.92
C SER LB 94 -48.47 -38.38 73.54
N ASP LB 95 -48.81 -37.59 72.52
CA ASP LB 95 -48.03 -36.41 72.19
C ASP LB 95 -48.22 -35.31 73.24
N ILE LB 96 -49.32 -35.35 73.99
CA ILE LB 96 -49.62 -34.33 74.97
C ILE LB 96 -48.50 -34.30 76.01
N ILE LB 97 -47.88 -33.12 76.16
CA ILE LB 97 -46.77 -32.93 77.08
C ILE LB 97 -46.95 -31.61 77.82
N ARG LB 98 -46.51 -31.59 79.06
CA ARG LB 98 -46.61 -30.40 79.91
C ARG LB 98 -45.29 -29.63 79.94
N ASN MB 1 -95.22 23.03 -48.18
CA ASN MB 1 -95.08 24.44 -47.83
C ASN MB 1 -93.86 24.66 -46.95
N GLU MB 2 -94.06 25.37 -45.85
CA GLU MB 2 -92.97 25.68 -44.93
C GLU MB 2 -93.20 25.16 -43.52
N VAL MB 3 -94.31 24.44 -43.27
CA VAL MB 3 -94.58 23.87 -41.97
C VAL MB 3 -94.32 22.37 -41.95
N VAL MB 4 -93.88 21.80 -43.07
CA VAL MB 4 -93.78 20.35 -43.23
C VAL MB 4 -92.90 19.72 -42.15
N THR MB 5 -93.17 18.44 -41.88
CA THR MB 5 -92.38 17.62 -40.97
C THR MB 5 -92.07 16.30 -41.63
N ARG MB 6 -90.82 15.84 -41.49
CA ARG MB 6 -90.37 14.59 -42.08
C ARG MB 6 -89.64 13.79 -41.03
N GLU MB 7 -89.41 12.51 -41.33
CA GLU MB 7 -88.75 11.59 -40.42
C GLU MB 7 -87.46 11.09 -41.06
N TYR MB 8 -86.35 11.33 -40.40
CA TYR MB 8 -85.03 10.91 -40.88
C TYR MB 8 -84.40 9.94 -39.89
N THR MB 9 -83.38 9.23 -40.37
CA THR MB 9 -82.53 8.40 -39.52
C THR MB 9 -81.08 8.82 -39.78
N ILE MB 10 -80.42 9.29 -38.73
CA ILE MB 10 -79.06 9.80 -38.82
C ILE MB 10 -78.09 8.70 -38.39
N ASN MB 11 -77.11 8.42 -39.24
CA ASN MB 11 -76.01 7.54 -38.88
C ASN MB 11 -75.03 8.36 -38.03
N ILE MB 12 -75.23 8.33 -36.72
CA ILE MB 12 -74.30 8.99 -35.81
C ILE MB 12 -72.95 8.31 -35.87
N HIS MB 13 -72.93 6.98 -35.99
CA HIS MB 13 -71.68 6.23 -36.04
C HIS MB 13 -70.76 6.76 -37.11
N LYS MB 14 -71.31 7.04 -38.30
CA LYS MB 14 -70.49 7.57 -39.38
C LYS MB 14 -70.08 9.02 -39.12
N ARG MB 15 -70.99 9.83 -38.60
CA ARG MB 15 -70.70 11.23 -38.35
C ARG MB 15 -69.81 11.44 -37.13
N ILE MB 16 -69.78 10.49 -36.20
CA ILE MB 16 -69.02 10.62 -34.97
C ILE MB 16 -67.68 9.88 -35.03
N HIS MB 17 -67.41 9.12 -36.08
CA HIS MB 17 -66.23 8.27 -36.14
C HIS MB 17 -64.96 9.08 -35.97
N GLY MB 18 -64.07 8.60 -35.11
CA GLY MB 18 -62.78 9.23 -34.89
C GLY MB 18 -62.72 10.22 -33.74
N VAL MB 19 -63.85 10.58 -33.16
CA VAL MB 19 -63.90 11.57 -32.08
C VAL MB 19 -63.50 10.91 -30.77
N GLY MB 20 -62.77 11.65 -29.94
CA GLY MB 20 -62.33 11.13 -28.67
C GLY MB 20 -63.48 10.82 -27.72
N PHE MB 21 -63.15 10.08 -26.67
CA PHE MB 21 -64.17 9.52 -25.78
C PHE MB 21 -64.98 10.62 -25.09
N LYS MB 22 -64.29 11.60 -24.52
CA LYS MB 22 -64.96 12.63 -23.72
C LYS MB 22 -65.65 13.69 -24.58
N LYS MB 23 -65.57 13.58 -25.90
CA LYS MB 23 -66.23 14.53 -26.79
C LYS MB 23 -67.15 13.88 -27.81
N ARG MB 24 -67.53 12.61 -27.61
CA ARG MB 24 -68.35 11.93 -28.61
C ARG MB 24 -69.80 12.41 -28.54
N ALA MB 25 -70.47 12.14 -27.42
CA ALA MB 25 -71.85 12.58 -27.27
C ALA MB 25 -72.03 14.08 -27.45
N PRO MB 26 -71.15 14.95 -26.93
CA PRO MB 26 -71.25 16.38 -27.30
C PRO MB 26 -71.16 16.62 -28.79
N ARG MB 27 -70.31 15.87 -29.50
CA ARG MB 27 -70.22 16.04 -30.94
C ARG MB 27 -71.44 15.47 -31.65
N ALA MB 28 -72.03 14.42 -31.08
CA ALA MB 28 -73.19 13.80 -31.71
C ALA MB 28 -74.37 14.75 -31.79
N LEU MB 29 -74.46 15.68 -30.84
CA LEU MB 29 -75.64 16.55 -30.79
C LEU MB 29 -75.45 17.79 -31.65
N LYS MB 30 -74.21 18.21 -31.87
CA LYS MB 30 -73.99 19.26 -32.86
C LYS MB 30 -73.94 18.70 -34.27
N GLU MB 31 -73.85 17.37 -34.40
CA GLU MB 31 -73.99 16.74 -35.71
C GLU MB 31 -75.46 16.56 -36.07
N ILE MB 32 -76.32 16.33 -35.07
CA ILE MB 32 -77.76 16.39 -35.31
C ILE MB 32 -78.18 17.79 -35.68
N ARG MB 33 -77.65 18.80 -34.98
CA ARG MB 33 -77.99 20.18 -35.29
C ARG MB 33 -77.48 20.58 -36.66
N LYS MB 34 -76.29 20.11 -37.03
CA LYS MB 34 -75.79 20.33 -38.39
C LYS MB 34 -76.64 19.58 -39.41
N PHE MB 35 -77.03 18.35 -39.09
CA PHE MB 35 -77.89 17.58 -39.99
C PHE MB 35 -79.22 18.28 -40.21
N ALA MB 36 -79.82 18.81 -39.15
CA ALA MB 36 -81.12 19.47 -39.28
C ALA MB 36 -81.00 20.78 -40.03
N MET MB 37 -79.89 21.50 -39.86
CA MET MB 37 -79.69 22.74 -40.57
C MET MB 37 -79.57 22.53 -42.07
N LYS MB 38 -79.16 21.32 -42.48
CA LYS MB 38 -78.94 21.05 -43.90
C LYS MB 38 -80.20 20.51 -44.56
N GLU MB 39 -80.83 19.51 -43.95
CA GLU MB 39 -82.02 18.91 -44.55
C GLU MB 39 -83.16 19.93 -44.61
N MET MB 40 -83.43 20.61 -43.51
CA MET MB 40 -84.28 21.78 -43.55
C MET MB 40 -83.44 22.97 -44.00
N GLY MB 41 -84.09 24.11 -44.25
CA GLY MB 41 -83.40 25.27 -44.75
C GLY MB 41 -83.12 26.36 -43.74
N THR MB 42 -83.17 26.04 -42.45
CA THR MB 42 -83.20 27.10 -41.45
C THR MB 42 -82.09 26.94 -40.42
N PRO MB 43 -81.54 28.06 -39.95
CA PRO MB 43 -80.75 28.02 -38.71
C PRO MB 43 -81.69 27.89 -37.52
N ASP MB 44 -81.14 27.99 -36.31
CA ASP MB 44 -81.92 27.92 -35.08
C ASP MB 44 -82.68 26.58 -35.03
N VAL MB 45 -81.88 25.53 -34.85
CA VAL MB 45 -82.39 24.19 -34.61
C VAL MB 45 -82.65 24.03 -33.13
N ARG MB 46 -83.87 23.64 -32.78
CA ARG MB 46 -84.25 23.40 -31.40
C ARG MB 46 -84.32 21.89 -31.18
N ILE MB 47 -83.52 21.39 -30.25
CA ILE MB 47 -83.36 19.97 -30.01
C ILE MB 47 -84.18 19.58 -28.79
N ASP MB 48 -85.09 18.63 -28.98
CA ASP MB 48 -85.96 18.21 -27.88
C ASP MB 48 -85.14 17.57 -26.77
N THR MB 49 -85.61 17.74 -25.53
CA THR MB 49 -84.89 17.19 -24.39
C THR MB 49 -84.94 15.67 -24.38
N ARG MB 50 -86.01 15.09 -24.92
CA ARG MB 50 -86.05 13.64 -25.08
C ARG MB 50 -84.98 13.17 -26.06
N LEU MB 51 -84.74 13.95 -27.11
CA LEU MB 51 -83.65 13.65 -28.02
C LEU MB 51 -82.30 13.72 -27.32
N ASN MB 52 -82.14 14.69 -26.41
CA ASN MB 52 -80.92 14.78 -25.64
C ASN MB 52 -80.68 13.52 -24.82
N LYS MB 53 -81.74 12.98 -24.23
CA LYS MB 53 -81.59 11.79 -23.39
C LYS MB 53 -81.19 10.57 -24.21
N ALA MB 54 -81.71 10.46 -25.43
CA ALA MB 54 -81.43 9.29 -26.25
C ALA MB 54 -79.96 9.24 -26.66
N VAL MB 55 -79.39 10.39 -27.02
CA VAL MB 55 -77.99 10.42 -27.43
C VAL MB 55 -77.08 10.12 -26.24
N TRP MB 56 -77.46 10.60 -25.05
CA TRP MB 56 -76.70 10.36 -23.83
C TRP MB 56 -77.16 9.11 -23.09
N ALA MB 57 -77.99 8.28 -23.73
CA ALA MB 57 -78.57 7.14 -23.03
C ALA MB 57 -77.52 6.16 -22.55
N LYS MB 58 -76.45 5.98 -23.32
CA LYS MB 58 -75.40 5.02 -22.99
C LYS MB 58 -74.09 5.70 -22.63
N GLY MB 59 -74.17 6.89 -22.05
CA GLY MB 59 -72.97 7.58 -21.59
C GLY MB 59 -72.44 8.58 -22.59
N ILE MB 60 -71.14 8.87 -22.45
CA ILE MB 60 -70.53 9.94 -23.23
C ILE MB 60 -69.75 9.39 -24.42
N ARG MB 61 -69.31 8.13 -24.37
CA ARG MB 61 -68.48 7.59 -25.43
C ARG MB 61 -69.11 6.43 -26.19
N ASN MB 62 -70.28 5.94 -25.75
CA ASN MB 62 -71.00 4.91 -26.50
C ASN MB 62 -72.32 5.54 -26.94
N VAL MB 63 -72.28 6.24 -28.07
CA VAL MB 63 -73.47 6.87 -28.64
C VAL MB 63 -74.16 5.82 -29.51
N PRO MB 64 -75.49 5.81 -29.59
CA PRO MB 64 -76.15 4.90 -30.54
C PRO MB 64 -75.67 5.16 -31.96
N TYR MB 65 -75.49 4.06 -32.70
CA TYR MB 65 -74.97 4.16 -34.07
C TYR MB 65 -75.93 4.92 -34.96
N ARG MB 66 -77.23 4.63 -34.83
CA ARG MB 66 -78.27 5.31 -35.60
C ARG MB 66 -79.35 5.79 -34.64
N ILE MB 67 -80.02 6.87 -35.03
CA ILE MB 67 -81.17 7.38 -34.29
C ILE MB 67 -82.19 7.86 -35.30
N ARG MB 68 -83.46 7.59 -35.02
CA ARG MB 68 -84.56 8.04 -35.87
C ARG MB 68 -85.16 9.29 -35.25
N VAL MB 69 -85.20 10.38 -36.01
CA VAL MB 69 -85.71 11.65 -35.51
C VAL MB 69 -86.82 12.13 -36.44
N ARG MB 70 -87.51 13.18 -36.01
CA ARG MB 70 -88.55 13.83 -36.79
C ARG MB 70 -88.29 15.32 -36.75
N LEU MB 71 -87.83 15.88 -37.88
CA LEU MB 71 -87.66 17.31 -38.00
C LEU MB 71 -89.00 17.96 -38.33
N SER MB 72 -89.29 19.06 -37.65
CA SER MB 72 -90.52 19.81 -37.90
C SER MB 72 -90.16 21.28 -38.04
N ARG MB 73 -90.08 21.75 -39.28
CA ARG MB 73 -89.89 23.17 -39.57
C ARG MB 73 -91.23 23.86 -39.29
N LYS MB 74 -91.25 24.73 -38.28
CA LYS MB 74 -92.46 25.44 -37.92
C LYS MB 74 -92.22 26.94 -37.98
N ARG MB 75 -93.32 27.68 -38.11
CA ARG MB 75 -93.23 29.14 -38.15
C ARG MB 75 -92.75 29.68 -36.82
N ASN MB 76 -91.86 30.67 -36.88
CA ASN MB 76 -91.46 31.44 -35.71
C ASN MB 76 -92.35 32.67 -35.51
N GLU MB 77 -93.54 32.67 -36.10
CA GLU MB 77 -94.45 33.81 -36.02
C GLU MB 77 -95.12 33.86 -34.65
N ASP MB 78 -94.28 33.97 -33.62
CA ASP MB 78 -94.72 34.12 -32.24
C ASP MB 78 -94.11 35.32 -31.54
N GLU MB 79 -92.98 35.84 -32.02
CA GLU MB 79 -92.32 36.99 -31.42
C GLU MB 79 -91.38 37.59 -32.46
N ASP MB 80 -91.01 38.86 -32.22
CA ASP MB 80 -90.11 39.56 -33.13
C ASP MB 80 -88.72 38.96 -33.03
N SER MB 81 -88.34 38.19 -34.06
CA SER MB 81 -87.06 37.51 -34.14
C SER MB 81 -86.50 37.62 -35.55
N PRO MB 82 -85.18 37.54 -35.72
CA PRO MB 82 -84.61 37.64 -37.07
C PRO MB 82 -85.07 36.56 -38.01
N ASN MB 83 -85.32 35.34 -37.52
CA ASN MB 83 -85.68 34.21 -38.36
C ASN MB 83 -87.14 33.84 -38.16
N LYS MB 84 -87.87 33.72 -39.26
CA LYS MB 84 -89.30 33.43 -39.21
C LYS MB 84 -89.63 31.95 -39.23
N LEU MB 85 -88.64 31.09 -39.45
CA LEU MB 85 -88.84 29.65 -39.50
C LEU MB 85 -87.84 28.96 -38.59
N TYR MB 86 -88.30 27.96 -37.85
CA TYR MB 86 -87.44 27.21 -36.95
C TYR MB 86 -87.78 25.74 -37.06
N THR MB 87 -86.76 24.90 -36.87
CA THR MB 87 -86.91 23.45 -36.99
C THR MB 87 -86.74 22.81 -35.62
N LEU MB 88 -87.74 22.02 -35.22
CA LEU MB 88 -87.74 21.31 -33.95
C LEU MB 88 -87.62 19.82 -34.23
N VAL MB 89 -86.59 19.20 -33.68
CA VAL MB 89 -86.26 17.80 -33.97
C VAL MB 89 -86.52 16.97 -32.73
N THR MB 90 -87.41 15.99 -32.86
CA THR MB 90 -87.78 15.10 -31.75
C THR MB 90 -87.18 13.72 -31.95
N TYR MB 91 -87.28 12.92 -30.91
CA TYR MB 91 -86.75 11.56 -30.88
C TYR MB 91 -87.87 10.57 -31.18
N VAL MB 92 -87.61 9.64 -32.08
CA VAL MB 92 -88.57 8.61 -32.47
C VAL MB 92 -88.01 7.26 -32.02
N PRO MB 93 -88.59 6.63 -31.01
CA PRO MB 93 -88.13 5.28 -30.61
C PRO MB 93 -88.48 4.26 -31.68
N VAL MB 94 -87.50 3.41 -32.03
CA VAL MB 94 -87.68 2.40 -33.05
C VAL MB 94 -87.09 1.09 -32.55
N THR MB 95 -87.60 -0.01 -33.10
CA THR MB 95 -87.10 -1.34 -32.76
C THR MB 95 -85.96 -1.78 -33.67
N THR MB 96 -86.06 -1.48 -34.97
CA THR MB 96 -85.02 -1.77 -35.92
C THR MB 96 -84.83 -0.56 -36.84
N PHE MB 97 -83.67 -0.50 -37.49
CA PHE MB 97 -83.37 0.52 -38.47
C PHE MB 97 -83.34 -0.03 -39.90
N LYS MB 98 -83.88 -1.22 -40.11
CA LYS MB 98 -83.78 -1.89 -41.40
C LYS MB 98 -84.91 -1.42 -42.32
N ASN MB 99 -84.56 -1.07 -43.56
CA ASN MB 99 -85.50 -0.65 -44.58
C ASN MB 99 -86.30 0.58 -44.15
N LEU MB 100 -85.63 1.48 -43.42
CA LEU MB 100 -86.26 2.70 -42.95
C LEU MB 100 -85.89 3.83 -43.90
N GLN MB 101 -86.91 4.39 -44.57
CA GLN MB 101 -86.72 5.46 -45.52
C GLN MB 101 -87.02 6.81 -44.88
N THR MB 102 -86.66 7.87 -45.59
CA THR MB 102 -87.07 9.22 -45.19
C THR MB 102 -88.50 9.45 -45.66
N VAL MB 103 -89.45 9.46 -44.73
CA VAL MB 103 -90.86 9.49 -45.06
C VAL MB 103 -91.47 10.82 -44.59
N ASN MB 104 -92.50 11.25 -45.32
CA ASN MB 104 -93.20 12.49 -45.00
C ASN MB 104 -94.34 12.17 -44.04
N VAL MB 105 -94.19 12.56 -42.78
CA VAL MB 105 -95.23 12.35 -41.79
C VAL MB 105 -96.26 13.47 -41.90
N ASP MB 106 -97.54 13.09 -41.80
CA ASP MB 106 -98.63 14.04 -41.97
C ASP MB 106 -98.83 14.85 -40.69
N GLU MB 107 -99.95 15.57 -40.61
CA GLU MB 107 -100.26 16.36 -39.43
C GLU MB 107 -100.41 15.49 -38.19
N ALA NB 1 -36.33 101.77 -54.39
CA ALA NB 1 -37.33 101.24 -53.47
C ALA NB 1 -36.84 101.32 -52.02
N ALA NB 2 -36.11 100.29 -51.60
CA ALA NB 2 -35.58 100.23 -50.25
C ALA NB 2 -34.34 101.11 -50.13
N LEU NB 3 -33.83 101.27 -48.92
CA LEU NB 3 -32.67 102.11 -48.67
C LEU NB 3 -31.41 101.31 -48.96
N ARG NB 4 -30.59 101.82 -49.88
CA ARG NB 4 -29.38 101.12 -50.27
C ARG NB 4 -28.26 101.40 -49.26
N PRO NB 5 -27.35 100.45 -49.07
CA PRO NB 5 -26.22 100.68 -48.18
C PRO NB 5 -25.21 101.62 -48.81
N LEU NB 6 -24.24 102.04 -48.00
CA LEU NB 6 -23.18 102.91 -48.50
C LEU NB 6 -22.35 102.19 -49.55
N VAL NB 7 -21.96 100.96 -49.26
CA VAL NB 7 -21.22 100.11 -50.19
C VAL NB 7 -21.78 98.71 -50.08
N LYS NB 8 -21.73 97.97 -51.19
CA LYS NB 8 -22.22 96.60 -51.25
C LYS NB 8 -21.11 95.71 -51.78
N PRO NB 9 -20.17 95.30 -50.93
CA PRO NB 9 -19.15 94.35 -51.37
C PRO NB 9 -19.73 92.95 -51.52
N LYS NB 10 -19.05 92.15 -52.32
CA LYS NB 10 -19.46 90.76 -52.51
C LYS NB 10 -19.15 89.97 -51.24
N ILE NB 11 -20.20 89.43 -50.61
CA ILE NB 11 -20.04 88.71 -49.35
C ILE NB 11 -19.61 87.28 -49.68
N VAL NB 12 -18.46 86.88 -49.14
CA VAL NB 12 -17.88 85.57 -49.42
C VAL NB 12 -17.90 84.76 -48.13
N LYS NB 13 -18.57 83.62 -48.15
CA LYS NB 13 -18.67 82.74 -47.00
C LYS NB 13 -17.83 81.49 -47.26
N LYS NB 14 -16.87 81.23 -46.37
CA LYS NB 14 -16.04 80.05 -46.52
C LYS NB 14 -16.80 78.76 -46.24
N ARG NB 15 -17.97 78.85 -45.60
CA ARG NB 15 -18.79 77.68 -45.35
C ARG NB 15 -20.20 78.15 -45.01
N THR NB 16 -21.18 77.58 -45.71
CA THR NB 16 -22.58 77.91 -45.48
C THR NB 16 -23.32 76.88 -44.66
N LYS NB 17 -22.97 75.60 -44.78
CA LYS NB 17 -23.59 74.56 -43.97
C LYS NB 17 -23.17 74.71 -42.52
N LYS NB 18 -24.05 74.30 -41.61
CA LYS NB 18 -23.78 74.41 -40.18
C LYS NB 18 -22.86 73.27 -39.72
N PHE NB 19 -22.09 73.56 -38.68
CA PHE NB 19 -21.23 72.57 -38.04
C PHE NB 19 -22.11 71.78 -37.06
N ILE NB 20 -22.45 70.55 -37.42
CA ILE NB 20 -23.29 69.72 -36.56
C ILE NB 20 -22.39 68.86 -35.69
N ARG NB 21 -22.86 68.59 -34.48
CA ARG NB 21 -22.09 67.79 -33.54
C ARG NB 21 -21.97 66.35 -34.02
N HIS NB 22 -20.85 65.72 -33.67
CA HIS NB 22 -20.63 64.32 -34.01
C HIS NB 22 -21.73 63.44 -33.42
N GLN NB 23 -22.28 62.55 -34.24
CA GLN NB 23 -23.28 61.58 -33.84
C GLN NB 23 -24.59 62.22 -33.42
N SER NB 24 -24.80 63.51 -33.73
CA SER NB 24 -26.07 64.15 -33.45
C SER NB 24 -27.21 63.56 -34.27
N ASP NB 25 -26.89 62.91 -35.39
CA ASP NB 25 -27.92 62.29 -36.22
C ASP NB 25 -28.43 61.00 -35.61
N ARG NB 26 -27.56 60.24 -34.95
CA ARG NB 26 -27.94 58.94 -34.40
C ARG NB 26 -28.80 59.04 -33.16
N TYR NB 27 -28.87 60.20 -32.51
CA TYR NB 27 -29.56 60.32 -31.24
C TYR NB 27 -30.43 61.58 -31.24
N VAL NB 28 -31.48 61.53 -30.43
CA VAL NB 28 -32.25 62.74 -30.13
C VAL NB 28 -31.72 63.43 -28.88
N LYS NB 29 -31.05 62.69 -27.98
CA LYS NB 29 -30.45 63.29 -26.81
C LYS NB 29 -29.26 64.17 -27.16
N ILE NB 30 -28.67 63.99 -28.33
CA ILE NB 30 -27.53 64.78 -28.78
C ILE NB 30 -28.05 65.84 -29.73
N LYS NB 31 -27.93 67.10 -29.32
CA LYS NB 31 -28.41 68.21 -30.13
C LYS NB 31 -27.35 68.60 -31.18
N ARG NB 32 -27.79 69.42 -32.13
CA ARG NB 32 -26.90 69.83 -33.22
C ARG NB 32 -25.78 70.74 -32.74
N ASN NB 33 -25.93 71.37 -31.57
CA ASN NB 33 -24.95 72.32 -31.08
C ASN NB 33 -23.57 71.67 -31.00
N TRP NB 34 -22.57 72.38 -31.50
CA TRP NB 34 -21.24 71.80 -31.65
C TRP NB 34 -20.59 71.54 -30.29
N ARG NB 35 -20.02 70.35 -30.16
CA ARG NB 35 -19.21 69.99 -29.00
C ARG NB 35 -17.91 69.37 -29.50
N LYS NB 36 -16.80 69.82 -28.97
CA LYS NB 36 -15.52 69.31 -29.43
C LYS NB 36 -15.33 67.89 -28.90
N PRO NB 37 -15.06 66.91 -29.77
CA PRO NB 37 -14.98 65.51 -29.32
C PRO NB 37 -13.67 65.22 -28.64
N ARG NB 38 -13.71 65.09 -27.31
CA ARG NB 38 -12.53 64.76 -26.52
C ARG NB 38 -12.56 63.26 -26.19
N GLY NB 39 -12.47 62.45 -27.24
CA GLY NB 39 -12.42 61.02 -27.09
C GLY NB 39 -11.10 60.48 -27.57
N ILE NB 40 -10.58 59.49 -26.84
CA ILE NB 40 -9.25 58.96 -27.14
C ILE NB 40 -9.22 58.32 -28.51
N ASP NB 41 -10.30 57.65 -28.91
CA ASP NB 41 -10.36 56.94 -30.18
C ASP NB 41 -11.25 57.64 -31.21
N ASN NB 42 -11.68 58.86 -30.94
CA ASN NB 42 -12.61 59.57 -31.81
C ASN NB 42 -11.96 59.82 -33.17
N ARG NB 43 -12.66 59.47 -34.25
CA ARG NB 43 -12.10 59.67 -35.59
C ARG NB 43 -12.40 61.07 -36.10
N VAL NB 44 -13.43 61.72 -35.56
CA VAL NB 44 -13.69 63.10 -35.93
C VAL NB 44 -12.63 64.02 -35.32
N ARG NB 45 -12.28 63.78 -34.05
CA ARG NB 45 -11.22 64.56 -33.42
C ARG NB 45 -9.89 64.35 -34.11
N ARG NB 46 -9.59 63.12 -34.51
CA ARG NB 46 -8.36 62.83 -35.24
C ARG NB 46 -8.38 63.38 -36.66
N ARG NB 47 -9.54 63.84 -37.15
CA ARG NB 47 -9.66 64.47 -38.47
C ARG NB 47 -9.38 63.47 -39.59
N PHE NB 48 -10.06 62.34 -39.55
CA PHE NB 48 -10.00 61.38 -40.64
C PHE NB 48 -10.79 61.91 -41.85
N LYS NB 49 -10.46 61.38 -43.03
CA LYS NB 49 -11.12 61.82 -44.24
C LYS NB 49 -12.56 61.33 -44.28
N GLY NB 50 -13.45 62.17 -44.81
CA GLY NB 50 -14.83 61.79 -44.94
C GLY NB 50 -15.65 61.86 -43.67
N GLN NB 51 -15.09 62.41 -42.61
CA GLN NB 51 -15.76 62.51 -41.31
C GLN NB 51 -16.36 63.90 -41.15
N ILE NB 52 -17.04 64.09 -40.02
CA ILE NB 52 -17.64 65.38 -39.70
C ILE NB 52 -16.53 66.40 -39.46
N LEU NB 53 -16.66 67.56 -40.09
CA LEU NB 53 -15.64 68.59 -39.99
C LEU NB 53 -15.69 69.28 -38.63
N MET NB 54 -14.52 69.60 -38.10
CA MET NB 54 -14.46 70.39 -36.86
C MET NB 54 -14.27 71.86 -37.18
N PRO NB 55 -15.08 72.74 -36.62
CA PRO NB 55 -14.85 74.18 -36.81
C PRO NB 55 -13.51 74.62 -36.21
N ASN NB 56 -12.87 75.56 -36.89
CA ASN NB 56 -11.64 76.15 -36.40
C ASN NB 56 -11.53 77.57 -36.97
N ILE NB 57 -10.44 78.26 -36.65
CA ILE NB 57 -10.32 79.68 -36.96
C ILE NB 57 -10.13 79.96 -38.44
N GLY NB 58 -9.79 78.96 -39.24
CA GLY NB 58 -9.59 79.19 -40.66
C GLY NB 58 -10.84 79.53 -41.42
N TYR NB 59 -12.01 79.18 -40.87
CA TYR NB 59 -13.29 79.46 -41.50
C TYR NB 59 -13.78 80.87 -41.24
N GLY NB 60 -13.01 81.68 -40.51
CA GLY NB 60 -13.48 83.00 -40.15
C GLY NB 60 -13.74 83.86 -41.36
N SER NB 61 -14.79 84.68 -41.27
CA SER NB 61 -15.20 85.56 -42.35
C SER NB 61 -14.32 86.80 -42.40
N ASN NB 62 -14.34 87.44 -43.57
CA ASN NB 62 -13.56 88.65 -43.79
C ASN NB 62 -13.97 89.74 -42.81
N LYS NB 63 -13.00 90.54 -42.36
CA LYS NB 63 -13.32 91.68 -41.50
C LYS NB 63 -14.34 92.58 -42.17
N LYS NB 64 -14.16 92.84 -43.47
CA LYS NB 64 -14.98 93.80 -44.17
C LYS NB 64 -16.45 93.40 -44.17
N THR NB 65 -16.75 92.13 -44.44
CA THR NB 65 -18.12 91.68 -44.63
C THR NB 65 -18.67 90.90 -43.43
N LYS NB 66 -17.95 90.87 -42.32
CA LYS NB 66 -18.43 90.12 -41.16
C LYS NB 66 -19.66 90.78 -40.57
N HIS NB 67 -20.65 89.95 -40.21
CA HIS NB 67 -21.90 90.36 -39.58
C HIS NB 67 -22.83 91.10 -40.53
N MET NB 68 -22.41 91.28 -41.80
CA MET NB 68 -23.27 91.93 -42.77
C MET NB 68 -24.48 91.07 -43.10
N LEU NB 69 -25.65 91.68 -43.11
CA LEU NB 69 -26.84 91.02 -43.62
C LEU NB 69 -26.70 90.82 -45.13
N PRO NB 70 -27.46 89.89 -45.69
CA PRO NB 70 -27.38 89.65 -47.14
C PRO NB 70 -27.63 90.88 -48.00
N SER NB 71 -28.05 91.99 -47.40
CA SER NB 71 -28.15 93.27 -48.13
C SER NB 71 -27.35 94.32 -47.37
N GLY NB 72 -26.04 94.31 -47.57
CA GLY NB 72 -25.16 95.42 -47.29
C GLY NB 72 -25.23 96.09 -45.94
N PHE NB 73 -25.99 95.53 -45.00
CA PHE NB 73 -26.30 96.22 -43.76
C PHE NB 73 -25.90 95.37 -42.56
N ARG NB 74 -25.72 96.03 -41.43
CA ARG NB 74 -25.46 95.37 -40.16
C ARG NB 74 -26.59 95.65 -39.19
N LYS NB 75 -26.92 94.64 -38.41
CA LYS NB 75 -28.11 94.68 -37.55
C LYS NB 75 -27.85 95.51 -36.29
N PHE NB 76 -28.93 96.03 -35.71
CA PHE NB 76 -28.88 96.65 -34.41
C PHE NB 76 -30.26 96.57 -33.78
N LEU NB 77 -30.34 95.99 -32.59
CA LEU NB 77 -31.63 95.76 -31.94
C LEU NB 77 -32.08 97.00 -31.19
N VAL NB 78 -33.28 97.48 -31.53
CA VAL NB 78 -33.85 98.66 -30.89
C VAL NB 78 -35.12 98.24 -30.15
N HIS NB 79 -35.38 98.93 -29.05
CA HIS NB 79 -36.54 98.67 -28.22
C HIS NB 79 -37.50 99.84 -28.10
N ASN NB 80 -37.12 101.04 -28.54
CA ASN NB 80 -37.98 102.21 -28.48
C ASN NB 80 -37.47 103.23 -29.48
N VAL NB 81 -38.09 104.41 -29.48
CA VAL NB 81 -37.71 105.46 -30.42
C VAL NB 81 -36.35 106.05 -30.06
N LYS NB 82 -36.02 106.15 -28.78
CA LYS NB 82 -34.75 106.74 -28.39
C LYS NB 82 -33.58 105.93 -28.93
N GLU NB 83 -33.68 104.59 -28.90
CA GLU NB 83 -32.64 103.76 -29.49
C GLU NB 83 -32.58 103.89 -31.00
N LEU NB 84 -33.68 104.32 -31.63
CA LEU NB 84 -33.62 104.63 -33.06
C LEU NB 84 -32.73 105.84 -33.33
N GLU NB 85 -32.78 106.85 -32.46
CA GLU NB 85 -32.08 108.10 -32.72
C GLU NB 85 -30.57 107.88 -32.82
N VAL NB 86 -30.06 106.84 -32.16
CA VAL NB 86 -28.62 106.61 -32.19
C VAL NB 86 -28.14 106.16 -33.56
N LEU NB 87 -29.03 105.65 -34.39
CA LEU NB 87 -28.68 105.18 -35.72
C LEU NB 87 -28.90 106.24 -36.78
N LEU NB 88 -29.19 107.48 -36.38
CA LEU NB 88 -29.40 108.56 -37.34
C LEU NB 88 -28.16 108.84 -38.16
N MET NB 89 -26.99 108.85 -37.51
CA MET NB 89 -25.76 109.26 -38.17
C MET NB 89 -24.95 108.10 -38.72
N CYS NB 90 -25.44 106.86 -38.59
CA CYS NB 90 -24.85 105.75 -39.34
C CYS NB 90 -25.63 105.57 -40.62
N ASN NB 91 -26.90 105.19 -40.51
CA ASN NB 91 -27.94 105.44 -41.50
C ASN NB 91 -27.68 104.79 -42.85
N LYS NB 92 -26.49 104.26 -43.05
CA LYS NB 92 -26.08 103.74 -44.36
C LYS NB 92 -25.32 102.43 -44.27
N SER NB 93 -24.89 102.03 -43.08
CA SER NB 93 -24.25 100.74 -42.88
C SER NB 93 -24.94 99.91 -41.81
N TYR NB 94 -25.78 100.51 -40.98
CA TYR NB 94 -26.50 99.79 -39.94
C TYR NB 94 -28.00 99.99 -40.11
N CYS NB 95 -28.75 98.92 -39.95
CA CYS NB 95 -30.21 98.94 -40.04
C CYS NB 95 -30.78 98.53 -38.70
N ALA NB 96 -31.85 99.18 -38.29
CA ALA NB 96 -32.51 98.81 -37.05
C ALA NB 96 -33.42 97.61 -37.27
N GLU NB 97 -33.61 96.83 -36.22
CA GLU NB 97 -34.69 95.86 -36.21
C GLU NB 97 -35.31 95.84 -34.83
N ILE NB 98 -36.62 95.69 -34.78
CA ILE NB 98 -37.37 95.85 -33.55
C ILE NB 98 -37.36 94.53 -32.78
N ALA NB 99 -37.14 94.63 -31.48
CA ALA NB 99 -37.17 93.44 -30.62
C ALA NB 99 -38.55 92.82 -30.64
N HIS NB 100 -38.60 91.53 -30.31
CA HIS NB 100 -39.84 90.77 -30.39
C HIS NB 100 -40.87 91.19 -29.36
N ASN NB 101 -40.46 91.65 -28.19
CA ASN NB 101 -41.40 92.01 -27.13
C ASN NB 101 -42.14 93.30 -27.39
N VAL NB 102 -41.63 94.18 -28.26
CA VAL NB 102 -42.24 95.48 -28.46
C VAL NB 102 -43.66 95.32 -28.97
N SER NB 103 -44.60 96.01 -28.34
CA SER NB 103 -46.01 95.81 -28.62
C SER NB 103 -46.37 96.32 -30.01
N SER NB 104 -47.56 95.95 -30.46
CA SER NB 104 -47.99 96.30 -31.81
C SER NB 104 -48.11 97.81 -31.98
N LYS NB 105 -48.67 98.49 -30.99
CA LYS NB 105 -48.88 99.93 -31.11
C LYS NB 105 -47.58 100.70 -30.95
N ASN NB 106 -46.65 100.19 -30.14
CA ASN NB 106 -45.39 100.89 -29.93
C ASN NB 106 -44.48 100.76 -31.14
N ARG NB 107 -44.43 99.57 -31.75
CA ARG NB 107 -43.54 99.36 -32.88
C ARG NB 107 -44.06 100.04 -34.14
N LYS NB 108 -45.33 100.44 -34.17
CA LYS NB 108 -45.82 101.28 -35.26
C LYS NB 108 -45.14 102.63 -35.24
N ALA NB 109 -44.93 103.19 -34.05
CA ALA NB 109 -44.26 104.49 -33.94
C ALA NB 109 -42.78 104.37 -34.28
N ILE NB 110 -42.18 103.22 -33.99
CA ILE NB 110 -40.78 103.01 -34.36
C ILE NB 110 -40.63 102.96 -35.87
N VAL NB 111 -41.56 102.28 -36.55
CA VAL NB 111 -41.49 102.17 -38.00
C VAL NB 111 -41.68 103.53 -38.66
N GLU NB 112 -42.64 104.32 -38.17
CA GLU NB 112 -42.85 105.65 -38.73
C GLU NB 112 -41.66 106.57 -38.50
N ARG NB 113 -41.02 106.47 -37.34
CA ARG NB 113 -39.87 107.32 -37.06
C ARG NB 113 -38.68 106.95 -37.95
N ALA NB 114 -38.44 105.66 -38.16
CA ALA NB 114 -37.32 105.24 -38.99
C ALA NB 114 -37.53 105.65 -40.44
N ALA NB 115 -38.78 105.67 -40.91
CA ALA NB 115 -39.06 106.03 -42.29
C ALA NB 115 -38.64 107.46 -42.58
N GLN NB 116 -38.93 108.39 -41.67
CA GLN NB 116 -38.55 109.78 -41.86
C GLN NB 116 -37.09 110.05 -41.51
N LEU NB 117 -36.43 109.12 -40.81
CA LEU NB 117 -35.01 109.24 -40.51
C LEU NB 117 -34.13 108.52 -41.52
N ALA NB 118 -34.73 107.95 -42.57
CA ALA NB 118 -34.00 107.19 -43.59
C ALA NB 118 -33.23 106.02 -42.98
N ILE NB 119 -33.82 105.37 -41.99
CA ILE NB 119 -33.24 104.21 -41.33
C ILE NB 119 -33.97 102.98 -41.83
N ARG NB 120 -33.20 101.97 -42.26
CA ARG NB 120 -33.79 100.74 -42.77
C ARG NB 120 -34.14 99.82 -41.61
N VAL NB 121 -35.36 99.26 -41.65
CA VAL NB 121 -35.83 98.32 -40.64
C VAL NB 121 -35.94 96.95 -41.29
N THR NB 122 -35.35 95.94 -40.65
CA THR NB 122 -35.36 94.60 -41.24
C THR NB 122 -36.72 93.93 -41.10
N ASN NB 123 -37.51 94.32 -40.09
CA ASN NB 123 -38.85 93.77 -39.88
C ASN NB 123 -39.82 94.92 -39.69
N PRO NB 124 -40.15 95.65 -40.76
CA PRO NB 124 -41.01 96.83 -40.61
C PRO NB 124 -42.50 96.49 -40.56
N ASN NB 125 -42.88 95.25 -40.86
CA ASN NB 125 -44.28 94.83 -40.79
C ASN NB 125 -44.33 93.54 -39.98
N ALA NB 126 -44.44 93.66 -38.66
CA ALA NB 126 -44.35 92.52 -37.77
C ALA NB 126 -45.47 92.42 -36.76
N ARG NB 127 -46.46 93.31 -36.78
CA ARG NB 127 -47.64 93.16 -35.95
C ARG NB 127 -48.89 93.56 -36.75
N LEU NB 128 -48.95 93.11 -38.00
CA LEU NB 128 -50.06 93.46 -38.87
C LEU NB 128 -50.22 92.45 -39.99
N SER OB 1 -29.90 74.80 -88.55
CA SER OB 1 -29.87 73.86 -89.66
C SER OB 1 -28.53 73.13 -89.73
N GLY OB 2 -28.07 72.64 -88.59
CA GLY OB 2 -26.82 71.93 -88.50
C GLY OB 2 -26.37 71.77 -87.06
N ARG OB 3 -25.56 70.75 -86.83
CA ARG OB 3 -25.20 70.37 -85.46
C ARG OB 3 -24.37 71.44 -84.77
N LEU OB 4 -23.39 72.00 -85.45
CA LEU OB 4 -22.66 73.21 -85.05
C LEU OB 4 -21.91 73.09 -83.73
N TRP OB 5 -21.90 71.92 -83.08
CA TRP OB 5 -21.05 71.71 -81.91
C TRP OB 5 -20.48 70.31 -81.93
N SER OB 6 -19.22 70.18 -81.51
CA SER OB 6 -18.62 68.87 -81.39
C SER OB 6 -19.16 68.16 -80.15
N LYS OB 7 -19.41 66.86 -80.29
CA LYS OB 7 -20.05 66.07 -79.25
C LYS OB 7 -18.98 65.46 -78.36
N ALA OB 8 -18.88 65.95 -77.14
CA ALA OB 8 -18.03 65.36 -76.12
C ALA OB 8 -18.86 64.41 -75.26
N ILE OB 9 -18.29 63.95 -74.16
CA ILE OB 9 -19.02 63.11 -73.21
C ILE OB 9 -18.38 63.28 -71.84
N PHE OB 10 -19.22 63.28 -70.81
CA PHE OB 10 -18.75 63.48 -69.45
C PHE OB 10 -18.25 62.16 -68.88
N ALA OB 11 -16.95 62.09 -68.59
CA ALA OB 11 -16.33 60.86 -68.14
C ALA OB 11 -16.16 60.79 -66.62
N GLY OB 12 -16.08 61.93 -65.95
CA GLY OB 12 -15.91 61.98 -64.51
C GLY OB 12 -15.15 63.22 -64.12
N TYR OB 13 -14.94 63.39 -62.83
CA TYR OB 13 -14.19 64.53 -62.34
C TYR OB 13 -12.71 64.21 -62.26
N LYS OB 14 -11.89 65.26 -62.23
CA LYS OB 14 -10.48 65.09 -61.94
C LYS OB 14 -10.32 64.55 -60.53
N ARG OB 15 -9.51 63.50 -60.40
CA ARG OB 15 -9.51 62.72 -59.17
C ARG OB 15 -8.17 62.02 -59.02
N GLY OB 16 -7.89 61.59 -57.79
CA GLY OB 16 -6.86 60.60 -57.57
C GLY OB 16 -7.49 59.23 -57.71
N LEU OB 17 -7.21 58.33 -56.79
CA LEU OB 17 -7.98 57.09 -56.69
C LEU OB 17 -9.04 57.16 -55.60
N ARG OB 18 -8.72 57.76 -54.47
CA ARG OB 18 -9.63 57.84 -53.35
C ARG OB 18 -10.01 59.27 -53.00
N ASN OB 19 -9.64 60.24 -53.83
CA ASN OB 19 -10.02 61.64 -53.65
C ASN OB 19 -10.48 62.19 -54.99
N GLN OB 20 -11.64 62.83 -54.98
CA GLN OB 20 -12.27 63.30 -56.22
C GLN OB 20 -12.53 64.80 -56.11
N ARG OB 21 -12.04 65.55 -57.08
CA ARG OB 21 -12.11 67.01 -57.09
C ARG OB 21 -13.18 67.41 -58.09
N GLU OB 22 -14.38 67.71 -57.59
CA GLU OB 22 -15.53 67.93 -58.45
C GLU OB 22 -15.53 69.28 -59.14
N HIS OB 23 -14.62 70.19 -58.80
CA HIS OB 23 -14.68 71.52 -59.41
C HIS OB 23 -14.21 71.51 -60.86
N THR OB 24 -13.44 70.50 -61.27
CA THR OB 24 -13.10 70.30 -62.67
C THR OB 24 -13.60 68.93 -63.12
N ALA OB 25 -13.94 68.85 -64.40
CA ALA OB 25 -14.49 67.64 -65.00
C ALA OB 25 -13.65 67.22 -66.19
N LEU OB 26 -13.60 65.90 -66.43
CA LEU OB 26 -12.85 65.35 -67.54
C LEU OB 26 -13.82 65.01 -68.67
N LEU OB 27 -13.51 65.47 -69.88
CA LEU OB 27 -14.36 65.28 -71.03
C LEU OB 27 -13.64 64.43 -72.07
N LYS OB 28 -14.40 63.58 -72.75
CA LYS OB 28 -13.92 62.79 -73.88
C LYS OB 28 -14.56 63.33 -75.14
N ILE OB 29 -13.80 64.09 -75.92
CA ILE OB 29 -14.28 64.65 -77.17
C ILE OB 29 -14.13 63.61 -78.27
N GLU OB 30 -15.16 63.43 -79.07
CA GLU OB 30 -15.11 62.46 -80.16
C GLU OB 30 -14.06 62.89 -81.19
N GLY OB 31 -13.32 61.91 -81.69
CA GLY OB 31 -12.37 62.14 -82.75
C GLY OB 31 -11.02 62.64 -82.32
N VAL OB 32 -10.85 63.01 -81.06
CA VAL OB 32 -9.55 63.43 -80.54
C VAL OB 32 -9.07 62.36 -79.58
N TYR OB 33 -7.91 61.79 -79.88
CA TYR OB 33 -7.34 60.71 -79.08
C TYR OB 33 -5.84 60.89 -78.89
N ALA OB 34 -5.35 62.13 -78.92
CA ALA OB 34 -3.98 62.44 -78.60
C ALA OB 34 -3.93 63.85 -78.05
N ARG OB 35 -2.89 64.14 -77.25
CA ARG OB 35 -2.79 65.46 -76.63
C ARG OB 35 -2.63 66.56 -77.67
N ASP OB 36 -1.84 66.32 -78.71
CA ASP OB 36 -1.61 67.34 -79.73
C ASP OB 36 -2.87 67.69 -80.50
N GLU OB 37 -3.87 66.82 -80.49
CA GLU OB 37 -5.14 67.10 -81.16
C GLU OB 37 -6.07 67.96 -80.32
N THR OB 38 -5.79 68.14 -79.03
CA THR OB 38 -6.64 68.90 -78.14
C THR OB 38 -6.40 70.40 -78.20
N GLU OB 39 -5.36 70.85 -78.89
CA GLU OB 39 -5.02 72.27 -78.90
C GLU OB 39 -6.13 73.10 -79.55
N PHE OB 40 -6.90 72.50 -80.45
CA PHE OB 40 -8.00 73.23 -81.08
C PHE OB 40 -9.04 73.65 -80.05
N TYR OB 41 -9.34 72.77 -79.10
CA TYR OB 41 -10.44 72.96 -78.17
C TYR OB 41 -10.04 73.66 -76.88
N LEU OB 42 -8.78 74.06 -76.75
CA LEU OB 42 -8.22 74.39 -75.44
C LEU OB 42 -8.84 75.63 -74.80
N GLY OB 43 -9.79 76.29 -75.44
CA GLY OB 43 -10.47 77.40 -74.81
C GLY OB 43 -11.95 77.45 -75.12
N LYS OB 44 -12.42 76.48 -75.89
CA LYS OB 44 -13.80 76.51 -76.38
C LYS OB 44 -14.80 76.37 -75.23
N ARG OB 45 -15.93 77.04 -75.38
CA ARG OB 45 -16.97 77.00 -74.36
C ARG OB 45 -17.77 75.71 -74.50
N CYS OB 46 -18.01 75.05 -73.38
CA CYS OB 46 -18.75 73.79 -73.35
C CYS OB 46 -20.04 73.96 -72.55
N ALA OB 47 -21.03 73.13 -72.88
CA ALA OB 47 -22.35 73.23 -72.28
C ALA OB 47 -22.88 71.85 -71.95
N TYR OB 48 -23.51 71.73 -70.78
CA TYR OB 48 -24.24 70.54 -70.39
C TYR OB 48 -25.72 70.88 -70.43
N VAL OB 49 -26.40 70.47 -71.49
CA VAL OB 49 -27.80 70.83 -71.71
C VAL OB 49 -28.67 69.66 -71.27
N TYR OB 50 -29.66 69.96 -70.43
CA TYR OB 50 -30.54 68.94 -69.89
C TYR OB 50 -31.94 69.52 -69.74
N LYS OB 51 -32.90 68.64 -69.46
CA LYS OB 51 -34.27 69.04 -69.23
C LYS OB 51 -34.66 68.79 -67.77
N ALA OB 52 -35.70 69.49 -67.34
CA ALA OB 52 -36.24 69.33 -66.00
C ALA OB 52 -37.76 69.40 -66.08
N LYS OB 53 -38.41 69.56 -64.93
CA LYS OB 53 -39.87 69.60 -64.90
C LYS OB 53 -40.40 71.00 -65.17
N ASN OB 54 -40.00 71.97 -64.36
CA ASN OB 54 -40.52 73.33 -64.46
C ASN OB 54 -39.90 74.06 -65.64
N ASN OB 55 -40.71 74.87 -66.30
CA ASN OB 55 -40.21 75.72 -67.36
C ASN OB 55 -39.30 76.80 -66.80
N THR OB 56 -38.18 77.03 -67.47
CA THR OB 56 -37.27 78.12 -67.14
C THR OB 56 -37.25 79.10 -68.31
N VAL OB 57 -36.84 80.33 -68.02
CA VAL OB 57 -36.78 81.32 -69.09
C VAL OB 57 -35.69 80.95 -70.08
N THR OB 58 -35.91 81.29 -71.35
CA THR OB 58 -34.97 80.95 -72.41
C THR OB 58 -34.57 82.23 -73.14
N PRO OB 59 -33.28 82.53 -73.22
CA PRO OB 59 -32.85 83.73 -73.94
C PRO OB 59 -33.18 83.62 -75.42
N GLY OB 60 -33.95 84.60 -75.92
CA GLY OB 60 -34.33 84.60 -77.31
C GLY OB 60 -35.41 83.62 -77.69
N GLY OB 61 -36.19 83.15 -76.72
CA GLY OB 61 -37.25 82.21 -77.00
C GLY OB 61 -38.22 82.12 -75.85
N LYS OB 62 -39.28 81.34 -76.06
CA LYS OB 62 -40.29 81.20 -75.04
C LYS OB 62 -39.83 80.19 -73.98
N PRO OB 63 -40.29 80.33 -72.74
CA PRO OB 63 -39.83 79.43 -71.68
C PRO OB 63 -40.16 77.98 -71.99
N ASN OB 64 -39.23 77.09 -71.68
CA ASN OB 64 -39.38 75.66 -71.91
C ASN OB 64 -38.63 74.91 -70.81
N LYS OB 65 -38.53 73.60 -70.97
CA LYS OB 65 -37.98 72.72 -69.95
C LYS OB 65 -36.47 72.54 -70.08
N THR OB 66 -35.84 73.14 -71.08
CA THR OB 66 -34.42 72.94 -71.34
C THR OB 66 -33.57 73.86 -70.46
N ARG OB 67 -32.59 73.28 -69.79
CA ARG OB 67 -31.63 74.01 -68.98
C ARG OB 67 -30.21 73.67 -69.43
N VAL OB 68 -29.26 74.50 -69.02
CA VAL OB 68 -27.86 74.32 -69.41
C VAL OB 68 -26.98 74.75 -68.25
N ILE OB 69 -25.88 74.03 -68.06
CA ILE OB 69 -24.79 74.44 -67.17
C ILE OB 69 -23.59 74.76 -68.06
N TRP OB 70 -23.15 76.01 -68.03
CA TRP OB 70 -22.10 76.45 -68.93
C TRP OB 70 -20.72 76.17 -68.34
N GLY OB 71 -19.72 76.15 -69.21
CA GLY OB 71 -18.35 75.91 -68.82
C GLY OB 71 -17.43 76.19 -69.97
N LYS OB 72 -16.19 75.76 -69.82
CA LYS OB 72 -15.22 75.90 -70.89
C LYS OB 72 -14.07 74.92 -70.68
N VAL OB 73 -13.36 74.65 -71.76
CA VAL OB 73 -12.22 73.73 -71.72
C VAL OB 73 -11.02 74.45 -71.13
N THR OB 74 -10.39 73.84 -70.12
CA THR OB 74 -9.27 74.48 -69.45
C THR OB 74 -7.93 74.03 -70.01
N ARG OB 75 -7.73 72.72 -70.13
CA ARG OB 75 -6.49 72.18 -70.70
C ARG OB 75 -6.69 70.70 -71.00
N ALA OB 76 -5.63 70.06 -71.49
CA ALA OB 76 -5.64 68.65 -71.81
C ALA OB 76 -5.31 67.82 -70.58
N HIS OB 77 -5.85 66.59 -70.55
CA HIS OB 77 -5.64 65.67 -69.42
C HIS OB 77 -5.19 64.32 -69.97
N GLY OB 78 -3.92 64.24 -70.35
CA GLY OB 78 -3.18 63.00 -70.40
C GLY OB 78 -3.16 62.26 -71.73
N ASN OB 79 -2.18 62.56 -72.57
CA ASN OB 79 -1.63 61.62 -73.55
C ASN OB 79 -2.60 61.09 -74.60
N SER OB 80 -3.91 61.33 -74.44
CA SER OB 80 -4.87 60.80 -75.40
C SER OB 80 -6.16 61.60 -75.26
N GLY OB 81 -6.36 62.56 -76.16
CA GLY OB 81 -7.51 63.44 -76.09
C GLY OB 81 -7.75 63.91 -74.68
N MET OB 82 -8.94 63.63 -74.15
CA MET OB 82 -9.23 63.77 -72.72
C MET OB 82 -8.96 65.19 -72.23
N VAL OB 83 -9.74 66.12 -72.75
CA VAL OB 83 -9.78 67.46 -72.18
C VAL OB 83 -10.36 67.42 -70.77
N ARG OB 84 -9.88 68.33 -69.92
CA ARG OB 84 -10.53 68.61 -68.65
C ARG OB 84 -11.09 70.04 -68.70
N ALA OB 85 -12.29 70.21 -68.15
CA ALA OB 85 -13.04 71.45 -68.28
C ALA OB 85 -13.50 71.95 -66.91
N LYS OB 86 -13.78 73.25 -66.85
CA LYS OB 86 -14.30 73.91 -65.67
C LYS OB 86 -15.69 74.46 -65.98
N PHE OB 87 -16.66 74.14 -65.13
CA PHE OB 87 -18.04 74.57 -65.32
C PHE OB 87 -18.41 75.60 -64.25
N ARG OB 88 -19.41 76.42 -64.57
CA ARG OB 88 -19.81 77.49 -63.66
C ARG OB 88 -20.29 76.94 -62.33
N SER OB 89 -20.88 75.75 -62.34
CA SER OB 89 -21.18 74.99 -61.15
C SER OB 89 -20.85 73.53 -61.43
N ASN OB 90 -20.36 72.84 -60.40
CA ASN OB 90 -19.92 71.46 -60.58
C ASN OB 90 -21.04 70.62 -61.14
N LEU OB 91 -20.74 69.87 -62.20
CA LEU OB 91 -21.78 69.09 -62.88
C LEU OB 91 -22.33 68.03 -61.94
N PRO OB 92 -23.61 67.69 -62.05
CA PRO OB 92 -24.14 66.59 -61.25
C PRO OB 92 -23.52 65.27 -61.66
N ALA OB 93 -23.43 64.35 -60.70
CA ALA OB 93 -22.89 63.03 -60.98
C ALA OB 93 -23.78 62.23 -61.91
N LYS OB 94 -25.05 62.62 -62.07
CA LYS OB 94 -25.94 61.95 -63.00
C LYS OB 94 -25.52 62.15 -64.44
N ALA OB 95 -24.70 63.15 -64.73
CA ALA OB 95 -24.31 63.49 -66.08
C ALA OB 95 -23.13 62.66 -66.59
N ILE OB 96 -22.56 61.79 -65.76
CA ILE OB 96 -21.41 61.01 -66.18
C ILE OB 96 -21.82 60.04 -67.28
N GLY OB 97 -21.08 60.08 -68.39
CA GLY OB 97 -21.43 59.25 -69.53
C GLY OB 97 -22.51 59.83 -70.41
N HIS OB 98 -22.78 61.12 -70.28
CA HIS OB 98 -23.81 61.79 -71.07
C HIS OB 98 -23.19 62.89 -71.91
N ARG OB 99 -24.02 63.55 -72.72
CA ARG OB 99 -23.50 64.45 -73.74
C ARG OB 99 -23.10 65.79 -73.16
N ILE OB 100 -21.90 66.24 -73.56
CA ILE OB 100 -21.41 67.58 -73.32
C ILE OB 100 -21.11 68.20 -74.68
N ARG OB 101 -21.61 69.41 -74.92
CA ARG OB 101 -21.40 70.09 -76.19
C ARG OB 101 -20.16 70.97 -76.12
N VAL OB 102 -19.38 70.97 -77.19
CA VAL OB 102 -18.24 71.88 -77.34
C VAL OB 102 -18.56 72.78 -78.53
N MET OB 103 -18.63 74.09 -78.28
CA MET OB 103 -19.46 75.00 -79.05
C MET OB 103 -18.76 75.68 -80.22
N LEU OB 104 -17.45 75.49 -80.39
CA LEU OB 104 -16.65 76.25 -81.36
C LEU OB 104 -16.63 77.74 -81.03
N TYR OB 105 -17.10 78.11 -79.84
CA TYR OB 105 -17.04 79.46 -79.30
C TYR OB 105 -15.58 79.71 -78.90
N PRO OB 106 -15.24 80.82 -78.23
CA PRO OB 106 -14.21 81.72 -78.77
C PRO OB 106 -13.13 81.02 -79.57
N SER OB 107 -13.04 81.41 -80.83
CA SER OB 107 -12.27 80.69 -81.84
C SER OB 107 -10.97 81.41 -82.14
N ARG OB 108 -9.91 80.63 -82.27
CA ARG OB 108 -8.62 81.12 -82.72
C ARG OB 108 -8.28 80.63 -84.11
N ILE OB 109 -9.21 79.95 -84.78
CA ILE OB 109 -8.99 79.41 -86.11
C ILE OB 109 -9.54 80.38 -87.15
N VAL PB 1 -77.07 5.95 7.42
CA VAL PB 1 -76.51 6.41 8.69
C VAL PB 1 -76.56 7.94 8.76
N GLN PB 2 -76.46 8.47 9.98
CA GLN PB 2 -76.38 9.91 10.22
C GLN PB 2 -75.10 10.18 10.99
N ARG PB 3 -74.18 10.90 10.36
CA ARG PB 3 -72.92 11.25 11.03
C ARG PB 3 -73.14 12.39 12.01
N LEU PB 4 -72.29 12.45 13.02
CA LEU PB 4 -72.53 13.27 14.21
C LEU PB 4 -71.60 14.47 14.24
N THR PB 5 -71.80 15.29 15.27
CA THR PB 5 -71.13 16.57 15.42
C THR PB 5 -71.04 16.91 16.90
N TYR PB 6 -69.95 17.56 17.28
CA TYR PB 6 -69.80 18.02 18.65
C TYR PB 6 -70.77 19.16 18.94
N ARG PB 7 -71.22 19.24 20.19
CA ARG PB 7 -72.12 20.31 20.60
C ARG PB 7 -71.41 21.52 21.19
N ARG PB 8 -70.13 21.39 21.53
CA ARG PB 8 -69.36 22.45 22.15
C ARG PB 8 -68.16 22.79 21.27
N ARG PB 9 -67.42 23.82 21.69
CA ARG PB 9 -66.29 24.31 20.91
C ARG PB 9 -64.99 23.55 21.18
N LEU PB 10 -64.97 22.65 22.16
CA LEU PB 10 -63.83 21.78 22.37
C LEU PB 10 -63.93 20.62 21.39
N SER PB 11 -63.06 20.62 20.39
CA SER PB 11 -63.14 19.67 19.29
C SER PB 11 -62.12 18.54 19.39
N TYR PB 12 -61.52 18.34 20.55
CA TYR PB 12 -60.50 17.32 20.75
C TYR PB 12 -61.01 16.26 21.72
N ASN PB 13 -60.56 15.02 21.51
CA ASN PB 13 -60.97 13.89 22.34
C ASN PB 13 -60.19 13.84 23.64
N THR PB 14 -60.31 14.90 24.42
CA THR PB 14 -59.68 14.96 25.74
C THR PB 14 -60.59 14.30 26.76
N ALA PB 15 -60.11 14.21 28.00
CA ALA PB 15 -60.87 13.54 29.04
C ALA PB 15 -62.13 14.30 29.43
N SER PB 16 -62.20 15.61 29.16
CA SER PB 16 -63.35 16.42 29.47
C SER PB 16 -64.34 16.52 28.32
N ASN PB 17 -64.05 15.86 27.19
CA ASN PB 17 -64.88 15.92 26.00
C ASN PB 17 -65.43 14.56 25.64
N LYS PB 18 -65.74 13.76 26.65
CA LYS PB 18 -66.24 12.40 26.42
C LYS PB 18 -67.75 12.44 26.22
N THR PB 19 -68.23 11.72 25.21
CA THR PB 19 -69.60 11.84 24.76
C THR PB 19 -70.31 10.49 24.81
N ARG PB 20 -71.61 10.52 24.52
CA ARG PB 20 -72.47 9.35 24.50
C ARG PB 20 -73.62 9.61 23.54
N LEU PB 21 -74.10 8.54 22.91
CA LEU PB 21 -75.15 8.65 21.91
C LEU PB 21 -76.52 8.47 22.54
N SER PB 22 -77.51 9.18 22.00
CA SER PB 22 -78.90 8.98 22.42
C SER PB 22 -79.82 9.44 21.30
N ARG PB 23 -80.99 8.79 21.24
CA ARG PB 23 -82.05 9.16 20.31
C ARG PB 23 -83.02 10.08 21.05
N THR PB 24 -83.24 11.26 20.48
CA THR PB 24 -84.15 12.23 21.07
C THR PB 24 -85.59 11.90 20.69
N PRO PB 25 -86.55 12.52 21.38
CA PRO PB 25 -87.95 12.42 20.92
C PRO PB 25 -88.15 12.83 19.47
N GLY PB 26 -87.24 13.62 18.91
CA GLY PB 26 -87.27 14.00 17.51
C GLY PB 26 -86.68 12.97 16.57
N ASN PB 27 -86.37 11.78 17.06
CA ASN PB 27 -85.86 10.68 16.25
C ASN PB 27 -84.56 11.04 15.53
N ARG PB 28 -83.61 11.61 16.27
CA ARG PB 28 -82.26 11.84 15.76
C ARG PB 28 -81.25 11.46 16.82
N ILE PB 29 -80.04 11.12 16.38
CA ILE PB 29 -78.95 10.73 17.27
C ILE PB 29 -78.09 11.95 17.53
N VAL PB 30 -77.81 12.22 18.81
CA VAL PB 30 -77.00 13.36 19.22
C VAL PB 30 -75.97 12.87 20.24
N TYR PB 31 -75.18 13.82 20.72
CA TYR PB 31 -74.14 13.56 21.72
C TYR PB 31 -74.58 14.11 23.08
N LEU PB 32 -74.42 13.30 24.11
CA LEU PB 32 -74.58 13.74 25.49
C LEU PB 32 -73.22 13.70 26.17
N TYR PB 33 -72.84 14.82 26.77
CA TYR PB 33 -71.54 14.93 27.43
C TYR PB 33 -71.67 14.32 28.82
N THR PB 34 -71.11 13.13 29.00
CA THR PB 34 -71.26 12.38 30.23
C THR PB 34 -70.36 12.95 31.32
N LYS PB 35 -70.70 12.62 32.57
CA LYS PB 35 -69.80 12.89 33.68
C LYS PB 35 -68.82 11.74 33.83
N LYS PB 36 -67.62 12.06 34.31
CA LYS PB 36 -66.62 11.01 34.52
C LYS PB 36 -67.11 10.04 35.58
N VAL PB 37 -66.64 8.79 35.48
CA VAL PB 37 -67.03 7.77 36.45
C VAL PB 37 -66.35 8.04 37.78
N GLY PB 38 -67.13 8.05 38.85
CA GLY PB 38 -66.59 8.26 40.17
C GLY PB 38 -66.06 6.98 40.77
N LYS PB 39 -65.34 7.13 41.88
CA LYS PB 39 -64.72 6.00 42.55
C LYS PB 39 -65.14 5.99 44.01
N ALA PB 40 -65.44 4.80 44.52
CA ALA PB 40 -65.69 4.65 45.95
C ALA PB 40 -64.40 4.85 46.72
N PRO PB 41 -64.48 5.24 47.99
CA PRO PB 41 -63.26 5.43 48.77
C PRO PB 41 -62.51 4.12 48.97
N LYS PB 42 -61.19 4.22 49.03
CA LYS PB 42 -60.38 3.10 49.50
C LYS PB 42 -60.16 3.24 51.01
N SER PB 43 -59.88 2.11 51.64
CA SER PB 43 -59.77 2.10 53.10
C SER PB 43 -58.54 2.88 53.56
N ALA PB 44 -58.67 3.51 54.72
CA ALA PB 44 -57.54 4.20 55.33
C ALA PB 44 -56.45 3.25 55.80
N CYS PB 45 -56.71 1.94 55.82
CA CYS PB 45 -55.70 0.98 56.21
C CYS PB 45 -54.52 0.98 55.25
N GLY PB 46 -54.77 1.25 53.97
CA GLY PB 46 -53.72 1.20 52.98
C GLY PB 46 -53.25 -0.19 52.61
N VAL PB 47 -53.95 -1.22 53.09
CA VAL PB 47 -53.56 -2.61 52.89
C VAL PB 47 -54.54 -3.33 51.96
N CYS PB 48 -55.83 -3.17 52.20
CA CYS PB 48 -56.83 -3.78 51.32
C CYS PB 48 -56.94 -2.98 50.02
N PRO PB 49 -56.89 -3.66 48.87
CA PRO PB 49 -56.92 -2.94 47.59
C PRO PB 49 -58.33 -2.62 47.12
N GLY PB 50 -59.32 -3.34 47.64
CA GLY PB 50 -60.69 -3.11 47.21
C GLY PB 50 -61.25 -1.82 47.78
N ARG PB 51 -62.13 -1.19 47.02
CA ARG PB 51 -62.76 0.04 47.46
C ARG PB 51 -63.89 -0.28 48.45
N LEU PB 52 -64.29 0.75 49.20
CA LEU PB 52 -65.27 0.57 50.26
C LEU PB 52 -66.65 0.26 49.71
N ARG PB 53 -67.41 -0.54 50.45
CA ARG PB 53 -68.77 -0.89 50.11
C ARG PB 53 -69.74 0.03 50.83
N GLY PB 54 -70.96 0.10 50.29
CA GLY PB 54 -72.00 0.88 50.91
C GLY PB 54 -71.86 2.38 50.75
N VAL PB 55 -70.95 2.84 49.90
CA VAL PB 55 -70.72 4.26 49.67
C VAL PB 55 -70.86 4.53 48.17
N ARG PB 56 -71.60 5.59 47.83
CA ARG PB 56 -71.87 5.90 46.43
C ARG PB 56 -70.59 6.29 45.72
N ALA PB 57 -70.41 5.79 44.49
CA ALA PB 57 -69.24 6.10 43.68
C ALA PB 57 -69.57 7.26 42.76
N VAL PB 58 -69.14 8.47 43.14
CA VAL PB 58 -69.43 9.69 42.41
C VAL PB 58 -68.16 10.54 42.37
N ARG PB 59 -68.26 11.67 41.68
CA ARG PB 59 -67.19 12.66 41.71
C ARG PB 59 -67.19 13.38 43.06
N PRO PB 60 -66.04 13.95 43.46
CA PRO PB 60 -65.97 14.56 44.80
C PRO PB 60 -66.95 15.70 45.03
N LYS PB 61 -67.20 16.53 44.02
CA LYS PB 61 -67.98 17.74 44.25
C LYS PB 61 -69.48 17.48 44.31
N VAL PB 62 -69.94 16.32 43.84
CA VAL PB 62 -71.34 15.94 44.04
C VAL PB 62 -71.56 15.31 45.41
N LEU PB 63 -70.49 14.85 46.08
CA LEU PB 63 -70.62 14.34 47.44
C LEU PB 63 -71.11 15.42 48.40
N MET PB 64 -70.92 16.70 48.08
CA MET PB 64 -71.40 17.77 48.95
C MET PB 64 -72.91 17.76 49.05
N ARG PB 65 -73.62 17.40 47.98
CA ARG PB 65 -75.07 17.47 47.92
C ARG PB 65 -75.73 16.11 48.15
N LEU PB 66 -74.99 15.11 48.61
CA LEU PB 66 -75.57 13.84 48.99
C LEU PB 66 -75.93 13.83 50.48
N SER PB 67 -76.84 12.94 50.83
CA SER PB 67 -77.23 12.77 52.23
C SER PB 67 -76.09 12.14 53.02
N LYS PB 68 -76.14 12.30 54.34
CA LYS PB 68 -75.07 11.78 55.19
C LYS PB 68 -75.00 10.26 55.14
N THR PB 69 -76.16 9.59 55.10
CA THR PB 69 -76.18 8.13 55.07
C THR PB 69 -75.61 7.58 53.78
N LYS PB 70 -75.55 8.39 52.73
CA LYS PB 70 -75.09 7.93 51.42
C LYS PB 70 -73.58 7.98 51.30
N LYS PB 71 -72.88 8.48 52.32
CA LYS PB 71 -71.44 8.69 52.25
C LYS PB 71 -70.68 7.92 53.33
N HIS PB 72 -71.34 7.06 54.09
CA HIS PB 72 -70.67 6.24 55.09
C HIS PB 72 -71.48 4.98 55.32
N VAL PB 73 -71.04 4.16 56.28
CA VAL PB 73 -71.81 3.05 56.80
C VAL PB 73 -71.93 3.24 58.31
N SER PB 74 -72.80 2.44 58.93
CA SER PB 74 -73.07 2.56 60.36
C SER PB 74 -72.12 1.66 61.14
N ARG PB 75 -70.90 2.16 61.33
CA ARG PB 75 -69.88 1.44 62.07
C ARG PB 75 -68.78 2.41 62.46
N ALA PB 76 -68.02 2.05 63.48
CA ALA PB 76 -66.81 2.81 63.81
C ALA PB 76 -65.87 2.80 62.61
N TYR PB 77 -65.34 3.98 62.27
CA TYR PB 77 -64.58 4.19 61.05
C TYR PB 77 -65.38 3.86 59.80
N GLY PB 78 -66.71 3.90 59.90
CA GLY PB 78 -67.56 3.53 58.77
C GLY PB 78 -67.42 4.52 57.64
N GLY PB 79 -67.26 3.99 56.43
CA GLY PB 79 -67.06 4.82 55.25
C GLY PB 79 -65.66 5.37 55.10
N SER PB 80 -64.79 5.14 56.08
CA SER PB 80 -63.39 5.53 55.99
C SER PB 80 -62.43 4.35 56.06
N MET PB 81 -62.80 3.26 56.72
CA MET PB 81 -61.96 2.09 56.83
C MET PB 81 -62.80 0.85 56.55
N CYS PB 82 -62.17 -0.16 55.96
CA CYS PB 82 -62.86 -1.40 55.64
C CYS PB 82 -63.29 -2.11 56.93
N ALA PB 83 -64.35 -2.92 56.81
CA ALA PB 83 -64.82 -3.68 57.96
C ALA PB 83 -63.77 -4.65 58.47
N LYS PB 84 -63.06 -5.31 57.55
CA LYS PB 84 -62.10 -6.33 57.94
C LYS PB 84 -60.94 -5.75 58.74
N CYS PB 85 -60.48 -4.56 58.36
CA CYS PB 85 -59.35 -3.96 59.07
C CYS PB 85 -59.79 -3.27 60.35
N VAL PB 86 -61.10 -3.10 60.54
CA VAL PB 86 -61.59 -2.57 61.81
C VAL PB 86 -61.56 -3.65 62.88
N ARG PB 87 -61.99 -4.86 62.54
CA ARG PB 87 -61.92 -5.97 63.50
C ARG PB 87 -60.48 -6.23 63.91
N ASP PB 88 -59.55 -6.13 62.97
CA ASP PB 88 -58.14 -6.35 63.29
C ASP PB 88 -57.65 -5.31 64.30
N ARG PB 89 -58.08 -4.06 64.15
CA ARG PB 89 -57.62 -3.01 65.05
C ARG PB 89 -58.24 -3.15 66.44
N ILE PB 90 -59.47 -3.66 66.51
CA ILE PB 90 -60.10 -3.84 67.82
C ILE PB 90 -59.32 -4.87 68.63
N LYS PB 91 -58.97 -5.98 68.00
CA LYS PB 91 -58.22 -7.01 68.72
C LYS PB 91 -56.76 -6.61 68.90
N ARG PB 92 -56.16 -5.98 67.88
CA ARG PB 92 -54.78 -5.54 68.00
C ARG PB 92 -54.63 -4.53 69.13
N ALA PB 93 -55.58 -3.59 69.24
CA ALA PB 93 -55.55 -2.68 70.37
C ALA PB 93 -55.72 -3.43 71.68
N PHE PB 94 -56.77 -4.26 71.77
CA PHE PB 94 -57.07 -4.95 73.02
C PHE PB 94 -55.91 -5.85 73.45
N LEU PB 95 -55.41 -6.67 72.53
CA LEU PB 95 -54.37 -7.63 72.88
C LEU PB 95 -53.07 -6.94 73.31
N ILE PB 96 -52.71 -5.83 72.66
CA ILE PB 96 -51.48 -5.13 73.04
C ILE PB 96 -51.63 -4.52 74.42
N GLU PB 97 -52.78 -3.90 74.72
CA GLU PB 97 -53.00 -3.36 76.05
C GLU PB 97 -52.95 -4.46 77.11
N GLU PB 98 -53.47 -5.65 76.78
CA GLU PB 98 -53.38 -6.78 77.70
C GLU PB 98 -51.93 -7.20 77.92
N GLN PB 99 -51.14 -7.22 76.85
CA GLN PB 99 -49.73 -7.56 77.01
C GLN PB 99 -49.02 -6.52 77.87
N LYS PB 100 -49.42 -5.26 77.77
CA LYS PB 100 -48.82 -4.23 78.62
C LYS PB 100 -49.18 -4.44 80.07
N ILE PB 101 -50.37 -4.98 80.36
CA ILE PB 101 -50.72 -5.30 81.73
C ILE PB 101 -49.97 -6.55 82.18
N VAL PB 102 -49.59 -7.40 81.22
CA VAL PB 102 -48.78 -8.58 81.54
C VAL PB 102 -47.37 -8.17 81.92
N VAL PB 103 -46.79 -7.24 81.15
CA VAL PB 103 -45.44 -6.78 81.45
C VAL PB 103 -45.41 -5.96 82.74
N LYS PB 104 -46.48 -5.20 82.99
CA LYS PB 104 -46.56 -4.44 84.24
C LYS PB 104 -46.71 -5.37 85.44
N VAL PB 105 -47.49 -6.44 85.27
CA VAL PB 105 -47.60 -7.42 86.35
C VAL PB 105 -46.31 -8.22 86.47
N LEU PB 106 -45.50 -8.26 85.41
CA LEU PB 106 -44.25 -8.99 85.47
C LEU PB 106 -43.24 -8.27 86.36
N LYS PB 107 -43.21 -6.93 86.30
CA LYS PB 107 -42.32 -6.19 87.18
C LYS PB 107 -42.85 -6.21 88.61
N ALA PB 108 -44.17 -6.28 88.77
CA ALA PB 108 -44.77 -6.19 90.11
C ALA PB 108 -44.51 -7.45 90.92
N GLN PB 109 -44.31 -8.58 90.24
CA GLN PB 109 -44.02 -9.83 90.93
C GLN PB 109 -42.53 -10.09 91.08
N ALA PB 110 -41.70 -9.48 90.24
CA ALA PB 110 -40.26 -9.65 90.30
C ALA PB 110 -39.57 -8.59 91.14
N GLN PB 111 -40.30 -7.58 91.63
CA GLN PB 111 -39.73 -6.54 92.47
C GLN PB 111 -39.60 -6.97 93.94
N SER PB 112 -39.80 -8.25 94.23
CA SER PB 112 -39.77 -8.76 95.60
C SER PB 112 -38.35 -8.88 96.16
N GLN PB 113 -37.35 -8.35 95.45
CA GLN PB 113 -35.97 -8.42 95.90
C GLN PB 113 -35.33 -7.04 95.83
N LYS PB 114 -34.52 -6.73 96.83
CA LYS PB 114 -33.81 -5.45 96.89
C LYS PB 114 -32.60 -5.45 95.97
N ALA QB 1 -87.93 80.69 24.35
CA ALA QB 1 -87.89 79.51 25.20
C ALA QB 1 -86.46 79.14 25.56
N LYS QB 2 -85.51 79.83 24.96
CA LYS QB 2 -84.11 79.56 25.22
C LYS QB 2 -83.75 79.95 26.64
N ILE QB 3 -82.93 79.13 27.29
CA ILE QB 3 -82.44 79.42 28.62
C ILE QB 3 -81.00 79.92 28.54
N LYS QB 4 -80.64 80.79 29.48
CA LYS QB 4 -79.31 81.36 29.55
C LYS QB 4 -78.74 81.12 30.93
N ALA QB 5 -77.42 81.02 31.02
CA ALA QB 5 -76.77 80.79 32.31
C ALA QB 5 -77.01 81.95 33.26
N ARG QB 6 -77.18 83.16 32.73
CA ARG QB 6 -77.34 84.33 33.59
C ARG QB 6 -78.63 84.27 34.39
N ASP QB 7 -79.72 83.81 33.77
CA ASP QB 7 -80.99 83.73 34.49
C ASP QB 7 -81.14 82.44 35.28
N LEU QB 8 -80.30 81.44 35.02
CA LEU QB 8 -80.34 80.19 35.78
C LEU QB 8 -79.69 80.35 37.14
N ARG QB 9 -78.84 81.36 37.31
CA ARG QB 9 -77.99 81.48 38.49
C ARG QB 9 -78.74 81.94 39.73
N GLY QB 10 -80.01 82.33 39.60
CA GLY QB 10 -80.78 82.74 40.76
C GLY QB 10 -81.57 81.63 41.42
N LYS QB 11 -81.88 80.59 40.66
CA LYS QB 11 -82.72 79.51 41.16
C LYS QB 11 -81.96 78.64 42.17
N LYS QB 12 -82.72 77.92 43.00
CA LYS QB 12 -82.15 76.97 43.93
C LYS QB 12 -81.82 75.66 43.22
N LYS QB 13 -81.11 74.79 43.93
CA LYS QB 13 -80.72 73.51 43.35
C LYS QB 13 -81.88 72.55 43.21
N GLU QB 14 -83.02 72.88 43.84
CA GLU QB 14 -84.17 71.97 43.79
C GLU QB 14 -84.84 71.99 42.43
N GLU QB 15 -85.07 73.17 41.86
CA GLU QB 15 -85.66 73.22 40.52
C GLU QB 15 -84.61 73.33 39.43
N LEU QB 16 -83.35 73.57 39.79
CA LEU QB 16 -82.27 73.44 38.81
C LEU QB 16 -82.10 71.99 38.38
N LEU QB 17 -82.16 71.07 39.35
CA LEU QB 17 -82.18 69.64 39.02
C LEU QB 17 -83.48 69.27 38.32
N LYS QB 18 -84.59 69.89 38.73
CA LYS QB 18 -85.87 69.63 38.07
C LYS QB 18 -85.82 70.07 36.60
N GLN QB 19 -85.19 71.22 36.34
CA GLN QB 19 -85.04 71.68 34.96
C GLN QB 19 -84.08 70.80 34.18
N LEU QB 20 -83.10 70.20 34.84
CA LEU QB 20 -82.19 69.31 34.14
C LEU QB 20 -82.87 68.00 33.77
N ASP QB 21 -83.82 67.56 34.60
CA ASP QB 21 -84.48 66.28 34.35
C ASP QB 21 -85.35 66.33 33.10
N ASP QB 22 -86.30 67.27 33.04
CA ASP QB 22 -87.17 67.35 31.87
C ASP QB 22 -86.37 67.77 30.63
N LEU QB 23 -85.20 68.38 30.83
CA LEU QB 23 -84.30 68.61 29.72
C LEU QB 23 -83.66 67.31 29.25
N LYS QB 24 -83.44 66.37 30.18
CA LYS QB 24 -82.90 65.07 29.80
C LYS QB 24 -83.96 64.19 29.15
N VAL QB 25 -85.20 64.23 29.64
CA VAL QB 25 -86.25 63.42 29.03
C VAL QB 25 -86.57 63.92 27.64
N GLU QB 26 -86.44 65.24 27.42
CA GLU QB 26 -86.66 65.80 26.09
C GLU QB 26 -85.61 65.31 25.11
N LEU QB 27 -84.36 65.21 25.56
CA LEU QB 27 -83.31 64.66 24.71
C LEU QB 27 -83.51 63.18 24.46
N SER QB 28 -84.20 62.48 25.38
CA SER QB 28 -84.48 61.07 25.18
C SER QB 28 -85.45 60.85 24.03
N GLN QB 29 -86.54 61.62 24.00
CA GLN QB 29 -87.48 61.52 22.89
C GLN QB 29 -86.86 62.03 21.60
N LEU QB 30 -85.94 62.99 21.70
CA LEU QB 30 -85.28 63.51 20.51
C LEU QB 30 -84.42 62.44 19.85
N ARG QB 31 -83.70 61.64 20.64
CA ARG QB 31 -82.91 60.55 20.08
C ARG QB 31 -83.82 59.44 19.57
N VAL QB 32 -84.98 59.26 20.19
CA VAL QB 32 -85.96 58.31 19.68
C VAL QB 32 -86.43 58.71 18.28
N ALA QB 33 -86.76 59.99 18.12
CA ALA QB 33 -87.21 60.47 16.80
C ALA QB 33 -86.12 60.32 15.77
N LYS QB 34 -84.86 60.50 16.17
CA LYS QB 34 -83.74 60.35 15.24
C LYS QB 34 -83.68 58.93 14.69
N VAL QB 35 -83.95 57.94 15.54
CA VAL QB 35 -83.90 56.54 15.11
C VAL QB 35 -85.09 56.21 14.21
N THR QB 36 -86.28 56.70 14.56
CA THR QB 36 -87.50 56.38 13.84
C THR QB 36 -87.76 57.32 12.65
N GLY QB 37 -86.72 57.91 12.09
CA GLY QB 37 -86.88 58.81 10.97
C GLY QB 37 -87.08 60.24 11.42
N GLY QB 38 -88.23 60.51 12.01
CA GLY QB 38 -88.47 61.84 12.57
C GLY QB 38 -88.51 62.90 11.48
N ALA QB 39 -88.05 64.10 11.84
CA ALA QB 39 -88.07 65.24 10.93
C ALA QB 39 -86.78 66.01 11.09
N ALA QB 40 -86.47 66.82 10.07
CA ALA QB 40 -85.25 67.63 10.11
C ALA QB 40 -85.30 68.64 11.26
N SER QB 41 -86.50 69.12 11.60
CA SER QB 41 -86.62 70.06 12.71
C SER QB 41 -86.23 69.41 14.04
N LYS QB 42 -86.72 68.19 14.28
CA LYS QB 42 -86.44 67.53 15.56
C LYS QB 42 -84.97 67.17 15.69
N LEU QB 43 -84.32 66.80 14.58
CA LEU QB 43 -82.91 66.48 14.63
C LEU QB 43 -82.08 67.71 15.00
N SER QB 44 -82.45 68.87 14.48
CA SER QB 44 -81.69 70.08 14.75
C SER QB 44 -81.83 70.54 16.19
N LYS QB 45 -82.90 70.13 16.88
CA LYS QB 45 -83.05 70.51 18.28
C LYS QB 45 -82.30 69.59 19.22
N ILE QB 46 -81.65 68.55 18.70
CA ILE QB 46 -80.83 67.69 19.55
C ILE QB 46 -79.65 68.47 20.12
N ARG QB 47 -78.95 69.21 19.26
CA ARG QB 47 -77.80 69.98 19.71
C ARG QB 47 -78.21 71.08 20.68
N VAL QB 48 -79.34 71.75 20.40
CA VAL QB 48 -79.76 72.87 21.24
C VAL QB 48 -80.14 72.38 22.63
N VAL QB 49 -80.57 71.12 22.73
CA VAL QB 49 -80.90 70.55 24.04
C VAL QB 49 -79.63 70.06 24.72
N ARG QB 50 -78.70 69.50 23.96
CA ARG QB 50 -77.44 69.04 24.54
C ARG QB 50 -76.67 70.18 25.16
N LYS QB 51 -76.63 71.34 24.49
CA LYS QB 51 -75.95 72.49 25.06
C LYS QB 51 -76.71 73.06 26.25
N SER QB 52 -78.04 72.92 26.26
CA SER QB 52 -78.81 73.36 27.42
C SER QB 52 -78.52 72.51 28.65
N ILE QB 53 -78.30 71.22 28.45
CA ILE QB 53 -77.92 70.34 29.56
C ILE QB 53 -76.55 70.74 30.10
N ALA QB 54 -75.60 71.03 29.21
CA ALA QB 54 -74.30 71.49 29.65
C ALA QB 54 -74.39 72.82 30.38
N ARG QB 55 -75.29 73.69 29.92
CA ARG QB 55 -75.47 74.99 30.56
C ARG QB 55 -75.99 74.82 31.99
N VAL QB 56 -77.00 73.97 32.17
CA VAL QB 56 -77.56 73.77 33.51
C VAL QB 56 -76.58 73.03 34.39
N LEU QB 57 -75.89 72.03 33.83
CA LEU QB 57 -74.90 71.29 34.61
C LEU QB 57 -73.73 72.17 35.01
N THR QB 58 -73.33 73.08 34.13
CA THR QB 58 -72.24 74.00 34.46
C THR QB 58 -72.61 74.93 35.60
N VAL QB 59 -73.86 75.40 35.63
CA VAL QB 59 -74.28 76.33 36.68
C VAL QB 59 -74.31 75.63 38.04
N ILE QB 60 -74.89 74.43 38.08
CA ILE QB 60 -74.93 73.71 39.36
C ILE QB 60 -73.54 73.29 39.79
N ASN QB 61 -72.69 72.88 38.84
CA ASN QB 61 -71.31 72.55 39.19
C ASN QB 61 -70.56 73.78 39.69
N GLN QB 62 -70.79 74.94 39.06
CA GLN QB 62 -70.18 76.17 39.55
C GLN QB 62 -70.71 76.55 40.92
N THR QB 63 -72.04 76.61 41.06
CA THR QB 63 -72.64 77.07 42.31
C THR QB 63 -72.18 76.22 43.48
N GLN QB 64 -72.08 74.90 43.28
CA GLN QB 64 -71.55 74.04 44.32
C GLN QB 64 -70.10 74.40 44.64
N LYS QB 65 -69.31 74.73 43.62
CA LYS QB 65 -67.89 74.97 43.84
C LYS QB 65 -67.62 76.28 44.58
N GLU QB 66 -68.39 77.35 44.30
CA GLU QB 66 -68.19 78.59 45.06
C GLU QB 66 -68.66 78.44 46.51
N ASN QB 67 -69.71 77.65 46.73
CA ASN QB 67 -70.13 77.40 48.11
C ASN QB 67 -69.04 76.66 48.88
N LEU QB 68 -68.40 75.68 48.24
CA LEU QB 68 -67.32 74.96 48.90
C LEU QB 68 -66.12 75.86 49.14
N ARG QB 69 -65.82 76.74 48.19
CA ARG QB 69 -64.71 77.69 48.37
C ARG QB 69 -65.01 78.66 49.50
N LYS QB 70 -66.25 79.13 49.61
CA LYS QB 70 -66.62 80.02 50.70
C LYS QB 70 -66.61 79.30 52.04
N PHE QB 71 -67.01 78.02 52.05
CA PHE QB 71 -67.04 77.27 53.30
C PHE QB 71 -65.63 77.04 53.84
N TYR QB 72 -64.70 76.64 52.97
CA TYR QB 72 -63.32 76.42 53.36
C TYR QB 72 -62.49 77.70 53.39
N LYS QB 73 -63.13 78.86 53.38
CA LYS QB 73 -62.43 80.12 53.51
C LYS QB 73 -61.88 80.26 54.92
N GLY QB 74 -60.56 80.37 55.04
CA GLY QB 74 -59.92 80.49 56.32
C GLY QB 74 -59.56 79.18 56.98
N LYS QB 75 -59.99 78.06 56.43
CA LYS QB 75 -59.61 76.76 56.97
C LYS QB 75 -58.11 76.52 56.76
N LYS QB 76 -57.48 75.92 57.77
CA LYS QB 76 -56.06 75.60 57.64
C LYS QB 76 -55.82 74.59 56.53
N TYR QB 77 -56.69 73.58 56.43
CA TYR QB 77 -56.57 72.54 55.42
C TYR QB 77 -57.78 72.60 54.50
N LYS QB 78 -57.52 72.55 53.19
CA LYS QB 78 -58.54 72.55 52.17
C LYS QB 78 -58.34 71.36 51.23
N PRO QB 79 -59.40 70.89 50.57
CA PRO QB 79 -59.24 69.79 49.62
C PRO QB 79 -58.31 70.18 48.48
N LEU QB 80 -57.78 69.15 47.82
CA LEU QB 80 -56.74 69.39 46.82
C LEU QB 80 -57.26 70.16 45.62
N ASP QB 81 -58.56 70.08 45.35
CA ASP QB 81 -59.12 70.82 44.22
C ASP QB 81 -59.54 72.23 44.59
N LEU QB 82 -59.37 72.64 45.85
CA LEU QB 82 -59.67 74.01 46.25
C LEU QB 82 -58.43 74.85 46.50
N ARG QB 83 -57.26 74.22 46.64
CA ARG QB 83 -56.02 74.96 46.76
C ARG QB 83 -55.47 75.28 45.38
N PRO QB 84 -54.65 76.32 45.27
CA PRO QB 84 -54.16 76.75 43.94
C PRO QB 84 -53.40 75.65 43.23
N LYS QB 85 -53.47 75.71 41.90
CA LYS QB 85 -53.05 74.61 41.03
C LYS QB 85 -51.80 74.93 40.21
N LYS QB 86 -51.32 76.18 40.21
CA LYS QB 86 -50.54 76.75 39.13
C LYS QB 86 -49.58 75.80 38.43
N THR QB 87 -48.63 75.24 39.17
CA THR QB 87 -47.61 74.39 38.57
C THR QB 87 -46.89 73.67 39.70
N ARG QB 88 -46.63 72.38 39.48
CA ARG QB 88 -46.02 71.55 40.51
C ARG QB 88 -44.74 72.17 41.03
N ALA QB 89 -43.90 72.68 40.11
CA ALA QB 89 -42.68 73.36 40.53
C ALA QB 89 -42.99 74.63 41.31
N MET QB 90 -43.97 75.41 40.84
CA MET QB 90 -44.28 76.67 41.51
C MET QB 90 -44.94 76.45 42.86
N ARG QB 91 -45.54 75.28 43.08
CA ARG QB 91 -46.11 74.97 44.38
C ARG QB 91 -45.05 74.57 45.39
N ARG QB 92 -43.87 74.15 44.93
CA ARG QB 92 -42.81 73.71 45.84
C ARG QB 92 -42.01 74.87 46.40
N ARG QB 93 -42.12 76.06 45.83
CA ARG QB 93 -41.25 77.16 46.21
C ARG QB 93 -41.63 77.70 47.59
N LEU QB 94 -40.82 78.65 48.06
CA LEU QB 94 -41.07 79.28 49.34
C LEU QB 94 -42.02 80.47 49.17
N ASN QB 95 -42.85 80.69 50.18
CA ASN QB 95 -43.81 81.77 50.18
C ASN QB 95 -43.10 83.10 50.42
N LYS QB 96 -43.83 84.21 50.32
CA LYS QB 96 -43.20 85.52 50.48
C LYS QB 96 -42.64 85.70 51.88
N HIS QB 97 -43.30 85.15 52.89
CA HIS QB 97 -42.84 85.30 54.26
C HIS QB 97 -41.49 84.63 54.47
N GLU QB 98 -41.38 83.36 54.08
CA GLU QB 98 -40.12 82.64 54.28
C GLU QB 98 -39.18 82.74 53.08
N GLU QB 99 -39.47 83.62 52.13
CA GLU QB 99 -38.49 83.97 51.11
C GLU QB 99 -37.75 85.27 51.46
N ASN QB 100 -38.44 86.21 52.08
CA ASN QB 100 -37.89 87.53 52.35
C ASN QB 100 -37.24 87.68 53.72
N LEU QB 101 -37.33 86.67 54.59
CA LEU QB 101 -36.85 86.86 55.96
C LEU QB 101 -35.33 86.71 55.99
N LYS QB 102 -34.70 87.40 56.93
CA LYS QB 102 -33.25 87.44 57.01
C LYS QB 102 -32.81 87.04 58.41
N THR QB 103 -31.57 86.55 58.50
CA THR QB 103 -30.99 86.28 59.80
C THR QB 103 -30.69 87.60 60.51
N LYS QB 104 -30.58 87.52 61.84
CA LYS QB 104 -30.23 88.71 62.61
C LYS QB 104 -28.84 89.21 62.22
N LYS QB 105 -27.95 88.32 61.81
CA LYS QB 105 -26.64 88.74 61.34
C LYS QB 105 -26.75 89.53 60.04
N GLN QB 106 -27.64 89.11 59.14
CA GLN QB 106 -27.75 89.80 57.85
C GLN QB 106 -28.44 91.15 58.00
N GLN QB 107 -29.50 91.22 58.82
CA GLN QB 107 -30.21 92.49 58.96
C GLN QB 107 -29.46 93.48 59.84
N ARG QB 108 -28.66 92.98 60.80
CA ARG QB 108 -27.80 93.89 61.56
C ARG QB 108 -26.75 94.51 60.66
N LYS QB 109 -26.19 93.73 59.75
CA LYS QB 109 -25.25 94.27 58.78
C LYS QB 109 -25.92 95.27 57.85
N GLU QB 110 -27.18 95.01 57.48
CA GLU QB 110 -27.91 95.95 56.64
C GLU QB 110 -28.23 97.24 57.39
N ARG QB 111 -28.60 97.11 58.66
CA ARG QB 111 -28.85 98.31 59.47
C ARG QB 111 -27.58 99.10 59.69
N LEU QB 112 -26.46 98.41 59.92
CA LEU QB 112 -25.21 99.10 60.22
C LEU QB 112 -24.63 99.78 58.98
N TYR QB 113 -24.60 99.08 57.86
CA TYR QB 113 -23.89 99.52 56.66
C TYR QB 113 -24.83 99.53 55.47
N PRO QB 114 -25.73 100.51 55.40
CA PRO QB 114 -26.62 100.60 54.25
C PRO QB 114 -25.91 101.22 53.05
N LEU QB 115 -26.40 100.87 51.86
CA LEU QB 115 -25.83 101.38 50.62
C LEU QB 115 -26.21 102.85 50.49
N ARG QB 116 -25.20 103.71 50.40
CA ARG QB 116 -25.44 105.15 50.32
C ARG QB 116 -25.56 105.60 48.88
N LYS QB 117 -26.40 106.60 48.66
CA LYS QB 117 -26.50 107.24 47.35
C LYS QB 117 -25.46 108.33 47.24
N TYR QB 118 -24.66 108.29 46.18
CA TYR QB 118 -23.50 109.16 46.09
C TYR QB 118 -23.22 109.50 44.62
N ALA QB 119 -22.39 110.52 44.44
CA ALA QB 119 -21.85 110.86 43.12
C ALA QB 119 -20.45 111.39 43.31
N VAL QB 120 -19.69 111.43 42.21
CA VAL QB 120 -18.34 111.97 42.22
C VAL QB 120 -18.22 113.01 41.11
N LYS QB 121 -17.76 114.20 41.48
CA LYS QB 121 -17.62 115.29 40.52
C LYS QB 121 -16.35 115.08 39.71
N ALA QB 122 -16.13 115.90 38.68
CA ALA QB 122 -14.97 115.75 37.82
C ALA QB 122 -13.90 116.80 38.13
N ALA RB 1 26.43 108.32 38.81
CA ALA RB 1 27.87 108.20 38.95
C ALA RB 1 28.30 106.75 39.09
N LEU RB 2 28.50 106.31 40.33
CA LEU RB 2 28.90 104.95 40.62
C LEU RB 2 27.74 104.15 41.20
N ARG RB 3 27.77 102.83 40.95
CA ARG RB 3 26.81 101.88 41.50
C ARG RB 3 25.37 102.26 41.14
N TYR RB 4 25.11 102.19 39.85
CA TYR RB 4 23.77 102.31 39.32
C TYR RB 4 22.94 101.07 39.66
N PRO RB 5 21.62 101.20 39.80
CA PRO RB 5 20.78 100.03 40.07
C PRO RB 5 20.58 99.21 38.81
N MET RB 6 21.17 98.01 38.80
CA MET RB 6 21.16 97.14 37.63
C MET RB 6 20.16 96.01 37.80
N ALA RB 7 19.84 95.37 36.68
CA ALA RB 7 18.87 94.28 36.66
C ALA RB 7 19.50 92.92 36.90
N VAL RB 8 20.80 92.85 37.16
CA VAL RB 8 21.48 91.61 37.46
C VAL RB 8 22.38 91.84 38.68
N GLY RB 9 22.85 90.75 39.25
CA GLY RB 9 23.76 90.80 40.38
C GLY RB 9 23.08 90.36 41.66
N LEU RB 10 23.79 90.57 42.77
CA LEU RB 10 23.25 90.20 44.07
C LEU RB 10 22.13 91.15 44.49
N ASN RB 11 22.29 92.44 44.21
CA ASN RB 11 21.31 93.47 44.56
C ASN RB 11 20.71 93.99 43.26
N LYS RB 12 19.64 93.34 42.81
CA LYS RB 12 18.96 93.71 41.58
C LYS RB 12 17.52 94.08 41.88
N GLY RB 13 16.99 95.03 41.12
CA GLY RB 13 15.65 95.53 41.30
C GLY RB 13 15.60 97.04 41.39
N HIS RB 14 14.37 97.55 41.36
CA HIS RB 14 14.10 98.98 41.28
C HIS RB 14 14.48 99.76 42.53
N LYS RB 15 14.82 99.08 43.62
CA LYS RB 15 15.24 99.74 44.87
C LYS RB 15 14.12 100.59 45.45
N VAL RB 16 13.03 99.92 45.80
CA VAL RB 16 11.92 100.55 46.50
C VAL RB 16 12.11 100.30 48.00
N THR RB 17 11.49 101.13 48.84
CA THR RB 17 11.63 100.95 50.27
C THR RB 17 10.57 100.01 50.82
N LYS RB 18 11.02 99.04 51.59
CA LYS RB 18 10.15 97.95 52.06
C LYS RB 18 9.20 98.48 53.13
N ASN RB 19 7.93 98.06 53.04
CA ASN RB 19 6.93 98.47 54.00
C ASN RB 19 6.84 97.44 55.12
N VAL RB 20 7.15 97.87 56.34
CA VAL RB 20 7.07 97.00 57.51
C VAL RB 20 5.63 96.94 57.98
N SER RB 21 5.09 95.74 58.09
CA SER RB 21 3.73 95.55 58.57
C SER RB 21 3.65 94.22 59.29
N LYS RB 22 2.71 94.14 60.23
CA LYS RB 22 2.49 92.89 60.95
C LYS RB 22 2.00 91.83 59.98
N PRO RB 23 2.51 90.60 60.07
CA PRO RB 23 2.05 89.54 59.16
C PRO RB 23 0.56 89.27 59.35
N ARG RB 24 -0.09 88.86 58.26
CA ARG RB 24 -1.51 88.57 58.31
C ARG RB 24 -1.80 87.47 59.32
N HIS RB 25 -3.05 87.44 59.79
CA HIS RB 25 -3.44 86.46 60.78
C HIS RB 25 -3.47 85.04 60.24
N SER RB 26 -3.51 84.87 58.92
CA SER RB 26 -3.47 83.52 58.35
C SER RB 26 -2.12 82.86 58.59
N ARG RB 27 -1.05 83.66 58.71
CA ARG RB 27 0.29 83.11 58.84
C ARG RB 27 0.50 82.39 60.16
N ARG RB 28 -0.32 82.67 61.18
CA ARG RB 28 -0.20 82.02 62.47
C ARG RB 28 -0.91 80.68 62.53
N ARG RB 29 -1.43 80.19 61.40
CA ARG RB 29 -2.06 78.89 61.36
C ARG RB 29 -1.06 77.81 61.74
N GLY RB 30 -1.53 76.81 62.47
CA GLY RB 30 -0.68 75.73 62.91
C GLY RB 30 0.20 76.04 64.10
N ARG RB 31 0.09 77.23 64.67
CA ARG RB 31 0.87 77.56 65.85
C ARG RB 31 0.25 76.90 67.08
N LEU RB 32 1.08 76.29 67.91
CA LEU RB 32 0.59 75.57 69.08
C LEU RB 32 0.31 76.56 70.21
N THR RB 33 -0.94 76.61 70.65
CA THR RB 33 -1.32 77.42 71.80
C THR RB 33 -1.38 76.57 73.04
N LYS RB 34 -1.55 77.24 74.18
CA LYS RB 34 -1.48 76.56 75.47
C LYS RB 34 -2.60 75.54 75.63
N HIS RB 35 -3.82 75.89 75.22
CA HIS RB 35 -4.95 75.03 75.47
C HIS RB 35 -4.95 73.80 74.57
N THR RB 36 -4.67 73.97 73.28
CA THR RB 36 -4.69 72.84 72.38
C THR RB 36 -3.49 71.92 72.63
N LYS RB 37 -2.43 72.46 73.23
CA LYS RB 37 -1.35 71.59 73.68
C LYS RB 37 -1.78 70.77 74.89
N PHE RB 38 -2.52 71.40 75.81
CA PHE RB 38 -2.99 70.69 76.99
C PHE RB 38 -3.93 69.56 76.62
N VAL RB 39 -4.73 69.75 75.57
CA VAL RB 39 -5.65 68.70 75.13
C VAL RB 39 -4.88 67.54 74.53
N ARG RB 40 -3.90 67.83 73.68
CA ARG RB 40 -3.28 66.80 72.87
C ARG RB 40 -2.50 65.80 73.72
N ASP RB 41 -1.74 66.28 74.71
CA ASP RB 41 -1.01 65.35 75.55
C ASP RB 41 -1.94 64.66 76.55
N MET RB 42 -3.02 65.34 76.95
CA MET RB 42 -4.04 64.68 77.75
C MET RB 42 -4.70 63.54 76.97
N ILE RB 43 -4.97 63.76 75.69
CA ILE RB 43 -5.48 62.68 74.85
C ILE RB 43 -4.43 61.57 74.75
N ARG RB 44 -3.17 61.94 74.56
CA ARG RB 44 -2.09 60.95 74.53
C ARG RB 44 -2.03 60.17 75.83
N GLU RB 45 -2.27 60.85 76.96
CA GLU RB 45 -2.30 60.16 78.24
C GLU RB 45 -3.46 59.18 78.31
N VAL RB 46 -4.65 59.61 77.88
CA VAL RB 46 -5.82 58.72 77.88
C VAL RB 46 -5.62 57.55 76.94
N CYS RB 47 -5.06 57.82 75.77
CA CYS RB 47 -5.23 56.98 74.60
C CYS RB 47 -4.00 56.16 74.24
N GLY RB 48 -2.81 56.64 74.59
CA GLY RB 48 -1.60 55.85 74.45
C GLY RB 48 -0.87 56.10 73.14
N PHE RB 49 -0.10 55.10 72.72
CA PHE RB 49 0.74 55.17 71.54
C PHE RB 49 0.32 54.14 70.50
N ALA RB 50 0.50 54.49 69.23
CA ALA RB 50 0.23 53.59 68.14
C ALA RB 50 1.25 52.45 68.09
N PRO RB 51 0.88 51.30 67.55
CA PRO RB 51 1.82 50.16 67.55
C PRO RB 51 3.11 50.43 66.80
N TYR RB 52 3.07 51.25 65.75
CA TYR RB 52 4.31 51.54 65.02
C TYR RB 52 5.18 52.50 65.80
N GLU RB 53 4.58 53.38 66.60
CA GLU RB 53 5.36 54.30 67.41
C GLU RB 53 6.04 53.58 68.55
N ARG RB 54 5.33 52.66 69.20
CA ARG RB 54 5.93 51.91 70.31
C ARG RB 54 7.02 50.97 69.82
N ARG RB 55 6.97 50.55 68.56
CA ARG RB 55 8.06 49.76 68.01
C ARG RB 55 9.32 50.61 67.82
N ALA RB 56 9.14 51.85 67.36
CA ALA RB 56 10.28 52.75 67.22
C ALA RB 56 10.92 53.06 68.57
N MET RB 57 10.10 53.18 69.61
CA MET RB 57 10.66 53.40 70.95
C MET RB 57 11.50 52.21 71.40
N GLU RB 58 11.11 51.00 71.00
CA GLU RB 58 11.95 49.84 71.28
C GLU RB 58 13.29 49.95 70.57
N LEU RB 59 13.28 50.42 69.32
CA LEU RB 59 14.52 50.63 68.60
C LEU RB 59 15.33 51.77 69.22
N LEU RB 60 14.66 52.86 69.62
CA LEU RB 60 15.36 53.98 70.22
C LEU RB 60 15.97 53.61 71.57
N LYS RB 61 15.26 52.82 72.37
CA LYS RB 61 15.79 52.41 73.67
C LYS RB 61 17.05 51.58 73.50
N VAL RB 62 17.06 50.65 72.55
CA VAL RB 62 18.26 49.89 72.22
C VAL RB 62 19.31 50.75 71.53
N SER RB 63 18.92 51.96 71.09
CA SER RB 63 19.81 52.97 70.51
C SER RB 63 20.26 52.61 69.10
N LYS RB 64 19.39 52.00 68.31
CA LYS RB 64 19.58 51.88 66.87
C LYS RB 64 18.79 53.00 66.21
N ASP RB 65 19.29 54.23 66.37
CA ASP RB 65 18.56 55.39 65.91
C ASP RB 65 18.47 55.45 64.39
N LYS RB 66 19.51 54.98 63.70
CA LYS RB 66 19.43 54.92 62.25
C LYS RB 66 18.36 53.93 61.79
N ARG RB 67 18.28 52.77 62.45
CA ARG RB 67 17.22 51.82 62.15
C ARG RB 67 15.86 52.39 62.53
N ALA RB 68 15.79 53.12 63.66
CA ALA RB 68 14.54 53.73 64.07
C ALA RB 68 14.06 54.77 63.05
N LEU RB 69 14.99 55.59 62.54
CA LEU RB 69 14.61 56.58 61.53
C LEU RB 69 14.12 55.91 60.26
N LYS RB 70 14.82 54.88 59.80
CA LYS RB 70 14.44 54.22 58.55
C LYS RB 70 13.10 53.51 58.69
N PHE RB 71 12.77 53.05 59.90
CA PHE RB 71 11.47 52.41 60.12
C PHE RB 71 10.35 53.45 60.16
N ILE RB 72 10.57 54.58 60.84
CA ILE RB 72 9.55 55.62 60.91
C ILE RB 72 9.30 56.20 59.53
N LYS RB 73 10.37 56.43 58.76
CA LYS RB 73 10.22 56.97 57.41
C LYS RB 73 9.41 56.01 56.53
N LYS RB 74 9.65 54.71 56.66
CA LYS RB 74 8.87 53.74 55.91
C LYS RB 74 7.41 53.74 56.36
N ARG RB 75 7.18 54.01 57.65
CA ARG RB 75 5.82 54.05 58.15
C ARG RB 75 5.11 55.35 57.76
N VAL RB 76 5.76 56.49 57.98
CA VAL RB 76 5.11 57.78 57.82
C VAL RB 76 5.19 58.28 56.38
N GLY RB 77 6.37 58.22 55.77
CA GLY RB 77 6.46 58.49 54.35
C GLY RB 77 7.58 59.38 53.88
N THR RB 78 7.97 60.37 54.68
CA THR RB 78 8.97 61.35 54.26
C THR RB 78 10.04 61.50 55.32
N HIS RB 79 11.21 61.95 54.87
CA HIS RB 79 12.33 62.22 55.77
C HIS RB 79 12.00 63.34 56.75
N ILE RB 80 11.32 64.38 56.27
CA ILE RB 80 11.01 65.54 57.11
C ILE RB 80 10.10 65.13 58.27
N ARG RB 81 9.07 64.33 57.97
CA ARG RB 81 8.12 63.95 59.01
C ARG RB 81 8.71 62.91 59.95
N ALA RB 82 9.59 62.04 59.43
CA ALA RB 82 10.19 61.01 60.27
C ALA RB 82 11.22 61.60 61.21
N LYS RB 83 11.97 62.61 60.76
CA LYS RB 83 12.94 63.26 61.63
C LYS RB 83 12.25 63.95 62.80
N ARG RB 84 11.08 64.56 62.53
CA ARG RB 84 10.33 65.20 63.61
C ARG RB 84 9.66 64.16 64.49
N LYS RB 85 9.17 63.07 63.90
CA LYS RB 85 8.56 62.00 64.69
C LYS RB 85 9.58 61.30 65.56
N ARG RB 86 10.80 61.09 65.03
CA ARG RB 86 11.86 60.50 65.85
C ARG RB 86 12.25 61.43 66.99
N GLU RB 87 12.26 62.74 66.73
CA GLU RB 87 12.57 63.70 67.79
C GLU RB 87 11.55 63.62 68.91
N GLU RB 88 10.27 63.50 68.57
CA GLU RB 88 9.23 63.41 69.60
C GLU RB 88 9.40 62.12 70.39
N LEU RB 89 9.52 60.99 69.69
CA LEU RB 89 9.62 59.70 70.37
C LEU RB 89 10.87 59.62 71.23
N SER RB 90 11.98 60.21 70.76
CA SER RB 90 13.20 60.20 71.55
C SER RB 90 13.03 60.99 72.84
N ASN RB 91 12.34 62.14 72.78
CA ASN RB 91 12.22 62.97 73.97
C ASN RB 91 11.16 62.45 74.93
N VAL RB 92 10.16 61.73 74.44
CA VAL RB 92 9.22 61.08 75.34
C VAL RB 92 9.87 59.89 76.04
N LEU RB 93 10.83 59.25 75.36
CA LEU RB 93 11.61 58.20 76.03
C LEU RB 93 12.54 58.80 77.05
N ALA RB 94 13.02 60.03 76.81
CA ALA RB 94 13.72 60.75 77.85
C ALA RB 94 12.79 61.10 79.00
N ALA RB 95 11.57 61.57 78.68
CA ALA RB 95 10.66 62.03 79.72
C ALA RB 95 10.29 60.90 80.68
N MET RB 96 10.04 59.70 80.16
CA MET RB 96 9.72 58.58 81.04
C MET RB 96 10.94 58.10 81.79
N ARG RB 97 12.12 58.17 81.18
CA ARG RB 97 13.35 57.76 81.86
C ARG RB 97 13.66 58.69 83.02
N LYS RB 98 13.52 60.01 82.83
CA LYS RB 98 13.85 60.94 83.89
C LYS RB 98 12.76 61.02 84.94
N ALA RB 99 11.54 60.57 84.62
CA ALA RB 99 10.50 60.52 85.62
C ALA RB 99 10.70 59.33 86.57
N ALA RB 100 11.14 58.20 86.04
CA ALA RB 100 11.39 57.03 86.88
C ALA RB 100 12.64 57.20 87.71
N ALA RB 101 13.56 58.08 87.30
CA ALA RB 101 14.81 58.23 88.03
C ALA RB 101 14.59 58.85 89.41
N LYS RB 102 13.84 59.94 89.47
CA LYS RB 102 13.61 60.62 90.75
C LYS RB 102 12.57 59.88 91.58
N THR SB 1 -38.83 22.24 3.80
CA THR SB 1 -38.61 23.43 3.00
C THR SB 1 -38.71 24.69 3.84
N LYS SB 2 -37.68 25.52 3.76
CA LYS SB 2 -37.57 26.73 4.58
C LYS SB 2 -38.36 27.90 4.01
N GLY SB 3 -38.94 27.77 2.83
CA GLY SB 3 -39.61 28.89 2.20
C GLY SB 3 -41.12 28.87 2.33
N THR SB 4 -41.80 28.56 1.22
CA THR SB 4 -43.26 28.69 1.18
C THR SB 4 -43.93 27.76 2.19
N SER SB 5 -43.44 26.52 2.30
CA SER SB 5 -44.08 25.55 3.19
C SER SB 5 -43.96 25.96 4.65
N SER SB 6 -42.80 26.49 5.05
CA SER SB 6 -42.61 26.86 6.45
C SER SB 6 -43.46 28.05 6.84
N PHE SB 7 -43.81 28.91 5.88
CA PHE SB 7 -44.67 30.04 6.18
C PHE SB 7 -46.11 29.63 6.45
N GLY SB 8 -46.47 28.38 6.20
CA GLY SB 8 -47.84 27.95 6.45
C GLY SB 8 -48.16 27.66 7.90
N LYS SB 9 -47.16 27.32 8.71
CA LYS SB 9 -47.37 26.91 10.08
C LYS SB 9 -47.12 28.04 11.07
N ARG SB 10 -47.31 29.29 10.64
CA ARG SB 10 -47.21 30.44 11.54
C ARG SB 10 -48.62 30.90 11.88
N ARG SB 11 -49.09 30.50 13.07
CA ARG SB 11 -50.40 30.92 13.55
C ARG SB 11 -50.39 31.25 15.04
N ASN SB 12 -49.23 31.59 15.59
CA ASN SB 12 -49.09 31.87 17.02
C ASN SB 12 -48.46 33.25 17.16
N LYS SB 13 -49.24 34.20 17.66
CA LYS SB 13 -48.76 35.56 17.81
C LYS SB 13 -47.62 35.64 18.83
N THR SB 14 -46.58 36.37 18.47
CA THR SB 14 -45.48 36.65 19.40
C THR SB 14 -45.68 37.95 20.16
N HIS SB 15 -46.24 38.97 19.51
CA HIS SB 15 -46.48 40.26 20.12
C HIS SB 15 -47.96 40.59 20.11
N THR SB 16 -48.38 41.37 21.10
CA THR SB 16 -49.74 41.89 21.17
C THR SB 16 -49.69 43.40 21.42
N LEU SB 17 -50.86 44.01 21.51
CA LEU SB 17 -50.92 45.45 21.73
C LEU SB 17 -50.52 45.80 23.15
N CYS SB 18 -49.78 46.90 23.29
CA CYS SB 18 -49.25 47.34 24.57
C CYS SB 18 -50.22 48.30 25.23
N ARG SB 19 -50.42 48.11 26.55
CA ARG SB 19 -51.31 49.02 27.27
C ARG SB 19 -50.77 50.44 27.26
N ARG SB 20 -49.47 50.59 27.51
CA ARG SB 20 -48.75 51.85 27.36
C ARG SB 20 -48.07 51.83 26.00
N CYS SB 21 -48.22 52.92 25.25
CA CYS SB 21 -47.69 53.14 23.89
C CYS SB 21 -48.50 52.44 22.80
N GLY SB 22 -49.47 51.59 23.14
CA GLY SB 22 -50.41 51.05 22.17
C GLY SB 22 -49.85 50.39 20.93
N SER SB 23 -48.56 50.08 20.90
CA SER SB 23 -47.98 49.43 19.74
C SER SB 23 -47.98 47.92 19.93
N LYS SB 24 -48.03 47.21 18.80
CA LYS SB 24 -48.07 45.75 18.81
C LYS SB 24 -46.66 45.19 18.98
N ALA SB 25 -46.04 45.54 20.10
CA ALA SB 25 -44.71 45.06 20.43
C ALA SB 25 -44.63 44.44 21.81
N TYR SB 26 -45.77 44.17 22.45
CA TYR SB 26 -45.78 43.54 23.76
C TYR SB 26 -45.53 42.05 23.60
N HIS SB 27 -44.30 41.64 23.86
CA HIS SB 27 -43.95 40.22 23.78
C HIS SB 27 -44.75 39.44 24.81
N LEU SB 28 -45.47 38.41 24.36
CA LEU SB 28 -46.37 37.69 25.25
C LEU SB 28 -45.58 36.87 26.27
N GLN SB 29 -44.58 36.12 25.82
CA GLN SB 29 -43.85 35.25 26.74
C GLN SB 29 -42.92 36.05 27.64
N LYS SB 30 -42.27 37.08 27.10
CA LYS SB 30 -41.40 37.91 27.91
C LYS SB 30 -42.16 38.93 28.75
N SER SB 31 -43.43 39.19 28.43
CA SER SB 31 -44.23 40.18 29.14
C SER SB 31 -43.54 41.55 29.17
N THR SB 32 -42.88 41.89 28.07
CA THR SB 32 -42.14 43.12 27.92
C THR SB 32 -42.38 43.70 26.54
N CYS SB 33 -42.72 44.97 26.48
CA CYS SB 33 -42.91 45.64 25.20
C CYS SB 33 -41.55 45.92 24.57
N GLY SB 34 -41.39 45.55 23.30
CA GLY SB 34 -40.16 45.83 22.60
C GLY SB 34 -40.05 47.25 22.07
N LYS SB 35 -41.08 48.06 22.26
CA LYS SB 35 -41.11 49.44 21.75
C LYS SB 35 -40.93 50.47 22.86
N CYS SB 36 -41.75 50.41 23.90
CA CYS SB 36 -41.63 51.33 25.03
C CYS SB 36 -41.03 50.67 26.26
N GLY SB 37 -40.76 49.38 26.21
CA GLY SB 37 -40.24 48.66 27.36
C GLY SB 37 -41.21 48.67 28.53
N TYR SB 38 -42.35 47.99 28.38
CA TYR SB 38 -43.34 48.10 29.43
C TYR SB 38 -43.55 46.80 30.20
N PRO SB 39 -42.60 46.39 31.01
CA PRO SB 39 -42.94 46.00 32.37
C PRO SB 39 -42.53 47.13 33.31
N ALA SB 40 -41.82 48.11 32.75
CA ALA SB 40 -40.95 49.00 33.50
C ALA SB 40 -41.55 50.39 33.63
N LYS SB 41 -40.89 51.21 34.45
CA LYS SB 41 -41.35 52.57 34.72
C LYS SB 41 -40.85 53.55 33.68
N ARG SB 42 -39.54 53.53 33.39
CA ARG SB 42 -38.94 54.48 32.49
C ARG SB 42 -39.17 54.06 31.04
N LYS SB 43 -39.54 55.03 30.21
CA LYS SB 43 -39.82 54.77 28.80
C LYS SB 43 -38.53 54.43 28.06
N ARG SB 44 -38.62 53.42 27.20
CA ARG SB 44 -37.45 52.94 26.46
C ARG SB 44 -37.13 53.90 25.32
N LYS SB 45 -35.93 54.46 25.35
CA LYS SB 45 -35.53 55.50 24.40
C LYS SB 45 -34.02 55.46 24.23
N TYR SB 46 -33.56 55.50 22.99
CA TYR SB 46 -32.15 55.39 22.67
C TYR SB 46 -31.74 56.47 21.69
N ASN SB 47 -30.52 56.98 21.84
CA ASN SB 47 -30.01 58.02 20.97
C ASN SB 47 -29.49 57.49 19.63
N TRP SB 48 -29.41 56.17 19.45
CA TRP SB 48 -28.94 55.67 18.16
C TRP SB 48 -30.04 55.62 17.13
N SER SB 49 -31.24 56.09 17.45
CA SER SB 49 -32.34 56.19 16.49
C SER SB 49 -33.07 57.49 16.78
N ALA SB 50 -32.72 58.54 16.04
CA ALA SB 50 -33.40 59.82 16.20
C ALA SB 50 -34.79 59.81 15.57
N LYS SB 51 -35.00 58.95 14.56
CA LYS SB 51 -36.31 58.85 13.95
C LYS SB 51 -37.32 58.26 14.92
N ALA SB 52 -36.93 57.24 15.68
CA ALA SB 52 -37.83 56.66 16.66
C ALA SB 52 -38.15 57.65 17.77
N LYS SB 53 -37.16 58.44 18.19
CA LYS SB 53 -37.40 59.45 19.22
C LYS SB 53 -38.39 60.50 18.74
N ARG SB 54 -38.25 60.94 17.48
CA ARG SB 54 -39.15 61.95 16.94
C ARG SB 54 -40.49 61.35 16.52
N ARG SB 55 -40.59 60.03 16.44
CA ARG SB 55 -41.88 59.41 16.13
C ARG SB 55 -42.83 59.41 17.32
N ASN SB 56 -42.29 59.56 18.54
CA ASN SB 56 -43.13 59.44 19.74
C ASN SB 56 -42.78 60.50 20.78
N THR SB 57 -42.11 61.58 20.40
CA THR SB 57 -41.69 62.58 21.37
C THR SB 57 -42.87 63.42 21.83
N THR SB 58 -42.57 64.40 22.67
CA THR SB 58 -43.58 65.35 23.12
C THR SB 58 -43.99 66.26 21.96
N GLY SB 59 -45.30 66.36 21.75
CA GLY SB 59 -45.84 67.09 20.63
C GLY SB 59 -46.34 66.24 19.49
N THR SB 60 -46.03 64.94 19.49
CA THR SB 60 -46.57 64.03 18.48
C THR SB 60 -47.97 63.57 18.82
N GLY SB 61 -48.49 63.92 19.99
CA GLY SB 61 -49.82 63.51 20.39
C GLY SB 61 -50.73 64.67 20.70
N ARG SB 62 -51.68 64.46 21.61
CA ARG SB 62 -52.71 65.45 21.89
C ARG SB 62 -52.19 66.65 22.67
N MET SB 63 -51.27 66.44 23.61
CA MET SB 63 -50.69 67.53 24.40
C MET SB 63 -51.75 68.21 25.25
N ARG SB 64 -52.62 67.40 25.87
CA ARG SB 64 -53.80 67.96 26.53
C ARG SB 64 -53.43 68.98 27.60
N HIS SB 65 -52.63 68.58 28.59
CA HIS SB 65 -52.30 69.48 29.68
C HIS SB 65 -51.31 70.55 29.26
N LEU SB 66 -50.29 70.18 28.49
CA LEU SB 66 -49.20 71.11 28.22
C LEU SB 66 -49.63 72.22 27.27
N LYS SB 67 -50.59 71.95 26.38
CA LYS SB 67 -51.06 72.99 25.47
C LYS SB 67 -51.81 74.09 26.19
N ILE SB 68 -52.45 73.79 27.32
CA ILE SB 68 -53.04 74.84 28.15
C ILE SB 68 -52.00 75.48 29.06
N VAL SB 69 -51.00 74.71 29.49
CA VAL SB 69 -49.91 75.29 30.27
C VAL SB 69 -49.20 76.37 29.47
N TYR SB 70 -48.99 76.14 28.17
CA TYR SB 70 -48.39 77.17 27.32
C TYR SB 70 -49.28 78.41 27.27
N ARG SB 71 -50.60 78.23 27.38
CA ARG SB 71 -51.52 79.36 27.38
C ARG SB 71 -51.45 80.13 28.69
N ARG SB 72 -51.45 79.43 29.82
CA ARG SB 72 -51.50 80.08 31.12
C ARG SB 72 -50.19 80.79 31.46
N PHE SB 73 -49.08 80.36 30.86
CA PHE SB 73 -47.80 81.00 31.12
C PHE SB 73 -47.82 82.45 30.64
N ARG SB 74 -48.52 82.72 29.53
CA ARG SB 74 -48.55 84.07 28.97
C ARG SB 74 -49.25 85.05 29.91
N HIS SB 75 -49.99 84.54 30.90
CA HIS SB 75 -50.68 85.38 31.86
C HIS SB 75 -50.25 85.12 33.30
N GLY SB 76 -49.17 84.38 33.50
CA GLY SB 76 -48.61 84.20 34.83
C GLY SB 76 -49.28 83.16 35.70
N PHE SB 77 -49.98 82.19 35.11
CA PHE SB 77 -50.64 81.12 35.86
C PHE SB 77 -51.58 81.68 36.93
N ARG SB 78 -52.43 82.63 36.54
CA ARG SB 78 -53.35 83.25 37.47
C ARG SB 78 -54.54 82.35 37.74
N GLU SB 79 -55.12 82.48 38.94
CA GLU SB 79 -56.23 81.64 39.37
C GLU SB 79 -57.13 82.42 40.33
N GLY SB 80 -58.35 81.90 40.49
CA GLY SB 80 -59.27 82.46 41.46
C GLY SB 80 -59.66 83.89 41.17
N THR SB 81 -59.65 84.28 39.90
CA THR SB 81 -59.98 85.64 39.51
C THR SB 81 -60.84 85.58 38.25
N THR SB 82 -61.61 86.64 38.04
CA THR SB 82 -62.63 86.69 37.00
C THR SB 82 -62.49 87.96 36.18
N PRO SB 83 -63.01 87.97 34.96
CA PRO SB 83 -62.78 89.09 34.04
C PRO SB 83 -63.61 90.35 34.31
N LYS SB 84 -64.08 90.55 35.55
CA LYS SB 84 -64.84 91.73 35.96
C LYS SB 84 -66.15 91.78 35.16
N PRO SB 85 -67.15 91.02 35.61
CA PRO SB 85 -68.39 90.90 34.83
C PRO SB 85 -69.07 92.24 34.63
N LYS SB 86 -69.73 92.36 33.48
CA LYS SB 86 -70.48 93.56 33.12
C LYS SB 86 -71.59 93.84 34.13
N PRO TB 1 -89.99 15.30 36.94
CA PRO TB 1 -91.40 14.90 37.10
C PRO TB 1 -91.57 13.78 38.12
N ARG TB 2 -92.66 13.85 38.88
CA ARG TB 2 -92.94 12.85 39.90
C ARG TB 2 -94.30 12.23 39.64
N LYS TB 3 -94.38 10.91 39.84
CA LYS TB 3 -95.60 10.15 39.62
C LYS TB 3 -96.29 9.90 40.96
N ILE TB 4 -97.59 10.17 41.01
CA ILE TB 4 -98.40 9.94 42.20
C ILE TB 4 -99.21 8.67 42.00
N GLU TB 5 -99.13 7.77 42.97
CA GLU TB 5 -99.79 6.47 42.86
C GLU TB 5 -101.21 6.49 43.44
N GLU TB 6 -101.35 6.82 44.71
CA GLU TB 6 -102.67 6.82 45.33
C GLU TB 6 -103.31 8.19 45.17
N ILE TB 7 -104.60 8.28 45.52
CA ILE TB 7 -105.41 9.43 45.14
C ILE TB 7 -105.37 10.54 46.19
N LYS TB 8 -105.42 10.17 47.48
CA LYS TB 8 -105.63 11.18 48.52
C LYS TB 8 -104.51 12.21 48.57
N ASP TB 9 -103.26 11.78 48.41
CA ASP TB 9 -102.16 12.73 48.36
C ASP TB 9 -102.19 13.60 47.11
N PHE TB 10 -102.80 13.13 46.02
CA PHE TB 10 -102.94 13.99 44.86
C PHE TB 10 -103.81 15.21 45.17
N LEU TB 11 -104.80 15.04 46.05
CA LEU TB 11 -105.62 16.18 46.44
C LEU TB 11 -104.82 17.17 47.28
N LEU TB 12 -104.00 16.68 48.22
CA LEU TB 12 -103.31 17.61 49.11
C LEU TB 12 -102.18 18.33 48.39
N THR TB 13 -101.61 17.72 47.34
CA THR TB 13 -100.69 18.45 46.48
C THR TB 13 -101.43 19.29 45.45
N ALA TB 14 -102.71 19.01 45.21
CA ALA TB 14 -103.52 19.91 44.39
C ALA TB 14 -103.98 21.11 45.20
N ARG TB 15 -104.23 20.92 46.50
CA ARG TB 15 -104.57 22.02 47.38
C ARG TB 15 -103.34 22.75 47.90
N ARG TB 16 -102.15 22.29 47.56
CA ARG TB 16 -100.92 22.94 48.02
C ARG TB 16 -100.77 24.31 47.35
N LYS TB 17 -100.11 25.23 48.06
CA LYS TB 17 -100.14 26.64 47.69
C LYS TB 17 -99.54 26.88 46.31
N ASP TB 18 -98.38 26.29 46.02
CA ASP TB 18 -97.70 26.58 44.77
C ASP TB 18 -98.32 25.88 43.57
N ALA TB 19 -99.39 25.11 43.75
CA ALA TB 19 -100.07 24.47 42.62
C ALA TB 19 -100.60 25.53 41.66
N LYS TB 20 -100.09 25.56 40.44
CA LYS TB 20 -100.49 26.59 39.50
C LYS TB 20 -101.71 26.16 38.68
N SER TB 21 -101.68 24.95 38.13
CA SER TB 21 -102.77 24.50 37.27
C SER TB 21 -102.85 22.99 37.32
N VAL TB 22 -104.01 22.47 36.92
CA VAL TB 22 -104.24 21.05 36.74
C VAL TB 22 -104.54 20.80 35.28
N LYS TB 23 -103.87 19.83 34.68
CA LYS TB 23 -104.09 19.47 33.28
C LYS TB 23 -104.74 18.10 33.23
N ILE TB 24 -105.84 18.00 32.50
CA ILE TB 24 -106.62 16.77 32.41
C ILE TB 24 -106.27 16.14 31.08
N LYS TB 25 -105.73 14.91 31.09
CA LYS TB 25 -105.33 14.24 29.86
C LYS TB 25 -105.98 12.87 29.80
N LYS TB 26 -106.74 12.62 28.74
CA LYS TB 26 -107.50 11.40 28.58
C LYS TB 26 -106.87 10.57 27.47
N ASN TB 27 -106.25 9.45 27.84
CA ASN TB 27 -105.67 8.54 26.86
C ASN TB 27 -106.65 7.40 26.58
N LYS TB 28 -106.32 6.61 25.57
CA LYS TB 28 -107.16 5.44 25.25
C LYS TB 28 -107.10 4.41 26.37
N ASP TB 29 -106.03 4.41 27.16
CA ASP TB 29 -105.83 3.43 28.21
C ASP TB 29 -106.02 3.98 29.62
N ASN TB 30 -105.94 5.30 29.82
CA ASN TB 30 -106.06 5.87 31.15
C ASN TB 30 -106.35 7.36 31.05
N VAL TB 31 -106.51 7.97 32.22
CA VAL TB 31 -106.68 9.42 32.36
C VAL TB 31 -105.58 9.92 33.28
N LYS TB 32 -104.91 10.99 32.88
CA LYS TB 32 -103.79 11.54 33.64
C LYS TB 32 -104.16 12.91 34.19
N PHE TB 33 -103.85 13.12 35.47
CA PHE TB 33 -104.07 14.38 36.16
C PHE TB 33 -102.70 14.95 36.54
N LYS TB 34 -102.31 16.03 35.88
CA LYS TB 34 -101.01 16.63 36.07
C LYS TB 34 -101.17 17.97 36.79
N VAL TB 35 -100.56 18.08 37.96
CA VAL TB 35 -100.56 19.32 38.74
C VAL TB 35 -99.20 19.97 38.61
N ARG TB 36 -99.18 21.22 38.13
CA ARG TB 36 -97.95 21.96 37.95
C ARG TB 36 -97.60 22.66 39.25
N CYS TB 37 -96.55 22.21 39.92
CA CYS TB 37 -96.09 22.79 41.16
C CYS TB 37 -94.82 23.60 40.92
N SER TB 38 -94.24 24.11 42.01
CA SER TB 38 -93.10 25.01 41.88
C SER TB 38 -91.88 24.30 41.31
N ARG TB 39 -91.63 23.07 41.73
CA ARG TB 39 -90.42 22.35 41.34
C ARG TB 39 -90.67 21.12 40.49
N TYR TB 40 -91.77 20.39 40.71
CA TYR TB 40 -92.07 19.20 39.94
C TYR TB 40 -93.41 19.34 39.23
N LEU TB 41 -93.66 18.39 38.33
CA LEU TB 41 -94.95 18.21 37.69
C LEU TB 41 -95.50 16.87 38.12
N TYR TB 42 -96.43 16.89 39.07
CA TYR TB 42 -96.96 15.67 39.67
C TYR TB 42 -98.06 15.12 38.77
N THR TB 43 -97.93 13.85 38.39
CA THR TB 43 -98.87 13.19 37.50
C THR TB 43 -99.48 11.99 38.21
N LEU TB 44 -100.80 11.93 38.23
CA LEU TB 44 -101.53 10.79 38.77
C LEU TB 44 -102.29 10.12 37.63
N VAL TB 45 -102.03 8.83 37.43
CA VAL TB 45 -102.67 8.06 36.36
C VAL TB 45 -103.75 7.18 36.96
N ILE TB 46 -104.90 7.13 36.29
CA ILE TB 46 -106.01 6.29 36.69
C ILE TB 46 -106.61 5.65 35.44
N THR TB 47 -106.96 4.38 35.56
CA THR TB 47 -107.48 3.61 34.45
C THR TB 47 -109.00 3.70 34.33
N ASP TB 48 -109.73 3.43 35.41
CA ASP TB 48 -111.18 3.41 35.35
C ASP TB 48 -111.75 4.81 35.28
N LYS TB 49 -112.79 4.98 34.47
CA LYS TB 49 -113.32 6.30 34.18
C LYS TB 49 -114.07 6.93 35.36
N GLU TB 50 -114.86 6.16 36.09
CA GLU TB 50 -115.78 6.77 37.05
C GLU TB 50 -115.02 7.35 38.25
N LYS TB 51 -113.88 6.77 38.61
CA LYS TB 51 -113.03 7.41 39.62
C LYS TB 51 -112.36 8.66 39.07
N ALA TB 52 -112.03 8.65 37.77
CA ALA TB 52 -111.48 9.86 37.15
C ALA TB 52 -112.49 10.99 37.13
N GLU TB 53 -113.77 10.66 36.86
CA GLU TB 53 -114.79 11.70 36.78
C GLU TB 53 -115.14 12.23 38.16
N LYS TB 54 -115.31 11.34 39.15
CA LYS TB 54 -115.65 11.80 40.49
C LYS TB 54 -114.52 12.61 41.11
N LEU TB 55 -113.28 12.41 40.66
CA LEU TB 55 -112.17 13.22 41.16
C LEU TB 55 -112.19 14.61 40.54
N LYS TB 56 -112.64 14.72 39.28
CA LYS TB 56 -112.85 16.03 38.69
C LYS TB 56 -113.92 16.81 39.45
N GLN TB 57 -114.98 16.12 39.87
CA GLN TB 57 -116.00 16.76 40.69
C GLN TB 57 -115.43 17.12 42.06
N SER TB 58 -114.71 16.20 42.68
CA SER TB 58 -114.09 16.43 43.98
C SER TB 58 -112.70 17.05 43.84
N LEU TB 59 -112.65 18.17 43.13
CA LEU TB 59 -111.42 18.88 42.78
C LEU TB 59 -111.36 20.21 43.50
N PRO TB 60 -110.20 20.63 43.98
CA PRO TB 60 -110.11 21.91 44.71
C PRO TB 60 -110.59 23.07 43.87
N PRO TB 61 -111.45 23.92 44.41
CA PRO TB 61 -111.95 25.08 43.67
C PRO TB 61 -110.87 26.16 43.54
N GLY TB 62 -111.11 27.09 42.62
CA GLY TB 62 -110.22 28.21 42.44
C GLY TB 62 -108.84 27.85 41.96
N LEU TB 63 -108.73 26.83 41.11
CA LEU TB 63 -107.45 26.40 40.58
C LEU TB 63 -107.66 25.84 39.19
N ALA TB 64 -106.79 26.25 38.26
CA ALA TB 64 -106.98 25.92 36.86
C ALA TB 64 -107.03 24.41 36.64
N VAL TB 65 -108.10 23.96 35.99
CA VAL TB 65 -108.38 22.55 35.80
C VAL TB 65 -108.50 22.28 34.30
N LYS TB 66 -107.73 23.02 33.51
CA LYS TB 66 -107.82 22.97 32.05
C LYS TB 66 -107.69 21.54 31.54
N GLU TB 67 -108.58 21.18 30.62
CA GLU TB 67 -108.58 19.88 29.97
C GLU TB 67 -107.97 20.00 28.57
N LEU TB 68 -107.24 18.96 28.17
CA LEU TB 68 -106.45 19.03 26.95
C LEU TB 68 -107.27 18.92 25.67
N LYS TB 69 -108.59 18.72 25.78
CA LYS TB 69 -109.42 18.63 24.59
C LYS TB 69 -110.49 19.72 24.60
N SER UB 1 -60.80 34.94 15.64
CA SER UB 1 -61.58 33.75 15.98
C SER UB 1 -62.89 34.14 16.64
N SER UB 2 -63.72 33.13 16.93
CA SER UB 2 -64.89 33.37 17.76
C SER UB 2 -64.49 33.79 19.17
N HIS UB 3 -63.47 33.16 19.74
CA HIS UB 3 -62.95 33.51 21.06
C HIS UB 3 -62.12 34.77 20.91
N LYS UB 4 -62.64 35.88 21.43
CA LYS UB 4 -61.91 37.14 21.44
C LYS UB 4 -61.96 37.75 22.83
N THR UB 5 -61.00 38.62 23.11
CA THR UB 5 -61.06 39.46 24.29
C THR UB 5 -61.90 40.70 24.00
N PHE UB 6 -62.31 41.39 25.06
CA PHE UB 6 -63.12 42.59 24.89
C PHE UB 6 -62.34 43.67 24.14
N ARG UB 7 -61.07 43.86 24.50
CA ARG UB 7 -60.32 44.98 23.94
C ARG UB 7 -59.93 44.72 22.49
N ILE UB 8 -59.83 43.45 22.09
CA ILE UB 8 -59.59 43.14 20.69
C ILE UB 8 -60.84 43.42 19.86
N LYS UB 9 -62.00 43.01 20.37
CA LYS UB 9 -63.24 43.25 19.66
C LYS UB 9 -63.55 44.75 19.58
N ARG UB 10 -63.21 45.50 20.64
CA ARG UB 10 -63.37 46.95 20.58
C ARG UB 10 -62.41 47.56 19.56
N PHE UB 11 -61.20 47.00 19.46
CA PHE UB 11 -60.27 47.42 18.41
C PHE UB 11 -60.83 47.11 17.03
N LEU UB 12 -61.33 45.89 16.85
CA LEU UB 12 -61.92 45.52 15.57
C LEU UB 12 -63.16 46.35 15.29
N ALA UB 13 -63.85 46.79 16.34
CA ALA UB 13 -65.07 47.57 16.16
C ALA UB 13 -64.76 48.92 15.50
N LYS UB 14 -63.77 49.64 16.03
CA LYS UB 14 -63.44 50.95 15.48
C LYS UB 14 -62.97 50.84 14.04
N LYS UB 15 -62.13 49.85 13.74
CA LYS UB 15 -61.62 49.70 12.39
C LYS UB 15 -62.74 49.44 11.40
N GLN UB 16 -63.85 48.89 11.88
CA GLN UB 16 -65.01 48.64 11.01
C GLN UB 16 -65.75 49.93 10.70
N LYS UB 17 -65.94 50.78 11.70
CA LYS UB 17 -66.74 52.00 11.49
C LYS UB 17 -66.00 53.02 10.66
N GLN UB 18 -64.67 53.02 10.68
CA GLN UB 18 -63.90 53.98 9.91
C GLN UB 18 -63.49 53.46 8.55
N ASN UB 19 -63.93 52.26 8.17
CA ASN UB 19 -63.77 51.75 6.81
C ASN UB 19 -65.06 52.01 6.05
N ARG UB 20 -65.36 53.29 5.83
CA ARG UB 20 -66.57 53.72 5.16
C ARG UB 20 -66.25 54.85 4.19
N PRO UB 21 -66.93 54.88 3.03
CA PRO UB 21 -66.67 55.94 2.06
C PRO UB 21 -67.06 57.31 2.59
N ILE UB 22 -66.38 58.33 2.09
CA ILE UB 22 -66.62 59.70 2.54
C ILE UB 22 -68.05 60.09 2.17
N PRO UB 23 -68.70 60.96 2.95
CA PRO UB 23 -70.04 61.42 2.57
C PRO UB 23 -69.99 62.21 1.26
N GLN UB 24 -71.07 62.08 0.50
CA GLN UB 24 -71.12 62.70 -0.82
C GLN UB 24 -71.13 64.22 -0.72
N TRP UB 25 -71.70 64.77 0.37
CA TRP UB 25 -71.79 66.21 0.50
C TRP UB 25 -70.46 66.86 0.86
N ILE UB 26 -69.46 66.07 1.25
CA ILE UB 26 -68.14 66.62 1.53
C ILE UB 26 -67.55 67.25 0.27
N ARG UB 27 -67.81 66.65 -0.89
CA ARG UB 27 -67.29 67.17 -2.15
C ARG UB 27 -67.73 68.60 -2.41
N MET UB 28 -68.91 68.98 -1.90
CA MET UB 28 -69.46 70.30 -2.17
C MET UB 28 -68.90 71.38 -1.26
N LYS UB 29 -68.17 71.01 -0.21
CA LYS UB 29 -67.62 72.00 0.71
C LYS UB 29 -66.56 72.85 0.01
N THR UB 30 -66.55 74.14 0.34
CA THR UB 30 -65.59 75.06 -0.26
C THR UB 30 -64.17 74.70 0.15
N GLY UB 31 -63.28 74.68 -0.83
CA GLY UB 31 -61.90 74.31 -0.59
C GLY UB 31 -61.77 72.88 -0.08
N ASN UB 32 -62.45 71.95 -0.75
CA ASN UB 32 -62.51 70.57 -0.27
C ASN UB 32 -61.20 69.84 -0.46
N LYS UB 33 -60.73 69.75 -1.72
CA LYS UB 33 -59.54 69.02 -2.13
C LYS UB 33 -59.45 67.63 -1.49
N ILE UB 34 -60.59 66.97 -1.36
CA ILE UB 34 -60.66 65.56 -0.98
C ILE UB 34 -61.56 64.86 -2.00
N ARG UB 35 -61.22 63.63 -2.35
CA ARG UB 35 -61.93 62.94 -3.41
C ARG UB 35 -62.49 61.59 -3.01
N TYR UB 36 -61.75 60.82 -2.22
CA TYR UB 36 -62.22 59.53 -1.74
C TYR UB 36 -61.52 59.24 -0.42
N ASN UB 37 -62.05 58.25 0.30
CA ASN UB 37 -61.37 57.74 1.47
C ASN UB 37 -60.15 56.96 1.01
N SER UB 38 -58.97 57.57 1.16
CA SER UB 38 -57.74 56.91 0.75
C SER UB 38 -57.24 55.92 1.78
N LYS UB 39 -57.83 55.91 2.97
CA LYS UB 39 -57.45 54.97 4.03
C LYS UB 39 -58.44 53.82 4.14
N ARG UB 40 -59.20 53.56 3.09
CA ARG UB 40 -60.11 52.41 3.10
C ARG UB 40 -59.30 51.12 3.12
N ARG UB 41 -59.87 50.11 3.75
CA ARG UB 41 -59.22 48.83 3.93
C ARG UB 41 -60.13 47.70 3.48
N HIS UB 42 -59.56 46.67 2.87
CA HIS UB 42 -60.26 45.46 2.52
C HIS UB 42 -59.67 44.28 3.28
N TRP UB 43 -60.54 43.42 3.78
CA TRP UB 43 -60.10 42.32 4.65
C TRP UB 43 -59.14 41.38 3.94
N ARG UB 44 -59.23 41.29 2.61
CA ARG UB 44 -58.44 40.31 1.89
C ARG UB 44 -57.14 40.90 1.33
N ARG UB 45 -57.11 42.21 1.05
CA ARG UB 45 -55.93 42.81 0.45
C ARG UB 45 -54.87 43.12 1.48
N THR UB 46 -55.22 43.92 2.49
CA THR UB 46 -54.30 44.32 3.54
C THR UB 46 -54.86 43.90 4.89
N LYS UB 47 -54.00 43.36 5.75
CA LYS UB 47 -54.42 42.86 7.04
C LYS UB 47 -54.05 43.82 8.16
N LEU UB 48 -54.91 43.88 9.18
CA LEU UB 48 -54.61 44.67 10.36
C LEU UB 48 -53.37 44.14 11.07
N GLY UB 49 -52.60 45.06 11.65
CA GLY UB 49 -51.42 44.65 12.39
C GLY UB 49 -51.75 43.67 13.51
N LEU UB 50 -52.83 43.95 14.23
CA LEU UB 50 -53.30 43.05 15.28
C LEU UB 50 -53.74 41.73 14.67
N ILE VB 1 7.32 -22.16 -75.29
CA ILE VB 1 7.70 -22.88 -76.50
C ILE VB 1 7.69 -21.92 -77.69
N ILE VB 2 7.68 -20.62 -77.41
CA ILE VB 2 7.69 -19.63 -78.48
C ILE VB 2 8.99 -19.75 -79.26
N GLU VB 3 8.87 -19.70 -80.59
CA GLU VB 3 10.04 -19.81 -81.44
C GLU VB 3 10.94 -18.61 -81.23
N PRO VB 4 12.26 -18.79 -81.14
CA PRO VB 4 13.13 -17.69 -80.66
C PRO VB 4 13.07 -16.44 -81.51
N SER VB 5 12.87 -16.54 -82.82
CA SER VB 5 12.85 -15.34 -83.66
C SER VB 5 11.66 -14.45 -83.30
N LEU VB 6 10.49 -15.06 -83.06
CA LEU VB 6 9.37 -14.29 -82.53
C LEU VB 6 9.55 -13.98 -81.05
N ARG VB 7 10.31 -14.79 -80.33
CA ARG VB 7 10.57 -14.48 -78.92
C ARG VB 7 11.34 -13.16 -78.80
N GLN VB 8 12.39 -12.97 -79.60
CA GLN VB 8 13.09 -11.70 -79.60
C GLN VB 8 12.19 -10.57 -80.09
N LEU VB 9 11.25 -10.89 -80.98
CA LEU VB 9 10.34 -9.87 -81.49
C LEU VB 9 9.45 -9.34 -80.37
N ALA VB 10 8.99 -10.21 -79.48
CA ALA VB 10 8.14 -9.77 -78.38
C ALA VB 10 8.93 -9.05 -77.31
N GLN VB 11 10.16 -9.51 -77.01
CA GLN VB 11 10.98 -8.86 -76.00
C GLN VB 11 11.34 -7.44 -76.41
N LYS VB 12 11.38 -7.17 -77.71
CA LYS VB 12 11.69 -5.82 -78.18
C LYS VB 12 10.65 -4.81 -77.71
N TYR VB 13 9.41 -5.25 -77.50
CA TYR VB 13 8.34 -4.37 -77.08
C TYR VB 13 7.98 -4.52 -75.61
N ASN VB 14 8.37 -5.61 -74.97
CA ASN VB 14 8.00 -5.89 -73.59
C ASN VB 14 9.15 -5.81 -72.62
N CYS VB 15 10.33 -6.31 -72.99
CA CYS VB 15 11.45 -6.47 -72.07
C CYS VB 15 12.57 -5.48 -72.30
N ASP VB 16 13.05 -5.35 -73.54
CA ASP VB 16 14.24 -4.56 -73.82
C ASP VB 16 13.94 -3.07 -73.74
N LYS VB 17 14.11 -2.49 -72.56
CA LYS VB 17 13.79 -1.09 -72.32
C LYS VB 17 14.56 -0.62 -71.10
N MET VB 18 14.62 0.70 -70.94
CA MET VB 18 15.16 1.32 -69.75
C MET VB 18 14.02 1.86 -68.89
N ILE VB 19 14.25 1.87 -67.58
CA ILE VB 19 13.26 2.30 -66.60
C ILE VB 19 13.84 3.47 -65.81
N CYS VB 20 13.06 4.54 -65.68
CA CYS VB 20 13.46 5.65 -64.83
C CYS VB 20 13.50 5.19 -63.38
N ARG VB 21 14.57 5.57 -62.67
CA ARG VB 21 14.70 5.19 -61.28
C ARG VB 21 13.81 6.02 -60.35
N LYS VB 22 13.36 7.18 -60.79
CA LYS VB 22 12.55 8.07 -59.95
C LYS VB 22 11.06 7.91 -60.16
N CYS VB 23 10.61 7.50 -61.35
CA CYS VB 23 9.18 7.38 -61.60
C CYS VB 23 8.81 6.11 -62.36
N TYR VB 24 9.75 5.18 -62.54
CA TYR VB 24 9.47 3.84 -63.07
C TYR VB 24 8.97 3.88 -64.52
N ALA VB 25 9.15 5.01 -65.21
CA ALA VB 25 8.65 5.14 -66.56
C ALA VB 25 9.44 4.24 -67.51
N ARG VB 26 8.69 3.60 -68.41
CA ARG VB 26 9.26 2.71 -69.41
C ARG VB 26 9.76 3.53 -70.59
N LEU VB 27 11.05 3.47 -70.85
CA LEU VB 27 11.70 4.27 -71.88
C LEU VB 27 12.47 3.37 -72.83
N HIS VB 28 12.77 3.89 -74.01
CA HIS VB 28 13.41 3.09 -75.04
C HIS VB 28 14.82 2.68 -74.61
N PRO VB 29 15.38 1.62 -75.20
CA PRO VB 29 16.68 1.12 -74.71
C PRO VB 29 17.79 2.13 -74.74
N ARG VB 30 17.74 3.12 -75.62
CA ARG VB 30 18.80 4.11 -75.76
C ARG VB 30 18.49 5.41 -75.01
N ALA VB 31 17.46 5.42 -74.17
CA ALA VB 31 17.07 6.62 -73.44
C ALA VB 31 18.14 6.99 -72.42
N VAL VB 32 18.41 8.29 -72.33
CA VAL VB 32 19.41 8.81 -71.40
C VAL VB 32 18.72 9.66 -70.34
N ASN VB 33 17.61 10.29 -70.74
CA ASN VB 33 16.81 11.10 -69.82
C ASN VB 33 15.38 10.61 -69.86
N CYS VB 34 14.70 10.65 -68.71
CA CYS VB 34 13.29 10.32 -68.69
C CYS VB 34 12.49 11.41 -69.41
N ARG VB 35 11.47 10.98 -70.14
CA ARG VB 35 10.67 11.89 -70.94
C ARG VB 35 9.53 12.55 -70.16
N LYS VB 36 9.37 12.21 -68.88
CA LYS VB 36 8.26 12.67 -68.08
C LYS VB 36 8.71 13.79 -67.15
N LYS VB 37 7.91 14.85 -67.08
CA LYS VB 37 8.25 16.01 -66.26
C LYS VB 37 8.08 15.74 -64.77
N LYS VB 38 7.34 14.70 -64.39
CA LYS VB 38 7.08 14.46 -62.97
C LYS VB 38 8.35 14.15 -62.20
N CYS VB 39 9.40 13.70 -62.89
CA CYS VB 39 10.70 13.47 -62.26
C CYS VB 39 11.74 14.51 -62.68
N GLY VB 40 11.37 15.46 -63.53
CA GLY VB 40 12.30 16.46 -63.98
C GLY VB 40 13.29 15.99 -65.01
N HIS VB 41 12.91 15.03 -65.85
CA HIS VB 41 13.77 14.50 -66.91
C HIS VB 41 15.11 14.02 -66.36
N THR VB 42 15.06 13.31 -65.24
CA THR VB 42 16.28 12.84 -64.60
C THR VB 42 16.98 11.80 -65.48
N ASN VB 43 18.31 11.79 -65.38
CA ASN VB 43 19.12 10.83 -66.12
C ASN VB 43 19.42 9.58 -65.31
N ASN VB 44 18.83 9.46 -64.12
CA ASN VB 44 18.99 8.26 -63.29
C ASN VB 44 18.13 7.16 -63.90
N LEU VB 45 18.71 6.45 -64.86
CA LEU VB 45 18.02 5.37 -65.56
C LEU VB 45 18.69 4.04 -65.27
N ARG VB 46 17.92 2.97 -65.36
CA ARG VB 46 18.40 1.62 -65.18
C ARG VB 46 17.71 0.70 -66.20
N PRO VB 47 18.39 -0.35 -66.65
CA PRO VB 47 17.76 -1.27 -67.58
C PRO VB 47 16.63 -2.05 -66.92
N LYS VB 48 15.64 -2.43 -67.72
CA LYS VB 48 14.56 -3.27 -67.21
C LYS VB 48 15.10 -4.66 -66.90
N LYS VB 49 14.79 -5.17 -65.71
CA LYS VB 49 15.38 -6.41 -65.25
C LYS VB 49 14.90 -7.59 -66.09
N LYS VB 50 15.81 -8.51 -66.38
CA LYS VB 50 15.50 -9.70 -67.17
C LYS VB 50 14.95 -10.81 -66.27
N VAL VB 51 14.21 -11.72 -66.90
CA VAL VB 51 13.64 -12.86 -66.19
C VAL VB 51 14.61 -14.01 -66.02
N LYS VB 52 15.84 -13.86 -66.50
CA LYS VB 52 16.80 -14.96 -66.54
C LYS VB 52 17.18 -15.43 -65.14
N MET WB 1 11.84 -35.89 19.46
CA MET WB 1 11.32 -34.92 20.41
C MET WB 1 10.69 -35.56 21.64
N ARG WB 2 10.42 -34.72 22.63
CA ARG WB 2 9.49 -35.09 23.69
C ARG WB 2 8.09 -35.27 23.09
N ALA WB 3 7.39 -36.30 23.54
CA ALA WB 3 6.06 -36.58 23.01
C ALA WB 3 5.10 -35.43 23.30
N LYS WB 4 5.20 -34.85 24.49
CA LYS WB 4 4.28 -33.78 24.88
C LYS WB 4 4.51 -32.53 24.03
N TRP WB 5 5.74 -32.31 23.56
CA TRP WB 5 5.97 -31.19 22.66
C TRP WB 5 5.56 -31.55 21.23
N ARG WB 6 5.57 -32.84 20.90
CA ARG WB 6 4.94 -33.28 19.66
C ARG WB 6 3.44 -33.06 19.71
N LYS WB 7 2.82 -33.44 20.83
CA LYS WB 7 1.37 -33.23 20.99
C LYS WB 7 1.04 -31.75 21.00
N LYS WB 8 1.94 -30.91 21.52
CA LYS WB 8 1.70 -29.47 21.51
C LYS WB 8 1.92 -28.88 20.13
N ARG WB 9 2.97 -29.33 19.43
CA ARG WB 9 3.23 -28.82 18.09
C ARG WB 9 2.14 -29.23 17.12
N MET WB 10 1.56 -30.42 17.31
CA MET WB 10 0.53 -30.89 16.40
C MET WB 10 -0.79 -30.20 16.69
N ARG WB 11 -1.04 -29.87 17.97
CA ARG WB 11 -2.24 -29.12 18.33
C ARG WB 11 -2.24 -27.75 17.69
N ARG WB 12 -1.09 -27.09 17.65
CA ARG WB 12 -1.01 -25.77 17.03
C ARG WB 12 -1.03 -25.88 15.51
N LEU WB 13 -0.67 -27.05 14.99
CA LEU WB 13 -0.78 -27.28 13.54
C LEU WB 13 -2.23 -27.47 13.14
N LYS WB 14 -3.01 -28.18 13.96
CA LYS WB 14 -4.43 -28.37 13.69
C LYS WB 14 -5.17 -27.04 13.74
N ARG WB 15 -4.80 -26.17 14.68
CA ARG WB 15 -5.46 -24.87 14.79
C ARG WB 15 -5.27 -24.05 13.52
N LYS WB 16 -4.09 -24.13 12.91
CA LYS WB 16 -3.86 -23.43 11.65
C LYS WB 16 -4.66 -24.07 10.52
N ARG WB 17 -4.83 -25.40 10.56
CA ARG WB 17 -5.64 -26.08 9.56
C ARG WB 17 -7.09 -25.62 9.62
N ARG WB 18 -7.64 -25.49 10.83
CA ARG WB 18 -9.03 -25.08 10.97
C ARG WB 18 -9.23 -23.64 10.51
N LYS WB 19 -8.23 -22.79 10.74
CA LYS WB 19 -8.35 -21.39 10.32
C LYS WB 19 -8.40 -21.27 8.80
N MET WB 20 -7.52 -21.99 8.09
CA MET WB 20 -7.54 -21.94 6.63
C MET WB 20 -8.84 -22.50 6.07
N ARG WB 21 -9.33 -23.59 6.67
CA ARG WB 21 -10.56 -24.20 6.18
C ARG WB 21 -11.76 -23.27 6.37
N GLN WB 22 -11.84 -22.59 7.51
CA GLN WB 22 -12.90 -21.61 7.71
C GLN WB 22 -12.79 -20.46 6.73
N ARG WB 23 -11.55 -20.07 6.40
CA ARG WB 23 -11.35 -19.03 5.38
C ARG WB 23 -11.90 -19.46 4.04
N SER WB 24 -11.69 -20.71 3.65
CA SER WB 24 -12.16 -21.21 2.37
C SER WB 24 -13.55 -21.84 2.49
N VAL XB 1 42.61 39.35 15.87
CA VAL XB 1 43.73 40.29 15.87
C VAL XB 1 44.41 40.32 17.23
N ASN XB 2 45.49 41.08 17.34
CA ASN XB 2 46.28 41.12 18.57
C ASN XB 2 46.82 42.53 18.74
N VAL XB 3 46.56 43.13 19.89
CA VAL XB 3 47.04 44.48 20.18
C VAL XB 3 47.86 44.45 21.46
N PRO XB 4 49.00 45.13 21.52
CA PRO XB 4 49.79 45.16 22.75
C PRO XB 4 49.09 45.95 23.84
N LYS XB 5 49.48 45.65 25.08
CA LYS XB 5 48.83 46.25 26.25
C LYS XB 5 49.30 47.67 26.52
N THR XB 6 50.29 48.17 25.79
CA THR XB 6 50.76 49.53 25.94
C THR XB 6 51.08 50.11 24.57
N ARG XB 7 50.87 51.41 24.42
CA ARG XB 7 51.19 52.07 23.16
C ARG XB 7 51.37 53.56 23.41
N ARG XB 8 52.34 54.14 22.70
CA ARG XB 8 52.61 55.56 22.78
C ARG XB 8 51.78 56.28 21.73
N THR XB 9 50.78 57.03 22.18
CA THR XB 9 49.87 57.72 21.28
C THR XB 9 49.54 59.09 21.86
N PHE XB 10 48.91 59.92 21.03
CA PHE XB 10 48.59 61.28 21.42
C PHE XB 10 47.61 61.30 22.60
N CYS XB 11 47.90 62.12 23.59
CA CYS XB 11 47.00 62.36 24.72
C CYS XB 11 46.54 63.80 24.65
N LYS XB 12 45.22 64.01 24.60
CA LYS XB 12 44.70 65.35 24.40
C LYS XB 12 44.86 66.23 25.64
N LYS XB 13 44.83 65.64 26.83
CA LYS XB 13 44.94 66.43 28.05
C LYS XB 13 46.32 67.09 28.15
N CYS XB 14 47.38 66.34 27.85
CA CYS XB 14 48.73 66.90 27.83
C CYS XB 14 49.16 67.36 26.45
N GLY XB 15 48.33 67.16 25.43
CA GLY XB 15 48.63 67.67 24.10
C GLY XB 15 49.93 67.17 23.51
N LYS XB 16 50.23 65.89 23.69
CA LYS XB 16 51.48 65.33 23.22
C LYS XB 16 51.37 63.81 23.22
N HIS XB 17 52.39 63.15 22.68
CA HIS XB 17 52.41 61.70 22.63
C HIS XB 17 52.91 61.14 23.96
N GLN XB 18 52.11 60.27 24.57
CA GLN XB 18 52.40 59.71 25.88
C GLN XB 18 52.14 58.21 25.83
N PRO XB 19 52.84 57.44 26.66
CA PRO XB 19 52.49 56.02 26.79
C PRO XB 19 51.08 55.86 27.33
N HIS XB 20 50.38 54.84 26.84
CA HIS XB 20 49.01 54.57 27.23
C HIS XB 20 48.86 53.10 27.57
N LYS XB 21 48.13 52.82 28.65
CA LYS XB 21 47.74 51.46 28.95
C LYS XB 21 46.44 51.14 28.24
N VAL XB 22 46.43 50.01 27.52
CA VAL XB 22 45.33 49.68 26.61
C VAL XB 22 44.56 48.49 27.16
N THR XB 23 43.26 48.68 27.34
CA THR XB 23 42.34 47.61 27.71
C THR XB 23 41.18 47.59 26.73
N GLN XB 24 40.28 46.62 26.90
CA GLN XB 24 39.13 46.47 26.01
C GLN XB 24 37.90 47.07 26.66
N TYR XB 25 37.19 47.92 25.92
CA TYR XB 25 36.00 48.57 26.44
C TYR XB 25 34.84 47.58 26.53
N LYS XB 26 34.17 47.56 27.68
CA LYS XB 26 33.00 46.74 27.90
C LYS XB 26 31.84 47.65 28.30
N LYS XB 27 30.70 47.48 27.64
CA LYS XB 27 29.57 48.37 27.88
C LYS XB 27 29.08 48.25 29.31
N GLY XB 28 28.90 49.39 29.97
CA GLY XB 28 28.45 49.40 31.34
C GLY XB 28 27.00 48.98 31.46
N LYS XB 29 26.54 48.92 32.71
CA LYS XB 29 25.16 48.52 32.94
C LYS XB 29 24.22 49.71 32.81
N ASP XB 30 22.99 49.43 32.40
CA ASP XB 30 22.01 50.49 32.21
C ASP XB 30 21.64 51.13 33.55
N SER XB 31 21.30 52.42 33.49
CA SER XB 31 21.16 53.21 34.70
C SER XB 31 19.85 52.96 35.44
N LEU XB 32 18.78 52.62 34.72
CA LEU XB 32 17.43 52.44 35.28
C LEU XB 32 16.83 53.78 35.67
N TYR XB 33 17.63 54.84 35.59
CA TYR XB 33 17.15 56.20 35.79
C TYR XB 33 17.55 57.11 34.63
N ALA XB 34 18.04 56.54 33.54
CA ALA XB 34 18.20 57.30 32.31
C ALA XB 34 16.83 57.71 31.79
N GLN XB 35 16.79 58.86 31.10
CA GLN XB 35 15.51 59.43 30.69
C GLN XB 35 14.77 58.50 29.74
N GLY XB 36 15.51 57.82 28.85
CA GLY XB 36 14.86 56.87 27.96
C GLY XB 36 14.35 55.64 28.68
N LYS XB 37 15.11 55.15 29.66
CA LYS XB 37 14.62 54.04 30.48
C LYS XB 37 13.41 54.46 31.30
N ARG XB 38 13.43 55.69 31.83
CA ARG XB 38 12.28 56.19 32.57
C ARG XB 38 11.05 56.30 31.67
N ARG XB 39 11.24 56.75 30.43
CA ARG XB 39 10.12 56.82 29.49
C ARG XB 39 9.62 55.42 29.13
N TYR XB 40 10.54 54.48 28.96
CA TYR XB 40 10.15 53.11 28.62
C TYR XB 40 9.35 52.47 29.75
N ASP XB 41 9.80 52.63 30.99
CA ASP XB 41 9.10 52.03 32.12
C ASP XB 41 7.70 52.61 32.28
N ARG XB 42 7.56 53.92 32.07
CA ARG XB 42 6.23 54.53 32.09
C ARG XB 42 5.37 54.00 30.95
N LYS XB 43 5.94 53.88 29.76
CA LYS XB 43 5.17 53.46 28.60
C LYS XB 43 4.66 52.03 28.74
N GLN XB 44 5.47 51.15 29.32
CA GLN XB 44 5.13 49.74 29.41
C GLN XB 44 4.25 49.42 30.62
N SER XB 45 4.07 50.36 31.55
CA SER XB 45 3.17 50.11 32.67
C SER XB 45 1.73 50.16 32.20
N GLY XB 46 0.90 49.31 32.80
CA GLY XB 46 -0.50 49.26 32.45
C GLY XB 46 -0.80 48.19 31.43
N TYR XB 47 -1.81 48.45 30.62
CA TYR XB 47 -2.22 47.54 29.57
C TYR XB 47 -1.78 48.06 28.20
N GLY XB 48 -1.58 47.12 27.28
CA GLY XB 48 -1.13 47.47 25.94
C GLY XB 48 -0.06 46.54 25.44
N GLY XB 49 0.60 45.84 26.36
CA GLY XB 49 1.64 44.94 25.94
C GLY XB 49 2.93 45.67 25.60
N GLN XB 50 3.73 45.02 24.77
CA GLN XB 50 4.99 45.62 24.31
C GLN XB 50 4.69 46.82 23.44
N THR XB 51 5.34 47.95 23.75
CA THR XB 51 5.06 49.21 23.09
C THR XB 51 6.16 49.67 22.16
N LYS XB 52 7.36 49.12 22.28
CA LYS XB 52 8.48 49.47 21.43
C LYS XB 52 8.97 48.23 20.70
N PRO XB 53 9.62 48.39 19.56
CA PRO XB 53 10.08 47.22 18.80
C PRO XB 53 11.11 46.40 19.56
N ILE XB 54 11.07 45.08 19.32
CA ILE XB 54 12.10 44.15 19.77
C ILE XB 54 12.80 43.64 18.52
N PHE XB 55 14.11 43.84 18.44
CA PHE XB 55 14.84 43.76 17.17
C PHE XB 55 14.71 42.37 16.55
N ARG XB 56 15.28 41.35 17.21
CA ARG XB 56 15.18 39.94 16.84
C ARG XB 56 15.43 39.69 15.34
N LYS XB 57 16.52 40.28 14.81
CA LYS XB 57 17.01 39.89 13.49
C LYS XB 57 18.44 39.36 13.53
N LYS XB 58 19.38 40.14 14.07
CA LYS XB 58 20.74 39.69 14.36
C LYS XB 58 21.47 39.18 13.11
N ALA XB 59 21.71 40.11 12.19
CA ALA XB 59 22.47 39.77 10.99
C ALA XB 59 23.98 39.81 11.23
N LYS XB 60 24.45 40.72 12.08
CA LYS XB 60 25.88 40.83 12.34
C LYS XB 60 26.38 39.63 13.13
N THR XB 61 27.67 39.33 12.94
CA THR XB 61 28.34 38.26 13.68
C THR XB 61 29.49 38.75 14.54
N THR XB 62 29.99 39.95 14.28
CA THR XB 62 31.08 40.55 15.04
C THR XB 62 30.69 41.92 15.54
N LYS XB 63 31.59 42.54 16.29
CA LYS XB 63 31.42 43.90 16.79
C LYS XB 63 32.71 44.66 16.56
N LYS XB 64 32.61 45.99 16.51
CA LYS XB 64 33.80 46.83 16.47
C LYS XB 64 34.42 46.85 17.87
N ILE XB 65 35.67 46.39 17.97
CA ILE XB 65 36.35 46.38 19.25
C ILE XB 65 36.82 47.78 19.58
N VAL XB 66 36.60 48.19 20.83
CA VAL XB 66 36.98 49.52 21.29
C VAL XB 66 38.07 49.36 22.34
N LEU XB 67 39.20 50.02 22.12
CA LEU XB 67 40.29 50.04 23.08
C LEU XB 67 40.11 51.22 24.02
N ARG XB 68 40.30 50.97 25.31
CA ARG XB 68 40.29 52.02 26.32
C ARG XB 68 41.72 52.41 26.62
N LEU XB 69 42.17 53.51 26.02
CA LEU XB 69 43.52 54.03 26.23
C LEU XB 69 43.50 54.94 27.45
N GLU XB 70 44.37 54.66 28.42
CA GLU XB 70 44.49 55.50 29.61
C GLU XB 70 45.93 55.98 29.70
N CYS XB 71 46.10 57.29 29.78
CA CYS XB 71 47.45 57.86 29.88
C CYS XB 71 48.06 57.50 31.22
N VAL XB 72 49.36 57.18 31.21
CA VAL XB 72 50.05 56.72 32.42
C VAL XB 72 50.75 57.84 33.15
N GLU XB 73 50.63 59.07 32.67
CA GLU XB 73 51.15 60.21 33.42
C GLU XB 73 50.45 60.27 34.77
N PRO XB 74 51.15 60.58 35.86
CA PRO XB 74 50.48 60.58 37.17
C PRO XB 74 49.52 61.74 37.38
N ASN XB 75 49.78 62.91 36.79
CA ASN XB 75 48.91 64.05 37.03
C ASN XB 75 47.65 63.96 36.18
N CYS XB 76 47.80 63.61 34.91
CA CYS XB 76 46.66 63.44 34.02
C CYS XB 76 46.51 61.96 33.70
N ARG XB 77 45.29 61.45 33.83
CA ARG XB 77 44.99 60.05 33.55
C ARG XB 77 43.75 59.96 32.69
N SER XB 78 43.66 60.84 31.70
CA SER XB 78 42.50 60.89 30.83
C SER XB 78 42.45 59.67 29.92
N LYS XB 79 41.24 59.25 29.59
CA LYS XB 79 41.01 58.06 28.80
C LYS XB 79 40.28 58.44 27.51
N ARG XB 80 40.49 57.66 26.46
CA ARG XB 80 39.90 57.92 25.16
C ARG XB 80 39.48 56.61 24.51
N MET XB 81 38.32 56.63 23.86
CA MET XB 81 37.79 55.47 23.15
C MET XB 81 38.40 55.42 21.76
N LEU XB 82 39.16 54.36 21.49
CA LEU XB 82 39.75 54.12 20.18
C LEU XB 82 39.20 52.81 19.65
N ALA XB 83 38.63 52.85 18.44
CA ALA XB 83 37.94 51.71 17.86
C ALA XB 83 38.73 51.13 16.70
N ILE XB 84 38.70 49.81 16.59
CA ILE XB 84 39.33 49.11 15.48
C ILE XB 84 38.24 48.41 14.68
N LYS XB 85 38.62 47.74 13.60
CA LYS XB 85 37.65 47.14 12.70
C LYS XB 85 37.02 45.90 13.34
N ARG XB 86 36.13 45.27 12.59
CA ARG XB 86 35.54 44.00 13.03
C ARG XB 86 36.59 42.91 13.07
N CYS XB 87 36.46 42.03 14.06
CA CYS XB 87 37.26 40.80 14.09
C CYS XB 87 36.56 39.80 14.98
N LYS XB 88 36.60 38.52 14.57
CA LYS XB 88 35.95 37.48 15.35
C LYS XB 88 36.73 37.13 16.60
N HIS XB 89 38.05 37.07 16.51
CA HIS XB 89 38.91 36.72 17.63
C HIS XB 89 39.83 37.89 17.95
N PHE XB 90 39.65 38.48 19.13
CA PHE XB 90 40.45 39.60 19.59
C PHE XB 90 41.27 39.17 20.79
N GLU XB 91 42.56 39.49 20.77
CA GLU XB 91 43.47 39.17 21.85
C GLU XB 91 44.22 40.43 22.27
N LEU XB 92 44.45 40.57 23.58
CA LEU XB 92 45.16 41.71 24.13
C LEU XB 92 46.47 41.23 24.74
N GLY XB 93 47.57 41.86 24.33
CA GLY XB 93 48.88 41.50 24.85
C GLY XB 93 49.26 40.06 24.57
N GLY XB 94 48.94 39.57 23.39
CA GLY XB 94 49.28 38.20 23.04
C GLY XB 94 50.75 38.02 22.74
N ASP XB 95 51.12 36.77 22.45
CA ASP XB 95 52.51 36.45 22.17
C ASP XB 95 52.87 36.93 20.77
N LYS XB 96 53.88 37.79 20.68
CA LYS XB 96 54.31 38.30 19.39
C LYS XB 96 54.88 37.17 18.54
N LYS XB 97 54.50 37.12 17.28
CA LYS XB 97 54.94 36.05 16.39
C LYS XB 97 56.29 36.37 15.78
N ARG XB 98 57.09 35.32 15.58
CA ARG XB 98 58.40 35.41 14.95
C ARG XB 98 58.41 34.54 13.70
N LYS XB 99 59.36 34.83 12.82
CA LYS XB 99 59.38 34.25 11.48
C LYS XB 99 60.31 33.06 11.32
N GLY XB 100 61.47 33.07 11.97
CA GLY XB 100 62.49 32.08 11.74
C GLY XB 100 62.37 30.79 12.50
N GLN XB 101 61.24 30.54 13.16
CA GLN XB 101 61.07 29.33 13.97
C GLN XB 101 60.39 28.25 13.14
N VAL XB 102 60.05 27.13 13.79
CA VAL XB 102 59.61 25.92 13.09
C VAL XB 102 58.09 25.88 13.04
N ILE XB 103 57.55 25.78 11.83
CA ILE XB 103 56.10 25.62 11.62
C ILE XB 103 55.94 24.45 10.66
N GLN XB 104 55.58 23.27 11.18
CA GLN XB 104 55.39 22.90 12.58
C GLN XB 104 55.82 21.44 12.74
N PHE XB 105 56.19 21.05 13.95
CA PHE XB 105 56.69 19.71 14.19
C PHE XB 105 55.55 18.69 14.05
N ALA YB 1 -44.52 -28.68 22.75
CA ALA YB 1 -43.25 -29.14 22.22
C ALA YB 1 -42.14 -28.18 22.62
N LYS YB 2 -40.90 -28.61 22.44
CA LYS YB 2 -39.73 -27.77 22.73
C LYS YB 2 -39.63 -26.73 21.63
N ARG YB 3 -39.99 -25.49 21.96
CA ARG YB 3 -40.12 -24.46 20.92
C ARG YB 3 -38.77 -23.92 20.47
N THR YB 4 -37.84 -23.72 21.39
CA THR YB 4 -36.50 -23.26 21.04
C THR YB 4 -35.47 -24.16 21.71
N LYS YB 5 -34.29 -24.21 21.11
CA LYS YB 5 -33.21 -25.05 21.62
C LYS YB 5 -32.63 -24.49 22.90
N LYS YB 6 -32.02 -23.30 22.83
CA LYS YB 6 -31.33 -22.75 23.99
C LYS YB 6 -31.55 -21.27 24.27
N VAL YB 7 -32.15 -20.49 23.36
CA VAL YB 7 -32.32 -19.06 23.62
C VAL YB 7 -33.27 -18.84 24.79
N GLY YB 8 -34.32 -19.65 24.89
CA GLY YB 8 -35.26 -19.53 25.99
C GLY YB 8 -36.02 -18.23 26.02
N ILE YB 9 -35.91 -17.49 27.12
CA ILE YB 9 -36.69 -16.27 27.28
C ILE YB 9 -36.21 -15.19 26.32
N VAL YB 10 -34.93 -15.19 25.97
CA VAL YB 10 -34.37 -14.12 25.14
C VAL YB 10 -34.61 -14.34 23.66
N GLY YB 11 -35.43 -15.33 23.29
CA GLY YB 11 -35.81 -15.48 21.90
C GLY YB 11 -36.57 -14.29 21.35
N LYS YB 12 -37.12 -13.45 22.22
CA LYS YB 12 -37.81 -12.24 21.79
C LYS YB 12 -36.86 -11.23 21.17
N TYR YB 13 -35.56 -11.37 21.41
CA TYR YB 13 -34.58 -10.43 20.87
C TYR YB 13 -34.08 -10.84 19.49
N GLY YB 14 -34.60 -11.91 18.91
CA GLY YB 14 -34.19 -12.31 17.59
C GLY YB 14 -32.71 -12.63 17.52
N THR YB 15 -32.02 -12.02 16.58
CA THR YB 15 -30.59 -12.22 16.37
C THR YB 15 -29.76 -11.05 16.86
N ARG YB 16 -30.38 -10.04 17.46
CA ARG YB 16 -29.73 -8.78 17.77
C ARG YB 16 -28.87 -8.88 19.02
N TYR YB 17 -27.97 -7.91 19.16
CA TYR YB 17 -27.25 -7.58 20.39
C TYR YB 17 -26.12 -8.54 20.73
N GLY YB 18 -25.98 -9.64 19.99
CA GLY YB 18 -24.89 -10.56 20.25
C GLY YB 18 -25.27 -11.69 21.19
N ALA YB 19 -24.70 -12.87 20.95
CA ALA YB 19 -25.10 -14.06 21.71
C ALA YB 19 -24.70 -13.94 23.18
N SER YB 20 -23.49 -13.44 23.46
CA SER YB 20 -23.03 -13.38 24.84
C SER YB 20 -23.81 -12.34 25.64
N LEU YB 21 -24.23 -11.25 25.00
CA LEU YB 21 -25.07 -10.27 25.68
C LEU YB 21 -26.46 -10.84 25.95
N ARG YB 22 -27.02 -11.60 24.99
CA ARG YB 22 -28.32 -12.23 25.21
C ARG YB 22 -28.22 -13.34 26.24
N LYS YB 23 -27.10 -14.07 26.25
CA LYS YB 23 -26.91 -15.11 27.25
C LYS YB 23 -26.79 -14.51 28.65
N MET YB 24 -26.06 -13.39 28.78
CA MET YB 24 -25.90 -12.76 30.09
C MET YB 24 -27.22 -12.25 30.63
N VAL YB 25 -28.02 -11.62 29.77
CA VAL YB 25 -29.31 -11.08 30.20
C VAL YB 25 -30.33 -12.19 30.41
N LYS YB 26 -30.06 -13.40 29.92
CA LYS YB 26 -31.02 -14.49 30.03
C LYS YB 26 -31.26 -14.87 31.48
N LYS YB 27 -30.18 -15.01 32.26
CA LYS YB 27 -30.33 -15.39 33.66
C LYS YB 27 -30.99 -14.28 34.47
N ILE YB 28 -30.88 -13.04 34.02
CA ILE YB 28 -31.45 -11.92 34.75
C ILE YB 28 -32.94 -11.80 34.47
N GLU YB 29 -33.34 -11.97 33.21
CA GLU YB 29 -34.75 -11.86 32.85
C GLU YB 29 -35.58 -12.97 33.49
N ILE YB 30 -35.02 -14.17 33.61
CA ILE YB 30 -35.72 -15.23 34.33
C ILE YB 30 -35.90 -14.86 35.79
N SER YB 31 -34.84 -14.36 36.42
CA SER YB 31 -34.90 -14.07 37.85
C SER YB 31 -35.79 -12.86 38.14
N GLN YB 32 -35.74 -11.83 37.30
CA GLN YB 32 -36.51 -10.63 37.56
C GLN YB 32 -37.98 -10.79 37.19
N HIS YB 33 -38.33 -11.81 36.41
CA HIS YB 33 -39.71 -12.04 36.00
C HIS YB 33 -40.34 -13.24 36.69
N ALA YB 34 -39.60 -13.92 37.55
CA ALA YB 34 -40.11 -15.09 38.24
C ALA YB 34 -41.03 -14.70 39.39
N LYS YB 35 -41.70 -15.70 39.96
CA LYS YB 35 -42.53 -15.52 41.14
C LYS YB 35 -41.88 -16.23 42.30
N TYR YB 36 -41.64 -15.51 43.38
CA TYR YB 36 -40.98 -16.04 44.56
C TYR YB 36 -42.02 -16.39 45.60
N THR YB 37 -41.68 -17.34 46.47
CA THR YB 37 -42.56 -17.66 47.59
C THR YB 37 -42.46 -16.55 48.63
N CYS YB 38 -43.59 -15.91 48.91
CA CYS YB 38 -43.59 -14.83 49.89
C CYS YB 38 -43.21 -15.39 51.26
N SER YB 39 -42.23 -14.76 51.90
CA SER YB 39 -41.75 -15.24 53.19
C SER YB 39 -42.69 -14.88 54.33
N PHE YB 40 -43.72 -14.06 54.09
CA PHE YB 40 -44.65 -13.67 55.13
C PHE YB 40 -45.93 -14.49 55.10
N CYS YB 41 -46.44 -14.81 53.91
CA CYS YB 41 -47.68 -15.56 53.78
C CYS YB 41 -47.51 -16.95 53.19
N GLY YB 42 -46.36 -17.27 52.60
CA GLY YB 42 -46.10 -18.58 52.06
C GLY YB 42 -46.61 -18.80 50.65
N LYS YB 43 -47.42 -17.91 50.12
CA LYS YB 43 -47.96 -18.06 48.78
C LYS YB 43 -46.93 -17.62 47.75
N THR YB 44 -46.91 -18.30 46.60
CA THR YB 44 -45.96 -17.96 45.54
C THR YB 44 -46.55 -16.86 44.67
N LYS YB 45 -46.59 -15.64 45.20
CA LYS YB 45 -47.08 -14.47 44.47
C LYS YB 45 -46.12 -13.30 44.54
N MET YB 46 -44.96 -13.48 45.17
CA MET YB 46 -44.02 -12.40 45.39
C MET YB 46 -43.38 -12.04 44.04
N LYS YB 47 -43.78 -10.92 43.45
CA LYS YB 47 -43.26 -10.53 42.15
C LYS YB 47 -42.74 -9.10 42.21
N ARG YB 48 -41.83 -8.80 41.28
CA ARG YB 48 -41.20 -7.48 41.22
C ARG YB 48 -42.19 -6.44 40.73
N ARG YB 49 -42.23 -5.30 41.41
CA ARG YB 49 -43.03 -4.16 40.98
C ARG YB 49 -42.18 -3.18 40.17
N ALA YB 50 -41.12 -2.64 40.78
CA ALA YB 50 -40.14 -1.81 40.10
C ALA YB 50 -38.76 -2.36 40.42
N VAL YB 51 -37.72 -1.67 39.95
CA VAL YB 51 -36.37 -2.13 40.20
C VAL YB 51 -36.06 -2.03 41.69
N GLY YB 52 -35.79 -3.18 42.31
CA GLY YB 52 -35.54 -3.23 43.72
C GLY YB 52 -36.77 -3.27 44.60
N ILE YB 53 -37.97 -3.20 44.01
CA ILE YB 53 -39.23 -3.23 44.75
C ILE YB 53 -39.94 -4.54 44.44
N TRP YB 54 -40.24 -5.30 45.48
CA TRP YB 54 -40.91 -6.59 45.35
C TRP YB 54 -42.19 -6.56 46.17
N HIS YB 55 -43.29 -7.00 45.57
CA HIS YB 55 -44.62 -6.88 46.14
C HIS YB 55 -45.35 -8.21 46.01
N CYS YB 56 -46.00 -8.63 47.10
CA CYS YB 56 -46.79 -9.85 47.11
C CYS YB 56 -48.22 -9.52 46.73
N GLY YB 57 -48.81 -10.34 45.86
CA GLY YB 57 -50.19 -10.09 45.46
C GLY YB 57 -51.21 -10.52 46.51
N SER YB 58 -50.86 -11.46 47.38
CA SER YB 58 -51.83 -12.03 48.31
C SER YB 58 -51.95 -11.19 49.59
N CYS YB 59 -50.86 -11.10 50.35
CA CYS YB 59 -50.86 -10.33 51.59
C CYS YB 59 -50.43 -8.88 51.38
N MET YB 60 -50.04 -8.53 50.16
CA MET YB 60 -49.67 -7.17 49.76
C MET YB 60 -48.64 -6.56 50.72
N LYS YB 61 -47.53 -7.26 50.90
CA LYS YB 61 -46.37 -6.73 51.61
C LYS YB 61 -45.31 -6.37 50.58
N THR YB 62 -45.04 -5.07 50.41
CA THR YB 62 -43.96 -4.62 49.56
C THR YB 62 -42.64 -4.80 50.30
N VAL YB 63 -41.59 -5.19 49.57
CA VAL YB 63 -40.29 -5.48 50.16
C VAL YB 63 -39.22 -4.81 49.31
N ALA YB 64 -38.23 -4.21 49.97
CA ALA YB 64 -37.08 -3.67 49.26
C ALA YB 64 -36.07 -4.78 49.06
N GLY YB 65 -35.84 -5.16 47.81
CA GLY YB 65 -34.96 -6.26 47.47
C GLY YB 65 -33.98 -5.86 46.38
N GLY YB 66 -33.39 -6.88 45.76
CA GLY YB 66 -32.44 -6.65 44.69
C GLY YB 66 -33.10 -6.21 43.40
N ALA YB 67 -32.27 -5.75 42.47
CA ALA YB 67 -32.78 -5.26 41.19
C ALA YB 67 -33.42 -6.39 40.39
N TRP YB 68 -32.78 -7.55 40.33
CA TRP YB 68 -33.26 -8.67 39.54
C TRP YB 68 -33.59 -9.90 40.38
N THR YB 69 -33.30 -9.88 41.67
CA THR YB 69 -33.61 -10.99 42.56
C THR YB 69 -34.32 -10.45 43.79
N TYR YB 70 -35.12 -11.29 44.42
CA TYR YB 70 -35.79 -10.87 45.66
C TYR YB 70 -34.78 -10.48 46.71
N ASN YB 71 -33.70 -11.23 46.84
CA ASN YB 71 -32.60 -10.90 47.73
C ASN YB 71 -31.29 -11.04 46.97
N THR YB 72 -30.32 -10.21 47.35
CA THR YB 72 -28.98 -10.27 46.77
C THR YB 72 -28.07 -11.05 47.70
N THR YB 73 -27.09 -11.74 47.11
CA THR YB 73 -26.13 -12.47 47.93
C THR YB 73 -25.46 -11.56 48.94
N SER YB 74 -25.16 -10.32 48.55
CA SER YB 74 -24.52 -9.39 49.46
C SER YB 74 -25.42 -9.07 50.65
N ALA YB 75 -26.71 -8.88 50.40
CA ALA YB 75 -27.63 -8.51 51.47
C ALA YB 75 -27.75 -9.62 52.51
N VAL YB 76 -27.77 -10.88 52.08
CA VAL YB 76 -27.88 -11.98 53.03
C VAL YB 76 -26.65 -12.02 53.94
N THR YB 77 -25.47 -11.80 53.37
CA THR YB 77 -24.26 -11.83 54.19
C THR YB 77 -24.25 -10.71 55.21
N VAL YB 78 -24.63 -9.49 54.80
CA VAL YB 78 -24.61 -8.38 55.75
C VAL YB 78 -25.66 -8.57 56.83
N LYS YB 79 -26.82 -9.13 56.49
CA LYS YB 79 -27.85 -9.38 57.49
C LYS YB 79 -27.37 -10.41 58.51
N SER YB 80 -26.71 -11.47 58.03
CA SER YB 80 -26.13 -12.45 58.95
C SER YB 80 -25.03 -11.84 59.79
N ALA YB 81 -24.19 -11.00 59.17
CA ALA YB 81 -23.13 -10.32 59.92
C ALA YB 81 -23.70 -9.36 60.96
N ILE YB 82 -24.72 -8.59 60.58
CA ILE YB 82 -25.32 -7.65 61.53
C ILE YB 82 -25.95 -8.41 62.70
N ARG YB 83 -26.64 -9.52 62.41
CA ARG YB 83 -27.15 -10.37 63.47
C ARG YB 83 -26.03 -10.86 64.37
N ARG YB 84 -24.87 -11.17 63.79
CA ARG YB 84 -23.72 -11.58 64.58
C ARG YB 84 -23.22 -10.46 65.47
N LEU YB 85 -23.19 -9.23 64.93
CA LEU YB 85 -22.61 -8.13 65.69
C LEU YB 85 -23.54 -7.71 66.83
N LYS YB 86 -24.80 -8.13 66.77
CA LYS YB 86 -25.74 -7.86 67.86
C LYS YB 86 -25.50 -8.81 69.03
N GLU YB 87 -25.58 -10.12 68.77
CA GLU YB 87 -25.36 -11.09 69.85
C GLU YB 87 -23.94 -11.02 70.38
N LEU YB 88 -22.99 -10.53 69.60
CA LEU YB 88 -21.64 -10.33 70.09
C LEU YB 88 -21.58 -9.16 71.06
N LYS YB 89 -22.32 -8.10 70.77
CA LYS YB 89 -22.29 -6.91 71.63
C LYS YB 89 -22.88 -7.21 73.02
N ASP YB 90 -24.02 -7.88 73.07
CA ASP YB 90 -24.64 -8.21 74.35
C ASP YB 90 -24.19 -9.59 74.83
N GLN YB 91 -24.32 -9.81 76.13
CA GLN YB 91 -23.94 -11.08 76.73
C GLN YB 91 -25.03 -11.60 77.65
N SER ZB 1 -10.99 116.96 -15.66
CA SER ZB 1 -10.24 116.90 -16.90
C SER ZB 1 -10.85 115.89 -17.86
N ALA ZB 2 -10.83 116.21 -19.15
CA ALA ZB 2 -11.47 115.35 -20.14
C ALA ZB 2 -10.85 113.97 -20.16
N HIS ZB 3 -9.51 113.90 -20.08
CA HIS ZB 3 -8.84 112.61 -20.14
C HIS ZB 3 -9.07 111.79 -18.86
N LEU ZB 4 -9.15 112.45 -17.71
CA LEU ZB 4 -9.41 111.73 -16.46
C LEU ZB 4 -10.85 111.25 -16.42
N GLN ZB 5 -11.80 112.12 -16.75
CA GLN ZB 5 -13.21 111.73 -16.75
C GLN ZB 5 -13.50 110.71 -17.84
N TRP ZB 6 -12.72 110.71 -18.92
CA TRP ZB 6 -12.92 109.71 -19.96
C TRP ZB 6 -12.63 108.31 -19.44
N MET ZB 7 -11.55 108.16 -18.66
CA MET ZB 7 -11.19 106.85 -18.13
C MET ZB 7 -12.18 106.34 -17.10
N VAL ZB 8 -13.10 107.18 -16.64
CA VAL ZB 8 -14.15 106.74 -15.72
C VAL ZB 8 -15.37 106.27 -16.46
N VAL ZB 9 -15.73 106.94 -17.56
CA VAL ZB 9 -16.97 106.65 -18.28
C VAL ZB 9 -16.74 105.98 -19.62
N ARG ZB 10 -15.49 105.64 -19.96
CA ARG ZB 10 -15.23 104.99 -21.24
C ARG ZB 10 -15.86 103.61 -21.33
N ASN ZB 11 -16.16 102.98 -20.20
CA ASN ZB 11 -16.80 101.67 -20.19
C ASN ZB 11 -17.94 101.55 -19.19
N CYS ZB 12 -18.11 102.52 -18.29
CA CYS ZB 12 -19.15 102.47 -17.26
C CYS ZB 12 -19.89 103.81 -17.26
N SER ZB 13 -20.97 103.88 -18.04
CA SER ZB 13 -21.73 105.11 -18.15
C SER ZB 13 -23.20 104.77 -18.35
N SER ZB 14 -24.07 105.71 -17.99
CA SER ZB 14 -25.51 105.52 -18.18
C SER ZB 14 -25.90 105.59 -19.64
N PHE ZB 15 -25.18 106.38 -20.43
CA PHE ZB 15 -25.51 106.58 -21.84
C PHE ZB 15 -24.92 105.51 -22.74
N LEU ZB 16 -24.12 104.60 -22.21
CA LEU ZB 16 -23.44 103.61 -23.02
C LEU ZB 16 -24.42 102.53 -23.46
N ILE ZB 17 -24.50 102.28 -24.76
CA ILE ZB 17 -25.29 101.20 -25.32
C ILE ZB 17 -24.33 100.24 -26.01
N LYS ZB 18 -24.08 99.10 -25.36
CA LYS ZB 18 -23.29 98.03 -25.94
C LYS ZB 18 -24.24 96.94 -26.42
N ARG ZB 19 -24.26 96.71 -27.72
CA ARG ZB 19 -25.16 95.77 -28.35
C ARG ZB 19 -24.36 95.00 -29.39
N ASN ZB 20 -25.03 94.32 -30.31
CA ASN ZB 20 -24.36 93.32 -31.11
C ASN ZB 20 -23.21 93.90 -31.93
N LYS ZB 21 -22.00 93.65 -31.44
CA LYS ZB 21 -20.73 94.07 -32.05
C LYS ZB 21 -20.67 95.58 -32.29
N GLN ZB 22 -21.46 96.36 -31.57
CA GLN ZB 22 -21.48 97.81 -31.73
C GLN ZB 22 -21.53 98.48 -30.37
N THR ZB 23 -21.12 99.75 -30.35
CA THR ZB 23 -21.22 100.58 -29.15
C THR ZB 23 -21.77 101.94 -29.56
N TYR ZB 24 -22.55 102.56 -28.68
CA TYR ZB 24 -23.12 103.87 -28.91
C TYR ZB 24 -23.23 104.62 -27.60
N SER ZB 25 -23.35 105.95 -27.70
CA SER ZB 25 -23.52 106.82 -26.55
C SER ZB 25 -24.69 107.76 -26.80
N THR ZB 26 -25.55 107.90 -25.79
CA THR ZB 26 -26.82 108.58 -25.93
C THR ZB 26 -26.84 109.91 -25.20
N GLU ZB 27 -25.66 110.45 -24.87
CA GLU ZB 27 -25.63 111.73 -24.18
C GLU ZB 27 -26.04 112.86 -25.14
N PRO ZB 28 -26.57 113.96 -24.62
CA PRO ZB 28 -27.27 114.92 -25.49
C PRO ZB 28 -26.43 115.53 -26.61
N ASN ZB 29 -25.16 115.84 -26.37
CA ASN ZB 29 -24.36 116.60 -27.31
C ASN ZB 29 -23.29 115.74 -27.97
N ASN ZB 30 -23.61 114.48 -28.24
CA ASN ZB 30 -22.68 113.54 -28.87
C ASN ZB 30 -23.10 113.41 -30.33
N LEU ZB 31 -22.53 114.23 -31.19
CA LEU ZB 31 -22.76 114.04 -32.61
C LEU ZB 31 -22.12 112.73 -33.05
N LYS ZB 32 -22.78 112.05 -33.98
CA LYS ZB 32 -22.43 110.72 -34.47
C LYS ZB 32 -22.77 109.63 -33.46
N ALA ZB 33 -23.19 109.99 -32.25
CA ALA ZB 33 -23.73 109.05 -31.26
C ALA ZB 33 -22.82 107.86 -31.02
N ARG ZB 34 -21.51 108.08 -30.93
CA ARG ZB 34 -20.55 107.01 -30.77
C ARG ZB 34 -19.75 107.21 -29.49
N ASN ZB 35 -19.38 106.11 -28.86
CA ASN ZB 35 -18.56 106.13 -27.65
C ASN ZB 35 -17.13 106.46 -28.04
N SER ZB 36 -16.74 107.71 -27.87
CA SER ZB 36 -15.40 108.14 -28.26
C SER ZB 36 -15.00 109.34 -27.43
N PHE ZB 37 -13.69 109.49 -27.23
CA PHE ZB 37 -13.18 110.66 -26.50
C PHE ZB 37 -13.44 111.94 -27.29
N ARG ZB 38 -13.28 111.89 -28.60
CA ARG ZB 38 -13.48 113.07 -29.43
C ARG ZB 38 -14.94 113.53 -29.42
N TYR ZB 39 -15.87 112.58 -29.54
CA TYR ZB 39 -17.27 112.91 -29.73
C TYR ZB 39 -18.09 112.87 -28.45
N ASN ZB 40 -17.47 112.56 -27.31
CA ASN ZB 40 -18.22 112.55 -26.06
C ASN ZB 40 -18.70 113.95 -25.74
N GLY ZB 41 -19.98 114.08 -25.39
CA GLY ZB 41 -20.61 115.35 -25.19
C GLY ZB 41 -20.67 115.84 -23.75
N LEU ZB 42 -19.89 115.26 -22.86
CA LEU ZB 42 -19.94 115.63 -21.45
C LEU ZB 42 -18.59 115.98 -20.86
N ILE ZB 43 -17.51 115.34 -21.31
CA ILE ZB 43 -16.22 115.46 -20.63
C ILE ZB 43 -15.38 116.63 -21.10
N HIS ZB 44 -15.82 117.36 -22.12
CA HIS ZB 44 -14.97 118.34 -22.77
C HIS ZB 44 -15.27 119.75 -22.28
N ARG ZB 45 -14.21 120.58 -22.22
CA ARG ZB 45 -14.37 121.95 -21.77
C ARG ZB 45 -15.27 122.74 -22.71
N LYS ZB 46 -15.17 122.48 -24.01
CA LYS ZB 46 -16.10 123.02 -24.99
C LYS ZB 46 -16.66 121.85 -25.79
N THR ZB 47 -17.96 121.90 -26.06
CA THR ZB 47 -18.61 120.89 -26.86
C THR ZB 47 -19.65 121.56 -27.74
N VAL ZB 48 -19.91 120.94 -28.89
CA VAL ZB 48 -20.94 121.42 -29.80
C VAL ZB 48 -21.89 120.26 -30.05
N GLY ZB 49 -23.14 120.61 -30.38
CA GLY ZB 49 -24.13 119.62 -30.73
C GLY ZB 49 -25.30 120.30 -31.39
N VAL ZB 50 -25.98 119.56 -32.27
CA VAL ZB 50 -27.18 120.05 -32.92
C VAL ZB 50 -28.31 119.08 -32.62
N GLU ZB 51 -29.52 119.59 -32.52
CA GLU ZB 51 -30.73 118.84 -32.26
C GLU ZB 51 -31.86 119.37 -33.13
N PRO ZB 52 -32.87 118.56 -33.41
CA PRO ZB 52 -34.04 119.07 -34.11
C PRO ZB 52 -34.77 120.08 -33.23
N ALA ZB 53 -35.43 121.03 -33.88
CA ALA ZB 53 -36.12 122.08 -33.16
C ALA ZB 53 -37.30 121.49 -32.38
N ALA ZB 54 -37.74 122.24 -31.37
CA ALA ZB 54 -38.91 121.81 -30.59
C ALA ZB 54 -40.13 121.68 -31.48
N ASP ZB 55 -40.28 122.59 -32.44
CA ASP ZB 55 -41.30 122.48 -33.46
C ASP ZB 55 -40.87 121.48 -34.53
N GLY ZB 56 -41.61 121.43 -35.63
CA GLY ZB 56 -41.26 120.50 -36.69
C GLY ZB 56 -40.18 121.00 -37.63
N LYS ZB 57 -39.78 122.26 -37.53
CA LYS ZB 57 -38.87 122.87 -38.50
C LYS ZB 57 -37.71 123.55 -37.80
N GLY ZB 58 -36.51 123.32 -38.30
CA GLY ZB 58 -35.32 123.99 -37.83
C GLY ZB 58 -34.37 123.06 -37.09
N VAL ZB 59 -33.17 123.57 -36.88
CA VAL ZB 59 -32.11 122.86 -36.17
C VAL ZB 59 -31.64 123.75 -35.02
N VAL ZB 60 -31.55 123.17 -33.83
CA VAL ZB 60 -31.07 123.88 -32.65
C VAL ZB 60 -29.64 123.44 -32.39
N VAL ZB 61 -28.70 124.37 -32.49
CA VAL ZB 61 -27.29 124.10 -32.23
C VAL ZB 61 -26.94 124.65 -30.86
N VAL ZB 62 -26.40 123.81 -30.00
CA VAL ZB 62 -26.13 124.14 -28.61
C VAL ZB 62 -24.63 124.17 -28.39
N ILE ZB 63 -24.13 125.27 -27.82
CA ILE ZB 63 -22.71 125.49 -27.61
C ILE ZB 63 -22.47 125.63 -26.11
N LYS ZB 64 -21.48 124.92 -25.60
CA LYS ZB 64 -21.14 125.01 -24.19
C LYS ZB 64 -20.24 126.21 -23.94
N ARG ZB 65 -20.61 127.03 -22.97
CA ARG ZB 65 -19.81 128.19 -22.57
C ARG ZB 65 -18.69 127.73 -21.64
N ARG ZB 66 -17.83 128.65 -21.23
CA ARG ZB 66 -16.67 128.31 -20.43
C ARG ZB 66 -16.75 128.72 -18.96
N SER ZB 67 -17.48 129.79 -18.64
CA SER ZB 67 -17.49 130.29 -17.27
C SER ZB 67 -18.16 129.29 -16.32
N GLY ZB 68 -19.35 128.83 -16.67
CA GLY ZB 68 -20.08 127.92 -15.81
C GLY ZB 68 -19.83 126.46 -16.12
N GLN ZB 69 -18.56 126.07 -16.24
CA GLN ZB 69 -18.23 124.68 -16.53
C GLN ZB 69 -18.72 123.75 -15.42
N ARG ZB 70 -18.82 124.27 -14.19
CA ARG ZB 70 -19.29 123.50 -13.06
C ARG ZB 70 -20.80 123.62 -12.85
N LYS ZB 71 -21.41 124.72 -13.28
CA LYS ZB 71 -22.85 124.92 -13.14
C LYS ZB 71 -23.55 124.42 -14.39
N PRO ZB 72 -24.30 123.32 -14.34
CA PRO ZB 72 -24.94 122.81 -15.56
C PRO ZB 72 -26.19 123.58 -15.97
N ALA ZB 73 -26.73 124.43 -15.09
CA ALA ZB 73 -27.95 125.17 -15.44
C ALA ZB 73 -27.70 126.16 -16.57
N THR ZB 74 -26.54 126.81 -16.56
CA THR ZB 74 -26.21 127.85 -17.52
C THR ZB 74 -25.05 127.47 -18.44
N SER ZB 75 -24.63 126.21 -18.41
CA SER ZB 75 -23.42 125.79 -19.10
C SER ZB 75 -23.59 125.70 -20.61
N TYR ZB 76 -24.81 125.78 -21.13
CA TYR ZB 76 -25.04 125.62 -22.57
C TYR ZB 76 -25.84 126.80 -23.10
N VAL ZB 77 -25.48 127.26 -24.30
CA VAL ZB 77 -26.26 128.23 -25.04
C VAL ZB 77 -26.77 127.53 -26.30
N ARG ZB 78 -28.03 127.76 -26.65
CA ARG ZB 78 -28.65 127.13 -27.80
C ARG ZB 78 -29.26 128.20 -28.69
N THR ZB 79 -29.12 128.04 -30.00
CA THR ZB 79 -29.71 128.93 -30.98
C THR ZB 79 -30.51 128.10 -31.98
N THR ZB 80 -31.67 128.62 -32.38
CA THR ZB 80 -32.50 127.95 -33.37
C THR ZB 80 -32.26 128.57 -34.74
N ILE ZB 81 -31.83 127.73 -35.68
CA ILE ZB 81 -31.58 128.16 -37.06
C ILE ZB 81 -32.67 127.58 -37.94
N ASN ZB 82 -33.46 128.46 -38.55
CA ASN ZB 82 -34.63 128.06 -39.31
C ASN ZB 82 -34.64 128.68 -40.70
N LYS ZB 83 -33.52 128.58 -41.41
CA LYS ZB 83 -33.42 129.04 -42.78
C LYS ZB 83 -33.27 127.84 -43.73
N ASN ZB 84 -33.02 128.13 -45.00
CA ASN ZB 84 -32.85 127.09 -46.00
C ASN ZB 84 -31.68 126.17 -45.64
N ALA ZB 85 -31.61 125.04 -46.32
CA ALA ZB 85 -30.61 124.02 -45.99
C ALA ZB 85 -29.20 124.55 -46.18
N ARG ZB 86 -28.97 125.29 -47.26
CA ARG ZB 86 -27.64 125.84 -47.50
C ARG ZB 86 -27.27 126.90 -46.47
N ALA ZB 87 -28.24 127.73 -46.08
CA ALA ZB 87 -27.95 128.83 -45.16
C ALA ZB 87 -27.59 128.31 -43.78
N THR ZB 88 -28.34 127.35 -43.27
CA THR ZB 88 -28.01 126.78 -41.97
C THR ZB 88 -26.65 126.08 -41.98
N LEU ZB 89 -26.36 125.33 -43.04
CA LEU ZB 89 -25.07 124.64 -43.11
C LEU ZB 89 -23.91 125.62 -43.09
N SER ZB 90 -24.03 126.73 -43.82
CA SER ZB 90 -22.99 127.75 -43.77
C SER ZB 90 -22.94 128.42 -42.40
N SER ZB 91 -24.11 128.64 -41.79
CA SER ZB 91 -24.15 129.31 -40.50
C SER ZB 91 -23.46 128.48 -39.42
N ILE ZB 92 -23.70 127.17 -39.42
CA ILE ZB 92 -23.07 126.31 -38.42
C ILE ZB 92 -21.60 126.10 -38.76
N ARG ZB 93 -21.25 126.13 -40.05
CA ARG ZB 93 -19.84 126.10 -40.44
C ARG ZB 93 -19.10 127.32 -39.92
N HIS ZB 94 -19.72 128.50 -40.03
CA HIS ZB 94 -19.13 129.71 -39.47
C HIS ZB 94 -19.06 129.64 -37.95
N MET ZB 95 -20.07 129.02 -37.34
CA MET ZB 95 -20.13 128.95 -35.88
C MET ZB 95 -19.02 128.08 -35.32
N ILE ZB 96 -18.38 127.27 -36.16
CA ILE ZB 96 -17.28 126.42 -35.70
C ILE ZB 96 -15.95 126.92 -36.26
N ARG ZB 97 -15.90 127.15 -37.57
CA ARG ZB 97 -14.64 127.48 -38.23
C ARG ZB 97 -14.14 128.86 -37.79
N LYS ZB 98 -15.03 129.86 -37.81
CA LYS ZB 98 -14.59 131.22 -37.52
C LYS ZB 98 -14.32 131.42 -36.04
N ASN ZB 99 -15.16 130.84 -35.19
CA ASN ZB 99 -14.92 130.92 -33.75
C ASN ZB 99 -13.73 130.08 -33.31
N LYS ZB 100 -13.23 129.19 -34.17
CA LYS ZB 100 -12.24 128.19 -33.80
C LYS ZB 100 -12.70 127.40 -32.59
N TYR ZB 101 -14.00 127.07 -32.56
CA TYR ZB 101 -14.63 126.36 -31.47
C TYR ZB 101 -14.71 124.88 -31.85
N ARG ZB 102 -13.73 124.11 -31.40
CA ARG ZB 102 -13.66 122.68 -31.65
C ARG ZB 102 -13.73 122.39 -33.15
N PRO ZB 103 -12.71 122.78 -33.92
CA PRO ZB 103 -12.79 122.57 -35.38
C PRO ZB 103 -12.43 121.16 -35.80
N ASP ZB 104 -12.94 120.16 -35.08
CA ASP ZB 104 -12.79 118.77 -35.48
C ASP ZB 104 -14.18 118.14 -35.56
N LEU ZB 105 -15.18 118.85 -35.03
CA LEU ZB 105 -16.57 118.46 -35.16
C LEU ZB 105 -17.29 119.26 -36.22
N ARG ZB 106 -16.56 119.98 -37.08
CA ARG ZB 106 -17.18 120.81 -38.09
C ARG ZB 106 -18.02 119.96 -39.05
N MET ZB 107 -17.41 118.92 -39.63
CA MET ZB 107 -18.13 118.09 -40.58
C MET ZB 107 -19.09 117.13 -39.88
N ALA ZB 108 -18.80 116.77 -38.62
CA ALA ZB 108 -19.76 116.00 -37.85
C ALA ZB 108 -21.03 116.81 -37.60
N ALA ZB 109 -20.87 118.11 -37.37
CA ALA ZB 109 -22.03 118.96 -37.12
C ALA ZB 109 -22.78 119.25 -38.41
N ILE ZB 110 -22.07 119.54 -39.49
CA ILE ZB 110 -22.73 119.82 -40.77
C ILE ZB 110 -23.44 118.58 -41.29
N ARG ZB 111 -22.79 117.41 -41.17
CA ARG ZB 111 -23.44 116.18 -41.58
C ARG ZB 111 -24.68 115.90 -40.76
N ARG ZB 112 -24.60 116.13 -39.44
CA ARG ZB 112 -25.76 115.91 -38.59
C ARG ZB 112 -26.86 116.93 -38.90
N ALA ZB 113 -26.49 118.18 -39.14
CA ALA ZB 113 -27.47 119.19 -39.52
C ALA ZB 113 -28.18 118.80 -40.80
N SER ZB 114 -27.46 118.22 -41.76
CA SER ZB 114 -28.09 117.78 -43.00
C SER ZB 114 -29.05 116.62 -42.75
N ALA ZB 115 -28.65 115.66 -41.92
CA ALA ZB 115 -29.52 114.52 -41.63
C ALA ZB 115 -30.79 114.95 -40.91
N ILE ZB 116 -30.66 115.89 -39.98
CA ILE ZB 116 -31.85 116.41 -39.30
C ILE ZB 116 -32.73 117.18 -40.27
N LEU ZB 117 -32.12 117.98 -41.16
CA LEU ZB 117 -32.90 118.83 -42.04
C LEU ZB 117 -33.75 118.02 -43.02
N ARG ZB 118 -33.18 116.96 -43.62
CA ARG ZB 118 -33.96 116.18 -44.55
C ARG ZB 118 -34.95 115.26 -43.84
N SER ZB 119 -34.72 114.97 -42.56
CA SER ZB 119 -35.73 114.27 -41.78
C SER ZB 119 -36.96 115.14 -41.57
N GLN ZB 120 -36.76 116.46 -41.48
CA GLN ZB 120 -37.89 117.36 -41.33
C GLN ZB 120 -38.62 117.56 -42.65
N LYS ZB 121 -37.92 117.39 -43.77
CA LYS ZB 121 -38.56 117.53 -45.07
C LYS ZB 121 -39.62 116.44 -45.24
N PRO ZB 122 -40.77 116.77 -45.83
CA PRO ZB 122 -41.87 115.80 -45.90
C PRO ZB 122 -41.55 114.63 -46.82
N VAL ZB 123 -42.15 113.49 -46.51
CA VAL ZB 123 -41.98 112.30 -47.32
C VAL ZB 123 -42.87 112.39 -48.55
N MET ZB 124 -42.27 112.24 -49.72
CA MET ZB 124 -43.01 112.25 -50.97
C MET ZB 124 -43.65 110.88 -51.22
N VAL ZB 125 -44.64 110.86 -52.10
CA VAL ZB 125 -45.33 109.62 -52.41
C VAL ZB 125 -44.89 109.09 -53.77
N MET AC 1 45.32 42.38 75.82
CA MET AC 1 43.91 42.72 75.90
C MET AC 1 43.71 44.19 76.25
N SER AC 2 43.81 44.50 77.54
CA SER AC 2 43.61 45.86 78.04
C SER AC 2 44.23 45.96 79.42
N SER AC 3 43.92 47.04 80.13
CA SER AC 3 44.40 47.23 81.48
C SER AC 3 43.67 46.30 82.45
N LYS AC 4 44.23 46.19 83.67
CA LYS AC 4 43.59 45.40 84.71
C LYS AC 4 42.23 45.97 85.08
N VAL AC 5 42.14 47.30 85.18
CA VAL AC 5 40.88 47.94 85.54
C VAL AC 5 39.86 47.79 84.42
N SER AC 6 40.27 48.06 83.18
CA SER AC 6 39.44 47.89 81.99
C SER AC 6 38.14 48.71 82.08
N ARG AC 7 38.30 50.03 82.10
CA ARG AC 7 37.15 50.93 82.11
C ARG AC 7 37.49 52.22 81.39
N ASP AC 8 36.48 52.79 80.74
CA ASP AC 8 36.58 54.09 80.08
C ASP AC 8 35.20 54.69 79.97
N THR AC 9 35.11 56.01 80.16
CA THR AC 9 33.82 56.71 80.14
C THR AC 9 33.83 58.01 79.35
N LEU AC 10 34.98 58.50 78.90
CA LEU AC 10 35.05 59.79 78.23
C LEU AC 10 35.30 59.63 76.74
N TYR AC 11 34.77 60.58 75.96
CA TYR AC 11 34.72 60.42 74.51
C TYR AC 11 36.10 60.37 73.86
N GLU AC 12 37.06 61.14 74.37
CA GLU AC 12 38.45 61.10 73.89
C GLU AC 12 38.52 61.23 72.38
N ALA AC 13 37.79 62.20 71.84
CA ALA AC 13 37.70 62.40 70.40
C ALA AC 13 39.03 62.93 69.86
N VAL AC 14 39.09 63.17 68.56
CA VAL AC 14 40.32 63.65 67.93
C VAL AC 14 40.67 65.05 68.44
N ARG AC 15 39.67 65.83 68.85
CA ARG AC 15 39.94 67.15 69.40
C ARG AC 15 40.28 67.03 70.88
N GLU AC 16 41.19 66.10 71.21
CA GLU AC 16 41.66 65.91 72.57
C GLU AC 16 42.80 64.90 72.60
N VAL AC 17 43.80 65.14 73.45
CA VAL AC 17 44.69 64.07 73.90
C VAL AC 17 44.63 64.04 75.42
N LEU AC 18 45.12 65.11 76.04
CA LEU AC 18 44.77 65.53 77.41
C LEU AC 18 44.67 64.41 78.43
N HIS AC 19 45.46 63.35 78.29
CA HIS AC 19 45.39 62.26 79.26
C HIS AC 19 46.68 61.46 79.23
N GLY AC 20 46.88 60.69 80.30
CA GLY AC 20 48.07 59.89 80.46
C GLY AC 20 49.04 60.51 81.45
N ASN AC 21 49.01 60.03 82.68
CA ASN AC 21 49.92 60.49 83.73
C ASN AC 21 50.54 59.37 84.54
N GLN AC 22 49.94 58.18 84.58
CA GLN AC 22 50.44 57.05 85.34
C GLN AC 22 50.86 55.88 84.46
N ARG AC 23 51.29 56.17 83.23
CA ARG AC 23 51.72 55.10 82.34
C ARG AC 23 52.94 54.36 82.90
N LYS AC 24 53.72 55.03 83.72
CA LYS AC 24 54.81 54.37 84.45
C LYS AC 24 54.37 53.98 85.86
N ARG AC 25 53.26 53.24 85.94
CA ARG AC 25 52.73 52.83 87.24
C ARG AC 25 53.72 51.91 87.96
N ARG AC 26 54.27 50.94 87.25
CA ARG AC 26 55.36 50.14 87.79
C ARG AC 26 56.66 50.93 87.75
N LYS AC 27 57.72 50.36 88.32
CA LYS AC 27 59.03 50.99 88.28
C LYS AC 27 59.66 50.96 86.90
N PHE AC 28 59.13 50.17 85.97
CA PHE AC 28 59.71 50.06 84.64
C PHE AC 28 59.10 51.10 83.70
N LEU AC 29 59.76 51.29 82.56
CA LEU AC 29 59.40 52.33 81.60
C LEU AC 29 58.45 51.74 80.57
N GLU AC 30 57.22 52.25 80.53
CA GLU AC 30 56.22 51.72 79.62
C GLU AC 30 56.59 52.02 78.17
N THR AC 31 56.30 51.05 77.29
CA THR AC 31 56.59 51.19 75.86
C THR AC 31 55.30 51.61 75.15
N VAL AC 32 55.20 52.89 74.82
CA VAL AC 32 54.01 53.42 74.16
C VAL AC 32 54.03 53.05 72.69
N GLU AC 33 52.84 53.00 72.08
CA GLU AC 33 52.70 52.62 70.68
C GLU AC 33 51.65 53.46 70.00
N LEU AC 34 51.71 53.49 68.67
CA LEU AC 34 50.67 54.10 67.84
C LEU AC 34 50.42 53.17 66.67
N GLN AC 35 49.18 53.14 66.19
CA GLN AC 35 48.77 52.22 65.13
C GLN AC 35 47.67 52.87 64.28
N ILE AC 36 46.99 52.07 63.45
CA ILE AC 36 45.73 52.49 62.86
C ILE AC 36 44.67 51.46 63.20
N SER AC 37 43.42 51.82 63.01
CA SER AC 37 42.28 50.96 63.31
C SER AC 37 41.45 50.74 62.04
N LEU AC 38 42.12 50.48 60.93
CA LEU AC 38 41.44 50.24 59.66
C LEU AC 38 40.70 48.92 59.73
N LYS AC 39 39.37 48.97 59.59
CA LYS AC 39 38.52 47.81 59.64
C LYS AC 39 37.93 47.56 58.25
N ASN AC 40 37.05 46.56 58.15
CA ASN AC 40 36.39 46.20 56.90
C ASN AC 40 37.41 45.89 55.81
N TYR AC 41 38.23 44.87 56.08
CA TYR AC 41 39.35 44.51 55.22
C TYR AC 41 39.08 43.18 54.53
N ASP AC 42 39.21 43.16 53.22
CA ASP AC 42 38.97 41.95 52.44
C ASP AC 42 40.16 41.01 52.55
N PRO AC 43 39.96 39.75 52.98
CA PRO AC 43 41.11 38.83 53.07
C PRO AC 43 41.80 38.57 51.74
N GLN AC 44 41.05 38.39 50.66
CA GLN AC 44 41.65 38.03 49.37
C GLN AC 44 41.93 39.26 48.50
N LYS AC 45 42.60 40.27 49.06
CA LYS AC 45 42.96 41.47 48.33
C LYS AC 45 44.29 42.00 48.84
N ASP AC 46 44.80 43.01 48.16
CA ASP AC 46 46.09 43.61 48.48
C ASP AC 46 45.96 45.13 48.53
N LYS AC 47 46.51 45.73 49.58
CA LYS AC 47 46.55 47.18 49.73
C LYS AC 47 48.00 47.64 49.79
N ARG AC 48 48.22 48.87 49.36
CA ARG AC 48 49.56 49.42 49.16
C ARG AC 48 49.56 50.84 49.71
N PHE AC 49 50.55 51.63 49.31
CA PHE AC 49 50.75 53.01 49.78
C PHE AC 49 51.04 53.04 51.28
N SER AC 50 52.14 52.37 51.64
CA SER AC 50 52.62 52.41 53.01
C SER AC 50 53.04 53.81 53.40
N GLY AC 51 52.87 54.15 54.68
CA GLY AC 51 53.25 55.44 55.20
C GLY AC 51 54.48 55.32 56.08
N THR AC 52 55.13 56.46 56.33
CA THR AC 52 56.29 56.52 57.22
C THR AC 52 56.35 57.93 57.81
N VAL AC 53 56.24 58.02 59.13
CA VAL AC 53 56.13 59.30 59.81
C VAL AC 53 57.27 59.44 60.82
N ARG AC 54 57.37 60.64 61.37
CA ARG AC 54 58.33 60.96 62.42
C ARG AC 54 57.56 61.33 63.68
N LEU AC 55 57.67 60.49 64.71
CA LEU AC 55 56.98 60.69 65.97
C LEU AC 55 58.02 60.92 67.06
N LYS AC 56 57.99 62.11 67.67
CA LYS AC 56 58.98 62.49 68.67
C LYS AC 56 58.47 62.13 70.06
N SER AC 57 59.14 61.17 70.70
CA SER AC 57 58.82 60.80 72.08
C SER AC 57 60.05 60.54 72.94
N THR AC 58 61.25 60.66 72.38
CA THR AC 58 62.49 60.24 73.04
C THR AC 58 62.37 58.78 73.55
N PRO AC 59 62.29 57.82 72.63
CA PRO AC 59 62.05 56.43 73.03
C PRO AC 59 63.34 55.65 73.24
N ARG AC 60 63.24 54.63 74.09
CA ARG AC 60 64.35 53.71 74.31
C ARG AC 60 64.45 52.68 73.19
N PRO AC 61 63.34 51.99 72.79
CA PRO AC 61 63.46 51.06 71.67
C PRO AC 61 63.64 51.80 70.35
N LYS AC 62 64.86 51.79 69.81
CA LYS AC 62 65.17 52.64 68.67
C LYS AC 62 66.19 51.95 67.78
N PHE AC 63 66.23 52.40 66.53
CA PHE AC 63 67.24 51.99 65.56
C PHE AC 63 67.50 53.15 64.61
N SER AC 64 68.77 53.41 64.34
CA SER AC 64 69.17 54.57 63.57
C SER AC 64 69.17 54.24 62.07
N VAL AC 65 69.73 55.14 61.27
CA VAL AC 65 69.94 54.92 59.84
C VAL AC 65 71.39 55.34 59.57
N CYS AC 66 72.31 54.38 59.62
CA CYS AC 66 73.73 54.71 59.60
C CYS AC 66 74.56 53.87 58.61
N VAL AC 67 74.09 52.72 58.18
CA VAL AC 67 74.85 51.83 57.30
C VAL AC 67 74.23 51.87 55.91
N LEU AC 68 75.05 52.12 54.90
CA LEU AC 68 76.49 52.33 55.02
C LEU AC 68 76.90 53.75 54.60
N GLY AC 69 76.46 54.17 53.41
CA GLY AC 69 76.81 55.47 52.90
C GLY AC 69 78.28 55.56 52.52
N ASP AC 70 78.66 54.88 51.43
CA ASP AC 70 80.06 54.62 51.11
C ASP AC 70 80.74 55.90 50.62
N GLN AC 71 81.17 56.72 51.59
CA GLN AC 71 82.06 57.85 51.36
C GLN AC 71 81.49 58.85 50.36
N GLN AC 72 80.16 59.01 50.38
CA GLN AC 72 79.52 60.09 49.66
C GLN AC 72 79.21 61.27 50.57
N HIS AC 73 78.45 61.05 51.63
CA HIS AC 73 78.20 62.06 52.65
C HIS AC 73 79.14 61.86 53.85
N CYS AC 74 80.43 62.09 53.61
CA CYS AC 74 81.41 61.97 54.68
C CYS AC 74 81.12 62.98 55.79
N ASP AC 75 80.68 64.18 55.43
CA ASP AC 75 80.41 65.21 56.43
C ASP AC 75 79.30 64.78 57.39
N GLU AC 76 78.16 64.35 56.84
CA GLU AC 76 77.02 64.00 57.69
C GLU AC 76 77.31 62.74 58.51
N ALA AC 77 77.88 61.71 57.88
CA ALA AC 77 78.16 60.47 58.60
C ALA AC 77 79.19 60.69 59.70
N LYS AC 78 80.21 61.50 59.44
CA LYS AC 78 81.16 61.84 60.49
C LYS AC 78 80.53 62.74 61.54
N ALA AC 79 79.51 63.52 61.16
CA ALA AC 79 78.76 64.29 62.15
C ALA AC 79 77.99 63.38 63.10
N VAL AC 80 77.32 62.36 62.55
CA VAL AC 80 76.62 61.38 63.38
C VAL AC 80 77.58 60.33 63.94
N ASP AC 81 78.84 60.36 63.53
CA ASP AC 81 79.92 59.60 64.18
C ASP AC 81 79.76 58.09 63.99
N ILE AC 82 79.29 57.71 62.80
CA ILE AC 82 79.21 56.30 62.40
C ILE AC 82 80.53 55.95 61.71
N PRO AC 83 81.26 54.94 62.19
CA PRO AC 83 82.52 54.57 61.51
C PRO AC 83 82.28 54.18 60.07
N HIS AC 84 83.18 54.60 59.19
CA HIS AC 84 83.04 54.31 57.78
C HIS AC 84 83.75 53.01 57.41
N MET AC 85 82.99 52.09 56.83
CA MET AC 85 83.50 50.81 56.36
C MET AC 85 83.29 50.72 54.86
N ASP AC 86 83.80 49.65 54.25
CA ASP AC 86 83.82 49.49 52.81
C ASP AC 86 82.81 48.41 52.37
N ILE AC 87 82.85 48.08 51.08
CA ILE AC 87 81.96 47.05 50.55
C ILE AC 87 82.20 45.72 51.24
N GLU AC 88 83.48 45.34 51.40
CA GLU AC 88 83.81 44.04 51.98
C GLU AC 88 83.45 43.99 53.46
N ALA AC 89 83.56 45.12 54.16
CA ALA AC 89 83.22 45.16 55.58
C ALA AC 89 81.72 45.12 55.82
N LEU AC 90 80.92 45.63 54.89
CA LEU AC 90 79.46 45.49 55.01
C LEU AC 90 79.06 44.02 54.88
N LYS AC 91 79.78 43.27 54.05
CA LYS AC 91 79.55 41.83 53.96
C LYS AC 91 79.79 41.16 55.31
N LYS AC 92 80.79 41.64 56.06
CA LYS AC 92 80.97 41.21 57.43
C LYS AC 92 79.78 41.64 58.30
N LEU AC 93 79.28 42.87 58.08
CA LEU AC 93 78.17 43.38 58.88
C LEU AC 93 76.91 42.54 58.67
N ASN AC 94 76.66 42.11 57.44
CA ASN AC 94 75.51 41.27 57.17
C ASN AC 94 75.75 39.85 57.69
N LYS AC 95 74.80 38.97 57.39
CA LYS AC 95 74.82 37.60 57.90
C LYS AC 95 75.56 36.63 56.98
N ASN AC 96 76.40 37.13 56.07
CA ASN AC 96 77.17 36.23 55.21
C ASN AC 96 78.34 35.61 55.97
N LYS AC 97 78.87 36.31 56.96
CA LYS AC 97 79.92 35.80 57.82
C LYS AC 97 79.37 35.51 59.21
N LYS AC 98 80.22 34.98 60.09
CA LYS AC 98 79.86 34.60 61.45
C LYS AC 98 80.90 35.10 62.44
N LEU AC 99 81.27 36.36 62.31
CA LEU AC 99 82.38 36.90 63.09
C LEU AC 99 82.01 37.05 64.57
N VAL AC 100 81.02 37.89 64.87
CA VAL AC 100 80.71 38.25 66.24
C VAL AC 100 79.21 38.08 66.48
N LYS AC 101 78.81 38.21 67.74
CA LYS AC 101 77.41 38.14 68.14
C LYS AC 101 76.73 39.44 67.71
N LYS AC 102 76.43 39.51 66.42
CA LYS AC 102 75.87 40.71 65.81
C LYS AC 102 74.55 40.38 65.13
N LEU AC 103 73.57 41.26 65.29
CA LEU AC 103 72.25 41.05 64.72
C LEU AC 103 72.26 41.31 63.23
N ALA AC 104 71.66 40.39 62.46
CA ALA AC 104 71.59 40.55 61.02
C ALA AC 104 70.61 41.65 60.59
N LYS AC 105 69.60 41.92 61.40
CA LYS AC 105 68.63 42.99 61.15
C LYS AC 105 68.88 44.18 62.06
N LYS AC 106 70.16 44.52 62.28
CA LYS AC 106 70.51 45.53 63.27
C LYS AC 106 69.89 46.88 62.95
N TYR AC 107 69.90 47.28 61.68
CA TYR AC 107 69.28 48.52 61.23
C TYR AC 107 68.15 48.16 60.27
N ASP AC 108 66.91 48.38 60.73
CA ASP AC 108 65.76 48.11 59.87
C ASP AC 108 65.69 49.09 58.71
N ALA AC 109 66.39 50.22 58.82
CA ALA AC 109 66.43 51.24 57.77
C ALA AC 109 67.90 51.51 57.45
N PHE AC 110 68.44 50.80 56.45
CA PHE AC 110 69.80 51.05 56.01
C PHE AC 110 69.89 52.39 55.30
N LEU AC 111 71.09 52.96 55.30
CA LEU AC 111 71.32 54.25 54.67
C LEU AC 111 71.09 54.13 53.16
N ALA AC 112 70.31 55.06 52.61
CA ALA AC 112 70.00 55.03 51.19
C ALA AC 112 71.20 55.56 50.39
N SER AC 113 71.86 54.68 49.65
CA SER AC 113 72.93 55.06 48.75
C SER AC 113 72.43 54.92 47.32
N GLU AC 114 73.33 55.20 46.37
CA GLU AC 114 73.02 55.07 44.96
C GLU AC 114 74.00 54.16 44.21
N SER AC 115 75.06 53.70 44.88
CA SER AC 115 76.06 52.84 44.26
C SER AC 115 75.94 51.39 44.70
N LEU AC 116 75.73 51.15 46.00
CA LEU AC 116 75.81 49.79 46.53
C LEU AC 116 74.47 49.06 46.45
N ILE AC 117 73.38 49.77 46.16
CA ILE AC 117 72.06 49.14 46.14
C ILE AC 117 71.96 48.14 44.99
N LYS AC 118 72.58 48.45 43.86
CA LYS AC 118 72.54 47.53 42.72
C LYS AC 118 73.35 46.28 43.00
N GLN AC 119 74.41 46.38 43.80
CA GLN AC 119 75.34 45.29 44.02
C GLN AC 119 75.14 44.58 45.35
N ILE AC 120 74.04 44.81 46.04
CA ILE AC 120 73.73 44.09 47.28
C ILE AC 120 73.30 42.65 46.99
N PRO AC 121 72.21 42.41 46.23
CA PRO AC 121 71.65 41.05 46.19
C PRO AC 121 72.23 40.16 45.11
N ARG AC 122 73.55 40.13 44.96
CA ARG AC 122 74.11 39.16 44.01
C ARG AC 122 75.32 38.42 44.55
N ILE AC 123 76.09 39.03 45.45
CA ILE AC 123 77.31 38.40 45.96
C ILE AC 123 77.09 38.01 47.43
N LEU AC 124 76.33 38.82 48.16
CA LEU AC 124 76.04 38.53 49.55
C LEU AC 124 74.90 37.51 49.65
N GLY AC 125 74.62 37.11 50.88
CA GLY AC 125 73.59 36.13 51.14
C GLY AC 125 72.19 36.68 50.93
N PRO AC 126 71.22 35.79 50.72
CA PRO AC 126 69.83 36.23 50.51
C PRO AC 126 69.08 36.51 51.81
N GLY AC 127 69.72 36.33 52.97
CA GLY AC 127 69.01 36.51 54.23
C GLY AC 127 68.53 37.93 54.44
N LEU AC 128 69.24 38.91 53.89
CA LEU AC 128 68.82 40.30 54.03
C LEU AC 128 67.44 40.53 53.40
N ASN AC 129 67.23 39.99 52.20
CA ASN AC 129 65.93 40.11 51.55
C ASN AC 129 64.91 39.13 52.13
N LYS AC 130 65.37 37.97 52.61
CA LYS AC 130 64.45 37.01 53.21
C LYS AC 130 63.79 37.59 54.46
N ALA AC 131 64.55 38.36 55.24
CA ALA AC 131 63.94 39.12 56.33
C ALA AC 131 63.05 40.25 55.79
N GLY AC 132 63.40 40.79 54.63
CA GLY AC 132 62.64 41.88 54.04
C GLY AC 132 63.18 43.24 54.44
N LYS AC 133 64.49 43.44 54.28
CA LYS AC 133 65.15 44.67 54.69
C LYS AC 133 66.03 45.17 53.55
N PHE AC 134 65.96 46.46 53.27
CA PHE AC 134 66.67 47.07 52.16
C PHE AC 134 67.08 48.50 52.51
N PRO AC 135 68.10 49.03 51.84
CA PRO AC 135 68.39 50.48 51.91
C PRO AC 135 67.60 51.28 50.89
N SER AC 136 66.30 51.38 51.11
CA SER AC 136 65.39 52.02 50.17
C SER AC 136 65.03 53.43 50.65
N LEU AC 137 64.10 54.05 49.93
CA LEU AC 137 63.63 55.40 50.27
C LEU AC 137 62.49 55.38 51.28
N LEU AC 138 62.06 54.19 51.72
CA LEU AC 138 61.03 54.11 52.76
C LEU AC 138 61.50 54.78 54.04
N THR AC 139 62.81 54.80 54.29
CA THR AC 139 63.35 55.55 55.42
C THR AC 139 63.36 57.05 55.17
N HIS AC 140 63.48 57.47 53.90
CA HIS AC 140 63.63 58.88 53.53
C HIS AC 140 64.84 59.50 54.22
N ASN AC 141 65.97 58.81 54.14
CA ASN AC 141 67.23 59.20 54.78
C ASN AC 141 68.33 59.30 53.75
N GLU AC 142 68.07 60.00 52.64
CA GLU AC 142 69.10 60.21 51.63
C GLU AC 142 70.33 60.89 52.23
N ASN AC 143 70.13 61.77 53.21
CA ASN AC 143 71.19 62.29 54.07
C ASN AC 143 72.37 62.85 53.28
N MET AC 144 72.09 63.87 52.49
CA MET AC 144 73.12 64.47 51.66
C MET AC 144 73.43 65.92 52.03
N VAL AC 145 72.44 66.81 51.99
CA VAL AC 145 72.75 68.23 51.89
C VAL AC 145 73.22 68.81 53.22
N ALA AC 146 72.34 68.89 54.22
CA ALA AC 146 72.78 69.28 55.56
C ALA AC 146 72.43 68.24 56.59
N LYS AC 147 71.13 67.95 56.72
CA LYS AC 147 70.61 67.00 57.70
C LYS AC 147 69.12 66.77 57.42
N VAL AC 148 68.70 65.51 57.35
CA VAL AC 148 67.28 65.25 57.14
C VAL AC 148 66.71 64.34 58.23
N ASP AC 149 67.21 63.11 58.32
CA ASP AC 149 66.68 62.13 59.26
C ASP AC 149 67.79 61.26 59.84
N GLU AC 150 68.99 61.82 59.98
CA GLU AC 150 70.14 61.03 60.42
C GLU AC 150 70.04 60.66 61.91
N VAL AC 151 69.44 61.54 62.71
CA VAL AC 151 69.48 61.36 64.16
C VAL AC 151 68.13 60.88 64.70
N LYS AC 152 67.06 61.15 63.97
CA LYS AC 152 65.73 60.78 64.47
C LYS AC 152 65.43 59.31 64.21
N SER AC 153 65.29 58.94 62.93
CA SER AC 153 65.02 57.57 62.50
C SER AC 153 63.92 56.92 63.35
N THR AC 154 62.73 57.53 63.28
CA THR AC 154 61.59 56.98 64.00
C THR AC 154 61.25 55.59 63.45
N ILE AC 155 60.74 54.72 64.33
CA ILE AC 155 60.48 53.34 63.94
C ILE AC 155 59.49 53.33 62.78
N LYS AC 156 59.95 52.89 61.62
CA LYS AC 156 59.13 52.92 60.41
C LYS AC 156 58.12 51.79 60.42
N PHE AC 157 56.97 52.06 59.80
CA PHE AC 157 55.85 51.13 59.77
C PHE AC 157 55.44 50.84 58.33
N GLN AC 158 55.25 49.56 58.04
CA GLN AC 158 54.91 49.11 56.70
C GLN AC 158 53.51 48.51 56.70
N MET AC 159 52.70 48.90 55.73
CA MET AC 159 51.36 48.33 55.56
C MET AC 159 51.42 47.25 54.49
N LYS AC 160 50.99 46.05 54.88
CA LYS AC 160 50.92 44.88 54.04
C LYS AC 160 49.43 44.54 53.87
N LYS AC 161 49.14 43.51 53.09
CA LYS AC 161 47.77 43.02 52.94
C LYS AC 161 47.25 42.36 54.22
N VAL AC 162 47.99 42.46 55.32
CA VAL AC 162 47.52 41.99 56.62
C VAL AC 162 46.67 43.07 57.28
N LEU AC 163 45.69 42.62 58.07
CA LEU AC 163 44.67 43.46 58.68
C LEU AC 163 45.17 44.29 59.87
N CYS AC 164 46.03 43.73 60.72
CA CYS AC 164 46.55 44.47 61.86
C CYS AC 164 48.08 44.44 61.86
N LEU AC 165 48.69 45.51 62.35
CA LEU AC 165 50.14 45.65 62.41
C LEU AC 165 50.50 46.53 63.60
N ALA AC 166 51.39 46.01 64.46
CA ALA AC 166 51.83 46.73 65.64
C ALA AC 166 53.23 47.28 65.39
N VAL AC 167 53.38 48.60 65.53
CA VAL AC 167 54.67 49.25 65.41
C VAL AC 167 54.85 50.11 66.65
N ALA AC 168 55.91 49.85 67.40
CA ALA AC 168 56.11 50.46 68.70
C ALA AC 168 56.69 51.86 68.53
N VAL AC 169 56.03 52.86 69.11
CA VAL AC 169 56.62 54.19 69.22
C VAL AC 169 57.83 54.16 70.14
N GLY AC 170 57.71 53.46 71.28
CA GLY AC 170 58.76 53.42 72.25
C GLY AC 170 58.34 54.00 73.59
N HIS AC 171 59.19 54.84 74.17
CA HIS AC 171 58.94 55.41 75.48
C HIS AC 171 58.71 56.90 75.38
N VAL AC 172 57.93 57.42 76.32
CA VAL AC 172 57.73 58.86 76.47
C VAL AC 172 58.33 59.38 77.77
N LYS AC 173 58.20 58.61 78.86
CA LYS AC 173 58.76 58.92 80.19
C LYS AC 173 58.45 60.35 80.63
N MET AC 174 57.35 60.92 80.13
CA MET AC 174 56.94 62.26 80.48
C MET AC 174 55.45 62.37 80.18
N THR AC 175 54.81 63.36 80.79
CA THR AC 175 53.39 63.61 80.53
C THR AC 175 53.18 63.95 79.06
N ASP AC 176 51.99 63.63 78.56
CA ASP AC 176 51.66 63.74 77.15
C ASP AC 176 51.41 65.17 76.69
N ASP AC 177 51.81 66.18 77.49
CA ASP AC 177 51.69 67.57 77.08
C ASP AC 177 52.37 67.83 75.74
N GLU AC 178 53.50 67.16 75.47
CA GLU AC 178 54.14 67.29 74.17
C GLU AC 178 53.40 66.49 73.10
N LEU AC 179 52.71 65.42 73.51
CA LEU AC 179 52.02 64.56 72.54
C LEU AC 179 50.78 65.22 71.96
N VAL AC 180 50.29 66.30 72.60
CA VAL AC 180 49.06 66.93 72.12
C VAL AC 180 49.25 67.54 70.73
N TYR AC 181 50.45 68.04 70.44
CA TYR AC 181 50.78 68.54 69.12
C TYR AC 181 51.67 67.59 68.33
N ASN AC 182 52.39 66.68 69.02
CA ASN AC 182 53.18 65.69 68.30
C ASN AC 182 52.28 64.72 67.55
N ILE AC 183 51.19 64.27 68.18
CA ILE AC 183 50.35 63.25 67.56
C ILE AC 183 48.95 63.79 67.25
N HIS AC 184 48.80 64.39 66.08
CA HIS AC 184 47.56 64.33 65.30
C HIS AC 184 48.01 64.04 63.87
N LEU AC 185 48.35 62.78 63.60
CA LEU AC 185 48.80 62.39 62.28
C LEU AC 185 48.27 61.04 61.79
N ALA AC 186 47.91 60.11 62.69
CA ALA AC 186 47.49 58.79 62.24
C ALA AC 186 46.12 58.85 61.57
N VAL AC 187 45.16 59.52 62.19
CA VAL AC 187 43.83 59.66 61.61
C VAL AC 187 43.90 60.52 60.35
N ASN AC 188 44.66 61.62 60.40
CA ASN AC 188 44.73 62.52 59.25
C ASN AC 188 45.37 61.85 58.04
N PHE AC 189 46.43 61.06 58.28
CA PHE AC 189 47.04 60.32 57.18
C PHE AC 189 46.15 59.20 56.68
N LEU AC 190 45.37 58.57 57.56
CA LEU AC 190 44.42 57.55 57.11
C LEU AC 190 43.37 58.13 56.17
N VAL AC 191 42.88 59.33 56.47
CA VAL AC 191 41.82 59.95 55.66
C VAL AC 191 42.37 60.72 54.48
N SER AC 192 43.69 60.84 54.35
CA SER AC 192 44.25 61.50 53.18
C SER AC 192 43.99 60.71 51.91
N LEU AC 193 44.10 59.38 51.97
CA LEU AC 193 43.95 58.53 50.79
C LEU AC 193 43.33 57.21 51.23
N LEU AC 194 43.38 56.22 50.34
CA LEU AC 194 42.81 54.89 50.57
C LEU AC 194 41.39 54.97 51.13
N LYS AC 195 40.51 55.63 50.37
CA LYS AC 195 39.13 55.79 50.79
C LYS AC 195 38.32 54.52 50.60
N LYS AC 196 38.83 53.56 49.83
CA LYS AC 196 38.12 52.31 49.61
C LYS AC 196 38.27 51.39 50.81
N ASN AC 197 37.85 51.86 51.97
CA ASN AC 197 38.00 51.11 53.22
C ASN AC 197 37.07 51.73 54.25
N TRP AC 198 37.22 51.31 55.50
CA TRP AC 198 36.34 51.72 56.58
C TRP AC 198 36.51 53.22 56.88
N GLN AC 199 35.61 53.75 57.71
CA GLN AC 199 35.40 55.19 57.82
C GLN AC 199 36.56 55.88 58.53
N ASN AC 200 36.38 57.16 58.85
CA ASN AC 200 37.49 58.01 59.24
C ASN AC 200 37.94 57.77 60.68
N VAL AC 201 37.06 58.00 61.66
CA VAL AC 201 37.48 58.14 63.04
C VAL AC 201 36.77 57.11 63.92
N ARG AC 202 37.54 56.53 64.84
CA ARG AC 202 37.05 55.67 65.92
C ARG AC 202 38.23 55.42 66.85
N ALA AC 203 38.04 54.55 67.84
CA ALA AC 203 39.06 54.30 68.85
C ALA AC 203 40.24 53.52 68.26
N LEU AC 204 41.34 53.54 69.01
CA LEU AC 204 42.52 52.75 68.68
C LEU AC 204 42.91 51.90 69.88
N TYR AC 205 44.01 51.17 69.78
CA TYR AC 205 44.46 50.31 70.86
C TYR AC 205 45.97 50.42 71.01
N ILE AC 206 46.41 50.87 72.18
CA ILE AC 206 47.82 51.18 72.42
C ILE AC 206 48.35 50.31 73.56
N LYS AC 207 47.82 49.10 73.70
CA LYS AC 207 48.25 48.22 74.78
C LYS AC 207 49.69 47.76 74.55
N SER AC 208 50.35 47.44 75.66
CA SER AC 208 51.79 47.17 75.67
C SER AC 208 52.07 46.14 76.76
N THR AC 209 53.33 46.08 77.22
CA THR AC 209 53.72 45.23 78.34
C THR AC 209 52.65 45.20 79.41
N MET AC 210 52.18 46.37 79.82
CA MET AC 210 50.90 46.51 80.50
C MET AC 210 50.34 47.88 80.16
N GLY AC 211 49.22 47.90 79.42
CA GLY AC 211 48.76 49.11 78.77
C GLY AC 211 47.70 49.88 79.52
N LYS AC 212 47.99 51.14 79.81
CA LYS AC 212 47.06 51.99 80.52
C LYS AC 212 45.90 52.40 79.61
N PRO AC 213 44.71 52.64 80.17
CA PRO AC 213 43.58 53.03 79.34
C PRO AC 213 43.73 54.46 78.83
N GLN AC 214 44.10 54.61 77.56
CA GLN AC 214 44.19 55.89 76.89
C GLN AC 214 43.61 55.75 75.49
N ARG AC 215 42.48 55.07 75.38
CA ARG AC 215 41.87 54.78 74.09
C ARG AC 215 41.50 56.09 73.42
N LEU AC 216 42.26 56.47 72.40
CA LEU AC 216 42.04 57.74 71.71
C LEU AC 216 41.03 57.53 70.59
N TYR AC 217 39.80 57.98 70.82
CA TYR AC 217 38.76 57.92 69.80
C TYR AC 217 38.93 59.07 68.82
N GLN BC 1 -110.41 47.05 -22.82
CA GLN BC 1 -111.66 47.34 -23.51
C GLN BC 1 -112.86 47.07 -22.59
N GLN BC 2 -112.57 46.71 -21.35
CA GLN BC 2 -113.61 46.44 -20.36
C GLN BC 2 -113.80 47.58 -19.36
N GLU BC 3 -113.13 48.71 -19.56
CA GLU BC 3 -113.32 49.85 -18.67
C GLU BC 3 -114.71 50.46 -18.87
N GLN BC 4 -115.29 50.92 -17.77
CA GLN BC 4 -116.61 51.56 -17.79
C GLN BC 4 -116.46 53.05 -18.03
N THR BC 5 -117.25 53.57 -18.97
CA THR BC 5 -117.22 54.97 -19.35
C THR BC 5 -118.53 55.61 -18.84
N ILE BC 6 -118.63 56.94 -18.92
CA ILE BC 6 -119.85 57.64 -18.50
C ILE BC 6 -120.94 57.60 -19.55
N ALA BC 7 -120.75 56.82 -20.62
CA ALA BC 7 -121.72 56.77 -21.71
C ALA BC 7 -123.06 56.16 -21.31
N GLU BC 8 -123.12 55.40 -20.22
CA GLU BC 8 -124.31 54.63 -19.86
C GLU BC 8 -125.25 55.44 -18.99
N ASP BC 9 -126.55 55.29 -19.24
CA ASP BC 9 -127.56 56.05 -18.51
C ASP BC 9 -127.54 55.72 -17.02
N LEU BC 10 -127.39 54.45 -16.67
CA LEU BC 10 -127.35 54.07 -15.26
C LEU BC 10 -126.10 54.61 -14.58
N VAL BC 11 -124.99 54.68 -15.30
CA VAL BC 11 -123.75 55.20 -14.74
C VAL BC 11 -123.85 56.70 -14.47
N VAL BC 12 -124.52 57.43 -15.37
CA VAL BC 12 -124.66 58.88 -15.18
C VAL BC 12 -125.50 59.19 -13.96
N THR BC 13 -126.59 58.45 -13.76
CA THR BC 13 -127.49 58.73 -12.65
C THR BC 13 -126.78 58.61 -11.30
N LYS BC 14 -126.10 57.49 -11.08
CA LYS BC 14 -125.35 57.32 -9.84
C LYS BC 14 -124.19 58.30 -9.74
N TYR BC 15 -123.69 58.78 -10.88
CA TYR BC 15 -122.70 59.85 -10.84
C TYR BC 15 -123.35 61.18 -10.46
N LYS BC 16 -124.59 61.42 -10.88
CA LYS BC 16 -125.36 62.51 -10.31
C LYS BC 16 -125.66 62.25 -8.85
N MET BC 17 -125.85 60.98 -8.49
CA MET BC 17 -126.02 60.60 -7.09
C MET BC 17 -124.74 60.89 -6.30
N GLY BC 18 -123.58 60.63 -6.91
CA GLY BC 18 -122.32 60.92 -6.24
C GLY BC 18 -122.13 62.41 -6.01
N GLY BC 19 -122.57 63.24 -6.95
CA GLY BC 19 -122.52 64.67 -6.73
C GLY BC 19 -123.48 65.12 -5.64
N ASP BC 20 -124.67 64.52 -5.61
CA ASP BC 20 -125.62 64.82 -4.54
C ASP BC 20 -125.08 64.33 -3.19
N ILE BC 21 -124.49 63.14 -3.16
CA ILE BC 21 -123.97 62.60 -1.90
C ILE BC 21 -122.77 63.42 -1.43
N ALA BC 22 -122.02 64.01 -2.36
CA ALA BC 22 -120.91 64.87 -1.97
C ALA BC 22 -121.39 66.23 -1.51
N ASN BC 23 -122.37 66.81 -2.22
CA ASN BC 23 -122.90 68.10 -1.83
C ASN BC 23 -123.67 68.01 -0.51
N ARG BC 24 -124.45 66.95 -0.33
CA ARG BC 24 -125.26 66.82 0.88
C ARG BC 24 -124.39 66.60 2.11
N VAL BC 25 -123.27 65.90 1.95
CA VAL BC 25 -122.37 65.70 3.08
C VAL BC 25 -121.67 67.01 3.43
N LEU BC 26 -121.23 67.75 2.42
CA LEU BC 26 -120.60 69.05 2.65
C LEU BC 26 -121.58 70.02 3.28
N ARG BC 27 -122.84 70.00 2.84
CA ARG BC 27 -123.86 70.86 3.43
C ARG BC 27 -124.10 70.51 4.88
N SER BC 28 -124.12 69.21 5.22
CA SER BC 28 -124.34 68.80 6.59
C SER BC 28 -123.21 69.30 7.49
N LEU BC 29 -121.97 69.26 7.00
CA LEU BC 29 -120.84 69.65 7.81
C LEU BC 29 -120.77 71.17 8.01
N VAL BC 30 -121.02 71.95 6.95
CA VAL BC 30 -120.83 73.39 7.03
C VAL BC 30 -121.78 74.01 8.05
N GLU BC 31 -123.01 73.49 8.15
CA GLU BC 31 -123.90 73.92 9.21
C GLU BC 31 -123.41 73.45 10.58
N ALA BC 32 -122.91 72.22 10.66
CA ALA BC 32 -122.53 71.63 11.94
C ALA BC 32 -121.12 72.02 12.38
N SER BC 33 -120.35 72.70 11.53
CA SER BC 33 -119.03 73.19 11.92
C SER BC 33 -119.21 74.54 12.61
N SER BC 34 -118.83 74.61 13.88
CA SER BC 34 -118.97 75.82 14.68
C SER BC 34 -117.76 75.98 15.58
N SER BC 35 -117.69 77.14 16.25
CA SER BC 35 -116.61 77.41 17.16
C SER BC 35 -116.71 76.52 18.40
N GLY BC 36 -115.54 76.13 18.92
CA GLY BC 36 -115.49 75.30 20.11
C GLY BC 36 -116.00 73.88 19.94
N VAL BC 37 -115.68 73.24 18.82
CA VAL BC 37 -116.06 71.86 18.58
C VAL BC 37 -114.79 71.02 18.46
N SER BC 38 -114.97 69.71 18.56
CA SER BC 38 -113.88 68.75 18.44
C SER BC 38 -113.69 68.38 16.98
N VAL BC 39 -112.46 68.55 16.48
CA VAL BC 39 -112.18 68.23 15.08
C VAL BC 39 -112.31 66.73 14.86
N LEU BC 40 -111.99 65.93 15.88
CA LEU BC 40 -112.17 64.48 15.77
C LEU BC 40 -113.66 64.13 15.67
N SER BC 41 -114.51 64.82 16.44
CA SER BC 41 -115.94 64.49 16.45
C SER BC 41 -116.57 64.72 15.09
N LEU BC 42 -116.17 65.79 14.39
CA LEU BC 42 -116.71 66.04 13.07
C LEU BC 42 -116.28 64.95 12.08
N CYS BC 43 -115.10 64.38 12.28
CA CYS BC 43 -114.62 63.33 11.38
C CYS BC 43 -115.39 62.03 11.59
N GLU BC 44 -115.58 61.61 12.85
CA GLU BC 44 -116.34 60.39 13.10
C GLU BC 44 -117.78 60.54 12.66
N LYS BC 45 -118.41 61.67 12.99
CA LYS BC 45 -119.75 61.93 12.49
C LYS BC 45 -119.73 62.23 11.00
N GLY BC 46 -118.60 62.72 10.48
CA GLY BC 46 -118.42 62.89 9.06
C GLY BC 46 -118.41 61.56 8.35
N ASP BC 47 -117.78 60.57 8.99
CA ASP BC 47 -117.84 59.21 8.48
C ASP BC 47 -119.18 58.56 8.82
N ALA BC 48 -119.74 58.89 10.00
CA ALA BC 48 -120.88 58.15 10.52
C ALA BC 48 -122.08 58.20 9.57
N MET BC 49 -122.44 59.40 9.10
CA MET BC 49 -123.62 59.48 8.22
C MET BC 49 -123.29 58.99 6.82
N ILE BC 50 -122.00 58.94 6.47
CA ILE BC 50 -121.62 58.50 5.12
C ILE BC 50 -121.61 56.98 5.05
N MET BC 51 -121.50 56.31 6.22
CA MET BC 51 -121.73 54.87 6.27
C MET BC 51 -123.19 54.53 6.04
N GLU BC 52 -124.09 55.22 6.74
CA GLU BC 52 -125.49 54.84 6.68
C GLU BC 52 -126.11 55.18 5.33
N GLU BC 53 -125.86 56.39 4.81
CA GLU BC 53 -126.51 56.79 3.57
C GLU BC 53 -126.05 55.92 2.41
N THR BC 54 -124.79 55.52 2.40
CA THR BC 54 -124.32 54.60 1.38
C THR BC 54 -124.84 53.19 1.62
N GLY BC 55 -125.41 52.94 2.79
CA GLY BC 55 -126.00 51.63 3.06
C GLY BC 55 -127.48 51.59 2.75
N LYS BC 56 -128.18 52.71 2.95
CA LYS BC 56 -129.62 52.74 2.71
C LYS BC 56 -129.99 53.00 1.26
N ILE BC 57 -129.03 53.42 0.43
CA ILE BC 57 -129.34 53.68 -0.98
C ILE BC 57 -129.33 52.38 -1.76
N PHE BC 58 -130.17 52.33 -2.80
CA PHE BC 58 -130.25 51.20 -3.72
C PHE BC 58 -130.53 49.89 -2.96
N LYS BC 59 -131.69 49.87 -2.30
CA LYS BC 59 -132.11 48.70 -1.55
C LYS BC 59 -132.32 47.48 -2.43
N LYS BC 60 -132.63 47.68 -3.71
CA LYS BC 60 -132.92 46.56 -4.60
C LYS BC 60 -131.66 45.90 -5.15
N GLU BC 61 -130.48 46.47 -4.89
CA GLU BC 61 -129.21 45.91 -5.34
C GLU BC 61 -128.21 46.02 -4.20
N LYS BC 62 -127.84 44.89 -3.62
CA LYS BC 62 -126.92 44.83 -2.48
C LYS BC 62 -125.73 43.91 -2.78
N GLU BC 63 -125.18 44.01 -3.98
CA GLU BC 63 -124.09 43.14 -4.42
C GLU BC 63 -122.77 43.87 -4.63
N MET BC 64 -122.80 45.01 -5.32
CA MET BC 64 -121.58 45.75 -5.60
C MET BC 64 -121.02 46.38 -4.33
N LYS BC 65 -119.80 46.88 -4.42
CA LYS BC 65 -119.11 47.48 -3.28
C LYS BC 65 -119.07 49.00 -3.44
N LYS BC 66 -119.33 49.69 -2.33
CA LYS BC 66 -119.35 51.15 -2.30
C LYS BC 66 -118.80 51.61 -0.96
N GLY BC 67 -118.38 52.88 -0.91
CA GLY BC 67 -117.90 53.44 0.34
C GLY BC 67 -117.07 54.70 0.20
N ILE BC 68 -115.96 54.76 0.92
CA ILE BC 68 -115.10 55.93 0.95
C ILE BC 68 -114.02 55.80 -0.12
N ALA BC 69 -113.78 56.88 -0.85
CA ALA BC 69 -112.68 56.93 -1.81
C ALA BC 69 -111.49 57.70 -1.29
N PHE BC 70 -111.71 58.69 -0.44
CA PHE BC 70 -110.65 59.47 0.18
C PHE BC 70 -111.15 59.90 1.56
N PRO BC 71 -110.34 59.73 2.60
CA PRO BC 71 -110.83 59.94 3.96
C PRO BC 71 -111.11 61.42 4.22
N THR BC 72 -111.84 61.67 5.30
CA THR BC 72 -112.15 63.04 5.70
C THR BC 72 -110.84 63.72 6.11
N SER BC 73 -110.30 64.55 5.22
CA SER BC 73 -109.06 65.26 5.48
C SER BC 73 -109.37 66.70 5.83
N ILE BC 74 -108.84 67.16 6.96
CA ILE BC 74 -109.11 68.50 7.47
C ILE BC 74 -107.78 69.18 7.79
N SER BC 75 -107.74 70.50 7.63
CA SER BC 75 -106.55 71.28 7.96
C SER BC 75 -106.97 72.72 8.16
N VAL BC 76 -106.52 73.33 9.26
CA VAL BC 76 -106.97 74.66 9.65
C VAL BC 76 -105.75 75.58 9.79
N ASN BC 77 -105.69 76.60 8.94
CA ASN BC 77 -104.89 77.81 9.15
C ASN BC 77 -103.38 77.57 9.16
N ASN BC 78 -102.94 76.31 9.18
CA ASN BC 78 -101.51 76.04 9.18
C ASN BC 78 -101.06 74.86 8.34
N CYS BC 79 -101.96 73.98 7.90
CA CYS BC 79 -101.59 72.78 7.18
C CYS BC 79 -102.23 72.79 5.80
N VAL BC 80 -101.52 72.20 4.83
CA VAL BC 80 -101.98 72.21 3.44
C VAL BC 80 -103.16 71.27 3.29
N CYS BC 81 -102.91 69.97 3.43
CA CYS BC 81 -103.93 68.93 3.51
C CYS BC 81 -103.22 67.65 3.90
N HIS BC 82 -103.93 66.52 3.77
CA HIS BC 82 -103.48 65.21 4.27
C HIS BC 82 -103.26 65.25 5.79
N PHE BC 83 -104.28 65.72 6.50
CA PHE BC 83 -104.23 65.77 7.96
C PHE BC 83 -105.52 65.18 8.52
N SER BC 84 -105.41 64.06 9.21
CA SER BC 84 -106.54 63.41 9.87
C SER BC 84 -106.01 62.64 11.07
N PRO BC 85 -106.13 63.19 12.27
CA PRO BC 85 -105.46 62.60 13.43
C PRO BC 85 -106.18 61.36 13.94
N LEU BC 86 -105.47 60.63 14.79
CA LEU BC 86 -106.03 59.46 15.46
C LEU BC 86 -106.63 59.88 16.80
N LYS BC 87 -107.19 58.89 17.51
CA LYS BC 87 -107.77 59.18 18.81
C LYS BC 87 -106.70 59.58 19.83
N SER BC 88 -105.52 58.97 19.76
CA SER BC 88 -104.47 59.25 20.74
C SER BC 88 -103.97 60.68 20.62
N ASP BC 89 -103.99 61.24 19.41
CA ASP BC 89 -103.50 62.60 19.18
C ASP BC 89 -104.39 63.62 19.88
N GLN BC 90 -103.80 64.78 20.18
CA GLN BC 90 -104.55 65.88 20.75
C GLN BC 90 -105.54 66.44 19.73
N ASP BC 91 -106.74 66.75 20.19
CA ASP BC 91 -107.77 67.33 19.34
C ASP BC 91 -107.48 68.80 19.09
N TYR BC 92 -107.97 69.29 17.94
CA TYR BC 92 -107.90 70.71 17.60
C TYR BC 92 -109.30 71.31 17.72
N ILE BC 93 -109.51 72.11 18.75
CA ILE BC 93 -110.78 72.76 18.99
C ILE BC 93 -110.91 73.95 18.05
N LEU BC 94 -111.99 73.97 17.27
CA LEU BC 94 -112.20 75.02 16.28
C LEU BC 94 -112.56 76.32 16.98
N LYS BC 95 -111.77 77.37 16.72
CA LYS BC 95 -111.98 78.65 17.39
C LYS BC 95 -112.84 79.56 16.50
N GLU BC 96 -112.97 80.82 16.90
CA GLU BC 96 -113.83 81.76 16.21
C GLU BC 96 -113.11 82.35 15.00
N GLY BC 97 -113.83 82.41 13.87
CA GLY BC 97 -113.30 83.08 12.69
C GLY BC 97 -112.22 82.34 11.94
N ASP BC 98 -112.03 81.06 12.23
CA ASP BC 98 -111.02 80.27 11.52
C ASP BC 98 -111.50 79.94 10.12
N LEU BC 99 -110.55 79.74 9.22
CA LEU BC 99 -110.81 79.15 7.91
C LEU BC 99 -110.26 77.73 7.91
N VAL BC 100 -111.10 76.77 7.53
CA VAL BC 100 -110.74 75.35 7.59
C VAL BC 100 -111.00 74.72 6.24
N LYS BC 101 -110.08 73.86 5.81
CA LYS BC 101 -110.15 73.16 4.54
C LYS BC 101 -110.52 71.70 4.79
N ILE BC 102 -111.55 71.22 4.09
CA ILE BC 102 -112.10 69.89 4.32
C ILE BC 102 -112.15 69.16 3.00
N ASP BC 103 -111.64 67.92 2.99
CA ASP BC 103 -111.60 67.10 1.79
C ASP BC 103 -112.25 65.76 2.09
N LEU BC 104 -112.95 65.21 1.10
CA LEU BC 104 -113.68 63.96 1.26
C LEU BC 104 -113.86 63.30 -0.10
N GLY BC 105 -113.77 61.98 -0.12
CA GLY BC 105 -113.98 61.22 -1.34
C GLY BC 105 -114.93 60.07 -1.12
N VAL BC 106 -115.75 59.79 -2.12
CA VAL BC 106 -116.72 58.70 -2.08
C VAL BC 106 -116.57 57.87 -3.35
N HIS BC 107 -116.49 56.56 -3.19
CA HIS BC 107 -116.34 55.64 -4.32
C HIS BC 107 -117.55 54.72 -4.42
N VAL BC 108 -118.07 54.58 -5.64
CA VAL BC 108 -119.15 53.65 -5.95
C VAL BC 108 -118.70 52.81 -7.13
N ASP BC 109 -118.54 51.50 -6.90
CA ASP BC 109 -118.04 50.57 -7.89
C ASP BC 109 -116.74 51.09 -8.51
N GLY BC 110 -115.84 51.60 -7.67
CA GLY BC 110 -114.55 52.11 -8.11
C GLY BC 110 -114.58 53.44 -8.82
N PHE BC 111 -115.75 53.87 -9.31
CA PHE BC 111 -115.87 55.22 -9.84
C PHE BC 111 -115.76 56.23 -8.71
N ILE BC 112 -114.89 57.22 -8.91
CA ILE BC 112 -114.49 58.14 -7.85
C ILE BC 112 -115.21 59.47 -8.07
N ALA BC 113 -115.85 59.97 -7.01
CA ALA BC 113 -116.40 61.32 -6.97
C ALA BC 113 -115.80 62.00 -5.75
N ASN BC 114 -114.96 63.01 -5.98
CA ASN BC 114 -114.18 63.62 -4.91
C ASN BC 114 -114.39 65.14 -4.90
N VAL BC 115 -114.70 65.66 -3.71
CA VAL BC 115 -114.98 67.07 -3.53
C VAL BC 115 -114.22 67.54 -2.30
N ALA BC 116 -113.94 68.85 -2.24
CA ALA BC 116 -113.22 69.41 -1.10
C ALA BC 116 -113.38 70.93 -1.13
N HIS BC 117 -113.71 71.51 0.03
CA HIS BC 117 -114.01 72.93 0.13
C HIS BC 117 -113.30 73.55 1.32
N THR BC 118 -112.97 74.84 1.18
CA THR BC 118 -112.44 75.64 2.28
C THR BC 118 -113.39 76.79 2.58
N PHE BC 119 -113.67 77.00 3.85
CA PHE BC 119 -114.59 78.05 4.27
C PHE BC 119 -114.20 78.58 5.64
N VAL BC 120 -114.66 79.80 5.94
CA VAL BC 120 -114.45 80.41 7.24
C VAL BC 120 -115.68 80.15 8.10
N VAL BC 121 -115.44 79.71 9.33
CA VAL BC 121 -116.51 79.26 10.22
C VAL BC 121 -117.05 80.43 11.02
N ASP BC 122 -118.34 80.37 11.35
CA ASP BC 122 -119.00 81.32 12.24
C ASP BC 122 -118.85 82.76 11.74
N VAL BC 123 -119.40 83.02 10.56
CA VAL BC 123 -119.50 84.37 10.02
C VAL BC 123 -120.89 84.89 10.37
N ALA BC 124 -120.93 86.00 11.11
CA ALA BC 124 -122.20 86.52 11.61
C ALA BC 124 -123.02 87.12 10.48
N GLN BC 125 -124.17 87.65 10.83
CA GLN BC 125 -125.09 88.26 9.87
C GLN BC 125 -124.78 89.75 9.74
N GLY BC 126 -124.57 90.21 8.51
CA GLY BC 126 -124.30 91.61 8.24
C GLY BC 126 -122.84 92.00 8.27
N THR BC 127 -121.95 91.12 8.68
CA THR BC 127 -120.53 91.43 8.78
C THR BC 127 -119.86 91.37 7.41
N GLN BC 128 -118.69 92.00 7.32
CA GLN BC 128 -117.91 92.07 6.08
C GLN BC 128 -116.49 91.61 6.41
N VAL BC 129 -116.13 90.40 6.00
CA VAL BC 129 -114.83 89.84 6.30
C VAL BC 129 -113.79 90.48 5.38
N THR BC 130 -112.74 91.03 5.99
CA THR BC 130 -111.70 91.74 5.25
C THR BC 130 -110.33 91.31 5.75
N GLY BC 131 -109.33 91.45 4.88
CA GLY BC 131 -107.97 91.12 5.20
C GLY BC 131 -107.34 90.35 4.07
N ARG BC 132 -106.14 89.83 4.31
CA ARG BC 132 -105.49 88.98 3.32
C ARG BC 132 -106.17 87.62 3.19
N LYS BC 133 -106.84 87.13 4.24
CA LYS BC 133 -107.67 85.95 4.09
C LYS BC 133 -108.85 86.20 3.17
N ALA BC 134 -109.33 87.44 3.08
CA ALA BC 134 -110.43 87.77 2.20
C ALA BC 134 -110.04 87.63 0.74
N ASP BC 135 -108.75 87.47 0.47
CA ASP BC 135 -108.26 87.42 -0.90
C ASP BC 135 -108.03 86.00 -1.38
N VAL BC 136 -107.46 85.14 -0.54
CA VAL BC 136 -107.00 83.82 -1.00
C VAL BC 136 -108.15 82.96 -1.46
N ILE BC 137 -109.19 82.82 -0.62
CA ILE BC 137 -110.25 81.89 -0.95
C ILE BC 137 -111.13 82.43 -2.08
N LYS BC 138 -111.24 83.75 -2.21
CA LYS BC 138 -111.95 84.31 -3.36
C LYS BC 138 -111.17 84.07 -4.64
N ALA BC 139 -109.84 84.15 -4.58
CA ALA BC 139 -109.02 83.82 -5.74
C ALA BC 139 -109.18 82.36 -6.12
N ALA BC 140 -109.25 81.47 -5.12
CA ALA BC 140 -109.40 80.05 -5.40
C ALA BC 140 -110.73 79.75 -6.10
N HIS BC 141 -111.80 80.44 -5.69
CA HIS BC 141 -113.10 80.21 -6.32
C HIS BC 141 -113.10 80.66 -7.78
N LEU BC 142 -112.42 81.77 -8.08
CA LEU BC 142 -112.30 82.17 -9.48
C LEU BC 142 -111.46 81.17 -10.27
N CYS BC 143 -110.49 80.54 -9.62
CA CYS BC 143 -109.79 79.42 -10.27
C CYS BC 143 -110.77 78.29 -10.56
N ALA BC 144 -111.70 78.02 -9.63
CA ALA BC 144 -112.72 77.02 -9.87
C ALA BC 144 -113.64 77.42 -11.02
N GLU BC 145 -114.14 78.66 -10.98
CA GLU BC 145 -115.02 79.14 -12.05
C GLU BC 145 -114.29 79.19 -13.38
N ALA BC 146 -113.03 79.65 -13.37
CA ALA BC 146 -112.23 79.58 -14.59
C ALA BC 146 -112.05 78.14 -15.04
N ALA BC 147 -111.74 77.23 -14.11
CA ALA BC 147 -111.54 75.84 -14.48
C ALA BC 147 -112.80 75.22 -15.06
N LEU BC 148 -113.97 75.56 -14.51
CA LEU BC 148 -115.22 75.04 -15.03
C LEU BC 148 -115.45 75.49 -16.47
N ARG BC 149 -115.08 76.74 -16.78
CA ARG BC 149 -115.24 77.24 -18.14
C ARG BC 149 -114.21 76.64 -19.09
N LEU BC 150 -112.99 76.41 -18.61
CA LEU BC 150 -111.93 75.95 -19.51
C LEU BC 150 -111.80 74.44 -19.56
N VAL BC 151 -112.61 73.69 -18.82
CA VAL BC 151 -112.55 72.24 -18.88
C VAL BC 151 -113.31 71.77 -20.12
N LYS BC 152 -112.56 71.36 -21.13
CA LYS BC 152 -113.09 70.94 -22.42
C LYS BC 152 -111.98 70.27 -23.21
N PRO BC 153 -112.25 69.20 -23.95
CA PRO BC 153 -111.22 68.61 -24.81
C PRO BC 153 -110.71 69.61 -25.82
N GLY BC 154 -109.41 69.89 -25.74
CA GLY BC 154 -108.79 70.90 -26.58
C GLY BC 154 -107.95 71.89 -25.79
N ASN BC 155 -108.39 72.23 -24.59
CA ASN BC 155 -107.61 73.08 -23.71
C ASN BC 155 -106.60 72.24 -22.93
N GLN BC 156 -105.34 72.61 -23.06
CA GLN BC 156 -104.23 71.81 -22.56
C GLN BC 156 -104.03 72.03 -21.06
N ASN BC 157 -103.35 71.06 -20.43
CA ASN BC 157 -103.10 71.13 -19.00
C ASN BC 157 -102.21 72.30 -18.63
N THR BC 158 -101.20 72.60 -19.45
CA THR BC 158 -100.29 73.69 -19.14
C THR BC 158 -101.00 75.04 -19.19
N GLN BC 159 -102.02 75.19 -20.05
CA GLN BC 159 -102.81 76.41 -20.03
C GLN BC 159 -103.53 76.56 -18.68
N VAL BC 160 -103.92 75.45 -18.07
CA VAL BC 160 -104.52 75.50 -16.74
C VAL BC 160 -103.49 75.97 -15.71
N THR BC 161 -102.24 75.54 -15.87
CA THR BC 161 -101.19 75.94 -14.93
C THR BC 161 -100.94 77.44 -14.98
N GLU BC 162 -100.73 77.98 -16.18
CA GLU BC 162 -100.49 79.42 -16.32
C GLU BC 162 -101.70 80.22 -15.87
N ALA BC 163 -102.90 79.77 -16.22
CA ALA BC 163 -104.11 80.50 -15.85
C ALA BC 163 -104.22 80.65 -14.34
N TRP BC 164 -103.92 79.58 -13.60
CA TRP BC 164 -103.96 79.66 -12.14
C TRP BC 164 -102.82 80.50 -11.59
N ASN BC 165 -101.66 80.47 -12.24
CA ASN BC 165 -100.57 81.36 -11.83
C ASN BC 165 -100.92 82.82 -12.08
N LYS BC 166 -101.50 83.13 -13.25
CA LYS BC 166 -101.77 84.51 -13.59
C LYS BC 166 -102.81 85.13 -12.66
N VAL BC 167 -103.87 84.39 -12.34
CA VAL BC 167 -104.84 84.91 -11.38
C VAL BC 167 -104.21 85.03 -9.99
N ALA BC 168 -103.31 84.10 -9.64
CA ALA BC 168 -102.63 84.18 -8.36
C ALA BC 168 -101.80 85.46 -8.26
N HIS BC 169 -101.08 85.81 -9.32
CA HIS BC 169 -100.37 87.08 -9.35
C HIS BC 169 -101.34 88.26 -9.28
N SER BC 170 -102.48 88.15 -9.96
CA SER BC 170 -103.50 89.20 -9.90
C SER BC 170 -103.98 89.42 -8.47
N PHE BC 171 -104.00 88.36 -7.67
CA PHE BC 171 -104.43 88.43 -6.29
C PHE BC 171 -103.28 88.44 -5.29
N ASN BC 172 -102.05 88.70 -5.77
CA ASN BC 172 -100.87 88.89 -4.90
C ASN BC 172 -100.57 87.64 -4.08
N CYS BC 173 -101.08 86.49 -4.53
CA CYS BC 173 -100.92 85.23 -3.81
C CYS BC 173 -100.23 84.22 -4.70
N THR BC 174 -99.85 83.09 -4.09
CA THR BC 174 -99.16 82.04 -4.80
C THR BC 174 -99.70 80.67 -4.38
N PRO BC 175 -99.92 79.77 -5.33
CA PRO BC 175 -100.36 78.42 -4.97
C PRO BC 175 -99.27 77.66 -4.23
N ILE BC 176 -99.70 76.68 -3.43
CA ILE BC 176 -98.74 75.81 -2.78
C ILE BC 176 -98.02 74.97 -3.84
N GLU BC 177 -96.84 74.47 -3.47
CA GLU BC 177 -95.89 73.98 -4.48
C GLU BC 177 -96.22 72.54 -4.87
N GLY BC 178 -96.39 72.33 -6.18
CA GLY BC 178 -96.41 71.01 -6.76
C GLY BC 178 -97.52 70.06 -6.34
N MET BC 179 -98.76 70.41 -6.66
CA MET BC 179 -99.89 69.52 -6.40
C MET BC 179 -100.42 68.94 -7.71
N LEU BC 180 -101.17 67.85 -7.61
CA LEU BC 180 -101.59 67.08 -8.77
C LEU BC 180 -103.09 66.78 -8.68
N SER BC 181 -103.84 67.29 -9.64
CA SER BC 181 -105.17 66.77 -9.93
C SER BC 181 -105.05 65.66 -10.97
N HIS BC 182 -106.07 64.80 -11.02
CA HIS BC 182 -105.93 63.55 -11.76
C HIS BC 182 -107.14 63.33 -12.65
N GLN BC 183 -106.92 62.60 -13.74
CA GLN BC 183 -107.97 62.11 -14.61
C GLN BC 183 -108.38 60.72 -14.14
N LEU BC 184 -109.65 60.56 -13.78
CA LEU BC 184 -110.13 59.39 -13.05
C LEU BC 184 -110.88 58.45 -13.97
N LYS BC 185 -110.83 57.17 -13.63
CA LYS BC 185 -111.64 56.15 -14.30
C LYS BC 185 -111.98 55.08 -13.27
N GLN BC 186 -112.46 53.93 -13.74
CA GLN BC 186 -112.95 52.88 -12.84
C GLN BC 186 -111.80 52.24 -12.08
N HIS BC 187 -111.99 52.11 -10.76
CA HIS BC 187 -111.06 51.43 -9.86
C HIS BC 187 -109.66 52.03 -9.93
N VAL BC 188 -109.56 53.33 -9.67
CA VAL BC 188 -108.27 54.01 -9.66
C VAL BC 188 -108.42 55.35 -8.97
N ILE BC 189 -107.34 55.82 -8.36
CA ILE BC 189 -107.27 57.18 -7.83
C ILE BC 189 -105.99 57.91 -8.24
N ASP BC 190 -105.01 57.23 -8.83
CA ASP BC 190 -103.71 57.80 -9.18
C ASP BC 190 -103.47 57.76 -10.69
N GLY BC 191 -104.47 58.21 -11.46
CA GLY BC 191 -104.39 58.18 -12.91
C GLY BC 191 -103.15 58.82 -13.51
N GLU BC 192 -102.67 58.25 -14.60
CA GLU BC 192 -101.44 58.73 -15.23
C GLU BC 192 -101.63 60.15 -15.79
N LYS BC 193 -102.79 60.43 -16.37
CA LYS BC 193 -103.06 61.76 -16.91
C LYS BC 193 -103.40 62.69 -15.74
N THR BC 194 -102.45 63.55 -15.40
CA THR BC 194 -102.59 64.46 -14.28
C THR BC 194 -102.27 65.89 -14.72
N ILE BC 195 -102.84 66.85 -14.00
CA ILE BC 195 -102.58 68.27 -14.22
C ILE BC 195 -101.94 68.82 -12.96
N ILE BC 196 -100.93 69.68 -13.13
CA ILE BC 196 -100.05 70.07 -12.05
C ILE BC 196 -100.21 71.57 -11.77
N GLN BC 197 -100.18 71.94 -10.49
CA GLN BC 197 -100.38 73.31 -10.05
C GLN BC 197 -99.12 73.83 -9.40
N ASN BC 198 -98.72 75.06 -9.75
CA ASN BC 198 -97.57 75.75 -9.20
C ASN BC 198 -96.29 74.93 -9.32
N PRO BC 199 -95.83 74.63 -10.53
CA PRO BC 199 -94.64 73.78 -10.68
C PRO BC 199 -93.35 74.56 -10.56
N THR BC 200 -92.25 73.80 -10.43
CA THR BC 200 -90.90 74.35 -10.54
C THR BC 200 -90.06 73.47 -11.47
N ASP BC 201 -88.74 73.69 -11.48
CA ASP BC 201 -87.86 73.09 -12.48
C ASP BC 201 -88.02 71.58 -12.53
N GLN BC 202 -87.96 70.91 -11.38
CA GLN BC 202 -88.08 69.46 -11.39
C GLN BC 202 -89.47 69.01 -11.83
N GLN BC 203 -90.50 69.80 -11.53
CA GLN BC 203 -91.86 69.43 -11.88
C GLN BC 203 -92.15 69.62 -13.36
N LYS BC 204 -91.72 70.75 -13.94
CA LYS BC 204 -92.07 71.02 -15.33
C LYS BC 204 -91.29 70.14 -16.30
N LYS BC 205 -90.08 69.71 -15.92
CA LYS BC 205 -89.31 68.84 -16.80
C LYS BC 205 -89.70 67.38 -16.71
N ASP BC 206 -90.51 66.99 -15.73
CA ASP BC 206 -90.94 65.60 -15.62
C ASP BC 206 -92.45 65.42 -15.74
N HIS BC 207 -93.18 66.48 -16.06
CA HIS BC 207 -94.62 66.39 -16.24
C HIS BC 207 -94.97 66.15 -17.70
N GLU BC 208 -96.14 65.56 -17.92
CA GLU BC 208 -96.56 65.15 -19.24
C GLU BC 208 -97.46 66.20 -19.89
N LYS BC 209 -97.40 66.24 -21.22
CA LYS BC 209 -98.29 67.06 -22.04
C LYS BC 209 -99.39 66.16 -22.59
N ALA BC 210 -100.64 66.58 -22.42
CA ALA BC 210 -101.76 65.82 -22.94
C ALA BC 210 -102.95 66.75 -23.13
N GLU BC 211 -103.87 66.33 -24.00
CA GLU BC 211 -105.09 67.06 -24.29
C GLU BC 211 -106.26 66.39 -23.59
N PHE BC 212 -107.17 67.21 -23.04
CA PHE BC 212 -108.33 66.67 -22.36
C PHE BC 212 -109.11 65.75 -23.29
N GLU BC 213 -109.56 64.63 -22.76
CA GLU BC 213 -110.29 63.65 -23.57
C GLU BC 213 -111.72 63.54 -23.07
N VAL BC 214 -112.64 63.27 -24.00
CA VAL BC 214 -114.06 63.24 -23.68
C VAL BC 214 -114.37 61.99 -22.85
N HIS BC 215 -115.55 62.00 -22.22
CA HIS BC 215 -116.05 60.87 -21.44
C HIS BC 215 -115.07 60.46 -20.34
N GLU BC 216 -114.56 61.45 -19.61
CA GLU BC 216 -113.57 61.23 -18.56
C GLU BC 216 -113.98 61.92 -17.28
N VAL BC 217 -113.44 61.42 -16.17
CA VAL BC 217 -113.66 62.05 -14.86
C VAL BC 217 -112.44 62.90 -14.51
N TYR BC 218 -112.69 64.13 -14.05
CA TYR BC 218 -111.62 65.07 -13.75
C TYR BC 218 -111.79 65.56 -12.32
N ALA BC 219 -110.89 65.15 -11.44
CA ALA BC 219 -110.91 65.58 -10.04
C ALA BC 219 -110.06 66.82 -9.89
N VAL BC 220 -110.63 67.99 -10.20
CA VAL BC 220 -109.91 69.25 -10.27
C VAL BC 220 -109.81 69.82 -8.86
N ASP BC 221 -108.59 70.19 -8.46
CA ASP BC 221 -108.35 70.88 -7.20
C ASP BC 221 -107.63 72.19 -7.47
N VAL BC 222 -107.79 73.15 -6.57
CA VAL BC 222 -106.99 74.38 -6.58
C VAL BC 222 -106.48 74.63 -5.16
N LEU BC 223 -105.16 74.73 -5.03
CA LEU BC 223 -104.49 74.97 -3.76
C LEU BC 223 -103.72 76.28 -3.86
N VAL BC 224 -104.21 77.30 -3.17
CA VAL BC 224 -103.61 78.64 -3.22
C VAL BC 224 -103.24 79.07 -1.82
N SER BC 225 -102.02 79.57 -1.66
CA SER BC 225 -101.52 80.07 -0.38
C SER BC 225 -101.37 81.58 -0.43
N SER BC 226 -101.45 82.21 0.74
CA SER BC 226 -101.31 83.66 0.84
C SER BC 226 -99.86 84.12 1.02
N GLY BC 227 -98.94 83.22 1.33
CA GLY BC 227 -97.59 83.62 1.64
C GLY BC 227 -96.55 83.25 0.61
N GLU BC 228 -95.80 82.17 0.87
CA GLU BC 228 -94.65 81.80 0.05
C GLU BC 228 -94.86 80.54 -0.79
N GLY BC 229 -95.77 79.67 -0.39
CA GLY BC 229 -96.03 78.46 -1.15
C GLY BC 229 -95.10 77.30 -0.88
N LYS BC 230 -94.27 77.38 0.16
CA LYS BC 230 -93.36 76.30 0.52
C LYS BC 230 -93.85 75.61 1.77
N ALA BC 231 -93.85 74.29 1.77
CA ALA BC 231 -94.32 73.49 2.89
C ALA BC 231 -93.32 72.39 3.21
N LYS BC 232 -93.32 71.96 4.47
CA LYS BC 232 -92.43 70.92 4.95
C LYS BC 232 -93.15 70.16 6.05
N ASP BC 233 -92.40 69.38 6.82
CA ASP BC 233 -92.97 68.59 7.91
C ASP BC 233 -92.40 69.07 9.25
N ALA BC 234 -93.24 69.02 10.27
CA ALA BC 234 -92.88 69.41 11.62
C ALA BC 234 -92.95 68.22 12.58
N GLY BC 235 -92.68 67.03 12.08
CA GLY BC 235 -92.69 65.83 12.91
C GLY BC 235 -94.04 65.42 13.46
N GLN BC 236 -95.07 65.43 12.62
CA GLN BC 236 -96.37 64.90 12.98
C GLN BC 236 -96.62 63.61 12.20
N ARG BC 237 -97.20 62.63 12.88
CA ARG BC 237 -97.38 61.30 12.31
C ARG BC 237 -98.16 61.37 11.00
N THR BC 238 -97.63 60.71 9.97
CA THR BC 238 -98.34 60.58 8.71
C THR BC 238 -99.39 59.50 8.85
N THR BC 239 -100.65 59.86 8.55
CA THR BC 239 -101.78 58.97 8.78
C THR BC 239 -102.33 58.35 7.51
N ILE BC 240 -102.53 59.13 6.45
CA ILE BC 240 -103.22 58.65 5.27
C ILE BC 240 -102.25 57.80 4.44
N TYR BC 241 -102.65 56.57 4.16
CA TYR BC 241 -101.87 55.63 3.38
C TYR BC 241 -102.73 55.04 2.27
N LYS BC 242 -102.11 54.72 1.14
CA LYS BC 242 -102.79 54.05 0.05
C LYS BC 242 -101.93 52.89 -0.44
N ARG BC 243 -102.58 51.75 -0.68
CA ARG BC 243 -101.88 50.57 -1.19
C ARG BC 243 -101.57 50.75 -2.67
N ASP BC 244 -100.51 50.09 -3.13
CA ASP BC 244 -100.23 50.02 -4.55
C ASP BC 244 -100.34 48.58 -5.02
N PRO BC 245 -101.29 48.26 -5.90
CA PRO BC 245 -101.42 46.88 -6.38
C PRO BC 245 -100.41 46.51 -7.47
N SER BC 246 -99.39 47.33 -7.72
CA SER BC 246 -98.42 47.03 -8.76
C SER BC 246 -97.28 46.15 -8.22
N LYS BC 247 -96.60 46.62 -7.19
CA LYS BC 247 -95.49 45.88 -6.61
C LYS BC 247 -95.93 45.09 -5.37
N GLN BC 248 -95.05 44.22 -4.91
CA GLN BC 248 -95.40 43.24 -3.88
C GLN BC 248 -94.15 42.84 -3.10
N TYR BC 249 -94.29 42.79 -1.78
CA TYR BC 249 -93.26 42.23 -0.91
C TYR BC 249 -93.92 41.26 0.05
N GLY BC 250 -93.22 40.16 0.32
CA GLY BC 250 -93.74 39.16 1.23
C GLY BC 250 -93.50 39.53 2.68
N LEU BC 251 -94.54 39.99 3.35
CA LEU BC 251 -94.41 40.44 4.73
C LEU BC 251 -94.00 39.28 5.64
N LYS BC 252 -93.15 39.59 6.62
CA LYS BC 252 -92.67 38.60 7.57
C LYS BC 252 -93.31 38.70 8.94
N MET BC 253 -94.12 39.73 9.18
CA MET BC 253 -94.75 39.95 10.48
C MET BC 253 -96.21 39.54 10.42
N LYS BC 254 -96.67 38.87 11.49
CA LYS BC 254 -98.06 38.44 11.53
C LYS BC 254 -99.01 39.62 11.50
N THR BC 255 -98.66 40.72 12.18
CA THR BC 255 -99.53 41.89 12.17
C THR BC 255 -99.54 42.54 10.78
N SER BC 256 -98.40 42.52 10.08
CA SER BC 256 -98.32 43.18 8.78
C SER BC 256 -99.14 42.44 7.74
N ARG BC 257 -99.07 41.11 7.73
CA ARG BC 257 -99.93 40.31 6.87
C ARG BC 257 -101.39 40.51 7.24
N ALA BC 258 -101.69 40.53 8.53
CA ALA BC 258 -103.05 40.81 8.98
C ALA BC 258 -103.46 42.25 8.66
N PHE BC 259 -102.54 43.19 8.88
CA PHE BC 259 -102.81 44.58 8.50
C PHE BC 259 -102.97 44.72 6.99
N PHE BC 260 -102.14 44.01 6.24
CA PHE BC 260 -102.24 44.06 4.78
C PHE BC 260 -103.48 43.32 4.29
N SER BC 261 -103.88 42.26 5.00
CA SER BC 261 -105.11 41.56 4.64
C SER BC 261 -106.33 42.43 4.89
N GLU BC 262 -106.36 43.14 6.02
CA GLU BC 262 -107.51 43.96 6.35
C GLU BC 262 -107.58 45.20 5.45
N VAL BC 263 -106.42 45.75 5.08
CA VAL BC 263 -106.39 46.88 4.17
C VAL BC 263 -106.94 46.46 2.81
N GLU BC 264 -106.53 45.29 2.31
CA GLU BC 264 -107.01 44.81 1.01
C GLU BC 264 -108.50 44.55 1.03
N ARG BC 265 -109.04 44.09 2.17
CA ARG BC 265 -110.45 43.75 2.24
C ARG BC 265 -111.33 45.00 2.25
N ARG BC 266 -110.89 46.06 2.93
CA ARG BC 266 -111.72 47.23 3.16
C ARG BC 266 -111.38 48.41 2.27
N PHE BC 267 -110.09 48.70 2.09
CA PHE BC 267 -109.62 49.90 1.38
C PHE BC 267 -108.65 49.50 0.28
N ASP BC 268 -109.07 48.54 -0.55
CA ASP BC 268 -108.20 47.83 -1.48
C ASP BC 268 -107.16 48.71 -2.18
N ALA BC 269 -107.62 49.78 -2.84
CA ALA BC 269 -106.71 50.64 -3.59
C ALA BC 269 -106.89 52.13 -3.30
N MET BC 270 -107.92 52.53 -2.56
CA MET BC 270 -108.13 53.95 -2.31
C MET BC 270 -107.45 54.37 -1.01
N PRO BC 271 -106.98 55.62 -0.91
CA PRO BC 271 -106.21 56.03 0.26
C PRO BC 271 -107.06 56.03 1.53
N PHE BC 272 -106.59 55.33 2.55
CA PHE BC 272 -107.31 55.15 3.80
C PHE BC 272 -106.65 55.96 4.91
N THR BC 273 -107.28 55.96 6.08
CA THR BC 273 -106.80 56.66 7.26
C THR BC 273 -106.75 55.69 8.43
N LEU BC 274 -105.68 55.80 9.22
CA LEU BC 274 -105.44 54.90 10.34
C LEU BC 274 -106.48 55.03 11.46
N ARG BC 275 -107.47 55.91 11.31
CA ARG BC 275 -108.58 55.97 12.26
C ARG BC 275 -109.52 54.78 12.15
N ALA BC 276 -109.35 53.93 11.13
CA ALA BC 276 -110.29 52.86 10.83
C ALA BC 276 -109.92 51.54 11.49
N PHE BC 277 -109.32 51.59 12.67
CA PHE BC 277 -108.86 50.39 13.34
C PHE BC 277 -109.21 50.39 14.82
N GLU BC 280 -106.33 50.03 16.51
CA GLU BC 280 -105.33 51.09 16.31
C GLU BC 280 -103.99 50.65 16.87
N LYS BC 281 -104.03 49.77 17.87
CA LYS BC 281 -102.81 49.24 18.46
C LYS BC 281 -102.01 48.42 17.43
N LYS BC 282 -102.71 47.56 16.68
CA LYS BC 282 -102.04 46.74 15.68
C LYS BC 282 -101.86 47.48 14.36
N ALA BC 283 -102.64 48.54 14.12
CA ALA BC 283 -102.56 49.26 12.85
C ALA BC 283 -101.26 50.04 12.74
N ARG BC 284 -100.87 50.72 13.82
CA ARG BC 284 -99.68 51.55 13.78
C ARG BC 284 -98.41 50.73 13.58
N MET BC 285 -98.32 49.55 14.21
CA MET BC 285 -97.07 48.80 14.14
C MET BC 285 -97.01 47.97 12.86
N GLY BC 286 -98.17 47.68 12.27
CA GLY BC 286 -98.18 47.03 10.98
C GLY BC 286 -97.81 47.96 9.84
N VAL BC 287 -97.98 49.27 10.04
CA VAL BC 287 -97.79 50.21 8.94
C VAL BC 287 -96.30 50.43 8.66
N VAL BC 288 -95.46 50.31 9.68
CA VAL BC 288 -94.04 50.66 9.51
C VAL BC 288 -93.36 49.66 8.58
N GLU BC 289 -93.71 48.38 8.69
CA GLU BC 289 -93.09 47.37 7.84
C GLU BC 289 -93.57 47.49 6.40
N CYS BC 290 -94.89 47.68 6.21
CA CYS BC 290 -95.43 47.78 4.86
C CYS BC 290 -94.93 49.04 4.17
N ALA BC 291 -94.91 50.17 4.88
CA ALA BC 291 -94.45 51.42 4.28
C ALA BC 291 -92.95 51.39 4.01
N LYS BC 292 -92.17 50.74 4.87
CA LYS BC 292 -90.73 50.63 4.65
C LYS BC 292 -90.45 49.96 3.32
N HIS BC 293 -91.17 48.89 2.99
CA HIS BC 293 -91.06 48.23 1.71
C HIS BC 293 -92.06 48.80 0.70
N GLU BC 294 -92.45 50.07 0.89
CA GLU BC 294 -93.22 50.85 -0.09
C GLU BC 294 -94.48 50.14 -0.58
N LEU BC 295 -94.95 49.14 0.16
CA LEU BC 295 -96.22 48.51 -0.17
C LEU BC 295 -97.40 49.46 -0.02
N LEU BC 296 -97.23 50.55 0.72
CA LEU BC 296 -98.20 51.63 0.80
C LEU BC 296 -97.50 52.94 0.50
N GLN BC 297 -98.16 53.78 -0.30
CA GLN BC 297 -97.62 55.11 -0.57
C GLN BC 297 -98.24 56.10 0.41
N PRO BC 298 -97.45 56.76 1.25
CA PRO BC 298 -98.02 57.62 2.29
C PRO BC 298 -98.54 58.95 1.75
N PHE BC 299 -99.26 59.65 2.63
CA PHE BC 299 -99.74 61.00 2.39
C PHE BC 299 -99.35 61.83 3.62
N ASN BC 300 -98.16 62.42 3.59
CA ASN BC 300 -97.66 63.13 4.75
C ASN BC 300 -98.39 64.46 4.94
N VAL BC 301 -98.27 65.01 6.14
CA VAL BC 301 -98.82 66.32 6.46
C VAL BC 301 -97.83 67.39 6.02
N LEU BC 302 -98.35 68.49 5.50
CA LEU BC 302 -97.52 69.59 5.02
C LEU BC 302 -97.95 70.88 5.72
N TYR BC 303 -97.03 71.45 6.49
CA TYR BC 303 -97.29 72.66 7.25
C TYR BC 303 -96.71 73.85 6.53
N GLU BC 304 -97.41 74.98 6.59
CA GLU BC 304 -96.87 76.24 6.11
C GLU BC 304 -96.24 77.00 7.29
N LYS BC 305 -95.85 78.24 7.04
CA LYS BC 305 -95.24 79.04 8.08
C LYS BC 305 -96.32 79.61 9.01
N GLU BC 306 -95.89 79.98 10.22
CA GLU BC 306 -96.78 80.59 11.18
C GLU BC 306 -97.29 81.92 10.66
N GLY BC 307 -98.60 82.15 10.77
CA GLY BC 307 -99.22 83.32 10.23
C GLY BC 307 -99.53 83.24 8.75
N GLU BC 308 -99.22 82.12 8.10
CA GLU BC 308 -99.60 81.92 6.71
C GLU BC 308 -100.94 81.20 6.62
N PHE BC 309 -101.69 81.53 5.57
CA PHE BC 309 -103.01 80.99 5.31
C PHE BC 309 -103.04 80.30 3.95
N VAL BC 310 -103.81 79.21 3.89
CA VAL BC 310 -103.95 78.42 2.67
C VAL BC 310 -105.43 78.21 2.38
N ALA BC 311 -105.74 77.98 1.11
CA ALA BC 311 -107.11 77.79 0.66
C ALA BC 311 -107.18 76.60 -0.27
N GLN BC 312 -108.39 76.07 -0.47
CA GLN BC 312 -108.55 74.85 -1.25
C GLN BC 312 -109.97 74.77 -1.78
N PHE BC 313 -110.12 74.31 -3.02
CA PHE BC 313 -111.40 73.93 -3.59
C PHE BC 313 -111.18 72.79 -4.56
N LYS BC 314 -111.94 71.70 -4.39
CA LYS BC 314 -111.84 70.56 -5.30
C LYS BC 314 -113.23 70.04 -5.62
N PHE BC 315 -113.42 69.64 -6.88
CA PHE BC 315 -114.67 69.06 -7.32
C PHE BC 315 -114.38 68.02 -8.39
N THR BC 316 -115.29 67.05 -8.53
CA THR BC 316 -115.22 66.10 -9.62
C THR BC 316 -116.21 66.53 -10.71
N VAL BC 317 -115.75 66.48 -11.97
CA VAL BC 317 -116.54 66.93 -13.10
C VAL BC 317 -116.44 65.87 -14.20
N LEU BC 318 -117.56 65.64 -14.88
CA LEU BC 318 -117.64 64.68 -15.97
C LEU BC 318 -117.63 65.41 -17.29
N LEU BC 319 -116.83 64.92 -18.24
CA LEU BC 319 -116.63 65.58 -19.52
C LEU BC 319 -117.54 64.93 -20.57
N MET BC 320 -118.62 65.62 -20.90
CA MET BC 320 -119.43 65.20 -22.04
C MET BC 320 -119.12 66.05 -23.27
N PRO BC 321 -119.40 65.54 -24.46
CA PRO BC 321 -119.10 66.32 -25.67
C PRO BC 321 -119.78 67.68 -25.74
N ASN BC 322 -120.99 67.80 -25.19
CA ASN BC 322 -121.76 69.02 -25.35
C ASN BC 322 -121.46 70.08 -24.29
N GLY BC 323 -120.97 69.67 -23.12
CA GLY BC 323 -120.64 70.61 -22.08
C GLY BC 323 -120.43 69.96 -20.72
N PRO BC 324 -119.41 70.42 -20.00
CA PRO BC 324 -119.12 69.83 -18.69
C PRO BC 324 -120.15 70.23 -17.65
N MET BC 325 -120.34 69.34 -16.68
CA MET BC 325 -121.23 69.60 -15.55
C MET BC 325 -120.53 69.19 -14.27
N ARG BC 326 -120.42 70.13 -13.34
CA ARG BC 326 -119.78 69.93 -12.05
C ARG BC 326 -120.82 69.47 -11.05
N ILE BC 327 -120.78 68.19 -10.69
CA ILE BC 327 -121.80 67.60 -9.81
C ILE BC 327 -121.60 67.97 -8.35
N THR BC 328 -120.42 68.42 -7.95
CA THR BC 328 -120.13 68.72 -6.55
C THR BC 328 -119.67 70.16 -6.43
N SER BC 329 -120.20 70.88 -5.44
CA SER BC 329 -119.87 72.28 -5.27
C SER BC 329 -120.00 72.66 -3.80
N GLY BC 330 -119.33 73.75 -3.44
CA GLY BC 330 -119.38 74.29 -2.10
C GLY BC 330 -120.11 75.62 -2.05
N PRO BC 331 -120.78 75.91 -0.94
CA PRO BC 331 -121.60 77.13 -0.83
C PRO BC 331 -120.79 78.41 -0.61
N PHE BC 332 -120.32 78.98 -1.72
CA PHE BC 332 -119.59 80.24 -1.71
C PHE BC 332 -120.45 81.36 -2.29
N GLU BC 333 -120.37 82.53 -1.64
CA GLU BC 333 -121.14 83.68 -2.07
C GLU BC 333 -120.26 84.92 -2.14
N PRO BC 334 -120.36 85.72 -3.20
CA PRO BC 334 -119.53 86.93 -3.31
C PRO BC 334 -120.08 88.13 -2.54
N ASP BC 335 -121.36 88.12 -2.17
CA ASP BC 335 -121.93 89.25 -1.45
C ASP BC 335 -121.44 89.36 -0.01
N LEU BC 336 -121.17 88.23 0.64
CA LEU BC 336 -120.66 88.24 2.02
C LEU BC 336 -119.15 88.09 2.09
N TYR BC 337 -118.45 88.30 0.97
CA TYR BC 337 -117.00 88.09 0.95
C TYR BC 337 -116.40 88.91 -0.18
N LYS BC 338 -115.62 89.93 0.18
CA LYS BC 338 -115.02 90.85 -0.79
C LYS BC 338 -113.51 90.83 -0.70
N SER BC 339 -112.83 91.54 -1.59
CA SER BC 339 -111.37 91.59 -1.61
C SER BC 339 -110.93 93.01 -1.96
N GLU BC 340 -109.69 93.32 -1.59
CA GLU BC 340 -109.16 94.67 -1.78
C GLU BC 340 -108.38 94.83 -3.07
N MET BC 341 -107.92 93.74 -3.69
CA MET BC 341 -107.35 93.78 -5.03
C MET BC 341 -108.28 93.01 -5.97
N GLU BC 342 -108.39 93.51 -7.20
CA GLU BC 342 -109.29 92.96 -8.21
C GLU BC 342 -108.48 92.43 -9.39
N VAL BC 343 -109.21 91.94 -10.40
CA VAL BC 343 -108.61 91.35 -11.58
C VAL BC 343 -108.19 92.45 -12.55
N GLN BC 344 -107.06 92.25 -13.22
CA GLN BC 344 -106.51 93.24 -14.13
C GLN BC 344 -106.30 92.75 -15.56
N ASP BC 345 -106.41 91.45 -15.81
CA ASP BC 345 -106.11 90.89 -17.13
C ASP BC 345 -107.38 90.73 -17.96
N ALA BC 346 -107.30 91.15 -19.22
CA ALA BC 346 -108.46 91.10 -20.10
C ALA BC 346 -108.89 89.67 -20.39
N GLU BC 347 -107.94 88.77 -20.62
CA GLU BC 347 -108.28 87.39 -20.93
C GLU BC 347 -108.99 86.73 -19.74
N LEU BC 348 -108.57 87.07 -18.52
CA LEU BC 348 -109.27 86.57 -17.34
C LEU BC 348 -110.70 87.10 -17.28
N LYS BC 349 -110.90 88.35 -17.71
CA LYS BC 349 -112.25 88.90 -17.76
C LYS BC 349 -113.16 88.06 -18.64
N ALA BC 350 -112.68 87.71 -19.84
CA ALA BC 350 -113.53 87.02 -20.81
C ALA BC 350 -113.99 85.66 -20.28
N LEU BC 351 -113.12 84.93 -19.60
CA LEU BC 351 -113.46 83.58 -19.16
C LEU BC 351 -114.38 83.58 -17.94
N LEU BC 352 -114.55 84.73 -17.29
CA LEU BC 352 -115.43 84.76 -16.12
C LEU BC 352 -116.83 85.23 -16.48
N GLN BC 353 -116.95 86.20 -17.41
CA GLN BC 353 -118.26 86.61 -17.87
C GLN BC 353 -118.96 85.55 -18.72
N SER BC 354 -118.21 84.79 -19.50
CA SER BC 354 -118.79 83.73 -20.30
C SER BC 354 -119.27 82.60 -19.39
N SER BC 355 -120.45 82.08 -19.69
CA SER BC 355 -121.07 81.02 -18.88
C SER BC 355 -121.07 79.71 -19.67
N ALA BC 356 -121.70 78.70 -19.08
CA ALA BC 356 -121.84 77.40 -19.72
C ALA BC 356 -123.06 76.66 -19.16
N ASP CC 1 50.88 10.57 -79.09
CA ASP CC 1 51.38 9.42 -79.85
C ASP CC 1 50.63 9.26 -81.17
N ARG CC 2 49.48 9.91 -81.27
CA ARG CC 2 48.72 9.90 -82.52
C ARG CC 2 49.51 10.55 -83.64
N ALA CC 3 50.06 11.74 -83.38
CA ALA CC 3 50.82 12.45 -84.41
C ALA CC 3 52.07 11.66 -84.81
N THR CC 4 52.74 11.05 -83.83
CA THR CC 4 53.91 10.23 -84.14
C THR CC 4 53.53 9.01 -84.97
N TRP CC 5 52.46 8.32 -84.57
CA TRP CC 5 52.05 7.12 -85.29
C TRP CC 5 51.65 7.44 -86.74
N LYS CC 6 50.89 8.52 -86.93
CA LYS CC 6 50.48 8.91 -88.28
C LYS CC 6 51.69 9.25 -89.13
N SER CC 7 52.64 10.01 -88.58
CA SER CC 7 53.86 10.32 -89.32
C SER CC 7 54.67 9.07 -89.59
N ASN CC 8 54.77 8.18 -88.61
CA ASN CC 8 55.52 6.94 -88.80
C ASN CC 8 54.95 6.12 -89.94
N TYR CC 9 53.62 6.06 -90.04
CA TYR CC 9 53.02 5.36 -91.17
C TYR CC 9 53.35 6.06 -92.48
N PHE CC 10 53.43 7.41 -92.46
CA PHE CC 10 53.86 8.12 -93.65
C PHE CC 10 55.27 7.70 -94.05
N LEU CC 11 56.19 7.64 -93.09
CA LEU CC 11 57.55 7.18 -93.39
C LEU CC 11 57.55 5.73 -93.85
N LYS CC 12 56.73 4.87 -93.24
CA LYS CC 12 56.74 3.46 -93.61
C LYS CC 12 56.25 3.27 -95.04
N ILE CC 13 55.13 3.88 -95.40
CA ILE CC 13 54.63 3.76 -96.76
C ILE CC 13 55.58 4.43 -97.75
N ILE CC 14 56.32 5.43 -97.30
CA ILE CC 14 57.22 6.14 -98.20
C ILE CC 14 58.45 5.29 -98.49
N GLN CC 15 59.14 4.84 -97.44
CA GLN CC 15 60.43 4.17 -97.67
C GLN CC 15 60.25 2.71 -98.11
N LEU CC 16 59.07 2.13 -97.90
CA LEU CC 16 58.79 0.82 -98.49
C LEU CC 16 58.27 0.89 -99.91
N LEU CC 17 57.45 1.88 -100.26
CA LEU CC 17 56.98 1.97 -101.63
C LEU CC 17 58.09 2.39 -102.58
N ASP CC 18 59.12 3.06 -102.08
CA ASP CC 18 60.30 3.35 -102.90
C ASP CC 18 61.03 2.08 -103.30
N ASP CC 19 61.01 1.06 -102.44
CA ASP CC 19 61.77 -0.16 -102.70
C ASP CC 19 61.02 -1.08 -103.66
N TYR CC 20 59.78 -1.43 -103.33
CA TYR CC 20 59.06 -2.45 -104.08
C TYR CC 20 58.31 -1.81 -105.25
N PRO CC 21 58.63 -2.15 -106.50
CA PRO CC 21 57.93 -1.54 -107.64
C PRO CC 21 56.68 -2.28 -108.06
N LYS CC 22 56.57 -3.55 -107.68
CA LYS CC 22 55.44 -4.40 -108.04
C LYS CC 22 54.46 -4.47 -106.88
N CYS CC 23 53.18 -4.35 -107.20
CA CYS CC 23 52.15 -4.28 -106.18
C CYS CC 23 50.88 -4.92 -106.72
N PHE CC 24 50.04 -5.39 -105.81
CA PHE CC 24 48.67 -5.75 -106.11
C PHE CC 24 47.74 -4.94 -105.22
N ILE CC 25 46.65 -4.46 -105.81
CA ILE CC 25 45.58 -3.83 -105.02
C ILE CC 25 44.65 -4.95 -104.57
N VAL CC 26 44.59 -5.17 -103.25
CA VAL CC 26 43.93 -6.33 -102.69
C VAL CC 26 42.93 -5.89 -101.63
N GLY CC 27 41.73 -6.47 -101.68
CA GLY CC 27 40.67 -6.09 -100.79
C GLY CC 27 40.53 -6.96 -99.56
N ALA CC 28 40.34 -6.34 -98.40
CA ALA CC 28 40.16 -7.07 -97.13
C ALA CC 28 38.66 -7.30 -96.90
N ASP CC 29 38.22 -8.50 -97.27
CA ASP CC 29 36.85 -8.94 -97.07
C ASP CC 29 36.70 -9.42 -95.62
N ASN CC 30 35.66 -10.20 -95.32
CA ASN CC 30 35.42 -10.63 -93.93
C ASN CC 30 36.56 -11.58 -93.56
N VAL CC 31 37.69 -10.97 -93.19
CA VAL CC 31 38.95 -11.67 -93.03
C VAL CC 31 39.42 -11.50 -91.59
N GLY CC 32 39.50 -12.60 -90.86
CA GLY CC 32 39.91 -12.54 -89.48
C GLY CC 32 41.36 -12.13 -89.32
N SER CC 33 41.66 -11.51 -88.17
CA SER CC 33 43.02 -11.12 -87.88
C SER CC 33 43.92 -12.33 -87.72
N LYS CC 34 43.41 -13.39 -87.10
CA LYS CC 34 44.20 -14.61 -86.94
C LYS CC 34 44.55 -15.21 -88.30
N GLN CC 35 43.62 -15.16 -89.26
CA GLN CC 35 43.94 -15.72 -90.57
C GLN CC 35 44.80 -14.75 -91.39
N MET CC 36 44.63 -13.44 -91.20
CA MET CC 36 45.64 -12.49 -91.69
C MET CC 36 46.97 -12.69 -90.99
N GLN CC 37 46.94 -13.15 -89.74
CA GLN CC 37 48.18 -13.35 -88.99
C GLN CC 37 49.07 -14.38 -89.69
N GLN CC 38 48.47 -15.42 -90.25
CA GLN CC 38 49.27 -16.48 -90.87
C GLN CC 38 49.69 -16.13 -92.29
N ILE CC 39 48.87 -15.42 -93.06
CA ILE CC 39 49.30 -15.00 -94.39
C ILE CC 39 50.48 -14.04 -94.29
N ARG CC 40 50.42 -13.09 -93.37
CA ARG CC 40 51.57 -12.21 -93.14
C ARG CC 40 52.83 -13.03 -92.91
N MET CC 41 52.75 -14.03 -92.02
CA MET CC 41 53.84 -14.98 -91.86
C MET CC 41 54.10 -15.79 -93.12
N SER CC 42 53.03 -16.24 -93.79
CA SER CC 42 53.20 -17.13 -94.93
C SER CC 42 53.86 -16.39 -96.10
N LEU CC 43 53.58 -15.10 -96.24
CA LEU CC 43 54.27 -14.30 -97.25
C LEU CC 43 55.54 -13.65 -96.73
N ARG CC 44 55.88 -13.84 -95.45
CA ARG CC 44 56.99 -13.10 -94.84
C ARG CC 44 58.31 -13.39 -95.56
N GLY CC 45 58.45 -14.59 -96.14
CA GLY CC 45 59.65 -14.88 -96.89
C GLY CC 45 59.67 -14.24 -98.26
N LYS CC 46 58.51 -14.02 -98.86
CA LYS CC 46 58.41 -13.62 -100.25
C LYS CC 46 58.08 -12.13 -100.40
N ALA CC 47 56.98 -11.68 -99.79
CA ALA CC 47 56.58 -10.28 -99.91
C ALA CC 47 56.25 -9.67 -98.55
N VAL CC 48 55.69 -8.46 -98.55
CA VAL CC 48 55.22 -7.81 -97.34
C VAL CC 48 53.85 -7.19 -97.63
N VAL CC 49 52.91 -7.37 -96.71
CA VAL CC 49 51.56 -6.85 -96.84
C VAL CC 49 51.42 -5.66 -95.91
N LEU CC 50 51.06 -4.51 -96.47
CA LEU CC 50 50.89 -3.27 -95.72
C LEU CC 50 49.65 -2.57 -96.20
N MET CC 51 48.88 -2.01 -95.26
CA MET CC 51 47.78 -1.12 -95.59
C MET CC 51 47.29 -0.45 -94.31
N GLY CC 52 46.44 0.56 -94.48
CA GLY CC 52 45.87 1.29 -93.38
C GLY CC 52 44.64 2.04 -93.86
N LYS CC 53 44.45 3.27 -93.39
CA LYS CC 53 43.37 4.09 -93.91
C LYS CC 53 43.61 4.37 -95.39
N ASN CC 54 42.58 4.27 -96.21
CA ASN CC 54 42.74 4.57 -97.63
C ASN CC 54 42.99 6.05 -97.85
N THR CC 55 42.52 6.91 -96.94
CA THR CC 55 42.89 8.31 -96.96
C THR CC 55 44.36 8.50 -96.62
N MET CC 56 44.85 7.72 -95.64
CA MET CC 56 46.27 7.69 -95.32
C MET CC 56 47.12 7.40 -96.55
N MET CC 57 46.77 6.36 -97.30
CA MET CC 57 47.49 6.04 -98.53
C MET CC 57 47.40 7.20 -99.51
N ARG CC 58 46.20 7.74 -99.70
CA ARG CC 58 45.95 8.71 -100.75
C ARG CC 58 46.80 9.96 -100.58
N LYS CC 59 46.91 10.47 -99.35
CA LYS CC 59 47.73 11.65 -99.12
C LYS CC 59 49.21 11.29 -99.13
N ALA CC 60 49.54 10.04 -98.78
CA ALA CC 60 50.93 9.64 -98.72
C ALA CC 60 51.59 9.64 -100.08
N ILE CC 61 50.97 8.98 -101.06
CA ILE CC 61 51.55 8.76 -102.37
C ILE CC 61 51.00 9.72 -103.42
N ARG CC 62 50.46 10.86 -102.98
CA ARG CC 62 50.07 11.93 -103.90
C ARG CC 62 50.86 13.21 -103.69
N GLY CC 63 51.20 13.55 -102.45
CA GLY CC 63 51.92 14.78 -102.18
C GLY CC 63 53.41 14.62 -101.95
N HIS CC 64 53.86 13.41 -101.61
CA HIS CC 64 55.29 13.21 -101.37
C HIS CC 64 55.98 12.47 -102.51
N LEU CC 65 55.23 12.06 -103.54
CA LEU CC 65 55.83 11.38 -104.69
C LEU CC 65 55.64 12.17 -105.98
N GLU CC 66 55.89 13.48 -105.93
CA GLU CC 66 56.03 14.26 -107.16
C GLU CC 66 57.35 13.95 -107.85
N ASN CC 67 58.30 13.37 -107.10
CA ASN CC 67 59.57 12.97 -107.68
C ASN CC 67 59.43 11.76 -108.60
N ASN CC 68 58.56 10.81 -108.27
CA ASN CC 68 58.34 9.62 -109.10
C ASN CC 68 56.85 9.48 -109.43
N PRO CC 69 56.37 10.17 -110.47
CA PRO CC 69 55.06 9.89 -111.02
C PRO CC 69 54.90 8.47 -111.57
N ALA CC 70 53.75 8.22 -112.20
CA ALA CC 70 53.23 6.95 -112.71
C ALA CC 70 52.57 6.13 -111.61
N LEU CC 71 52.59 6.61 -110.37
CA LEU CC 71 51.77 6.04 -109.31
C LEU CC 71 50.50 6.82 -109.06
N GLU CC 72 50.24 7.86 -109.85
CA GLU CC 72 48.96 8.55 -109.77
C GLU CC 72 47.82 7.67 -110.27
N LYS CC 73 48.12 6.62 -111.03
CA LYS CC 73 47.10 5.67 -111.45
C LYS CC 73 46.58 4.84 -110.28
N LEU CC 74 47.27 4.83 -109.14
CA LEU CC 74 46.74 4.21 -107.94
C LEU CC 74 45.63 5.03 -107.31
N LEU CC 75 45.56 6.32 -107.63
CA LEU CC 75 44.68 7.23 -106.90
C LEU CC 75 43.20 6.89 -107.07
N PRO CC 76 42.66 6.72 -108.28
CA PRO CC 76 41.24 6.36 -108.40
C PRO CC 76 40.94 4.89 -108.14
N HIS CC 77 41.94 4.10 -107.78
CA HIS CC 77 41.77 2.67 -107.52
C HIS CC 77 41.78 2.31 -106.04
N ILE CC 78 42.37 3.14 -105.19
CA ILE CC 78 42.42 2.84 -103.74
C ILE CC 78 41.10 3.36 -103.16
N ARG CC 79 40.09 2.49 -103.19
CA ARG CC 79 38.77 2.80 -102.66
C ARG CC 79 38.28 1.60 -101.85
N GLY CC 80 37.52 1.86 -100.80
CA GLY CC 80 37.00 0.79 -99.98
C GLY CC 80 38.07 0.15 -99.13
N ASN CC 81 37.72 -1.01 -98.57
CA ASN CC 81 38.65 -1.77 -97.75
C ASN CC 81 39.72 -2.37 -98.67
N VAL CC 82 40.81 -1.64 -98.84
CA VAL CC 82 41.81 -1.95 -99.84
C VAL CC 82 43.18 -2.02 -99.18
N GLY CC 83 44.12 -2.70 -99.85
CA GLY CC 83 45.43 -2.94 -99.30
C GLY CC 83 46.48 -3.09 -100.36
N PHE CC 84 47.73 -3.11 -99.91
CA PHE CC 84 48.90 -3.29 -100.76
C PHE CC 84 49.62 -4.56 -100.31
N VAL CC 85 49.91 -5.44 -101.27
CA VAL CC 85 50.90 -6.48 -101.06
C VAL CC 85 52.14 -6.12 -101.87
N PHE CC 86 53.27 -5.98 -101.17
CA PHE CC 86 54.49 -5.41 -101.73
C PHE CC 86 55.44 -6.57 -102.03
N THR CC 87 55.60 -6.90 -103.30
CA THR CC 87 56.35 -8.09 -103.68
C THR CC 87 57.54 -7.73 -104.57
N LYS CC 88 58.56 -8.59 -104.51
CA LYS CC 88 59.74 -8.47 -105.34
C LYS CC 88 59.91 -9.61 -106.33
N GLU CC 89 59.24 -10.74 -106.11
CA GLU CC 89 59.37 -11.89 -106.99
C GLU CC 89 58.30 -11.82 -108.08
N ASP CC 90 58.19 -12.87 -108.89
CA ASP CC 90 57.25 -12.86 -110.00
C ASP CC 90 55.81 -12.75 -109.50
N LEU CC 91 55.01 -11.97 -110.22
CA LEU CC 91 53.62 -11.74 -109.82
C LEU CC 91 52.79 -13.01 -109.89
N THR CC 92 53.03 -13.86 -110.89
CA THR CC 92 52.18 -15.02 -111.11
C THR CC 92 52.24 -16.00 -109.94
N GLU CC 93 53.44 -16.22 -109.39
CA GLU CC 93 53.56 -17.17 -108.30
C GLU CC 93 52.87 -16.69 -107.04
N ILE CC 94 53.10 -15.43 -106.65
CA ILE CC 94 52.45 -14.92 -105.44
C ILE CC 94 50.95 -14.77 -105.67
N ARG CC 95 50.53 -14.70 -106.94
CA ARG CC 95 49.10 -14.70 -107.23
C ARG CC 95 48.44 -16.02 -106.82
N ASP CC 96 48.96 -17.14 -107.30
CA ASP CC 96 48.35 -18.42 -106.97
C ASP CC 96 48.67 -18.82 -105.54
N MET CC 97 49.81 -18.38 -105.01
CA MET CC 97 50.13 -18.63 -103.62
C MET CC 97 49.18 -17.89 -102.69
N LEU CC 98 48.76 -16.67 -103.07
CA LEU CC 98 47.67 -16.01 -102.36
C LEU CC 98 46.37 -16.78 -102.51
N LEU CC 99 46.09 -17.27 -103.71
CA LEU CC 99 44.87 -18.05 -103.92
C LEU CC 99 44.96 -19.40 -103.21
N ALA CC 100 46.17 -19.94 -103.07
CA ALA CC 100 46.33 -21.21 -102.38
C ALA CC 100 46.09 -21.05 -100.87
N ASN CC 101 46.41 -19.87 -100.33
CA ASN CC 101 46.23 -19.61 -98.90
C ASN CC 101 44.80 -19.12 -98.65
N LYS CC 102 43.87 -20.05 -98.73
CA LYS CC 102 42.49 -19.79 -98.35
C LYS CC 102 42.20 -20.36 -96.97
N VAL CC 103 41.18 -19.81 -96.32
CA VAL CC 103 40.85 -20.22 -94.96
C VAL CC 103 39.47 -20.88 -94.96
N PRO CC 104 39.29 -21.99 -94.25
CA PRO CC 104 37.93 -22.52 -94.05
C PRO CC 104 37.21 -21.77 -92.93
N ALA CC 105 36.76 -20.56 -93.25
CA ALA CC 105 36.12 -19.71 -92.26
C ALA CC 105 34.81 -20.32 -91.80
N ALA CC 106 34.53 -20.15 -90.51
CA ALA CC 106 33.27 -20.61 -89.94
C ALA CC 106 32.15 -19.64 -90.31
N ALA CC 107 30.97 -19.87 -89.75
CA ALA CC 107 29.81 -19.03 -89.99
C ALA CC 107 29.54 -18.20 -88.74
N ARG CC 108 29.82 -16.90 -88.82
CA ARG CC 108 29.49 -15.98 -87.74
C ARG CC 108 28.01 -15.64 -87.80
N ALA CC 109 27.39 -15.50 -86.63
CA ALA CC 109 25.99 -15.10 -86.57
C ALA CC 109 25.84 -13.66 -87.05
N GLY CC 110 24.88 -13.43 -87.95
CA GLY CC 110 24.63 -12.12 -88.51
C GLY CC 110 25.28 -11.89 -89.86
N ALA CC 111 26.21 -12.73 -90.28
CA ALA CC 111 26.89 -12.57 -91.55
C ALA CC 111 26.05 -13.15 -92.68
N ILE CC 112 26.12 -12.52 -93.85
CA ILE CC 112 25.42 -13.05 -95.02
C ILE CC 112 26.21 -14.22 -95.60
N ALA CC 113 25.50 -15.12 -96.26
CA ALA CC 113 26.10 -16.32 -96.84
C ALA CC 113 25.98 -16.29 -98.36
N PRO CC 114 27.05 -15.96 -99.09
CA PRO CC 114 27.00 -15.99 -100.55
C PRO CC 114 27.11 -17.38 -101.14
N CYS CC 115 27.57 -18.36 -100.36
CA CYS CC 115 27.76 -19.73 -100.83
C CYS CC 115 26.71 -20.63 -100.21
N GLU CC 116 26.39 -21.72 -100.89
CA GLU CC 116 25.37 -22.68 -100.45
C GLU CC 116 26.06 -23.91 -99.90
N VAL CC 117 25.66 -24.32 -98.69
CA VAL CC 117 26.12 -25.56 -98.09
C VAL CC 117 24.91 -26.33 -97.57
N THR CC 118 24.93 -27.65 -97.73
CA THR CC 118 23.84 -28.52 -97.34
C THR CC 118 24.41 -29.80 -96.75
N VAL CC 119 24.02 -30.11 -95.52
CA VAL CC 119 24.57 -31.29 -94.85
C VAL CC 119 23.96 -32.56 -95.45
N PRO CC 120 24.79 -33.54 -95.83
CA PRO CC 120 24.25 -34.81 -96.35
C PRO CC 120 23.74 -35.71 -95.23
N ALA CC 121 23.40 -36.94 -95.57
CA ALA CC 121 22.98 -37.95 -94.59
C ALA CC 121 24.20 -38.81 -94.25
N GLN CC 122 24.85 -38.50 -93.13
CA GLN CC 122 26.04 -39.21 -92.69
C GLN CC 122 25.99 -39.32 -91.16
N ASN CC 123 26.83 -40.20 -90.62
CA ASN CC 123 26.91 -40.32 -89.16
C ASN CC 123 27.91 -39.28 -88.67
N THR CC 124 27.42 -38.34 -87.86
CA THR CC 124 28.25 -37.23 -87.42
C THR CC 124 29.28 -37.65 -86.38
N GLY CC 125 28.91 -38.56 -85.48
CA GLY CC 125 29.78 -38.94 -84.38
C GLY CC 125 29.55 -38.17 -83.10
N LEU CC 126 28.66 -37.19 -83.11
CA LEU CC 126 28.39 -36.42 -81.90
C LEU CC 126 27.61 -37.25 -80.89
N GLY CC 127 27.80 -36.91 -79.62
CA GLY CC 127 27.20 -37.65 -78.54
C GLY CC 127 25.69 -37.47 -78.47
N PRO CC 128 25.02 -38.30 -77.68
CA PRO CC 128 23.55 -38.21 -77.55
C PRO CC 128 23.12 -37.13 -76.57
N GLU CC 129 23.64 -35.92 -76.77
CA GLU CC 129 23.20 -34.75 -76.02
C GLU CC 129 23.02 -33.52 -76.89
N LYS CC 130 23.31 -33.59 -78.18
CA LYS CC 130 23.21 -32.44 -79.09
C LYS CC 130 22.01 -32.53 -80.01
N THR CC 131 21.04 -33.38 -79.67
CA THR CC 131 19.85 -33.52 -80.51
C THR CC 131 19.04 -32.23 -80.55
N SER CC 132 18.97 -31.51 -79.42
CA SER CC 132 18.13 -30.31 -79.34
C SER CC 132 18.53 -29.27 -80.37
N PHE CC 133 19.78 -29.31 -80.84
CA PHE CC 133 20.20 -28.39 -81.90
C PHE CC 133 19.54 -28.75 -83.22
N PHE CC 134 19.53 -30.04 -83.58
CA PHE CC 134 18.84 -30.45 -84.80
C PHE CC 134 17.34 -30.33 -84.64
N GLN CC 135 16.85 -30.34 -83.40
CA GLN CC 135 15.44 -30.08 -83.14
C GLN CC 135 15.08 -28.65 -83.52
N ALA CC 136 15.99 -27.70 -83.20
CA ALA CC 136 15.70 -26.29 -83.42
C ALA CC 136 15.52 -25.99 -84.91
N LEU CC 137 16.26 -26.67 -85.77
CA LEU CC 137 16.16 -26.42 -87.20
C LEU CC 137 15.23 -27.39 -87.92
N GLY CC 138 14.59 -28.30 -87.20
CA GLY CC 138 13.61 -29.20 -87.80
C GLY CC 138 14.16 -30.46 -88.43
N ILE CC 139 15.44 -30.76 -88.24
CA ILE CC 139 16.00 -31.99 -88.81
C ILE CC 139 15.52 -33.18 -87.98
N THR CC 140 14.95 -34.17 -88.66
CA THR CC 140 14.53 -35.39 -87.99
C THR CC 140 15.71 -36.34 -87.87
N THR CC 141 16.14 -36.59 -86.64
CA THR CC 141 17.33 -37.40 -86.37
C THR CC 141 17.01 -38.46 -85.32
N LYS CC 142 17.27 -39.72 -85.66
CA LYS CC 142 17.27 -40.80 -84.69
C LYS CC 142 18.69 -41.28 -84.51
N ILE CC 143 19.03 -41.70 -83.29
CA ILE CC 143 20.42 -41.96 -82.95
C ILE CC 143 20.79 -43.40 -83.25
N SER CC 144 21.91 -43.57 -83.95
CA SER CC 144 22.44 -44.89 -84.27
C SER CC 144 23.88 -45.00 -83.78
N ARG CC 145 24.25 -46.18 -83.29
CA ARG CC 145 25.58 -46.45 -82.77
C ARG CC 145 25.96 -45.47 -81.65
N GLY CC 146 24.98 -45.05 -80.86
CA GLY CC 146 25.21 -44.04 -79.85
C GLY CC 146 25.63 -42.70 -80.42
N THR CC 147 25.24 -42.42 -81.67
CA THR CC 147 25.67 -41.20 -82.34
C THR CC 147 24.48 -40.61 -83.08
N ILE CC 148 24.51 -39.29 -83.25
CA ILE CC 148 23.42 -38.59 -83.94
C ILE CC 148 23.46 -38.94 -85.42
N GLU CC 149 22.29 -39.15 -86.01
CA GLU CC 149 22.14 -39.57 -87.40
C GLU CC 149 21.15 -38.69 -88.15
N ILE CC 150 21.58 -38.18 -89.29
CA ILE CC 150 20.71 -37.43 -90.19
C ILE CC 150 20.06 -38.44 -91.14
N LEU CC 151 18.74 -38.55 -91.05
CA LEU CC 151 18.04 -39.59 -91.82
C LEU CC 151 18.13 -39.32 -93.30
N SER CC 152 17.79 -38.10 -93.72
CA SER CC 152 17.83 -37.69 -95.11
C SER CC 152 18.57 -36.36 -95.21
N ASP CC 153 19.35 -36.20 -96.26
CA ASP CC 153 20.03 -34.93 -96.49
C ASP CC 153 19.01 -33.81 -96.55
N VAL CC 154 19.23 -32.76 -95.78
CA VAL CC 154 18.31 -31.64 -95.66
C VAL CC 154 19.05 -30.36 -96.01
N GLN CC 155 18.36 -29.46 -96.70
CA GLN CC 155 18.95 -28.15 -97.00
C GLN CC 155 19.36 -27.46 -95.71
N LEU CC 156 20.57 -26.90 -95.73
CA LEU CC 156 21.15 -26.25 -94.55
C LEU CC 156 21.04 -24.73 -94.63
N ILE CC 157 21.51 -24.14 -95.72
CA ILE CC 157 21.44 -22.69 -95.91
C ILE CC 157 21.64 -22.38 -97.38
N LYS CC 158 20.80 -21.47 -97.89
CA LYS CC 158 20.82 -21.04 -99.27
C LYS CC 158 21.70 -19.81 -99.41
N THR CC 159 22.19 -19.58 -100.62
CA THR CC 159 23.05 -18.43 -100.88
C THR CC 159 22.27 -17.12 -100.72
N GLY CC 160 22.95 -16.10 -100.19
CA GLY CC 160 22.36 -14.79 -100.07
C GLY CC 160 21.27 -14.64 -99.03
N ASP CC 161 21.38 -15.35 -97.91
CA ASP CC 161 20.43 -15.21 -96.80
C ASP CC 161 21.19 -15.14 -95.49
N LYS CC 162 20.44 -14.85 -94.42
CA LYS CC 162 21.05 -14.62 -93.12
C LYS CC 162 21.22 -15.93 -92.37
N VAL CC 163 22.37 -16.09 -91.70
CA VAL CC 163 22.63 -17.27 -90.87
C VAL CC 163 21.85 -17.15 -89.57
N GLY CC 164 21.15 -18.22 -89.19
CA GLY CC 164 20.51 -18.25 -87.90
C GLY CC 164 21.52 -18.40 -86.77
N ALA CC 165 21.21 -17.79 -85.63
CA ALA CC 165 22.10 -17.86 -84.48
C ALA CC 165 22.31 -19.31 -84.04
N SER CC 166 21.21 -20.05 -83.85
CA SER CC 166 21.33 -21.47 -83.53
C SER CC 166 21.83 -22.27 -84.74
N GLU CC 167 21.61 -21.73 -85.93
CA GLU CC 167 22.07 -22.41 -87.15
C GLU CC 167 23.59 -22.34 -87.25
N ALA CC 168 24.15 -21.14 -87.05
CA ALA CC 168 25.59 -20.94 -87.22
C ALA CC 168 26.40 -21.80 -86.26
N THR CC 169 25.97 -21.89 -85.00
CA THR CC 169 26.69 -22.73 -84.05
C THR CC 169 26.57 -24.21 -84.40
N LEU CC 170 25.45 -24.60 -85.03
CA LEU CC 170 25.30 -26.00 -85.44
C LEU CC 170 26.35 -26.40 -86.47
N LEU CC 171 26.67 -25.51 -87.40
CA LEU CC 171 27.68 -25.81 -88.41
C LEU CC 171 29.04 -25.99 -87.77
N ASN CC 172 29.31 -25.29 -86.67
CA ASN CC 172 30.59 -25.44 -85.98
C ASN CC 172 30.71 -26.83 -85.35
N MET CC 173 29.66 -27.28 -84.66
CA MET CC 173 29.71 -28.62 -84.06
C MET CC 173 29.81 -29.70 -85.12
N LEU CC 174 29.09 -29.54 -86.23
CA LEU CC 174 29.23 -30.49 -87.33
C LEU CC 174 30.60 -30.43 -87.99
N ASN CC 175 31.38 -29.37 -87.71
CA ASN CC 175 32.75 -29.20 -88.17
C ASN CC 175 32.78 -28.97 -89.68
N ILE CC 176 31.61 -29.08 -90.33
CA ILE CC 176 31.53 -28.86 -91.76
C ILE CC 176 31.78 -27.38 -92.06
N SER CC 177 32.66 -27.12 -93.02
CA SER CC 177 33.05 -25.76 -93.31
C SER CC 177 31.95 -25.05 -94.08
N PRO CC 178 31.39 -23.96 -93.56
CA PRO CC 178 30.43 -23.18 -94.34
C PRO CC 178 31.14 -22.29 -95.34
N PHE CC 179 30.41 -21.37 -95.97
CA PHE CC 179 30.98 -20.35 -96.84
C PHE CC 179 32.30 -19.83 -96.29
N SER CC 180 33.34 -19.87 -97.12
CA SER CC 180 34.68 -19.53 -96.69
C SER CC 180 35.35 -18.68 -97.76
N PHE CC 181 36.02 -17.62 -97.32
CA PHE CC 181 36.67 -16.68 -98.21
C PHE CC 181 37.74 -15.93 -97.42
N GLY CC 182 38.70 -15.38 -98.15
CA GLY CC 182 39.83 -14.73 -97.52
C GLY CC 182 40.34 -13.52 -98.28
N LEU CC 183 41.66 -13.46 -98.48
CA LEU CC 183 42.27 -12.34 -99.19
C LEU CC 183 41.99 -12.45 -100.68
N VAL CC 184 41.54 -11.37 -101.29
CA VAL CC 184 41.19 -11.34 -102.70
C VAL CC 184 41.81 -10.12 -103.36
N ILE CC 185 42.56 -10.33 -104.43
CA ILE CC 185 43.15 -9.25 -105.21
C ILE CC 185 42.10 -8.64 -106.12
N GLN CC 186 42.13 -7.30 -106.26
CA GLN CC 186 41.37 -6.65 -107.31
C GLN CC 186 42.23 -6.21 -108.48
N GLN CC 187 43.16 -5.28 -108.27
CA GLN CC 187 44.00 -4.73 -109.33
C GLN CC 187 45.47 -4.96 -109.00
N VAL CC 188 46.33 -4.64 -109.97
CA VAL CC 188 47.77 -4.86 -109.88
C VAL CC 188 48.48 -3.57 -110.25
N PHE CC 189 49.77 -3.48 -109.93
CA PHE CC 189 50.56 -2.31 -110.29
C PHE CC 189 52.02 -2.71 -110.49
N ASP CC 190 52.61 -2.24 -111.58
CA ASP CC 190 54.04 -2.44 -111.84
C ASP CC 190 54.50 -1.32 -112.77
N ASN CC 191 55.17 -0.31 -112.20
CA ASN CC 191 55.79 0.78 -112.95
C ASN CC 191 54.78 1.47 -113.85
N GLY CC 192 53.60 1.73 -113.32
CA GLY CC 192 52.56 2.43 -114.07
C GLY CC 192 51.77 1.51 -114.98
N SER CC 193 51.15 0.48 -114.41
CA SER CC 193 50.38 -0.47 -115.20
C SER CC 193 49.31 -1.09 -114.31
N ILE CC 194 48.20 -1.49 -114.93
CA ILE CC 194 47.10 -2.14 -114.24
C ILE CC 194 46.59 -3.30 -115.08
N TYR CC 195 46.25 -4.40 -114.40
CA TYR CC 195 45.69 -5.59 -115.03
C TYR CC 195 44.55 -6.09 -114.16
N ASN CC 196 44.02 -7.27 -114.48
CA ASN CC 196 42.93 -7.86 -113.69
C ASN CC 196 43.42 -8.25 -112.30
N PRO DC 1 40.09 -42.90 -88.02
CA PRO DC 1 40.60 -41.61 -87.58
C PRO DC 1 42.02 -41.70 -87.03
N ASN DC 2 43.00 -41.86 -87.92
CA ASN DC 2 44.39 -42.11 -87.52
C ASN DC 2 44.49 -43.37 -86.66
N GLU DC 3 43.48 -44.24 -86.82
CA GLU DC 3 43.28 -45.51 -86.12
C GLU DC 3 42.86 -45.29 -84.67
N ILE DC 4 43.01 -44.06 -84.18
CA ILE DC 4 42.29 -43.53 -83.02
C ILE DC 4 42.60 -42.04 -82.91
N LYS DC 5 41.62 -41.22 -82.52
CA LYS DC 5 41.85 -39.78 -82.36
C LYS DC 5 40.92 -39.27 -81.27
N VAL DC 6 41.44 -39.19 -80.05
CA VAL DC 6 40.67 -38.81 -78.86
C VAL DC 6 41.44 -37.65 -78.20
N VAL DC 7 41.88 -36.72 -79.04
CA VAL DC 7 43.00 -35.79 -78.82
C VAL DC 7 43.03 -35.08 -77.47
N TYR DC 8 41.91 -35.06 -76.73
CA TYR DC 8 41.69 -34.09 -75.65
C TYR DC 8 42.85 -33.85 -74.69
N LEU DC 9 42.88 -32.66 -74.10
CA LEU DC 9 43.93 -32.23 -73.18
C LEU DC 9 43.60 -32.59 -71.74
N ARG DC 10 44.54 -32.28 -70.83
CA ARG DC 10 44.32 -32.40 -69.40
C ARG DC 10 45.35 -31.52 -68.70
N CYS DC 11 44.96 -30.94 -67.56
CA CYS DC 11 45.76 -29.92 -66.88
C CYS DC 11 46.45 -30.44 -65.62
N THR DC 12 46.94 -31.67 -65.62
CA THR DC 12 47.61 -32.21 -64.45
C THR DC 12 49.01 -32.70 -64.81
N GLY DC 13 49.85 -32.80 -63.80
CA GLY DC 13 51.23 -33.23 -63.98
C GLY DC 13 51.93 -33.30 -62.64
N GLY DC 14 53.21 -33.68 -62.70
CA GLY DC 14 54.00 -33.78 -61.49
C GLY DC 14 53.62 -34.96 -60.62
N GLU DC 15 53.02 -34.67 -59.47
CA GLU DC 15 52.50 -35.74 -58.60
C GLU DC 15 51.48 -36.58 -59.36
N VAL DC 16 51.58 -37.90 -59.20
CA VAL DC 16 50.70 -38.80 -59.95
C VAL DC 16 49.25 -38.59 -59.55
N GLY DC 17 48.93 -38.88 -58.29
CA GLY DC 17 47.60 -38.62 -57.78
C GLY DC 17 46.54 -39.55 -58.31
N ALA DC 18 46.36 -39.55 -59.64
CA ALA DC 18 45.37 -40.37 -60.32
C ALA DC 18 43.96 -39.99 -59.91
N THR DC 19 43.59 -40.33 -58.67
CA THR DC 19 42.28 -39.95 -58.15
C THR DC 19 42.14 -38.43 -58.05
N SER DC 20 43.20 -37.75 -57.62
CA SER DC 20 43.16 -36.29 -57.55
C SER DC 20 43.06 -35.66 -58.93
N ALA DC 21 43.48 -36.39 -59.96
CA ALA DC 21 43.38 -35.89 -61.32
C ALA DC 21 41.93 -35.86 -61.78
N LEU DC 22 41.66 -35.02 -62.78
CA LEU DC 22 40.31 -34.85 -63.33
C LEU DC 22 39.99 -35.91 -64.40
N ALA DC 23 40.86 -36.91 -64.54
CA ALA DC 23 40.68 -37.95 -65.55
C ALA DC 23 39.33 -38.64 -65.53
N PRO DC 24 38.71 -38.95 -64.39
CA PRO DC 24 37.39 -39.61 -64.44
C PRO DC 24 36.35 -38.85 -65.26
N LYS DC 25 36.35 -37.53 -65.19
CA LYS DC 25 35.44 -36.75 -66.01
C LYS DC 25 35.80 -36.81 -67.48
N ILE DC 26 37.10 -36.95 -67.80
CA ILE DC 26 37.55 -36.96 -69.18
C ILE DC 26 37.70 -38.37 -69.73
N GLY DC 27 37.54 -39.40 -68.89
CA GLY DC 27 37.65 -40.77 -69.29
C GLY DC 27 36.69 -41.25 -70.36
N PRO DC 28 35.38 -40.96 -70.21
CA PRO DC 28 34.40 -41.56 -71.13
C PRO DC 28 34.58 -41.23 -72.60
N LEU DC 29 35.23 -40.10 -72.93
CA LEU DC 29 35.34 -39.72 -74.34
C LEU DC 29 36.15 -40.74 -75.13
N GLY DC 30 37.23 -41.27 -74.56
CA GLY DC 30 38.01 -42.28 -75.26
C GLY DC 30 37.43 -43.68 -75.11
N LEU DC 31 36.90 -43.98 -73.92
CA LEU DC 31 36.29 -45.27 -73.57
C LEU DC 31 37.36 -46.35 -73.42
N SER DC 32 38.58 -46.05 -73.82
CA SER DC 32 39.72 -46.95 -73.64
C SER DC 32 40.36 -46.88 -72.25
N PRO DC 33 40.82 -45.68 -71.79
CA PRO DC 33 41.77 -45.66 -70.67
C PRO DC 33 41.25 -46.17 -69.34
N LYS DC 34 40.16 -45.58 -68.85
CA LYS DC 34 39.62 -45.87 -67.51
C LYS DC 34 40.72 -45.62 -66.48
N LYS DC 35 40.74 -46.41 -65.40
CA LYS DC 35 41.71 -46.17 -64.33
C LYS DC 35 43.12 -46.59 -64.74
N VAL DC 36 43.23 -47.74 -65.41
CA VAL DC 36 44.55 -48.24 -65.82
C VAL DC 36 45.17 -47.29 -66.84
N GLY DC 37 44.37 -46.79 -67.78
CA GLY DC 37 44.88 -45.80 -68.71
C GLY DC 37 45.29 -44.52 -68.03
N ASP DC 38 44.56 -44.12 -66.98
CA ASP DC 38 44.95 -42.93 -66.22
C ASP DC 38 46.28 -43.14 -65.51
N ASP DC 39 46.50 -44.34 -64.96
CA ASP DC 39 47.76 -44.62 -64.27
C ASP DC 39 48.94 -44.52 -65.21
N ILE DC 40 48.81 -45.08 -66.42
CA ILE DC 40 49.88 -44.95 -67.40
C ILE DC 40 49.91 -43.54 -68.00
N ALA DC 41 48.79 -42.81 -67.94
CA ALA DC 41 48.77 -41.45 -68.47
C ALA DC 41 49.73 -40.55 -67.69
N LYS DC 42 49.75 -40.67 -66.36
CA LYS DC 42 50.65 -39.86 -65.56
C LYS DC 42 52.07 -40.43 -65.53
N ALA DC 43 52.25 -41.69 -65.97
CA ALA DC 43 53.56 -42.32 -65.87
C ALA DC 43 54.61 -41.59 -66.70
N THR DC 44 54.30 -41.32 -67.97
CA THR DC 44 55.25 -40.58 -68.80
C THR DC 44 55.23 -39.10 -68.46
N GLY DC 45 54.05 -38.55 -68.17
CA GLY DC 45 53.95 -37.15 -67.81
C GLY DC 45 54.26 -36.89 -66.35
N ASP DC 46 55.03 -37.78 -65.74
CA ASP DC 46 55.39 -37.64 -64.33
C ASP DC 46 56.21 -36.37 -64.11
N TRP DC 47 57.40 -36.31 -64.71
CA TRP DC 47 58.33 -35.22 -64.47
C TRP DC 47 58.59 -34.48 -65.77
N LYS DC 48 58.90 -33.18 -65.63
CA LYS DC 48 59.08 -32.27 -66.77
C LYS DC 48 57.83 -32.29 -67.66
N GLY DC 49 56.75 -31.72 -67.10
CA GLY DC 49 56.82 -30.86 -65.93
C GLY DC 49 56.41 -31.46 -64.59
N LEU DC 50 56.92 -30.84 -63.52
CA LEU DC 50 56.53 -31.15 -62.15
C LEU DC 50 55.40 -30.27 -61.66
N ARG DC 51 54.58 -29.75 -62.58
CA ARG DC 51 53.65 -28.67 -62.30
C ARG DC 51 52.35 -28.96 -63.05
N ILE DC 52 51.55 -27.91 -63.25
CA ILE DC 52 50.27 -27.99 -63.95
C ILE DC 52 50.36 -28.85 -65.21
N THR DC 53 51.45 -28.73 -65.96
CA THR DC 53 51.82 -29.64 -67.05
C THR DC 53 50.63 -30.01 -67.93
N VAL DC 54 50.06 -29.00 -68.58
CA VAL DC 54 48.98 -29.23 -69.55
C VAL DC 54 49.55 -30.03 -70.71
N LYS DC 55 48.94 -31.18 -71.00
CA LYS DC 55 49.41 -32.08 -72.04
C LYS DC 55 48.32 -32.31 -73.08
N LEU DC 56 48.73 -32.46 -74.33
CA LEU DC 56 47.84 -32.82 -75.43
C LEU DC 56 48.09 -34.28 -75.78
N THR DC 57 47.09 -35.13 -75.59
CA THR DC 57 47.30 -36.57 -75.63
C THR DC 57 46.80 -37.16 -76.93
N ILE DC 58 47.68 -37.90 -77.61
CA ILE DC 58 47.35 -38.63 -78.83
C ILE DC 58 47.19 -40.10 -78.44
N GLN DC 59 46.07 -40.70 -78.89
CA GLN DC 59 45.70 -42.02 -78.40
C GLN DC 59 46.46 -43.13 -79.14
N ASN DC 60 46.59 -44.27 -78.47
CA ASN DC 60 47.33 -45.44 -78.96
C ASN DC 60 46.53 -46.71 -78.72
N ARG DC 61 45.26 -46.72 -79.14
CA ARG DC 61 44.31 -47.80 -78.90
C ARG DC 61 43.93 -47.87 -77.42
N GLN DC 62 44.81 -48.43 -76.59
CA GLN DC 62 44.63 -48.41 -75.15
C GLN DC 62 45.57 -47.42 -74.47
N ALA DC 63 46.85 -47.42 -74.85
CA ALA DC 63 47.79 -46.42 -74.35
C ALA DC 63 47.46 -45.05 -74.91
N GLN DC 64 48.19 -44.05 -74.42
CA GLN DC 64 47.93 -42.65 -74.79
C GLN DC 64 49.25 -41.90 -74.66
N ILE DC 65 49.85 -41.53 -75.80
CA ILE DC 65 51.11 -40.81 -75.78
C ILE DC 65 50.87 -39.41 -75.24
N GLU DC 66 51.59 -39.04 -74.18
CA GLU DC 66 51.36 -37.78 -73.48
C GLU DC 66 52.38 -36.73 -73.91
N VAL DC 67 52.28 -36.30 -75.17
CA VAL DC 67 53.08 -35.16 -75.62
C VAL DC 67 52.54 -33.90 -74.96
N VAL DC 68 53.44 -33.10 -74.40
CA VAL DC 68 53.07 -31.92 -73.62
C VAL DC 68 53.32 -30.68 -74.48
N PRO DC 69 52.28 -29.92 -74.83
CA PRO DC 69 52.53 -28.63 -75.49
C PRO DC 69 53.36 -27.73 -74.58
N SER DC 70 54.45 -27.21 -75.12
CA SER DC 70 55.40 -26.43 -74.34
C SER DC 70 54.79 -25.06 -74.05
N ALA DC 71 53.94 -25.03 -73.03
CA ALA DC 71 53.36 -23.76 -72.61
C ALA DC 71 54.44 -22.90 -71.95
N SER DC 72 54.34 -21.59 -72.15
CA SER DC 72 55.39 -20.69 -71.70
C SER DC 72 55.54 -20.73 -70.18
N ALA DC 73 54.50 -20.32 -69.46
CA ALA DC 73 54.57 -20.34 -68.01
C ALA DC 73 54.81 -21.73 -67.46
N LEU DC 74 54.37 -22.76 -68.19
CA LEU DC 74 54.63 -24.14 -67.78
C LEU DC 74 56.13 -24.42 -67.77
N ILE DC 75 56.81 -24.12 -68.88
CA ILE DC 75 58.25 -24.36 -68.95
C ILE DC 75 58.99 -23.41 -68.02
N ILE DC 76 58.51 -22.16 -67.89
CA ILE DC 76 59.16 -21.21 -67.01
C ILE DC 76 59.08 -21.68 -65.56
N LYS DC 77 57.88 -22.10 -65.12
CA LYS DC 77 57.75 -22.59 -63.75
C LYS DC 77 58.47 -23.93 -63.56
N ALA DC 78 58.51 -24.76 -64.60
CA ALA DC 78 59.23 -26.03 -64.49
C ALA DC 78 60.72 -25.81 -64.30
N LEU DC 79 61.29 -24.83 -65.02
CA LEU DC 79 62.72 -24.58 -64.91
C LEU DC 79 63.06 -23.87 -63.60
N LYS DC 80 62.23 -22.91 -63.18
CA LYS DC 80 62.50 -22.18 -61.96
C LYS DC 80 62.23 -23.05 -60.75
N GLU DC 81 63.17 -23.06 -59.80
CA GLU DC 81 63.04 -23.86 -58.60
C GLU DC 81 62.98 -22.98 -57.36
N ILE DC 82 67.87 -16.13 -60.23
CA ILE DC 82 68.09 -17.32 -61.06
C ILE DC 82 68.23 -16.87 -62.51
N THR DC 83 69.38 -17.15 -63.11
CA THR DC 83 69.71 -16.60 -64.42
C THR DC 83 68.97 -17.31 -65.55
N PHE DC 84 69.24 -18.60 -65.73
CA PHE DC 84 68.66 -19.44 -66.78
C PHE DC 84 68.64 -18.74 -68.14
N ASP DC 85 69.62 -17.87 -68.39
CA ASP DC 85 69.64 -17.11 -69.63
C ASP DC 85 69.73 -18.03 -70.84
N GLU DC 86 70.71 -18.94 -70.83
CA GLU DC 86 70.78 -19.95 -71.88
C GLU DC 86 69.66 -20.97 -71.73
N ILE DC 87 69.22 -21.23 -70.49
CA ILE DC 87 68.13 -22.17 -70.26
C ILE DC 87 66.80 -21.57 -70.72
N VAL DC 88 66.62 -20.26 -70.57
CA VAL DC 88 65.43 -19.65 -71.17
C VAL DC 88 65.56 -19.62 -72.68
N ASN DC 89 66.78 -19.64 -73.20
CA ASN DC 89 66.97 -19.68 -74.65
C ASN DC 89 66.60 -21.05 -75.22
N ILE DC 90 67.04 -22.12 -74.56
CA ILE DC 90 66.64 -23.45 -75.01
C ILE DC 90 65.16 -23.66 -74.75
N ALA DC 91 64.65 -23.21 -73.60
CA ALA DC 91 63.21 -23.21 -73.37
C ALA DC 91 62.51 -22.43 -74.49
N ARG DC 92 63.21 -21.43 -75.05
CA ARG DC 92 62.71 -20.76 -76.23
C ARG DC 92 63.26 -21.43 -77.51
N GLN DC 93 63.73 -22.68 -77.42
CA GLN DC 93 64.16 -23.36 -78.63
C GLN DC 93 63.21 -24.50 -79.00
N MET DC 94 62.88 -25.40 -78.07
CA MET DC 94 62.14 -26.58 -78.51
C MET DC 94 60.67 -26.29 -78.85
N ARG DC 95 60.05 -25.29 -78.22
CA ARG DC 95 58.63 -25.06 -78.47
C ARG DC 95 58.40 -24.56 -79.89
N HIS DC 96 57.13 -24.55 -80.29
CA HIS DC 96 56.75 -24.55 -81.71
C HIS DC 96 57.28 -23.36 -82.49
N ARG DC 97 57.61 -22.26 -81.82
CA ARG DC 97 58.10 -21.01 -82.39
C ARG DC 97 57.09 -20.26 -83.25
N SER DC 98 55.78 -20.44 -83.06
CA SER DC 98 54.91 -19.67 -83.95
C SER DC 98 54.85 -18.23 -83.47
N LEU DC 99 54.23 -18.01 -82.30
CA LEU DC 99 54.37 -16.78 -81.53
C LEU DC 99 53.90 -15.55 -82.32
N ALA DC 100 53.47 -15.75 -83.57
CA ALA DC 100 53.30 -14.67 -84.53
C ALA DC 100 54.60 -13.87 -84.65
N ARG DC 101 55.70 -14.59 -84.54
CA ARG DC 101 57.05 -14.05 -84.53
C ARG DC 101 57.47 -13.59 -85.92
N GLU DC 102 58.54 -12.79 -85.96
CA GLU DC 102 59.27 -12.49 -87.20
C GLU DC 102 60.72 -12.89 -87.12
N LEU DC 103 61.43 -12.51 -86.05
CA LEU DC 103 62.84 -12.80 -85.87
C LEU DC 103 63.08 -13.42 -84.50
N SER DC 104 64.35 -13.58 -84.14
CA SER DC 104 64.68 -14.23 -82.87
C SER DC 104 64.70 -13.23 -81.72
N GLY DC 105 64.92 -11.95 -82.01
CA GLY DC 105 64.73 -10.93 -81.00
C GLY DC 105 63.30 -10.82 -80.53
N THR DC 106 62.34 -11.08 -81.42
CA THR DC 106 60.93 -11.06 -81.04
C THR DC 106 60.62 -12.10 -79.99
N ILE DC 107 60.96 -13.37 -80.27
CA ILE DC 107 60.61 -14.46 -79.37
C ILE DC 107 61.36 -14.34 -78.06
N LYS DC 108 62.59 -13.84 -78.10
CA LYS DC 108 63.32 -13.55 -76.87
C LYS DC 108 62.59 -12.50 -76.04
N GLU DC 109 61.95 -11.54 -76.70
CA GLU DC 109 61.15 -10.55 -75.97
C GLU DC 109 59.86 -11.14 -75.43
N ILE DC 110 59.11 -11.84 -76.29
CA ILE DC 110 57.78 -12.31 -75.91
C ILE DC 110 57.88 -13.37 -74.81
N LEU DC 111 58.76 -14.35 -75.00
CA LEU DC 111 58.97 -15.35 -73.95
C LEU DC 111 59.62 -14.71 -72.72
N GLY DC 112 60.43 -13.67 -72.92
CA GLY DC 112 61.01 -12.97 -71.80
C GLY DC 112 59.97 -12.25 -70.96
N THR DC 113 58.97 -11.68 -71.61
CA THR DC 113 57.95 -10.93 -70.89
C THR DC 113 56.95 -11.85 -70.19
N ALA DC 114 56.74 -13.06 -70.73
CA ALA DC 114 55.78 -13.98 -70.14
C ALA DC 114 56.23 -14.44 -68.75
N GLN DC 115 57.54 -14.44 -68.50
CA GLN DC 115 58.09 -14.89 -67.24
C GLN DC 115 58.23 -13.78 -66.21
N SER DC 116 57.47 -12.70 -66.35
CA SER DC 116 57.49 -11.64 -65.33
C SER DC 116 57.02 -12.13 -63.97
N VAL DC 117 56.19 -13.18 -63.95
CA VAL DC 117 55.67 -13.69 -62.69
C VAL DC 117 56.77 -14.29 -61.84
N GLY DC 118 57.82 -14.81 -62.47
CA GLY DC 118 58.90 -15.45 -61.74
C GLY DC 118 60.27 -14.85 -62.03
N CYS DC 119 60.31 -13.54 -62.21
CA CYS DC 119 61.53 -12.79 -62.49
C CYS DC 119 62.33 -13.37 -63.64
N ASN DC 120 63.63 -13.07 -63.68
CA ASN DC 120 64.49 -13.44 -64.79
C ASN DC 120 65.93 -13.46 -64.29
N VAL DC 121 66.89 -13.36 -65.22
CA VAL DC 121 68.32 -13.39 -64.93
C VAL DC 121 68.63 -12.54 -63.70
N ASP DC 122 69.35 -13.14 -62.75
CA ASP DC 122 69.71 -12.60 -61.43
C ASP DC 122 68.89 -11.39 -60.99
N GLY DC 123 69.56 -10.25 -60.80
CA GLY DC 123 68.91 -9.07 -60.25
C GLY DC 123 68.39 -8.08 -61.27
N ARG DC 124 67.43 -8.50 -62.09
CA ARG DC 124 66.77 -7.60 -63.03
C ARG DC 124 65.47 -8.25 -63.51
N HIS DC 125 64.36 -7.53 -63.36
CA HIS DC 125 63.08 -8.07 -63.80
C HIS DC 125 63.04 -8.15 -65.32
N PRO DC 126 62.33 -9.11 -65.90
CA PRO DC 126 62.36 -9.30 -67.35
C PRO DC 126 61.61 -8.22 -68.12
N HIS DC 127 61.91 -6.96 -67.85
CA HIS DC 127 61.42 -5.91 -68.74
C HIS DC 127 62.53 -4.99 -69.21
N ASP DC 128 63.49 -4.67 -68.34
CA ASP DC 128 64.62 -3.84 -68.76
C ASP DC 128 65.57 -4.63 -69.66
N ILE DC 129 65.47 -5.96 -69.64
CA ILE DC 129 66.13 -6.77 -70.66
C ILE DC 129 65.46 -6.53 -72.01
N ILE DC 130 64.14 -6.34 -72.01
CA ILE DC 130 63.36 -6.32 -73.26
C ILE DC 130 63.77 -5.15 -74.13
N ASP DC 131 64.09 -4.00 -73.54
CA ASP DC 131 64.40 -2.80 -74.32
C ASP DC 131 65.69 -3.00 -75.13
N ASP DC 132 66.78 -3.30 -74.46
CA ASP DC 132 68.11 -3.35 -75.09
C ASP DC 132 68.44 -4.78 -75.51
N ILE DC 133 67.60 -5.34 -76.38
CA ILE DC 133 67.77 -6.72 -76.81
C ILE DC 133 68.82 -6.80 -77.92
N ASN DC 134 70.07 -7.06 -77.53
CA ASN DC 134 71.14 -7.27 -78.49
C ASN DC 134 71.94 -8.55 -78.24
N SER DC 135 72.13 -8.92 -76.97
CA SER DC 135 72.97 -10.07 -76.64
C SER DC 135 72.23 -11.36 -76.95
N GLY DC 136 72.76 -12.13 -77.89
CA GLY DC 136 72.15 -13.39 -78.27
C GLY DC 136 70.77 -13.24 -78.88
N ALA DC 137 70.39 -12.03 -79.29
CA ALA DC 137 69.07 -11.83 -79.89
C ALA DC 137 68.93 -12.59 -81.20
N VAL DC 138 70.04 -12.94 -81.84
CA VAL DC 138 70.04 -13.74 -83.05
C VAL DC 138 70.80 -15.06 -82.85
N GLU DC 139 70.83 -15.57 -81.61
CA GLU DC 139 71.61 -16.77 -81.33
C GLU DC 139 70.86 -18.06 -81.66
N CYS DC 140 69.54 -17.98 -81.85
CA CYS DC 140 68.75 -19.17 -82.18
C CYS DC 140 68.93 -19.56 -83.65
N PRO DC 141 68.80 -18.62 -84.61
CA PRO DC 141 68.98 -19.10 -85.99
C PRO DC 141 70.44 -19.22 -86.38
N ASN EC 1 -14.60 -60.01 -67.55
CA ASN EC 1 -15.29 -60.63 -66.44
C ASN EC 1 -15.18 -62.15 -66.50
N PHE EC 2 -14.13 -62.68 -65.86
CA PHE EC 2 -13.89 -64.12 -65.81
C PHE EC 2 -13.86 -64.60 -64.36
N THR EC 3 -13.57 -65.88 -64.16
CA THR EC 3 -13.67 -66.51 -62.85
C THR EC 3 -12.29 -66.98 -62.40
N VAL EC 4 -12.09 -67.02 -61.09
CA VAL EC 4 -10.79 -67.34 -60.50
C VAL EC 4 -10.30 -68.73 -60.88
N ASP EC 5 -11.21 -69.66 -61.18
CA ASP EC 5 -10.78 -71.02 -61.50
C ASP EC 5 -9.91 -71.07 -62.74
N GLN EC 6 -10.29 -70.33 -63.79
CA GLN EC 6 -9.49 -70.27 -65.00
C GLN EC 6 -8.38 -69.23 -64.93
N ILE EC 7 -8.29 -68.48 -63.83
CA ILE EC 7 -7.14 -67.58 -63.65
C ILE EC 7 -5.86 -68.39 -63.53
N ARG EC 8 -5.94 -69.53 -62.85
CA ARG EC 8 -4.79 -70.45 -62.76
C ARG EC 8 -4.52 -71.13 -64.09
N ALA EC 9 -5.50 -71.18 -64.98
CA ALA EC 9 -5.26 -71.71 -66.32
C ALA EC 9 -4.17 -70.91 -67.01
N ILE EC 10 -4.41 -69.61 -67.20
CA ILE EC 10 -3.43 -68.77 -67.89
C ILE EC 10 -2.21 -68.51 -67.02
N MET EC 11 -2.32 -68.73 -65.71
CA MET EC 11 -1.21 -68.47 -64.81
C MET EC 11 0.01 -69.32 -65.17
N ASP EC 12 -0.20 -70.60 -65.50
CA ASP EC 12 0.88 -71.44 -65.96
C ASP EC 12 1.19 -71.27 -67.44
N LYS EC 13 0.29 -70.62 -68.18
CA LYS EC 13 0.51 -70.36 -69.61
C LYS EC 13 1.57 -69.26 -69.74
N LYS EC 14 2.82 -69.64 -69.50
CA LYS EC 14 3.93 -68.71 -69.58
C LYS EC 14 4.13 -68.24 -71.01
N ALA EC 15 5.06 -67.30 -71.17
CA ALA EC 15 5.37 -66.67 -72.45
C ALA EC 15 4.15 -65.93 -73.00
N ASN EC 16 3.09 -65.83 -72.20
CA ASN EC 16 1.90 -65.05 -72.54
C ASN EC 16 1.54 -64.05 -71.46
N ILE EC 17 2.33 -63.97 -70.39
CA ILE EC 17 2.09 -63.01 -69.33
C ILE EC 17 2.76 -61.68 -69.69
N ARG EC 18 2.10 -60.57 -69.37
CA ARG EC 18 2.61 -59.24 -69.67
C ARG EC 18 2.51 -58.37 -68.42
N ASN EC 19 3.59 -58.30 -67.64
CA ASN EC 19 3.63 -57.46 -66.45
C ASN EC 19 4.08 -56.06 -66.86
N MET EC 20 3.14 -55.11 -66.84
CA MET EC 20 3.39 -53.78 -67.37
C MET EC 20 3.03 -52.72 -66.32
N SER EC 21 3.78 -51.63 -66.34
CA SER EC 21 3.56 -50.51 -65.44
C SER EC 21 3.55 -49.23 -66.26
N VAL EC 22 2.51 -48.41 -66.08
CA VAL EC 22 2.42 -47.13 -66.76
C VAL EC 22 3.17 -46.09 -65.93
N ILE EC 23 4.06 -45.35 -66.57
CA ILE EC 23 4.87 -44.34 -65.91
C ILE EC 23 4.86 -43.07 -66.76
N ALA EC 24 4.74 -41.93 -66.09
CA ALA EC 24 4.69 -40.65 -66.78
C ALA EC 24 4.84 -39.47 -65.84
N HIS EC 25 4.94 -38.28 -66.40
CA HIS EC 25 4.87 -37.04 -65.64
C HIS EC 25 3.51 -36.89 -64.99
N VAL EC 26 3.45 -36.08 -63.94
CA VAL EC 26 2.17 -35.81 -63.30
C VAL EC 26 1.26 -35.05 -64.27
N ASP EC 27 -0.04 -35.33 -64.18
CA ASP EC 27 -1.05 -34.71 -65.05
C ASP EC 27 -0.79 -35.02 -66.52
N HIS EC 28 -0.15 -36.15 -66.81
CA HIS EC 28 0.06 -36.58 -68.19
C HIS EC 28 -0.98 -37.59 -68.66
N GLY EC 29 -1.75 -38.18 -67.74
CA GLY EC 29 -2.81 -39.09 -68.09
C GLY EC 29 -2.58 -40.56 -67.78
N LYS EC 30 -1.80 -40.89 -66.76
CA LYS EC 30 -1.56 -42.29 -66.42
C LYS EC 30 -2.85 -42.98 -66.00
N SER EC 31 -3.56 -42.38 -65.04
CA SER EC 31 -4.77 -43.01 -64.50
C SER EC 31 -5.85 -43.13 -65.57
N THR EC 32 -6.01 -42.10 -66.40
CA THR EC 32 -7.07 -42.12 -67.40
C THR EC 32 -6.86 -43.25 -68.40
N LEU EC 33 -5.60 -43.56 -68.73
CA LEU EC 33 -5.32 -44.60 -69.71
C LEU EC 33 -5.68 -45.99 -69.19
N THR EC 34 -5.30 -46.30 -67.94
CA THR EC 34 -5.63 -47.60 -67.38
C THR EC 34 -7.14 -47.78 -67.25
N ASP EC 35 -7.86 -46.70 -66.93
CA ASP EC 35 -9.31 -46.77 -66.85
C ASP EC 35 -9.92 -47.11 -68.20
N SER EC 36 -9.32 -46.60 -69.28
CA SER EC 36 -9.70 -47.06 -70.60
C SER EC 36 -9.40 -48.55 -70.78
N LEU EC 37 -8.29 -49.01 -70.24
CA LEU EC 37 -7.96 -50.44 -70.30
C LEU EC 37 -8.85 -51.24 -69.35
N VAL EC 38 -9.16 -50.67 -68.18
CA VAL EC 38 -9.90 -51.41 -67.17
C VAL EC 38 -11.36 -51.60 -67.58
N CYS EC 39 -11.96 -50.58 -68.21
CA CYS EC 39 -13.38 -50.69 -68.55
C CYS EC 39 -13.61 -51.79 -69.58
N LYS EC 40 -12.84 -51.79 -70.66
CA LYS EC 40 -13.02 -52.81 -71.69
C LYS EC 40 -12.38 -54.13 -71.30
N ALA EC 41 -11.06 -54.14 -71.11
CA ALA EC 41 -10.34 -55.34 -70.76
C ALA EC 41 -10.51 -55.61 -69.25
N GLY EC 42 -9.89 -56.66 -68.74
CA GLY EC 42 -10.00 -56.93 -67.31
C GLY EC 42 -10.46 -58.35 -67.06
N ILE EC 43 -9.83 -58.99 -66.06
CA ILE EC 43 -10.13 -60.38 -65.76
C ILE EC 43 -11.52 -60.54 -65.14
N ILE EC 44 -11.87 -59.70 -64.17
CA ILE EC 44 -13.20 -59.70 -63.59
C ILE EC 44 -13.67 -58.26 -63.50
N ALA EC 45 -12.93 -57.37 -64.14
CA ALA EC 45 -13.10 -55.94 -63.96
C ALA EC 45 -14.47 -55.49 -64.43
N SER EC 46 -14.83 -54.27 -64.03
CA SER EC 46 -16.10 -53.66 -64.40
C SER EC 46 -15.85 -52.52 -65.40
N ALA EC 47 -16.82 -52.31 -66.29
CA ALA EC 47 -16.73 -51.27 -67.30
C ALA EC 47 -17.27 -49.92 -66.82
N ARG EC 48 -17.24 -49.70 -65.51
CA ARG EC 48 -17.72 -48.44 -64.95
C ARG EC 48 -16.89 -47.28 -65.48
N ALA EC 49 -17.56 -46.21 -65.92
CA ALA EC 49 -16.91 -45.07 -66.53
C ALA EC 49 -17.09 -43.80 -65.70
N GLY EC 50 -17.02 -43.90 -64.38
CA GLY EC 50 -17.10 -42.73 -63.53
C GLY EC 50 -15.74 -42.10 -63.30
N GLU EC 51 -15.03 -41.81 -64.39
CA GLU EC 51 -13.69 -41.20 -64.37
C GLU EC 51 -12.75 -42.12 -63.58
N THR EC 52 -12.06 -41.62 -62.56
CA THR EC 52 -10.97 -42.37 -61.94
C THR EC 52 -11.46 -43.68 -61.34
N ARG EC 53 -10.61 -44.70 -61.43
CA ARG EC 53 -11.00 -46.09 -61.16
C ARG EC 53 -9.84 -46.73 -60.39
N PHE EC 54 -9.79 -48.06 -60.40
CA PHE EC 54 -8.89 -48.85 -59.57
C PHE EC 54 -7.44 -48.38 -59.61
N THR EC 55 -7.07 -47.59 -60.62
CA THR EC 55 -5.74 -47.00 -60.65
C THR EC 55 -5.44 -46.23 -59.37
N ASP EC 56 -6.45 -45.56 -58.81
CA ASP EC 56 -6.32 -44.78 -57.58
C ASP EC 56 -7.26 -45.39 -56.54
N THR EC 57 -6.77 -46.42 -55.85
CA THR EC 57 -7.56 -47.14 -54.85
C THR EC 57 -7.22 -46.66 -53.43
N ARG EC 58 -7.58 -45.41 -53.16
CA ARG EC 58 -7.31 -44.82 -51.87
C ARG EC 58 -8.02 -43.48 -51.77
N LYS EC 59 -8.38 -43.10 -50.55
CA LYS EC 59 -8.88 -41.76 -50.30
C LYS EC 59 -7.79 -40.73 -50.64
N ASP EC 60 -8.22 -39.48 -50.80
CA ASP EC 60 -7.40 -38.35 -51.24
C ASP EC 60 -6.67 -38.61 -52.56
N GLU EC 61 -7.08 -39.65 -53.29
CA GLU EC 61 -6.58 -39.89 -54.63
C GLU EC 61 -7.62 -39.60 -55.70
N GLN EC 62 -8.86 -39.31 -55.30
CA GLN EC 62 -9.92 -38.98 -56.24
C GLN EC 62 -10.51 -37.61 -55.94
N GLU EC 63 -10.47 -37.20 -54.66
CA GLU EC 63 -10.94 -35.86 -54.31
C GLU EC 63 -9.97 -34.77 -54.73
N ARG EC 64 -8.69 -35.10 -54.93
CA ARG EC 64 -7.73 -34.21 -55.56
C ARG EC 64 -7.11 -34.80 -56.82
N CYS EC 65 -7.41 -36.06 -57.14
CA CYS EC 65 -6.89 -36.73 -58.34
C CYS EC 65 -5.36 -36.74 -58.37
N ILE EC 66 -4.75 -36.96 -57.20
CA ILE EC 66 -3.30 -37.11 -57.08
C ILE EC 66 -3.00 -38.58 -56.77
N THR EC 67 -2.08 -39.15 -57.54
CA THR EC 67 -1.71 -40.55 -57.33
C THR EC 67 -0.58 -40.64 -56.32
N ILE EC 68 -0.72 -41.55 -55.36
CA ILE EC 68 0.28 -41.75 -54.31
C ILE EC 68 0.83 -43.16 -54.31
N LYS EC 69 -0.06 -44.16 -54.33
CA LYS EC 69 0.32 -45.56 -54.25
C LYS EC 69 0.10 -46.21 -55.61
N SER EC 70 0.88 -47.24 -55.91
CA SER EC 70 0.57 -48.07 -57.08
C SER EC 70 -0.63 -48.94 -56.77
N THR EC 71 -1.45 -49.17 -57.78
CA THR EC 71 -2.38 -50.28 -57.79
C THR EC 71 -1.96 -51.25 -58.89
N ALA EC 72 -1.67 -52.48 -58.52
CA ALA EC 72 -1.47 -53.55 -59.48
C ALA EC 72 -2.80 -54.20 -59.78
N ILE EC 73 -3.09 -54.39 -61.06
CA ILE EC 73 -4.38 -54.93 -61.47
C ILE EC 73 -4.14 -55.94 -62.58
N SER EC 74 -4.84 -57.05 -62.51
CA SER EC 74 -4.80 -58.07 -63.55
C SER EC 74 -5.75 -57.70 -64.68
N LEU EC 75 -5.36 -58.06 -65.89
CA LEU EC 75 -6.03 -57.53 -67.08
C LEU EC 75 -5.94 -58.56 -68.20
N PHE EC 76 -7.08 -59.13 -68.58
CA PHE EC 76 -7.15 -60.12 -69.63
C PHE EC 76 -7.51 -59.48 -70.97
N TYR EC 77 -7.08 -60.12 -72.05
CA TYR EC 77 -7.37 -59.64 -73.40
C TYR EC 77 -7.11 -60.79 -74.36
N GLU EC 78 -8.08 -61.08 -75.22
CA GLU EC 78 -7.95 -62.12 -76.22
C GLU EC 78 -7.76 -61.50 -77.59
N LEU EC 79 -6.71 -61.92 -78.29
CA LEU EC 79 -6.40 -61.41 -79.61
C LEU EC 79 -6.82 -62.39 -80.68
N SER EC 80 -6.77 -61.94 -81.93
CA SER EC 80 -7.22 -62.73 -83.06
C SER EC 80 -6.06 -63.50 -83.68
N GLU EC 81 -6.38 -64.28 -84.72
CA GLU EC 81 -5.37 -65.12 -85.35
C GLU EC 81 -4.32 -64.27 -86.06
N ASN EC 82 -4.75 -63.24 -86.79
CA ASN EC 82 -3.79 -62.36 -87.44
C ASN EC 82 -2.93 -61.62 -86.42
N ASP EC 83 -3.53 -61.21 -85.30
CA ASP EC 83 -2.75 -60.63 -84.23
C ASP EC 83 -1.81 -61.66 -83.59
N LEU EC 84 -2.24 -62.91 -83.51
CA LEU EC 84 -1.36 -63.96 -83.00
C LEU EC 84 -0.15 -64.14 -83.91
N ASN EC 85 -0.35 -64.01 -85.23
CA ASN EC 85 0.77 -64.06 -86.17
C ASN EC 85 1.68 -62.85 -85.97
N PHE EC 86 1.11 -61.72 -85.55
CA PHE EC 86 1.89 -60.48 -85.45
C PHE EC 86 3.00 -60.59 -84.41
N ILE EC 87 2.69 -61.15 -83.24
CA ILE EC 87 3.68 -61.22 -82.17
C ILE EC 87 4.76 -62.23 -82.52
N LYS EC 88 6.02 -61.80 -82.46
CA LYS EC 88 7.13 -62.68 -82.75
C LYS EC 88 7.38 -63.66 -81.60
N GLN EC 89 7.31 -63.17 -80.36
CA GLN EC 89 7.80 -63.91 -79.21
C GLN EC 89 7.02 -65.21 -79.01
N SER EC 90 7.55 -66.06 -78.15
CA SER EC 90 6.95 -67.36 -77.87
C SER EC 90 5.51 -67.20 -77.40
N LYS EC 91 4.59 -67.79 -78.16
CA LYS EC 91 3.16 -67.60 -77.96
C LYS EC 91 2.49 -68.94 -77.66
N ASP EC 92 1.62 -68.94 -76.66
CA ASP EC 92 0.85 -70.13 -76.26
C ASP EC 92 -0.62 -69.73 -76.17
N GLY EC 93 -1.31 -69.80 -77.31
CA GLY EC 93 -2.74 -69.52 -77.34
C GLY EC 93 -3.05 -68.04 -77.40
N ALA EC 94 -4.35 -67.75 -77.40
CA ALA EC 94 -4.87 -66.39 -77.42
C ALA EC 94 -5.11 -65.80 -76.04
N GLY EC 95 -4.75 -66.53 -74.99
CA GLY EC 95 -4.97 -66.08 -73.62
C GLY EC 95 -3.91 -65.11 -73.14
N PHE EC 96 -4.03 -63.85 -73.54
CA PHE EC 96 -3.04 -62.83 -73.19
C PHE EC 96 -3.49 -62.10 -71.94
N LEU EC 97 -2.89 -62.45 -70.80
CA LEU EC 97 -3.17 -61.79 -69.54
C LEU EC 97 -2.09 -60.76 -69.27
N ILE EC 98 -2.50 -59.55 -68.91
CA ILE EC 98 -1.61 -58.43 -68.70
C ILE EC 98 -1.67 -58.03 -67.23
N ASN EC 99 -0.51 -57.95 -66.59
CA ASN EC 99 -0.39 -57.47 -65.22
C ASN EC 99 -0.09 -55.97 -65.29
N LEU EC 100 -1.11 -55.16 -65.04
CA LEU EC 100 -0.99 -53.70 -65.14
C LEU EC 100 -0.75 -53.15 -63.74
N ILE EC 101 0.26 -52.29 -63.61
CA ILE EC 101 0.66 -51.71 -62.33
C ILE EC 101 0.79 -50.20 -62.53
N ASP EC 102 -0.28 -49.46 -62.23
CA ASP EC 102 -0.22 -48.01 -62.38
C ASP EC 102 0.75 -47.43 -61.36
N SER EC 103 1.28 -46.26 -61.67
CA SER EC 103 2.39 -45.67 -60.93
C SER EC 103 2.23 -44.16 -60.81
N PRO EC 104 2.48 -43.60 -59.63
CA PRO EC 104 2.49 -42.14 -59.50
C PRO EC 104 3.78 -41.54 -60.01
N GLY EC 105 3.65 -40.49 -60.82
CA GLY EC 105 4.82 -39.90 -61.44
C GLY EC 105 5.13 -38.52 -60.90
N HIS EC 106 5.00 -38.35 -59.60
CA HIS EC 106 5.28 -37.06 -58.97
C HIS EC 106 6.78 -36.82 -58.87
N VAL EC 107 7.16 -35.54 -58.96
CA VAL EC 107 8.57 -35.16 -58.98
C VAL EC 107 9.26 -35.55 -57.68
N ASP EC 108 8.52 -35.62 -56.58
CA ASP EC 108 9.03 -36.24 -55.37
C ASP EC 108 9.60 -37.63 -55.65
N PHE EC 109 9.20 -38.24 -56.76
CA PHE EC 109 9.61 -39.60 -57.11
C PHE EC 109 9.29 -40.54 -55.95
N SER EC 110 7.98 -40.67 -55.72
CA SER EC 110 7.49 -41.66 -54.79
C SER EC 110 8.12 -42.99 -55.14
N SER EC 111 8.91 -43.53 -54.21
CA SER EC 111 9.78 -44.69 -54.45
C SER EC 111 8.96 -45.83 -55.01
N GLU EC 112 7.65 -45.66 -54.97
CA GLU EC 112 6.72 -46.61 -55.58
C GLU EC 112 7.24 -47.04 -56.94
N VAL EC 113 7.50 -46.07 -57.83
CA VAL EC 113 7.76 -46.39 -59.23
C VAL EC 113 8.80 -47.48 -59.35
N THR EC 114 9.86 -47.38 -58.53
CA THR EC 114 10.88 -48.40 -58.45
C THR EC 114 10.30 -49.73 -57.94
N ALA EC 115 9.44 -49.66 -56.93
CA ALA EC 115 8.76 -50.87 -56.44
C ALA EC 115 7.87 -51.46 -57.53
N ALA EC 116 7.19 -50.61 -58.31
CA ALA EC 116 6.49 -51.11 -59.49
C ALA EC 116 7.47 -51.61 -60.52
N LEU EC 117 8.57 -50.88 -60.73
CA LEU EC 117 9.50 -51.22 -61.79
C LEU EC 117 10.14 -52.59 -61.56
N ARG EC 118 10.57 -52.86 -60.33
CA ARG EC 118 11.25 -54.12 -60.06
C ARG EC 118 10.34 -55.31 -60.34
N VAL EC 119 9.06 -55.21 -59.99
CA VAL EC 119 8.12 -56.31 -60.21
C VAL EC 119 7.53 -56.30 -61.62
N THR EC 120 7.82 -55.29 -62.42
CA THR EC 120 7.35 -55.24 -63.80
C THR EC 120 8.51 -55.53 -64.75
N ASP EC 121 8.17 -55.96 -65.96
CA ASP EC 121 9.16 -56.29 -66.97
C ASP EC 121 9.09 -55.38 -68.19
N GLY EC 122 7.97 -54.68 -68.38
CA GLY EC 122 7.84 -53.70 -69.44
C GLY EC 122 7.05 -52.51 -68.95
N ALA EC 123 7.20 -51.35 -69.60
CA ALA EC 123 6.56 -50.13 -69.14
C ALA EC 123 5.86 -49.44 -70.30
N LEU EC 124 4.75 -48.77 -69.99
CA LEU EC 124 3.99 -47.99 -70.96
C LEU EC 124 4.18 -46.53 -70.58
N VAL EC 125 5.19 -45.90 -71.17
CA VAL EC 125 5.45 -44.48 -70.93
C VAL EC 125 4.37 -43.66 -71.61
N VAL EC 126 3.79 -42.71 -70.88
CA VAL EC 126 2.73 -41.86 -71.40
C VAL EC 126 3.27 -40.44 -71.51
N VAL EC 127 3.18 -39.85 -72.69
CA VAL EC 127 3.69 -38.51 -72.93
C VAL EC 127 2.55 -37.67 -73.51
N ASP EC 128 2.35 -36.49 -72.93
CA ASP EC 128 1.41 -35.52 -73.48
C ASP EC 128 2.01 -34.89 -74.73
N CYS EC 129 1.19 -34.81 -75.79
CA CYS EC 129 1.68 -34.23 -77.04
C CYS EC 129 1.82 -32.72 -76.94
N VAL EC 130 0.94 -32.07 -76.17
CA VAL EC 130 1.04 -30.63 -76.02
C VAL EC 130 2.14 -30.25 -75.03
N SER EC 131 2.53 -31.18 -74.15
CA SER EC 131 3.52 -30.90 -73.13
C SER EC 131 4.89 -31.45 -73.47
N GLY EC 132 4.95 -32.48 -74.30
CA GLY EC 132 6.22 -33.08 -74.67
C GLY EC 132 6.84 -33.88 -73.54
N VAL EC 133 8.17 -34.04 -73.64
CA VAL EC 133 8.92 -34.75 -72.62
C VAL EC 133 9.27 -33.79 -71.49
N CYS EC 134 8.77 -34.09 -70.30
CA CYS EC 134 8.98 -33.27 -69.12
C CYS EC 134 9.89 -34.00 -68.15
N VAL EC 135 10.23 -33.33 -67.04
CA VAL EC 135 11.35 -33.77 -66.21
C VAL EC 135 11.07 -35.13 -65.58
N GLN EC 136 9.80 -35.43 -65.28
CA GLN EC 136 9.51 -36.71 -64.64
C GLN EC 136 9.56 -37.86 -65.63
N THR EC 137 9.10 -37.65 -66.87
CA THR EC 137 9.22 -38.70 -67.87
C THR EC 137 10.68 -39.03 -68.13
N GLU EC 138 11.55 -38.01 -68.10
CA GLU EC 138 12.99 -38.28 -68.16
C GLU EC 138 13.46 -39.12 -66.99
N THR EC 139 12.96 -38.80 -65.78
CA THR EC 139 13.43 -39.49 -64.58
C THR EC 139 12.90 -40.92 -64.53
N VAL EC 140 11.63 -41.12 -64.86
CA VAL EC 140 11.02 -42.43 -64.68
C VAL EC 140 11.62 -43.45 -65.65
N LEU EC 141 11.83 -43.06 -66.91
CA LEU EC 141 12.42 -44.00 -67.86
C LEU EC 141 13.89 -44.23 -67.57
N ARG EC 142 14.57 -43.27 -66.94
CA ARG EC 142 15.99 -43.44 -66.62
C ARG EC 142 16.21 -44.63 -65.70
N GLN EC 143 15.22 -44.98 -64.88
CA GLN EC 143 15.30 -46.17 -64.05
C GLN EC 143 14.78 -47.41 -64.76
N ALA EC 144 13.81 -47.25 -65.67
CA ALA EC 144 13.37 -48.37 -66.49
C ALA EC 144 14.50 -48.85 -67.39
N ILE EC 145 15.24 -47.92 -68.00
CA ILE EC 145 16.40 -48.30 -68.80
C ILE EC 145 17.52 -48.83 -67.92
N ALA EC 146 17.62 -48.35 -66.68
CA ALA EC 146 18.69 -48.79 -65.79
C ALA EC 146 18.55 -50.25 -65.43
N GLU EC 147 17.32 -50.75 -65.34
CA GLU EC 147 17.05 -52.12 -64.98
C GLU EC 147 16.46 -52.93 -66.14
N ARG EC 148 16.65 -52.47 -67.37
CA ARG EC 148 16.32 -53.21 -68.59
C ARG EC 148 14.83 -53.39 -68.79
N ILE EC 149 14.03 -52.45 -68.31
CA ILE EC 149 12.60 -52.46 -68.60
C ILE EC 149 12.40 -51.95 -70.02
N LYS EC 150 11.67 -52.70 -70.83
CA LYS EC 150 11.39 -52.24 -72.18
C LYS EC 150 10.33 -51.15 -72.15
N PRO EC 151 10.62 -49.94 -72.62
CA PRO EC 151 9.60 -48.90 -72.68
C PRO EC 151 8.84 -48.92 -74.00
N VAL EC 152 7.54 -48.73 -73.91
CA VAL EC 152 6.67 -48.58 -75.08
C VAL EC 152 5.90 -47.29 -74.92
N LEU EC 153 5.91 -46.47 -75.98
CA LEU EC 153 5.55 -45.07 -75.95
C LEU EC 153 4.12 -44.83 -76.44
N MET EC 154 3.53 -43.72 -76.00
CA MET EC 154 2.12 -43.44 -76.28
C MET EC 154 1.90 -41.94 -76.17
N MET EC 155 1.53 -41.30 -77.30
CA MET EC 155 1.10 -39.90 -77.30
C MET EC 155 -0.31 -39.74 -76.78
N ASN EC 156 -0.45 -39.00 -75.68
CA ASN EC 156 -1.72 -38.77 -75.02
C ASN EC 156 -2.15 -37.31 -75.20
N LYS EC 157 -3.43 -37.07 -74.92
CA LYS EC 157 -4.05 -35.75 -75.01
C LYS EC 157 -4.01 -35.19 -76.42
N MET EC 158 -4.16 -36.07 -77.42
CA MET EC 158 -4.10 -35.63 -78.81
C MET EC 158 -5.28 -34.75 -79.18
N ASP EC 159 -6.40 -34.87 -78.46
CA ASP EC 159 -7.53 -34.01 -78.74
C ASP EC 159 -7.19 -32.54 -78.45
N ARG EC 160 -6.33 -32.31 -77.45
CA ARG EC 160 -5.90 -30.95 -77.15
C ARG EC 160 -5.07 -30.36 -78.29
N ALA EC 161 -4.19 -31.18 -78.88
CA ALA EC 161 -3.38 -30.69 -80.00
C ALA EC 161 -4.26 -30.37 -81.21
N LEU EC 162 -5.30 -31.16 -81.44
CA LEU EC 162 -6.17 -30.94 -82.59
C LEU EC 162 -7.02 -29.69 -82.42
N LEU EC 163 -7.57 -29.48 -81.21
CA LEU EC 163 -8.56 -28.45 -80.98
C LEU EC 163 -8.01 -27.26 -80.20
N GLU EC 164 -7.42 -27.50 -79.03
CA GLU EC 164 -6.98 -26.40 -78.18
C GLU EC 164 -5.85 -25.61 -78.83
N LEU EC 165 -4.92 -26.30 -79.49
CA LEU EC 165 -3.83 -25.64 -80.19
C LEU EC 165 -4.08 -25.49 -81.69
N GLN EC 166 -5.10 -26.15 -82.23
CA GLN EC 166 -5.44 -26.06 -83.65
C GLN EC 166 -4.22 -26.37 -84.53
N LEU EC 167 -3.48 -27.40 -84.16
CA LEU EC 167 -2.24 -27.73 -84.86
C LEU EC 167 -2.53 -28.23 -86.26
N GLU EC 168 -1.73 -27.78 -87.22
CA GLU EC 168 -1.80 -28.27 -88.58
C GLU EC 168 -1.28 -29.71 -88.63
N PRO EC 169 -1.71 -30.50 -89.62
CA PRO EC 169 -1.17 -31.87 -89.74
C PRO EC 169 0.35 -31.91 -89.82
N GLU EC 170 0.98 -30.92 -90.46
CA GLU EC 170 2.43 -30.89 -90.52
C GLU EC 170 3.04 -30.57 -89.16
N GLU EC 171 2.49 -29.57 -88.47
CA GLU EC 171 2.97 -29.23 -87.13
C GLU EC 171 2.78 -30.41 -86.17
N LEU EC 172 1.66 -31.11 -86.31
CA LEU EC 172 1.41 -32.27 -85.46
C LEU EC 172 2.45 -33.37 -85.69
N TYR EC 173 2.82 -33.61 -86.94
CA TYR EC 173 3.88 -34.57 -87.20
C TYR EC 173 5.20 -34.12 -86.60
N GLN EC 174 5.48 -32.81 -86.67
CA GLN EC 174 6.75 -32.31 -86.14
C GLN EC 174 6.85 -32.55 -84.65
N THR EC 175 5.84 -32.14 -83.88
CA THR EC 175 5.91 -32.33 -82.43
C THR EC 175 5.96 -33.80 -82.05
N PHE EC 176 5.29 -34.67 -82.82
CA PHE EC 176 5.44 -36.11 -82.59
C PHE EC 176 6.88 -36.56 -82.83
N GLN EC 177 7.50 -36.06 -83.90
CA GLN EC 177 8.89 -36.41 -84.17
C GLN EC 177 9.81 -35.88 -83.08
N ARG EC 178 9.55 -34.66 -82.61
CA ARG EC 178 10.40 -34.07 -81.58
C ARG EC 178 10.36 -34.91 -80.31
N ILE EC 179 9.17 -35.38 -79.92
CA ILE EC 179 9.04 -36.16 -78.69
C ILE EC 179 9.79 -37.48 -78.79
N VAL EC 180 9.54 -38.24 -79.87
CA VAL EC 180 10.17 -39.55 -79.99
C VAL EC 180 11.68 -39.40 -80.12
N GLU EC 181 12.14 -38.33 -80.77
CA GLU EC 181 13.56 -38.02 -80.79
C GLU EC 181 14.06 -37.73 -79.38
N ASN EC 182 13.29 -36.98 -78.59
CA ASN EC 182 13.68 -36.69 -77.23
C ASN EC 182 13.65 -37.93 -76.36
N VAL EC 183 12.71 -38.84 -76.62
CA VAL EC 183 12.69 -40.11 -75.89
C VAL EC 183 13.84 -40.99 -76.33
N ASN EC 184 14.13 -41.02 -77.64
CA ASN EC 184 15.21 -41.87 -78.13
C ASN EC 184 16.57 -41.37 -77.66
N VAL EC 185 16.79 -40.06 -77.65
CA VAL EC 185 18.09 -39.55 -77.27
C VAL EC 185 18.38 -39.85 -75.80
N ILE EC 186 17.35 -39.78 -74.94
CA ILE EC 186 17.57 -40.06 -73.53
C ILE EC 186 17.66 -41.55 -73.24
N ILE EC 187 17.04 -42.39 -74.06
CA ILE EC 187 17.25 -43.83 -73.93
C ILE EC 187 18.70 -44.20 -74.23
N SER EC 188 19.27 -43.63 -75.29
CA SER EC 188 20.61 -44.03 -75.71
C SER EC 188 21.69 -43.53 -74.76
N THR EC 189 21.59 -42.29 -74.29
CA THR EC 189 22.68 -41.70 -73.52
C THR EC 189 22.80 -42.32 -72.13
N TYR EC 190 21.67 -42.67 -71.50
CA TYR EC 190 21.75 -43.34 -70.22
C TYR EC 190 21.61 -44.85 -70.33
N GLY EC 191 20.76 -45.33 -71.23
CA GLY EC 191 20.63 -46.76 -71.45
C GLY EC 191 21.79 -47.29 -72.25
N GLU EC 192 22.97 -47.35 -71.62
CA GLU EC 192 24.17 -47.81 -72.30
C GLU EC 192 24.03 -49.23 -72.83
N GLY EC 193 23.08 -50.01 -72.30
CA GLY EC 193 22.81 -51.33 -72.82
C GLY EC 193 22.10 -51.29 -74.16
N GLU EC 194 22.82 -50.81 -75.17
CA GLU EC 194 22.36 -50.78 -76.55
C GLU EC 194 22.50 -52.16 -77.15
N SER EC 195 22.51 -52.28 -78.47
CA SER EC 195 22.67 -53.56 -79.16
C SER EC 195 23.79 -54.39 -78.53
N GLY EC 196 23.42 -55.54 -78.02
CA GLY EC 196 24.29 -56.26 -77.14
C GLY EC 196 23.45 -57.06 -76.18
N PRO EC 197 23.59 -56.73 -74.90
CA PRO EC 197 22.82 -57.49 -73.89
C PRO EC 197 21.29 -57.49 -74.06
N MET EC 198 20.64 -56.35 -74.38
CA MET EC 198 19.24 -56.43 -74.82
C MET EC 198 18.96 -56.05 -76.26
N GLY EC 199 19.95 -55.78 -77.09
CA GLY EC 199 19.64 -55.34 -78.45
C GLY EC 199 19.22 -53.88 -78.49
N ASN EC 200 18.58 -53.50 -79.59
CA ASN EC 200 18.06 -52.15 -79.71
C ASN EC 200 16.78 -52.01 -78.89
N ILE EC 201 16.72 -50.97 -78.08
CA ILE EC 201 15.63 -50.73 -77.15
C ILE EC 201 14.78 -49.54 -77.54
N MET EC 202 15.34 -48.59 -78.30
CA MET EC 202 14.69 -47.33 -78.60
C MET EC 202 13.33 -47.52 -79.27
N ILE EC 203 12.36 -46.71 -78.84
CA ILE EC 203 11.03 -46.75 -79.44
C ILE EC 203 11.07 -46.14 -80.84
N ASP EC 204 10.20 -46.65 -81.71
CA ASP EC 204 10.13 -46.18 -83.09
C ASP EC 204 8.72 -46.42 -83.64
N PRO EC 205 8.07 -45.39 -84.16
CA PRO EC 205 6.71 -45.58 -84.70
C PRO EC 205 6.65 -46.59 -85.83
N VAL EC 206 7.67 -46.62 -86.69
CA VAL EC 206 7.71 -47.62 -87.76
C VAL EC 206 7.77 -49.02 -87.18
N LEU EC 207 8.50 -49.18 -86.07
CA LEU EC 207 8.52 -50.45 -85.37
C LEU EC 207 7.19 -50.76 -84.69
N GLY EC 208 6.33 -49.76 -84.50
CA GLY EC 208 5.07 -49.96 -83.83
C GLY EC 208 5.09 -49.73 -82.34
N THR EC 209 6.21 -49.30 -81.79
CA THR EC 209 6.35 -49.15 -80.34
C THR EC 209 5.72 -47.88 -79.80
N VAL EC 210 5.30 -46.95 -80.66
CA VAL EC 210 4.69 -45.71 -80.20
C VAL EC 210 3.28 -45.62 -80.75
N GLY EC 211 2.36 -45.16 -79.89
CA GLY EC 211 0.97 -45.02 -80.27
C GLY EC 211 0.49 -43.60 -80.00
N PHE EC 212 -0.62 -43.27 -80.62
CA PHE EC 212 -1.20 -41.93 -80.51
C PHE EC 212 -2.66 -42.07 -80.12
N GLY EC 213 -3.16 -41.06 -79.40
CA GLY EC 213 -4.53 -41.09 -78.95
C GLY EC 213 -4.74 -40.14 -77.79
N SER EC 214 -5.82 -40.37 -77.06
CA SER EC 214 -6.18 -39.52 -75.94
C SER EC 214 -7.08 -40.30 -74.99
N GLY EC 215 -6.56 -40.59 -73.80
CA GLY EC 215 -7.31 -41.35 -72.82
C GLY EC 215 -8.60 -40.68 -72.37
N LEU EC 216 -8.63 -39.34 -72.35
CA LEU EC 216 -9.87 -38.64 -72.06
C LEU EC 216 -10.95 -39.01 -73.08
N HIS EC 217 -10.60 -39.04 -74.36
CA HIS EC 217 -11.56 -39.36 -75.40
C HIS EC 217 -11.59 -40.83 -75.77
N GLY EC 218 -10.89 -41.68 -75.01
CA GLY EC 218 -11.10 -43.11 -75.11
C GLY EC 218 -10.78 -43.72 -76.46
N TRP EC 219 -10.07 -43.00 -77.31
CA TRP EC 219 -9.70 -43.51 -78.61
C TRP EC 219 -8.21 -43.36 -78.79
N ALA EC 220 -7.61 -44.39 -79.39
CA ALA EC 220 -6.18 -44.39 -79.66
C ALA EC 220 -5.94 -45.25 -80.88
N PHE EC 221 -4.72 -45.18 -81.39
CA PHE EC 221 -4.35 -45.91 -82.59
C PHE EC 221 -2.83 -46.00 -82.66
N THR EC 222 -2.36 -46.83 -83.59
CA THR EC 222 -0.95 -46.88 -83.94
C THR EC 222 -0.86 -47.19 -85.42
N LEU EC 223 0.36 -47.23 -85.95
CA LEU EC 223 0.56 -47.38 -87.38
C LEU EC 223 0.04 -48.71 -87.91
N LYS EC 224 -0.22 -49.69 -87.03
CA LYS EC 224 -0.72 -50.99 -87.47
C LYS EC 224 -2.14 -50.88 -88.01
N GLN EC 225 -3.03 -50.24 -87.24
CA GLN EC 225 -4.45 -50.24 -87.59
C GLN EC 225 -4.70 -49.56 -88.93
N PHE EC 226 -4.05 -48.42 -89.16
CA PHE EC 226 -4.22 -47.73 -90.44
C PHE EC 226 -3.65 -48.55 -91.58
N ALA EC 227 -2.45 -49.12 -91.40
CA ALA EC 227 -1.88 -49.97 -92.43
C ALA EC 227 -2.72 -51.23 -92.64
N GLU EC 228 -3.24 -51.80 -91.55
CA GLU EC 228 -4.06 -53.00 -91.66
C GLU EC 228 -5.34 -52.72 -92.45
N MET EC 229 -6.00 -51.59 -92.18
CA MET EC 229 -7.24 -51.29 -92.87
C MET EC 229 -7.02 -50.79 -94.29
N TYR EC 230 -5.91 -50.09 -94.55
CA TYR EC 230 -5.61 -49.66 -95.91
C TYR EC 230 -5.40 -50.86 -96.83
N VAL EC 231 -4.77 -51.91 -96.32
CA VAL EC 231 -4.61 -53.14 -97.08
C VAL EC 231 -5.95 -53.82 -97.30
N ALA EC 232 -6.80 -53.81 -96.26
CA ALA EC 232 -8.13 -54.43 -96.39
C ALA EC 232 -8.94 -53.74 -97.47
N LYS EC 233 -8.89 -52.41 -97.52
CA LYS EC 233 -9.53 -51.67 -98.60
C LYS EC 233 -8.77 -51.84 -99.92
N PHE EC 234 -7.46 -52.07 -99.86
CA PHE EC 234 -6.64 -52.30 -101.03
C PHE EC 234 -7.11 -53.54 -101.81
N ALA EC 245 -1.19 -65.65 -91.89
CA ALA EC 245 -0.11 -66.03 -92.79
C ALA EC 245 0.51 -64.80 -93.45
N GLU EC 246 0.18 -64.60 -94.73
CA GLU EC 246 0.75 -63.50 -95.50
C GLU EC 246 0.29 -62.13 -95.01
N ARG EC 247 -0.73 -62.07 -94.15
CA ARG EC 247 -1.23 -60.77 -93.69
C ARG EC 247 -0.17 -60.03 -92.89
N ALA EC 248 0.69 -60.75 -92.17
CA ALA EC 248 1.72 -60.09 -91.37
C ALA EC 248 2.70 -59.33 -92.25
N LYS EC 249 3.27 -60.00 -93.25
CA LYS EC 249 4.40 -59.42 -93.97
C LYS EC 249 3.99 -58.18 -94.76
N LYS EC 250 2.79 -58.18 -95.36
CA LYS EC 250 2.41 -57.08 -96.23
C LYS EC 250 2.15 -55.80 -95.43
N VAL EC 251 1.65 -55.92 -94.21
CA VAL EC 251 1.29 -54.72 -93.45
C VAL EC 251 2.51 -54.10 -92.78
N GLU EC 252 3.57 -54.87 -92.53
CA GLU EC 252 4.75 -54.28 -91.91
C GLU EC 252 5.55 -53.46 -92.92
N ASP EC 253 5.45 -53.77 -94.21
CA ASP EC 253 6.08 -52.92 -95.20
C ASP EC 253 5.33 -51.60 -95.36
N MET EC 254 4.00 -51.64 -95.41
CA MET EC 254 3.24 -50.41 -95.36
C MET EC 254 3.40 -49.70 -94.02
N MET EC 255 3.62 -50.45 -92.94
CA MET EC 255 4.02 -49.84 -91.68
C MET EC 255 5.24 -48.93 -91.87
N LYS EC 256 6.22 -49.39 -92.64
CA LYS EC 256 7.39 -48.57 -92.95
C LYS EC 256 7.01 -47.33 -93.76
N LYS EC 257 6.08 -47.46 -94.71
CA LYS EC 257 5.79 -46.38 -95.64
C LYS EC 257 5.13 -45.19 -94.94
N LEU EC 258 4.33 -45.48 -93.90
CA LEU EC 258 3.55 -44.43 -93.26
C LEU EC 258 4.43 -43.39 -92.58
N TRP EC 259 5.38 -43.84 -91.77
CA TRP EC 259 6.22 -42.91 -91.02
C TRP EC 259 7.38 -42.42 -91.88
N GLY EC 260 8.09 -41.42 -91.38
CA GLY EC 260 9.30 -40.94 -92.00
C GLY EC 260 9.06 -39.80 -92.97
N ASP EC 261 10.08 -39.56 -93.79
CA ASP EC 261 10.05 -38.48 -94.78
C ASP EC 261 9.47 -38.92 -96.12
N ARG EC 262 9.04 -40.17 -96.25
CA ARG EC 262 8.40 -40.62 -97.48
C ARG EC 262 7.13 -39.81 -97.72
N TYR EC 263 6.97 -39.34 -98.96
CA TYR EC 263 5.83 -38.52 -99.34
C TYR EC 263 4.85 -39.33 -100.17
N PHE EC 264 3.62 -38.83 -100.25
CA PHE EC 264 2.54 -39.47 -101.00
C PHE EC 264 1.87 -38.41 -101.85
N ASP EC 265 1.68 -38.73 -103.14
CA ASP EC 265 1.01 -37.82 -104.05
C ASP EC 265 -0.45 -38.24 -104.20
N PRO EC 266 -1.42 -37.40 -103.79
CA PRO EC 266 -2.82 -37.80 -103.98
C PRO EC 266 -3.23 -37.85 -105.44
N ALA EC 267 -2.85 -36.85 -106.24
CA ALA EC 267 -3.21 -36.86 -107.65
C ALA EC 267 -2.58 -38.04 -108.37
N ASN EC 268 -1.32 -38.34 -108.09
CA ASN EC 268 -0.70 -39.55 -108.61
C ASN EC 268 -1.32 -40.78 -107.96
N GLY EC 269 -1.77 -40.65 -106.71
CA GLY EC 269 -2.29 -41.77 -105.97
C GLY EC 269 -1.24 -42.81 -105.64
N LYS EC 270 -0.02 -42.37 -105.31
CA LYS EC 270 1.08 -43.27 -105.04
C LYS EC 270 2.11 -42.56 -104.17
N PHE EC 271 3.02 -43.34 -103.62
CA PHE EC 271 4.10 -42.82 -102.80
C PHE EC 271 5.20 -42.21 -103.68
N SER EC 272 6.08 -41.45 -103.05
CA SER EC 272 7.22 -40.86 -103.73
C SER EC 272 8.25 -40.43 -102.71
N LYS EC 273 9.52 -40.71 -102.99
CA LYS EC 273 10.61 -40.26 -102.13
C LYS EC 273 11.02 -38.82 -102.41
N SER EC 274 10.74 -38.31 -103.60
CA SER EC 274 11.07 -36.93 -103.92
C SER EC 274 10.15 -35.99 -103.16
N ALA EC 275 10.72 -34.87 -102.69
CA ALA EC 275 9.94 -33.90 -101.92
C ALA EC 275 8.93 -33.16 -102.77
N THR EC 276 9.02 -33.30 -104.10
CA THR EC 276 8.12 -32.62 -105.01
C THR EC 276 7.69 -33.57 -106.12
N SER EC 277 6.50 -33.30 -106.68
CA SER EC 277 5.99 -34.09 -107.78
C SER EC 277 6.76 -33.79 -109.05
N PRO EC 278 6.69 -34.69 -110.05
CA PRO EC 278 7.41 -34.42 -111.31
C PRO EC 278 7.04 -33.11 -111.96
N GLU EC 279 5.80 -32.65 -111.81
CA GLU EC 279 5.43 -31.35 -112.33
C GLU EC 279 5.97 -30.21 -111.49
N GLY EC 280 6.18 -30.44 -110.19
CA GLY EC 280 6.72 -29.41 -109.33
C GLY EC 280 5.83 -29.10 -108.12
N LYS EC 281 4.79 -29.90 -107.93
CA LYS EC 281 3.86 -29.74 -106.82
C LYS EC 281 4.37 -30.55 -105.64
N LYS EC 282 4.88 -29.86 -104.62
CA LYS EC 282 5.36 -30.56 -103.44
C LYS EC 282 4.20 -31.25 -102.72
N LEU EC 283 4.48 -32.46 -102.23
CA LEU EC 283 3.41 -33.27 -101.66
C LEU EC 283 3.57 -33.41 -100.16
N PRO EC 284 2.48 -33.63 -99.43
CA PRO EC 284 2.58 -33.91 -98.00
C PRO EC 284 3.26 -35.25 -97.76
N ARG EC 285 3.92 -35.36 -96.62
CA ARG EC 285 4.56 -36.61 -96.24
C ARG EC 285 3.50 -37.65 -95.94
N THR EC 286 3.93 -38.92 -95.93
CA THR EC 286 2.98 -40.03 -95.88
C THR EC 286 2.22 -40.07 -94.57
N PHE EC 287 2.85 -39.67 -93.46
CA PHE EC 287 2.19 -39.76 -92.17
C PHE EC 287 1.01 -38.79 -92.08
N CYS EC 288 1.23 -37.54 -92.45
CA CYS EC 288 0.15 -36.55 -92.39
C CYS EC 288 -0.89 -36.80 -93.47
N GLN EC 289 -0.46 -37.32 -94.63
CA GLN EC 289 -1.35 -37.45 -95.77
C GLN EC 289 -2.41 -38.52 -95.55
N LEU EC 290 -2.00 -39.71 -95.11
CA LEU EC 290 -2.88 -40.87 -95.07
C LEU EC 290 -3.27 -41.29 -93.66
N ILE EC 291 -2.76 -40.61 -92.64
CA ILE EC 291 -3.15 -40.92 -91.27
C ILE EC 291 -3.94 -39.74 -90.70
N LEU EC 292 -3.33 -38.55 -90.73
CA LEU EC 292 -3.92 -37.40 -90.07
C LEU EC 292 -5.08 -36.80 -90.87
N ASP EC 293 -5.03 -36.85 -92.20
CA ASP EC 293 -6.10 -36.27 -92.99
C ASP EC 293 -7.46 -36.87 -92.66
N PRO EC 294 -7.65 -38.19 -92.63
CA PRO EC 294 -8.98 -38.70 -92.22
C PRO EC 294 -9.39 -38.27 -90.83
N ILE EC 295 -8.45 -38.22 -89.88
CA ILE EC 295 -8.79 -37.75 -88.54
C ILE EC 295 -9.14 -36.28 -88.57
N PHE EC 296 -8.37 -35.48 -89.32
CA PHE EC 296 -8.67 -34.06 -89.44
C PHE EC 296 -10.01 -33.84 -90.13
N LYS EC 297 -10.31 -34.64 -91.15
CA LYS EC 297 -11.62 -34.56 -91.79
C LYS EC 297 -12.74 -34.95 -90.83
N VAL EC 298 -12.51 -35.99 -90.03
CA VAL EC 298 -13.52 -36.44 -89.07
C VAL EC 298 -13.74 -35.37 -88.01
N PHE EC 299 -12.65 -34.83 -87.45
CA PHE EC 299 -12.78 -33.86 -86.38
C PHE EC 299 -13.49 -32.60 -86.85
N ASP EC 300 -13.04 -32.04 -87.98
CA ASP EC 300 -13.61 -30.78 -88.46
C ASP EC 300 -15.09 -30.93 -88.81
N ALA EC 301 -15.46 -32.05 -89.42
CA ALA EC 301 -16.85 -32.25 -89.83
C ALA EC 301 -17.79 -32.24 -88.64
N ILE EC 302 -17.45 -32.98 -87.59
CA ILE EC 302 -18.31 -33.04 -86.41
C ILE EC 302 -18.25 -31.73 -85.63
N MET EC 303 -17.04 -31.16 -85.49
CA MET EC 303 -16.89 -29.95 -84.68
C MET EC 303 -17.66 -28.78 -85.27
N ASN EC 304 -17.74 -28.69 -86.60
CA ASN EC 304 -18.47 -27.63 -87.27
C ASN EC 304 -19.90 -28.01 -87.61
N PHE EC 305 -20.36 -29.18 -87.16
CA PHE EC 305 -21.74 -29.63 -87.35
C PHE EC 305 -22.14 -29.63 -88.83
N LYS EC 306 -21.24 -30.13 -89.68
CA LYS EC 306 -21.55 -30.36 -91.09
C LYS EC 306 -22.22 -31.73 -91.18
N LYS EC 307 -23.55 -31.73 -91.06
CA LYS EC 307 -24.28 -32.98 -90.85
C LYS EC 307 -24.11 -33.93 -92.04
N GLU EC 308 -24.13 -33.41 -93.27
CA GLU EC 308 -23.99 -34.27 -94.43
C GLU EC 308 -22.61 -34.90 -94.49
N GLU EC 309 -21.59 -34.20 -93.99
CA GLU EC 309 -20.22 -34.73 -94.06
C GLU EC 309 -20.03 -35.87 -93.08
N THR EC 310 -20.60 -35.74 -91.87
CA THR EC 310 -20.60 -36.87 -90.94
C THR EC 310 -21.30 -38.08 -91.55
N ALA EC 311 -22.39 -37.84 -92.29
CA ALA EC 311 -23.11 -38.94 -92.93
C ALA EC 311 -22.23 -39.65 -93.95
N LYS EC 312 -21.57 -38.91 -94.83
CA LYS EC 312 -20.73 -39.54 -95.84
C LYS EC 312 -19.48 -40.15 -95.23
N LEU EC 313 -19.03 -39.60 -94.10
CA LEU EC 313 -17.80 -40.09 -93.49
C LEU EC 313 -18.02 -41.43 -92.77
N ILE EC 314 -19.14 -41.58 -92.07
CA ILE EC 314 -19.35 -42.76 -91.26
C ILE EC 314 -19.49 -44.00 -92.13
N GLU EC 315 -20.15 -43.88 -93.28
CA GLU EC 315 -20.26 -45.01 -94.19
C GLU EC 315 -18.96 -45.25 -94.95
N LYS EC 316 -18.25 -44.19 -95.33
CA LYS EC 316 -16.94 -44.36 -95.96
C LYS EC 316 -15.94 -44.97 -94.98
N LEU EC 317 -16.14 -44.74 -93.68
CA LEU EC 317 -15.28 -45.32 -92.66
C LEU EC 317 -15.79 -46.66 -92.14
N ASP EC 318 -17.01 -47.03 -92.47
CA ASP EC 318 -17.62 -48.30 -92.08
C ASP EC 318 -17.47 -48.56 -90.58
N ILE EC 319 -18.11 -47.69 -89.80
CA ILE EC 319 -18.13 -47.81 -88.35
C ILE EC 319 -19.55 -48.14 -87.91
N LYS EC 320 -19.67 -49.07 -86.97
CA LYS EC 320 -20.98 -49.50 -86.51
C LYS EC 320 -21.64 -48.43 -85.65
N LEU EC 321 -22.93 -48.20 -85.88
CA LEU EC 321 -23.70 -47.17 -85.17
C LEU EC 321 -24.51 -47.85 -84.07
N ASP EC 322 -24.12 -47.59 -82.82
CA ASP EC 322 -24.88 -48.03 -81.66
C ASP EC 322 -25.89 -46.95 -81.27
N SER EC 323 -26.47 -47.07 -80.07
CA SER EC 323 -27.49 -46.12 -79.64
C SER EC 323 -26.84 -44.81 -79.19
N GLU EC 324 -27.70 -43.86 -78.80
CA GLU EC 324 -27.37 -42.63 -78.08
C GLU EC 324 -26.38 -41.72 -78.81
N ASP EC 325 -25.96 -42.06 -80.03
CA ASP EC 325 -25.12 -41.12 -80.78
C ASP EC 325 -25.84 -40.53 -81.98
N LYS EC 326 -26.87 -41.22 -82.50
CA LYS EC 326 -27.63 -40.69 -83.62
C LYS EC 326 -28.34 -39.39 -83.25
N ASP EC 327 -28.54 -39.15 -81.96
CA ASP EC 327 -29.23 -37.96 -81.49
C ASP EC 327 -28.30 -36.91 -80.91
N LYS EC 328 -27.09 -37.26 -80.50
CA LYS EC 328 -26.20 -36.33 -79.83
C LYS EC 328 -25.06 -35.98 -80.78
N GLU EC 329 -24.81 -34.68 -80.95
CA GLU EC 329 -23.89 -34.14 -81.94
C GLU EC 329 -22.67 -33.51 -81.26
N GLY EC 330 -21.86 -32.83 -82.06
CA GLY EC 330 -20.78 -32.03 -81.50
C GLY EC 330 -19.68 -32.86 -80.87
N LYS EC 331 -18.98 -32.24 -79.93
CA LYS EC 331 -17.84 -32.92 -79.29
C LYS EC 331 -18.21 -34.26 -78.67
N PRO EC 332 -19.33 -34.42 -77.95
CA PRO EC 332 -19.72 -35.77 -77.53
C PRO EC 332 -19.90 -36.74 -78.68
N LEU EC 333 -20.37 -36.27 -79.84
CA LEU EC 333 -20.45 -37.14 -81.01
C LEU EC 333 -19.06 -37.48 -81.51
N LEU EC 334 -18.18 -36.49 -81.60
CA LEU EC 334 -16.77 -36.76 -81.90
C LEU EC 334 -16.17 -37.69 -80.87
N LYS EC 335 -16.63 -37.55 -79.62
CA LYS EC 335 -16.25 -38.49 -78.55
C LYS EC 335 -16.63 -39.91 -78.92
N ALA EC 336 -17.82 -40.10 -79.53
CA ALA EC 336 -18.31 -41.44 -79.81
C ALA EC 336 -17.66 -42.03 -81.05
N VAL EC 337 -17.65 -41.28 -82.16
CA VAL EC 337 -17.21 -41.84 -83.43
C VAL EC 337 -15.74 -42.21 -83.39
N MET EC 338 -14.92 -41.44 -82.68
CA MET EC 338 -13.50 -41.78 -82.59
C MET EC 338 -13.29 -43.02 -81.72
N ARG EC 339 -14.06 -43.13 -80.63
CA ARG EC 339 -13.95 -44.32 -79.78
C ARG EC 339 -14.34 -45.57 -80.54
N ARG EC 340 -15.50 -45.52 -81.22
CA ARG EC 340 -16.02 -46.67 -81.94
C ARG EC 340 -15.11 -47.06 -83.11
N TRP EC 341 -14.63 -46.08 -83.86
CA TRP EC 341 -13.71 -46.36 -84.96
C TRP EC 341 -12.39 -46.91 -84.44
N LEU EC 342 -11.80 -46.25 -83.45
CA LEU EC 342 -10.48 -46.60 -82.93
C LEU EC 342 -10.58 -46.83 -81.43
N PRO EC 343 -10.79 -48.07 -81.01
CA PRO EC 343 -10.84 -48.35 -79.56
C PRO EC 343 -9.48 -48.14 -78.93
N ALA EC 344 -9.45 -47.36 -77.84
CA ALA EC 344 -8.19 -47.14 -77.13
C ALA EC 344 -7.67 -48.46 -76.57
N GLY EC 345 -8.56 -49.33 -76.12
CA GLY EC 345 -8.16 -50.63 -75.62
C GLY EC 345 -7.54 -51.50 -76.69
N ASP EC 346 -8.31 -51.79 -77.75
CA ASP EC 346 -7.81 -52.64 -78.83
C ASP EC 346 -6.52 -52.08 -79.41
N ALA EC 347 -6.45 -50.76 -79.57
CA ALA EC 347 -5.23 -50.14 -80.08
C ALA EC 347 -4.06 -50.34 -79.14
N LEU EC 348 -4.29 -50.13 -77.84
CA LEU EC 348 -3.20 -50.21 -76.87
C LEU EC 348 -2.81 -51.66 -76.58
N LEU EC 349 -3.77 -52.45 -76.09
CA LEU EC 349 -3.46 -53.80 -75.61
C LEU EC 349 -2.85 -54.66 -76.70
N GLN EC 350 -3.32 -54.55 -77.94
CA GLN EC 350 -2.75 -55.35 -79.03
C GLN EC 350 -1.27 -55.03 -79.22
N MET EC 351 -0.89 -53.76 -79.06
CA MET EC 351 0.51 -53.40 -79.16
C MET EC 351 1.31 -53.84 -77.94
N ILE EC 352 0.73 -53.71 -76.75
CA ILE EC 352 1.47 -54.05 -75.54
C ILE EC 352 1.65 -55.56 -75.42
N THR EC 353 0.81 -56.33 -76.12
CA THR EC 353 1.01 -57.77 -76.17
C THR EC 353 2.13 -58.14 -77.13
N ILE EC 354 2.28 -57.37 -78.21
CA ILE EC 354 3.23 -57.74 -79.25
C ILE EC 354 4.66 -57.45 -78.82
N HIS EC 355 4.90 -56.29 -78.22
CA HIS EC 355 6.25 -55.75 -78.12
C HIS EC 355 6.93 -55.99 -76.78
N LEU EC 356 6.35 -55.55 -75.67
CA LEU EC 356 7.07 -55.66 -74.40
C LEU EC 356 7.20 -57.13 -73.98
N PRO EC 357 8.31 -57.50 -73.36
CA PRO EC 357 8.65 -58.91 -73.21
C PRO EC 357 7.78 -59.64 -72.19
N SER EC 358 7.66 -60.94 -72.42
CA SER EC 358 7.05 -61.85 -71.46
C SER EC 358 8.12 -62.30 -70.46
N PRO EC 359 7.71 -62.82 -69.30
CA PRO EC 359 8.73 -63.16 -68.28
C PRO EC 359 9.81 -64.13 -68.76
N VAL EC 360 9.47 -65.13 -69.57
CA VAL EC 360 10.48 -66.10 -69.98
C VAL EC 360 11.60 -65.44 -70.75
N THR EC 361 11.27 -64.43 -71.56
CA THR EC 361 12.29 -63.70 -72.30
C THR EC 361 12.98 -62.65 -71.43
N ALA EC 362 12.23 -61.90 -70.63
CA ALA EC 362 12.80 -60.76 -69.93
C ALA EC 362 13.67 -61.19 -68.75
N GLN EC 363 13.28 -62.26 -68.06
CA GLN EC 363 14.07 -62.73 -66.92
C GLN EC 363 15.47 -63.14 -67.34
N LYS EC 364 15.67 -63.45 -68.62
CA LYS EC 364 17.00 -63.85 -69.10
C LYS EC 364 18.02 -62.74 -68.87
N TYR EC 365 17.71 -61.53 -69.29
CA TYR EC 365 18.63 -60.40 -69.13
C TYR EC 365 18.36 -59.54 -67.91
N ARG EC 366 17.39 -59.91 -67.06
CA ARG EC 366 17.15 -59.18 -65.83
C ARG EC 366 17.81 -59.84 -64.62
N CYS EC 367 18.21 -61.11 -64.73
CA CYS EC 367 18.64 -61.86 -63.56
C CYS EC 367 19.90 -61.28 -62.93
N GLU EC 368 20.82 -60.76 -63.77
CA GLU EC 368 22.08 -60.25 -63.26
C GLU EC 368 21.89 -59.07 -62.31
N LEU EC 369 20.75 -58.39 -62.36
CA LEU EC 369 20.45 -57.30 -61.46
C LEU EC 369 19.60 -57.71 -60.27
N LEU EC 370 19.22 -58.99 -60.19
CA LEU EC 370 18.31 -59.46 -59.15
C LEU EC 370 18.99 -60.43 -58.18
N TYR EC 371 19.58 -61.50 -58.67
CA TYR EC 371 20.14 -62.55 -57.82
C TYR EC 371 21.57 -62.20 -57.44
N GLU EC 372 21.82 -62.03 -56.14
CA GLU EC 372 23.17 -61.72 -55.68
C GLU EC 372 24.10 -62.93 -55.79
N GLY EC 373 23.58 -64.14 -55.71
CA GLY EC 373 24.40 -65.32 -55.75
C GLY EC 373 25.04 -65.55 -57.10
N PRO EC 374 26.00 -66.48 -57.16
CA PRO EC 374 26.63 -66.79 -58.44
C PRO EC 374 25.60 -67.39 -59.39
N PRO EC 375 25.80 -67.21 -60.70
CA PRO EC 375 24.84 -67.77 -61.67
C PRO EC 375 24.73 -69.27 -61.61
N ASP EC 376 25.72 -69.96 -61.04
CA ASP EC 376 25.68 -71.41 -60.95
C ASP EC 376 24.76 -71.92 -59.85
N ASP EC 377 24.21 -71.04 -59.01
CA ASP EC 377 23.28 -71.49 -57.98
C ASP EC 377 21.99 -72.00 -58.61
N GLU EC 378 21.47 -73.11 -58.08
CA GLU EC 378 20.22 -73.67 -58.61
C GLU EC 378 19.07 -72.69 -58.47
N ALA EC 379 19.19 -71.72 -57.57
CA ALA EC 379 18.21 -70.65 -57.51
C ALA EC 379 18.22 -69.81 -58.78
N ALA EC 380 19.40 -69.66 -59.39
CA ALA EC 380 19.51 -68.83 -60.58
C ALA EC 380 18.73 -69.42 -61.76
N MET EC 381 18.84 -70.73 -61.99
CA MET EC 381 18.03 -71.36 -63.04
C MET EC 381 16.54 -71.16 -62.79
N GLY EC 382 16.11 -71.28 -61.54
CA GLY EC 382 14.70 -71.07 -61.24
C GLY EC 382 14.24 -69.68 -61.63
N ILE EC 383 15.13 -68.69 -61.54
CA ILE EC 383 14.78 -67.33 -61.93
C ILE EC 383 15.01 -67.14 -63.42
N LYS EC 384 16.13 -67.67 -63.93
CA LYS EC 384 16.49 -67.47 -65.34
C LYS EC 384 15.50 -68.17 -66.27
N SER EC 385 14.89 -69.27 -65.81
CA SER EC 385 14.08 -70.10 -66.68
C SER EC 385 12.59 -70.05 -66.36
N CYS EC 386 12.22 -69.72 -65.12
CA CYS EC 386 10.83 -69.79 -64.67
C CYS EC 386 10.25 -71.19 -64.92
N ASP EC 387 10.90 -72.18 -64.32
CA ASP EC 387 10.33 -73.52 -64.25
C ASP EC 387 9.40 -73.56 -63.04
N PRO EC 388 8.10 -73.81 -63.23
CA PRO EC 388 7.15 -73.75 -62.11
C PRO EC 388 7.10 -75.04 -61.30
N LYS EC 389 8.27 -75.61 -61.05
CA LYS EC 389 8.41 -76.73 -60.13
C LYS EC 389 9.69 -76.68 -59.32
N GLY EC 390 10.51 -75.63 -59.46
CA GLY EC 390 11.81 -75.60 -58.85
C GLY EC 390 11.87 -74.74 -57.60
N PRO EC 391 13.04 -74.14 -57.34
CA PRO EC 391 13.26 -73.44 -56.07
C PRO EC 391 12.51 -72.12 -55.98
N LEU EC 392 11.25 -72.17 -55.56
CA LEU EC 392 10.38 -71.01 -55.43
C LEU EC 392 11.12 -69.81 -54.86
N MET EC 393 10.98 -68.66 -55.52
CA MET EC 393 11.66 -67.44 -55.12
C MET EC 393 10.75 -66.24 -55.36
N MET EC 394 10.80 -65.29 -54.44
CA MET EC 394 10.01 -64.07 -54.50
C MET EC 394 10.89 -62.87 -54.19
N TYR EC 395 10.31 -61.68 -54.37
CA TYR EC 395 10.87 -60.44 -53.83
C TYR EC 395 9.70 -59.53 -53.49
N ILE EC 396 9.32 -59.50 -52.22
CA ILE EC 396 8.29 -58.58 -51.78
C ILE EC 396 8.83 -57.15 -51.85
N SER EC 397 8.10 -56.27 -52.50
CA SER EC 397 8.50 -54.88 -52.73
C SER EC 397 7.64 -53.88 -51.99
N LYS EC 398 6.41 -54.22 -51.65
CA LYS EC 398 5.50 -53.29 -51.00
C LYS EC 398 4.67 -54.02 -49.96
N MET EC 399 4.13 -53.25 -49.01
CA MET EC 399 3.44 -53.78 -47.86
C MET EC 399 2.12 -53.03 -47.82
N VAL EC 400 1.14 -53.48 -48.61
CA VAL EC 400 -0.06 -52.66 -48.83
C VAL EC 400 -1.03 -52.82 -47.67
N PRO EC 401 -1.57 -51.74 -47.10
CA PRO EC 401 -2.51 -51.85 -45.98
C PRO EC 401 -3.71 -52.73 -46.32
N THR EC 402 -4.17 -53.47 -45.31
CA THR EC 402 -5.40 -54.24 -45.44
C THR EC 402 -6.60 -53.34 -45.16
N SER EC 403 -7.78 -53.94 -45.09
CA SER EC 403 -9.00 -53.17 -44.92
C SER EC 403 -9.19 -52.69 -43.49
N ASP EC 404 -8.77 -53.46 -42.49
CA ASP EC 404 -9.09 -53.14 -41.09
C ASP EC 404 -8.51 -51.79 -40.68
N LYS EC 405 -7.18 -51.70 -40.58
CA LYS EC 405 -6.42 -50.49 -40.32
C LYS EC 405 -5.00 -50.84 -39.88
N GLY EC 406 -4.80 -52.08 -39.42
CA GLY EC 406 -3.53 -52.46 -38.83
C GLY EC 406 -2.64 -53.33 -39.69
N ARG EC 407 -3.22 -54.33 -40.36
CA ARG EC 407 -2.45 -55.35 -41.07
C ARG EC 407 -2.15 -54.90 -42.49
N PHE EC 408 -1.30 -55.67 -43.16
CA PHE EC 408 -0.79 -55.33 -44.49
C PHE EC 408 -0.80 -56.58 -45.37
N TYR EC 409 -0.60 -56.38 -46.68
CA TYR EC 409 -0.58 -57.46 -47.66
C TYR EC 409 0.79 -57.52 -48.30
N ALA EC 410 1.47 -58.65 -48.17
CA ALA EC 410 2.80 -58.80 -48.77
C ALA EC 410 2.70 -59.01 -50.27
N PHE EC 411 3.21 -58.05 -51.03
CA PHE EC 411 3.05 -58.04 -52.47
C PHE EC 411 4.42 -58.15 -53.14
N GLY EC 412 4.49 -58.96 -54.19
CA GLY EC 412 5.72 -59.13 -54.94
C GLY EC 412 5.48 -60.04 -56.12
N ARG EC 413 6.57 -60.39 -56.79
CA ARG EC 413 6.51 -61.35 -57.88
C ARG EC 413 7.16 -62.66 -57.47
N VAL EC 414 6.55 -63.76 -57.92
CA VAL EC 414 7.14 -65.09 -57.78
C VAL EC 414 8.04 -65.31 -58.98
N PHE EC 415 9.34 -65.50 -58.73
CA PHE EC 415 10.32 -65.65 -59.79
C PHE EC 415 10.72 -67.09 -60.04
N SER EC 416 10.24 -68.03 -59.23
CA SER EC 416 10.57 -69.44 -59.42
C SER EC 416 9.52 -70.27 -58.71
N GLY EC 417 9.48 -71.55 -59.06
CA GLY EC 417 8.66 -72.51 -58.33
C GLY EC 417 7.18 -72.15 -58.34
N LEU EC 418 6.53 -72.37 -57.20
CA LEU EC 418 5.10 -72.13 -57.08
C LEU EC 418 4.77 -71.83 -55.62
N VAL EC 419 3.80 -70.96 -55.39
CA VAL EC 419 3.34 -70.60 -54.05
C VAL EC 419 1.97 -71.21 -53.82
N SER EC 420 1.79 -71.81 -52.65
CA SER EC 420 0.49 -72.31 -52.23
C SER EC 420 0.24 -71.87 -50.80
N THR EC 421 -1.01 -71.95 -50.38
CA THR EC 421 -1.35 -71.68 -48.99
C THR EC 421 -0.72 -72.72 -48.09
N GLY EC 422 -0.35 -72.32 -46.87
CA GLY EC 422 0.28 -73.22 -45.94
C GLY EC 422 1.61 -73.79 -46.43
N LEU EC 423 2.31 -73.07 -47.28
CA LEU EC 423 3.58 -73.54 -47.84
C LEU EC 423 4.71 -73.09 -46.93
N LYS EC 424 5.25 -74.01 -46.15
CA LYS EC 424 6.43 -73.73 -45.32
C LYS EC 424 7.56 -73.26 -46.23
N VAL EC 425 8.21 -72.15 -45.88
CA VAL EC 425 9.09 -71.46 -46.80
C VAL EC 425 10.01 -70.54 -46.02
N ARG EC 426 11.14 -70.19 -46.62
CA ARG EC 426 12.17 -69.41 -45.95
C ARG EC 426 12.04 -67.93 -46.29
N ILE EC 427 12.25 -67.08 -45.29
CA ILE EC 427 12.07 -65.65 -45.42
C ILE EC 427 13.38 -64.97 -45.05
N MET EC 428 13.84 -64.05 -45.91
CA MET EC 428 15.09 -63.34 -45.74
C MET EC 428 14.80 -61.85 -45.55
N GLY EC 429 15.85 -61.05 -45.41
CA GLY EC 429 15.71 -59.64 -45.18
C GLY EC 429 16.78 -58.82 -45.88
N PRO EC 430 16.68 -57.48 -45.77
CA PRO EC 430 17.67 -56.63 -46.44
C PRO EC 430 19.08 -56.81 -45.91
N ASN EC 431 19.24 -56.99 -44.60
CA ASN EC 431 20.54 -57.23 -44.00
C ASN EC 431 20.84 -58.70 -43.80
N TYR EC 432 20.04 -59.58 -44.39
CA TYR EC 432 20.25 -61.02 -44.25
C TYR EC 432 21.55 -61.44 -44.90
N THR EC 433 22.17 -62.46 -44.34
CA THR EC 433 23.31 -63.11 -44.97
C THR EC 433 23.14 -64.62 -44.88
N PRO EC 434 23.55 -65.34 -45.93
CA PRO EC 434 23.37 -66.81 -45.93
C PRO EC 434 24.08 -67.52 -44.79
N GLY EC 435 25.22 -67.00 -44.33
CA GLY EC 435 26.01 -67.69 -43.33
C GLY EC 435 25.53 -67.58 -41.90
N LYS EC 436 24.42 -66.88 -41.68
CA LYS EC 436 23.86 -66.70 -40.35
C LYS EC 436 22.40 -67.13 -40.34
N LYS EC 437 21.80 -67.12 -39.14
CA LYS EC 437 20.39 -67.36 -38.98
C LYS EC 437 19.60 -66.09 -38.70
N GLU EC 438 20.27 -64.96 -38.49
CA GLU EC 438 19.58 -63.71 -38.25
C GLU EC 438 18.83 -63.27 -39.50
N ASP EC 439 17.75 -62.53 -39.29
CA ASP EC 439 16.89 -62.03 -40.38
C ASP EC 439 16.38 -63.17 -41.24
N LEU EC 440 16.06 -64.29 -40.59
CA LEU EC 440 15.57 -65.48 -41.27
C LEU EC 440 14.36 -66.01 -40.52
N TYR EC 441 13.30 -66.33 -41.28
CA TYR EC 441 12.04 -66.76 -40.69
C TYR EC 441 11.51 -67.96 -41.47
N LEU EC 442 11.01 -68.96 -40.76
CA LEU EC 442 10.51 -70.20 -41.36
C LEU EC 442 9.05 -70.37 -40.93
N LYS EC 443 8.14 -69.76 -41.69
CA LYS EC 443 6.71 -69.92 -41.47
C LYS EC 443 6.02 -69.98 -42.82
N PRO EC 444 4.85 -70.62 -42.89
CA PRO EC 444 4.14 -70.73 -44.18
C PRO EC 444 3.25 -69.54 -44.47
N ILE EC 445 2.53 -69.61 -45.59
CA ILE EC 445 1.60 -68.56 -46.01
C ILE EC 445 0.20 -68.95 -45.57
N GLN EC 446 -0.49 -68.01 -44.91
CA GLN EC 446 -1.86 -68.27 -44.49
C GLN EC 446 -2.78 -68.45 -45.70
N ARG EC 447 -2.76 -67.49 -46.61
CA ARG EC 447 -3.47 -67.59 -47.88
C ARG EC 447 -2.92 -66.52 -48.82
N THR EC 448 -3.25 -66.64 -50.10
CA THR EC 448 -2.73 -65.76 -51.13
C THR EC 448 -3.87 -65.05 -51.85
N ILE EC 449 -3.65 -63.78 -52.18
CA ILE EC 449 -4.68 -62.92 -52.77
C ILE EC 449 -4.11 -62.23 -54.00
N LEU EC 450 -4.93 -62.15 -55.06
CA LEU EC 450 -4.67 -61.24 -56.16
C LEU EC 450 -5.50 -59.97 -56.00
N MET EC 451 -5.04 -58.91 -56.65
CA MET EC 451 -5.65 -57.59 -56.53
C MET EC 451 -6.03 -57.05 -57.90
N MET EC 452 -7.32 -56.89 -58.13
CA MET EC 452 -7.84 -56.02 -59.20
C MET EC 452 -8.26 -54.67 -58.61
N GLY EC 453 -7.25 -53.97 -58.12
CA GLY EC 453 -7.47 -52.70 -57.44
C GLY EC 453 -8.12 -52.87 -56.09
N ARG EC 454 -9.21 -52.13 -55.86
CA ARG EC 454 -9.85 -52.13 -54.56
C ARG EC 454 -10.39 -53.52 -54.22
N TYR EC 455 -11.00 -54.17 -55.19
CA TYR EC 455 -11.47 -55.55 -55.03
C TYR EC 455 -10.27 -56.49 -54.94
N VAL EC 456 -10.47 -57.61 -54.26
CA VAL EC 456 -9.46 -58.64 -54.10
C VAL EC 456 -10.13 -60.01 -54.07
N GLU EC 457 -9.50 -61.00 -54.71
CA GLU EC 457 -10.02 -62.36 -54.74
C GLU EC 457 -8.99 -63.31 -54.14
N PRO EC 458 -9.42 -64.31 -53.37
CA PRO EC 458 -8.46 -65.29 -52.84
C PRO EC 458 -8.21 -66.40 -53.85
N ILE EC 459 -6.95 -66.83 -53.93
CA ILE EC 459 -6.49 -67.70 -55.00
C ILE EC 459 -5.72 -68.87 -54.42
N GLU EC 460 -5.94 -70.06 -55.00
CA GLU EC 460 -5.35 -71.29 -54.49
C GLU EC 460 -3.82 -71.28 -54.55
N ASP EC 461 -3.25 -70.98 -55.72
CA ASP EC 461 -1.81 -71.10 -55.92
C ASP EC 461 -1.40 -70.22 -57.09
N VAL EC 462 -0.09 -69.96 -57.19
CA VAL EC 462 0.47 -69.16 -58.28
C VAL EC 462 1.80 -69.74 -58.75
N PRO EC 463 1.99 -69.96 -60.06
CA PRO EC 463 3.32 -70.29 -60.59
C PRO EC 463 4.16 -69.04 -60.82
N CYS EC 464 5.40 -69.17 -61.30
CA CYS EC 464 6.33 -68.05 -61.22
C CYS EC 464 5.95 -66.96 -62.22
N GLY EC 465 6.72 -65.88 -62.20
CA GLY EC 465 6.57 -64.81 -63.17
C GLY EC 465 5.30 -63.99 -63.05
N ASN EC 466 4.56 -64.13 -61.95
CA ASN EC 466 3.30 -63.41 -61.77
C ASN EC 466 3.29 -62.76 -60.40
N ILE EC 467 2.37 -61.84 -60.21
CA ILE EC 467 2.23 -61.15 -58.94
C ILE EC 467 1.21 -61.86 -58.05
N VAL EC 468 1.33 -61.61 -56.74
CA VAL EC 468 0.42 -62.20 -55.76
C VAL EC 468 0.56 -61.43 -54.46
N GLY EC 469 -0.56 -61.18 -53.80
CA GLY EC 469 -0.56 -60.54 -52.49
C GLY EC 469 -0.61 -61.59 -51.39
N LEU EC 470 0.32 -61.48 -50.45
CA LEU EC 470 0.50 -62.48 -49.40
C LEU EC 470 0.04 -61.89 -48.07
N VAL EC 471 -0.92 -62.55 -47.44
CA VAL EC 471 -1.36 -62.20 -46.10
C VAL EC 471 -0.77 -63.23 -45.14
N GLY EC 472 -0.22 -62.74 -44.03
CA GLY EC 472 0.54 -63.58 -43.14
C GLY EC 472 2.03 -63.44 -43.25
N VAL EC 473 2.51 -62.30 -43.76
CA VAL EC 473 3.93 -61.96 -43.78
C VAL EC 473 4.20 -60.61 -43.14
N ASP EC 474 3.17 -59.97 -42.58
CA ASP EC 474 3.26 -58.58 -42.15
C ASP EC 474 4.34 -58.40 -41.09
N GLN EC 475 4.27 -59.20 -40.02
CA GLN EC 475 5.11 -58.93 -38.85
C GLN EC 475 6.56 -59.36 -39.08
N PHE EC 476 6.78 -60.37 -39.91
CA PHE EC 476 8.12 -60.91 -40.10
C PHE EC 476 8.98 -60.10 -41.07
N LEU EC 477 8.39 -59.23 -41.87
CA LEU EC 477 9.13 -58.50 -42.90
C LEU EC 477 8.94 -57.00 -42.70
N VAL EC 478 10.02 -56.25 -42.88
CA VAL EC 478 10.00 -54.80 -42.84
C VAL EC 478 10.40 -54.27 -44.21
N LYS EC 479 9.64 -53.30 -44.70
CA LYS EC 479 9.91 -52.65 -45.98
C LYS EC 479 9.87 -53.64 -47.14
N THR EC 480 10.95 -54.40 -47.33
CA THR EC 480 11.06 -55.31 -48.44
C THR EC 480 11.85 -56.54 -48.03
N GLY EC 481 11.68 -57.62 -48.79
CA GLY EC 481 12.37 -58.86 -48.51
C GLY EC 481 12.05 -59.90 -49.57
N THR EC 482 12.73 -61.03 -49.47
CA THR EC 482 12.61 -62.10 -50.45
C THR EC 482 12.31 -63.41 -49.75
N ILE EC 483 11.55 -64.27 -50.45
CA ILE EC 483 11.08 -65.54 -49.91
C ILE EC 483 11.48 -66.66 -50.87
N THR EC 484 12.17 -67.67 -50.33
CA THR EC 484 12.62 -68.80 -51.14
C THR EC 484 12.29 -70.09 -50.42
N THR EC 485 11.88 -71.10 -51.19
CA THR EC 485 11.89 -72.47 -50.70
C THR EC 485 13.29 -73.04 -50.63
N PHE EC 486 14.19 -72.53 -51.47
CA PHE EC 486 15.56 -73.02 -51.50
C PHE EC 486 16.27 -72.69 -50.19
N GLU EC 487 17.06 -73.63 -49.69
CA GLU EC 487 17.76 -73.48 -48.43
C GLU EC 487 19.16 -72.91 -48.59
N HIS EC 488 19.55 -72.55 -49.81
CA HIS EC 488 20.88 -72.00 -50.07
C HIS EC 488 20.83 -70.72 -50.89
N ALA EC 489 19.64 -70.22 -51.20
CA ALA EC 489 19.50 -69.05 -52.07
C ALA EC 489 20.12 -67.81 -51.44
N HIS EC 490 20.55 -66.89 -52.28
CA HIS EC 490 21.11 -65.62 -51.83
C HIS EC 490 20.04 -64.53 -51.93
N ASN EC 491 20.24 -63.44 -51.19
CA ASN EC 491 19.26 -62.39 -51.03
C ASN EC 491 18.99 -61.70 -52.36
N MET EC 492 18.05 -60.76 -52.37
CA MET EC 492 17.69 -60.00 -53.57
C MET EC 492 18.41 -58.66 -53.51
N ARG EC 493 18.84 -58.17 -54.67
CA ARG EC 493 19.54 -56.89 -54.72
C ARG EC 493 18.60 -55.76 -54.30
N VAL EC 494 19.13 -54.84 -53.48
CA VAL EC 494 18.30 -53.80 -52.90
C VAL EC 494 17.90 -52.77 -53.97
N MET EC 495 16.79 -52.09 -53.73
CA MET EC 495 16.32 -51.06 -54.64
C MET EC 495 17.29 -49.88 -54.64
N LYS EC 496 17.42 -49.23 -55.80
CA LYS EC 496 18.27 -48.06 -55.97
C LYS EC 496 17.38 -46.87 -56.27
N PHE EC 497 16.92 -46.20 -55.22
CA PHE EC 497 16.09 -45.01 -55.38
C PHE EC 497 16.94 -43.80 -55.76
N SER EC 498 16.46 -43.05 -56.74
CA SER EC 498 17.12 -41.79 -57.07
C SER EC 498 17.04 -40.79 -55.93
N VAL EC 499 15.89 -40.72 -55.26
CA VAL EC 499 15.74 -39.85 -54.09
C VAL EC 499 16.35 -40.51 -52.88
N SER EC 500 16.50 -39.76 -51.81
CA SER EC 500 17.01 -40.25 -50.54
C SER EC 500 16.29 -39.53 -49.40
N PRO EC 501 16.19 -40.17 -48.23
CA PRO EC 501 15.42 -39.56 -47.13
C PRO EC 501 16.09 -38.30 -46.60
N VAL EC 502 15.93 -37.21 -47.34
CA VAL EC 502 16.69 -35.98 -47.10
C VAL EC 502 15.86 -34.94 -46.36
N VAL EC 503 14.58 -34.79 -46.70
CA VAL EC 503 13.74 -33.84 -45.98
C VAL EC 503 13.17 -34.51 -44.74
N ARG EC 504 13.28 -33.84 -43.60
CA ARG EC 504 13.04 -34.45 -42.31
C ARG EC 504 12.25 -33.50 -41.41
N VAL EC 505 11.29 -34.07 -40.67
CA VAL EC 505 10.47 -33.31 -39.73
C VAL EC 505 10.41 -34.06 -38.41
N ALA EC 506 10.11 -33.33 -37.34
CA ALA EC 506 9.99 -33.90 -36.01
C ALA EC 506 8.53 -34.03 -35.64
N VAL EC 507 8.13 -35.24 -35.25
CA VAL EC 507 6.74 -35.54 -34.90
C VAL EC 507 6.68 -35.92 -33.43
N GLU EC 508 5.76 -35.26 -32.71
CA GLU EC 508 5.47 -35.62 -31.33
C GLU EC 508 3.97 -35.55 -31.11
N ALA EC 509 3.47 -36.39 -30.22
CA ALA EC 509 2.04 -36.40 -29.92
C ALA EC 509 1.65 -35.17 -29.11
N LYS EC 510 0.44 -34.67 -29.37
CA LYS EC 510 -0.05 -33.53 -28.60
C LYS EC 510 -0.27 -33.89 -27.14
N ASN EC 511 -0.88 -35.05 -26.89
CA ASN EC 511 -1.03 -35.52 -25.52
C ASN EC 511 0.21 -36.31 -25.11
N PRO EC 512 0.88 -35.94 -24.03
CA PRO EC 512 2.07 -36.70 -23.61
C PRO EC 512 1.80 -38.16 -23.35
N ALA EC 513 0.61 -38.51 -22.85
CA ALA EC 513 0.25 -39.91 -22.66
C ALA EC 513 -0.31 -40.52 -23.94
N ASP EC 514 0.45 -40.33 -25.03
CA ASP EC 514 0.06 -40.89 -26.32
C ASP EC 514 1.27 -41.40 -27.10
N LEU EC 515 2.41 -41.60 -26.45
CA LEU EC 515 3.58 -42.17 -27.11
C LEU EC 515 3.37 -43.59 -27.65
N PRO EC 516 2.72 -44.53 -26.95
CA PRO EC 516 2.67 -45.88 -27.53
C PRO EC 516 1.80 -46.03 -28.77
N LYS EC 517 0.80 -45.17 -28.97
CA LYS EC 517 0.09 -45.19 -30.25
C LYS EC 517 0.93 -44.52 -31.34
N LEU EC 518 1.70 -43.49 -30.97
CA LEU EC 518 2.56 -42.82 -31.93
C LEU EC 518 3.66 -43.74 -32.44
N VAL EC 519 4.38 -44.40 -31.53
CA VAL EC 519 5.50 -45.24 -31.94
C VAL EC 519 5.00 -46.47 -32.69
N GLU EC 520 3.82 -46.97 -32.34
CA GLU EC 520 3.24 -48.05 -33.12
C GLU EC 520 2.75 -47.55 -34.47
N GLY EC 521 2.25 -46.31 -34.52
CA GLY EC 521 1.95 -45.69 -35.79
C GLY EC 521 3.20 -45.39 -36.60
N LEU EC 522 4.27 -44.96 -35.94
CA LEU EC 522 5.53 -44.72 -36.63
C LEU EC 522 6.10 -46.01 -37.21
N LYS EC 523 6.02 -47.11 -36.47
CA LYS EC 523 6.48 -48.40 -36.98
C LYS EC 523 5.66 -48.81 -38.20
N ARG EC 524 4.33 -48.62 -38.13
CA ARG EC 524 3.47 -48.99 -39.25
C ARG EC 524 3.68 -48.07 -40.44
N LEU EC 525 3.96 -46.79 -40.18
CA LEU EC 525 4.22 -45.85 -41.27
C LEU EC 525 5.47 -46.24 -42.04
N ALA EC 526 6.55 -46.59 -41.32
CA ALA EC 526 7.77 -47.04 -41.99
C ALA EC 526 7.50 -48.31 -42.80
N LYS EC 527 6.60 -49.15 -42.31
CA LYS EC 527 6.23 -50.37 -43.01
C LYS EC 527 5.52 -50.08 -44.33
N SER EC 528 4.63 -49.08 -44.34
CA SER EC 528 3.82 -48.79 -45.52
C SER EC 528 4.65 -48.28 -46.70
N ASP EC 529 5.30 -47.14 -46.53
CA ASP EC 529 6.05 -46.52 -47.63
C ASP EC 529 7.44 -47.15 -47.73
N PRO EC 530 7.81 -47.73 -48.87
CA PRO EC 530 9.10 -48.41 -48.93
C PRO EC 530 10.24 -47.44 -49.19
N MET EC 531 10.15 -46.24 -48.61
CA MET EC 531 11.21 -45.24 -48.71
C MET EC 531 11.41 -44.45 -47.43
N VAL EC 532 10.38 -44.31 -46.60
CA VAL EC 532 10.45 -43.43 -45.45
C VAL EC 532 11.20 -44.11 -44.32
N GLN EC 533 12.01 -43.33 -43.61
CA GLN EC 533 12.80 -43.84 -42.50
C GLN EC 533 12.49 -43.04 -41.25
N CYS EC 534 12.09 -43.74 -40.20
CA CYS EC 534 11.75 -43.14 -38.92
C CYS EC 534 12.86 -43.47 -37.93
N ILE EC 535 13.68 -42.47 -37.60
CA ILE EC 535 14.81 -42.65 -36.69
C ILE EC 535 14.53 -41.91 -35.39
N ILE EC 536 15.25 -42.30 -34.35
CA ILE EC 536 15.26 -41.58 -33.08
C ILE EC 536 16.57 -40.79 -33.04
N GLU EC 537 16.45 -39.46 -33.03
CA GLU EC 537 17.63 -38.62 -33.05
C GLU EC 537 18.31 -38.64 -31.68
N GLU EC 538 19.45 -37.96 -31.58
CA GLU EC 538 20.21 -37.97 -30.34
C GLU EC 538 19.42 -37.40 -29.17
N SER EC 539 18.64 -36.34 -29.41
CA SER EC 539 17.87 -35.72 -28.34
C SER EC 539 16.64 -36.53 -27.95
N GLY EC 540 16.32 -37.59 -28.68
CA GLY EC 540 15.17 -38.43 -28.38
C GLY EC 540 13.92 -38.10 -29.15
N GLU EC 541 14.01 -37.28 -30.19
CA GLU EC 541 12.86 -36.91 -30.98
C GLU EC 541 12.55 -37.99 -32.01
N HIS EC 542 11.30 -37.98 -32.49
CA HIS EC 542 10.88 -38.83 -33.59
C HIS EC 542 11.03 -38.05 -34.89
N ILE EC 543 12.01 -38.44 -35.71
CA ILE EC 543 12.31 -37.76 -36.96
C ILE EC 543 11.81 -38.63 -38.10
N ILE EC 544 10.97 -38.06 -38.97
CA ILE EC 544 10.48 -38.74 -40.15
C ILE EC 544 11.15 -38.12 -41.36
N ALA EC 545 11.90 -38.92 -42.11
CA ALA EC 545 12.63 -38.45 -43.28
C ALA EC 545 12.02 -39.04 -44.54
N GLY EC 546 11.65 -38.18 -45.47
CA GLY EC 546 11.11 -38.62 -46.74
C GLY EC 546 11.86 -38.02 -47.91
N ALA EC 547 11.35 -38.22 -49.12
CA ALA EC 547 12.01 -37.68 -50.30
C ALA EC 547 11.72 -36.21 -50.52
N GLY EC 548 10.46 -35.81 -50.42
CA GLY EC 548 10.08 -34.43 -50.67
C GLY EC 548 9.10 -33.94 -49.64
N GLU EC 549 8.82 -32.63 -49.71
CA GLU EC 549 7.87 -32.02 -48.77
C GLU EC 549 6.46 -32.50 -49.03
N LEU EC 550 6.12 -32.73 -50.30
CA LEU EC 550 4.81 -33.29 -50.63
C LEU EC 550 4.65 -34.69 -50.07
N HIS EC 551 5.70 -35.51 -50.18
CA HIS EC 551 5.65 -36.86 -49.62
C HIS EC 551 5.50 -36.80 -48.11
N LEU EC 552 6.26 -35.92 -47.46
CA LEU EC 552 6.22 -35.83 -46.01
C LEU EC 552 4.87 -35.31 -45.53
N GLU EC 553 4.26 -34.41 -46.29
CA GLU EC 553 2.87 -34.03 -45.99
C GLU EC 553 1.93 -35.19 -46.21
N ILE EC 554 2.16 -35.98 -47.27
CA ILE EC 554 1.34 -37.17 -47.50
C ILE EC 554 1.57 -38.20 -46.41
N CYS EC 555 2.84 -38.50 -46.12
CA CYS EC 555 3.14 -39.50 -45.09
C CYS EC 555 2.59 -39.08 -43.74
N LEU EC 556 2.77 -37.81 -43.38
CA LEU EC 556 2.18 -37.31 -42.16
C LEU EC 556 0.66 -37.43 -42.18
N LYS EC 557 0.03 -37.24 -43.34
CA LYS EC 557 -1.41 -37.30 -43.40
C LYS EC 557 -1.92 -38.70 -43.04
N ASP EC 558 -1.26 -39.73 -43.59
CA ASP EC 558 -1.63 -41.08 -43.22
C ASP EC 558 -1.42 -41.32 -41.72
N LEU EC 559 -0.45 -40.62 -41.12
CA LEU EC 559 -0.12 -40.94 -39.74
C LEU EC 559 -1.18 -40.40 -38.77
N GLU EC 560 -1.69 -39.17 -39.00
CA GLU EC 560 -2.64 -38.61 -38.02
C GLU EC 560 -3.99 -39.33 -38.10
N GLU EC 561 -4.29 -39.94 -39.24
CA GLU EC 561 -5.59 -40.56 -39.44
C GLU EC 561 -5.58 -42.06 -39.21
N ASP EC 562 -4.80 -42.80 -40.00
CA ASP EC 562 -4.89 -44.26 -39.97
C ASP EC 562 -3.75 -44.91 -39.19
N HIS EC 563 -2.51 -44.46 -39.39
CA HIS EC 563 -1.38 -45.15 -38.75
C HIS EC 563 -1.42 -44.98 -37.24
N ALA EC 564 -1.76 -43.79 -36.76
CA ALA EC 564 -1.89 -43.56 -35.32
C ALA EC 564 -3.29 -43.16 -34.88
N CYS EC 565 -3.99 -42.34 -35.67
CA CYS EC 565 -5.28 -41.77 -35.27
C CYS EC 565 -5.14 -40.99 -33.97
N ILE EC 566 -4.03 -40.27 -33.82
CA ILE EC 566 -3.76 -39.51 -32.61
C ILE EC 566 -3.40 -38.10 -33.10
N PRO EC 567 -3.75 -37.03 -32.39
CA PRO EC 567 -3.41 -35.69 -32.90
C PRO EC 567 -1.97 -35.32 -32.54
N ILE EC 568 -1.24 -34.84 -33.55
CA ILE EC 568 0.18 -34.58 -33.42
C ILE EC 568 0.44 -33.12 -33.75
N LYS EC 569 1.67 -32.69 -33.44
CA LYS EC 569 2.19 -31.41 -33.88
C LYS EC 569 3.55 -31.64 -34.53
N LYS EC 570 3.84 -30.88 -35.58
CA LYS EC 570 5.03 -31.07 -36.38
C LYS EC 570 6.00 -29.91 -36.21
N SER EC 571 7.29 -30.19 -36.32
CA SER EC 571 8.31 -29.18 -36.14
C SER EC 571 9.57 -29.58 -36.90
N ASP EC 572 10.43 -28.61 -37.12
CA ASP EC 572 11.74 -28.89 -37.69
C ASP EC 572 12.61 -29.59 -36.65
N PRO EC 573 13.32 -30.66 -37.04
CA PRO EC 573 14.10 -31.42 -36.06
C PRO EC 573 15.13 -30.56 -35.35
N VAL EC 574 15.34 -30.85 -34.08
CA VAL EC 574 16.36 -30.16 -33.31
C VAL EC 574 17.73 -30.57 -33.83
N VAL EC 575 18.71 -29.69 -33.64
CA VAL EC 575 20.08 -29.91 -34.07
C VAL EC 575 20.95 -30.06 -32.84
N SER EC 576 21.72 -31.14 -32.80
CA SER EC 576 22.66 -31.36 -31.71
C SER EC 576 23.94 -30.57 -31.96
N TYR EC 577 24.59 -30.16 -30.88
CA TYR EC 577 25.83 -29.40 -30.96
C TYR EC 577 26.86 -30.00 -30.02
N ARG EC 578 28.12 -29.72 -30.31
CA ARG EC 578 29.24 -30.15 -29.47
C ARG EC 578 29.99 -28.91 -29.00
N GLU EC 579 30.34 -28.90 -27.72
CA GLU EC 579 31.12 -27.80 -27.17
C GLU EC 579 32.60 -28.14 -27.18
N THR EC 580 33.43 -27.12 -27.37
CA THR EC 580 34.87 -27.29 -27.44
C THR EC 580 35.54 -25.99 -27.04
N VAL EC 581 36.86 -26.05 -26.88
CA VAL EC 581 37.65 -24.91 -26.47
C VAL EC 581 38.46 -24.42 -27.66
N SER EC 582 38.71 -23.11 -27.67
CA SER EC 582 39.48 -22.50 -28.75
C SER EC 582 40.98 -22.67 -28.54
N GLU EC 583 41.50 -22.14 -27.43
CA GLU EC 583 42.92 -22.20 -27.12
C GLU EC 583 43.09 -22.65 -25.67
N GLU EC 584 44.34 -22.73 -25.23
CA GLU EC 584 44.63 -23.09 -23.85
C GLU EC 584 44.09 -22.04 -22.89
N SER EC 585 43.62 -22.50 -21.73
CA SER EC 585 43.02 -21.61 -20.75
C SER EC 585 44.05 -20.63 -20.21
N ASN EC 586 43.58 -19.43 -19.86
CA ASN EC 586 44.49 -18.36 -19.45
C ASN EC 586 45.15 -18.68 -18.11
N VAL EC 587 44.35 -18.90 -17.07
CA VAL EC 587 44.86 -19.06 -15.72
C VAL EC 587 44.72 -20.52 -15.30
N LEU EC 588 45.43 -20.88 -14.23
CA LEU EC 588 45.30 -22.19 -13.61
C LEU EC 588 43.98 -22.23 -12.85
N CYS EC 589 43.15 -23.22 -13.14
CA CYS EC 589 41.81 -23.27 -12.56
C CYS EC 589 41.79 -24.16 -11.32
N LEU EC 590 41.37 -23.57 -10.20
CA LEU EC 590 41.30 -24.25 -8.92
C LEU EC 590 39.84 -24.53 -8.56
N SER EC 591 39.61 -25.65 -7.89
CA SER EC 591 38.29 -26.02 -7.41
C SER EC 591 38.39 -26.65 -6.03
N LYS EC 592 37.83 -25.96 -5.04
CA LYS EC 592 37.73 -26.50 -3.69
C LYS EC 592 36.68 -27.59 -3.62
N SER EC 593 36.86 -28.48 -2.65
CA SER EC 593 35.80 -29.42 -2.31
C SER EC 593 34.82 -28.77 -1.35
N PRO EC 594 33.56 -29.24 -1.32
CA PRO EC 594 32.55 -28.59 -0.40
C PRO EC 594 32.83 -28.66 1.09
N ASN EC 595 33.81 -29.46 1.52
CA ASN EC 595 34.35 -29.42 2.87
C ASN EC 595 35.60 -28.57 2.95
N LYS EC 596 36.04 -27.99 1.83
CA LYS EC 596 37.21 -27.12 1.78
C LYS EC 596 38.48 -27.87 2.19
N HIS EC 597 38.56 -29.13 1.78
CA HIS EC 597 39.66 -30.01 2.19
C HIS EC 597 40.49 -30.50 1.01
N ASN EC 598 39.96 -30.46 -0.21
CA ASN EC 598 40.67 -30.91 -1.40
C ASN EC 598 40.76 -29.75 -2.38
N ARG EC 599 41.87 -29.66 -3.09
CA ARG EC 599 42.10 -28.61 -4.07
C ARG EC 599 42.52 -29.24 -5.38
N LEU EC 600 41.80 -28.92 -6.46
CA LEU EC 600 42.06 -29.45 -7.79
C LEU EC 600 42.47 -28.32 -8.72
N TYR EC 601 43.68 -28.42 -9.27
CA TYR EC 601 44.18 -27.49 -10.26
C TYR EC 601 44.27 -28.22 -11.60
N MET EC 602 43.67 -27.64 -12.63
CA MET EC 602 43.67 -28.28 -13.94
C MET EC 602 43.32 -27.25 -15.01
N LYS EC 603 43.90 -27.44 -16.20
CA LYS EC 603 43.69 -26.56 -17.33
C LYS EC 603 43.07 -27.36 -18.47
N ALA EC 604 42.64 -26.64 -19.50
CA ALA EC 604 42.04 -27.23 -20.69
C ALA EC 604 42.84 -26.86 -21.92
N ARG EC 605 42.92 -27.78 -22.89
CA ARG EC 605 43.62 -27.47 -24.11
C ARG EC 605 42.87 -28.08 -25.30
N PRO EC 606 42.73 -27.33 -26.38
CA PRO EC 606 42.08 -27.89 -27.58
C PRO EC 606 42.90 -29.03 -28.19
N PHE EC 607 42.18 -29.93 -28.84
CA PHE EC 607 42.83 -31.03 -29.53
C PHE EC 607 43.68 -30.50 -30.69
N PRO EC 608 44.76 -31.20 -31.05
CA PRO EC 608 45.66 -30.69 -32.09
C PRO EC 608 44.96 -30.45 -33.42
N ASP EC 609 44.37 -31.49 -34.00
CA ASP EC 609 43.65 -31.38 -35.26
C ASP EC 609 42.78 -32.60 -35.51
N GLY EC 610 43.25 -33.50 -36.37
CA GLY EC 610 42.51 -34.68 -36.75
C GLY EC 610 42.38 -35.75 -35.68
N LEU EC 611 42.69 -35.43 -34.43
CA LEU EC 611 42.64 -36.43 -33.38
C LEU EC 611 41.20 -36.83 -33.06
N ALA EC 612 40.32 -35.84 -32.88
CA ALA EC 612 38.93 -36.13 -32.57
C ALA EC 612 38.29 -36.98 -33.67
N GLU EC 613 38.77 -36.85 -34.91
CA GLU EC 613 38.37 -37.77 -35.97
C GLU EC 613 38.84 -39.19 -35.66
N ASP EC 614 40.14 -39.36 -35.41
CA ASP EC 614 40.69 -40.70 -35.25
C ASP EC 614 40.03 -41.46 -34.10
N ILE EC 615 39.49 -40.73 -33.12
CA ILE EC 615 38.78 -41.39 -32.04
C ILE EC 615 37.55 -42.12 -32.56
N ASP EC 616 36.87 -41.51 -33.53
CA ASP EC 616 35.62 -42.08 -34.03
C ASP EC 616 35.86 -43.27 -34.95
N LYS EC 617 36.91 -43.20 -35.79
CA LYS EC 617 37.22 -44.33 -36.66
C LYS EC 617 37.62 -45.57 -35.86
N GLY EC 618 38.46 -45.40 -34.85
CA GLY EC 618 38.96 -46.51 -34.07
C GLY EC 618 40.47 -46.65 -34.04
N GLU EC 619 41.21 -45.75 -34.68
CA GLU EC 619 42.66 -45.77 -34.56
C GLU EC 619 43.09 -45.64 -33.11
N VAL EC 620 42.51 -44.70 -32.37
CA VAL EC 620 42.80 -44.47 -30.97
C VAL EC 620 41.54 -44.73 -30.17
N SER EC 621 41.66 -45.56 -29.14
CA SER EC 621 40.49 -46.02 -28.39
C SER EC 621 40.87 -46.28 -26.95
N ALA EC 622 39.86 -46.35 -26.09
CA ALA EC 622 40.07 -46.68 -24.68
C ALA EC 622 40.62 -48.10 -24.52
N ARG EC 623 40.08 -49.04 -25.28
CA ARG EC 623 40.56 -50.42 -25.22
C ARG EC 623 42.02 -50.53 -25.67
N GLN EC 624 42.50 -49.55 -26.43
CA GLN EC 624 43.90 -49.56 -26.87
C GLN EC 624 44.82 -49.39 -25.66
N GLU EC 625 45.90 -50.16 -25.65
CA GLU EC 625 46.82 -50.18 -24.52
C GLU EC 625 47.67 -48.92 -24.48
N LEU EC 626 48.12 -48.56 -23.28
CA LEU EC 626 48.74 -47.26 -23.05
C LEU EC 626 50.03 -47.10 -23.85
N LYS EC 627 50.86 -48.15 -23.91
CA LYS EC 627 52.22 -48.00 -24.40
C LYS EC 627 52.25 -47.69 -25.90
N GLN EC 628 51.51 -48.45 -26.70
CA GLN EC 628 51.48 -48.18 -28.14
C GLN EC 628 50.61 -46.98 -28.47
N ARG EC 629 49.54 -46.76 -27.71
CA ARG EC 629 48.77 -45.52 -27.85
C ARG EC 629 49.67 -44.31 -27.67
N ALA EC 630 50.42 -44.29 -26.56
CA ALA EC 630 51.33 -43.18 -26.30
C ALA EC 630 52.37 -43.05 -27.40
N ARG EC 631 52.90 -44.18 -27.88
CA ARG EC 631 53.85 -44.16 -28.98
C ARG EC 631 53.23 -43.54 -30.23
N TYR EC 632 51.95 -43.86 -30.48
CA TYR EC 632 51.28 -43.33 -31.66
C TYR EC 632 51.13 -41.80 -31.59
N LEU EC 633 50.57 -41.30 -30.48
CA LEU EC 633 50.31 -39.86 -30.38
C LEU EC 633 51.61 -39.07 -30.42
N ALA EC 634 52.71 -39.66 -29.95
CA ALA EC 634 54.00 -38.97 -29.97
C ALA EC 634 54.47 -38.73 -31.39
N GLU EC 635 54.33 -39.74 -32.26
CA GLU EC 635 54.88 -39.61 -33.62
C GLU EC 635 53.99 -38.75 -34.50
N LYS EC 636 52.68 -38.78 -34.29
CA LYS EC 636 51.76 -38.02 -35.14
C LYS EC 636 51.42 -36.65 -34.54
N TYR EC 637 50.85 -36.64 -33.34
CA TYR EC 637 50.33 -35.41 -32.76
C TYR EC 637 51.28 -34.84 -31.70
N GLU EC 638 52.59 -35.01 -31.92
CA GLU EC 638 53.65 -34.45 -31.09
C GLU EC 638 53.36 -34.55 -29.60
N TRP EC 639 52.65 -35.61 -29.20
CA TRP EC 639 52.25 -35.77 -27.81
C TRP EC 639 53.50 -36.03 -26.96
N ASP EC 640 53.56 -35.42 -25.79
CA ASP EC 640 54.61 -35.79 -24.85
C ASP EC 640 54.42 -37.24 -24.44
N VAL EC 641 55.42 -38.08 -24.76
CA VAL EC 641 55.23 -39.51 -24.57
C VAL EC 641 55.06 -39.85 -23.10
N ALA EC 642 55.68 -39.09 -22.20
CA ALA EC 642 55.51 -39.36 -20.78
C ALA EC 642 54.06 -39.14 -20.35
N GLU EC 643 53.49 -37.99 -20.72
CA GLU EC 643 52.09 -37.73 -20.39
C GLU EC 643 51.14 -38.66 -21.13
N ALA EC 644 51.54 -39.15 -22.31
CA ALA EC 644 50.67 -40.03 -23.08
C ALA EC 644 50.63 -41.44 -22.50
N ARG EC 645 51.58 -41.79 -21.63
CA ARG EC 645 51.47 -43.00 -20.84
C ARG EC 645 50.61 -42.79 -19.60
N LYS EC 646 50.16 -41.56 -19.35
CA LYS EC 646 49.34 -41.22 -18.21
C LYS EC 646 47.90 -40.91 -18.61
N ILE EC 647 47.38 -41.60 -19.63
CA ILE EC 647 46.00 -41.41 -20.03
C ILE EC 647 45.07 -42.08 -19.03
N TRP EC 648 44.05 -41.34 -18.60
CA TRP EC 648 43.11 -41.82 -17.60
C TRP EC 648 41.80 -42.30 -18.24
N CYS EC 649 41.19 -41.47 -19.07
CA CYS EC 649 39.87 -41.77 -19.62
C CYS EC 649 39.72 -41.10 -20.98
N PHE EC 650 38.61 -41.40 -21.64
CA PHE EC 650 38.40 -41.15 -23.06
C PHE EC 650 37.02 -40.55 -23.33
N GLY EC 651 36.67 -39.50 -22.60
CA GLY EC 651 35.52 -38.71 -22.92
C GLY EC 651 34.19 -39.37 -22.60
N PRO EC 652 33.13 -38.90 -23.25
CA PRO EC 652 31.78 -39.41 -22.95
C PRO EC 652 31.68 -40.91 -23.12
N ASP EC 653 31.05 -41.56 -22.13
CA ASP EC 653 30.90 -43.02 -22.09
C ASP EC 653 32.24 -43.74 -22.27
N GLY EC 654 33.33 -43.08 -21.86
CA GLY EC 654 34.64 -43.70 -21.95
C GLY EC 654 35.19 -43.87 -23.34
N THR EC 655 34.54 -43.29 -24.36
CA THR EC 655 34.97 -43.48 -25.74
C THR EC 655 34.98 -42.19 -26.55
N GLY EC 656 34.41 -41.09 -26.05
CA GLY EC 656 34.31 -39.87 -26.82
C GLY EC 656 35.64 -39.20 -27.08
N PRO EC 657 35.65 -38.20 -27.97
CA PRO EC 657 36.89 -37.54 -28.38
C PRO EC 657 37.37 -36.47 -27.41
N ASN EC 658 37.44 -36.83 -26.12
CA ASN EC 658 38.01 -35.97 -25.10
C ASN EC 658 38.93 -36.81 -24.21
N ILE EC 659 40.06 -36.22 -23.85
CA ILE EC 659 41.08 -36.92 -23.07
C ILE EC 659 41.33 -36.15 -21.78
N LEU EC 660 41.50 -36.90 -20.68
CA LEU EC 660 41.89 -36.34 -19.39
C LEU EC 660 43.21 -36.97 -18.97
N THR EC 661 44.24 -36.14 -18.85
CA THR EC 661 45.57 -36.59 -18.53
C THR EC 661 46.10 -35.82 -17.33
N ASP EC 662 46.99 -36.46 -16.58
CA ASP EC 662 47.56 -35.88 -15.37
C ASP EC 662 49.00 -35.47 -15.61
N ILE EC 663 49.24 -34.16 -15.60
CA ILE EC 663 50.60 -33.61 -15.55
C ILE EC 663 51.19 -33.74 -14.14
N THR EC 664 50.38 -34.18 -13.18
CA THR EC 664 50.75 -34.13 -11.76
C THR EC 664 52.10 -34.81 -11.51
N LYS EC 665 52.90 -34.17 -10.66
CA LYS EC 665 54.24 -34.64 -10.34
C LYS EC 665 54.36 -34.77 -8.83
N GLY EC 666 54.67 -35.97 -8.34
CA GLY EC 666 54.93 -36.16 -6.94
C GLY EC 666 53.73 -36.10 -6.02
N VAL EC 667 52.53 -36.27 -6.57
CA VAL EC 667 51.32 -36.31 -5.75
C VAL EC 667 51.16 -37.72 -5.19
N GLN EC 668 50.39 -37.82 -4.10
CA GLN EC 668 50.36 -39.03 -3.30
C GLN EC 668 49.03 -39.78 -3.40
N TYR EC 669 47.92 -39.10 -3.16
CA TYR EC 669 46.61 -39.74 -3.07
C TYR EC 669 45.81 -39.62 -4.37
N LEU EC 670 46.44 -39.17 -5.45
CA LEU EC 670 45.77 -39.13 -6.75
C LEU EC 670 45.38 -40.53 -7.22
N ASN EC 671 46.16 -41.55 -6.84
CA ASN EC 671 45.81 -42.91 -7.20
C ASN EC 671 44.45 -43.31 -6.63
N GLU EC 672 44.20 -42.93 -5.38
CA GLU EC 672 42.95 -43.30 -4.73
C GLU EC 672 41.75 -42.57 -5.32
N ILE EC 673 41.97 -41.34 -5.80
CA ILE EC 673 40.87 -40.50 -6.27
C ILE EC 673 40.58 -40.67 -7.75
N LYS EC 674 41.37 -41.50 -8.45
CA LYS EC 674 41.27 -41.58 -9.90
C LYS EC 674 39.92 -42.12 -10.36
N ASP EC 675 39.32 -43.03 -9.60
CA ASP EC 675 38.03 -43.59 -9.99
C ASP EC 675 36.94 -42.55 -9.93
N SER EC 676 36.92 -41.74 -8.86
CA SER EC 676 35.91 -40.71 -8.73
C SER EC 676 36.13 -39.58 -9.75
N VAL EC 677 37.40 -39.24 -10.00
CA VAL EC 677 37.70 -38.15 -10.92
C VAL EC 677 37.16 -38.47 -12.31
N VAL EC 678 37.40 -39.69 -12.79
CA VAL EC 678 36.93 -40.08 -14.12
C VAL EC 678 35.40 -39.98 -14.19
N ALA EC 679 34.71 -40.40 -13.13
CA ALA EC 679 33.26 -40.29 -13.10
C ALA EC 679 32.82 -38.83 -13.20
N GLY EC 680 33.51 -37.94 -12.49
CA GLY EC 680 33.24 -36.52 -12.65
C GLY EC 680 33.57 -36.03 -14.04
N PHE EC 681 34.62 -36.58 -14.65
CA PHE EC 681 34.93 -36.26 -16.04
C PHE EC 681 33.83 -36.75 -16.96
N GLN EC 682 33.40 -38.01 -16.79
CA GLN EC 682 32.36 -38.56 -17.67
C GLN EC 682 31.05 -37.80 -17.53
N TRP EC 683 30.83 -37.14 -16.40
CA TRP EC 683 29.61 -36.36 -16.22
C TRP EC 683 29.70 -35.07 -17.03
N ALA EC 684 30.86 -34.40 -16.97
CA ALA EC 684 31.00 -33.09 -17.60
C ALA EC 684 31.10 -33.18 -19.11
N THR EC 685 31.85 -34.16 -19.63
CA THR EC 685 32.00 -34.25 -21.08
C THR EC 685 30.75 -34.74 -21.77
N LYS EC 686 29.77 -35.23 -21.02
CA LYS EC 686 28.44 -35.50 -21.55
C LYS EC 686 27.47 -34.35 -21.32
N GLU EC 687 27.55 -33.70 -20.15
CA GLU EC 687 26.73 -32.54 -19.82
C GLU EC 687 27.64 -31.32 -19.81
N GLY EC 688 27.67 -30.62 -20.95
CA GLY EC 688 28.57 -29.51 -21.12
C GLY EC 688 28.26 -28.33 -20.21
N ALA EC 689 29.05 -27.27 -20.38
CA ALA EC 689 28.95 -26.12 -19.48
C ALA EC 689 27.99 -25.06 -20.02
N LEU EC 690 28.17 -24.63 -21.27
CA LEU EC 690 27.27 -23.65 -21.85
C LEU EC 690 25.84 -24.18 -21.95
N CYS EC 691 25.64 -25.30 -22.64
CA CYS EC 691 24.28 -25.77 -22.88
C CYS EC 691 24.14 -27.27 -22.70
N GLU EC 692 24.94 -27.87 -21.81
CA GLU EC 692 24.75 -29.25 -21.37
C GLU EC 692 24.79 -30.25 -22.54
N GLU EC 693 25.47 -29.91 -23.64
CA GLU EC 693 25.63 -30.81 -24.75
C GLU EC 693 27.02 -31.44 -24.69
N ASN EC 694 27.16 -32.58 -25.35
CA ASN EC 694 28.42 -33.33 -25.30
C ASN EC 694 29.57 -32.50 -25.83
N MET EC 695 30.68 -32.49 -25.09
CA MET EC 695 31.89 -31.84 -25.57
C MET EC 695 32.66 -32.78 -26.49
N ARG EC 696 33.49 -32.19 -27.35
CA ARG EC 696 34.35 -32.97 -28.22
C ARG EC 696 35.62 -32.18 -28.51
N GLY EC 697 36.71 -32.92 -28.75
CA GLY EC 697 37.98 -32.31 -29.08
C GLY EC 697 38.57 -31.40 -28.02
N VAL EC 698 38.51 -31.80 -26.75
CA VAL EC 698 39.09 -31.04 -25.65
C VAL EC 698 39.96 -31.96 -24.82
N ARG EC 699 41.19 -31.55 -24.54
CA ARG EC 699 42.04 -32.25 -23.59
C ARG EC 699 42.01 -31.50 -22.26
N PHE EC 700 41.85 -32.23 -21.16
CA PHE EC 700 41.99 -31.64 -19.84
C PHE EC 700 43.25 -32.16 -19.17
N ASP EC 701 44.05 -31.25 -18.62
CA ASP EC 701 45.28 -31.55 -17.91
C ASP EC 701 45.15 -31.18 -16.45
N VAL EC 702 45.00 -32.18 -15.59
CA VAL EC 702 45.06 -31.96 -14.15
C VAL EC 702 46.52 -31.83 -13.75
N HIS EC 703 46.93 -30.61 -13.40
CA HIS EC 703 48.34 -30.30 -13.19
C HIS EC 703 48.82 -30.65 -11.79
N ASP EC 704 47.96 -30.49 -10.79
CA ASP EC 704 48.36 -30.76 -9.41
C ASP EC 704 47.08 -31.03 -8.63
N VAL EC 705 47.21 -31.83 -7.56
CA VAL EC 705 46.13 -32.08 -6.63
C VAL EC 705 46.68 -32.00 -5.22
N THR EC 706 45.91 -31.40 -4.31
CA THR EC 706 46.24 -31.38 -2.89
C THR EC 706 45.00 -31.80 -2.12
N LEU EC 707 44.95 -33.07 -1.74
CA LEU EC 707 43.78 -33.66 -1.11
C LEU EC 707 44.01 -33.81 0.40
N HIS EC 708 42.91 -33.96 1.12
CA HIS EC 708 43.01 -34.25 2.55
C HIS EC 708 43.51 -35.67 2.77
N ALA EC 709 44.35 -35.83 3.78
CA ALA EC 709 44.95 -37.14 4.06
C ALA EC 709 43.89 -38.17 4.45
N ASP EC 710 42.92 -37.77 5.27
CA ASP EC 710 41.88 -38.69 5.71
C ASP EC 710 41.08 -39.19 4.52
N ALA EC 711 40.92 -40.51 4.42
CA ALA EC 711 40.23 -41.09 3.28
C ALA EC 711 38.76 -40.70 3.23
N ILE EC 712 38.08 -40.68 4.38
CA ILE EC 712 36.66 -40.33 4.41
C ILE EC 712 36.39 -38.89 4.02
N HIS EC 713 37.42 -38.04 3.96
CA HIS EC 713 37.25 -36.65 3.57
C HIS EC 713 37.46 -36.42 2.09
N ARG EC 714 37.76 -37.48 1.33
CA ARG EC 714 37.95 -37.39 -0.12
C ARG EC 714 37.19 -38.52 -0.81
N GLY EC 715 35.96 -38.76 -0.38
CA GLY EC 715 35.13 -39.77 -0.99
C GLY EC 715 34.58 -39.33 -2.33
N GLY EC 716 33.82 -40.23 -2.95
CA GLY EC 716 33.21 -39.92 -4.24
C GLY EC 716 32.26 -38.76 -4.16
N GLY EC 717 31.57 -38.60 -3.03
CA GLY EC 717 30.60 -37.54 -2.89
C GLY EC 717 31.21 -36.18 -2.62
N GLN EC 718 32.53 -36.10 -2.53
CA GLN EC 718 33.20 -34.84 -2.22
C GLN EC 718 33.97 -34.26 -3.40
N ILE EC 719 34.46 -35.10 -4.31
CA ILE EC 719 35.34 -34.58 -5.36
C ILE EC 719 34.66 -34.67 -6.72
N ILE EC 720 33.79 -35.67 -6.93
CA ILE EC 720 33.08 -35.77 -8.20
C ILE EC 720 32.34 -34.48 -8.54
N PRO EC 721 31.62 -33.84 -7.62
CA PRO EC 721 31.16 -32.47 -7.90
C PRO EC 721 32.31 -31.50 -8.11
N THR EC 722 33.36 -31.61 -7.30
CA THR EC 722 34.49 -30.70 -7.40
C THR EC 722 35.25 -30.91 -8.70
N ALA EC 723 35.36 -32.17 -9.15
CA ALA EC 723 36.05 -32.44 -10.40
C ALA EC 723 35.36 -31.72 -11.57
N ARG EC 724 34.03 -31.77 -11.61
CA ARG EC 724 33.29 -31.10 -12.68
C ARG EC 724 33.51 -29.60 -12.66
N ARG EC 725 33.47 -28.98 -11.47
CA ARG EC 725 33.61 -27.53 -11.39
C ARG EC 725 34.95 -27.08 -11.96
N CYS EC 726 36.01 -27.84 -11.71
CA CYS EC 726 37.29 -27.56 -12.36
C CYS EC 726 37.21 -27.76 -13.87
N LEU EC 727 36.50 -28.80 -14.31
CA LEU EC 727 36.32 -29.02 -15.74
C LEU EC 727 35.54 -27.87 -16.37
N TYR EC 728 34.49 -27.40 -15.70
CA TYR EC 728 33.72 -26.29 -16.23
C TYR EC 728 34.49 -24.98 -16.13
N ALA EC 729 35.22 -24.78 -15.04
CA ALA EC 729 36.04 -23.57 -14.91
C ALA EC 729 37.13 -23.54 -15.98
N SER EC 730 37.74 -24.70 -16.25
CA SER EC 730 38.80 -24.74 -17.25
C SER EC 730 38.28 -24.41 -18.64
N VAL EC 731 37.13 -24.99 -19.01
CA VAL EC 731 36.58 -24.74 -20.34
C VAL EC 731 36.18 -23.28 -20.49
N LEU EC 732 35.50 -22.73 -19.47
CA LEU EC 732 35.06 -21.33 -19.55
C LEU EC 732 36.24 -20.39 -19.66
N THR EC 733 37.39 -20.75 -19.09
CA THR EC 733 38.59 -19.93 -19.17
C THR EC 733 39.32 -20.08 -20.49
N ALA EC 734 38.89 -20.99 -21.36
CA ALA EC 734 39.59 -21.28 -22.61
C ALA EC 734 38.82 -20.77 -23.82
N GLN EC 735 37.94 -19.78 -23.64
CA GLN EC 735 37.10 -19.23 -24.71
C GLN EC 735 36.35 -20.35 -25.42
N PRO EC 736 35.32 -20.92 -24.79
CA PRO EC 736 34.62 -22.07 -25.38
C PRO EC 736 34.02 -21.75 -26.74
N ARG EC 737 33.95 -22.79 -27.57
CA ARG EC 737 33.33 -22.70 -28.88
C ARG EC 737 32.24 -23.76 -28.98
N LEU EC 738 31.42 -23.64 -30.03
CA LEU EC 738 30.26 -24.49 -30.24
C LEU EC 738 30.37 -25.14 -31.62
N MET EC 739 30.82 -26.38 -31.67
CA MET EC 739 30.89 -27.09 -32.94
C MET EC 739 29.49 -27.42 -33.45
N GLU EC 740 29.33 -27.37 -34.76
CA GLU EC 740 28.07 -27.63 -35.42
C GLU EC 740 28.25 -28.67 -36.52
N PRO EC 741 27.20 -29.44 -36.83
CA PRO EC 741 27.35 -30.62 -37.71
C PRO EC 741 27.20 -30.37 -39.21
N ILE EC 742 28.23 -29.77 -39.82
CA ILE EC 742 28.23 -29.64 -41.27
C ILE EC 742 28.36 -31.03 -41.89
N TYR EC 743 27.39 -31.38 -42.72
CA TYR EC 743 27.12 -32.77 -43.07
C TYR EC 743 26.98 -32.91 -44.58
N LEU EC 744 27.50 -34.02 -45.10
CA LEU EC 744 27.80 -34.15 -46.51
C LEU EC 744 26.55 -34.13 -47.37
N VAL EC 745 26.64 -33.47 -48.52
CA VAL EC 745 25.54 -33.39 -49.48
C VAL EC 745 26.04 -33.91 -50.82
N GLU EC 746 25.28 -34.81 -51.43
CA GLU EC 746 25.55 -35.31 -52.77
C GLU EC 746 24.38 -34.91 -53.66
N ILE EC 747 24.66 -34.10 -54.68
CA ILE EC 747 23.64 -33.60 -55.60
C ILE EC 747 23.97 -34.09 -57.00
N GLN EC 748 23.00 -34.74 -57.64
CA GLN EC 748 23.09 -35.13 -59.04
C GLN EC 748 22.11 -34.32 -59.85
N CYS EC 749 22.62 -33.38 -60.65
CA CYS EC 749 21.80 -32.45 -61.40
C CYS EC 749 22.23 -32.43 -62.85
N PRO EC 750 21.29 -32.27 -63.78
CA PRO EC 750 21.68 -32.18 -65.20
C PRO EC 750 22.49 -30.92 -65.49
N GLU EC 751 23.24 -30.98 -66.59
CA GLU EC 751 24.16 -29.91 -66.93
C GLU EC 751 23.46 -28.58 -67.15
N GLN EC 752 22.24 -28.60 -67.69
CA GLN EC 752 21.57 -27.38 -68.09
C GLN EC 752 21.29 -26.47 -66.89
N VAL EC 753 20.90 -27.04 -65.76
CA VAL EC 753 20.42 -26.25 -64.63
C VAL EC 753 21.36 -26.36 -63.43
N VAL EC 754 22.63 -26.68 -63.70
CA VAL EC 754 23.65 -26.76 -62.65
C VAL EC 754 23.84 -25.46 -61.91
N GLY EC 755 23.65 -24.32 -62.58
CA GLY EC 755 23.92 -23.03 -61.94
C GLY EC 755 23.03 -22.75 -60.75
N GLY EC 756 21.86 -23.41 -60.67
CA GLY EC 756 20.96 -23.19 -59.57
C GLY EC 756 21.44 -23.77 -58.26
N ILE EC 757 22.31 -24.79 -58.31
CA ILE EC 757 22.78 -25.43 -57.08
C ILE EC 757 23.64 -24.47 -56.28
N TYR EC 758 24.58 -23.79 -56.95
CA TYR EC 758 25.55 -22.98 -56.23
C TYR EC 758 24.90 -21.74 -55.62
N GLY EC 759 23.80 -21.27 -56.21
CA GLY EC 759 23.08 -20.16 -55.60
C GLY EC 759 22.47 -20.52 -54.27
N VAL EC 760 21.86 -21.70 -54.16
CA VAL EC 760 21.25 -22.13 -52.91
C VAL EC 760 22.33 -22.35 -51.85
N LEU EC 761 23.42 -23.02 -52.22
CA LEU EC 761 24.46 -23.38 -51.26
C LEU EC 761 25.13 -22.13 -50.69
N ASN EC 762 25.39 -21.14 -51.53
CA ASN EC 762 25.99 -19.90 -51.03
C ASN EC 762 25.08 -19.20 -50.03
N ARG EC 763 23.77 -19.18 -50.31
CA ARG EC 763 22.83 -18.64 -49.34
C ARG EC 763 22.79 -19.47 -48.07
N LYS EC 764 22.79 -20.80 -48.20
CA LYS EC 764 22.77 -21.67 -47.03
C LYS EC 764 24.17 -22.07 -46.59
N ARG EC 765 25.07 -21.07 -46.50
CA ARG EC 765 26.43 -21.20 -45.97
C ARG EC 765 27.05 -22.56 -46.28
N GLY EC 766 26.96 -22.96 -47.55
CA GLY EC 766 27.46 -24.24 -48.01
C GLY EC 766 28.69 -24.06 -48.89
N HIS EC 767 29.57 -25.04 -48.86
CA HIS EC 767 30.80 -25.03 -49.66
C HIS EC 767 30.90 -26.31 -50.46
N VAL EC 768 31.13 -26.17 -51.75
CA VAL EC 768 31.35 -27.32 -52.62
C VAL EC 768 32.82 -27.73 -52.55
N PHE EC 769 33.09 -29.02 -52.66
CA PHE EC 769 34.46 -29.48 -52.82
C PHE EC 769 34.65 -30.44 -53.99
N GLU EC 770 33.64 -30.64 -54.83
CA GLU EC 770 33.76 -31.50 -56.00
C GLU EC 770 32.62 -31.17 -56.95
N GLU EC 771 32.94 -31.09 -58.24
CA GLU EC 771 31.94 -30.95 -59.29
C GLU EC 771 32.51 -31.51 -60.57
N SER EC 772 32.02 -32.67 -61.00
CA SER EC 772 32.54 -33.33 -62.18
C SER EC 772 31.41 -33.92 -62.99
N GLN EC 773 31.66 -34.11 -64.29
CA GLN EC 773 30.72 -34.83 -65.13
C GLN EC 773 30.65 -36.29 -64.70
N VAL EC 774 29.53 -36.94 -65.02
CA VAL EC 774 29.40 -38.38 -64.81
C VAL EC 774 29.96 -39.10 -66.03
N ALA EC 775 30.11 -40.41 -65.92
CA ALA EC 775 30.64 -41.21 -67.02
C ALA EC 775 29.74 -41.19 -68.25
N GLY EC 776 28.44 -40.98 -68.08
CA GLY EC 776 27.53 -41.01 -69.22
C GLY EC 776 27.73 -39.90 -70.23
N THR EC 777 27.31 -38.66 -69.90
CA THR EC 777 27.48 -37.33 -70.52
C THR EC 777 26.76 -36.23 -69.72
N PRO EC 778 25.41 -36.21 -69.60
CA PRO EC 778 24.74 -34.96 -69.20
C PRO EC 778 24.71 -34.73 -67.69
N MET EC 779 24.73 -35.81 -66.93
CA MET EC 779 24.50 -35.74 -65.49
C MET EC 779 25.70 -35.12 -64.80
N PHE EC 780 25.45 -34.28 -63.79
CA PHE EC 780 26.50 -33.63 -63.02
C PHE EC 780 26.40 -34.07 -61.57
N VAL EC 781 27.48 -34.63 -61.05
CA VAL EC 781 27.56 -35.09 -59.67
C VAL EC 781 28.37 -34.09 -58.86
N VAL EC 782 27.81 -33.60 -57.76
CA VAL EC 782 28.42 -32.54 -56.96
C VAL EC 782 28.40 -32.99 -55.50
N LYS EC 783 29.54 -32.89 -54.83
CA LYS EC 783 29.64 -33.15 -53.40
C LYS EC 783 29.91 -31.83 -52.68
N ALA EC 784 29.07 -31.51 -51.70
CA ALA EC 784 29.17 -30.24 -51.00
C ALA EC 784 28.99 -30.47 -49.51
N TYR EC 785 29.33 -29.45 -48.72
CA TYR EC 785 29.22 -29.48 -47.28
C TYR EC 785 28.15 -28.47 -46.86
N LEU EC 786 27.15 -28.93 -46.11
CA LEU EC 786 26.05 -28.06 -45.69
C LEU EC 786 25.71 -28.28 -44.23
N PRO EC 787 25.69 -27.22 -43.43
CA PRO EC 787 25.29 -27.36 -42.02
C PRO EC 787 23.84 -27.80 -41.89
N VAL EC 788 23.58 -28.57 -40.82
CA VAL EC 788 22.23 -29.06 -40.58
C VAL EC 788 21.28 -27.92 -40.23
N ASN EC 789 21.81 -26.83 -39.64
CA ASN EC 789 20.95 -25.70 -39.30
C ASN EC 789 20.33 -25.07 -40.55
N GLU EC 790 20.87 -25.37 -41.73
CA GLU EC 790 20.38 -24.83 -42.98
C GLU EC 790 19.71 -25.87 -43.87
N SER EC 791 19.58 -27.11 -43.41
CA SER EC 791 19.01 -28.16 -44.26
C SER EC 791 17.50 -28.07 -44.33
N PHE EC 792 16.87 -27.25 -43.48
CA PHE EC 792 15.42 -27.12 -43.47
C PHE EC 792 14.98 -26.29 -44.67
N GLY EC 793 14.18 -26.89 -45.54
CA GLY EC 793 13.82 -26.27 -46.80
C GLY EC 793 14.87 -26.40 -47.88
N PHE EC 794 15.92 -27.18 -47.64
CA PHE EC 794 16.99 -27.29 -48.63
C PHE EC 794 16.48 -27.90 -49.93
N THR EC 795 15.71 -28.99 -49.85
CA THR EC 795 15.11 -29.57 -51.05
C THR EC 795 14.09 -28.62 -51.65
N ALA EC 796 13.31 -27.95 -50.81
CA ALA EC 796 12.30 -27.02 -51.31
C ALA EC 796 12.96 -25.90 -52.11
N ASP EC 797 14.11 -25.41 -51.65
CA ASP EC 797 14.84 -24.41 -52.41
C ASP EC 797 15.55 -25.03 -53.61
N LEU EC 798 16.15 -26.21 -53.42
CA LEU EC 798 16.91 -26.83 -54.50
C LEU EC 798 16.01 -27.18 -55.67
N ARG EC 799 14.84 -27.76 -55.40
CA ARG EC 799 13.93 -28.10 -56.48
C ARG EC 799 13.44 -26.85 -57.20
N SER EC 800 13.10 -25.80 -56.44
CA SER EC 800 12.61 -24.57 -57.05
C SER EC 800 13.68 -23.89 -57.88
N ASN EC 801 14.93 -23.89 -57.38
CA ASN EC 801 16.02 -23.26 -58.10
C ASN EC 801 16.52 -24.09 -59.28
N THR EC 802 16.20 -25.39 -59.32
CA THR EC 802 16.63 -26.25 -60.40
C THR EC 802 15.44 -26.79 -61.21
N GLY EC 803 14.24 -26.31 -60.94
CA GLY EC 803 13.07 -26.81 -61.64
C GLY EC 803 12.79 -28.27 -61.38
N GLY EC 804 13.01 -28.73 -60.15
CA GLY EC 804 12.81 -30.14 -59.84
C GLY EC 804 13.77 -31.06 -60.56
N GLN EC 805 15.03 -30.64 -60.71
CA GLN EC 805 16.05 -31.39 -61.43
C GLN EC 805 17.32 -31.50 -60.60
N ALA EC 806 17.16 -31.62 -59.28
CA ALA EC 806 18.30 -31.77 -58.39
C ALA EC 806 17.93 -32.74 -57.29
N PHE EC 807 18.73 -33.81 -57.13
CA PHE EC 807 18.45 -34.86 -56.17
C PHE EC 807 19.54 -34.89 -55.11
N PRO EC 808 19.34 -34.18 -54.00
CA PRO EC 808 20.39 -34.02 -52.96
C PRO EC 808 20.50 -35.14 -51.92
N GLN EC 809 21.26 -36.17 -52.26
CA GLN EC 809 21.62 -37.19 -51.29
C GLN EC 809 22.48 -36.58 -50.18
N CYS EC 810 22.21 -36.97 -48.94
CA CYS EC 810 22.82 -36.35 -47.78
C CYS EC 810 23.20 -37.40 -46.73
N VAL EC 811 24.43 -37.27 -46.21
CA VAL EC 811 24.88 -38.06 -45.06
C VAL EC 811 25.67 -37.15 -44.13
N PHE EC 812 25.66 -37.49 -42.84
CA PHE EC 812 26.43 -36.74 -41.85
C PHE EC 812 27.92 -36.92 -42.09
N ASP EC 813 28.66 -35.83 -41.99
CA ASP EC 813 30.09 -35.85 -42.31
C ASP EC 813 30.98 -35.59 -41.11
N HIS EC 814 30.86 -34.45 -40.44
CA HIS EC 814 31.84 -34.04 -39.44
C HIS EC 814 31.28 -32.86 -38.65
N TRP EC 815 32.14 -32.27 -37.82
CA TRP EC 815 31.81 -31.08 -37.06
C TRP EC 815 32.88 -30.02 -37.29
N GLN EC 816 32.50 -28.76 -37.12
CA GLN EC 816 33.47 -27.67 -37.09
C GLN EC 816 32.89 -26.52 -36.27
N ILE EC 817 33.78 -25.62 -35.86
CA ILE EC 817 33.41 -24.56 -34.93
C ILE EC 817 32.47 -23.57 -35.59
N LEU EC 818 31.37 -23.28 -34.91
CA LEU EC 818 30.52 -22.17 -35.34
C LEU EC 818 31.35 -20.89 -35.26
N PRO EC 819 31.43 -20.11 -36.35
CA PRO EC 819 32.47 -19.06 -36.42
C PRO EC 819 32.43 -18.06 -35.28
N GLY EC 820 31.26 -17.72 -34.76
CA GLY EC 820 31.15 -16.70 -33.75
C GLY EC 820 31.62 -17.14 -32.37
N ASP EC 821 31.42 -16.25 -31.40
CA ASP EC 821 31.76 -16.50 -30.01
C ASP EC 821 30.47 -16.63 -29.19
N PRO EC 822 30.28 -17.71 -28.44
CA PRO EC 822 29.06 -17.84 -27.63
C PRO EC 822 28.88 -16.73 -26.61
N PHE EC 823 29.97 -16.20 -26.04
CA PHE EC 823 29.83 -15.22 -24.96
C PHE EC 823 29.20 -13.92 -25.46
N ASP EC 824 29.63 -13.44 -26.62
CA ASP EC 824 29.05 -12.22 -27.19
C ASP EC 824 27.59 -12.47 -27.52
N ASN EC 825 26.70 -11.71 -26.89
CA ASN EC 825 25.27 -11.95 -27.04
C ASN EC 825 24.80 -11.72 -28.48
N SER EC 826 25.44 -10.78 -29.18
CA SER EC 826 25.05 -10.43 -30.55
C SER EC 826 25.54 -11.45 -31.57
N SER EC 827 26.31 -12.44 -31.16
CA SER EC 827 26.87 -13.43 -32.07
C SER EC 827 25.92 -14.62 -32.21
N ARG EC 828 26.03 -15.32 -33.33
CA ARG EC 828 25.21 -16.50 -33.58
C ARG EC 828 25.32 -17.57 -32.50
N PRO EC 829 26.51 -17.98 -32.04
CA PRO EC 829 26.57 -19.04 -31.02
C PRO EC 829 25.84 -18.69 -29.74
N SER EC 830 25.72 -17.40 -29.40
CA SER EC 830 24.92 -17.01 -28.25
C SER EC 830 23.46 -17.36 -28.47
N GLN EC 831 22.93 -17.10 -29.68
CA GLN EC 831 21.56 -17.46 -29.99
C GLN EC 831 21.35 -18.96 -29.89
N VAL EC 832 22.27 -19.74 -30.46
CA VAL EC 832 22.11 -21.20 -30.44
C VAL EC 832 22.11 -21.71 -29.01
N VAL EC 833 23.03 -21.23 -28.18
CA VAL EC 833 23.08 -21.66 -26.79
C VAL EC 833 21.83 -21.22 -26.05
N ALA EC 834 21.41 -19.97 -26.25
CA ALA EC 834 20.23 -19.46 -25.55
C ALA EC 834 18.99 -20.25 -25.90
N GLU EC 835 18.79 -20.56 -27.18
CA GLU EC 835 17.67 -21.42 -27.55
C GLU EC 835 17.88 -22.85 -27.10
N THR EC 836 19.13 -23.32 -27.04
CA THR EC 836 19.39 -24.66 -26.52
C THR EC 836 19.06 -24.75 -25.04
N ARG EC 837 19.40 -23.72 -24.26
CA ARG EC 837 18.99 -23.68 -22.87
C ARG EC 837 17.48 -23.59 -22.74
N LYS EC 838 16.84 -22.82 -23.62
CA LYS EC 838 15.40 -22.63 -23.54
C LYS EC 838 14.66 -23.94 -23.73
N ARG EC 839 15.09 -24.74 -24.70
CA ARG EC 839 14.44 -26.02 -24.97
C ARG EC 839 14.81 -27.09 -23.95
N LYS EC 840 15.79 -26.82 -23.09
CA LYS EC 840 16.22 -27.79 -22.09
C LYS EC 840 15.91 -27.36 -20.66
N GLY EC 841 15.12 -26.30 -20.47
CA GLY EC 841 14.69 -25.90 -19.15
C GLY EC 841 15.80 -25.54 -18.19
N LEU EC 842 16.82 -24.82 -18.66
CA LEU EC 842 17.92 -24.38 -17.84
C LEU EC 842 17.88 -22.86 -17.70
N LYS EC 843 18.68 -22.35 -16.76
CA LYS EC 843 18.75 -20.91 -16.56
C LYS EC 843 19.25 -20.24 -17.83
N GLU EC 844 18.56 -19.17 -18.23
CA GLU EC 844 18.84 -18.54 -19.52
C GLU EC 844 20.28 -18.05 -19.62
N GLY EC 845 20.77 -17.40 -18.56
CA GLY EC 845 22.14 -16.92 -18.57
C GLY EC 845 23.14 -18.07 -18.47
N ILE EC 846 24.28 -17.90 -19.13
CA ILE EC 846 25.36 -18.88 -19.02
C ILE EC 846 25.93 -18.81 -17.60
N PRO EC 847 26.51 -19.89 -17.07
CA PRO EC 847 27.07 -19.82 -15.72
C PRO EC 847 28.33 -18.96 -15.70
N ALA EC 848 28.45 -18.14 -14.65
CA ALA EC 848 29.63 -17.32 -14.48
C ALA EC 848 30.78 -18.16 -13.92
N LEU EC 849 32.00 -17.62 -14.05
CA LEU EC 849 33.18 -18.34 -13.61
C LEU EC 849 33.25 -18.48 -12.09
N ASP EC 850 32.59 -17.58 -11.35
CA ASP EC 850 32.68 -17.61 -9.89
C ASP EC 850 32.08 -18.88 -9.31
N ASN EC 851 31.22 -19.57 -10.05
CA ASN EC 851 30.61 -20.79 -9.55
C ASN EC 851 31.47 -22.02 -9.82
N PHE EC 852 32.40 -21.94 -10.77
CA PHE EC 852 33.25 -23.07 -11.11
C PHE EC 852 34.68 -22.84 -10.66
N LEU EC 853 35.23 -21.66 -10.95
CA LEU EC 853 36.49 -21.26 -10.36
C LEU EC 853 36.24 -20.55 -9.03
N ASP EC 854 37.03 -20.92 -8.03
CA ASP EC 854 36.92 -20.33 -6.70
C ASP EC 854 38.29 -19.86 -6.25
N LYS EC 855 38.30 -18.95 -5.27
CA LYS EC 855 39.52 -18.27 -4.87
C LYS EC 855 40.49 -19.22 -4.20
N LEU EC 856 41.72 -18.74 -4.02
CA LEU EC 856 42.79 -19.54 -3.44
C LEU EC 856 42.61 -19.71 -1.93
N MET GC 1 -48.92 -27.08 -59.74
CA MET GC 1 -49.46 -26.14 -58.76
C MET GC 1 -50.10 -26.89 -57.59
N LYS GC 2 -49.98 -26.31 -56.39
CA LYS GC 2 -50.53 -26.90 -55.17
C LYS GC 2 -51.40 -25.87 -54.48
N VAL GC 3 -52.67 -26.20 -54.32
CA VAL GC 3 -53.60 -25.43 -53.49
C VAL GC 3 -53.88 -26.27 -52.25
N GLU GC 4 -53.78 -25.67 -51.08
CA GLU GC 4 -53.82 -26.42 -49.83
C GLU GC 4 -55.01 -26.02 -48.98
N LEU GC 5 -55.53 -26.98 -48.22
CA LEU GC 5 -56.48 -26.70 -47.17
C LEU GC 5 -55.74 -26.29 -45.89
N CYS GC 6 -56.31 -25.32 -45.19
CA CYS GC 6 -55.68 -24.82 -43.98
C CYS GC 6 -55.62 -25.92 -42.92
N SER GC 7 -54.60 -25.84 -42.06
CA SER GC 7 -54.39 -26.86 -41.05
C SER GC 7 -55.43 -26.85 -39.94
N PHE GC 8 -56.04 -25.69 -39.65
CA PHE GC 8 -57.00 -25.59 -38.56
C PHE GC 8 -58.42 -25.33 -39.08
N SER GC 9 -58.60 -24.31 -39.91
CA SER GC 9 -59.93 -23.97 -40.44
C SER GC 9 -60.35 -24.86 -41.59
N GLY GC 10 -59.42 -25.61 -42.20
CA GLY GC 10 -59.76 -26.44 -43.34
C GLY GC 10 -60.11 -25.67 -44.58
N TYR GC 11 -59.81 -24.37 -44.63
CA TYR GC 11 -60.15 -23.53 -45.76
C TYR GC 11 -59.09 -23.61 -46.85
N LYS GC 12 -59.49 -23.23 -48.05
CA LYS GC 12 -58.63 -23.27 -49.23
C LYS GC 12 -57.66 -22.10 -49.21
N ILE GC 13 -56.39 -22.39 -49.45
CA ILE GC 13 -55.34 -21.37 -49.49
C ILE GC 13 -54.78 -21.29 -50.91
N TYR GC 14 -54.40 -20.08 -51.30
CA TYR GC 14 -53.85 -19.82 -52.63
C TYR GC 14 -52.40 -19.42 -52.47
N PRO GC 15 -51.58 -19.57 -53.53
CA PRO GC 15 -50.13 -19.50 -53.35
C PRO GC 15 -49.60 -18.17 -52.85
N GLY GC 16 -50.37 -17.09 -52.96
CA GLY GC 16 -49.89 -15.81 -52.47
C GLY GC 16 -50.32 -15.49 -51.06
N HIS GC 17 -51.18 -16.33 -50.49
CA HIS GC 17 -51.84 -16.01 -49.23
C HIS GC 17 -51.32 -16.95 -48.14
N GLY GC 18 -51.56 -16.57 -46.89
CA GLY GC 18 -51.40 -17.48 -45.77
C GLY GC 18 -50.01 -17.60 -45.18
N ARG GC 19 -49.82 -18.66 -44.40
CA ARG GC 19 -48.61 -18.87 -43.63
C ARG GC 19 -48.27 -20.35 -43.70
N ARG GC 20 -47.03 -20.68 -43.36
CA ARG GC 20 -46.59 -22.07 -43.33
C ARG GC 20 -45.74 -22.30 -42.08
N TYR GC 21 -46.06 -23.37 -41.37
CA TYR GC 21 -45.45 -23.63 -40.07
C TYR GC 21 -44.89 -25.04 -40.05
N ALA GC 22 -43.59 -25.13 -39.79
CA ALA GC 22 -42.89 -26.40 -39.74
C ALA GC 22 -42.58 -26.72 -38.29
N ARG GC 23 -42.94 -27.93 -37.87
CA ARG GC 23 -42.80 -28.37 -36.49
C ARG GC 23 -41.50 -29.17 -36.35
N THR GC 24 -41.12 -29.42 -35.09
CA THR GC 24 -39.85 -30.09 -34.83
C THR GC 24 -39.84 -31.51 -35.37
N ASP GC 25 -40.95 -32.24 -35.22
CA ASP GC 25 -41.05 -33.59 -35.76
C ASP GC 25 -40.87 -33.62 -37.28
N GLY GC 26 -41.35 -32.60 -37.99
CA GLY GC 26 -41.27 -32.61 -39.43
C GLY GC 26 -42.62 -32.46 -40.08
N LYS GC 27 -43.64 -32.21 -39.26
CA LYS GC 27 -44.99 -31.97 -39.75
C LYS GC 27 -45.16 -30.49 -40.07
N VAL GC 28 -45.52 -30.20 -41.31
CA VAL GC 28 -45.74 -28.84 -41.76
C VAL GC 28 -47.22 -28.52 -41.65
N PHE GC 29 -47.54 -27.34 -41.15
CA PHE GC 29 -48.90 -26.84 -41.07
C PHE GC 29 -48.96 -25.50 -41.79
N GLN GC 30 -50.01 -25.29 -42.57
CA GLN GC 30 -50.24 -24.04 -43.26
C GLN GC 30 -51.59 -23.49 -42.87
N PHE GC 31 -51.65 -22.21 -42.57
CA PHE GC 31 -52.85 -21.57 -42.09
C PHE GC 31 -53.30 -20.45 -43.02
N LEU GC 32 -54.61 -20.21 -43.04
CA LEU GC 32 -55.16 -19.19 -43.91
C LEU GC 32 -54.70 -17.80 -43.49
N ASN GC 33 -54.69 -17.52 -42.20
CA ASN GC 33 -54.34 -16.21 -41.67
C ASN GC 33 -53.95 -16.38 -40.22
N ALA GC 34 -53.58 -15.28 -39.57
CA ALA GC 34 -53.16 -15.33 -38.17
C ALA GC 34 -54.27 -15.78 -37.24
N LYS GC 35 -55.53 -15.64 -37.66
CA LYS GC 35 -56.65 -16.10 -36.85
C LYS GC 35 -56.65 -17.63 -36.74
N CYS GC 36 -56.48 -18.32 -37.86
CA CYS GC 36 -56.30 -19.77 -37.81
C CYS GC 36 -54.95 -20.14 -37.21
N GLU GC 37 -53.93 -19.33 -37.47
CA GLU GC 37 -52.59 -19.63 -36.97
C GLU GC 37 -52.60 -19.59 -35.44
N SER GC 38 -53.10 -18.49 -34.87
CA SER GC 38 -53.14 -18.30 -33.43
C SER GC 38 -54.01 -19.32 -32.73
N ALA GC 39 -55.15 -19.67 -33.35
CA ALA GC 39 -55.98 -20.72 -32.79
C ALA GC 39 -55.26 -22.05 -32.74
N PHE GC 40 -54.39 -22.33 -33.70
CA PHE GC 40 -53.62 -23.57 -33.68
C PHE GC 40 -52.60 -23.59 -32.55
N LEU GC 41 -51.78 -22.54 -32.43
CA LEU GC 41 -50.75 -22.55 -31.40
C LEU GC 41 -51.31 -22.44 -29.99
N SER GC 42 -52.53 -21.92 -29.84
CA SER GC 42 -53.20 -21.94 -28.54
C SER GC 42 -53.79 -23.32 -28.23
N LYS GC 43 -53.46 -24.32 -29.05
CA LYS GC 43 -53.85 -25.71 -28.84
C LYS GC 43 -55.37 -25.84 -28.72
N ARG GC 44 -56.04 -25.18 -29.66
CA ARG GC 44 -57.49 -25.13 -29.73
C ARG GC 44 -57.99 -26.20 -30.68
N ASN GC 45 -59.14 -26.77 -30.34
CA ASN GC 45 -59.71 -27.86 -31.14
C ASN GC 45 -60.52 -27.28 -32.28
N PRO GC 46 -60.23 -27.64 -33.54
CA PRO GC 46 -60.92 -27.01 -34.67
C PRO GC 46 -62.36 -27.47 -34.85
N ARG GC 47 -62.79 -28.57 -34.22
CA ARG GC 47 -64.16 -29.05 -34.34
C ARG GC 47 -65.04 -28.60 -33.19
N GLN GC 48 -64.75 -27.46 -32.58
CA GLN GC 48 -65.61 -26.84 -31.58
C GLN GC 48 -66.01 -25.42 -31.94
N ILE GC 49 -65.33 -24.82 -32.93
CA ILE GC 49 -65.64 -23.46 -33.36
C ILE GC 49 -66.40 -23.52 -34.68
N ASN GC 50 -67.61 -22.94 -34.69
CA ASN GC 50 -68.61 -23.30 -35.69
C ASN GC 50 -68.44 -22.63 -37.04
N TRP GC 51 -67.27 -22.05 -37.31
CA TRP GC 51 -66.97 -21.61 -38.67
C TRP GC 51 -65.93 -22.47 -39.36
N THR GC 52 -65.23 -23.32 -38.61
CA THR GC 52 -64.28 -24.23 -39.21
C THR GC 52 -65.00 -25.31 -39.99
N VAL GC 53 -64.39 -25.73 -41.09
CA VAL GC 53 -64.96 -26.79 -41.92
C VAL GC 53 -65.06 -28.11 -41.16
N LEU GC 54 -64.17 -28.37 -40.21
CA LEU GC 54 -64.24 -29.59 -39.42
C LEU GC 54 -65.45 -29.60 -38.49
N TYR GC 55 -65.84 -28.44 -37.97
CA TYR GC 55 -67.09 -28.34 -37.21
C TYR GC 55 -68.28 -28.70 -38.08
N ARG GC 56 -68.30 -28.21 -39.32
CA ARG GC 56 -69.49 -28.34 -40.14
C ARG GC 56 -69.71 -29.77 -40.59
N ARG GC 57 -68.64 -30.44 -41.03
CA ARG GC 57 -68.78 -31.83 -41.45
C ARG GC 57 -69.13 -32.75 -40.29
N LYS GC 58 -68.84 -32.33 -39.06
CA LYS GC 58 -69.16 -33.12 -37.89
C LYS GC 58 -70.57 -32.87 -37.37
N HIS GC 59 -71.05 -31.64 -37.46
CA HIS GC 59 -72.41 -31.30 -37.09
C HIS GC 59 -73.38 -31.41 -38.26
N LYS GC 60 -72.93 -31.90 -39.41
CA LYS GC 60 -73.76 -32.08 -40.60
C LYS GC 60 -74.49 -30.78 -40.97
N LYS GC 61 -73.72 -29.69 -40.93
CA LYS GC 61 -74.29 -28.39 -41.27
C LYS GC 61 -74.61 -28.29 -42.76
N GLY GC 62 -73.75 -28.87 -43.59
CA GLY GC 62 -73.96 -28.82 -45.04
C GLY GC 62 -74.65 -30.05 -45.58
N GLN GC 63 -74.18 -30.52 -46.73
CA GLN GC 63 -74.78 -31.69 -47.38
C GLN GC 63 -73.71 -32.66 -47.87
N LYS GC 70 -81.22 -47.15 -46.17
CA LYS GC 70 -81.54 -46.29 -47.29
C LYS GC 70 -81.61 -47.08 -48.60
N ARG GC 71 -80.44 -47.42 -49.16
CA ARG GC 71 -80.35 -48.10 -50.44
C ARG GC 71 -79.30 -49.21 -50.34
N THR GC 72 -79.78 -50.46 -50.28
CA THR GC 72 -78.93 -51.63 -50.38
C THR GC 72 -79.58 -52.60 -51.35
N ARG GC 73 -78.88 -52.92 -52.43
CA ARG GC 73 -79.44 -53.69 -53.53
C ARG GC 73 -79.00 -55.15 -53.44
N ARG GC 74 -79.42 -55.92 -54.45
CA ARG GC 74 -79.08 -57.34 -54.57
C ARG GC 74 -78.47 -57.59 -55.94
N ALA GC 75 -77.58 -58.57 -56.02
CA ALA GC 75 -77.01 -59.00 -57.30
C ALA GC 75 -76.69 -60.49 -57.19
N VAL GC 76 -77.62 -61.32 -57.65
CA VAL GC 76 -77.45 -62.77 -57.66
C VAL GC 76 -77.37 -63.24 -59.11
N LYS GC 77 -76.44 -64.14 -59.39
CA LYS GC 77 -76.28 -64.66 -60.74
C LYS GC 77 -75.56 -66.00 -60.67
N PHE GC 78 -75.91 -66.89 -61.61
CA PHE GC 78 -75.15 -68.13 -61.83
C PHE GC 78 -75.30 -68.45 -63.31
N GLN GC 79 -74.31 -68.05 -64.11
CA GLN GC 79 -74.35 -68.24 -65.56
C GLN GC 79 -73.08 -68.81 -66.14
N ARG GC 80 -71.94 -68.68 -65.47
CA ARG GC 80 -70.70 -69.23 -65.99
C ARG GC 80 -70.75 -70.75 -66.00
N ALA GC 81 -70.01 -71.35 -66.93
CA ALA GC 81 -69.91 -72.79 -67.01
C ALA GC 81 -68.77 -73.29 -66.12
N ILE GC 82 -68.58 -74.60 -66.11
CA ILE GC 82 -67.50 -75.24 -65.36
C ILE GC 82 -66.55 -75.89 -66.37
N THR GC 83 -65.30 -76.05 -65.95
CA THR GC 83 -64.34 -76.77 -66.79
C THR GC 83 -64.82 -78.19 -67.04
N GLY GC 84 -64.69 -78.63 -68.29
CA GLY GC 84 -65.22 -79.91 -68.70
C GLY GC 84 -66.70 -79.93 -68.98
N ALA GC 85 -67.38 -78.80 -68.85
CA ALA GC 85 -68.81 -78.69 -69.10
C ALA GC 85 -69.09 -77.34 -69.75
N SER GC 86 -70.34 -77.10 -70.10
CA SER GC 86 -70.73 -75.86 -70.75
C SER GC 86 -72.20 -75.57 -70.46
N LEU GC 87 -72.60 -74.33 -70.73
CA LEU GC 87 -73.99 -73.94 -70.50
C LEU GC 87 -74.96 -74.83 -71.26
N ALA GC 88 -74.56 -75.31 -72.44
CA ALA GC 88 -75.39 -76.27 -73.17
C ALA GC 88 -75.42 -77.62 -72.47
N ASP GC 89 -74.40 -77.92 -71.66
CA ASP GC 89 -74.32 -79.23 -71.00
C ASP GC 89 -75.16 -79.26 -69.73
N ILE GC 90 -74.90 -78.34 -68.81
CA ILE GC 90 -75.62 -78.35 -67.53
C ILE GC 90 -77.10 -78.07 -67.73
N MET GC 91 -77.43 -77.13 -68.63
CA MET GC 91 -78.83 -76.84 -68.91
C MET GC 91 -79.58 -78.08 -69.41
N ALA GC 92 -78.90 -78.93 -70.20
CA ALA GC 92 -79.51 -80.17 -70.62
C ALA GC 92 -79.81 -81.09 -69.44
N LYS GC 93 -78.87 -81.20 -68.51
CA LYS GC 93 -79.09 -82.09 -67.35
C LYS GC 93 -80.07 -81.47 -66.36
N ARG GC 94 -80.20 -80.15 -66.34
CA ARG GC 94 -81.04 -79.50 -65.34
C ARG GC 94 -82.54 -79.66 -65.65
N ASN GC 95 -82.92 -79.54 -66.92
CA ASN GC 95 -84.33 -79.46 -67.30
C ASN GC 95 -84.85 -80.73 -67.95
N GLN GC 96 -84.44 -81.90 -67.46
CA GLN GC 96 -85.00 -83.18 -67.90
C GLN GC 96 -85.93 -83.78 -66.85
N LYS GC 97 -86.53 -82.93 -66.03
CA LYS GC 97 -87.28 -83.36 -64.85
C LYS GC 97 -88.53 -84.20 -65.12
N PRO GC 98 -89.24 -84.05 -66.27
CA PRO GC 98 -90.45 -84.88 -66.45
C PRO GC 98 -90.15 -86.34 -66.80
N GLU GC 99 -89.94 -87.15 -65.76
CA GLU GC 99 -89.90 -88.61 -65.82
C GLU GC 99 -88.60 -89.16 -66.44
N VAL GC 100 -87.76 -88.29 -67.00
CA VAL GC 100 -86.52 -88.78 -67.62
C VAL GC 100 -85.57 -89.34 -66.58
N ARG GC 101 -85.35 -88.61 -65.48
CA ARG GC 101 -84.46 -89.09 -64.43
C ARG GC 101 -85.05 -90.28 -63.70
N LYS GC 102 -86.38 -90.37 -63.65
CA LYS GC 102 -87.02 -91.51 -63.01
C LYS GC 102 -86.70 -92.81 -63.74
N ALA GC 103 -86.48 -92.73 -65.06
CA ALA GC 103 -86.08 -93.92 -65.81
C ALA GC 103 -84.73 -94.44 -65.33
N GLN GC 104 -83.75 -93.55 -65.20
CA GLN GC 104 -82.47 -93.95 -64.62
C GLN GC 104 -82.62 -94.39 -63.17
N ARG GC 105 -83.52 -93.74 -62.43
CA ARG GC 105 -83.77 -94.10 -61.04
C ARG GC 105 -84.17 -95.56 -60.92
N GLU GC 106 -85.09 -96.00 -61.80
CA GLU GC 106 -85.52 -97.40 -61.76
C GLU GC 106 -84.37 -98.33 -62.08
N GLN GC 107 -83.55 -97.99 -63.09
CA GLN GC 107 -82.42 -98.84 -63.44
C GLN GC 107 -81.43 -98.98 -62.28
N ALA GC 108 -81.14 -97.88 -61.60
CA ALA GC 108 -80.25 -97.94 -60.45
C ALA GC 108 -80.87 -98.76 -59.31
N ILE GC 109 -82.17 -98.58 -59.06
CA ILE GC 109 -82.83 -99.31 -57.99
C ILE GC 109 -82.84 -100.80 -58.29
N ARG GC 110 -83.17 -101.18 -59.53
CA ARG GC 110 -83.20 -102.60 -59.87
C ARG GC 110 -81.80 -103.18 -60.00
N ALA GC 111 -80.82 -102.36 -60.41
CA ALA GC 111 -79.44 -102.83 -60.45
C ALA GC 111 -78.92 -103.16 -59.07
N ALA GC 112 -79.28 -102.35 -58.07
CA ALA GC 112 -78.94 -102.68 -56.69
C ALA GC 112 -79.63 -103.96 -56.24
N LYS GC 113 -80.91 -104.12 -56.63
CA LYS GC 113 -81.67 -105.29 -56.19
C LYS GC 113 -81.10 -106.58 -56.77
N GLU GC 114 -80.71 -106.56 -58.05
CA GLU GC 114 -80.11 -107.76 -58.64
C GLU GC 114 -78.72 -108.01 -58.07
N ALA GC 115 -78.01 -106.96 -57.67
CA ALA GC 115 -76.73 -107.13 -57.00
C ALA GC 115 -76.91 -107.83 -55.66
N LYS GC 116 -77.95 -107.45 -54.92
CA LYS GC 116 -78.22 -108.11 -53.64
C LYS GC 116 -78.58 -109.57 -53.84
N LYS GC 117 -79.39 -109.86 -54.87
CA LYS GC 117 -79.68 -111.25 -55.21
C LYS GC 117 -78.42 -111.97 -55.68
N ALA GC 118 -77.59 -111.29 -56.48
CA ALA GC 118 -76.37 -111.91 -56.99
C ALA GC 118 -75.41 -112.25 -55.84
N LYS GC 119 -75.26 -111.34 -54.89
CA LYS GC 119 -74.41 -111.62 -53.73
C LYS GC 119 -75.00 -112.73 -52.87
N GLN GC 120 -76.33 -112.77 -52.75
CA GLN GC 120 -76.98 -113.86 -52.04
C GLN GC 120 -76.79 -115.18 -52.77
N ALA GC 121 -76.75 -115.14 -54.10
CA ALA GC 121 -76.47 -116.35 -54.87
C ALA GC 121 -75.06 -116.86 -54.59
N SER GC 122 -74.08 -115.95 -54.53
CA SER GC 122 -72.71 -116.35 -54.19
C SER GC 122 -72.62 -116.79 -52.73
N LYS GC 123 -73.41 -116.17 -51.85
CA LYS GC 123 -73.39 -116.56 -50.45
C LYS GC 123 -73.91 -117.98 -50.27
N LYS GC 124 -74.95 -118.35 -51.02
CA LYS GC 124 -75.49 -119.70 -50.95
C LYS GC 124 -75.75 -120.25 -52.34
MG MG HC . 2.33 -50.53 27.55
MG MG IC . 20.59 -49.78 37.13
MG MG JC . -3.71 -39.08 41.27
MG MG KC . -0.98 -62.94 21.09
MG MG LC . -53.26 -74.78 -26.10
MG MG MC . -30.82 -73.67 -14.04
MG MG NC . -38.68 -64.31 -19.15
MG MG OC . -40.50 -59.06 -22.75
MG MG PC . -23.80 -59.23 -9.19
MG MG QC . -20.41 -67.82 -7.51
MG MG RC . 14.79 -89.03 -25.26
MG MG SC . 27.74 -71.66 -9.32
MG MG TC . -5.12 -71.55 6.85
MG MG UC . -29.68 -54.03 34.78
MG MG VC . -29.94 -72.53 41.64
MG MG WC . 22.75 -4.78 46.61
MG MG XC . -9.84 -26.84 38.89
MG MG YC . -0.81 -51.95 14.95
MG MG ZC . 59.11 -61.79 41.55
MG MG AD . 87.14 -12.60 24.06
MG MG BD . 18.75 -32.45 31.11
MG MG CD . 19.24 -33.46 31.28
MG MG DD . 21.66 -30.43 40.11
MG MG ED . -9.53 -14.88 37.56
MG MG FD . 15.93 -30.74 29.82
MG MG GD . 9.01 -12.11 43.33
MG MG HD . -16.83 -62.08 35.45
MG MG ID . 74.53 -34.64 38.54
MG MG JD . -66.59 -86.60 -45.34
ZN ZN KD . 16.20 -29.36 46.46
MG MG LD . -52.15 59.48 56.46
MG MG MD . -4.10 53.09 3.58
MG MG ND . -3.60 52.18 8.90
MG MG OD . -5.72 47.36 8.03
MG MG PD . -5.83 64.24 23.64
MG MG QD . -23.46 60.11 24.74
MG MG RD . -35.66 62.20 36.80
MG MG SD . -25.03 77.30 40.74
MG MG TD . -20.70 76.17 44.17
MG MG UD . 2.91 83.55 16.13
MG MG VD . -24.49 82.93 63.68
MG MG WD . -57.75 103.86 4.13
MG MG XD . -52.27 93.24 -6.02
MG MG YD . -51.16 98.37 -3.08
MG MG ZD . -33.17 66.74 -0.90
MG MG AE . -40.08 66.88 -1.89
MG MG BE . -39.50 62.76 -0.65
MG MG CE . -46.11 38.64 4.28
MG MG DE . -56.27 77.54 -20.86
MG MG EE . -53.96 70.76 -19.49
MG MG FE . -15.72 16.57 -2.26
MG MG GE . -16.21 20.34 6.89
MG MG HE . -17.79 16.78 10.55
MG MG IE . -18.48 62.55 -21.51
MG MG JE . -17.03 60.50 -0.86
MG MG KE . -18.79 53.41 1.80
MG MG LE . -13.83 41.10 -11.46
MG MG ME . -17.36 39.01 -22.67
MG MG NE . -21.01 30.17 -26.52
MG MG OE . -23.80 24.19 -29.48
MG MG PE . -13.97 20.80 -28.05
MG MG QE . -22.28 33.41 -21.86
MG MG RE . -26.24 22.64 -21.05
MG MG SE . -11.21 39.89 -32.46
MG MG TE . -13.13 52.81 -28.91
MG MG UE . -5.44 56.15 -29.53
MG MG VE . -1.62 55.88 -23.18
MG MG WE . 0.76 53.71 -13.93
MG MG XE . 8.60 50.41 -15.63
MG MG YE . -16.65 39.33 -7.49
MG MG ZE . -5.42 49.87 -14.54
MG MG AF . -4.14 44.65 -22.99
MG MG BF . -1.76 39.32 -22.15
MG MG CF . 5.47 64.84 -30.55
MG MG DF . 3.09 72.98 -32.06
MG MG EF . -2.81 74.09 -32.88
MG MG FF . -7.28 68.30 -23.43
MG MG GF . -4.17 69.35 -13.16
MG MG HF . -9.41 45.39 13.29
MG MG IF . -6.35 33.77 17.50
MG MG JF . -4.24 52.04 20.06
MG MG KF . 3.73 97.04 23.24
MG MG LF . 14.09 71.48 41.10
MG MG MF . -29.66 68.34 -17.32
MG MG NF . -43.39 63.27 8.71
MG MG OF . -56.88 80.83 -24.44
MG MG PF . 2.67 69.07 -66.81
MG MG QF . -23.21 76.95 69.22
MG MG RF . -3.85 72.14 -55.56
MG MG SF . -2.88 55.77 -46.99
MG MG TF . -3.15 51.16 -58.82
MG MG UF . -0.02 44.13 -50.16
MG MG VF . -8.47 55.69 -67.17
MG MG WF . 10.31 59.25 -44.06
MG MG XF . 3.94 74.50 -3.64
MG MG YF . -40.59 -2.66 13.37
MG MG ZF . -40.94 -2.74 8.18
MG MG AG . -37.44 0.41 12.53
MG MG BG . -28.88 2.45 2.78
MG MG CG . -27.47 9.33 -3.68
MG MG DG . -25.91 1.67 9.55
MG MG EG . -31.56 14.30 -1.23
MG MG FG . -30.49 18.45 0.70
MG MG GG . 0.18 12.25 13.30
MG MG HG . -16.13 -5.22 20.25
MG MG IG . -20.31 8.23 20.94
MG MG JG . -22.94 79.50 -40.74
MG MG KG . 16.81 49.25 0.45
MG MG LG . 2.90 46.99 -2.40
MG MG MG . 30.54 53.36 -27.61
MG MG NG . 32.70 52.38 -22.91
MG MG OG . 36.48 46.43 -23.28
MG MG PG . -71.70 6.80 -11.29
MG MG QG . -67.05 7.09 -8.49
MG MG RG . -61.56 7.32 -9.33
MG MG SG . -13.28 46.41 -16.61
MG MG TG . -25.45 46.20 -22.16
MG MG UG . -29.20 62.68 -20.26
MG MG VG . -23.71 70.96 -9.87
MG MG WG . -71.32 29.33 15.21
MG MG XG . -75.93 28.79 12.09
MG MG YG . -72.75 36.65 0.89
MG MG ZG . -62.07 39.17 -16.67
MG MG AH . -64.70 24.28 -17.39
MG MG BH . -59.98 18.01 -17.66
MG MG CH . -67.27 45.40 0.86
MG MG DH . -73.47 36.95 26.96
MG MG EH . -54.10 36.20 3.10
MG MG FH . -44.27 33.66 -3.47
MG MG GH . -39.75 -7.80 -29.37
MG MG HH . -53.46 -8.24 -32.52
MG MG IH . -9.98 96.58 -54.63
MG MG JH . 31.23 97.40 -9.42
MG MG KH . -31.97 14.04 -18.21
MG MG LH . -34.64 16.59 -12.85
MG MG MH . -35.42 0.39 -11.77
MG MG NH . -33.59 30.57 7.76
MG MG OH . 38.08 39.64 -34.06
MG MG PH . 8.28 27.04 -58.33
MG MG QH . -1.58 11.86 -54.08
MG MG RH . -50.47 31.95 -28.69
MG MG SH . -46.08 29.71 -31.71
MG MG TH . -60.53 21.62 30.54
MG MG UH . -59.16 25.44 31.60
MG MG VH . -54.34 31.75 36.85
MG MG WH . -84.87 -5.51 -16.99
MG MG XH . -90.85 7.19 26.51
MG MG YH . -101.16 15.52 10.35
MG MG ZH . -65.75 21.79 5.63
MG MG AI . -58.85 27.35 -7.59
MG MG BI . -53.93 26.71 -1.28
MG MG CI . -40.70 -12.30 -28.75
MG MG DI . -25.47 -4.88 -20.64
MG MG EI . -21.92 -4.02 -23.17
MG MG FI . -20.65 -0.68 -26.57
MG MG GI . -19.03 -5.96 -17.31
MG MG HI . -30.54 -16.32 0.08
MG MG II . -1.31 -1.35 21.42
MG MG JI . 7.45 10.25 29.06
MG MG KI . 7.59 8.69 25.45
MG MG LI . 10.75 26.60 44.62
MG MG MI . 4.09 -8.98 8.64
MG MG NI . -0.56 -5.13 -0.23
MG MG OI . -7.86 -9.94 -4.90
MG MG PI . -16.51 35.97 -42.89
MG MG QI . -11.58 34.88 -18.31
MG MG RI . -9.64 25.14 19.45
MG MG SI . 4.60 32.14 22.57
MG MG TI . 30.02 42.10 -13.45
MG MG UI . 69.10 54.59 -0.28
MG MG VI . 64.44 49.31 -0.21
MG MG WI . 50.45 66.81 8.96
MG MG XI . -3.38 32.78 -23.13
MG MG YI . 9.43 20.28 -36.60
MG MG ZI . 12.47 16.79 -36.09
MG MG AJ . 27.51 -6.37 -50.52
MG MG BJ . 0.49 -12.00 -60.00
MG MG CJ . -21.51 12.82 -53.13
MG MG DJ . -12.79 9.30 -41.75
MG MG EJ . -19.71 12.35 -11.10
MG MG FJ . -41.88 35.74 -35.02
MG MG GJ . -26.45 21.07 -64.17
MG MG HJ . -61.79 -5.19 -27.87
MG MG IJ . -55.67 -4.96 -47.48
MG MG JJ . -14.10 8.67 -73.74
MG MG KJ . -7.99 10.65 -78.22
MG MG LJ . 1.61 11.69 -74.02
MG MG MJ . 11.93 50.13 4.62
MG MG NJ . -7.21 39.56 10.38
MG MG OJ . 40.88 93.20 -76.27
MG MG PJ . 43.74 103.82 -76.02
MG MG QJ . 22.37 78.85 -84.19
MG MG RJ . -41.95 26.81 18.86
MG MG SJ . -9.81 69.04 -0.81
MG MG TJ . -41.00 13.04 -5.34
MG MG UJ . -16.81 31.99 21.85
MG MG VJ . 0.49 -17.93 3.49
MG MG WJ . 2.64 60.58 -38.82
MG MG XJ . -8.76 0.07 -5.61
MG MG YJ . 49.84 31.75 -29.83
MG MG ZJ . -53.04 26.13 -23.72
MG MG AK . -0.10 60.85 -7.92
MG MG BK . -37.11 -2.71 -47.14
MG MG CK . 5.83 41.25 -23.49
MG MG DK . -67.20 48.81 -16.90
MG MG EK . 47.48 53.78 0.50
MG MG FK . 11.00 7.54 31.28
MG MG GK . -15.26 96.37 33.06
MG MG HK . -49.25 103.75 14.64
MG MG IK . 2.98 97.41 17.13
MG MG JK . 33.19 88.11 1.72
MG MG KK . 1.54 75.52 -41.98
MG MG LK . -43.74 84.49 -27.50
MG MG MK . -46.73 32.04 58.58
MG MG NK . -77.72 -9.84 -18.47
MG MG OK . -69.89 -7.59 -14.81
MG MG PK . -83.18 6.49 26.74
MG MG QK . -67.64 -20.97 46.75
MG MG RK . -63.35 -26.35 -10.27
MG MG SK . -20.85 22.14 42.91
MG MG TK . -75.35 1.85 -46.16
MG MG UK . -15.80 33.55 7.41
MG MG VK . -22.26 37.67 15.83
MG MG WK . -19.73 4.99 24.46
MG MG XK . -28.59 53.19 -18.30
MG MG YK . -19.37 98.17 13.16
MG MG ZK . 61.30 64.14 10.18
MG MG AL . 13.93 8.93 -91.14
MG MG BL . 11.41 43.02 -27.29
MG MG CL . -10.66 82.59 53.09
MG MG DL . -99.51 12.49 17.36
MG MG EL . 20.56 61.80 24.98
MG MG FL . 5.21 -0.13 28.49
MG MG GL . -19.02 -4.75 13.92
MG MG HL . -34.77 16.32 7.93
MG MG IL . -45.73 4.94 2.23
MG MG JL . -12.80 50.55 -19.35
MG MG KL . -16.66 10.80 -7.70
MG MG LL . -46.76 62.43 -37.90
MG MG ML . 26.82 43.60 -16.63
MG MG NL . 14.70 55.93 -45.84
MG MG OL . 69.42 42.07 -37.93
MG MG PL . 33.86 51.85 -49.04
MG MG QL . -56.00 34.35 33.06
MG MG RL . -43.21 71.64 -12.61
MG MG SL . -48.23 67.03 -30.36
MG MG TL . -36.83 83.20 -15.72
MG MG UL . -36.31 44.55 79.16
MG MG VL . -69.88 80.52 25.59
MG MG WL . -8.78 16.54 15.59
MG MG XL . 22.84 35.22 -29.59
MG MG YL . -47.87 32.75 -13.19
MG MG ZL . -22.74 2.33 -31.50
MG MG AM . -29.73 64.81 -32.44
MG MG BM . -74.62 4.30 53.45
ZN ZN CM . -58.05 -2.97 55.27
MG MG DM . -42.74 31.74 21.86
ZN ZN EM . -45.28 49.47 24.73
ZN ZN FM . 11.05 9.42 -64.81
ZN ZN GM . 47.89 62.16 29.36
ZN ZN HM . -47.37 -12.69 50.80
#